data_6YFD
#
_entry.id   6YFD
#
_cell.length_a   328.670
_cell.length_b   373.710
_cell.length_c   310.500
_cell.angle_alpha   90.000
_cell.angle_beta   90.000
_cell.angle_gamma   90.000
#
_symmetry.space_group_name_H-M   'P 21 21 2'
#
_entity_poly.entity_id   1
_entity_poly.type   'polypeptide(L)'
_entity_poly.pdbx_seq_one_letter_code
;TKRNRNNQARGQLYMGQQGPVQSSRTTFGVNPDRQANARPVYLAPAAPMENTYTYLGSIQFAAGRHIFGEPASNVLPPQN
IVPGVPTKHGEYVTTNTGDRLMASSTTVTRDVSNGRTKVSIDIPYYDRNAVETLKASAIPGAVAPVGSFKVNVEVLGGGV
LTGTDANAQFALDELLSNMLMDAARIAQDGPKNTARLVAASHGVMPQA
;
_entity_poly.pdbx_strand_id   AA,AB,AC,AD,AE,AF,AG,AH,AI,AJ,AK,AL,AM,AN,AO,AP,AQ,AR,AS,AT,AU,AV,AW,AX,AY,AZ,BA,BB,BC,BD,BE,BF,BG,BH,BI,BJ,BK,BL,BM,BN,BO,BP,BQ,BR,BS,BT,BU,BV,BW,BX,BY,BZ,CA,CB,CC,CD,CE,CF,CG,CH,CI,CJ,CK,CL,CM,CN,CO,CP,CQ,CR,CS,CT,CU,CV,CW,CX,CY,CZ,DA,DB,DC,DD,DE,DF,DG,DH,DI,DJ,DK,DL
#
# COMPACT_ATOMS: atom_id res chain seq x y z
N GLY A 11 32.08 14.69 70.00
CA GLY A 11 31.29 15.79 70.50
C GLY A 11 31.63 17.14 69.89
N GLN A 12 31.42 18.20 70.68
CA GLN A 12 31.68 19.57 70.21
C GLN A 12 33.16 19.76 69.90
N LEU A 13 33.44 20.86 69.18
CA LEU A 13 34.78 21.18 68.73
C LEU A 13 35.28 22.44 69.41
N TYR A 14 36.56 22.45 69.81
CA TYR A 14 37.17 23.62 70.43
C TYR A 14 38.61 23.74 69.92
N MET A 15 39.35 24.74 70.40
CA MET A 15 40.71 24.98 69.94
C MET A 15 41.71 24.59 71.03
N GLY A 16 42.46 23.51 70.76
CA GLY A 16 43.59 23.15 71.57
C GLY A 16 44.87 23.52 70.86
N GLN A 17 45.98 23.50 71.60
CA GLN A 17 47.23 23.99 71.03
C GLN A 17 47.74 23.09 69.92
N GLN A 18 47.23 21.85 69.81
CA GLN A 18 47.57 21.02 68.67
C GLN A 18 46.82 21.47 67.42
N GLY A 19 45.69 22.15 67.61
CA GLY A 19 44.80 22.50 66.53
C GLY A 19 43.37 22.36 67.00
N PRO A 20 42.40 22.44 66.10
CA PRO A 20 41.01 22.18 66.48
C PRO A 20 40.86 20.73 66.94
N VAL A 21 40.26 20.56 68.12
CA VAL A 21 40.23 19.28 68.81
C VAL A 21 38.81 19.01 69.30
N GLN A 22 38.43 17.73 69.24
CA GLN A 22 37.09 17.30 69.61
C GLN A 22 37.03 17.09 71.12
N SER A 23 36.04 17.71 71.77
CA SER A 23 35.84 17.50 73.19
C SER A 23 35.39 16.07 73.45
N SER A 24 35.82 15.51 74.59
CA SER A 24 35.56 14.10 74.87
C SER A 24 35.22 13.91 76.34
N ARG A 25 34.33 12.95 76.61
CA ARG A 25 33.83 12.66 77.94
C ARG A 25 34.13 11.19 78.24
N THR A 26 34.98 10.94 79.24
CA THR A 26 35.43 9.59 79.52
C THR A 26 35.26 9.25 80.99
N THR A 27 35.20 7.94 81.27
CA THR A 27 35.14 7.41 82.62
C THR A 27 36.53 7.11 83.18
N PHE A 28 37.56 7.53 82.47
CA PHE A 28 38.94 7.25 82.86
C PHE A 28 39.32 8.03 84.11
N GLY A 29 39.86 7.33 85.11
CA GLY A 29 40.38 7.98 86.29
C GLY A 29 39.36 8.30 87.37
N VAL A 30 38.21 7.65 87.38
CA VAL A 30 37.19 7.84 88.40
C VAL A 30 37.01 6.53 89.15
N ASN A 31 37.34 6.52 90.44
CA ASN A 31 37.22 5.34 91.28
C ASN A 31 35.90 5.40 92.02
N PRO A 32 34.89 4.65 91.62
CA PRO A 32 33.61 4.61 92.35
C PRO A 32 33.48 3.50 93.38
N ASP A 33 34.54 2.75 93.65
CA ASP A 33 34.50 1.70 94.66
C ASP A 33 33.94 2.24 95.97
N ARG A 34 33.15 1.42 96.65
CA ARG A 34 32.53 1.81 97.91
C ARG A 34 33.01 0.91 99.05
N GLN A 35 32.93 1.46 100.24
CA GLN A 35 33.30 0.78 101.48
C GLN A 35 32.05 0.14 102.07
N ALA A 36 32.18 -1.11 102.51
CA ALA A 36 31.04 -1.85 103.01
C ALA A 36 30.50 -1.20 104.28
N ASN A 37 29.18 -1.29 104.44
CA ASN A 37 28.50 -0.75 105.61
C ASN A 37 28.66 -1.75 106.76
N ALA A 38 29.85 -1.70 107.39
CA ALA A 38 30.27 -2.62 108.45
C ALA A 38 30.71 -1.85 109.69
N ARG A 39 30.02 -0.74 109.98
CA ARG A 39 30.45 0.19 111.00
C ARG A 39 29.45 0.20 112.15
N PRO A 40 29.80 -0.32 113.33
CA PRO A 40 28.90 -0.20 114.47
C PRO A 40 28.64 1.26 114.81
N VAL A 41 27.40 1.58 115.16
CA VAL A 41 27.01 2.95 115.48
C VAL A 41 26.49 3.02 116.91
N TYR A 42 26.55 4.22 117.46
CA TYR A 42 26.09 4.45 118.82
C TYR A 42 24.58 4.33 118.90
N LEU A 43 24.10 3.64 119.93
CA LEU A 43 22.68 3.45 120.18
C LEU A 43 22.36 4.10 121.53
N ALA A 44 21.55 5.15 121.50
CA ALA A 44 21.28 5.92 122.70
C ALA A 44 20.67 5.03 123.79
N PRO A 45 21.00 5.28 125.06
CA PRO A 45 20.42 4.47 126.15
C PRO A 45 19.00 4.87 126.52
N ALA A 46 18.49 5.94 125.93
CA ALA A 46 17.12 6.37 126.12
C ALA A 46 16.78 7.41 125.06
N ALA A 47 15.49 7.62 124.85
CA ALA A 47 15.04 8.49 123.76
C ALA A 47 14.43 9.75 124.35
N PRO A 48 15.01 10.95 124.15
CA PRO A 48 14.38 12.14 124.73
C PRO A 48 13.30 12.73 123.84
N MET A 49 12.06 12.75 124.32
CA MET A 49 10.94 13.40 123.63
C MET A 49 10.56 14.72 124.30
N GLU A 50 11.54 15.52 124.72
CA GLU A 50 11.22 16.70 125.54
C GLU A 50 10.38 17.72 124.78
N ASN A 51 10.73 18.01 123.52
CA ASN A 51 10.02 19.06 122.78
C ASN A 51 8.52 18.76 122.69
N THR A 52 8.18 17.56 122.21
CA THR A 52 6.76 17.23 121.99
C THR A 52 5.97 17.25 123.31
N TYR A 53 6.56 16.76 124.39
CA TYR A 53 5.82 16.66 125.64
C TYR A 53 5.71 18.00 126.37
N THR A 54 6.71 18.87 126.25
CA THR A 54 6.50 20.23 126.76
C THR A 54 5.41 20.95 125.97
N TYR A 55 5.34 20.74 124.65
CA TYR A 55 4.22 21.34 123.94
C TYR A 55 2.89 20.74 124.38
N LEU A 56 2.87 19.42 124.63
CA LEU A 56 1.63 18.78 125.07
C LEU A 56 1.19 19.26 126.44
N GLY A 57 2.15 19.60 127.31
CA GLY A 57 1.79 20.28 128.54
C GLY A 57 1.26 21.68 128.28
N SER A 58 1.83 22.36 127.27
CA SER A 58 1.37 23.69 126.92
C SER A 58 -0.12 23.71 126.55
N ILE A 59 -0.54 22.81 125.65
CA ILE A 59 -1.92 22.84 125.20
C ILE A 59 -2.82 22.04 126.13
N GLN A 60 -2.27 21.61 127.27
CA GLN A 60 -3.03 20.85 128.28
C GLN A 60 -3.49 19.50 127.73
N PHE A 61 -2.67 18.88 126.87
CA PHE A 61 -2.92 17.53 126.34
C PHE A 61 -4.25 17.43 125.62
N ALA A 62 -4.63 18.48 124.90
CA ALA A 62 -5.93 18.46 124.24
C ALA A 62 -5.89 19.45 123.09
N ALA A 63 -6.17 18.97 121.89
CA ALA A 63 -6.41 19.83 120.74
C ALA A 63 -7.70 19.39 120.08
N GLY A 64 -8.71 20.25 120.13
CA GLY A 64 -10.00 19.91 119.55
C GLY A 64 -10.59 18.67 120.21
N ARG A 65 -10.87 17.68 119.37
CA ARG A 65 -11.43 16.41 119.81
C ARG A 65 -10.35 15.39 120.16
N HIS A 66 -9.09 15.69 119.88
CA HIS A 66 -7.98 14.80 120.18
C HIS A 66 -7.51 15.07 121.60
N ILE A 67 -7.67 14.10 122.48
CA ILE A 67 -7.17 14.21 123.85
C ILE A 67 -6.02 13.24 123.99
N PHE A 68 -4.95 13.68 124.63
CA PHE A 68 -3.73 12.89 124.68
C PHE A 68 -3.46 12.40 126.09
N GLY A 69 -2.69 11.32 126.18
CA GLY A 69 -2.30 10.80 127.48
C GLY A 69 -1.09 11.50 128.03
N GLU A 70 -0.99 11.53 129.37
CA GLU A 70 0.18 12.06 130.06
C GLU A 70 1.24 10.98 130.18
N PRO A 71 2.46 11.25 129.73
CA PRO A 71 3.49 10.21 129.71
C PRO A 71 3.92 9.79 131.11
N ALA A 72 4.66 8.68 131.14
CA ALA A 72 5.38 8.32 132.35
C ALA A 72 6.61 9.21 132.54
N SER A 73 7.40 9.36 131.49
CA SER A 73 8.60 10.17 131.52
C SER A 73 8.73 10.93 130.21
N ASN A 74 9.35 12.12 130.29
CA ASN A 74 9.71 12.84 129.06
C ASN A 74 10.81 12.11 128.31
N VAL A 75 11.57 11.26 128.98
CA VAL A 75 12.65 10.50 128.38
C VAL A 75 12.30 9.03 128.49
N LEU A 76 12.31 8.32 127.34
CA LEU A 76 11.79 6.97 127.21
C LEU A 76 12.89 5.94 127.43
N PRO A 77 12.61 4.91 128.22
CA PRO A 77 13.60 3.87 128.48
C PRO A 77 13.60 2.83 127.38
N PRO A 78 14.69 2.09 127.22
CA PRO A 78 14.72 1.02 126.22
C PRO A 78 13.72 -0.08 126.55
N GLN A 79 13.19 -0.69 125.48
CA GLN A 79 12.23 -1.79 125.61
C GLN A 79 12.82 -3.14 125.26
N ASN A 80 13.67 -3.24 124.23
CA ASN A 80 14.28 -4.51 123.86
C ASN A 80 15.77 -4.34 123.56
N ILE A 81 16.41 -3.35 124.17
CA ILE A 81 17.82 -3.07 123.96
C ILE A 81 18.57 -3.38 125.23
N VAL A 82 19.70 -4.07 125.10
CA VAL A 82 20.51 -4.42 126.26
C VAL A 82 21.93 -3.98 125.99
N PRO A 83 22.59 -3.37 126.96
CA PRO A 83 23.96 -2.89 126.74
C PRO A 83 24.87 -4.04 126.34
N GLY A 84 25.69 -3.79 125.32
CA GLY A 84 26.65 -4.78 124.88
C GLY A 84 26.09 -5.84 123.96
N VAL A 85 24.81 -5.78 123.61
CA VAL A 85 24.21 -6.73 122.68
C VAL A 85 23.87 -5.96 121.41
N PRO A 86 24.43 -6.35 120.26
CA PRO A 86 24.17 -5.59 119.02
C PRO A 86 22.83 -5.97 118.41
N THR A 87 22.05 -4.95 118.03
CA THR A 87 20.75 -5.13 117.43
C THR A 87 20.65 -4.24 116.21
N LYS A 88 19.82 -4.65 115.26
CA LYS A 88 19.48 -3.82 114.11
C LYS A 88 18.11 -3.16 114.29
N HIS A 89 17.43 -3.46 115.40
CA HIS A 89 16.12 -2.88 115.69
C HIS A 89 16.01 -2.68 117.19
N GLY A 90 15.68 -1.44 117.59
CA GLY A 90 15.55 -1.09 118.99
C GLY A 90 14.35 -0.22 119.28
N GLU A 91 13.69 -0.46 120.41
CA GLU A 91 12.47 0.24 120.74
C GLU A 91 12.57 0.88 122.12
N TYR A 92 12.05 2.10 122.24
CA TYR A 92 11.85 2.76 123.51
C TYR A 92 10.36 3.02 123.69
N VAL A 93 9.89 2.99 124.94
CA VAL A 93 8.45 3.07 125.19
C VAL A 93 8.20 3.66 126.57
N THR A 94 7.14 4.46 126.69
CA THR A 94 6.52 4.69 128.01
C THR A 94 5.02 4.45 127.89
N THR A 95 4.30 4.61 129.00
CA THR A 95 2.85 4.38 129.00
C THR A 95 2.14 5.66 129.40
N ASN A 96 1.40 6.24 128.45
CA ASN A 96 0.53 7.37 128.71
C ASN A 96 -0.63 6.93 129.58
N THR A 97 -1.01 7.77 130.55
CA THR A 97 -2.19 7.57 131.40
C THR A 97 -3.01 8.86 131.44
N GLY A 98 -4.22 8.77 131.99
CA GLY A 98 -5.10 9.92 132.02
C GLY A 98 -6.38 9.60 132.75
N ASP A 99 -7.14 10.65 133.02
CA ASP A 99 -8.41 10.53 133.73
C ASP A 99 -9.43 9.83 132.85
N ARG A 100 -9.93 8.69 133.31
CA ARG A 100 -10.91 7.88 132.58
C ARG A 100 -10.37 7.48 131.20
N LEU A 101 -9.06 7.25 131.13
CA LEU A 101 -8.40 6.79 129.91
C LEU A 101 -7.68 5.49 130.21
N MET A 102 -7.94 4.46 129.41
CA MET A 102 -7.16 3.23 129.53
C MET A 102 -5.74 3.49 129.07
N ALA A 103 -4.76 3.17 129.93
CA ALA A 103 -3.38 3.52 129.68
C ALA A 103 -2.88 2.87 128.39
N SER A 104 -2.07 3.61 127.64
CA SER A 104 -1.68 3.22 126.29
C SER A 104 -0.25 3.66 126.03
N SER A 105 0.52 2.81 125.37
CA SER A 105 1.95 3.04 125.21
C SER A 105 2.24 4.01 124.07
N THR A 106 3.29 4.81 124.25
CA THR A 106 3.85 5.63 123.19
C THR A 106 5.25 5.09 122.86
N THR A 107 5.55 4.96 121.57
CA THR A 107 6.67 4.15 121.09
C THR A 107 7.60 4.93 120.17
N VAL A 108 8.90 4.65 120.30
CA VAL A 108 9.94 5.26 119.48
C VAL A 108 10.82 4.13 118.97
N THR A 109 10.79 3.90 117.66
CA THR A 109 11.44 2.77 117.01
C THR A 109 12.65 3.24 116.19
N ARG A 110 13.76 2.50 116.29
CA ARG A 110 14.98 2.82 115.55
C ARG A 110 15.45 1.56 114.83
N ASP A 111 15.56 1.65 113.50
CA ASP A 111 16.02 0.55 112.65
C ASP A 111 17.33 0.97 112.00
N VAL A 112 18.37 0.19 112.17
CA VAL A 112 19.69 0.49 111.62
C VAL A 112 20.12 -0.71 110.78
N SER A 113 20.00 -0.59 109.45
CA SER A 113 20.37 -1.67 108.53
C SER A 113 21.02 -1.14 107.28
N ASN A 114 22.17 -1.70 106.94
CA ASN A 114 22.83 -1.46 105.65
C ASN A 114 23.05 0.02 105.35
N GLY A 115 23.51 0.75 106.36
CA GLY A 115 23.76 2.17 106.20
C GLY A 115 22.55 3.06 106.29
N ARG A 116 21.38 2.50 106.50
CA ARG A 116 20.14 3.27 106.56
C ARG A 116 19.67 3.27 108.00
N THR A 117 19.61 4.46 108.58
CA THR A 117 19.09 4.66 109.93
C THR A 117 17.69 5.27 109.83
N LYS A 118 16.72 4.70 110.55
CA LYS A 118 15.35 5.23 110.51
C LYS A 118 14.74 5.24 111.90
N VAL A 119 14.27 6.42 112.32
CA VAL A 119 13.62 6.63 113.60
C VAL A 119 12.18 7.02 113.36
N SER A 120 11.25 6.33 114.03
CA SER A 120 9.82 6.59 113.92
C SER A 120 9.22 6.80 115.31
N ILE A 121 8.29 7.74 115.42
CA ILE A 121 7.62 8.07 116.68
C ILE A 121 6.12 7.92 116.47
N ASP A 122 5.47 7.15 117.36
CA ASP A 122 4.04 6.89 117.30
C ASP A 122 3.43 7.20 118.65
N ILE A 123 2.54 8.19 118.70
CA ILE A 123 1.82 8.57 119.92
C ILE A 123 0.33 8.40 119.68
N PRO A 124 -0.39 7.75 120.58
CA PRO A 124 -1.84 7.58 120.42
C PRO A 124 -2.61 8.77 120.97
N TYR A 125 -3.90 8.82 120.62
CA TYR A 125 -4.83 9.80 121.16
C TYR A 125 -6.19 9.15 121.40
N TYR A 126 -7.09 9.90 122.03
CA TYR A 126 -8.39 9.41 122.43
C TYR A 126 -9.48 10.40 122.03
N ASP A 127 -10.72 9.90 122.08
CA ASP A 127 -11.91 10.62 121.65
C ASP A 127 -12.40 11.53 122.77
N ARG A 128 -12.12 12.83 122.66
CA ARG A 128 -12.52 13.74 123.72
C ARG A 128 -14.03 13.84 123.84
N ASN A 129 -14.76 13.69 122.73
CA ASN A 129 -16.22 13.67 122.83
C ASN A 129 -16.67 12.56 123.78
N ALA A 130 -16.11 11.36 123.62
CA ALA A 130 -16.46 10.26 124.52
C ALA A 130 -15.99 10.52 125.94
N VAL A 131 -14.76 11.05 126.11
CA VAL A 131 -14.23 11.22 127.47
C VAL A 131 -15.04 12.26 128.24
N GLU A 132 -15.37 13.38 127.60
CA GLU A 132 -16.17 14.40 128.27
C GLU A 132 -17.62 13.97 128.44
N THR A 133 -18.15 13.09 127.57
CA THR A 133 -19.44 12.48 127.86
C THR A 133 -19.39 11.67 129.15
N LEU A 134 -18.32 10.87 129.31
CA LEU A 134 -18.10 10.11 130.54
C LEU A 134 -18.07 11.00 131.76
N LYS A 135 -17.27 12.07 131.71
CA LYS A 135 -17.17 12.95 132.87
C LYS A 135 -18.50 13.66 133.14
N ALA A 136 -19.15 14.18 132.10
CA ALA A 136 -20.30 15.06 132.27
C ALA A 136 -21.52 14.31 132.80
N SER A 137 -21.84 13.14 132.25
CA SER A 137 -23.00 12.41 132.74
C SER A 137 -22.64 11.38 133.81
N ALA A 138 -21.41 11.44 134.34
CA ALA A 138 -20.99 10.63 135.49
C ALA A 138 -21.12 9.13 135.23
N ILE A 139 -20.66 8.70 134.06
CA ILE A 139 -20.63 7.29 133.68
C ILE A 139 -19.33 6.70 134.24
N PRO A 140 -19.29 5.41 134.62
CA PRO A 140 -18.07 4.86 135.25
C PRO A 140 -17.05 4.24 134.30
N GLY A 141 -17.29 4.16 133.00
CA GLY A 141 -16.36 3.50 132.10
C GLY A 141 -15.15 4.36 131.73
N ALA A 142 -14.29 3.78 130.89
CA ALA A 142 -13.11 4.44 130.35
C ALA A 142 -13.07 4.26 128.84
N VAL A 143 -12.20 5.04 128.19
CA VAL A 143 -12.05 5.05 126.73
C VAL A 143 -10.69 4.48 126.37
N ALA A 144 -10.67 3.66 125.32
CA ALA A 144 -9.47 3.13 124.69
C ALA A 144 -9.00 4.06 123.58
N PRO A 145 -7.73 3.99 123.19
CA PRO A 145 -7.23 4.89 122.15
C PRO A 145 -8.04 4.78 120.87
N VAL A 146 -8.12 5.89 120.15
CA VAL A 146 -8.94 5.97 118.97
C VAL A 146 -8.10 6.06 117.69
N GLY A 147 -6.91 6.61 117.76
CA GLY A 147 -6.00 6.63 116.63
C GLY A 147 -4.62 7.04 117.10
N SER A 148 -3.76 7.37 116.13
CA SER A 148 -2.41 7.79 116.48
C SER A 148 -1.90 8.83 115.49
N PHE A 149 -0.75 9.40 115.82
CA PHE A 149 0.04 10.22 114.91
C PHE A 149 1.46 9.67 114.87
N LYS A 150 2.06 9.72 113.68
CA LYS A 150 3.37 9.13 113.43
C LYS A 150 4.26 10.09 112.64
N VAL A 151 5.53 10.09 113.01
CA VAL A 151 6.56 10.92 112.37
C VAL A 151 7.78 10.03 112.11
N ASN A 152 8.22 10.00 110.85
CA ASN A 152 9.36 9.17 110.44
C ASN A 152 10.51 10.05 109.98
N VAL A 153 11.73 9.60 110.26
CA VAL A 153 12.94 10.29 109.86
C VAL A 153 13.94 9.24 109.42
N GLU A 154 14.63 9.50 108.32
CA GLU A 154 15.42 8.49 107.63
C GLU A 154 16.71 9.11 107.10
N VAL A 155 17.83 8.45 107.36
CA VAL A 155 19.14 8.92 106.94
C VAL A 155 19.76 7.80 106.12
N LEU A 156 19.96 8.05 104.83
CA LEU A 156 20.54 7.08 103.91
C LEU A 156 22.02 7.40 103.80
N GLY A 157 22.82 6.75 104.63
CA GLY A 157 24.24 7.06 104.74
C GLY A 157 25.11 5.95 104.21
N GLY A 158 24.54 5.13 103.34
CA GLY A 158 25.30 4.03 102.79
C GLY A 158 26.26 4.49 101.70
N GLY A 159 27.20 3.60 101.38
CA GLY A 159 28.05 3.79 100.22
C GLY A 159 29.03 4.94 100.40
N VAL A 160 29.83 4.87 101.45
CA VAL A 160 30.96 5.77 101.54
C VAL A 160 32.09 5.24 100.64
N LEU A 161 32.93 6.17 100.18
CA LEU A 161 34.02 5.82 99.27
C LEU A 161 35.14 5.09 100.02
N THR A 162 36.05 4.49 99.24
CA THR A 162 37.02 3.56 99.82
C THR A 162 38.10 4.29 100.62
N GLY A 163 38.51 5.45 100.16
CA GLY A 163 39.50 6.23 100.87
C GLY A 163 38.97 7.09 101.99
N THR A 164 37.71 6.88 102.39
CA THR A 164 37.14 7.64 103.49
C THR A 164 37.83 7.24 104.78
N ASP A 165 38.57 8.17 105.37
CA ASP A 165 39.31 7.91 106.59
C ASP A 165 38.37 7.64 107.74
N ALA A 166 38.83 6.81 108.68
CA ALA A 166 38.05 6.56 109.89
C ALA A 166 37.67 7.87 110.57
N ASN A 167 38.60 8.84 110.61
CA ASN A 167 38.33 10.14 111.20
C ASN A 167 37.30 10.93 110.39
N ALA A 168 37.38 10.85 109.07
CA ALA A 168 36.48 11.63 108.22
C ALA A 168 35.06 11.09 108.24
N GLN A 169 34.86 9.84 108.68
CA GLN A 169 33.49 9.34 108.80
C GLN A 169 32.73 10.08 109.88
N PHE A 170 33.44 10.60 110.89
CA PHE A 170 32.78 11.43 111.90
C PHE A 170 32.31 12.74 111.29
N ALA A 171 33.16 13.34 110.44
CA ALA A 171 32.75 14.57 109.77
C ALA A 171 31.51 14.31 108.91
N LEU A 172 31.47 13.15 108.23
CA LEU A 172 30.30 12.81 107.46
C LEU A 172 29.08 12.61 108.35
N ASP A 173 29.30 12.02 109.54
CA ASP A 173 28.23 11.88 110.53
C ASP A 173 27.57 13.23 110.80
N GLU A 174 28.40 14.22 111.13
CA GLU A 174 27.88 15.54 111.47
C GLU A 174 27.23 16.21 110.26
N LEU A 175 27.77 15.98 109.05
CA LEU A 175 27.13 16.52 107.86
C LEU A 175 25.71 16.00 107.72
N LEU A 176 25.53 14.69 107.87
CA LEU A 176 24.20 14.11 107.77
C LEU A 176 23.27 14.64 108.86
N SER A 177 23.78 14.81 110.08
CA SER A 177 22.91 15.30 111.14
C SER A 177 22.46 16.75 110.86
N ASN A 178 23.33 17.56 110.26
CA ASN A 178 22.92 18.92 109.88
C ASN A 178 21.89 18.91 108.75
N MET A 179 22.02 17.98 107.80
CA MET A 179 20.96 17.83 106.80
C MET A 179 19.64 17.44 107.46
N LEU A 180 19.71 16.61 108.50
CA LEU A 180 18.52 16.25 109.28
C LEU A 180 17.84 17.49 109.84
N MET A 181 18.61 18.33 110.52
CA MET A 181 18.04 19.55 111.10
C MET A 181 17.41 20.42 110.03
N ASP A 182 18.12 20.62 108.91
CA ASP A 182 17.56 21.43 107.82
C ASP A 182 16.27 20.82 107.29
N ALA A 183 16.20 19.50 107.22
CA ALA A 183 15.02 18.84 106.68
C ALA A 183 13.81 19.06 107.58
N ALA A 184 13.99 18.89 108.90
CA ALA A 184 12.86 19.13 109.80
C ALA A 184 12.42 20.59 109.78
N ARG A 185 13.39 21.51 109.69
CA ARG A 185 13.01 22.92 109.61
C ARG A 185 12.22 23.22 108.34
N ILE A 186 12.62 22.63 107.21
CA ILE A 186 11.87 22.82 105.97
C ILE A 186 10.52 22.15 106.05
N ALA A 187 10.42 21.06 106.82
CA ALA A 187 9.15 20.35 106.96
C ALA A 187 8.13 21.18 107.72
N GLN A 188 8.53 21.83 108.81
CA GLN A 188 7.59 22.60 109.62
C GLN A 188 7.62 24.09 109.33
N ASP A 189 8.43 24.52 108.38
CA ASP A 189 8.58 25.94 108.09
C ASP A 189 7.25 26.53 107.68
N GLY A 190 6.96 27.73 108.17
CA GLY A 190 5.77 28.43 107.79
C GLY A 190 5.14 29.16 108.95
N PRO A 191 4.28 30.14 108.66
CA PRO A 191 3.57 30.85 109.72
C PRO A 191 2.62 29.90 110.42
N LYS A 192 2.43 30.13 111.71
CA LYS A 192 1.47 29.39 112.51
C LYS A 192 0.07 29.98 112.40
N ASN A 193 -0.09 31.05 111.63
CA ASN A 193 -1.42 31.59 111.33
C ASN A 193 -2.15 30.72 110.32
N THR A 194 -1.41 29.93 109.54
CA THR A 194 -1.98 29.23 108.40
C THR A 194 -1.71 27.73 108.50
N ALA A 195 -2.59 26.95 107.86
CA ALA A 195 -2.50 25.49 107.90
C ALA A 195 -1.23 25.01 107.25
N ARG A 196 -0.54 24.04 107.88
CA ARG A 196 0.64 23.52 107.21
C ARG A 196 0.91 22.01 107.30
N LEU A 197 0.34 21.26 108.26
CA LEU A 197 0.70 19.84 108.32
C LEU A 197 -0.44 18.82 108.23
N VAL A 198 -1.44 18.91 109.13
CA VAL A 198 -2.39 17.81 109.27
C VAL A 198 -3.48 17.91 108.21
N ALA A 199 -4.09 16.77 107.90
CA ALA A 199 -5.18 16.68 106.95
C ALA A 199 -4.79 17.26 105.59
N ALA A 200 -3.48 17.23 105.29
CA ALA A 200 -2.96 17.89 104.11
C ALA A 200 -3.54 17.31 102.84
N SER A 201 -3.94 18.18 101.92
CA SER A 201 -4.47 17.79 100.62
C SER A 201 -3.48 18.11 99.50
N HIS A 202 -2.94 19.33 99.49
CA HIS A 202 -1.93 19.75 98.54
C HIS A 202 -1.23 20.97 99.12
N GLY A 203 -0.19 21.43 98.44
CA GLY A 203 0.54 22.61 98.87
C GLY A 203 0.17 23.81 97.99
N VAL A 204 0.08 24.98 98.62
CA VAL A 204 -0.16 26.21 97.87
C VAL A 204 0.76 27.29 98.39
N MET A 205 1.82 27.61 97.65
CA MET A 205 2.71 28.67 98.11
C MET A 205 2.13 30.05 97.76
N PRO A 206 2.20 31.02 98.66
CA PRO A 206 1.50 32.29 98.45
C PRO A 206 2.24 33.17 97.46
N GLN A 207 1.46 34.01 96.77
CA GLN A 207 2.02 34.92 95.75
C GLN A 207 2.89 35.99 96.40
N ALA A 208 2.43 36.55 97.51
CA ALA A 208 3.18 37.55 98.24
C ALA A 208 2.63 37.63 99.66
N PRO B 20 -25.02 -18.95 118.69
CA PRO B 20 -23.59 -18.82 119.01
C PRO B 20 -23.29 -17.61 119.91
N VAL B 21 -22.82 -17.88 121.11
CA VAL B 21 -22.49 -16.86 122.10
C VAL B 21 -21.00 -16.55 121.98
N GLN B 22 -20.66 -15.28 121.76
CA GLN B 22 -19.27 -14.86 121.57
C GLN B 22 -18.82 -13.95 122.71
N SER B 23 -17.53 -14.00 123.01
CA SER B 23 -16.96 -13.19 124.09
C SER B 23 -16.28 -11.95 123.52
N SER B 24 -16.25 -10.89 124.32
CA SER B 24 -15.68 -9.63 123.88
C SER B 24 -15.11 -8.82 125.05
N ARG B 25 -14.31 -7.83 124.69
CA ARG B 25 -13.65 -6.91 125.61
C ARG B 25 -14.11 -5.50 125.28
N THR B 26 -14.86 -4.89 126.20
CA THR B 26 -15.56 -3.66 125.92
C THR B 26 -14.90 -2.47 126.58
N THR B 27 -14.87 -1.35 125.86
CA THR B 27 -14.67 -0.04 126.47
C THR B 27 -15.78 0.88 125.98
N PHE B 28 -16.02 1.95 126.73
CA PHE B 28 -17.04 2.90 126.30
C PHE B 28 -16.56 3.67 125.08
N GLY B 29 -17.53 4.01 124.23
CA GLY B 29 -17.25 4.81 123.06
C GLY B 29 -17.93 4.32 121.81
N VAL B 30 -17.61 4.98 120.69
CA VAL B 30 -18.03 4.57 119.36
C VAL B 30 -16.84 4.79 118.45
N ASN B 31 -16.70 3.92 117.45
CA ASN B 31 -15.70 4.12 116.42
C ASN B 31 -15.86 5.51 115.83
N PRO B 32 -14.79 6.28 115.74
CA PRO B 32 -14.94 7.72 115.51
C PRO B 32 -15.32 8.02 114.07
N ASP B 33 -15.76 9.26 113.87
CA ASP B 33 -15.99 9.78 112.54
C ASP B 33 -14.75 10.59 112.15
N ARG B 34 -14.05 10.13 111.13
CA ARG B 34 -12.84 10.80 110.67
C ARG B 34 -13.17 11.87 109.64
N GLN B 35 -12.35 12.92 109.64
CA GLN B 35 -12.52 14.00 108.67
C GLN B 35 -11.66 13.74 107.45
N ALA B 36 -12.18 14.12 106.28
CA ALA B 36 -11.46 13.92 105.05
C ALA B 36 -10.22 14.81 105.00
N ASN B 37 -9.21 14.35 104.26
CA ASN B 37 -7.94 15.08 104.15
C ASN B 37 -8.02 16.13 103.04
N ALA B 38 -8.92 17.10 103.23
CA ALA B 38 -9.21 18.13 102.23
C ALA B 38 -8.68 19.50 102.65
N ARG B 39 -7.62 19.53 103.42
CA ARG B 39 -7.11 20.77 103.98
C ARG B 39 -5.85 21.19 103.23
N PRO B 40 -5.90 22.19 102.36
CA PRO B 40 -4.69 22.65 101.69
C PRO B 40 -3.76 23.35 102.66
N VAL B 41 -2.46 23.16 102.46
CA VAL B 41 -1.45 23.58 103.42
C VAL B 41 -0.50 24.58 102.77
N TYR B 42 0.28 25.23 103.62
CA TYR B 42 1.26 26.21 103.21
C TYR B 42 2.46 25.51 102.57
N LEU B 43 3.02 26.19 101.59
CA LEU B 43 4.17 25.68 100.84
C LEU B 43 5.22 26.78 100.84
N ALA B 44 6.41 26.48 101.36
CA ALA B 44 7.43 27.51 101.51
C ALA B 44 7.83 28.07 100.14
N PRO B 45 7.97 29.40 100.01
CA PRO B 45 8.43 29.98 98.74
C PRO B 45 9.91 29.78 98.48
N ALA B 46 10.63 29.16 99.42
CA ALA B 46 12.03 28.78 99.26
C ALA B 46 12.40 27.85 100.42
N ALA B 47 13.45 27.05 100.21
CA ALA B 47 13.86 26.06 101.20
C ALA B 47 15.17 26.50 101.83
N PRO B 48 15.24 26.77 103.15
CA PRO B 48 16.53 27.15 103.72
C PRO B 48 17.36 25.94 104.09
N MET B 49 18.62 25.92 103.68
CA MET B 49 19.56 24.86 104.01
C MET B 49 20.77 25.43 104.75
N GLU B 50 20.54 26.35 105.68
CA GLU B 50 21.65 27.08 106.29
C GLU B 50 22.54 26.17 107.15
N ASN B 51 21.93 25.27 107.94
CA ASN B 51 22.70 24.44 108.86
C ASN B 51 23.74 23.60 108.13
N THR B 52 23.29 22.84 107.12
CA THR B 52 24.17 21.92 106.41
C THR B 52 25.26 22.67 105.63
N TYR B 53 24.91 23.81 105.03
CA TYR B 53 25.90 24.51 104.20
C TYR B 53 26.92 25.29 105.04
N THR B 54 26.50 25.81 106.20
CA THR B 54 27.51 26.34 107.12
C THR B 54 28.44 25.24 107.60
N TYR B 55 27.92 24.03 107.87
CA TYR B 55 28.85 22.97 108.26
C TYR B 55 29.77 22.59 107.11
N LEU B 56 29.25 22.57 105.88
CA LEU B 56 30.10 22.27 104.73
C LEU B 56 31.21 23.30 104.59
N GLY B 57 30.89 24.58 104.82
CA GLY B 57 31.93 25.58 104.90
C GLY B 57 32.93 25.28 106.00
N SER B 58 32.44 24.74 107.12
CA SER B 58 33.33 24.40 108.24
C SER B 58 34.38 23.37 107.81
N ILE B 59 33.96 22.27 107.20
CA ILE B 59 34.92 21.22 106.87
C ILE B 59 35.62 21.51 105.55
N GLN B 60 35.37 22.69 104.99
CA GLN B 60 35.97 23.12 103.72
C GLN B 60 35.58 22.18 102.58
N PHE B 61 34.33 21.70 102.62
CA PHE B 61 33.71 20.95 101.52
C PHE B 61 34.46 19.66 101.18
N ALA B 62 35.04 19.01 102.19
CA ALA B 62 35.81 17.81 101.92
C ALA B 62 35.81 16.91 103.15
N ALA B 63 35.70 15.60 102.90
CA ALA B 63 35.77 14.61 103.96
C ALA B 63 36.04 13.26 103.33
N GLY B 64 37.07 12.58 103.82
CA GLY B 64 37.47 11.33 103.18
C GLY B 64 37.95 11.67 101.79
N ARG B 65 37.51 10.89 100.80
CA ARG B 65 37.67 11.32 99.41
C ARG B 65 36.35 11.74 98.80
N HIS B 66 35.37 12.09 99.63
CA HIS B 66 34.22 12.86 99.17
C HIS B 66 34.59 14.34 99.13
N ILE B 67 34.39 14.97 97.96
CA ILE B 67 34.48 16.41 97.88
C ILE B 67 33.13 16.94 97.39
N PHE B 68 32.67 18.04 97.98
CA PHE B 68 31.37 18.59 97.67
C PHE B 68 31.51 19.91 96.92
N GLY B 69 30.39 20.35 96.35
CA GLY B 69 30.37 21.60 95.61
C GLY B 69 29.85 22.76 96.44
N GLU B 70 30.31 23.95 96.10
CA GLU B 70 29.80 25.16 96.73
C GLU B 70 28.46 25.53 96.10
N PRO B 71 27.44 25.81 96.90
CA PRO B 71 26.13 26.14 96.36
C PRO B 71 26.11 27.56 95.78
N ALA B 72 25.02 27.85 95.09
CA ALA B 72 24.78 29.23 94.68
C ALA B 72 24.19 30.04 95.83
N SER B 73 23.19 29.48 96.49
CA SER B 73 22.52 30.14 97.60
C SER B 73 22.34 29.16 98.74
N ASN B 74 22.46 29.68 99.97
CA ASN B 74 22.11 28.89 101.15
C ASN B 74 20.61 28.61 101.19
N VAL B 75 19.82 29.46 100.55
CA VAL B 75 18.38 29.28 100.44
C VAL B 75 18.06 28.96 98.99
N LEU B 76 17.44 27.78 98.78
CA LEU B 76 17.11 27.16 97.50
C LEU B 76 15.80 27.71 96.96
N PRO B 77 15.80 28.28 95.75
CA PRO B 77 14.57 28.77 95.15
C PRO B 77 13.73 27.63 94.60
N PRO B 78 12.44 27.86 94.35
CA PRO B 78 11.62 26.81 93.74
C PRO B 78 11.86 26.67 92.24
N GLN B 79 11.84 25.44 91.77
CA GLN B 79 12.06 25.15 90.35
C GLN B 79 10.76 24.91 89.58
N ASN B 80 9.80 24.22 90.18
CA ASN B 80 8.58 23.85 89.47
C ASN B 80 7.32 24.19 90.28
N ILE B 81 7.36 25.26 91.08
CA ILE B 81 6.23 25.61 91.92
C ILE B 81 5.78 27.00 91.51
N VAL B 82 4.67 27.06 90.79
CA VAL B 82 4.06 28.36 90.47
C VAL B 82 3.27 28.83 91.69
N PRO B 83 3.30 30.12 92.03
CA PRO B 83 2.55 30.56 93.20
C PRO B 83 1.07 30.56 92.93
N GLY B 84 0.30 30.18 93.95
CA GLY B 84 -1.14 30.13 93.79
C GLY B 84 -1.62 28.94 93.00
N VAL B 85 -0.74 28.02 92.64
CA VAL B 85 -1.11 26.83 91.89
C VAL B 85 -0.98 25.64 92.82
N PRO B 86 -2.05 24.92 93.10
CA PRO B 86 -1.93 23.73 93.96
C PRO B 86 -1.03 22.70 93.30
N THR B 87 -0.06 22.21 94.08
CA THR B 87 0.90 21.23 93.61
C THR B 87 1.05 20.18 94.70
N LYS B 88 0.96 18.91 94.33
CA LYS B 88 1.16 17.81 95.28
C LYS B 88 2.62 17.36 95.30
N HIS B 89 3.46 17.95 94.44
CA HIS B 89 4.88 17.63 94.39
C HIS B 89 5.64 18.84 93.88
N GLY B 90 6.71 19.18 94.59
CA GLY B 90 7.47 20.38 94.25
C GLY B 90 8.94 20.22 94.63
N GLU B 91 9.78 20.99 93.93
CA GLU B 91 11.21 20.83 94.07
C GLU B 91 11.87 22.20 94.16
N TYR B 92 12.75 22.37 95.14
CA TYR B 92 13.68 23.49 95.20
C TYR B 92 15.07 22.97 94.83
N VAL B 93 15.84 23.78 94.11
CA VAL B 93 17.11 23.28 93.60
C VAL B 93 18.08 24.44 93.47
N THR B 94 19.31 24.22 93.91
CA THR B 94 20.35 25.19 93.61
C THR B 94 21.57 24.48 93.04
N THR B 95 22.33 25.23 92.24
CA THR B 95 23.41 24.63 91.50
C THR B 95 24.69 24.66 92.33
N ASN B 96 25.49 23.59 92.22
CA ASN B 96 26.75 23.41 92.92
C ASN B 96 27.86 23.59 91.90
N THR B 97 28.84 24.44 92.21
CA THR B 97 29.99 24.65 91.34
C THR B 97 31.26 24.42 92.14
N GLY B 98 32.38 24.26 91.45
CA GLY B 98 33.65 24.02 92.12
C GLY B 98 34.78 23.93 91.11
N ASP B 99 36.00 24.03 91.63
CA ASP B 99 37.20 23.96 90.80
C ASP B 99 37.36 22.55 90.24
N ARG B 100 37.34 22.45 88.91
CA ARG B 100 37.39 21.16 88.21
C ARG B 100 36.27 20.25 88.65
N LEU B 101 35.07 20.83 88.82
CA LEU B 101 33.85 20.10 89.08
C LEU B 101 32.84 20.42 88.00
N MET B 102 32.10 19.40 87.55
CA MET B 102 30.98 19.65 86.66
C MET B 102 29.79 20.11 87.49
N ALA B 103 29.22 21.25 87.11
CA ALA B 103 28.11 21.81 87.87
C ALA B 103 27.04 20.74 88.11
N SER B 104 26.57 20.63 89.35
CA SER B 104 25.60 19.59 89.72
C SER B 104 24.58 20.15 90.71
N SER B 105 23.34 19.71 90.56
CA SER B 105 22.24 20.32 91.28
C SER B 105 22.00 19.60 92.60
N THR B 106 21.82 20.37 93.67
CA THR B 106 21.37 19.83 94.96
C THR B 106 19.89 20.15 95.12
N THR B 107 19.13 19.14 95.58
CA THR B 107 17.67 19.12 95.43
C THR B 107 16.95 18.87 96.74
N VAL B 108 15.88 19.63 96.96
CA VAL B 108 15.00 19.47 98.11
C VAL B 108 13.60 19.24 97.57
N THR B 109 13.03 18.08 97.87
CA THR B 109 11.78 17.61 97.29
C THR B 109 10.70 17.53 98.36
N ARG B 110 9.53 18.10 98.08
CA ARG B 110 8.41 18.07 99.01
C ARG B 110 7.21 17.43 98.32
N ASP B 111 6.64 16.41 98.96
CA ASP B 111 5.46 15.71 98.47
C ASP B 111 4.38 15.84 99.52
N VAL B 112 3.30 16.54 99.19
CA VAL B 112 2.16 16.74 100.08
C VAL B 112 0.96 16.05 99.44
N SER B 113 0.51 14.93 100.02
CA SER B 113 -0.68 14.27 99.49
C SER B 113 -1.32 13.38 100.54
N ASN B 114 -2.66 13.38 100.56
CA ASN B 114 -3.46 12.46 101.37
C ASN B 114 -3.09 12.49 102.84
N GLY B 115 -2.85 13.70 103.36
CA GLY B 115 -2.49 13.90 104.75
C GLY B 115 -1.06 13.58 105.11
N ARG B 116 -0.25 13.12 104.16
CA ARG B 116 1.14 12.77 104.42
C ARG B 116 2.00 13.80 103.71
N THR B 117 2.91 14.42 104.45
CA THR B 117 3.84 15.38 103.88
C THR B 117 5.26 14.83 104.07
N LYS B 118 6.08 14.88 103.03
CA LYS B 118 7.41 14.27 103.05
C LYS B 118 8.42 15.18 102.35
N VAL B 119 9.52 15.46 103.05
CA VAL B 119 10.60 16.30 102.55
C VAL B 119 11.87 15.45 102.45
N SER B 120 12.53 15.51 101.28
CA SER B 120 13.75 14.77 101.03
C SER B 120 14.84 15.71 100.54
N ILE B 121 16.08 15.49 100.99
CA ILE B 121 17.21 16.33 100.61
C ILE B 121 18.29 15.43 100.03
N ASP B 122 18.80 15.82 98.86
CA ASP B 122 19.81 15.04 98.12
C ASP B 122 20.93 15.98 97.70
N ILE B 123 22.13 15.73 98.22
CA ILE B 123 23.32 16.51 97.85
C ILE B 123 24.35 15.56 97.24
N PRO B 124 24.94 15.91 96.10
CA PRO B 124 25.93 15.03 95.46
C PRO B 124 27.36 15.29 95.93
N TYR B 125 28.22 14.29 95.69
CA TYR B 125 29.63 14.35 96.01
C TYR B 125 30.44 13.74 94.87
N TYR B 126 31.69 14.20 94.74
CA TYR B 126 32.63 13.81 93.70
C TYR B 126 33.84 13.10 94.31
N ASP B 127 34.59 12.43 93.41
CA ASP B 127 35.82 11.70 93.74
C ASP B 127 36.97 12.69 93.96
N ARG B 128 37.29 12.91 95.24
CA ARG B 128 38.35 13.84 95.60
C ARG B 128 39.69 13.42 95.00
N ASN B 129 39.91 12.12 94.82
CA ASN B 129 41.17 11.65 94.24
C ASN B 129 41.31 12.11 92.79
N ALA B 130 40.23 11.96 92.02
CA ALA B 130 40.23 12.44 90.65
C ALA B 130 40.39 13.96 90.60
N VAL B 131 39.63 14.68 91.43
CA VAL B 131 39.66 16.13 91.37
C VAL B 131 41.05 16.65 91.71
N GLU B 132 41.66 16.13 92.78
CA GLU B 132 42.97 16.62 93.21
C GLU B 132 44.08 16.16 92.29
N THR B 133 43.97 14.97 91.68
CA THR B 133 44.94 14.59 90.66
C THR B 133 44.88 15.54 89.47
N LEU B 134 43.67 15.93 89.05
CA LEU B 134 43.53 16.91 87.99
C LEU B 134 44.12 18.26 88.39
N LYS B 135 43.81 18.74 89.60
CA LYS B 135 44.32 20.02 90.07
C LYS B 135 45.84 20.02 90.14
N ALA B 136 46.42 19.03 90.82
CA ALA B 136 47.87 18.98 90.95
C ALA B 136 48.55 18.82 89.60
N SER B 137 47.95 18.04 88.69
CA SER B 137 48.54 17.89 87.38
C SER B 137 48.18 19.01 86.43
N ALA B 138 47.40 20.01 86.86
CA ALA B 138 46.99 21.10 85.99
C ALA B 138 46.34 20.57 84.72
N ILE B 139 45.38 19.66 84.89
CA ILE B 139 44.63 19.10 83.76
C ILE B 139 43.29 19.81 83.72
N PRO B 140 42.78 20.20 82.55
CA PRO B 140 41.51 20.95 82.50
C PRO B 140 40.24 20.12 82.50
N GLY B 141 40.27 18.87 82.92
CA GLY B 141 39.06 18.08 82.97
C GLY B 141 38.15 18.50 84.11
N ALA B 142 36.84 18.35 83.89
CA ALA B 142 35.83 18.60 84.92
C ALA B 142 35.17 17.28 85.29
N VAL B 143 34.92 17.07 86.57
CA VAL B 143 34.46 15.77 87.08
C VAL B 143 32.97 15.84 87.38
N ALA B 144 32.25 14.80 86.95
CA ALA B 144 30.85 14.61 87.28
C ALA B 144 30.73 13.93 88.64
N PRO B 145 29.59 14.07 89.31
CA PRO B 145 29.44 13.52 90.66
C PRO B 145 29.50 12.00 90.66
N VAL B 146 30.15 11.46 91.68
CA VAL B 146 30.23 10.01 91.82
C VAL B 146 29.07 9.45 92.64
N GLY B 147 28.50 10.24 93.55
CA GLY B 147 27.38 9.72 94.32
C GLY B 147 26.61 10.83 95.01
N SER B 148 25.78 10.45 95.98
CA SER B 148 25.00 11.43 96.72
C SER B 148 24.68 10.90 98.11
N PHE B 149 24.26 11.84 98.97
CA PHE B 149 23.72 11.54 100.29
C PHE B 149 22.31 12.12 100.40
N LYS B 150 21.42 11.37 101.05
CA LYS B 150 20.00 11.68 101.11
C LYS B 150 19.46 11.55 102.54
N VAL B 151 18.54 12.45 102.86
CA VAL B 151 17.87 12.47 104.15
C VAL B 151 16.38 12.71 103.91
N ASN B 152 15.53 11.82 104.45
CA ASN B 152 14.09 11.85 104.29
C ASN B 152 13.41 12.15 105.62
N VAL B 153 12.31 12.87 105.55
CA VAL B 153 11.53 13.25 106.72
C VAL B 153 10.06 13.19 106.33
N GLU B 154 9.22 12.62 107.20
CA GLU B 154 7.87 12.25 106.81
C GLU B 154 6.92 12.44 107.98
N VAL B 155 5.74 12.99 107.70
CA VAL B 155 4.75 13.34 108.72
C VAL B 155 3.42 12.78 108.26
N LEU B 156 2.88 11.82 109.01
CA LEU B 156 1.61 11.18 108.71
C LEU B 156 0.51 11.88 109.51
N GLY B 157 -0.05 12.93 108.93
CA GLY B 157 -1.01 13.79 109.58
C GLY B 157 -2.46 13.55 109.23
N GLY B 158 -2.78 12.40 108.66
CA GLY B 158 -4.14 12.11 108.29
C GLY B 158 -4.96 11.57 109.44
N GLY B 159 -6.28 11.62 109.27
CA GLY B 159 -7.19 10.99 110.20
C GLY B 159 -7.72 11.89 111.27
N VAL B 160 -7.67 13.21 111.06
CA VAL B 160 -8.17 14.15 112.05
C VAL B 160 -9.64 13.89 112.31
N LEU B 161 -10.00 13.87 113.58
CA LEU B 161 -11.37 13.60 114.01
C LEU B 161 -12.31 14.73 113.61
N THR B 162 -13.59 14.39 113.46
CA THR B 162 -14.55 15.33 112.86
C THR B 162 -14.79 16.56 113.75
N GLY B 163 -14.84 16.36 115.06
CA GLY B 163 -15.07 17.49 115.96
C GLY B 163 -14.01 18.57 115.85
N THR B 164 -12.77 18.21 115.49
CA THR B 164 -11.66 19.15 115.49
C THR B 164 -11.91 20.31 114.54
N ASP B 165 -11.81 21.53 115.05
CA ASP B 165 -12.03 22.69 114.21
C ASP B 165 -10.69 23.25 113.72
N ALA B 166 -10.73 24.40 113.03
CA ALA B 166 -9.54 24.95 112.39
C ALA B 166 -8.48 25.33 113.43
N ASN B 167 -8.91 26.03 114.48
CA ASN B 167 -7.98 26.46 115.52
C ASN B 167 -7.31 25.26 116.16
N ALA B 168 -8.07 24.20 116.43
CA ALA B 168 -7.48 22.99 116.99
C ALA B 168 -6.48 22.37 116.02
N GLN B 169 -6.79 22.38 114.73
CA GLN B 169 -5.85 21.82 113.76
C GLN B 169 -4.53 22.58 113.76
N PHE B 170 -4.58 23.90 114.02
CA PHE B 170 -3.32 24.63 114.21
C PHE B 170 -2.46 23.99 115.29
N ALA B 171 -3.08 23.66 116.42
CA ALA B 171 -2.38 23.04 117.53
C ALA B 171 -1.78 21.70 117.11
N LEU B 172 -2.56 20.92 116.36
CA LEU B 172 -2.03 19.64 115.86
C LEU B 172 -0.83 19.87 114.95
N ASP B 173 -0.87 20.96 114.16
CA ASP B 173 0.27 21.31 113.32
C ASP B 173 1.53 21.45 114.15
N GLU B 174 1.47 22.29 115.18
CA GLU B 174 2.67 22.52 115.99
C GLU B 174 3.06 21.25 116.75
N LEU B 175 2.09 20.42 117.13
CA LEU B 175 2.41 19.16 117.81
C LEU B 175 3.26 18.27 116.93
N LEU B 176 2.84 18.08 115.67
CA LEU B 176 3.63 17.29 114.75
C LEU B 176 4.99 17.94 114.50
N SER B 177 5.04 19.28 114.48
CA SER B 177 6.32 19.96 114.36
C SER B 177 7.29 19.55 115.48
N ASN B 178 6.79 19.54 116.72
CA ASN B 178 7.67 19.20 117.83
C ASN B 178 8.05 17.73 117.82
N MET B 179 7.15 16.85 117.37
CA MET B 179 7.54 15.45 117.19
C MET B 179 8.63 15.30 116.14
N LEU B 180 8.57 16.11 115.08
CA LEU B 180 9.64 16.17 114.09
C LEU B 180 10.97 16.50 114.74
N MET B 181 10.99 17.61 115.48
CA MET B 181 12.23 18.03 116.14
C MET B 181 12.78 16.92 117.03
N ASP B 182 11.90 16.28 117.80
CA ASP B 182 12.35 15.20 118.68
C ASP B 182 12.89 14.02 117.89
N ALA B 183 12.26 13.69 116.77
CA ALA B 183 12.74 12.57 115.96
C ALA B 183 14.13 12.85 115.41
N ALA B 184 14.36 14.08 114.93
CA ALA B 184 15.67 14.42 114.39
C ALA B 184 16.74 14.41 115.48
N ARG B 185 16.40 14.91 116.67
CA ARG B 185 17.34 14.86 117.77
C ARG B 185 17.66 13.41 118.14
N ILE B 186 16.65 12.54 118.20
CA ILE B 186 16.87 11.14 118.54
C ILE B 186 17.69 10.45 117.46
N ALA B 187 17.58 10.92 116.22
CA ALA B 187 18.35 10.33 115.14
C ALA B 187 19.83 10.69 115.26
N GLN B 188 20.13 11.98 115.44
CA GLN B 188 21.53 12.42 115.53
C GLN B 188 22.13 12.26 116.93
N ASP B 189 21.34 11.78 117.89
CA ASP B 189 21.77 11.75 119.29
C ASP B 189 23.02 10.91 119.46
N GLY B 190 23.95 11.42 120.26
CA GLY B 190 25.14 10.68 120.61
C GLY B 190 26.39 11.55 120.67
N PRO B 191 27.44 11.01 121.29
CA PRO B 191 28.73 11.71 121.26
C PRO B 191 29.27 11.83 119.85
N LYS B 192 29.95 12.94 119.59
CA LYS B 192 30.68 13.07 118.34
C LYS B 192 32.01 12.32 118.37
N ASN B 193 32.34 11.70 119.51
CA ASN B 193 33.52 10.85 119.61
C ASN B 193 33.33 9.52 118.90
N THR B 194 32.08 9.04 118.82
CA THR B 194 31.80 7.70 118.33
C THR B 194 30.94 7.75 117.06
N ALA B 195 31.00 6.64 116.33
CA ALA B 195 30.28 6.51 115.06
C ALA B 195 28.78 6.49 115.30
N ARG B 196 28.01 7.28 114.53
CA ARG B 196 26.58 7.23 114.75
C ARG B 196 25.70 7.13 113.48
N LEU B 197 26.15 7.58 112.30
CA LEU B 197 25.29 7.55 111.12
C LEU B 197 25.79 6.81 109.87
N VAL B 198 26.95 7.20 109.31
CA VAL B 198 27.32 6.76 107.96
C VAL B 198 27.85 5.34 108.01
N ALA B 199 27.68 4.63 106.89
CA ALA B 199 28.13 3.23 106.77
C ALA B 199 27.61 2.39 107.93
N ALA B 200 26.41 2.71 108.41
CA ALA B 200 25.86 2.02 109.56
C ALA B 200 25.62 0.55 109.26
N SER B 201 25.96 -0.31 110.23
CA SER B 201 25.69 -1.74 110.15
C SER B 201 24.72 -2.23 111.21
N HIS B 202 24.88 -1.78 112.45
CA HIS B 202 24.08 -2.21 113.59
C HIS B 202 24.35 -1.25 114.75
N GLY B 203 23.44 -1.26 115.71
CA GLY B 203 23.50 -0.37 116.86
C GLY B 203 23.91 -1.15 118.10
N VAL B 204 24.70 -0.51 118.95
CA VAL B 204 25.14 -1.11 120.21
C VAL B 204 25.01 -0.06 121.30
N MET B 205 24.31 -0.42 122.38
CA MET B 205 24.12 0.46 123.53
C MET B 205 25.36 0.39 124.42
N PRO B 206 25.90 1.53 124.85
CA PRO B 206 27.16 1.51 125.61
C PRO B 206 26.97 0.82 126.97
N GLN B 207 28.10 0.32 127.48
CA GLN B 207 28.08 -0.42 128.74
C GLN B 207 27.40 0.37 129.85
N ALA B 208 27.68 1.67 129.93
CA ALA B 208 27.01 2.60 130.82
C ALA B 208 26.91 2.04 132.24
N SER C 23 26.58 6.04 85.94
CA SER C 23 27.94 6.20 85.47
C SER C 23 28.37 7.66 85.45
N SER C 24 29.49 7.96 86.12
CA SER C 24 30.01 9.32 86.23
C SER C 24 31.28 9.45 85.39
N ARG C 25 31.32 10.48 84.55
CA ARG C 25 32.40 10.67 83.60
C ARG C 25 32.95 12.09 83.70
N THR C 26 34.27 12.20 83.68
CA THR C 26 34.93 13.49 83.59
C THR C 26 34.97 13.93 82.13
N THR C 27 34.68 15.21 81.91
CA THR C 27 34.51 15.79 80.59
C THR C 27 35.61 16.80 80.31
N PHE C 28 36.19 16.71 79.11
CA PHE C 28 37.16 17.66 78.59
C PHE C 28 36.51 18.41 77.45
N GLY C 29 36.56 19.73 77.50
CA GLY C 29 35.89 20.51 76.50
C GLY C 29 34.45 20.84 76.88
N VAL C 30 33.66 21.08 75.85
CA VAL C 30 32.28 21.53 76.03
C VAL C 30 31.40 20.36 76.44
N ASN C 31 30.57 20.57 77.45
CA ASN C 31 29.54 19.62 77.82
C ASN C 31 28.19 20.15 77.34
N PRO C 32 27.57 19.55 76.33
CA PRO C 32 26.33 20.09 75.78
C PRO C 32 25.04 19.57 76.40
N ASP C 33 25.09 18.90 77.54
CA ASP C 33 23.87 18.38 78.17
C ASP C 33 22.85 19.50 78.39
N ARG C 34 21.65 19.32 77.86
CA ARG C 34 20.57 20.28 78.02
C ARG C 34 19.57 19.80 79.07
N GLN C 35 18.92 20.76 79.73
CA GLN C 35 17.92 20.46 80.74
C GLN C 35 16.57 20.24 80.08
N ALA C 36 15.90 19.16 80.48
CA ALA C 36 14.61 18.82 79.90
C ALA C 36 13.60 19.94 80.09
N ASN C 37 12.81 20.18 79.04
CA ASN C 37 11.81 21.26 79.00
C ASN C 37 10.56 20.81 79.78
N ALA C 38 10.70 20.78 81.12
CA ALA C 38 9.67 20.23 82.01
C ALA C 38 9.45 21.21 83.16
N ARG C 39 9.26 22.49 82.82
CA ARG C 39 9.12 23.56 83.80
C ARG C 39 7.80 24.28 83.62
N PRO C 40 6.88 24.22 84.58
CA PRO C 40 5.65 25.00 84.48
C PRO C 40 5.93 26.49 84.48
N VAL C 41 5.12 27.24 83.74
CA VAL C 41 5.33 28.68 83.61
C VAL C 41 4.04 29.41 83.96
N TYR C 42 4.20 30.64 84.43
CA TYR C 42 3.07 31.45 84.85
C TYR C 42 2.19 31.80 83.65
N LEU C 43 0.88 31.75 83.89
CA LEU C 43 -0.13 32.03 82.87
C LEU C 43 -1.02 33.14 83.38
N ALA C 44 -0.99 34.28 82.69
CA ALA C 44 -1.70 35.46 83.14
C ALA C 44 -3.20 35.17 83.26
N PRO C 45 -3.87 35.70 84.30
CA PRO C 45 -5.32 35.44 84.46
C PRO C 45 -6.19 36.20 83.48
N ALA C 46 -5.61 37.09 82.69
CA ALA C 46 -6.31 37.84 81.66
C ALA C 46 -5.28 38.49 80.75
N ALA C 47 -5.72 38.88 79.56
CA ALA C 47 -4.79 39.42 78.58
C ALA C 47 -5.07 40.91 78.40
N PRO C 48 -4.15 41.81 78.77
CA PRO C 48 -4.41 43.24 78.55
C PRO C 48 -4.10 43.64 77.11
N MET C 49 -5.09 44.24 76.44
CA MET C 49 -4.90 44.79 75.11
C MET C 49 -5.05 46.30 75.09
N GLU C 50 -4.52 46.99 76.09
CA GLU C 50 -4.84 48.40 76.27
C GLU C 50 -4.33 49.25 75.11
N ASN C 51 -3.10 48.98 74.63
CA ASN C 51 -2.49 49.83 73.62
C ASN C 51 -3.32 49.87 72.33
N THR C 52 -3.66 48.68 71.81
CA THR C 52 -4.34 48.59 70.53
C THR C 52 -5.75 49.19 70.59
N TYR C 53 -6.47 48.97 71.70
CA TYR C 53 -7.85 49.45 71.80
C TYR C 53 -7.91 50.95 72.10
N THR C 54 -6.96 51.48 72.85
CA THR C 54 -6.87 52.93 72.95
C THR C 54 -6.58 53.56 71.58
N TYR C 55 -5.69 52.95 70.79
CA TYR C 55 -5.46 53.54 69.46
C TYR C 55 -6.70 53.41 68.57
N LEU C 56 -7.42 52.29 68.69
CA LEU C 56 -8.65 52.13 67.91
C LEU C 56 -9.68 53.17 68.29
N GLY C 57 -9.81 53.49 69.58
CA GLY C 57 -10.61 54.62 69.99
C GLY C 57 -10.10 55.93 69.40
N SER C 58 -8.78 56.07 69.30
CA SER C 58 -8.20 57.27 68.71
C SER C 58 -8.68 57.49 67.28
N ILE C 59 -8.68 56.44 66.46
CA ILE C 59 -9.07 56.66 65.07
C ILE C 59 -10.56 56.41 64.87
N GLN C 60 -11.31 56.29 65.97
CA GLN C 60 -12.75 56.08 65.93
C GLN C 60 -13.11 54.78 65.21
N PHE C 61 -12.28 53.77 65.39
CA PHE C 61 -12.56 52.41 64.93
C PHE C 61 -12.78 52.34 63.42
N ALA C 62 -12.02 53.12 62.66
CA ALA C 62 -12.21 53.15 61.22
C ALA C 62 -10.95 53.70 60.55
N ALA C 63 -10.40 52.92 59.62
CA ALA C 63 -9.30 53.38 58.77
C ALA C 63 -9.60 52.96 57.35
N GLY C 64 -9.71 53.95 56.45
CA GLY C 64 -10.00 53.66 55.06
C GLY C 64 -11.35 52.98 54.90
N ARG C 65 -11.33 51.83 54.24
CA ARG C 65 -12.53 51.03 54.08
C ARG C 65 -12.67 49.97 55.17
N HIS C 66 -11.72 49.91 56.10
CA HIS C 66 -11.79 48.98 57.23
C HIS C 66 -12.54 49.63 58.37
N ILE C 67 -13.62 49.02 58.83
CA ILE C 67 -14.29 49.47 60.05
C ILE C 67 -14.17 48.35 61.09
N PHE C 68 -13.87 48.74 62.32
CA PHE C 68 -13.64 47.79 63.40
C PHE C 68 -14.78 47.84 64.41
N GLY C 69 -14.89 46.79 65.22
CA GLY C 69 -15.91 46.76 66.24
C GLY C 69 -15.39 47.19 67.60
N GLU C 70 -16.32 47.60 68.45
CA GLU C 70 -15.98 48.06 69.81
C GLU C 70 -15.93 46.87 70.77
N PRO C 71 -14.83 46.65 71.46
CA PRO C 71 -14.74 45.49 72.35
C PRO C 71 -15.58 45.68 73.59
N ALA C 72 -15.93 44.56 74.22
CA ALA C 72 -16.60 44.65 75.52
C ALA C 72 -15.62 45.08 76.61
N SER C 73 -14.38 44.61 76.57
CA SER C 73 -13.39 45.00 77.56
C SER C 73 -12.04 45.23 76.89
N ASN C 74 -11.24 46.10 77.51
CA ASN C 74 -9.86 46.29 77.10
C ASN C 74 -8.99 45.15 77.59
N VAL C 75 -9.42 44.43 78.62
CA VAL C 75 -8.71 43.28 79.15
C VAL C 75 -9.57 42.05 78.91
N LEU C 76 -8.99 41.03 78.28
CA LEU C 76 -9.74 39.89 77.78
C LEU C 76 -9.70 38.75 78.79
N PRO C 77 -10.86 38.21 79.16
CA PRO C 77 -10.91 37.11 80.13
C PRO C 77 -10.60 35.77 79.48
N PRO C 78 -10.19 34.77 80.27
CA PRO C 78 -9.89 33.47 79.67
C PRO C 78 -11.15 32.77 79.22
N GLN C 79 -11.06 32.10 78.08
CA GLN C 79 -12.16 31.31 77.55
C GLN C 79 -12.05 29.83 77.89
N ASN C 80 -10.87 29.25 77.75
CA ASN C 80 -10.71 27.81 77.95
C ASN C 80 -9.58 27.49 78.94
N ILE C 81 -9.29 28.41 79.86
CA ILE C 81 -8.24 28.23 80.87
C ILE C 81 -8.91 28.19 82.23
N VAL C 82 -8.54 27.18 83.03
CA VAL C 82 -9.07 27.01 84.37
C VAL C 82 -7.91 27.13 85.34
N PRO C 83 -8.04 27.89 86.43
CA PRO C 83 -6.92 28.05 87.35
C PRO C 83 -6.54 26.72 87.97
N GLY C 84 -5.24 26.49 88.05
CA GLY C 84 -4.70 25.29 88.65
C GLY C 84 -4.64 24.11 87.72
N VAL C 85 -5.16 24.22 86.51
CA VAL C 85 -5.14 23.11 85.57
C VAL C 85 -4.12 23.44 84.49
N PRO C 86 -3.07 22.64 84.32
CA PRO C 86 -2.08 22.94 83.29
C PRO C 86 -2.68 22.78 81.91
N THR C 87 -2.39 23.74 81.03
CA THR C 87 -2.84 23.68 79.65
C THR C 87 -1.67 24.10 78.77
N LYS C 88 -1.64 23.55 77.56
CA LYS C 88 -0.61 23.90 76.58
C LYS C 88 -1.15 24.83 75.51
N HIS C 89 -2.44 25.11 75.54
CA HIS C 89 -3.07 26.02 74.59
C HIS C 89 -4.22 26.71 75.31
N GLY C 90 -4.22 28.04 75.25
CA GLY C 90 -5.22 28.82 75.95
C GLY C 90 -5.62 30.03 75.14
N GLU C 91 -6.84 30.50 75.38
CA GLU C 91 -7.40 31.59 74.60
C GLU C 91 -8.13 32.57 75.49
N TYR C 92 -7.87 33.85 75.29
CA TYR C 92 -8.65 34.94 75.84
C TYR C 92 -9.46 35.57 74.72
N VAL C 93 -10.67 36.03 75.04
CA VAL C 93 -11.57 36.45 73.97
C VAL C 93 -12.54 37.50 74.50
N THR C 94 -12.85 38.47 73.64
CA THR C 94 -13.99 39.35 73.92
C THR C 94 -14.82 39.52 72.65
N THR C 95 -15.92 40.26 72.76
CA THR C 95 -16.85 40.43 71.63
C THR C 95 -16.83 41.87 71.18
N ASN C 96 -16.53 42.09 69.89
CA ASN C 96 -16.69 43.38 69.25
C ASN C 96 -18.12 43.47 68.74
N THR C 97 -18.82 44.53 69.13
CA THR C 97 -20.14 44.89 68.63
C THR C 97 -20.05 46.23 67.92
N GLY C 98 -21.05 46.54 67.10
CA GLY C 98 -21.00 47.74 66.28
C GLY C 98 -22.34 47.98 65.62
N ASP C 99 -22.50 49.23 65.15
CA ASP C 99 -23.72 49.63 64.48
C ASP C 99 -23.80 48.98 63.10
N ARG C 100 -24.91 48.30 62.83
CA ARG C 100 -25.11 47.52 61.60
C ARG C 100 -24.10 46.38 61.48
N LEU C 101 -23.60 45.88 62.60
CA LEU C 101 -22.58 44.85 62.60
C LEU C 101 -23.04 43.62 63.38
N MET C 102 -22.58 42.47 62.94
CA MET C 102 -22.81 41.22 63.65
C MET C 102 -21.66 40.95 64.61
N ALA C 103 -22.00 40.61 65.86
CA ALA C 103 -21.01 40.42 66.90
C ALA C 103 -19.91 39.47 66.46
N SER C 104 -18.66 39.93 66.59
CA SER C 104 -17.51 39.13 66.18
C SER C 104 -16.45 39.15 67.26
N SER C 105 -15.92 37.97 67.57
CA SER C 105 -15.00 37.85 68.69
C SER C 105 -13.58 38.21 68.29
N THR C 106 -12.88 38.87 69.22
CA THR C 106 -11.45 39.18 69.12
C THR C 106 -10.68 38.24 70.04
N THR C 107 -9.65 37.58 69.50
CA THR C 107 -9.03 36.43 70.16
C THR C 107 -7.54 36.62 70.38
N VAL C 108 -7.07 36.13 71.54
CA VAL C 108 -5.66 36.18 71.93
C VAL C 108 -5.29 34.77 72.34
N THR C 109 -4.42 34.13 71.56
CA THR C 109 -4.08 32.73 71.72
C THR C 109 -2.66 32.58 72.25
N ARG C 110 -2.47 31.71 73.24
CA ARG C 110 -1.15 31.45 73.80
C ARG C 110 -0.88 29.95 73.82
N ASP C 111 0.24 29.55 73.23
CA ASP C 111 0.66 28.17 73.14
C ASP C 111 1.97 28.01 73.88
N VAL C 112 2.04 27.05 74.80
CA VAL C 112 3.26 26.74 75.53
C VAL C 112 3.56 25.25 75.36
N SER C 113 4.70 24.93 74.74
CA SER C 113 5.06 23.54 74.50
C SER C 113 6.55 23.44 74.20
N ASN C 114 7.22 22.49 74.85
CA ASN C 114 8.61 22.12 74.51
C ASN C 114 9.54 23.33 74.55
N GLY C 115 9.33 24.21 75.53
CA GLY C 115 10.16 25.39 75.71
C GLY C 115 9.87 26.53 74.75
N ARG C 116 8.88 26.38 73.89
CA ARG C 116 8.53 27.39 72.92
C ARG C 116 7.18 27.96 73.32
N THR C 117 7.12 29.26 73.48
CA THR C 117 5.89 29.93 73.90
C THR C 117 5.54 30.96 72.83
N LYS C 118 4.28 30.98 72.40
CA LYS C 118 3.85 31.81 71.27
C LYS C 118 2.48 32.43 71.54
N VAL C 119 2.43 33.76 71.41
CA VAL C 119 1.21 34.54 71.60
C VAL C 119 0.80 35.11 70.24
N SER C 120 -0.47 34.92 69.87
CA SER C 120 -1.02 35.42 68.61
C SER C 120 -2.27 36.25 68.91
N ILE C 121 -2.46 37.34 68.17
CA ILE C 121 -3.60 38.22 68.36
C ILE C 121 -4.31 38.39 67.02
N ASP C 122 -5.63 38.19 67.03
CA ASP C 122 -6.46 38.26 65.83
C ASP C 122 -7.65 39.18 66.09
N ILE C 123 -7.76 40.25 65.31
CA ILE C 123 -8.88 41.17 65.38
C ILE C 123 -9.52 41.27 64.00
N PRO C 124 -10.84 41.11 63.89
CA PRO C 124 -11.51 41.19 62.59
C PRO C 124 -11.96 42.60 62.25
N TYR C 125 -12.20 42.82 60.95
CA TYR C 125 -12.70 44.08 60.42
C TYR C 125 -13.85 43.81 59.46
N TYR C 126 -14.56 44.88 59.09
CA TYR C 126 -15.72 44.82 58.23
C TYR C 126 -15.60 45.83 57.10
N ASP C 127 -16.49 45.67 56.11
CA ASP C 127 -16.55 46.52 54.92
C ASP C 127 -17.29 47.82 55.24
N ARG C 128 -16.53 48.91 55.38
CA ARG C 128 -17.13 50.18 55.73
C ARG C 128 -18.12 50.65 54.66
N ASN C 129 -17.87 50.31 53.40
CA ASN C 129 -18.77 50.74 52.33
C ASN C 129 -20.14 50.08 52.48
N ALA C 130 -20.17 48.79 52.81
CA ALA C 130 -21.43 48.14 53.08
C ALA C 130 -22.09 48.73 54.32
N VAL C 131 -21.30 48.96 55.38
CA VAL C 131 -21.91 49.44 56.63
C VAL C 131 -22.55 50.81 56.44
N GLU C 132 -21.81 51.76 55.85
CA GLU C 132 -22.33 53.10 55.68
C GLU C 132 -23.38 53.18 54.57
N THR C 133 -23.35 52.27 53.60
CA THR C 133 -24.42 52.22 52.61
C THR C 133 -25.73 51.77 53.24
N LEU C 134 -25.67 50.77 54.12
CA LEU C 134 -26.86 50.40 54.90
C LEU C 134 -27.35 51.56 55.74
N LYS C 135 -26.47 52.15 56.55
CA LYS C 135 -26.85 53.30 57.37
C LYS C 135 -27.55 54.36 56.53
N ALA C 136 -26.95 54.71 55.38
CA ALA C 136 -27.49 55.77 54.54
C ALA C 136 -28.76 55.37 53.80
N SER C 137 -29.02 54.08 53.62
CA SER C 137 -30.21 53.63 52.91
C SER C 137 -31.38 53.33 53.84
N ALA C 138 -31.14 53.20 55.14
CA ALA C 138 -32.21 52.99 56.13
C ALA C 138 -33.00 51.72 55.82
N ILE C 139 -32.25 50.63 55.66
CA ILE C 139 -32.75 49.36 55.17
C ILE C 139 -32.25 48.29 56.13
N PRO C 140 -32.99 47.19 56.32
CA PRO C 140 -32.75 46.33 57.48
C PRO C 140 -31.41 45.57 57.54
N GLY C 141 -30.60 45.55 56.48
CA GLY C 141 -29.47 44.63 56.45
C GLY C 141 -28.48 44.81 57.60
N ALA C 142 -27.76 43.71 57.93
CA ALA C 142 -26.55 43.77 58.77
C ALA C 142 -25.45 42.90 58.15
N VAL C 143 -24.20 43.19 58.55
CA VAL C 143 -23.00 42.70 57.86
C VAL C 143 -22.11 41.92 58.83
N ALA C 144 -21.46 40.90 58.28
CA ALA C 144 -20.51 40.03 58.96
C ALA C 144 -19.08 40.46 58.60
N PRO C 145 -18.08 39.98 59.35
CA PRO C 145 -16.69 40.37 59.07
C PRO C 145 -16.22 39.97 57.68
N VAL C 146 -15.27 40.75 57.16
CA VAL C 146 -14.70 40.53 55.85
C VAL C 146 -13.31 39.93 55.93
N GLY C 147 -12.57 40.17 57.01
CA GLY C 147 -11.24 39.63 57.16
C GLY C 147 -10.71 39.98 58.53
N SER C 148 -9.41 39.79 58.71
CA SER C 148 -8.81 40.03 60.01
C SER C 148 -7.37 40.48 59.83
N PHE C 149 -6.82 41.00 60.92
CA PHE C 149 -5.39 41.28 61.04
C PHE C 149 -4.84 40.49 62.23
N LYS C 150 -3.64 39.94 62.03
CA LYS C 150 -3.01 39.03 62.98
C LYS C 150 -1.56 39.44 63.24
N VAL C 151 -1.16 39.24 64.48
CA VAL C 151 0.20 39.52 64.94
C VAL C 151 0.67 38.37 65.82
N ASN C 152 1.82 37.78 65.48
CA ASN C 152 2.40 36.65 66.21
C ASN C 152 3.70 37.04 66.89
N VAL C 153 3.96 36.45 68.04
CA VAL C 153 5.15 36.69 68.83
C VAL C 153 5.58 35.36 69.45
N GLU C 154 6.86 35.01 69.33
CA GLU C 154 7.33 33.66 69.58
C GLU C 154 8.68 33.68 70.29
N VAL C 155 8.83 32.85 71.32
CA VAL C 155 10.02 32.81 72.15
C VAL C 155 10.49 31.37 72.24
N LEU C 156 11.72 31.10 71.76
CA LEU C 156 12.26 29.74 71.69
C LEU C 156 13.21 29.55 72.87
N GLY C 157 12.64 29.20 74.02
CA GLY C 157 13.37 29.11 75.26
C GLY C 157 13.90 27.74 75.62
N GLY C 158 13.85 26.80 74.69
CA GLY C 158 14.33 25.46 74.96
C GLY C 158 15.84 25.39 74.94
N GLY C 159 16.36 24.34 75.57
CA GLY C 159 17.78 24.07 75.52
C GLY C 159 18.57 24.61 76.67
N VAL C 160 17.95 24.77 77.84
CA VAL C 160 18.67 25.29 78.99
C VAL C 160 19.72 24.27 79.41
N LEU C 161 20.93 24.76 79.69
CA LEU C 161 22.05 23.89 80.02
C LEU C 161 21.89 23.28 81.42
N THR C 162 22.71 22.27 81.70
CA THR C 162 22.52 21.50 82.93
C THR C 162 22.83 22.33 84.17
N GLY C 163 23.88 23.14 84.12
CA GLY C 163 24.32 23.87 85.30
C GLY C 163 23.30 24.88 85.80
N THR C 164 22.41 25.34 84.92
CA THR C 164 21.50 26.42 85.28
C THR C 164 20.54 25.98 86.39
N ASP C 165 20.50 26.77 87.46
CA ASP C 165 19.54 26.56 88.52
C ASP C 165 18.35 27.50 88.33
N ALA C 166 17.43 27.48 89.30
CA ALA C 166 16.17 28.20 89.16
C ALA C 166 16.38 29.71 89.10
N ASN C 167 17.23 30.25 89.99
CA ASN C 167 17.50 31.68 90.00
C ASN C 167 18.06 32.15 88.65
N ALA C 168 19.04 31.41 88.12
CA ALA C 168 19.59 31.69 86.82
C ALA C 168 18.53 31.62 85.73
N GLN C 169 17.60 30.67 85.85
CA GLN C 169 16.53 30.58 84.87
C GLN C 169 15.64 31.82 84.90
N PHE C 170 15.41 32.38 86.08
CA PHE C 170 14.71 33.67 86.14
C PHE C 170 15.47 34.73 85.37
N ALA C 171 16.79 34.76 85.54
CA ALA C 171 17.58 35.72 84.80
C ALA C 171 17.40 35.53 83.29
N LEU C 172 17.37 34.26 82.85
CA LEU C 172 17.19 33.99 81.43
C LEU C 172 15.79 34.40 80.96
N ASP C 173 14.79 34.22 81.83
CA ASP C 173 13.44 34.70 81.56
C ASP C 173 13.46 36.17 81.19
N GLU C 174 14.09 36.98 82.04
CA GLU C 174 14.12 38.41 81.78
C GLU C 174 14.95 38.75 80.54
N LEU C 175 16.03 37.99 80.29
CA LEU C 175 16.81 38.21 79.08
C LEU C 175 15.96 38.04 77.83
N LEU C 176 15.20 36.95 77.76
CA LEU C 176 14.34 36.73 76.62
C LEU C 176 13.27 37.82 76.50
N SER C 177 12.70 38.24 77.62
CA SER C 177 11.68 39.29 77.52
C SER C 177 12.28 40.60 76.96
N ASN C 178 13.53 40.90 77.32
CA ASN C 178 14.18 42.08 76.77
C ASN C 178 14.43 41.94 75.28
N MET C 179 14.82 40.74 74.82
CA MET C 179 14.95 40.52 73.38
C MET C 179 13.60 40.68 72.69
N LEU C 180 12.52 40.27 73.36
CA LEU C 180 11.17 40.49 72.84
C LEU C 180 10.90 41.96 72.58
N MET C 181 11.17 42.79 73.60
CA MET C 181 10.97 44.23 73.46
C MET C 181 11.80 44.80 72.32
N ASP C 182 13.07 44.39 72.24
CA ASP C 182 13.93 44.84 71.14
C ASP C 182 13.34 44.46 69.78
N ALA C 183 12.83 43.24 69.67
CA ALA C 183 12.29 42.76 68.40
C ALA C 183 11.06 43.56 67.99
N ALA C 184 10.16 43.82 68.94
CA ALA C 184 8.97 44.61 68.62
C ALA C 184 9.34 46.04 68.20
N ARG C 185 10.30 46.64 68.91
CA ARG C 185 10.73 47.98 68.52
C ARG C 185 11.36 47.99 67.12
N ILE C 186 12.16 46.96 66.80
CA ILE C 186 12.80 46.88 65.49
C ILE C 186 11.77 46.64 64.40
N ALA C 187 10.67 45.96 64.73
CA ALA C 187 9.62 45.71 63.76
C ALA C 187 8.85 46.99 63.46
N GLN C 188 8.44 47.72 64.49
CA GLN C 188 7.66 48.94 64.30
C GLN C 188 8.51 50.17 64.02
N ASP C 189 9.85 50.03 64.02
CA ASP C 189 10.72 51.18 63.91
C ASP C 189 10.49 51.91 62.60
N GLY C 190 10.51 53.24 62.66
CA GLY C 190 10.42 54.06 61.48
C GLY C 190 9.52 55.26 61.64
N PRO C 191 9.68 56.25 60.76
CA PRO C 191 8.78 57.41 60.77
C PRO C 191 7.34 56.99 60.51
N LYS C 192 6.42 57.68 61.17
CA LYS C 192 5.01 57.52 60.85
C LYS C 192 4.60 58.29 59.60
N ASN C 193 5.52 59.09 59.04
CA ASN C 193 5.28 59.72 57.75
C ASN C 193 5.15 58.69 56.64
N THR C 194 5.65 57.47 56.84
CA THR C 194 6.00 56.59 55.73
C THR C 194 5.53 55.16 55.98
N ALA C 195 5.29 54.45 54.88
CA ALA C 195 4.80 53.08 54.91
C ALA C 195 5.75 52.16 55.65
N ARG C 196 5.23 51.35 56.58
CA ARG C 196 6.17 50.41 57.20
C ARG C 196 5.66 48.99 57.47
N LEU C 197 4.34 48.73 57.53
CA LEU C 197 3.87 47.36 57.78
C LEU C 197 2.89 46.76 56.76
N VAL C 198 1.75 47.43 56.51
CA VAL C 198 0.63 46.78 55.83
C VAL C 198 0.91 46.72 54.32
N ALA C 199 0.36 45.70 53.68
CA ALA C 199 0.46 45.51 52.23
C ALA C 199 1.91 45.56 51.75
N ALA C 200 2.82 45.09 52.62
CA ALA C 200 4.25 45.18 52.35
C ALA C 200 4.64 44.34 51.13
N SER C 201 5.47 44.92 50.26
CA SER C 201 6.03 44.24 49.10
C SER C 201 7.49 43.87 49.30
N HIS C 202 8.28 44.83 49.75
CA HIS C 202 9.70 44.66 50.02
C HIS C 202 10.14 45.80 50.92
N GLY C 203 11.36 45.70 51.42
CA GLY C 203 11.91 46.71 52.31
C GLY C 203 12.95 47.51 51.57
N VAL C 204 12.96 48.83 51.80
CA VAL C 204 13.98 49.69 51.22
C VAL C 204 14.51 50.62 52.30
N MET C 205 15.85 50.78 52.32
CA MET C 205 16.59 51.65 53.22
C MET C 205 16.84 53.00 52.55
N PRO C 206 16.73 54.10 53.30
CA PRO C 206 17.00 55.42 52.71
C PRO C 206 18.50 55.69 52.56
N GLN C 207 18.79 56.79 51.87
CA GLN C 207 20.15 57.26 51.65
C GLN C 207 20.43 58.45 52.55
N ALA C 208 21.55 58.38 53.28
CA ALA C 208 22.00 59.47 54.16
C ALA C 208 20.95 59.85 55.18
N GLY D 11 82.17 14.48 -9.09
CA GLY D 11 82.28 15.58 -10.02
C GLY D 11 83.31 15.40 -11.11
N GLN D 12 83.89 16.51 -11.58
CA GLN D 12 84.87 16.47 -12.65
C GLN D 12 86.13 15.72 -12.20
N LEU D 13 86.96 15.38 -13.18
CA LEU D 13 88.16 14.60 -12.97
C LEU D 13 89.40 15.43 -13.28
N TYR D 14 90.43 15.32 -12.44
CA TYR D 14 91.69 16.02 -12.66
C TYR D 14 92.84 15.10 -12.27
N MET D 15 94.08 15.59 -12.37
CA MET D 15 95.27 14.77 -12.09
C MET D 15 95.89 15.20 -10.78
N GLY D 16 95.79 14.34 -9.77
CA GLY D 16 96.53 14.48 -8.53
C GLY D 16 97.69 13.52 -8.52
N GLN D 17 98.62 13.75 -7.57
CA GLN D 17 99.85 12.97 -7.56
C GLN D 17 99.59 11.51 -7.22
N GLN D 18 98.42 11.19 -6.65
CA GLN D 18 98.07 9.79 -6.45
C GLN D 18 97.66 9.14 -7.77
N GLY D 19 97.20 9.95 -8.72
CA GLY D 19 96.62 9.46 -9.95
C GLY D 19 95.45 10.36 -10.34
N PRO D 20 94.67 9.94 -11.33
CA PRO D 20 93.45 10.70 -11.66
C PRO D 20 92.48 10.66 -10.48
N VAL D 21 92.03 11.84 -10.08
CA VAL D 21 91.27 12.02 -8.84
C VAL D 21 90.04 12.87 -9.12
N GLN D 22 88.94 12.52 -8.44
CA GLN D 22 87.67 13.20 -8.62
C GLN D 22 87.62 14.45 -7.75
N SER D 23 87.29 15.58 -8.37
CA SER D 23 87.12 16.81 -7.62
C SER D 23 85.92 16.71 -6.69
N SER D 24 86.01 17.35 -5.52
CA SER D 24 84.97 17.21 -4.52
C SER D 24 84.71 18.54 -3.82
N ARG D 25 83.45 18.77 -3.46
CA ARG D 25 83.01 20.01 -2.84
C ARG D 25 82.36 19.66 -1.51
N THR D 26 82.96 20.12 -0.40
CA THR D 26 82.50 19.74 0.93
C THR D 26 82.30 20.96 1.81
N THR D 27 81.48 20.77 2.83
CA THR D 27 81.22 21.79 3.85
C THR D 27 82.16 21.64 5.04
N PHE D 28 83.17 20.79 4.91
CA PHE D 28 84.11 20.53 6.00
C PHE D 28 84.99 21.75 6.25
N GLY D 29 85.08 22.17 7.50
CA GLY D 29 85.99 23.22 7.89
C GLY D 29 85.50 24.64 7.69
N VAL D 30 84.18 24.85 7.57
CA VAL D 30 83.60 26.18 7.43
C VAL D 30 82.72 26.43 8.65
N ASN D 31 83.09 27.43 9.45
CA ASN D 31 82.35 27.79 10.65
C ASN D 31 81.40 28.94 10.31
N PRO D 32 80.11 28.71 10.14
CA PRO D 32 79.17 29.80 9.88
C PRO D 32 78.47 30.35 11.11
N ASP D 33 78.87 29.94 12.32
CA ASP D 33 78.28 30.48 13.54
C ASP D 33 78.29 32.00 13.52
N ARG D 34 77.23 32.60 14.04
CA ARG D 34 77.10 34.04 14.08
C ARG D 34 77.03 34.55 15.52
N GLN D 35 77.41 35.81 15.67
CA GLN D 35 77.39 36.50 16.95
C GLN D 35 76.07 37.26 17.07
N ALA D 36 75.44 37.15 18.24
CA ALA D 36 74.13 37.76 18.45
C ALA D 36 74.22 39.28 18.34
N ASN D 37 73.16 39.88 17.82
CA ASN D 37 73.06 41.33 17.68
C ASN D 37 72.68 41.91 19.03
N ALA D 38 73.68 42.03 19.90
CA ALA D 38 73.54 42.49 21.29
C ALA D 38 74.47 43.66 21.57
N ARG D 39 74.65 44.53 20.59
CA ARG D 39 75.65 45.59 20.64
C ARG D 39 74.98 46.95 20.71
N PRO D 40 75.04 47.66 21.83
CA PRO D 40 74.51 49.04 21.86
C PRO D 40 75.24 49.92 20.86
N VAL D 41 74.49 50.79 20.18
CA VAL D 41 75.06 51.68 19.18
C VAL D 41 74.82 53.11 19.58
N TYR D 42 75.66 53.99 19.02
CA TYR D 42 75.57 55.41 19.31
C TYR D 42 74.32 55.99 18.66
N LEU D 43 73.61 56.81 19.43
CA LEU D 43 72.41 57.50 18.98
C LEU D 43 72.67 58.99 19.01
N ALA D 44 72.69 59.63 17.85
CA ALA D 44 73.06 61.03 17.75
C ALA D 44 72.14 61.89 18.62
N PRO D 45 72.66 62.96 19.24
CA PRO D 45 71.80 63.84 20.06
C PRO D 45 70.98 64.81 19.24
N ALA D 46 71.18 64.87 17.94
CA ALA D 46 70.38 65.69 17.04
C ALA D 46 70.67 65.25 15.62
N ALA D 47 69.76 65.61 14.71
CA ALA D 47 69.85 65.14 13.33
C ALA D 47 70.20 66.30 12.41
N PRO D 48 71.38 66.31 11.75
CA PRO D 48 71.67 67.46 10.88
C PRO D 48 71.11 67.29 9.48
N MET D 49 70.19 68.16 9.08
CA MET D 49 69.66 68.20 7.72
C MET D 49 70.24 69.37 6.92
N GLU D 50 71.53 69.64 7.05
CA GLU D 50 72.08 70.87 6.47
C GLU D 50 71.99 70.88 4.94
N ASN D 51 72.31 69.76 4.29
CA ASN D 51 72.35 69.73 2.82
C ASN D 51 70.99 70.11 2.23
N THR D 52 69.93 69.42 2.67
CA THR D 52 68.60 69.64 2.10
C THR D 52 68.11 71.06 2.32
N TYR D 53 68.38 71.63 3.51
CA TYR D 53 67.84 72.94 3.83
C TYR D 53 68.64 74.07 3.18
N THR D 54 69.95 73.90 3.01
CA THR D 54 70.68 74.87 2.19
C THR D 54 70.18 74.83 0.74
N TYR D 55 69.89 73.65 0.20
CA TYR D 55 69.31 73.66 -1.15
C TYR D 55 67.94 74.32 -1.16
N LEU D 56 67.14 74.09 -0.11
CA LEU D 56 65.81 74.71 -0.06
C LEU D 56 65.90 76.23 0.05
N GLY D 57 66.93 76.74 0.73
CA GLY D 57 67.18 78.17 0.67
C GLY D 57 67.61 78.61 -0.72
N SER D 58 68.37 77.76 -1.42
CA SER D 58 68.81 78.09 -2.78
C SER D 58 67.62 78.31 -3.70
N ILE D 59 66.66 77.39 -3.73
CA ILE D 59 65.55 77.52 -4.67
C ILE D 59 64.43 78.39 -4.09
N GLN D 60 64.70 79.03 -2.95
CA GLN D 60 63.74 79.91 -2.29
C GLN D 60 62.49 79.14 -1.82
N PHE D 61 62.67 77.89 -1.41
CA PHE D 61 61.61 77.05 -0.83
C PHE D 61 60.43 76.90 -1.78
N ALA D 62 60.71 76.78 -3.07
CA ALA D 62 59.63 76.67 -4.04
C ALA D 62 60.16 76.00 -5.29
N ALA D 63 59.54 74.89 -5.69
CA ALA D 63 59.79 74.28 -6.99
C ALA D 63 58.44 74.04 -7.65
N GLY D 64 58.19 74.74 -8.74
CA GLY D 64 56.92 74.61 -9.42
C GLY D 64 55.75 74.97 -8.53
N ARG D 65 54.84 74.01 -8.36
CA ARG D 65 53.66 74.16 -7.54
C ARG D 65 53.90 73.72 -6.10
N HIS D 66 55.05 73.11 -5.82
CA HIS D 66 55.41 72.66 -4.48
C HIS D 66 56.07 73.81 -3.73
N ILE D 67 55.42 74.30 -2.69
CA ILE D 67 56.00 75.34 -1.85
C ILE D 67 56.32 74.70 -0.50
N PHE D 68 57.49 75.01 0.04
CA PHE D 68 57.96 74.33 1.24
C PHE D 68 57.99 75.29 2.42
N GLY D 69 57.94 74.71 3.61
CA GLY D 69 58.04 75.51 4.82
C GLY D 69 59.48 75.79 5.20
N GLU D 70 59.68 76.92 5.90
CA GLU D 70 60.99 77.27 6.44
C GLU D 70 61.17 76.61 7.81
N PRO D 71 62.24 75.87 8.01
CA PRO D 71 62.40 75.10 9.26
C PRO D 71 62.61 76.01 10.46
N ALA D 72 62.51 75.40 11.63
CA ALA D 72 62.96 76.05 12.85
C ALA D 72 64.48 76.07 12.92
N SER D 73 65.10 74.92 12.69
CA SER D 73 66.54 74.78 12.74
C SER D 73 67.00 73.87 11.62
N ASN D 74 68.21 74.10 11.12
CA ASN D 74 68.83 73.16 10.19
C ASN D 74 69.19 71.86 10.87
N VAL D 75 69.32 71.87 12.19
CA VAL D 75 69.63 70.68 12.99
C VAL D 75 68.46 70.41 13.91
N LEU D 76 67.94 69.17 13.84
CA LEU D 76 66.68 68.79 14.48
C LEU D 76 66.92 68.22 15.87
N PRO D 77 66.15 68.66 16.86
CA PRO D 77 66.31 68.16 18.22
C PRO D 77 65.56 66.86 18.40
N PRO D 78 65.95 66.06 19.40
CA PRO D 78 65.23 64.82 19.68
C PRO D 78 63.80 65.09 20.12
N GLN D 79 62.90 64.16 19.76
CA GLN D 79 61.49 64.25 20.12
C GLN D 79 61.08 63.27 21.21
N ASN D 80 61.60 62.04 21.19
CA ASN D 80 61.27 61.06 22.22
C ASN D 80 62.50 60.30 22.70
N ILE D 81 63.67 60.93 22.63
CA ILE D 81 64.93 60.32 23.03
C ILE D 81 65.44 61.05 24.26
N VAL D 82 65.88 60.28 25.24
CA VAL D 82 66.39 60.87 26.47
C VAL D 82 67.76 60.26 26.73
N PRO D 83 68.75 61.07 27.12
CA PRO D 83 70.09 60.53 27.35
C PRO D 83 70.05 59.46 28.43
N GLY D 84 70.76 58.37 28.16
CA GLY D 84 70.85 57.29 29.13
C GLY D 84 69.69 56.34 29.14
N VAL D 85 68.69 56.53 28.28
CA VAL D 85 67.55 55.63 28.19
C VAL D 85 67.65 54.90 26.86
N PRO D 86 67.75 53.57 26.84
CA PRO D 86 67.90 52.87 25.56
C PRO D 86 66.57 52.69 24.85
N THR D 87 66.55 53.00 23.57
CA THR D 87 65.35 52.90 22.73
C THR D 87 65.72 52.19 21.45
N LYS D 88 64.73 51.53 20.85
CA LYS D 88 64.88 50.95 19.52
C LYS D 88 64.23 51.83 18.46
N HIS D 89 63.60 52.93 18.87
CA HIS D 89 62.96 53.87 17.96
C HIS D 89 63.14 55.28 18.50
N GLY D 90 63.68 56.16 17.65
CA GLY D 90 63.92 57.54 18.03
C GLY D 90 63.55 58.53 16.95
N GLU D 91 62.98 59.67 17.34
CA GLU D 91 62.48 60.64 16.39
C GLU D 91 63.08 62.02 16.68
N TYR D 92 63.44 62.73 15.62
CA TYR D 92 63.81 64.13 15.67
C TYR D 92 62.81 64.92 14.82
N VAL D 93 62.54 66.17 15.23
CA VAL D 93 61.49 66.94 14.57
C VAL D 93 61.78 68.44 14.71
N THR D 94 61.45 69.20 13.67
CA THR D 94 61.22 70.63 13.85
C THR D 94 59.89 71.01 13.20
N THR D 95 59.53 72.28 13.28
CA THR D 95 58.26 72.74 12.72
C THR D 95 58.52 73.78 11.64
N ASN D 96 58.21 73.43 10.39
CA ASN D 96 58.26 74.37 9.28
C ASN D 96 57.15 75.40 9.44
N THR D 97 57.46 76.66 9.13
CA THR D 97 56.50 77.77 9.10
C THR D 97 56.64 78.54 7.80
N GLY D 98 55.69 79.43 7.53
CA GLY D 98 55.72 80.17 6.28
C GLY D 98 54.58 81.17 6.23
N ASP D 99 54.65 82.04 5.23
CA ASP D 99 53.66 83.08 5.04
C ASP D 99 52.35 82.46 4.58
N ARG D 100 51.29 82.65 5.38
CA ARG D 100 49.97 82.10 5.09
C ARG D 100 50.02 80.57 4.97
N LEU D 101 50.89 79.94 5.76
CA LEU D 101 51.02 78.49 5.81
C LEU D 101 50.80 78.05 7.25
N MET D 102 49.90 77.09 7.45
CA MET D 102 49.76 76.50 8.77
C MET D 102 50.99 75.66 9.07
N ALA D 103 51.63 75.95 10.20
CA ALA D 103 52.91 75.32 10.53
C ALA D 103 52.78 73.82 10.60
N SER D 104 53.81 73.11 10.11
CA SER D 104 53.75 71.68 9.93
C SER D 104 55.11 71.08 10.20
N SER D 105 55.14 69.92 10.86
CA SER D 105 56.38 69.34 11.34
C SER D 105 57.10 68.57 10.24
N THR D 106 58.43 68.62 10.28
CA THR D 106 59.29 67.78 9.46
C THR D 106 60.01 66.80 10.38
N THR D 107 60.05 65.52 9.98
CA THR D 107 60.40 64.41 10.89
C THR D 107 61.52 63.54 10.35
N VAL D 108 62.37 63.08 11.25
CA VAL D 108 63.49 62.20 10.95
C VAL D 108 63.43 61.04 11.94
N THR D 109 63.15 59.85 11.44
CA THR D 109 62.91 58.66 12.25
C THR D 109 64.07 57.68 12.12
N ARG D 110 64.49 57.09 13.23
CA ARG D 110 65.56 56.11 13.26
C ARG D 110 65.10 54.88 14.04
N ASP D 111 65.13 53.73 13.38
CA ASP D 111 64.73 52.45 13.96
C ASP D 111 65.95 51.54 13.99
N VAL D 112 66.30 51.05 15.17
CA VAL D 112 67.47 50.18 15.34
C VAL D 112 66.99 48.89 15.98
N SER D 113 66.85 47.82 15.19
CA SER D 113 66.39 46.53 15.69
C SER D 113 67.12 45.39 15.01
N ASN D 114 67.65 44.47 15.82
CA ASN D 114 68.19 43.20 15.36
C ASN D 114 69.24 43.36 14.26
N GLY D 115 70.15 44.32 14.47
CA GLY D 115 71.20 44.58 13.52
C GLY D 115 70.81 45.39 12.31
N ARG D 116 69.56 45.83 12.23
CA ARG D 116 69.07 46.59 11.10
C ARG D 116 68.84 48.01 11.56
N THR D 117 69.57 48.95 10.97
CA THR D 117 69.42 50.37 11.25
C THR D 117 68.69 51.00 10.06
N LYS D 118 67.64 51.79 10.33
CA LYS D 118 66.89 52.43 9.25
C LYS D 118 66.54 53.87 9.62
N VAL D 119 66.94 54.80 8.76
CA VAL D 119 66.68 56.23 8.92
C VAL D 119 65.77 56.69 7.79
N SER D 120 64.68 57.38 8.15
CA SER D 120 63.72 57.90 7.18
C SER D 120 63.50 59.39 7.43
N ILE D 121 63.36 60.14 6.34
CA ILE D 121 63.14 61.59 6.40
C ILE D 121 61.87 61.91 5.65
N ASP D 122 60.97 62.66 6.31
CA ASP D 122 59.68 63.04 5.74
C ASP D 122 59.51 64.55 5.90
N ILE D 123 59.43 65.25 4.76
CA ILE D 123 59.21 66.69 4.73
C ILE D 123 57.92 66.99 3.99
N PRO D 124 57.04 67.80 4.53
CA PRO D 124 55.79 68.14 3.84
C PRO D 124 55.96 69.31 2.89
N TYR D 125 54.95 69.49 2.03
CA TYR D 125 54.88 70.64 1.14
C TYR D 125 53.44 71.12 1.04
N TYR D 126 53.25 72.26 0.36
CA TYR D 126 51.96 72.92 0.25
C TYR D 126 51.69 73.32 -1.19
N ASP D 127 50.41 73.64 -1.43
CA ASP D 127 49.88 73.96 -2.76
C ASP D 127 50.16 75.41 -3.10
N ARG D 128 51.18 75.65 -3.93
CA ARG D 128 51.52 77.04 -4.25
C ARG D 128 50.41 77.73 -5.03
N ASN D 129 49.64 76.99 -5.83
CA ASN D 129 48.50 77.60 -6.50
C ASN D 129 47.54 78.22 -5.47
N ALA D 130 47.23 77.46 -4.41
CA ALA D 130 46.36 77.99 -3.36
C ALA D 130 47.02 79.14 -2.61
N VAL D 131 48.32 79.01 -2.28
CA VAL D 131 48.97 80.04 -1.48
C VAL D 131 49.04 81.37 -2.23
N GLU D 132 49.40 81.32 -3.51
CA GLU D 132 49.47 82.54 -4.31
C GLU D 132 48.08 83.07 -4.65
N THR D 133 47.06 82.21 -4.71
CA THR D 133 45.69 82.73 -4.79
C THR D 133 45.36 83.55 -3.55
N LEU D 134 45.71 83.02 -2.36
CA LEU D 134 45.52 83.74 -1.11
C LEU D 134 46.21 85.11 -1.13
N LYS D 135 47.48 85.13 -1.51
CA LYS D 135 48.21 86.40 -1.51
C LYS D 135 47.63 87.35 -2.54
N ALA D 136 47.35 86.86 -3.75
CA ALA D 136 47.01 87.75 -4.86
C ALA D 136 45.64 88.39 -4.70
N SER D 137 44.63 87.64 -4.29
CA SER D 137 43.31 88.24 -4.11
C SER D 137 43.05 88.68 -2.68
N ALA D 138 44.10 88.71 -1.84
CA ALA D 138 44.04 89.28 -0.49
C ALA D 138 42.98 88.58 0.39
N ILE D 139 42.97 87.25 0.35
CA ILE D 139 42.09 86.43 1.18
C ILE D 139 42.78 86.24 2.53
N PRO D 140 42.07 86.10 3.64
CA PRO D 140 42.74 86.01 4.95
C PRO D 140 43.08 84.61 5.44
N GLY D 141 42.71 83.54 4.73
CA GLY D 141 42.96 82.20 5.23
C GLY D 141 44.40 81.72 5.04
N ALA D 142 44.64 80.48 5.48
CA ALA D 142 45.92 79.80 5.32
C ALA D 142 45.71 78.43 4.71
N VAL D 143 46.81 77.80 4.29
CA VAL D 143 46.80 76.49 3.64
C VAL D 143 47.48 75.48 4.55
N ALA D 144 46.90 74.29 4.61
CA ALA D 144 47.44 73.12 5.28
C ALA D 144 48.29 72.32 4.31
N PRO D 145 49.21 71.49 4.81
CA PRO D 145 50.07 70.71 3.91
C PRO D 145 49.24 69.86 2.95
N VAL D 146 49.80 69.64 1.76
CA VAL D 146 49.11 68.96 0.70
C VAL D 146 49.69 67.57 0.44
N GLY D 147 50.98 67.38 0.68
CA GLY D 147 51.60 66.08 0.57
C GLY D 147 52.98 66.11 1.20
N SER D 148 53.76 65.07 0.91
CA SER D 148 55.11 65.02 1.46
C SER D 148 56.05 64.33 0.49
N PHE D 149 57.34 64.39 0.83
CA PHE D 149 58.39 63.59 0.19
C PHE D 149 59.16 62.85 1.27
N LYS D 150 59.54 61.61 0.96
CA LYS D 150 60.18 60.71 1.91
C LYS D 150 61.39 60.03 1.29
N VAL D 151 62.43 59.89 2.10
CA VAL D 151 63.68 59.23 1.71
C VAL D 151 64.07 58.26 2.82
N ASN D 152 64.29 56.99 2.46
CA ASN D 152 64.62 55.93 3.40
C ASN D 152 66.03 55.40 3.13
N VAL D 153 66.72 55.06 4.21
CA VAL D 153 68.07 54.51 4.12
C VAL D 153 68.17 53.39 5.15
N GLU D 154 68.77 52.27 4.77
CA GLU D 154 68.69 51.04 5.54
C GLU D 154 70.04 50.32 5.49
N VAL D 155 70.53 49.90 6.65
CA VAL D 155 71.81 49.22 6.77
C VAL D 155 71.54 47.90 7.47
N LEU D 156 71.72 46.80 6.74
CA LEU D 156 71.51 45.46 7.28
C LEU D 156 72.85 44.92 7.75
N GLY D 157 73.14 45.13 9.02
CA GLY D 157 74.45 44.80 9.55
C GLY D 157 74.41 43.65 10.51
N GLY D 158 73.37 42.83 10.39
CA GLY D 158 73.24 41.69 11.27
C GLY D 158 74.18 40.56 10.90
N GLY D 159 74.34 39.63 11.84
CA GLY D 159 75.03 38.39 11.56
C GLY D 159 76.51 38.56 11.32
N VAL D 160 77.18 39.14 12.29
CA VAL D 160 78.63 39.11 12.27
C VAL D 160 79.11 37.75 12.77
N LEU D 161 80.29 37.35 12.30
CA LEU D 161 80.85 36.05 12.65
C LEU D 161 81.34 36.03 14.10
N THR D 162 81.63 34.82 14.59
CA THR D 162 81.86 34.64 16.02
C THR D 162 83.22 35.19 16.45
N GLY D 163 84.23 35.05 15.60
CA GLY D 163 85.54 35.55 15.89
C GLY D 163 85.75 37.01 15.58
N THR D 164 84.69 37.75 15.29
CA THR D 164 84.80 39.18 15.01
C THR D 164 85.21 39.90 16.28
N ASP D 165 86.42 40.44 16.27
CA ASP D 165 86.95 41.14 17.43
C ASP D 165 86.14 42.39 17.73
N ALA D 166 86.07 42.75 19.01
CA ALA D 166 85.42 44.00 19.38
C ALA D 166 86.00 45.18 18.62
N ASN D 167 87.32 45.19 18.41
CA ASN D 167 87.96 46.26 17.64
C ASN D 167 87.57 46.20 16.17
N ALA D 168 87.47 45.00 15.61
CA ALA D 168 87.17 44.86 14.19
C ALA D 168 85.72 45.23 13.86
N GLN D 169 84.84 45.25 14.86
CA GLN D 169 83.47 45.68 14.60
C GLN D 169 83.43 47.15 14.22
N PHE D 170 84.39 47.94 14.70
CA PHE D 170 84.48 49.34 14.28
C PHE D 170 84.87 49.43 12.82
N ALA D 171 85.83 48.60 12.39
CA ALA D 171 86.19 48.58 10.98
C ALA D 171 84.99 48.21 10.14
N LEU D 172 84.19 47.24 10.60
CA LEU D 172 82.98 46.88 9.86
C LEU D 172 81.99 48.05 9.84
N ASP D 173 81.91 48.79 10.95
CA ASP D 173 81.08 49.99 11.00
C ASP D 173 81.42 50.92 9.85
N GLU D 174 82.71 51.25 9.72
CA GLU D 174 83.13 52.18 8.69
C GLU D 174 82.93 51.60 7.30
N LEU D 175 83.12 50.28 7.13
CA LEU D 175 82.83 49.67 5.84
C LEU D 175 81.38 49.89 5.42
N LEU D 176 80.45 49.64 6.35
CA LEU D 176 79.03 49.84 6.03
C LEU D 176 78.74 51.31 5.73
N SER D 177 79.35 52.24 6.48
CA SER D 177 79.08 53.64 6.20
C SER D 177 79.59 54.06 4.82
N ASN D 178 80.71 53.48 4.38
CA ASN D 178 81.19 53.78 3.03
C ASN D 178 80.29 53.19 1.95
N MET D 179 79.73 52.00 2.20
CA MET D 179 78.72 51.47 1.29
C MET D 179 77.50 52.40 1.24
N LEU D 180 77.14 52.98 2.38
CA LEU D 180 76.06 53.97 2.41
C LEU D 180 76.33 55.13 1.46
N MET D 181 77.52 55.73 1.59
CA MET D 181 77.88 56.86 0.73
C MET D 181 77.82 56.46 -0.75
N ASP D 182 78.40 55.29 -1.08
CA ASP D 182 78.37 54.84 -2.47
C ASP D 182 76.93 54.64 -2.95
N ALA D 183 76.06 54.16 -2.07
CA ALA D 183 74.68 53.90 -2.47
C ALA D 183 73.94 55.19 -2.78
N ALA D 184 74.10 56.22 -1.93
CA ALA D 184 73.45 57.49 -2.23
C ALA D 184 74.00 58.13 -3.49
N ARG D 185 75.31 58.02 -3.71
CA ARG D 185 75.89 58.56 -4.93
C ARG D 185 75.32 57.87 -6.16
N ILE D 186 75.17 56.53 -6.11
CA ILE D 186 74.60 55.80 -7.22
C ILE D 186 73.12 56.15 -7.39
N ALA D 187 72.45 56.47 -6.28
CA ALA D 187 71.04 56.82 -6.35
C ALA D 187 70.82 58.14 -7.08
N GLN D 188 71.64 59.15 -6.80
CA GLN D 188 71.44 60.46 -7.43
C GLN D 188 72.36 60.71 -8.61
N ASP D 189 73.17 59.74 -8.97
CA ASP D 189 74.14 59.92 -10.05
C ASP D 189 73.42 60.25 -11.34
N GLY D 190 73.98 61.19 -12.08
CA GLY D 190 73.44 61.55 -13.37
C GLY D 190 73.50 63.03 -13.63
N PRO D 191 73.41 63.42 -14.91
CA PRO D 191 73.39 64.85 -15.23
C PRO D 191 72.12 65.47 -14.70
N LYS D 192 72.24 66.74 -14.32
CA LYS D 192 71.10 67.54 -13.88
C LYS D 192 70.35 68.15 -15.05
N ASN D 193 70.82 67.91 -16.28
CA ASN D 193 70.08 68.32 -17.47
C ASN D 193 68.89 67.43 -17.72
N THR D 194 68.90 66.21 -17.18
CA THR D 194 67.92 65.20 -17.53
C THR D 194 67.22 64.67 -16.28
N ALA D 195 66.00 64.18 -16.48
CA ALA D 195 65.16 63.68 -15.40
C ALA D 195 65.81 62.48 -14.72
N ARG D 196 65.81 62.45 -13.38
CA ARG D 196 66.36 61.26 -12.74
C ARG D 196 65.65 60.72 -11.49
N LEU D 197 64.82 61.49 -10.78
CA LEU D 197 64.23 60.93 -9.56
C LEU D 197 62.71 60.92 -9.45
N VAL D 198 62.06 62.10 -9.57
CA VAL D 198 60.65 62.20 -9.20
C VAL D 198 59.76 61.73 -10.34
N ALA D 199 58.56 61.29 -9.99
CA ALA D 199 57.56 60.83 -10.95
C ALA D 199 58.10 59.70 -11.83
N ALA D 200 59.09 58.97 -11.30
CA ALA D 200 59.80 57.97 -12.09
C ALA D 200 58.85 56.90 -12.60
N SER D 201 58.99 56.55 -13.88
CA SER D 201 58.24 55.47 -14.52
C SER D 201 59.10 54.25 -14.79
N HIS D 202 60.26 54.46 -15.39
CA HIS D 202 61.24 53.41 -15.65
C HIS D 202 62.59 54.08 -15.88
N GLY D 203 63.63 53.26 -16.01
CA GLY D 203 64.96 53.76 -16.28
C GLY D 203 65.34 53.55 -17.75
N VAL D 204 66.05 54.52 -18.30
CA VAL D 204 66.54 54.38 -19.67
C VAL D 204 67.98 54.87 -19.72
N MET D 205 68.94 53.96 -19.79
CA MET D 205 70.33 54.38 -19.87
C MET D 205 70.68 54.76 -21.31
N PRO D 206 71.43 55.85 -21.51
CA PRO D 206 71.64 56.35 -22.86
C PRO D 206 72.67 55.53 -23.62
N GLN D 207 72.52 55.50 -24.96
CA GLN D 207 73.42 54.74 -25.81
C GLN D 207 74.83 55.33 -25.81
N ALA D 208 74.91 56.65 -25.90
CA ALA D 208 76.17 57.35 -25.87
C ALA D 208 75.91 58.80 -25.50
N PRO E 20 21.14 66.12 10.20
CA PRO E 20 22.37 65.91 10.97
C PRO E 20 23.42 66.99 10.71
N VAL E 21 23.74 67.77 11.74
CA VAL E 21 24.72 68.85 11.65
C VAL E 21 26.06 68.31 12.13
N GLN E 22 27.09 68.43 11.29
CA GLN E 22 28.42 67.90 11.60
C GLN E 22 29.43 69.02 11.73
N SER E 23 30.44 68.80 12.57
CA SER E 23 31.48 69.79 12.82
C SER E 23 32.73 69.48 12.00
N SER E 24 33.48 70.52 11.65
CA SER E 24 34.66 70.35 10.82
C SER E 24 35.70 71.43 11.11
N ARG E 25 36.91 71.16 10.65
CA ARG E 25 38.08 72.03 10.78
C ARG E 25 38.56 72.41 9.38
N THR E 26 38.43 73.68 9.04
CA THR E 26 38.61 74.11 7.65
C THR E 26 39.92 74.84 7.47
N THR E 27 40.57 74.60 6.34
CA THR E 27 41.59 75.49 5.81
C THR E 27 41.25 75.79 4.35
N PHE E 28 41.79 76.90 3.84
CA PHE E 28 41.54 77.23 2.44
C PHE E 28 42.27 76.27 1.53
N GLY E 29 41.65 75.99 0.39
CA GLY E 29 42.26 75.15 -0.61
C GLY E 29 41.30 74.16 -1.23
N VAL E 30 41.86 73.30 -2.08
CA VAL E 30 41.16 72.17 -2.66
C VAL E 30 42.14 71.01 -2.68
N ASN E 31 41.63 69.81 -2.47
CA ASN E 31 42.44 68.61 -2.63
C ASN E 31 43.13 68.64 -3.99
N PRO E 32 44.43 68.42 -4.06
CA PRO E 32 45.18 68.77 -5.25
C PRO E 32 44.93 67.78 -6.37
N ASP E 33 45.33 68.18 -7.56
CA ASP E 33 45.36 67.29 -8.71
C ASP E 33 46.78 66.77 -8.86
N ARG E 34 46.97 65.47 -8.69
CA ARG E 34 48.28 64.85 -8.78
C ARG E 34 48.59 64.45 -10.21
N GLN E 35 49.87 64.52 -10.56
CA GLN E 35 50.32 64.12 -11.87
C GLN E 35 50.72 62.64 -11.86
N ALA E 36 50.45 61.96 -12.97
CA ALA E 36 50.78 60.55 -13.08
C ALA E 36 52.28 60.36 -13.10
N ASN E 37 52.73 59.20 -12.64
CA ASN E 37 54.16 58.89 -12.57
C ASN E 37 54.65 58.31 -13.91
N ALA E 38 54.56 59.15 -14.96
CA ALA E 38 54.88 58.74 -16.33
C ALA E 38 56.16 59.36 -16.84
N ARG E 39 57.09 59.65 -15.93
CA ARG E 39 58.31 60.37 -16.28
C ARG E 39 59.49 59.41 -16.32
N PRO E 40 59.97 59.01 -17.49
CA PRO E 40 61.15 58.14 -17.53
C PRO E 40 62.40 58.89 -17.09
N VAL E 41 63.28 58.17 -16.40
CA VAL E 41 64.42 58.76 -15.72
C VAL E 41 65.72 58.19 -16.26
N TYR E 42 66.80 58.88 -15.92
CA TYR E 42 68.14 58.48 -16.32
C TYR E 42 68.58 57.26 -15.54
N LEU E 43 69.36 56.42 -16.22
CA LEU E 43 69.87 55.19 -15.66
C LEU E 43 71.37 55.17 -15.92
N ALA E 44 72.16 55.08 -14.85
CA ALA E 44 73.60 55.18 -14.99
C ALA E 44 74.14 54.05 -15.87
N PRO E 45 75.07 54.33 -16.80
CA PRO E 45 75.67 53.26 -17.61
C PRO E 45 76.68 52.43 -16.85
N ALA E 46 76.94 52.75 -15.59
CA ALA E 46 77.79 51.98 -14.69
C ALA E 46 77.61 52.51 -13.27
N ALA E 47 77.93 51.68 -12.28
CA ALA E 47 77.72 52.05 -10.89
C ALA E 47 79.08 52.27 -10.22
N PRO E 48 79.42 53.47 -9.73
CA PRO E 48 80.71 53.62 -9.07
C PRO E 48 80.64 53.22 -7.61
N MET E 49 81.58 52.40 -7.17
CA MET E 49 81.70 51.97 -5.78
C MET E 49 83.06 52.35 -5.22
N GLU E 50 83.53 53.57 -5.53
CA GLU E 50 84.91 53.94 -5.18
C GLU E 50 85.12 54.05 -3.67
N ASN E 51 84.16 54.64 -2.95
CA ASN E 51 84.34 54.87 -1.51
C ASN E 51 84.55 53.56 -0.76
N THR E 52 83.65 52.61 -0.94
CA THR E 52 83.71 51.36 -0.20
C THR E 52 84.95 50.53 -0.56
N TYR E 53 85.34 50.52 -1.84
CA TYR E 53 86.45 49.69 -2.26
C TYR E 53 87.80 50.30 -1.88
N THR E 54 87.91 51.63 -1.90
CA THR E 54 89.11 52.23 -1.31
C THR E 54 89.21 51.93 0.19
N TYR E 55 88.08 51.96 0.91
CA TYR E 55 88.19 51.59 2.32
C TYR E 55 88.57 50.12 2.49
N LEU E 56 88.04 49.24 1.63
CA LEU E 56 88.42 47.83 1.70
C LEU E 56 89.91 47.66 1.45
N GLY E 57 90.46 48.41 0.50
CA GLY E 57 91.90 48.43 0.35
C GLY E 57 92.60 48.92 1.61
N SER E 58 91.99 49.88 2.30
CA SER E 58 92.55 50.40 3.55
C SER E 58 92.72 49.30 4.59
N ILE E 59 91.65 48.54 4.86
CA ILE E 59 91.72 47.54 5.93
C ILE E 59 92.34 46.24 5.42
N GLN E 60 92.83 46.26 4.18
CA GLN E 60 93.45 45.08 3.56
C GLN E 60 92.45 43.92 3.45
N PHE E 61 91.19 44.26 3.19
CA PHE E 61 90.14 43.28 2.87
C PHE E 61 89.91 42.26 3.99
N ALA E 62 90.04 42.70 5.23
CA ALA E 62 89.88 41.77 6.35
C ALA E 62 89.43 42.53 7.59
N ALA E 63 88.52 41.91 8.34
CA ALA E 63 88.07 42.46 9.60
C ALA E 63 87.40 41.36 10.39
N GLY E 64 87.82 41.17 11.63
CA GLY E 64 87.31 40.04 12.39
C GLY E 64 87.75 38.77 11.72
N ARG E 65 86.85 37.81 11.55
CA ARG E 65 87.11 36.70 10.65
C ARG E 65 86.28 36.81 9.38
N HIS E 66 85.81 38.01 9.05
CA HIS E 66 85.34 38.29 7.70
C HIS E 66 86.54 38.62 6.81
N ILE E 67 86.66 37.91 5.70
CA ILE E 67 87.62 38.29 4.67
C ILE E 67 86.85 38.54 3.38
N PHE E 68 87.22 39.60 2.66
CA PHE E 68 86.50 40.00 1.47
C PHE E 68 87.35 39.76 0.23
N GLY E 69 86.71 39.83 -0.93
CA GLY E 69 87.39 39.62 -2.19
C GLY E 69 87.76 40.91 -2.86
N GLU E 70 88.84 40.86 -3.65
CA GLU E 70 89.24 42.01 -4.46
C GLU E 70 88.36 42.08 -5.70
N PRO E 71 87.82 43.26 -6.02
CA PRO E 71 86.94 43.37 -7.18
C PRO E 71 87.74 43.37 -8.48
N ALA E 72 87.01 43.27 -9.58
CA ALA E 72 87.63 43.48 -10.87
C ALA E 72 87.77 44.96 -11.18
N SER E 73 86.70 45.72 -10.95
CA SER E 73 86.69 47.14 -11.21
C SER E 73 86.06 47.87 -10.04
N ASN E 74 86.57 49.07 -9.75
CA ASN E 74 85.91 49.94 -8.79
C ASN E 74 84.58 50.43 -9.31
N VAL E 75 84.42 50.45 -10.63
CA VAL E 75 83.18 50.83 -11.28
C VAL E 75 82.59 49.59 -11.92
N LEU E 76 81.36 49.23 -11.51
CA LEU E 76 80.61 48.03 -11.87
C LEU E 76 79.87 48.23 -13.18
N PRO E 77 80.12 47.38 -14.18
CA PRO E 77 79.40 47.49 -15.45
C PRO E 77 78.00 46.93 -15.33
N PRO E 78 77.10 47.26 -16.26
CA PRO E 78 75.75 46.69 -16.23
C PRO E 78 75.73 45.26 -16.75
N GLN E 79 74.90 44.42 -16.12
CA GLN E 79 74.77 43.03 -16.51
C GLN E 79 73.55 42.74 -17.36
N ASN E 80 72.42 43.39 -17.06
CA ASN E 80 71.17 43.10 -17.76
C ASN E 80 70.47 44.37 -18.24
N ILE E 81 71.22 45.41 -18.58
CA ILE E 81 70.64 46.69 -18.98
C ILE E 81 71.11 46.97 -20.40
N VAL E 82 70.22 46.78 -21.35
CA VAL E 82 70.50 47.17 -22.73
C VAL E 82 70.29 48.68 -22.87
N PRO E 83 71.13 49.40 -23.60
CA PRO E 83 70.93 50.84 -23.71
C PRO E 83 69.73 51.14 -24.59
N GLY E 84 69.00 52.18 -24.21
CA GLY E 84 67.83 52.57 -24.97
C GLY E 84 66.65 51.65 -24.75
N VAL E 85 66.73 50.70 -23.84
CA VAL E 85 65.65 49.77 -23.55
C VAL E 85 65.11 50.14 -22.18
N PRO E 86 63.83 50.52 -22.06
CA PRO E 86 63.27 50.81 -20.74
C PRO E 86 63.29 49.56 -19.88
N THR E 87 63.82 49.71 -18.67
CA THR E 87 63.92 48.60 -17.71
C THR E 87 63.49 49.15 -16.36
N LYS E 88 62.60 48.43 -15.68
CA LYS E 88 62.18 48.79 -14.33
C LYS E 88 63.04 48.11 -13.27
N HIS E 89 63.98 47.27 -13.69
CA HIS E 89 64.88 46.60 -12.78
C HIS E 89 66.18 46.28 -13.50
N GLY E 90 67.30 46.61 -12.86
CA GLY E 90 68.60 46.45 -13.49
C GLY E 90 69.69 46.19 -12.47
N GLU E 91 70.74 45.54 -12.93
CA GLU E 91 71.80 45.08 -12.04
C GLU E 91 73.17 45.38 -12.63
N TYR E 92 74.04 45.96 -11.81
CA TYR E 92 75.46 46.05 -12.12
C TYR E 92 76.19 45.05 -11.24
N VAL E 93 77.22 44.41 -11.77
CA VAL E 93 77.87 43.34 -11.04
C VAL E 93 79.34 43.27 -11.43
N THR E 94 80.20 43.11 -10.44
CA THR E 94 81.59 42.80 -10.76
C THR E 94 82.06 41.62 -9.94
N THR E 95 83.03 40.91 -10.47
CA THR E 95 83.44 39.65 -9.88
C THR E 95 84.53 39.92 -8.83
N ASN E 96 84.50 39.16 -7.74
CA ASN E 96 85.44 39.24 -6.63
C ASN E 96 86.32 38.01 -6.70
N THR E 97 87.64 38.21 -6.66
CA THR E 97 88.59 37.10 -6.66
C THR E 97 89.52 37.25 -5.46
N GLY E 98 90.23 36.18 -5.13
CA GLY E 98 91.13 36.21 -3.99
C GLY E 98 91.86 34.90 -3.86
N ASP E 99 92.93 34.93 -3.05
CA ASP E 99 93.76 33.74 -2.81
C ASP E 99 92.96 32.72 -2.02
N ARG E 100 92.76 31.55 -2.61
CA ARG E 100 91.96 30.48 -2.01
C ARG E 100 90.55 30.97 -1.71
N LEU E 101 89.98 31.74 -2.64
CA LEU E 101 88.60 32.18 -2.61
C LEU E 101 87.91 31.73 -3.88
N MET E 102 86.68 31.26 -3.74
CA MET E 102 85.87 30.98 -4.93
C MET E 102 85.30 32.29 -5.44
N ALA E 103 85.51 32.57 -6.72
CA ALA E 103 85.05 33.83 -7.29
C ALA E 103 83.58 34.06 -6.96
N SER E 104 83.26 35.27 -6.50
CA SER E 104 81.89 35.59 -6.08
C SER E 104 81.52 37.01 -6.49
N SER E 105 80.27 37.19 -6.87
CA SER E 105 79.85 38.43 -7.51
C SER E 105 79.34 39.41 -6.45
N THR E 106 79.77 40.67 -6.56
CA THR E 106 79.20 41.75 -5.77
C THR E 106 78.25 42.56 -6.66
N THR E 107 77.07 42.89 -6.11
CA THR E 107 75.91 43.29 -6.90
C THR E 107 75.31 44.61 -6.44
N VAL E 108 74.96 45.44 -7.41
CA VAL E 108 74.27 46.71 -7.17
C VAL E 108 72.98 46.68 -7.97
N THR E 109 71.86 46.75 -7.28
CA THR E 109 70.54 46.55 -7.86
C THR E 109 69.74 47.85 -7.82
N ARG E 110 69.15 48.24 -8.95
CA ARG E 110 68.33 49.44 -9.04
C ARG E 110 66.94 49.06 -9.53
N ASP E 111 65.93 49.48 -8.77
CA ASP E 111 64.52 49.26 -9.11
C ASP E 111 63.85 50.61 -9.22
N VAL E 112 63.41 50.95 -10.42
CA VAL E 112 62.72 52.21 -10.70
C VAL E 112 61.30 51.86 -11.12
N SER E 113 60.31 52.15 -10.27
CA SER E 113 58.92 51.90 -10.66
C SER E 113 57.98 52.74 -9.83
N ASN E 114 56.93 53.25 -10.49
CA ASN E 114 55.80 53.94 -9.85
C ASN E 114 56.26 55.08 -8.95
N GLY E 115 57.23 55.85 -9.43
CA GLY E 115 57.76 56.99 -8.71
C GLY E 115 58.72 56.67 -7.58
N ARG E 116 58.97 55.39 -7.31
CA ARG E 116 59.88 54.97 -6.26
C ARG E 116 61.12 54.40 -6.90
N THR E 117 62.27 54.92 -6.53
CA THR E 117 63.54 54.41 -7.01
C THR E 117 64.33 53.87 -5.81
N LYS E 118 64.92 52.67 -5.96
CA LYS E 118 65.58 52.00 -4.84
C LYS E 118 66.87 51.34 -5.32
N VAL E 119 67.97 51.62 -4.63
CA VAL E 119 69.29 51.09 -4.93
C VAL E 119 69.74 50.24 -3.74
N SER E 120 70.19 49.02 -4.02
CA SER E 120 70.67 48.09 -3.01
C SER E 120 72.06 47.59 -3.38
N ILE E 121 72.93 47.45 -2.38
CA ILE E 121 74.30 46.99 -2.58
C ILE E 121 74.55 45.78 -1.70
N ASP E 122 75.08 44.70 -2.29
CA ASP E 122 75.31 43.44 -1.60
C ASP E 122 76.73 42.98 -1.91
N ILE E 123 77.57 42.89 -0.88
CA ILE E 123 78.94 42.40 -1.01
C ILE E 123 79.11 41.18 -0.12
N PRO E 124 79.68 40.10 -0.63
CA PRO E 124 79.85 38.88 0.17
C PRO E 124 81.17 38.84 0.93
N TYR E 125 81.21 37.98 1.95
CA TYR E 125 82.38 37.75 2.77
C TYR E 125 82.54 36.26 3.06
N TYR E 126 83.79 35.85 3.29
CA TYR E 126 84.19 34.47 3.52
C TYR E 126 84.75 34.30 4.94
N ASP E 127 84.85 33.03 5.34
CA ASP E 127 85.39 32.61 6.64
C ASP E 127 86.92 32.71 6.64
N ARG E 128 87.42 33.78 7.27
CA ARG E 128 88.85 34.02 7.32
C ARG E 128 89.59 32.86 7.98
N ASN E 129 88.94 32.18 8.93
CA ASN E 129 89.59 31.06 9.62
C ASN E 129 89.85 29.92 8.64
N ALA E 130 88.85 29.59 7.82
CA ALA E 130 89.03 28.57 6.80
C ALA E 130 90.07 28.98 5.78
N VAL E 131 89.99 30.23 5.31
CA VAL E 131 90.92 30.66 4.26
C VAL E 131 92.36 30.61 4.76
N GLU E 132 92.61 31.13 5.96
CA GLU E 132 93.97 31.21 6.48
C GLU E 132 94.48 29.84 6.90
N THR E 133 93.60 28.95 7.39
CA THR E 133 94.02 27.57 7.66
C THR E 133 94.45 26.89 6.37
N LEU E 134 93.71 27.12 5.27
CA LEU E 134 94.12 26.58 3.97
C LEU E 134 95.45 27.17 3.51
N LYS E 135 95.61 28.49 3.62
CA LYS E 135 96.84 29.15 3.19
C LYS E 135 98.04 28.65 3.99
N ALA E 136 97.95 28.69 5.32
CA ALA E 136 99.06 28.25 6.16
C ALA E 136 99.36 26.77 5.93
N SER E 137 98.33 25.94 5.74
CA SER E 137 98.59 24.54 5.50
C SER E 137 98.91 24.24 4.05
N ALA E 138 98.95 25.24 3.16
CA ALA E 138 99.23 25.00 1.75
C ALA E 138 98.28 23.95 1.17
N ILE E 139 96.99 24.15 1.41
CA ILE E 139 95.95 23.27 0.88
C ILE E 139 95.33 23.97 -0.32
N PRO E 140 95.06 23.28 -1.43
CA PRO E 140 94.54 23.96 -2.62
C PRO E 140 93.02 24.14 -2.67
N GLY E 141 92.32 24.07 -1.55
CA GLY E 141 90.89 24.29 -1.58
C GLY E 141 90.54 25.75 -1.76
N ALA E 142 89.40 25.99 -2.42
CA ALA E 142 88.85 27.34 -2.60
C ALA E 142 87.56 27.45 -1.82
N VAL E 143 87.34 28.58 -1.15
CA VAL E 143 86.24 28.74 -0.22
C VAL E 143 85.13 29.58 -0.87
N ALA E 144 83.89 29.10 -0.71
CA ALA E 144 82.71 29.84 -1.11
C ALA E 144 82.32 30.84 -0.01
N PRO E 145 81.57 31.88 -0.36
CA PRO E 145 81.24 32.92 0.64
C PRO E 145 80.34 32.38 1.73
N VAL E 146 80.62 32.84 2.95
CA VAL E 146 79.80 32.44 4.09
C VAL E 146 78.62 33.38 4.30
N GLY E 147 78.74 34.64 3.92
CA GLY E 147 77.62 35.55 4.10
C GLY E 147 77.76 36.81 3.26
N SER E 148 76.96 37.82 3.60
CA SER E 148 77.02 39.08 2.87
C SER E 148 76.57 40.22 3.77
N PHE E 149 76.90 41.43 3.33
CA PHE E 149 76.40 42.67 3.92
C PHE E 149 75.69 43.49 2.85
N LYS E 150 74.57 44.12 3.27
CA LYS E 150 73.66 44.81 2.35
C LYS E 150 73.28 46.19 2.88
N VAL E 151 73.16 47.12 1.95
CA VAL E 151 72.75 48.49 2.23
C VAL E 151 71.71 48.91 1.19
N ASN E 152 70.55 49.37 1.68
CA ASN E 152 69.43 49.79 0.85
C ASN E 152 69.20 51.29 0.95
N VAL E 153 68.78 51.89 -0.16
CA VAL E 153 68.51 53.32 -0.24
C VAL E 153 67.28 53.49 -1.13
N GLU E 154 66.35 54.36 -0.71
CA GLU E 154 65.03 54.39 -1.31
C GLU E 154 64.51 55.82 -1.35
N VAL E 155 63.90 56.20 -2.48
CA VAL E 155 63.44 57.56 -2.71
C VAL E 155 62.01 57.47 -3.22
N LEU E 156 61.06 57.98 -2.43
CA LEU E 156 59.64 57.98 -2.76
C LEU E 156 59.29 59.30 -3.41
N GLY E 157 59.44 59.38 -4.73
CA GLY E 157 59.28 60.59 -5.50
C GLY E 157 57.96 60.73 -6.23
N GLY E 158 56.96 59.97 -5.85
CA GLY E 158 55.68 60.05 -6.51
C GLY E 158 54.82 61.16 -5.97
N GLY E 159 53.80 61.51 -6.75
CA GLY E 159 52.78 62.43 -6.31
C GLY E 159 53.02 63.86 -6.68
N VAL E 160 53.84 64.11 -7.71
CA VAL E 160 54.13 65.48 -8.13
C VAL E 160 52.84 66.15 -8.56
N LEU E 161 52.65 67.39 -8.10
CA LEU E 161 51.45 68.16 -8.38
C LEU E 161 51.38 68.56 -9.85
N THR E 162 50.16 68.78 -10.33
CA THR E 162 49.93 68.94 -11.77
C THR E 162 50.57 70.21 -12.31
N GLY E 163 50.53 71.30 -11.55
CA GLY E 163 51.13 72.54 -12.03
C GLY E 163 52.62 72.43 -12.32
N THR E 164 53.33 71.54 -11.62
CA THR E 164 54.78 71.44 -11.73
C THR E 164 55.21 71.12 -13.15
N ASP E 165 56.09 71.94 -13.72
CA ASP E 165 56.56 71.68 -15.06
C ASP E 165 57.91 70.96 -15.03
N ALA E 166 58.52 70.78 -16.20
CA ALA E 166 59.73 69.97 -16.30
C ALA E 166 60.89 70.60 -15.54
N ASN E 167 61.09 71.91 -15.74
CA ASN E 167 62.16 72.62 -15.06
C ASN E 167 62.01 72.51 -13.55
N ALA E 168 60.79 72.67 -13.05
CA ALA E 168 60.55 72.51 -11.62
C ALA E 168 60.86 71.09 -11.15
N GLN E 169 60.51 70.10 -11.95
CA GLN E 169 60.81 68.73 -11.56
C GLN E 169 62.31 68.50 -11.45
N PHE E 170 63.11 69.19 -12.27
CA PHE E 170 64.56 69.13 -12.07
C PHE E 170 64.94 69.54 -10.64
N ALA E 171 64.35 70.63 -10.17
CA ALA E 171 64.62 71.12 -8.83
C ALA E 171 64.23 70.08 -7.78
N LEU E 172 63.07 69.45 -7.98
CA LEU E 172 62.65 68.40 -7.06
C LEU E 172 63.65 67.24 -7.08
N ASP E 173 64.23 66.93 -8.25
CA ASP E 173 65.25 65.90 -8.35
C ASP E 173 66.41 66.21 -7.40
N GLU E 174 66.97 67.42 -7.52
CA GLU E 174 68.11 67.76 -6.68
C GLU E 174 67.71 67.84 -5.21
N LEU E 175 66.47 68.23 -4.92
CA LEU E 175 66.01 68.28 -3.53
C LEU E 175 66.04 66.89 -2.91
N LEU E 176 65.48 65.91 -3.60
CA LEU E 176 65.54 64.54 -3.10
C LEU E 176 66.98 64.05 -3.00
N SER E 177 67.83 64.46 -3.94
CA SER E 177 69.26 64.12 -3.84
C SER E 177 69.85 64.59 -2.51
N ASN E 178 69.57 65.85 -2.14
CA ASN E 178 70.14 66.38 -0.91
C ASN E 178 69.54 65.71 0.33
N MET E 179 68.25 65.36 0.27
CA MET E 179 67.68 64.59 1.37
C MET E 179 68.35 63.23 1.51
N LEU E 180 68.69 62.61 0.37
CA LEU E 180 69.48 61.38 0.39
C LEU E 180 70.79 61.56 1.13
N MET E 181 71.56 62.58 0.73
CA MET E 181 72.84 62.83 1.38
C MET E 181 72.67 63.01 2.88
N ASP E 182 71.65 63.79 3.28
CA ASP E 182 71.42 64.02 4.70
C ASP E 182 71.06 62.73 5.41
N ALA E 183 70.25 61.88 4.78
CA ALA E 183 69.86 60.62 5.42
C ALA E 183 71.08 59.73 5.64
N ALA E 184 71.96 59.66 4.65
CA ALA E 184 73.16 58.82 4.81
C ALA E 184 74.08 59.36 5.89
N ARG E 185 74.23 60.69 5.94
CA ARG E 185 75.04 61.27 7.01
C ARG E 185 74.43 60.99 8.38
N ILE E 186 73.10 61.11 8.51
CA ILE E 186 72.44 60.85 9.79
C ILE E 186 72.57 59.37 10.16
N ALA E 187 72.66 58.50 9.15
CA ALA E 187 72.81 57.07 9.42
C ALA E 187 74.19 56.76 9.97
N GLN E 188 75.24 57.24 9.30
CA GLN E 188 76.61 56.97 9.73
C GLN E 188 77.10 57.90 10.83
N ASP E 189 76.28 58.85 11.26
CA ASP E 189 76.73 59.89 12.18
C ASP E 189 77.20 59.30 13.49
N GLY E 190 78.32 59.82 13.99
CA GLY E 190 78.83 59.43 15.28
C GLY E 190 80.35 59.32 15.32
N PRO E 191 80.89 59.28 16.54
CA PRO E 191 82.33 59.03 16.68
C PRO E 191 82.68 57.65 16.17
N LYS E 192 83.88 57.54 15.59
CA LYS E 192 84.42 56.24 15.24
C LYS E 192 85.01 55.52 16.45
N ASN E 193 84.98 56.17 17.63
CA ASN E 193 85.39 55.53 18.88
C ASN E 193 84.35 54.55 19.38
N THR E 194 83.08 54.76 19.05
CA THR E 194 81.99 53.98 19.62
C THR E 194 81.23 53.22 18.53
N ALA E 195 80.52 52.19 18.97
CA ALA E 195 79.78 51.32 18.08
C ALA E 195 78.61 52.08 17.46
N ARG E 196 78.43 51.95 16.14
CA ARG E 196 77.28 52.65 15.55
C ARG E 196 76.43 51.85 14.58
N LEU E 197 76.96 50.82 13.88
CA LEU E 197 76.15 50.10 12.89
C LEU E 197 75.97 48.59 13.06
N VAL E 198 77.09 47.81 13.08
CA VAL E 198 76.97 46.35 12.91
C VAL E 198 76.53 45.71 14.22
N ALA E 199 75.85 44.57 14.09
CA ALA E 199 75.33 43.82 15.23
C ALA E 199 74.50 44.72 16.14
N ALA E 200 73.81 45.68 15.55
CA ALA E 200 73.06 46.66 16.33
C ALA E 200 71.93 45.99 17.12
N SER E 201 71.75 46.40 18.37
CA SER E 201 70.65 45.94 19.21
C SER E 201 69.70 47.05 19.60
N HIS E 202 70.21 48.22 19.97
CA HIS E 202 69.42 49.35 20.43
C HIS E 202 70.32 50.58 20.46
N GLY E 203 69.69 51.74 20.48
CA GLY E 203 70.40 53.02 20.46
C GLY E 203 70.34 53.67 21.82
N VAL E 204 71.44 54.33 22.19
CA VAL E 204 71.52 55.06 23.45
C VAL E 204 72.16 56.41 23.19
N MET E 205 71.49 57.48 23.63
CA MET E 205 71.99 58.84 23.47
C MET E 205 73.00 59.13 24.58
N PRO E 206 74.17 59.70 24.26
CA PRO E 206 75.20 59.89 25.28
C PRO E 206 74.76 60.88 26.34
N GLN E 207 75.37 60.75 27.52
CA GLN E 207 75.01 61.59 28.67
C GLN E 207 75.07 63.07 28.31
N ALA E 208 76.10 63.47 27.56
CA ALA E 208 76.22 64.81 27.01
C ALA E 208 75.93 65.88 28.05
N SER F 23 73.96 27.33 2.16
CA SER F 23 75.09 26.48 2.52
C SER F 23 76.33 26.82 1.68
N SER F 24 77.45 27.06 2.36
CA SER F 24 78.70 27.44 1.71
C SER F 24 79.70 26.30 1.84
N ARG F 25 80.29 25.90 0.70
CA ARG F 25 81.17 24.75 0.64
C ARG F 25 82.47 25.12 -0.03
N THR F 26 83.57 24.65 0.54
CA THR F 26 84.88 24.77 -0.09
C THR F 26 85.05 23.65 -1.10
N THR F 27 85.61 24.00 -2.26
CA THR F 27 85.70 23.12 -3.40
C THR F 27 87.16 22.82 -3.72
N PHE F 28 87.45 21.53 -3.96
CA PHE F 28 88.75 21.05 -4.40
C PHE F 28 88.60 20.56 -5.82
N GLY F 29 89.45 21.05 -6.71
CA GLY F 29 89.32 20.68 -8.10
C GLY F 29 88.43 21.66 -8.86
N VAL F 30 87.86 21.14 -9.94
CA VAL F 30 87.08 21.96 -10.86
C VAL F 30 85.71 22.24 -10.27
N ASN F 31 85.29 23.49 -10.34
CA ASN F 31 83.92 23.86 -10.00
C ASN F 31 83.16 24.12 -11.29
N PRO F 32 82.21 23.27 -11.67
CA PRO F 32 81.52 23.43 -12.96
C PRO F 32 80.24 24.27 -12.92
N ASP F 33 79.96 25.01 -11.85
CA ASP F 33 78.75 25.82 -11.79
C ASP F 33 78.67 26.77 -12.98
N ARG F 34 77.57 26.70 -13.73
CA ARG F 34 77.33 27.57 -14.87
C ARG F 34 76.34 28.68 -14.52
N GLN F 35 76.48 29.80 -15.19
CA GLN F 35 75.62 30.96 -14.99
C GLN F 35 74.35 30.80 -15.82
N ALA F 36 73.21 31.03 -15.20
CA ALA F 36 71.93 30.88 -15.89
C ALA F 36 71.85 31.80 -17.11
N ASN F 37 71.27 31.27 -18.18
CA ASN F 37 71.16 31.98 -19.47
C ASN F 37 69.99 32.95 -19.39
N ALA F 38 70.19 34.04 -18.65
CA ALA F 38 69.13 35.01 -18.34
C ALA F 38 69.65 36.42 -18.58
N ARG F 39 70.27 36.63 -19.74
CA ARG F 39 70.91 37.90 -20.08
C ARG F 39 70.30 38.47 -21.36
N PRO F 40 69.64 39.63 -21.29
CA PRO F 40 69.14 40.25 -22.51
C PRO F 40 70.29 40.67 -23.43
N VAL F 41 70.05 40.57 -24.73
CA VAL F 41 71.08 40.88 -25.72
C VAL F 41 70.54 41.90 -26.71
N TYR F 42 71.48 42.67 -27.26
CA TYR F 42 71.13 43.72 -28.21
C TYR F 42 70.55 43.14 -29.49
N LEU F 43 69.52 43.81 -30.00
CA LEU F 43 68.80 43.39 -31.19
C LEU F 43 68.83 44.54 -32.19
N ALA F 44 69.50 44.32 -33.32
CA ALA F 44 69.71 45.37 -34.30
C ALA F 44 68.37 45.94 -34.78
N PRO F 45 68.26 47.26 -34.98
CA PRO F 45 66.99 47.84 -35.44
C PRO F 45 66.69 47.58 -36.90
N ALA F 46 67.62 46.98 -37.64
CA ALA F 46 67.44 46.61 -39.03
C ALA F 46 68.55 45.67 -39.42
N ALA F 47 68.34 44.93 -40.51
CA ALA F 47 69.32 43.92 -40.91
C ALA F 47 70.01 44.38 -42.19
N PRO F 48 71.32 44.67 -42.19
CA PRO F 48 71.97 45.06 -43.45
C PRO F 48 72.32 43.84 -44.28
N MET F 49 71.88 43.84 -45.54
CA MET F 49 72.23 42.79 -46.49
C MET F 49 73.04 43.35 -47.65
N GLU F 50 73.97 44.26 -47.37
CA GLU F 50 74.60 45.01 -48.45
C GLU F 50 75.43 44.11 -49.36
N ASN F 51 76.18 43.16 -48.79
CA ASN F 51 77.09 42.34 -49.59
C ASN F 51 76.35 41.54 -50.66
N THR F 52 75.31 40.83 -50.26
CA THR F 52 74.61 39.93 -51.17
C THR F 52 73.87 40.71 -52.27
N TYR F 53 73.27 41.85 -51.93
CA TYR F 53 72.50 42.61 -52.92
C TYR F 53 73.39 43.40 -53.86
N THR F 54 74.54 43.88 -53.39
CA THR F 54 75.51 44.43 -54.33
C THR F 54 76.00 43.35 -55.30
N TYR F 55 76.26 42.14 -54.81
CA TYR F 55 76.67 41.10 -55.77
C TYR F 55 75.55 40.76 -56.74
N LEU F 56 74.30 40.73 -56.25
CA LEU F 56 73.18 40.46 -57.14
C LEU F 56 73.04 41.53 -58.22
N GLY F 57 73.26 42.79 -57.86
CA GLY F 57 73.36 43.83 -58.87
C GLY F 57 74.51 43.58 -59.83
N SER F 58 75.62 43.06 -59.31
CA SER F 58 76.77 42.74 -60.17
C SER F 58 76.40 41.76 -61.26
N ILE F 59 75.67 40.68 -60.93
CA ILE F 59 75.37 39.70 -61.97
C ILE F 59 74.04 40.00 -62.64
N GLN F 60 73.48 41.19 -62.38
CA GLN F 60 72.22 41.61 -62.99
C GLN F 60 71.07 40.68 -62.60
N PHE F 61 71.12 40.18 -61.36
CA PHE F 61 70.01 39.42 -60.77
C PHE F 61 69.66 38.18 -61.59
N ALA F 62 70.67 37.51 -62.12
CA ALA F 62 70.41 36.33 -62.96
C ALA F 62 71.67 35.48 -63.04
N ALA F 63 71.55 34.21 -62.68
CA ALA F 63 72.61 33.23 -62.87
C ALA F 63 71.99 31.96 -63.43
N GLY F 64 72.43 31.56 -64.62
CA GLY F 64 71.90 30.37 -65.25
C GLY F 64 70.42 30.50 -65.52
N ARG F 65 69.67 29.53 -65.03
CA ARG F 65 68.22 29.55 -65.13
C ARG F 65 67.56 30.18 -63.92
N HIS F 66 68.33 30.62 -62.94
CA HIS F 66 67.81 31.29 -61.76
C HIS F 66 67.74 32.79 -62.03
N ILE F 67 66.55 33.37 -61.91
CA ILE F 67 66.41 34.82 -61.97
C ILE F 67 65.92 35.30 -60.61
N PHE F 68 66.50 36.40 -60.12
CA PHE F 68 66.18 36.91 -58.79
C PHE F 68 65.41 38.23 -58.91
N GLY F 69 64.77 38.61 -57.81
CA GLY F 69 64.03 39.86 -57.79
C GLY F 69 64.83 40.98 -57.17
N GLU F 70 64.42 42.22 -57.50
CA GLU F 70 65.09 43.40 -56.99
C GLU F 70 64.49 43.81 -55.65
N PRO F 71 65.29 43.93 -54.59
CA PRO F 71 64.72 44.27 -53.29
C PRO F 71 64.29 45.73 -53.23
N ALA F 72 63.38 46.02 -52.30
CA ALA F 72 63.04 47.42 -52.06
C ALA F 72 64.16 48.15 -51.34
N SER F 73 64.83 47.48 -50.40
CA SER F 73 65.94 48.11 -49.69
C SER F 73 67.08 47.12 -49.51
N ASN F 74 68.30 47.66 -49.42
CA ASN F 74 69.46 46.87 -49.06
C ASN F 74 69.49 46.57 -47.57
N VAL F 75 68.79 47.38 -46.77
CA VAL F 75 68.69 47.19 -45.34
C VAL F 75 67.23 46.87 -45.03
N LEU F 76 67.00 45.76 -44.32
CA LEU F 76 65.67 45.21 -44.12
C LEU F 76 65.08 45.69 -42.80
N PRO F 77 63.87 46.24 -42.81
CA PRO F 77 63.26 46.73 -41.57
C PRO F 77 62.62 45.60 -40.79
N PRO F 78 62.38 45.78 -39.49
CA PRO F 78 61.77 44.71 -38.70
C PRO F 78 60.31 44.55 -39.06
N GLN F 79 59.86 43.30 -39.11
CA GLN F 79 58.46 42.97 -39.36
C GLN F 79 57.66 42.73 -38.09
N ASN F 80 58.22 41.97 -37.15
CA ASN F 80 57.49 41.60 -35.95
C ASN F 80 58.25 41.93 -34.66
N ILE F 81 59.13 42.93 -34.71
CA ILE F 81 59.92 43.35 -33.56
C ILE F 81 59.51 44.76 -33.20
N VAL F 82 59.24 44.98 -31.90
CA VAL F 82 58.84 46.27 -31.38
C VAL F 82 59.92 46.73 -30.41
N PRO F 83 60.38 47.97 -30.48
CA PRO F 83 61.44 48.40 -29.58
C PRO F 83 60.97 48.35 -28.14
N GLY F 84 61.86 47.85 -27.28
CA GLY F 84 61.59 47.78 -25.86
C GLY F 84 60.83 46.54 -25.45
N VAL F 85 60.38 45.72 -26.38
CA VAL F 85 59.62 44.53 -26.06
C VAL F 85 60.54 43.33 -26.31
N PRO F 86 60.84 42.52 -25.30
CA PRO F 86 61.72 41.37 -25.52
C PRO F 86 61.02 40.34 -26.39
N THR F 87 61.76 39.81 -27.36
CA THR F 87 61.25 38.76 -28.23
C THR F 87 62.34 37.71 -28.37
N LYS F 88 61.92 36.46 -28.57
CA LYS F 88 62.85 35.35 -28.79
C LYS F 88 62.91 34.95 -30.24
N HIS F 89 62.07 35.55 -31.07
CA HIS F 89 62.05 35.27 -32.50
C HIS F 89 61.65 36.55 -33.21
N GLY F 90 62.46 36.95 -34.18
CA GLY F 90 62.22 38.19 -34.90
C GLY F 90 62.58 38.05 -36.37
N GLU F 91 61.94 38.87 -37.19
CA GLU F 91 62.09 38.77 -38.63
C GLU F 91 62.21 40.15 -39.25
N TYR F 92 63.19 40.31 -40.12
CA TYR F 92 63.29 41.45 -41.01
C TYR F 92 62.95 41.00 -42.42
N VAL F 93 62.31 41.87 -43.20
CA VAL F 93 61.78 41.42 -44.48
C VAL F 93 61.71 42.59 -45.45
N THR F 94 61.98 42.30 -46.72
CA THR F 94 61.65 43.25 -47.77
C THR F 94 61.00 42.52 -48.94
N THR F 95 60.61 43.27 -49.97
CA THR F 95 59.89 42.70 -51.11
C THR F 95 60.75 42.79 -52.36
N ASN F 96 61.00 41.65 -52.99
CA ASN F 96 61.62 41.59 -54.30
C ASN F 96 60.50 41.70 -55.34
N THR F 97 60.64 42.67 -56.25
CA THR F 97 59.78 42.84 -57.41
C THR F 97 60.63 42.65 -58.67
N GLY F 98 59.95 42.42 -59.79
CA GLY F 98 60.66 42.10 -61.03
C GLY F 98 59.70 42.11 -62.20
N ASP F 99 60.29 42.18 -63.39
CA ASP F 99 59.53 42.19 -64.63
C ASP F 99 58.95 40.80 -64.88
N ARG F 100 57.62 40.75 -65.10
CA ARG F 100 56.88 39.49 -65.25
C ARG F 100 56.96 38.62 -63.99
N LEU F 101 57.15 39.24 -62.83
CA LEU F 101 57.31 38.52 -61.58
C LEU F 101 56.27 38.94 -60.56
N MET F 102 55.88 37.99 -59.72
CA MET F 102 54.99 38.26 -58.60
C MET F 102 55.81 38.58 -57.37
N ALA F 103 55.43 39.66 -56.68
CA ALA F 103 56.19 40.15 -55.53
C ALA F 103 56.44 39.03 -54.52
N SER F 104 57.70 38.83 -54.15
CA SER F 104 58.07 37.78 -53.21
C SER F 104 59.02 38.33 -52.15
N SER F 105 58.73 38.00 -50.90
CA SER F 105 59.47 38.59 -49.80
C SER F 105 60.78 37.85 -49.54
N THR F 106 61.82 38.61 -49.20
CA THR F 106 63.11 38.12 -48.76
C THR F 106 63.21 38.30 -47.25
N THR F 107 63.58 37.23 -46.52
CA THR F 107 63.40 37.18 -45.08
C THR F 107 64.72 36.89 -44.34
N VAL F 108 64.89 37.55 -43.20
CA VAL F 108 66.05 37.39 -42.33
C VAL F 108 65.51 37.13 -40.93
N THR F 109 65.72 35.91 -40.43
CA THR F 109 65.13 35.44 -39.19
C THR F 109 66.21 35.33 -38.11
N ARG F 110 65.91 35.81 -36.91
CA ARG F 110 66.83 35.74 -35.79
C ARG F 110 66.13 35.14 -34.58
N ASP F 111 66.70 34.07 -34.03
CA ASP F 111 66.16 33.36 -32.87
C ASP F 111 67.17 33.48 -31.74
N VAL F 112 66.70 33.92 -30.57
CA VAL F 112 67.54 33.99 -29.38
C VAL F 112 66.84 33.23 -28.25
N SER F 113 67.49 32.16 -27.76
CA SER F 113 66.88 31.35 -26.71
C SER F 113 67.96 30.51 -26.04
N ASN F 114 67.95 30.49 -24.70
CA ASN F 114 68.79 29.56 -23.92
C ASN F 114 70.27 29.66 -24.28
N GLY F 115 70.73 30.89 -24.53
CA GLY F 115 72.12 31.13 -24.86
C GLY F 115 72.51 30.81 -26.28
N ARG F 116 71.57 30.38 -27.10
CA ARG F 116 71.82 30.01 -28.49
C ARG F 116 71.15 31.05 -29.36
N THR F 117 71.93 31.67 -30.23
CA THR F 117 71.42 32.70 -31.12
C THR F 117 71.68 32.26 -32.56
N LYS F 118 70.66 32.36 -33.42
CA LYS F 118 70.74 31.82 -34.77
C LYS F 118 70.08 32.77 -35.77
N VAL F 119 70.84 33.14 -36.81
CA VAL F 119 70.37 34.00 -37.89
C VAL F 119 70.29 33.19 -39.16
N SER F 120 69.15 33.26 -39.85
CA SER F 120 68.92 32.55 -41.11
C SER F 120 68.47 33.55 -42.17
N ILE F 121 68.93 33.35 -43.40
CA ILE F 121 68.60 34.24 -44.51
C ILE F 121 68.02 33.40 -45.64
N ASP F 122 66.87 33.83 -46.17
CA ASP F 122 66.16 33.11 -47.22
C ASP F 122 65.81 34.10 -48.34
N ILE F 123 66.31 33.82 -49.54
CA ILE F 123 66.01 34.61 -50.73
C ILE F 123 65.44 33.70 -51.80
N PRO F 124 64.30 34.02 -52.40
CA PRO F 124 63.72 33.18 -53.44
C PRO F 124 64.21 33.54 -54.85
N TYR F 125 64.03 32.57 -55.75
CA TYR F 125 64.37 32.73 -57.15
C TYR F 125 63.22 32.23 -58.02
N TYR F 126 63.29 32.53 -59.32
CA TYR F 126 62.26 32.20 -60.29
C TYR F 126 62.88 31.52 -61.50
N ASP F 127 61.99 30.94 -62.32
CA ASP F 127 62.37 30.22 -63.54
C ASP F 127 62.61 31.22 -64.68
N ARG F 128 63.89 31.42 -65.00
CA ARG F 128 64.24 32.39 -66.03
C ARG F 128 63.67 31.99 -67.39
N ASN F 129 63.53 30.69 -67.65
CA ASN F 129 63.00 30.24 -68.93
C ASN F 129 61.54 30.65 -69.08
N ALA F 130 60.75 30.50 -68.02
CA ALA F 130 59.38 30.98 -68.05
C ALA F 130 59.33 32.50 -68.19
N VAL F 131 60.18 33.21 -67.44
CA VAL F 131 60.12 34.67 -67.46
C VAL F 131 60.45 35.21 -68.85
N GLU F 132 61.56 34.74 -69.45
CA GLU F 132 61.96 35.26 -70.75
C GLU F 132 61.10 34.71 -71.87
N THR F 133 60.46 33.54 -71.69
CA THR F 133 59.51 33.06 -72.69
C THR F 133 58.26 33.94 -72.71
N LEU F 134 57.77 34.34 -71.53
CA LEU F 134 56.68 35.32 -71.48
C LEU F 134 57.09 36.64 -72.13
N LYS F 135 58.23 37.20 -71.71
CA LYS F 135 58.70 38.45 -72.31
C LYS F 135 58.73 38.33 -73.84
N ALA F 136 59.31 37.25 -74.35
CA ALA F 136 59.47 37.08 -75.79
C ALA F 136 58.17 36.78 -76.52
N SER F 137 57.15 36.27 -75.81
CA SER F 137 55.88 35.95 -76.44
C SER F 137 54.86 37.07 -76.36
N ALA F 138 55.08 38.07 -75.49
CA ALA F 138 54.20 39.24 -75.40
C ALA F 138 52.78 38.83 -75.04
N ILE F 139 52.69 38.04 -73.98
CA ILE F 139 51.46 37.37 -73.57
C ILE F 139 51.28 37.66 -72.08
N PRO F 140 50.05 37.71 -71.58
CA PRO F 140 49.80 38.34 -70.28
C PRO F 140 50.40 37.63 -69.04
N GLY F 141 50.92 36.42 -69.14
CA GLY F 141 51.23 35.66 -67.92
C GLY F 141 52.22 36.35 -66.98
N ALA F 142 52.14 36.00 -65.69
CA ALA F 142 53.19 36.29 -64.71
C ALA F 142 53.47 35.05 -63.85
N VAL F 143 54.65 35.04 -63.23
CA VAL F 143 55.22 33.84 -62.62
C VAL F 143 55.53 34.08 -61.14
N ALA F 144 55.35 33.02 -60.36
CA ALA F 144 55.64 32.95 -58.93
C ALA F 144 56.99 32.27 -58.69
N PRO F 145 57.53 32.38 -57.47
CA PRO F 145 58.84 31.76 -57.20
C PRO F 145 58.83 30.25 -57.36
N VAL F 146 60.01 29.72 -57.70
CA VAL F 146 60.20 28.29 -57.90
C VAL F 146 60.93 27.64 -56.74
N GLY F 147 61.75 28.39 -56.00
CA GLY F 147 62.48 27.85 -54.88
C GLY F 147 63.24 28.96 -54.19
N SER F 148 64.15 28.57 -53.31
CA SER F 148 64.88 29.55 -52.54
C SER F 148 66.27 29.03 -52.22
N PHE F 149 67.12 29.94 -51.77
CA PHE F 149 68.41 29.62 -51.19
C PHE F 149 68.47 30.17 -49.78
N LYS F 150 69.06 29.37 -48.88
CA LYS F 150 69.08 29.64 -47.45
C LYS F 150 70.48 29.48 -46.88
N VAL F 151 70.79 30.34 -45.92
CA VAL F 151 72.06 30.32 -45.22
C VAL F 151 71.80 30.52 -43.73
N ASN F 152 72.31 29.60 -42.89
CA ASN F 152 72.12 29.63 -41.45
C ASN F 152 73.45 29.87 -40.73
N VAL F 153 73.38 30.58 -39.61
CA VAL F 153 74.55 30.89 -38.79
C VAL F 153 74.11 30.83 -37.33
N GLU F 154 74.89 30.13 -36.50
CA GLU F 154 74.45 29.70 -35.19
C GLU F 154 75.58 29.83 -34.17
N VAL F 155 75.28 30.39 -33.00
CA VAL F 155 76.27 30.65 -31.96
C VAL F 155 75.74 30.06 -30.66
N LEU F 156 76.51 29.11 -30.08
CA LEU F 156 76.09 28.38 -28.88
C LEU F 156 76.82 28.99 -27.69
N GLY F 157 76.26 30.06 -27.16
CA GLY F 157 76.89 30.85 -26.11
C GLY F 157 76.48 30.49 -24.69
N GLY F 158 75.78 29.39 -24.52
CA GLY F 158 75.36 28.99 -23.20
C GLY F 158 76.50 28.39 -22.39
N GLY F 159 76.31 28.39 -21.07
CA GLY F 159 77.24 27.73 -20.20
C GLY F 159 78.30 28.61 -19.61
N VAL F 160 78.03 29.92 -19.46
CA VAL F 160 79.02 30.82 -18.90
C VAL F 160 79.25 30.44 -17.45
N LEU F 161 80.52 30.41 -17.04
CA LEU F 161 80.89 29.98 -15.70
C LEU F 161 80.51 31.05 -14.66
N THR F 162 80.56 30.65 -13.39
CA THR F 162 80.05 31.51 -12.33
C THR F 162 80.91 32.75 -12.16
N GLY F 163 82.23 32.60 -12.22
CA GLY F 163 83.12 33.71 -11.94
C GLY F 163 82.99 34.86 -12.92
N THR F 164 82.51 34.59 -14.12
CA THR F 164 82.49 35.60 -15.17
C THR F 164 81.58 36.76 -14.79
N ASP F 165 82.13 37.97 -14.85
CA ASP F 165 81.33 39.17 -14.65
C ASP F 165 80.96 39.76 -16.01
N ALA F 166 80.32 40.93 -15.98
CA ALA F 166 79.76 41.52 -17.19
C ALA F 166 80.85 41.91 -18.19
N ASN F 167 81.93 42.55 -17.71
CA ASN F 167 83.03 42.94 -18.59
C ASN F 167 83.63 41.72 -19.30
N ALA F 168 83.89 40.67 -18.54
CA ALA F 168 84.40 39.42 -19.11
C ALA F 168 83.41 38.85 -20.13
N GLN F 169 82.12 38.98 -19.86
CA GLN F 169 81.13 38.49 -20.83
C GLN F 169 81.20 39.27 -22.14
N PHE F 170 81.48 40.57 -22.06
CA PHE F 170 81.72 41.32 -23.30
C PHE F 170 82.90 40.72 -24.06
N ALA F 171 83.97 40.40 -23.33
CA ALA F 171 85.11 39.80 -23.98
C ALA F 171 84.72 38.50 -24.68
N LEU F 172 83.87 37.70 -24.02
CA LEU F 172 83.43 36.44 -24.61
C LEU F 172 82.54 36.69 -25.84
N ASP F 173 81.74 37.75 -25.78
CA ASP F 173 80.95 38.18 -26.93
C ASP F 173 81.84 38.35 -28.15
N GLU F 174 82.91 39.13 -27.98
CA GLU F 174 83.79 39.38 -29.12
C GLU F 174 84.53 38.12 -29.55
N LEU F 175 84.88 37.25 -28.60
CA LEU F 175 85.52 35.98 -28.96
C LEU F 175 84.64 35.16 -29.88
N LEU F 176 83.37 35.01 -29.52
CA LEU F 176 82.45 34.26 -30.38
C LEU F 176 82.28 34.92 -31.74
N SER F 177 82.20 36.25 -31.77
CA SER F 177 82.04 36.90 -33.08
C SER F 177 83.26 36.65 -33.97
N ASN F 178 84.46 36.60 -33.38
CA ASN F 178 85.65 36.28 -34.17
C ASN F 178 85.62 34.84 -34.68
N MET F 179 85.14 33.91 -33.85
CA MET F 179 84.98 32.54 -34.34
C MET F 179 83.96 32.48 -35.48
N LEU F 180 82.93 33.33 -35.41
CA LEU F 180 81.96 33.45 -36.49
C LEU F 180 82.64 33.83 -37.80
N MET F 181 83.44 34.89 -37.75
CA MET F 181 84.16 35.33 -38.94
C MET F 181 85.05 34.23 -39.49
N ASP F 182 85.79 33.56 -38.60
CA ASP F 182 86.64 32.45 -39.04
C ASP F 182 85.82 31.36 -39.73
N ALA F 183 84.66 31.03 -39.17
CA ALA F 183 83.84 29.97 -39.74
C ALA F 183 83.32 30.35 -41.13
N ALA F 184 82.87 31.58 -41.29
CA ALA F 184 82.39 32.01 -42.61
C ALA F 184 83.52 32.00 -43.64
N ARG F 185 84.71 32.47 -43.24
CA ARG F 185 85.84 32.43 -44.17
C ARG F 185 86.21 30.99 -44.54
N ILE F 186 86.17 30.07 -43.57
CA ILE F 186 86.51 28.68 -43.84
C ILE F 186 85.45 28.03 -44.73
N ALA F 187 84.21 28.49 -44.62
CA ALA F 187 83.15 27.95 -45.47
C ALA F 187 83.30 28.41 -46.91
N GLN F 188 83.52 29.72 -47.12
CA GLN F 188 83.64 30.24 -48.47
C GLN F 188 85.04 30.10 -49.05
N ASP F 189 86.00 29.56 -48.29
CA ASP F 189 87.39 29.54 -48.72
C ASP F 189 87.54 28.73 -50.00
N GLY F 190 88.38 29.24 -50.90
CA GLY F 190 88.71 28.53 -52.11
C GLY F 190 88.76 29.42 -53.35
N PRO F 191 89.41 28.93 -54.41
CA PRO F 191 89.42 29.68 -55.66
C PRO F 191 88.01 29.84 -56.23
N LYS F 192 87.78 30.99 -56.85
CA LYS F 192 86.54 31.17 -57.59
C LYS F 192 86.59 30.50 -58.96
N ASN F 193 87.75 29.96 -59.35
CA ASN F 193 87.83 29.13 -60.55
C ASN F 193 87.00 27.87 -60.44
N THR F 194 86.65 27.45 -59.22
CA THR F 194 86.29 26.06 -58.97
C THR F 194 85.07 25.96 -58.07
N ALA F 195 84.34 24.85 -58.23
CA ALA F 195 83.11 24.59 -57.48
C ALA F 195 83.36 24.56 -55.99
N ARG F 196 82.54 25.29 -55.21
CA ARG F 196 82.75 25.15 -53.78
C ARG F 196 81.50 25.08 -52.89
N LEU F 197 80.31 25.53 -53.34
CA LEU F 197 79.12 25.46 -52.47
C LEU F 197 77.89 24.73 -53.04
N VAL F 198 77.39 25.17 -54.22
CA VAL F 198 76.05 24.76 -54.65
C VAL F 198 76.10 23.35 -55.23
N ALA F 199 74.98 22.64 -55.08
CA ALA F 199 74.82 21.29 -55.61
C ALA F 199 75.94 20.36 -55.15
N ALA F 200 76.43 20.61 -53.94
CA ALA F 200 77.58 19.88 -53.42
C ALA F 200 77.27 18.40 -53.22
N SER F 201 78.19 17.54 -53.65
CA SER F 201 78.10 16.10 -53.46
C SER F 201 79.03 15.60 -52.37
N HIS F 202 80.29 16.02 -52.42
CA HIS F 202 81.32 15.68 -51.46
C HIS F 202 82.45 16.69 -51.61
N GLY F 203 83.39 16.63 -50.68
CA GLY F 203 84.51 17.55 -50.67
C GLY F 203 85.77 16.80 -51.10
N VAL F 204 86.59 17.45 -51.91
CA VAL F 204 87.87 16.86 -52.29
C VAL F 204 88.97 17.91 -52.15
N MET F 205 90.11 17.49 -51.59
CA MET F 205 91.31 18.30 -51.39
C MET F 205 92.28 18.09 -52.55
N PRO F 206 92.94 19.15 -53.02
CA PRO F 206 93.91 19.00 -54.11
C PRO F 206 95.23 18.40 -53.62
N GLN F 207 96.08 18.08 -54.59
CA GLN F 207 97.41 17.54 -54.34
C GLN F 207 98.44 18.63 -54.61
N ALA F 208 99.34 18.83 -53.65
CA ALA F 208 100.45 19.79 -53.76
C ALA F 208 99.95 21.19 -54.05
N GLY G 11 93.21 -106.29 49.15
CA GLY G 11 94.60 -106.03 48.82
C GLY G 11 95.31 -107.19 48.14
N GLN G 12 96.62 -107.27 48.34
CA GLN G 12 97.43 -108.31 47.72
C GLN G 12 97.01 -109.70 48.21
N LEU G 13 97.47 -110.72 47.49
CA LEU G 13 97.11 -112.10 47.75
C LEU G 13 98.33 -112.89 48.20
N TYR G 14 98.17 -113.74 49.21
CA TYR G 14 99.25 -114.60 49.69
C TYR G 14 98.68 -115.97 50.03
N MET G 15 99.52 -116.88 50.54
CA MET G 15 99.09 -118.25 50.83
C MET G 15 99.01 -118.45 52.34
N GLY G 16 97.78 -118.60 52.84
CA GLY G 16 97.54 -119.02 54.20
C GLY G 16 97.12 -120.48 54.21
N GLN G 17 97.15 -121.07 55.40
CA GLN G 17 96.89 -122.50 55.49
C GLN G 17 95.46 -122.86 55.13
N GLN G 18 94.56 -121.89 55.13
CA GLN G 18 93.20 -122.15 54.65
C GLN G 18 93.18 -122.23 53.12
N GLY G 19 94.15 -121.61 52.47
CA GLY G 19 94.18 -121.46 51.03
C GLY G 19 94.71 -120.10 50.67
N PRO G 20 94.61 -119.70 49.41
CA PRO G 20 94.99 -118.33 49.05
C PRO G 20 94.09 -117.32 49.73
N VAL G 21 94.70 -116.35 50.40
CA VAL G 21 94.00 -115.43 51.30
C VAL G 21 94.43 -114.01 50.99
N GLN G 22 93.47 -113.09 51.10
CA GLN G 22 93.69 -111.68 50.81
C GLN G 22 94.28 -110.99 52.04
N SER G 23 95.39 -110.28 51.83
CA SER G 23 95.99 -109.50 52.91
C SER G 23 95.06 -108.35 53.28
N SER G 24 95.05 -108.01 54.57
CA SER G 24 94.11 -107.00 55.07
C SER G 24 94.77 -106.11 56.11
N ARG G 25 94.39 -104.83 56.10
CA ARG G 25 94.95 -103.82 56.98
C ARG G 25 93.81 -103.22 57.79
N THR G 26 93.85 -103.41 59.12
CA THR G 26 92.74 -102.98 59.97
C THR G 26 93.25 -102.16 61.14
N THR G 27 92.33 -101.37 61.69
CA THR G 27 92.57 -100.56 62.89
C THR G 27 92.19 -101.30 64.15
N PHE G 28 91.88 -102.59 64.04
CA PHE G 28 91.44 -103.39 65.17
C PHE G 28 92.59 -103.63 66.14
N GLY G 29 92.35 -103.36 67.42
CA GLY G 29 93.32 -103.67 68.45
C GLY G 29 94.40 -102.64 68.68
N VAL G 30 94.21 -101.40 68.24
CA VAL G 30 95.17 -100.32 68.46
C VAL G 30 94.51 -99.27 69.33
N ASN G 31 95.05 -99.06 70.53
CA ASN G 31 94.53 -98.08 71.46
C ASN G 31 95.33 -96.79 71.32
N PRO G 32 94.81 -95.77 70.67
CA PRO G 32 95.53 -94.48 70.58
C PRO G 32 95.15 -93.45 71.64
N ASP G 33 94.35 -93.83 72.65
CA ASP G 33 94.01 -92.90 73.73
C ASP G 33 95.26 -92.27 74.31
N ARG G 34 95.16 -90.99 74.65
CA ARG G 34 96.27 -90.24 75.21
C ARG G 34 95.96 -89.78 76.62
N GLN G 35 97.04 -89.55 77.37
CA GLN G 35 96.97 -89.07 78.74
C GLN G 35 97.10 -87.55 78.72
N ALA G 36 96.25 -86.88 79.49
CA ALA G 36 96.23 -85.42 79.50
C ALA G 36 97.54 -84.86 80.03
N ASN G 37 97.94 -83.72 79.46
CA ASN G 37 99.16 -83.03 79.89
C ASN G 37 98.85 -82.26 81.16
N ALA G 38 98.86 -82.99 82.28
CA ALA G 38 98.51 -82.48 83.60
C ALA G 38 99.62 -82.77 84.61
N ARG G 39 100.86 -82.68 84.15
CA ARG G 39 102.01 -83.11 84.93
C ARG G 39 102.88 -81.92 85.30
N PRO G 40 102.93 -81.52 86.57
CA PRO G 40 103.86 -80.45 86.96
C PRO G 40 105.30 -80.86 86.68
N VAL G 41 106.10 -79.90 86.20
CA VAL G 41 107.49 -80.16 85.85
C VAL G 41 108.40 -79.28 86.68
N TYR G 42 109.64 -79.72 86.81
CA TYR G 42 110.63 -78.99 87.58
C TYR G 42 111.02 -77.71 86.86
N LEU G 43 111.10 -76.62 87.62
CA LEU G 43 111.49 -75.32 87.11
C LEU G 43 112.77 -74.90 87.82
N ALA G 44 113.86 -74.80 87.06
CA ALA G 44 115.16 -74.53 87.64
C ALA G 44 115.15 -73.23 88.44
N PRO G 45 115.88 -73.15 89.55
CA PRO G 45 115.92 -71.90 90.34
C PRO G 45 116.85 -70.86 89.76
N ALA G 46 117.59 -71.19 88.70
CA ALA G 46 118.44 -70.24 88.00
C ALA G 46 118.85 -70.88 86.69
N ALA G 47 119.31 -70.03 85.75
CA ALA G 47 119.62 -70.51 84.41
C ALA G 47 121.12 -70.44 84.18
N PRO G 48 121.83 -71.57 84.00
CA PRO G 48 123.29 -71.46 83.78
C PRO G 48 123.64 -71.21 82.33
N MET G 49 124.26 -70.07 82.02
CA MET G 49 124.78 -69.76 80.70
C MET G 49 126.30 -69.88 80.65
N GLU G 50 126.88 -70.90 81.28
CA GLU G 50 128.33 -70.94 81.43
C GLU G 50 129.05 -71.06 80.08
N ASN G 51 128.57 -71.92 79.18
CA ASN G 51 129.26 -72.16 77.92
C ASN G 51 129.41 -70.85 77.12
N THR G 52 128.30 -70.15 76.90
CA THR G 52 128.33 -68.95 76.06
C THR G 52 129.23 -67.87 76.67
N TYR G 53 129.20 -67.70 77.98
CA TYR G 53 129.94 -66.62 78.61
C TYR G 53 131.43 -66.93 78.74
N THR G 54 131.79 -68.19 78.95
CA THR G 54 133.22 -68.54 78.84
C THR G 54 133.74 -68.31 77.43
N TYR G 55 132.93 -68.63 76.40
CA TYR G 55 133.42 -68.29 75.06
C TYR G 55 133.51 -66.78 74.87
N LEU G 56 132.57 -66.02 75.43
CA LEU G 56 132.62 -64.57 75.30
C LEU G 56 133.83 -63.97 76.01
N GLY G 57 134.25 -64.58 77.12
CA GLY G 57 135.52 -64.20 77.71
C GLY G 57 136.69 -64.58 76.83
N SER G 58 136.59 -65.72 76.13
CA SER G 58 137.64 -66.14 75.23
C SER G 58 137.90 -65.12 74.12
N ILE G 59 136.85 -64.66 73.45
CA ILE G 59 137.06 -63.73 72.33
C ILE G 59 137.13 -62.29 72.82
N GLN G 60 137.18 -62.10 74.14
CA GLN G 60 137.27 -60.77 74.75
C GLN G 60 136.03 -59.92 74.46
N PHE G 61 134.86 -60.57 74.38
CA PHE G 61 133.56 -59.91 74.22
C PHE G 61 133.51 -59.04 72.96
N ALA G 62 134.13 -59.52 71.88
CA ALA G 62 134.18 -58.73 70.66
C ALA G 62 134.40 -59.67 69.49
N ALA G 63 133.50 -59.64 68.52
CA ALA G 63 133.71 -60.30 67.23
C ALA G 63 133.40 -59.29 66.14
N GLY G 64 134.43 -58.91 65.39
CA GLY G 64 134.25 -57.91 64.35
C GLY G 64 133.72 -56.60 64.89
N ARG G 65 132.57 -56.18 64.37
CA ARG G 65 131.92 -54.95 64.76
C ARG G 65 130.94 -55.16 65.91
N HIS G 66 130.68 -56.42 66.29
CA HIS G 66 129.77 -56.75 67.37
C HIS G 66 130.56 -56.74 68.68
N ILE G 67 130.24 -55.81 69.56
CA ILE G 67 130.87 -55.77 70.88
C ILE G 67 129.80 -56.15 71.90
N PHE G 68 130.16 -56.99 72.86
CA PHE G 68 129.18 -57.54 73.78
C PHE G 68 129.39 -57.00 75.18
N GLY G 69 128.32 -57.05 75.98
CA GLY G 69 128.42 -56.63 77.36
C GLY G 69 128.92 -57.74 78.25
N GLU G 70 129.57 -57.35 79.36
CA GLU G 70 130.01 -58.29 80.39
C GLU G 70 128.87 -58.55 81.37
N PRO G 71 128.51 -59.81 81.59
CA PRO G 71 127.34 -60.10 82.42
C PRO G 71 127.55 -59.74 83.88
N ALA G 72 126.45 -59.76 84.62
CA ALA G 72 126.54 -59.72 86.07
C ALA G 72 127.01 -61.06 86.63
N SER G 73 126.38 -62.14 86.17
CA SER G 73 126.71 -63.48 86.62
C SER G 73 126.64 -64.43 85.43
N ASN G 74 127.47 -65.48 85.48
CA ASN G 74 127.35 -66.56 84.51
C ASN G 74 126.07 -67.35 84.70
N VAL G 75 125.48 -67.28 85.89
CA VAL G 75 124.24 -67.96 86.21
C VAL G 75 123.19 -66.92 86.53
N LEU G 76 122.04 -66.98 85.82
CA LEU G 76 121.02 -65.94 85.82
C LEU G 76 119.96 -66.23 86.88
N PRO G 77 119.59 -65.21 87.66
CA PRO G 77 118.58 -65.38 88.68
C PRO G 77 117.18 -65.25 88.11
N PRO G 78 116.18 -65.81 88.78
CA PRO G 78 114.81 -65.66 88.31
C PRO G 78 114.36 -64.21 88.33
N GLN G 79 113.49 -63.85 87.38
CA GLN G 79 112.93 -62.51 87.28
C GLN G 79 111.47 -62.42 87.71
N ASN G 80 110.64 -63.41 87.37
CA ASN G 80 109.24 -63.41 87.77
C ASN G 80 108.79 -64.77 88.29
N ILE G 81 109.71 -65.55 88.84
CA ILE G 81 109.43 -66.88 89.34
C ILE G 81 109.58 -66.86 90.85
N VAL G 82 108.62 -67.46 91.54
CA VAL G 82 108.67 -67.50 93.00
C VAL G 82 108.48 -68.94 93.42
N PRO G 83 109.26 -69.43 94.38
CA PRO G 83 109.14 -70.82 94.80
C PRO G 83 107.74 -71.11 95.30
N GLY G 84 107.20 -72.25 94.87
CA GLY G 84 105.89 -72.67 95.31
C GLY G 84 104.74 -72.03 94.57
N VAL G 85 104.99 -71.16 93.60
CA VAL G 85 103.93 -70.56 92.80
C VAL G 85 104.02 -71.13 91.40
N PRO G 86 102.98 -71.79 90.90
CA PRO G 86 103.07 -72.40 89.56
C PRO G 86 102.85 -71.38 88.46
N THR G 87 103.73 -71.41 87.46
CA THR G 87 103.66 -70.49 86.33
C THR G 87 103.82 -71.31 85.05
N LYS G 88 103.26 -70.78 83.97
CA LYS G 88 103.48 -71.34 82.63
C LYS G 88 104.50 -70.52 81.85
N HIS G 89 105.00 -69.44 82.45
CA HIS G 89 106.01 -68.58 81.81
C HIS G 89 106.95 -68.06 82.89
N GLY G 90 108.24 -68.27 82.67
CA GLY G 90 109.27 -67.85 83.62
C GLY G 90 110.48 -67.22 82.96
N GLU G 91 111.03 -66.18 83.56
CA GLU G 91 112.13 -65.45 82.96
C GLU G 91 113.29 -65.35 83.94
N TYR G 92 114.50 -65.50 83.40
CA TYR G 92 115.74 -65.22 84.12
C TYR G 92 116.48 -64.10 83.38
N VAL G 93 117.20 -63.29 84.12
CA VAL G 93 117.82 -62.09 83.53
C VAL G 93 119.04 -61.69 84.33
N THR G 94 120.08 -61.21 83.62
CA THR G 94 121.09 -60.36 84.26
C THR G 94 121.28 -59.10 83.44
N THR G 95 122.17 -58.22 83.88
CA THR G 95 122.40 -56.96 83.17
C THR G 95 123.86 -56.89 82.73
N ASN G 96 124.08 -56.94 81.42
CA ASN G 96 125.40 -56.72 80.83
C ASN G 96 125.81 -55.26 81.03
N THR G 97 127.08 -55.04 81.35
CA THR G 97 127.69 -53.71 81.44
C THR G 97 129.00 -53.69 80.68
N GLY G 98 129.55 -52.49 80.49
CA GLY G 98 130.76 -52.36 79.71
C GLY G 98 131.23 -50.92 79.69
N ASP G 99 132.45 -50.74 79.19
CA ASP G 99 133.08 -49.43 79.12
C ASP G 99 132.37 -48.59 78.06
N ARG G 100 131.81 -47.45 78.49
CA ARG G 100 131.07 -46.55 77.61
C ARG G 100 129.91 -47.27 76.92
N LEU G 101 129.30 -48.22 77.63
CA LEU G 101 128.13 -48.94 77.15
C LEU G 101 126.99 -48.76 78.15
N MET G 102 125.83 -48.33 77.66
CA MET G 102 124.66 -48.29 78.53
C MET G 102 124.22 -49.70 78.86
N ALA G 103 124.11 -50.00 80.15
CA ALA G 103 123.86 -51.37 80.59
C ALA G 103 122.55 -51.89 80.03
N SER G 104 122.54 -53.18 79.66
CA SER G 104 121.45 -53.77 78.91
C SER G 104 121.27 -55.21 79.35
N SER G 105 120.02 -55.63 79.47
CA SER G 105 119.71 -56.93 80.06
C SER G 105 119.85 -58.05 79.03
N THR G 106 120.29 -59.22 79.51
CA THR G 106 120.27 -60.45 78.75
C THR G 106 119.26 -61.40 79.40
N THR G 107 118.42 -62.04 78.56
CA THR G 107 117.19 -62.69 79.02
C THR G 107 117.10 -64.15 78.56
N VAL G 108 116.57 -64.98 79.44
CA VAL G 108 116.36 -66.41 79.18
C VAL G 108 114.91 -66.71 79.57
N THR G 109 114.10 -67.05 78.58
CA THR G 109 112.67 -67.24 78.74
C THR G 109 112.29 -68.71 78.61
N ARG G 110 111.41 -69.19 79.48
CA ARG G 110 110.94 -70.57 79.46
C ARG G 110 109.42 -70.57 79.50
N ASP G 111 108.81 -71.18 78.49
CA ASP G 111 107.36 -71.31 78.38
C ASP G 111 106.99 -72.78 78.43
N VAL G 112 106.12 -73.15 79.37
CA VAL G 112 105.71 -74.54 79.55
C VAL G 112 104.19 -74.58 79.45
N SER G 113 103.67 -75.02 78.29
CA SER G 113 102.23 -75.11 78.08
C SER G 113 101.86 -76.34 77.28
N ASN G 114 100.89 -77.09 77.80
CA ASN G 114 100.25 -78.19 77.05
C ASN G 114 101.26 -79.20 76.52
N GLY G 115 102.21 -79.57 77.36
CA GLY G 115 103.23 -80.54 76.96
C GLY G 115 104.37 -79.99 76.12
N ARG G 116 104.35 -78.70 75.82
CA ARG G 116 105.36 -78.09 74.99
C ARG G 116 106.22 -77.20 75.87
N THR G 117 107.50 -77.54 75.96
CA THR G 117 108.48 -76.75 76.70
C THR G 117 109.33 -75.98 75.69
N LYS G 118 109.51 -74.68 75.89
CA LYS G 118 110.31 -73.87 74.98
C LYS G 118 111.19 -72.89 75.75
N VAL G 119 112.50 -72.95 75.50
CA VAL G 119 113.50 -72.09 76.12
C VAL G 119 114.13 -71.23 75.03
N SER G 120 114.17 -69.91 75.26
CA SER G 120 114.74 -68.95 74.32
C SER G 120 115.78 -68.10 75.05
N ILE G 121 116.87 -67.79 74.35
CA ILE G 121 117.95 -66.97 74.91
C ILE G 121 118.17 -65.78 73.98
N ASP G 122 118.17 -64.57 74.55
CA ASP G 122 118.35 -63.33 73.81
C ASP G 122 119.45 -62.51 74.47
N ILE G 123 120.54 -62.28 73.74
CA ILE G 123 121.66 -61.48 74.22
C ILE G 123 121.85 -60.31 73.27
N PRO G 124 121.97 -59.08 73.78
CA PRO G 124 122.18 -57.92 72.92
C PRO G 124 123.66 -57.70 72.60
N TYR G 125 123.89 -56.83 71.62
CA TYR G 125 125.24 -56.39 71.27
C TYR G 125 125.22 -54.91 70.92
N TYR G 126 126.41 -54.35 70.72
CA TYR G 126 126.58 -52.92 70.48
C TYR G 126 127.52 -52.71 69.29
N ASP G 127 127.49 -51.46 68.80
CA ASP G 127 128.23 -51.02 67.61
C ASP G 127 129.66 -50.69 67.98
N ARG G 128 130.60 -51.61 67.68
CA ARG G 128 131.99 -51.36 68.04
C ARG G 128 132.57 -50.18 67.29
N ASN G 129 132.11 -49.91 66.07
CA ASN G 129 132.57 -48.71 65.37
C ASN G 129 132.27 -47.47 66.18
N ALA G 130 131.04 -47.37 66.72
CA ALA G 130 130.67 -46.24 67.55
C ALA G 130 131.45 -46.22 68.87
N VAL G 131 131.61 -47.39 69.50
CA VAL G 131 132.27 -47.42 70.81
C VAL G 131 133.74 -47.02 70.70
N GLU G 132 134.43 -47.54 69.68
CA GLU G 132 135.84 -47.17 69.50
C GLU G 132 135.99 -45.75 68.98
N THR G 133 135.00 -45.22 68.26
CA THR G 133 135.02 -43.78 67.96
C THR G 133 134.98 -42.96 69.25
N LEU G 134 134.09 -43.35 70.17
CA LEU G 134 134.00 -42.70 71.48
C LEU G 134 135.33 -42.73 72.22
N LYS G 135 135.95 -43.92 72.30
CA LYS G 135 137.21 -44.02 73.02
C LYS G 135 138.31 -43.22 72.33
N ALA G 136 138.41 -43.34 71.00
CA ALA G 136 139.56 -42.82 70.27
C ALA G 136 139.57 -41.29 70.24
N SER G 137 138.43 -40.65 69.96
CA SER G 137 138.41 -39.19 69.94
C SER G 137 137.98 -38.58 71.27
N ALA G 138 137.93 -39.39 72.34
CA ALA G 138 137.72 -38.91 73.71
C ALA G 138 136.40 -38.16 73.85
N ILE G 139 135.33 -38.72 73.30
CA ILE G 139 133.98 -38.18 73.41
C ILE G 139 133.39 -38.71 74.73
N PRO G 140 132.51 -37.97 75.42
CA PRO G 140 132.01 -38.43 76.72
C PRO G 140 130.74 -39.27 76.70
N GLY G 141 130.11 -39.51 75.56
CA GLY G 141 128.85 -40.23 75.54
C GLY G 141 129.01 -41.75 75.65
N ALA G 142 127.87 -42.44 75.62
CA ALA G 142 127.80 -43.89 75.64
C ALA G 142 126.90 -44.38 74.50
N VAL G 143 126.96 -45.69 74.24
CA VAL G 143 126.20 -46.33 73.16
C VAL G 143 125.15 -47.25 73.76
N ALA G 144 123.96 -47.24 73.17
CA ALA G 144 122.87 -48.14 73.47
C ALA G 144 122.95 -49.37 72.58
N PRO G 145 122.32 -50.48 72.98
CA PRO G 145 122.40 -51.70 72.16
C PRO G 145 121.92 -51.46 70.74
N VAL G 146 122.50 -52.21 69.81
CA VAL G 146 122.23 -52.02 68.41
C VAL G 146 121.43 -53.18 67.82
N GLY G 147 121.56 -54.38 68.36
CA GLY G 147 120.75 -55.51 67.96
C GLY G 147 120.91 -56.64 68.95
N SER G 148 120.46 -57.82 68.55
CA SER G 148 120.58 -58.97 69.44
C SER G 148 120.79 -60.24 68.62
N PHE G 149 121.08 -61.32 69.35
CA PHE G 149 121.07 -62.68 68.81
C PHE G 149 120.20 -63.55 69.71
N LYS G 150 119.47 -64.46 69.07
CA LYS G 150 118.47 -65.30 69.74
C LYS G 150 118.61 -66.75 69.32
N VAL G 151 118.43 -67.63 70.30
CA VAL G 151 118.48 -69.08 70.11
C VAL G 151 117.27 -69.70 70.80
N ASN G 152 116.50 -70.49 70.06
CA ASN G 152 115.28 -71.11 70.58
C ASN G 152 115.43 -72.63 70.59
N VAL G 153 114.84 -73.27 71.59
CA VAL G 153 114.87 -74.71 71.73
C VAL G 153 113.49 -75.14 72.22
N GLU G 154 112.95 -76.21 71.64
CA GLU G 154 111.56 -76.57 71.80
C GLU G 154 111.43 -78.08 71.90
N VAL G 155 110.69 -78.56 72.90
CA VAL G 155 110.48 -79.97 73.14
C VAL G 155 108.98 -80.20 73.15
N LEU G 156 108.49 -80.95 72.14
CA LEU G 156 107.07 -81.24 72.01
C LEU G 156 106.85 -82.62 72.64
N GLY G 157 106.49 -82.63 73.92
CA GLY G 157 106.38 -83.87 74.66
C GLY G 157 104.96 -84.19 75.03
N GLY G 158 104.01 -83.64 74.28
CA GLY G 158 102.62 -83.89 74.55
C GLY G 158 102.18 -85.27 74.08
N GLY G 159 101.01 -85.68 74.58
CA GLY G 159 100.36 -86.87 74.06
C GLY G 159 101.09 -88.14 74.40
N VAL G 160 101.31 -88.37 75.69
CA VAL G 160 101.76 -89.68 76.12
C VAL G 160 100.57 -90.63 76.16
N LEU G 161 100.85 -91.91 75.98
CA LEU G 161 99.80 -92.93 75.95
C LEU G 161 99.25 -93.19 77.35
N THR G 162 98.10 -93.89 77.39
CA THR G 162 97.33 -93.98 78.63
C THR G 162 98.01 -94.90 79.65
N GLY G 163 98.63 -95.98 79.17
CA GLY G 163 99.32 -96.90 80.05
C GLY G 163 100.73 -96.49 80.40
N THR G 164 101.12 -95.26 80.11
CA THR G 164 102.45 -94.79 80.46
C THR G 164 102.57 -94.68 81.97
N ASP G 165 103.40 -95.53 82.56
CA ASP G 165 103.57 -95.54 84.00
C ASP G 165 104.18 -94.24 84.49
N ALA G 166 103.83 -93.86 85.71
CA ALA G 166 104.45 -92.69 86.33
C ALA G 166 105.98 -92.80 86.30
N ASN G 167 106.51 -94.00 86.55
CA ASN G 167 107.95 -94.21 86.50
C ASN G 167 108.50 -94.09 85.09
N ALA G 168 107.76 -94.59 84.10
CA ALA G 168 108.24 -94.57 82.72
C ALA G 168 108.23 -93.16 82.13
N GLN G 169 107.49 -92.23 82.72
CA GLN G 169 107.53 -90.86 82.23
C GLN G 169 108.90 -90.23 82.47
N PHE G 170 109.60 -90.70 83.49
CA PHE G 170 110.97 -90.23 83.71
C PHE G 170 111.89 -90.74 82.60
N ALA G 171 111.73 -92.00 82.21
CA ALA G 171 112.50 -92.52 81.10
C ALA G 171 112.24 -91.72 79.83
N LEU G 172 110.97 -91.36 79.61
CA LEU G 172 110.65 -90.53 78.45
C LEU G 172 111.29 -89.16 78.57
N ASP G 173 111.32 -88.62 79.79
CA ASP G 173 112.01 -87.35 80.04
C ASP G 173 113.43 -87.41 79.52
N GLU G 174 114.17 -88.44 79.95
CA GLU G 174 115.58 -88.56 79.56
C GLU G 174 115.71 -88.81 78.05
N LEU G 175 114.77 -89.56 77.45
CA LEU G 175 114.82 -89.74 76.01
C LEU G 175 114.74 -88.41 75.28
N LEU G 176 113.78 -87.56 75.69
CA LEU G 176 113.66 -86.25 75.05
C LEU G 176 114.90 -85.40 75.26
N SER G 177 115.49 -85.45 76.46
CA SER G 177 116.67 -84.63 76.69
C SER G 177 117.85 -85.09 75.81
N ASN G 178 117.96 -86.40 75.57
CA ASN G 178 119.01 -86.88 74.66
C ASN G 178 118.75 -86.48 73.22
N MET G 179 117.49 -86.46 72.80
CA MET G 179 117.17 -85.90 71.49
C MET G 179 117.57 -84.43 71.41
N LEU G 180 117.38 -83.70 72.50
CA LEU G 180 117.82 -82.31 72.58
C LEU G 180 119.31 -82.17 72.30
N MET G 181 120.12 -82.96 73.02
CA MET G 181 121.56 -82.91 72.83
C MET G 181 121.93 -83.23 71.38
N ASP G 182 121.33 -84.29 70.82
CA ASP G 182 121.62 -84.64 69.44
C ASP G 182 121.25 -83.52 68.49
N ALA G 183 120.15 -82.82 68.78
CA ALA G 183 119.69 -81.75 67.89
C ALA G 183 120.66 -80.57 67.91
N ALA G 184 121.13 -80.17 69.08
CA ALA G 184 122.10 -79.07 69.12
C ALA G 184 123.41 -79.47 68.45
N ARG G 185 123.84 -80.72 68.63
CA ARG G 185 125.07 -81.15 67.98
C ARG G 185 124.92 -81.12 66.46
N ILE G 186 123.76 -81.55 65.95
CA ILE G 186 123.51 -81.50 64.50
C ILE G 186 123.41 -80.06 64.04
N ALA G 187 122.93 -79.17 64.91
CA ALA G 187 122.78 -77.77 64.54
C ALA G 187 124.14 -77.10 64.34
N GLN G 188 125.09 -77.36 65.24
CA GLN G 188 126.39 -76.71 65.16
C GLN G 188 127.47 -77.57 64.52
N ASP G 189 127.12 -78.76 64.08
CA ASP G 189 128.09 -79.70 63.53
C ASP G 189 128.76 -79.08 62.32
N GLY G 190 130.06 -79.28 62.22
CA GLY G 190 130.81 -78.81 61.07
C GLY G 190 132.17 -78.27 61.45
N PRO G 191 133.08 -78.19 60.47
CA PRO G 191 134.38 -77.60 60.74
C PRO G 191 134.23 -76.12 61.04
N LYS G 192 135.11 -75.63 61.90
CA LYS G 192 135.18 -74.21 62.23
C LYS G 192 136.02 -73.44 61.23
N ASN G 193 136.57 -74.12 60.21
CA ASN G 193 137.24 -73.45 59.12
C ASN G 193 136.26 -72.81 58.17
N THR G 194 135.00 -73.26 58.17
CA THR G 194 134.03 -72.87 57.15
C THR G 194 132.77 -72.31 57.81
N ALA G 195 132.08 -71.46 57.05
CA ALA G 195 130.88 -70.79 57.54
C ALA G 195 129.78 -71.79 57.85
N ARG G 196 129.11 -71.62 59.00
CA ARG G 196 128.01 -72.54 59.26
C ARG G 196 126.73 -71.97 59.90
N LEU G 197 126.76 -70.80 60.56
CA LEU G 197 125.52 -70.35 61.21
C LEU G 197 124.97 -68.98 60.81
N VAL G 198 125.77 -67.91 60.96
CA VAL G 198 125.23 -66.55 60.87
C VAL G 198 125.11 -66.13 59.43
N ALA G 199 124.20 -65.18 59.18
CA ALA G 199 123.98 -64.62 57.84
C ALA G 199 123.66 -65.70 56.82
N ALA G 200 123.13 -66.83 57.30
CA ALA G 200 122.93 -68.00 56.45
C ALA G 200 121.98 -67.69 55.30
N SER G 201 122.37 -68.14 54.10
CA SER G 201 121.56 -68.01 52.89
C SER G 201 120.98 -69.34 52.45
N HIS G 202 121.81 -70.37 52.39
CA HIS G 202 121.40 -71.73 52.06
C HIS G 202 122.48 -72.67 52.55
N GLY G 203 122.21 -73.97 52.44
CA GLY G 203 123.18 -74.99 52.83
C GLY G 203 123.83 -75.60 51.60
N VAL G 204 125.12 -75.89 51.72
CA VAL G 204 125.83 -76.58 50.64
C VAL G 204 126.72 -77.66 51.24
N MET G 205 126.31 -78.91 51.13
CA MET G 205 127.14 -79.99 51.67
C MET G 205 128.25 -80.33 50.69
N PRO G 206 129.48 -80.56 51.18
CA PRO G 206 130.61 -80.71 50.27
C PRO G 206 130.64 -82.09 49.62
N GLN G 207 131.22 -82.14 48.41
CA GLN G 207 131.29 -83.39 47.66
C GLN G 207 132.23 -84.39 48.33
N ALA G 208 133.37 -83.90 48.80
CA ALA G 208 134.33 -84.73 49.50
C ALA G 208 135.26 -83.83 50.31
N PRO H 20 106.38 -27.00 66.62
CA PRO H 20 106.23 -28.09 67.60
C PRO H 20 107.57 -28.60 68.14
N VAL H 21 107.80 -28.41 69.43
CA VAL H 21 109.03 -28.83 70.09
C VAL H 21 108.79 -30.21 70.71
N GLN H 22 109.62 -31.19 70.35
CA GLN H 22 109.46 -32.56 70.84
C GLN H 22 110.64 -32.95 71.72
N SER H 23 110.37 -33.85 72.67
CA SER H 23 111.40 -34.31 73.60
C SER H 23 111.94 -35.67 73.17
N SER H 24 113.20 -35.94 73.51
CA SER H 24 113.84 -37.17 73.11
C SER H 24 114.91 -37.60 74.11
N ARG H 25 115.30 -38.87 73.98
CA ARG H 25 116.32 -39.51 74.82
C ARG H 25 117.45 -39.97 73.90
N THR H 26 118.62 -39.36 74.06
CA THR H 26 119.69 -39.50 73.10
C THR H 26 120.80 -40.39 73.64
N THR H 27 121.36 -41.21 72.77
CA THR H 27 122.67 -41.81 72.98
C THR H 27 123.51 -41.58 71.74
N PHE H 28 124.82 -41.65 71.90
CA PHE H 28 125.70 -41.47 70.74
C PHE H 28 125.59 -42.66 69.80
N GLY H 29 125.72 -42.38 68.52
CA GLY H 29 125.73 -43.42 67.52
C GLY H 29 124.91 -43.08 66.29
N VAL H 30 124.80 -44.06 65.40
CA VAL H 30 123.93 -44.00 64.23
C VAL H 30 123.32 -45.37 64.08
N ASN H 31 122.07 -45.41 63.61
CA ASN H 31 121.44 -46.66 63.28
C ASN H 31 122.34 -47.44 62.32
N PRO H 32 122.60 -48.72 62.60
CA PRO H 32 123.71 -49.40 61.94
C PRO H 32 123.37 -49.76 60.50
N ASP H 33 124.41 -50.09 59.76
CA ASP H 33 124.25 -50.65 58.43
C ASP H 33 124.36 -52.17 58.55
N ARG H 34 123.27 -52.86 58.26
CA ARG H 34 123.24 -54.31 58.36
C ARG H 34 123.70 -54.95 57.06
N GLN H 35 124.33 -56.11 57.18
CA GLN H 35 124.78 -56.87 56.03
C GLN H 35 123.71 -57.85 55.60
N ALA H 36 123.60 -58.05 54.29
CA ALA H 36 122.61 -58.97 53.75
C ALA H 36 122.95 -60.40 54.13
N ASN H 37 121.92 -61.24 54.22
CA ASN H 37 122.10 -62.64 54.60
C ASN H 37 122.44 -63.50 53.38
N ALA H 38 123.59 -63.21 52.77
CA ALA H 38 124.02 -63.84 51.53
C ALA H 38 125.19 -64.79 51.75
N ARG H 39 125.28 -65.37 52.94
CA ARG H 39 126.43 -66.20 53.30
C ARG H 39 126.03 -67.67 53.26
N PRO H 40 126.43 -68.43 52.25
CA PRO H 40 126.13 -69.87 52.24
C PRO H 40 126.92 -70.59 53.32
N VAL H 41 126.27 -71.61 53.92
CA VAL H 41 126.80 -72.26 55.10
C VAL H 41 127.01 -73.75 54.81
N TYR H 42 127.74 -74.37 55.73
CA TYR H 42 128.05 -75.79 55.65
C TYR H 42 126.82 -76.61 55.98
N LEU H 43 126.72 -77.76 55.31
CA LEU H 43 125.60 -78.67 55.48
C LEU H 43 126.19 -80.06 55.73
N ALA H 44 125.85 -80.65 56.86
CA ALA H 44 126.47 -81.92 57.24
C ALA H 44 126.14 -83.00 56.20
N PRO H 45 127.12 -83.83 55.82
CA PRO H 45 126.83 -84.94 54.88
C PRO H 45 126.11 -86.10 55.53
N ALA H 46 125.85 -86.02 56.83
CA ALA H 46 125.05 -86.99 57.58
C ALA H 46 124.75 -86.40 58.96
N ALA H 47 123.68 -86.92 59.59
CA ALA H 47 123.24 -86.39 60.88
C ALA H 47 123.52 -87.42 61.96
N PRO H 48 124.38 -87.14 62.96
CA PRO H 48 124.60 -88.15 64.01
C PRO H 48 123.54 -88.06 65.08
N MET H 49 122.96 -89.19 65.44
CA MET H 49 121.97 -89.29 66.52
C MET H 49 122.45 -90.28 67.58
N GLU H 50 123.73 -90.21 67.94
CA GLU H 50 124.30 -91.23 68.82
C GLU H 50 123.72 -91.17 70.23
N ASN H 51 123.56 -89.96 70.79
CA ASN H 51 123.10 -89.83 72.17
C ASN H 51 121.74 -90.49 72.39
N THR H 52 120.75 -90.11 71.56
CA THR H 52 119.40 -90.61 71.74
C THR H 52 119.31 -92.11 71.49
N TYR H 53 120.04 -92.63 70.50
CA TYR H 53 119.92 -94.06 70.18
C TYR H 53 120.67 -94.94 71.17
N THR H 54 121.79 -94.47 71.71
CA THR H 54 122.38 -95.20 72.83
C THR H 54 121.44 -95.21 74.03
N TYR H 55 120.75 -94.10 74.30
CA TYR H 55 119.80 -94.17 75.42
C TYR H 55 118.64 -95.11 75.12
N LEU H 56 118.18 -95.14 73.86
CA LEU H 56 117.12 -96.07 73.50
C LEU H 56 117.57 -97.52 73.68
N GLY H 57 118.82 -97.81 73.33
CA GLY H 57 119.38 -99.11 73.67
C GLY H 57 119.39 -99.35 75.17
N SER H 58 119.63 -98.30 75.95
CA SER H 58 119.64 -98.42 77.41
C SER H 58 118.28 -98.90 77.93
N ILE H 59 117.20 -98.24 77.52
CA ILE H 59 115.89 -98.59 78.08
C ILE H 59 115.27 -99.77 77.33
N GLN H 60 116.04 -100.36 76.41
CA GLN H 60 115.59 -101.50 75.61
C GLN H 60 114.37 -101.13 74.76
N PHE H 61 114.36 -99.89 74.26
CA PHE H 61 113.40 -99.41 73.27
C PHE H 61 111.95 -99.49 73.76
N ALA H 62 111.75 -99.26 75.06
CA ALA H 62 110.40 -99.36 75.60
C ALA H 62 110.27 -98.47 76.83
N ALA H 63 109.11 -97.83 76.95
CA ALA H 63 108.80 -97.01 78.11
C ALA H 63 107.30 -96.78 78.14
N GLY H 64 106.68 -97.09 79.28
CA GLY H 64 105.23 -97.01 79.34
C GLY H 64 104.67 -98.05 78.39
N ARG H 65 103.68 -97.66 77.59
CA ARG H 65 103.30 -98.51 76.47
C ARG H 65 103.73 -97.88 75.15
N HIS H 66 104.72 -96.99 75.17
CA HIS H 66 105.45 -96.63 73.98
C HIS H 66 106.54 -97.67 73.72
N ILE H 67 106.54 -98.24 72.51
CA ILE H 67 107.66 -99.06 72.08
C ILE H 67 108.24 -98.44 70.82
N PHE H 68 109.57 -98.42 70.73
CA PHE H 68 110.25 -97.77 69.62
C PHE H 68 110.92 -98.80 68.73
N GLY H 69 111.34 -98.34 67.55
CA GLY H 69 111.99 -99.21 66.59
C GLY H 69 113.50 -99.08 66.64
N GLU H 70 114.17 -100.16 66.29
CA GLU H 70 115.63 -100.13 66.16
C GLU H 70 116.01 -99.48 64.84
N PRO H 71 116.95 -98.53 64.85
CA PRO H 71 117.33 -97.85 63.60
C PRO H 71 118.20 -98.75 62.74
N ALA H 72 118.43 -98.28 61.51
CA ALA H 72 119.42 -98.92 60.68
C ALA H 72 120.82 -98.45 61.04
N SER H 73 120.98 -97.14 61.19
CA SER H 73 122.27 -96.55 61.51
C SER H 73 122.08 -95.51 62.61
N ASN H 74 123.09 -95.42 63.50
CA ASN H 74 123.11 -94.34 64.46
C ASN H 74 123.35 -93.00 63.77
N VAL H 75 123.96 -93.03 62.59
CA VAL H 75 124.18 -91.83 61.79
C VAL H 75 123.30 -91.94 60.56
N LEU H 76 122.42 -90.93 60.38
CA LEU H 76 121.37 -90.83 59.37
C LEU H 76 121.94 -90.26 58.08
N PRO H 77 121.81 -90.98 56.96
CA PRO H 77 122.28 -90.46 55.68
C PRO H 77 121.32 -89.43 55.12
N PRO H 78 121.75 -88.62 54.16
CA PRO H 78 120.84 -87.65 53.54
C PRO H 78 119.93 -88.31 52.51
N GLN H 79 118.67 -87.85 52.48
CA GLN H 79 117.69 -88.39 51.55
C GLN H 79 117.48 -87.53 50.31
N ASN H 80 117.49 -86.20 50.46
CA ASN H 80 117.20 -85.30 49.35
C ASN H 80 118.25 -84.19 49.21
N ILE H 81 119.51 -84.47 49.57
CA ILE H 81 120.55 -83.46 49.53
C ILE H 81 121.62 -83.95 48.56
N VAL H 82 121.63 -83.36 47.38
CA VAL H 82 122.72 -83.63 46.44
C VAL H 82 123.94 -82.81 46.84
N PRO H 83 125.15 -83.34 46.75
CA PRO H 83 126.31 -82.55 47.16
C PRO H 83 126.60 -81.48 46.14
N GLY H 84 127.03 -80.32 46.64
CA GLY H 84 127.33 -79.22 45.77
C GLY H 84 126.11 -78.52 45.22
N VAL H 85 124.92 -78.89 45.67
CA VAL H 85 123.68 -78.28 45.21
C VAL H 85 123.13 -77.45 46.36
N PRO H 86 122.98 -76.15 46.21
CA PRO H 86 122.40 -75.34 47.29
C PRO H 86 120.97 -75.78 47.55
N THR H 87 120.66 -76.02 48.82
CA THR H 87 119.35 -76.46 49.25
C THR H 87 118.99 -75.67 50.49
N LYS H 88 117.78 -75.09 50.52
CA LYS H 88 117.29 -74.38 51.68
C LYS H 88 116.51 -75.29 52.61
N HIS H 89 116.32 -76.55 52.22
CA HIS H 89 115.62 -77.52 53.03
C HIS H 89 116.13 -78.92 52.70
N GLY H 90 116.45 -79.69 53.73
CA GLY H 90 117.03 -81.00 53.53
C GLY H 90 116.67 -81.95 54.66
N GLU H 91 116.71 -83.24 54.34
CA GLU H 91 116.23 -84.25 55.27
C GLU H 91 117.20 -85.42 55.32
N TYR H 92 117.56 -85.85 56.52
CA TYR H 92 118.24 -87.12 56.75
C TYR H 92 117.22 -88.08 57.34
N VAL H 93 117.30 -89.35 56.96
CA VAL H 93 116.27 -90.29 57.39
C VAL H 93 116.87 -91.68 57.48
N THR H 94 116.55 -92.39 58.55
CA THR H 94 116.89 -93.80 58.60
C THR H 94 115.68 -94.62 58.99
N THR H 95 115.67 -95.87 58.56
CA THR H 95 114.49 -96.69 58.71
C THR H 95 114.55 -97.42 60.06
N ASN H 96 113.38 -97.55 60.71
CA ASN H 96 113.22 -98.21 62.00
C ASN H 96 112.54 -99.55 61.73
N THR H 97 113.09 -100.64 62.26
CA THR H 97 112.50 -101.96 62.13
C THR H 97 112.34 -102.56 63.52
N GLY H 98 111.53 -103.62 63.62
CA GLY H 98 111.30 -104.26 64.90
C GLY H 98 110.40 -105.46 64.72
N ASP H 99 110.36 -106.30 65.78
CA ASP H 99 109.55 -107.50 65.78
C ASP H 99 108.08 -107.12 65.82
N ARG H 100 107.34 -107.54 64.79
CA ARG H 100 105.93 -107.19 64.63
C ARG H 100 105.72 -105.69 64.63
N LEU H 101 106.63 -104.97 63.96
CA LEU H 101 106.53 -103.55 63.71
C LEU H 101 106.55 -103.30 62.21
N MET H 102 105.71 -102.37 61.75
CA MET H 102 105.81 -101.93 60.37
C MET H 102 106.94 -100.92 60.26
N ALA H 103 107.85 -101.17 59.33
CA ALA H 103 109.02 -100.29 59.18
C ALA H 103 108.57 -98.83 59.09
N SER H 104 109.23 -97.96 59.86
CA SER H 104 108.84 -96.55 59.92
C SER H 104 110.08 -95.67 60.00
N SER H 105 110.02 -94.52 59.34
CA SER H 105 111.20 -93.70 59.14
C SER H 105 111.32 -92.68 60.28
N THR H 106 112.53 -92.54 60.80
CA THR H 106 112.86 -91.46 61.73
C THR H 106 113.63 -90.39 60.98
N THR H 107 113.27 -89.11 61.22
CA THR H 107 113.60 -88.02 60.31
C THR H 107 114.26 -86.84 61.04
N VAL H 108 115.30 -86.29 60.42
CA VAL H 108 115.98 -85.11 60.91
C VAL H 108 115.94 -84.08 59.79
N THR H 109 115.30 -82.95 60.05
CA THR H 109 115.01 -81.94 59.05
C THR H 109 115.78 -80.65 59.35
N ARG H 110 116.46 -80.12 58.33
CA ARG H 110 117.21 -78.89 58.47
C ARG H 110 116.71 -77.86 57.45
N ASP H 111 116.35 -76.68 57.95
CA ASP H 111 115.88 -75.57 57.13
C ASP H 111 116.84 -74.40 57.34
N VAL H 112 117.55 -74.03 56.30
CA VAL H 112 118.48 -72.91 56.34
C VAL H 112 117.96 -71.84 55.39
N SER H 113 117.47 -70.71 55.92
CA SER H 113 117.00 -69.64 55.04
C SER H 113 116.98 -68.32 55.79
N ASN H 114 117.38 -67.26 55.08
CA ASN H 114 117.27 -65.87 55.54
C ASN H 114 117.91 -65.66 56.91
N GLY H 115 119.08 -66.27 57.11
CA GLY H 115 119.82 -66.15 58.34
C GLY H 115 119.32 -66.99 59.50
N ARG H 116 118.24 -67.74 59.30
CA ARG H 116 117.68 -68.57 60.35
C ARG H 116 117.91 -70.02 59.96
N THR H 117 118.52 -70.78 60.86
CA THR H 117 118.75 -72.20 60.64
C THR H 117 117.98 -72.98 61.72
N LYS H 118 117.26 -74.03 61.31
CA LYS H 118 116.39 -74.76 62.22
C LYS H 118 116.50 -76.26 61.96
N VAL H 119 116.74 -77.02 63.01
CA VAL H 119 116.86 -78.48 62.97
C VAL H 119 115.75 -79.09 63.80
N SER H 120 115.04 -80.05 63.23
CA SER H 120 113.94 -80.75 63.89
C SER H 120 114.16 -82.25 63.82
N ILE H 121 113.83 -82.95 64.90
CA ILE H 121 114.00 -84.40 64.98
C ILE H 121 112.66 -85.03 65.36
N ASP H 122 112.24 -86.03 64.59
CA ASP H 122 110.96 -86.70 64.76
C ASP H 122 111.18 -88.20 64.77
N ILE H 123 110.88 -88.85 65.89
CA ILE H 123 110.98 -90.31 66.02
C ILE H 123 109.61 -90.86 66.36
N PRO H 124 109.16 -91.92 65.68
CA PRO H 124 107.84 -92.49 65.95
C PRO H 124 107.87 -93.58 67.02
N TYR H 125 106.67 -93.83 67.57
CA TYR H 125 106.47 -94.88 68.58
C TYR H 125 105.16 -95.62 68.28
N TYR H 126 105.12 -96.89 68.72
CA TYR H 126 104.01 -97.81 68.51
C TYR H 126 103.36 -98.19 69.84
N ASP H 127 102.16 -98.77 69.72
CA ASP H 127 101.37 -99.26 70.86
C ASP H 127 101.94 -100.58 71.37
N ARG H 128 102.66 -100.49 72.49
CA ARG H 128 103.29 -101.66 73.08
C ARG H 128 102.26 -102.72 73.44
N ASN H 129 101.03 -102.31 73.80
CA ASN H 129 100.00 -103.28 74.15
C ASN H 129 99.62 -104.14 72.95
N ALA H 130 99.44 -103.49 71.79
CA ALA H 130 99.16 -104.22 70.56
C ALA H 130 100.32 -105.12 70.18
N VAL H 131 101.54 -104.58 70.23
CA VAL H 131 102.70 -105.35 69.79
C VAL H 131 102.87 -106.59 70.66
N GLU H 132 102.80 -106.43 71.98
CA GLU H 132 103.04 -107.54 72.89
C GLU H 132 101.88 -108.52 72.89
N THR H 133 100.64 -108.06 72.68
CA THR H 133 99.53 -109.00 72.50
C THR H 133 99.74 -109.86 71.26
N LEU H 134 100.21 -109.24 70.16
CA LEU H 134 100.54 -110.01 68.96
C LEU H 134 101.67 -111.00 69.21
N LYS H 135 102.74 -110.55 69.87
CA LYS H 135 103.87 -111.43 70.15
C LYS H 135 103.47 -112.61 71.03
N ALA H 136 102.83 -112.33 72.17
CA ALA H 136 102.41 -113.40 73.07
C ALA H 136 101.42 -114.34 72.39
N SER H 137 100.52 -113.80 71.58
CA SER H 137 99.57 -114.67 70.91
C SER H 137 100.13 -115.28 69.63
N ALA H 138 101.38 -114.99 69.27
CA ALA H 138 101.97 -115.54 68.05
C ALA H 138 101.10 -115.22 66.84
N ILE H 139 100.72 -113.95 66.72
CA ILE H 139 99.94 -113.47 65.58
C ILE H 139 100.88 -112.78 64.62
N PRO H 140 100.78 -112.99 63.31
CA PRO H 140 101.74 -112.38 62.37
C PRO H 140 101.43 -110.96 61.92
N GLY H 141 100.60 -110.22 62.64
CA GLY H 141 100.33 -108.85 62.25
C GLY H 141 101.50 -107.92 62.54
N ALA H 142 101.67 -106.90 61.71
CA ALA H 142 102.67 -105.85 61.91
C ALA H 142 101.96 -104.54 62.21
N VAL H 143 102.49 -103.78 63.17
CA VAL H 143 101.82 -102.60 63.69
C VAL H 143 102.45 -101.34 63.10
N ALA H 144 101.60 -100.41 62.66
CA ALA H 144 102.02 -99.09 62.23
C ALA H 144 102.17 -98.17 63.44
N PRO H 145 102.95 -97.10 63.31
CA PRO H 145 103.20 -96.22 64.46
C PRO H 145 101.95 -95.51 64.92
N VAL H 146 101.81 -95.40 66.24
CA VAL H 146 100.67 -94.68 66.81
C VAL H 146 100.95 -93.19 66.98
N GLY H 147 102.22 -92.81 67.19
CA GLY H 147 102.50 -91.40 67.33
C GLY H 147 103.98 -91.09 67.15
N SER H 148 104.39 -89.90 67.59
CA SER H 148 105.78 -89.52 67.47
C SER H 148 106.13 -88.50 68.54
N PHE H 149 107.45 -88.32 68.75
CA PHE H 149 108.01 -87.27 69.59
C PHE H 149 108.96 -86.41 68.75
N LYS H 150 108.91 -85.11 69.00
CA LYS H 150 109.62 -84.11 68.19
C LYS H 150 110.36 -83.11 69.07
N VAL H 151 111.54 -82.72 68.58
CA VAL H 151 112.39 -81.73 69.23
C VAL H 151 112.91 -80.76 68.18
N ASN H 152 112.68 -79.46 68.40
CA ASN H 152 113.05 -78.39 67.49
C ASN H 152 114.16 -77.53 68.10
N VAL H 153 115.04 -77.04 67.24
CA VAL H 153 116.16 -76.19 67.64
C VAL H 153 116.35 -75.14 66.55
N GLU H 154 116.54 -73.88 66.95
CA GLU H 154 116.45 -72.78 66.02
C GLU H 154 117.46 -71.70 66.39
N VAL H 155 118.12 -71.15 65.37
CA VAL H 155 119.19 -70.17 65.55
C VAL H 155 118.91 -69.00 64.62
N LEU H 156 118.64 -67.83 65.21
CA LEU H 156 118.34 -66.61 64.47
C LEU H 156 119.63 -65.82 64.31
N GLY H 157 120.37 -66.10 63.25
CA GLY H 157 121.68 -65.52 63.01
C GLY H 157 121.73 -64.39 62.01
N GLY H 158 120.61 -63.77 61.73
CA GLY H 158 120.58 -62.68 60.77
C GLY H 158 120.95 -61.35 61.40
N GLY H 159 121.29 -60.41 60.54
CA GLY H 159 121.50 -59.05 60.97
C GLY H 159 122.93 -58.70 61.28
N VAL H 160 123.89 -59.46 60.75
CA VAL H 160 125.29 -59.18 61.01
C VAL H 160 125.64 -57.80 60.49
N LEU H 161 126.36 -57.04 61.31
CA LEU H 161 126.74 -55.67 60.99
C LEU H 161 127.76 -55.63 59.85
N THR H 162 127.78 -54.50 59.13
CA THR H 162 128.53 -54.43 57.89
C THR H 162 130.04 -54.53 58.11
N GLY H 163 130.54 -53.92 59.19
CA GLY H 163 131.97 -53.99 59.45
C GLY H 163 132.50 -55.40 59.62
N THR H 164 131.67 -56.32 60.11
CA THR H 164 132.10 -57.68 60.44
C THR H 164 132.66 -58.39 59.22
N ASP H 165 133.88 -58.90 59.33
CA ASP H 165 134.49 -59.61 58.21
C ASP H 165 134.32 -61.12 58.39
N ALA H 166 134.92 -61.90 57.50
CA ALA H 166 134.71 -63.34 57.47
C ALA H 166 135.22 -64.00 58.75
N ASN H 167 136.44 -63.64 59.16
CA ASN H 167 137.03 -64.21 60.36
C ASN H 167 136.17 -63.92 61.58
N ALA H 168 135.66 -62.69 61.69
CA ALA H 168 134.76 -62.35 62.78
C ALA H 168 133.48 -63.18 62.74
N GLN H 169 132.95 -63.40 61.53
CA GLN H 169 131.74 -64.21 61.43
C GLN H 169 131.98 -65.63 61.93
N PHE H 170 133.20 -66.16 61.74
CA PHE H 170 133.52 -67.46 62.35
C PHE H 170 133.27 -67.42 63.86
N ALA H 171 133.74 -66.36 64.50
CA ALA H 171 133.57 -66.22 65.95
C ALA H 171 132.09 -66.17 66.31
N LEU H 172 131.31 -65.44 65.52
CA LEU H 172 129.87 -65.40 65.77
C LEU H 172 129.26 -66.79 65.63
N ASP H 173 129.76 -67.58 64.68
CA ASP H 173 129.30 -68.97 64.53
C ASP H 173 129.46 -69.73 65.83
N GLU H 174 130.68 -69.73 66.36
CA GLU H 174 130.91 -70.49 67.59
C GLU H 174 130.14 -69.90 68.77
N LEU H 175 129.92 -68.58 68.78
CA LEU H 175 129.14 -67.97 69.84
C LEU H 175 127.71 -68.50 69.85
N LEU H 176 127.07 -68.53 68.69
CA LEU H 176 125.73 -69.11 68.61
C LEU H 176 125.75 -70.58 68.96
N SER H 177 126.81 -71.30 68.60
CA SER H 177 126.94 -72.69 68.99
C SER H 177 126.87 -72.85 70.51
N ASN H 178 127.62 -72.01 71.23
CA ASN H 178 127.64 -72.13 72.68
C ASN H 178 126.30 -71.71 73.30
N MET H 179 125.63 -70.72 72.71
CA MET H 179 124.29 -70.39 73.17
C MET H 179 123.33 -71.56 72.97
N LEU H 180 123.48 -72.28 71.86
CA LEU H 180 122.73 -73.51 71.64
C LEU H 180 122.93 -74.51 72.77
N MET H 181 124.20 -74.81 73.06
CA MET H 181 124.50 -75.76 74.13
C MET H 181 123.87 -75.32 75.45
N ASP H 182 123.98 -74.03 75.77
CA ASP H 182 123.41 -73.54 77.01
C ASP H 182 121.88 -73.67 77.01
N ALA H 183 121.24 -73.40 75.87
CA ALA H 183 119.80 -73.51 75.82
C ALA H 183 119.35 -74.95 76.05
N ALA H 184 120.05 -75.91 75.44
CA ALA H 184 119.67 -77.31 75.63
C ALA H 184 119.88 -77.76 77.07
N ARG H 185 120.99 -77.31 77.69
CA ARG H 185 121.20 -77.63 79.09
C ARG H 185 120.11 -77.04 79.96
N ILE H 186 119.73 -75.78 79.70
CA ILE H 186 118.68 -75.14 80.49
C ILE H 186 117.34 -75.83 80.28
N ALA H 187 117.14 -76.42 79.10
CA ALA H 187 115.90 -77.13 78.82
C ALA H 187 115.82 -78.42 79.60
N GLN H 188 116.88 -79.25 79.55
CA GLN H 188 116.88 -80.53 80.24
C GLN H 188 117.26 -80.43 81.73
N ASP H 189 117.57 -79.23 82.21
CA ASP H 189 118.12 -79.06 83.54
C ASP H 189 117.14 -79.55 84.60
N GLY H 190 117.68 -80.26 85.60
CA GLY H 190 116.90 -80.72 86.71
C GLY H 190 117.27 -82.10 87.19
N PRO H 191 116.83 -82.45 88.40
CA PRO H 191 117.01 -83.82 88.88
C PRO H 191 116.25 -84.80 88.00
N LYS H 192 116.83 -85.99 87.85
CA LYS H 192 116.11 -87.08 87.21
C LYS H 192 115.12 -87.75 88.17
N ASN H 193 115.07 -87.29 89.42
CA ASN H 193 114.08 -87.77 90.39
C ASN H 193 112.70 -87.19 90.10
N THR H 194 112.63 -86.01 89.50
CA THR H 194 111.38 -85.30 89.33
C THR H 194 111.04 -85.10 87.86
N ALA H 195 109.75 -84.84 87.62
CA ALA H 195 109.24 -84.67 86.27
C ALA H 195 109.79 -83.39 85.65
N ARG H 196 110.27 -83.46 84.40
CA ARG H 196 110.76 -82.21 83.82
C ARG H 196 110.30 -81.93 82.38
N LEU H 197 109.97 -82.93 81.55
CA LEU H 197 109.62 -82.65 80.16
C LEU H 197 108.25 -83.13 79.65
N VAL H 198 107.95 -84.45 79.72
CA VAL H 198 106.82 -85.00 78.97
C VAL H 198 105.52 -84.70 79.70
N ALA H 199 104.44 -84.61 78.93
CA ALA H 199 103.10 -84.30 79.46
C ALA H 199 103.13 -83.06 80.34
N ALA H 200 103.98 -82.10 79.98
CA ALA H 200 104.15 -80.91 80.80
C ALA H 200 102.86 -80.10 80.85
N SER H 201 102.54 -79.59 82.05
CA SER H 201 101.40 -78.69 82.25
C SER H 201 101.81 -77.31 82.71
N HIS H 202 102.74 -77.22 83.65
CA HIS H 202 103.19 -75.96 84.24
C HIS H 202 104.47 -76.23 85.03
N GLY H 203 105.20 -75.16 85.30
CA GLY H 203 106.47 -75.25 86.00
C GLY H 203 106.32 -74.75 87.42
N VAL H 204 107.04 -75.38 88.35
CA VAL H 204 107.05 -74.98 89.75
C VAL H 204 108.48 -75.00 90.25
N MET H 205 108.92 -73.88 90.83
CA MET H 205 110.26 -73.77 91.39
C MET H 205 110.28 -74.40 92.78
N PRO H 206 111.26 -75.24 93.09
CA PRO H 206 111.26 -75.94 94.39
C PRO H 206 111.41 -74.97 95.54
N GLN H 207 110.93 -75.43 96.71
CA GLN H 207 110.95 -74.59 97.90
C GLN H 207 112.34 -74.05 98.19
N ALA H 208 113.35 -74.90 98.04
CA ALA H 208 114.75 -74.49 98.12
C ALA H 208 115.03 -73.65 99.35
N SER I 23 95.60 -91.92 61.30
CA SER I 23 95.09 -93.26 61.62
C SER I 23 96.16 -94.33 61.42
N SER I 24 96.40 -95.13 62.47
CA SER I 24 97.41 -96.17 62.45
C SER I 24 96.74 -97.54 62.43
N ARG I 25 97.16 -98.39 61.48
CA ARG I 25 96.53 -99.67 61.26
C ARG I 25 97.57 -100.77 61.23
N THR I 26 97.26 -101.88 61.91
CA THR I 26 98.08 -103.07 61.81
C THR I 26 97.73 -103.85 60.55
N THR I 27 98.75 -104.34 59.87
CA THR I 27 98.61 -104.96 58.56
C THR I 27 98.98 -106.44 58.63
N PHE I 28 98.15 -107.28 58.02
CA PHE I 28 98.39 -108.71 57.86
C PHE I 28 98.63 -108.97 56.40
N GLY I 29 99.72 -109.64 56.09
CA GLY I 29 100.06 -109.87 54.70
C GLY I 29 100.95 -108.76 54.15
N VAL I 30 100.88 -108.62 52.83
CA VAL I 30 101.73 -107.68 52.11
C VAL I 30 101.23 -106.26 52.29
N ASN I 31 102.15 -105.36 52.59
CA ASN I 31 101.85 -103.93 52.59
C ASN I 31 102.44 -103.31 51.34
N PRO I 32 101.63 -102.88 50.38
CA PRO I 32 102.18 -102.36 49.11
C PRO I 32 102.43 -100.87 49.06
N ASP I 33 102.43 -100.16 50.19
CA ASP I 33 102.67 -98.72 50.17
C ASP I 33 103.99 -98.39 49.48
N ARG I 34 103.94 -97.54 48.47
CA ARG I 34 105.13 -97.10 47.74
C ARG I 34 105.54 -95.69 48.16
N GLN I 35 106.83 -95.43 48.07
CA GLN I 35 107.40 -94.13 48.42
C GLN I 35 107.27 -93.19 47.23
N ALA I 36 106.78 -91.98 47.49
CA ALA I 36 106.59 -90.99 46.44
C ALA I 36 107.91 -90.69 45.72
N ASN I 37 107.82 -90.55 44.40
CA ASN I 37 108.97 -90.32 43.53
C ASN I 37 109.36 -88.84 43.59
N ALA I 38 109.95 -88.44 44.73
CA ALA I 38 110.25 -87.04 45.04
C ALA I 38 111.68 -86.94 45.55
N ARG I 39 112.62 -87.54 44.83
CA ARG I 39 114.02 -87.62 45.24
C ARG I 39 114.91 -87.00 44.17
N PRO I 40 115.60 -85.90 44.45
CA PRO I 40 116.55 -85.35 43.49
C PRO I 40 117.68 -86.32 43.22
N VAL I 41 118.17 -86.32 41.98
CA VAL I 41 119.23 -87.24 41.58
C VAL I 41 120.37 -86.46 40.95
N TYR I 42 121.56 -87.04 41.07
CA TYR I 42 122.77 -86.41 40.56
C TYR I 42 122.72 -86.30 39.04
N LEU I 43 123.19 -85.16 38.53
CA LEU I 43 123.20 -84.86 37.12
C LEU I 43 124.63 -84.53 36.71
N ALA I 44 125.21 -85.37 35.86
CA ALA I 44 126.62 -85.23 35.49
C ALA I 44 126.88 -83.86 34.86
N PRO I 45 128.01 -83.23 35.18
CA PRO I 45 128.31 -81.89 34.60
C PRO I 45 128.70 -81.93 33.14
N ALA I 46 128.87 -83.12 32.58
CA ALA I 46 129.19 -83.30 31.16
C ALA I 46 128.97 -84.76 30.82
N ALA I 47 128.84 -85.03 29.52
CA ALA I 47 128.52 -86.39 29.08
C ALA I 47 129.72 -86.98 28.38
N PRO I 48 130.38 -88.02 28.91
CA PRO I 48 131.52 -88.61 28.18
C PRO I 48 131.05 -89.57 27.09
N MET I 49 131.50 -89.33 25.86
CA MET I 49 131.23 -90.22 24.74
C MET I 49 132.51 -90.86 24.22
N GLU I 50 133.41 -91.27 25.11
CA GLU I 50 134.75 -91.65 24.67
C GLU I 50 134.73 -92.90 23.79
N ASN I 51 133.91 -93.90 24.15
CA ASN I 51 133.93 -95.18 23.43
C ASN I 51 133.56 -94.99 21.95
N THR I 52 132.45 -94.32 21.70
CA THR I 52 131.94 -94.19 20.33
C THR I 52 132.88 -93.35 19.46
N TYR I 53 133.45 -92.28 20.01
CA TYR I 53 134.29 -91.40 19.21
C TYR I 53 135.68 -91.99 18.98
N THR I 54 136.21 -92.74 19.95
CA THR I 54 137.42 -93.49 19.65
C THR I 54 137.18 -94.52 18.55
N TYR I 55 136.03 -95.21 18.58
CA TYR I 55 135.78 -96.16 17.48
C TYR I 55 135.61 -95.44 16.15
N LEU I 56 134.96 -94.26 16.16
CA LEU I 56 134.80 -93.49 14.93
C LEU I 56 136.16 -93.06 14.38
N GLY I 57 137.08 -92.66 15.25
CA GLY I 57 138.45 -92.44 14.82
C GLY I 57 139.08 -93.70 14.25
N SER I 58 138.76 -94.85 14.85
CA SER I 58 139.28 -96.12 14.35
C SER I 58 138.90 -96.35 12.89
N ILE I 59 137.64 -96.13 12.54
CA ILE I 59 137.25 -96.42 11.16
C ILE I 59 137.38 -95.20 10.27
N GLN I 60 138.04 -94.15 10.79
CA GLN I 60 138.27 -92.92 10.02
C GLN I 60 136.96 -92.25 9.63
N PHE I 61 135.97 -92.33 10.52
CA PHE I 61 134.71 -91.60 10.39
C PHE I 61 133.98 -91.94 9.08
N ALA I 62 134.02 -93.20 8.68
CA ALA I 62 133.39 -93.58 7.42
C ALA I 62 133.14 -95.08 7.41
N ALA I 63 131.89 -95.47 7.18
CA ALA I 63 131.52 -96.87 6.98
C ALA I 63 130.57 -96.93 5.80
N GLY I 64 130.96 -97.65 4.76
CA GLY I 64 130.13 -97.77 3.58
C GLY I 64 129.89 -96.43 2.92
N ARG I 65 128.62 -96.12 2.73
CA ARG I 65 128.23 -94.82 2.19
C ARG I 65 127.94 -93.80 3.27
N HIS I 66 128.07 -94.17 4.55
CA HIS I 66 127.88 -93.26 5.66
C HIS I 66 129.20 -92.59 5.98
N ILE I 67 129.23 -91.26 5.94
CA ILE I 67 130.40 -90.52 6.42
C ILE I 67 129.97 -89.70 7.62
N PHE I 68 130.81 -89.68 8.65
CA PHE I 68 130.49 -88.99 9.90
C PHE I 68 131.37 -87.76 10.07
N GLY I 69 130.94 -86.87 10.96
CA GLY I 69 131.71 -85.68 11.23
C GLY I 69 132.59 -85.81 12.47
N GLU I 70 133.62 -84.97 12.53
CA GLU I 70 134.55 -84.98 13.64
C GLU I 70 134.04 -84.10 14.78
N PRO I 71 133.88 -84.61 15.99
CA PRO I 71 133.34 -83.79 17.07
C PRO I 71 134.36 -82.77 17.55
N ALA I 72 133.86 -81.71 18.18
CA ALA I 72 134.76 -80.76 18.81
C ALA I 72 135.37 -81.36 20.08
N SER I 73 134.59 -82.12 20.85
CA SER I 73 135.11 -82.74 22.06
C SER I 73 134.57 -84.16 22.20
N ASN I 74 135.36 -85.00 22.87
CA ASN I 74 134.91 -86.33 23.23
C ASN I 74 133.95 -86.29 24.42
N VAL I 75 134.01 -85.22 25.20
CA VAL I 75 133.11 -85.02 26.34
C VAL I 75 132.25 -83.81 26.02
N LEU I 76 130.92 -83.99 26.13
CA LEU I 76 129.95 -83.01 25.65
C LEU I 76 129.51 -82.11 26.80
N PRO I 77 129.59 -80.79 26.61
CA PRO I 77 129.18 -79.86 27.69
C PRO I 77 127.68 -79.67 27.72
N PRO I 78 127.13 -79.21 28.84
CA PRO I 78 125.68 -79.02 28.90
C PRO I 78 125.26 -77.83 28.06
N GLN I 79 124.11 -77.98 27.39
CA GLN I 79 123.52 -76.90 26.60
C GLN I 79 122.46 -76.13 27.35
N ASN I 80 121.56 -76.82 28.05
CA ASN I 80 120.44 -76.17 28.71
C ASN I 80 120.33 -76.53 30.19
N ILE I 81 121.44 -76.90 30.81
CA ILE I 81 121.48 -77.27 32.22
C ILE I 81 122.32 -76.25 32.96
N VAL I 82 121.78 -75.75 34.08
CA VAL I 82 122.46 -74.76 34.91
C VAL I 82 122.69 -75.40 36.27
N PRO I 83 123.89 -75.28 36.85
CA PRO I 83 124.15 -75.91 38.14
C PRO I 83 123.25 -75.33 39.20
N GLY I 84 122.72 -76.22 40.03
CA GLY I 84 121.88 -75.83 41.14
C GLY I 84 120.43 -75.62 40.78
N VAL I 85 120.07 -75.70 39.50
CA VAL I 85 118.70 -75.50 39.08
C VAL I 85 118.13 -76.86 38.68
N PRO I 86 117.09 -77.34 39.34
CA PRO I 86 116.53 -78.65 38.97
C PRO I 86 115.90 -78.58 37.59
N THR I 87 116.18 -79.60 36.79
CA THR I 87 115.58 -79.72 35.46
C THR I 87 115.14 -81.17 35.27
N LYS I 88 114.09 -81.35 34.49
CA LYS I 88 113.58 -82.69 34.16
C LYS I 88 113.99 -83.11 32.76
N HIS I 89 114.62 -82.21 32.01
CA HIS I 89 115.07 -82.51 30.66
C HIS I 89 116.33 -81.69 30.42
N GLY I 90 117.39 -82.36 30.00
CA GLY I 90 118.67 -81.72 29.78
C GLY I 90 119.37 -82.29 28.57
N GLU I 91 120.24 -81.47 27.99
CA GLU I 91 120.90 -81.86 26.74
C GLU I 91 122.37 -81.44 26.78
N TYR I 92 123.24 -82.37 26.40
CA TYR I 92 124.63 -82.08 26.12
C TYR I 92 124.83 -82.16 24.61
N VAL I 93 125.72 -81.33 24.08
CA VAL I 93 125.80 -81.21 22.62
C VAL I 93 127.20 -80.78 22.22
N THR I 94 127.67 -81.31 21.10
CA THR I 94 128.85 -80.75 20.46
C THR I 94 128.62 -80.64 18.95
N THR I 95 129.60 -80.10 18.24
CA THR I 95 129.46 -79.86 16.80
C THR I 95 130.42 -80.76 16.03
N ASN I 96 129.87 -81.55 15.12
CA ASN I 96 130.66 -82.30 14.16
C ASN I 96 130.89 -81.40 12.95
N THR I 97 132.17 -81.23 12.59
CA THR I 97 132.60 -80.55 11.38
C THR I 97 133.32 -81.55 10.48
N GLY I 98 133.46 -81.19 9.21
CA GLY I 98 134.03 -82.12 8.24
C GLY I 98 134.30 -81.43 6.93
N ASP I 99 135.12 -82.08 6.12
CA ASP I 99 135.49 -81.56 4.81
C ASP I 99 134.30 -81.67 3.85
N ARG I 100 133.93 -80.54 3.24
CA ARG I 100 132.74 -80.43 2.38
C ARG I 100 131.46 -80.73 3.15
N LEU I 101 131.46 -80.46 4.45
CA LEU I 101 130.31 -80.76 5.29
C LEU I 101 129.84 -79.51 6.02
N MET I 102 128.52 -79.45 6.25
CA MET I 102 127.91 -78.40 7.03
C MET I 102 127.84 -78.82 8.50
N ALA I 103 128.27 -77.93 9.39
CA ALA I 103 128.35 -78.25 10.81
C ALA I 103 127.02 -78.81 11.33
N SER I 104 127.10 -79.99 11.97
CA SER I 104 125.89 -80.63 12.49
C SER I 104 126.13 -81.10 13.91
N SER I 105 125.17 -80.82 14.78
CA SER I 105 125.36 -81.08 16.20
C SER I 105 125.04 -82.54 16.54
N THR I 106 125.82 -83.08 17.46
CA THR I 106 125.62 -84.40 18.07
C THR I 106 125.07 -84.21 19.48
N THR I 107 123.96 -84.90 19.80
CA THR I 107 123.16 -84.57 20.98
C THR I 107 122.99 -85.76 21.91
N VAL I 108 123.03 -85.48 23.21
CA VAL I 108 122.85 -86.47 24.26
C VAL I 108 121.77 -85.92 25.20
N THR I 109 120.62 -86.56 25.22
CA THR I 109 119.45 -86.07 25.93
C THR I 109 119.17 -86.94 27.15
N ARG I 110 118.89 -86.30 28.29
CA ARG I 110 118.57 -87.01 29.53
C ARG I 110 117.27 -86.47 30.10
N ASP I 111 116.32 -87.38 30.35
CA ASP I 111 115.02 -87.05 30.90
C ASP I 111 114.87 -87.74 32.25
N VAL I 112 114.51 -86.99 33.27
CA VAL I 112 114.26 -87.53 34.61
C VAL I 112 112.88 -87.09 35.06
N SER I 113 111.97 -88.05 35.27
CA SER I 113 110.61 -87.73 35.66
C SER I 113 109.94 -88.96 36.27
N ASN I 114 109.27 -88.79 37.41
CA ASN I 114 108.41 -89.83 37.99
C ASN I 114 109.15 -91.16 38.17
N GLY I 115 110.41 -91.07 38.59
CA GLY I 115 111.22 -92.26 38.84
C GLY I 115 111.77 -92.94 37.61
N ARG I 116 111.51 -92.38 36.44
CA ARG I 116 111.97 -92.95 35.19
C ARG I 116 113.02 -92.02 34.62
N THR I 117 114.20 -92.57 34.34
CA THR I 117 115.30 -91.79 33.82
C THR I 117 115.73 -92.41 32.49
N LYS I 118 115.90 -91.57 31.46
CA LYS I 118 116.14 -92.04 30.11
C LYS I 118 117.19 -91.18 29.41
N VAL I 119 118.23 -91.84 28.90
CA VAL I 119 119.32 -91.19 28.16
C VAL I 119 119.24 -91.65 26.70
N SER I 120 119.26 -90.69 25.78
CA SER I 120 119.23 -90.94 24.35
C SER I 120 120.41 -90.26 23.68
N ILE I 121 121.00 -90.92 22.68
CA ILE I 121 122.15 -90.39 21.96
C ILE I 121 121.83 -90.39 20.47
N ASP I 122 122.06 -89.25 19.82
CA ASP I 122 121.78 -89.05 18.40
C ASP I 122 123.01 -88.48 17.72
N ILE I 123 123.52 -89.21 16.73
CA ILE I 123 124.64 -88.75 15.91
C ILE I 123 124.24 -88.78 14.45
N PRO I 124 124.44 -87.70 13.70
CA PRO I 124 124.06 -87.69 12.28
C PRO I 124 125.19 -88.15 11.36
N TYR I 125 124.79 -88.54 10.16
CA TYR I 125 125.71 -88.96 9.10
C TYR I 125 125.35 -88.26 7.79
N TYR I 126 126.25 -88.37 6.82
CA TYR I 126 126.13 -87.72 5.53
C TYR I 126 126.36 -88.73 4.40
N ASP I 127 126.00 -88.30 3.19
CA ASP I 127 126.14 -89.10 1.97
C ASP I 127 127.57 -89.05 1.46
N ARG I 128 128.31 -90.14 1.66
CA ARG I 128 129.70 -90.17 1.26
C ARG I 128 129.85 -90.01 -0.25
N ASN I 129 128.88 -90.49 -1.03
CA ASN I 129 128.96 -90.37 -2.48
C ASN I 129 128.90 -88.90 -2.91
N ALA I 130 128.01 -88.14 -2.30
CA ALA I 130 127.99 -86.70 -2.58
C ALA I 130 129.27 -86.03 -2.12
N VAL I 131 129.76 -86.39 -0.92
CA VAL I 131 130.93 -85.70 -0.39
C VAL I 131 132.16 -85.95 -1.27
N GLU I 132 132.42 -87.22 -1.62
CA GLU I 132 133.60 -87.54 -2.41
C GLU I 132 133.42 -87.14 -3.87
N THR I 133 132.18 -87.06 -4.37
CA THR I 133 131.97 -86.54 -5.72
C THR I 133 132.29 -85.06 -5.80
N LEU I 134 131.89 -84.29 -4.78
CA LEU I 134 132.32 -82.90 -4.70
C LEU I 134 133.83 -82.78 -4.63
N LYS I 135 134.45 -83.48 -3.68
CA LYS I 135 135.92 -83.46 -3.56
C LYS I 135 136.57 -83.73 -4.92
N ALA I 136 136.13 -84.78 -5.60
CA ALA I 136 136.74 -85.20 -6.85
C ALA I 136 136.41 -84.26 -8.01
N SER I 137 135.34 -83.48 -7.93
CA SER I 137 134.98 -82.57 -9.00
C SER I 137 135.53 -81.16 -8.81
N ALA I 138 135.99 -80.82 -7.61
CA ALA I 138 136.62 -79.51 -7.34
C ALA I 138 135.65 -78.37 -7.64
N ILE I 139 134.47 -78.48 -7.06
CA ILE I 139 133.33 -77.62 -7.36
C ILE I 139 132.78 -77.13 -6.02
N PRO I 140 132.19 -75.95 -5.96
CA PRO I 140 131.99 -75.29 -4.67
C PRO I 140 131.00 -75.95 -3.68
N GLY I 141 130.22 -76.96 -4.07
CA GLY I 141 129.12 -77.40 -3.22
C GLY I 141 129.55 -77.86 -1.83
N ALA I 142 128.61 -77.77 -0.88
CA ALA I 142 128.70 -78.45 0.42
C ALA I 142 127.37 -79.12 0.77
N VAL I 143 127.43 -80.10 1.68
CA VAL I 143 126.34 -81.04 1.91
C VAL I 143 125.92 -81.02 3.38
N ALA I 144 124.62 -81.21 3.59
CA ALA I 144 123.96 -81.30 4.88
C ALA I 144 123.73 -82.76 5.26
N PRO I 145 123.39 -83.04 6.53
CA PRO I 145 123.17 -84.45 6.93
C PRO I 145 122.02 -85.11 6.20
N VAL I 146 122.13 -86.43 6.08
CA VAL I 146 121.13 -87.24 5.40
C VAL I 146 120.27 -88.02 6.38
N GLY I 147 120.79 -88.33 7.57
CA GLY I 147 120.03 -89.06 8.56
C GLY I 147 120.84 -89.16 9.84
N SER I 148 120.39 -90.03 10.73
CA SER I 148 121.04 -90.16 12.01
C SER I 148 120.91 -91.59 12.52
N PHE I 149 121.71 -91.89 13.54
CA PHE I 149 121.57 -93.11 14.32
C PHE I 149 121.35 -92.73 15.78
N LYS I 150 120.45 -93.48 16.43
CA LYS I 150 120.00 -93.19 17.78
C LYS I 150 120.03 -94.44 18.65
N VAL I 151 120.36 -94.21 19.92
CA VAL I 151 120.41 -95.27 20.92
C VAL I 151 119.77 -94.74 22.20
N ASN I 152 118.78 -95.49 22.73
CA ASN I 152 118.04 -95.12 23.93
C ASN I 152 118.33 -96.10 25.06
N VAL I 153 118.32 -95.59 26.29
CA VAL I 153 118.56 -96.38 27.48
C VAL I 153 117.65 -95.83 28.58
N GLU I 154 116.94 -96.72 29.28
CA GLU I 154 115.81 -96.32 30.11
C GLU I 154 115.77 -97.15 31.39
N VAL I 155 115.57 -96.48 32.53
CA VAL I 155 115.59 -97.11 33.85
C VAL I 155 114.31 -96.72 34.57
N LEU I 156 113.51 -97.73 34.93
CA LEU I 156 112.20 -97.51 35.56
C LEU I 156 112.35 -97.75 37.05
N GLY I 157 112.78 -96.71 37.76
CA GLY I 157 113.11 -96.80 39.17
C GLY I 157 112.01 -96.40 40.13
N GLY I 158 110.79 -96.23 39.62
CA GLY I 158 109.69 -95.85 40.47
C GLY I 158 109.18 -97.01 41.30
N GLY I 159 108.48 -96.67 42.37
CA GLY I 159 107.81 -97.67 43.17
C GLY I 159 108.59 -98.16 44.36
N VAL I 160 109.48 -97.33 44.91
CA VAL I 160 110.26 -97.75 46.06
C VAL I 160 109.33 -97.93 47.25
N LEU I 161 109.51 -99.02 47.99
CA LEU I 161 108.64 -99.35 49.10
C LEU I 161 108.87 -98.42 50.28
N THR I 162 107.95 -98.47 51.24
CA THR I 162 107.98 -97.50 52.34
C THR I 162 109.17 -97.70 53.25
N GLY I 163 109.50 -98.96 53.54
CA GLY I 163 110.55 -99.24 54.50
C GLY I 163 111.92 -98.76 54.07
N THR I 164 112.14 -98.61 52.77
CA THR I 164 113.45 -98.30 52.25
C THR I 164 113.93 -96.93 52.74
N ASP I 165 115.11 -96.90 53.34
CA ASP I 165 115.75 -95.66 53.72
C ASP I 165 116.77 -95.26 52.67
N ALA I 166 117.50 -94.18 52.96
CA ALA I 166 118.38 -93.58 51.96
C ALA I 166 119.53 -94.52 51.59
N ASN I 167 120.17 -95.14 52.60
CA ASN I 167 121.26 -96.08 52.35
C ASN I 167 120.81 -97.23 51.44
N ALA I 168 119.67 -97.82 51.77
CA ALA I 168 119.09 -98.87 50.94
C ALA I 168 118.81 -98.38 49.53
N GLN I 169 118.37 -97.13 49.39
CA GLN I 169 118.12 -96.58 48.07
C GLN I 169 119.40 -96.49 47.26
N PHE I 170 120.52 -96.17 47.92
CA PHE I 170 121.81 -96.23 47.22
C PHE I 170 122.07 -97.64 46.70
N ALA I 171 121.79 -98.63 47.55
CA ALA I 171 121.99 -100.02 47.11
C ALA I 171 121.14 -100.31 45.88
N LEU I 172 119.91 -99.81 45.87
CA LEU I 172 119.03 -100.03 44.72
C LEU I 172 119.54 -99.30 43.48
N ASP I 173 120.11 -98.11 43.69
CA ASP I 173 120.77 -97.38 42.61
C ASP I 173 121.79 -98.27 41.90
N GLU I 174 122.68 -98.87 42.69
CA GLU I 174 123.72 -99.69 42.09
C GLU I 174 123.14 -100.96 41.46
N LEU I 175 122.08 -101.51 42.06
CA LEU I 175 121.42 -102.68 41.46
C LEU I 175 120.93 -102.37 40.04
N LEU I 176 120.23 -101.24 39.90
CA LEU I 176 119.74 -100.86 38.58
C LEU I 176 120.88 -100.62 37.61
N SER I 177 121.95 -99.96 38.07
CA SER I 177 123.06 -99.72 37.15
C SER I 177 123.68 -101.04 36.66
N ASN I 178 123.74 -102.05 37.53
CA ASN I 178 124.24 -103.35 37.10
C ASN I 178 123.31 -104.02 36.10
N MET I 179 122.00 -103.89 36.30
CA MET I 179 121.07 -104.39 35.28
C MET I 179 121.25 -103.65 33.96
N LEU I 180 121.56 -102.37 34.02
CA LEU I 180 121.88 -101.59 32.82
C LEU I 180 123.04 -102.21 32.06
N MET I 181 124.14 -102.46 32.77
CA MET I 181 125.31 -103.07 32.14
C MET I 181 124.97 -104.42 31.52
N ASP I 182 124.22 -105.25 32.26
CA ASP I 182 123.80 -106.54 31.72
C ASP I 182 123.00 -106.37 30.44
N ALA I 183 122.08 -105.40 30.42
CA ALA I 183 121.23 -105.20 29.26
C ALA I 183 122.05 -104.76 28.04
N ALA I 184 122.99 -103.84 28.24
CA ALA I 184 123.83 -103.42 27.12
C ALA I 184 124.67 -104.56 26.58
N ARG I 185 125.25 -105.38 27.48
CA ARG I 185 126.02 -106.52 27.02
C ARG I 185 125.16 -107.52 26.26
N ILE I 186 123.93 -107.75 26.73
CA ILE I 186 123.03 -108.69 26.05
C ILE I 186 122.60 -108.14 24.70
N ALA I 187 122.52 -106.82 24.57
CA ALA I 187 122.15 -106.22 23.30
C ALA I 187 123.28 -106.35 22.28
N GLN I 188 124.50 -106.01 22.68
CA GLN I 188 125.63 -106.08 21.75
C GLN I 188 126.25 -107.47 21.64
N ASP I 189 125.75 -108.44 22.40
CA ASP I 189 126.37 -109.76 22.46
C ASP I 189 126.39 -110.41 21.08
N GLY I 190 127.51 -111.06 20.77
CA GLY I 190 127.63 -111.82 19.55
C GLY I 190 128.95 -111.65 18.85
N PRO I 191 129.28 -112.58 17.95
CA PRO I 191 130.51 -112.44 17.15
C PRO I 191 130.46 -111.19 16.29
N LYS I 192 131.62 -110.56 16.11
CA LYS I 192 131.74 -109.48 15.15
C LYS I 192 131.87 -110.00 13.73
N ASN I 193 131.99 -111.32 13.54
CA ASN I 193 131.93 -111.91 12.21
C ASN I 193 130.58 -111.69 11.55
N THR I 194 129.54 -111.40 12.33
CA THR I 194 128.17 -111.64 11.89
C THR I 194 127.25 -110.47 12.24
N ALA I 195 126.20 -110.32 11.44
CA ALA I 195 125.24 -109.23 11.58
C ALA I 195 124.56 -109.27 12.95
N ARG I 196 124.51 -108.13 13.64
CA ARG I 196 123.78 -108.18 14.90
C ARG I 196 122.89 -106.97 15.24
N LEU I 197 123.10 -105.77 14.66
CA LEU I 197 122.24 -104.63 14.99
C LEU I 197 121.53 -103.92 13.82
N VAL I 198 122.30 -103.43 12.82
CA VAL I 198 121.75 -102.47 11.86
C VAL I 198 120.89 -103.21 10.84
N ALA I 199 119.88 -102.49 10.31
CA ALA I 199 118.99 -103.01 9.28
C ALA I 199 118.37 -104.34 9.67
N ALA I 200 118.14 -104.51 10.97
CA ALA I 200 117.66 -105.78 11.50
C ALA I 200 116.26 -106.11 11.00
N SER I 201 116.06 -107.37 10.58
CA SER I 201 114.77 -107.88 10.15
C SER I 201 114.14 -108.77 11.21
N HIS I 202 114.91 -109.73 11.72
CA HIS I 202 114.48 -110.67 12.74
C HIS I 202 115.74 -111.25 13.37
N GLY I 203 115.55 -111.99 14.44
CA GLY I 203 116.65 -112.61 15.17
C GLY I 203 116.64 -114.10 14.91
N VAL I 204 117.82 -114.68 14.72
CA VAL I 204 117.95 -116.12 14.56
C VAL I 204 119.08 -116.62 15.45
N MET I 205 118.83 -117.74 16.14
CA MET I 205 119.78 -118.44 17.00
C MET I 205 120.48 -119.56 16.22
N PRO I 206 121.78 -119.76 16.44
CA PRO I 206 122.50 -120.83 15.75
C PRO I 206 122.20 -122.20 16.36
N GLN I 207 122.67 -123.22 15.65
CA GLN I 207 122.54 -124.61 16.08
C GLN I 207 123.89 -125.10 16.61
N ALA I 208 123.87 -125.69 17.80
CA ALA I 208 125.06 -126.28 18.43
C ALA I 208 126.19 -125.27 18.58
N GLY J 11 39.09 -51.14 101.92
CA GLY J 11 39.48 -49.89 102.53
C GLY J 11 40.99 -49.70 102.64
N GLN J 12 41.40 -48.95 103.66
CA GLN J 12 42.83 -48.64 103.86
C GLN J 12 43.62 -49.91 104.14
N LEU J 13 44.94 -49.79 104.03
CA LEU J 13 45.85 -50.92 104.18
C LEU J 13 46.72 -50.72 105.43
N TYR J 14 46.93 -51.79 106.19
CA TYR J 14 47.80 -51.75 107.36
C TYR J 14 48.60 -53.05 107.44
N MET J 15 49.42 -53.21 108.48
CA MET J 15 50.28 -54.38 108.61
C MET J 15 49.76 -55.30 109.71
N GLY J 16 49.25 -56.46 109.31
CA GLY J 16 48.92 -57.53 110.22
C GLY J 16 49.99 -58.60 110.15
N GLN J 17 49.96 -59.49 111.15
CA GLN J 17 51.04 -60.48 111.24
C GLN J 17 51.01 -61.48 110.09
N GLN J 18 49.90 -61.57 109.37
CA GLN J 18 49.88 -62.39 108.17
C GLN J 18 50.61 -61.70 107.02
N GLY J 19 50.70 -60.37 107.08
CA GLY J 19 51.23 -59.57 106.00
C GLY J 19 50.41 -58.29 105.90
N PRO J 20 50.61 -57.51 104.83
CA PRO J 20 49.76 -56.34 104.62
C PRO J 20 48.31 -56.76 104.41
N VAL J 21 47.42 -56.15 105.18
CA VAL J 21 46.02 -56.58 105.27
C VAL J 21 45.11 -55.37 105.13
N GLN J 22 43.98 -55.59 104.47
CA GLN J 22 43.02 -54.53 104.20
C GLN J 22 42.09 -54.36 105.40
N SER J 23 41.96 -53.13 105.88
CA SER J 23 41.05 -52.84 106.96
C SER J 23 39.61 -53.03 106.49
N SER J 24 38.75 -53.50 107.40
CA SER J 24 37.38 -53.84 107.02
C SER J 24 36.40 -53.42 108.12
N ARG J 25 35.21 -53.01 107.69
CA ARG J 25 34.17 -52.51 108.57
C ARG J 25 32.92 -53.37 108.37
N THR J 26 32.51 -54.10 109.40
CA THR J 26 31.42 -55.06 109.27
C THR J 26 30.37 -54.85 110.36
N THR J 27 29.17 -55.32 110.06
CA THR J 27 28.06 -55.32 111.01
C THR J 27 27.99 -56.61 111.81
N PHE J 28 29.01 -57.45 111.70
CA PHE J 28 29.03 -58.74 112.37
C PHE J 28 29.19 -58.56 113.88
N GLY J 29 28.31 -59.21 114.64
CA GLY J 29 28.43 -59.24 116.08
C GLY J 29 27.85 -58.05 116.82
N VAL J 30 26.94 -57.30 116.19
CA VAL J 30 26.28 -56.17 116.83
C VAL J 30 24.79 -56.48 116.91
N ASN J 31 24.27 -56.60 118.14
CA ASN J 31 22.85 -56.90 118.36
C ASN J 31 22.12 -55.59 118.61
N PRO J 32 21.37 -55.07 117.64
CA PRO J 32 20.59 -53.84 117.86
C PRO J 32 19.14 -54.07 118.27
N ASP J 33 18.74 -55.32 118.56
CA ASP J 33 17.38 -55.59 119.02
C ASP J 33 17.02 -54.68 120.18
N ARG J 34 15.76 -54.24 120.21
CA ARG J 34 15.27 -53.35 121.25
C ARG J 34 14.15 -54.02 122.04
N GLN J 35 13.99 -53.53 123.26
CA GLN J 35 12.97 -54.00 124.19
C GLN J 35 11.76 -53.08 124.06
N ALA J 36 10.57 -53.68 123.98
CA ALA J 36 9.36 -52.92 123.77
C ALA J 36 9.09 -51.98 124.95
N ASN J 37 8.52 -50.82 124.63
CA ASN J 37 8.18 -49.83 125.65
C ASN J 37 6.86 -50.25 126.30
N ALA J 38 6.97 -51.19 127.24
CA ALA J 38 5.85 -51.82 127.93
C ALA J 38 6.02 -51.71 129.45
N ARG J 39 6.57 -50.60 129.90
CA ARG J 39 6.97 -50.42 131.29
C ARG J 39 6.10 -49.37 131.97
N PRO J 40 5.23 -49.76 132.89
CA PRO J 40 4.48 -48.74 133.65
C PRO J 40 5.42 -47.83 134.43
N VAL J 41 5.11 -46.53 134.46
CA VAL J 41 5.95 -45.56 135.14
C VAL J 41 5.15 -44.88 136.23
N TYR J 42 5.87 -44.33 137.19
CA TYR J 42 5.26 -43.64 138.31
C TYR J 42 4.64 -42.33 137.86
N LEU J 43 3.43 -42.07 138.32
CA LEU J 43 2.69 -40.85 138.02
C LEU J 43 2.46 -40.10 139.33
N ALA J 44 3.07 -38.93 139.45
CA ALA J 44 3.04 -38.19 140.71
C ALA J 44 1.60 -37.88 141.11
N PRO J 45 1.29 -37.91 142.42
CA PRO J 45 -0.08 -37.59 142.85
C PRO J 45 -0.39 -36.11 142.88
N ALA J 46 0.60 -35.26 142.61
CA ALA J 46 0.40 -33.82 142.51
C ALA J 46 1.65 -33.22 141.88
N ALA J 47 1.51 -32.00 141.38
CA ALA J 47 2.60 -31.38 140.62
C ALA J 47 3.15 -30.20 141.43
N PRO J 48 4.41 -30.23 141.89
CA PRO J 48 4.90 -29.07 142.67
C PRO J 48 5.45 -27.98 141.77
N MET J 49 4.84 -26.79 141.80
CA MET J 49 5.35 -25.61 141.10
C MET J 49 5.97 -24.61 142.07
N GLU J 50 6.74 -25.08 143.05
CA GLU J 50 7.20 -24.18 144.11
C GLU J 50 8.13 -23.09 143.59
N ASN J 51 9.08 -23.44 142.72
CA ASN J 51 10.07 -22.46 142.25
C ASN J 51 9.39 -21.27 141.59
N THR J 52 8.53 -21.53 140.60
CA THR J 52 7.91 -20.46 139.83
C THR J 52 7.03 -19.56 140.71
N TYR J 53 6.30 -20.16 141.66
CA TYR J 53 5.38 -19.36 142.46
C TYR J 53 6.08 -18.59 143.58
N THR J 54 7.17 -19.11 144.14
CA THR J 54 7.97 -18.28 145.03
C THR J 54 8.58 -17.09 144.27
N TYR J 55 9.02 -17.30 143.02
CA TYR J 55 9.50 -16.14 142.29
C TYR J 55 8.36 -15.15 142.00
N LEU J 56 7.16 -15.68 141.72
CA LEU J 56 6.03 -14.80 141.45
C LEU J 56 5.62 -14.00 142.68
N GLY J 57 5.78 -14.59 143.88
CA GLY J 57 5.62 -13.82 145.09
C GLY J 57 6.73 -12.78 145.24
N SER J 58 7.94 -13.12 144.80
CA SER J 58 9.06 -12.17 144.87
C SER J 58 8.77 -10.91 144.07
N ILE J 59 8.33 -11.04 142.82
CA ILE J 59 8.12 -9.85 142.00
C ILE J 59 6.74 -9.27 142.21
N GLN J 60 6.01 -9.78 143.21
CA GLN J 60 4.67 -9.32 143.55
C GLN J 60 3.67 -9.56 142.40
N PHE J 61 3.85 -10.67 141.68
CA PHE J 61 2.94 -11.11 140.62
C PHE J 61 2.75 -10.06 139.53
N ALA J 62 3.84 -9.36 139.19
CA ALA J 62 3.74 -8.31 138.21
C ALA J 62 5.11 -8.06 137.60
N ALA J 63 5.20 -8.19 136.28
CA ALA J 63 6.39 -7.76 135.55
C ALA J 63 5.93 -6.89 134.38
N GLY J 64 6.28 -5.61 134.44
CA GLY J 64 5.85 -4.69 133.41
C GLY J 64 4.34 -4.60 133.30
N ARG J 65 3.84 -4.90 132.11
CA ARG J 65 2.42 -4.89 131.82
C ARG J 65 1.76 -6.24 132.07
N HIS J 66 2.56 -7.28 132.35
CA HIS J 66 2.05 -8.61 132.62
C HIS J 66 1.74 -8.72 134.10
N ILE J 67 0.46 -8.87 134.43
CA ILE J 67 0.06 -9.09 135.82
C ILE J 67 -0.43 -10.52 135.94
N PHE J 68 -0.04 -11.20 137.00
CA PHE J 68 -0.32 -12.62 137.13
C PHE J 68 -1.31 -12.88 138.25
N GLY J 69 -1.98 -14.03 138.16
CA GLY J 69 -2.90 -14.41 139.20
C GLY J 69 -2.20 -15.12 140.34
N GLU J 70 -2.80 -15.02 141.54
CA GLU J 70 -2.32 -15.73 142.72
C GLU J 70 -2.91 -17.13 142.74
N PRO J 71 -2.09 -18.17 142.85
CA PRO J 71 -2.59 -19.54 142.75
C PRO J 71 -3.47 -19.91 143.93
N ALA J 72 -4.15 -21.04 143.77
CA ALA J 72 -4.80 -21.68 144.91
C ALA J 72 -3.77 -22.35 145.81
N SER J 73 -2.88 -23.14 145.21
CA SER J 73 -1.85 -23.86 145.93
C SER J 73 -0.56 -23.82 145.14
N ASN J 74 0.57 -23.85 145.85
CA ASN J 74 1.86 -24.02 145.19
C ASN J 74 2.00 -25.41 144.61
N VAL J 75 1.23 -26.38 145.11
CA VAL J 75 1.24 -27.75 144.63
C VAL J 75 -0.13 -28.07 144.05
N LEU J 76 -0.14 -28.53 142.78
CA LEU J 76 -1.36 -28.67 141.98
C LEU J 76 -1.94 -30.06 142.12
N PRO J 77 -3.25 -30.16 142.32
CA PRO J 77 -3.90 -31.46 142.47
C PRO J 77 -4.21 -32.05 141.11
N PRO J 78 -4.39 -33.36 141.04
CA PRO J 78 -4.77 -34.00 139.77
C PRO J 78 -6.14 -33.53 139.30
N GLN J 79 -6.30 -33.47 137.97
CA GLN J 79 -7.56 -33.07 137.36
C GLN J 79 -8.31 -34.24 136.73
N ASN J 80 -7.61 -35.16 136.07
CA ASN J 80 -8.27 -36.32 135.45
C ASN J 80 -7.52 -37.61 135.72
N ILE J 81 -6.80 -37.67 136.85
CA ILE J 81 -6.01 -38.83 137.21
C ILE J 81 -6.63 -39.47 138.44
N VAL J 82 -6.77 -40.78 138.41
CA VAL J 82 -7.36 -41.50 139.54
C VAL J 82 -6.40 -42.61 139.93
N PRO J 83 -6.16 -42.81 141.22
CA PRO J 83 -5.22 -43.86 141.64
C PRO J 83 -5.68 -45.21 141.15
N GLY J 84 -4.72 -45.97 140.63
CA GLY J 84 -5.00 -47.31 140.16
C GLY J 84 -5.59 -47.40 138.78
N VAL J 85 -5.80 -46.28 138.09
CA VAL J 85 -6.31 -46.27 136.73
C VAL J 85 -5.18 -45.82 135.82
N PRO J 86 -4.76 -46.64 134.85
CA PRO J 86 -3.63 -46.24 134.00
C PRO J 86 -4.07 -45.30 132.89
N THR J 87 -3.32 -44.22 132.71
CA THR J 87 -3.60 -43.21 131.70
C THR J 87 -2.31 -42.91 130.96
N LYS J 88 -2.46 -42.47 129.72
CA LYS J 88 -1.34 -41.96 128.93
C LYS J 88 -1.33 -40.44 128.90
N HIS J 89 -2.32 -39.80 129.52
CA HIS J 89 -2.43 -38.36 129.59
C HIS J 89 -3.02 -37.96 130.93
N GLY J 90 -2.30 -37.08 131.65
CA GLY J 90 -2.74 -36.63 132.96
C GLY J 90 -2.56 -35.14 133.16
N GLU J 91 -3.51 -34.50 133.83
CA GLU J 91 -3.48 -33.05 134.00
C GLU J 91 -3.60 -32.69 135.48
N TYR J 92 -2.83 -31.69 135.88
CA TYR J 92 -2.97 -31.04 137.18
C TYR J 92 -3.33 -29.58 136.95
N VAL J 93 -4.10 -29.01 137.87
CA VAL J 93 -4.63 -27.66 137.66
C VAL J 93 -4.90 -26.99 139.01
N THR J 94 -4.64 -25.68 139.08
CA THR J 94 -5.29 -24.85 140.11
C THR J 94 -5.91 -23.64 139.44
N THR J 95 -6.54 -22.77 140.23
CA THR J 95 -7.20 -21.59 139.68
C THR J 95 -6.58 -20.34 140.29
N ASN J 96 -5.89 -19.56 139.45
CA ASN J 96 -5.38 -18.26 139.84
C ASN J 96 -6.53 -17.29 140.06
N THR J 97 -6.43 -16.46 141.10
CA THR J 97 -7.38 -15.38 141.39
C THR J 97 -6.62 -14.09 141.65
N GLY J 98 -7.35 -12.98 141.70
CA GLY J 98 -6.71 -11.69 141.90
C GLY J 98 -7.74 -10.59 141.99
N ASP J 99 -7.25 -9.42 142.40
CA ASP J 99 -8.11 -8.25 142.56
C ASP J 99 -8.59 -7.76 141.20
N ARG J 100 -9.91 -7.74 141.01
CA ARG J 100 -10.52 -7.33 139.74
C ARG J 100 -10.00 -8.17 138.57
N LEU J 101 -9.74 -9.44 138.83
CA LEU J 101 -9.31 -10.40 137.81
C LEU J 101 -10.29 -11.56 137.80
N MET J 102 -10.81 -11.88 136.62
CA MET J 102 -11.63 -13.08 136.50
C MET J 102 -10.73 -14.31 136.66
N ALA J 103 -11.09 -15.18 137.60
CA ALA J 103 -10.24 -16.31 137.94
C ALA J 103 -9.99 -17.21 136.74
N SER J 104 -8.76 -17.72 136.64
CA SER J 104 -8.31 -18.41 135.45
C SER J 104 -7.36 -19.53 135.85
N SER J 105 -7.48 -20.68 135.19
CA SER J 105 -6.76 -21.87 135.59
C SER J 105 -5.32 -21.87 135.08
N THR J 106 -4.42 -22.43 135.87
CA THR J 106 -3.06 -22.73 135.46
C THR J 106 -2.89 -24.25 135.41
N THR J 107 -2.27 -24.75 134.33
CA THR J 107 -2.35 -26.16 133.97
C THR J 107 -0.97 -26.78 133.76
N VAL J 108 -0.84 -28.03 134.19
CA VAL J 108 0.40 -28.82 134.05
C VAL J 108 0.00 -30.15 133.44
N THR J 109 0.44 -30.40 132.21
CA THR J 109 0.04 -31.56 131.43
C THR J 109 1.21 -32.53 131.29
N ARG J 110 0.92 -33.83 131.43
CA ARG J 110 1.92 -34.88 131.30
C ARG J 110 1.40 -35.95 130.34
N ASP J 111 2.15 -36.19 129.27
CA ASP J 111 1.82 -37.19 128.26
C ASP J 111 2.90 -38.26 128.27
N VAL J 112 2.50 -39.51 128.45
CA VAL J 112 3.44 -40.62 128.51
C VAL J 112 3.01 -41.64 127.45
N SER J 113 3.71 -41.66 126.31
CA SER J 113 3.39 -42.58 125.22
C SER J 113 4.65 -43.10 124.54
N ASN J 114 4.73 -44.42 124.40
CA ASN J 114 5.75 -45.08 123.59
C ASN J 114 7.16 -44.67 123.97
N GLY J 115 7.43 -44.63 125.27
CA GLY J 115 8.74 -44.26 125.76
C GLY J 115 9.04 -42.78 125.80
N ARG J 116 8.10 -41.94 125.39
CA ARG J 116 8.29 -40.51 125.34
C ARG J 116 7.45 -39.89 126.44
N THR J 117 8.12 -39.23 127.38
CA THR J 117 7.46 -38.51 128.46
C THR J 117 7.56 -37.02 128.16
N LYS J 118 6.44 -36.30 128.26
CA LYS J 118 6.44 -34.86 127.99
C LYS J 118 5.58 -34.11 129.00
N VAL J 119 6.19 -33.13 129.67
CA VAL J 119 5.53 -32.29 130.66
C VAL J 119 5.50 -30.86 130.14
N SER J 120 4.32 -30.24 130.16
CA SER J 120 4.12 -28.88 129.71
C SER J 120 3.43 -28.06 130.80
N ILE J 121 3.84 -26.81 130.95
CA ILE J 121 3.29 -25.90 131.95
C ILE J 121 2.78 -24.65 131.25
N ASP J 122 1.52 -24.30 131.52
CA ASP J 122 0.88 -23.14 130.90
C ASP J 122 0.27 -22.28 132.00
N ILE J 123 0.77 -21.05 132.14
CA ILE J 123 0.26 -20.08 133.11
C ILE J 123 -0.25 -18.85 132.37
N PRO J 124 -1.44 -18.37 132.66
CA PRO J 124 -1.97 -17.17 131.99
C PRO J 124 -1.52 -15.89 132.69
N TYR J 125 -1.72 -14.78 131.99
CA TYR J 125 -1.48 -13.45 132.54
C TYR J 125 -2.57 -12.50 132.06
N TYR J 126 -2.54 -11.28 132.61
CA TYR J 126 -3.57 -10.27 132.35
C TYR J 126 -2.92 -8.93 132.05
N ASP J 127 -3.75 -8.04 131.49
CA ASP J 127 -3.34 -6.71 131.02
C ASP J 127 -3.29 -5.73 132.18
N ARG J 128 -2.09 -5.44 132.68
CA ARG J 128 -1.99 -4.54 133.83
C ARG J 128 -2.44 -3.14 133.48
N ASN J 129 -2.28 -2.70 132.23
CA ASN J 129 -2.82 -1.40 131.84
C ASN J 129 -4.33 -1.34 132.09
N ALA J 130 -5.04 -2.39 131.68
CA ALA J 130 -6.48 -2.44 131.91
C ALA J 130 -6.81 -2.55 133.40
N VAL J 131 -6.07 -3.39 134.14
CA VAL J 131 -6.40 -3.61 135.55
C VAL J 131 -6.19 -2.33 136.35
N GLU J 132 -5.07 -1.63 136.13
CA GLU J 132 -4.84 -0.39 136.86
C GLU J 132 -5.73 0.74 136.36
N THR J 133 -6.20 0.70 135.11
CA THR J 133 -7.24 1.63 134.72
C THR J 133 -8.51 1.41 135.53
N LEU J 134 -8.90 0.13 135.70
CA LEU J 134 -10.04 -0.22 136.54
C LEU J 134 -9.89 0.30 137.96
N LYS J 135 -8.74 0.05 138.58
CA LYS J 135 -8.55 0.50 139.96
C LYS J 135 -8.54 2.02 140.04
N ALA J 136 -7.82 2.68 139.13
CA ALA J 136 -7.56 4.11 139.26
C ALA J 136 -8.81 4.95 139.04
N SER J 137 -9.60 4.65 138.00
CA SER J 137 -10.81 5.43 137.77
C SER J 137 -12.04 4.81 138.42
N ALA J 138 -11.85 3.81 139.29
CA ALA J 138 -12.93 3.25 140.11
C ALA J 138 -14.07 2.68 139.27
N ILE J 139 -13.71 1.93 138.23
CA ILE J 139 -14.67 1.23 137.37
C ILE J 139 -15.01 -0.11 138.03
N PRO J 140 -16.21 -0.65 137.88
CA PRO J 140 -16.57 -1.89 138.59
C PRO J 140 -16.29 -3.19 137.87
N GLY J 141 -15.81 -3.18 136.62
CA GLY J 141 -15.61 -4.43 135.90
C GLY J 141 -14.34 -5.18 136.29
N ALA J 142 -14.14 -6.32 135.62
CA ALA J 142 -12.96 -7.15 135.79
C ALA J 142 -12.35 -7.47 134.41
N VAL J 143 -11.13 -8.00 134.43
CA VAL J 143 -10.38 -8.33 133.22
C VAL J 143 -10.23 -9.83 133.12
N ALA J 144 -10.37 -10.35 131.90
CA ALA J 144 -10.12 -11.72 131.53
C ALA J 144 -8.67 -11.89 131.09
N PRO J 145 -8.13 -13.11 131.13
CA PRO J 145 -6.73 -13.31 130.73
C PRO J 145 -6.47 -12.81 129.32
N VAL J 146 -5.25 -12.35 129.11
CA VAL J 146 -4.87 -11.74 127.85
C VAL J 146 -3.91 -12.62 127.05
N GLY J 147 -3.11 -13.44 127.70
CA GLY J 147 -2.26 -14.40 127.02
C GLY J 147 -1.71 -15.39 128.03
N SER J 148 -0.69 -16.13 127.60
CA SER J 148 -0.09 -17.11 128.48
C SER J 148 1.40 -17.24 128.19
N PHE J 149 2.08 -17.98 129.07
CA PHE J 149 3.44 -18.45 128.85
C PHE J 149 3.48 -19.95 129.06
N LYS J 150 4.28 -20.64 128.23
CA LYS J 150 4.34 -22.09 128.21
C LYS J 150 5.79 -22.57 128.18
N VAL J 151 6.02 -23.66 128.91
CA VAL J 151 7.33 -24.30 128.99
C VAL J 151 7.13 -25.80 128.81
N ASN J 152 7.86 -26.39 127.86
CA ASN J 152 7.76 -27.82 127.55
C ASN J 152 9.06 -28.52 127.85
N VAL J 153 8.95 -29.77 128.31
CA VAL J 153 10.10 -30.60 128.62
C VAL J 153 9.78 -32.01 128.15
N GLU J 154 10.75 -32.66 127.52
CA GLU J 154 10.50 -33.89 126.78
C GLU J 154 11.68 -34.84 126.97
N VAL J 155 11.38 -36.09 127.30
CA VAL J 155 12.39 -37.12 127.54
C VAL J 155 12.08 -38.26 126.60
N LEU J 156 12.97 -38.50 125.63
CA LEU J 156 12.81 -39.57 124.66
C LEU J 156 13.60 -40.76 125.15
N GLY J 157 12.92 -41.64 125.88
CA GLY J 157 13.58 -42.75 126.53
C GLY J 157 13.21 -44.09 125.93
N GLY J 158 12.78 -44.06 124.68
CA GLY J 158 12.40 -45.28 124.02
C GLY J 158 13.60 -46.09 123.57
N GLY J 159 13.33 -47.35 123.24
CA GLY J 159 14.33 -48.18 122.59
C GLY J 159 15.49 -48.53 123.48
N VAL J 160 15.19 -49.14 124.62
CA VAL J 160 16.24 -49.75 125.42
C VAL J 160 16.61 -51.10 124.80
N LEU J 161 17.85 -51.51 125.03
CA LEU J 161 18.36 -52.75 124.44
C LEU J 161 17.78 -53.96 125.17
N THR J 162 17.96 -55.14 124.56
CA THR J 162 17.23 -56.34 125.00
C THR J 162 17.77 -56.87 126.32
N GLY J 163 19.08 -56.79 126.52
CA GLY J 163 19.70 -57.25 127.74
C GLY J 163 19.68 -56.24 128.87
N THR J 164 18.92 -55.16 128.74
CA THR J 164 18.81 -54.17 129.81
C THR J 164 18.09 -54.79 130.99
N ASP J 165 18.81 -54.97 132.08
CA ASP J 165 18.25 -55.58 133.28
C ASP J 165 17.16 -54.70 133.86
N ALA J 166 16.18 -55.34 134.51
CA ALA J 166 15.15 -54.59 135.21
C ALA J 166 15.76 -53.59 136.20
N ASN J 167 16.83 -54.01 136.89
CA ASN J 167 17.51 -53.10 137.82
C ASN J 167 18.22 -51.96 137.10
N ALA J 168 18.82 -52.25 135.94
CA ALA J 168 19.57 -51.22 135.22
C ALA J 168 18.67 -50.18 134.58
N GLN J 169 17.38 -50.49 134.41
CA GLN J 169 16.46 -49.48 133.89
C GLN J 169 16.29 -48.33 134.87
N PHE J 170 16.46 -48.60 136.16
CA PHE J 170 16.44 -47.52 137.15
C PHE J 170 17.66 -46.62 136.98
N ALA J 171 18.82 -47.22 136.75
CA ALA J 171 20.01 -46.41 136.50
C ALA J 171 19.82 -45.54 135.28
N LEU J 172 19.20 -46.10 134.23
CA LEU J 172 18.90 -45.31 133.04
C LEU J 172 17.92 -44.19 133.36
N ASP J 173 16.94 -44.47 134.23
CA ASP J 173 16.00 -43.45 134.69
C ASP J 173 16.76 -42.24 135.23
N GLU J 174 17.68 -42.51 136.17
CA GLU J 174 18.42 -41.43 136.80
C GLU J 174 19.33 -40.72 135.80
N LEU J 175 19.91 -41.47 134.85
CA LEU J 175 20.71 -40.82 133.82
C LEU J 175 19.90 -39.80 133.03
N LEU J 176 18.70 -40.19 132.61
CA LEU J 176 17.85 -39.26 131.87
C LEU J 176 17.45 -38.06 132.73
N SER J 177 17.16 -38.28 134.01
CA SER J 177 16.78 -37.15 134.84
C SER J 177 17.94 -36.16 135.01
N ASN J 178 19.17 -36.66 135.08
CA ASN J 178 20.33 -35.76 135.15
C ASN J 178 20.54 -35.00 133.85
N MET J 179 20.28 -35.64 132.70
CA MET J 179 20.30 -34.90 131.44
C MET J 179 19.24 -33.81 131.45
N LEU J 180 18.08 -34.08 132.04
CA LEU J 180 17.03 -33.08 132.20
C LEU J 180 17.55 -31.85 132.95
N MET J 181 18.16 -32.08 134.11
CA MET J 181 18.69 -30.98 134.90
C MET J 181 19.71 -30.17 134.10
N ASP J 182 20.64 -30.88 133.43
CA ASP J 182 21.64 -30.17 132.63
C ASP J 182 21.00 -29.35 131.52
N ALA J 183 19.92 -29.88 130.93
CA ALA J 183 19.27 -29.18 129.84
C ALA J 183 18.62 -27.90 130.31
N ALA J 184 17.91 -27.94 131.44
CA ALA J 184 17.30 -26.71 131.95
C ALA J 184 18.37 -25.69 132.35
N ARG J 185 19.47 -26.16 132.94
CA ARG J 185 20.53 -25.23 133.31
C ARG J 185 21.12 -24.56 132.06
N ILE J 186 21.32 -25.34 130.99
CA ILE J 186 21.83 -24.76 129.75
C ILE J 186 20.81 -23.82 129.12
N ALA J 187 19.52 -24.10 129.34
CA ALA J 187 18.47 -23.26 128.79
C ALA J 187 18.44 -21.89 129.44
N GLN J 188 18.58 -21.83 130.75
CA GLN J 188 18.51 -20.54 131.45
C GLN J 188 19.87 -19.96 131.80
N ASP J 189 20.96 -20.62 131.39
CA ASP J 189 22.29 -20.18 131.74
C ASP J 189 22.54 -18.79 131.18
N GLY J 190 23.18 -17.95 131.99
CA GLY J 190 23.55 -16.63 131.54
C GLY J 190 23.38 -15.60 132.64
N PRO J 191 24.04 -14.45 132.48
CA PRO J 191 23.88 -13.37 133.46
C PRO J 191 22.47 -12.84 133.38
N LYS J 192 21.97 -12.40 134.53
CA LYS J 192 20.67 -11.76 134.63
C LYS J 192 20.75 -10.27 134.31
N ASN J 193 21.96 -9.76 134.02
CA ASN J 193 22.10 -8.39 133.53
C ASN J 193 21.65 -8.25 132.09
N THR J 194 21.61 -9.35 131.34
CA THR J 194 21.42 -9.30 129.91
C THR J 194 20.23 -10.18 129.50
N ALA J 195 19.62 -9.82 128.37
CA ALA J 195 18.44 -10.52 127.87
C ALA J 195 18.77 -11.96 127.52
N ARG J 196 17.90 -12.90 127.92
CA ARG J 196 18.18 -14.28 127.51
C ARG J 196 17.00 -15.15 127.10
N LEU J 197 15.74 -14.83 127.44
CA LEU J 197 14.67 -15.77 127.07
C LEU J 197 13.52 -15.21 126.24
N VAL J 198 12.83 -14.16 126.73
CA VAL J 198 11.56 -13.76 126.12
C VAL J 198 11.81 -12.90 124.91
N ALA J 199 10.83 -12.89 123.99
CA ALA J 199 10.86 -12.07 122.78
C ALA J 199 12.11 -12.37 121.96
N ALA J 200 12.66 -13.58 122.11
CA ALA J 200 13.94 -13.92 121.51
C ALA J 200 13.88 -13.83 119.99
N SER J 201 14.91 -13.21 119.41
CA SER J 201 15.06 -13.09 117.96
C SER J 201 16.17 -13.98 117.43
N HIS J 202 17.33 -13.94 118.06
CA HIS J 202 18.47 -14.79 117.73
C HIS J 202 19.40 -14.80 118.93
N GLY J 203 20.44 -15.62 118.86
CA GLY J 203 21.44 -15.70 119.90
C GLY J 203 22.72 -14.98 119.50
N VAL J 204 23.33 -14.31 120.46
CA VAL J 204 24.62 -13.66 120.20
C VAL J 204 25.55 -13.93 121.38
N MET J 205 26.51 -14.83 121.20
CA MET J 205 27.44 -15.11 122.29
C MET J 205 28.54 -14.05 122.33
N PRO J 206 28.91 -13.58 123.52
CA PRO J 206 29.83 -12.43 123.59
C PRO J 206 31.26 -12.83 123.31
N GLN J 207 32.04 -11.86 122.79
CA GLN J 207 33.44 -12.11 122.45
C GLN J 207 34.28 -12.34 123.69
N ALA J 208 34.06 -11.54 124.72
CA ALA J 208 34.75 -11.67 125.97
C ALA J 208 33.96 -10.95 127.05
N PRO K 20 -30.22 -8.25 112.85
CA PRO K 20 -29.81 -9.42 113.63
C PRO K 20 -29.17 -9.04 114.97
N VAL K 21 -29.81 -9.42 116.07
CA VAL K 21 -29.34 -9.13 117.42
C VAL K 21 -28.55 -10.35 117.91
N GLN K 22 -27.30 -10.12 118.32
CA GLN K 22 -26.43 -11.20 118.75
C GLN K 22 -26.08 -11.05 120.23
N SER K 23 -25.85 -12.19 120.90
CA SER K 23 -25.53 -12.20 122.32
C SER K 23 -24.03 -12.35 122.52
N SER K 24 -23.54 -11.80 123.64
CA SER K 24 -22.12 -11.83 123.92
C SER K 24 -21.85 -11.82 125.43
N ARG K 25 -20.60 -12.17 125.76
CA ARG K 25 -20.09 -12.23 127.12
C ARG K 25 -18.93 -11.25 127.23
N THR K 26 -19.12 -10.20 128.03
CA THR K 26 -18.21 -9.07 128.03
C THR K 26 -17.34 -9.06 129.28
N THR K 27 -16.08 -8.69 129.10
CA THR K 27 -15.24 -8.22 130.19
C THR K 27 -14.60 -6.91 129.77
N PHE K 28 -14.17 -6.12 130.76
CA PHE K 28 -13.51 -4.87 130.44
C PHE K 28 -12.15 -5.12 129.82
N GLY K 29 -11.78 -4.23 128.90
CA GLY K 29 -10.47 -4.30 128.30
C GLY K 29 -10.49 -4.06 126.80
N VAL K 30 -9.31 -4.22 126.20
CA VAL K 30 -9.14 -4.19 124.76
C VAL K 30 -8.13 -5.29 124.42
N ASN K 31 -8.32 -5.92 123.28
CA ASN K 31 -7.33 -6.85 122.78
C ASN K 31 -5.96 -6.20 122.75
N PRO K 32 -4.94 -6.83 123.31
CA PRO K 32 -3.70 -6.11 123.62
C PRO K 32 -2.89 -5.83 122.37
N ASP K 33 -1.93 -4.93 122.53
CA ASP K 33 -0.94 -4.68 121.51
C ASP K 33 0.31 -5.49 121.88
N ARG K 34 0.66 -6.45 121.04
CA ARG K 34 1.81 -7.31 121.29
C ARG K 34 3.07 -6.69 120.70
N GLN K 35 4.19 -6.95 121.37
CA GLN K 35 5.49 -6.46 120.90
C GLN K 35 6.13 -7.51 120.01
N ALA K 36 6.83 -7.04 118.99
CA ALA K 36 7.51 -7.94 118.07
C ALA K 36 8.65 -8.67 118.77
N ASN K 37 8.96 -9.87 118.27
CA ASN K 37 10.01 -10.69 118.87
C ASN K 37 11.39 -10.31 118.28
N ALA K 38 11.79 -9.07 118.54
CA ALA K 38 13.02 -8.50 117.98
C ALA K 38 14.11 -8.32 119.03
N ARG K 39 14.09 -9.16 120.06
CA ARG K 39 15.01 -9.00 121.18
C ARG K 39 16.11 -10.03 121.10
N PRO K 40 17.32 -9.68 120.71
CA PRO K 40 18.42 -10.65 120.70
C PRO K 40 18.81 -11.04 122.11
N VAL K 41 19.19 -12.30 122.28
CA VAL K 41 19.39 -12.89 123.59
C VAL K 41 20.82 -13.40 123.71
N TYR K 42 21.18 -13.69 124.96
CA TYR K 42 22.50 -14.20 125.29
C TYR K 42 22.62 -15.65 124.85
N LEU K 43 23.83 -16.01 124.44
CA LEU K 43 24.15 -17.34 123.97
C LEU K 43 25.39 -17.80 124.72
N ALA K 44 25.28 -18.92 125.42
CA ALA K 44 26.37 -19.37 126.28
C ALA K 44 27.62 -19.66 125.44
N PRO K 45 28.80 -19.23 125.89
CA PRO K 45 30.04 -19.57 125.17
C PRO K 45 30.49 -21.00 125.33
N ALA K 46 29.76 -21.79 126.13
CA ALA K 46 29.97 -23.22 126.30
C ALA K 46 28.78 -23.79 127.05
N ALA K 47 28.58 -25.11 126.90
CA ALA K 47 27.42 -25.77 127.51
C ALA K 47 27.89 -26.66 128.64
N PRO K 48 27.49 -26.43 129.91
CA PRO K 48 27.95 -27.33 130.97
C PRO K 48 27.05 -28.54 131.08
N MET K 49 27.64 -29.73 131.13
CA MET K 49 26.92 -30.99 131.30
C MET K 49 27.43 -31.72 132.53
N GLU K 50 27.65 -30.99 133.63
CA GLU K 50 28.30 -31.57 134.80
C GLU K 50 27.43 -32.64 135.47
N ASN K 51 26.12 -32.38 135.61
CA ASN K 51 25.25 -33.31 136.34
C ASN K 51 25.26 -34.70 135.70
N THR K 52 24.98 -34.76 134.40
CA THR K 52 24.85 -36.04 133.71
C THR K 52 26.19 -36.79 133.67
N TYR K 53 27.30 -36.07 133.48
CA TYR K 53 28.58 -36.76 133.34
C TYR K 53 29.14 -37.21 134.70
N THR K 54 28.88 -36.47 135.77
CA THR K 54 29.20 -37.01 137.09
C THR K 54 28.37 -38.26 137.38
N TYR K 55 27.09 -38.27 136.98
CA TYR K 55 26.32 -39.50 137.21
C TYR K 55 26.86 -40.65 136.36
N LEU K 56 27.28 -40.36 135.13
CA LEU K 56 27.87 -41.40 134.28
C LEU K 56 29.14 -41.96 134.91
N GLY K 57 29.95 -41.09 135.50
CA GLY K 57 31.07 -41.58 136.29
C GLY K 57 30.62 -42.44 137.45
N SER K 58 29.47 -42.09 138.05
CA SER K 58 28.94 -42.88 139.15
C SER K 58 28.66 -44.32 138.73
N ILE K 59 27.91 -44.50 137.65
CA ILE K 59 27.52 -45.86 137.25
C ILE K 59 28.63 -46.54 136.45
N GLN K 60 29.79 -45.89 136.35
CA GLN K 60 30.94 -46.41 135.61
C GLN K 60 30.60 -46.62 134.13
N PHE K 61 29.78 -45.71 133.59
CA PHE K 61 29.50 -45.63 132.15
C PHE K 61 28.86 -46.89 131.59
N ALA K 62 28.03 -47.55 132.39
CA ALA K 62 27.43 -48.80 131.94
C ALA K 62 26.10 -49.02 132.65
N ALA K 63 25.12 -49.52 131.91
CA ALA K 63 23.82 -49.87 132.47
C ALA K 63 23.12 -50.79 131.49
N GLY K 64 22.66 -51.94 131.97
CA GLY K 64 22.08 -52.92 131.07
C GLY K 64 23.18 -53.39 130.13
N ARG K 65 22.88 -53.46 128.84
CA ARG K 65 23.95 -53.61 127.87
C ARG K 65 24.16 -52.33 127.07
N HIS K 66 23.73 -51.19 127.61
CA HIS K 66 24.21 -49.89 127.15
C HIS K 66 25.55 -49.59 127.79
N ILE K 67 26.56 -49.30 126.97
CA ILE K 67 27.81 -48.77 127.49
C ILE K 67 28.03 -47.41 126.83
N PHE K 68 28.51 -46.44 127.62
CA PHE K 68 28.68 -45.08 127.15
C PHE K 68 30.16 -44.73 127.05
N GLY K 69 30.44 -43.62 126.38
CA GLY K 69 31.80 -43.16 126.22
C GLY K 69 32.17 -42.09 127.21
N GLU K 70 33.46 -42.03 127.53
CA GLU K 70 33.98 -40.96 128.37
C GLU K 70 34.15 -39.69 127.55
N PRO K 71 33.67 -38.55 128.03
CA PRO K 71 33.79 -37.32 127.25
C PRO K 71 35.20 -36.76 127.30
N ALA K 72 35.42 -35.76 126.47
CA ALA K 72 36.67 -35.00 126.57
C ALA K 72 36.57 -33.98 127.68
N SER K 73 35.48 -33.24 127.73
CA SER K 73 35.27 -32.20 128.72
C SER K 73 33.87 -32.31 129.29
N ASN K 74 33.73 -32.02 130.59
CA ASN K 74 32.41 -31.90 131.18
C ASN K 74 31.68 -30.68 130.65
N VAL K 75 32.42 -29.69 130.16
CA VAL K 75 31.86 -28.51 129.53
C VAL K 75 32.19 -28.56 128.05
N LEU K 76 31.14 -28.53 127.21
CA LEU K 76 31.14 -28.68 125.76
C LEU K 76 31.43 -27.35 125.09
N PRO K 77 32.48 -27.27 124.27
CA PRO K 77 32.77 -26.03 123.55
C PRO K 77 31.84 -25.86 122.36
N PRO K 78 31.73 -24.65 121.82
CA PRO K 78 30.90 -24.45 120.63
C PRO K 78 31.59 -24.92 119.36
N GLN K 79 30.80 -25.50 118.46
CA GLN K 79 31.33 -26.01 117.19
C GLN K 79 31.09 -25.09 116.01
N ASN K 80 29.93 -24.43 115.96
CA ASN K 80 29.56 -23.60 114.82
C ASN K 80 29.06 -22.22 115.24
N ILE K 81 29.55 -21.69 116.36
CA ILE K 81 29.06 -20.42 116.87
C ILE K 81 30.25 -19.46 116.91
N VAL K 82 30.30 -18.55 115.96
CA VAL K 82 31.30 -17.49 115.98
C VAL K 82 30.85 -16.42 116.98
N PRO K 83 31.74 -15.84 117.76
CA PRO K 83 31.30 -14.82 118.71
C PRO K 83 30.94 -13.54 118.00
N GLY K 84 29.90 -12.88 118.49
CA GLY K 84 29.47 -11.64 117.89
C GLY K 84 28.72 -11.83 116.59
N VAL K 85 28.44 -13.05 116.21
CA VAL K 85 27.71 -13.34 114.97
C VAL K 85 26.33 -13.85 115.37
N PRO K 86 25.25 -13.18 114.98
CA PRO K 86 23.92 -13.67 115.29
C PRO K 86 23.69 -15.02 114.63
N THR K 87 23.23 -15.99 115.42
CA THR K 87 22.96 -17.33 114.93
C THR K 87 21.63 -17.77 115.53
N LYS K 88 20.75 -18.29 114.69
CA LYS K 88 19.46 -18.82 115.15
C LYS K 88 19.55 -20.32 115.45
N HIS K 89 20.72 -20.92 115.22
CA HIS K 89 20.93 -22.33 115.49
C HIS K 89 22.41 -22.55 115.76
N GLY K 90 22.70 -23.27 116.85
CA GLY K 90 24.08 -23.48 117.25
C GLY K 90 24.25 -24.79 117.99
N GLU K 91 25.47 -25.30 117.96
CA GLU K 91 25.75 -26.63 118.48
C GLU K 91 27.03 -26.61 119.29
N TYR K 92 26.98 -27.20 120.49
CA TYR K 92 28.16 -27.53 121.26
C TYR K 92 28.36 -29.04 121.19
N VAL K 93 29.62 -29.47 121.12
CA VAL K 93 29.86 -30.88 120.89
C VAL K 93 31.18 -31.27 121.54
N THR K 94 31.19 -32.41 122.23
CA THR K 94 32.46 -32.95 122.67
C THR K 94 32.56 -34.42 122.30
N THR K 95 33.79 -34.88 122.14
CA THR K 95 34.01 -36.20 121.60
C THR K 95 34.05 -37.22 122.74
N ASN K 96 33.49 -38.41 122.49
CA ASN K 96 33.41 -39.52 123.43
C ASN K 96 34.41 -40.57 122.97
N THR K 97 35.27 -41.03 123.87
CA THR K 97 36.22 -42.08 123.58
C THR K 97 36.06 -43.21 124.58
N GLY K 98 36.62 -44.37 124.28
CA GLY K 98 36.51 -45.52 125.17
C GLY K 98 37.29 -46.69 124.62
N ASP K 99 37.51 -47.67 125.50
CA ASP K 99 38.24 -48.88 125.14
C ASP K 99 37.42 -49.71 124.16
N ARG K 100 37.97 -49.91 122.96
CA ARG K 100 37.28 -50.62 121.88
C ARG K 100 35.96 -49.94 121.55
N LEU K 101 35.98 -48.62 121.54
CA LEU K 101 34.85 -47.80 121.09
C LEU K 101 35.31 -46.91 119.95
N MET K 102 34.46 -46.76 118.94
CA MET K 102 34.73 -45.77 117.91
C MET K 102 34.33 -44.40 118.43
N ALA K 103 35.25 -43.44 118.35
CA ALA K 103 34.98 -42.11 118.87
C ALA K 103 33.65 -41.58 118.32
N SER K 104 32.81 -41.05 119.21
CA SER K 104 31.48 -40.58 118.82
C SER K 104 31.11 -39.30 119.56
N SER K 105 30.44 -38.40 118.88
CA SER K 105 30.23 -37.06 119.39
C SER K 105 28.93 -36.98 120.17
N THR K 106 28.97 -36.34 121.33
CA THR K 106 27.78 -36.01 122.09
C THR K 106 27.47 -34.53 121.89
N THR K 107 26.18 -34.21 121.66
CA THR K 107 25.78 -32.95 121.05
C THR K 107 24.71 -32.24 121.85
N VAL K 108 24.87 -30.92 122.00
CA VAL K 108 23.91 -30.05 122.65
C VAL K 108 23.53 -28.98 121.65
N THR K 109 22.25 -28.93 121.28
CA THR K 109 21.75 -28.10 120.20
C THR K 109 20.82 -27.03 120.75
N ARG K 110 21.04 -25.77 120.36
CA ARG K 110 20.20 -24.66 120.78
C ARG K 110 19.63 -23.95 119.56
N ASP K 111 18.30 -23.81 119.53
CA ASP K 111 17.59 -23.13 118.46
C ASP K 111 16.84 -21.95 119.09
N VAL K 112 17.22 -20.75 118.72
CA VAL K 112 16.59 -19.53 119.20
C VAL K 112 15.94 -18.84 118.00
N SER K 113 14.60 -18.84 117.94
CA SER K 113 13.94 -18.14 116.84
C SER K 113 12.51 -17.81 117.19
N ASN K 114 12.07 -16.62 116.78
CA ASN K 114 10.67 -16.18 116.87
C ASN K 114 10.11 -16.31 118.28
N GLY K 115 10.92 -15.94 119.26
CA GLY K 115 10.53 -15.98 120.67
C GLY K 115 10.55 -17.36 121.31
N ARG K 116 10.90 -18.39 120.57
CA ARG K 116 10.95 -19.74 121.10
C ARG K 116 12.40 -20.16 121.15
N THR K 117 12.84 -20.60 122.32
CA THR K 117 14.19 -21.10 122.51
C THR K 117 14.11 -22.57 122.92
N LYS K 118 14.93 -23.42 122.28
CA LYS K 118 14.85 -24.87 122.49
C LYS K 118 16.24 -25.47 122.57
N VAL K 119 16.50 -26.24 123.62
CA VAL K 119 17.76 -26.90 123.86
C VAL K 119 17.53 -28.41 123.85
N SER K 120 18.35 -29.13 123.09
CA SER K 120 18.27 -30.59 122.96
C SER K 120 19.62 -31.20 123.26
N ILE K 121 19.62 -32.34 123.95
CA ILE K 121 20.85 -33.04 124.31
C ILE K 121 20.75 -34.47 123.81
N ASP K 122 21.80 -34.93 123.10
CA ASP K 122 21.85 -36.25 122.49
C ASP K 122 23.17 -36.90 122.85
N ILE K 123 23.12 -38.01 123.57
CA ILE K 123 24.30 -38.79 123.94
C ILE K 123 24.16 -40.20 123.37
N PRO K 124 25.18 -40.73 122.71
CA PRO K 124 25.09 -42.07 122.14
C PRO K 124 25.54 -43.18 123.10
N TYR K 125 25.12 -44.39 122.77
CA TYR K 125 25.48 -45.59 123.52
C TYR K 125 25.78 -46.74 122.55
N TYR K 126 26.63 -47.66 123.03
CA TYR K 126 27.11 -48.81 122.27
C TYR K 126 26.63 -50.12 122.90
N ASP K 127 26.77 -51.19 122.11
CA ASP K 127 26.40 -52.56 122.51
C ASP K 127 27.46 -53.13 123.45
N ARG K 128 27.14 -53.14 124.74
CA ARG K 128 28.07 -53.64 125.75
C ARG K 128 28.45 -55.09 125.49
N ASN K 129 27.53 -55.88 124.91
CA ASN K 129 27.85 -57.28 124.63
C ASN K 129 28.96 -57.40 123.60
N ALA K 130 28.88 -56.61 122.53
CA ALA K 130 29.92 -56.59 121.53
C ALA K 130 31.23 -56.09 122.12
N VAL K 131 31.17 -54.98 122.88
CA VAL K 131 32.39 -54.39 123.40
C VAL K 131 33.10 -55.36 124.33
N GLU K 132 32.36 -55.98 125.25
CA GLU K 132 32.97 -56.87 126.23
C GLU K 132 33.40 -58.19 125.61
N THR K 133 32.69 -58.68 124.59
CA THR K 133 33.18 -59.86 123.86
C THR K 133 34.51 -59.55 123.19
N LEU K 134 34.64 -58.35 122.60
CA LEU K 134 35.91 -57.96 122.01
C LEU K 134 37.00 -57.85 123.06
N LYS K 135 36.71 -57.20 124.19
CA LYS K 135 37.69 -57.03 125.26
C LYS K 135 38.16 -58.37 125.80
N ALA K 136 37.20 -59.23 126.21
CA ALA K 136 37.56 -60.53 126.75
C ALA K 136 38.31 -61.37 125.73
N SER K 137 37.91 -61.31 124.46
CA SER K 137 38.60 -62.09 123.45
C SER K 137 39.87 -61.40 122.95
N ALA K 138 40.21 -60.21 123.46
CA ALA K 138 41.40 -59.49 122.99
C ALA K 138 41.37 -59.32 121.48
N ILE K 139 40.25 -58.83 120.97
CA ILE K 139 40.08 -58.55 119.55
C ILE K 139 40.25 -57.05 119.35
N PRO K 140 40.96 -56.59 118.33
CA PRO K 140 41.20 -55.14 118.17
C PRO K 140 40.11 -54.37 117.44
N GLY K 141 38.89 -54.89 117.34
CA GLY K 141 37.84 -54.14 116.68
C GLY K 141 37.33 -53.00 117.55
N ALA K 142 36.90 -51.93 116.89
CA ALA K 142 36.28 -50.78 117.54
C ALA K 142 34.81 -50.70 117.14
N VAL K 143 33.94 -50.41 118.09
CA VAL K 143 32.50 -50.49 117.89
C VAL K 143 31.92 -49.09 117.69
N ALA K 144 31.06 -48.95 116.69
CA ALA K 144 30.29 -47.75 116.46
C ALA K 144 29.04 -47.75 117.33
N PRO K 145 28.46 -46.58 117.60
CA PRO K 145 27.31 -46.51 118.52
C PRO K 145 26.08 -47.20 117.94
N VAL K 146 25.37 -47.89 118.83
CA VAL K 146 24.15 -48.57 118.41
C VAL K 146 22.92 -47.66 118.54
N GLY K 147 22.94 -46.69 119.45
CA GLY K 147 21.79 -45.81 119.55
C GLY K 147 22.12 -44.56 120.33
N SER K 148 21.06 -43.86 120.76
CA SER K 148 21.26 -42.64 121.53
C SER K 148 20.05 -42.39 122.42
N PHE K 149 20.27 -41.50 123.40
CA PHE K 149 19.21 -40.96 124.25
C PHE K 149 19.18 -39.44 124.14
N LYS K 150 17.95 -38.88 124.11
CA LYS K 150 17.72 -37.47 123.84
C LYS K 150 16.76 -36.85 124.84
N VAL K 151 17.04 -35.61 125.19
CA VAL K 151 16.22 -34.82 126.09
C VAL K 151 16.05 -33.42 125.50
N ASN K 152 14.79 -32.99 125.35
CA ASN K 152 14.43 -31.70 124.76
C ASN K 152 13.80 -30.79 125.82
N VAL K 153 14.08 -29.50 125.69
CA VAL K 153 13.57 -28.49 126.60
C VAL K 153 13.23 -27.25 125.76
N GLU K 154 12.08 -26.64 126.02
CA GLU K 154 11.53 -25.65 125.12
C GLU K 154 10.81 -24.56 125.90
N VAL K 155 11.02 -23.31 125.50
CA VAL K 155 10.50 -22.15 126.19
C VAL K 155 9.82 -21.25 125.16
N LEU K 156 8.50 -21.10 125.27
CA LEU K 156 7.72 -20.28 124.34
C LEU K 156 7.56 -18.90 124.96
N GLY K 157 8.51 -18.01 124.69
CA GLY K 157 8.58 -16.69 125.28
C GLY K 157 8.09 -15.56 124.42
N GLY K 158 7.32 -15.84 123.38
CA GLY K 158 6.82 -14.80 122.52
C GLY K 158 5.57 -14.15 123.04
N GLY K 159 5.27 -12.99 122.48
CA GLY K 159 4.01 -12.32 122.75
C GLY K 159 4.07 -11.31 123.87
N VAL K 160 5.26 -10.80 124.21
CA VAL K 160 5.39 -9.82 125.28
C VAL K 160 4.57 -8.59 124.92
N LEU K 161 3.82 -8.10 125.90
CA LEU K 161 2.95 -6.94 125.73
C LEU K 161 3.76 -5.67 125.52
N THR K 162 3.14 -4.69 124.85
CA THR K 162 3.89 -3.52 124.40
C THR K 162 4.37 -2.66 125.56
N GLY K 163 3.57 -2.52 126.60
CA GLY K 163 3.99 -1.71 127.73
C GLY K 163 5.26 -2.19 128.40
N THR K 164 5.54 -3.49 128.35
CA THR K 164 6.66 -4.09 129.07
C THR K 164 7.99 -3.49 128.61
N ASP K 165 8.77 -2.98 129.55
CA ASP K 165 10.05 -2.40 129.21
C ASP K 165 11.17 -3.41 129.43
N ALA K 166 12.42 -2.97 129.26
CA ALA K 166 13.57 -3.88 129.30
C ALA K 166 13.72 -4.52 130.68
N ASN K 167 13.65 -3.69 131.73
CA ASN K 167 13.79 -4.20 133.08
C ASN K 167 12.72 -5.23 133.40
N ALA K 168 11.48 -4.97 132.98
CA ALA K 168 10.41 -5.95 133.18
C ALA K 168 10.70 -7.24 132.42
N GLN K 169 11.23 -7.13 131.20
CA GLN K 169 11.54 -8.34 130.45
C GLN K 169 12.59 -9.17 131.16
N PHE K 170 13.52 -8.53 131.89
CA PHE K 170 14.43 -9.32 132.73
C PHE K 170 13.66 -10.22 133.70
N ALA K 171 12.65 -9.64 134.35
CA ALA K 171 11.84 -10.40 135.29
C ALA K 171 11.15 -11.56 134.60
N LEU K 172 10.62 -11.31 133.40
CA LEU K 172 10.00 -12.39 132.65
C LEU K 172 11.00 -13.50 132.33
N ASP K 173 12.26 -13.10 132.06
CA ASP K 173 13.32 -14.08 131.82
C ASP K 173 13.44 -15.03 133.01
N GLU K 174 13.61 -14.46 134.20
CA GLU K 174 13.78 -15.32 135.37
C GLU K 174 12.52 -16.12 135.67
N LEU K 175 11.34 -15.56 135.36
CA LEU K 175 10.09 -16.30 135.56
C LEU K 175 10.05 -17.57 134.72
N LEU K 176 10.38 -17.44 133.43
CA LEU K 176 10.44 -18.61 132.58
C LEU K 176 11.52 -19.58 133.06
N SER K 177 12.64 -19.05 133.57
CA SER K 177 13.67 -19.92 134.13
C SER K 177 13.10 -20.79 135.25
N ASN K 178 12.34 -20.19 136.16
CA ASN K 178 11.81 -20.96 137.28
C ASN K 178 10.74 -21.95 136.82
N MET K 179 9.95 -21.59 135.79
CA MET K 179 9.02 -22.56 135.23
C MET K 179 9.76 -23.74 134.62
N LEU K 180 10.91 -23.48 133.98
CA LEU K 180 11.78 -24.54 133.50
C LEU K 180 12.17 -25.50 134.61
N MET K 181 12.72 -24.94 135.69
CA MET K 181 13.14 -25.77 136.82
C MET K 181 11.99 -26.62 137.33
N ASP K 182 10.80 -26.01 137.47
CA ASP K 182 9.65 -26.75 137.96
C ASP K 182 9.25 -27.86 136.99
N ALA K 183 9.31 -27.59 135.68
CA ALA K 183 8.95 -28.61 134.72
C ALA K 183 9.90 -29.80 134.79
N ALA K 184 11.20 -29.54 134.92
CA ALA K 184 12.15 -30.64 135.00
C ALA K 184 11.96 -31.45 136.28
N ARG K 185 11.69 -30.76 137.40
CA ARG K 185 11.41 -31.49 138.64
C ARG K 185 10.16 -32.34 138.51
N ILE K 186 9.10 -31.80 137.89
CA ILE K 186 7.86 -32.57 137.71
C ILE K 186 8.09 -33.74 136.77
N ALA K 187 9.04 -33.61 135.85
CA ALA K 187 9.33 -34.70 134.93
C ALA K 187 10.04 -35.84 135.63
N GLN K 188 11.10 -35.54 136.40
CA GLN K 188 11.87 -36.57 137.08
C GLN K 188 11.26 -36.98 138.42
N ASP K 189 10.14 -36.37 138.82
CA ASP K 189 9.59 -36.56 140.15
C ASP K 189 9.23 -38.03 140.39
N GLY K 190 9.56 -38.52 141.58
CA GLY K 190 9.17 -39.86 141.97
C GLY K 190 10.24 -40.59 142.75
N PRO K 191 9.86 -41.67 143.42
CA PRO K 191 10.85 -42.52 144.07
C PRO K 191 11.80 -43.14 143.06
N LYS K 192 13.05 -43.29 143.48
CA LYS K 192 13.99 -44.06 142.69
C LYS K 192 13.80 -45.56 142.85
N ASN K 193 12.84 -45.98 143.70
CA ASN K 193 12.48 -47.39 143.83
C ASN K 193 11.67 -47.88 142.65
N THR K 194 10.93 -47.00 141.99
CA THR K 194 9.99 -47.39 140.96
C THR K 194 10.36 -46.78 139.61
N ALA K 195 9.83 -47.40 138.56
CA ALA K 195 10.10 -46.98 137.19
C ALA K 195 9.48 -45.62 136.92
N ARG K 196 10.25 -44.71 136.30
CA ARG K 196 9.65 -43.42 136.02
C ARG K 196 9.89 -42.86 134.60
N LEU K 197 10.97 -43.22 133.90
CA LEU K 197 11.24 -42.62 132.59
C LEU K 197 11.40 -43.56 131.38
N VAL K 198 12.37 -44.50 131.42
CA VAL K 198 12.77 -45.20 130.20
C VAL K 198 11.77 -46.29 129.86
N ALA K 199 11.67 -46.60 128.57
CA ALA K 199 10.75 -47.61 128.06
C ALA K 199 9.33 -47.36 128.57
N ALA K 200 8.97 -46.08 128.72
CA ALA K 200 7.68 -45.74 129.29
C ALA K 200 6.54 -46.21 128.38
N SER K 201 5.48 -46.75 129.00
CA SER K 201 4.27 -47.13 128.29
C SER K 201 3.05 -46.35 128.71
N HIS K 202 2.87 -46.13 130.02
CA HIS K 202 1.72 -45.43 130.58
C HIS K 202 2.02 -45.10 132.03
N GLY K 203 1.25 -44.16 132.57
CA GLY K 203 1.44 -43.68 133.92
C GLY K 203 0.35 -44.22 134.82
N VAL K 204 0.72 -44.53 136.07
CA VAL K 204 -0.24 -45.01 137.06
C VAL K 204 0.04 -44.29 138.37
N MET K 205 -1.01 -43.69 138.94
CA MET K 205 -0.89 -42.98 140.22
C MET K 205 -0.98 -44.00 141.36
N PRO K 206 -0.08 -43.92 142.35
CA PRO K 206 -0.07 -44.95 143.40
C PRO K 206 -1.33 -44.90 144.24
N GLN K 207 -1.64 -46.05 144.86
CA GLN K 207 -2.85 -46.18 145.65
C GLN K 207 -2.96 -45.08 146.70
N ALA K 208 -1.85 -44.77 147.35
CA ALA K 208 -1.75 -43.64 148.28
C ALA K 208 -2.91 -43.59 149.26
N SER L 23 22.58 -47.82 110.62
CA SER L 23 23.37 -49.05 110.71
C SER L 23 24.71 -48.79 111.40
N SER L 24 25.00 -49.57 112.45
CA SER L 24 26.22 -49.43 113.23
C SER L 24 27.14 -50.61 112.97
N ARG L 25 28.40 -50.31 112.65
CA ARG L 25 29.35 -51.33 112.25
C ARG L 25 30.63 -51.19 113.05
N THR L 26 31.16 -52.33 113.50
CA THR L 26 32.47 -52.36 114.13
C THR L 26 33.55 -52.40 113.05
N THR L 27 34.60 -51.62 113.27
CA THR L 27 35.65 -51.41 112.28
C THR L 27 36.97 -51.99 112.79
N PHE L 28 37.66 -52.71 111.90
CA PHE L 28 39.00 -53.23 112.13
C PHE L 28 39.95 -52.47 111.22
N GLY L 29 41.01 -51.93 111.79
CA GLY L 29 41.92 -51.14 111.00
C GLY L 29 41.53 -49.67 111.01
N VAL L 30 41.98 -48.99 109.96
CA VAL L 30 41.80 -47.55 109.85
C VAL L 30 40.38 -47.21 109.47
N ASN L 31 39.79 -46.24 110.17
CA ASN L 31 38.50 -45.69 109.78
C ASN L 31 38.74 -44.32 109.16
N PRO L 32 38.53 -44.17 107.85
CA PRO L 32 38.85 -42.90 107.18
C PRO L 32 37.70 -41.89 107.10
N ASP L 33 36.61 -42.07 107.84
CA ASP L 33 35.50 -41.12 107.79
C ASP L 33 35.98 -39.71 108.11
N ARG L 34 35.70 -38.78 107.20
CA ARG L 34 36.06 -37.38 107.36
C ARG L 34 34.84 -36.55 107.75
N GLN L 35 35.09 -35.47 108.49
CA GLN L 35 34.04 -34.57 108.94
C GLN L 35 33.73 -33.56 107.84
N ALA L 36 32.45 -33.38 107.56
CA ALA L 36 32.03 -32.45 106.51
C ALA L 36 32.53 -31.04 106.79
N ASN L 37 32.97 -30.37 105.72
CA ASN L 37 33.55 -29.02 105.79
C ASN L 37 32.41 -28.00 105.89
N ALA L 38 31.79 -27.95 107.07
CA ALA L 38 30.57 -27.15 107.30
C ALA L 38 30.75 -26.37 108.61
N ARG L 39 31.89 -25.70 108.76
CA ARG L 39 32.25 -24.97 109.98
C ARG L 39 32.49 -23.51 109.67
N PRO L 40 31.68 -22.58 110.19
CA PRO L 40 31.97 -21.16 110.01
C PRO L 40 33.28 -20.78 110.67
N VAL L 41 33.98 -19.83 110.06
CA VAL L 41 35.28 -19.40 110.57
C VAL L 41 35.29 -17.89 110.74
N TYR L 42 36.12 -17.45 111.69
CA TYR L 42 36.22 -16.03 111.99
C TYR L 42 36.79 -15.26 110.82
N LEU L 43 36.22 -14.06 110.59
CA LEU L 43 36.60 -13.20 109.49
C LEU L 43 36.98 -11.84 110.08
N ALA L 44 38.25 -11.48 109.93
CA ALA L 44 38.77 -10.26 110.54
C ALA L 44 37.98 -9.04 110.07
N PRO L 45 37.70 -8.07 110.95
CA PRO L 45 36.94 -6.88 110.53
C PRO L 45 37.75 -5.90 109.70
N ALA L 46 39.06 -6.15 109.54
CA ALA L 46 39.92 -5.32 108.71
C ALA L 46 41.22 -6.09 108.51
N ALA L 47 41.98 -5.68 107.49
CA ALA L 47 43.19 -6.41 107.14
C ALA L 47 44.40 -5.55 107.48
N PRO L 48 45.25 -5.93 108.44
CA PRO L 48 46.44 -5.10 108.71
C PRO L 48 47.56 -5.40 107.72
N MET L 49 48.05 -4.35 107.06
CA MET L 49 49.20 -4.47 106.17
C MET L 49 50.39 -3.67 106.69
N GLU L 50 50.64 -3.71 108.00
CA GLU L 50 51.60 -2.79 108.59
C GLU L 50 53.03 -3.04 108.08
N ASN L 51 53.43 -4.31 107.97
CA ASN L 51 54.81 -4.63 107.60
C ASN L 51 55.19 -4.06 106.24
N THR L 52 54.36 -4.33 105.23
CA THR L 52 54.69 -3.93 103.86
C THR L 52 54.69 -2.40 103.70
N TYR L 53 53.74 -1.71 104.34
CA TYR L 53 53.65 -0.26 104.18
C TYR L 53 54.71 0.48 104.98
N THR L 54 55.08 -0.04 106.15
CA THR L 54 56.24 0.53 106.82
C THR L 54 57.51 0.36 105.97
N TYR L 55 57.69 -0.81 105.34
CA TYR L 55 58.87 -0.94 104.50
C TYR L 55 58.79 -0.01 103.28
N LEU L 56 57.60 0.16 102.71
CA LEU L 56 57.44 1.08 101.59
C LEU L 56 57.78 2.52 101.99
N GLY L 57 57.37 2.93 103.19
CA GLY L 57 57.84 4.19 103.72
C GLY L 57 59.35 4.22 103.88
N SER L 58 59.94 3.10 104.27
CA SER L 58 61.40 3.02 104.41
C SER L 58 62.10 3.35 103.10
N ILE L 59 61.64 2.78 101.99
CA ILE L 59 62.37 3.04 100.74
C ILE L 59 61.77 4.23 100.01
N GLN L 60 60.90 4.99 100.68
CA GLN L 60 60.30 6.19 100.09
C GLN L 60 59.47 5.85 98.85
N PHE L 61 58.83 4.69 98.89
CA PHE L 61 57.85 4.29 97.87
C PHE L 61 58.45 4.26 96.47
N ALA L 62 59.69 3.80 96.36
CA ALA L 62 60.36 3.79 95.05
C ALA L 62 61.53 2.82 95.08
N ALA L 63 61.53 1.87 94.16
CA ALA L 63 62.66 0.97 93.96
C ALA L 63 62.91 0.87 92.46
N GLY L 64 64.11 1.27 92.04
CA GLY L 64 64.46 1.21 90.63
C GLY L 64 63.55 2.10 89.81
N ARG L 65 62.94 1.50 88.79
CA ARG L 65 61.97 2.20 87.96
C ARG L 65 60.54 2.00 88.44
N HIS L 66 60.33 1.27 89.53
CA HIS L 66 59.02 1.07 90.12
C HIS L 66 58.76 2.18 91.13
N ILE L 67 57.68 2.94 90.94
CA ILE L 67 57.26 3.89 91.96
C ILE L 67 55.89 3.44 92.46
N PHE L 68 55.71 3.51 93.77
CA PHE L 68 54.47 3.05 94.41
C PHE L 68 53.67 4.22 94.94
N GLY L 69 52.39 3.97 95.21
CA GLY L 69 51.53 5.00 95.75
C GLY L 69 51.40 4.91 97.26
N GLU L 70 51.01 6.03 97.86
CA GLU L 70 50.85 6.12 99.31
C GLU L 70 49.43 5.68 99.70
N PRO L 71 49.28 4.69 100.58
CA PRO L 71 47.94 4.24 100.92
C PRO L 71 47.21 5.24 101.80
N ALA L 72 45.89 5.15 101.81
CA ALA L 72 45.12 5.96 102.75
C ALA L 72 45.26 5.43 104.17
N SER L 73 45.29 4.11 104.35
CA SER L 73 45.46 3.53 105.66
C SER L 73 46.40 2.33 105.61
N ASN L 74 47.07 2.09 106.74
CA ASN L 74 47.86 0.88 106.90
C ASN L 74 46.98 -0.33 107.16
N VAL L 75 45.76 -0.11 107.63
CA VAL L 75 44.79 -1.17 107.88
C VAL L 75 43.64 -0.96 106.92
N LEU L 76 43.30 -2.01 106.17
CA LEU L 76 42.37 -1.91 105.05
C LEU L 76 40.96 -2.30 105.49
N PRO L 77 39.97 -1.45 105.23
CA PRO L 77 38.59 -1.75 105.64
C PRO L 77 37.92 -2.70 104.67
N PRO L 78 36.85 -3.39 105.08
CA PRO L 78 36.18 -4.31 104.16
C PRO L 78 35.42 -3.54 103.09
N GLN L 79 35.45 -4.07 101.88
CA GLN L 79 34.71 -3.50 100.77
C GLN L 79 33.38 -4.19 100.52
N ASN L 80 33.34 -5.51 100.55
CA ASN L 80 32.14 -6.25 100.23
C ASN L 80 31.75 -7.26 101.31
N ILE L 81 32.15 -7.01 102.56
CA ILE L 81 31.86 -7.88 103.69
C ILE L 81 30.96 -7.12 104.65
N VAL L 82 29.87 -7.77 105.07
CA VAL L 82 28.91 -7.19 105.99
C VAL L 82 28.92 -8.05 107.26
N PRO L 83 28.96 -7.45 108.45
CA PRO L 83 29.02 -8.25 109.66
C PRO L 83 27.75 -9.09 109.81
N GLY L 84 27.95 -10.33 110.19
CA GLY L 84 26.85 -11.25 110.42
C GLY L 84 26.36 -11.95 109.19
N VAL L 85 26.86 -11.60 108.02
CA VAL L 85 26.43 -12.22 106.77
C VAL L 85 27.55 -13.13 106.29
N PRO L 86 27.31 -14.44 106.17
CA PRO L 86 28.38 -15.33 105.71
C PRO L 86 28.72 -15.05 104.27
N THR L 87 30.01 -15.00 103.97
CA THR L 87 30.49 -14.82 102.61
C THR L 87 31.63 -15.81 102.38
N LYS L 88 31.79 -16.24 101.13
CA LYS L 88 32.86 -17.13 100.74
C LYS L 88 33.97 -16.39 100.01
N HIS L 89 33.76 -15.11 99.74
CA HIS L 89 34.76 -14.30 99.07
C HIS L 89 34.61 -12.87 99.59
N GLY L 90 35.72 -12.30 100.05
CA GLY L 90 35.69 -10.97 100.63
C GLY L 90 36.94 -10.20 100.27
N GLU L 91 36.81 -8.88 100.27
CA GLU L 91 37.89 -8.02 99.83
C GLU L 91 38.02 -6.81 100.75
N TYR L 92 39.25 -6.53 101.16
CA TYR L 92 39.61 -5.29 101.81
C TYR L 92 40.40 -4.44 100.83
N VAL L 93 40.24 -3.12 100.89
CA VAL L 93 40.81 -2.28 99.85
C VAL L 93 41.10 -0.90 100.39
N THR L 94 42.20 -0.31 99.93
CA THR L 94 42.41 1.12 100.14
C THR L 94 42.90 1.77 98.85
N THR L 95 43.10 3.09 98.87
CA THR L 95 43.47 3.83 97.68
C THR L 95 44.88 4.38 97.84
N ASN L 96 45.77 4.03 96.91
CA ASN L 96 47.08 4.64 96.80
C ASN L 96 46.94 5.89 95.93
N THR L 97 47.38 7.03 96.46
CA THR L 97 47.49 8.29 95.75
C THR L 97 48.96 8.69 95.68
N GLY L 98 49.28 9.60 94.77
CA GLY L 98 50.67 9.97 94.54
C GLY L 98 50.76 11.18 93.64
N ASP L 99 51.94 11.80 93.66
CA ASP L 99 52.20 12.97 92.85
C ASP L 99 52.31 12.57 91.38
N ARG L 100 51.53 13.24 90.52
CA ARG L 100 51.42 12.91 89.10
C ARG L 100 50.89 11.50 88.88
N LEU L 101 50.10 10.98 89.81
CA LEU L 101 49.59 9.62 89.74
C LEU L 101 48.06 9.62 89.79
N MET L 102 47.48 8.64 89.11
CA MET L 102 46.05 8.40 89.17
C MET L 102 45.73 7.39 90.26
N ALA L 103 44.74 7.72 91.10
CA ALA L 103 44.40 6.90 92.25
C ALA L 103 44.20 5.43 91.85
N SER L 104 44.92 4.53 92.54
CA SER L 104 44.83 3.11 92.24
C SER L 104 44.66 2.32 93.53
N SER L 105 43.73 1.38 93.50
CA SER L 105 43.39 0.67 94.72
C SER L 105 44.34 -0.50 94.97
N THR L 106 44.66 -0.72 96.24
CA THR L 106 45.41 -1.87 96.74
C THR L 106 44.45 -2.84 97.42
N THR L 107 44.51 -4.12 97.03
CA THR L 107 43.45 -5.07 97.35
C THR L 107 43.98 -6.30 98.09
N VAL L 108 43.19 -6.76 99.05
CA VAL L 108 43.48 -7.94 99.86
C VAL L 108 42.25 -8.84 99.79
N THR L 109 42.39 -9.98 99.14
CA THR L 109 41.28 -10.87 98.84
C THR L 109 41.36 -12.13 99.70
N ARG L 110 40.24 -12.55 100.27
CA ARG L 110 40.18 -13.76 101.10
C ARG L 110 39.04 -14.65 100.61
N ASP L 111 39.37 -15.89 100.30
CA ASP L 111 38.41 -16.88 99.82
C ASP L 111 38.35 -18.01 100.82
N VAL L 112 37.15 -18.36 101.26
CA VAL L 112 36.93 -19.49 102.17
C VAL L 112 35.90 -20.42 101.55
N SER L 113 36.31 -21.67 101.25
CA SER L 113 35.40 -22.62 100.61
C SER L 113 35.95 -24.04 100.80
N ASN L 114 35.08 -24.96 101.20
CA ASN L 114 35.40 -26.39 101.21
C ASN L 114 36.66 -26.71 102.01
N GLY L 115 36.83 -26.00 103.13
CA GLY L 115 37.98 -26.20 104.00
C GLY L 115 39.27 -25.59 103.53
N ARG L 116 39.25 -24.88 102.41
CA ARG L 116 40.42 -24.25 101.85
C ARG L 116 40.25 -22.75 101.99
N THR L 117 41.21 -22.11 102.62
CA THR L 117 41.17 -20.68 102.83
C THR L 117 42.42 -20.07 102.20
N LYS L 118 42.22 -18.99 101.43
CA LYS L 118 43.30 -18.40 100.63
C LYS L 118 43.25 -16.88 100.67
N VAL L 119 44.36 -16.26 101.05
CA VAL L 119 44.52 -14.82 101.12
C VAL L 119 45.51 -14.39 100.05
N SER L 120 45.13 -13.40 99.24
CA SER L 120 45.96 -12.86 98.18
C SER L 120 46.08 -11.35 98.36
N ILE L 121 47.27 -10.80 98.08
CA ILE L 121 47.53 -9.38 98.22
C ILE L 121 48.08 -8.85 96.89
N ASP L 122 47.49 -7.76 96.40
CA ASP L 122 47.86 -7.16 95.12
C ASP L 122 48.09 -5.67 95.33
N ILE L 123 49.31 -5.21 95.03
CA ILE L 123 49.67 -3.79 95.09
C ILE L 123 50.21 -3.36 93.73
N PRO L 124 49.70 -2.28 93.15
CA PRO L 124 50.18 -1.82 91.84
C PRO L 124 51.35 -0.85 91.95
N TYR L 125 52.07 -0.72 90.84
CA TYR L 125 53.19 0.19 90.71
C TYR L 125 53.07 0.97 89.40
N TYR L 126 53.89 2.01 89.26
CA TYR L 126 53.88 2.92 88.13
C TYR L 126 55.30 3.09 87.58
N ASP L 127 55.35 3.68 86.38
CA ASP L 127 56.60 3.94 85.66
C ASP L 127 57.26 5.21 86.21
N ARG L 128 58.32 5.02 86.98
CA ARG L 128 59.00 6.16 87.59
C ARG L 128 59.57 7.09 86.53
N ASN L 129 60.00 6.55 85.39
CA ASN L 129 60.56 7.40 84.34
C ASN L 129 59.52 8.36 83.79
N ALA L 130 58.30 7.86 83.55
CA ALA L 130 57.22 8.75 83.14
C ALA L 130 56.90 9.76 84.22
N VAL L 131 56.83 9.31 85.49
CA VAL L 131 56.42 10.22 86.56
C VAL L 131 57.43 11.35 86.72
N GLU L 132 58.71 11.03 86.81
CA GLU L 132 59.73 12.05 87.02
C GLU L 132 59.98 12.86 85.76
N THR L 133 59.71 12.31 84.56
CA THR L 133 59.81 13.11 83.35
C THR L 133 58.72 14.16 83.29
N LEU L 134 57.50 13.81 83.70
CA LEU L 134 56.44 14.80 83.85
C LEU L 134 56.81 15.86 84.88
N LYS L 135 57.20 15.43 86.08
CA LYS L 135 57.61 16.39 87.11
C LYS L 135 58.65 17.35 86.56
N ALA L 136 59.68 16.83 85.91
CA ALA L 136 60.79 17.65 85.41
C ALA L 136 60.41 18.51 84.22
N SER L 137 59.36 18.15 83.47
CA SER L 137 58.95 18.92 82.31
C SER L 137 57.89 19.96 82.62
N ALA L 138 57.22 19.86 83.78
CA ALA L 138 56.23 20.86 84.20
C ALA L 138 55.09 20.97 83.20
N ILE L 139 54.53 19.82 82.88
CA ILE L 139 53.56 19.64 81.80
C ILE L 139 52.38 18.86 82.38
N PRO L 140 51.17 19.07 81.88
CA PRO L 140 49.98 18.65 82.63
C PRO L 140 49.76 17.12 82.82
N GLY L 141 50.53 16.25 82.16
CA GLY L 141 50.15 14.84 82.13
C GLY L 141 50.06 14.20 83.51
N ALA L 142 49.25 13.12 83.60
CA ALA L 142 49.27 12.18 84.73
C ALA L 142 49.22 10.74 84.22
N VAL L 143 49.66 9.80 85.08
CA VAL L 143 49.99 8.44 84.67
C VAL L 143 49.17 7.44 85.48
N ALA L 144 48.81 6.35 84.83
CA ALA L 144 48.09 5.20 85.38
C ALA L 144 49.06 4.07 85.70
N PRO L 145 48.63 3.06 86.48
CA PRO L 145 49.53 1.96 86.83
C PRO L 145 50.03 1.18 85.62
N VAL L 146 51.22 0.61 85.78
CA VAL L 146 51.87 -0.17 84.73
C VAL L 146 51.79 -1.67 85.01
N GLY L 147 51.69 -2.06 86.28
CA GLY L 147 51.62 -3.48 86.63
C GLY L 147 51.41 -3.61 88.12
N SER L 148 51.59 -4.82 88.61
CA SER L 148 51.35 -5.08 90.02
C SER L 148 52.27 -6.19 90.50
N PHE L 149 52.34 -6.31 91.83
CA PHE L 149 52.96 -7.44 92.49
C PHE L 149 51.94 -8.12 93.38
N LYS L 150 51.97 -9.45 93.39
CA LYS L 150 50.98 -10.27 94.05
C LYS L 150 51.65 -11.35 94.90
N VAL L 151 51.02 -11.64 96.03
CA VAL L 151 51.47 -12.66 96.97
C VAL L 151 50.25 -13.47 97.44
N ASN L 152 50.31 -14.79 97.28
CA ASN L 152 49.23 -15.69 97.66
C ASN L 152 49.64 -16.59 98.82
N VAL L 153 48.67 -16.92 99.67
CA VAL L 153 48.88 -17.79 100.82
C VAL L 153 47.63 -18.65 100.98
N GLU L 154 47.82 -19.96 101.16
CA GLU L 154 46.75 -20.93 100.99
C GLU L 154 46.87 -22.03 102.05
N VAL L 155 45.74 -22.37 102.66
CA VAL L 155 45.69 -23.35 103.75
C VAL L 155 44.62 -24.38 103.41
N LEU L 156 45.03 -25.65 103.30
CA LEU L 156 44.13 -26.73 102.89
C LEU L 156 43.72 -27.50 104.14
N GLY L 157 42.70 -27.00 104.81
CA GLY L 157 42.26 -27.52 106.09
C GLY L 157 41.13 -28.53 106.04
N GLY L 158 40.80 -29.02 104.85
CA GLY L 158 39.74 -29.98 104.72
C GLY L 158 40.17 -31.37 105.15
N GLY L 159 39.19 -32.20 105.46
CA GLY L 159 39.45 -33.59 105.75
C GLY L 159 39.58 -33.91 107.22
N VAL L 160 38.95 -33.12 108.10
CA VAL L 160 39.05 -33.39 109.52
C VAL L 160 38.36 -34.71 109.83
N LEU L 161 39.00 -35.53 110.66
CA LEU L 161 38.51 -36.87 110.95
C LEU L 161 37.28 -36.79 111.87
N THR L 162 36.59 -37.92 112.00
CA THR L 162 35.31 -37.92 112.70
C THR L 162 35.48 -37.67 114.20
N GLY L 163 36.52 -38.27 114.79
CA GLY L 163 36.67 -38.17 116.24
C GLY L 163 36.92 -36.77 116.73
N THR L 164 37.44 -35.90 115.88
CA THR L 164 37.85 -34.56 116.31
C THR L 164 36.65 -33.76 116.79
N ASP L 165 36.76 -33.23 118.01
CA ASP L 165 35.77 -32.32 118.54
C ASP L 165 36.24 -30.88 118.35
N ALA L 166 35.47 -29.95 118.90
CA ALA L 166 35.70 -28.53 118.65
C ALA L 166 37.03 -28.06 119.24
N ASN L 167 37.32 -28.46 120.49
CA ASN L 167 38.58 -28.09 121.14
C ASN L 167 39.78 -28.57 120.33
N ALA L 168 39.75 -29.83 119.91
CA ALA L 168 40.80 -30.38 119.06
C ALA L 168 40.92 -29.62 117.76
N GLN L 169 39.78 -29.18 117.20
CA GLN L 169 39.84 -28.39 115.97
C GLN L 169 40.54 -27.06 116.20
N PHE L 170 40.35 -26.45 117.36
CA PHE L 170 41.15 -25.27 117.68
C PHE L 170 42.63 -25.59 117.67
N ALA L 171 43.00 -26.72 118.24
CA ALA L 171 44.40 -27.11 118.23
C ALA L 171 44.91 -27.24 116.80
N LEU L 172 44.08 -27.81 115.91
CA LEU L 172 44.48 -27.96 114.52
C LEU L 172 44.59 -26.61 113.83
N ASP L 173 43.70 -25.68 114.20
CA ASP L 173 43.79 -24.31 113.72
C ASP L 173 45.17 -23.73 113.97
N GLU L 174 45.63 -23.84 115.22
CA GLU L 174 46.93 -23.27 115.56
C GLU L 174 48.07 -24.04 114.87
N LEU L 175 47.92 -25.36 114.71
CA LEU L 175 48.93 -26.13 113.99
C LEU L 175 49.12 -25.60 112.58
N LEU L 176 48.02 -25.41 111.86
CA LEU L 176 48.12 -24.89 110.50
C LEU L 176 48.72 -23.49 110.48
N SER L 177 48.34 -22.64 111.44
CA SER L 177 48.91 -21.29 111.43
C SER L 177 50.43 -21.34 111.65
N ASN L 178 50.90 -22.27 112.47
CA ASN L 178 52.35 -22.42 112.66
C ASN L 178 53.04 -22.90 111.39
N MET L 179 52.40 -23.83 110.66
CA MET L 179 52.95 -24.23 109.37
C MET L 179 52.98 -23.06 108.39
N LEU L 180 51.99 -22.18 108.47
CA LEU L 180 51.98 -20.95 107.68
C LEU L 180 53.21 -20.11 107.95
N MET L 181 53.49 -19.86 109.23
CA MET L 181 54.67 -19.07 109.59
C MET L 181 55.94 -19.72 109.09
N ASP L 182 56.06 -21.05 109.27
CA ASP L 182 57.24 -21.75 108.77
C ASP L 182 57.38 -21.58 107.27
N ALA L 183 56.28 -21.67 106.53
CA ALA L 183 56.34 -21.57 105.07
C ALA L 183 56.79 -20.18 104.63
N ALA L 184 56.25 -19.13 105.27
CA ALA L 184 56.66 -17.77 104.91
C ALA L 184 58.14 -17.55 105.22
N ARG L 185 58.61 -18.05 106.37
CA ARG L 185 60.03 -17.91 106.70
C ARG L 185 60.90 -18.65 105.69
N ILE L 186 60.47 -19.85 105.27
CA ILE L 186 61.25 -20.63 104.31
C ILE L 186 61.25 -19.97 102.94
N ALA L 187 60.18 -19.24 102.62
CA ALA L 187 60.11 -18.54 101.35
C ALA L 187 61.05 -17.33 101.33
N GLN L 188 61.02 -16.51 102.38
CA GLN L 188 61.85 -15.32 102.43
C GLN L 188 63.26 -15.59 102.93
N ASP L 189 63.57 -16.83 103.31
CA ASP L 189 64.85 -17.13 103.94
C ASP L 189 66.00 -16.79 103.01
N GLY L 190 67.06 -16.22 103.58
CA GLY L 190 68.27 -15.95 102.86
C GLY L 190 68.89 -14.59 103.17
N PRO L 191 70.16 -14.43 102.83
CA PRO L 191 70.81 -13.12 103.01
C PRO L 191 70.14 -12.05 102.16
N LYS L 192 70.07 -10.84 102.71
CA LYS L 192 69.64 -9.70 101.92
C LYS L 192 70.74 -9.18 101.01
N ASN L 193 71.96 -9.72 101.12
CA ASN L 193 73.01 -9.42 100.17
C ASN L 193 72.68 -9.90 98.77
N THR L 194 71.74 -10.85 98.63
CA THR L 194 71.67 -11.68 97.44
C THR L 194 70.24 -11.85 96.95
N ALA L 195 70.12 -12.10 95.65
CA ALA L 195 68.83 -12.24 95.00
C ALA L 195 68.03 -13.40 95.58
N ARG L 196 66.75 -13.16 95.92
CA ARG L 196 66.00 -14.31 96.38
C ARG L 196 64.55 -14.44 95.90
N LEU L 197 63.87 -13.37 95.43
CA LEU L 197 62.49 -13.51 94.97
C LEU L 197 62.18 -13.03 93.55
N VAL L 198 62.47 -11.76 93.22
CA VAL L 198 61.91 -11.13 92.02
C VAL L 198 62.68 -11.60 90.80
N ALA L 199 61.98 -11.65 89.66
CA ALA L 199 62.56 -12.02 88.36
C ALA L 199 63.29 -13.35 88.45
N ALA L 200 62.79 -14.25 89.29
CA ALA L 200 63.45 -15.53 89.55
C ALA L 200 63.48 -16.40 88.31
N SER L 201 64.63 -17.00 88.03
CA SER L 201 64.82 -17.95 86.93
C SER L 201 64.89 -19.39 87.44
N HIS L 202 65.72 -19.63 88.45
CA HIS L 202 65.91 -20.93 89.07
C HIS L 202 66.54 -20.69 90.43
N GLY L 203 66.62 -21.75 91.21
CA GLY L 203 67.18 -21.69 92.56
C GLY L 203 68.54 -22.37 92.56
N VAL L 204 69.50 -21.78 93.26
CA VAL L 204 70.81 -22.39 93.42
C VAL L 204 71.22 -22.33 94.88
N MET L 205 71.77 -23.44 95.39
CA MET L 205 72.29 -23.59 96.75
C MET L 205 73.78 -23.34 96.77
N PRO L 206 74.29 -22.66 97.80
CA PRO L 206 75.73 -22.40 97.90
C PRO L 206 76.51 -23.64 98.34
N GLN L 207 77.83 -23.52 98.27
CA GLN L 207 78.75 -24.56 98.69
C GLN L 207 79.38 -24.17 100.02
N ALA L 208 79.34 -25.10 100.98
CA ALA L 208 79.95 -24.91 102.30
C ALA L 208 79.42 -23.67 103.00
N GLY M 11 -27.61 -81.46 106.19
CA GLY M 11 -26.76 -81.18 107.33
C GLY M 11 -26.17 -82.43 107.98
N GLN M 12 -25.92 -82.34 109.29
CA GLN M 12 -25.33 -83.45 110.03
C GLN M 12 -26.24 -84.67 110.02
N LEU M 13 -25.68 -85.81 110.40
CA LEU M 13 -26.36 -87.09 110.40
C LEU M 13 -26.52 -87.61 111.82
N TYR M 14 -27.71 -88.16 112.12
CA TYR M 14 -27.97 -88.76 113.44
C TYR M 14 -28.80 -90.02 113.24
N MET M 15 -29.18 -90.68 114.34
CA MET M 15 -29.92 -91.94 114.27
C MET M 15 -31.36 -91.72 114.70
N GLY M 16 -32.27 -91.83 113.73
CA GLY M 16 -33.70 -91.86 114.00
C GLY M 16 -34.19 -93.30 113.86
N GLN M 17 -35.41 -93.52 114.36
CA GLN M 17 -35.91 -94.89 114.41
C GLN M 17 -36.17 -95.45 113.01
N GLN M 18 -36.26 -94.59 112.00
CA GLN M 18 -36.34 -95.09 110.63
C GLN M 18 -34.99 -95.60 110.14
N GLY M 19 -33.91 -95.10 110.74
CA GLY M 19 -32.57 -95.37 110.30
C GLY M 19 -31.73 -94.10 110.44
N PRO M 20 -30.52 -94.09 109.89
CA PRO M 20 -29.73 -92.85 109.89
C PRO M 20 -30.44 -91.77 109.09
N VAL M 21 -30.60 -90.61 109.71
CA VAL M 21 -31.44 -89.54 109.17
C VAL M 21 -30.68 -88.22 109.23
N GLN M 22 -30.90 -87.39 108.21
CA GLN M 22 -30.23 -86.11 108.09
C GLN M 22 -30.96 -85.05 108.90
N SER M 23 -30.23 -84.35 109.75
CA SER M 23 -30.82 -83.25 110.51
C SER M 23 -31.20 -82.12 109.56
N SER M 24 -32.30 -81.43 109.89
CA SER M 24 -32.84 -80.41 109.00
C SER M 24 -33.34 -79.21 109.80
N ARG M 25 -33.17 -78.02 109.21
CA ARG M 25 -33.53 -76.76 109.83
C ARG M 25 -34.53 -76.05 108.93
N THR M 26 -35.76 -75.86 109.41
CA THR M 26 -36.82 -75.31 108.57
C THR M 26 -37.51 -74.14 109.26
N THR M 27 -38.15 -73.31 108.43
CA THR M 27 -38.96 -72.19 108.90
C THR M 27 -40.42 -72.58 109.06
N PHE M 28 -40.72 -73.87 108.97
CA PHE M 28 -42.09 -74.35 109.05
C PHE M 28 -42.62 -74.21 110.46
N GLY M 29 -43.81 -73.62 110.59
CA GLY M 29 -44.49 -73.54 111.87
C GLY M 29 -44.07 -72.41 112.78
N VAL M 30 -43.44 -71.35 112.25
CA VAL M 30 -43.05 -70.19 113.03
C VAL M 30 -43.82 -68.98 112.51
N ASN M 31 -44.68 -68.42 113.35
CA ASN M 31 -45.48 -67.24 112.98
C ASN M 31 -44.77 -65.99 113.46
N PRO M 32 -44.12 -65.23 112.59
CA PRO M 32 -43.48 -63.97 113.01
C PRO M 32 -44.33 -62.73 112.82
N ASP M 33 -45.61 -62.87 112.46
CA ASP M 33 -46.49 -61.72 112.31
C ASP M 33 -46.43 -60.83 113.55
N ARG M 34 -46.48 -59.52 113.34
CA ARG M 34 -46.42 -58.56 114.43
C ARG M 34 -47.71 -57.75 114.51
N GLN M 35 -47.96 -57.24 115.70
CA GLN M 35 -49.11 -56.39 115.99
C GLN M 35 -48.69 -54.94 115.85
N ALA M 36 -49.53 -54.14 115.17
CA ALA M 36 -49.19 -52.75 114.91
C ALA M 36 -49.08 -51.97 116.20
N ASN M 37 -48.17 -50.99 116.20
CA ASN M 37 -47.96 -50.12 117.35
C ASN M 37 -49.04 -49.04 117.33
N ALA M 38 -50.23 -49.43 117.80
CA ALA M 38 -51.44 -48.60 117.81
C ALA M 38 -52.03 -48.50 119.20
N ARG M 39 -51.16 -48.45 120.21
CA ARG M 39 -51.58 -48.55 121.61
C ARG M 39 -51.33 -47.23 122.32
N PRO M 40 -52.37 -46.48 122.70
CA PRO M 40 -52.15 -45.28 123.51
C PRO M 40 -51.49 -45.63 124.84
N VAL M 41 -50.55 -44.78 125.27
CA VAL M 41 -49.81 -45.01 126.51
C VAL M 41 -50.05 -43.86 127.45
N TYR M 42 -49.84 -44.15 128.74
CA TYR M 42 -50.02 -43.15 129.78
C TYR M 42 -48.92 -42.10 129.70
N LEU M 43 -49.34 -40.84 129.81
CA LEU M 43 -48.43 -39.70 129.80
C LEU M 43 -48.53 -39.00 131.14
N ALA M 44 -47.43 -39.02 131.91
CA ALA M 44 -47.45 -38.50 133.26
C ALA M 44 -47.87 -37.03 133.28
N PRO M 45 -48.62 -36.58 134.29
CA PRO M 45 -49.02 -35.16 134.36
C PRO M 45 -47.91 -34.25 134.86
N ALA M 46 -46.78 -34.80 135.28
CA ALA M 46 -45.62 -34.02 135.69
C ALA M 46 -44.44 -34.96 135.78
N ALA M 47 -43.24 -34.38 135.76
CA ALA M 47 -42.02 -35.18 135.71
C ALA M 47 -41.27 -35.06 137.03
N PRO M 48 -41.12 -36.13 137.84
CA PRO M 48 -40.40 -35.97 139.10
C PRO M 48 -38.90 -36.11 138.95
N MET M 49 -38.14 -35.04 139.23
CA MET M 49 -36.68 -35.08 139.25
C MET M 49 -36.14 -35.08 140.68
N GLU M 50 -36.75 -35.84 141.59
CA GLU M 50 -36.38 -35.71 143.00
C GLU M 50 -34.94 -36.14 143.27
N ASN M 51 -34.50 -37.26 142.68
CA ASN M 51 -33.17 -37.78 142.98
C ASN M 51 -32.09 -36.75 142.65
N THR M 52 -32.10 -36.23 141.42
CA THR M 52 -31.05 -35.31 140.98
C THR M 52 -31.04 -34.03 141.82
N TYR M 53 -32.20 -33.51 142.17
CA TYR M 53 -32.25 -32.23 142.88
C TYR M 53 -31.93 -32.37 144.36
N THR M 54 -32.29 -33.49 144.99
CA THR M 54 -31.78 -33.73 146.34
C THR M 54 -30.27 -33.86 146.34
N TYR M 55 -29.68 -34.52 145.33
CA TYR M 55 -28.22 -34.54 145.30
C TYR M 55 -27.65 -33.14 145.07
N LEU M 56 -28.32 -32.33 144.24
CA LEU M 56 -27.83 -30.97 143.99
C LEU M 56 -27.92 -30.11 145.24
N GLY M 57 -28.92 -30.34 146.09
CA GLY M 57 -28.93 -29.72 147.39
C GLY M 57 -27.81 -30.23 148.27
N SER M 58 -27.49 -31.51 148.15
CA SER M 58 -26.39 -32.09 148.93
C SER M 58 -25.07 -31.39 148.65
N ILE M 59 -24.71 -31.23 147.37
CA ILE M 59 -23.40 -30.65 147.07
C ILE M 59 -23.48 -29.12 147.03
N GLN M 60 -24.61 -28.56 147.46
CA GLN M 60 -24.82 -27.12 147.51
C GLN M 60 -24.79 -26.49 146.11
N PHE M 61 -25.28 -27.23 145.10
CA PHE M 61 -25.42 -26.74 143.73
C PHE M 61 -24.10 -26.28 143.14
N ALA M 62 -23.03 -26.98 143.46
CA ALA M 62 -21.71 -26.56 142.99
C ALA M 62 -20.79 -27.77 143.00
N ALA M 63 -20.22 -28.09 141.84
CA ALA M 63 -19.13 -29.06 141.75
C ALA M 63 -18.00 -28.43 140.95
N GLY M 64 -16.88 -28.18 141.61
CA GLY M 64 -15.76 -27.54 140.93
C GLY M 64 -16.12 -26.18 140.40
N ARG M 65 -15.95 -26.02 139.09
CA ARG M 65 -16.26 -24.78 138.39
C ARG M 65 -17.69 -24.74 137.86
N HIS M 66 -18.41 -25.86 137.96
CA HIS M 66 -19.79 -25.95 137.51
C HIS M 66 -20.70 -25.52 138.65
N ILE M 67 -21.40 -24.40 138.47
CA ILE M 67 -22.37 -23.94 139.46
C ILE M 67 -23.75 -24.11 138.85
N PHE M 68 -24.69 -24.62 139.62
CA PHE M 68 -26.00 -24.96 139.09
C PHE M 68 -27.07 -24.04 139.63
N GLY M 69 -28.18 -23.94 138.90
CA GLY M 69 -29.29 -23.15 139.35
C GLY M 69 -30.20 -23.93 140.29
N GLU M 70 -30.88 -23.19 141.16
CA GLU M 70 -31.88 -23.76 142.06
C GLU M 70 -33.22 -23.83 141.34
N PRO M 71 -33.85 -25.01 141.30
CA PRO M 71 -35.09 -25.16 140.51
C PRO M 71 -36.25 -24.38 141.11
N ALA M 72 -37.31 -24.28 140.32
CA ALA M 72 -38.58 -23.83 140.85
C ALA M 72 -39.24 -24.91 141.68
N SER M 73 -39.30 -26.13 141.14
CA SER M 73 -39.90 -27.26 141.82
C SER M 73 -39.07 -28.50 141.55
N ASN M 74 -39.08 -29.43 142.52
CA ASN M 74 -38.49 -30.74 142.30
C ASN M 74 -39.30 -31.55 141.29
N VAL M 75 -40.57 -31.20 141.10
CA VAL M 75 -41.45 -31.87 140.16
C VAL M 75 -41.86 -30.86 139.09
N LEU M 76 -41.63 -31.21 137.82
CA LEU M 76 -41.74 -30.31 136.69
C LEU M 76 -43.13 -30.37 136.07
N PRO M 77 -43.73 -29.21 135.80
CA PRO M 77 -45.05 -29.17 135.20
C PRO M 77 -44.98 -29.33 133.70
N PRO M 78 -46.07 -29.76 133.06
CA PRO M 78 -46.08 -29.85 131.61
C PRO M 78 -45.92 -28.49 130.94
N GLN M 79 -45.28 -28.49 129.77
CA GLN M 79 -45.06 -27.28 128.99
C GLN M 79 -45.94 -27.20 127.75
N ASN M 80 -46.16 -28.32 127.05
CA ASN M 80 -46.99 -28.30 125.85
C ASN M 80 -47.94 -29.50 125.82
N ILE M 81 -48.30 -30.01 126.99
CA ILE M 81 -49.18 -31.18 127.11
C ILE M 81 -50.50 -30.72 127.73
N VAL M 82 -51.60 -31.18 127.15
CA VAL M 82 -52.91 -30.81 127.66
C VAL M 82 -53.70 -32.09 127.86
N PRO M 83 -54.41 -32.22 128.97
CA PRO M 83 -55.17 -33.45 129.23
C PRO M 83 -56.17 -33.70 128.12
N GLY M 84 -56.23 -34.95 127.69
CA GLY M 84 -57.19 -35.33 126.67
C GLY M 84 -56.78 -35.02 125.25
N VAL M 85 -55.60 -34.45 125.04
CA VAL M 85 -55.10 -34.18 123.70
C VAL M 85 -53.93 -35.11 123.44
N PRO M 86 -53.98 -35.97 122.43
CA PRO M 86 -52.89 -36.93 122.20
C PRO M 86 -51.73 -36.27 121.47
N THR M 87 -50.52 -36.51 121.98
CA THR M 87 -49.29 -35.95 121.40
C THR M 87 -48.28 -37.07 121.30
N LYS M 88 -47.36 -36.92 120.35
CA LYS M 88 -46.21 -37.80 120.23
C LYS M 88 -44.95 -37.16 120.80
N HIS M 89 -45.06 -35.92 121.27
CA HIS M 89 -43.94 -35.19 121.86
C HIS M 89 -44.46 -34.32 122.98
N GLY M 90 -43.86 -34.47 124.17
CA GLY M 90 -44.27 -33.71 125.34
C GLY M 90 -43.09 -33.20 126.16
N GLU M 91 -43.21 -31.99 126.68
CA GLU M 91 -42.11 -31.36 127.39
C GLU M 91 -42.57 -30.91 128.77
N TYR M 92 -41.70 -31.10 129.76
CA TYR M 92 -41.85 -30.53 131.09
C TYR M 92 -40.67 -29.61 131.36
N VAL M 93 -40.90 -28.55 132.13
CA VAL M 93 -39.86 -27.53 132.31
C VAL M 93 -40.06 -26.82 133.64
N THR M 94 -38.95 -26.47 134.30
CA THR M 94 -38.99 -25.40 135.30
C THR M 94 -37.87 -24.41 134.99
N THR M 95 -37.75 -23.37 135.82
CA THR M 95 -36.73 -22.34 135.60
C THR M 95 -35.82 -22.28 136.81
N ASN M 96 -34.55 -22.67 136.61
CA ASN M 96 -33.52 -22.52 137.62
C ASN M 96 -33.21 -21.03 137.81
N THR M 97 -33.01 -20.63 139.07
CA THR M 97 -32.58 -19.29 139.43
C THR M 97 -31.41 -19.36 140.41
N GLY M 98 -30.77 -18.22 140.66
CA GLY M 98 -29.60 -18.22 141.53
C GLY M 98 -29.08 -16.81 141.72
N ASP M 99 -28.17 -16.68 142.68
CA ASP M 99 -27.58 -15.40 143.01
C ASP M 99 -26.66 -14.94 141.87
N ARG M 100 -26.98 -13.78 141.28
CA ARG M 100 -26.22 -13.23 140.16
C ARG M 100 -26.17 -14.20 138.99
N LEU M 101 -27.25 -14.95 138.80
CA LEU M 101 -27.40 -15.88 137.68
C LEU M 101 -28.65 -15.52 136.90
N MET M 102 -28.51 -15.35 135.59
CA MET M 102 -29.69 -15.16 134.76
C MET M 102 -30.48 -16.45 134.70
N ALA M 103 -31.76 -16.39 135.06
CA ALA M 103 -32.57 -17.60 135.20
C ALA M 103 -32.64 -18.36 133.87
N SER M 104 -32.60 -19.68 133.98
CA SER M 104 -32.45 -20.56 132.82
C SER M 104 -33.24 -21.83 133.04
N SER M 105 -33.90 -22.30 131.99
CA SER M 105 -34.84 -23.40 132.10
C SER M 105 -34.12 -24.76 132.11
N THR M 106 -34.68 -25.70 132.86
CA THR M 106 -34.27 -27.10 132.82
C THR M 106 -35.44 -27.91 132.25
N THR M 107 -35.13 -28.82 131.32
CA THR M 107 -36.13 -29.42 130.42
C THR M 107 -36.09 -30.94 130.45
N VAL M 108 -37.27 -31.55 130.36
CA VAL M 108 -37.44 -32.99 130.32
C VAL M 108 -38.36 -33.29 129.15
N THR M 109 -37.83 -33.97 128.14
CA THR M 109 -38.52 -34.22 126.88
C THR M 109 -38.87 -35.69 126.75
N ARG M 110 -40.08 -35.98 126.28
CA ARG M 110 -40.55 -37.34 126.07
C ARG M 110 -41.12 -37.47 124.68
N ASP M 111 -40.57 -38.38 123.88
CA ASP M 111 -40.99 -38.65 122.51
C ASP M 111 -41.51 -40.08 122.45
N VAL M 112 -42.75 -40.23 121.99
CA VAL M 112 -43.38 -41.54 121.90
C VAL M 112 -43.83 -41.75 120.46
N SER M 113 -43.08 -42.53 119.69
CA SER M 113 -43.40 -42.78 118.28
C SER M 113 -43.09 -44.22 117.91
N ASN M 114 -44.07 -44.88 117.29
CA ASN M 114 -43.87 -46.19 116.64
C ASN M 114 -43.28 -47.22 117.59
N GLY M 115 -43.79 -47.26 118.81
CA GLY M 115 -43.31 -48.21 119.81
C GLY M 115 -42.03 -47.83 120.51
N ARG M 116 -41.45 -46.68 120.18
CA ARG M 116 -40.20 -46.25 120.75
C ARG M 116 -40.50 -45.08 121.68
N THR M 117 -40.22 -45.27 122.97
CA THR M 117 -40.36 -44.23 123.98
C THR M 117 -38.96 -43.72 124.33
N LYS M 118 -38.78 -42.39 124.33
CA LYS M 118 -37.48 -41.80 124.66
C LYS M 118 -37.64 -40.58 125.55
N VAL M 119 -36.98 -40.61 126.70
CA VAL M 119 -36.98 -39.52 127.69
C VAL M 119 -35.57 -38.95 127.78
N SER M 120 -35.47 -37.63 127.66
CA SER M 120 -34.19 -36.93 127.75
C SER M 120 -34.29 -35.81 128.78
N ILE M 121 -33.20 -35.62 129.53
CA ILE M 121 -33.13 -34.59 130.58
C ILE M 121 -31.94 -33.70 130.29
N ASP M 122 -32.18 -32.38 130.27
CA ASP M 122 -31.14 -31.39 129.98
C ASP M 122 -31.17 -30.33 131.07
N ILE M 123 -30.08 -30.23 131.83
CA ILE M 123 -29.93 -29.23 132.89
C ILE M 123 -28.73 -28.35 132.57
N PRO M 124 -28.87 -27.03 132.62
CA PRO M 124 -27.74 -26.14 132.35
C PRO M 124 -26.88 -25.90 133.59
N TYR M 125 -25.71 -25.32 133.35
CA TYR M 125 -24.82 -24.89 134.43
C TYR M 125 -24.15 -23.58 134.04
N TYR M 126 -23.43 -23.00 135.00
CA TYR M 126 -22.81 -21.69 134.84
C TYR M 126 -21.36 -21.73 135.31
N ASP M 127 -20.63 -20.68 134.91
CA ASP M 127 -19.19 -20.53 135.15
C ASP M 127 -18.95 -20.00 136.56
N ARG M 128 -18.56 -20.88 137.49
CA ARG M 128 -18.36 -20.43 138.86
C ARG M 128 -17.19 -19.46 138.96
N ASN M 129 -16.18 -19.58 138.10
CA ASN M 129 -15.10 -18.60 138.10
C ASN M 129 -15.66 -17.19 137.87
N ALA M 130 -16.54 -17.06 136.87
CA ALA M 130 -17.16 -15.76 136.59
C ALA M 130 -18.08 -15.33 137.73
N VAL M 131 -18.88 -16.25 138.27
CA VAL M 131 -19.85 -15.87 139.30
C VAL M 131 -19.14 -15.39 140.57
N GLU M 132 -18.10 -16.11 141.00
CA GLU M 132 -17.36 -15.69 142.19
C GLU M 132 -16.49 -14.47 141.92
N THR M 133 -16.06 -14.24 140.67
CA THR M 133 -15.45 -12.95 140.36
C THR M 133 -16.43 -11.81 140.58
N LEU M 134 -17.68 -11.99 140.10
CA LEU M 134 -18.74 -11.01 140.32
C LEU M 134 -18.95 -10.73 141.80
N LYS M 135 -19.10 -11.78 142.60
CA LYS M 135 -19.34 -11.58 144.02
C LYS M 135 -18.14 -10.92 144.70
N ALA M 136 -16.92 -11.40 144.40
CA ALA M 136 -15.74 -11.00 145.15
C ALA M 136 -15.34 -9.56 144.89
N SER M 137 -15.35 -9.12 143.62
CA SER M 137 -14.98 -7.73 143.35
C SER M 137 -16.19 -6.81 143.27
N ALA M 138 -17.37 -7.29 143.70
CA ALA M 138 -18.58 -6.46 143.84
C ALA M 138 -19.00 -5.81 142.52
N ILE M 139 -18.99 -6.59 141.45
CA ILE M 139 -19.43 -6.15 140.13
C ILE M 139 -20.96 -6.34 140.07
N PRO M 140 -21.71 -5.52 139.35
CA PRO M 140 -23.18 -5.63 139.37
C PRO M 140 -23.81 -6.54 138.32
N GLY M 141 -23.03 -7.14 137.41
CA GLY M 141 -23.63 -7.94 136.35
C GLY M 141 -24.02 -9.35 136.80
N ALA M 142 -24.56 -10.11 135.84
CA ALA M 142 -24.94 -11.51 136.03
C ALA M 142 -24.34 -12.36 134.93
N VAL M 143 -24.38 -13.68 135.12
CA VAL M 143 -23.83 -14.66 134.18
C VAL M 143 -24.96 -15.46 133.55
N ALA M 144 -24.82 -15.71 132.26
CA ALA M 144 -25.69 -16.58 131.48
C ALA M 144 -25.14 -18.00 131.50
N PRO M 145 -25.99 -19.01 131.22
CA PRO M 145 -25.50 -20.39 131.25
C PRO M 145 -24.33 -20.59 130.31
N VAL M 146 -23.46 -21.53 130.69
CA VAL M 146 -22.23 -21.77 129.98
C VAL M 146 -22.25 -23.10 129.23
N GLY M 147 -22.98 -24.08 129.74
CA GLY M 147 -23.16 -25.35 129.05
C GLY M 147 -24.27 -26.14 129.70
N SER M 148 -24.35 -27.42 129.36
CA SER M 148 -25.38 -28.26 129.94
C SER M 148 -24.86 -29.69 130.11
N PHE M 149 -25.67 -30.49 130.80
CA PHE M 149 -25.52 -31.94 130.85
C PHE M 149 -26.83 -32.59 130.46
N LYS M 150 -26.73 -33.71 129.73
CA LYS M 150 -27.87 -34.40 129.17
C LYS M 150 -27.79 -35.90 129.41
N VAL M 151 -28.95 -36.49 129.70
CA VAL M 151 -29.10 -37.92 129.93
C VAL M 151 -30.30 -38.41 129.14
N ASN M 152 -30.08 -39.44 128.31
CA ASN M 152 -31.11 -39.99 127.44
C ASN M 152 -31.43 -41.44 127.85
N VAL M 153 -32.69 -41.80 127.73
CA VAL M 153 -33.15 -43.15 128.05
C VAL M 153 -34.18 -43.53 126.98
N GLU M 154 -34.09 -44.77 126.48
CA GLU M 154 -34.81 -45.18 125.30
C GLU M 154 -35.29 -46.61 125.46
N VAL M 155 -36.56 -46.84 125.16
CA VAL M 155 -37.19 -48.15 125.29
C VAL M 155 -37.77 -48.49 123.93
N LEU M 156 -37.21 -49.52 123.28
CA LEU M 156 -37.65 -49.97 121.97
C LEU M 156 -38.61 -51.12 122.19
N GLY M 157 -39.91 -50.80 122.25
CA GLY M 157 -40.91 -51.79 122.60
C GLY M 157 -41.82 -52.11 121.44
N GLY M 158 -41.33 -51.87 120.23
CA GLY M 158 -42.12 -52.15 119.07
C GLY M 158 -42.18 -53.63 118.74
N GLY M 159 -43.13 -53.98 117.88
CA GLY M 159 -43.18 -55.32 117.32
C GLY M 159 -43.52 -56.38 118.32
N VAL M 160 -44.67 -56.22 118.97
CA VAL M 160 -45.21 -57.32 119.75
C VAL M 160 -45.89 -58.31 118.81
N LEU M 161 -45.93 -59.57 119.23
CA LEU M 161 -46.50 -60.63 118.42
C LEU M 161 -48.03 -60.54 118.38
N THR M 162 -48.63 -61.29 117.45
CA THR M 162 -50.05 -61.10 117.14
C THR M 162 -50.95 -61.64 118.25
N GLY M 163 -50.56 -62.75 118.86
CA GLY M 163 -51.33 -63.33 119.94
C GLY M 163 -51.07 -62.72 121.29
N THR M 164 -50.37 -61.59 121.36
CA THR M 164 -50.12 -60.94 122.63
C THR M 164 -51.43 -60.40 123.19
N ASP M 165 -51.87 -60.97 124.30
CA ASP M 165 -53.13 -60.57 124.91
C ASP M 165 -53.05 -59.14 125.41
N ALA M 166 -54.19 -58.46 125.39
CA ALA M 166 -54.25 -57.11 125.97
C ALA M 166 -53.72 -57.10 127.40
N ASN M 167 -54.05 -58.14 128.19
CA ASN M 167 -53.56 -58.24 129.56
C ASN M 167 -52.05 -58.47 129.60
N ALA M 168 -51.53 -59.28 128.69
CA ALA M 168 -50.11 -59.60 128.70
C ALA M 168 -49.24 -58.44 128.27
N GLN M 169 -49.82 -57.44 127.59
CA GLN M 169 -49.03 -56.26 127.24
C GLN M 169 -48.63 -55.49 128.49
N PHE M 170 -49.42 -55.58 129.56
CA PHE M 170 -49.02 -54.96 130.83
C PHE M 170 -47.82 -55.67 131.41
N ALA M 171 -47.83 -57.01 131.35
CA ALA M 171 -46.68 -57.75 131.83
C ALA M 171 -45.43 -57.37 131.04
N LEU M 172 -45.57 -57.19 129.73
CA LEU M 172 -44.45 -56.75 128.92
C LEU M 172 -44.01 -55.35 129.32
N ASP M 173 -44.98 -54.48 129.65
CA ASP M 173 -44.66 -53.14 130.14
C ASP M 173 -43.71 -53.23 131.33
N GLU M 174 -44.09 -54.03 132.32
CA GLU M 174 -43.27 -54.14 133.53
C GLU M 174 -41.92 -54.78 133.23
N LEU M 175 -41.88 -55.75 132.31
CA LEU M 175 -40.59 -56.33 131.92
C LEU M 175 -39.64 -55.27 131.38
N LEU M 176 -40.14 -54.42 130.48
CA LEU M 176 -39.30 -53.36 129.94
C LEU M 176 -38.87 -52.38 131.02
N SER M 177 -39.75 -52.04 131.94
CA SER M 177 -39.36 -51.09 132.99
C SER M 177 -38.27 -51.68 133.89
N ASN M 178 -38.32 -52.99 134.14
CA ASN M 178 -37.25 -53.63 134.92
C ASN M 178 -35.93 -53.66 134.16
N MET M 179 -35.98 -53.87 132.85
CA MET M 179 -34.76 -53.73 132.05
C MET M 179 -34.21 -52.31 132.14
N LEU M 180 -35.10 -51.32 132.17
CA LEU M 180 -34.69 -49.93 132.37
C LEU M 180 -33.89 -49.75 133.65
N MET M 181 -34.45 -50.24 134.76
CA MET M 181 -33.76 -50.12 136.05
C MET M 181 -32.39 -50.80 136.00
N ASP M 182 -32.33 -52.03 135.44
CA ASP M 182 -31.06 -52.72 135.35
C ASP M 182 -30.06 -51.95 134.50
N ALA M 183 -30.54 -51.29 133.44
CA ALA M 183 -29.66 -50.55 132.56
C ALA M 183 -29.05 -49.35 133.27
N ALA M 184 -29.86 -48.59 134.01
CA ALA M 184 -29.30 -47.45 134.72
C ALA M 184 -28.33 -47.90 135.82
N ARG M 185 -28.64 -49.02 136.49
CA ARG M 185 -27.72 -49.51 137.50
C ARG M 185 -26.39 -49.92 136.88
N ILE M 186 -26.43 -50.57 135.71
CA ILE M 186 -25.19 -50.95 135.03
C ILE M 186 -24.46 -49.71 134.53
N ALA M 187 -25.21 -48.66 134.21
CA ALA M 187 -24.59 -47.44 133.72
C ALA M 187 -23.79 -46.73 134.80
N GLN M 188 -24.34 -46.65 136.02
CA GLN M 188 -23.65 -45.94 137.10
C GLN M 188 -22.91 -46.86 138.05
N ASP M 189 -22.91 -48.15 137.78
CA ASP M 189 -22.29 -49.11 138.68
C ASP M 189 -20.81 -48.81 138.83
N GLY M 190 -20.32 -48.92 140.05
CA GLY M 190 -18.90 -48.73 140.30
C GLY M 190 -18.65 -48.00 141.60
N PRO M 191 -17.43 -48.11 142.12
CA PRO M 191 -17.08 -47.37 143.33
C PRO M 191 -17.07 -45.89 143.03
N LYS M 192 -17.42 -45.10 144.04
CA LYS M 192 -17.36 -43.65 143.96
C LYS M 192 -15.97 -43.12 144.29
N ASN M 193 -15.02 -44.01 144.61
CA ASN M 193 -13.63 -43.62 144.78
C ASN M 193 -12.97 -43.35 143.45
N THR M 194 -13.51 -43.89 142.35
CA THR M 194 -12.83 -43.88 141.07
C THR M 194 -13.72 -43.26 140.00
N ALA M 195 -13.08 -42.71 138.97
CA ALA M 195 -13.78 -42.04 137.89
C ALA M 195 -14.68 -43.00 137.13
N ARG M 196 -15.92 -42.57 136.82
CA ARG M 196 -16.76 -43.47 136.04
C ARG M 196 -17.64 -42.85 134.95
N LEU M 197 -17.96 -41.54 134.98
CA LEU M 197 -18.88 -41.04 133.95
C LEU M 197 -18.38 -39.88 133.08
N VAL M 198 -17.98 -38.75 133.69
CA VAL M 198 -17.78 -37.52 132.91
C VAL M 198 -16.40 -37.54 132.28
N ALA M 199 -16.27 -36.77 131.19
CA ALA M 199 -15.01 -36.62 130.47
C ALA M 199 -14.44 -37.98 130.05
N ALA M 200 -15.32 -38.96 129.88
CA ALA M 200 -14.90 -40.34 129.63
C ALA M 200 -14.10 -40.45 128.34
N SER M 201 -12.99 -41.17 128.41
CA SER M 201 -12.15 -41.45 127.25
C SER M 201 -12.26 -42.89 126.79
N HIS M 202 -12.16 -43.83 127.72
CA HIS M 202 -12.33 -45.26 127.47
C HIS M 202 -12.61 -45.93 128.81
N GLY M 203 -12.92 -47.22 128.75
CA GLY M 203 -13.18 -48.01 129.94
C GLY M 203 -11.97 -48.89 130.27
N VAL M 204 -11.70 -49.03 131.57
CA VAL M 204 -10.64 -49.93 132.01
C VAL M 204 -11.13 -50.72 133.22
N MET M 205 -11.48 -51.99 133.01
CA MET M 205 -11.93 -52.79 134.14
C MET M 205 -10.73 -53.30 134.94
N PRO M 206 -10.80 -53.28 136.27
CA PRO M 206 -9.62 -53.59 137.07
C PRO M 206 -9.35 -55.09 137.13
N GLN M 207 -8.06 -55.43 137.31
CA GLN M 207 -7.65 -56.83 137.36
C GLN M 207 -8.17 -57.51 138.61
N ALA M 208 -8.08 -56.83 139.74
CA ALA M 208 -8.57 -57.34 141.00
C ALA M 208 -8.78 -56.17 141.96
N PRO N 20 -20.23 0.35 110.29
CA PRO N 20 -21.41 -0.43 110.65
C PRO N 20 -21.56 -0.65 112.17
N VAL N 21 -22.61 -0.09 112.75
CA VAL N 21 -22.88 -0.20 114.18
C VAL N 21 -23.84 -1.36 114.38
N GLN N 22 -23.47 -2.33 115.21
CA GLN N 22 -24.28 -3.52 115.45
C GLN N 22 -24.77 -3.57 116.90
N SER N 23 -25.93 -4.16 117.11
CA SER N 23 -26.54 -4.26 118.42
C SER N 23 -26.28 -5.64 119.02
N SER N 24 -26.21 -5.70 120.36
CA SER N 24 -25.92 -6.95 121.04
C SER N 24 -26.55 -6.98 122.43
N ARG N 25 -26.60 -8.20 122.98
CA ARG N 25 -27.16 -8.49 124.30
C ARG N 25 -26.04 -9.09 125.15
N THR N 26 -25.62 -8.36 126.18
CA THR N 26 -24.42 -8.69 126.91
C THR N 26 -24.74 -9.29 128.28
N THR N 27 -23.94 -10.29 128.66
CA THR N 27 -23.83 -10.69 130.06
C THR N 27 -22.35 -10.74 130.41
N PHE N 28 -22.05 -10.66 131.70
CA PHE N 28 -20.67 -10.73 132.13
C PHE N 28 -20.13 -12.15 131.93
N GLY N 29 -18.84 -12.22 131.61
CA GLY N 29 -18.19 -13.49 131.48
C GLY N 29 -17.27 -13.58 130.27
N VAL N 30 -16.73 -14.78 130.07
CA VAL N 30 -15.96 -15.12 128.87
C VAL N 30 -16.35 -16.53 128.49
N ASN N 31 -16.38 -16.79 127.19
CA ASN N 31 -16.59 -18.14 126.70
C ASN N 31 -15.60 -19.08 127.38
N PRO N 32 -16.05 -20.20 127.94
CA PRO N 32 -15.23 -20.95 128.89
C PRO N 32 -14.13 -21.71 128.18
N ASP N 33 -13.17 -22.16 128.97
CA ASP N 33 -12.15 -23.08 128.50
C ASP N 33 -12.58 -24.48 128.90
N ARG N 34 -12.86 -25.32 127.91
CA ARG N 34 -13.30 -26.68 128.16
C ARG N 34 -12.11 -27.63 128.30
N GLN N 35 -12.29 -28.66 129.12
CA GLN N 35 -11.25 -29.65 129.33
C GLN N 35 -11.46 -30.80 128.35
N ALA N 36 -10.36 -31.37 127.87
CA ALA N 36 -10.43 -32.48 126.94
C ALA N 36 -10.99 -33.72 127.63
N ASN N 37 -11.63 -34.58 126.84
CA ASN N 37 -12.25 -35.79 127.36
C ASN N 37 -11.22 -36.93 127.45
N ALA N 38 -10.20 -36.72 128.27
CA ALA N 38 -9.08 -37.65 128.40
C ALA N 38 -9.09 -38.40 129.73
N ARG N 39 -10.27 -38.62 130.29
CA ARG N 39 -10.40 -39.20 131.60
C ARG N 39 -10.85 -40.65 131.49
N PRO N 40 -9.97 -41.63 131.67
CA PRO N 40 -10.41 -43.03 131.64
C PRO N 40 -11.28 -43.36 132.83
N VAL N 41 -12.28 -44.22 132.60
CA VAL N 41 -13.33 -44.48 133.56
C VAL N 41 -13.35 -45.96 133.93
N TYR N 42 -14.07 -46.24 135.00
CA TYR N 42 -14.23 -47.58 135.51
C TYR N 42 -15.16 -48.38 134.60
N LEU N 43 -14.85 -49.67 134.50
CA LEU N 43 -15.60 -50.60 133.68
C LEU N 43 -15.95 -51.79 134.53
N ALA N 44 -17.24 -52.09 134.68
CA ALA N 44 -17.66 -53.14 135.58
C ALA N 44 -17.10 -54.49 135.14
N PRO N 45 -16.60 -55.30 136.07
CA PRO N 45 -16.12 -56.65 135.72
C PRO N 45 -17.23 -57.65 135.44
N ALA N 46 -18.48 -57.23 135.59
CA ALA N 46 -19.66 -58.01 135.25
C ALA N 46 -20.88 -57.09 135.29
N ALA N 47 -21.94 -57.50 134.59
CA ALA N 47 -23.14 -56.67 134.49
C ALA N 47 -24.27 -57.32 135.26
N PRO N 48 -24.82 -56.69 136.33
CA PRO N 48 -25.93 -57.35 137.03
C PRO N 48 -27.25 -57.05 136.37
N MET N 49 -28.05 -58.09 136.13
CA MET N 49 -29.38 -57.96 135.56
C MET N 49 -30.41 -58.56 136.51
N GLU N 50 -30.28 -58.30 137.80
CA GLU N 50 -31.12 -58.98 138.79
C GLU N 50 -32.59 -58.57 138.68
N ASN N 51 -32.87 -57.28 138.48
CA ASN N 51 -34.26 -56.80 138.47
C ASN N 51 -35.08 -57.49 137.38
N THR N 52 -34.59 -57.44 136.14
CA THR N 52 -35.33 -57.97 135.01
C THR N 52 -35.49 -59.49 135.11
N TYR N 53 -34.46 -60.20 135.58
CA TYR N 53 -34.54 -61.66 135.61
C TYR N 53 -35.39 -62.18 136.77
N THR N 54 -35.39 -61.48 137.90
CA THR N 54 -36.37 -61.81 138.93
C THR N 54 -37.79 -61.57 138.44
N TYR N 55 -38.02 -60.48 137.68
CA TYR N 55 -39.37 -60.31 137.16
C TYR N 55 -39.72 -61.40 136.14
N LEU N 56 -38.75 -61.82 135.32
CA LEU N 56 -39.01 -62.89 134.38
C LEU N 56 -39.36 -64.19 135.10
N GLY N 57 -38.67 -64.47 136.21
CA GLY N 57 -39.09 -65.57 137.06
C GLY N 57 -40.51 -65.38 137.58
N SER N 58 -40.88 -64.13 137.87
CA SER N 58 -42.22 -63.84 138.35
C SER N 58 -43.29 -64.27 137.33
N ILE N 59 -43.15 -63.83 136.08
CA ILE N 59 -44.19 -64.12 135.09
C ILE N 59 -43.99 -65.51 134.49
N GLN N 60 -43.04 -66.27 135.02
CA GLN N 60 -42.73 -67.62 134.54
C GLN N 60 -42.29 -67.60 133.07
N PHE N 61 -41.55 -66.55 132.69
CA PHE N 61 -40.88 -66.46 131.40
C PHE N 61 -41.84 -66.51 130.23
N ALA N 62 -43.04 -65.95 130.40
CA ALA N 62 -44.03 -66.01 129.32
C ALA N 62 -44.97 -64.83 129.43
N ALA N 63 -45.34 -64.28 128.27
CA ALA N 63 -46.31 -63.19 128.21
C ALA N 63 -46.80 -63.09 126.78
N GLY N 64 -48.12 -63.11 126.60
CA GLY N 64 -48.66 -63.14 125.26
C GLY N 64 -48.25 -64.44 124.62
N ARG N 65 -47.77 -64.38 123.37
CA ARG N 65 -47.07 -65.53 122.81
C ARG N 65 -45.57 -65.28 122.69
N HIS N 66 -45.05 -64.33 123.48
CA HIS N 66 -43.62 -64.26 123.73
C HIS N 66 -43.25 -65.24 124.83
N ILE N 67 -42.29 -66.12 124.56
CA ILE N 67 -41.71 -66.94 125.61
C ILE N 67 -40.22 -66.64 125.65
N PHE N 68 -39.66 -66.54 126.86
CA PHE N 68 -38.27 -66.16 127.03
C PHE N 68 -37.47 -67.35 127.56
N GLY N 69 -36.14 -67.21 127.50
CA GLY N 69 -35.26 -68.25 127.96
C GLY N 69 -34.75 -67.99 129.37
N GLU N 70 -34.45 -69.07 130.07
CA GLU N 70 -33.82 -68.95 131.39
C GLU N 70 -32.32 -68.68 131.22
N PRO N 71 -31.79 -67.69 131.93
CA PRO N 71 -30.37 -67.36 131.78
C PRO N 71 -29.49 -68.37 132.49
N ALA N 72 -28.19 -68.26 132.23
CA ALA N 72 -27.24 -69.03 133.01
C ALA N 72 -26.97 -68.36 134.35
N SER N 73 -26.75 -67.04 134.33
CA SER N 73 -26.45 -66.28 135.53
C SER N 73 -27.26 -65.00 135.52
N ASN N 74 -27.70 -64.58 136.70
CA ASN N 74 -28.31 -63.26 136.85
C ASN N 74 -27.29 -62.16 136.63
N VAL N 75 -26.02 -62.47 136.83
CA VAL N 75 -24.93 -61.54 136.58
C VAL N 75 -24.14 -62.06 135.39
N LEU N 76 -24.05 -61.21 134.33
CA LEU N 76 -23.48 -61.48 133.02
C LEU N 76 -21.96 -61.25 133.06
N PRO N 77 -21.17 -62.26 132.71
CA PRO N 77 -19.71 -62.10 132.66
C PRO N 77 -19.30 -61.34 131.41
N PRO N 78 -18.08 -60.79 131.38
CA PRO N 78 -17.61 -60.12 130.16
C PRO N 78 -17.16 -61.12 129.10
N GLN N 79 -17.44 -60.79 127.84
CA GLN N 79 -17.08 -61.64 126.72
C GLN N 79 -15.82 -61.18 125.99
N ASN N 80 -15.64 -59.87 125.82
CA ASN N 80 -14.53 -59.35 125.05
C ASN N 80 -13.77 -58.24 125.80
N ILE N 81 -13.72 -58.29 127.12
CA ILE N 81 -13.09 -57.26 127.92
C ILE N 81 -11.95 -57.90 128.69
N VAL N 82 -10.74 -57.68 128.23
CA VAL N 82 -9.56 -58.11 129.00
C VAL N 82 -9.31 -57.10 130.13
N PRO N 83 -8.95 -57.54 131.32
CA PRO N 83 -8.72 -56.57 132.39
C PRO N 83 -7.45 -55.81 132.17
N GLY N 84 -7.48 -54.53 132.52
CA GLY N 84 -6.31 -53.69 132.34
C GLY N 84 -6.08 -53.28 130.91
N VAL N 85 -6.98 -53.61 130.00
CA VAL N 85 -6.85 -53.25 128.60
C VAL N 85 -7.90 -52.19 128.30
N PRO N 86 -7.50 -50.99 127.89
CA PRO N 86 -8.49 -49.97 127.54
C PRO N 86 -9.33 -50.43 126.36
N THR N 87 -10.66 -50.33 126.52
CA THR N 87 -11.60 -50.73 125.49
C THR N 87 -12.67 -49.67 125.41
N LYS N 88 -12.97 -49.21 124.20
CA LYS N 88 -14.03 -48.24 123.98
C LYS N 88 -15.36 -48.92 123.69
N HIS N 89 -15.37 -50.24 123.61
CA HIS N 89 -16.58 -51.01 123.38
C HIS N 89 -16.43 -52.39 124.00
N GLY N 90 -17.43 -52.81 124.74
CA GLY N 90 -17.37 -54.07 125.45
C GLY N 90 -18.73 -54.69 125.63
N GLU N 91 -18.74 -56.01 125.79
CA GLU N 91 -19.99 -56.76 125.81
C GLU N 91 -19.96 -57.79 126.93
N TYR N 92 -21.03 -57.83 127.71
CA TYR N 92 -21.30 -58.92 128.64
C TYR N 92 -22.42 -59.76 128.05
N VAL N 93 -22.34 -61.08 128.22
CA VAL N 93 -23.32 -61.94 127.55
C VAL N 93 -23.52 -63.20 128.37
N THR N 94 -24.77 -63.60 128.53
CA THR N 94 -25.02 -64.91 129.10
C THR N 94 -26.01 -65.68 128.24
N THR N 95 -25.90 -67.00 128.32
CA THR N 95 -26.64 -67.85 127.40
C THR N 95 -28.02 -68.15 128.01
N ASN N 96 -29.04 -68.21 127.15
CA ASN N 96 -30.43 -68.49 127.50
C ASN N 96 -30.73 -69.89 127.01
N THR N 97 -31.28 -70.74 127.89
CA THR N 97 -31.68 -72.09 127.52
C THR N 97 -33.14 -72.29 127.91
N GLY N 98 -33.75 -73.34 127.36
CA GLY N 98 -35.15 -73.61 127.65
C GLY N 98 -35.60 -74.89 126.97
N ASP N 99 -36.74 -75.39 127.41
CA ASP N 99 -37.33 -76.62 126.86
C ASP N 99 -37.79 -76.36 125.43
N ARG N 100 -37.20 -77.11 124.49
CA ARG N 100 -37.46 -76.94 123.07
C ARG N 100 -37.18 -75.51 122.62
N LEU N 101 -36.09 -74.95 123.12
CA LEU N 101 -35.56 -73.66 122.71
C LEU N 101 -34.13 -73.83 122.22
N MET N 102 -33.79 -73.15 121.13
CA MET N 102 -32.40 -73.11 120.71
C MET N 102 -31.67 -72.08 121.56
N ALA N 103 -30.56 -72.50 122.17
CA ALA N 103 -29.81 -71.61 123.06
C ALA N 103 -29.55 -70.27 122.36
N SER N 104 -29.81 -69.18 123.07
CA SER N 104 -29.67 -67.83 122.49
C SER N 104 -29.10 -66.87 123.51
N SER N 105 -28.25 -65.97 123.05
CA SER N 105 -27.47 -65.13 123.95
C SER N 105 -28.21 -63.83 124.24
N THR N 106 -28.25 -63.44 125.51
CA THR N 106 -28.73 -62.13 125.92
C THR N 106 -27.52 -61.24 126.23
N THR N 107 -27.56 -59.99 125.73
CA THR N 107 -26.36 -59.17 125.58
C THR N 107 -26.52 -57.79 126.21
N VAL N 108 -25.47 -57.35 126.90
CA VAL N 108 -25.38 -56.03 127.49
C VAL N 108 -24.15 -55.36 126.92
N THR N 109 -24.34 -54.26 126.22
CA THR N 109 -23.30 -53.60 125.45
C THR N 109 -22.99 -52.23 126.05
N ARG N 110 -21.72 -51.94 126.27
CA ARG N 110 -21.28 -50.66 126.80
C ARG N 110 -20.30 -50.00 125.84
N ASP N 111 -20.59 -48.76 125.46
CA ASP N 111 -19.75 -47.97 124.58
C ASP N 111 -19.33 -46.72 125.32
N VAL N 112 -18.05 -46.59 125.60
CA VAL N 112 -17.50 -45.42 126.30
C VAL N 112 -16.57 -44.71 125.32
N SER N 113 -16.96 -43.54 124.84
CA SER N 113 -16.07 -42.80 123.95
C SER N 113 -16.44 -41.32 123.92
N ASN N 114 -15.40 -40.47 123.90
CA ASN N 114 -15.54 -39.03 123.70
C ASN N 114 -16.51 -38.38 124.70
N GLY N 115 -16.42 -38.81 125.95
CA GLY N 115 -17.27 -38.29 127.01
C GLY N 115 -18.68 -38.83 127.05
N ARG N 116 -19.06 -39.68 126.10
CA ARG N 116 -20.40 -40.23 126.04
C ARG N 116 -20.31 -41.70 126.40
N THR N 117 -21.08 -42.12 127.38
CA THR N 117 -21.14 -43.53 127.77
C THR N 117 -22.58 -44.03 127.52
N LYS N 118 -22.70 -45.21 126.90
CA LYS N 118 -24.00 -45.73 126.50
C LYS N 118 -24.08 -47.23 126.77
N VAL N 119 -25.14 -47.65 127.47
CA VAL N 119 -25.38 -49.04 127.82
C VAL N 119 -26.68 -49.48 127.14
N SER N 120 -26.63 -50.62 126.45
CA SER N 120 -27.77 -51.18 125.76
C SER N 120 -27.99 -52.63 126.20
N ILE N 121 -29.25 -53.02 126.35
CA ILE N 121 -29.60 -54.37 126.78
C ILE N 121 -30.56 -54.97 125.77
N ASP N 122 -30.24 -56.20 125.31
CA ASP N 122 -31.01 -56.89 124.28
C ASP N 122 -31.29 -58.30 124.75
N ILE N 123 -32.56 -58.64 124.93
CA ILE N 123 -32.99 -59.98 125.32
C ILE N 123 -33.90 -60.54 124.24
N PRO N 124 -33.69 -61.76 123.79
CA PRO N 124 -34.53 -62.35 122.74
C PRO N 124 -35.75 -63.09 123.27
N TYR N 125 -36.73 -63.28 122.38
CA TYR N 125 -37.95 -64.02 122.68
C TYR N 125 -38.32 -64.92 121.50
N TYR N 126 -39.02 -66.01 121.81
CA TYR N 126 -39.44 -67.03 120.87
C TYR N 126 -40.96 -67.08 120.75
N ASP N 127 -41.41 -67.77 119.69
CA ASP N 127 -42.83 -67.99 119.38
C ASP N 127 -43.41 -69.05 120.30
N ARG N 128 -44.16 -68.60 121.31
CA ARG N 128 -44.74 -69.50 122.29
C ARG N 128 -45.68 -70.50 121.62
N ASN N 129 -46.33 -70.11 120.51
CA ASN N 129 -47.24 -71.03 119.83
C ASN N 129 -46.48 -72.21 119.25
N ALA N 130 -45.34 -71.93 118.61
CA ALA N 130 -44.50 -72.99 118.08
C ALA N 130 -43.96 -73.86 119.21
N VAL N 131 -43.45 -73.23 120.27
CA VAL N 131 -42.84 -74.00 121.34
C VAL N 131 -43.85 -74.92 121.99
N GLU N 132 -45.04 -74.41 122.31
CA GLU N 132 -46.04 -75.20 123.01
C GLU N 132 -46.68 -76.24 122.09
N THR N 133 -46.81 -75.96 120.79
CA THR N 133 -47.24 -77.00 119.86
C THR N 133 -46.25 -78.14 119.81
N LEU N 134 -44.95 -77.82 119.81
CA LEU N 134 -43.92 -78.86 119.87
C LEU N 134 -44.00 -79.65 121.17
N LYS N 135 -44.12 -78.95 122.30
CA LYS N 135 -44.19 -79.62 123.60
C LYS N 135 -45.39 -80.54 123.70
N ALA N 136 -46.59 -80.01 123.41
CA ALA N 136 -47.81 -80.81 123.49
C ALA N 136 -47.76 -81.98 122.51
N SER N 137 -47.20 -81.77 121.32
CA SER N 137 -47.13 -82.86 120.37
C SER N 137 -45.93 -83.76 120.60
N ALA N 138 -45.09 -83.48 121.61
CA ALA N 138 -43.91 -84.30 121.87
C ALA N 138 -43.04 -84.40 120.63
N ILE N 139 -42.76 -83.25 120.02
CA ILE N 139 -41.89 -83.18 118.84
C ILE N 139 -40.52 -82.71 119.31
N PRO N 140 -39.42 -83.27 118.84
CA PRO N 140 -38.09 -82.88 119.34
C PRO N 140 -37.46 -81.67 118.67
N GLY N 141 -38.22 -80.83 117.99
CA GLY N 141 -37.63 -79.65 117.37
C GLY N 141 -37.28 -78.59 118.40
N ALA N 142 -36.22 -77.83 118.11
CA ALA N 142 -35.81 -76.69 118.94
C ALA N 142 -36.02 -75.40 118.15
N VAL N 143 -36.52 -74.37 118.81
CA VAL N 143 -36.95 -73.15 118.14
C VAL N 143 -35.90 -72.06 118.33
N ALA N 144 -35.58 -71.36 117.24
CA ALA N 144 -34.73 -70.19 117.27
C ALA N 144 -35.57 -68.95 117.62
N PRO N 145 -34.92 -67.90 118.14
CA PRO N 145 -35.67 -66.72 118.58
C PRO N 145 -36.36 -66.01 117.43
N VAL N 146 -37.58 -65.54 117.68
CA VAL N 146 -38.31 -64.80 116.68
C VAL N 146 -38.03 -63.31 116.75
N GLY N 147 -37.68 -62.78 117.92
CA GLY N 147 -37.38 -61.36 117.99
C GLY N 147 -36.64 -61.00 119.26
N SER N 148 -36.62 -59.70 119.57
CA SER N 148 -35.92 -59.24 120.76
C SER N 148 -36.54 -57.94 121.26
N PHE N 149 -36.22 -57.62 122.52
CA PHE N 149 -36.54 -56.33 123.13
C PHE N 149 -35.26 -55.66 123.61
N LYS N 150 -35.18 -54.34 123.40
CA LYS N 150 -33.98 -53.56 123.65
C LYS N 150 -34.28 -52.30 124.45
N VAL N 151 -33.34 -51.97 125.32
CA VAL N 151 -33.40 -50.76 126.16
C VAL N 151 -32.03 -50.08 126.14
N ASN N 152 -32.01 -48.81 125.77
CA ASN N 152 -30.79 -48.01 125.65
C ASN N 152 -30.76 -46.92 126.72
N VAL N 153 -29.56 -46.62 127.20
CA VAL N 153 -29.34 -45.60 128.22
C VAL N 153 -28.04 -44.88 127.87
N GLU N 154 -28.04 -43.56 127.97
CA GLU N 154 -26.96 -42.76 127.40
C GLU N 154 -26.69 -41.55 128.27
N VAL N 155 -25.41 -41.25 128.48
CA VAL N 155 -24.97 -40.18 129.36
C VAL N 155 -23.96 -39.34 128.61
N LEU N 156 -24.30 -38.07 128.35
CA LEU N 156 -23.44 -37.15 127.62
C LEU N 156 -22.66 -36.33 128.64
N GLY N 157 -21.51 -36.83 129.05
CA GLY N 157 -20.70 -36.24 130.10
C GLY N 157 -19.51 -35.43 129.63
N GLY N 158 -19.49 -35.01 128.38
CA GLY N 158 -18.39 -34.23 127.89
C GLY N 158 -18.52 -32.77 128.19
N GLY N 159 -17.39 -32.06 128.08
CA GLY N 159 -17.39 -30.62 128.17
C GLY N 159 -17.09 -30.08 129.55
N VAL N 160 -16.46 -30.88 130.41
CA VAL N 160 -16.14 -30.43 131.75
C VAL N 160 -15.23 -29.22 131.68
N LEU N 161 -15.54 -28.21 132.48
CA LEU N 161 -14.80 -26.96 132.49
C LEU N 161 -13.40 -27.16 133.08
N THR N 162 -12.48 -26.27 132.68
CA THR N 162 -11.06 -26.50 132.99
C THR N 162 -10.76 -26.40 134.48
N GLY N 163 -11.42 -25.47 135.18
CA GLY N 163 -11.18 -25.35 136.61
C GLY N 163 -11.49 -26.61 137.40
N THR N 164 -12.43 -27.42 136.93
CA THR N 164 -12.90 -28.59 137.68
C THR N 164 -11.77 -29.56 137.94
N ASP N 165 -11.57 -29.92 139.20
CA ASP N 165 -10.51 -30.87 139.53
C ASP N 165 -11.09 -32.27 139.70
N ALA N 166 -10.25 -33.21 140.12
CA ALA N 166 -10.64 -34.63 140.16
C ALA N 166 -11.78 -34.85 141.14
N ASN N 167 -11.63 -34.29 142.36
CA ASN N 167 -12.67 -34.45 143.38
C ASN N 167 -13.99 -33.91 142.90
N ALA N 168 -13.98 -32.74 142.25
CA ALA N 168 -15.21 -32.18 141.69
C ALA N 168 -15.81 -33.10 140.63
N GLN N 169 -14.95 -33.69 139.79
CA GLN N 169 -15.47 -34.59 138.77
C GLN N 169 -16.16 -35.79 139.40
N PHE N 170 -15.70 -36.24 140.57
CA PHE N 170 -16.45 -37.29 141.28
C PHE N 170 -17.90 -36.85 141.52
N ALA N 171 -18.07 -35.62 141.98
CA ALA N 171 -19.41 -35.10 142.24
C ALA N 171 -20.24 -35.07 140.97
N LEU N 172 -19.62 -34.65 139.86
CA LEU N 172 -20.34 -34.66 138.59
C LEU N 172 -20.75 -36.08 138.20
N ASP N 173 -19.90 -37.08 138.52
CA ASP N 173 -20.24 -38.47 138.28
C ASP N 173 -21.55 -38.83 138.97
N GLU N 174 -21.61 -38.57 140.28
CA GLU N 174 -22.82 -38.94 141.01
C GLU N 174 -24.03 -38.12 140.55
N LEU N 175 -23.80 -36.86 140.12
CA LEU N 175 -24.90 -36.05 139.62
C LEU N 175 -25.53 -36.67 138.39
N LEU N 176 -24.70 -37.07 137.42
CA LEU N 176 -25.22 -37.76 136.25
C LEU N 176 -25.89 -39.07 136.63
N SER N 177 -25.35 -39.77 137.63
CA SER N 177 -26.00 -40.99 138.11
C SER N 177 -27.43 -40.71 138.55
N ASN N 178 -27.63 -39.65 139.33
CA ASN N 178 -28.97 -39.36 139.83
C ASN N 178 -29.90 -38.89 138.70
N MET N 179 -29.36 -38.17 137.72
CA MET N 179 -30.17 -37.83 136.54
C MET N 179 -30.60 -39.09 135.79
N LEU N 180 -29.71 -40.07 135.71
CA LEU N 180 -30.05 -41.37 135.15
C LEU N 180 -31.25 -41.99 135.86
N MET N 181 -31.15 -42.09 137.19
CA MET N 181 -32.23 -42.68 137.98
C MET N 181 -33.54 -41.94 137.71
N ASP N 182 -33.50 -40.61 137.70
CA ASP N 182 -34.70 -39.83 137.46
C ASP N 182 -35.26 -40.09 136.07
N ALA N 183 -34.38 -40.19 135.07
CA ALA N 183 -34.87 -40.44 133.71
C ALA N 183 -35.57 -41.80 133.61
N ALA N 184 -35.00 -42.82 134.25
CA ALA N 184 -35.63 -44.15 134.19
C ALA N 184 -36.96 -44.15 134.92
N ARG N 185 -37.04 -43.46 136.06
CA ARG N 185 -38.31 -43.36 136.77
C ARG N 185 -39.36 -42.63 135.91
N ILE N 186 -38.96 -41.53 135.26
CA ILE N 186 -39.88 -40.79 134.41
C ILE N 186 -40.32 -41.62 133.21
N ALA N 187 -39.45 -42.53 132.76
CA ALA N 187 -39.79 -43.39 131.64
C ALA N 187 -40.85 -44.42 132.03
N GLN N 188 -40.62 -45.13 133.15
CA GLN N 188 -41.55 -46.16 133.59
C GLN N 188 -42.74 -45.62 134.38
N ASP N 189 -42.79 -44.31 134.62
CA ASP N 189 -43.78 -43.72 135.51
C ASP N 189 -45.19 -43.99 135.02
N GLY N 190 -46.06 -44.34 135.96
CA GLY N 190 -47.46 -44.52 135.66
C GLY N 190 -48.09 -45.69 136.40
N PRO N 191 -49.42 -45.73 136.42
CA PRO N 191 -50.12 -46.89 136.98
C PRO N 191 -49.82 -48.13 136.16
N LYS N 192 -49.75 -49.26 136.85
CA LYS N 192 -49.68 -50.54 136.17
C LYS N 192 -51.05 -50.99 135.66
N ASN N 193 -52.11 -50.21 135.93
CA ASN N 193 -53.43 -50.48 135.39
C ASN N 193 -53.52 -50.13 133.91
N THR N 194 -52.72 -49.17 133.45
CA THR N 194 -52.84 -48.63 132.11
C THR N 194 -51.57 -48.88 131.30
N ALA N 195 -51.74 -48.82 129.97
CA ALA N 195 -50.64 -49.06 129.04
C ALA N 195 -49.59 -47.97 129.15
N ARG N 196 -48.32 -48.34 129.21
CA ARG N 196 -47.31 -47.28 129.27
C ARG N 196 -46.10 -47.45 128.36
N LEU N 197 -45.70 -48.66 127.95
CA LEU N 197 -44.49 -48.82 127.13
C LEU N 197 -44.62 -49.53 125.78
N VAL N 198 -45.10 -50.79 125.75
CA VAL N 198 -44.94 -51.62 124.55
C VAL N 198 -45.99 -51.25 123.52
N ALA N 199 -45.63 -51.45 122.25
CA ALA N 199 -46.51 -51.13 121.12
C ALA N 199 -47.00 -49.69 121.20
N ALA N 200 -46.16 -48.80 121.72
CA ALA N 200 -46.57 -47.42 121.93
C ALA N 200 -46.87 -46.73 120.61
N SER N 201 -47.95 -45.95 120.59
CA SER N 201 -48.31 -45.12 119.44
C SER N 201 -48.26 -43.63 119.72
N HIS N 202 -48.78 -43.21 120.88
CA HIS N 202 -48.85 -41.81 121.26
C HIS N 202 -49.19 -41.73 122.75
N GLY N 203 -48.94 -40.58 123.34
CA GLY N 203 -49.14 -40.35 124.76
C GLY N 203 -50.37 -39.49 124.97
N VAL N 204 -51.11 -39.79 126.04
CA VAL N 204 -52.29 -39.01 126.41
C VAL N 204 -52.25 -38.77 127.91
N MET N 205 -52.36 -37.50 128.31
CA MET N 205 -52.38 -37.13 129.72
C MET N 205 -53.78 -37.33 130.28
N PRO N 206 -53.92 -37.96 131.45
CA PRO N 206 -55.26 -38.28 131.96
C PRO N 206 -56.03 -37.01 132.30
N GLN N 207 -57.36 -37.16 132.29
CA GLN N 207 -58.24 -36.02 132.53
C GLN N 207 -57.89 -35.31 133.83
N ALA N 208 -57.60 -36.09 134.89
CA ALA N 208 -57.09 -35.57 136.15
C ALA N 208 -57.91 -34.38 136.64
N SER O 23 -34.43 -64.13 109.74
CA SER O 23 -35.21 -65.35 109.60
C SER O 23 -34.91 -66.34 110.72
N SER O 24 -35.96 -66.80 111.40
CA SER O 24 -35.85 -67.71 112.53
C SER O 24 -36.38 -69.08 112.13
N ARG O 25 -35.58 -70.12 112.37
CA ARG O 25 -35.89 -71.47 111.93
C ARG O 25 -35.77 -72.44 113.09
N THR O 26 -36.74 -73.33 113.20
CA THR O 26 -36.65 -74.43 114.15
C THR O 26 -35.82 -75.56 113.54
N THR O 27 -34.96 -76.14 114.38
CA THR O 27 -33.96 -77.11 113.95
C THR O 27 -34.26 -78.47 114.58
N PHE O 28 -34.19 -79.51 113.75
CA PHE O 28 -34.29 -80.90 114.17
C PHE O 28 -32.94 -81.54 113.98
N GLY O 29 -32.44 -82.19 115.02
CA GLY O 29 -31.12 -82.76 114.95
C GLY O 29 -30.05 -81.78 115.40
N VAL O 30 -28.84 -82.02 114.90
CA VAL O 30 -27.67 -81.27 115.31
C VAL O 30 -27.67 -79.90 114.66
N ASN O 31 -27.41 -78.86 115.46
CA ASN O 31 -27.18 -77.53 114.93
C ASN O 31 -25.70 -77.23 114.99
N PRO O 32 -24.99 -77.16 113.86
CA PRO O 32 -23.54 -76.98 113.87
C PRO O 32 -23.05 -75.53 113.84
N ASP O 33 -23.90 -74.54 114.06
CA ASP O 33 -23.47 -73.15 114.04
C ASP O 33 -22.31 -72.91 115.01
N ARG O 34 -21.20 -72.39 114.49
CA ARG O 34 -20.03 -72.08 115.30
C ARG O 34 -19.94 -70.58 115.57
N GLN O 35 -19.34 -70.25 116.71
CA GLN O 35 -19.16 -68.86 117.12
C GLN O 35 -17.90 -68.31 116.46
N ALA O 36 -18.03 -67.11 115.88
CA ALA O 36 -16.90 -66.49 115.21
C ALA O 36 -15.73 -66.28 116.16
N ASN O 37 -14.52 -66.52 115.63
CA ASN O 37 -13.28 -66.45 116.41
C ASN O 37 -12.86 -64.99 116.53
N ALA O 38 -13.59 -64.24 117.37
CA ALA O 38 -13.44 -62.79 117.50
C ALA O 38 -13.38 -62.43 118.99
N ARG O 39 -12.54 -63.14 119.74
CA ARG O 39 -12.44 -62.98 121.19
C ARG O 39 -11.01 -62.61 121.58
N PRO O 40 -10.78 -61.42 122.13
CA PRO O 40 -9.44 -61.09 122.62
C PRO O 40 -9.03 -62.00 123.76
N VAL O 41 -7.74 -62.31 123.83
CA VAL O 41 -7.22 -63.21 124.84
C VAL O 41 -6.07 -62.54 125.58
N TYR O 42 -5.89 -62.96 126.83
CA TYR O 42 -4.87 -62.40 127.69
C TYR O 42 -3.48 -62.73 127.15
N LEU O 43 -2.59 -61.74 127.24
CA LEU O 43 -1.22 -61.85 126.76
C LEU O 43 -0.29 -61.53 127.90
N ALA O 44 0.50 -62.52 128.33
CA ALA O 44 1.35 -62.38 129.50
C ALA O 44 2.32 -61.22 129.31
N PRO O 45 2.59 -60.43 130.36
CA PRO O 45 3.52 -59.29 130.23
C PRO O 45 4.98 -59.71 130.14
N ALA O 46 5.27 -61.00 130.33
CA ALA O 46 6.62 -61.54 130.21
C ALA O 46 6.52 -63.04 130.15
N ALA O 47 7.58 -63.68 129.67
CA ALA O 47 7.56 -65.13 129.47
C ALA O 47 8.47 -65.79 130.48
N PRO O 48 7.97 -66.58 131.44
CA PRO O 48 8.89 -67.25 132.37
C PRO O 48 9.49 -68.51 131.76
N MET O 49 10.82 -68.58 131.76
CA MET O 49 11.52 -69.78 131.30
C MET O 49 12.30 -70.43 132.45
N GLU O 50 11.71 -70.50 133.63
CA GLU O 50 12.48 -70.88 134.82
C GLU O 50 12.98 -72.32 134.73
N ASN O 51 12.13 -73.25 134.27
CA ASN O 51 12.48 -74.66 134.27
C ASN O 51 13.75 -74.93 133.44
N THR O 52 13.74 -74.44 132.19
CA THR O 52 14.84 -74.75 131.28
C THR O 52 16.16 -74.12 131.72
N TYR O 53 16.11 -72.89 132.25
CA TYR O 53 17.34 -72.20 132.64
C TYR O 53 17.89 -72.72 133.97
N THR O 54 17.02 -73.12 134.89
CA THR O 54 17.53 -73.82 136.07
C THR O 54 18.20 -75.13 135.66
N TYR O 55 17.62 -75.88 134.72
CA TYR O 55 18.30 -77.11 134.31
C TYR O 55 19.62 -76.80 133.61
N LEU O 56 19.66 -75.74 132.81
CA LEU O 56 20.90 -75.36 132.14
C LEU O 56 21.98 -74.98 133.16
N GLY O 57 21.60 -74.28 134.22
CA GLY O 57 22.53 -74.08 135.32
C GLY O 57 22.96 -75.39 135.95
N SER O 58 22.03 -76.36 136.04
CA SER O 58 22.37 -77.66 136.59
C SER O 58 23.50 -78.33 135.82
N ILE O 59 23.44 -78.32 134.49
CA ILE O 59 24.48 -79.01 133.75
C ILE O 59 25.62 -78.07 133.38
N GLN O 60 25.63 -76.88 133.98
CA GLN O 60 26.70 -75.90 133.75
C GLN O 60 26.76 -75.47 132.29
N PHE O 61 25.59 -75.39 131.65
CA PHE O 61 25.44 -74.83 130.31
C PHE O 61 26.29 -75.57 129.28
N ALA O 62 26.38 -76.89 129.41
CA ALA O 62 27.22 -77.66 128.49
C ALA O 62 26.78 -79.12 128.51
N ALA O 63 26.45 -79.66 127.34
CA ALA O 63 26.19 -81.08 127.16
C ALA O 63 26.91 -81.55 125.91
N GLY O 64 27.82 -82.50 126.09
CA GLY O 64 28.57 -83.01 124.96
C GLY O 64 29.40 -81.94 124.30
N ARG O 65 29.21 -81.79 123.00
CA ARG O 65 29.87 -80.74 122.25
C ARG O 65 29.03 -79.48 122.13
N HIS O 66 27.83 -79.47 122.72
CA HIS O 66 26.96 -78.30 122.73
C HIS O 66 27.30 -77.46 123.95
N ILE O 67 27.66 -76.20 123.74
CA ILE O 67 27.81 -75.26 124.86
C ILE O 67 26.75 -74.17 124.69
N PHE O 68 26.12 -73.80 125.79
CA PHE O 68 25.04 -72.82 125.76
C PHE O 68 25.48 -71.52 126.43
N GLY O 69 24.73 -70.45 126.15
CA GLY O 69 25.03 -69.18 126.74
C GLY O 69 24.18 -68.89 127.97
N GLU O 70 24.69 -67.99 128.81
CA GLU O 70 23.99 -67.60 130.04
C GLU O 70 22.99 -66.47 129.76
N PRO O 71 21.72 -66.65 130.08
CA PRO O 71 20.75 -65.60 129.77
C PRO O 71 20.90 -64.40 130.69
N ALA O 72 20.40 -63.26 130.24
CA ALA O 72 20.36 -62.10 131.13
C ALA O 72 19.29 -62.26 132.18
N SER O 73 18.14 -62.84 131.83
CA SER O 73 17.07 -63.06 132.81
C SER O 73 16.43 -64.42 132.58
N ASN O 74 15.89 -64.97 133.68
CA ASN O 74 15.09 -66.18 133.60
C ASN O 74 13.70 -65.88 133.07
N VAL O 75 13.25 -64.64 133.18
CA VAL O 75 11.97 -64.20 132.67
C VAL O 75 12.23 -63.20 131.55
N LEU O 76 11.63 -63.45 130.38
CA LEU O 76 11.96 -62.73 129.16
C LEU O 76 10.98 -61.59 128.94
N PRO O 77 11.48 -60.36 128.73
CA PRO O 77 10.59 -59.21 128.54
C PRO O 77 10.08 -59.15 127.10
N PRO O 78 8.98 -58.44 126.86
CA PRO O 78 8.46 -58.36 125.49
C PRO O 78 9.36 -57.49 124.62
N GLN O 79 9.54 -57.92 123.37
CA GLN O 79 10.30 -57.16 122.40
C GLN O 79 9.43 -56.29 121.49
N ASN O 80 8.33 -56.83 121.00
CA ASN O 80 7.49 -56.12 120.04
C ASN O 80 6.02 -56.07 120.46
N ILE O 81 5.75 -56.15 121.77
CA ILE O 81 4.40 -56.10 122.31
C ILE O 81 4.26 -54.85 123.15
N VAL O 82 3.18 -54.10 122.90
CA VAL O 82 2.89 -52.87 123.63
C VAL O 82 1.59 -53.08 124.38
N PRO O 83 1.52 -52.70 125.66
CA PRO O 83 0.29 -52.93 126.41
C PRO O 83 -0.86 -52.15 125.81
N GLY O 84 -2.01 -52.81 125.72
CA GLY O 84 -3.21 -52.19 125.22
C GLY O 84 -3.34 -52.22 123.72
N VAL O 85 -2.33 -52.68 123.00
CA VAL O 85 -2.37 -52.72 121.54
C VAL O 85 -2.51 -54.17 121.14
N PRO O 86 -3.59 -54.54 120.44
CA PRO O 86 -3.76 -55.95 120.04
C PRO O 86 -2.72 -56.32 119.00
N THR O 87 -2.13 -57.50 119.18
CA THR O 87 -1.16 -58.03 118.23
C THR O 87 -1.49 -59.49 118.01
N LYS O 88 -1.18 -59.99 116.81
CA LYS O 88 -1.37 -61.40 116.47
C LYS O 88 -0.06 -62.16 116.48
N HIS O 89 1.05 -61.46 116.68
CA HIS O 89 2.36 -62.08 116.73
C HIS O 89 3.22 -61.27 117.69
N GLY O 90 3.80 -61.95 118.67
CA GLY O 90 4.59 -61.28 119.68
C GLY O 90 5.80 -62.10 120.06
N GLU O 91 6.83 -61.42 120.54
CA GLU O 91 8.09 -62.07 120.84
C GLU O 91 8.67 -61.54 122.15
N TYR O 92 9.10 -62.46 123.01
CA TYR O 92 9.91 -62.15 124.17
C TYR O 92 11.32 -62.64 123.90
N VAL O 93 12.31 -61.91 124.42
CA VAL O 93 13.69 -62.20 124.02
C VAL O 93 14.64 -61.78 125.12
N THR O 94 15.70 -62.58 125.31
CA THR O 94 16.82 -62.12 126.12
C THR O 94 18.13 -62.45 125.41
N THR O 95 19.25 -62.05 126.00
CA THR O 95 20.56 -62.23 125.38
C THR O 95 21.38 -63.23 126.19
N ASN O 96 21.83 -64.29 125.53
CA ASN O 96 22.80 -65.21 126.10
C ASN O 96 24.19 -64.67 125.79
N THR O 97 25.00 -64.51 126.84
CA THR O 97 26.41 -64.15 126.74
C THR O 97 27.25 -65.31 127.31
N GLY O 98 28.53 -65.31 126.98
CA GLY O 98 29.38 -66.42 127.36
C GLY O 98 30.83 -66.10 127.09
N ASP O 99 31.70 -66.88 127.73
CA ASP O 99 33.14 -66.72 127.56
C ASP O 99 33.56 -67.19 126.17
N ARG O 100 34.27 -66.32 125.44
CA ARG O 100 34.66 -66.56 124.05
C ARG O 100 33.44 -66.72 123.13
N LEU O 101 32.32 -66.11 123.50
CA LEU O 101 31.08 -66.24 122.74
C LEU O 101 30.57 -64.89 122.30
N MET O 102 29.91 -64.88 121.14
CA MET O 102 29.24 -63.70 120.63
C MET O 102 27.79 -63.71 121.09
N ALA O 103 27.33 -62.57 121.62
CA ALA O 103 25.99 -62.46 122.20
C ALA O 103 24.93 -62.97 121.22
N SER O 104 24.11 -63.91 121.69
CA SER O 104 23.06 -64.48 120.84
C SER O 104 21.73 -64.50 121.59
N SER O 105 20.68 -64.08 120.91
CA SER O 105 19.40 -63.91 121.57
C SER O 105 18.64 -65.23 121.63
N THR O 106 17.94 -65.43 122.75
CA THR O 106 17.01 -66.54 122.97
C THR O 106 15.59 -66.01 122.87
N THR O 107 14.76 -66.67 122.05
CA THR O 107 13.47 -66.09 121.62
C THR O 107 12.29 -66.99 121.95
N VAL O 108 11.19 -66.35 122.34
CA VAL O 108 9.93 -67.02 122.68
C VAL O 108 8.84 -66.31 121.88
N THR O 109 8.27 -67.01 120.91
CA THR O 109 7.33 -66.45 119.95
C THR O 109 5.93 -66.95 120.23
N ARG O 110 4.95 -66.06 120.20
CA ARG O 110 3.54 -66.41 120.42
C ARG O 110 2.69 -65.85 119.29
N ASP O 111 1.93 -66.72 118.65
CA ASP O 111 1.06 -66.36 117.53
C ASP O 111 -0.37 -66.66 117.94
N VAL O 112 -1.26 -65.67 117.80
CA VAL O 112 -2.69 -65.85 118.08
C VAL O 112 -3.47 -65.42 116.85
N SER O 113 -4.21 -66.36 116.23
CA SER O 113 -4.96 -66.04 115.03
C SER O 113 -6.03 -67.11 114.81
N ASN O 114 -7.26 -66.68 114.51
CA ASN O 114 -8.32 -67.58 114.06
C ASN O 114 -8.56 -68.74 115.03
N GLY O 115 -8.48 -68.44 116.33
CA GLY O 115 -8.70 -69.43 117.38
C GLY O 115 -7.56 -70.38 117.62
N ARG O 116 -6.44 -70.20 116.92
CA ARG O 116 -5.28 -71.06 117.04
C ARG O 116 -4.19 -70.24 117.70
N THR O 117 -3.65 -70.75 118.80
CA THR O 117 -2.62 -70.05 119.53
C THR O 117 -1.40 -70.98 119.63
N LYS O 118 -0.22 -70.46 119.32
CA LYS O 118 0.99 -71.26 119.20
C LYS O 118 2.19 -70.56 119.81
N VAL O 119 2.86 -71.23 120.74
CA VAL O 119 4.06 -70.74 121.41
C VAL O 119 5.25 -71.59 120.97
N SER O 120 6.32 -70.93 120.53
CA SER O 120 7.55 -71.58 120.09
C SER O 120 8.73 -71.01 120.88
N ILE O 121 9.68 -71.87 121.23
CA ILE O 121 10.86 -71.48 121.99
C ILE O 121 12.10 -71.92 121.23
N ASP O 122 13.04 -70.98 121.04
CA ASP O 122 14.28 -71.22 120.29
C ASP O 122 15.46 -70.76 121.13
N ILE O 123 16.36 -71.69 121.43
CA ILE O 123 17.60 -71.39 122.15
C ILE O 123 18.78 -71.87 121.31
N PRO O 124 19.78 -71.02 121.07
CA PRO O 124 20.94 -71.44 120.27
C PRO O 124 22.06 -72.04 121.13
N TYR O 125 22.93 -72.78 120.44
CA TYR O 125 24.10 -73.40 121.05
C TYR O 125 25.33 -73.13 120.18
N TYR O 126 26.51 -73.44 120.73
CA TYR O 126 27.80 -73.19 120.10
C TYR O 126 28.65 -74.45 120.14
N ASP O 127 29.74 -74.41 119.35
CA ASP O 127 30.69 -75.50 119.23
C ASP O 127 31.67 -75.47 120.41
N ARG O 128 31.48 -76.41 121.35
CA ARG O 128 32.32 -76.43 122.53
C ARG O 128 33.78 -76.69 122.17
N ASN O 129 34.04 -77.44 121.10
CA ASN O 129 35.41 -77.73 120.70
C ASN O 129 36.12 -76.45 120.26
N ALA O 130 35.45 -75.62 119.48
CA ALA O 130 36.03 -74.33 119.12
C ALA O 130 36.22 -73.45 120.35
N VAL O 131 35.22 -73.42 121.24
CA VAL O 131 35.30 -72.52 122.40
C VAL O 131 36.47 -72.90 123.30
N GLU O 132 36.58 -74.19 123.66
CA GLU O 132 37.63 -74.61 124.57
C GLU O 132 38.99 -74.66 123.88
N THR O 133 39.03 -74.82 122.55
CA THR O 133 40.30 -74.73 121.84
C THR O 133 40.84 -73.30 121.86
N LEU O 134 39.96 -72.31 121.68
CA LEU O 134 40.36 -70.92 121.85
C LEU O 134 40.84 -70.66 123.28
N LYS O 135 40.03 -71.03 124.27
CA LYS O 135 40.43 -70.84 125.66
C LYS O 135 41.83 -71.43 125.91
N ALA O 136 42.04 -72.66 125.46
CA ALA O 136 43.30 -73.36 125.70
C ALA O 136 44.47 -72.81 124.88
N SER O 137 44.20 -72.13 123.77
CA SER O 137 45.26 -71.59 122.94
C SER O 137 45.61 -70.15 123.28
N ALA O 138 44.76 -69.44 124.02
CA ALA O 138 45.04 -68.07 124.47
C ALA O 138 45.26 -67.14 123.28
N ILE O 139 44.29 -67.19 122.36
CA ILE O 139 44.36 -66.54 121.06
C ILE O 139 43.07 -65.75 120.88
N PRO O 140 43.10 -64.64 120.14
CA PRO O 140 42.00 -63.66 120.24
C PRO O 140 40.61 -64.11 119.75
N GLY O 141 40.46 -65.24 119.08
CA GLY O 141 39.20 -65.52 118.38
C GLY O 141 37.98 -65.53 119.29
N ALA O 142 36.81 -65.26 118.70
CA ALA O 142 35.50 -65.54 119.31
C ALA O 142 34.56 -66.19 118.29
N VAL O 143 33.53 -66.86 118.81
CA VAL O 143 32.72 -67.79 118.03
C VAL O 143 31.25 -67.39 118.08
N ALA O 144 30.55 -67.63 116.97
CA ALA O 144 29.13 -67.41 116.77
C ALA O 144 28.36 -68.73 116.92
N PRO O 145 27.04 -68.66 117.06
CA PRO O 145 26.25 -69.90 117.22
C PRO O 145 26.37 -70.84 116.02
N VAL O 146 26.21 -72.13 116.32
CA VAL O 146 26.29 -73.18 115.32
C VAL O 146 24.91 -73.72 114.94
N GLY O 147 23.94 -73.64 115.86
CA GLY O 147 22.60 -74.12 115.59
C GLY O 147 21.70 -73.80 116.76
N SER O 148 20.53 -74.42 116.76
CA SER O 148 19.56 -74.13 117.80
C SER O 148 18.71 -75.36 118.07
N PHE O 149 18.00 -75.30 119.20
CA PHE O 149 16.95 -76.25 119.53
C PHE O 149 15.64 -75.50 119.71
N LYS O 150 14.57 -76.11 119.21
CA LYS O 150 13.25 -75.49 119.15
C LYS O 150 12.18 -76.45 119.67
N VAL O 151 11.20 -75.84 120.33
CA VAL O 151 10.06 -76.57 120.88
C VAL O 151 8.78 -75.77 120.58
N ASN O 152 7.80 -76.41 119.96
CA ASN O 152 6.54 -75.78 119.58
C ASN O 152 5.37 -76.39 120.36
N VAL O 153 4.38 -75.56 120.66
CA VAL O 153 3.18 -75.95 121.39
C VAL O 153 2.01 -75.19 120.79
N GLU O 154 0.92 -75.90 120.49
CA GLU O 154 -0.13 -75.39 119.63
C GLU O 154 -1.51 -75.82 120.15
N VAL O 155 -2.44 -74.88 120.19
CA VAL O 155 -3.79 -75.11 120.73
C VAL O 155 -4.80 -74.65 119.69
N LEU O 156 -5.65 -75.58 119.23
CA LEU O 156 -6.61 -75.30 118.16
C LEU O 156 -7.98 -75.10 118.81
N GLY O 157 -8.22 -73.87 119.26
CA GLY O 157 -9.41 -73.53 120.02
C GLY O 157 -10.57 -72.97 119.23
N GLY O 158 -10.49 -73.05 117.90
CA GLY O 158 -11.55 -72.54 117.08
C GLY O 158 -12.76 -73.46 117.05
N GLY O 159 -13.90 -72.89 116.67
CA GLY O 159 -15.09 -73.69 116.48
C GLY O 159 -16.02 -73.75 117.66
N VAL O 160 -16.00 -72.73 118.52
CA VAL O 160 -16.88 -72.75 119.68
C VAL O 160 -18.33 -72.66 119.21
N LEU O 161 -19.19 -73.48 119.81
CA LEU O 161 -20.57 -73.56 119.38
C LEU O 161 -21.36 -72.32 119.82
N THR O 162 -22.56 -72.18 119.26
CA THR O 162 -23.31 -70.94 119.46
C THR O 162 -23.76 -70.78 120.90
N GLY O 163 -24.22 -71.88 121.51
CA GLY O 163 -24.79 -71.78 122.85
C GLY O 163 -23.81 -71.34 123.91
N THR O 164 -22.52 -71.54 123.68
CA THR O 164 -21.52 -71.27 124.69
C THR O 164 -21.48 -69.79 125.05
N ASP O 165 -21.61 -69.50 126.34
CA ASP O 165 -21.44 -68.15 126.84
C ASP O 165 -20.03 -67.97 127.39
N ALA O 166 -19.78 -66.80 127.97
CA ALA O 166 -18.43 -66.44 128.40
C ALA O 166 -17.92 -67.35 129.51
N ASN O 167 -18.76 -67.61 130.53
CA ASN O 167 -18.36 -68.48 131.63
C ASN O 167 -17.97 -69.87 131.12
N ALA O 168 -18.81 -70.44 130.27
CA ALA O 168 -18.51 -71.73 129.65
C ALA O 168 -17.21 -71.68 128.85
N GLN O 169 -16.95 -70.55 128.18
CA GLN O 169 -15.69 -70.43 127.44
C GLN O 169 -14.50 -70.45 128.38
N PHE O 170 -14.63 -69.86 129.58
CA PHE O 170 -13.56 -70.02 130.57
C PHE O 170 -13.33 -71.48 130.90
N ALA O 171 -14.44 -72.22 131.07
CA ALA O 171 -14.29 -73.64 131.35
C ALA O 171 -13.54 -74.34 130.23
N LEU O 172 -13.83 -73.97 128.98
CA LEU O 172 -13.15 -74.59 127.84
C LEU O 172 -11.68 -74.18 127.81
N ASP O 173 -11.39 -72.94 128.21
CA ASP O 173 -10.01 -72.49 128.35
C ASP O 173 -9.23 -73.45 129.24
N GLU O 174 -9.77 -73.73 130.42
CA GLU O 174 -9.07 -74.60 131.36
C GLU O 174 -8.99 -76.04 130.83
N LEU O 175 -10.03 -76.49 130.12
CA LEU O 175 -9.98 -77.83 129.52
C LEU O 175 -8.81 -77.97 128.56
N LEU O 176 -8.65 -76.99 127.67
CA LEU O 176 -7.54 -77.04 126.73
C LEU O 176 -6.20 -76.97 127.45
N SER O 177 -6.09 -76.14 128.49
CA SER O 177 -4.81 -76.07 129.19
C SER O 177 -4.46 -77.42 129.84
N ASN O 178 -5.47 -78.14 130.34
CA ASN O 178 -5.22 -79.46 130.91
C ASN O 178 -4.78 -80.46 129.84
N MET O 179 -5.38 -80.38 128.64
CA MET O 179 -4.90 -81.22 127.55
C MET O 179 -3.47 -80.88 127.18
N LEU O 180 -3.10 -79.60 127.27
CA LEU O 180 -1.74 -79.17 127.05
C LEU O 180 -0.78 -79.87 128.01
N MET O 181 -1.10 -79.82 129.30
CA MET O 181 -0.27 -80.49 130.31
C MET O 181 -0.15 -81.98 130.02
N ASP O 182 -1.27 -82.63 129.70
CA ASP O 182 -1.22 -84.05 129.37
C ASP O 182 -0.31 -84.31 128.18
N ALA O 183 -0.38 -83.47 127.15
CA ALA O 183 0.44 -83.67 125.96
C ALA O 183 1.92 -83.53 126.26
N ALA O 184 2.29 -82.52 127.05
CA ALA O 184 3.69 -82.35 127.40
C ALA O 184 4.20 -83.53 128.23
N ARG O 185 3.39 -84.00 129.18
CA ARG O 185 3.81 -85.17 129.96
C ARG O 185 3.96 -86.40 129.08
N ILE O 186 3.06 -86.60 128.12
CA ILE O 186 3.14 -87.75 127.23
C ILE O 186 4.35 -87.64 126.32
N ALA O 187 4.75 -86.43 125.97
CA ALA O 187 5.92 -86.23 125.13
C ALA O 187 7.21 -86.55 125.88
N GLN O 188 7.34 -86.02 127.10
CA GLN O 188 8.56 -86.25 127.87
C GLN O 188 8.55 -87.55 128.65
N ASP O 189 7.46 -88.31 128.58
CA ASP O 189 7.32 -89.50 129.43
C ASP O 189 8.42 -90.51 129.12
N GLY O 190 8.93 -91.13 130.18
CA GLY O 190 9.90 -92.19 130.03
C GLY O 190 11.04 -92.11 131.02
N PRO O 191 11.75 -93.23 131.21
CA PRO O 191 12.94 -93.21 132.08
C PRO O 191 14.00 -92.26 131.56
N LYS O 192 14.70 -91.61 132.48
CA LYS O 192 15.88 -90.84 132.11
C LYS O 192 17.09 -91.72 131.87
N ASN O 193 16.99 -93.03 132.14
CA ASN O 193 18.03 -93.96 131.77
C ASN O 193 18.22 -94.06 130.27
N THR O 194 17.21 -93.66 129.50
CA THR O 194 17.09 -94.11 128.11
C THR O 194 16.73 -92.96 127.17
N ALA O 195 17.12 -93.14 125.91
CA ALA O 195 16.92 -92.14 124.87
C ALA O 195 15.43 -91.85 124.68
N ARG O 196 15.06 -90.57 124.64
CA ARG O 196 13.65 -90.32 124.36
C ARG O 196 13.31 -89.14 123.43
N LEU O 197 14.20 -88.15 123.23
CA LEU O 197 13.86 -87.03 122.34
C LEU O 197 14.84 -86.74 121.19
N VAL O 198 16.13 -86.49 121.51
CA VAL O 198 17.04 -85.89 120.53
C VAL O 198 17.50 -86.94 119.54
N ALA O 199 17.79 -86.49 118.31
CA ALA O 199 18.31 -87.34 117.23
C ALA O 199 17.41 -88.57 117.01
N ALA O 200 16.12 -88.39 117.23
CA ALA O 200 15.17 -89.49 117.17
C ALA O 200 15.07 -90.06 115.77
N SER O 201 15.08 -91.39 115.67
CA SER O 201 14.90 -92.11 114.41
C SER O 201 13.51 -92.73 114.30
N HIS O 202 13.09 -93.42 115.35
CA HIS O 202 11.79 -94.07 115.43
C HIS O 202 11.52 -94.36 116.90
N GLY O 203 10.30 -94.78 117.18
CA GLY O 203 9.88 -95.08 118.55
C GLY O 203 9.76 -96.58 118.72
N VAL O 204 10.21 -97.08 119.86
CA VAL O 204 10.05 -98.51 120.18
C VAL O 204 9.53 -98.64 121.60
N MET O 205 8.56 -99.54 121.78
CA MET O 205 7.93 -99.89 123.05
C MET O 205 8.62 -101.11 123.65
N PRO O 206 8.83 -101.13 124.97
CA PRO O 206 9.45 -102.29 125.61
C PRO O 206 8.48 -103.46 125.75
N GLN O 207 9.03 -104.59 126.16
CA GLN O 207 8.28 -105.81 126.41
C GLN O 207 8.15 -106.02 127.91
N ALA O 208 6.92 -106.26 128.37
CA ALA O 208 6.62 -106.54 129.78
C ALA O 208 7.12 -105.44 130.70
N GLY P 11 96.04 -2.74 -8.42
CA GLY P 11 97.40 -3.22 -8.62
C GLY P 11 98.24 -3.26 -7.35
N GLN P 12 99.55 -3.09 -7.50
CA GLN P 12 100.47 -3.14 -6.37
C GLN P 12 100.18 -2.01 -5.38
N LEU P 13 100.76 -2.14 -4.19
CA LEU P 13 100.54 -1.22 -3.09
C LEU P 13 101.84 -0.48 -2.77
N TYR P 14 101.75 0.82 -2.51
CA TYR P 14 102.91 1.62 -2.12
C TYR P 14 102.47 2.62 -1.05
N MET P 15 103.40 3.48 -0.60
CA MET P 15 103.12 4.43 0.47
C MET P 15 103.03 5.84 -0.09
N GLY P 16 101.82 6.41 -0.10
CA GLY P 16 101.60 7.79 -0.39
C GLY P 16 101.34 8.55 0.90
N GLN P 17 101.40 9.88 0.82
CA GLN P 17 101.31 10.67 2.03
C GLN P 17 99.92 10.60 2.65
N GLN P 18 98.91 10.15 1.90
CA GLN P 18 97.61 9.91 2.50
C GLN P 18 97.61 8.63 3.33
N GLY P 19 98.53 7.71 3.03
CA GLY P 19 98.56 6.40 3.62
C GLY P 19 98.96 5.40 2.56
N PRO P 20 98.83 4.10 2.86
CA PRO P 20 99.07 3.09 1.83
C PRO P 20 98.05 3.21 0.71
N VAL P 21 98.56 3.30 -0.53
CA VAL P 21 97.75 3.64 -1.69
C VAL P 21 98.04 2.65 -2.81
N GLN P 22 96.98 2.32 -3.56
CA GLN P 22 97.07 1.36 -4.65
C GLN P 22 97.56 2.05 -5.91
N SER P 23 98.59 1.49 -6.53
CA SER P 23 99.09 2.01 -7.80
C SER P 23 98.04 1.80 -8.89
N SER P 24 97.97 2.74 -9.82
CA SER P 24 96.93 2.70 -10.85
C SER P 24 97.48 3.13 -12.19
N ARG P 25 96.96 2.51 -13.26
CA ARG P 25 97.40 2.75 -14.63
C ARG P 25 96.20 3.20 -15.44
N THR P 26 96.23 4.44 -15.93
CA THR P 26 95.07 5.01 -16.61
C THR P 26 95.47 5.59 -17.96
N THR P 27 94.47 5.72 -18.83
CA THR P 27 94.61 6.34 -20.14
C THR P 27 94.29 7.83 -20.09
N PHE P 28 94.12 8.38 -18.90
CA PHE P 28 93.75 9.77 -18.73
C PHE P 28 94.90 10.69 -19.12
N GLY P 29 94.61 11.67 -19.97
CA GLY P 29 95.59 12.68 -20.32
C GLY P 29 96.56 12.32 -21.42
N VAL P 30 96.25 11.34 -22.25
CA VAL P 30 97.09 10.95 -23.38
C VAL P 30 96.31 11.20 -24.65
N ASN P 31 96.80 12.12 -25.49
CA ASN P 31 96.17 12.47 -26.74
C ASN P 31 96.84 11.67 -27.86
N PRO P 32 96.22 10.61 -28.37
CA PRO P 32 96.80 9.87 -29.50
C PRO P 32 96.31 10.29 -30.87
N ASP P 33 95.54 11.38 -30.98
CA ASP P 33 95.08 11.87 -32.28
C ASP P 33 96.25 12.00 -33.24
N ARG P 34 96.01 11.67 -34.51
CA ARG P 34 97.04 11.75 -35.53
C ARG P 34 96.66 12.74 -36.61
N GLN P 35 97.69 13.24 -37.28
CA GLN P 35 97.56 14.18 -38.38
C GLN P 35 97.53 13.41 -39.69
N ALA P 36 96.60 13.78 -40.56
CA ALA P 36 96.43 13.06 -41.82
C ALA P 36 97.67 13.18 -42.69
N ASN P 37 97.96 12.12 -43.44
CA ASN P 37 99.09 12.09 -44.36
C ASN P 37 98.68 12.82 -45.63
N ALA P 38 98.75 14.16 -45.56
CA ALA P 38 98.33 15.07 -46.62
C ALA P 38 99.44 16.03 -46.98
N ARG P 39 100.68 15.55 -46.96
CA ARG P 39 101.86 16.40 -47.09
C ARG P 39 102.59 16.08 -48.39
N PRO P 40 102.58 16.98 -49.37
CA PRO P 40 103.39 16.76 -50.57
C PRO P 40 104.87 16.65 -50.22
N VAL P 41 105.58 15.73 -50.88
CA VAL P 41 106.99 15.51 -50.62
C VAL P 41 107.79 15.75 -51.89
N TYR P 42 109.06 16.03 -51.69
CA TYR P 42 109.96 16.31 -52.80
C TYR P 42 110.23 15.02 -53.58
N LEU P 43 110.18 15.14 -54.89
CA LEU P 43 110.44 14.03 -55.81
C LEU P 43 111.65 14.39 -56.65
N ALA P 44 112.74 13.63 -56.46
CA ALA P 44 114.00 13.96 -57.11
C ALA P 44 113.85 13.99 -58.62
N PRO P 45 114.55 14.90 -59.33
CA PRO P 45 114.44 14.95 -60.79
C PRO P 45 115.26 13.89 -61.49
N ALA P 46 116.05 13.11 -60.76
CA ALA P 46 116.81 12.00 -61.30
C ALA P 46 117.32 11.16 -60.14
N ALA P 47 117.69 9.92 -60.45
CA ALA P 47 118.06 8.97 -59.40
C ALA P 47 119.56 8.68 -59.48
N PRO P 48 120.38 9.06 -58.49
CA PRO P 48 121.82 8.76 -58.62
C PRO P 48 122.17 7.36 -58.14
N MET P 49 122.67 6.51 -59.04
CA MET P 49 123.17 5.18 -58.70
C MET P 49 124.70 5.13 -58.72
N GLU P 50 125.37 6.17 -58.21
CA GLU P 50 126.81 6.26 -58.39
C GLU P 50 127.57 5.13 -57.68
N ASN P 51 127.18 4.79 -56.44
CA ASN P 51 127.92 3.79 -55.68
C ASN P 51 127.95 2.45 -56.42
N THR P 52 126.77 1.94 -56.81
CA THR P 52 126.69 0.63 -57.43
C THR P 52 127.45 0.58 -58.75
N TYR P 53 127.39 1.64 -59.55
CA TYR P 53 128.00 1.60 -60.87
C TYR P 53 129.52 1.82 -60.81
N THR P 54 130.01 2.61 -59.85
CA THR P 54 131.46 2.64 -59.65
C THR P 54 131.98 1.27 -59.19
N TYR P 55 131.22 0.57 -58.32
CA TYR P 55 131.68 -0.77 -57.99
C TYR P 55 131.63 -1.70 -59.21
N LEU P 56 130.60 -1.55 -60.05
CA LEU P 56 130.50 -2.39 -61.24
C LEU P 56 131.63 -2.11 -62.22
N GLY P 57 132.10 -0.87 -62.29
CA GLY P 57 133.31 -0.59 -63.04
C GLY P 57 134.54 -1.21 -62.38
N SER P 58 134.55 -1.25 -61.05
CA SER P 58 135.66 -1.87 -60.33
C SER P 58 135.82 -3.34 -60.70
N ILE P 59 134.74 -4.12 -60.65
CA ILE P 59 134.88 -5.55 -60.91
C ILE P 59 134.79 -5.85 -62.40
N GLN P 60 134.80 -4.80 -63.23
CA GLN P 60 134.74 -4.93 -64.68
C GLN P 60 133.42 -5.56 -65.15
N PHE P 61 132.33 -5.26 -64.43
CA PHE P 61 130.97 -5.68 -64.80
C PHE P 61 130.85 -7.20 -64.91
N ALA P 62 131.53 -7.91 -64.03
CA ALA P 62 131.51 -9.37 -64.10
C ALA P 62 131.86 -9.93 -62.73
N ALA P 63 130.97 -10.75 -62.18
CA ALA P 63 131.26 -11.54 -61.00
C ALA P 63 130.87 -12.98 -61.30
N GLY P 64 131.85 -13.86 -61.35
CA GLY P 64 131.58 -15.25 -61.67
C GLY P 64 130.92 -15.43 -63.02
N ARG P 65 129.75 -16.03 -63.00
CA ARG P 65 128.96 -16.27 -64.20
C ARG P 65 127.99 -15.13 -64.49
N HIS P 66 127.86 -14.18 -63.58
CA HIS P 66 126.98 -13.03 -63.75
C HIS P 66 127.73 -11.93 -64.48
N ILE P 67 127.31 -11.62 -65.69
CA ILE P 67 127.91 -10.52 -66.44
C ILE P 67 126.87 -9.41 -66.51
N PHE P 68 127.31 -8.18 -66.30
CA PHE P 68 126.37 -7.07 -66.20
C PHE P 68 126.50 -6.12 -67.38
N GLY P 69 125.44 -5.37 -67.63
CA GLY P 69 125.47 -4.39 -68.69
C GLY P 69 126.07 -3.07 -68.23
N GLU P 70 126.66 -2.34 -69.19
CA GLU P 70 127.18 -1.00 -68.93
C GLU P 70 126.06 0.02 -69.08
N PRO P 71 125.83 0.86 -68.08
CA PRO P 71 124.68 1.77 -68.12
C PRO P 71 124.84 2.85 -69.18
N ALA P 72 123.73 3.55 -69.42
CA ALA P 72 123.80 4.77 -70.20
C ALA P 72 124.39 5.90 -69.36
N SER P 73 123.89 6.07 -68.14
CA SER P 73 124.35 7.11 -67.24
C SER P 73 124.40 6.56 -65.82
N ASN P 74 125.33 7.09 -65.03
CA ASN P 74 125.34 6.80 -63.60
C ASN P 74 124.15 7.41 -62.90
N VAL P 75 123.53 8.42 -63.49
CA VAL P 75 122.37 9.09 -62.94
C VAL P 75 121.20 8.89 -63.90
N LEU P 76 120.08 8.35 -63.37
CA LEU P 76 118.96 7.87 -64.17
C LEU P 76 117.92 8.97 -64.35
N PRO P 77 117.43 9.15 -65.57
CA PRO P 77 116.44 10.17 -65.84
C PRO P 77 115.04 9.66 -65.53
N PRO P 78 114.09 10.56 -65.28
CA PRO P 78 112.72 10.13 -65.05
C PRO P 78 112.12 9.45 -66.27
N GLN P 79 111.23 8.49 -66.01
CA GLN P 79 110.54 7.75 -67.06
C GLN P 79 109.07 8.14 -67.22
N ASN P 80 108.36 8.37 -66.11
CA ASN P 80 106.95 8.76 -66.17
C ASN P 80 106.64 9.91 -65.22
N ILE P 81 107.63 10.73 -64.91
CA ILE P 81 107.47 11.85 -63.98
C ILE P 81 107.60 13.14 -64.76
N VAL P 82 106.70 14.08 -64.51
CA VAL P 82 106.74 15.36 -65.21
C VAL P 82 106.69 16.45 -64.15
N PRO P 83 107.50 17.49 -64.29
CA PRO P 83 107.53 18.55 -63.29
C PRO P 83 106.15 19.18 -63.15
N GLY P 84 105.74 19.40 -61.91
CA GLY P 84 104.48 20.04 -61.64
C GLY P 84 103.28 19.13 -61.71
N VAL P 85 103.45 17.84 -61.98
CA VAL P 85 102.34 16.89 -62.01
C VAL P 85 102.51 15.96 -60.82
N PRO P 86 101.56 15.89 -59.90
CA PRO P 86 101.73 15.03 -58.71
C PRO P 86 101.41 13.58 -59.03
N THR P 87 102.30 12.69 -58.59
CA THR P 87 102.16 11.26 -58.81
C THR P 87 102.42 10.56 -57.49
N LYS P 88 101.83 9.37 -57.34
CA LYS P 88 102.12 8.48 -56.23
C LYS P 88 103.07 7.37 -56.64
N HIS P 89 103.45 7.32 -57.92
CA HIS P 89 104.35 6.31 -58.44
C HIS P 89 105.23 6.94 -59.51
N GLY P 90 106.55 6.81 -59.35
CA GLY P 90 107.50 7.37 -60.28
C GLY P 90 108.64 6.44 -60.60
N GLU P 91 109.08 6.42 -61.87
CA GLU P 91 110.11 5.50 -62.30
C GLU P 91 111.25 6.25 -62.99
N TYR P 92 112.47 5.81 -62.71
CA TYR P 92 113.65 6.25 -63.43
C TYR P 92 114.28 5.03 -64.09
N VAL P 93 114.91 5.23 -65.25
CA VAL P 93 115.40 4.10 -66.03
C VAL P 93 116.58 4.54 -66.89
N THR P 94 117.56 3.64 -67.06
CA THR P 94 118.47 3.75 -68.20
C THR P 94 118.54 2.39 -68.89
N THR P 95 119.32 2.30 -69.96
CA THR P 95 119.44 1.05 -70.72
C THR P 95 120.88 0.58 -70.70
N ASN P 96 121.12 -0.54 -70.03
CA ASN P 96 122.42 -1.21 -70.06
C ASN P 96 122.68 -1.78 -71.45
N THR P 97 123.92 -1.67 -71.92
CA THR P 97 124.38 -2.27 -73.17
C THR P 97 125.69 -3.00 -72.94
N GLY P 98 126.11 -3.78 -73.93
CA GLY P 98 127.33 -4.56 -73.77
C GLY P 98 127.64 -5.32 -75.04
N ASP P 99 128.85 -5.88 -75.06
CA ASP P 99 129.32 -6.63 -76.22
C ASP P 99 128.56 -7.93 -76.36
N ARG P 100 127.87 -8.11 -77.48
CA ARG P 100 127.05 -9.28 -77.76
C ARG P 100 125.98 -9.47 -76.67
N LEU P 101 125.46 -8.38 -76.15
CA LEU P 101 124.37 -8.38 -75.18
C LEU P 101 123.21 -7.56 -75.72
N MET P 102 122.03 -8.15 -75.74
CA MET P 102 120.84 -7.38 -76.09
C MET P 102 120.56 -6.36 -75.00
N ALA P 103 120.45 -5.09 -75.37
CA ALA P 103 120.34 -4.02 -74.39
C ALA P 103 119.09 -4.20 -73.54
N SER P 104 119.23 -3.88 -72.25
CA SER P 104 118.22 -4.19 -71.25
C SER P 104 118.18 -3.08 -70.21
N SER P 105 116.98 -2.71 -69.79
CA SER P 105 116.80 -1.55 -68.93
C SER P 105 117.07 -1.89 -67.46
N THR P 106 117.63 -0.92 -66.74
CA THR P 106 117.74 -0.97 -65.29
C THR P 106 116.83 0.11 -64.70
N THR P 107 116.08 -0.26 -63.66
CA THR P 107 114.91 0.51 -63.21
C THR P 107 114.98 0.84 -61.71
N VAL P 108 114.52 2.05 -61.38
CA VAL P 108 114.46 2.53 -60.00
C VAL P 108 113.06 3.07 -59.79
N THR P 109 112.29 2.42 -58.93
CA THR P 109 110.89 2.71 -58.72
C THR P 109 110.68 3.35 -57.33
N ARG P 110 109.83 4.37 -57.27
CA ARG P 110 109.51 5.06 -56.04
C ARG P 110 108.00 5.16 -55.90
N ASP P 111 107.47 4.62 -54.81
CA ASP P 111 106.03 4.63 -54.50
C ASP P 111 105.84 5.42 -53.23
N VAL P 112 104.99 6.45 -53.29
CA VAL P 112 104.73 7.31 -52.15
C VAL P 112 103.22 7.32 -51.91
N SER P 113 102.77 6.56 -50.91
CA SER P 113 101.34 6.46 -50.59
C SER P 113 101.11 6.40 -49.09
N ASN P 114 100.22 7.26 -48.60
CA ASN P 114 99.70 7.19 -47.23
C ASN P 114 100.82 7.18 -46.18
N GLY P 115 101.81 8.06 -46.38
CA GLY P 115 102.92 8.16 -45.45
C GLY P 115 103.99 7.11 -45.61
N ARG P 116 103.86 6.21 -46.56
CA ARG P 116 104.81 5.14 -46.78
C ARG P 116 105.56 5.43 -48.07
N THR P 117 106.87 5.62 -47.95
CA THR P 117 107.75 5.83 -49.10
C THR P 117 108.53 4.56 -49.33
N LYS P 118 108.57 4.07 -50.57
CA LYS P 118 109.30 2.84 -50.90
C LYS P 118 110.06 2.98 -52.20
N VAL P 119 111.37 2.75 -52.15
CA VAL P 119 112.27 2.81 -53.30
C VAL P 119 112.81 1.42 -53.56
N SER P 120 112.71 0.97 -54.81
CA SER P 120 113.21 -0.35 -55.23
C SER P 120 114.12 -0.19 -56.43
N ILE P 121 115.19 -0.99 -56.46
CA ILE P 121 116.17 -0.96 -57.54
C ILE P 121 116.29 -2.35 -58.13
N ASP P 122 116.14 -2.46 -59.45
CA ASP P 122 116.21 -3.74 -60.17
C ASP P 122 117.21 -3.62 -61.31
N ILE P 123 118.28 -4.39 -61.25
CA ILE P 123 119.30 -4.42 -62.29
C ILE P 123 119.38 -5.84 -62.85
N PRO P 124 119.37 -6.01 -64.16
CA PRO P 124 119.47 -7.34 -64.76
C PRO P 124 120.92 -7.78 -64.94
N TYR P 125 121.07 -9.07 -65.21
CA TYR P 125 122.37 -9.65 -65.55
C TYR P 125 122.20 -10.70 -66.64
N TYR P 126 123.34 -11.20 -67.15
CA TYR P 126 123.36 -12.12 -68.27
C TYR P 126 124.28 -13.29 -67.96
N ASP P 127 124.14 -14.33 -68.78
CA ASP P 127 124.83 -15.61 -68.64
C ASP P 127 126.23 -15.52 -69.25
N ARG P 128 127.25 -15.36 -68.40
CA ARG P 128 128.60 -15.21 -68.93
C ARG P 128 129.07 -16.48 -69.63
N ASN P 129 128.61 -17.66 -69.20
CA ASN P 129 128.95 -18.88 -69.93
C ASN P 129 128.50 -18.78 -71.39
N ALA P 130 127.27 -18.32 -71.61
CA ALA P 130 126.77 -18.14 -72.97
C ALA P 130 127.53 -17.04 -73.71
N VAL P 131 127.79 -15.91 -73.05
CA VAL P 131 128.42 -14.79 -73.73
C VAL P 131 129.84 -15.16 -74.16
N GLU P 132 130.62 -15.80 -73.28
CA GLU P 132 131.97 -16.19 -73.64
C GLU P 132 131.98 -17.36 -74.62
N THR P 133 130.95 -18.20 -74.62
CA THR P 133 130.83 -19.17 -75.71
C THR P 133 130.68 -18.47 -77.06
N LEU P 134 129.83 -17.44 -77.10
CA LEU P 134 129.65 -16.63 -78.31
C LEU P 134 130.97 -16.03 -78.77
N LYS P 135 131.71 -15.39 -77.86
CA LYS P 135 132.96 -14.76 -78.25
C LYS P 135 133.98 -15.81 -78.70
N ALA P 136 134.11 -16.90 -77.93
CA ALA P 136 135.21 -17.83 -78.15
C ALA P 136 135.06 -18.63 -79.44
N SER P 137 133.86 -19.14 -79.75
CA SER P 137 133.69 -19.89 -80.98
C SER P 137 133.19 -19.01 -82.12
N ALA P 138 133.21 -17.69 -81.96
CA ALA P 138 132.92 -16.73 -83.04
C ALA P 138 131.53 -16.92 -83.64
N ILE P 139 130.54 -17.08 -82.77
CA ILE P 139 129.13 -17.20 -83.15
C ILE P 139 128.58 -15.78 -83.30
N PRO P 140 127.62 -15.51 -84.18
CA PRO P 140 127.15 -14.14 -84.40
C PRO P 140 125.98 -13.68 -83.54
N GLY P 141 125.38 -14.53 -82.71
CA GLY P 141 124.22 -14.14 -81.95
C GLY P 141 124.53 -13.30 -80.71
N ALA P 142 123.47 -12.93 -79.99
CA ALA P 142 123.55 -12.19 -78.74
C ALA P 142 122.72 -12.90 -77.67
N VAL P 143 122.93 -12.48 -76.41
CA VAL P 143 122.25 -13.06 -75.26
C VAL P 143 121.30 -12.03 -74.66
N ALA P 144 120.12 -12.52 -74.26
CA ALA P 144 119.12 -11.76 -73.52
C ALA P 144 119.35 -11.92 -72.02
N PRO P 145 118.83 -11.00 -71.21
CA PRO P 145 119.05 -11.10 -69.76
C PRO P 145 118.56 -12.43 -69.21
N VAL P 146 119.23 -12.88 -68.16
CA VAL P 146 118.97 -14.18 -67.60
C VAL P 146 118.29 -14.09 -66.23
N GLY P 147 118.54 -13.03 -65.48
CA GLY P 147 117.86 -12.79 -64.22
C GLY P 147 118.13 -11.37 -63.76
N SER P 148 117.80 -11.11 -62.50
CA SER P 148 118.03 -9.78 -61.95
C SER P 148 118.38 -9.86 -60.47
N PHE P 149 118.78 -8.70 -59.94
CA PHE P 149 118.92 -8.49 -58.51
C PHE P 149 118.12 -7.26 -58.12
N LYS P 150 117.50 -7.32 -56.94
CA LYS P 150 116.59 -6.28 -56.45
C LYS P 150 116.89 -5.93 -55.00
N VAL P 151 116.78 -4.63 -54.72
CA VAL P 151 116.99 -4.08 -53.38
C VAL P 151 115.84 -3.12 -53.08
N ASN P 152 115.16 -3.33 -51.96
CA ASN P 152 114.02 -2.53 -51.55
C ASN P 152 114.32 -1.78 -50.26
N VAL P 153 113.80 -0.57 -50.16
CA VAL P 153 113.96 0.27 -48.99
C VAL P 153 112.63 0.97 -48.72
N GLU P 154 112.22 1.01 -47.46
CA GLU P 154 110.86 1.39 -47.10
C GLU P 154 110.89 2.23 -45.83
N VAL P 155 110.19 3.35 -45.85
CA VAL P 155 110.13 4.28 -44.73
C VAL P 155 108.66 4.46 -44.39
N LEU P 156 108.26 3.98 -43.20
CA LEU P 156 106.88 4.07 -42.74
C LEU P 156 106.79 5.29 -41.85
N GLY P 157 106.42 6.42 -42.45
CA GLY P 157 106.43 7.69 -41.74
C GLY P 157 105.04 8.22 -41.51
N GLY P 158 104.06 7.34 -41.50
CA GLY P 158 102.70 7.76 -41.29
C GLY P 158 102.42 8.05 -39.84
N GLY P 159 101.29 8.73 -39.61
CA GLY P 159 100.76 8.91 -38.27
C GLY P 159 101.62 9.80 -37.41
N VAL P 160 101.85 11.03 -37.88
CA VAL P 160 102.42 12.04 -37.01
C VAL P 160 101.33 12.59 -36.10
N LEU P 161 101.74 13.06 -34.92
CA LEU P 161 100.81 13.58 -33.93
C LEU P 161 100.27 14.93 -34.35
N THR P 162 99.20 15.37 -33.66
CA THR P 162 98.44 16.53 -34.13
C THR P 162 99.18 17.84 -33.90
N GLY P 163 99.91 17.94 -32.80
CA GLY P 163 100.68 19.12 -32.52
C GLY P 163 102.04 19.17 -33.17
N THR P 164 102.31 18.29 -34.13
CA THR P 164 103.58 18.31 -34.84
C THR P 164 103.65 19.56 -35.70
N ASP P 165 104.56 20.46 -35.35
CA ASP P 165 104.71 21.71 -36.06
C ASP P 165 105.19 21.46 -37.49
N ALA P 166 104.77 22.34 -38.40
CA ALA P 166 105.27 22.26 -39.77
C ALA P 166 106.79 22.24 -39.81
N ASN P 167 107.44 23.04 -38.96
CA ASN P 167 108.90 23.04 -38.89
C ASN P 167 109.45 21.73 -38.34
N ALA P 168 108.77 21.16 -37.34
CA ALA P 168 109.28 19.93 -36.73
C ALA P 168 109.14 18.72 -37.64
N GLN P 169 108.28 18.79 -38.66
CA GLN P 169 108.19 17.68 -39.60
C GLN P 169 109.48 17.53 -40.39
N PHE P 170 110.22 18.62 -40.57
CA PHE P 170 111.54 18.52 -41.22
C PHE P 170 112.51 17.77 -40.33
N ALA P 171 112.48 18.07 -39.02
CA ALA P 171 113.32 17.33 -38.09
C ALA P 171 113.00 15.86 -38.12
N LEU P 172 111.70 15.53 -38.19
CA LEU P 172 111.31 14.13 -38.30
C LEU P 172 111.81 13.52 -39.60
N ASP P 173 111.77 14.31 -40.68
CA ASP P 173 112.31 13.87 -41.97
C ASP P 173 113.75 13.39 -41.80
N GLU P 174 114.58 14.24 -41.20
CA GLU P 174 115.99 13.91 -41.03
C GLU P 174 116.17 12.72 -40.09
N LEU P 175 115.33 12.62 -39.05
CA LEU P 175 115.42 11.46 -38.17
C LEU P 175 115.21 10.16 -38.95
N LEU P 176 114.17 10.13 -39.79
CA LEU P 176 113.91 8.93 -40.58
C LEU P 176 115.06 8.64 -41.55
N SER P 177 115.63 9.68 -42.17
CA SER P 177 116.72 9.42 -43.10
C SER P 177 117.95 8.86 -42.38
N ASN P 178 118.20 9.29 -41.14
CA ASN P 178 119.30 8.71 -40.37
C ASN P 178 119.02 7.26 -39.98
N MET P 179 117.77 6.93 -39.66
CA MET P 179 117.43 5.52 -39.46
C MET P 179 117.67 4.72 -40.72
N LEU P 180 117.39 5.31 -41.89
CA LEU P 180 117.68 4.66 -43.16
C LEU P 180 119.15 4.30 -43.28
N MET P 181 120.02 5.28 -43.04
CA MET P 181 121.46 5.04 -43.13
C MET P 181 121.88 3.93 -42.17
N ASP P 182 121.40 3.99 -40.92
CA ASP P 182 121.75 2.95 -39.95
C ASP P 182 121.27 1.58 -40.41
N ALA P 183 120.10 1.53 -41.04
CA ALA P 183 119.54 0.26 -41.49
C ALA P 183 120.39 -0.36 -42.59
N ALA P 184 120.79 0.44 -43.59
CA ALA P 184 121.64 -0.11 -44.64
C ALA P 184 122.99 -0.55 -44.10
N ARG P 185 123.55 0.22 -43.15
CA ARG P 185 124.83 -0.18 -42.57
C ARG P 185 124.70 -1.51 -41.82
N ILE P 186 123.60 -1.69 -41.08
CA ILE P 186 123.37 -2.95 -40.38
C ILE P 186 123.13 -4.08 -41.38
N ALA P 187 122.55 -3.75 -42.53
CA ALA P 187 122.26 -4.77 -43.53
C ALA P 187 123.54 -5.31 -44.16
N GLN P 188 124.50 -4.44 -44.47
CA GLN P 188 125.73 -4.90 -45.12
C GLN P 188 126.89 -5.05 -44.16
N ASP P 189 126.68 -4.83 -42.87
CA ASP P 189 127.75 -4.88 -41.90
C ASP P 189 128.37 -6.26 -41.89
N GLY P 190 129.69 -6.30 -41.80
CA GLY P 190 130.40 -7.56 -41.69
C GLY P 190 131.68 -7.56 -42.49
N PRO P 191 132.59 -8.48 -42.16
CA PRO P 191 133.82 -8.59 -42.92
C PRO P 191 133.52 -9.06 -44.33
N LYS P 192 134.33 -8.59 -45.27
CA LYS P 192 134.24 -9.01 -46.66
C LYS P 192 135.01 -10.31 -46.91
N ASN P 193 135.65 -10.86 -45.87
CA ASN P 193 136.26 -12.18 -45.97
C ASN P 193 135.22 -13.28 -45.96
N THR P 194 134.03 -13.00 -45.44
CA THR P 194 133.04 -14.03 -45.17
C THR P 194 131.72 -13.70 -45.86
N ALA P 195 130.96 -14.75 -46.15
CA ALA P 195 129.69 -14.62 -46.86
C ALA P 195 128.69 -13.80 -46.04
N ARG P 196 127.99 -12.86 -46.70
CA ARG P 196 126.97 -12.14 -45.92
C ARG P 196 125.64 -11.82 -46.61
N LEU P 197 125.54 -11.84 -47.95
CA LEU P 197 124.25 -11.44 -48.53
C LEU P 197 123.56 -12.45 -49.47
N VAL P 198 124.25 -12.88 -50.54
CA VAL P 198 123.57 -13.61 -51.61
C VAL P 198 123.43 -15.08 -51.24
N ALA P 199 122.44 -15.72 -51.85
CA ALA P 199 122.17 -17.15 -51.64
C ALA P 199 121.98 -17.48 -50.17
N ALA P 200 121.56 -16.49 -49.38
CA ALA P 200 121.49 -16.63 -47.94
C ALA P 200 120.55 -17.75 -47.54
N SER P 201 120.99 -18.57 -46.59
CA SER P 201 120.19 -19.65 -46.02
C SER P 201 119.75 -19.36 -44.59
N HIS P 202 120.69 -18.93 -43.76
CA HIS P 202 120.43 -18.52 -42.39
C HIS P 202 121.60 -17.67 -41.92
N GLY P 203 121.47 -17.10 -40.73
CA GLY P 203 122.52 -16.30 -40.14
C GLY P 203 123.27 -17.09 -39.06
N VAL P 204 124.57 -16.89 -38.99
CA VAL P 204 125.36 -17.51 -37.93
C VAL P 204 126.35 -16.49 -37.39
N MET P 205 126.07 -15.94 -36.21
CA MET P 205 127.01 -14.97 -35.64
C MET P 205 128.17 -15.69 -34.96
N PRO P 206 129.40 -15.21 -35.13
CA PRO P 206 130.55 -15.97 -34.65
C PRO P 206 130.72 -15.84 -33.15
N GLN P 207 131.34 -16.89 -32.56
CA GLN P 207 131.55 -16.92 -31.12
C GLN P 207 132.57 -15.88 -30.68
N ALA P 208 133.66 -15.76 -31.44
CA ALA P 208 134.68 -14.78 -31.18
C ALA P 208 135.50 -14.56 -32.45
N PRO Q 20 100.62 -27.56 -86.70
CA PRO Q 20 100.57 -26.16 -86.24
C PRO Q 20 101.95 -25.50 -86.19
N VAL Q 21 102.14 -24.48 -87.03
CA VAL Q 21 103.41 -23.74 -87.12
C VAL Q 21 103.29 -22.52 -86.22
N GLN Q 22 104.23 -22.37 -85.28
CA GLN Q 22 104.21 -21.27 -84.33
C GLN Q 22 105.41 -20.35 -84.53
N SER Q 23 105.22 -19.06 -84.21
CA SER Q 23 106.27 -18.07 -84.38
C SER Q 23 106.96 -17.80 -83.05
N SER Q 24 108.23 -17.41 -83.12
CA SER Q 24 109.00 -17.17 -81.90
C SER Q 24 110.10 -16.14 -82.15
N ARG Q 25 110.62 -15.63 -81.02
CA ARG Q 25 111.69 -14.63 -80.98
C ARG Q 25 112.88 -15.24 -80.25
N THR Q 26 113.97 -15.46 -80.97
CA THR Q 26 115.07 -16.25 -80.46
C THR Q 26 116.26 -15.38 -80.08
N THR Q 27 116.91 -15.75 -78.98
CA THR Q 27 118.27 -15.32 -78.71
C THR Q 27 119.11 -16.55 -78.37
N PHE Q 28 120.42 -16.43 -78.52
CA PHE Q 28 121.28 -17.55 -78.18
C PHE Q 28 121.31 -17.77 -76.68
N GLY Q 29 121.43 -19.03 -76.29
CA GLY Q 29 121.56 -19.38 -74.89
C GLY Q 29 120.73 -20.57 -74.50
N VAL Q 30 120.73 -20.86 -73.20
CA VAL Q 30 119.89 -21.86 -72.58
C VAL Q 30 119.42 -21.29 -71.26
N ASN Q 31 118.19 -21.63 -70.89
CA ASN Q 31 117.69 -21.27 -69.57
C ASN Q 31 118.69 -21.74 -68.51
N PRO Q 32 119.08 -20.88 -67.58
CA PRO Q 32 120.27 -21.16 -66.77
C PRO Q 32 119.98 -22.21 -65.71
N ASP Q 33 121.06 -22.73 -65.15
CA ASP Q 33 120.97 -23.60 -63.99
C ASP Q 33 121.24 -22.74 -62.76
N ARG Q 34 120.23 -22.62 -61.90
CA ARG Q 34 120.35 -21.80 -60.71
C ARG Q 34 120.89 -22.63 -59.54
N GLN Q 35 121.64 -21.96 -58.67
CA GLN Q 35 122.19 -22.60 -57.49
C GLN Q 35 121.23 -22.45 -56.32
N ALA Q 36 121.16 -23.49 -55.49
CA ALA Q 36 120.29 -23.45 -54.33
C ALA Q 36 120.77 -22.42 -53.32
N ASN Q 37 119.82 -21.90 -52.54
CA ASN Q 37 120.14 -20.87 -51.54
C ASN Q 37 120.59 -21.51 -50.23
N ALA Q 38 121.71 -22.23 -50.29
CA ALA Q 38 122.22 -23.00 -49.17
C ALA Q 38 123.49 -22.39 -48.58
N ARG Q 39 123.62 -21.08 -48.67
CA ARG Q 39 124.84 -20.41 -48.25
C ARG Q 39 124.60 -19.68 -46.93
N PRO Q 40 125.10 -20.19 -45.81
CA PRO Q 40 124.94 -19.48 -44.54
C PRO Q 40 125.79 -18.21 -44.53
N VAL Q 41 125.25 -17.17 -43.89
CA VAL Q 41 125.82 -15.83 -43.96
C VAL Q 41 126.18 -15.35 -42.56
N TYR Q 42 126.96 -14.28 -42.55
CA TYR Q 42 127.41 -13.66 -41.32
C TYR Q 42 126.27 -12.91 -40.67
N LEU Q 43 126.30 -12.91 -39.34
CA LEU Q 43 125.28 -12.27 -38.52
C LEU Q 43 126.02 -11.39 -37.52
N ALA Q 44 125.72 -10.10 -37.53
CA ALA Q 44 126.46 -9.17 -36.69
C ALA Q 44 126.26 -9.50 -35.20
N PRO Q 45 127.33 -9.48 -34.39
CA PRO Q 45 127.17 -9.72 -32.95
C PRO Q 45 126.57 -8.55 -32.20
N ALA Q 46 126.28 -7.44 -32.90
CA ALA Q 46 125.57 -6.29 -32.35
C ALA Q 46 125.19 -5.37 -33.51
N ALA Q 47 124.19 -4.54 -33.28
CA ALA Q 47 123.67 -3.65 -34.34
C ALA Q 47 124.04 -2.22 -34.02
N PRO Q 48 124.84 -1.52 -34.84
CA PRO Q 48 125.15 -0.13 -34.52
C PRO Q 48 124.08 0.80 -35.03
N MET Q 49 123.61 1.70 -34.17
CA MET Q 49 122.62 2.72 -34.53
C MET Q 49 123.18 4.11 -34.26
N GLU Q 50 124.44 4.34 -34.61
CA GLU Q 50 125.11 5.59 -34.23
C GLU Q 50 124.51 6.80 -34.93
N ASN Q 51 124.20 6.69 -36.23
CA ASN Q 51 123.71 7.85 -36.99
C ASN Q 51 122.43 8.41 -36.40
N THR Q 52 121.42 7.55 -36.21
CA THR Q 52 120.12 8.00 -35.75
C THR Q 52 120.19 8.54 -34.31
N TYR Q 53 120.99 7.92 -33.45
CA TYR Q 53 121.02 8.34 -32.05
C TYR Q 53 121.85 9.61 -31.85
N THR Q 54 122.90 9.81 -32.64
CA THR Q 54 123.55 11.12 -32.62
C THR Q 54 122.60 12.20 -33.12
N TYR Q 55 121.79 11.92 -34.15
CA TYR Q 55 120.84 12.95 -34.56
C TYR Q 55 119.79 13.20 -33.47
N LEU Q 56 119.35 12.15 -32.78
CA LEU Q 56 118.40 12.34 -31.69
C LEU Q 56 118.99 13.19 -30.59
N GLY Q 57 120.28 12.99 -30.28
CA GLY Q 57 120.95 13.91 -29.38
C GLY Q 57 120.96 15.33 -29.93
N SER Q 58 121.10 15.46 -31.24
CA SER Q 58 121.09 16.79 -31.87
C SER Q 58 119.78 17.53 -31.59
N ILE Q 59 118.64 16.89 -31.85
CA ILE Q 59 117.37 17.61 -31.69
C ILE Q 59 116.89 17.56 -30.24
N GLN Q 60 117.73 17.04 -29.35
CA GLN Q 60 117.41 16.93 -27.92
C GLN Q 60 116.18 16.05 -27.70
N PHE Q 61 116.05 15.00 -28.53
CA PHE Q 61 115.05 13.94 -28.34
C PHE Q 61 113.61 14.47 -28.38
N ALA Q 62 113.36 15.49 -29.20
CA ALA Q 62 112.03 16.06 -29.25
C ALA Q 62 111.79 16.69 -30.61
N ALA Q 63 110.57 16.52 -31.12
CA ALA Q 63 110.16 17.13 -32.38
C ALA Q 63 108.64 17.10 -32.43
N GLY Q 64 108.04 18.26 -32.69
CA GLY Q 64 106.59 18.33 -32.65
C GLY Q 64 106.15 18.06 -31.22
N ARG Q 65 105.14 17.21 -31.05
CA ARG Q 65 104.87 16.66 -29.74
C ARG Q 65 105.25 15.19 -29.65
N HIS Q 66 106.14 14.73 -30.53
CA HIS Q 66 106.86 13.49 -30.31
C HIS Q 66 108.04 13.73 -29.39
N ILE Q 67 108.12 12.98 -28.31
CA ILE Q 67 109.33 12.97 -27.48
C ILE Q 67 109.85 11.54 -27.45
N PHE Q 68 111.17 11.39 -27.56
CA PHE Q 68 111.80 10.09 -27.64
C PHE Q 68 112.58 9.80 -26.36
N GLY Q 69 112.97 8.54 -26.21
CA GLY Q 69 113.73 8.11 -25.05
C GLY Q 69 115.21 8.03 -25.33
N GLU Q 70 116.01 8.24 -24.29
CA GLU Q 70 117.45 8.06 -24.39
C GLU Q 70 117.78 6.57 -24.32
N PRO Q 71 118.61 6.06 -25.24
CA PRO Q 71 118.94 4.64 -25.24
C PRO Q 71 119.91 4.30 -24.13
N ALA Q 72 120.11 3.00 -23.94
CA ALA Q 72 121.18 2.55 -23.06
C ALA Q 72 122.51 2.58 -23.79
N SER Q 73 122.54 2.05 -25.01
CA SER Q 73 123.75 1.98 -25.81
C SER Q 73 123.44 2.43 -27.23
N ASN Q 74 124.41 3.10 -27.84
CA ASN Q 74 124.31 3.40 -29.27
C ASN Q 74 124.42 2.14 -30.10
N VAL Q 75 125.04 1.10 -29.55
CA VAL Q 75 125.14 -0.20 -30.19
C VAL Q 75 124.30 -1.18 -29.40
N LEU Q 76 123.32 -1.79 -30.10
CA LEU Q 76 122.28 -2.69 -29.57
C LEU Q 76 122.81 -4.11 -29.48
N PRO Q 77 122.78 -4.71 -28.29
CA PRO Q 77 123.21 -6.11 -28.13
C PRO Q 77 122.15 -7.06 -28.66
N PRO Q 78 122.52 -8.31 -28.92
CA PRO Q 78 121.51 -9.30 -29.35
C PRO Q 78 120.69 -9.81 -28.19
N GLN Q 79 119.40 -10.04 -28.44
CA GLN Q 79 118.48 -10.52 -27.41
C GLN Q 79 118.21 -12.02 -27.52
N ASN Q 80 118.08 -12.55 -28.74
CA ASN Q 80 117.72 -13.95 -28.93
C ASN Q 80 118.64 -14.66 -29.92
N ILE Q 81 119.91 -14.27 -29.98
CA ILE Q 81 120.84 -14.85 -30.94
C ILE Q 81 121.98 -15.48 -30.15
N VAL Q 82 121.94 -16.80 -30.06
CA VAL Q 82 123.06 -17.53 -29.45
C VAL Q 82 124.19 -17.64 -30.49
N PRO Q 83 125.45 -17.48 -30.10
CA PRO Q 83 126.51 -17.58 -31.10
C PRO Q 83 126.71 -19.00 -31.55
N GLY Q 84 127.00 -19.17 -32.83
CA GLY Q 84 127.20 -20.49 -33.38
C GLY Q 84 125.92 -21.26 -33.58
N VAL Q 85 124.77 -20.64 -33.37
CA VAL Q 85 123.48 -21.30 -33.55
C VAL Q 85 122.83 -20.68 -34.78
N PRO Q 86 122.55 -21.46 -35.82
CA PRO Q 86 121.87 -20.91 -37.00
C PRO Q 86 120.49 -20.40 -36.60
N THR Q 87 120.20 -19.17 -37.00
CA THR Q 87 118.91 -18.52 -36.71
C THR Q 87 118.46 -17.82 -37.98
N LYS Q 88 117.21 -18.05 -38.37
CA LYS Q 88 116.63 -17.37 -39.52
C LYS Q 88 115.93 -16.08 -39.11
N HIS Q 89 115.88 -15.78 -37.82
CA HIS Q 89 115.28 -14.57 -37.32
C HIS Q 89 115.94 -14.19 -36.00
N GLY Q 90 116.31 -12.92 -35.88
CA GLY Q 90 117.03 -12.46 -34.70
C GLY Q 90 116.76 -11.00 -34.42
N GLU Q 91 116.93 -10.63 -33.16
CA GLU Q 91 116.55 -9.30 -32.70
C GLU Q 91 117.63 -8.73 -31.80
N TYR Q 92 118.01 -7.48 -32.08
CA TYR Q 92 118.82 -6.69 -31.16
C TYR Q 92 117.91 -5.65 -30.53
N VAL Q 93 118.12 -5.35 -29.25
CA VAL Q 93 117.19 -4.47 -28.56
C VAL Q 93 117.93 -3.72 -27.46
N THR Q 94 117.67 -2.43 -27.36
CA THR Q 94 118.15 -1.70 -26.19
C THR Q 94 117.03 -0.90 -25.57
N THR Q 95 117.15 -0.66 -24.28
CA THR Q 95 116.07 -0.06 -23.52
C THR Q 95 116.19 1.46 -23.59
N ASN Q 96 115.03 2.13 -23.67
CA ASN Q 96 114.91 3.59 -23.74
C ASN Q 96 114.37 4.05 -22.38
N THR Q 97 115.04 5.02 -21.77
CA THR Q 97 114.58 5.60 -20.50
C THR Q 97 114.46 7.10 -20.66
N GLY Q 98 113.77 7.75 -19.73
CA GLY Q 98 113.59 9.18 -19.79
C GLY Q 98 112.82 9.67 -18.58
N ASP Q 99 112.86 10.99 -18.38
CA ASP Q 99 112.18 11.63 -17.26
C ASP Q 99 110.68 11.53 -17.46
N ARG Q 100 110.00 10.87 -16.53
CA ARG Q 100 108.55 10.63 -16.60
C ARG Q 100 108.20 9.88 -17.88
N LEU Q 101 109.04 8.91 -18.24
CA LEU Q 101 108.79 7.99 -19.35
C LEU Q 101 108.81 6.56 -18.82
N MET Q 102 107.88 5.74 -19.30
CA MET Q 102 107.95 4.33 -19.00
C MET Q 102 108.98 3.68 -19.92
N ALA Q 103 109.92 2.96 -19.33
CA ALA Q 103 110.99 2.34 -20.12
C ALA Q 103 110.39 1.56 -21.29
N SER Q 104 110.95 1.77 -22.50
CA SER Q 104 110.42 1.13 -23.70
C SER Q 104 111.56 0.71 -24.62
N SER Q 105 111.38 -0.42 -25.28
CA SER Q 105 112.47 -1.04 -26.00
C SER Q 105 112.47 -0.58 -27.46
N THR Q 106 113.66 -0.24 -27.96
CA THR Q 106 113.85 0.01 -29.38
C THR Q 106 114.52 -1.21 -30.02
N THR Q 107 114.01 -1.61 -31.18
CA THR Q 107 114.26 -2.96 -31.71
C THR Q 107 114.76 -2.94 -33.15
N VAL Q 108 115.76 -3.79 -33.41
CA VAL Q 108 116.32 -3.98 -34.75
C VAL Q 108 116.18 -5.46 -35.07
N THR Q 109 115.43 -5.77 -36.11
CA THR Q 109 115.04 -7.13 -36.46
C THR Q 109 115.67 -7.54 -37.78
N ARG Q 110 116.30 -8.71 -37.81
CA ARG Q 110 116.92 -9.24 -39.01
C ARG Q 110 116.32 -10.61 -39.34
N ASP Q 111 115.85 -10.75 -40.57
CA ASP Q 111 115.28 -12.00 -41.06
C ASP Q 111 116.09 -12.43 -42.28
N VAL Q 112 116.78 -13.56 -42.15
CA VAL Q 112 117.60 -14.12 -43.22
C VAL Q 112 116.97 -15.45 -43.61
N SER Q 113 116.36 -15.52 -44.79
CA SER Q 113 115.80 -16.81 -45.24
C SER Q 113 115.63 -16.82 -46.75
N ASN Q 114 115.92 -17.97 -47.34
CA ASN Q 114 115.66 -18.25 -48.76
C ASN Q 114 116.26 -17.20 -49.70
N GLY Q 115 117.48 -16.77 -49.39
CA GLY Q 115 118.19 -15.78 -50.17
C GLY Q 115 117.76 -14.35 -49.97
N ARG Q 116 116.77 -14.10 -49.13
CA ARG Q 116 116.28 -12.76 -48.87
C ARG Q 116 116.67 -12.38 -47.45
N THR Q 117 117.35 -11.26 -47.31
CA THR Q 117 117.72 -10.74 -46.00
C THR Q 117 117.02 -9.39 -45.80
N LYS Q 118 116.43 -9.20 -44.62
CA LYS Q 118 115.62 -8.02 -44.35
C LYS Q 118 115.88 -7.50 -42.94
N VAL Q 119 116.19 -6.21 -42.83
CA VAL Q 119 116.47 -5.54 -41.56
C VAL Q 119 115.41 -4.46 -41.35
N SER Q 120 114.80 -4.46 -40.16
CA SER Q 120 113.78 -3.49 -39.79
C SER Q 120 114.16 -2.81 -38.48
N ILE Q 121 113.88 -1.51 -38.38
CA ILE Q 121 114.21 -0.74 -37.19
C ILE Q 121 112.94 -0.05 -36.71
N ASP Q 122 112.64 -0.19 -35.42
CA ASP Q 122 111.42 0.34 -34.81
C ASP Q 122 111.81 1.09 -33.54
N ILE Q 123 111.56 2.40 -33.51
CA ILE Q 123 111.81 3.23 -32.33
C ILE Q 123 110.49 3.86 -31.88
N PRO Q 124 110.17 3.81 -30.60
CA PRO Q 124 108.91 4.38 -30.12
C PRO Q 124 109.04 5.84 -29.71
N TYR Q 125 107.87 6.50 -29.64
CA TYR Q 125 107.76 7.89 -29.23
C TYR Q 125 106.55 8.06 -28.31
N TYR Q 126 106.63 9.07 -27.44
CA TYR Q 126 105.61 9.39 -26.43
C TYR Q 126 104.99 10.76 -26.71
N ASP Q 127 103.86 11.00 -26.03
CA ASP Q 127 103.11 12.25 -26.10
C ASP Q 127 103.80 13.34 -25.28
N ARG Q 128 104.50 14.23 -25.99
CA ARG Q 128 105.23 15.30 -25.32
C ARG Q 128 104.31 16.17 -24.49
N ASN Q 129 103.05 16.33 -24.90
CA ASN Q 129 102.12 17.16 -24.15
C ASN Q 129 101.86 16.55 -22.76
N ALA Q 130 101.61 15.24 -22.72
CA ALA Q 130 101.43 14.55 -21.45
C ALA Q 130 102.69 14.62 -20.62
N VAL Q 131 103.84 14.34 -21.22
CA VAL Q 131 105.08 14.31 -20.45
C VAL Q 131 105.38 15.66 -19.83
N GLU Q 132 105.26 16.73 -20.62
CA GLU Q 132 105.59 18.07 -20.14
C GLU Q 132 104.55 18.60 -19.17
N THR Q 133 103.27 18.24 -19.35
CA THR Q 133 102.27 18.59 -18.34
C THR Q 133 102.59 17.93 -17.01
N LEU Q 134 103.01 16.66 -17.05
CA LEU Q 134 103.43 15.99 -15.81
C LEU Q 134 104.65 16.66 -15.19
N LYS Q 135 105.66 16.97 -16.01
CA LYS Q 135 106.88 17.59 -15.50
C LYS Q 135 106.58 18.96 -14.89
N ALA Q 136 105.90 19.83 -15.63
CA ALA Q 136 105.58 21.16 -15.12
C ALA Q 136 104.71 21.08 -13.88
N SER Q 137 103.76 20.15 -13.85
CA SER Q 137 102.92 20.03 -12.68
C SER Q 137 103.56 19.22 -11.56
N ALA Q 138 104.78 18.70 -11.76
CA ALA Q 138 105.45 17.89 -10.73
C ALA Q 138 104.56 16.72 -10.32
N ILE Q 139 104.06 15.99 -11.31
CA ILE Q 139 103.23 14.81 -11.08
C ILE Q 139 104.13 13.59 -11.29
N PRO Q 140 104.06 12.56 -10.45
CA PRO Q 140 104.97 11.41 -10.59
C PRO Q 140 104.52 10.33 -11.57
N GLY Q 141 103.61 10.61 -12.48
CA GLY Q 141 103.20 9.60 -13.44
C GLY Q 141 104.27 9.35 -14.50
N ALA Q 142 104.33 8.11 -14.98
CA ALA Q 142 105.22 7.73 -16.08
C ALA Q 142 104.37 7.36 -17.29
N VAL Q 143 104.81 7.79 -18.47
CA VAL Q 143 104.01 7.68 -19.69
C VAL Q 143 104.52 6.52 -20.54
N ALA Q 144 103.58 5.72 -21.04
CA ALA Q 144 103.86 4.67 -22.00
C ALA Q 144 103.90 5.25 -23.41
N PRO Q 145 104.57 4.58 -24.35
CA PRO Q 145 104.71 5.13 -25.70
C PRO Q 145 103.38 5.22 -26.42
N VAL Q 146 103.22 6.31 -27.16
CA VAL Q 146 102.00 6.49 -27.94
C VAL Q 146 102.12 5.89 -29.34
N GLY Q 147 103.33 5.83 -29.90
CA GLY Q 147 103.47 5.24 -31.23
C GLY Q 147 104.91 4.88 -31.53
N SER Q 148 105.18 4.65 -32.81
CA SER Q 148 106.53 4.29 -33.23
C SER Q 148 106.76 4.70 -34.68
N PHE Q 149 108.04 4.74 -35.05
CA PHE Q 149 108.48 4.92 -36.43
C PHE Q 149 109.34 3.74 -36.85
N LYS Q 150 109.15 3.30 -38.10
CA LYS Q 150 109.77 2.08 -38.62
C LYS Q 150 110.40 2.31 -39.99
N VAL Q 151 111.53 1.66 -40.20
CA VAL Q 151 112.26 1.69 -41.45
C VAL Q 151 112.69 0.28 -41.82
N ASN Q 152 112.33 -0.17 -43.02
CA ASN Q 152 112.60 -1.51 -43.53
C ASN Q 152 113.59 -1.46 -44.69
N VAL Q 153 114.44 -2.47 -44.76
CA VAL Q 153 115.46 -2.59 -45.79
C VAL Q 153 115.55 -4.06 -46.18
N GLU Q 154 115.62 -4.34 -47.48
CA GLU Q 154 115.41 -5.70 -47.96
C GLU Q 154 116.31 -5.97 -49.17
N VAL Q 155 116.91 -7.15 -49.21
CA VAL Q 155 117.88 -7.52 -50.24
C VAL Q 155 117.49 -8.89 -50.76
N LEU Q 156 117.09 -8.95 -52.04
CA LEU Q 156 116.67 -10.19 -52.68
C LEU Q 156 117.88 -10.77 -53.42
N GLY Q 157 118.67 -11.58 -52.71
CA GLY Q 157 119.91 -12.12 -53.21
C GLY Q 157 119.85 -13.56 -53.69
N GLY Q 158 118.67 -14.08 -53.98
CA GLY Q 158 118.55 -15.44 -54.44
C GLY Q 158 118.77 -15.57 -55.93
N GLY Q 159 119.02 -16.80 -56.35
CA GLY Q 159 119.07 -17.12 -57.76
C GLY Q 159 120.45 -17.08 -58.36
N VAL Q 160 121.51 -17.20 -57.53
CA VAL Q 160 122.87 -17.16 -58.04
C VAL Q 160 123.08 -18.31 -59.00
N LEU Q 161 123.70 -18.00 -60.13
CA LEU Q 161 123.94 -18.98 -61.19
C LEU Q 161 124.96 -20.03 -60.76
N THR Q 162 124.88 -21.21 -61.37
CA THR Q 162 125.64 -22.36 -60.88
C THR Q 162 127.15 -22.17 -61.05
N GLY Q 163 127.56 -21.56 -62.17
CA GLY Q 163 128.99 -21.36 -62.38
C GLY Q 163 129.66 -20.52 -61.30
N THR Q 164 128.92 -19.62 -60.66
CA THR Q 164 129.49 -18.68 -59.71
C THR Q 164 130.14 -19.39 -58.54
N ASP Q 165 131.41 -19.10 -58.28
CA ASP Q 165 132.09 -19.74 -57.17
C ASP Q 165 132.07 -18.83 -55.94
N ALA Q 166 132.78 -19.23 -54.87
CA ALA Q 166 132.71 -18.53 -53.60
C ALA Q 166 133.27 -17.11 -53.72
N ASN Q 167 134.45 -16.99 -54.36
CA ASN Q 167 135.07 -15.68 -54.53
C ASN Q 167 134.17 -14.74 -55.30
N ALA Q 168 133.53 -15.24 -56.36
CA ALA Q 168 132.59 -14.43 -57.12
C ALA Q 168 131.40 -13.99 -56.25
N GLN Q 169 130.91 -14.91 -55.41
CA GLN Q 169 129.79 -14.54 -54.54
C GLN Q 169 130.17 -13.43 -53.58
N PHE Q 170 131.44 -13.37 -53.16
CA PHE Q 170 131.88 -12.21 -52.38
C PHE Q 170 131.61 -10.91 -53.14
N ALA Q 171 131.97 -10.89 -54.41
CA ALA Q 171 131.76 -9.70 -55.24
C ALA Q 171 130.29 -9.36 -55.32
N LEU Q 172 129.44 -10.38 -55.49
CA LEU Q 172 128.00 -10.12 -55.51
C LEU Q 172 127.54 -9.53 -54.17
N ASP Q 173 128.13 -9.98 -53.06
CA ASP Q 173 127.81 -9.41 -51.75
C ASP Q 173 128.04 -7.91 -51.75
N GLU Q 174 129.25 -7.48 -52.15
CA GLU Q 174 129.54 -6.06 -52.12
C GLU Q 174 128.69 -5.29 -53.15
N LEU Q 175 128.34 -5.94 -54.27
CA LEU Q 175 127.47 -5.29 -55.24
C LEU Q 175 126.11 -4.95 -54.66
N LEU Q 176 125.50 -5.93 -53.98
CA LEU Q 176 124.22 -5.66 -53.32
C LEU Q 176 124.39 -4.61 -52.22
N SER Q 177 125.53 -4.62 -51.53
CA SER Q 177 125.79 -3.58 -50.53
C SER Q 177 125.72 -2.20 -51.16
N ASN Q 178 126.37 -2.02 -52.31
CA ASN Q 178 126.38 -0.70 -52.93
C ASN Q 178 125.00 -0.32 -53.48
N MET Q 179 124.24 -1.30 -53.96
CA MET Q 179 122.86 -1.01 -54.35
C MET Q 179 122.03 -0.56 -53.15
N LEU Q 180 122.27 -1.17 -51.99
CA LEU Q 180 121.65 -0.72 -50.74
C LEU Q 180 121.94 0.75 -50.48
N MET Q 181 123.23 1.10 -50.48
CA MET Q 181 123.62 2.49 -50.22
C MET Q 181 122.92 3.43 -51.19
N ASP Q 182 122.90 3.07 -52.48
CA ASP Q 182 122.25 3.92 -53.47
C ASP Q 182 120.75 4.05 -53.20
N ALA Q 183 120.11 2.95 -52.81
CA ALA Q 183 118.67 3.01 -52.54
C ALA Q 183 118.37 3.95 -51.38
N ALA Q 184 119.18 3.87 -50.31
CA ALA Q 184 118.95 4.75 -49.16
C ALA Q 184 119.19 6.21 -49.52
N ARG Q 185 120.23 6.48 -50.31
CA ARG Q 185 120.46 7.85 -50.76
C ARG Q 185 119.30 8.36 -51.61
N ILE Q 186 118.79 7.52 -52.52
CA ILE Q 186 117.67 7.92 -53.36
C ILE Q 186 116.41 8.14 -52.53
N ALA Q 187 116.30 7.42 -51.41
CA ALA Q 187 115.14 7.58 -50.55
C ALA Q 187 115.18 8.91 -49.81
N GLN Q 188 116.32 9.22 -49.18
CA GLN Q 188 116.45 10.46 -48.42
C GLN Q 188 116.79 11.67 -49.29
N ASP Q 189 116.96 11.48 -50.59
CA ASP Q 189 117.46 12.54 -51.46
C ASP Q 189 116.54 13.74 -51.45
N GLY Q 190 117.13 14.92 -51.39
CA GLY Q 190 116.39 16.16 -51.49
C GLY Q 190 116.90 17.25 -50.57
N PRO Q 191 116.47 18.49 -50.83
CA PRO Q 191 116.79 19.57 -49.91
C PRO Q 191 116.15 19.34 -48.55
N LYS Q 192 116.85 19.76 -47.50
CA LYS Q 192 116.26 19.78 -46.18
C LYS Q 192 115.33 20.99 -45.98
N ASN Q 193 115.22 21.85 -47.00
CA ASN Q 193 114.27 22.95 -46.98
C ASN Q 193 112.84 22.48 -47.19
N THR Q 194 112.66 21.38 -47.90
CA THR Q 194 111.33 20.93 -48.31
C THR Q 194 111.00 19.57 -47.72
N ALA Q 195 109.70 19.28 -47.68
CA ALA Q 195 109.20 18.04 -47.11
C ALA Q 195 109.61 16.85 -47.97
N ARG Q 196 110.11 15.78 -47.33
CA ARG Q 196 110.48 14.63 -48.15
C ARG Q 196 110.02 13.27 -47.64
N LEU Q 197 109.81 13.06 -46.33
CA LEU Q 197 109.44 11.72 -45.84
C LEU Q 197 108.13 11.57 -45.04
N VAL Q 198 107.98 12.31 -43.92
CA VAL Q 198 106.92 11.98 -42.96
C VAL Q 198 105.59 12.51 -43.45
N ALA Q 199 104.51 11.83 -43.04
CA ALA Q 199 103.15 12.20 -43.44
C ALA Q 199 103.03 12.34 -44.95
N ALA Q 200 103.79 11.53 -45.68
CA ALA Q 200 103.82 11.63 -47.12
C ALA Q 200 102.45 11.32 -47.73
N SER Q 201 102.06 12.12 -48.73
CA SER Q 201 100.84 11.89 -49.50
C SER Q 201 101.09 11.59 -50.96
N HIS Q 202 101.99 12.33 -51.59
CA HIS Q 202 102.30 12.20 -53.01
C HIS Q 202 103.59 12.95 -53.30
N GLY Q 203 104.19 12.64 -54.43
CA GLY Q 203 105.46 13.23 -54.83
C GLY Q 203 105.24 14.22 -55.96
N VAL Q 204 106.01 15.31 -55.94
CA VAL Q 204 105.95 16.32 -56.99
C VAL Q 204 107.36 16.71 -57.35
N MET Q 205 107.67 16.64 -58.65
CA MET Q 205 108.99 17.02 -59.15
C MET Q 205 109.06 18.53 -59.31
N PRO Q 206 110.13 19.19 -58.84
CA PRO Q 206 110.17 20.65 -58.87
C PRO Q 206 110.20 21.17 -60.30
N GLN Q 207 109.75 22.42 -60.46
CA GLN Q 207 109.66 23.04 -61.78
C GLN Q 207 110.99 22.97 -62.51
N ALA Q 208 112.09 23.22 -61.80
CA ALA Q 208 113.45 23.03 -62.32
C ALA Q 208 113.61 23.67 -63.71
N SER R 23 96.74 0.55 -27.08
CA SER R 23 96.37 1.51 -26.05
C SER R 23 97.55 1.83 -25.13
N SER R 24 97.85 3.13 -24.98
CA SER R 24 98.97 3.59 -24.18
C SER R 24 98.45 4.27 -22.92
N ARG R 25 98.97 3.86 -21.77
CA ARG R 25 98.48 4.34 -20.48
C ARG R 25 99.63 4.81 -19.63
N THR R 26 99.43 5.95 -18.97
CA THR R 26 100.38 6.44 -17.98
C THR R 26 100.11 5.74 -16.64
N THR R 27 101.19 5.36 -15.98
CA THR R 27 101.13 4.53 -14.78
C THR R 27 101.67 5.33 -13.59
N PHE R 28 100.93 5.25 -12.48
CA PHE R 28 101.33 5.81 -11.19
C PHE R 28 101.61 4.66 -10.25
N GLY R 29 102.77 4.68 -9.62
CA GLY R 29 103.16 3.58 -8.77
C GLY R 29 103.92 2.51 -9.54
N VAL R 30 103.85 1.30 -9.00
CA VAL R 30 104.62 0.18 -9.52
C VAL R 30 103.98 -0.35 -10.78
N ASN R 31 104.79 -0.58 -11.81
CA ASN R 31 104.35 -1.28 -13.01
C ASN R 31 104.88 -2.69 -12.98
N PRO R 32 104.05 -3.71 -12.79
CA PRO R 32 104.55 -5.08 -12.65
C PRO R 32 104.65 -5.89 -13.94
N ASP R 33 104.56 -5.26 -15.11
CA ASP R 33 104.64 -6.00 -16.37
C ASP R 33 105.94 -6.80 -16.45
N ARG R 34 105.81 -8.11 -16.66
CA ARG R 34 106.96 -9.00 -16.79
C ARG R 34 107.21 -9.36 -18.25
N GLN R 35 108.48 -9.62 -18.56
CA GLN R 35 108.89 -9.98 -19.90
C GLN R 35 108.69 -11.48 -20.11
N ALA R 36 108.07 -11.83 -21.24
CA ALA R 36 107.81 -13.23 -21.54
C ALA R 36 109.08 -14.04 -21.58
N ASN R 37 109.00 -15.26 -21.03
CA ASN R 37 110.13 -16.18 -20.91
C ASN R 37 110.36 -16.87 -22.26
N ALA R 38 110.89 -16.10 -23.22
CA ALA R 38 111.04 -16.54 -24.61
C ALA R 38 112.44 -16.21 -25.10
N ARG R 39 113.45 -16.57 -24.30
CA ARG R 39 114.85 -16.24 -24.57
C ARG R 39 115.68 -17.51 -24.66
N PRO R 40 116.26 -17.83 -25.82
CA PRO R 40 117.15 -18.98 -25.91
C PRO R 40 118.39 -18.77 -25.04
N VAL R 41 118.89 -19.87 -24.48
CA VAL R 41 120.04 -19.80 -23.58
C VAL R 41 121.11 -20.78 -24.06
N TYR R 42 122.35 -20.44 -23.74
CA TYR R 42 123.49 -21.25 -24.14
C TYR R 42 123.45 -22.61 -23.47
N LEU R 43 123.81 -23.63 -24.25
CA LEU R 43 123.81 -25.01 -23.80
C LEU R 43 125.20 -25.59 -24.02
N ALA R 44 125.88 -25.92 -22.92
CA ALA R 44 127.27 -26.37 -23.00
C ALA R 44 127.39 -27.60 -23.90
N PRO R 45 128.46 -27.70 -24.71
CA PRO R 45 128.61 -28.87 -25.60
C PRO R 45 129.03 -30.13 -24.88
N ALA R 46 129.33 -30.04 -23.58
CA ALA R 46 129.69 -31.19 -22.75
C ALA R 46 129.63 -30.75 -21.30
N ALA R 47 129.54 -31.73 -20.41
CA ALA R 47 129.38 -31.42 -18.99
C ALA R 47 130.65 -31.78 -18.25
N PRO R 48 131.40 -30.83 -17.68
CA PRO R 48 132.61 -31.22 -16.92
C PRO R 48 132.25 -31.67 -15.52
N MET R 49 132.69 -32.86 -15.15
CA MET R 49 132.54 -33.38 -13.79
C MET R 49 133.88 -33.57 -13.10
N GLU R 50 134.81 -32.63 -13.29
CA GLU R 50 136.19 -32.88 -12.86
C GLU R 50 136.30 -33.01 -11.35
N ASN R 51 135.59 -32.17 -10.59
CA ASN R 51 135.75 -32.16 -9.13
C ASN R 51 135.39 -33.52 -8.51
N THR R 52 134.21 -34.03 -8.86
CA THR R 52 133.72 -35.26 -8.24
C THR R 52 134.57 -36.47 -8.61
N TYR R 53 135.02 -36.55 -9.87
CA TYR R 53 135.79 -37.72 -10.31
C TYR R 53 137.23 -37.67 -9.84
N THR R 54 137.82 -36.48 -9.72
CA THR R 54 139.11 -36.42 -9.04
C THR R 54 138.99 -36.85 -7.58
N TYR R 55 137.91 -36.44 -6.88
CA TYR R 55 137.79 -36.90 -5.50
C TYR R 55 137.56 -38.42 -5.44
N LEU R 56 136.79 -38.95 -6.39
CA LEU R 56 136.57 -40.40 -6.43
C LEU R 56 137.88 -41.15 -6.66
N GLY R 57 138.74 -40.62 -7.53
CA GLY R 57 140.09 -41.17 -7.64
C GLY R 57 140.85 -41.06 -6.33
N SER R 58 140.65 -39.95 -5.60
CA SER R 58 141.31 -39.77 -4.31
C SER R 58 140.97 -40.90 -3.35
N ILE R 59 139.70 -41.26 -3.24
CA ILE R 59 139.35 -42.30 -2.27
C ILE R 59 139.37 -43.69 -2.90
N GLN R 60 139.91 -43.79 -4.11
CA GLN R 60 140.03 -45.08 -4.81
C GLN R 60 138.66 -45.70 -5.06
N PHE R 61 137.68 -44.84 -5.34
CA PHE R 61 136.35 -45.28 -5.78
C PHE R 61 135.68 -46.20 -4.78
N ALA R 62 135.85 -45.94 -3.49
CA ALA R 62 135.28 -46.81 -2.47
C ALA R 62 135.19 -46.07 -1.16
N ALA R 63 133.99 -46.01 -0.58
CA ALA R 63 133.77 -45.49 0.76
C ALA R 63 132.85 -46.44 1.50
N GLY R 64 133.33 -46.99 2.60
CA GLY R 64 132.53 -47.93 3.37
C GLY R 64 132.16 -49.15 2.57
N ARG R 65 130.87 -49.42 2.52
CA ARG R 65 130.37 -50.52 1.71
C ARG R 65 129.94 -50.08 0.32
N HIS R 66 130.09 -48.80 -0.01
CA HIS R 66 129.79 -48.28 -1.33
C HIS R 66 131.04 -48.39 -2.20
N ILE R 67 130.94 -49.08 -3.32
CA ILE R 67 132.01 -49.08 -4.31
C ILE R 67 131.48 -48.43 -5.58
N PHE R 68 132.29 -47.59 -6.19
CA PHE R 68 131.89 -46.83 -7.38
C PHE R 68 132.63 -47.33 -8.61
N GLY R 69 132.10 -46.99 -9.78
CA GLY R 69 132.74 -47.37 -11.01
C GLY R 69 133.60 -46.27 -11.59
N GLU R 70 134.53 -46.68 -12.45
CA GLU R 70 135.45 -45.74 -13.09
C GLU R 70 134.83 -45.18 -14.38
N PRO R 71 134.72 -43.86 -14.51
CA PRO R 71 134.07 -43.32 -15.71
C PRO R 71 134.97 -43.46 -16.93
N ALA R 72 134.35 -43.41 -18.11
CA ALA R 72 135.15 -43.36 -19.32
C ALA R 72 135.79 -41.99 -19.50
N SER R 73 135.09 -40.91 -19.15
CA SER R 73 135.65 -39.58 -19.27
C SER R 73 135.26 -38.74 -18.07
N ASN R 74 136.12 -37.77 -17.75
CA ASN R 74 135.81 -36.77 -16.75
C ASN R 74 134.84 -35.73 -17.29
N VAL R 75 134.76 -35.59 -18.60
CA VAL R 75 133.84 -34.67 -19.26
C VAL R 75 132.85 -35.51 -20.05
N LEU R 76 131.56 -35.27 -19.82
CA LEU R 76 130.50 -36.13 -20.33
C LEU R 76 129.95 -35.57 -21.64
N PRO R 77 129.90 -36.38 -22.69
CA PRO R 77 129.37 -35.91 -23.98
C PRO R 77 127.86 -35.91 -24.02
N PRO R 78 127.24 -35.15 -24.92
CA PRO R 78 125.78 -35.13 -24.97
C PRO R 78 125.25 -36.44 -25.53
N GLN R 79 124.14 -36.89 -24.97
CA GLN R 79 123.46 -38.08 -25.44
C GLN R 79 122.30 -37.79 -26.37
N ASN R 80 121.47 -36.81 -26.05
CA ASN R 80 120.28 -36.51 -26.82
C ASN R 80 120.18 -35.05 -27.23
N ILE R 81 121.31 -34.36 -27.34
CA ILE R 81 121.38 -32.96 -27.72
C ILE R 81 122.10 -32.86 -29.05
N VAL R 82 121.50 -32.12 -30.00
CA VAL R 82 122.05 -31.91 -31.32
C VAL R 82 122.34 -30.43 -31.47
N PRO R 83 123.50 -30.04 -31.99
CA PRO R 83 123.80 -28.62 -32.10
C PRO R 83 122.83 -27.94 -33.05
N GLY R 84 122.39 -26.77 -32.65
CA GLY R 84 121.49 -25.97 -33.46
C GLY R 84 120.04 -26.32 -33.32
N VAL R 85 119.71 -27.37 -32.57
CA VAL R 85 118.33 -27.78 -32.40
C VAL R 85 117.92 -27.44 -30.98
N PRO R 86 116.91 -26.58 -30.79
CA PRO R 86 116.51 -26.23 -29.42
C PRO R 86 115.89 -27.43 -28.73
N THR R 87 116.29 -27.64 -27.47
CA THR R 87 115.72 -28.70 -26.66
C THR R 87 115.44 -28.13 -25.27
N LYS R 88 114.42 -28.67 -24.61
CA LYS R 88 114.06 -28.27 -23.26
C LYS R 88 114.53 -29.29 -22.23
N HIS R 89 115.07 -30.41 -22.69
CA HIS R 89 115.57 -31.45 -21.81
C HIS R 89 116.74 -32.12 -22.51
N GLY R 90 117.88 -32.19 -21.82
CA GLY R 90 119.08 -32.75 -22.40
C GLY R 90 119.86 -33.54 -21.38
N GLU R 91 120.65 -34.49 -21.87
CA GLU R 91 121.36 -35.40 -20.99
C GLU R 91 122.77 -35.63 -21.50
N TYR R 92 123.74 -35.53 -20.60
CA TYR R 92 125.10 -35.98 -20.85
C TYR R 92 125.34 -37.25 -20.04
N VAL R 93 126.14 -38.17 -20.59
CA VAL R 93 126.22 -39.49 -19.97
C VAL R 93 127.57 -40.11 -20.28
N THR R 94 128.12 -40.83 -19.30
CA THR R 94 129.24 -41.71 -19.58
C THR R 94 129.02 -43.06 -18.90
N THR R 95 129.95 -43.99 -19.11
CA THR R 95 129.81 -45.35 -18.59
C THR R 95 130.86 -45.61 -17.53
N ASN R 96 130.41 -45.98 -16.32
CA ASN R 96 131.29 -46.47 -15.27
C ASN R 96 131.45 -47.97 -15.48
N THR R 97 132.71 -48.43 -15.56
CA THR R 97 133.08 -49.84 -15.58
C THR R 97 133.92 -50.14 -14.35
N GLY R 98 134.04 -51.43 -14.03
CA GLY R 98 134.71 -51.83 -12.81
C GLY R 98 134.93 -53.31 -12.78
N ASP R 99 135.83 -53.72 -11.89
CA ASP R 99 136.15 -55.14 -11.72
C ASP R 99 135.00 -55.85 -11.04
N ARG R 100 134.53 -56.95 -11.66
CA ARG R 100 133.35 -57.69 -11.21
C ARG R 100 132.09 -56.83 -11.22
N LEU R 101 132.03 -55.83 -12.09
CA LEU R 101 130.91 -54.90 -12.15
C LEU R 101 130.30 -54.89 -13.54
N MET R 102 128.99 -54.67 -13.58
CA MET R 102 128.26 -54.48 -14.82
C MET R 102 128.21 -53.00 -15.18
N ALA R 103 128.54 -52.69 -16.43
CA ALA R 103 128.62 -51.30 -16.87
C ALA R 103 127.36 -50.52 -16.51
N SER R 104 127.53 -49.39 -15.83
CA SER R 104 126.41 -48.56 -15.42
C SER R 104 126.67 -47.11 -15.76
N SER R 105 125.67 -46.46 -16.33
CA SER R 105 125.85 -45.11 -16.83
C SER R 105 125.69 -44.07 -15.72
N THR R 106 126.51 -43.03 -15.78
CA THR R 106 126.44 -41.85 -14.93
C THR R 106 125.85 -40.70 -15.74
N THR R 107 124.83 -40.04 -15.20
CA THR R 107 123.98 -39.15 -15.99
C THR R 107 123.91 -37.73 -15.41
N VAL R 108 123.91 -36.74 -16.31
CA VAL R 108 123.81 -35.33 -15.96
C VAL R 108 122.67 -34.76 -16.81
N THR R 109 121.59 -34.38 -16.14
CA THR R 109 120.37 -33.96 -16.81
C THR R 109 120.17 -32.45 -16.65
N ARG R 110 119.79 -31.78 -17.74
CA ARG R 110 119.53 -30.34 -17.71
C ARG R 110 118.18 -30.05 -18.33
N ASP R 111 117.33 -29.35 -17.59
CA ASP R 111 115.98 -28.99 -18.01
C ASP R 111 115.90 -27.48 -18.07
N VAL R 112 115.45 -26.94 -19.21
CA VAL R 112 115.24 -25.50 -19.37
C VAL R 112 113.81 -25.28 -19.85
N SER R 113 113.00 -24.58 -19.02
CA SER R 113 111.60 -24.34 -19.38
C SER R 113 111.06 -23.18 -18.54
N ASN R 114 110.37 -22.25 -19.20
CA ASN R 114 109.61 -21.20 -18.51
C ASN R 114 110.47 -20.41 -17.54
N GLY R 115 111.71 -20.13 -17.93
CA GLY R 115 112.64 -19.36 -17.12
C GLY R 115 113.27 -20.12 -15.97
N ARG R 116 112.98 -21.40 -15.84
CA ARG R 116 113.51 -22.22 -14.77
C ARG R 116 114.47 -23.22 -15.39
N THR R 117 115.69 -23.22 -14.90
CA THR R 117 116.73 -24.11 -15.42
C THR R 117 117.23 -24.97 -14.25
N LYS R 118 117.34 -26.28 -14.49
CA LYS R 118 117.64 -27.24 -13.43
C LYS R 118 118.60 -28.31 -13.92
N VAL R 119 119.71 -28.47 -13.21
CA VAL R 119 120.73 -29.47 -13.49
C VAL R 119 120.74 -30.50 -12.37
N SER R 120 120.67 -31.78 -12.74
CA SER R 120 120.67 -32.89 -11.80
C SER R 120 121.80 -33.86 -12.17
N ILE R 121 122.46 -34.42 -11.16
CA ILE R 121 123.57 -35.35 -11.38
C ILE R 121 123.27 -36.62 -10.60
N ASP R 122 123.39 -37.77 -11.28
CA ASP R 122 123.10 -39.08 -10.70
C ASP R 122 124.27 -40.01 -10.98
N ILE R 123 124.88 -40.53 -9.91
CA ILE R 123 125.97 -41.51 -10.01
C ILE R 123 125.59 -42.74 -9.21
N PRO R 124 125.67 -43.94 -9.78
CA PRO R 124 125.32 -45.16 -9.07
C PRO R 124 126.51 -45.76 -8.32
N TYR R 125 126.16 -46.61 -7.34
CA TYR R 125 127.14 -47.35 -6.54
C TYR R 125 126.73 -48.82 -6.46
N TYR R 126 127.65 -49.65 -5.96
CA TYR R 126 127.48 -51.08 -5.86
C TYR R 126 127.84 -51.56 -4.46
N ASP R 127 127.46 -52.82 -4.18
CA ASP R 127 127.69 -53.48 -2.91
C ASP R 127 129.12 -54.00 -2.84
N ARG R 128 129.95 -53.31 -2.06
CA ARG R 128 131.35 -53.69 -1.97
C ARG R 128 131.50 -55.09 -1.38
N ASN R 129 130.59 -55.49 -0.47
CA ASN R 129 130.69 -56.81 0.14
C ASN R 129 130.49 -57.91 -0.90
N ALA R 130 129.51 -57.73 -1.79
CA ALA R 130 129.34 -58.68 -2.88
C ALA R 130 130.53 -58.67 -3.81
N VAL R 131 131.04 -57.47 -4.14
CA VAL R 131 132.13 -57.40 -5.12
C VAL R 131 133.39 -58.09 -4.59
N GLU R 132 133.79 -57.77 -3.35
CA GLU R 132 135.00 -58.35 -2.80
C GLU R 132 134.80 -59.80 -2.39
N THR R 133 133.57 -60.23 -2.08
CA THR R 133 133.33 -61.64 -1.83
C THR R 133 133.50 -62.46 -3.11
N LEU R 134 133.00 -61.94 -4.24
CA LEU R 134 133.28 -62.58 -5.52
C LEU R 134 134.78 -62.64 -5.82
N LYS R 135 135.45 -61.49 -5.74
CA LYS R 135 136.90 -61.46 -5.96
C LYS R 135 137.60 -62.52 -5.12
N ALA R 136 137.27 -62.57 -3.81
CA ALA R 136 137.94 -63.48 -2.89
C ALA R 136 137.54 -64.94 -3.09
N SER R 137 136.39 -65.20 -3.70
CA SER R 137 135.96 -66.58 -3.92
C SER R 137 136.35 -67.14 -5.28
N ALA R 138 136.76 -66.28 -6.22
CA ALA R 138 137.24 -66.72 -7.55
C ALA R 138 136.17 -67.52 -8.28
N ILE R 139 135.00 -66.92 -8.35
CA ILE R 139 133.78 -67.55 -8.83
C ILE R 139 133.16 -66.62 -9.86
N PRO R 140 132.44 -67.13 -10.86
CA PRO R 140 132.15 -66.32 -12.05
C PRO R 140 131.24 -65.11 -11.88
N GLY R 141 130.57 -64.91 -10.74
CA GLY R 141 129.51 -63.91 -10.67
C GLY R 141 129.96 -62.49 -11.01
N ALA R 142 129.00 -61.67 -11.48
CA ALA R 142 129.15 -60.21 -11.55
C ALA R 142 127.88 -59.53 -11.03
N VAL R 143 128.04 -58.26 -10.63
CA VAL R 143 127.05 -57.54 -9.83
C VAL R 143 126.61 -56.27 -10.55
N ALA R 144 125.33 -55.93 -10.36
CA ALA R 144 124.67 -54.75 -10.86
C ALA R 144 124.58 -53.68 -9.76
N PRO R 145 124.26 -52.43 -10.12
CA PRO R 145 124.18 -51.37 -9.10
C PRO R 145 123.11 -51.63 -8.05
N VAL R 146 123.37 -51.09 -6.86
CA VAL R 146 122.46 -51.23 -5.73
C VAL R 146 121.67 -49.96 -5.46
N GLY R 147 122.20 -48.80 -5.84
CA GLY R 147 121.51 -47.54 -5.63
C GLY R 147 122.31 -46.42 -6.25
N SER R 148 121.94 -45.20 -5.90
CA SER R 148 122.58 -44.04 -6.50
C SER R 148 122.59 -42.89 -5.52
N PHE R 149 123.40 -41.89 -5.83
CA PHE R 149 123.38 -40.60 -5.16
C PHE R 149 123.09 -39.51 -6.20
N LYS R 150 122.28 -38.54 -5.79
CA LYS R 150 121.77 -37.50 -6.67
C LYS R 150 121.93 -36.13 -6.03
N VAL R 151 122.21 -35.15 -6.88
CA VAL R 151 122.36 -33.76 -6.48
C VAL R 151 121.64 -32.88 -7.50
N ASN R 152 120.73 -32.03 -7.03
CA ASN R 152 119.95 -31.13 -7.88
C ASN R 152 120.31 -29.67 -7.62
N VAL R 153 120.24 -28.86 -8.68
CA VAL R 153 120.53 -27.44 -8.62
C VAL R 153 119.56 -26.73 -9.55
N GLU R 154 118.93 -25.66 -9.07
CA GLU R 154 117.75 -25.09 -9.71
C GLU R 154 117.79 -23.57 -9.64
N VAL R 155 117.50 -22.91 -10.75
CA VAL R 155 117.56 -21.46 -10.87
C VAL R 155 116.24 -20.96 -11.44
N LEU R 156 115.54 -20.12 -10.67
CA LEU R 156 114.20 -19.64 -11.05
C LEU R 156 114.36 -18.22 -11.61
N GLY R 157 114.68 -18.15 -12.90
CA GLY R 157 114.98 -16.90 -13.56
C GLY R 157 113.84 -16.22 -14.26
N GLY R 158 112.61 -16.70 -14.05
CA GLY R 158 111.48 -16.10 -14.69
C GLY R 158 111.07 -14.79 -14.04
N GLY R 159 110.32 -14.00 -14.81
CA GLY R 159 109.75 -12.78 -14.28
C GLY R 159 110.56 -11.54 -14.54
N VAL R 160 111.36 -11.51 -15.60
CA VAL R 160 112.16 -10.33 -15.90
C VAL R 160 111.23 -9.18 -16.24
N LEU R 161 111.52 -8.01 -15.69
CA LEU R 161 110.65 -6.84 -15.87
C LEU R 161 110.78 -6.28 -17.29
N THR R 162 109.84 -5.40 -17.63
CA THR R 162 109.76 -4.94 -19.02
C THR R 162 110.97 -4.09 -19.42
N GLY R 163 111.41 -3.21 -18.51
CA GLY R 163 112.48 -2.29 -18.85
C GLY R 163 113.80 -2.95 -19.18
N THR R 164 114.01 -4.17 -18.68
CA THR R 164 115.30 -4.82 -18.83
C THR R 164 115.62 -5.10 -20.29
N ASP R 165 116.78 -4.64 -20.73
CA ASP R 165 117.28 -4.95 -22.06
C ASP R 165 118.27 -6.11 -21.97
N ALA R 166 118.88 -6.42 -23.12
CA ALA R 166 119.71 -7.62 -23.22
C ALA R 166 120.95 -7.52 -22.34
N ASN R 167 121.64 -6.36 -22.37
CA ASN R 167 122.83 -6.15 -21.54
C ASN R 167 122.51 -6.35 -20.06
N ALA R 168 121.44 -5.72 -19.60
CA ALA R 168 120.98 -5.89 -18.23
C ALA R 168 120.67 -7.36 -17.92
N GLN R 169 120.10 -8.07 -18.89
CA GLN R 169 119.81 -9.49 -18.66
C GLN R 169 121.10 -10.29 -18.47
N PHE R 170 122.16 -9.92 -19.18
CA PHE R 170 123.46 -10.54 -18.90
C PHE R 170 123.88 -10.30 -17.46
N ALA R 171 123.70 -9.06 -17.00
CA ALA R 171 124.04 -8.77 -15.61
C ALA R 171 123.24 -9.66 -14.66
N LEU R 172 121.96 -9.87 -14.97
CA LEU R 172 121.13 -10.71 -14.12
C LEU R 172 121.58 -12.17 -14.18
N ASP R 173 122.02 -12.60 -15.36
CA ASP R 173 122.62 -13.92 -15.51
C ASP R 173 123.73 -14.13 -14.50
N GLU R 174 124.67 -13.20 -14.47
CA GLU R 174 125.80 -13.34 -13.55
C GLU R 174 125.37 -13.24 -12.09
N LEU R 175 124.36 -12.40 -11.81
CA LEU R 175 123.84 -12.32 -10.44
C LEU R 175 123.33 -13.67 -9.96
N LEU R 176 122.52 -14.33 -10.78
CA LEU R 176 122.01 -15.64 -10.40
C LEU R 176 123.14 -16.65 -10.25
N SER R 177 124.13 -16.62 -11.14
CA SER R 177 125.22 -17.59 -11.00
C SER R 177 125.98 -17.38 -9.69
N ASN R 178 126.13 -16.12 -9.26
CA ASN R 178 126.78 -15.86 -7.97
C ASN R 178 125.93 -16.37 -6.80
N MET R 179 124.60 -16.22 -6.88
CA MET R 179 123.75 -16.80 -5.85
C MET R 179 123.87 -18.32 -5.84
N LEU R 180 124.05 -18.92 -7.02
CA LEU R 180 124.30 -20.36 -7.12
C LEU R 180 125.53 -20.76 -6.32
N MET R 181 126.64 -20.06 -6.56
CA MET R 181 127.88 -20.35 -5.84
C MET R 181 127.68 -20.19 -4.33
N ASP R 182 127.02 -19.11 -3.91
CA ASP R 182 126.75 -18.93 -2.49
C ASP R 182 125.95 -20.09 -1.92
N ALA R 183 124.94 -20.55 -2.67
CA ALA R 183 124.08 -21.63 -2.16
C ALA R 183 124.86 -22.93 -2.01
N ALA R 184 125.72 -23.25 -3.00
CA ALA R 184 126.51 -24.47 -2.89
C ALA R 184 127.49 -24.39 -1.72
N ARG R 185 128.12 -23.24 -1.53
CA ARG R 185 129.02 -23.09 -0.39
C ARG R 185 128.27 -23.22 0.94
N ILE R 186 127.07 -22.65 1.02
CA ILE R 186 126.29 -22.74 2.26
C ILE R 186 125.82 -24.17 2.50
N ALA R 187 125.60 -24.93 1.44
CA ALA R 187 125.19 -26.32 1.59
C ALA R 187 126.34 -27.18 2.10
N GLN R 188 127.52 -27.05 1.49
CA GLN R 188 128.66 -27.87 1.90
C GLN R 188 129.42 -27.30 3.10
N ASP R 189 129.01 -26.14 3.61
CA ASP R 189 129.77 -25.46 4.64
C ASP R 189 129.88 -26.33 5.89
N GLY R 190 131.07 -26.32 6.50
CA GLY R 190 131.27 -27.00 7.75
C GLY R 190 132.59 -27.75 7.82
N PRO R 191 133.03 -28.08 9.04
CA PRO R 191 134.24 -28.89 9.20
C PRO R 191 134.07 -30.26 8.56
N LYS R 192 135.17 -30.76 7.99
CA LYS R 192 135.19 -32.13 7.53
C LYS R 192 135.40 -33.12 8.67
N ASN R 193 135.65 -32.63 9.89
CA ASN R 193 135.67 -33.49 11.06
C ASN R 193 134.32 -34.12 11.34
N THR R 194 133.24 -33.54 10.80
CA THR R 194 131.91 -33.76 11.36
C THR R 194 130.88 -34.00 10.27
N ALA R 195 129.82 -34.72 10.65
CA ALA R 195 128.75 -35.09 9.73
C ALA R 195 128.06 -33.87 9.15
N ARG R 196 127.88 -33.84 7.82
CA ARG R 196 127.13 -32.69 7.30
C ARG R 196 126.13 -32.96 6.19
N LEU R 197 126.21 -34.07 5.43
CA LEU R 197 125.23 -34.32 4.36
C LEU R 197 124.48 -35.64 4.40
N VAL R 198 125.20 -36.78 4.40
CA VAL R 198 124.56 -38.08 4.12
C VAL R 198 123.80 -38.57 5.33
N ALA R 199 122.73 -39.33 5.08
CA ALA R 199 121.91 -39.95 6.12
C ALA R 199 121.44 -38.92 7.14
N ALA R 200 121.20 -37.69 6.66
CA ALA R 200 120.85 -36.58 7.54
C ALA R 200 119.50 -36.81 8.21
N SER R 201 119.45 -36.53 9.51
CA SER R 201 118.22 -36.59 10.30
C SER R 201 117.67 -35.22 10.61
N HIS R 202 118.53 -34.33 11.10
CA HIS R 202 118.18 -32.95 11.43
C HIS R 202 119.49 -32.17 11.50
N GLY R 203 119.36 -30.86 11.62
CA GLY R 203 120.51 -29.97 11.69
C GLY R 203 120.66 -29.45 13.10
N VAL R 204 121.90 -29.38 13.58
CA VAL R 204 122.17 -28.80 14.89
C VAL R 204 123.34 -27.82 14.77
N MET R 205 123.20 -26.67 15.41
CA MET R 205 124.21 -25.61 15.50
C MET R 205 125.03 -25.75 16.77
N PRO R 206 126.34 -25.52 16.71
CA PRO R 206 127.17 -25.61 17.90
C PRO R 206 127.00 -24.39 18.81
N GLN R 207 127.60 -24.50 20.00
CA GLN R 207 127.61 -23.44 21.00
C GLN R 207 128.99 -22.80 21.02
N ALA R 208 129.01 -21.47 20.94
CA ALA R 208 130.24 -20.67 21.01
C ALA R 208 131.26 -21.10 19.96
N GLY S 11 49.72 16.94 56.73
CA GLY S 11 50.86 17.77 56.35
C GLY S 11 52.17 17.37 57.03
N GLN S 12 53.05 18.34 57.22
CA GLN S 12 54.35 18.10 57.82
C GLN S 12 54.21 17.61 59.25
N LEU S 13 55.30 17.07 59.78
CA LEU S 13 55.34 16.48 61.11
C LEU S 13 56.25 17.29 62.03
N TYR S 14 55.81 17.51 63.27
CA TYR S 14 56.62 18.21 64.26
C TYR S 14 56.44 17.53 65.61
N MET S 15 57.07 18.08 66.67
CA MET S 15 57.03 17.46 67.99
C MET S 15 56.15 18.29 68.92
N GLY S 16 55.00 17.74 69.28
CA GLY S 16 54.16 18.28 70.33
C GLY S 16 54.33 17.45 71.59
N GLN S 17 53.85 18.02 72.70
CA GLN S 17 54.08 17.36 73.98
C GLN S 17 53.34 16.04 74.10
N GLN S 18 52.35 15.79 73.24
CA GLN S 18 51.72 14.48 73.22
C GLN S 18 52.62 13.46 72.52
N GLY S 19 53.51 13.93 71.66
CA GLY S 19 54.33 13.09 70.82
C GLY S 19 54.48 13.73 69.46
N PRO S 20 55.01 13.01 68.49
CA PRO S 20 55.06 13.54 67.12
C PRO S 20 53.65 13.76 66.59
N VAL S 21 53.40 14.96 66.09
CA VAL S 21 52.06 15.40 65.73
C VAL S 21 52.08 16.04 64.35
N GLN S 22 51.00 15.80 63.59
CA GLN S 22 50.89 16.30 62.24
C GLN S 22 50.38 17.74 62.25
N SER S 23 51.08 18.62 61.56
CA SER S 23 50.64 20.00 61.43
C SER S 23 49.36 20.06 60.60
N SER S 24 48.48 21.00 60.95
CA SER S 24 47.17 21.07 60.31
C SER S 24 46.75 22.51 60.06
N ARG S 25 46.05 22.72 58.96
CA ARG S 25 45.62 24.05 58.52
C ARG S 25 44.10 24.03 58.40
N THR S 26 43.42 24.83 59.22
CA THR S 26 41.96 24.79 59.27
C THR S 26 41.38 26.19 59.15
N THR S 27 40.11 26.22 58.73
CA THR S 27 39.34 27.45 58.64
C THR S 27 38.55 27.73 59.91
N PHE S 28 38.82 26.96 60.96
CA PHE S 28 38.09 27.09 62.21
C PHE S 28 38.46 28.39 62.92
N GLY S 29 37.44 29.15 63.31
CA GLY S 29 37.66 30.34 64.11
C GLY S 29 37.99 31.60 63.35
N VAL S 30 37.69 31.66 62.05
CA VAL S 30 37.92 32.85 61.23
C VAL S 30 36.59 33.35 60.75
N ASN S 31 36.21 34.57 61.18
CA ASN S 31 34.95 35.18 60.79
C ASN S 31 35.20 36.12 59.61
N PRO S 32 34.87 35.73 58.39
CA PRO S 32 35.02 36.63 57.24
C PRO S 32 33.79 37.45 56.87
N ASP S 33 32.74 37.42 57.70
CA ASP S 33 31.55 38.22 57.43
C ASP S 33 31.93 39.68 57.17
N ARG S 34 31.22 40.31 56.24
CA ARG S 34 31.48 41.69 55.89
C ARG S 34 30.27 42.56 56.18
N GLN S 35 30.56 43.85 56.37
CA GLN S 35 29.55 44.87 56.64
C GLN S 35 29.16 45.51 55.32
N ALA S 36 27.86 45.69 55.11
CA ALA S 36 27.37 46.22 53.85
C ALA S 36 27.85 47.65 53.64
N ASN S 37 28.10 48.00 52.38
CA ASN S 37 28.52 49.33 52.01
C ASN S 37 27.29 50.24 51.97
N ALA S 38 26.88 50.68 53.16
CA ALA S 38 25.67 51.48 53.39
C ALA S 38 26.01 52.76 54.14
N ARG S 39 27.17 53.34 53.86
CA ARG S 39 27.71 54.45 54.63
C ARG S 39 27.74 55.71 53.78
N PRO S 40 26.91 56.71 54.08
CA PRO S 40 27.02 57.99 53.36
C PRO S 40 28.39 58.62 53.58
N VAL S 41 28.95 59.21 52.52
CA VAL S 41 30.27 59.82 52.59
C VAL S 41 30.16 61.29 52.25
N TYR S 42 31.16 62.05 52.72
CA TYR S 42 31.20 63.47 52.47
C TYR S 42 31.49 63.75 51.01
N LEU S 43 30.74 64.69 50.45
CA LEU S 43 30.90 65.12 49.07
C LEU S 43 31.30 66.59 49.08
N ALA S 44 32.52 66.88 48.61
CA ALA S 44 33.06 68.23 48.69
C ALA S 44 32.15 69.22 47.96
N PRO S 45 32.02 70.46 48.46
CA PRO S 45 31.18 71.44 47.77
C PRO S 45 31.87 72.09 46.58
N ALA S 46 33.13 71.79 46.34
CA ALA S 46 33.87 72.27 45.18
C ALA S 46 35.16 71.48 45.08
N ALA S 47 35.76 71.49 43.90
CA ALA S 47 36.93 70.66 43.63
C ALA S 47 38.16 71.55 43.48
N PRO S 48 39.17 71.49 44.37
CA PRO S 48 40.33 72.36 44.19
C PRO S 48 41.37 71.77 43.24
N MET S 49 41.62 72.42 42.11
CA MET S 49 42.69 72.04 41.19
C MET S 49 43.88 72.98 41.27
N GLU S 50 44.28 73.39 42.48
CA GLU S 50 45.29 74.44 42.60
C GLU S 50 46.64 74.02 42.05
N ASN S 51 47.08 72.79 42.34
CA ASN S 51 48.42 72.37 41.91
C ASN S 51 48.58 72.45 40.40
N THR S 52 47.65 71.82 39.66
CA THR S 52 47.77 71.76 38.20
C THR S 52 47.72 73.16 37.58
N TYR S 53 46.87 74.04 38.10
CA TYR S 53 46.70 75.35 37.47
C TYR S 53 47.83 76.31 37.83
N THR S 54 48.40 76.22 39.03
CA THR S 54 49.62 76.97 39.28
C THR S 54 50.76 76.50 38.38
N TYR S 55 50.87 75.19 38.14
CA TYR S 55 51.90 74.78 37.18
C TYR S 55 51.60 75.29 35.78
N LEU S 56 50.32 75.30 35.39
CA LEU S 56 49.95 75.80 34.06
C LEU S 56 50.23 77.29 33.92
N GLY S 57 50.10 78.05 35.01
CA GLY S 57 50.57 79.42 34.98
C GLY S 57 52.09 79.50 34.88
N SER S 58 52.78 78.56 35.53
CA SER S 58 54.24 78.53 35.46
C SER S 58 54.74 78.38 34.01
N ILE S 59 54.20 77.42 33.27
CA ILE S 59 54.70 77.20 31.90
C ILE S 59 54.00 78.10 30.90
N GLN S 60 53.20 79.05 31.40
CA GLN S 60 52.47 80.00 30.55
C GLN S 60 51.45 79.29 29.66
N PHE S 61 50.84 78.22 30.18
CA PHE S 61 49.75 77.49 29.50
C PHE S 61 50.16 76.98 28.13
N ALA S 62 51.41 76.53 28.00
CA ALA S 62 51.90 76.07 26.71
C ALA S 62 53.07 75.13 26.94
N ALA S 63 52.95 73.91 26.42
CA ALA S 63 54.08 72.99 26.35
C ALA S 63 54.15 72.46 24.92
N GLY S 64 55.22 72.82 24.23
CA GLY S 64 55.37 72.40 22.85
C GLY S 64 54.24 72.90 21.98
N ARG S 65 53.55 71.94 21.34
CA ARG S 65 52.43 72.23 20.47
C ARG S 65 51.10 72.23 21.21
N HIS S 66 51.10 71.82 22.48
CA HIS S 66 49.91 71.78 23.30
C HIS S 66 49.72 73.13 23.96
N ILE S 67 48.66 73.84 23.59
CA ILE S 67 48.34 75.11 24.23
C ILE S 67 47.08 74.91 25.06
N PHE S 68 47.06 75.44 26.26
CA PHE S 68 45.98 75.17 27.19
C PHE S 68 45.14 76.42 27.43
N GLY S 69 43.89 76.19 27.85
CA GLY S 69 43.03 77.30 28.18
C GLY S 69 43.24 77.78 29.60
N GLU S 70 42.94 79.08 29.81
CA GLU S 70 42.98 79.67 31.15
C GLU S 70 41.65 79.43 31.84
N PRO S 71 41.66 78.86 33.05
CA PRO S 71 40.40 78.49 33.71
C PRO S 71 39.59 79.70 34.13
N ALA S 72 38.35 79.43 34.50
CA ALA S 72 37.55 80.43 35.19
C ALA S 72 38.01 80.60 36.63
N SER S 73 38.17 79.47 37.34
CA SER S 73 38.59 79.48 38.72
C SER S 73 39.55 78.32 38.96
N ASN S 74 40.48 78.51 39.90
CA ASN S 74 41.32 77.40 40.34
C ASN S 74 40.51 76.37 41.11
N VAL S 75 39.35 76.76 41.64
CA VAL S 75 38.47 75.87 42.39
C VAL S 75 37.16 75.76 41.62
N LEU S 76 36.75 74.52 41.31
CA LEU S 76 35.64 74.22 40.40
C LEU S 76 34.34 74.09 41.17
N PRO S 77 33.27 74.72 40.67
CA PRO S 77 31.98 74.63 41.32
C PRO S 77 31.24 73.37 40.91
N PRO S 78 30.28 72.92 41.72
CA PRO S 78 29.49 71.75 41.33
C PRO S 78 28.66 72.02 40.08
N GLN S 79 28.46 70.96 39.30
CA GLN S 79 27.67 71.03 38.07
C GLN S 79 26.31 70.36 38.20
N ASN S 80 26.22 69.21 38.88
CA ASN S 80 24.94 68.53 39.05
C ASN S 80 24.75 68.04 40.49
N ILE S 81 25.36 68.73 41.45
CA ILE S 81 25.30 68.35 42.85
C ILE S 81 24.53 69.42 43.60
N VAL S 82 23.60 68.99 44.44
CA VAL S 82 22.80 69.94 45.21
C VAL S 82 22.89 69.54 46.68
N PRO S 83 23.06 70.50 47.58
CA PRO S 83 23.19 70.16 48.99
C PRO S 83 21.95 69.43 49.48
N GLY S 84 22.17 68.37 50.24
CA GLY S 84 21.09 67.61 50.81
C GLY S 84 20.45 66.60 49.88
N VAL S 85 20.93 66.48 48.65
CA VAL S 85 20.41 65.50 47.71
C VAL S 85 21.49 64.44 47.52
N PRO S 86 21.23 63.17 47.82
CA PRO S 86 22.27 62.15 47.68
C PRO S 86 22.42 61.68 46.24
N THR S 87 23.65 61.62 45.77
CA THR S 87 23.97 61.20 44.42
C THR S 87 25.11 60.18 44.49
N LYS S 88 25.15 59.31 43.48
CA LYS S 88 26.27 58.40 43.29
C LYS S 88 27.22 58.89 42.21
N HIS S 89 26.89 60.02 41.57
CA HIS S 89 27.72 60.61 40.52
C HIS S 89 27.62 62.12 40.62
N GLY S 90 28.78 62.78 40.72
CA GLY S 90 28.84 64.22 40.82
C GLY S 90 29.92 64.84 39.97
N GLU S 91 29.64 65.99 39.37
CA GLU S 91 30.56 66.62 38.44
C GLU S 91 30.83 68.06 38.87
N TYR S 92 32.09 68.47 38.74
CA TYR S 92 32.49 69.87 38.86
C TYR S 92 33.10 70.31 37.55
N VAL S 93 32.93 71.59 37.21
CA VAL S 93 33.34 72.06 35.89
C VAL S 93 33.66 73.55 35.94
N THR S 94 34.68 73.97 35.20
CA THR S 94 34.77 75.38 34.79
C THR S 94 34.99 75.45 33.29
N THR S 95 35.10 76.66 32.75
CA THR S 95 35.27 76.85 31.31
C THR S 95 36.59 77.57 31.05
N ASN S 96 37.53 76.86 30.43
CA ASN S 96 38.78 77.45 29.96
C ASN S 96 38.49 78.40 28.80
N THR S 97 39.17 79.55 28.78
CA THR S 97 39.13 80.51 27.68
C THR S 97 40.55 80.90 27.29
N GLY S 98 40.67 81.61 26.17
CA GLY S 98 41.98 81.97 25.68
C GLY S 98 41.87 82.82 24.43
N ASP S 99 43.02 83.39 24.04
CA ASP S 99 43.08 84.25 22.87
C ASP S 99 42.90 83.42 21.60
N ARG S 100 41.86 83.74 20.83
CA ARG S 100 41.53 83.03 19.61
C ARG S 100 41.31 81.53 19.87
N LEU S 101 40.75 81.22 21.03
CA LEU S 101 40.40 79.86 21.42
C LEU S 101 38.91 79.80 21.74
N MET S 102 38.20 78.87 21.12
CA MET S 102 36.81 78.66 21.50
C MET S 102 36.76 78.04 22.89
N ALA S 103 36.03 78.68 23.79
CA ALA S 103 36.02 78.28 25.19
C ALA S 103 35.55 76.84 25.35
N SER S 104 36.19 76.12 26.27
CA SER S 104 36.00 74.68 26.41
C SER S 104 36.09 74.30 27.88
N SER S 105 35.23 73.38 28.29
CA SER S 105 35.08 73.06 29.69
C SER S 105 36.15 72.07 30.16
N THR S 106 36.59 72.24 31.41
CA THR S 106 37.42 71.26 32.10
C THR S 106 36.61 70.66 33.23
N THR S 107 36.68 69.32 33.36
CA THR S 107 35.72 68.54 34.15
C THR S 107 36.40 67.64 35.18
N VAL S 108 35.75 67.53 36.33
CA VAL S 108 36.22 66.68 37.44
C VAL S 108 35.03 65.85 37.87
N THR S 109 35.12 64.54 37.67
CA THR S 109 34.02 63.61 37.90
C THR S 109 34.30 62.72 39.10
N ARG S 110 33.29 62.51 39.94
CA ARG S 110 33.41 61.66 41.12
C ARG S 110 32.26 60.67 41.13
N ASP S 111 32.59 59.38 41.15
CA ASP S 111 31.62 58.29 41.19
C ASP S 111 31.81 57.53 42.49
N VAL S 112 30.74 57.40 43.26
CA VAL S 112 30.79 56.72 44.55
C VAL S 112 29.73 55.62 44.53
N SER S 113 30.16 54.37 44.33
CA SER S 113 29.24 53.22 44.27
C SER S 113 29.85 52.01 44.94
N ASN S 114 29.07 51.40 45.84
CA ASN S 114 29.39 50.09 46.41
C ASN S 114 30.78 50.03 47.03
N GLY S 115 31.13 51.07 47.77
CA GLY S 115 32.43 51.14 48.42
C GLY S 115 33.58 51.57 47.55
N ARG S 116 33.32 51.86 46.28
CA ARG S 116 34.36 52.23 45.34
C ARG S 116 34.19 53.70 45.03
N THR S 117 35.19 54.50 45.38
CA THR S 117 35.23 55.92 45.06
C THR S 117 36.21 56.14 43.92
N LYS S 118 35.78 56.87 42.88
CA LYS S 118 36.65 57.14 41.73
C LYS S 118 36.53 58.59 41.29
N VAL S 119 37.67 59.27 41.23
CA VAL S 119 37.77 60.67 40.80
C VAL S 119 38.58 60.72 39.51
N SER S 120 38.05 61.38 38.49
CA SER S 120 38.71 61.54 37.20
C SER S 120 38.77 63.01 36.82
N ILE S 121 39.88 63.43 36.22
CA ILE S 121 40.09 64.81 35.80
C ILE S 121 40.40 64.81 34.31
N ASP S 122 39.67 65.63 33.55
CA ASP S 122 39.83 65.74 32.11
C ASP S 122 39.99 67.21 31.74
N ILE S 123 41.15 67.56 31.19
CA ILE S 123 41.45 68.92 30.75
C ILE S 123 41.75 68.89 29.25
N PRO S 124 41.14 69.76 28.45
CA PRO S 124 41.41 69.79 27.01
C PRO S 124 42.62 70.66 26.69
N TYR S 125 43.08 70.51 25.44
CA TYR S 125 44.14 71.35 24.90
C TYR S 125 43.86 71.68 23.44
N TYR S 126 44.66 72.55 22.86
CA TYR S 126 44.47 73.06 21.51
C TYR S 126 45.78 73.02 20.74
N ASP S 127 45.65 73.15 19.42
CA ASP S 127 46.73 73.05 18.45
C ASP S 127 47.48 74.37 18.36
N ARG S 128 48.64 74.46 19.02
CA ARG S 128 49.39 75.72 19.01
C ARG S 128 49.87 76.07 17.61
N ASN S 129 50.16 75.09 16.75
CA ASN S 129 50.52 75.39 15.37
C ASN S 129 49.39 76.18 14.70
N ALA S 130 48.15 75.74 14.87
CA ALA S 130 47.02 76.45 14.30
C ALA S 130 46.82 77.81 14.95
N VAL S 131 46.94 77.89 16.28
CA VAL S 131 46.67 79.15 16.98
C VAL S 131 47.70 80.21 16.58
N GLU S 132 48.99 79.84 16.53
CA GLU S 132 50.01 80.80 16.14
C GLU S 132 49.97 81.11 14.64
N THR S 133 49.47 80.19 13.81
CA THR S 133 49.20 80.55 12.43
C THR S 133 48.13 81.66 12.36
N LEU S 134 47.06 81.51 13.15
CA LEU S 134 46.02 82.53 13.23
C LEU S 134 46.60 83.87 13.65
N LYS S 135 47.38 83.90 14.72
CA LYS S 135 47.93 85.17 15.18
C LYS S 135 48.89 85.76 14.16
N ALA S 136 49.78 84.93 13.60
CA ALA S 136 50.88 85.44 12.78
C ALA S 136 50.42 86.00 11.45
N SER S 137 49.51 85.29 10.75
CA SER S 137 49.03 85.82 9.47
C SER S 137 47.75 86.62 9.61
N ALA S 138 47.35 86.96 10.84
CA ALA S 138 46.23 87.88 11.11
C ALA S 138 44.92 87.36 10.51
N ILE S 139 44.64 86.08 10.71
CA ILE S 139 43.39 85.45 10.29
C ILE S 139 42.36 85.69 11.39
N PRO S 140 41.07 85.82 11.09
CA PRO S 140 40.08 86.15 12.14
C PRO S 140 39.43 84.97 12.84
N GLY S 141 39.70 83.72 12.47
CA GLY S 141 39.02 82.59 13.08
C GLY S 141 39.57 82.19 14.44
N ALA S 142 38.97 81.15 15.02
CA ALA S 142 39.38 80.57 16.29
C ALA S 142 39.55 79.06 16.13
N VAL S 143 40.17 78.44 17.12
CA VAL S 143 40.44 77.01 17.14
C VAL S 143 39.62 76.33 18.23
N ALA S 144 39.08 75.16 17.91
CA ALA S 144 38.39 74.28 18.83
C ALA S 144 39.38 73.31 19.45
N PRO S 145 39.04 72.72 20.60
CA PRO S 145 39.98 71.79 21.25
C PRO S 145 40.37 70.65 20.33
N VAL S 146 41.59 70.17 20.52
CA VAL S 146 42.15 69.15 19.65
C VAL S 146 42.28 67.80 20.35
N GLY S 147 42.46 67.79 21.66
CA GLY S 147 42.47 66.56 22.43
C GLY S 147 42.38 66.88 23.91
N SER S 148 42.66 65.87 24.74
CA SER S 148 42.61 66.08 26.17
C SER S 148 43.66 65.23 26.86
N PHE S 149 43.81 65.49 28.17
CA PHE S 149 44.56 64.62 29.08
C PHE S 149 43.68 64.29 30.26
N LYS S 150 43.80 63.04 30.74
CA LYS S 150 42.95 62.48 31.78
C LYS S 150 43.78 61.76 32.84
N VAL S 151 43.36 61.94 34.08
CA VAL S 151 43.98 61.30 35.24
C VAL S 151 42.89 60.71 36.11
N ASN S 152 42.99 59.41 36.42
CA ASN S 152 42.00 58.68 37.21
C ASN S 152 42.61 58.22 38.53
N VAL S 153 41.80 58.24 39.57
CA VAL S 153 42.20 57.80 40.90
C VAL S 153 41.04 57.02 41.50
N GLU S 154 41.33 55.89 42.13
CA GLU S 154 40.32 54.92 42.51
C GLU S 154 40.67 54.33 43.86
N VAL S 155 39.69 54.30 44.76
CA VAL S 155 39.85 53.78 46.11
C VAL S 155 38.82 52.68 46.29
N LEU S 156 39.29 51.43 46.43
CA LEU S 156 38.40 50.28 46.61
C LEU S 156 38.33 50.01 48.10
N GLY S 157 37.32 50.59 48.75
CA GLY S 157 37.21 50.52 50.20
C GLY S 157 36.03 49.69 50.64
N GLY S 158 35.61 48.78 49.78
CA GLY S 158 34.50 47.92 50.12
C GLY S 158 34.89 46.81 51.07
N GLY S 159 33.87 46.20 51.67
CA GLY S 159 34.07 44.98 52.44
C GLY S 159 34.84 45.20 53.72
N VAL S 160 34.33 46.09 54.56
CA VAL S 160 34.84 46.17 55.92
C VAL S 160 34.24 45.04 56.74
N LEU S 161 34.97 44.63 57.77
CA LEU S 161 34.55 43.52 58.62
C LEU S 161 33.40 43.94 59.53
N THR S 162 32.76 42.95 60.16
CA THR S 162 31.50 43.19 60.85
C THR S 162 31.71 43.94 62.16
N GLY S 163 32.80 43.65 62.86
CA GLY S 163 33.10 44.32 64.10
C GLY S 163 33.80 45.65 63.94
N THR S 164 33.87 46.19 62.73
CA THR S 164 34.50 47.48 62.51
C THR S 164 33.65 48.57 63.18
N ASP S 165 34.20 49.18 64.21
CA ASP S 165 33.49 50.21 64.95
C ASP S 165 33.24 51.42 64.07
N ALA S 166 32.13 52.12 64.34
CA ALA S 166 31.85 53.36 63.64
C ALA S 166 33.03 54.33 63.74
N ASN S 167 33.68 54.39 64.92
CA ASN S 167 34.85 55.25 65.09
C ASN S 167 36.04 54.76 64.28
N ALA S 168 36.23 53.44 64.22
CA ALA S 168 37.38 52.90 63.52
C ALA S 168 37.27 53.03 62.00
N GLN S 169 36.06 53.27 61.47
CA GLN S 169 35.93 53.49 60.04
C GLN S 169 36.59 54.80 59.64
N PHE S 170 36.68 55.76 60.56
CA PHE S 170 37.42 56.99 60.27
C PHE S 170 38.91 56.71 60.17
N ALA S 171 39.42 55.87 61.07
CA ALA S 171 40.82 55.48 60.98
C ALA S 171 41.10 54.79 59.65
N LEU S 172 40.18 53.94 59.21
CA LEU S 172 40.35 53.29 57.91
C LEU S 172 40.29 54.32 56.79
N ASP S 173 39.43 55.34 56.93
CA ASP S 173 39.38 56.42 55.96
C ASP S 173 40.77 57.03 55.76
N GLU S 174 41.39 57.41 56.88
CA GLU S 174 42.70 58.05 56.81
C GLU S 174 43.76 57.09 56.26
N LEU S 175 43.67 55.80 56.61
CA LEU S 175 44.61 54.83 56.05
C LEU S 175 44.53 54.81 54.52
N LEU S 176 43.31 54.76 53.99
CA LEU S 176 43.16 54.75 52.53
C LEU S 176 43.67 56.04 51.91
N SER S 177 43.43 57.18 52.55
CA SER S 177 43.91 58.44 51.98
C SER S 177 45.44 58.49 51.95
N ASN S 178 46.09 57.92 52.97
CA ASN S 178 47.56 57.87 52.95
C ASN S 178 48.08 56.92 51.86
N MET S 179 47.38 55.81 51.63
CA MET S 179 47.74 54.97 50.48
C MET S 179 47.59 55.74 49.18
N LEU S 180 46.57 56.60 49.08
CA LEU S 180 46.39 57.46 47.92
C LEU S 180 47.62 58.33 47.69
N MET S 181 48.05 59.04 48.73
CA MET S 181 49.22 59.90 48.61
C MET S 181 50.45 59.11 48.17
N ASP S 182 50.68 57.95 48.80
CA ASP S 182 51.82 57.12 48.41
C ASP S 182 51.73 56.68 46.96
N ALA S 183 50.51 56.40 46.49
CA ALA S 183 50.34 55.93 45.12
C ALA S 183 50.67 57.03 44.12
N ALA S 184 50.19 58.25 44.36
CA ALA S 184 50.52 59.34 43.43
C ALA S 184 52.02 59.64 43.45
N ARG S 185 52.64 59.57 44.64
CA ARG S 185 54.08 59.81 44.70
C ARG S 185 54.84 58.75 43.91
N ILE S 186 54.43 57.49 44.01
CA ILE S 186 55.08 56.42 43.25
C ILE S 186 54.80 56.59 41.77
N ALA S 187 53.64 57.16 41.43
CA ALA S 187 53.30 57.35 40.03
C ALA S 187 54.18 58.40 39.36
N GLN S 188 54.45 59.51 40.04
CA GLN S 188 55.25 60.57 39.44
C GLN S 188 56.71 60.57 39.90
N ASP S 189 57.10 59.59 40.71
CA ASP S 189 58.45 59.54 41.24
C ASP S 189 59.45 59.45 40.11
N GLY S 190 60.54 60.19 40.25
CA GLY S 190 61.60 60.13 39.27
C GLY S 190 62.21 61.49 39.01
N PRO S 191 63.43 61.50 38.45
CA PRO S 191 64.06 62.77 38.10
C PRO S 191 63.28 63.42 36.97
N LYS S 192 63.27 64.74 36.98
CA LYS S 192 62.66 65.54 35.92
C LYS S 192 63.62 65.74 34.75
N ASN S 193 64.84 65.22 34.85
CA ASN S 193 65.76 65.22 33.72
C ASN S 193 65.37 64.19 32.68
N THR S 194 64.59 63.18 33.06
CA THR S 194 64.34 62.03 32.21
C THR S 194 62.84 61.81 32.03
N ALA S 195 62.48 61.19 30.91
CA ALA S 195 61.09 60.94 30.55
C ALA S 195 60.42 60.03 31.58
N ARG S 196 59.19 60.37 31.99
CA ARG S 196 58.52 59.46 32.90
C ARG S 196 57.03 59.23 32.71
N LEU S 197 56.26 60.11 32.03
CA LEU S 197 54.82 59.85 31.97
C LEU S 197 54.20 59.75 30.57
N VAL S 198 54.36 60.79 29.73
CA VAL S 198 53.56 60.87 28.50
C VAL S 198 54.18 60.04 27.41
N ALA S 199 53.34 59.62 26.46
CA ALA S 199 53.77 58.84 25.31
C ALA S 199 54.48 57.56 25.73
N ALA S 200 54.18 57.07 26.93
CA ALA S 200 54.91 55.96 27.52
C ALA S 200 54.78 54.71 26.67
N SER S 201 55.92 54.04 26.46
CA SER S 201 55.98 52.77 25.74
C SER S 201 56.25 51.60 26.66
N HIS S 202 57.23 51.73 27.53
CA HIS S 202 57.57 50.73 28.55
C HIS S 202 58.40 51.41 29.62
N GLY S 203 58.69 50.68 30.69
CA GLY S 203 59.51 51.18 31.77
C GLY S 203 60.92 50.61 31.69
N VAL S 204 61.90 51.44 32.02
CA VAL S 204 63.28 50.97 32.08
C VAL S 204 63.94 51.54 33.32
N MET S 205 64.12 50.72 34.36
CA MET S 205 64.76 51.22 35.57
C MET S 205 66.28 51.22 35.39
N PRO S 206 66.98 52.26 35.83
CA PRO S 206 68.41 52.38 35.52
C PRO S 206 69.25 51.46 36.40
N GLN S 207 70.40 51.07 35.84
CA GLN S 207 71.31 50.16 36.55
C GLN S 207 71.94 50.85 37.75
N ALA S 208 72.36 52.10 37.59
CA ALA S 208 72.94 52.87 38.66
C ALA S 208 72.84 54.35 38.29
N PRO T 20 23.22 66.80 -3.07
CA PRO T 20 22.89 66.92 -1.64
C PRO T 20 23.75 67.98 -0.91
N VAL T 21 23.10 69.03 -0.43
CA VAL T 21 23.76 70.12 0.27
C VAL T 21 23.67 69.83 1.77
N GLN T 22 24.82 69.79 2.45
CA GLN T 22 24.87 69.48 3.88
C GLN T 22 25.36 70.68 4.67
N SER T 23 24.89 70.78 5.92
CA SER T 23 25.26 71.88 6.80
C SER T 23 26.37 71.45 7.76
N SER T 24 27.18 72.42 8.18
CA SER T 24 28.30 72.12 9.06
C SER T 24 28.64 73.32 9.94
N ARG T 25 29.43 73.03 10.97
CA ARG T 25 29.92 74.00 11.96
C ARG T 25 31.43 74.00 11.91
N THR T 26 32.00 75.12 11.47
CA THR T 26 33.42 75.17 11.12
C THR T 26 34.22 75.93 12.18
N THR T 27 35.41 75.43 12.47
CA THR T 27 36.45 76.22 13.10
C THR T 27 37.73 76.08 12.29
N PHE T 28 38.63 77.04 12.45
CA PHE T 28 39.89 76.95 11.73
C PHE T 28 40.75 75.83 12.28
N GLY T 29 41.51 75.20 11.39
CA GLY T 29 42.44 74.17 11.79
C GLY T 29 42.43 72.97 10.88
N VAL T 30 43.21 71.96 11.28
CA VAL T 30 43.22 70.66 10.63
C VAL T 30 43.31 69.62 11.74
N ASN T 31 42.66 68.48 11.53
CA ASN T 31 42.81 67.36 12.44
C ASN T 31 44.29 67.07 12.65
N PRO T 32 44.74 66.94 13.89
CA PRO T 32 46.17 67.01 14.16
C PRO T 32 46.87 65.73 13.75
N ASP T 33 48.19 65.82 13.69
CA ASP T 33 49.04 64.65 13.50
C ASP T 33 49.54 64.23 14.88
N ARG T 34 49.13 63.04 15.31
CA ARG T 34 49.53 62.54 16.62
C ARG T 34 50.85 61.78 16.54
N GLN T 35 51.61 61.85 17.62
CA GLN T 35 52.88 61.13 17.70
C GLN T 35 52.66 59.76 18.32
N ALA T 36 53.40 58.78 17.83
CA ALA T 36 53.30 57.43 18.34
C ALA T 36 53.80 57.37 19.79
N ASN T 37 53.26 56.41 20.54
CA ASN T 37 53.62 56.24 21.94
C ASN T 37 54.87 55.37 22.08
N ALA T 38 55.98 55.86 21.54
CA ALA T 38 57.23 55.12 21.47
C ALA T 38 58.29 55.69 22.42
N ARG T 39 57.86 56.29 23.52
CA ARG T 39 58.76 56.97 24.42
C ARG T 39 58.97 56.13 25.68
N PRO T 40 60.11 55.47 25.83
CA PRO T 40 60.36 54.72 27.07
C PRO T 40 60.55 55.67 28.25
N VAL T 41 60.06 55.23 29.42
CA VAL T 41 59.98 56.09 30.58
C VAL T 41 60.79 55.49 31.73
N TYR T 42 61.01 56.33 32.73
CA TYR T 42 61.74 55.95 33.92
C TYR T 42 60.91 55.03 34.78
N LEU T 43 61.59 54.11 35.44
CA LEU T 43 60.98 53.12 36.31
C LEU T 43 61.72 53.15 37.63
N ALA T 44 61.00 53.42 38.71
CA ALA T 44 61.65 53.60 40.01
C ALA T 44 62.37 52.31 40.43
N PRO T 45 63.59 52.41 40.96
CA PRO T 45 64.29 51.21 41.45
C PRO T 45 63.76 50.70 42.78
N ALA T 46 62.77 51.38 43.35
CA ALA T 46 62.07 50.96 44.56
C ALA T 46 60.84 51.85 44.74
N ALA T 47 59.86 51.35 45.49
CA ALA T 47 58.60 52.07 45.66
C ALA T 47 58.52 52.57 47.10
N PRO T 48 58.47 53.90 47.37
CA PRO T 48 58.35 54.32 48.76
C PRO T 48 56.91 54.34 49.22
N MET T 49 56.64 53.75 50.38
CA MET T 49 55.31 53.73 50.99
C MET T 49 55.36 54.37 52.37
N GLU T 50 56.08 55.48 52.52
CA GLU T 50 56.33 56.04 53.84
C GLU T 50 55.06 56.58 54.49
N ASN T 51 54.21 57.28 53.71
CA ASN T 51 53.02 57.91 54.28
C ASN T 51 52.11 56.88 54.95
N THR T 52 51.74 55.84 54.21
CA THR T 52 50.79 54.85 54.71
C THR T 52 51.36 54.06 55.89
N TYR T 53 52.65 53.74 55.86
CA TYR T 53 53.22 52.90 56.92
C TYR T 53 53.49 53.71 58.19
N THR T 54 53.85 54.99 58.06
CA THR T 54 53.87 55.82 59.26
C THR T 54 52.47 55.95 59.87
N TYR T 55 51.44 56.09 59.03
CA TYR T 55 50.10 56.14 59.63
C TYR T 55 49.73 54.80 60.30
N LEU T 56 50.12 53.68 59.68
CA LEU T 56 49.86 52.38 60.30
C LEU T 56 50.56 52.27 61.65
N GLY T 57 51.79 52.77 61.74
CA GLY T 57 52.44 52.86 63.04
C GLY T 57 51.65 53.74 64.00
N SER T 58 51.02 54.80 63.47
CA SER T 58 50.22 55.69 64.31
C SER T 58 49.06 54.94 64.96
N ILE T 59 48.28 54.20 64.18
CA ILE T 59 47.10 53.54 64.75
C ILE T 59 47.46 52.21 65.39
N GLN T 60 48.76 51.91 65.45
CA GLN T 60 49.27 50.68 66.04
C GLN T 60 48.75 49.45 65.28
N PHE T 61 48.63 49.60 63.95
CA PHE T 61 48.33 48.48 63.04
C PHE T 61 47.00 47.81 63.34
N ALA T 62 46.01 48.58 63.79
CA ALA T 62 44.73 47.98 64.13
C ALA T 62 43.62 49.01 63.97
N ALA T 63 42.48 48.56 63.47
CA ALA T 63 41.30 49.41 63.33
C ALA T 63 40.09 48.50 63.14
N GLY T 64 39.07 48.70 63.96
CA GLY T 64 37.93 47.80 63.90
C GLY T 64 38.41 46.43 64.32
N ARG T 65 38.02 45.39 63.58
CA ARG T 65 38.67 44.10 63.74
C ARG T 65 39.56 43.78 62.55
N HIS T 66 39.98 44.80 61.80
CA HIS T 66 41.12 44.67 60.90
C HIS T 66 42.41 44.82 61.68
N ILE T 67 43.31 43.85 61.58
CA ILE T 67 44.66 44.01 62.08
C ILE T 67 45.61 43.83 60.92
N PHE T 68 46.65 44.66 60.87
CA PHE T 68 47.59 44.67 59.75
C PHE T 68 48.95 44.16 60.20
N GLY T 69 49.79 43.85 59.23
CA GLY T 69 51.13 43.36 59.51
C GLY T 69 52.17 44.45 59.44
N GLU T 70 53.24 44.26 60.20
CA GLU T 70 54.38 45.17 60.13
C GLU T 70 55.23 44.83 58.91
N PRO T 71 55.61 45.81 58.11
CA PRO T 71 56.39 45.53 56.90
C PRO T 71 57.84 45.23 57.25
N ALA T 72 58.56 44.78 56.24
CA ALA T 72 60.01 44.67 56.39
C ALA T 72 60.67 46.01 56.17
N SER T 73 60.28 46.71 55.11
CA SER T 73 60.84 48.00 54.78
C SER T 73 59.73 48.98 54.43
N ASN T 74 59.92 50.24 54.80
CA ASN T 74 59.02 51.29 54.34
C ASN T 74 59.16 51.52 52.84
N VAL T 75 60.31 51.16 52.28
CA VAL T 75 60.55 51.23 50.85
C VAL T 75 60.64 49.82 50.32
N LEU T 76 59.77 49.49 49.35
CA LEU T 76 59.56 48.19 48.74
C LEU T 76 60.54 47.95 47.61
N PRO T 77 61.33 46.88 47.68
CA PRO T 77 62.26 46.58 46.58
C PRO T 77 61.54 45.96 45.40
N PRO T 78 62.16 45.95 44.22
CA PRO T 78 61.52 45.30 43.07
C PRO T 78 61.66 43.79 43.12
N GLN T 79 60.60 43.09 42.68
CA GLN T 79 60.58 41.64 42.68
C GLN T 79 60.88 41.03 41.31
N ASN T 80 60.37 41.64 40.24
CA ASN T 80 60.50 41.08 38.91
C ASN T 80 61.00 42.10 37.89
N ILE T 81 61.81 43.06 38.31
CA ILE T 81 62.27 44.12 37.43
C ILE T 81 63.79 44.04 37.38
N VAL T 82 64.31 43.51 36.28
CA VAL T 82 65.75 43.54 36.05
C VAL T 82 66.15 44.92 35.55
N PRO T 83 67.27 45.48 35.99
CA PRO T 83 67.63 46.81 35.52
C PRO T 83 68.10 46.77 34.08
N GLY T 84 67.73 47.80 33.34
CA GLY T 84 68.11 47.87 31.94
C GLY T 84 67.30 46.96 31.05
N VAL T 85 66.28 46.31 31.59
CA VAL T 85 65.42 45.42 30.81
C VAL T 85 64.07 46.09 30.68
N PRO T 86 63.62 46.40 29.45
CA PRO T 86 62.29 46.99 29.30
C PRO T 86 61.22 46.03 29.79
N THR T 87 60.33 46.55 30.64
CA THR T 87 59.24 45.77 31.22
C THR T 87 57.99 46.63 31.15
N LYS T 88 56.90 46.05 30.65
CA LYS T 88 55.62 46.74 30.60
C LYS T 88 54.79 46.46 31.85
N HIS T 89 55.30 45.61 32.75
CA HIS T 89 54.62 45.29 33.99
C HIS T 89 55.65 44.90 35.03
N GLY T 90 55.53 45.48 36.23
CA GLY T 90 56.52 45.25 37.27
C GLY T 90 55.90 45.37 38.65
N GLU T 91 56.53 44.71 39.61
CA GLU T 91 55.97 44.60 40.94
C GLU T 91 57.05 44.83 41.98
N TYR T 92 56.76 45.68 42.97
CA TYR T 92 57.54 45.80 44.18
C TYR T 92 56.76 45.15 45.31
N VAL T 93 57.46 44.47 46.21
CA VAL T 93 56.75 43.70 47.23
C VAL T 93 57.60 43.64 48.49
N THR T 94 56.97 43.84 49.63
CA THR T 94 57.66 43.57 50.88
C THR T 94 56.79 42.70 51.78
N THR T 95 57.45 41.94 52.64
CA THR T 95 56.77 40.95 53.43
C THR T 95 56.25 41.58 54.73
N ASN T 96 55.06 41.15 55.15
CA ASN T 96 54.40 41.61 56.37
C ASN T 96 54.48 40.49 57.38
N THR T 97 54.95 40.80 58.60
CA THR T 97 55.01 39.80 59.67
C THR T 97 54.28 40.36 60.88
N GLY T 98 53.97 39.48 61.84
CA GLY T 98 53.25 39.90 63.03
C GLY T 98 53.09 38.74 63.98
N ASP T 99 52.72 39.08 65.22
CA ASP T 99 52.51 38.08 66.27
C ASP T 99 51.28 37.26 65.94
N ARG T 100 51.47 35.95 65.77
CA ARG T 100 50.40 35.03 65.39
C ARG T 100 49.76 35.46 64.07
N LEU T 101 50.58 35.91 63.13
CA LEU T 101 50.18 36.23 61.78
C LEU T 101 51.00 35.37 60.81
N MET T 102 50.34 34.86 59.77
CA MET T 102 51.06 34.21 58.69
C MET T 102 51.64 35.28 57.78
N ALA T 103 52.95 35.20 57.53
CA ALA T 103 53.60 36.21 56.72
C ALA T 103 52.86 36.40 55.40
N SER T 104 52.61 37.67 55.03
CA SER T 104 51.83 37.98 53.84
C SER T 104 52.41 39.19 53.13
N SER T 105 52.36 39.16 51.80
CA SER T 105 53.08 40.15 51.01
C SER T 105 52.17 41.33 50.69
N THR T 106 52.72 42.54 50.84
CA THR T 106 52.06 43.75 50.38
C THR T 106 52.73 44.20 49.08
N THR T 107 51.90 44.58 48.10
CA THR T 107 52.31 44.64 46.69
C THR T 107 51.99 45.98 46.04
N VAL T 108 52.95 46.49 45.27
CA VAL T 108 52.79 47.71 44.50
C VAL T 108 53.06 47.35 43.05
N THR T 109 52.06 47.53 42.19
CA THR T 109 52.10 47.06 40.81
C THR T 109 52.08 48.26 39.86
N ARG T 110 53.00 48.26 38.90
CA ARG T 110 53.07 49.33 37.90
C ARG T 110 52.96 48.72 36.50
N ASP T 111 52.01 49.24 35.73
CA ASP T 111 51.78 48.83 34.35
C ASP T 111 51.98 50.04 33.45
N VAL T 112 52.99 49.99 32.61
CA VAL T 112 53.30 51.07 31.67
C VAL T 112 53.11 50.51 30.26
N SER T 113 52.06 50.93 29.55
CA SER T 113 51.89 50.47 28.18
C SER T 113 50.99 51.43 27.40
N ASN T 114 51.36 51.65 26.14
CA ASN T 114 50.55 52.39 25.17
C ASN T 114 50.15 53.77 25.67
N GLY T 115 51.11 54.46 26.31
CA GLY T 115 50.89 55.79 26.84
C GLY T 115 50.12 55.87 28.13
N ARG T 116 49.68 54.74 28.68
CA ARG T 116 48.92 54.72 29.92
C ARG T 116 49.80 54.08 30.98
N THR T 117 49.99 54.79 32.09
CA THR T 117 50.74 54.26 33.21
C THR T 117 49.79 54.13 34.42
N LYS T 118 49.85 53.00 35.12
CA LYS T 118 48.92 52.72 36.20
C LYS T 118 49.64 52.06 37.37
N VAL T 119 49.45 52.61 38.56
CA VAL T 119 50.06 52.12 39.79
C VAL T 119 48.94 51.68 40.73
N SER T 120 49.06 50.46 41.27
CA SER T 120 48.09 49.89 42.19
C SER T 120 48.79 49.43 43.46
N ILE T 121 48.14 49.63 44.60
CA ILE T 121 48.70 49.24 45.90
C ILE T 121 47.69 48.36 46.61
N ASP T 122 48.16 47.21 47.10
CA ASP T 122 47.32 46.21 47.75
C ASP T 122 47.98 45.80 49.06
N ILE T 123 47.32 46.06 50.18
CA ILE T 123 47.79 45.67 51.51
C ILE T 123 46.76 44.75 52.14
N PRO T 124 47.17 43.62 52.71
CA PRO T 124 46.21 42.70 53.33
C PRO T 124 45.96 42.99 54.80
N TYR T 125 44.84 42.44 55.29
CA TYR T 125 44.44 42.55 56.69
C TYR T 125 43.90 41.21 57.18
N TYR T 126 44.02 40.98 58.49
CA TYR T 126 43.62 39.76 59.17
C TYR T 126 42.49 40.03 60.15
N ASP T 127 41.86 38.93 60.60
CA ASP T 127 40.77 38.94 61.58
C ASP T 127 41.32 39.15 62.98
N ARG T 128 41.17 40.39 63.46
CA ARG T 128 41.68 40.75 64.79
C ARG T 128 41.06 39.88 65.87
N ASN T 129 39.81 39.45 65.68
CA ASN T 129 39.15 38.61 66.69
C ASN T 129 39.85 37.27 66.82
N ALA T 130 40.18 36.64 65.69
CA ALA T 130 40.93 35.39 65.71
C ALA T 130 42.31 35.60 66.30
N VAL T 131 43.01 36.65 65.87
CA VAL T 131 44.38 36.85 66.33
C VAL T 131 44.42 37.06 67.84
N GLU T 132 43.53 37.92 68.36
CA GLU T 132 43.54 38.23 69.78
C GLU T 132 43.01 37.08 70.62
N THR T 133 42.06 36.29 70.10
CA THR T 133 41.65 35.09 70.81
C THR T 133 42.82 34.11 70.94
N LEU T 134 43.61 33.97 69.86
CA LEU T 134 44.80 33.13 69.93
C LEU T 134 45.81 33.67 70.93
N LYS T 135 46.07 34.97 70.88
CA LYS T 135 47.05 35.59 71.79
C LYS T 135 46.62 35.42 73.24
N ALA T 136 45.39 35.83 73.57
CA ALA T 136 44.90 35.72 74.94
C ALA T 136 44.86 34.28 75.41
N SER T 137 44.49 33.35 74.52
CA SER T 137 44.46 31.95 74.93
C SER T 137 45.84 31.29 74.83
N ALA T 138 46.88 32.00 74.41
CA ALA T 138 48.21 31.41 74.28
C ALA T 138 48.16 30.17 73.39
N ILE T 139 47.54 30.33 72.23
CA ILE T 139 47.47 29.25 71.24
C ILE T 139 48.50 29.54 70.17
N PRO T 140 49.26 28.54 69.69
CA PRO T 140 50.32 28.83 68.71
C PRO T 140 49.89 28.86 67.25
N GLY T 141 48.60 29.04 66.95
CA GLY T 141 48.19 29.13 65.57
C GLY T 141 48.58 30.46 64.93
N ALA T 142 48.84 30.41 63.62
CA ALA T 142 49.13 31.60 62.83
C ALA T 142 48.00 31.82 61.83
N VAL T 143 47.59 33.07 61.66
CA VAL T 143 46.39 33.40 60.88
C VAL T 143 46.80 33.92 59.52
N ALA T 144 46.12 33.42 58.48
CA ALA T 144 46.24 33.92 57.13
C ALA T 144 45.35 35.14 56.93
N PRO T 145 45.65 35.99 55.95
CA PRO T 145 44.87 37.23 55.77
C PRO T 145 43.44 36.95 55.37
N VAL T 146 42.53 37.74 55.93
CA VAL T 146 41.13 37.60 55.58
C VAL T 146 40.73 38.47 54.38
N GLY T 147 41.43 39.59 54.16
CA GLY T 147 41.09 40.41 53.02
C GLY T 147 42.19 41.40 52.68
N SER T 148 41.84 42.39 51.87
CA SER T 148 42.82 43.40 51.49
C SER T 148 42.12 44.71 51.15
N PHE T 149 42.92 45.78 51.12
CA PHE T 149 42.50 47.09 50.63
C PHE T 149 43.41 47.52 49.48
N LYS T 150 42.80 48.13 48.46
CA LYS T 150 43.47 48.48 47.21
C LYS T 150 43.19 49.91 46.79
N VAL T 151 44.21 50.53 46.22
CA VAL T 151 44.14 51.90 45.70
C VAL T 151 44.81 51.93 44.34
N ASN T 152 44.09 52.41 43.32
CA ASN T 152 44.55 52.49 41.94
C ASN T 152 44.72 53.93 41.51
N VAL T 153 45.73 54.16 40.66
CA VAL T 153 46.04 55.49 40.14
C VAL T 153 46.47 55.31 38.69
N GLU T 154 45.97 56.18 37.81
CA GLU T 154 46.08 55.94 36.38
C GLU T 154 46.27 57.26 35.64
N VAL T 155 47.17 57.25 34.66
CA VAL T 155 47.53 58.46 33.92
C VAL T 155 47.48 58.12 32.44
N LEU T 156 46.55 58.76 31.71
CA LEU T 156 46.37 58.54 30.28
C LEU T 156 47.15 59.60 29.53
N GLY T 157 48.42 59.31 29.26
CA GLY T 157 49.34 60.25 28.65
C GLY T 157 49.59 60.08 27.17
N GLY T 158 48.72 59.37 26.47
CA GLY T 158 48.90 59.17 25.06
C GLY T 158 48.37 60.30 24.22
N GLY T 159 48.81 60.34 22.98
CA GLY T 159 48.27 61.26 22.01
C GLY T 159 49.03 62.56 21.87
N VAL T 160 50.31 62.57 22.29
CA VAL T 160 51.10 63.78 22.19
C VAL T 160 51.21 64.21 20.74
N LEU T 161 51.01 65.50 20.50
CA LEU T 161 51.03 66.07 19.15
C LEU T 161 52.44 66.03 18.56
N THR T 162 52.50 66.02 17.23
CA THR T 162 53.78 65.75 16.55
C THR T 162 54.80 66.87 16.76
N GLY T 163 54.34 68.12 16.78
CA GLY T 163 55.27 69.22 16.98
C GLY T 163 56.02 69.16 18.29
N THR T 164 55.42 68.55 19.32
CA THR T 164 55.99 68.55 20.67
C THR T 164 57.36 67.88 20.68
N ASP T 165 58.36 68.58 21.20
CA ASP T 165 59.70 68.00 21.26
C ASP T 165 59.96 67.44 22.65
N ALA T 166 61.20 66.98 22.89
CA ALA T 166 61.53 66.28 24.13
C ALA T 166 61.38 67.18 25.34
N ASN T 167 61.92 68.39 25.24
CA ASN T 167 61.83 69.35 26.34
C ASN T 167 60.39 69.66 26.68
N ALA T 168 59.55 69.84 25.67
CA ALA T 168 58.13 70.08 25.91
C ALA T 168 57.48 68.88 26.60
N GLN T 169 57.86 67.67 26.18
CA GLN T 169 57.29 66.49 26.82
C GLN T 169 57.65 66.43 28.30
N PHE T 170 58.83 66.93 28.68
CA PHE T 170 59.13 67.04 30.10
C PHE T 170 58.07 67.86 30.84
N ALA T 171 57.69 68.99 30.24
CA ALA T 171 56.67 69.84 30.83
C ALA T 171 55.35 69.11 30.96
N LEU T 172 54.98 68.35 29.92
CA LEU T 172 53.76 67.56 30.00
C LEU T 172 53.84 66.53 31.13
N ASP T 173 55.03 65.96 31.35
CA ASP T 173 55.24 65.03 32.45
C ASP T 173 54.85 65.69 33.77
N GLU T 174 55.43 66.85 34.06
CA GLU T 174 55.14 67.50 35.33
C GLU T 174 53.68 67.95 35.40
N LEU T 175 53.09 68.32 34.26
CA LEU T 175 51.68 68.70 34.26
C LEU T 175 50.79 67.55 34.72
N LEU T 176 51.00 66.36 34.14
CA LEU T 176 50.25 65.20 34.58
C LEU T 176 50.54 64.88 36.04
N SER T 177 51.77 65.09 36.48
CA SER T 177 52.10 64.90 37.90
C SER T 177 51.21 65.77 38.79
N ASN T 178 51.07 67.04 38.43
CA ASN T 178 50.27 67.94 39.26
C ASN T 178 48.79 67.60 39.19
N MET T 179 48.31 67.13 38.03
CA MET T 179 46.92 66.66 37.96
C MET T 179 46.72 65.44 38.87
N LEU T 180 47.73 64.57 38.95
CA LEU T 180 47.69 63.46 39.89
C LEU T 180 47.51 63.95 41.32
N MET T 181 48.37 64.86 41.74
CA MET T 181 48.29 65.39 43.09
C MET T 181 46.91 65.98 43.37
N ASP T 182 46.38 66.74 42.41
CA ASP T 182 45.06 67.34 42.59
C ASP T 182 43.98 66.27 42.70
N ALA T 183 44.08 65.22 41.89
CA ALA T 183 43.07 64.16 41.94
C ALA T 183 43.09 63.47 43.30
N ALA T 184 44.27 63.19 43.84
CA ALA T 184 44.34 62.52 45.14
C ALA T 184 43.81 63.43 46.25
N ARG T 185 44.12 64.72 46.18
CA ARG T 185 43.56 65.64 47.17
C ARG T 185 42.04 65.69 47.07
N ILE T 186 41.50 65.75 45.85
CA ILE T 186 40.05 65.79 45.68
C ILE T 186 39.41 64.49 46.16
N ALA T 187 40.15 63.38 46.08
CA ALA T 187 39.62 62.11 46.54
C ALA T 187 39.53 62.07 48.05
N GLN T 188 40.62 62.44 48.74
CA GLN T 188 40.63 62.39 50.21
C GLN T 188 40.01 63.63 50.86
N ASP T 189 39.56 64.59 50.06
CA ASP T 189 39.13 65.88 50.59
C ASP T 189 37.96 65.71 51.54
N GLY T 190 38.01 66.45 52.65
CA GLY T 190 36.92 66.47 53.60
C GLY T 190 37.38 66.50 55.04
N PRO T 191 36.46 66.85 55.94
CA PRO T 191 36.76 66.76 57.38
C PRO T 191 37.03 65.32 57.78
N LYS T 192 37.94 65.16 58.73
CA LYS T 192 38.14 63.86 59.35
C LYS T 192 37.07 63.56 60.40
N ASN T 193 36.15 64.50 60.63
CA ASN T 193 35.00 64.26 61.51
C ASN T 193 33.95 63.38 60.86
N THR T 194 33.87 63.40 59.54
CA THR T 194 32.80 62.71 58.82
C THR T 194 33.35 61.62 57.91
N ALA T 195 32.45 60.70 57.56
CA ALA T 195 32.80 59.56 56.73
C ALA T 195 33.15 60.02 55.31
N ARG T 196 34.25 59.51 54.76
CA ARG T 196 34.56 59.93 53.39
C ARG T 196 34.96 58.82 52.42
N LEU T 197 35.53 57.69 52.87
CA LEU T 197 35.99 56.66 51.92
C LEU T 197 35.42 55.24 52.07
N VAL T 198 35.60 54.59 53.24
CA VAL T 198 35.39 53.15 53.33
C VAL T 198 33.89 52.86 53.43
N ALA T 199 33.51 51.67 52.94
CA ALA T 199 32.12 51.23 52.94
C ALA T 199 31.21 52.27 52.30
N ALA T 200 31.74 52.98 51.30
CA ALA T 200 30.99 54.06 50.68
C ALA T 200 29.73 53.55 49.99
N SER T 201 28.63 54.28 50.15
CA SER T 201 27.38 53.98 49.46
C SER T 201 26.95 55.08 48.49
N HIS T 202 27.07 56.34 48.90
CA HIS T 202 26.64 57.49 48.10
C HIS T 202 27.22 58.74 48.74
N GLY T 203 27.24 59.81 47.96
CA GLY T 203 27.81 61.09 48.40
C GLY T 203 26.70 62.08 48.67
N VAL T 204 26.90 62.91 49.69
CA VAL T 204 25.95 63.96 50.05
C VAL T 204 26.73 65.23 50.33
N MET T 205 26.35 66.32 49.66
CA MET T 205 26.98 67.62 49.85
C MET T 205 26.39 68.29 51.09
N PRO T 206 27.22 68.83 51.98
CA PRO T 206 26.69 69.38 53.24
C PRO T 206 25.79 70.60 52.98
N GLN T 207 24.91 70.85 53.95
CA GLN T 207 23.94 71.94 53.82
C GLN T 207 24.64 73.26 53.52
N ALA T 208 25.76 73.52 54.19
CA ALA T 208 26.62 74.67 53.89
C ALA T 208 25.83 75.96 53.77
N SER U 23 39.67 31.71 50.39
CA SER U 23 39.54 31.08 51.69
C SER U 23 40.80 31.27 52.53
N SER U 24 40.64 31.80 53.75
CA SER U 24 41.74 32.08 54.67
C SER U 24 41.70 31.10 55.82
N ARG U 25 42.84 30.46 56.09
CA ARG U 25 42.93 29.40 57.09
C ARG U 25 44.08 29.67 58.04
N THR U 26 43.83 29.47 59.32
CA THR U 26 44.88 29.52 60.33
C THR U 26 45.61 28.17 60.36
N THR U 27 46.93 28.24 60.46
CA THR U 27 47.79 27.08 60.34
C THR U 27 48.51 26.82 61.66
N PHE U 28 48.52 25.56 62.08
CA PHE U 28 49.26 25.08 63.24
C PHE U 28 50.39 24.20 62.73
N GLY U 29 51.60 24.48 63.17
CA GLY U 29 52.74 23.74 62.67
C GLY U 29 53.35 24.40 61.45
N VAL U 30 54.03 23.56 60.66
CA VAL U 30 54.77 24.02 59.51
C VAL U 30 53.83 24.34 58.36
N ASN U 31 54.04 25.50 57.73
CA ASN U 31 53.34 25.83 56.50
C ASN U 31 54.32 25.67 55.34
N PRO U 32 54.13 24.66 54.48
CA PRO U 32 55.11 24.42 53.41
C PRO U 32 54.83 25.11 52.09
N ASP U 33 53.94 26.10 52.03
CA ASP U 33 53.66 26.79 50.78
C ASP U 33 54.93 27.37 50.17
N ARG U 34 55.21 27.00 48.92
CA ARG U 34 56.37 27.50 48.19
C ARG U 34 55.97 28.57 47.19
N GLN U 35 56.89 29.49 46.92
CA GLN U 35 56.68 30.58 45.98
C GLN U 35 56.97 30.09 44.57
N ALA U 36 56.06 30.39 43.65
CA ALA U 36 56.21 29.95 42.27
C ALA U 36 57.50 30.49 41.67
N ASN U 37 58.16 29.63 40.87
CA ASN U 37 59.46 29.94 40.26
C ASN U 37 59.21 30.80 39.00
N ALA U 38 58.86 32.08 39.24
CA ALA U 38 58.43 32.99 38.18
C ALA U 38 59.16 34.33 38.37
N ARG U 39 60.48 34.26 38.54
CA ARG U 39 61.31 35.43 38.82
C ARG U 39 62.39 35.58 37.76
N PRO U 40 62.37 36.64 36.96
CA PRO U 40 63.47 36.87 36.01
C PRO U 40 64.78 37.09 36.73
N VAL U 41 65.87 36.63 36.11
CA VAL U 41 67.19 36.74 36.72
C VAL U 41 68.15 37.39 35.74
N TYR U 42 69.15 38.06 36.31
CA TYR U 42 70.14 38.78 35.52
C TYR U 42 70.96 37.81 34.67
N LEU U 43 71.22 38.24 33.44
CA LEU U 43 71.96 37.44 32.47
C LEU U 43 73.16 38.27 31.99
N ALA U 44 74.36 37.80 32.30
CA ALA U 44 75.57 38.56 32.01
C ALA U 44 75.67 38.85 30.51
N PRO U 45 76.12 40.05 30.13
CA PRO U 45 76.24 40.38 28.69
C PRO U 45 77.40 39.69 28.00
N ALA U 46 78.26 39.00 28.75
CA ALA U 46 79.37 38.24 28.20
C ALA U 46 79.90 37.32 29.29
N ALA U 47 80.64 36.30 28.88
CA ALA U 47 81.11 35.30 29.83
C ALA U 47 82.61 35.43 30.00
N PRO U 48 83.13 35.83 31.18
CA PRO U 48 84.59 35.90 31.34
C PRO U 48 85.19 34.53 31.61
N MET U 49 86.17 34.14 30.79
CA MET U 49 86.91 32.91 31.01
C MET U 49 88.38 33.18 31.32
N GLU U 50 88.66 34.21 32.11
CA GLU U 50 90.04 34.68 32.24
C GLU U 50 90.95 33.63 32.89
N ASN U 51 90.46 32.94 33.93
CA ASN U 51 91.31 32.01 34.67
C ASN U 51 91.85 30.89 33.78
N THR U 52 90.94 30.23 33.04
CA THR U 52 91.32 29.06 32.25
C THR U 52 92.25 29.44 31.10
N TYR U 53 92.00 30.58 30.45
CA TYR U 53 92.81 30.98 29.29
C TYR U 53 94.16 31.55 29.70
N THR U 54 94.24 32.23 30.85
CA THR U 54 95.56 32.57 31.36
C THR U 54 96.36 31.31 31.70
N TYR U 55 95.72 30.30 32.30
CA TYR U 55 96.48 29.08 32.57
C TYR U 55 96.89 28.39 31.28
N LEU U 56 96.02 28.40 30.26
CA LEU U 56 96.37 27.80 28.98
C LEU U 56 97.56 28.51 28.33
N GLY U 57 97.60 29.84 28.44
CA GLY U 57 98.80 30.57 28.04
C GLY U 57 100.01 30.15 28.86
N SER U 58 99.80 29.88 30.15
CA SER U 58 100.90 29.44 31.01
C SER U 58 101.54 28.16 30.48
N ILE U 59 100.74 27.17 30.09
CA ILE U 59 101.35 25.92 29.66
C ILE U 59 101.57 25.91 28.15
N GLN U 60 101.42 27.07 27.51
CA GLN U 60 101.63 27.20 26.07
C GLN U 60 100.67 26.33 25.27
N PHE U 61 99.44 26.19 25.78
CA PHE U 61 98.34 25.55 25.06
C PHE U 61 98.67 24.10 24.69
N ALA U 62 99.36 23.39 25.59
CA ALA U 62 99.75 22.01 25.28
C ALA U 62 100.06 21.27 26.57
N ALA U 63 99.39 20.15 26.79
CA ALA U 63 99.70 19.24 27.89
C ALA U 63 99.71 17.82 27.34
N GLY U 64 100.84 17.15 27.45
CA GLY U 64 100.96 15.79 26.97
C GLY U 64 100.71 15.72 25.47
N ARG U 65 99.79 14.87 25.08
CA ARG U 65 99.39 14.75 23.70
C ARG U 65 98.20 15.63 23.34
N HIS U 66 97.68 16.38 24.30
CA HIS U 66 96.58 17.32 24.07
C HIS U 66 97.16 18.66 23.65
N ILE U 67 96.78 19.16 22.49
CA ILE U 67 97.11 20.52 22.10
C ILE U 67 95.83 21.31 21.99
N PHE U 68 95.84 22.55 22.49
CA PHE U 68 94.64 23.38 22.52
C PHE U 68 94.79 24.54 21.54
N GLY U 69 93.65 25.16 21.21
CA GLY U 69 93.68 26.31 20.33
C GLY U 69 93.65 27.62 21.08
N GLU U 70 94.10 28.68 20.38
CA GLU U 70 94.15 30.01 20.96
C GLU U 70 92.81 30.72 20.75
N PRO U 71 92.15 31.20 21.80
CA PRO U 71 90.85 31.83 21.62
C PRO U 71 90.99 33.21 20.99
N ALA U 72 89.90 33.67 20.38
CA ALA U 72 89.89 35.05 19.89
C ALA U 72 89.80 36.03 21.05
N SER U 73 89.02 35.72 22.08
CA SER U 73 88.90 36.60 23.23
C SER U 73 88.89 35.79 24.52
N ASN U 74 89.36 36.44 25.59
CA ASN U 74 89.25 35.88 26.93
C ASN U 74 87.83 36.00 27.47
N VAL U 75 87.06 36.94 26.93
CA VAL U 75 85.67 37.15 27.32
C VAL U 75 84.81 36.81 26.10
N LEU U 76 83.83 35.93 26.30
CA LEU U 76 83.07 35.34 25.20
C LEU U 76 81.77 36.11 24.99
N PRO U 77 81.50 36.55 23.76
CA PRO U 77 80.27 37.31 23.48
C PRO U 77 79.08 36.40 23.33
N PRO U 78 77.85 36.91 23.48
CA PRO U 78 76.68 36.05 23.33
C PRO U 78 76.47 35.68 21.87
N GLN U 79 76.07 34.44 21.66
CA GLN U 79 75.73 33.95 20.33
C GLN U 79 74.24 34.00 20.01
N ASN U 80 73.40 33.58 20.96
CA ASN U 80 71.97 33.49 20.70
C ASN U 80 71.15 34.23 21.76
N ILE U 81 71.72 35.23 22.41
CA ILE U 81 71.05 36.02 23.44
C ILE U 81 70.91 37.45 22.93
N VAL U 82 69.69 37.99 23.04
CA VAL U 82 69.38 39.34 22.62
C VAL U 82 68.97 40.13 23.85
N PRO U 83 69.48 41.35 24.04
CA PRO U 83 69.13 42.09 25.23
C PRO U 83 67.65 42.40 25.26
N GLY U 84 67.06 42.24 26.43
CA GLY U 84 65.66 42.53 26.63
C GLY U 84 64.73 41.41 26.26
N VAL U 85 65.24 40.32 25.69
CA VAL U 85 64.39 39.20 25.29
C VAL U 85 64.66 38.06 26.26
N PRO U 86 63.67 37.60 27.01
CA PRO U 86 63.89 36.50 27.94
C PRO U 86 64.21 35.22 27.19
N THR U 87 65.22 34.51 27.67
CA THR U 87 65.59 33.21 27.11
C THR U 87 65.84 32.25 28.27
N LYS U 88 65.59 30.97 28.02
CA LYS U 88 65.84 29.92 29.00
C LYS U 88 67.10 29.14 28.68
N HIS U 89 67.71 29.43 27.53
CA HIS U 89 68.94 28.75 27.13
C HIS U 89 69.74 29.75 26.31
N GLY U 90 70.99 29.93 26.69
CA GLY U 90 71.85 30.90 26.03
C GLY U 90 73.28 30.39 25.94
N GLU U 91 74.00 30.90 24.94
CA GLU U 91 75.33 30.40 24.66
C GLU U 91 76.26 31.57 24.34
N TYR U 92 77.43 31.56 24.96
CA TYR U 92 78.54 32.43 24.58
C TYR U 92 79.60 31.56 23.90
N VAL U 93 80.29 32.13 22.92
CA VAL U 93 81.16 31.30 22.09
C VAL U 93 82.29 32.15 21.53
N THR U 94 83.48 31.54 21.44
CA THR U 94 84.54 32.14 20.64
C THR U 94 85.22 31.07 19.79
N THR U 95 86.19 31.47 18.98
CA THR U 95 86.83 30.55 18.05
C THR U 95 88.29 30.36 18.45
N ASN U 96 88.68 29.11 18.68
CA ASN U 96 90.07 28.74 18.85
C ASN U 96 90.65 28.47 17.47
N THR U 97 91.76 29.16 17.16
CA THR U 97 92.57 28.92 15.96
C THR U 97 93.95 28.46 16.39
N GLY U 98 94.69 27.87 15.45
CA GLY U 98 95.98 27.29 15.77
C GLY U 98 96.72 26.90 14.52
N ASP U 99 98.02 26.68 14.70
CA ASP U 99 98.88 26.28 13.59
C ASP U 99 98.60 24.84 13.21
N ARG U 100 98.32 24.62 11.91
CA ARG U 100 97.90 23.32 11.37
C ARG U 100 96.60 22.83 11.99
N LEU U 101 95.74 23.76 12.42
CA LEU U 101 94.49 23.42 13.09
C LEU U 101 93.31 24.03 12.35
N MET U 102 92.19 23.33 12.41
CA MET U 102 90.92 23.82 11.88
C MET U 102 90.15 24.54 12.98
N ALA U 103 89.66 25.74 12.67
CA ALA U 103 88.98 26.57 13.65
C ALA U 103 87.89 25.81 14.38
N SER U 104 87.95 25.82 15.72
CA SER U 104 86.97 25.10 16.53
C SER U 104 86.46 26.00 17.64
N SER U 105 85.16 26.02 17.82
CA SER U 105 84.54 26.94 18.76
C SER U 105 84.59 26.40 20.19
N THR U 106 84.81 27.31 21.14
CA THR U 106 84.74 27.06 22.56
C THR U 106 83.45 27.67 23.10
N THR U 107 82.67 26.87 23.85
CA THR U 107 81.27 27.21 24.15
C THR U 107 80.99 27.24 25.65
N VAL U 108 80.17 28.21 26.05
CA VAL U 108 79.75 28.38 27.44
C VAL U 108 78.22 28.48 27.41
N THR U 109 77.56 27.47 27.97
CA THR U 109 76.12 27.31 27.88
C THR U 109 75.48 27.60 29.25
N ARG U 110 74.39 28.37 29.25
CA ARG U 110 73.67 28.68 30.49
C ARG U 110 72.19 28.38 30.30
N ASP U 111 71.65 27.56 31.20
CA ASP U 111 70.25 27.16 31.17
C ASP U 111 69.58 27.66 32.44
N VAL U 112 68.47 28.37 32.30
CA VAL U 112 67.68 28.84 33.44
C VAL U 112 66.24 28.36 33.27
N SER U 113 65.77 27.53 34.19
CA SER U 113 64.40 26.99 34.10
C SER U 113 63.97 26.46 35.46
N ASN U 114 62.75 26.82 35.87
CA ASN U 114 62.12 26.21 37.06
C ASN U 114 62.99 26.33 38.30
N GLY U 115 63.65 27.47 38.46
CA GLY U 115 64.50 27.72 39.62
C GLY U 115 65.84 27.05 39.59
N ARG U 116 66.17 26.34 38.52
CA ARG U 116 67.42 25.63 38.40
C ARG U 116 68.23 26.33 37.32
N THR U 117 69.43 26.73 37.67
CA THR U 117 70.31 27.43 36.74
C THR U 117 71.61 26.63 36.62
N LYS U 118 72.06 26.41 35.38
CA LYS U 118 73.19 25.52 35.11
C LYS U 118 74.08 26.11 34.03
N VAL U 119 75.37 26.23 34.35
CA VAL U 119 76.40 26.73 33.44
C VAL U 119 77.34 25.58 33.10
N SER U 120 77.59 25.37 31.81
CA SER U 120 78.48 24.32 31.31
C SER U 120 79.53 24.95 30.40
N ILE U 121 80.76 24.46 30.48
CA ILE U 121 81.86 24.97 29.67
C ILE U 121 82.50 23.81 28.92
N ASP U 122 82.67 23.98 27.61
CA ASP U 122 83.23 22.95 26.73
C ASP U 122 84.35 23.55 25.91
N ILE U 123 85.55 22.99 26.05
CA ILE U 123 86.71 23.40 25.26
C ILE U 123 87.28 22.17 24.55
N PRO U 124 87.51 22.23 23.24
CA PRO U 124 88.05 21.09 22.52
C PRO U 124 89.58 21.08 22.47
N TYR U 125 90.11 19.90 22.19
CA TYR U 125 91.55 19.68 22.04
C TYR U 125 91.82 18.87 20.78
N TYR U 126 93.09 18.81 20.40
CA TYR U 126 93.54 18.13 19.18
C TYR U 126 94.71 17.20 19.50
N ASP U 127 95.01 16.35 18.51
CA ASP U 127 96.09 15.36 18.60
C ASP U 127 97.43 16.02 18.31
N ARG U 128 98.21 16.22 19.38
CA ARG U 128 99.49 16.89 19.22
C ARG U 128 100.43 16.09 18.32
N ASN U 129 100.33 14.75 18.34
CA ASN U 129 101.20 13.93 17.51
C ASN U 129 100.93 14.16 16.03
N ALA U 130 99.65 14.25 15.65
CA ALA U 130 99.33 14.60 14.27
C ALA U 130 99.79 16.00 13.93
N VAL U 131 99.57 16.96 14.85
CA VAL U 131 99.91 18.35 14.53
C VAL U 131 101.42 18.51 14.32
N GLU U 132 102.22 17.99 15.25
CA GLU U 132 103.67 18.15 15.14
C GLU U 132 104.26 17.24 14.07
N THR U 133 103.61 16.13 13.73
CA THR U 133 104.07 15.32 12.61
C THR U 133 103.86 16.04 11.28
N LEU U 134 102.73 16.72 11.13
CA LEU U 134 102.53 17.57 9.96
C LEU U 134 103.58 18.69 9.91
N LYS U 135 103.71 19.45 11.01
CA LYS U 135 104.72 20.50 11.05
C LYS U 135 106.08 19.98 10.62
N ALA U 136 106.50 18.85 11.20
CA ALA U 136 107.83 18.29 10.92
C ALA U 136 107.95 17.70 9.53
N SER U 137 106.85 17.32 8.89
CA SER U 137 106.91 16.73 7.56
C SER U 137 106.74 17.76 6.44
N ALA U 138 106.27 18.97 6.74
CA ALA U 138 106.15 20.05 5.76
C ALA U 138 105.23 19.64 4.61
N ILE U 139 104.06 19.17 4.98
CA ILE U 139 103.10 18.55 4.08
C ILE U 139 101.76 19.21 4.32
N PRO U 140 100.89 19.30 3.32
CA PRO U 140 99.77 20.24 3.39
C PRO U 140 98.68 19.96 4.44
N GLY U 141 98.67 18.82 5.11
CA GLY U 141 97.50 18.45 5.91
C GLY U 141 97.15 19.45 7.01
N ALA U 142 95.85 19.46 7.39
CA ALA U 142 95.39 20.10 8.63
C ALA U 142 94.42 19.18 9.37
N VAL U 143 94.26 19.43 10.68
CA VAL U 143 93.62 18.49 11.60
C VAL U 143 92.44 19.16 12.30
N ALA U 144 91.42 18.35 12.57
CA ALA U 144 90.20 18.70 13.29
C ALA U 144 90.29 18.23 14.74
N PRO U 145 89.40 18.72 15.61
CA PRO U 145 89.45 18.30 17.02
C PRO U 145 89.25 16.80 17.22
N VAL U 146 89.83 16.30 18.30
CA VAL U 146 89.76 14.90 18.66
C VAL U 146 88.79 14.65 19.82
N GLY U 147 88.59 15.63 20.68
CA GLY U 147 87.69 15.49 21.80
C GLY U 147 87.57 16.81 22.54
N SER U 148 87.00 16.75 23.73
CA SER U 148 86.78 17.96 24.50
C SER U 148 86.85 17.65 25.98
N PHE U 149 86.96 18.73 26.76
CA PHE U 149 86.80 18.68 28.21
C PHE U 149 85.65 19.60 28.60
N LYS U 150 84.85 19.14 29.57
CA LYS U 150 83.63 19.80 29.98
C LYS U 150 83.56 19.91 31.50
N VAL U 151 82.99 21.02 31.94
CA VAL U 151 82.78 21.30 33.36
C VAL U 151 81.39 21.89 33.54
N ASN U 152 80.59 21.28 34.43
CA ASN U 152 79.22 21.70 34.71
C ASN U 152 79.09 22.23 36.13
N VAL U 153 78.20 23.21 36.29
CA VAL U 153 77.94 23.83 37.59
C VAL U 153 76.44 24.14 37.64
N GLU U 154 75.80 23.76 38.75
CA GLU U 154 74.34 23.69 38.82
C GLU U 154 73.84 24.18 40.17
N VAL U 155 72.80 25.02 40.16
CA VAL U 155 72.26 25.64 41.36
C VAL U 155 70.75 25.38 41.38
N LEU U 156 70.27 24.69 42.43
CA LEU U 156 68.87 24.30 42.53
C LEU U 156 68.19 25.27 43.49
N GLY U 157 67.75 26.41 42.95
CA GLY U 157 67.20 27.49 43.73
C GLY U 157 65.69 27.51 43.85
N GLY U 158 65.03 26.44 43.44
CA GLY U 158 63.60 26.39 43.52
C GLY U 158 63.11 26.13 44.93
N GLY U 159 61.85 26.47 45.18
CA GLY U 159 61.22 26.17 46.44
C GLY U 159 61.26 27.26 47.46
N VAL U 160 61.33 28.53 47.03
CA VAL U 160 61.37 29.63 47.97
C VAL U 160 60.04 29.69 48.70
N LEU U 161 60.11 29.88 50.02
CA LEU U 161 58.92 29.88 50.86
C LEU U 161 58.09 31.14 50.65
N THR U 162 56.85 31.11 51.16
CA THR U 162 55.92 32.20 50.86
C THR U 162 56.35 33.51 51.51
N GLY U 163 56.83 33.44 52.75
CA GLY U 163 57.13 34.66 53.49
C GLY U 163 58.25 35.48 52.86
N THR U 164 59.11 34.84 52.09
CA THR U 164 60.30 35.52 51.57
C THR U 164 59.91 36.66 50.63
N ASP U 165 60.43 37.85 50.93
CA ASP U 165 60.27 38.99 50.04
C ASP U 165 61.52 39.15 49.18
N ALA U 166 61.53 40.23 48.39
CA ALA U 166 62.58 40.41 47.39
C ALA U 166 63.95 40.59 48.03
N ASN U 167 64.04 41.42 49.08
CA ASN U 167 65.31 41.65 49.77
C ASN U 167 65.88 40.34 50.31
N ALA U 168 65.03 39.56 50.98
CA ALA U 168 65.44 38.25 51.48
C ALA U 168 65.88 37.34 50.34
N GLN U 169 65.23 37.43 49.18
CA GLN U 169 65.64 36.61 48.04
C GLN U 169 67.04 37.00 47.58
N PHE U 170 67.37 38.29 47.63
CA PHE U 170 68.76 38.68 47.36
C PHE U 170 69.72 38.00 48.32
N ALA U 171 69.34 37.98 49.60
CA ALA U 171 70.20 37.31 50.57
C ALA U 171 70.38 35.84 50.20
N LEU U 172 69.31 35.19 49.75
CA LEU U 172 69.41 33.79 49.37
C LEU U 172 70.27 33.62 48.12
N ASP U 173 70.19 34.58 47.19
CA ASP U 173 71.06 34.61 46.03
C ASP U 173 72.52 34.50 46.46
N GLU U 174 72.92 35.38 47.38
CA GLU U 174 74.31 35.39 47.80
C GLU U 174 74.67 34.12 48.58
N LEU U 175 73.71 33.57 49.35
CA LEU U 175 73.97 32.32 50.05
C LEU U 175 74.31 31.20 49.07
N LEU U 176 73.51 31.06 48.02
CA LEU U 176 73.79 30.03 47.03
C LEU U 176 75.13 30.27 46.34
N SER U 177 75.45 31.52 46.02
CA SER U 177 76.72 31.77 45.36
C SER U 177 77.89 31.38 46.26
N ASN U 178 77.76 31.60 47.57
CA ASN U 178 78.82 31.17 48.49
C ASN U 178 78.93 29.65 48.56
N MET U 179 77.81 28.95 48.52
CA MET U 179 77.88 27.48 48.45
C MET U 179 78.54 27.03 47.15
N LEU U 180 78.31 27.78 46.06
CA LEU U 180 79.00 27.51 44.80
C LEU U 180 80.51 27.58 44.96
N MET U 181 80.98 28.67 45.55
CA MET U 181 82.42 28.82 45.78
C MET U 181 82.97 27.69 46.63
N ASP U 182 82.25 27.34 47.71
CA ASP U 182 82.70 26.23 48.56
C ASP U 182 82.78 24.93 47.76
N ALA U 183 81.80 24.68 46.90
CA ALA U 183 81.78 23.44 46.13
C ALA U 183 82.95 23.38 45.15
N ALA U 184 83.24 24.48 44.47
CA ALA U 184 84.37 24.48 43.54
C ALA U 184 85.69 24.28 44.28
N ARG U 185 85.85 24.93 45.44
CA ARG U 185 87.08 24.73 46.22
C ARG U 185 87.20 23.29 46.68
N ILE U 186 86.10 22.67 47.11
CA ILE U 186 86.13 21.28 47.57
C ILE U 186 86.42 20.34 46.42
N ALA U 187 86.01 20.70 45.21
CA ALA U 187 86.28 19.86 44.04
C ALA U 187 87.76 19.92 43.67
N GLN U 188 88.32 21.12 43.59
CA GLN U 188 89.72 21.26 43.19
C GLN U 188 90.70 21.08 44.35
N ASP U 189 90.20 20.86 45.56
CA ASP U 189 91.07 20.83 46.74
C ASP U 189 92.10 19.71 46.61
N GLY U 190 93.33 20.01 47.03
CA GLY U 190 94.37 19.02 47.09
C GLY U 190 95.71 19.54 46.60
N PRO U 191 96.79 18.83 46.96
CA PRO U 191 98.12 19.19 46.45
C PRO U 191 98.18 19.08 44.94
N LYS U 192 98.93 20.00 44.32
CA LYS U 192 99.23 19.86 42.90
C LYS U 192 100.33 18.85 42.63
N ASN U 193 100.95 18.31 43.69
CA ASN U 193 101.88 17.20 43.53
C ASN U 193 101.20 15.95 43.01
N THR U 194 99.88 15.85 43.13
CA THR U 194 99.20 14.57 43.10
C THR U 194 97.92 14.62 42.25
N ALA U 195 97.56 13.45 41.71
CA ALA U 195 96.42 13.32 40.84
C ALA U 195 95.12 13.72 41.55
N ARG U 196 94.31 14.56 40.90
CA ARG U 196 93.04 14.85 41.56
C ARG U 196 91.79 14.94 40.68
N LEU U 197 91.89 15.15 39.35
CA LEU U 197 90.68 15.21 38.52
C LEU U 197 90.60 14.26 37.33
N VAL U 198 91.60 14.31 36.40
CA VAL U 198 91.43 13.69 35.09
C VAL U 198 91.64 12.19 35.19
N ALA U 199 90.96 11.46 34.31
CA ALA U 199 91.08 9.99 34.22
C ALA U 199 90.83 9.33 35.58
N ALA U 200 89.96 9.94 36.37
CA ALA U 200 89.71 9.48 37.74
C ALA U 200 89.08 8.09 37.75
N SER U 201 89.59 7.23 38.62
CA SER U 201 89.04 5.89 38.84
C SER U 201 88.25 5.80 40.14
N HIS U 202 88.84 6.29 41.22
CA HIS U 202 88.23 6.31 42.55
C HIS U 202 88.99 7.33 43.38
N GLY U 203 88.46 7.60 44.56
CA GLY U 203 89.06 8.58 45.47
C GLY U 203 89.69 7.84 46.63
N VAL U 204 90.87 8.30 47.04
CA VAL U 204 91.53 7.74 48.22
C VAL U 204 92.02 8.86 49.11
N MET U 205 91.80 8.72 50.42
CA MET U 205 92.22 9.65 51.47
C MET U 205 93.56 9.20 52.05
N PRO U 206 94.46 10.13 52.34
CA PRO U 206 95.76 9.77 52.93
C PRO U 206 95.63 9.44 54.41
N GLN U 207 96.73 8.92 54.96
CA GLN U 207 96.84 8.60 56.38
C GLN U 207 97.69 9.64 57.08
N ALA U 208 97.17 10.17 58.19
CA ALA U 208 97.88 11.15 59.03
C ALA U 208 98.29 12.38 58.23
N GLY V 11 -115.56 -51.81 6.86
CA GLY V 11 -116.24 -51.16 7.97
C GLY V 11 -116.91 -52.12 8.94
N GLN V 12 -117.99 -51.66 9.57
CA GLN V 12 -118.72 -52.46 10.54
C GLN V 12 -119.32 -53.70 9.90
N LEU V 13 -119.73 -54.64 10.75
CA LEU V 13 -120.26 -55.93 10.33
C LEU V 13 -121.73 -56.04 10.71
N TYR V 14 -122.55 -56.59 9.79
CA TYR V 14 -123.97 -56.81 10.07
C TYR V 14 -124.38 -58.14 9.45
N MET V 15 -125.66 -58.49 9.55
CA MET V 15 -126.15 -59.78 9.06
C MET V 15 -126.99 -59.57 7.81
N GLY V 16 -126.47 -60.02 6.67
CA GLY V 16 -127.20 -60.10 5.44
C GLY V 16 -127.60 -61.54 5.18
N GLN V 17 -128.53 -61.73 4.24
CA GLN V 17 -129.06 -63.07 4.01
C GLN V 17 -128.02 -64.01 3.43
N GLN V 18 -126.93 -63.47 2.89
CA GLN V 18 -125.83 -64.35 2.47
C GLN V 18 -125.04 -64.85 3.66
N GLY V 19 -125.08 -64.12 4.77
CA GLY V 19 -124.28 -64.39 5.94
C GLY V 19 -123.83 -63.07 6.54
N PRO V 20 -122.89 -63.12 7.49
CA PRO V 20 -122.33 -61.86 8.01
C PRO V 20 -121.59 -61.11 6.92
N VAL V 21 -121.94 -59.84 6.75
CA VAL V 21 -121.50 -59.03 5.62
C VAL V 21 -120.98 -57.69 6.12
N GLN V 22 -119.93 -57.21 5.46
CA GLN V 22 -119.28 -55.96 5.83
C GLN V 22 -120.04 -54.78 5.21
N SER V 23 -120.39 -53.81 6.03
CA SER V 23 -121.02 -52.59 5.53
C SER V 23 -120.04 -51.80 4.69
N SER V 24 -120.55 -51.14 3.64
CA SER V 24 -119.69 -50.46 2.69
C SER V 24 -120.30 -49.14 2.26
N ARG V 25 -119.43 -48.15 2.04
CA ARG V 25 -119.83 -46.80 1.67
C ARG V 25 -119.18 -46.45 0.33
N THR V 26 -120.00 -46.24 -0.70
CA THR V 26 -119.47 -46.03 -2.04
C THR V 26 -120.07 -44.79 -2.67
N THR V 27 -119.35 -44.27 -3.67
CA THR V 27 -119.80 -43.14 -4.47
C THR V 27 -120.55 -43.58 -5.72
N PHE V 28 -120.86 -44.87 -5.81
CA PHE V 28 -121.52 -45.42 -6.98
C PHE V 28 -122.97 -44.93 -7.06
N GLY V 29 -123.36 -44.43 -8.23
CA GLY V 29 -124.73 -44.06 -8.47
C GLY V 29 -125.15 -42.68 -7.99
N VAL V 30 -124.21 -41.77 -7.76
CA VAL V 30 -124.50 -40.41 -7.34
C VAL V 30 -124.01 -39.47 -8.44
N ASN V 31 -124.94 -38.76 -9.08
CA ASN V 31 -124.61 -37.81 -10.14
C ASN V 31 -124.51 -36.42 -9.53
N PRO V 32 -123.32 -35.88 -9.32
CA PRO V 32 -123.17 -34.51 -8.82
C PRO V 32 -123.00 -33.44 -9.90
N ASP V 33 -123.16 -33.78 -11.18
CA ASP V 33 -123.06 -32.79 -12.25
C ASP V 33 -123.95 -31.59 -11.95
N ARG V 34 -123.47 -30.40 -12.29
CA ARG V 34 -124.22 -29.18 -12.06
C ARG V 34 -124.53 -28.48 -13.37
N GLN V 35 -125.59 -27.68 -13.33
CA GLN V 35 -126.05 -26.89 -14.46
C GLN V 35 -125.44 -25.50 -14.36
N ALA V 36 -124.93 -24.99 -15.49
CA ALA V 36 -124.25 -23.71 -15.49
C ALA V 36 -125.20 -22.58 -15.13
N ASN V 37 -124.66 -21.58 -14.44
CA ASN V 37 -125.42 -20.41 -14.04
C ASN V 37 -125.53 -19.48 -15.24
N ALA V 38 -126.47 -19.81 -16.13
CA ALA V 38 -126.69 -19.12 -17.41
C ALA V 38 -128.15 -18.69 -17.53
N ARG V 39 -128.74 -18.28 -16.42
CA ARG V 39 -130.18 -18.01 -16.35
C ARG V 39 -130.42 -16.54 -16.12
N PRO V 40 -130.96 -15.81 -17.10
CA PRO V 40 -131.33 -14.41 -16.85
C PRO V 40 -132.39 -14.31 -15.75
N VAL V 41 -132.26 -13.31 -14.89
CA VAL V 41 -133.18 -13.12 -13.78
C VAL V 41 -133.85 -11.77 -13.89
N TYR V 42 -135.00 -11.67 -13.24
CA TYR V 42 -135.78 -10.45 -13.26
C TYR V 42 -135.07 -9.36 -12.45
N LEU V 43 -135.02 -8.16 -13.01
CA LEU V 43 -134.44 -7.01 -12.37
C LEU V 43 -135.52 -5.97 -12.16
N ALA V 44 -135.83 -5.68 -10.90
CA ALA V 44 -136.96 -4.81 -10.58
C ALA V 44 -136.77 -3.43 -11.21
N PRO V 45 -137.84 -2.78 -11.66
CA PRO V 45 -137.71 -1.44 -12.26
C PRO V 45 -137.57 -0.34 -11.24
N ALA V 46 -137.68 -0.65 -9.95
CA ALA V 46 -137.47 0.31 -8.87
C ALA V 46 -137.36 -0.47 -7.57
N ALA V 47 -136.79 0.18 -6.57
CA ALA V 47 -136.51 -0.49 -5.30
C ALA V 47 -137.42 0.05 -4.21
N PRO V 48 -138.34 -0.74 -3.64
CA PRO V 48 -139.20 -0.16 -2.59
C PRO V 48 -138.57 -0.23 -1.21
N MET V 49 -138.31 0.93 -0.60
CA MET V 49 -137.83 1.03 0.78
C MET V 49 -138.93 1.48 1.73
N GLU V 50 -140.16 0.96 1.57
CA GLU V 50 -141.28 1.49 2.33
C GLU V 50 -141.12 1.28 3.84
N ASN V 51 -140.70 0.08 4.26
CA ASN V 51 -140.63 -0.22 5.69
C ASN V 51 -139.71 0.77 6.42
N THR V 52 -138.47 0.92 5.93
CA THR V 52 -137.50 1.76 6.61
C THR V 52 -137.94 3.23 6.67
N TYR V 53 -138.56 3.72 5.60
CA TYR V 53 -138.91 5.14 5.56
C TYR V 53 -140.19 5.44 6.34
N THR V 54 -141.14 4.51 6.40
CA THR V 54 -142.24 4.71 7.34
C THR V 54 -141.75 4.71 8.79
N TYR V 55 -140.78 3.85 9.12
CA TYR V 55 -140.25 3.93 10.47
C TYR V 55 -139.52 5.26 10.69
N LEU V 56 -138.79 5.75 9.68
CA LEU V 56 -138.09 7.02 9.81
C LEU V 56 -139.05 8.18 9.98
N GLY V 57 -140.22 8.11 9.34
CA GLY V 57 -141.26 9.08 9.64
C GLY V 57 -141.79 8.93 11.05
N SER V 58 -141.86 7.69 11.54
CA SER V 58 -142.34 7.45 12.90
C SER V 58 -141.45 8.14 13.93
N ILE V 59 -140.13 7.98 13.84
CA ILE V 59 -139.26 8.56 14.86
C ILE V 59 -138.90 10.00 14.52
N GLN V 60 -139.55 10.55 13.49
CA GLN V 60 -139.33 11.93 13.06
C GLN V 60 -137.89 12.15 12.55
N PHE V 61 -137.33 11.13 11.90
CA PHE V 61 -136.01 11.19 11.24
C PHE V 61 -134.91 11.58 12.22
N ALA V 62 -135.00 11.09 13.45
CA ALA V 62 -134.01 11.46 14.46
C ALA V 62 -133.97 10.38 15.52
N ALA V 63 -132.81 9.81 15.75
CA ALA V 63 -132.57 8.95 16.90
C ALA V 63 -131.30 9.42 17.59
N GLY V 64 -131.45 9.93 18.81
CA GLY V 64 -130.30 10.45 19.54
C GLY V 64 -129.61 11.57 18.79
N ARG V 65 -128.33 11.38 18.51
CA ARG V 65 -127.51 12.33 17.80
C ARG V 65 -127.53 12.10 16.29
N HIS V 66 -128.13 11.00 15.84
CA HIS V 66 -128.22 10.68 14.43
C HIS V 66 -129.47 11.34 13.85
N ILE V 67 -129.29 12.29 12.96
CA ILE V 67 -130.42 12.93 12.28
C ILE V 67 -130.38 12.48 10.83
N PHE V 68 -131.54 12.14 10.29
CA PHE V 68 -131.59 11.55 8.95
C PHE V 68 -132.24 12.50 7.96
N GLY V 69 -131.93 12.28 6.69
CA GLY V 69 -132.54 13.08 5.64
C GLY V 69 -133.90 12.52 5.23
N GLU V 70 -134.76 13.43 4.73
CA GLU V 70 -136.05 13.04 4.19
C GLU V 70 -135.89 12.67 2.72
N PRO V 71 -136.34 11.48 2.32
CA PRO V 71 -136.09 11.01 0.95
C PRO V 71 -136.86 11.82 -0.08
N ALA V 72 -136.49 11.60 -1.34
CA ALA V 72 -137.30 12.08 -2.45
C ALA V 72 -138.54 11.22 -2.60
N SER V 73 -138.36 9.91 -2.62
CA SER V 73 -139.45 8.97 -2.78
C SER V 73 -139.21 7.77 -1.88
N ASN V 74 -140.31 7.15 -1.42
CA ASN V 74 -140.21 5.89 -0.71
C ASN V 74 -139.77 4.76 -1.64
N VAL V 75 -139.95 4.93 -2.95
CA VAL V 75 -139.57 3.96 -3.95
C VAL V 75 -138.50 4.60 -4.83
N LEU V 76 -137.35 3.92 -4.96
CA LEU V 76 -136.14 4.46 -5.58
C LEU V 76 -136.09 4.12 -7.06
N PRO V 77 -135.77 5.09 -7.90
CA PRO V 77 -135.69 4.85 -9.33
C PRO V 77 -134.34 4.29 -9.71
N PRO V 78 -134.24 3.62 -10.86
CA PRO V 78 -132.94 3.12 -11.31
C PRO V 78 -131.97 4.25 -11.60
N GLN V 79 -130.69 3.97 -11.37
CA GLN V 79 -129.62 4.92 -11.62
C GLN V 79 -128.78 4.59 -12.84
N ASN V 80 -128.47 3.31 -13.07
CA ASN V 80 -127.68 2.91 -14.23
C ASN V 80 -128.27 1.68 -14.92
N ILE V 81 -129.57 1.48 -14.80
CA ILE V 81 -130.26 0.34 -15.38
C ILE V 81 -131.16 0.84 -16.49
N VAL V 82 -131.13 0.14 -17.63
CA VAL V 82 -131.96 0.53 -18.76
C VAL V 82 -132.73 -0.70 -19.21
N PRO V 83 -134.01 -0.57 -19.51
CA PRO V 83 -134.80 -1.74 -19.92
C PRO V 83 -134.20 -2.36 -21.16
N GLY V 84 -134.13 -3.69 -21.14
CA GLY V 84 -133.62 -4.42 -22.28
C GLY V 84 -132.13 -4.49 -22.39
N VAL V 85 -131.38 -3.91 -21.45
CA VAL V 85 -129.93 -3.98 -21.46
C VAL V 85 -129.51 -4.85 -20.28
N PRO V 86 -128.81 -5.96 -20.51
CA PRO V 86 -128.44 -6.85 -19.39
C PRO V 86 -127.21 -6.32 -18.65
N THR V 87 -127.32 -6.30 -17.32
CA THR V 87 -126.25 -5.84 -16.45
C THR V 87 -126.05 -6.85 -15.34
N LYS V 88 -124.83 -6.90 -14.81
CA LYS V 88 -124.54 -7.68 -13.62
C LYS V 88 -124.47 -6.80 -12.38
N HIS V 89 -124.63 -5.49 -12.55
CA HIS V 89 -124.60 -4.54 -11.44
C HIS V 89 -125.61 -3.43 -11.73
N GLY V 90 -126.51 -3.19 -10.78
CA GLY V 90 -127.53 -2.18 -10.91
C GLY V 90 -127.75 -1.38 -9.65
N GLU V 91 -127.98 -0.06 -9.80
CA GLU V 91 -128.10 0.83 -8.66
C GLU V 91 -129.40 1.60 -8.73
N TYR V 92 -130.04 1.77 -7.58
CA TYR V 92 -131.16 2.68 -7.41
C TYR V 92 -130.77 3.73 -6.37
N VAL V 93 -131.31 4.94 -6.53
CA VAL V 93 -130.87 6.05 -5.69
C VAL V 93 -131.98 7.09 -5.57
N THR V 94 -132.11 7.69 -4.38
CA THR V 94 -132.78 9.00 -4.29
C THR V 94 -131.89 9.95 -3.51
N THR V 95 -132.34 11.19 -3.33
CA THR V 95 -131.55 12.19 -2.62
C THR V 95 -132.31 12.67 -1.39
N ASN V 96 -131.78 12.34 -0.21
CA ASN V 96 -132.31 12.86 1.05
C ASN V 96 -132.03 14.35 1.14
N THR V 97 -132.99 15.11 1.65
CA THR V 97 -132.86 16.53 1.94
C THR V 97 -133.36 16.83 3.35
N GLY V 98 -133.09 18.03 3.83
CA GLY V 98 -133.48 18.39 5.18
C GLY V 98 -133.14 19.83 5.48
N ASP V 99 -133.66 20.29 6.62
CA ASP V 99 -133.44 21.67 7.05
C ASP V 99 -131.99 21.86 7.48
N ARG V 100 -131.30 22.77 6.79
CA ARG V 100 -129.88 23.05 7.05
C ARG V 100 -129.03 21.80 6.90
N LEU V 101 -129.41 20.93 5.96
CA LEU V 101 -128.66 19.72 5.64
C LEU V 101 -128.31 19.75 4.16
N MET V 102 -127.04 19.57 3.85
CA MET V 102 -126.65 19.41 2.45
C MET V 102 -127.17 18.08 1.92
N ALA V 103 -127.92 18.14 0.83
CA ALA V 103 -128.62 16.96 0.32
C ALA V 103 -127.62 15.86 -0.02
N SER V 104 -128.02 14.62 0.27
CA SER V 104 -127.12 13.48 0.21
C SER V 104 -127.89 12.25 -0.26
N SER V 105 -127.27 11.45 -1.12
CA SER V 105 -127.96 10.35 -1.77
C SER V 105 -128.03 9.12 -0.86
N THR V 106 -129.14 8.39 -0.98
CA THR V 106 -129.29 7.07 -0.38
C THR V 106 -129.37 6.04 -1.51
N THR V 107 -128.62 4.93 -1.35
CA THR V 107 -128.30 4.03 -2.46
C THR V 107 -128.67 2.58 -2.15
N VAL V 108 -129.15 1.88 -3.18
CA VAL V 108 -129.51 0.47 -3.09
C VAL V 108 -128.84 -0.23 -4.27
N THR V 109 -127.89 -1.10 -3.98
CA THR V 109 -127.05 -1.74 -4.97
C THR V 109 -127.40 -3.23 -5.10
N ARG V 110 -127.46 -3.73 -6.32
CA ARG V 110 -127.76 -5.13 -6.59
C ARG V 110 -126.71 -5.70 -7.54
N ASP V 111 -126.01 -6.74 -7.11
CA ASP V 111 -124.98 -7.41 -7.88
C ASP V 111 -125.44 -8.84 -8.15
N VAL V 112 -125.50 -9.23 -9.42
CA VAL V 112 -125.94 -10.56 -9.82
C VAL V 112 -124.83 -11.19 -10.65
N SER V 113 -124.06 -12.10 -10.05
CA SER V 113 -122.96 -12.76 -10.75
C SER V 113 -122.84 -14.21 -10.33
N ASN V 114 -122.78 -15.09 -11.33
CA ASN V 114 -122.44 -16.50 -11.12
C ASN V 114 -123.33 -17.18 -10.09
N GLY V 115 -124.63 -16.93 -10.17
CA GLY V 115 -125.58 -17.51 -9.25
C GLY V 115 -125.68 -16.85 -7.90
N ARG V 116 -124.92 -15.79 -7.66
CA ARG V 116 -124.90 -15.11 -6.38
C ARG V 116 -125.57 -13.75 -6.58
N THR V 117 -126.68 -13.56 -5.87
CA THR V 117 -127.40 -12.29 -5.88
C THR V 117 -127.12 -11.59 -4.56
N LYS V 118 -126.74 -10.30 -4.61
CA LYS V 118 -126.45 -9.55 -3.40
C LYS V 118 -127.03 -8.14 -3.47
N VAL V 119 -127.85 -7.79 -2.49
CA VAL V 119 -128.49 -6.48 -2.37
C VAL V 119 -127.95 -5.79 -1.13
N SER V 120 -127.49 -4.54 -1.29
CA SER V 120 -126.96 -3.75 -0.19
C SER V 120 -127.67 -2.39 -0.15
N ILE V 121 -127.93 -1.91 1.06
CA ILE V 121 -128.62 -0.64 1.28
C ILE V 121 -127.73 0.24 2.15
N ASP V 122 -127.47 1.47 1.69
CA ASP V 122 -126.62 2.43 2.39
C ASP V 122 -127.38 3.75 2.53
N ILE V 123 -127.66 4.15 3.77
CA ILE V 123 -128.33 5.41 4.07
C ILE V 123 -127.42 6.26 4.94
N PRO V 124 -127.21 7.52 4.60
CA PRO V 124 -126.36 8.39 5.42
C PRO V 124 -127.13 9.04 6.56
N TYR V 125 -126.37 9.62 7.49
CA TYR V 125 -126.93 10.41 8.58
C TYR V 125 -126.04 11.61 8.85
N TYR V 126 -126.52 12.50 9.73
CA TYR V 126 -125.85 13.76 10.03
C TYR V 126 -125.78 13.97 11.54
N ASP V 127 -124.93 14.93 11.91
CA ASP V 127 -124.61 15.25 13.30
C ASP V 127 -125.67 16.18 13.89
N ARG V 128 -126.59 15.62 14.68
CA ARG V 128 -127.65 16.45 15.22
C ARG V 128 -127.12 17.51 16.18
N ASN V 129 -126.01 17.24 16.88
CA ASN V 129 -125.41 18.26 17.72
C ASN V 129 -125.05 19.49 16.88
N ALA V 130 -124.42 19.27 15.72
CA ALA V 130 -124.08 20.38 14.84
C ALA V 130 -125.33 21.04 14.26
N VAL V 131 -126.32 20.24 13.83
CA VAL V 131 -127.50 20.82 13.19
C VAL V 131 -128.29 21.69 14.17
N GLU V 132 -128.48 21.21 15.40
CA GLU V 132 -129.21 21.99 16.39
C GLU V 132 -128.39 23.17 16.90
N THR V 133 -127.04 23.07 16.88
CA THR V 133 -126.25 24.27 17.13
C THR V 133 -126.52 25.34 16.07
N LEU V 134 -126.56 24.92 14.80
CA LEU V 134 -126.90 25.84 13.71
C LEU V 134 -128.25 26.51 13.92
N LYS V 135 -129.28 25.71 14.23
CA LYS V 135 -130.61 26.28 14.41
C LYS V 135 -130.64 27.20 15.63
N ALA V 136 -130.06 26.76 16.75
CA ALA V 136 -130.24 27.45 18.02
C ALA V 136 -129.52 28.79 18.06
N SER V 137 -128.28 28.86 17.58
CA SER V 137 -127.57 30.14 17.59
C SER V 137 -127.70 30.89 16.28
N ALA V 138 -128.62 30.46 15.40
CA ALA V 138 -128.97 31.19 14.17
C ALA V 138 -127.77 31.42 13.27
N ILE V 139 -126.97 30.36 13.06
CA ILE V 139 -125.83 30.38 12.15
C ILE V 139 -126.36 30.06 10.76
N PRO V 140 -125.76 30.58 9.68
CA PRO V 140 -126.32 30.36 8.33
C PRO V 140 -125.81 29.14 7.58
N GLY V 141 -124.84 28.37 8.11
CA GLY V 141 -124.28 27.26 7.37
C GLY V 141 -125.17 26.01 7.38
N ALA V 142 -124.66 24.96 6.71
CA ALA V 142 -125.29 23.65 6.65
C ALA V 142 -124.27 22.57 7.02
N VAL V 143 -124.78 21.36 7.26
CA VAL V 143 -123.96 20.22 7.67
C VAL V 143 -123.97 19.18 6.55
N ALA V 144 -122.81 18.59 6.30
CA ALA V 144 -122.60 17.47 5.40
C ALA V 144 -122.77 16.16 6.16
N PRO V 145 -123.05 15.05 5.47
CA PRO V 145 -123.23 13.77 6.16
C PRO V 145 -122.02 13.41 7.00
N VAL V 146 -122.28 12.70 8.08
CA VAL V 146 -121.25 12.37 9.06
C VAL V 146 -120.90 10.89 9.03
N GLY V 147 -121.84 10.02 8.68
CA GLY V 147 -121.58 8.61 8.51
C GLY V 147 -122.74 7.94 7.82
N SER V 148 -122.76 6.62 7.86
CA SER V 148 -123.84 5.88 7.23
C SER V 148 -124.15 4.61 8.01
N PHE V 149 -125.25 3.97 7.60
CA PHE V 149 -125.58 2.61 8.02
C PHE V 149 -125.84 1.77 6.78
N LYS V 150 -125.41 0.51 6.84
CA LYS V 150 -125.46 -0.40 5.72
C LYS V 150 -126.00 -1.77 6.13
N VAL V 151 -126.80 -2.34 5.23
CA VAL V 151 -127.40 -3.66 5.42
C VAL V 151 -127.21 -4.45 4.13
N ASN V 152 -126.63 -5.65 4.25
CA ASN V 152 -126.34 -6.51 3.11
C ASN V 152 -127.15 -7.80 3.19
N VAL V 153 -127.56 -8.30 2.05
CA VAL V 153 -128.33 -9.53 1.94
C VAL V 153 -127.82 -10.27 0.72
N GLU V 154 -127.62 -11.59 0.87
CA GLU V 154 -126.88 -12.37 -0.11
C GLU V 154 -127.54 -13.74 -0.28
N VAL V 155 -127.77 -14.14 -1.51
CA VAL V 155 -128.41 -15.41 -1.84
C VAL V 155 -127.46 -16.17 -2.74
N LEU V 156 -126.92 -17.28 -2.24
CA LEU V 156 -125.99 -18.11 -2.99
C LEU V 156 -126.79 -19.23 -3.62
N GLY V 157 -127.23 -19.02 -4.86
CA GLY V 157 -128.12 -19.95 -5.52
C GLY V 157 -127.46 -20.65 -6.67
N GLY V 158 -126.14 -20.72 -6.64
CA GLY V 158 -125.42 -21.39 -7.70
C GLY V 158 -125.49 -22.90 -7.59
N GLY V 159 -125.12 -23.55 -8.69
CA GLY V 159 -124.94 -24.99 -8.68
C GLY V 159 -126.22 -25.77 -8.51
N VAL V 160 -127.17 -25.52 -9.40
CA VAL V 160 -128.33 -26.39 -9.47
C VAL V 160 -127.95 -27.67 -10.22
N LEU V 161 -128.65 -28.75 -9.92
CA LEU V 161 -128.35 -30.05 -10.52
C LEU V 161 -128.82 -30.09 -11.97
N THR V 162 -128.37 -31.12 -12.70
CA THR V 162 -128.54 -31.14 -14.16
C THR V 162 -129.98 -31.43 -14.56
N GLY V 163 -130.66 -32.28 -13.81
CA GLY V 163 -132.03 -32.60 -14.09
C GLY V 163 -133.04 -31.62 -13.53
N THR V 164 -132.59 -30.47 -13.05
CA THR V 164 -133.50 -29.46 -12.52
C THR V 164 -134.33 -28.89 -13.66
N ASP V 165 -135.63 -29.17 -13.63
CA ASP V 165 -136.53 -28.72 -14.68
C ASP V 165 -136.63 -27.20 -14.70
N ALA V 166 -136.85 -26.65 -15.89
CA ALA V 166 -137.08 -25.21 -16.00
C ALA V 166 -138.19 -24.76 -15.06
N ASN V 167 -139.26 -25.55 -14.93
CA ASN V 167 -140.36 -25.23 -14.03
C ASN V 167 -139.92 -25.32 -12.57
N ALA V 168 -139.10 -26.31 -12.23
CA ALA V 168 -138.71 -26.49 -10.84
C ALA V 168 -137.73 -25.42 -10.36
N GLN V 169 -137.08 -24.71 -11.29
CA GLN V 169 -136.21 -23.61 -10.87
C GLN V 169 -137.02 -22.48 -10.24
N PHE V 170 -138.29 -22.34 -10.63
CA PHE V 170 -139.16 -21.37 -9.97
C PHE V 170 -139.44 -21.79 -8.54
N ALA V 171 -139.70 -23.08 -8.33
CA ALA V 171 -139.90 -23.56 -6.98
C ALA V 171 -138.66 -23.31 -6.12
N LEU V 172 -137.48 -23.52 -6.70
CA LEU V 172 -136.25 -23.23 -5.97
C LEU V 172 -136.13 -21.74 -5.69
N ASP V 173 -136.57 -20.90 -6.64
CA ASP V 173 -136.59 -19.46 -6.41
C ASP V 173 -137.35 -19.13 -5.14
N GLU V 174 -138.57 -19.65 -5.04
CA GLU V 174 -139.41 -19.35 -3.89
C GLU V 174 -138.82 -19.94 -2.61
N LEU V 175 -138.19 -21.12 -2.69
CA LEU V 175 -137.53 -21.67 -1.51
C LEU V 175 -136.46 -20.73 -0.98
N LEU V 176 -135.62 -20.21 -1.87
CA LEU V 176 -134.58 -19.28 -1.44
C LEU V 176 -135.18 -18.00 -0.86
N SER V 177 -136.26 -17.50 -1.46
CA SER V 177 -136.84 -16.26 -0.93
C SER V 177 -137.42 -16.49 0.47
N ASN V 178 -137.97 -17.67 0.74
CA ASN V 178 -138.46 -17.97 2.08
C ASN V 178 -137.31 -18.10 3.09
N MET V 179 -136.18 -18.67 2.66
CA MET V 179 -135.01 -18.66 3.52
C MET V 179 -134.57 -17.23 3.82
N LEU V 180 -134.68 -16.35 2.83
CA LEU V 180 -134.38 -14.93 3.04
C LEU V 180 -135.22 -14.34 4.16
N MET V 181 -136.54 -14.54 4.07
CA MET V 181 -137.44 -14.01 5.10
C MET V 181 -137.08 -14.57 6.47
N ASP V 182 -136.85 -15.88 6.56
CA ASP V 182 -136.47 -16.47 7.84
C ASP V 182 -135.17 -15.88 8.37
N ALA V 183 -134.23 -15.59 7.47
CA ALA V 183 -132.95 -15.06 7.90
C ALA V 183 -133.09 -13.66 8.48
N ALA V 184 -133.86 -12.79 7.82
CA ALA V 184 -134.06 -11.45 8.37
C ALA V 184 -134.82 -11.50 9.70
N ARG V 185 -135.80 -12.40 9.82
CA ARG V 185 -136.51 -12.52 11.08
C ARG V 185 -135.57 -12.97 12.19
N ILE V 186 -134.69 -13.92 11.91
CA ILE V 186 -133.73 -14.38 12.91
C ILE V 186 -132.73 -13.27 13.23
N ALA V 187 -132.44 -12.41 12.25
CA ALA V 187 -131.49 -11.33 12.46
C ALA V 187 -132.03 -10.29 13.43
N GLN V 188 -133.31 -9.91 13.28
CA GLN V 188 -133.88 -8.88 14.14
C GLN V 188 -134.71 -9.43 15.29
N ASP V 189 -134.78 -10.74 15.43
CA ASP V 189 -135.60 -11.36 16.45
C ASP V 189 -135.14 -10.90 17.83
N GLY V 190 -136.11 -10.63 18.69
CA GLY V 190 -135.80 -10.26 20.05
C GLY V 190 -136.71 -9.17 20.57
N PRO V 191 -136.79 -9.04 21.89
CA PRO V 191 -137.58 -7.96 22.48
C PRO V 191 -136.96 -6.63 22.14
N LYS V 192 -137.81 -5.62 21.99
CA LYS V 192 -137.38 -4.25 21.77
C LYS V 192 -137.07 -3.54 23.07
N ASN V 193 -137.25 -4.23 24.21
CA ASN V 193 -136.83 -3.68 25.51
C ASN V 193 -135.32 -3.75 25.66
N THR V 194 -134.64 -4.61 24.91
CA THR V 194 -133.24 -4.91 25.12
C THR V 194 -132.43 -4.69 23.85
N ALA V 195 -131.15 -4.39 24.04
CA ALA V 195 -130.25 -4.11 22.93
C ALA V 195 -130.10 -5.31 22.01
N ARG V 196 -130.16 -5.09 20.69
CA ARG V 196 -129.94 -6.24 19.81
C ARG V 196 -129.12 -6.02 18.54
N LEU V 197 -128.94 -4.79 18.03
CA LEU V 197 -128.21 -4.68 16.76
C LEU V 197 -126.97 -3.76 16.75
N VAL V 198 -127.13 -2.49 17.12
CA VAL V 198 -126.07 -1.51 16.86
C VAL V 198 -125.02 -1.59 17.95
N ALA V 199 -123.80 -1.15 17.60
CA ALA V 199 -122.68 -1.11 18.52
C ALA V 199 -122.41 -2.48 19.15
N ALA V 200 -122.80 -3.53 18.45
CA ALA V 200 -122.75 -4.88 18.99
C ALA V 200 -121.32 -5.27 19.35
N SER V 201 -121.16 -5.87 20.53
CA SER V 201 -119.88 -6.38 21.01
C SER V 201 -119.85 -7.90 21.01
N HIS V 202 -120.89 -8.53 21.57
CA HIS V 202 -121.05 -9.98 21.57
C HIS V 202 -122.51 -10.28 21.83
N GLY V 203 -122.87 -11.56 21.76
CA GLY V 203 -124.23 -11.99 22.03
C GLY V 203 -124.32 -12.64 23.41
N VAL V 204 -125.44 -12.39 24.09
CA VAL V 204 -125.68 -13.04 25.37
C VAL V 204 -127.12 -13.50 25.43
N MET V 205 -127.35 -14.80 25.27
CA MET V 205 -128.73 -15.29 25.33
C MET V 205 -129.16 -15.46 26.80
N PRO V 206 -130.38 -15.07 27.14
CA PRO V 206 -130.77 -15.04 28.56
C PRO V 206 -131.07 -16.43 29.08
N GLN V 207 -130.86 -16.60 30.40
CA GLN V 207 -131.10 -17.90 31.04
C GLN V 207 -132.58 -18.24 31.07
N ALA V 208 -133.42 -17.27 31.38
CA ALA V 208 -134.85 -17.44 31.41
C ALA V 208 -135.51 -16.07 31.32
N PRO W 20 -97.51 28.21 0.94
CA PRO W 20 -98.43 27.47 0.07
C PRO W 20 -99.90 27.65 0.45
N VAL W 21 -100.67 28.27 -0.44
CA VAL W 21 -102.08 28.53 -0.23
C VAL W 21 -102.88 27.40 -0.87
N GLN W 22 -103.73 26.74 -0.10
CA GLN W 22 -104.51 25.61 -0.56
C GLN W 22 -106.00 25.92 -0.56
N SER W 23 -106.74 25.30 -1.48
CA SER W 23 -108.17 25.53 -1.61
C SER W 23 -108.95 24.40 -0.94
N SER W 24 -110.14 24.73 -0.46
CA SER W 24 -110.96 23.75 0.25
C SER W 24 -112.44 24.05 0.10
N ARG W 25 -113.25 23.04 0.44
CA ARG W 25 -114.70 23.07 0.39
C ARG W 25 -115.22 22.83 1.80
N THR W 26 -115.85 23.85 2.37
CA THR W 26 -116.16 23.85 3.80
C THR W 26 -117.66 23.63 4.03
N THR W 27 -117.97 22.85 5.06
CA THR W 27 -119.29 22.86 5.68
C THR W 27 -119.10 23.04 7.18
N PHE W 28 -120.15 23.50 7.85
CA PHE W 28 -120.07 23.66 9.29
C PHE W 28 -120.05 22.30 9.98
N GLY W 29 -119.32 22.24 11.08
CA GLY W 29 -119.26 21.04 11.88
C GLY W 29 -117.87 20.70 12.36
N VAL W 30 -117.78 19.54 13.02
CA VAL W 30 -116.52 18.95 13.42
C VAL W 30 -116.63 17.46 13.16
N ASN W 31 -115.52 16.84 12.79
CA ASN W 31 -115.46 15.40 12.68
C ASN W 31 -115.96 14.77 13.97
N PRO W 32 -116.88 13.82 13.92
CA PRO W 32 -117.63 13.44 15.11
C PRO W 32 -116.79 12.59 16.04
N ASP W 33 -117.28 12.47 17.26
CA ASP W 33 -116.71 11.54 18.23
C ASP W 33 -117.55 10.27 18.20
N ARG W 34 -116.95 9.17 17.78
CA ARG W 34 -117.65 7.90 17.67
C ARG W 34 -117.58 7.14 18.99
N GLN W 35 -118.63 6.37 19.27
CA GLN W 35 -118.69 5.55 20.46
C GLN W 35 -118.14 4.17 20.16
N ALA W 36 -117.46 3.59 21.13
CA ALA W 36 -116.91 2.26 20.97
C ALA W 36 -118.01 1.21 20.88
N ASN W 37 -117.72 0.12 20.18
CA ASN W 37 -118.69 -0.95 19.98
C ASN W 37 -118.68 -1.93 21.16
N ALA W 38 -119.03 -1.41 22.33
CA ALA W 38 -118.97 -2.16 23.59
C ALA W 38 -120.36 -2.52 24.11
N ARG W 39 -121.32 -2.67 23.23
CA ARG W 39 -122.70 -2.87 23.63
C ARG W 39 -123.09 -4.33 23.42
N PRO W 40 -123.18 -5.14 24.46
CA PRO W 40 -123.64 -6.53 24.28
C PRO W 40 -125.10 -6.58 23.90
N VAL W 41 -125.43 -7.54 23.04
CA VAL W 41 -126.74 -7.62 22.41
C VAL W 41 -127.42 -8.93 22.76
N TYR W 42 -128.72 -8.96 22.48
CA TYR W 42 -129.55 -10.12 22.72
C TYR W 42 -129.24 -11.21 21.71
N LEU W 43 -129.34 -12.45 22.18
CA LEU W 43 -129.07 -13.62 21.38
C LEU W 43 -130.26 -14.56 21.53
N ALA W 44 -130.90 -14.90 20.42
CA ALA W 44 -132.12 -15.69 20.49
C ALA W 44 -131.84 -17.06 21.11
N PRO W 45 -132.70 -17.54 22.02
CA PRO W 45 -132.52 -18.89 22.59
C PRO W 45 -132.89 -20.00 21.64
N ALA W 46 -133.37 -19.67 20.44
CA ALA W 46 -133.65 -20.62 19.36
C ALA W 46 -133.90 -19.82 18.08
N ALA W 47 -133.72 -20.49 16.94
CA ALA W 47 -133.85 -19.82 15.65
C ALA W 47 -135.11 -20.33 14.95
N PRO W 48 -136.12 -19.48 14.67
CA PRO W 48 -137.30 -20.00 13.96
C PRO W 48 -137.09 -20.01 12.47
N MET W 49 -137.39 -21.13 11.83
CA MET W 49 -137.31 -21.29 10.37
C MET W 49 -138.67 -21.68 9.81
N GLU W 50 -139.74 -21.05 10.29
CA GLU W 50 -141.09 -21.51 9.95
C GLU W 50 -141.40 -21.26 8.47
N ASN W 51 -141.02 -20.10 7.92
CA ASN W 51 -141.38 -19.76 6.54
C ASN W 51 -140.84 -20.80 5.55
N THR W 52 -139.53 -21.05 5.62
CA THR W 52 -138.89 -21.95 4.66
C THR W 52 -139.39 -23.38 4.80
N TYR W 53 -139.62 -23.85 6.03
CA TYR W 53 -140.01 -25.24 6.22
C TYR W 53 -141.49 -25.48 5.88
N THR W 54 -142.36 -24.48 6.12
CA THR W 54 -143.71 -24.60 5.58
C THR W 54 -143.69 -24.64 4.05
N TYR W 55 -142.84 -23.82 3.41
CA TYR W 55 -142.79 -23.92 1.96
C TYR W 55 -142.25 -25.27 1.50
N LEU W 56 -141.26 -25.82 2.22
CA LEU W 56 -140.75 -27.14 1.87
C LEU W 56 -141.83 -28.20 2.00
N GLY W 57 -142.66 -28.09 3.03
CA GLY W 57 -143.84 -28.95 3.09
C GLY W 57 -144.76 -28.74 1.91
N SER W 58 -144.86 -27.50 1.44
CA SER W 58 -145.70 -27.20 0.27
C SER W 58 -145.25 -27.97 -0.96
N ILE W 59 -143.95 -27.89 -1.30
CA ILE W 59 -143.49 -28.53 -2.53
C ILE W 59 -143.20 -30.01 -2.30
N GLN W 60 -143.53 -30.52 -1.11
CA GLN W 60 -143.31 -31.91 -0.74
C GLN W 60 -141.82 -32.27 -0.79
N PHE W 61 -140.97 -31.32 -0.40
CA PHE W 61 -139.53 -31.53 -0.19
C PHE W 61 -138.82 -31.99 -1.46
N ALA W 62 -139.26 -31.51 -2.61
CA ALA W 62 -138.64 -31.94 -3.86
C ALA W 62 -138.79 -30.86 -4.91
N ALA W 63 -137.74 -30.69 -5.71
CA ALA W 63 -137.76 -29.74 -6.82
C ALA W 63 -136.62 -30.09 -7.76
N GLY W 64 -136.92 -30.26 -9.04
CA GLY W 64 -135.89 -30.71 -9.96
C GLY W 64 -135.48 -32.10 -9.54
N ARG W 65 -134.17 -32.36 -9.50
CA ARG W 65 -133.69 -33.56 -8.83
C ARG W 65 -132.99 -33.22 -7.51
N HIS W 66 -133.30 -32.06 -6.94
CA HIS W 66 -133.01 -31.79 -5.54
C HIS W 66 -134.12 -32.39 -4.68
N ILE W 67 -133.74 -33.23 -3.73
CA ILE W 67 -134.69 -33.67 -2.70
C ILE W 67 -134.13 -33.25 -1.34
N PHE W 68 -135.00 -32.77 -0.47
CA PHE W 68 -134.60 -32.25 0.82
C PHE W 68 -135.07 -33.17 1.94
N GLY W 69 -134.53 -32.94 3.13
CA GLY W 69 -134.88 -33.74 4.28
C GLY W 69 -135.91 -33.05 5.16
N GLU W 70 -136.71 -33.87 5.85
CA GLU W 70 -137.66 -33.33 6.82
C GLU W 70 -136.92 -32.98 8.11
N PRO W 71 -137.14 -31.80 8.67
CA PRO W 71 -136.44 -31.41 9.89
C PRO W 71 -137.00 -32.11 11.11
N ALA W 72 -136.29 -31.96 12.22
CA ALA W 72 -136.85 -32.41 13.49
C ALA W 72 -137.81 -31.37 14.04
N SER W 73 -137.41 -30.10 14.02
CA SER W 73 -138.21 -29.01 14.54
C SER W 73 -138.19 -27.85 13.55
N ASN W 74 -139.33 -27.15 13.45
CA ASN W 74 -139.36 -25.91 12.70
C ASN W 74 -138.54 -24.84 13.40
N VAL W 75 -138.35 -24.96 14.70
CA VAL W 75 -137.52 -24.05 15.47
C VAL W 75 -136.29 -24.82 15.93
N LEU W 76 -135.11 -24.29 15.53
CA LEU W 76 -133.78 -24.87 15.71
C LEU W 76 -133.22 -24.52 17.09
N PRO W 77 -132.88 -25.51 17.89
CA PRO W 77 -132.28 -25.25 19.20
C PRO W 77 -130.82 -24.85 19.07
N PRO W 78 -130.24 -24.22 20.10
CA PRO W 78 -128.81 -23.89 20.04
C PRO W 78 -127.93 -25.09 20.31
N GLN W 79 -126.81 -25.15 19.59
CA GLN W 79 -125.86 -26.26 19.72
C GLN W 79 -124.66 -25.91 20.59
N ASN W 80 -124.14 -24.70 20.48
CA ASN W 80 -122.92 -24.31 21.19
C ASN W 80 -123.08 -22.98 21.94
N ILE W 81 -124.27 -22.67 22.41
CA ILE W 81 -124.52 -21.39 23.06
C ILE W 81 -124.99 -21.70 24.48
N VAL W 82 -124.10 -21.51 25.44
CA VAL W 82 -124.49 -21.61 26.85
C VAL W 82 -125.19 -20.32 27.26
N PRO W 83 -126.25 -20.37 28.05
CA PRO W 83 -126.91 -19.13 28.44
C PRO W 83 -126.08 -18.35 29.43
N GLY W 84 -126.12 -17.03 29.29
CA GLY W 84 -125.34 -16.19 30.17
C GLY W 84 -123.87 -16.17 29.87
N VAL W 85 -123.44 -16.81 28.80
CA VAL W 85 -122.04 -16.86 28.41
C VAL W 85 -121.88 -16.00 27.16
N PRO W 86 -121.09 -14.94 27.19
CA PRO W 86 -120.87 -14.15 25.98
C PRO W 86 -120.21 -14.99 24.91
N THR W 87 -120.79 -14.95 23.71
CA THR W 87 -120.28 -15.72 22.57
C THR W 87 -120.33 -14.79 21.36
N LYS W 88 -119.22 -14.72 20.63
CA LYS W 88 -119.17 -13.94 19.39
C LYS W 88 -119.53 -14.78 18.18
N HIS W 89 -119.78 -16.07 18.38
CA HIS W 89 -120.17 -16.97 17.30
C HIS W 89 -121.00 -18.11 17.89
N GLY W 90 -122.13 -18.39 17.25
CA GLY W 90 -123.04 -19.39 17.76
C GLY W 90 -123.82 -20.05 16.64
N GLU W 91 -124.28 -21.27 16.91
CA GLU W 91 -124.92 -22.08 15.88
C GLU W 91 -126.16 -22.75 16.43
N TYR W 92 -127.25 -22.66 15.68
CA TYR W 92 -128.43 -23.47 15.92
C TYR W 92 -128.50 -24.53 14.83
N VAL W 93 -128.93 -25.74 15.18
CA VAL W 93 -128.86 -26.83 14.22
C VAL W 93 -129.98 -27.81 14.50
N THR W 94 -130.65 -28.26 13.45
CA THR W 94 -131.57 -29.38 13.63
C THR W 94 -131.31 -30.44 12.57
N THR W 95 -131.64 -31.67 12.91
CA THR W 95 -131.28 -32.79 12.08
C THR W 95 -132.38 -33.03 11.04
N ASN W 96 -131.96 -33.40 9.82
CA ASN W 96 -132.83 -33.70 8.69
C ASN W 96 -132.82 -35.20 8.49
N THR W 97 -134.01 -35.80 8.41
CA THR W 97 -134.13 -37.23 8.15
C THR W 97 -135.03 -37.45 6.95
N GLY W 98 -135.01 -38.64 6.37
CA GLY W 98 -135.82 -38.94 5.21
C GLY W 98 -135.65 -40.39 4.80
N ASP W 99 -136.57 -40.84 3.96
CA ASP W 99 -136.57 -42.21 3.45
C ASP W 99 -135.37 -42.42 2.54
N ARG W 100 -134.48 -43.33 2.92
CA ARG W 100 -133.25 -43.61 2.19
C ARG W 100 -132.40 -42.33 2.07
N LEU W 101 -132.36 -41.57 3.15
CA LEU W 101 -131.49 -40.40 3.29
C LEU W 101 -130.59 -40.59 4.49
N MET W 102 -129.32 -40.21 4.36
CA MET W 102 -128.45 -40.17 5.51
C MET W 102 -128.72 -38.89 6.28
N ALA W 103 -128.99 -39.03 7.59
CA ALA W 103 -129.32 -37.88 8.41
C ALA W 103 -128.28 -36.77 8.21
N SER W 104 -128.76 -35.54 8.00
CA SER W 104 -127.86 -34.41 7.72
C SER W 104 -128.37 -33.15 8.40
N SER W 105 -127.44 -32.34 8.89
CA SER W 105 -127.80 -31.23 9.75
C SER W 105 -128.01 -29.97 8.93
N THR W 106 -129.09 -29.23 9.23
CA THR W 106 -129.32 -27.91 8.69
C THR W 106 -128.96 -26.88 9.76
N THR W 107 -128.24 -25.83 9.34
CA THR W 107 -127.49 -24.98 10.27
C THR W 107 -127.79 -23.50 10.09
N VAL W 108 -127.94 -22.80 11.21
CA VAL W 108 -128.14 -21.36 11.24
C VAL W 108 -127.03 -20.77 12.11
N THR W 109 -126.21 -19.93 11.51
CA THR W 109 -124.99 -19.43 12.13
C THR W 109 -125.10 -17.93 12.36
N ARG W 110 -124.79 -17.48 13.58
CA ARG W 110 -124.83 -16.07 13.93
C ARG W 110 -123.46 -15.64 14.44
N ASP W 111 -122.92 -14.57 13.83
CA ASP W 111 -121.63 -13.99 14.20
C ASP W 111 -121.88 -12.55 14.60
N VAL W 112 -121.66 -12.24 15.87
CA VAL W 112 -121.82 -10.89 16.40
C VAL W 112 -120.44 -10.41 16.85
N SER W 113 -119.86 -9.45 16.12
CA SER W 113 -118.57 -8.92 16.55
C SER W 113 -118.34 -7.54 15.94
N ASN W 114 -117.76 -6.65 16.75
CA ASN W 114 -117.28 -5.34 16.31
C ASN W 114 -118.36 -4.53 15.61
N GLY W 115 -119.58 -4.57 16.16
CA GLY W 115 -120.72 -3.85 15.62
C GLY W 115 -121.36 -4.47 14.39
N ARG W 116 -120.84 -5.58 13.89
CA ARG W 116 -121.38 -6.24 12.72
C ARG W 116 -122.02 -7.54 13.17
N THR W 117 -123.28 -7.73 12.83
CA THR W 117 -123.98 -8.97 13.13
C THR W 117 -124.37 -9.63 11.81
N LYS W 118 -124.13 -10.95 11.70
CA LYS W 118 -124.34 -11.67 10.45
C LYS W 118 -124.96 -13.03 10.72
N VAL W 119 -126.06 -13.32 10.02
CA VAL W 119 -126.80 -14.58 10.14
C VAL W 119 -126.74 -15.30 8.80
N SER W 120 -126.37 -16.58 8.82
CA SER W 120 -126.27 -17.41 7.63
C SER W 120 -127.09 -18.68 7.82
N ILE W 121 -127.75 -19.13 6.76
CA ILE W 121 -128.59 -20.33 6.80
C ILE W 121 -128.13 -21.26 5.69
N ASP W 122 -127.89 -22.52 6.05
CA ASP W 122 -127.39 -23.54 5.13
C ASP W 122 -128.25 -24.79 5.27
N ILE W 123 -128.93 -25.16 4.18
CA ILE W 123 -129.75 -26.37 4.15
C ILE W 123 -129.22 -27.29 3.04
N PRO W 124 -129.02 -28.58 3.31
CA PRO W 124 -128.49 -29.49 2.30
C PRO W 124 -129.59 -30.14 1.46
N TYR W 125 -129.16 -30.66 0.30
CA TYR W 125 -130.03 -31.38 -0.62
C TYR W 125 -129.30 -32.61 -1.17
N TYR W 126 -130.09 -33.61 -1.55
CA TYR W 126 -129.62 -34.90 -2.06
C TYR W 126 -130.05 -35.10 -3.51
N ASP W 127 -129.40 -36.09 -4.14
CA ASP W 127 -129.67 -36.50 -5.52
C ASP W 127 -130.96 -37.32 -5.60
N ARG W 128 -132.02 -36.65 -6.05
CA ARG W 128 -133.34 -37.30 -6.14
C ARG W 128 -133.28 -38.52 -7.05
N ASN W 129 -132.41 -38.51 -8.08
CA ASN W 129 -132.33 -39.65 -8.98
C ASN W 129 -131.81 -40.88 -8.24
N ALA W 130 -130.77 -40.71 -7.44
CA ALA W 130 -130.25 -41.80 -6.63
C ALA W 130 -131.28 -42.27 -5.62
N VAL W 131 -131.93 -41.33 -4.92
CA VAL W 131 -132.87 -41.71 -3.87
C VAL W 131 -134.02 -42.50 -4.46
N GLU W 132 -134.60 -42.01 -5.56
CA GLU W 132 -135.77 -42.66 -6.14
C GLU W 132 -135.40 -43.97 -6.83
N THR W 133 -134.21 -44.07 -7.43
CA THR W 133 -133.76 -45.35 -7.95
C THR W 133 -133.64 -46.39 -6.83
N LEU W 134 -133.11 -45.97 -5.67
CA LEU W 134 -133.05 -46.87 -4.52
C LEU W 134 -134.44 -47.27 -4.04
N LYS W 135 -135.34 -46.29 -3.92
CA LYS W 135 -136.71 -46.57 -3.45
C LYS W 135 -137.43 -47.52 -4.40
N ALA W 136 -137.45 -47.19 -5.70
CA ALA W 136 -138.14 -48.04 -6.67
C ALA W 136 -137.51 -49.42 -6.73
N SER W 137 -136.19 -49.50 -6.63
CA SER W 137 -135.56 -50.81 -6.67
C SER W 137 -135.56 -51.51 -5.31
N ALA W 138 -136.12 -50.90 -4.26
CA ALA W 138 -136.14 -51.50 -2.93
C ALA W 138 -134.72 -51.88 -2.49
N ILE W 139 -133.80 -50.92 -2.62
CA ILE W 139 -132.41 -51.11 -2.20
C ILE W 139 -132.25 -50.41 -0.85
N PRO W 140 -131.57 -51.00 0.14
CA PRO W 140 -131.47 -50.37 1.46
C PRO W 140 -130.36 -49.36 1.63
N GLY W 141 -129.81 -48.81 0.56
CA GLY W 141 -128.78 -47.79 0.72
C GLY W 141 -129.34 -46.46 1.18
N ALA W 142 -128.53 -45.73 1.94
CA ALA W 142 -128.86 -44.38 2.40
C ALA W 142 -127.92 -43.38 1.72
N VAL W 143 -128.45 -42.25 1.29
CA VAL W 143 -127.70 -41.30 0.47
C VAL W 143 -127.26 -40.13 1.32
N ALA W 144 -126.00 -39.74 1.15
CA ALA W 144 -125.44 -38.52 1.75
C ALA W 144 -125.78 -37.32 0.87
N PRO W 145 -125.76 -36.12 1.45
CA PRO W 145 -126.16 -34.93 0.68
C PRO W 145 -125.18 -34.63 -0.44
N VAL W 146 -125.73 -34.21 -1.57
CA VAL W 146 -124.90 -33.84 -2.71
C VAL W 146 -124.51 -32.37 -2.68
N GLY W 147 -125.33 -31.50 -2.08
CA GLY W 147 -124.95 -30.10 -2.02
C GLY W 147 -125.76 -29.35 -0.99
N SER W 148 -125.72 -28.02 -1.09
CA SER W 148 -126.47 -27.19 -0.15
C SER W 148 -126.82 -25.86 -0.79
N PHE W 149 -127.78 -25.16 -0.17
CA PHE W 149 -128.14 -23.79 -0.49
C PHE W 149 -127.97 -22.91 0.75
N LYS W 150 -127.46 -21.70 0.52
CA LYS W 150 -127.07 -20.78 1.59
C LYS W 150 -127.60 -19.38 1.34
N VAL W 151 -128.00 -18.73 2.44
CA VAL W 151 -128.49 -17.36 2.43
C VAL W 151 -127.84 -16.60 3.58
N ASN W 152 -127.20 -15.48 3.27
CA ASN W 152 -126.48 -14.64 4.23
C ASN W 152 -127.18 -13.30 4.40
N VAL W 153 -127.12 -12.78 5.62
CA VAL W 153 -127.74 -11.51 5.98
C VAL W 153 -126.80 -10.81 6.96
N GLU W 154 -126.58 -9.51 6.77
CA GLU W 154 -125.49 -8.83 7.45
C GLU W 154 -125.91 -7.39 7.77
N VAL W 155 -125.58 -6.95 8.98
CA VAL W 155 -125.98 -5.64 9.48
C VAL W 155 -124.74 -4.96 10.05
N LEU W 156 -124.33 -3.86 9.42
CA LEU W 156 -123.14 -3.10 9.84
C LEU W 156 -123.61 -1.96 10.74
N GLY W 157 -123.70 -2.23 12.03
CA GLY W 157 -124.23 -1.31 13.02
C GLY W 157 -123.21 -0.57 13.84
N GLY W 158 -121.97 -0.51 13.40
CA GLY W 158 -120.95 0.18 14.14
C GLY W 158 -120.93 1.66 13.86
N GLY W 159 -120.26 2.39 14.75
CA GLY W 159 -120.01 3.80 14.54
C GLY W 159 -121.02 4.72 15.16
N VAL W 160 -121.78 4.25 16.15
CA VAL W 160 -122.78 5.09 16.79
C VAL W 160 -122.11 6.30 17.41
N LEU W 161 -122.71 7.46 17.20
CA LEU W 161 -122.17 8.72 17.69
C LEU W 161 -122.26 8.82 19.20
N THR W 162 -121.37 9.63 19.79
CA THR W 162 -121.20 9.62 21.24
C THR W 162 -122.44 10.15 21.97
N GLY W 163 -123.08 11.17 21.42
CA GLY W 163 -124.26 11.72 22.08
C GLY W 163 -125.39 10.71 22.25
N THR W 164 -125.48 9.71 21.36
CA THR W 164 -126.60 8.78 21.36
C THR W 164 -126.67 8.00 22.67
N ASP W 165 -127.83 8.04 23.32
CA ASP W 165 -127.99 7.31 24.57
C ASP W 165 -128.65 5.96 24.32
N ALA W 166 -128.98 5.25 25.40
CA ALA W 166 -129.47 3.88 25.29
C ALA W 166 -130.82 3.84 24.58
N ASN W 167 -131.73 4.72 24.99
CA ASN W 167 -133.06 4.78 24.39
C ASN W 167 -132.96 5.06 22.89
N ALA W 168 -132.10 5.99 22.51
CA ALA W 168 -131.89 6.27 21.09
C ALA W 168 -131.35 5.04 20.35
N GLN W 169 -130.43 4.31 20.98
CA GLN W 169 -129.89 3.13 20.34
C GLN W 169 -130.99 2.09 20.10
N PHE W 170 -131.99 2.02 20.98
CA PHE W 170 -133.14 1.16 20.68
C PHE W 170 -133.76 1.52 19.33
N ALA W 171 -133.95 2.82 19.10
CA ALA W 171 -134.54 3.29 17.84
C ALA W 171 -133.66 2.88 16.66
N LEU W 172 -132.34 3.02 16.82
CA LEU W 172 -131.45 2.60 15.75
C LEU W 172 -131.58 1.10 15.49
N ASP W 173 -131.79 0.31 16.56
CA ASP W 173 -132.02 -1.12 16.41
C ASP W 173 -133.18 -1.38 15.46
N GLU W 174 -134.33 -0.77 15.77
CA GLU W 174 -135.51 -1.02 14.93
C GLU W 174 -135.31 -0.46 13.52
N LEU W 175 -134.55 0.63 13.38
CA LEU W 175 -134.28 1.18 12.06
C LEU W 175 -133.53 0.19 11.19
N LEU W 176 -132.47 -0.40 11.73
CA LEU W 176 -131.74 -1.42 10.99
C LEU W 176 -132.63 -2.63 10.71
N SER W 177 -133.52 -2.97 11.66
CA SER W 177 -134.46 -4.06 11.41
C SER W 177 -135.30 -3.78 10.15
N ASN W 178 -135.82 -2.56 10.04
CA ASN W 178 -136.67 -2.26 8.89
C ASN W 178 -135.86 -2.21 7.59
N MET W 179 -134.61 -1.75 7.66
CA MET W 179 -133.75 -1.81 6.47
C MET W 179 -133.51 -3.26 6.05
N LEU W 180 -133.36 -4.16 7.03
CA LEU W 180 -133.28 -5.60 6.76
C LEU W 180 -134.49 -6.07 5.97
N MET W 181 -135.68 -5.79 6.51
CA MET W 181 -136.90 -6.22 5.84
C MET W 181 -136.96 -5.71 4.41
N ASP W 182 -136.61 -4.43 4.22
CA ASP W 182 -136.63 -3.86 2.88
C ASP W 182 -135.63 -4.54 1.97
N ALA W 183 -134.44 -4.85 2.49
CA ALA W 183 -133.44 -5.50 1.66
C ALA W 183 -133.91 -6.87 1.20
N ALA W 184 -134.52 -7.64 2.10
CA ALA W 184 -135.01 -8.97 1.73
C ALA W 184 -136.13 -8.88 0.71
N ARG W 185 -137.03 -7.91 0.88
CA ARG W 185 -138.09 -7.72 -0.11
C ARG W 185 -137.51 -7.34 -1.47
N ILE W 186 -136.52 -6.45 -1.49
CA ILE W 186 -135.89 -6.04 -2.75
C ILE W 186 -135.16 -7.21 -3.38
N ALA W 187 -134.67 -8.14 -2.57
CA ALA W 187 -133.97 -9.30 -3.09
C ALA W 187 -134.93 -10.27 -3.77
N GLN W 188 -136.02 -10.61 -3.09
CA GLN W 188 -136.99 -11.56 -3.65
C GLN W 188 -138.00 -10.91 -4.59
N ASP W 189 -137.92 -9.60 -4.78
CA ASP W 189 -138.94 -8.87 -5.53
C ASP W 189 -139.05 -9.38 -6.96
N GLY W 190 -140.29 -9.53 -7.42
CA GLY W 190 -140.54 -9.90 -8.79
C GLY W 190 -141.71 -10.86 -8.94
N PRO W 191 -142.20 -11.00 -10.17
CA PRO W 191 -143.22 -12.01 -10.45
C PRO W 191 -142.67 -13.41 -10.22
N LYS W 192 -143.55 -14.29 -9.73
CA LYS W 192 -143.20 -15.70 -9.67
C LYS W 192 -143.33 -16.39 -11.03
N ASN W 193 -143.74 -15.65 -12.06
CA ASN W 193 -143.77 -16.17 -13.42
C ASN W 193 -142.38 -16.25 -14.03
N THR W 194 -141.46 -15.40 -13.59
CA THR W 194 -140.16 -15.27 -14.21
C THR W 194 -139.04 -15.64 -13.24
N ALA W 195 -137.89 -15.95 -13.82
CA ALA W 195 -136.72 -16.36 -13.05
C ALA W 195 -136.19 -15.19 -12.24
N ARG W 196 -135.89 -15.43 -10.95
CA ARG W 196 -135.34 -14.31 -10.18
C ARG W 196 -134.13 -14.62 -9.31
N LEU W 197 -133.91 -15.87 -8.85
CA LEU W 197 -132.78 -16.14 -7.96
C LEU W 197 -131.76 -17.21 -8.38
N VAL W 198 -132.20 -18.47 -8.61
CA VAL W 198 -131.26 -19.58 -8.70
C VAL W 198 -130.59 -19.59 -10.06
N ALA W 199 -129.37 -20.13 -10.10
CA ALA W 199 -128.57 -20.20 -11.33
C ALA W 199 -128.48 -18.85 -12.01
N ALA W 200 -128.45 -17.78 -11.21
CA ALA W 200 -128.46 -16.43 -11.76
C ALA W 200 -127.20 -16.17 -12.58
N SER W 201 -127.38 -15.51 -13.72
CA SER W 201 -126.26 -15.08 -14.56
C SER W 201 -126.15 -13.56 -14.69
N HIS W 202 -127.28 -12.88 -14.87
CA HIS W 202 -127.33 -11.44 -15.07
C HIS W 202 -128.77 -10.99 -14.94
N GLY W 203 -128.95 -9.69 -14.72
CA GLY W 203 -130.26 -9.10 -14.50
C GLY W 203 -130.68 -8.31 -15.73
N VAL W 204 -131.97 -8.35 -16.04
CA VAL W 204 -132.54 -7.61 -17.15
C VAL W 204 -133.84 -6.95 -16.68
N MET W 205 -133.94 -5.64 -16.88
CA MET W 205 -135.14 -4.90 -16.52
C MET W 205 -136.18 -5.05 -17.62
N PRO W 206 -137.44 -5.33 -17.27
CA PRO W 206 -138.44 -5.60 -18.31
C PRO W 206 -138.72 -4.37 -19.14
N GLN W 207 -139.21 -4.61 -20.36
CA GLN W 207 -139.47 -3.54 -21.30
C GLN W 207 -140.36 -2.47 -20.69
N ALA W 208 -141.40 -2.89 -19.95
CA ALA W 208 -142.25 -1.99 -19.17
C ALA W 208 -142.70 -0.78 -19.99
N SER X 23 -117.09 -34.82 -1.37
CA SER X 23 -117.52 -36.08 -1.94
C SER X 23 -118.67 -36.69 -1.13
N SER X 24 -119.76 -37.03 -1.83
CA SER X 24 -120.96 -37.58 -1.21
C SER X 24 -121.10 -39.05 -1.59
N ARG X 25 -121.29 -39.90 -0.58
CA ARG X 25 -121.31 -41.34 -0.79
C ARG X 25 -122.55 -41.94 -0.13
N THR X 26 -123.20 -42.85 -0.86
CA THR X 26 -124.28 -43.63 -0.29
C THR X 26 -123.71 -44.80 0.50
N THR X 27 -124.30 -45.05 1.66
CA THR X 27 -123.79 -46.01 2.62
C THR X 27 -124.78 -47.16 2.78
N PHE X 28 -124.25 -48.39 2.76
CA PHE X 28 -124.99 -49.61 3.04
C PHE X 28 -124.50 -50.17 4.36
N GLY X 29 -125.43 -50.45 5.26
CA GLY X 29 -125.02 -50.90 6.57
C GLY X 29 -124.85 -49.76 7.54
N VAL X 30 -124.02 -50.03 8.55
CA VAL X 30 -123.81 -49.09 9.65
C VAL X 30 -122.90 -47.96 9.20
N ASN X 31 -123.29 -46.73 9.52
CA ASN X 31 -122.42 -45.58 9.34
C ASN X 31 -121.88 -45.16 10.69
N PRO X 32 -120.59 -45.34 10.98
CA PRO X 32 -120.06 -45.05 12.31
C PRO X 32 -119.52 -43.63 12.50
N ASP X 33 -119.79 -42.70 11.60
CA ASP X 33 -119.28 -41.33 11.77
C ASP X 33 -119.71 -40.74 13.11
N ARG X 34 -118.74 -40.30 13.89
CA ARG X 34 -118.98 -39.68 15.19
C ARG X 34 -118.84 -38.16 15.10
N GLN X 35 -119.59 -37.46 15.96
CA GLN X 35 -119.57 -36.01 16.01
C GLN X 35 -118.42 -35.56 16.89
N ALA X 36 -117.65 -34.59 16.39
CA ALA X 36 -116.49 -34.09 17.12
C ALA X 36 -116.90 -33.53 18.48
N ASN X 37 -116.06 -33.81 19.48
CA ASN X 37 -116.31 -33.42 20.87
C ASN X 37 -115.92 -31.94 21.05
N ALA X 38 -116.78 -31.06 20.49
CA ALA X 38 -116.50 -29.62 20.43
C ALA X 38 -117.74 -28.85 20.89
N ARG X 39 -118.30 -29.27 22.03
CA ARG X 39 -119.54 -28.69 22.56
C ARG X 39 -119.31 -28.11 23.94
N PRO X 40 -119.45 -26.81 24.13
CA PRO X 40 -119.35 -26.24 25.48
C PRO X 40 -120.46 -26.75 26.37
N VAL X 41 -120.14 -26.92 27.65
CA VAL X 41 -121.10 -27.46 28.61
C VAL X 41 -121.20 -26.52 29.80
N TYR X 42 -122.38 -26.56 30.43
CA TYR X 42 -122.66 -25.70 31.56
C TYR X 42 -121.77 -26.04 32.75
N LEU X 43 -121.31 -25.00 33.43
CA LEU X 43 -120.42 -25.13 34.57
C LEU X 43 -121.06 -24.42 35.76
N ALA X 44 -121.41 -25.20 36.79
CA ALA X 44 -122.14 -24.65 37.93
C ALA X 44 -121.35 -23.52 38.58
N PRO X 45 -122.03 -22.44 39.02
CA PRO X 45 -121.32 -21.32 39.66
C PRO X 45 -120.83 -21.62 41.06
N ALA X 46 -121.20 -22.78 41.61
CA ALA X 46 -120.75 -23.21 42.93
C ALA X 46 -121.08 -24.68 43.08
N ALA X 47 -120.43 -25.34 44.03
CA ALA X 47 -120.60 -26.78 44.19
C ALA X 47 -121.35 -27.05 45.48
N PRO X 48 -122.57 -27.58 45.44
CA PRO X 48 -123.27 -27.88 46.72
C PRO X 48 -122.79 -29.21 47.29
N MET X 49 -122.34 -29.18 48.55
CA MET X 49 -121.98 -30.39 49.28
C MET X 49 -122.89 -30.63 50.47
N GLU X 50 -124.19 -30.40 50.30
CA GLU X 50 -125.08 -30.37 51.46
C GLU X 50 -125.17 -31.74 52.15
N ASN X 51 -125.26 -32.82 51.37
CA ASN X 51 -125.47 -34.15 51.95
C ASN X 51 -124.34 -34.53 52.90
N THR X 52 -123.09 -34.42 52.44
CA THR X 52 -121.95 -34.88 53.22
C THR X 52 -121.76 -34.03 54.48
N TYR X 53 -121.96 -32.72 54.39
CA TYR X 53 -121.73 -31.85 55.54
C TYR X 53 -122.86 -31.92 56.55
N THR X 54 -124.09 -32.11 56.10
CA THR X 54 -125.14 -32.42 57.07
C THR X 54 -124.86 -33.74 57.80
N TYR X 55 -124.38 -34.76 57.09
CA TYR X 55 -124.06 -36.00 57.81
C TYR X 55 -122.88 -35.79 58.76
N LEU X 56 -121.89 -34.99 58.36
CA LEU X 56 -120.77 -34.71 59.26
C LEU X 56 -121.22 -33.98 60.51
N GLY X 57 -122.16 -33.04 60.38
CA GLY X 57 -122.80 -32.46 61.55
C GLY X 57 -123.52 -33.51 62.38
N SER X 58 -124.14 -34.48 61.71
CA SER X 58 -124.84 -35.55 62.42
C SER X 58 -123.90 -36.31 63.34
N ILE X 59 -122.72 -36.68 62.87
CA ILE X 59 -121.84 -37.46 63.72
C ILE X 59 -120.89 -36.58 64.53
N GLN X 60 -121.14 -35.26 64.51
CA GLN X 60 -120.33 -34.30 65.27
C GLN X 60 -118.88 -34.30 64.79
N PHE X 61 -118.70 -34.49 63.48
CA PHE X 61 -117.40 -34.34 62.82
C PHE X 61 -116.34 -35.27 63.43
N ALA X 62 -116.74 -36.49 63.77
CA ALA X 62 -115.79 -37.41 64.40
C ALA X 62 -116.31 -38.83 64.25
N ALA X 63 -115.49 -39.71 63.67
CA ALA X 63 -115.76 -41.14 63.62
C ALA X 63 -114.47 -41.88 63.98
N GLY X 64 -114.54 -42.67 65.05
CA GLY X 64 -113.38 -43.41 65.49
C GLY X 64 -112.24 -42.49 65.86
N ARG X 65 -111.09 -42.73 65.25
CA ARG X 65 -109.93 -41.88 65.45
C ARG X 65 -109.82 -40.78 64.41
N HIS X 66 -110.77 -40.71 63.48
CA HIS X 66 -110.81 -39.66 62.48
C HIS X 66 -111.60 -38.48 63.02
N ILE X 67 -110.99 -37.30 63.08
CA ILE X 67 -111.73 -36.09 63.39
C ILE X 67 -111.69 -35.17 62.18
N PHE X 68 -112.82 -34.56 61.86
CA PHE X 68 -112.95 -33.72 60.67
C PHE X 68 -113.08 -32.26 61.07
N GLY X 69 -112.84 -31.38 60.10
CA GLY X 69 -112.98 -29.96 60.35
C GLY X 69 -114.33 -29.42 59.89
N GLU X 70 -114.70 -28.27 60.46
CA GLU X 70 -115.96 -27.62 60.13
C GLU X 70 -115.79 -26.71 58.92
N PRO X 71 -116.57 -26.88 57.87
CA PRO X 71 -116.38 -26.06 56.68
C PRO X 71 -116.88 -24.64 56.91
N ALA X 72 -116.37 -23.70 56.10
CA ALA X 72 -116.92 -22.36 56.14
C ALA X 72 -118.30 -22.31 55.49
N SER X 73 -118.51 -23.06 54.41
CA SER X 73 -119.81 -23.08 53.77
C SER X 73 -120.16 -24.50 53.33
N ASN X 74 -121.47 -24.76 53.27
CA ASN X 74 -121.97 -26.01 52.70
C ASN X 74 -121.90 -25.98 51.18
N VAL X 75 -121.86 -24.80 50.58
CA VAL X 75 -121.74 -24.63 49.15
C VAL X 75 -120.40 -23.96 48.87
N LEU X 76 -119.60 -24.59 48.00
CA LEU X 76 -118.22 -24.20 47.80
C LEU X 76 -118.09 -23.25 46.61
N PRO X 77 -117.44 -22.10 46.80
CA PRO X 77 -117.30 -21.13 45.70
C PRO X 77 -116.16 -21.51 44.77
N PRO X 78 -116.16 -20.99 43.54
CA PRO X 78 -115.07 -21.35 42.62
C PRO X 78 -113.78 -20.67 43.04
N GLN X 79 -112.68 -21.42 42.88
CA GLN X 79 -111.35 -20.90 43.16
C GLN X 79 -110.63 -20.39 41.91
N ASN X 80 -110.69 -21.15 40.82
CA ASN X 80 -109.95 -20.79 39.61
C ASN X 80 -110.83 -20.75 38.37
N ILE X 81 -112.12 -20.49 38.54
CA ILE X 81 -113.08 -20.41 37.44
C ILE X 81 -113.59 -18.98 37.36
N VAL X 82 -113.57 -18.42 36.14
CA VAL X 82 -114.05 -17.08 35.90
C VAL X 82 -115.24 -17.16 34.94
N PRO X 83 -116.33 -16.46 35.20
CA PRO X 83 -117.49 -16.57 34.34
C PRO X 83 -117.16 -16.09 32.95
N GLY X 84 -117.64 -16.83 31.96
CA GLY X 84 -117.45 -16.48 30.57
C GLY X 84 -116.14 -16.94 29.98
N VAL X 85 -115.25 -17.50 30.78
CA VAL X 85 -113.95 -17.95 30.30
C VAL X 85 -113.97 -19.46 30.27
N PRO X 86 -113.81 -20.10 29.12
CA PRO X 86 -113.82 -21.56 29.07
C PRO X 86 -112.61 -22.13 29.79
N THR X 87 -112.84 -23.15 30.61
CA THR X 87 -111.77 -23.85 31.30
C THR X 87 -112.03 -25.34 31.17
N LYS X 88 -110.95 -26.13 31.18
CA LYS X 88 -111.03 -27.58 31.13
C LYS X 88 -110.77 -28.19 32.49
N HIS X 89 -110.39 -27.38 33.47
CA HIS X 89 -110.14 -27.86 34.81
C HIS X 89 -110.51 -26.73 35.77
N GLY X 90 -111.35 -27.06 36.74
CA GLY X 90 -111.84 -26.07 37.68
C GLY X 90 -111.97 -26.65 39.08
N GLU X 91 -111.88 -25.78 40.07
CA GLU X 91 -111.86 -26.22 41.46
C GLU X 91 -112.72 -25.30 42.30
N TYR X 92 -113.57 -25.91 43.14
CA TYR X 92 -114.27 -25.22 44.21
C TYR X 92 -113.65 -25.64 45.53
N VAL X 93 -113.60 -24.72 46.49
CA VAL X 93 -112.82 -24.99 47.70
C VAL X 93 -113.40 -24.21 48.86
N THR X 94 -113.38 -24.83 50.04
CA THR X 94 -113.61 -24.06 51.26
C THR X 94 -112.60 -24.48 52.33
N THR X 95 -112.66 -23.83 53.49
CA THR X 95 -111.68 -24.07 54.55
C THR X 95 -112.36 -24.73 55.74
N ASN X 96 -111.86 -25.90 56.14
CA ASN X 96 -112.24 -26.54 57.38
C ASN X 96 -111.36 -25.98 58.49
N THR X 97 -111.98 -25.47 59.54
CA THR X 97 -111.32 -25.05 60.77
C THR X 97 -111.82 -25.91 61.93
N GLY X 98 -111.07 -25.91 63.02
CA GLY X 98 -111.39 -26.79 64.13
C GLY X 98 -110.55 -26.44 65.34
N ASP X 99 -111.00 -26.94 66.49
CA ASP X 99 -110.32 -26.72 67.75
C ASP X 99 -109.03 -27.51 67.80
N ARG X 100 -107.92 -26.82 68.08
CA ARG X 100 -106.57 -27.41 68.04
C ARG X 100 -106.20 -27.93 66.65
N LEU X 101 -106.77 -27.33 65.61
CA LEU X 101 -106.54 -27.77 64.24
C LEU X 101 -106.01 -26.64 63.38
N MET X 102 -105.18 -27.01 62.41
CA MET X 102 -104.69 -26.07 61.41
C MET X 102 -105.61 -26.07 60.20
N ALA X 103 -105.99 -24.88 59.75
CA ALA X 103 -106.94 -24.74 58.66
C ALA X 103 -106.55 -25.58 57.45
N SER X 104 -107.47 -26.41 56.98
CA SER X 104 -107.21 -27.28 55.84
C SER X 104 -108.35 -27.20 54.84
N SER X 105 -108.01 -27.07 53.58
CA SER X 105 -109.01 -26.84 52.56
C SER X 105 -109.64 -28.15 52.09
N THR X 106 -110.95 -28.09 51.83
CA THR X 106 -111.73 -29.15 51.22
C THR X 106 -112.02 -28.80 49.77
N THR X 107 -111.71 -29.73 48.85
CA THR X 107 -111.63 -29.40 47.42
C THR X 107 -112.56 -30.27 46.57
N VAL X 108 -113.16 -29.64 45.56
CA VAL X 108 -114.04 -30.29 44.61
C VAL X 108 -113.54 -29.93 43.22
N THR X 109 -113.03 -30.91 42.50
CA THR X 109 -112.35 -30.72 41.23
C THR X 109 -113.21 -31.25 40.08
N ARG X 110 -113.32 -30.47 39.01
CA ARG X 110 -114.08 -30.87 37.82
C ARG X 110 -113.23 -30.71 36.58
N ASP X 111 -113.11 -31.80 35.82
CA ASP X 111 -112.32 -31.82 34.58
C ASP X 111 -113.25 -32.12 33.43
N VAL X 112 -113.21 -31.29 32.39
CA VAL X 112 -114.00 -31.50 31.18
C VAL X 112 -113.05 -31.49 29.98
N SER X 113 -112.98 -32.62 29.27
CA SER X 113 -112.06 -32.73 28.12
C SER X 113 -112.48 -33.89 27.25
N ASN X 114 -112.55 -33.67 25.94
CA ASN X 114 -112.72 -34.75 24.95
C ASN X 114 -113.96 -35.60 25.23
N GLY X 115 -115.04 -34.94 25.67
CA GLY X 115 -116.29 -35.62 25.96
C GLY X 115 -116.34 -36.36 27.27
N ARG X 116 -115.28 -36.30 28.06
CA ARG X 116 -115.19 -36.98 29.33
C ARG X 116 -115.20 -35.93 30.42
N THR X 117 -116.14 -36.07 31.34
CA THR X 117 -116.28 -35.11 32.43
C THR X 117 -116.15 -35.87 33.74
N LYS X 118 -115.34 -35.35 34.67
CA LYS X 118 -115.00 -36.06 35.90
C LYS X 118 -114.98 -35.11 37.09
N VAL X 119 -115.74 -35.45 38.12
CA VAL X 119 -115.82 -34.68 39.36
C VAL X 119 -115.20 -35.52 40.48
N SER X 120 -114.28 -34.92 41.23
CA SER X 120 -113.60 -35.57 42.35
C SER X 120 -113.77 -34.71 43.60
N ILE X 121 -113.96 -35.36 44.75
CA ILE X 121 -114.14 -34.67 46.02
C ILE X 121 -113.13 -35.20 47.01
N ASP X 122 -112.40 -34.27 47.68
CA ASP X 122 -111.35 -34.61 48.64
C ASP X 122 -111.60 -33.84 49.92
N ILE X 123 -111.76 -34.58 51.02
CA ILE X 123 -111.92 -33.98 52.35
C ILE X 123 -110.86 -34.57 53.28
N PRO X 124 -110.09 -33.75 54.00
CA PRO X 124 -109.07 -34.26 54.90
C PRO X 124 -109.59 -34.52 56.30
N TYR X 125 -108.84 -35.35 57.04
CA TYR X 125 -109.13 -35.68 58.42
C TYR X 125 -107.85 -35.55 59.26
N TYR X 126 -108.01 -35.59 60.57
CA TYR X 126 -106.93 -35.43 61.54
C TYR X 126 -106.97 -36.55 62.56
N ASP X 127 -105.86 -36.64 63.32
CA ASP X 127 -105.68 -37.63 64.37
C ASP X 127 -106.40 -37.20 65.65
N ARG X 128 -107.53 -37.85 65.92
CA ARG X 128 -108.32 -37.47 67.08
C ARG X 128 -107.54 -37.70 68.37
N ASN X 129 -106.66 -38.71 68.41
CA ASN X 129 -105.89 -38.97 69.62
C ASN X 129 -104.94 -37.82 69.94
N ALA X 130 -104.27 -37.29 68.91
CA ALA X 130 -103.44 -36.10 69.12
C ALA X 130 -104.29 -34.91 69.52
N VAL X 131 -105.44 -34.72 68.87
CA VAL X 131 -106.24 -33.52 69.15
C VAL X 131 -106.75 -33.53 70.59
N GLU X 132 -107.34 -34.65 71.02
CA GLU X 132 -107.89 -34.73 72.37
C GLU X 132 -106.80 -34.85 73.42
N THR X 133 -105.62 -35.38 73.07
CA THR X 133 -104.51 -35.38 74.03
C THR X 133 -104.01 -33.96 74.28
N LEU X 134 -103.92 -33.15 73.24
CA LEU X 134 -103.61 -31.73 73.43
C LEU X 134 -104.67 -31.04 74.28
N LYS X 135 -105.94 -31.18 73.89
CA LYS X 135 -107.03 -30.58 74.68
C LYS X 135 -106.89 -30.96 76.16
N ALA X 136 -106.70 -32.25 76.43
CA ALA X 136 -106.66 -32.74 77.81
C ALA X 136 -105.37 -32.36 78.53
N SER X 137 -104.30 -32.04 77.82
CA SER X 137 -103.04 -31.66 78.46
C SER X 137 -102.88 -30.15 78.64
N ALA X 138 -103.69 -29.35 77.96
CA ALA X 138 -103.68 -27.88 78.13
C ALA X 138 -102.31 -27.31 77.79
N ILE X 139 -101.83 -27.69 76.61
CA ILE X 139 -100.47 -27.42 76.15
C ILE X 139 -100.57 -26.82 74.77
N PRO X 140 -99.63 -25.97 74.36
CA PRO X 140 -99.88 -25.10 73.20
C PRO X 140 -100.01 -25.77 71.82
N GLY X 141 -99.72 -27.06 71.67
CA GLY X 141 -99.60 -27.62 70.32
C GLY X 141 -100.85 -27.49 69.47
N ALA X 142 -100.66 -27.49 68.14
CA ALA X 142 -101.74 -27.69 67.16
C ALA X 142 -101.29 -28.68 66.08
N VAL X 143 -102.27 -29.26 65.40
CA VAL X 143 -102.06 -30.44 64.55
C VAL X 143 -102.54 -30.16 63.13
N ALA X 144 -101.82 -30.76 62.17
CA ALA X 144 -102.09 -30.72 60.74
C ALA X 144 -102.79 -31.99 60.30
N PRO X 145 -103.38 -32.01 59.09
CA PRO X 145 -104.09 -33.22 58.63
C PRO X 145 -103.18 -34.43 58.52
N VAL X 146 -103.80 -35.60 58.69
CA VAL X 146 -103.11 -36.88 58.62
C VAL X 146 -103.39 -37.61 57.30
N GLY X 147 -104.53 -37.36 56.68
CA GLY X 147 -104.87 -38.01 55.43
C GLY X 147 -106.16 -37.45 54.90
N SER X 148 -106.73 -38.14 53.92
CA SER X 148 -107.93 -37.65 53.28
C SER X 148 -108.77 -38.82 52.79
N PHE X 149 -110.02 -38.51 52.47
CA PHE X 149 -110.91 -39.42 51.76
C PHE X 149 -111.36 -38.76 50.46
N LYS X 150 -111.42 -39.57 49.40
CA LYS X 150 -111.67 -39.11 48.05
C LYS X 150 -112.74 -39.96 47.38
N VAL X 151 -113.55 -39.28 46.57
CA VAL X 151 -114.62 -39.91 45.80
C VAL X 151 -114.60 -39.33 44.39
N ASN X 152 -114.53 -40.20 43.37
CA ASN X 152 -114.48 -39.81 41.97
C ASN X 152 -115.74 -40.27 41.24
N VAL X 153 -116.15 -39.47 40.26
CA VAL X 153 -117.32 -39.75 39.45
C VAL X 153 -117.02 -39.29 38.02
N GLU X 154 -117.28 -40.15 37.04
CA GLU X 154 -116.75 -39.98 35.69
C GLU X 154 -117.80 -40.36 34.64
N VAL X 155 -117.94 -39.53 33.62
CA VAL X 155 -118.95 -39.71 32.58
C VAL X 155 -118.26 -39.64 31.23
N LEU X 156 -118.35 -40.73 30.45
CA LEU X 156 -117.65 -40.85 29.16
C LEU X 156 -118.68 -40.58 28.06
N GLY X 157 -118.88 -39.30 27.76
CA GLY X 157 -119.90 -38.86 26.83
C GLY X 157 -119.46 -38.64 25.41
N GLY X 158 -118.24 -39.08 25.08
CA GLY X 158 -117.75 -38.91 23.73
C GLY X 158 -118.36 -39.90 22.77
N GLY X 159 -118.29 -39.56 21.49
CA GLY X 159 -118.70 -40.47 20.45
C GLY X 159 -120.11 -40.28 19.97
N VAL X 160 -120.66 -39.06 20.07
CA VAL X 160 -122.02 -38.82 19.62
C VAL X 160 -122.07 -38.99 18.11
N LEU X 161 -123.10 -39.68 17.63
CA LEU X 161 -123.22 -40.00 16.21
C LEU X 161 -123.60 -38.76 15.41
N THR X 162 -123.48 -38.87 14.09
CA THR X 162 -123.63 -37.69 13.24
C THR X 162 -125.07 -37.17 13.23
N GLY X 163 -126.04 -38.09 13.19
CA GLY X 163 -127.42 -37.68 13.06
C GLY X 163 -127.93 -36.87 14.23
N THR X 164 -127.32 -37.02 15.40
CA THR X 164 -127.84 -36.40 16.61
C THR X 164 -127.80 -34.88 16.50
N ASP X 165 -128.95 -34.25 16.74
CA ASP X 165 -129.03 -32.80 16.82
C ASP X 165 -128.99 -32.36 18.28
N ALA X 166 -129.16 -31.06 18.49
CA ALA X 166 -128.99 -30.49 19.82
C ALA X 166 -130.03 -31.00 20.81
N ASN X 167 -131.31 -31.03 20.38
CA ASN X 167 -132.38 -31.53 21.25
C ASN X 167 -132.11 -32.97 21.69
N ALA X 168 -131.75 -33.83 20.74
CA ALA X 168 -131.39 -35.20 21.05
C ALA X 168 -130.21 -35.27 22.00
N GLN X 169 -129.25 -34.36 21.84
CA GLN X 169 -128.11 -34.34 22.76
C GLN X 169 -128.54 -34.01 24.18
N PHE X 170 -129.53 -33.12 24.33
CA PHE X 170 -130.11 -32.90 25.66
C PHE X 170 -130.66 -34.19 26.23
N ALA X 171 -131.38 -34.94 25.39
CA ALA X 171 -131.91 -36.21 25.85
C ALA X 171 -130.80 -37.13 26.32
N LEU X 172 -129.68 -37.15 25.59
CA LEU X 172 -128.55 -37.99 25.97
C LEU X 172 -127.92 -37.50 27.27
N ASP X 173 -127.89 -36.18 27.45
CA ASP X 173 -127.43 -35.59 28.71
C ASP X 173 -128.18 -36.20 29.88
N GLU X 174 -129.51 -36.17 29.79
CA GLU X 174 -130.32 -36.69 30.90
C GLU X 174 -130.16 -38.21 31.06
N LEU X 175 -129.98 -38.93 29.94
CA LEU X 175 -129.73 -40.36 30.02
C LEU X 175 -128.48 -40.67 30.85
N LEU X 176 -127.39 -39.98 30.54
CA LEU X 176 -126.17 -40.19 31.30
C LEU X 176 -126.34 -39.81 32.76
N SER X 177 -127.04 -38.72 33.05
CA SER X 177 -127.22 -38.35 34.44
C SER X 177 -128.00 -39.42 35.21
N ASN X 178 -128.98 -40.05 34.55
CA ASN X 178 -129.71 -41.15 35.19
C ASN X 178 -128.83 -42.36 35.43
N MET X 179 -127.94 -42.67 34.49
CA MET X 179 -126.98 -43.74 34.73
C MET X 179 -126.05 -43.40 35.90
N LEU X 180 -125.72 -42.11 36.04
CA LEU X 180 -124.93 -41.65 37.18
C LEU X 180 -125.63 -41.98 38.49
N MET X 181 -126.91 -41.60 38.59
CA MET X 181 -127.68 -41.88 39.80
C MET X 181 -127.73 -43.38 40.08
N ASP X 182 -127.99 -44.19 39.04
CA ASP X 182 -128.00 -45.63 39.22
C ASP X 182 -126.66 -46.14 39.76
N ALA X 183 -125.56 -45.62 39.22
CA ALA X 183 -124.24 -46.09 39.63
C ALA X 183 -123.96 -45.74 41.09
N ALA X 184 -124.32 -44.52 41.52
CA ALA X 184 -124.10 -44.15 42.91
C ALA X 184 -124.95 -45.00 43.84
N ARG X 185 -126.21 -45.26 43.47
CA ARG X 185 -127.05 -46.12 44.30
C ARG X 185 -126.49 -47.53 44.39
N ILE X 186 -125.97 -48.06 43.27
CA ILE X 186 -125.42 -49.41 43.27
C ILE X 186 -124.13 -49.47 44.08
N ALA X 187 -123.40 -48.36 44.14
CA ALA X 187 -122.18 -48.31 44.94
C ALA X 187 -122.49 -48.30 46.43
N GLN X 188 -123.42 -47.44 46.86
CA GLN X 188 -123.75 -47.35 48.27
C GLN X 188 -124.77 -48.38 48.74
N ASP X 189 -125.27 -49.21 47.82
CA ASP X 189 -126.36 -50.12 48.16
C ASP X 189 -125.94 -51.09 49.26
N GLY X 190 -126.85 -51.34 50.19
CA GLY X 190 -126.65 -52.32 51.23
C GLY X 190 -127.13 -51.87 52.60
N PRO X 191 -127.31 -52.82 53.51
CA PRO X 191 -127.68 -52.47 54.88
C PRO X 191 -126.61 -51.61 55.54
N LYS X 192 -127.05 -50.69 56.38
CA LYS X 192 -126.12 -49.95 57.22
C LYS X 192 -125.69 -50.76 58.44
N ASN X 193 -126.28 -51.93 58.65
CA ASN X 193 -125.80 -52.85 59.68
C ASN X 193 -124.40 -53.34 59.39
N THR X 194 -123.94 -53.26 58.14
CA THR X 194 -122.85 -54.09 57.67
C THR X 194 -121.84 -53.29 56.83
N ALA X 195 -120.61 -53.78 56.84
CA ALA X 195 -119.50 -53.13 56.15
C ALA X 195 -119.77 -53.02 54.65
N ARG X 196 -119.57 -51.83 54.07
CA ARG X 196 -119.75 -51.80 52.62
C ARG X 196 -118.75 -50.96 51.82
N LEU X 197 -118.02 -49.99 52.41
CA LEU X 197 -117.07 -49.20 51.62
C LEU X 197 -115.62 -49.17 52.12
N VAL X 198 -115.39 -48.73 53.39
CA VAL X 198 -114.05 -48.35 53.82
C VAL X 198 -113.23 -49.60 54.12
N ALA X 199 -111.91 -49.48 53.93
CA ALA X 199 -110.96 -50.56 54.22
C ALA X 199 -111.36 -51.86 53.53
N ALA X 200 -111.97 -51.73 52.35
CA ALA X 200 -112.51 -52.88 51.64
C ALA X 200 -111.40 -53.83 51.21
N SER X 201 -111.61 -55.13 51.42
CA SER X 201 -110.70 -56.19 50.97
C SER X 201 -111.23 -56.92 49.75
N HIS X 202 -112.50 -57.33 49.81
CA HIS X 202 -113.18 -58.04 48.73
C HIS X 202 -114.67 -57.92 48.99
N GLY X 203 -115.45 -58.34 48.02
CA GLY X 203 -116.90 -58.29 48.10
C GLY X 203 -117.45 -59.68 48.30
N VAL X 204 -118.45 -59.81 49.17
CA VAL X 204 -119.12 -61.09 49.37
C VAL X 204 -120.64 -60.87 49.35
N MET X 205 -121.35 -61.76 48.65
CA MET X 205 -122.80 -61.79 48.53
C MET X 205 -123.39 -62.74 49.57
N PRO X 206 -124.52 -62.37 50.17
CA PRO X 206 -125.16 -63.25 51.16
C PRO X 206 -125.90 -64.40 50.50
N GLN X 207 -126.34 -65.34 51.34
CA GLN X 207 -127.12 -66.49 50.92
C GLN X 207 -128.58 -66.28 51.31
N ALA X 208 -129.48 -66.49 50.34
CA ALA X 208 -130.93 -66.39 50.56
C ALA X 208 -131.33 -65.04 51.12
N GLY Y 11 -27.63 39.00 -46.55
CA GLY Y 11 -26.83 39.83 -47.44
C GLY Y 11 -26.11 40.98 -46.74
N GLN Y 12 -25.90 42.07 -47.50
CA GLN Y 12 -25.19 43.23 -46.97
C GLN Y 12 -25.98 43.87 -45.82
N LEU Y 13 -25.30 44.74 -45.09
CA LEU Y 13 -25.85 45.40 -43.91
C LEU Y 13 -25.98 46.89 -44.15
N TYR Y 14 -27.10 47.48 -43.71
CA TYR Y 14 -27.31 48.92 -43.84
C TYR Y 14 -28.01 49.41 -42.56
N MET Y 15 -28.33 50.71 -42.50
CA MET Y 15 -28.93 51.30 -41.31
C MET Y 15 -30.39 51.63 -41.58
N GLY Y 16 -31.28 50.88 -40.91
CA GLY Y 16 -32.69 51.19 -40.88
C GLY Y 16 -33.03 51.80 -39.53
N GLN Y 17 -34.22 52.40 -39.46
CA GLN Y 17 -34.58 53.13 -38.26
C GLN Y 17 -34.76 52.21 -37.06
N GLN Y 18 -34.93 50.91 -37.28
CA GLN Y 18 -34.94 49.97 -36.16
C GLN Y 18 -33.53 49.75 -35.62
N GLY Y 19 -32.52 49.98 -36.44
CA GLY Y 19 -31.15 49.66 -36.13
C GLY Y 19 -30.45 49.14 -37.37
N PRO Y 20 -29.26 48.60 -37.22
CA PRO Y 20 -28.60 47.96 -38.36
C PRO Y 20 -29.39 46.75 -38.83
N VAL Y 21 -29.69 46.71 -40.13
CA VAL Y 21 -30.63 45.76 -40.70
C VAL Y 21 -30.01 45.13 -41.94
N GLN Y 22 -30.30 43.84 -42.12
CA GLN Y 22 -29.76 43.07 -43.23
C GLN Y 22 -30.61 43.27 -44.48
N SER Y 23 -29.97 43.64 -45.58
CA SER Y 23 -30.69 43.77 -46.84
C SER Y 23 -31.17 42.40 -47.31
N SER Y 24 -32.34 42.39 -47.97
CA SER Y 24 -32.96 41.13 -48.35
C SER Y 24 -33.60 41.24 -49.73
N ARG Y 25 -33.55 40.14 -50.47
CA ARG Y 25 -34.05 40.07 -51.84
C ARG Y 25 -35.10 38.96 -51.90
N THR Y 26 -36.35 39.34 -52.18
CA THR Y 26 -37.45 38.39 -52.14
C THR Y 26 -38.27 38.43 -53.42
N THR Y 27 -38.97 37.33 -53.67
CA THR Y 27 -39.91 37.21 -54.79
C THR Y 27 -41.32 37.61 -54.39
N PHE Y 28 -41.49 38.16 -53.20
CA PHE Y 28 -42.79 38.54 -52.69
C PHE Y 28 -43.36 39.72 -53.47
N GLY Y 29 -44.60 39.57 -53.94
CA GLY Y 29 -45.30 40.68 -54.57
C GLY Y 29 -45.02 40.88 -56.03
N VAL Y 30 -44.50 39.89 -56.74
CA VAL Y 30 -44.24 39.96 -58.17
C VAL Y 30 -45.12 38.94 -58.87
N ASN Y 31 -46.05 39.42 -59.70
CA ASN Y 31 -46.96 38.56 -60.44
C ASN Y 31 -46.39 38.32 -61.84
N PRO Y 32 -45.81 37.18 -62.12
CA PRO Y 32 -45.30 36.88 -63.47
C PRO Y 32 -46.28 36.13 -64.37
N ASP Y 33 -47.54 35.93 -63.95
CA ASP Y 33 -48.54 35.28 -64.78
C ASP Y 33 -48.58 35.90 -66.16
N ARG Y 34 -48.77 35.08 -67.19
CA ARG Y 34 -48.82 35.55 -68.56
C ARG Y 34 -50.18 35.25 -69.17
N GLN Y 35 -50.50 36.04 -70.19
CA GLN Y 35 -51.74 35.93 -70.95
C GLN Y 35 -51.48 35.05 -72.17
N ALA Y 36 -52.38 34.12 -72.44
CA ALA Y 36 -52.18 33.19 -73.53
C ALA Y 36 -52.17 33.90 -74.87
N ASN Y 37 -51.37 33.39 -75.79
CA ASN Y 37 -51.27 33.95 -77.14
C ASN Y 37 -52.45 33.44 -77.95
N ALA Y 38 -53.61 34.09 -77.75
CA ALA Y 38 -54.89 33.73 -78.34
C ALA Y 38 -55.51 34.92 -79.06
N ARG Y 39 -54.67 35.72 -79.69
CA ARG Y 39 -55.08 37.01 -80.27
C ARG Y 39 -54.98 36.95 -81.78
N PRO Y 40 -56.10 36.96 -82.52
CA PRO Y 40 -56.02 37.05 -83.98
C PRO Y 40 -55.34 38.35 -84.40
N VAL Y 41 -54.50 38.27 -85.44
CA VAL Y 41 -53.77 39.43 -85.92
C VAL Y 41 -54.13 39.69 -87.37
N TYR Y 42 -53.91 40.93 -87.78
CA TYR Y 42 -54.20 41.35 -89.13
C TYR Y 42 -53.23 40.71 -90.11
N LEU Y 43 -53.76 40.20 -91.21
CA LEU Y 43 -52.99 39.58 -92.27
C LEU Y 43 -53.17 40.41 -93.53
N ALA Y 44 -52.10 41.03 -94.00
CA ALA Y 44 -52.18 41.95 -95.12
C ALA Y 44 -52.75 41.24 -96.36
N PRO Y 45 -53.55 41.94 -97.18
CA PRO Y 45 -54.09 41.31 -98.39
C PRO Y 45 -53.11 41.25 -99.55
N ALA Y 46 -51.93 41.84 -99.38
CA ALA Y 46 -50.86 41.77 -100.38
C ALA Y 46 -49.59 42.26 -99.72
N ALA Y 47 -48.45 41.91 -100.33
CA ALA Y 47 -47.15 42.21 -99.74
C ALA Y 47 -46.45 43.27 -100.57
N PRO Y 48 -46.19 44.50 -100.05
CA PRO Y 48 -45.51 45.48 -100.90
C PRO Y 48 -44.00 45.35 -100.85
N MET Y 49 -43.36 45.04 -101.98
CA MET Y 49 -41.91 45.02 -102.10
C MET Y 49 -41.39 46.23 -102.87
N GLU Y 50 -41.92 47.42 -102.60
CA GLU Y 50 -41.60 48.56 -103.45
C GLU Y 50 -40.13 48.96 -103.35
N ASN Y 51 -39.56 48.98 -102.14
CA ASN Y 51 -38.18 49.44 -101.97
C ASN Y 51 -37.21 48.61 -102.80
N THR Y 52 -37.27 47.28 -102.64
CA THR Y 52 -36.30 46.41 -103.31
C THR Y 52 -36.43 46.49 -104.84
N TYR Y 53 -37.66 46.59 -105.34
CA TYR Y 53 -37.84 46.57 -106.79
C TYR Y 53 -37.54 47.92 -107.44
N THR Y 54 -37.78 49.02 -106.74
CA THR Y 54 -37.28 50.30 -107.27
C THR Y 54 -35.74 50.30 -107.30
N TYR Y 55 -35.09 49.73 -106.28
CA TYR Y 55 -33.63 49.65 -106.39
C TYR Y 55 -33.21 48.74 -107.54
N LEU Y 56 -33.94 47.64 -107.76
CA LEU Y 56 -33.61 46.73 -108.86
C LEU Y 56 -33.80 47.39 -110.22
N GLY Y 57 -34.78 48.28 -110.33
CA GLY Y 57 -34.87 49.10 -111.53
C GLY Y 57 -33.71 50.07 -111.63
N SER Y 58 -33.26 50.59 -110.50
CA SER Y 58 -32.12 51.51 -110.49
C SER Y 58 -30.86 50.87 -111.08
N ILE Y 59 -30.51 49.67 -110.62
CA ILE Y 59 -29.26 49.06 -111.11
C ILE Y 59 -29.50 48.27 -112.39
N GLN Y 60 -30.70 48.42 -112.97
CA GLN Y 60 -31.06 47.75 -114.22
C GLN Y 60 -31.07 46.22 -114.07
N PHE Y 61 -31.46 45.74 -112.88
CA PHE Y 61 -31.64 44.31 -112.61
C PHE Y 61 -30.36 43.50 -112.84
N ALA Y 62 -29.22 44.10 -112.50
CA ALA Y 62 -27.95 43.43 -112.75
C ALA Y 62 -26.91 43.99 -111.81
N ALA Y 63 -26.29 43.13 -111.01
CA ALA Y 63 -25.11 43.48 -110.23
C ALA Y 63 -24.05 42.43 -110.48
N GLY Y 64 -22.96 42.83 -111.14
CA GLY Y 64 -21.90 41.90 -111.47
C GLY Y 64 -22.40 40.76 -112.34
N ARG Y 65 -22.23 39.54 -111.84
CA ARG Y 65 -22.65 38.33 -112.53
C ARG Y 65 -24.07 37.92 -112.16
N HIS Y 66 -24.68 38.59 -111.17
CA HIS Y 66 -26.04 38.29 -110.74
C HIS Y 66 -27.00 39.09 -111.59
N ILE Y 67 -27.80 38.42 -112.39
CA ILE Y 67 -28.83 39.09 -113.18
C ILE Y 67 -30.18 38.70 -112.60
N PHE Y 68 -31.07 39.67 -112.47
CA PHE Y 68 -32.33 39.43 -111.77
C PHE Y 68 -33.51 39.49 -112.74
N GLY Y 69 -34.60 38.84 -112.34
CA GLY Y 69 -35.80 38.88 -113.14
C GLY Y 69 -36.63 40.12 -112.85
N GLU Y 70 -37.40 40.54 -113.87
CA GLU Y 70 -38.35 41.64 -113.72
C GLU Y 70 -39.66 41.11 -113.17
N PRO Y 71 -40.17 41.68 -112.08
CA PRO Y 71 -41.37 41.11 -111.44
C PRO Y 71 -42.61 41.30 -112.30
N ALA Y 72 -43.66 40.61 -111.87
CA ALA Y 72 -44.99 40.89 -112.41
C ALA Y 72 -45.54 42.18 -111.83
N SER Y 73 -45.46 42.32 -110.50
CA SER Y 73 -45.96 43.49 -109.81
C SER Y 73 -45.00 43.85 -108.68
N ASN Y 74 -44.93 45.14 -108.38
CA ASN Y 74 -44.20 45.58 -107.18
C ASN Y 74 -44.91 45.13 -105.91
N VAL Y 75 -46.20 44.86 -105.99
CA VAL Y 75 -47.00 44.41 -104.86
C VAL Y 75 -47.49 43.00 -105.16
N LEU Y 76 -47.21 42.05 -104.23
CA LEU Y 76 -47.40 40.62 -104.44
C LEU Y 76 -48.77 40.18 -103.96
N PRO Y 77 -49.48 39.39 -104.75
CA PRO Y 77 -50.80 38.91 -104.37
C PRO Y 77 -50.68 37.67 -103.49
N PRO Y 78 -51.72 37.38 -102.71
CA PRO Y 78 -51.70 36.17 -101.88
C PRO Y 78 -51.67 34.91 -102.75
N GLN Y 79 -51.02 33.88 -102.22
CA GLN Y 79 -50.91 32.59 -102.90
C GLN Y 79 -51.78 31.51 -102.27
N ASN Y 80 -51.87 31.45 -100.94
CA ASN Y 80 -52.69 30.45 -100.27
C ASN Y 80 -53.51 31.06 -99.13
N ILE Y 81 -53.83 32.34 -99.24
CA ILE Y 81 -54.58 33.06 -98.21
C ILE Y 81 -55.94 33.42 -98.78
N VAL Y 82 -56.99 33.18 -97.99
CA VAL Y 82 -58.34 33.49 -98.44
C VAL Y 82 -59.00 34.33 -97.36
N PRO Y 83 -59.70 35.40 -97.73
CA PRO Y 83 -60.32 36.26 -96.73
C PRO Y 83 -61.29 35.47 -95.87
N GLY Y 84 -61.21 35.71 -94.57
CA GLY Y 84 -62.11 35.07 -93.63
C GLY Y 84 -61.71 33.66 -93.23
N VAL Y 85 -60.59 33.14 -93.74
CA VAL Y 85 -60.10 31.82 -93.35
C VAL Y 85 -58.85 32.02 -92.53
N PRO Y 86 -58.80 31.57 -91.27
CA PRO Y 86 -57.60 31.80 -90.45
C PRO Y 86 -56.50 30.79 -90.76
N THR Y 87 -55.29 31.30 -90.93
CA THR Y 87 -54.12 30.48 -91.25
C THR Y 87 -52.99 30.91 -90.32
N LYS Y 88 -52.08 29.97 -90.06
CA LYS Y 88 -50.84 30.26 -89.37
C LYS Y 88 -49.67 30.38 -90.33
N HIS Y 89 -49.91 30.17 -91.61
CA HIS Y 89 -48.88 30.28 -92.64
C HIS Y 89 -49.51 30.84 -93.91
N GLY Y 90 -48.92 31.93 -94.42
CA GLY Y 90 -49.41 32.58 -95.61
C GLY Y 90 -48.31 32.99 -96.58
N GLU Y 91 -48.55 32.84 -97.87
CA GLU Y 91 -47.54 33.11 -98.87
C GLU Y 91 -48.05 34.10 -99.91
N TYR Y 92 -47.19 35.01 -100.32
CA TYR Y 92 -47.42 35.89 -101.46
C TYR Y 92 -46.34 35.62 -102.50
N VAL Y 93 -46.69 35.77 -103.77
CA VAL Y 93 -45.77 35.37 -104.84
C VAL Y 93 -46.05 36.19 -106.10
N THR Y 94 -44.99 36.55 -106.83
CA THR Y 94 -45.16 36.88 -108.25
C THR Y 94 -44.15 36.08 -109.06
N THR Y 95 -44.15 36.26 -110.38
CA THR Y 95 -43.24 35.52 -111.25
C THR Y 95 -42.35 36.51 -112.01
N ASN Y 96 -41.05 36.48 -111.69
CA ASN Y 96 -40.04 37.24 -112.43
C ASN Y 96 -39.90 36.66 -113.82
N THR Y 97 -39.75 37.54 -114.82
CA THR Y 97 -39.47 37.17 -116.21
C THR Y 97 -38.31 38.01 -116.73
N GLY Y 98 -37.80 37.64 -117.90
CA GLY Y 98 -36.65 38.34 -118.46
C GLY Y 98 -36.29 37.78 -119.82
N ASP Y 99 -35.40 38.51 -120.49
CA ASP Y 99 -34.95 38.13 -121.82
C ASP Y 99 -34.07 36.89 -121.74
N ARG Y 100 -34.51 35.82 -122.40
CA ARG Y 100 -33.80 34.53 -122.40
C ARG Y 100 -33.63 34.00 -120.98
N LEU Y 101 -34.62 34.25 -120.13
CA LEU Y 101 -34.65 33.75 -118.76
C LEU Y 101 -35.92 32.95 -118.57
N MET Y 102 -35.79 31.72 -118.08
CA MET Y 102 -36.97 30.95 -117.71
C MET Y 102 -37.61 31.58 -116.49
N ALA Y 103 -38.90 31.90 -116.59
CA ALA Y 103 -39.59 32.65 -115.55
C ALA Y 103 -39.55 31.89 -114.22
N SER Y 104 -39.39 32.64 -113.14
CA SER Y 104 -39.12 32.06 -111.82
C SER Y 104 -39.79 32.91 -110.76
N SER Y 105 -40.37 32.26 -109.76
CA SER Y 105 -41.20 32.95 -108.78
C SER Y 105 -40.34 33.59 -107.68
N THR Y 106 -40.80 34.75 -107.20
CA THR Y 106 -40.26 35.38 -106.01
C THR Y 106 -41.33 35.33 -104.91
N THR Y 107 -40.90 34.97 -103.69
CA THR Y 107 -41.82 34.52 -102.64
C THR Y 107 -41.63 35.31 -101.34
N VAL Y 108 -42.74 35.58 -100.66
CA VAL Y 108 -42.77 36.28 -99.38
C VAL Y 108 -43.63 35.44 -98.45
N THR Y 109 -43.01 34.87 -97.42
CA THR Y 109 -43.66 33.94 -96.51
C THR Y 109 -43.85 34.57 -95.13
N ARG Y 110 -45.03 34.35 -94.54
CA ARG Y 110 -45.35 34.87 -93.22
C ARG Y 110 -45.88 33.74 -92.36
N ASP Y 111 -45.22 33.48 -91.23
CA ASP Y 111 -45.60 32.45 -90.27
C ASP Y 111 -45.96 33.12 -88.97
N VAL Y 112 -47.18 32.86 -88.48
CA VAL Y 112 -47.66 33.46 -87.24
C VAL Y 112 -48.08 32.32 -86.31
N SER Y 113 -47.23 32.01 -85.32
CA SER Y 113 -47.50 30.93 -84.37
C SER Y 113 -47.04 31.30 -82.98
N ASN Y 114 -47.95 31.14 -82.01
CA ASN Y 114 -47.60 31.22 -80.57
C ASN Y 114 -46.92 32.52 -80.22
N GLY Y 115 -47.44 33.63 -80.73
CA GLY Y 115 -46.87 34.94 -80.46
C GLY Y 115 -45.64 35.31 -81.26
N ARG Y 116 -45.19 34.43 -82.14
CA ARG Y 116 -43.99 34.67 -82.93
C ARG Y 116 -44.43 34.90 -84.36
N THR Y 117 -44.14 36.09 -84.87
CA THR Y 117 -44.40 36.45 -86.25
C THR Y 117 -43.08 36.46 -87.01
N LYS Y 118 -43.04 35.79 -88.17
CA LYS Y 118 -41.81 35.74 -88.97
C LYS Y 118 -42.11 35.91 -90.45
N VAL Y 119 -41.46 36.89 -91.06
CA VAL Y 119 -41.59 37.21 -92.48
C VAL Y 119 -40.25 36.95 -93.16
N SER Y 120 -40.27 36.18 -94.25
CA SER Y 120 -39.08 35.85 -95.02
C SER Y 120 -39.30 36.21 -96.49
N ILE Y 121 -38.26 36.72 -97.14
CA ILE Y 121 -38.31 37.11 -98.54
C ILE Y 121 -37.22 36.37 -99.29
N ASP Y 122 -37.59 35.70 -100.38
CA ASP Y 122 -36.66 34.93 -101.20
C ASP Y 122 -36.81 35.35 -102.66
N ILE Y 123 -35.75 35.91 -103.23
CA ILE Y 123 -35.72 36.32 -104.63
C ILE Y 123 -34.61 35.55 -105.33
N PRO Y 124 -34.88 34.96 -106.49
CA PRO Y 124 -33.85 34.24 -107.24
C PRO Y 124 -33.05 35.16 -108.14
N TYR Y 125 -31.93 34.61 -108.63
CA TYR Y 125 -31.10 35.30 -109.62
C TYR Y 125 -30.57 34.28 -110.63
N TYR Y 126 -29.92 34.80 -111.68
CA TYR Y 126 -29.45 33.99 -112.79
C TYR Y 126 -28.00 34.35 -113.13
N ASP Y 127 -27.38 33.46 -113.91
CA ASP Y 127 -25.98 33.54 -114.29
C ASP Y 127 -25.80 34.48 -115.48
N ARG Y 128 -25.34 35.71 -115.21
CA ARG Y 128 -25.20 36.67 -116.30
C ARG Y 128 -24.15 36.22 -117.31
N ASN Y 129 -23.12 35.50 -116.87
CA ASN Y 129 -22.14 34.97 -117.82
C ASN Y 129 -22.84 34.09 -118.86
N ALA Y 130 -23.72 33.20 -118.39
CA ALA Y 130 -24.46 32.34 -119.31
C ALA Y 130 -25.44 33.15 -120.17
N VAL Y 131 -26.15 34.11 -119.57
CA VAL Y 131 -27.17 34.84 -120.32
C VAL Y 131 -26.52 35.67 -121.42
N GLU Y 132 -25.42 36.37 -121.12
CA GLU Y 132 -24.75 37.16 -122.14
C GLU Y 132 -24.01 36.28 -123.15
N THR Y 133 -23.59 35.07 -122.77
CA THR Y 133 -23.11 34.14 -123.77
C THR Y 133 -24.21 33.80 -124.77
N LEU Y 134 -25.42 33.53 -124.27
CA LEU Y 134 -26.59 33.27 -125.11
C LEU Y 134 -26.84 34.42 -126.08
N LYS Y 135 -26.89 35.65 -125.55
CA LYS Y 135 -27.17 36.80 -126.41
C LYS Y 135 -26.05 37.00 -127.43
N ALA Y 136 -24.80 36.93 -126.98
CA ALA Y 136 -23.66 37.34 -127.82
C ALA Y 136 -23.42 36.37 -128.98
N SER Y 137 -23.45 35.06 -128.72
CA SER Y 137 -23.23 34.12 -129.81
C SER Y 137 -24.53 33.64 -130.45
N ALA Y 138 -25.65 34.30 -130.14
CA ALA Y 138 -26.94 34.06 -130.81
C ALA Y 138 -27.41 32.61 -130.67
N ILE Y 139 -27.31 32.07 -129.46
CA ILE Y 139 -27.78 30.72 -129.13
C ILE Y 139 -29.26 30.83 -128.80
N PRO Y 140 -30.10 29.82 -129.08
CA PRO Y 140 -31.55 29.96 -128.85
C PRO Y 140 -32.05 29.52 -127.48
N GLY Y 141 -31.22 28.99 -126.59
CA GLY Y 141 -31.71 28.51 -125.31
C GLY Y 141 -31.97 29.61 -124.27
N ALA Y 142 -32.41 29.18 -123.09
CA ALA Y 142 -32.64 30.05 -121.95
C ALA Y 142 -31.94 29.49 -120.72
N VAL Y 143 -31.85 30.32 -119.67
CA VAL Y 143 -31.18 29.97 -118.42
C VAL Y 143 -32.21 29.87 -117.31
N ALA Y 144 -32.04 28.85 -116.46
CA ALA Y 144 -32.80 28.65 -115.24
C ALA Y 144 -32.10 29.35 -114.08
N PRO Y 145 -32.84 29.64 -112.99
CA PRO Y 145 -32.21 30.34 -111.85
C PRO Y 145 -31.02 29.58 -111.33
N VAL Y 146 -30.07 30.34 -110.80
CA VAL Y 146 -28.80 29.78 -110.36
C VAL Y 146 -28.67 29.80 -108.83
N GLY Y 147 -29.29 30.75 -108.16
CA GLY Y 147 -29.33 30.79 -106.71
C GLY Y 147 -30.36 31.79 -106.26
N SER Y 148 -30.30 32.14 -104.97
CA SER Y 148 -31.24 33.10 -104.43
C SER Y 148 -30.60 33.93 -103.34
N PHE Y 149 -31.32 34.97 -102.91
CA PHE Y 149 -31.01 35.73 -101.71
C PHE Y 149 -32.25 35.76 -100.82
N LYS Y 150 -32.02 35.69 -99.51
CA LYS Y 150 -33.09 35.58 -98.52
C LYS Y 150 -32.85 36.53 -97.36
N VAL Y 151 -33.94 37.12 -96.89
CA VAL Y 151 -33.94 38.04 -95.76
C VAL Y 151 -35.07 37.64 -94.81
N ASN Y 152 -34.74 37.42 -93.54
CA ASN Y 152 -35.70 37.00 -92.52
C ASN Y 152 -35.87 38.08 -91.46
N VAL Y 153 -37.08 38.20 -90.96
CA VAL Y 153 -37.41 39.16 -89.91
C VAL Y 153 -38.37 38.47 -88.95
N GLU Y 154 -38.15 38.65 -87.65
CA GLU Y 154 -38.80 37.85 -86.63
C GLU Y 154 -39.15 38.73 -85.44
N VAL Y 155 -40.38 38.64 -84.96
CA VAL Y 155 -40.87 39.41 -83.84
C VAL Y 155 -41.39 38.43 -82.81
N LEU Y 156 -40.71 38.36 -81.66
CA LEU Y 156 -41.09 37.46 -80.58
C LEU Y 156 -41.94 38.26 -79.60
N GLY Y 157 -43.25 38.21 -79.78
CA GLY Y 157 -44.15 39.04 -79.01
C GLY Y 157 -45.01 38.23 -78.07
N GLY Y 158 -44.53 37.04 -77.72
CA GLY Y 158 -45.27 36.21 -76.81
C GLY Y 158 -45.17 36.66 -75.37
N GLY Y 159 -46.07 36.13 -74.54
CA GLY Y 159 -45.97 36.30 -73.12
C GLY Y 159 -46.22 37.72 -72.66
N VAL Y 160 -47.38 38.24 -73.01
CA VAL Y 160 -47.82 39.49 -72.40
C VAL Y 160 -48.37 39.20 -71.01
N LEU Y 161 -48.30 40.19 -70.13
CA LEU Y 161 -48.73 40.03 -68.76
C LEU Y 161 -50.26 40.01 -68.67
N THR Y 162 -50.77 39.60 -67.50
CA THR Y 162 -52.20 39.30 -67.37
C THR Y 162 -53.05 40.55 -67.37
N GLY Y 163 -52.56 41.62 -66.76
CA GLY Y 163 -53.27 42.87 -66.72
C GLY Y 163 -53.10 43.74 -67.95
N THR Y 164 -52.52 43.21 -69.02
CA THR Y 164 -52.35 43.98 -70.24
C THR Y 164 -53.72 44.24 -70.85
N ASP Y 165 -54.12 45.51 -70.88
CA ASP Y 165 -55.42 45.90 -71.40
C ASP Y 165 -55.50 45.62 -72.89
N ALA Y 166 -56.70 45.31 -73.36
CA ALA Y 166 -56.91 45.15 -74.80
C ALA Y 166 -56.41 46.37 -75.58
N ASN Y 167 -56.63 47.57 -75.04
CA ASN Y 167 -56.15 48.79 -75.69
C ASN Y 167 -54.63 48.88 -75.65
N ALA Y 168 -54.01 48.47 -74.54
CA ALA Y 168 -52.56 48.59 -74.42
C ALA Y 168 -51.81 47.59 -75.29
N GLN Y 169 -52.49 46.53 -75.75
CA GLN Y 169 -51.82 45.61 -76.67
C GLN Y 169 -51.52 46.29 -77.99
N PHE Y 170 -52.31 47.30 -78.38
CA PHE Y 170 -52.00 48.07 -79.58
C PHE Y 170 -50.74 48.89 -79.37
N ALA Y 171 -50.61 49.51 -78.19
CA ALA Y 171 -49.38 50.24 -77.90
C ALA Y 171 -48.17 49.31 -77.95
N LEU Y 172 -48.33 48.10 -77.43
CA LEU Y 172 -47.23 47.13 -77.53
C LEU Y 172 -46.95 46.76 -78.98
N ASP Y 173 -48.01 46.65 -79.80
CA ASP Y 173 -47.84 46.41 -81.22
C ASP Y 173 -46.90 47.43 -81.83
N GLU Y 174 -47.21 48.71 -81.61
CA GLU Y 174 -46.40 49.78 -82.19
C GLU Y 174 -44.98 49.79 -81.61
N LEU Y 175 -44.84 49.47 -80.32
CA LEU Y 175 -43.48 49.37 -79.76
C LEU Y 175 -42.65 48.33 -80.50
N LEU Y 176 -43.22 47.15 -80.73
CA LEU Y 176 -42.48 46.11 -81.45
C LEU Y 176 -42.16 46.55 -82.88
N SER Y 177 -43.10 47.22 -83.54
CA SER Y 177 -42.83 47.64 -84.92
C SER Y 177 -41.69 48.68 -84.96
N ASN Y 178 -41.61 49.55 -83.95
CA ASN Y 178 -40.49 50.50 -83.91
C ASN Y 178 -39.15 49.80 -83.62
N MET Y 179 -39.17 48.75 -82.79
CA MET Y 179 -37.96 47.95 -82.63
C MET Y 179 -37.56 47.30 -83.95
N LEU Y 180 -38.55 46.88 -84.74
CA LEU Y 180 -38.29 46.34 -86.07
C LEU Y 180 -37.53 47.33 -86.94
N MET Y 181 -38.05 48.56 -87.01
CA MET Y 181 -37.39 49.60 -87.83
C MET Y 181 -35.96 49.83 -87.34
N ASP Y 182 -35.78 49.96 -86.03
CA ASP Y 182 -34.43 50.16 -85.49
C ASP Y 182 -33.51 49.00 -85.84
N ALA Y 183 -34.04 47.78 -85.83
CA ALA Y 183 -33.23 46.61 -86.11
C ALA Y 183 -32.75 46.60 -87.56
N ALA Y 184 -33.66 46.90 -88.50
CA ALA Y 184 -33.22 46.93 -89.90
C ALA Y 184 -32.23 48.06 -90.14
N ARG Y 185 -32.42 49.22 -89.49
CA ARG Y 185 -31.47 50.30 -89.67
C ARG Y 185 -30.10 49.91 -89.13
N ILE Y 186 -30.05 49.23 -87.98
CA ILE Y 186 -28.78 48.77 -87.44
C ILE Y 186 -28.17 47.69 -88.33
N ALA Y 187 -29.01 46.92 -89.00
CA ALA Y 187 -28.52 45.86 -89.87
C ALA Y 187 -27.81 46.42 -91.09
N GLN Y 188 -28.38 47.46 -91.72
CA GLN Y 188 -27.78 48.01 -92.93
C GLN Y 188 -26.97 49.27 -92.69
N ASP Y 189 -26.83 49.68 -91.44
CA ASP Y 189 -26.12 50.91 -91.11
C ASP Y 189 -24.69 50.83 -91.60
N GLY Y 190 -24.20 51.92 -92.16
CA GLY Y 190 -22.82 51.99 -92.58
C GLY Y 190 -22.66 52.73 -93.88
N PRO Y 191 -21.44 53.20 -94.16
CA PRO Y 191 -21.18 53.87 -95.44
C PRO Y 191 -21.32 52.86 -96.57
N LYS Y 192 -21.77 53.36 -97.71
CA LYS Y 192 -21.86 52.57 -98.93
C LYS Y 192 -20.54 52.54 -99.69
N ASN Y 193 -19.52 53.23 -99.17
CA ASN Y 193 -18.17 53.12 -99.73
C ASN Y 193 -17.52 51.81 -99.36
N THR Y 194 -17.99 51.15 -98.30
CA THR Y 194 -17.30 50.00 -97.72
C THR Y 194 -18.24 48.80 -97.64
N ALA Y 195 -17.64 47.61 -97.67
CA ALA Y 195 -18.39 46.36 -97.65
C ALA Y 195 -19.18 46.22 -96.35
N ARG Y 196 -20.44 45.80 -96.44
CA ARG Y 196 -21.18 45.59 -95.20
C ARG Y 196 -22.10 44.37 -95.11
N LEU Y 197 -22.56 43.76 -96.22
CA LEU Y 197 -23.51 42.66 -96.05
C LEU Y 197 -23.12 41.31 -96.66
N VAL Y 198 -22.86 41.26 -97.98
CA VAL Y 198 -22.77 39.97 -98.67
C VAL Y 198 -21.39 39.38 -98.48
N ALA Y 199 -21.32 38.05 -98.60
CA ALA Y 199 -20.07 37.30 -98.50
C ALA Y 199 -19.36 37.57 -97.17
N ALA Y 200 -20.14 37.96 -96.16
CA ALA Y 200 -19.57 38.41 -94.89
C ALA Y 200 -18.76 37.31 -94.24
N SER Y 201 -17.57 37.68 -93.74
CA SER Y 201 -16.69 36.78 -93.01
C SER Y 201 -16.64 37.11 -91.52
N HIS Y 202 -16.45 38.38 -91.19
CA HIS Y 202 -16.47 38.88 -89.83
C HIS Y 202 -16.70 40.37 -89.88
N GLY Y 203 -16.87 40.97 -88.70
CA GLY Y 203 -17.06 42.41 -88.59
C GLY Y 203 -15.78 43.09 -88.12
N VAL Y 204 -15.51 44.27 -88.68
CA VAL Y 204 -14.37 45.07 -88.22
C VAL Y 204 -14.79 46.52 -88.10
N MET Y 205 -15.00 46.98 -86.86
CA MET Y 205 -15.38 48.38 -86.69
C MET Y 205 -14.15 49.28 -86.76
N PRO Y 206 -14.23 50.42 -87.44
CA PRO Y 206 -13.04 51.23 -87.68
C PRO Y 206 -12.61 52.00 -86.45
N GLN Y 207 -11.30 52.27 -86.37
CA GLN Y 207 -10.74 53.00 -85.23
C GLN Y 207 -11.21 54.45 -85.22
N ALA Y 208 -11.21 55.08 -86.37
CA ALA Y 208 -11.66 56.45 -86.51
C ALA Y 208 -12.00 56.71 -87.98
N PRO Z 20 -28.84 1.66 -119.82
CA PRO Z 20 -29.96 2.40 -119.21
C PRO Z 20 -30.08 3.83 -119.75
N VAL Z 21 -31.19 4.10 -120.42
CA VAL Z 21 -31.47 5.41 -121.01
C VAL Z 21 -32.32 6.19 -120.02
N GLN Z 22 -31.86 7.38 -119.64
CA GLN Z 22 -32.54 8.22 -118.65
C GLN Z 22 -33.04 9.50 -119.29
N SER Z 23 -34.15 10.03 -118.75
CA SER Z 23 -34.75 11.25 -119.27
C SER Z 23 -34.35 12.45 -118.41
N SER Z 24 -34.30 13.62 -119.04
CA SER Z 24 -33.89 14.83 -118.33
C SER Z 24 -34.54 16.07 -118.93
N ARG Z 25 -34.46 17.15 -118.15
CA ARG Z 25 -35.00 18.47 -118.48
C ARG Z 25 -33.84 19.45 -118.51
N THR Z 26 -33.52 19.98 -119.69
CA THR Z 26 -32.29 20.73 -119.89
C THR Z 26 -32.57 22.21 -120.02
N THR Z 27 -31.68 23.01 -119.44
CA THR Z 27 -31.54 24.41 -119.80
C THR Z 27 -30.07 24.69 -120.07
N PHE Z 28 -29.80 25.76 -120.81
CA PHE Z 28 -28.41 26.11 -121.08
C PHE Z 28 -27.73 26.62 -119.82
N GLY Z 29 -26.45 26.32 -119.72
CA GLY Z 29 -25.65 26.82 -118.62
C GLY Z 29 -24.73 25.77 -118.04
N VAL Z 30 -24.06 26.17 -116.95
CA VAL Z 30 -23.23 25.28 -116.14
C VAL Z 30 -23.49 25.66 -114.69
N ASN Z 31 -23.46 24.66 -113.82
CA ASN Z 31 -23.51 24.92 -112.40
C ASN Z 31 -22.44 25.93 -112.02
N PRO Z 32 -22.79 26.98 -111.29
CA PRO Z 32 -21.91 28.15 -111.21
C PRO Z 32 -20.73 27.87 -110.30
N ASP Z 33 -19.74 28.74 -110.39
CA ASP Z 33 -18.62 28.75 -109.47
C ASP Z 33 -18.91 29.81 -108.41
N ARG Z 34 -19.07 29.38 -107.17
CA ARG Z 34 -19.38 30.29 -106.08
C ARG Z 34 -18.09 30.83 -105.45
N GLN Z 35 -18.18 32.06 -104.97
CA GLN Z 35 -17.06 32.70 -104.29
C GLN Z 35 -17.12 32.43 -102.80
N ALA Z 36 -15.96 32.25 -102.19
CA ALA Z 36 -15.91 31.99 -100.76
C ALA Z 36 -16.35 33.22 -99.98
N ASN Z 37 -16.88 32.99 -98.78
CA ASN Z 37 -17.37 34.07 -97.93
C ASN Z 37 -16.24 34.68 -97.09
N ALA Z 38 -15.26 35.25 -97.78
CA ALA Z 38 -14.05 35.77 -97.16
C ALA Z 38 -14.00 37.30 -97.18
N ARG Z 39 -15.15 37.93 -97.15
CA ARG Z 39 -15.23 39.38 -97.29
C ARG Z 39 -15.53 40.01 -95.94
N PRO Z 40 -14.56 40.63 -95.27
CA PRO Z 40 -14.85 41.31 -94.00
C PRO Z 40 -15.71 42.54 -94.22
N VAL Z 41 -16.61 42.80 -93.28
CA VAL Z 41 -17.63 43.81 -93.43
C VAL Z 41 -17.50 44.86 -92.34
N TYR Z 42 -18.20 45.96 -92.56
CA TYR Z 42 -18.23 47.07 -91.64
C TYR Z 42 -19.06 46.73 -90.41
N LEU Z 43 -18.61 47.26 -89.28
CA LEU Z 43 -19.26 47.03 -87.99
C LEU Z 43 -19.49 48.39 -87.36
N ALA Z 44 -20.75 48.71 -87.05
CA ALA Z 44 -21.07 50.04 -86.56
C ALA Z 44 -20.36 50.30 -85.23
N PRO Z 45 -19.79 51.50 -85.04
CA PRO Z 45 -19.16 51.83 -83.74
C PRO Z 45 -20.16 52.13 -82.64
N ALA Z 46 -21.45 52.10 -82.96
CA ALA Z 46 -22.55 52.24 -82.00
C ALA Z 46 -23.85 51.87 -82.69
N ALA Z 47 -24.86 51.50 -81.89
CA ALA Z 47 -26.13 51.05 -82.44
C ALA Z 47 -27.20 52.09 -82.15
N PRO Z 48 -27.82 52.74 -83.17
CA PRO Z 48 -28.86 53.71 -82.84
C PRO Z 48 -30.20 53.04 -82.64
N MET Z 49 -30.89 53.38 -81.55
CA MET Z 49 -32.22 52.88 -81.25
C MET Z 49 -33.20 54.04 -81.10
N GLU Z 50 -33.11 55.03 -81.99
CA GLU Z 50 -33.89 56.25 -81.81
C GLU Z 50 -35.38 56.02 -81.97
N ASN Z 51 -35.80 55.21 -82.96
CA ASN Z 51 -37.22 55.02 -83.23
C ASN Z 51 -37.95 54.45 -82.01
N THR Z 52 -37.45 53.34 -81.49
CA THR Z 52 -38.12 52.65 -80.39
C THR Z 52 -38.13 53.50 -79.11
N TYR Z 53 -37.04 54.21 -78.83
CA TYR Z 53 -36.97 54.97 -77.58
C TYR Z 53 -37.77 56.27 -77.64
N THR Z 54 -37.85 56.90 -78.81
CA THR Z 54 -38.80 58.00 -78.93
C THR Z 54 -40.24 57.50 -78.76
N TYR Z 55 -40.57 56.33 -79.30
CA TYR Z 55 -41.93 55.83 -79.05
C TYR Z 55 -42.15 55.50 -77.57
N LEU Z 56 -41.13 54.96 -76.90
CA LEU Z 56 -41.26 54.69 -75.47
C LEU Z 56 -41.48 55.98 -74.69
N GLY Z 57 -40.79 57.05 -75.06
CA GLY Z 57 -41.11 58.35 -74.50
C GLY Z 57 -42.54 58.76 -74.78
N SER Z 58 -43.04 58.41 -75.97
CA SER Z 58 -44.42 58.74 -76.33
C SER Z 58 -45.41 58.10 -75.36
N ILE Z 59 -45.30 56.80 -75.12
CA ILE Z 59 -46.30 56.13 -74.27
C ILE Z 59 -45.96 56.29 -72.79
N GLN Z 60 -44.93 57.08 -72.50
CA GLN Z 60 -44.49 57.33 -71.13
C GLN Z 60 -44.03 56.03 -70.45
N PHE Z 61 -43.39 55.15 -71.24
CA PHE Z 61 -42.71 53.96 -70.74
C PHE Z 61 -43.65 53.00 -70.01
N ALA Z 62 -44.90 52.92 -70.47
CA ALA Z 62 -45.86 52.06 -69.79
C ALA Z 62 -46.92 51.60 -70.77
N ALA Z 63 -47.33 50.34 -70.63
CA ALA Z 63 -48.40 49.78 -71.44
C ALA Z 63 -48.89 48.52 -70.77
N GLY Z 64 -50.19 48.43 -70.54
CA GLY Z 64 -50.71 47.29 -69.79
C GLY Z 64 -50.15 47.37 -68.39
N ARG Z 65 -49.67 46.24 -67.87
CA ARG Z 65 -48.85 46.30 -66.67
C ARG Z 65 -47.38 46.01 -66.98
N HIS Z 66 -46.98 46.20 -68.23
CA HIS Z 66 -45.56 46.32 -68.55
C HIS Z 66 -45.11 47.75 -68.30
N ILE Z 67 -44.06 47.91 -67.50
CA ILE Z 67 -43.41 49.20 -67.37
C ILE Z 67 -41.95 49.04 -67.78
N PHE Z 68 -41.43 50.00 -68.53
CA PHE Z 68 -40.09 49.92 -69.07
C PHE Z 68 -39.17 50.92 -68.39
N GLY Z 69 -37.88 50.76 -68.61
CA GLY Z 69 -36.89 51.64 -68.03
C GLY Z 69 -36.42 52.71 -69.01
N GLU Z 70 -36.02 53.85 -68.46
CA GLU Z 70 -35.43 54.90 -69.27
C GLU Z 70 -33.98 54.56 -69.58
N PRO Z 71 -33.55 54.66 -70.83
CA PRO Z 71 -32.17 54.31 -71.18
C PRO Z 71 -31.21 55.39 -70.74
N ALA Z 72 -29.92 55.06 -70.84
CA ALA Z 72 -28.90 56.07 -70.65
C ALA Z 72 -28.73 56.89 -71.92
N SER Z 73 -28.63 56.21 -73.06
CA SER Z 73 -28.43 56.86 -74.34
C SER Z 73 -29.38 56.25 -75.36
N ASN Z 74 -29.87 57.09 -76.28
CA ASN Z 74 -30.62 56.59 -77.43
C ASN Z 74 -29.71 55.81 -78.36
N VAL Z 75 -28.41 56.08 -78.33
CA VAL Z 75 -27.43 55.35 -79.11
C VAL Z 75 -26.58 54.55 -78.14
N LEU Z 76 -26.57 53.22 -78.35
CA LEU Z 76 -25.94 52.20 -77.52
C LEU Z 76 -24.46 52.05 -77.88
N PRO Z 77 -23.56 52.21 -76.92
CA PRO Z 77 -22.14 52.02 -77.18
C PRO Z 77 -21.79 50.55 -77.24
N PRO Z 78 -20.64 50.21 -77.82
CA PRO Z 78 -20.22 48.79 -77.84
C PRO Z 78 -19.64 48.36 -76.50
N GLN Z 79 -19.94 47.11 -76.13
CA GLN Z 79 -19.48 46.54 -74.87
C GLN Z 79 -18.27 45.64 -75.02
N ASN Z 80 -18.22 44.84 -76.09
CA ASN Z 80 -17.16 43.86 -76.26
C ASN Z 80 -16.54 43.93 -77.65
N ILE Z 81 -16.50 45.10 -78.27
CA ILE Z 81 -15.98 45.24 -79.63
C ILE Z 81 -14.80 46.19 -79.58
N VAL Z 82 -13.60 45.63 -79.66
CA VAL Z 82 -12.40 46.46 -79.78
C VAL Z 82 -12.28 46.93 -81.23
N PRO Z 83 -11.88 48.17 -81.48
CA PRO Z 83 -11.77 48.61 -82.87
C PRO Z 83 -10.58 47.99 -83.54
N GLY Z 84 -10.76 47.66 -84.81
CA GLY Z 84 -9.68 47.04 -85.57
C GLY Z 84 -9.47 45.59 -85.22
N VAL Z 85 -10.32 44.99 -84.40
CA VAL Z 85 -10.21 43.59 -84.02
C VAL Z 85 -11.36 42.85 -84.69
N PRO Z 86 -11.08 41.89 -85.56
CA PRO Z 86 -12.17 41.12 -86.17
C PRO Z 86 -12.94 40.36 -85.10
N THR Z 87 -14.26 40.50 -85.14
CA THR Z 87 -15.16 39.85 -84.19
C THR Z 87 -16.32 39.28 -84.96
N LYS Z 88 -16.65 38.02 -84.73
CA LYS Z 88 -17.81 37.40 -85.36
C LYS Z 88 -19.06 37.53 -84.50
N HIS Z 89 -18.92 38.13 -83.32
CA HIS Z 89 -20.05 38.35 -82.42
C HIS Z 89 -19.76 39.56 -81.55
N GLY Z 90 -20.73 40.46 -81.46
CA GLY Z 90 -20.53 41.71 -80.73
C GLY Z 90 -21.84 42.22 -80.16
N GLU Z 91 -21.70 43.01 -79.09
CA GLU Z 91 -22.87 43.46 -78.34
C GLU Z 91 -22.76 44.93 -78.01
N TYR Z 92 -23.82 45.68 -78.26
CA TYR Z 92 -23.99 47.03 -77.75
C TYR Z 92 -25.01 46.98 -76.63
N VAL Z 93 -24.80 47.78 -75.59
CA VAL Z 93 -25.66 47.67 -74.42
C VAL Z 93 -25.74 49.01 -73.73
N THR Z 94 -26.94 49.40 -73.33
CA THR Z 94 -27.07 50.56 -72.47
C THR Z 94 -27.95 50.24 -71.27
N THR Z 95 -27.72 50.94 -70.19
CA THR Z 95 -28.36 50.61 -68.93
C THR Z 95 -29.70 51.34 -68.83
N ASN Z 96 -30.70 50.66 -68.27
CA ASN Z 96 -32.06 51.16 -68.06
C ASN Z 96 -32.20 51.44 -66.58
N THR Z 97 -32.67 52.65 -66.24
CA THR Z 97 -32.92 53.01 -64.85
C THR Z 97 -34.37 53.51 -64.73
N GLY Z 98 -34.86 53.58 -63.50
CA GLY Z 98 -36.23 54.02 -63.26
C GLY Z 98 -36.52 54.07 -61.78
N ASP Z 99 -37.62 54.76 -61.46
CA ASP Z 99 -38.07 54.92 -60.08
C ASP Z 99 -38.52 53.57 -59.53
N ARG Z 100 -37.85 53.10 -58.48
CA ARG Z 100 -38.11 51.79 -57.89
C ARG Z 100 -37.97 50.68 -58.93
N LEU Z 101 -36.95 50.81 -59.77
CA LEU Z 101 -36.56 49.78 -60.73
C LEU Z 101 -35.11 49.39 -60.47
N MET Z 102 -34.83 48.09 -60.55
CA MET Z 102 -33.45 47.64 -60.52
C MET Z 102 -32.83 47.84 -61.89
N ALA Z 103 -31.70 48.54 -61.94
CA ALA Z 103 -31.06 48.83 -63.22
C ALA Z 103 -30.92 47.55 -64.04
N SER Z 104 -31.31 47.63 -65.33
CA SER Z 104 -31.29 46.45 -66.20
C SER Z 104 -30.85 46.84 -67.61
N SER Z 105 -30.10 45.96 -68.23
CA SER Z 105 -29.42 46.30 -69.48
C SER Z 105 -30.30 45.93 -70.67
N THR Z 106 -30.38 46.85 -71.64
CA THR Z 106 -31.00 46.56 -72.92
C THR Z 106 -29.89 46.34 -73.95
N THR Z 107 -30.06 45.29 -74.78
CA THR Z 107 -28.96 44.70 -75.53
C THR Z 107 -29.26 44.57 -77.02
N VAL Z 108 -28.27 44.92 -77.84
CA VAL Z 108 -28.34 44.77 -79.29
C VAL Z 108 -27.16 43.89 -79.70
N THR Z 109 -27.46 42.73 -80.29
CA THR Z 109 -26.48 41.70 -80.57
C THR Z 109 -26.34 41.52 -82.08
N ARG Z 110 -25.09 41.53 -82.56
CA ARG Z 110 -24.80 41.34 -83.98
C ARG Z 110 -23.89 40.14 -84.15
N ASP Z 111 -24.30 39.20 -85.00
CA ASP Z 111 -23.53 38.00 -85.33
C ASP Z 111 -23.27 38.01 -86.82
N VAL Z 112 -22.00 38.14 -87.19
CA VAL Z 112 -21.58 38.14 -88.59
C VAL Z 112 -20.72 36.91 -88.81
N SER Z 113 -21.21 35.91 -89.55
CA SER Z 113 -20.40 34.74 -89.83
C SER Z 113 -20.92 34.01 -91.06
N ASN Z 114 -19.99 33.52 -91.88
CA ASN Z 114 -20.27 32.64 -93.01
C ASN Z 114 -21.30 33.22 -93.96
N GLY Z 115 -21.20 34.52 -94.23
CA GLY Z 115 -22.10 35.22 -95.12
C GLY Z 115 -23.45 35.56 -94.54
N ARG Z 116 -23.73 35.19 -93.30
CA ARG Z 116 -25.01 35.47 -92.67
C ARG Z 116 -24.76 36.49 -91.58
N THR Z 117 -25.50 37.59 -91.63
CA THR Z 117 -25.43 38.62 -90.61
C THR Z 117 -26.79 38.71 -89.92
N LYS Z 118 -26.79 38.78 -88.58
CA LYS Z 118 -28.02 38.74 -87.80
C LYS Z 118 -27.94 39.72 -86.64
N VAL Z 119 -28.96 40.57 -86.52
CA VAL Z 119 -29.07 41.57 -85.47
C VAL Z 119 -30.30 41.26 -84.64
N SER Z 120 -30.12 41.23 -83.31
CA SER Z 120 -31.19 40.95 -82.36
C SER Z 120 -31.26 42.06 -81.33
N ILE Z 121 -32.48 42.44 -80.93
CA ILE Z 121 -32.70 43.50 -79.95
C ILE Z 121 -33.57 42.95 -78.83
N ASP Z 122 -33.12 43.15 -77.59
CA ASP Z 122 -33.80 42.63 -76.40
C ASP Z 122 -33.93 43.76 -75.39
N ILE Z 123 -35.17 44.12 -75.06
CA ILE Z 123 -35.46 45.15 -74.06
C ILE Z 123 -36.29 44.52 -72.95
N PRO Z 124 -35.95 44.73 -71.69
CA PRO Z 124 -36.71 44.14 -70.59
C PRO Z 124 -37.86 45.03 -70.10
N TYR Z 125 -38.79 44.39 -69.39
CA TYR Z 125 -39.94 45.06 -68.79
C TYR Z 125 -40.19 44.50 -67.39
N TYR Z 126 -40.79 45.33 -66.54
CA TYR Z 126 -41.08 45.05 -65.14
C TYR Z 126 -42.58 45.03 -64.89
N ASP Z 127 -42.94 44.47 -63.72
CA ASP Z 127 -44.33 44.37 -63.26
C ASP Z 127 -44.81 45.72 -62.74
N ARG Z 128 -45.61 46.40 -63.56
CA ARG Z 128 -46.12 47.72 -63.22
C ARG Z 128 -46.94 47.67 -61.93
N ASN Z 129 -47.61 46.55 -61.65
CA ASN Z 129 -48.41 46.44 -60.43
C ASN Z 129 -47.52 46.50 -59.19
N ALA Z 130 -46.41 45.75 -59.22
CA ALA Z 130 -45.45 45.80 -58.13
C ALA Z 130 -44.85 47.19 -57.99
N VAL Z 131 -44.42 47.77 -59.12
CA VAL Z 131 -43.74 49.06 -59.05
C VAL Z 131 -44.65 50.12 -58.47
N GLU Z 132 -45.90 50.19 -58.96
CA GLU Z 132 -46.83 51.22 -58.52
C GLU Z 132 -47.33 50.97 -57.11
N THR Z 133 -47.48 49.71 -56.70
CA THR Z 133 -47.79 49.43 -55.30
C THR Z 133 -46.68 49.93 -54.39
N LEU Z 134 -45.42 49.71 -54.79
CA LEU Z 134 -44.30 50.23 -54.02
C LEU Z 134 -44.31 51.76 -53.98
N LYS Z 135 -44.51 52.40 -55.13
CA LYS Z 135 -44.52 53.86 -55.20
C LYS Z 135 -45.63 54.45 -54.33
N ALA Z 136 -46.88 53.98 -54.54
CA ALA Z 136 -48.00 54.49 -53.77
C ALA Z 136 -47.82 54.22 -52.28
N SER Z 137 -47.28 53.06 -51.92
CA SER Z 137 -47.07 52.78 -50.51
C SER Z 137 -45.78 53.38 -49.97
N ALA Z 138 -45.00 54.09 -50.79
CA ALA Z 138 -43.74 54.67 -50.34
C ALA Z 138 -42.85 53.60 -49.71
N ILE Z 139 -42.67 52.49 -50.42
CA ILE Z 139 -41.81 51.40 -49.98
C ILE Z 139 -40.50 51.52 -50.76
N PRO Z 140 -39.34 51.35 -50.13
CA PRO Z 140 -38.07 51.54 -50.85
C PRO Z 140 -37.56 50.33 -51.62
N GLY Z 141 -38.39 49.35 -51.94
CA GLY Z 141 -37.92 48.21 -52.70
C GLY Z 141 -37.70 48.56 -54.16
N ALA Z 142 -36.72 47.89 -54.78
CA ALA Z 142 -36.44 48.02 -56.20
C ALA Z 142 -36.78 46.71 -56.90
N VAL Z 143 -37.39 46.79 -58.07
CA VAL Z 143 -37.93 45.62 -58.76
C VAL Z 143 -37.00 45.20 -59.90
N ALA Z 144 -36.74 43.90 -59.98
CA ALA Z 144 -36.02 43.30 -61.10
C ALA Z 144 -36.98 43.03 -62.25
N PRO Z 145 -36.46 42.92 -63.48
CA PRO Z 145 -37.34 42.76 -64.64
C PRO Z 145 -38.07 41.43 -64.61
N VAL Z 146 -39.34 41.48 -65.02
CA VAL Z 146 -40.13 40.27 -65.09
C VAL Z 146 -40.01 39.57 -66.45
N GLY Z 147 -39.74 40.30 -67.51
CA GLY Z 147 -39.59 39.66 -68.80
C GLY Z 147 -38.90 40.54 -69.81
N SER Z 148 -39.01 40.17 -71.09
CA SER Z 148 -38.40 40.95 -72.14
C SER Z 148 -39.14 40.76 -73.45
N PHE Z 149 -38.89 41.67 -74.39
CA PHE Z 149 -39.34 41.57 -75.77
C PHE Z 149 -38.14 41.61 -76.71
N LYS Z 150 -38.20 40.78 -77.76
CA LYS Z 150 -37.08 40.56 -78.67
C LYS Z 150 -37.53 40.64 -80.12
N VAL Z 151 -36.63 41.19 -80.94
CA VAL Z 151 -36.84 41.32 -82.38
C VAL Z 151 -35.55 40.91 -83.09
N ASN Z 152 -35.65 39.96 -84.01
CA ASN Z 152 -34.53 39.40 -84.77
C ASN Z 152 -34.62 39.79 -86.23
N VAL Z 153 -33.46 40.00 -86.85
CA VAL Z 153 -33.36 40.38 -88.25
C VAL Z 153 -32.14 39.67 -88.83
N GLU Z 154 -32.28 39.10 -90.02
CA GLU Z 154 -31.29 38.16 -90.52
C GLU Z 154 -31.15 38.30 -92.03
N VAL Z 155 -29.91 38.28 -92.51
CA VAL Z 155 -29.60 38.50 -93.92
C VAL Z 155 -28.66 37.40 -94.36
N LEU Z 156 -29.14 36.54 -95.29
CA LEU Z 156 -28.37 35.42 -95.81
C LEU Z 156 -27.70 35.86 -97.11
N GLY Z 157 -26.50 36.43 -96.98
CA GLY Z 157 -25.78 37.01 -98.09
C GLY Z 157 -24.67 36.17 -98.67
N GLY Z 158 -24.68 34.87 -98.42
CA GLY Z 158 -23.65 34.01 -98.94
C GLY Z 158 -23.94 33.54 -100.35
N GLY Z 159 -22.89 33.06 -101.00
CA GLY Z 159 -23.04 32.41 -102.29
C GLY Z 159 -22.82 33.33 -103.47
N VAL Z 160 -22.11 34.45 -103.27
CA VAL Z 160 -21.87 35.38 -104.36
C VAL Z 160 -21.08 34.68 -105.46
N LEU Z 161 -21.51 34.88 -106.70
CA LEU Z 161 -20.90 34.25 -107.85
C LEU Z 161 -19.49 34.79 -108.11
N THR Z 162 -18.66 33.98 -108.77
CA THR Z 162 -17.24 34.29 -108.86
C THR Z 162 -16.97 35.53 -109.72
N GLY Z 163 -17.73 35.71 -110.80
CA GLY Z 163 -17.53 36.87 -111.64
C GLY Z 163 -17.71 38.20 -110.93
N THR Z 164 -18.55 38.23 -109.89
CA THR Z 164 -18.92 39.47 -109.21
C THR Z 164 -17.69 40.13 -108.61
N ASP Z 165 -17.47 41.40 -108.96
CA ASP Z 165 -16.33 42.12 -108.42
C ASP Z 165 -16.75 42.98 -107.22
N ALA Z 166 -15.82 43.78 -106.70
CA ALA Z 166 -16.07 44.53 -105.47
C ALA Z 166 -17.19 45.54 -105.66
N ASN Z 167 -17.12 46.31 -106.75
CA ASN Z 167 -18.14 47.31 -107.02
C ASN Z 167 -19.52 46.69 -107.13
N ALA Z 168 -19.62 45.54 -107.81
CA ALA Z 168 -20.89 44.84 -107.90
C ALA Z 168 -21.38 44.38 -106.52
N GLN Z 169 -20.45 43.92 -105.68
CA GLN Z 169 -20.86 43.49 -104.33
C GLN Z 169 -21.43 44.67 -103.55
N PHE Z 170 -20.94 45.88 -103.78
CA PHE Z 170 -21.59 47.06 -103.16
C PHE Z 170 -23.07 47.11 -103.51
N ALA Z 171 -23.37 46.90 -104.80
CA ALA Z 171 -24.76 46.92 -105.25
C ALA Z 171 -25.58 45.84 -104.56
N LEU Z 172 -25.00 44.64 -104.43
CA LEU Z 172 -25.69 43.58 -103.72
C LEU Z 172 -25.94 43.97 -102.26
N ASP Z 173 -24.99 44.69 -101.65
CA ASP Z 173 -25.19 45.20 -100.29
C ASP Z 173 -26.47 46.02 -100.19
N GLU Z 174 -26.57 47.03 -101.06
CA GLU Z 174 -27.74 47.90 -100.99
C GLU Z 174 -29.03 47.13 -101.37
N LEU Z 175 -28.91 46.14 -102.24
CA LEU Z 175 -30.10 45.33 -102.59
C LEU Z 175 -30.64 44.61 -101.38
N LEU Z 176 -29.75 43.94 -100.63
CA LEU Z 176 -30.19 43.28 -99.41
C LEU Z 176 -30.73 44.28 -98.40
N SER Z 177 -30.12 45.48 -98.35
CA SER Z 177 -30.65 46.53 -97.48
C SER Z 177 -32.12 46.83 -97.79
N ASN Z 178 -32.43 46.99 -99.08
CA ASN Z 178 -33.80 47.33 -99.44
C ASN Z 178 -34.75 46.16 -99.21
N MET Z 179 -34.28 44.92 -99.38
CA MET Z 179 -35.11 43.77 -99.01
C MET Z 179 -35.39 43.76 -97.51
N LEU Z 180 -34.40 44.14 -96.71
CA LEU Z 180 -34.61 44.32 -95.27
C LEU Z 180 -35.74 45.29 -94.98
N MET Z 181 -35.65 46.49 -95.57
CA MET Z 181 -36.67 47.50 -95.34
C MET Z 181 -38.05 46.97 -95.72
N ASP Z 182 -38.14 46.30 -96.87
CA ASP Z 182 -39.42 45.74 -97.30
C ASP Z 182 -39.93 44.69 -96.33
N ALA Z 183 -39.04 43.84 -95.83
CA ALA Z 183 -39.46 42.81 -94.89
C ALA Z 183 -40.02 43.41 -93.61
N ALA Z 184 -39.36 44.45 -93.09
CA ALA Z 184 -39.85 45.09 -91.87
C ALA Z 184 -41.19 45.77 -92.10
N ARG Z 185 -41.35 46.43 -93.26
CA ARG Z 185 -42.64 47.04 -93.57
C ARG Z 185 -43.74 45.98 -93.67
N ILE Z 186 -43.44 44.84 -94.33
CA ILE Z 186 -44.44 43.78 -94.47
C ILE Z 186 -44.76 43.17 -93.11
N ALA Z 187 -43.80 43.20 -92.18
CA ALA Z 187 -44.04 42.66 -90.85
C ALA Z 187 -44.98 43.56 -90.05
N GLN Z 188 -44.69 44.87 -90.02
CA GLN Z 188 -45.53 45.80 -89.26
C GLN Z 188 -46.77 46.26 -90.01
N ASP Z 189 -46.95 45.83 -91.25
CA ASP Z 189 -48.01 46.35 -92.10
C ASP Z 189 -49.38 46.11 -91.49
N GLY Z 190 -50.23 47.14 -91.57
CA GLY Z 190 -51.59 47.02 -91.13
C GLY Z 190 -52.11 48.26 -90.43
N PRO Z 191 -53.43 48.35 -90.28
CA PRO Z 191 -54.01 49.44 -89.49
C PRO Z 191 -53.57 49.34 -88.04
N LYS Z 192 -53.39 50.51 -87.42
CA LYS Z 192 -53.19 50.54 -85.98
C LYS Z 192 -54.50 50.38 -85.21
N ASN Z 193 -55.63 50.27 -85.92
CA ASN Z 193 -56.92 49.98 -85.28
C ASN Z 193 -57.01 48.53 -84.84
N THR Z 194 -56.32 47.63 -85.52
CA THR Z 194 -56.47 46.19 -85.30
C THR Z 194 -55.17 45.57 -84.80
N ALA Z 195 -55.33 44.40 -84.19
CA ALA Z 195 -54.21 43.67 -83.61
C ALA Z 195 -53.28 43.16 -84.71
N ARG Z 196 -51.96 43.36 -84.54
CA ARG Z 196 -51.08 42.85 -85.59
C ARG Z 196 -49.84 42.08 -85.10
N LEU Z 197 -49.31 42.32 -83.89
CA LEU Z 197 -48.08 41.64 -83.47
C LEU Z 197 -48.12 40.82 -82.17
N VAL Z 198 -48.46 41.45 -81.03
CA VAL Z 198 -48.21 40.81 -79.73
C VAL Z 198 -49.27 39.77 -79.43
N ALA Z 199 -48.88 38.77 -78.65
CA ALA Z 199 -49.77 37.66 -78.28
C ALA Z 199 -50.42 37.04 -79.52
N ALA Z 200 -49.68 37.01 -80.62
CA ALA Z 200 -50.22 36.53 -81.89
C ALA Z 200 -50.58 35.04 -81.79
N SER Z 201 -51.73 34.68 -82.36
CA SER Z 201 -52.15 33.29 -82.46
C SER Z 201 -52.27 32.79 -83.89
N HIS Z 202 -52.84 33.60 -84.78
CA HIS Z 202 -53.07 33.25 -86.17
C HIS Z 202 -53.43 34.51 -86.94
N GLY Z 203 -53.31 34.43 -88.25
CA GLY Z 203 -53.56 35.57 -89.13
C GLY Z 203 -54.87 35.37 -89.86
N VAL Z 204 -55.59 36.47 -90.07
CA VAL Z 204 -56.85 36.46 -90.82
C VAL Z 204 -56.85 37.64 -91.77
N MET Z 205 -57.10 37.36 -93.05
CA MET Z 205 -57.18 38.40 -94.08
C MET Z 205 -58.55 39.04 -94.04
N PRO Z 206 -58.64 40.38 -94.06
CA PRO Z 206 -59.95 41.03 -93.92
C PRO Z 206 -60.86 40.73 -95.10
N GLN Z 207 -62.16 40.85 -94.84
CA GLN Z 207 -63.16 40.53 -95.85
C GLN Z 207 -62.90 41.29 -97.15
N ALA Z 208 -62.55 42.58 -97.04
CA ALA Z 208 -62.12 43.39 -98.16
C ALA Z 208 -63.06 43.26 -99.35
N SER AA 23 -36.25 33.75 -62.60
CA SER AA 23 -36.90 34.26 -61.39
C SER AA 23 -36.51 35.73 -61.13
N SER AA 24 -37.52 36.59 -60.97
CA SER AA 24 -37.32 38.01 -60.76
C SER AA 24 -37.71 38.37 -59.33
N ARG AA 25 -36.80 39.06 -58.63
CA ARG AA 25 -36.97 39.36 -57.21
C ARG AA 25 -36.76 40.84 -56.97
N THR AA 26 -37.63 41.42 -56.16
CA THR AA 26 -37.46 42.78 -55.69
C THR AA 26 -36.49 42.79 -54.50
N THR AA 27 -35.59 43.76 -54.50
CA THR AA 27 -34.50 43.82 -53.54
C THR AA 27 -34.65 45.06 -52.65
N PHE AA 28 -34.46 44.86 -51.35
CA PHE AA 28 -34.43 45.92 -50.35
C PHE AA 28 -33.01 46.02 -49.84
N GLY AA 29 -32.46 47.22 -49.85
CA GLY AA 29 -31.09 47.39 -49.45
C GLY AA 29 -30.13 47.26 -50.62
N VAL AA 30 -28.90 46.89 -50.29
CA VAL AA 30 -27.82 46.83 -51.25
C VAL AA 30 -27.95 45.57 -52.10
N ASN AA 31 -27.81 45.75 -53.42
CA ASN AA 31 -27.71 44.62 -54.33
C ASN AA 31 -26.27 44.46 -54.76
N PRO AA 32 -25.57 43.42 -54.33
CA PRO AA 32 -24.14 43.29 -54.64
C PRO AA 32 -23.80 42.51 -55.90
N ASP AA 33 -24.76 42.25 -56.79
CA ASP AA 33 -24.47 41.51 -58.02
C ASP AA 33 -23.35 42.19 -58.81
N ARG AA 34 -22.30 41.45 -59.11
CA ARG AA 34 -21.18 41.95 -59.90
C ARG AA 34 -21.25 41.44 -61.33
N GLN AA 35 -20.70 42.23 -62.25
CA GLN AA 35 -20.68 41.89 -63.66
C GLN AA 35 -19.47 40.99 -63.94
N ALA AA 36 -19.71 39.90 -64.67
CA ALA AA 36 -18.65 38.96 -64.98
C ALA AA 36 -17.52 39.63 -65.74
N ASN AA 37 -16.28 39.26 -65.39
CA ASN AA 37 -15.06 39.83 -65.96
C ASN AA 37 -14.79 39.19 -67.32
N ALA AA 38 -15.62 39.59 -68.31
CA ALA AA 38 -15.62 38.98 -69.64
C ALA AA 38 -15.62 40.08 -70.70
N ARG AA 39 -14.72 41.05 -70.54
CA ARG AA 39 -14.65 42.22 -71.41
C ARG AA 39 -13.28 42.32 -72.06
N PRO AA 40 -13.17 42.20 -73.38
CA PRO AA 40 -11.89 42.40 -74.04
C PRO AA 40 -11.40 43.83 -73.87
N VAL AA 41 -10.08 43.99 -73.76
CA VAL AA 41 -9.49 45.30 -73.54
C VAL AA 41 -8.43 45.56 -74.59
N TYR AA 42 -8.22 46.85 -74.87
CA TYR AA 42 -7.27 47.27 -75.88
C TYR AA 42 -5.85 46.91 -75.47
N LEU AA 43 -5.06 46.46 -76.45
CA LEU AA 43 -3.69 46.04 -76.24
C LEU AA 43 -2.81 46.84 -77.18
N ALA AA 44 -1.94 47.67 -76.61
CA ALA AA 44 -1.12 48.58 -77.40
C ALA AA 44 -0.26 47.80 -78.40
N PRO AA 45 -0.09 48.31 -79.63
CA PRO AA 45 0.71 47.59 -80.63
C PRO AA 45 2.21 47.66 -80.38
N ALA AA 46 2.63 48.45 -79.38
CA ALA AA 46 4.03 48.57 -79.00
C ALA AA 46 4.09 49.27 -77.65
N ALA AA 47 5.22 49.13 -76.97
CA ALA AA 47 5.34 49.66 -75.63
C ALA AA 47 6.31 50.84 -75.64
N PRO AA 48 5.89 52.08 -75.39
CA PRO AA 48 6.85 53.19 -75.37
C PRO AA 48 7.58 53.25 -74.04
N MET AA 49 8.92 53.24 -74.09
CA MET AA 49 9.75 53.41 -72.91
C MET AA 49 10.57 54.69 -72.99
N GLU AA 50 9.98 55.78 -73.48
CA GLU AA 50 10.77 56.96 -73.81
C GLU AA 50 11.41 57.59 -72.57
N ASN AA 51 10.67 57.66 -71.45
CA ASN AA 51 11.17 58.36 -70.27
C ASN AA 51 12.46 57.72 -69.75
N THR AA 52 12.43 56.41 -69.54
CA THR AA 52 13.57 55.72 -68.93
C THR AA 52 14.80 55.74 -69.83
N TYR AA 53 14.62 55.59 -71.15
CA TYR AA 53 15.77 55.54 -72.05
C TYR AA 53 16.35 56.92 -72.33
N THR AA 54 15.51 57.96 -72.36
CA THR AA 54 16.07 59.30 -72.38
C THR AA 54 16.89 59.58 -71.11
N TYR AA 55 16.40 59.15 -69.94
CA TYR AA 55 17.20 59.38 -68.75
C TYR AA 55 18.50 58.57 -68.78
N LEU AA 56 18.44 57.34 -69.31
CA LEU AA 56 19.65 56.52 -69.43
C LEU AA 56 20.67 57.18 -70.36
N GLY AA 57 20.20 57.77 -71.46
CA GLY AA 57 21.09 58.59 -72.27
C GLY AA 57 21.64 59.77 -71.49
N SER AA 58 20.82 60.35 -70.62
CA SER AA 58 21.28 61.47 -69.80
C SER AA 58 22.48 61.09 -68.95
N ILE AA 59 22.43 59.93 -68.30
CA ILE AA 59 23.56 59.59 -67.42
C ILE AA 59 24.60 58.76 -68.16
N GLN AA 60 24.48 58.69 -69.49
CA GLN AA 60 25.44 57.95 -70.32
C GLN AA 60 25.48 56.47 -69.97
N PHE AA 61 24.32 55.93 -69.61
CA PHE AA 61 24.13 54.50 -69.41
C PHE AA 61 25.07 53.93 -68.34
N ALA AA 62 25.29 54.70 -67.27
CA ALA AA 62 26.21 54.24 -66.23
C ALA AA 62 25.93 55.01 -64.95
N ALA AA 63 25.68 54.27 -63.86
CA ALA AA 63 25.57 54.85 -62.53
C ALA AA 63 26.35 53.96 -61.57
N GLY AA 64 27.35 54.54 -60.92
CA GLY AA 64 28.17 53.80 -59.99
C GLY AA 64 28.89 52.65 -60.68
N ARG AA 65 28.70 51.46 -60.14
CA ARG AA 65 29.25 50.26 -60.73
C ARG AA 65 28.29 49.57 -61.68
N HIS AA 66 27.09 50.12 -61.86
CA HIS AA 66 26.10 49.58 -62.79
C HIS AA 66 26.34 50.21 -64.16
N ILE AA 67 26.56 49.39 -65.18
CA ILE AA 67 26.60 49.88 -66.55
C ILE AA 67 25.44 49.24 -67.31
N PHE AA 68 24.75 50.03 -68.11
CA PHE AA 68 23.58 49.57 -68.84
C PHE AA 68 23.87 49.48 -70.34
N GLY AA 69 23.02 48.74 -71.04
CA GLY AA 69 23.18 48.61 -72.47
C GLY AA 69 22.29 49.57 -73.24
N GLU AA 70 22.68 49.83 -74.49
CA GLU AA 70 21.93 50.73 -75.36
C GLU AA 70 20.83 49.96 -76.10
N PRO AA 71 19.57 50.38 -75.99
CA PRO AA 71 18.51 49.63 -76.65
C PRO AA 71 18.53 49.83 -78.14
N ALA AA 72 17.92 48.88 -78.86
CA ALA AA 72 17.74 49.09 -80.29
C ALA AA 72 16.67 50.13 -80.58
N SER AA 73 15.59 50.16 -79.79
CA SER AA 73 14.55 51.15 -79.98
C SER AA 73 14.05 51.66 -78.64
N ASN AA 74 13.56 52.91 -78.66
CA ASN AA 74 12.89 53.47 -77.50
C ASN AA 74 11.48 52.92 -77.36
N VAL AA 75 10.91 52.41 -78.44
CA VAL AA 75 9.59 51.80 -78.45
C VAL AA 75 9.77 50.33 -78.77
N LEU AA 76 9.22 49.46 -77.91
CA LEU AA 76 9.47 48.03 -77.96
C LEU AA 76 8.39 47.32 -78.74
N PRO AA 77 8.76 46.51 -79.74
CA PRO AA 77 7.76 45.79 -80.55
C PRO AA 77 7.26 44.55 -79.84
N PRO AA 78 6.10 44.02 -80.22
CA PRO AA 78 5.59 42.82 -79.56
C PRO AA 78 6.40 41.60 -79.97
N GLN AA 79 6.64 40.73 -78.99
CA GLN AA 79 7.33 39.47 -79.24
C GLN AA 79 6.40 38.30 -79.44
N ASN AA 80 5.36 38.17 -78.63
CA ASN AA 80 4.47 37.02 -78.68
C ASN AA 80 3.00 37.42 -78.80
N ILE AA 81 2.72 38.61 -79.34
CA ILE AA 81 1.37 39.11 -79.53
C ILE AA 81 1.09 39.22 -81.01
N VAL AA 82 -0.07 38.68 -81.44
CA VAL AA 82 -0.48 38.71 -82.83
C VAL AA 82 -1.77 39.52 -82.89
N PRO AA 83 -1.91 40.44 -83.85
CA PRO AA 83 -3.12 41.25 -83.91
C PRO AA 83 -4.33 40.39 -84.16
N GLY AA 84 -5.40 40.69 -83.44
CA GLY AA 84 -6.66 39.99 -83.61
C GLY AA 84 -6.76 38.71 -82.83
N VAL AA 85 -5.70 38.28 -82.17
CA VAL AA 85 -5.71 37.03 -81.41
C VAL AA 85 -5.71 37.41 -79.93
N PRO AA 86 -6.72 37.04 -79.16
CA PRO AA 86 -6.74 37.39 -77.75
C PRO AA 86 -5.65 36.64 -77.01
N THR AA 87 -4.94 37.35 -76.14
CA THR AA 87 -3.92 36.75 -75.30
C THR AA 87 -4.08 37.30 -73.89
N LYS AA 88 -3.71 36.49 -72.90
CA LYS AA 88 -3.75 36.90 -71.50
C LYS AA 88 -2.37 37.23 -70.97
N HIS AA 89 -1.34 37.02 -71.79
CA HIS AA 89 0.02 37.32 -71.40
C HIS AA 89 0.77 37.71 -72.66
N GLY AA 90 1.43 38.87 -72.62
CA GLY AA 90 2.13 39.38 -73.78
C GLY AA 90 3.41 40.08 -73.38
N GLU AA 91 4.35 40.12 -74.31
CA GLU AA 91 5.67 40.65 -74.01
C GLU AA 91 6.17 41.50 -75.18
N TYR AA 92 6.68 42.67 -74.85
CA TYR AA 92 7.44 43.51 -75.77
C TYR AA 92 8.90 43.45 -75.36
N VAL AA 93 9.81 43.50 -76.33
CA VAL AA 93 11.21 43.24 -76.02
C VAL AA 93 12.10 43.96 -77.03
N THR AA 94 13.23 44.46 -76.54
CA THR AA 94 14.28 44.90 -77.45
C THR AA 94 15.63 44.39 -76.93
N THR AA 95 16.70 44.66 -77.68
CA THR AA 95 18.03 44.16 -77.34
C THR AA 95 18.94 45.33 -76.97
N ASN AA 96 19.51 45.27 -75.76
CA ASN AA 96 20.56 46.17 -75.34
C ASN AA 96 21.88 45.58 -75.80
N THR AA 97 22.66 46.37 -76.54
CA THR AA 97 24.03 46.06 -76.93
C THR AA 97 24.97 47.09 -76.30
N GLY AA 98 26.25 46.75 -76.26
CA GLY AA 98 27.21 47.61 -75.58
C GLY AA 98 28.62 47.15 -75.86
N ASP AA 99 29.56 48.06 -75.58
CA ASP AA 99 30.98 47.78 -75.78
C ASP AA 99 31.46 46.79 -74.72
N ARG AA 100 32.09 45.70 -75.18
CA ARG AA 100 32.52 44.58 -74.32
C ARG AA 100 31.34 43.92 -73.60
N LEU AA 101 30.16 43.98 -74.20
CA LEU AA 101 28.95 43.44 -73.58
C LEU AA 101 28.29 42.40 -74.49
N MET AA 102 27.67 41.42 -73.85
CA MET AA 102 26.87 40.43 -74.56
C MET AA 102 25.43 40.89 -74.64
N ALA AA 103 24.85 40.80 -75.84
CA ALA AA 103 23.49 41.30 -76.08
C ALA AA 103 22.51 40.74 -75.05
N SER AA 104 21.78 41.65 -74.40
CA SER AA 104 20.81 41.24 -73.38
C SER AA 104 19.49 41.95 -73.61
N SER AA 105 18.40 41.20 -73.54
CA SER AA 105 17.10 41.73 -73.88
C SER AA 105 16.47 42.48 -72.70
N THR AA 106 15.79 43.57 -73.02
CA THR AA 106 14.98 44.35 -72.08
C THR AA 106 13.51 44.06 -72.35
N THR AA 107 12.76 43.71 -71.30
CA THR AA 107 11.44 43.10 -71.45
C THR AA 107 10.35 43.88 -70.73
N VAL AA 108 9.18 43.96 -71.37
CA VAL AA 108 8.00 44.62 -70.84
C VAL AA 108 6.85 43.62 -70.94
N THR AA 109 6.37 43.16 -69.80
CA THR AA 109 5.39 42.08 -69.72
C THR AA 109 4.04 42.64 -69.29
N ARG AA 110 2.96 42.20 -69.95
CA ARG AA 110 1.61 42.62 -69.62
C ARG AA 110 0.72 41.40 -69.46
N ASP AA 111 0.06 41.30 -68.31
CA ASP AA 111 -0.83 40.19 -67.99
C ASP AA 111 -2.23 40.75 -67.80
N VAL AA 112 -3.21 40.17 -68.49
CA VAL AA 112 -4.61 40.56 -68.34
C VAL AA 112 -5.43 39.31 -68.02
N SER AA 113 -6.05 39.28 -66.84
CA SER AA 113 -6.82 38.10 -66.43
C SER AA 113 -7.76 38.48 -65.30
N ASN AA 114 -9.02 38.07 -65.40
CA ASN AA 114 -9.99 38.16 -64.30
C ASN AA 114 -10.11 39.59 -63.76
N GLY AA 115 -10.08 40.57 -64.67
CA GLY AA 115 -10.21 41.97 -64.32
C GLY AA 115 -8.98 42.60 -63.73
N ARG AA 116 -7.88 41.87 -63.64
CA ARG AA 116 -6.64 42.36 -63.07
C ARG AA 116 -5.65 42.47 -64.22
N THR AA 117 -5.09 43.66 -64.38
CA THR AA 117 -4.12 43.91 -65.45
C THR AA 117 -2.83 44.39 -64.80
N LYS AA 118 -1.70 43.83 -65.22
CA LYS AA 118 -0.41 44.08 -64.58
C LYS AA 118 0.70 44.20 -65.62
N VAL AA 119 1.42 45.32 -65.56
CA VAL AA 119 2.55 45.61 -66.43
C VAL AA 119 3.83 45.59 -65.60
N SER AA 120 4.84 44.85 -66.06
CA SER AA 120 6.13 44.74 -65.39
C SER AA 120 7.23 45.09 -66.39
N ILE AA 121 8.27 45.78 -65.91
CA ILE AA 121 9.39 46.19 -66.75
C ILE AA 121 10.68 45.71 -66.10
N ASP AA 122 11.52 45.04 -66.91
CA ASP AA 122 12.79 44.46 -66.45
C ASP AA 122 13.91 44.91 -67.38
N ILE AA 123 14.90 45.59 -66.82
CA ILE AA 123 16.09 46.02 -67.55
C ILE AA 123 17.32 45.49 -66.84
N PRO AA 124 18.23 44.82 -67.54
CA PRO AA 124 19.43 44.29 -66.91
C PRO AA 124 20.60 45.28 -66.91
N TYR AA 125 21.55 45.02 -66.01
CA TYR AA 125 22.77 45.81 -65.89
C TYR AA 125 23.98 44.87 -65.82
N TYR AA 126 25.17 45.46 -65.95
CA TYR AA 126 26.43 44.72 -65.97
C TYR AA 126 27.42 45.35 -64.99
N ASP AA 127 28.50 44.61 -64.74
CA ASP AA 127 29.57 45.01 -63.83
C ASP AA 127 30.53 45.98 -64.53
N ARG AA 128 30.42 47.26 -64.17
CA ARG AA 128 31.24 48.26 -64.82
C ARG AA 128 32.72 48.01 -64.56
N ASN AA 129 33.08 47.46 -63.40
CA ASN AA 129 34.48 47.20 -63.10
C ASN AA 129 35.06 46.16 -64.04
N ALA AA 130 34.31 45.09 -64.32
CA ALA AA 130 34.75 44.12 -65.30
C ALA AA 130 34.83 44.74 -66.69
N VAL AA 131 33.82 45.54 -67.05
CA VAL AA 131 33.80 46.09 -68.42
C VAL AA 131 34.99 47.02 -68.65
N GLU AA 132 35.22 47.96 -67.73
CA GLU AA 132 36.31 48.91 -67.91
C GLU AA 132 37.67 48.28 -67.66
N THR AA 133 37.75 47.21 -66.86
CA THR AA 133 39.01 46.50 -66.71
C THR AA 133 39.40 45.79 -68.01
N LEU AA 134 38.42 45.17 -68.68
CA LEU AA 134 38.67 44.62 -70.01
C LEU AA 134 39.10 45.70 -70.99
N LYS AA 135 38.32 46.79 -71.10
CA LYS AA 135 38.69 47.88 -71.98
C LYS AA 135 40.13 48.33 -71.73
N ALA AA 136 40.48 48.54 -70.47
CA ALA AA 136 41.80 49.05 -70.11
C ALA AA 136 42.91 48.02 -70.28
N SER AA 137 42.58 46.73 -70.29
CA SER AA 137 43.60 45.69 -70.44
C SER AA 137 43.79 45.25 -71.90
N ALA AA 138 42.86 45.58 -72.79
CA ALA AA 138 42.99 45.28 -74.22
C ALA AA 138 43.13 43.78 -74.45
N ILE AA 139 42.19 43.05 -73.87
CA ILE AA 139 42.21 41.60 -73.78
C ILE AA 139 40.84 41.10 -74.25
N PRO AA 140 40.76 39.91 -74.84
CA PRO AA 140 39.57 39.56 -75.63
C PRO AA 140 38.24 39.40 -74.87
N GLY AA 141 38.21 39.39 -73.53
CA GLY AA 141 37.01 38.97 -72.83
C GLY AA 141 35.78 39.82 -73.15
N ALA AA 142 34.59 39.21 -72.98
CA ALA AA 142 33.31 39.94 -72.92
C ALA AA 142 32.46 39.42 -71.76
N VAL AA 143 31.50 40.23 -71.33
CA VAL AA 143 30.80 40.06 -70.06
C VAL AA 143 29.29 39.96 -70.29
N ALA AA 144 28.64 39.15 -69.47
CA ALA AA 144 27.21 38.92 -69.42
C ALA AA 144 26.58 39.73 -68.29
N PRO AA 145 25.24 39.88 -68.28
CA PRO AA 145 24.61 40.66 -67.22
C PRO AA 145 24.82 40.09 -65.82
N VAL AA 146 24.79 40.99 -64.85
CA VAL AA 146 24.99 40.64 -63.45
C VAL AA 146 23.68 40.65 -62.67
N GLY AA 147 22.70 41.43 -63.09
CA GLY AA 147 21.43 41.49 -62.41
C GLY AA 147 20.49 42.38 -63.19
N SER AA 148 19.38 42.74 -62.54
CA SER AA 148 18.37 43.53 -63.22
C SER AA 148 17.66 44.41 -62.21
N PHE AA 149 16.92 45.39 -62.75
CA PHE AA 149 15.98 46.19 -61.98
C PHE AA 149 14.60 46.02 -62.60
N LYS AA 150 13.60 45.94 -61.72
CA LYS AA 150 12.22 45.64 -62.09
C LYS AA 150 11.25 46.60 -61.43
N VAL AA 151 10.20 46.92 -62.18
CA VAL AA 151 9.14 47.79 -61.72
C VAL AA 151 7.79 47.19 -62.15
N ASN AA 152 6.88 47.01 -61.18
CA ASN AA 152 5.57 46.43 -61.42
C ASN AA 152 4.46 47.45 -61.17
N VAL AA 153 3.39 47.33 -61.94
CA VAL AA 153 2.23 48.21 -61.84
C VAL AA 153 0.99 47.36 -62.09
N GLU AA 154 -0.01 47.50 -61.22
CA GLU AA 154 -1.11 46.53 -61.13
C GLU AA 154 -2.43 47.25 -60.88
N VAL AA 155 -3.47 46.87 -61.62
CA VAL AA 155 -4.78 47.50 -61.56
C VAL AA 155 -5.82 46.41 -61.35
N LEU AA 156 -6.57 46.50 -60.24
CA LEU AA 156 -7.54 45.48 -59.85
C LEU AA 156 -8.93 46.00 -60.22
N GLY AA 157 -9.30 45.79 -61.48
CA GLY AA 157 -10.53 46.33 -62.03
C GLY AA 157 -11.72 45.41 -62.01
N GLY AA 158 -11.62 44.30 -61.29
CA GLY AA 158 -12.73 43.37 -61.21
C GLY AA 158 -13.82 43.85 -60.28
N GLY AA 159 -15.00 43.30 -60.48
CA GLY AA 159 -16.11 43.56 -59.58
C GLY AA 159 -17.04 44.66 -60.02
N VAL AA 160 -17.15 44.91 -61.33
CA VAL AA 160 -18.03 45.95 -61.81
C VAL AA 160 -19.47 45.56 -61.52
N LEU AA 161 -20.25 46.51 -61.02
CA LEU AA 161 -21.62 46.25 -60.60
C LEU AA 161 -22.53 46.03 -61.81
N THR AA 162 -23.73 45.53 -61.55
CA THR AA 162 -24.61 45.12 -62.64
C THR AA 162 -25.11 46.31 -63.45
N GLY AA 163 -25.45 47.40 -62.77
CA GLY AA 163 -26.04 48.54 -63.45
C GLY AA 163 -25.13 49.19 -64.47
N THR AA 164 -23.82 49.04 -64.29
CA THR AA 164 -22.87 49.75 -65.13
C THR AA 164 -22.98 49.32 -66.60
N ASP AA 165 -23.16 50.30 -67.47
CA ASP AA 165 -23.14 50.05 -68.91
C ASP AA 165 -21.76 50.39 -69.46
N ALA AA 166 -21.65 50.31 -70.79
CA ALA AA 166 -20.35 50.44 -71.43
C ALA AA 166 -19.77 51.83 -71.27
N ASN AA 167 -20.58 52.87 -71.46
CA ASN AA 167 -20.12 54.25 -71.30
C ASN AA 167 -19.57 54.48 -69.89
N ALA AA 168 -20.34 54.05 -68.89
CA ALA AA 168 -19.89 54.15 -67.50
C ALA AA 168 -18.59 53.39 -67.28
N GLN AA 169 -18.45 52.23 -67.94
CA GLN AA 169 -17.21 51.48 -67.80
C GLN AA 169 -16.01 52.25 -68.36
N PHE AA 170 -16.23 53.00 -69.44
CA PHE AA 170 -15.17 53.90 -69.90
C PHE AA 170 -14.80 54.90 -68.83
N ALA AA 171 -15.81 55.47 -68.17
CA ALA AA 171 -15.53 56.41 -67.10
C ALA AA 171 -14.68 55.74 -66.02
N LEU AA 172 -15.00 54.49 -65.68
CA LEU AA 172 -14.25 53.78 -64.65
C LEU AA 172 -12.83 53.50 -65.12
N ASP AA 173 -12.67 53.22 -66.42
CA ASP AA 173 -11.34 53.06 -67.01
C ASP AA 173 -10.48 54.28 -66.71
N GLU AA 174 -11.01 55.46 -67.01
CA GLU AA 174 -10.22 56.68 -66.78
C GLU AA 174 -9.99 56.92 -65.29
N LEU AA 175 -10.97 56.58 -64.44
CA LEU AA 175 -10.77 56.72 -63.00
C LEU AA 175 -9.58 55.92 -62.52
N LEU AA 176 -9.51 54.65 -62.93
CA LEU AA 176 -8.39 53.82 -62.53
C LEU AA 176 -7.08 54.35 -63.07
N SER AA 177 -7.07 54.83 -64.32
CA SER AA 177 -5.81 55.35 -64.86
C SER AA 177 -5.33 56.58 -64.05
N ASN AA 178 -6.27 57.40 -63.58
CA ASN AA 178 -5.89 58.54 -62.75
C ASN AA 178 -5.33 58.09 -61.40
N MET AA 179 -5.92 57.05 -60.81
CA MET AA 179 -5.35 56.50 -59.58
C MET AA 179 -3.95 55.94 -59.84
N LEU AA 180 -3.73 55.38 -61.03
CA LEU AA 180 -2.40 54.92 -61.42
C LEU AA 180 -1.40 56.06 -61.38
N MET AA 181 -1.74 57.17 -62.03
CA MET AA 181 -0.85 58.34 -62.04
C MET AA 181 -0.57 58.82 -60.63
N ASP AA 182 -1.62 58.91 -59.79
CA ASP AA 182 -1.42 59.33 -58.40
C ASP AA 182 -0.46 58.39 -57.68
N ALA AA 183 -0.61 57.08 -57.90
CA ALA AA 183 0.24 56.11 -57.20
C ALA AA 183 1.69 56.24 -57.62
N ALA AA 184 1.95 56.41 -58.92
CA ALA AA 184 3.32 56.58 -59.38
C ALA AA 184 3.95 57.86 -58.82
N ARG AA 185 3.17 58.95 -58.80
CA ARG AA 185 3.69 60.19 -58.24
C ARG AA 185 3.99 60.03 -56.75
N ILE AA 186 3.12 59.33 -56.02
CA ILE AA 186 3.33 59.13 -54.58
C ILE AA 186 4.53 58.24 -54.33
N ALA AA 187 4.81 57.32 -55.25
CA ALA AA 187 5.97 56.44 -55.11
C ALA AA 187 7.27 57.21 -55.33
N GLN AA 188 7.34 57.98 -56.41
CA GLN AA 188 8.57 58.72 -56.73
C GLN AA 188 8.68 60.05 -55.98
N ASP AA 189 7.67 60.41 -55.19
CA ASP AA 189 7.64 61.73 -54.57
C ASP AA 189 8.84 61.93 -53.65
N GLY AA 190 9.41 63.14 -53.69
CA GLY AA 190 10.48 63.50 -52.80
C GLY AA 190 11.60 64.28 -53.48
N PRO AA 191 12.42 64.96 -52.68
CA PRO AA 191 13.58 65.66 -53.24
C PRO AA 191 14.55 64.69 -53.89
N LYS AA 192 15.16 65.14 -54.99
CA LYS AA 192 16.25 64.38 -55.57
C LYS AA 192 17.56 64.56 -54.82
N ASN AA 193 17.59 65.45 -53.82
CA ASN AA 193 18.74 65.56 -52.93
C ASN AA 193 18.95 64.30 -52.12
N THR AA 194 17.91 63.46 -51.98
CA THR AA 194 17.85 62.50 -50.89
C THR AA 194 17.39 61.13 -51.38
N ALA AA 195 17.82 60.10 -50.63
CA ALA AA 195 17.52 58.72 -50.95
C ALA AA 195 16.02 58.46 -50.97
N ARG AA 196 15.51 57.82 -52.03
CA ARG AA 196 14.09 57.49 -51.95
C ARG AA 196 13.65 56.13 -52.48
N LEU AA 197 14.42 55.43 -53.32
CA LEU AA 197 13.99 54.10 -53.80
C LEU AA 197 14.95 52.92 -53.58
N VAL AA 198 16.20 53.02 -54.07
CA VAL AA 198 17.06 51.84 -54.19
C VAL AA 198 17.64 51.48 -52.83
N ALA AA 199 17.90 50.18 -52.64
CA ALA AA 199 18.51 49.65 -51.43
C ALA AA 199 17.75 50.11 -50.18
N ALA AA 200 16.44 50.26 -50.31
CA ALA AA 200 15.62 50.80 -49.24
C ALA AA 200 15.58 49.86 -48.04
N SER AA 201 15.74 50.43 -46.84
CA SER AA 201 15.65 49.71 -45.58
C SER AA 201 14.34 49.97 -44.86
N HIS AA 202 13.98 51.24 -44.73
CA HIS AA 202 12.76 51.70 -44.10
C HIS AA 202 12.50 53.12 -44.56
N GLY AA 203 11.33 53.63 -44.21
CA GLY AA 203 10.91 54.97 -44.60
C GLY AA 203 10.95 55.86 -43.37
N VAL AA 204 11.44 57.10 -43.55
CA VAL AA 204 11.43 58.08 -42.47
C VAL AA 204 10.90 59.40 -43.01
N MET AA 205 10.02 60.04 -42.23
CA MET AA 205 9.42 61.35 -42.50
C MET AA 205 10.22 62.45 -41.82
N PRO AA 206 10.41 63.58 -42.47
CA PRO AA 206 11.14 64.70 -41.85
C PRO AA 206 10.30 65.44 -40.83
N GLN AA 207 10.96 66.33 -40.10
CA GLN AA 207 10.33 67.18 -39.10
C GLN AA 207 10.20 68.60 -39.66
N ALA AA 208 9.01 69.16 -39.56
CA ALA AA 208 8.72 70.53 -39.99
C ALA AA 208 9.08 70.77 -41.45
N GLY BA 11 -81.36 -18.41 62.61
CA GLY BA 11 -81.48 -17.01 62.95
C GLY BA 11 -81.02 -16.67 64.36
N GLN BA 12 -81.62 -15.63 64.94
CA GLN BA 12 -81.25 -15.18 66.27
C GLN BA 12 -81.52 -16.25 67.32
N LEU BA 13 -80.94 -16.05 68.50
CA LEU BA 13 -81.03 -17.00 69.60
C LEU BA 13 -81.81 -16.40 70.76
N TYR BA 14 -82.67 -17.21 71.38
CA TYR BA 14 -83.43 -16.76 72.55
C TYR BA 14 -83.53 -17.92 73.53
N MET BA 15 -84.23 -17.73 74.66
CA MET BA 15 -84.31 -18.74 75.71
C MET BA 15 -85.71 -19.35 75.72
N GLY BA 16 -85.79 -20.62 75.32
CA GLY BA 16 -86.99 -21.42 75.48
C GLY BA 16 -86.81 -22.37 76.64
N GLN BA 17 -87.93 -22.95 77.08
CA GLN BA 17 -87.87 -23.78 78.28
C GLN BA 17 -87.06 -25.06 78.07
N GLN BA 18 -86.81 -25.44 76.82
CA GLN BA 18 -85.92 -26.56 76.56
C GLN BA 18 -84.46 -26.15 76.77
N GLY BA 19 -84.18 -24.86 76.64
CA GLY BA 19 -82.82 -24.34 76.66
C GLY BA 19 -82.71 -23.21 75.66
N PRO BA 20 -81.50 -22.75 75.37
CA PRO BA 20 -81.33 -21.76 74.31
C PRO BA 20 -81.73 -22.34 72.96
N VAL BA 21 -82.61 -21.61 72.26
CA VAL BA 21 -83.27 -22.12 71.07
C VAL BA 21 -83.18 -21.07 69.96
N GLN BA 22 -83.01 -21.56 68.73
CA GLN BA 22 -82.86 -20.70 67.56
C GLN BA 22 -84.24 -20.28 67.05
N SER BA 23 -84.42 -18.98 66.88
CA SER BA 23 -85.66 -18.47 66.30
C SER BA 23 -85.78 -18.91 64.84
N SER BA 24 -87.01 -19.19 64.40
CA SER BA 24 -87.22 -19.72 63.06
C SER BA 24 -88.45 -19.11 62.42
N ARG BA 25 -88.37 -18.92 61.11
CA ARG BA 25 -89.43 -18.29 60.31
C ARG BA 25 -89.87 -19.27 59.23
N THR BA 26 -91.12 -19.72 59.29
CA THR BA 26 -91.60 -20.76 58.39
C THR BA 26 -92.90 -20.34 57.73
N THR BA 27 -93.17 -20.98 56.59
CA THR BA 27 -94.41 -20.80 55.85
C THR BA 27 -95.46 -21.83 56.25
N PHE BA 28 -95.20 -22.58 57.31
CA PHE BA 28 -96.10 -23.63 57.76
C PHE BA 28 -97.38 -23.03 58.35
N GLY BA 29 -98.53 -23.52 57.88
CA GLY BA 29 -99.80 -23.12 58.45
C GLY BA 29 -100.39 -21.84 57.93
N VAL BA 30 -99.97 -21.37 56.76
CA VAL BA 30 -100.52 -20.16 56.15
C VAL BA 30 -101.18 -20.57 54.84
N ASN BA 31 -102.50 -20.38 54.75
CA ASN BA 31 -103.26 -20.71 53.56
C ASN BA 31 -103.44 -19.46 52.71
N PRO BA 32 -102.69 -19.29 51.63
CA PRO BA 32 -102.88 -18.13 50.75
C PRO BA 32 -103.81 -18.34 49.57
N ASP BA 33 -104.50 -19.50 49.50
CA ASP BA 33 -105.44 -19.74 48.42
C ASP BA 33 -106.42 -18.57 48.28
N ARG BA 34 -106.77 -18.25 47.03
CA ARG BA 34 -107.68 -17.16 46.76
C ARG BA 34 -108.94 -17.66 46.07
N GLN BA 35 -110.00 -16.87 46.22
CA GLN BA 35 -111.30 -17.15 45.63
C GLN BA 35 -111.39 -16.41 44.30
N ALA BA 36 -111.87 -17.10 43.27
CA ALA BA 36 -111.92 -16.52 41.94
C ALA BA 36 -112.86 -15.33 41.89
N ASN BA 37 -112.50 -14.35 41.07
CA ASN BA 37 -113.31 -13.15 40.89
C ASN BA 37 -114.47 -13.48 39.94
N ALA BA 38 -115.49 -14.12 40.50
CA ALA BA 38 -116.66 -14.61 39.77
C ALA BA 38 -117.95 -14.08 40.39
N ARG BA 39 -117.92 -12.84 40.85
CA ARG BA 39 -119.00 -12.25 41.63
C ARG BA 39 -119.67 -11.14 40.84
N PRO BA 40 -120.91 -11.31 40.38
CA PRO BA 40 -121.61 -10.19 39.74
C PRO BA 40 -121.78 -9.04 40.72
N VAL BA 41 -121.61 -7.81 40.21
CA VAL BA 41 -121.71 -6.62 41.04
C VAL BA 41 -122.82 -5.72 40.51
N TYR BA 42 -123.32 -4.88 41.41
CA TYR BA 42 -124.39 -3.96 41.06
C TYR BA 42 -123.89 -2.88 40.12
N LEU BA 43 -124.67 -2.61 39.09
CA LEU BA 43 -124.37 -1.58 38.09
C LEU BA 43 -125.46 -0.52 38.16
N ALA BA 44 -125.09 0.69 38.57
CA ALA BA 44 -126.07 1.73 38.80
C ALA BA 44 -126.86 2.02 37.53
N PRO BA 45 -128.16 2.34 37.64
CA PRO BA 45 -128.96 2.65 36.45
C PRO BA 45 -128.74 4.05 35.91
N ALA BA 46 -127.97 4.87 36.61
CA ALA BA 46 -127.61 6.20 36.15
C ALA BA 46 -126.46 6.70 37.02
N ALA BA 47 -125.76 7.71 36.52
CA ALA BA 47 -124.56 8.20 37.20
C ALA BA 47 -124.82 9.59 37.76
N PRO BA 48 -124.83 9.79 39.10
CA PRO BA 48 -125.09 11.16 39.59
C PRO BA 48 -123.83 12.01 39.65
N MET BA 49 -123.79 13.10 38.87
CA MET BA 49 -122.70 14.07 38.92
C MET BA 49 -123.13 15.36 39.65
N GLU BA 50 -123.87 15.24 40.75
CA GLU BA 50 -124.46 16.43 41.36
C GLU BA 50 -123.42 17.41 41.87
N ASN BA 51 -122.37 16.91 42.55
CA ASN BA 51 -121.38 17.81 43.16
C ASN BA 51 -120.73 18.71 42.11
N THR BA 52 -120.20 18.10 41.05
CA THR BA 52 -119.46 18.87 40.04
C THR BA 52 -120.36 19.90 39.36
N TYR BA 53 -121.61 19.54 39.07
CA TYR BA 53 -122.48 20.44 38.32
C TYR BA 53 -123.06 21.55 39.18
N THR BA 54 -123.32 21.28 40.46
CA THR BA 54 -123.66 22.40 41.35
C THR BA 54 -122.49 23.37 41.48
N TYR BA 55 -121.25 22.87 41.54
CA TYR BA 55 -120.14 23.82 41.56
C TYR BA 55 -120.05 24.58 40.24
N LEU BA 56 -120.32 23.91 39.11
CA LEU BA 56 -120.26 24.58 37.83
C LEU BA 56 -121.35 25.65 37.70
N GLY BA 57 -122.51 25.42 38.32
CA GLY BA 57 -123.48 26.50 38.42
C GLY BA 57 -123.00 27.62 39.32
N SER BA 58 -122.26 27.28 40.38
CA SER BA 58 -121.72 28.29 41.28
C SER BA 58 -120.81 29.27 40.54
N ILE BA 59 -119.85 28.75 39.77
CA ILE BA 59 -118.89 29.66 39.12
C ILE BA 59 -119.43 30.15 37.78
N GLN BA 60 -120.70 29.87 37.50
CA GLN BA 60 -121.37 30.30 36.27
C GLN BA 60 -120.73 29.66 35.03
N PHE BA 61 -120.26 28.42 35.16
CA PHE BA 61 -119.73 27.63 34.05
C PHE BA 61 -118.56 28.31 33.36
N ALA BA 62 -117.72 28.98 34.14
CA ALA BA 62 -116.60 29.71 33.56
C ALA BA 62 -115.52 29.89 34.62
N ALA BA 63 -114.32 29.41 34.31
CA ALA BA 63 -113.14 29.72 35.11
C ALA BA 63 -112.04 30.20 34.18
N GLY BA 64 -111.67 31.46 34.30
CA GLY BA 64 -110.66 32.02 33.42
C GLY BA 64 -111.07 31.95 31.97
N ARG BA 65 -110.24 31.29 31.18
CA ARG BA 65 -110.46 31.11 29.76
C ARG BA 65 -111.23 29.82 29.45
N HIS BA 66 -111.44 28.97 30.46
CA HIS BA 66 -112.18 27.73 30.29
C HIS BA 66 -113.66 28.01 30.49
N ILE BA 67 -114.44 27.85 29.42
CA ILE BA 67 -115.88 28.00 29.51
C ILE BA 67 -116.50 26.62 29.34
N PHE BA 68 -117.49 26.30 30.16
CA PHE BA 68 -118.03 24.95 30.18
C PHE BA 68 -119.45 24.93 29.64
N GLY BA 69 -119.87 23.75 29.19
CA GLY BA 69 -121.22 23.59 28.72
C GLY BA 69 -122.18 23.28 29.85
N GLU BA 70 -123.45 23.67 29.64
CA GLU BA 70 -124.53 23.35 30.58
C GLU BA 70 -125.08 21.97 30.27
N PRO BA 71 -125.13 21.07 31.25
CA PRO BA 71 -125.53 19.69 30.98
C PRO BA 71 -127.01 19.58 30.60
N ALA BA 72 -127.36 18.40 30.11
CA ALA BA 72 -128.77 18.05 29.97
C ALA BA 72 -129.38 17.74 31.32
N SER BA 73 -128.71 16.90 32.11
CA SER BA 73 -129.18 16.50 33.41
C SER BA 73 -128.00 16.41 34.37
N ASN BA 74 -128.26 16.69 35.65
CA ASN BA 74 -127.26 16.44 36.68
C ASN BA 74 -127.01 14.96 36.87
N VAL BA 75 -127.95 14.11 36.46
CA VAL BA 75 -127.84 12.67 36.56
C VAL BA 75 -127.85 12.10 35.15
N LEU BA 76 -126.81 11.30 34.83
CA LEU BA 76 -126.53 10.84 33.46
C LEU BA 76 -127.19 9.49 33.20
N PRO BA 77 -127.85 9.35 32.06
CA PRO BA 77 -128.50 8.09 31.72
C PRO BA 77 -127.51 7.12 31.10
N PRO BA 78 -127.81 5.83 31.14
CA PRO BA 78 -126.93 4.85 30.49
C PRO BA 78 -126.88 5.04 28.99
N GLN BA 79 -125.72 4.73 28.41
CA GLN BA 79 -125.50 4.83 26.98
C GLN BA 79 -125.46 3.48 26.27
N ASN BA 80 -124.84 2.46 26.88
CA ASN BA 80 -124.76 1.15 26.27
C ASN BA 80 -125.05 0.04 27.28
N ILE BA 81 -125.84 0.35 28.31
CA ILE BA 81 -126.18 -0.60 29.37
C ILE BA 81 -127.66 -0.92 29.27
N VAL BA 82 -127.99 -2.20 29.37
CA VAL BA 82 -129.38 -2.61 29.28
C VAL BA 82 -129.66 -3.50 30.49
N PRO BA 83 -130.80 -3.31 31.16
CA PRO BA 83 -131.10 -4.12 32.34
C PRO BA 83 -131.13 -5.58 32.00
N GLY BA 84 -130.50 -6.38 32.86
CA GLY BA 84 -130.48 -7.81 32.68
C GLY BA 84 -129.45 -8.33 31.70
N VAL BA 85 -128.64 -7.46 31.11
CA VAL BA 85 -127.57 -7.88 30.20
C VAL BA 85 -126.25 -7.61 30.90
N PRO BA 86 -125.42 -8.62 31.14
CA PRO BA 86 -124.16 -8.39 31.85
C PRO BA 86 -123.08 -7.83 30.93
N THR BA 87 -122.41 -6.77 31.40
CA THR BA 87 -121.35 -6.12 30.65
C THR BA 87 -120.16 -5.92 31.57
N LYS BA 88 -118.98 -5.86 30.97
CA LYS BA 88 -117.77 -5.49 31.68
C LYS BA 88 -117.38 -4.05 31.42
N HIS BA 89 -118.14 -3.35 30.58
CA HIS BA 89 -117.89 -1.95 30.25
C HIS BA 89 -119.22 -1.25 30.06
N GLY BA 90 -119.43 -0.15 30.80
CA GLY BA 90 -120.66 0.61 30.72
C GLY BA 90 -120.43 2.11 30.70
N GLU BA 91 -121.23 2.82 29.91
CA GLU BA 91 -121.04 4.26 29.73
C GLU BA 91 -122.33 5.00 30.02
N TYR BA 92 -122.20 6.14 30.69
CA TYR BA 92 -123.28 7.10 30.86
C TYR BA 92 -122.86 8.41 30.21
N VAL BA 93 -123.83 9.15 29.67
CA VAL BA 93 -123.50 10.35 28.89
C VAL BA 93 -124.66 11.33 28.94
N THR BA 94 -124.34 12.63 28.98
CA THR BA 94 -125.31 13.65 28.55
C THR BA 94 -124.63 14.58 27.55
N THR BA 95 -125.37 15.56 27.06
CA THR BA 95 -124.82 16.49 26.07
C THR BA 95 -124.87 17.91 26.64
N ASN BA 96 -123.69 18.49 26.88
CA ASN BA 96 -123.56 19.89 27.26
C ASN BA 96 -123.93 20.77 26.08
N THR BA 97 -124.65 21.86 26.35
CA THR BA 97 -124.99 22.89 25.37
C THR BA 97 -124.67 24.27 25.95
N GLY BA 98 -124.71 25.29 25.10
CA GLY BA 98 -124.36 26.62 25.53
C GLY BA 98 -124.55 27.63 24.41
N ASP BA 99 -124.47 28.90 24.78
CA ASP BA 99 -124.65 30.00 23.84
C ASP BA 99 -123.46 30.05 22.90
N ARG BA 100 -123.73 29.89 21.59
CA ARG BA 100 -122.70 29.90 20.56
C ARG BA 100 -121.66 28.80 20.82
N LEU BA 101 -122.09 27.67 21.36
CA LEU BA 101 -121.24 26.53 21.60
C LEU BA 101 -121.84 25.32 20.89
N MET BA 102 -121.03 24.65 20.09
CA MET BA 102 -121.48 23.39 19.49
C MET BA 102 -121.60 22.34 20.58
N ALA BA 103 -122.78 21.72 20.69
CA ALA BA 103 -123.06 20.81 21.79
C ALA BA 103 -122.09 19.65 21.80
N SER BA 104 -121.69 19.23 23.00
CA SER BA 104 -120.61 18.27 23.18
C SER BA 104 -120.90 17.39 24.38
N SER BA 105 -120.61 16.11 24.25
CA SER BA 105 -121.02 15.13 25.26
C SER BA 105 -120.05 15.11 26.44
N THR BA 106 -120.59 14.87 27.63
CA THR BA 106 -119.81 14.58 28.82
C THR BA 106 -120.07 13.13 29.22
N THR BA 107 -118.98 12.40 29.55
CA THR BA 107 -119.01 10.94 29.61
C THR BA 107 -118.49 10.41 30.94
N VAL BA 108 -119.12 9.33 31.41
CA VAL BA 108 -118.75 8.65 32.65
C VAL BA 108 -118.65 7.17 32.32
N THR BA 109 -117.44 6.62 32.39
CA THR BA 109 -117.13 5.27 31.98
C THR BA 109 -116.83 4.39 33.18
N ARG BA 110 -117.36 3.16 33.18
CA ARG BA 110 -117.14 2.20 34.26
C ARG BA 110 -116.70 0.88 33.65
N ASP BA 111 -115.52 0.41 34.05
CA ASP BA 111 -114.95 -0.85 33.61
C ASP BA 111 -114.83 -1.78 34.80
N VAL BA 112 -115.42 -2.96 34.70
CA VAL BA 112 -115.41 -3.94 35.79
C VAL BA 112 -114.84 -5.23 35.24
N SER BA 113 -113.57 -5.52 35.53
CA SER BA 113 -112.90 -6.73 35.05
C SER BA 113 -111.97 -7.30 36.10
N ASN BA 114 -112.12 -8.60 36.36
CA ASN BA 114 -111.17 -9.37 37.16
C ASN BA 114 -110.94 -8.76 38.55
N GLY BA 115 -112.02 -8.33 39.18
CA GLY BA 115 -111.93 -7.74 40.51
C GLY BA 115 -111.51 -6.29 40.54
N ARG BA 116 -111.27 -5.68 39.39
CA ARG BA 116 -110.82 -4.30 39.31
C ARG BA 116 -111.97 -3.47 38.76
N THR BA 117 -112.45 -2.53 39.57
CA THR BA 117 -113.49 -1.60 39.17
C THR BA 117 -112.84 -0.24 38.91
N LYS BA 118 -113.14 0.38 37.77
CA LYS BA 118 -112.56 1.69 37.44
C LYS BA 118 -113.60 2.61 36.82
N VAL BA 119 -113.77 3.79 37.44
CA VAL BA 119 -114.71 4.80 36.99
C VAL BA 119 -113.91 6.04 36.55
N SER BA 120 -114.20 6.53 35.35
CA SER BA 120 -113.53 7.70 34.79
C SER BA 120 -114.57 8.72 34.34
N ILE BA 121 -114.28 10.00 34.56
CA ILE BA 121 -115.17 11.09 34.20
C ILE BA 121 -114.41 12.06 33.29
N ASP BA 122 -115.01 12.37 32.14
CA ASP BA 122 -114.41 13.26 31.14
C ASP BA 122 -115.41 14.34 30.77
N ILE BA 123 -115.08 15.59 31.07
CA ILE BA 123 -115.91 16.74 30.73
C ILE BA 123 -115.13 17.67 29.83
N PRO BA 124 -115.70 18.11 28.71
CA PRO BA 124 -115.00 19.02 27.82
C PRO BA 124 -115.16 20.48 28.24
N TYR BA 125 -114.34 21.34 27.62
CA TYR BA 125 -114.45 22.78 27.80
C TYR BA 125 -114.17 23.48 26.48
N TYR BA 126 -114.38 24.79 26.45
CA TYR BA 126 -114.27 25.61 25.24
C TYR BA 126 -113.45 26.85 25.53
N ASP BA 127 -113.03 27.49 24.43
CA ASP BA 127 -112.15 28.66 24.44
C ASP BA 127 -112.96 29.93 24.68
N ARG BA 128 -112.93 30.44 25.91
CA ARG BA 128 -113.73 31.62 26.20
C ARG BA 128 -113.25 32.84 25.42
N ASN BA 129 -111.95 32.92 25.12
CA ASN BA 129 -111.48 34.02 24.28
C ASN BA 129 -112.21 34.02 22.94
N ALA BA 130 -112.33 32.85 22.31
CA ALA BA 130 -113.05 32.74 21.05
C ALA BA 130 -114.55 33.01 21.22
N VAL BA 131 -115.15 32.48 22.29
CA VAL BA 131 -116.59 32.64 22.46
C VAL BA 131 -116.97 34.10 22.69
N GLU BA 132 -116.21 34.80 23.54
CA GLU BA 132 -116.49 36.20 23.78
C GLU BA 132 -116.10 37.08 22.60
N THR BA 133 -115.13 36.66 21.77
CA THR BA 133 -114.91 37.35 20.50
C THR BA 133 -116.16 37.26 19.62
N LEU BA 134 -116.74 36.06 19.53
CA LEU BA 134 -117.97 35.85 18.78
C LEU BA 134 -119.09 36.76 19.28
N LYS BA 135 -119.32 36.78 20.60
CA LYS BA 135 -120.40 37.60 21.12
C LYS BA 135 -120.11 39.08 20.90
N ALA BA 136 -118.88 39.53 21.17
CA ALA BA 136 -118.58 40.96 21.21
C ALA BA 136 -118.61 41.60 19.83
N SER BA 137 -118.01 40.95 18.82
CA SER BA 137 -118.04 41.55 17.49
C SER BA 137 -119.19 41.03 16.64
N ALA BA 138 -120.16 40.33 17.26
CA ALA BA 138 -121.41 39.92 16.60
C ALA BA 138 -121.17 39.05 15.37
N ILE BA 139 -120.28 38.07 15.51
CA ILE BA 139 -119.98 37.08 14.48
C ILE BA 139 -121.02 35.97 14.59
N PRO BA 140 -121.43 35.30 13.51
CA PRO BA 140 -122.48 34.29 13.60
C PRO BA 140 -122.04 32.85 13.87
N GLY BA 141 -120.73 32.56 13.93
CA GLY BA 141 -120.30 31.18 14.10
C GLY BA 141 -120.39 30.68 15.54
N ALA BA 142 -119.97 29.41 15.71
CA ALA BA 142 -119.90 28.76 17.02
C ALA BA 142 -118.52 28.14 17.21
N VAL BA 143 -118.24 27.73 18.45
CA VAL BA 143 -116.96 27.15 18.82
C VAL BA 143 -117.17 25.68 19.19
N ALA BA 144 -116.23 24.85 18.76
CA ALA BA 144 -116.13 23.44 19.12
C ALA BA 144 -115.26 23.29 20.37
N PRO BA 145 -115.40 22.17 21.08
CA PRO BA 145 -114.60 21.99 22.31
C PRO BA 145 -113.11 22.10 22.03
N VAL BA 146 -112.38 22.58 23.02
CA VAL BA 146 -110.97 22.84 22.89
C VAL BA 146 -110.11 21.86 23.66
N GLY BA 147 -110.62 21.33 24.77
CA GLY BA 147 -109.93 20.29 25.51
C GLY BA 147 -110.88 19.66 26.51
N SER BA 148 -110.31 18.92 27.45
CA SER BA 148 -111.14 18.28 28.47
C SER BA 148 -110.38 18.19 29.79
N PHE BA 149 -111.12 17.79 30.82
CA PHE BA 149 -110.55 17.38 32.10
C PHE BA 149 -111.09 16.01 32.46
N LYS BA 150 -110.22 15.20 33.07
CA LYS BA 150 -110.50 13.79 33.36
C LYS BA 150 -110.09 13.45 34.80
N VAL BA 151 -110.93 12.63 35.43
CA VAL BA 151 -110.70 12.14 36.79
C VAL BA 151 -110.97 10.65 36.80
N ASN BA 152 -109.98 9.87 37.28
CA ASN BA 152 -110.06 8.42 37.32
C ASN BA 152 -110.06 7.93 38.76
N VAL BA 153 -110.80 6.86 39.01
CA VAL BA 153 -110.88 6.25 40.34
C VAL BA 153 -110.89 4.74 40.13
N GLU BA 154 -110.12 4.02 40.94
CA GLU BA 154 -109.83 2.62 40.70
C GLU BA 154 -109.82 1.86 42.01
N VAL BA 155 -110.51 0.73 42.06
CA VAL BA 155 -110.62 -0.10 43.25
C VAL BA 155 -110.14 -1.49 42.86
N LEU BA 156 -109.01 -1.91 43.43
CA LEU BA 156 -108.42 -3.22 43.16
C LEU BA 156 -108.88 -4.16 44.25
N GLY BA 157 -109.98 -4.86 44.00
CA GLY BA 157 -110.61 -5.69 45.01
C GLY BA 157 -110.50 -7.15 44.71
N GLY BA 158 -109.50 -7.51 43.91
CA GLY BA 158 -109.32 -8.90 43.56
C GLY BA 158 -108.67 -9.69 44.68
N GLY BA 159 -108.76 -11.01 44.54
CA GLY BA 159 -108.02 -11.91 45.41
C GLY BA 159 -108.52 -11.91 46.84
N VAL BA 160 -109.80 -12.19 47.01
CA VAL BA 160 -110.30 -12.47 48.35
C VAL BA 160 -109.92 -13.90 48.73
N LEU BA 161 -109.79 -14.13 50.03
CA LEU BA 161 -109.38 -15.43 50.54
C LEU BA 161 -110.52 -16.45 50.43
N THR BA 162 -110.18 -17.73 50.60
CA THR BA 162 -111.11 -18.80 50.27
C THR BA 162 -112.25 -18.92 51.28
N GLY BA 163 -111.95 -18.67 52.55
CA GLY BA 163 -112.96 -18.71 53.59
C GLY BA 163 -113.75 -17.45 53.75
N THR BA 164 -113.64 -16.51 52.81
CA THR BA 164 -114.42 -15.28 52.88
C THR BA 164 -115.89 -15.60 52.68
N ASP BA 165 -116.68 -15.41 53.73
CA ASP BA 165 -118.10 -15.71 53.68
C ASP BA 165 -118.81 -14.79 52.69
N ALA BA 166 -119.87 -15.31 52.08
CA ALA BA 166 -120.70 -14.48 51.21
C ALA BA 166 -121.15 -13.21 51.91
N ASN BA 167 -121.51 -13.32 53.20
CA ASN BA 167 -121.91 -12.14 53.98
C ASN BA 167 -120.74 -11.20 54.21
N ALA BA 168 -119.55 -11.74 54.46
CA ALA BA 168 -118.41 -10.89 54.76
C ALA BA 168 -117.89 -10.15 53.54
N GLN BA 169 -118.26 -10.60 52.34
CA GLN BA 169 -117.85 -9.85 51.15
C GLN BA 169 -118.55 -8.49 51.10
N PHE BA 170 -119.72 -8.38 51.71
CA PHE BA 170 -120.37 -7.07 51.81
C PHE BA 170 -119.59 -6.15 52.74
N ALA BA 171 -119.12 -6.70 53.86
CA ALA BA 171 -118.29 -5.90 54.76
C ALA BA 171 -117.04 -5.42 54.04
N LEU BA 172 -116.43 -6.30 53.23
CA LEU BA 172 -115.27 -5.88 52.45
C LEU BA 172 -115.64 -4.81 51.44
N ASP BA 173 -116.84 -4.93 50.84
CA ASP BA 173 -117.34 -3.89 49.95
C ASP BA 173 -117.30 -2.53 50.61
N GLU BA 174 -117.89 -2.44 51.81
CA GLU BA 174 -117.95 -1.17 52.51
C GLU BA 174 -116.57 -0.70 52.93
N LEU BA 175 -115.68 -1.62 53.30
CA LEU BA 175 -114.30 -1.22 53.63
C LEU BA 175 -113.64 -0.53 52.44
N LEU BA 176 -113.76 -1.12 51.25
CA LEU BA 176 -113.16 -0.50 50.07
C LEU BA 176 -113.80 0.85 49.76
N SER BA 177 -115.12 0.96 49.92
CA SER BA 177 -115.75 2.25 49.63
C SER BA 177 -115.27 3.34 50.61
N ASN BA 178 -115.01 2.97 51.87
CA ASN BA 178 -114.47 3.95 52.82
C ASN BA 178 -113.04 4.34 52.47
N MET BA 179 -112.24 3.39 51.99
CA MET BA 179 -110.92 3.75 51.48
C MET BA 179 -111.03 4.71 50.31
N LEU BA 180 -112.04 4.51 49.45
CA LEU BA 180 -112.31 5.44 48.35
C LEU BA 180 -112.52 6.85 48.85
N MET BA 181 -113.42 7.01 49.82
CA MET BA 181 -113.70 8.33 50.37
C MET BA 181 -112.43 8.96 50.95
N ASP BA 182 -111.66 8.19 51.73
CA ASP BA 182 -110.42 8.72 52.30
C ASP BA 182 -109.45 9.13 51.20
N ALA BA 183 -109.41 8.38 50.11
CA ALA BA 183 -108.48 8.69 49.03
C ALA BA 183 -108.84 10.00 48.36
N ALA BA 184 -110.12 10.22 48.06
CA ALA BA 184 -110.51 11.48 47.43
C ALA BA 184 -110.27 12.66 48.38
N ARG BA 185 -110.52 12.46 49.68
CA ARG BA 185 -110.27 13.54 50.62
C ARG BA 185 -108.79 13.89 50.68
N ILE BA 186 -107.92 12.87 50.66
CA ILE BA 186 -106.48 13.12 50.65
C ILE BA 186 -106.06 13.76 49.34
N ALA BA 187 -106.76 13.44 48.25
CA ALA BA 187 -106.42 14.00 46.95
C ALA BA 187 -106.70 15.50 46.89
N GLN BA 188 -107.85 15.94 47.42
CA GLN BA 188 -108.20 17.35 47.36
C GLN BA 188 -107.90 18.12 48.64
N ASP BA 189 -107.32 17.47 49.64
CA ASP BA 189 -107.06 18.09 50.92
C ASP BA 189 -106.15 19.29 50.74
N GLY BA 190 -106.46 20.37 51.45
CA GLY BA 190 -105.63 21.54 51.43
C GLY BA 190 -106.44 22.82 51.44
N PRO BA 191 -105.80 23.93 51.81
CA PRO BA 191 -106.49 25.21 51.78
C PRO BA 191 -106.79 25.59 50.34
N LYS BA 192 -107.91 26.29 50.16
CA LYS BA 192 -108.30 26.82 48.87
C LYS BA 192 -107.64 28.16 48.59
N ASN BA 193 -106.82 28.67 49.53
CA ASN BA 193 -106.02 29.86 49.28
C ASN BA 193 -104.83 29.55 48.39
N THR BA 194 -104.42 28.29 48.31
CA THR BA 194 -103.18 27.93 47.66
C THR BA 194 -103.42 26.87 46.58
N ALA BA 195 -102.52 26.86 45.60
CA ALA BA 195 -102.63 25.95 44.46
C ALA BA 195 -102.54 24.50 44.91
N ARG BA 196 -103.42 23.64 44.38
CA ARG BA 196 -103.28 22.23 44.75
C ARG BA 196 -103.51 21.18 43.66
N LEU BA 197 -104.19 21.48 42.54
CA LEU BA 197 -104.43 20.39 41.59
C LEU BA 197 -103.95 20.60 40.15
N VAL BA 198 -104.38 21.69 39.48
CA VAL BA 198 -104.18 21.79 38.04
C VAL BA 198 -102.78 22.31 37.74
N ALA BA 199 -102.30 21.99 36.54
CA ALA BA 199 -100.99 22.42 36.06
C ALA BA 199 -99.88 22.02 37.01
N ALA BA 200 -100.12 20.95 37.78
CA ALA BA 200 -99.20 20.56 38.85
C ALA BA 200 -97.82 20.23 38.30
N SER BA 201 -96.79 20.75 38.98
CA SER BA 201 -95.39 20.46 38.65
C SER BA 201 -94.74 19.55 39.66
N HIS BA 202 -94.90 19.87 40.95
CA HIS BA 202 -94.40 19.06 42.05
C HIS BA 202 -95.17 19.46 43.31
N GLY BA 203 -94.94 18.74 44.39
CA GLY BA 203 -95.57 19.03 45.66
C GLY BA 203 -94.58 19.72 46.61
N VAL BA 204 -95.09 20.68 47.37
CA VAL BA 204 -94.27 21.34 48.38
C VAL BA 204 -95.07 21.48 49.66
N MET BA 205 -94.79 20.64 50.65
CA MET BA 205 -95.52 20.76 51.92
C MET BA 205 -94.93 21.88 52.77
N PRO BA 206 -95.76 22.69 53.41
CA PRO BA 206 -95.25 23.88 54.10
C PRO BA 206 -94.59 23.53 55.42
N GLN BA 207 -93.63 24.38 55.81
CA GLN BA 207 -92.89 24.17 57.05
C GLN BA 207 -93.78 24.36 58.27
N ALA BA 208 -94.61 25.40 58.24
CA ALA BA 208 -95.53 25.68 59.31
C ALA BA 208 -96.63 26.59 58.78
N PRO CA 20 -105.30 19.94 -6.10
CA PRO CA 20 -106.13 19.08 -5.26
C PRO CA 20 -107.04 19.86 -4.31
N VAL CA 21 -108.35 19.75 -4.51
CA VAL CA 21 -109.34 20.44 -3.70
C VAL CA 21 -109.80 19.48 -2.60
N GLN CA 22 -109.69 19.90 -1.34
CA GLN CA 22 -110.04 19.05 -0.20
C GLN CA 22 -111.23 19.64 0.56
N SER CA 23 -112.02 18.76 1.17
CA SER CA 23 -113.20 19.16 1.92
C SER CA 23 -112.90 19.21 3.41
N SER CA 24 -113.62 20.08 4.12
CA SER CA 24 -113.38 20.25 5.55
C SER CA 24 -114.65 20.69 6.27
N ARG CA 25 -114.60 20.55 7.59
CA ARG CA 25 -115.68 20.91 8.51
C ARG CA 25 -115.16 21.98 9.46
N THR CA 26 -115.70 23.19 9.35
CA THR CA 26 -115.12 24.35 10.01
C THR CA 26 -115.96 24.78 11.21
N THR CA 27 -115.27 25.19 12.27
CA THR CA 27 -115.86 26.00 13.32
C THR CA 27 -114.95 27.20 13.56
N PHE CA 28 -115.52 28.25 14.13
CA PHE CA 28 -114.71 29.42 14.42
C PHE CA 28 -113.73 29.13 15.56
N GLY CA 29 -112.57 29.76 15.47
CA GLY CA 29 -111.58 29.64 16.51
C GLY CA 29 -110.17 29.44 15.98
N VAL CA 30 -109.25 29.22 16.93
CA VAL CA 30 -107.87 28.86 16.63
C VAL CA 30 -107.48 27.81 17.66
N ASN CA 31 -106.65 26.86 17.23
CA ASN CA 31 -106.07 25.91 18.16
C ASN CA 31 -105.42 26.65 19.31
N PRO CA 32 -105.72 26.28 20.55
CA PRO CA 32 -105.41 27.16 21.68
C PRO CA 32 -103.93 27.15 22.00
N ASP CA 33 -103.54 28.13 22.80
CA ASP CA 33 -102.20 28.18 23.37
C ASP CA 33 -102.29 27.61 24.78
N ARG CA 34 -101.63 26.48 25.01
CA ARG CA 34 -101.66 25.84 26.32
C ARG CA 34 -100.55 26.37 27.20
N GLN CA 35 -100.83 26.39 28.50
CA GLN CA 35 -99.85 26.83 29.48
C GLN CA 35 -99.05 25.64 29.98
N ALA CA 36 -97.77 25.86 30.24
CA ALA CA 36 -96.91 24.79 30.75
C ALA CA 36 -97.32 24.39 32.15
N ASN CA 37 -97.04 23.14 32.50
CA ASN CA 37 -97.40 22.60 33.81
C ASN CA 37 -96.32 22.92 34.84
N ALA CA 38 -96.12 24.21 35.09
CA ALA CA 38 -95.05 24.70 35.95
C ALA CA 38 -95.59 25.26 37.28
N ARG CA 39 -96.71 24.74 37.73
CA ARG CA 39 -97.38 25.27 38.90
C ARG CA 39 -97.17 24.35 40.09
N PRO CA 40 -96.31 24.69 41.04
CA PRO CA 40 -96.16 23.85 42.23
C PRO CA 40 -97.39 23.89 43.11
N VAL CA 41 -97.71 22.76 43.71
CA VAL CA 41 -98.97 22.58 44.42
C VAL CA 41 -98.70 22.23 45.87
N TYR CA 42 -99.78 22.34 46.65
CA TYR CA 42 -99.74 22.04 48.07
C TYR CA 42 -99.64 20.55 48.30
N LEU CA 43 -98.93 20.20 49.37
CA LEU CA 43 -98.69 18.82 49.74
C LEU CA 43 -99.06 18.69 51.22
N ALA CA 44 -100.01 17.80 51.52
CA ALA CA 44 -100.51 17.70 52.89
C ALA CA 44 -99.37 17.29 53.84
N PRO CA 45 -99.27 17.92 55.02
CA PRO CA 45 -98.26 17.51 56.01
C PRO CA 45 -98.61 16.20 56.72
N ALA CA 46 -99.76 15.62 56.42
CA ALA CA 46 -100.18 14.30 56.92
C ALA CA 46 -101.41 13.86 56.14
N ALA CA 47 -101.65 12.56 56.13
CA ALA CA 47 -102.76 12.00 55.34
C ALA CA 47 -103.82 11.50 56.29
N PRO CA 48 -105.06 12.03 56.27
CA PRO CA 48 -106.07 11.50 57.19
C PRO CA 48 -106.77 10.30 56.59
N MET CA 49 -106.88 9.21 57.35
CA MET CA 49 -107.58 8.00 56.95
C MET CA 49 -108.70 7.69 57.94
N GLU CA 50 -109.45 8.72 58.36
CA GLU CA 50 -110.42 8.52 59.43
C GLU CA 50 -111.57 7.63 59.02
N ASN CA 51 -112.11 7.79 57.80
CA ASN CA 51 -113.28 7.04 57.36
C ASN CA 51 -113.02 5.53 57.40
N THR CA 52 -111.95 5.09 56.74
CA THR CA 52 -111.67 3.66 56.64
C THR CA 52 -111.34 3.04 57.99
N TYR CA 53 -110.62 3.76 58.86
CA TYR CA 53 -110.21 3.18 60.14
C TYR CA 53 -111.35 3.17 61.15
N THR CA 54 -112.24 4.16 61.12
CA THR CA 54 -113.46 4.03 61.91
C THR CA 54 -114.30 2.85 61.44
N TYR CA 55 -114.39 2.62 60.13
CA TYR CA 55 -115.14 1.44 59.69
C TYR CA 55 -114.44 0.15 60.14
N LEU CA 56 -113.11 0.12 60.09
CA LEU CA 56 -112.40 -1.06 60.55
C LEU CA 56 -112.65 -1.32 62.02
N GLY CA 57 -112.70 -0.25 62.83
CA GLY CA 57 -113.14 -0.41 64.20
C GLY CA 57 -114.56 -0.96 64.29
N SER CA 58 -115.42 -0.54 63.35
CA SER CA 58 -116.79 -1.04 63.33
C SER CA 58 -116.84 -2.55 63.17
N ILE CA 59 -116.15 -3.10 62.18
CA ILE CA 59 -116.25 -4.54 61.92
C ILE CA 59 -115.30 -5.32 62.82
N GLN CA 60 -114.65 -4.62 63.76
CA GLN CA 60 -113.70 -5.23 64.69
C GLN CA 60 -112.52 -5.87 63.94
N PHE CA 61 -112.10 -5.22 62.86
CA PHE CA 61 -110.87 -5.56 62.13
C PHE CA 61 -110.88 -6.99 61.58
N ALA CA 62 -112.05 -7.46 61.17
CA ALA CA 62 -112.14 -8.82 60.67
C ALA CA 62 -113.29 -8.95 59.69
N ALA CA 63 -113.07 -9.73 58.63
CA ALA CA 63 -114.11 -10.01 57.66
C ALA CA 63 -113.67 -11.22 56.85
N GLY CA 64 -114.54 -12.22 56.77
CA GLY CA 64 -114.14 -13.46 56.11
C GLY CA 64 -113.03 -14.08 56.92
N ARG CA 65 -111.97 -14.52 56.25
CA ARG CA 65 -110.76 -14.85 56.98
C ARG CA 65 -109.66 -13.82 56.71
N HIS CA 66 -110.03 -12.62 56.28
CA HIS CA 66 -109.15 -11.48 56.36
C HIS CA 66 -109.20 -10.89 57.77
N ILE CA 67 -108.03 -10.75 58.39
CA ILE CA 67 -107.95 -10.00 59.64
C ILE CA 67 -106.95 -8.86 59.41
N PHE CA 68 -107.29 -7.68 59.93
CA PHE CA 68 -106.49 -6.49 59.71
C PHE CA 68 -105.81 -6.06 61.01
N GLY CA 69 -104.83 -5.16 60.86
CA GLY CA 69 -104.11 -4.66 62.01
C GLY CA 69 -104.63 -3.32 62.48
N GLU CA 70 -104.46 -3.07 63.78
CA GLU CA 70 -104.80 -1.77 64.35
C GLU CA 70 -103.70 -0.77 64.03
N PRO CA 71 -104.03 0.42 63.53
CA PRO CA 71 -103.00 1.40 63.19
C PRO CA 71 -102.43 2.05 64.43
N ALA CA 72 -101.36 2.81 64.20
CA ALA CA 72 -100.85 3.65 65.27
C ALA CA 72 -101.66 4.94 65.36
N SER CA 73 -101.90 5.57 64.22
CA SER CA 73 -102.64 6.82 64.16
C SER CA 73 -103.66 6.75 63.04
N ASN CA 74 -104.82 7.38 63.28
CA ASN CA 74 -105.79 7.56 62.20
C ASN CA 74 -105.27 8.51 61.14
N VAL CA 75 -104.34 9.38 61.51
CA VAL CA 75 -103.69 10.31 60.59
C VAL CA 75 -102.24 9.87 60.45
N LEU CA 76 -101.83 9.57 59.20
CA LEU CA 76 -100.55 9.03 58.78
C LEU CA 76 -99.53 10.14 58.61
N PRO CA 77 -98.40 10.08 59.32
CA PRO CA 77 -97.35 11.08 59.16
C PRO CA 77 -96.56 10.84 57.88
N PRO CA 78 -95.83 11.85 57.41
CA PRO CA 78 -94.99 11.65 56.22
C PRO CA 78 -93.70 10.89 56.56
N GLN CA 79 -93.28 10.02 55.63
CA GLN CA 79 -92.07 9.22 55.82
C GLN CA 79 -90.87 9.78 55.07
N ASN CA 80 -91.07 10.29 53.85
CA ASN CA 80 -89.97 10.74 53.02
C ASN CA 80 -90.21 12.13 52.44
N ILE CA 81 -90.93 12.99 53.16
CA ILE CA 81 -91.26 14.31 52.65
C ILE CA 81 -90.66 15.33 53.61
N VAL CA 82 -89.57 15.94 53.20
CA VAL CA 82 -89.00 17.06 53.96
C VAL CA 82 -89.81 18.31 53.67
N PRO CA 83 -90.09 19.17 54.65
CA PRO CA 83 -90.87 20.37 54.35
C PRO CA 83 -90.04 21.37 53.58
N GLY CA 84 -90.69 22.05 52.65
CA GLY CA 84 -90.00 23.03 51.84
C GLY CA 84 -89.12 22.43 50.77
N VAL CA 85 -89.17 21.12 50.59
CA VAL CA 85 -88.36 20.44 49.58
C VAL CA 85 -89.31 19.95 48.50
N PRO CA 86 -89.18 20.41 47.26
CA PRO CA 86 -90.04 19.90 46.19
C PRO CA 86 -89.82 18.41 46.00
N THR CA 87 -90.93 17.66 45.98
CA THR CA 87 -90.91 16.22 45.82
C THR CA 87 -92.00 15.85 44.83
N LYS CA 88 -91.67 15.05 43.83
CA LYS CA 88 -92.64 14.56 42.87
C LYS CA 88 -93.24 13.23 43.30
N HIS CA 89 -92.76 12.68 44.41
CA HIS CA 89 -93.27 11.43 44.95
C HIS CA 89 -93.05 11.40 46.46
N GLY CA 90 -94.11 11.05 47.18
CA GLY CA 90 -94.05 11.07 48.64
C GLY CA 90 -94.97 10.03 49.25
N GLU CA 91 -94.63 9.63 50.47
CA GLU CA 91 -95.32 8.53 51.11
C GLU CA 91 -95.61 8.88 52.57
N TYR CA 92 -96.86 8.65 52.98
CA TYR CA 92 -97.22 8.65 54.39
C TYR CA 92 -97.44 7.20 54.81
N VAL CA 93 -97.04 6.86 56.03
CA VAL CA 93 -97.09 5.46 56.44
C VAL CA 93 -97.30 5.39 57.95
N THR CA 94 -98.19 4.49 58.36
CA THR CA 94 -98.28 4.19 59.78
C THR CA 94 -98.25 2.69 60.00
N THR CA 95 -97.78 2.31 61.19
CA THR CA 95 -97.52 0.91 61.46
C THR CA 95 -98.79 0.26 62.01
N ASN CA 96 -99.03 -0.99 61.61
CA ASN CA 96 -100.17 -1.81 62.02
C ASN CA 96 -99.65 -2.85 62.99
N THR CA 97 -100.29 -2.97 64.16
CA THR CA 97 -99.92 -3.98 65.14
C THR CA 97 -101.16 -4.79 65.50
N GLY CA 98 -100.96 -5.95 66.12
CA GLY CA 98 -102.07 -6.81 66.49
C GLY CA 98 -101.58 -8.01 67.25
N ASP CA 99 -102.52 -8.70 67.90
CA ASP CA 99 -102.24 -9.90 68.68
C ASP CA 99 -101.82 -11.02 67.74
N ARG CA 100 -100.59 -11.51 67.92
CA ARG CA 100 -100.00 -12.54 67.06
C ARG CA 100 -100.01 -12.10 65.59
N LEU CA 101 -99.68 -10.83 65.38
CA LEU CA 101 -99.47 -10.25 64.05
C LEU CA 101 -98.07 -9.67 63.98
N MET CA 102 -97.41 -9.89 62.84
CA MET CA 102 -96.14 -9.21 62.60
C MET CA 102 -96.44 -7.79 62.15
N ALA CA 103 -95.84 -6.81 62.83
CA ALA CA 103 -96.09 -5.41 62.50
C ALA CA 103 -95.92 -5.17 61.00
N SER CA 104 -96.90 -4.48 60.40
CA SER CA 104 -96.90 -4.25 58.96
C SER CA 104 -97.39 -2.85 58.64
N SER CA 105 -96.80 -2.24 57.63
CA SER CA 105 -97.02 -0.82 57.36
C SER CA 105 -98.17 -0.66 56.38
N THR CA 106 -99.06 0.29 56.68
CA THR CA 106 -100.08 0.72 55.74
C THR CA 106 -99.66 2.06 55.14
N THR CA 107 -99.83 2.19 53.81
CA THR CA 107 -99.12 3.20 53.04
C THR CA 107 -100.06 4.01 52.16
N VAL CA 108 -99.82 5.33 52.13
CA VAL CA 108 -100.54 6.26 51.28
C VAL CA 108 -99.51 6.98 50.42
N THR CA 109 -99.61 6.81 49.11
CA THR CA 109 -98.61 7.27 48.16
C THR CA 109 -99.18 8.37 47.28
N ARG CA 110 -98.46 9.49 47.15
CA ARG CA 110 -98.88 10.59 46.31
C ARG CA 110 -97.80 10.88 45.28
N ASP CA 111 -98.20 10.91 44.01
CA ASP CA 111 -97.32 11.21 42.88
C ASP CA 111 -97.87 12.44 42.18
N VAL CA 112 -97.12 13.52 42.21
CA VAL CA 112 -97.50 14.78 41.56
C VAL CA 112 -96.47 15.04 40.47
N SER CA 113 -96.87 14.92 39.20
CA SER CA 113 -95.93 15.22 38.12
C SER CA 113 -96.68 15.52 36.83
N ASN CA 114 -96.19 16.51 36.09
CA ASN CA 114 -96.65 16.83 34.74
C ASN CA 114 -98.15 17.06 34.67
N GLY CA 115 -98.68 17.76 35.67
CA GLY CA 115 -100.10 18.07 35.75
C GLY CA 115 -100.99 16.94 36.21
N ARG CA 116 -100.45 15.76 36.48
CA ARG CA 116 -101.22 14.62 36.92
C ARG CA 116 -100.87 14.35 38.37
N THR CA 117 -101.88 14.31 39.21
CA THR CA 117 -101.69 13.98 40.62
C THR CA 117 -102.44 12.68 40.92
N LYS CA 118 -101.78 11.76 41.63
CA LYS CA 118 -102.34 10.43 41.87
C LYS CA 118 -102.05 9.99 43.31
N VAL CA 119 -103.11 9.56 44.00
CA VAL CA 119 -103.04 9.09 45.38
C VAL CA 119 -103.46 7.64 45.42
N SER CA 120 -102.65 6.80 46.06
CA SER CA 120 -102.91 5.37 46.19
C SER CA 120 -102.85 4.97 47.66
N ILE CA 121 -103.74 4.07 48.07
CA ILE CA 121 -103.81 3.60 49.46
C ILE CA 121 -103.71 2.08 49.46
N ASP CA 122 -102.82 1.54 50.28
CA ASP CA 122 -102.55 0.11 50.36
C ASP CA 122 -102.57 -0.30 51.83
N ILE CA 123 -103.51 -1.18 52.19
CA ILE CA 123 -103.61 -1.71 53.54
C ILE CA 123 -103.47 -3.23 53.48
N PRO CA 124 -102.64 -3.84 54.31
CA PRO CA 124 -102.46 -5.30 54.28
C PRO CA 124 -103.44 -6.05 55.18
N TYR CA 125 -103.58 -7.35 54.90
CA TYR CA 125 -104.42 -8.25 55.67
C TYR CA 125 -103.70 -9.58 55.86
N TYR CA 126 -104.04 -10.28 56.95
CA TYR CA 126 -103.46 -11.54 57.37
C TYR CA 126 -104.50 -12.65 57.33
N ASP CA 127 -103.99 -13.89 57.39
CA ASP CA 127 -104.80 -15.12 57.42
C ASP CA 127 -105.41 -15.33 58.80
N ARG CA 128 -106.70 -15.00 58.90
CA ARG CA 128 -107.41 -15.12 60.17
C ARG CA 128 -107.38 -16.55 60.69
N ASN CA 129 -107.35 -17.54 59.80
CA ASN CA 129 -107.32 -18.94 60.23
C ASN CA 129 -106.02 -19.24 60.97
N ALA CA 130 -104.90 -18.79 60.43
CA ALA CA 130 -103.62 -18.96 61.09
C ALA CA 130 -103.59 -18.20 62.41
N VAL CA 131 -104.04 -16.94 62.39
CA VAL CA 131 -103.95 -16.13 63.60
C VAL CA 131 -104.78 -16.75 64.73
N GLU CA 132 -106.02 -17.15 64.42
CA GLU CA 132 -106.91 -17.67 65.45
C GLU CA 132 -106.50 -19.07 65.89
N THR CA 133 -105.93 -19.88 64.98
CA THR CA 133 -105.37 -21.17 65.42
C THR CA 133 -104.23 -20.96 66.40
N LEU CA 134 -103.37 -19.97 66.13
CA LEU CA 134 -102.30 -19.64 67.06
C LEU CA 134 -102.85 -19.15 68.40
N LYS CA 135 -103.83 -18.25 68.37
CA LYS CA 135 -104.42 -17.71 69.59
C LYS CA 135 -105.07 -18.80 70.43
N ALA CA 136 -105.96 -19.59 69.80
CA ALA CA 136 -106.64 -20.65 70.53
C ALA CA 136 -105.66 -21.69 71.05
N SER CA 137 -104.62 -22.01 70.27
CA SER CA 137 -103.65 -22.97 70.75
C SER CA 137 -102.59 -22.35 71.65
N ALA CA 138 -102.65 -21.05 71.93
CA ALA CA 138 -101.66 -20.38 72.77
C ALA CA 138 -100.25 -20.64 72.24
N ILE CA 139 -100.07 -20.41 70.95
CA ILE CA 139 -98.76 -20.55 70.30
C ILE CA 139 -98.18 -19.15 70.14
N PRO CA 140 -96.89 -18.93 70.42
CA PRO CA 140 -96.33 -17.57 70.33
C PRO CA 140 -95.87 -17.13 68.96
N GLY CA 141 -96.32 -17.75 67.87
CA GLY CA 141 -95.91 -17.30 66.55
C GLY CA 141 -96.61 -16.02 66.15
N ALA CA 142 -95.91 -15.20 65.36
CA ALA CA 142 -96.45 -13.97 64.79
C ALA CA 142 -96.57 -14.13 63.28
N VAL CA 143 -97.68 -13.66 62.71
CA VAL CA 143 -98.00 -13.91 61.31
C VAL CA 143 -97.70 -12.68 60.48
N ALA CA 144 -97.05 -12.89 59.34
CA ALA CA 144 -96.83 -11.87 58.34
C ALA CA 144 -98.06 -11.74 57.43
N PRO CA 145 -98.23 -10.58 56.79
CA PRO CA 145 -99.43 -10.36 55.99
C PRO CA 145 -99.51 -11.28 54.78
N VAL CA 146 -100.71 -11.75 54.51
CA VAL CA 146 -100.91 -12.62 53.35
C VAL CA 146 -101.24 -11.82 52.09
N GLY CA 147 -101.84 -10.65 52.22
CA GLY CA 147 -102.13 -9.86 51.03
C GLY CA 147 -102.43 -8.42 51.36
N SER CA 148 -103.02 -7.72 50.40
CA SER CA 148 -103.37 -6.31 50.61
C SER CA 148 -104.55 -5.93 49.71
N PHE CA 149 -105.15 -4.79 50.07
CA PHE CA 149 -106.17 -4.13 49.25
C PHE CA 149 -105.71 -2.71 48.93
N LYS CA 150 -105.98 -2.29 47.68
CA LYS CA 150 -105.49 -1.03 47.15
C LYS CA 150 -106.59 -0.25 46.45
N VAL CA 151 -106.51 1.07 46.61
CA VAL CA 151 -107.44 2.01 45.98
C VAL CA 151 -106.64 3.16 45.39
N ASN CA 152 -106.83 3.44 44.10
CA ASN CA 152 -106.13 4.47 43.36
C ASN CA 152 -107.09 5.58 42.96
N VAL CA 153 -106.57 6.81 42.94
CA VAL CA 153 -107.34 8.00 42.58
C VAL CA 153 -106.41 8.92 41.80
N GLU CA 154 -106.92 9.48 40.70
CA GLU CA 154 -106.04 10.13 39.73
C GLU CA 154 -106.74 11.34 39.11
N VAL CA 155 -106.01 12.43 38.97
CA VAL CA 155 -106.57 13.70 38.50
C VAL CA 155 -105.65 14.21 37.40
N LEU CA 156 -106.16 14.28 36.17
CA LEU CA 156 -105.41 14.75 35.01
C LEU CA 156 -105.71 16.23 34.81
N GLY CA 157 -104.92 17.08 35.47
CA GLY CA 157 -105.13 18.51 35.49
C GLY CA 157 -104.24 19.31 34.57
N GLY CA 158 -103.64 18.69 33.57
CA GLY CA 158 -102.78 19.40 32.66
C GLY CA 158 -103.55 20.07 31.54
N GLY CA 159 -102.88 21.01 30.89
CA GLY CA 159 -103.40 21.62 29.69
C GLY CA 159 -104.16 22.89 29.91
N VAL CA 160 -103.93 23.58 31.04
CA VAL CA 160 -104.63 24.81 31.33
C VAL CA 160 -104.31 25.84 30.25
N LEU CA 161 -105.35 26.51 29.77
CA LEU CA 161 -105.21 27.49 28.70
C LEU CA 161 -104.45 28.73 29.18
N THR CA 162 -103.83 29.43 28.22
CA THR CA 162 -102.88 30.50 28.58
C THR CA 162 -103.56 31.68 29.25
N GLY CA 163 -104.76 32.03 28.79
CA GLY CA 163 -105.46 33.16 29.40
C GLY CA 163 -105.74 32.98 30.89
N THR CA 164 -105.90 31.74 31.34
CA THR CA 164 -106.30 31.46 32.73
C THR CA 164 -105.29 32.03 33.72
N ASP CA 165 -105.76 32.84 34.65
CA ASP CA 165 -104.87 33.40 35.65
C ASP CA 165 -104.91 32.59 36.94
N ALA CA 166 -104.22 33.07 37.98
CA ALA CA 166 -104.09 32.30 39.21
C ALA CA 166 -105.42 32.09 39.90
N ASN CA 167 -106.21 33.16 40.02
CA ASN CA 167 -107.52 33.07 40.66
C ASN CA 167 -108.40 32.08 39.93
N ALA CA 168 -108.40 32.10 38.60
CA ALA CA 168 -109.17 31.14 37.82
C ALA CA 168 -108.69 29.71 38.08
N GLN CA 169 -107.37 29.52 38.18
CA GLN CA 169 -106.86 28.18 38.44
C GLN CA 169 -107.35 27.66 39.79
N PHE CA 170 -107.53 28.55 40.77
CA PHE CA 170 -108.15 28.11 42.03
C PHE CA 170 -109.51 27.46 41.76
N ALA CA 171 -110.32 28.11 40.92
CA ALA CA 171 -111.64 27.57 40.59
C ALA CA 171 -111.51 26.21 39.92
N LEU CA 172 -110.55 26.07 39.01
CA LEU CA 172 -110.34 24.78 38.38
C LEU CA 172 -109.95 23.72 39.41
N ASP CA 173 -109.18 24.12 40.43
CA ASP CA 173 -108.83 23.21 41.52
C ASP CA 173 -110.08 22.64 42.16
N GLU CA 174 -110.98 23.53 42.59
CA GLU CA 174 -112.18 23.05 43.27
C GLU CA 174 -113.08 22.26 42.31
N LEU CA 175 -113.07 22.61 41.02
CA LEU CA 175 -113.86 21.85 40.05
C LEU CA 175 -113.40 20.41 39.97
N LEU CA 176 -112.09 20.20 39.84
CA LEU CA 176 -111.57 18.84 39.84
C LEU CA 176 -111.85 18.14 41.17
N SER CA 177 -111.80 18.89 42.28
CA SER CA 177 -112.17 18.29 43.56
C SER CA 177 -113.58 17.71 43.52
N ASN CA 178 -114.53 18.48 43.00
CA ASN CA 178 -115.91 18.01 42.99
C ASN CA 178 -116.10 16.84 42.01
N MET CA 179 -115.35 16.85 40.89
CA MET CA 179 -115.39 15.68 40.00
C MET CA 179 -114.85 14.44 40.72
N LEU CA 180 -113.81 14.62 41.54
CA LEU CA 180 -113.32 13.53 42.38
C LEU CA 180 -114.42 12.96 43.26
N MET CA 181 -115.08 13.83 44.02
CA MET CA 181 -116.15 13.39 44.90
C MET CA 181 -117.21 12.62 44.13
N ASP CA 182 -117.61 13.15 42.97
CA ASP CA 182 -118.62 12.47 42.16
C ASP CA 182 -118.14 11.11 41.68
N ALA CA 183 -116.87 11.02 41.29
CA ALA CA 183 -116.35 9.74 40.81
C ALA CA 183 -116.37 8.70 41.93
N ALA CA 184 -115.98 9.09 43.14
CA ALA CA 184 -115.98 8.14 44.25
C ALA CA 184 -117.39 7.71 44.61
N ARG CA 185 -118.34 8.64 44.59
CA ARG CA 185 -119.72 8.28 44.84
C ARG CA 185 -120.25 7.32 43.78
N ILE CA 186 -119.93 7.57 42.49
CA ILE CA 186 -120.37 6.69 41.41
C ILE CA 186 -119.72 5.32 41.54
N ALA CA 187 -118.52 5.28 42.11
CA ALA CA 187 -117.82 4.00 42.28
C ALA CA 187 -118.49 3.16 43.36
N GLN CA 188 -118.74 3.76 44.54
CA GLN CA 188 -119.34 3.02 45.65
C GLN CA 188 -120.87 2.94 45.56
N ASP CA 189 -121.47 3.55 44.54
CA ASP CA 189 -122.93 3.68 44.48
C ASP CA 189 -123.60 2.32 44.45
N GLY CA 190 -124.68 2.20 45.22
CA GLY CA 190 -125.48 0.99 45.21
C GLY CA 190 -125.99 0.60 46.58
N PRO CA 191 -126.99 -0.29 46.62
CA PRO CA 191 -127.44 -0.84 47.90
C PRO CA 191 -126.34 -1.62 48.57
N LYS CA 192 -126.31 -1.56 49.89
CA LYS CA 192 -125.44 -2.44 50.66
C LYS CA 192 -126.01 -3.84 50.79
N ASN CA 193 -127.21 -4.08 50.23
CA ASN CA 193 -127.78 -5.42 50.17
C ASN CA 193 -127.11 -6.30 49.13
N THR CA 194 -126.56 -5.69 48.08
CA THR CA 194 -126.03 -6.43 46.94
C THR CA 194 -124.55 -6.18 46.77
N ALA CA 195 -123.91 -7.12 46.05
CA ALA CA 195 -122.48 -7.07 45.81
C ALA CA 195 -122.12 -5.89 44.91
N ARG CA 196 -121.08 -5.13 45.29
CA ARG CA 196 -120.73 -4.03 44.40
C ARG CA 196 -119.24 -3.86 44.10
N LEU CA 197 -118.31 -4.30 44.95
CA LEU CA 197 -116.89 -4.07 44.68
C LEU CA 197 -115.96 -5.30 44.62
N VAL CA 198 -115.87 -6.10 45.70
CA VAL CA 198 -114.78 -7.08 45.82
C VAL CA 198 -115.08 -8.30 44.96
N ALA CA 199 -114.01 -8.96 44.52
CA ALA CA 199 -114.10 -10.15 43.67
C ALA CA 199 -114.99 -9.88 42.46
N ALA CA 200 -114.96 -8.64 41.96
CA ALA CA 200 -115.84 -8.26 40.86
C ALA CA 200 -115.52 -9.05 39.60
N SER CA 201 -116.58 -9.50 38.90
CA SER CA 201 -116.43 -10.16 37.61
C SER CA 201 -117.06 -9.39 36.46
N HIS CA 202 -118.26 -8.83 36.66
CA HIS CA 202 -119.00 -8.12 35.65
C HIS CA 202 -120.14 -7.36 36.33
N GLY CA 203 -120.68 -6.39 35.62
CA GLY CA 203 -121.74 -5.54 36.13
C GLY CA 203 -123.06 -5.89 35.48
N VAL CA 204 -124.14 -5.81 36.27
CA VAL CA 204 -125.48 -6.08 35.76
C VAL CA 204 -126.40 -5.00 36.31
N MET CA 205 -127.14 -4.35 35.41
CA MET CA 205 -128.10 -3.31 35.79
C MET CA 205 -129.40 -3.97 36.24
N PRO CA 206 -129.98 -3.56 37.38
CA PRO CA 206 -131.16 -4.25 37.89
C PRO CA 206 -132.35 -4.07 36.96
N GLN CA 207 -133.29 -5.02 37.07
CA GLN CA 207 -134.46 -5.04 36.19
C GLN CA 207 -135.20 -3.70 36.24
N ALA CA 208 -135.33 -3.13 37.43
CA ALA CA 208 -135.87 -1.78 37.62
C ALA CA 208 -137.16 -1.57 36.84
N SER DA 23 -94.21 -14.20 49.32
CA SER DA 23 -94.30 -15.28 50.30
C SER DA 23 -94.41 -14.73 51.73
N SER DA 24 -95.44 -15.16 52.46
CA SER DA 24 -95.71 -14.71 53.81
C SER DA 24 -95.41 -15.84 54.79
N ARG DA 25 -94.62 -15.54 55.82
CA ARG DA 25 -94.15 -16.54 56.76
C ARG DA 25 -94.41 -16.07 58.19
N THR DA 26 -94.91 -17.00 59.01
CA THR DA 26 -95.03 -16.75 60.44
C THR DA 26 -93.68 -16.99 61.11
N THR DA 27 -93.34 -16.11 62.04
CA THR DA 27 -92.03 -16.08 62.67
C THR DA 27 -92.16 -16.39 64.16
N PHE DA 28 -91.28 -17.26 64.66
CA PHE DA 28 -91.16 -17.59 66.07
C PHE DA 28 -89.82 -17.04 66.54
N GLY DA 29 -89.85 -16.28 67.61
CA GLY DA 29 -88.63 -15.65 68.09
C GLY DA 29 -88.43 -14.28 67.47
N VAL DA 30 -87.16 -13.88 67.45
CA VAL DA 30 -86.79 -12.55 67.00
C VAL DA 30 -86.86 -12.45 65.49
N ASN DA 31 -87.47 -11.37 65.00
CA ASN DA 31 -87.44 -11.06 63.58
C ASN DA 31 -86.47 -9.91 63.36
N PRO DA 32 -85.31 -10.14 62.74
CA PRO DA 32 -84.31 -9.08 62.62
C PRO DA 32 -84.39 -8.24 61.35
N ASP DA 33 -85.49 -8.29 60.59
CA ASP DA 33 -85.61 -7.49 59.38
C ASP DA 33 -85.39 -6.01 59.67
N ARG DA 34 -84.44 -5.40 58.98
CA ARG DA 34 -84.15 -3.97 59.11
C ARG DA 34 -84.74 -3.18 57.96
N GLN DA 35 -85.06 -1.93 58.24
CA GLN DA 35 -85.63 -1.02 57.24
C GLN DA 35 -84.50 -0.39 56.45
N ALA DA 36 -84.65 -0.39 55.13
CA ALA DA 36 -83.63 0.17 54.25
C ALA DA 36 -83.38 1.64 54.57
N ASN DA 37 -82.09 2.02 54.52
CA ASN DA 37 -81.65 3.38 54.86
C ASN DA 37 -81.89 4.29 53.64
N ALA DA 38 -83.18 4.62 53.42
CA ALA DA 38 -83.61 5.35 52.23
C ALA DA 38 -84.56 6.47 52.66
N ARG DA 39 -84.14 7.25 53.66
CA ARG DA 39 -84.96 8.30 54.25
C ARG DA 39 -84.25 9.65 54.13
N PRO DA 40 -84.79 10.60 53.38
CA PRO DA 40 -84.19 11.94 53.34
C PRO DA 40 -84.26 12.61 54.71
N VAL DA 41 -83.24 13.40 55.02
CA VAL DA 41 -83.16 14.06 56.33
C VAL DA 41 -82.95 15.55 56.12
N TYR DA 42 -83.41 16.31 57.11
CA TYR DA 42 -83.33 17.76 57.07
C TYR DA 42 -81.88 18.22 57.09
N LEU DA 43 -81.61 19.25 56.29
CA LEU DA 43 -80.27 19.81 56.15
C LEU DA 43 -80.36 21.29 56.46
N ALA DA 44 -79.70 21.71 57.54
CA ALA DA 44 -79.80 23.09 58.00
C ALA DA 44 -79.34 24.06 56.92
N PRO DA 45 -80.02 25.21 56.76
CA PRO DA 45 -79.62 26.18 55.72
C PRO DA 45 -78.36 26.94 56.05
N ALA DA 46 -77.82 26.78 57.25
CA ALA DA 46 -76.58 27.41 57.68
C ALA DA 46 -76.12 26.72 58.95
N ALA DA 47 -74.84 26.89 59.27
CA ALA DA 47 -74.27 26.20 60.42
C ALA DA 47 -73.96 27.22 61.51
N PRO DA 48 -74.63 27.19 62.67
CA PRO DA 48 -74.27 28.16 63.73
C PRO DA 48 -73.05 27.69 64.51
N MET DA 49 -72.04 28.55 64.60
CA MET DA 49 -70.86 28.29 65.41
C MET DA 49 -70.73 29.29 66.55
N GLU DA 50 -71.85 29.63 67.19
CA GLU DA 50 -71.84 30.76 68.12
C GLU DA 50 -70.95 30.50 69.33
N ASN DA 51 -70.99 29.27 69.89
CA ASN DA 51 -70.26 28.99 71.13
C ASN DA 51 -68.76 29.20 70.95
N THR DA 52 -68.19 28.59 69.91
CA THR DA 52 -66.74 28.62 69.72
C THR DA 52 -66.24 30.03 69.41
N TYR DA 53 -66.99 30.80 68.61
CA TYR DA 53 -66.52 32.13 68.21
C TYR DA 53 -66.73 33.16 69.33
N THR DA 54 -67.78 33.01 70.13
CA THR DA 54 -67.85 33.84 71.33
C THR DA 54 -66.69 33.54 72.28
N TYR DA 55 -66.32 32.27 72.45
CA TYR DA 55 -65.17 32.00 73.31
C TYR DA 55 -63.88 32.54 72.71
N LEU DA 56 -63.74 32.46 71.38
CA LEU DA 56 -62.55 33.01 70.73
C LEU DA 56 -62.47 34.53 70.92
N GLY DA 57 -63.60 35.22 70.85
CA GLY DA 57 -63.63 36.62 71.23
C GLY DA 57 -63.25 36.81 72.69
N SER DA 58 -63.66 35.89 73.55
CA SER DA 58 -63.30 35.98 74.97
C SER DA 58 -61.79 35.98 75.17
N ILE DA 59 -61.07 35.11 74.49
CA ILE DA 59 -59.63 35.07 74.73
C ILE DA 59 -58.87 35.95 73.74
N GLN DA 60 -59.61 36.79 73.01
CA GLN DA 60 -59.01 37.73 72.05
C GLN DA 60 -58.25 36.99 70.95
N PHE DA 61 -58.78 35.83 70.56
CA PHE DA 61 -58.29 35.09 69.40
C PHE DA 61 -56.81 34.72 69.53
N ALA DA 62 -56.39 34.37 70.74
CA ALA DA 62 -54.97 34.05 70.95
C ALA DA 62 -54.83 33.23 72.22
N ALA DA 63 -54.21 32.05 72.10
CA ALA DA 63 -53.84 31.23 73.24
C ALA DA 63 -52.41 30.74 73.03
N GLY DA 64 -51.53 31.10 73.95
CA GLY DA 64 -50.14 30.70 73.83
C GLY DA 64 -49.50 31.23 72.58
N ARG DA 65 -48.92 30.33 71.80
CA ARG DA 65 -48.34 30.69 70.52
C ARG DA 65 -49.31 30.52 69.36
N HIS DA 66 -50.55 30.09 69.63
CA HIS DA 66 -51.58 29.96 68.62
C HIS DA 66 -52.33 31.28 68.50
N ILE DA 67 -52.36 31.87 67.31
CA ILE DA 67 -53.20 33.03 67.06
C ILE DA 67 -54.25 32.63 66.03
N PHE DA 68 -55.49 33.04 66.25
CA PHE DA 68 -56.60 32.66 65.37
C PHE DA 68 -57.09 33.87 64.59
N GLY DA 69 -57.83 33.60 63.52
CA GLY DA 69 -58.38 34.66 62.71
C GLY DA 69 -59.82 34.98 63.08
N GLU DA 70 -60.24 36.20 62.71
CA GLU DA 70 -61.60 36.66 62.99
C GLU DA 70 -62.54 36.23 61.86
N PRO DA 71 -63.62 35.52 62.17
CA PRO DA 71 -64.51 35.06 61.10
C PRO DA 71 -65.32 36.21 60.53
N ALA DA 72 -65.80 36.02 59.30
CA ALA DA 72 -66.73 36.99 58.75
C ALA DA 72 -68.11 36.88 59.40
N SER DA 73 -68.56 35.67 59.72
CA SER DA 73 -69.84 35.49 60.38
C SER DA 73 -69.73 34.41 61.44
N ASN DA 74 -70.59 34.54 62.47
CA ASN DA 74 -70.75 33.50 63.46
C ASN DA 74 -71.57 32.34 62.94
N VAL DA 75 -72.37 32.58 61.91
CA VAL DA 75 -73.17 31.55 61.26
C VAL DA 75 -72.65 31.39 59.84
N LEU DA 76 -72.32 30.15 59.47
CA LEU DA 76 -71.61 29.86 58.23
C LEU DA 76 -72.59 29.50 57.13
N PRO DA 77 -72.50 30.16 55.97
CA PRO DA 77 -73.42 29.86 54.85
C PRO DA 77 -72.98 28.63 54.09
N PRO DA 78 -73.89 28.00 53.34
CA PRO DA 78 -73.51 26.81 52.58
C PRO DA 78 -72.62 27.19 51.40
N GLN DA 79 -71.62 26.34 51.15
CA GLN DA 79 -70.74 26.52 50.00
C GLN DA 79 -71.14 25.69 48.80
N ASN DA 80 -71.48 24.42 49.01
CA ASN DA 80 -71.78 23.52 47.91
C ASN DA 80 -73.14 22.83 48.06
N ILE DA 81 -74.07 23.45 48.78
CA ILE DA 81 -75.40 22.90 49.01
C ILE DA 81 -76.41 23.82 48.33
N VAL DA 82 -77.32 23.22 47.55
CA VAL DA 82 -78.35 23.96 46.86
C VAL DA 82 -79.70 23.48 47.40
N PRO DA 83 -80.63 24.38 47.70
CA PRO DA 83 -81.90 23.96 48.27
C PRO DA 83 -82.65 23.10 47.28
N GLY DA 84 -83.24 22.02 47.80
CA GLY DA 84 -84.04 21.13 47.01
C GLY DA 84 -83.25 20.07 46.27
N VAL DA 85 -81.93 20.12 46.33
CA VAL DA 85 -81.10 19.14 45.63
C VAL DA 85 -80.48 18.23 46.69
N PRO DA 86 -80.76 16.93 46.65
CA PRO DA 86 -80.18 16.03 47.66
C PRO DA 86 -78.69 15.93 47.47
N THR DA 87 -77.96 16.01 48.59
CA THR DA 87 -76.51 15.84 48.57
C THR DA 87 -76.14 14.93 49.73
N LYS DA 88 -75.05 14.18 49.57
CA LYS DA 88 -74.53 13.30 50.61
C LYS DA 88 -73.31 13.91 51.29
N HIS DA 89 -72.84 15.05 50.79
CA HIS DA 89 -71.69 15.72 51.37
C HIS DA 89 -71.88 17.22 51.15
N GLY DA 90 -71.79 17.98 52.23
CA GLY DA 90 -72.02 19.40 52.16
C GLY DA 90 -71.08 20.15 53.08
N GLU DA 91 -70.82 21.41 52.74
CA GLU DA 91 -69.84 22.20 53.47
C GLU DA 91 -70.36 23.61 53.67
N TYR DA 92 -70.23 24.10 54.90
CA TYR DA 92 -70.41 25.51 55.22
C TYR DA 92 -69.04 26.10 55.52
N VAL DA 93 -68.85 27.37 55.15
CA VAL DA 93 -67.50 27.93 55.22
C VAL DA 93 -67.58 29.44 55.42
N THR DA 94 -66.64 29.96 56.20
CA THR DA 94 -66.43 31.40 56.22
C THR DA 94 -64.93 31.71 56.16
N THR DA 95 -64.58 32.99 56.13
CA THR DA 95 -63.19 33.41 55.98
C THR DA 95 -62.72 34.09 57.26
N ASN DA 96 -61.66 33.58 57.86
CA ASN DA 96 -60.96 34.24 58.94
C ASN DA 96 -59.94 35.19 58.32
N THR DA 97 -60.00 36.46 58.72
CA THR DA 97 -59.01 37.47 58.37
C THR DA 97 -58.35 37.96 59.66
N GLY DA 98 -57.20 38.61 59.51
CA GLY DA 98 -56.42 39.02 60.68
C GLY DA 98 -55.29 39.93 60.27
N ASP DA 99 -54.76 40.62 61.28
CA ASP DA 99 -53.65 41.55 61.07
C ASP DA 99 -52.37 40.77 60.79
N ARG DA 100 -51.71 41.10 59.67
CA ARG DA 100 -50.54 40.38 59.17
C ARG DA 100 -50.84 38.92 58.86
N LEU DA 101 -52.09 38.63 58.49
CA LEU DA 101 -52.52 37.26 58.22
C LEU DA 101 -53.10 37.14 56.82
N MET DA 102 -52.91 35.97 56.23
CA MET DA 102 -53.50 35.64 54.94
C MET DA 102 -54.84 34.96 55.18
N ALA DA 103 -55.86 35.42 54.45
CA ALA DA 103 -57.23 34.91 54.64
C ALA DA 103 -57.28 33.40 54.57
N SER DA 104 -57.86 32.78 55.61
CA SER DA 104 -57.95 31.34 55.67
C SER DA 104 -59.36 30.91 56.05
N SER DA 105 -59.88 29.93 55.34
CA SER DA 105 -61.27 29.55 55.52
C SER DA 105 -61.44 28.59 56.69
N THR DA 106 -62.54 28.76 57.42
CA THR DA 106 -62.99 27.86 58.48
C THR DA 106 -64.16 27.04 57.95
N THR DA 107 -64.08 25.70 58.11
CA THR DA 107 -64.97 24.79 57.38
C THR DA 107 -65.75 23.87 58.31
N VAL DA 108 -67.01 23.62 57.95
CA VAL DA 108 -67.91 22.74 58.68
C VAL DA 108 -68.49 21.77 57.67
N THR DA 109 -68.11 20.50 57.79
CA THR DA 109 -68.44 19.48 56.80
C THR DA 109 -69.47 18.51 57.37
N ARG DA 110 -70.49 18.18 56.56
CA ARG DA 110 -71.53 17.24 56.97
C ARG DA 110 -71.69 16.17 55.91
N ASP DA 111 -71.58 14.91 56.33
CA ASP DA 111 -71.71 13.75 55.46
C ASP DA 111 -72.91 12.94 55.91
N VAL DA 112 -73.81 12.63 54.98
CA VAL DA 112 -74.97 11.78 55.27
C VAL DA 112 -74.98 10.63 54.26
N SER DA 113 -74.85 9.39 54.77
CA SER DA 113 -74.81 8.23 53.88
C SER DA 113 -75.12 6.97 54.69
N ASN DA 114 -76.00 6.12 54.16
CA ASN DA 114 -76.24 4.78 54.70
C ASN DA 114 -76.59 4.81 56.19
N GLY DA 115 -77.39 5.80 56.57
CA GLY DA 115 -77.83 5.94 57.96
C GLY DA 115 -76.81 6.52 58.91
N ARG DA 116 -75.63 6.88 58.41
CA ARG DA 116 -74.57 7.43 59.23
C ARG DA 116 -74.41 8.88 58.85
N THR DA 117 -74.49 9.74 59.85
CA THR DA 117 -74.38 11.18 59.62
C THR DA 117 -73.23 11.70 60.49
N LYS DA 118 -72.34 12.50 59.89
CA LYS DA 118 -71.11 12.92 60.54
C LYS DA 118 -70.81 14.39 60.24
N VAL DA 119 -70.63 15.17 61.30
CA VAL DA 119 -70.30 16.60 61.22
C VAL DA 119 -68.89 16.79 61.74
N SER DA 120 -68.04 17.48 60.96
CA SER DA 120 -66.67 17.78 61.31
C SER DA 120 -66.44 19.28 61.23
N ILE DA 121 -65.65 19.83 62.16
CA ILE DA 121 -65.35 21.25 62.20
C ILE DA 121 -63.84 21.43 62.21
N ASP DA 122 -63.34 22.29 61.32
CA ASP DA 122 -61.91 22.55 61.17
C ASP DA 122 -61.67 24.05 61.19
N ILE DA 123 -60.87 24.50 62.15
CA ILE DA 123 -60.47 25.91 62.27
C ILE DA 123 -58.95 25.99 62.28
N PRO DA 124 -58.34 26.82 61.43
CA PRO DA 124 -56.89 26.94 61.40
C PRO DA 124 -56.36 28.00 62.35
N TYR DA 125 -55.06 27.86 62.67
CA TYR DA 125 -54.34 28.80 63.51
C TYR DA 125 -53.01 29.19 62.85
N TYR DA 126 -52.37 30.21 63.41
CA TYR DA 126 -51.12 30.75 62.89
C TYR DA 126 -50.10 30.89 64.00
N ASP DA 127 -48.85 31.12 63.58
CA ASP DA 127 -47.70 31.28 64.47
C ASP DA 127 -47.68 32.69 65.05
N ARG DA 128 -48.06 32.82 66.32
CA ARG DA 128 -48.11 34.13 66.95
C ARG DA 128 -46.73 34.78 67.00
N ASN DA 129 -45.67 33.99 67.12
CA ASN DA 129 -44.33 34.55 67.18
C ASN DA 129 -43.96 35.23 65.86
N ALA DA 130 -44.29 34.59 64.74
CA ALA DA 130 -44.07 35.24 63.46
C ALA DA 130 -44.95 36.47 63.32
N VAL DA 131 -46.22 36.38 63.72
CA VAL DA 131 -47.12 37.51 63.52
C VAL DA 131 -46.66 38.73 64.31
N GLU DA 132 -46.36 38.55 65.60
CA GLU DA 132 -45.97 39.67 66.44
C GLU DA 132 -44.55 40.12 66.15
N THR DA 133 -43.68 39.25 65.63
CA THR DA 133 -42.36 39.68 65.20
C THR DA 133 -42.44 40.59 63.98
N LEU DA 134 -43.32 40.26 63.02
CA LEU DA 134 -43.58 41.16 61.91
C LEU DA 134 -44.14 42.50 62.40
N LYS DA 135 -45.20 42.45 63.20
CA LYS DA 135 -45.77 43.68 63.74
C LYS DA 135 -44.69 44.54 64.39
N ALA DA 136 -43.85 43.94 65.24
CA ALA DA 136 -42.84 44.68 65.98
C ALA DA 136 -41.68 45.14 65.10
N SER DA 137 -41.46 44.50 63.95
CA SER DA 137 -40.35 44.89 63.07
C SER DA 137 -40.77 45.89 61.99
N ALA DA 138 -42.07 46.06 61.75
CA ALA DA 138 -42.57 47.04 60.79
C ALA DA 138 -42.03 46.77 59.39
N ILE DA 139 -42.20 45.53 58.96
CA ILE DA 139 -41.60 44.99 57.75
C ILE DA 139 -42.71 44.31 56.97
N PRO DA 140 -42.63 44.27 55.64
CA PRO DA 140 -43.81 43.97 54.84
C PRO DA 140 -44.42 42.54 54.96
N GLY DA 141 -43.76 41.58 55.60
CA GLY DA 141 -44.20 40.20 55.49
C GLY DA 141 -45.63 39.96 55.95
N ALA DA 142 -46.24 38.89 55.40
CA ALA DA 142 -47.48 38.30 55.94
C ALA DA 142 -47.36 36.78 55.98
N VAL DA 143 -48.21 36.16 56.81
CA VAL DA 143 -48.05 34.76 57.22
C VAL DA 143 -49.30 33.97 56.88
N ALA DA 144 -49.08 32.70 56.53
CA ALA DA 144 -50.10 31.70 56.23
C ALA DA 144 -50.31 30.79 57.43
N PRO DA 145 -51.40 30.00 57.44
CA PRO DA 145 -51.67 29.12 58.58
C PRO DA 145 -50.59 28.08 58.80
N VAL DA 146 -50.45 27.67 60.06
CA VAL DA 146 -49.45 26.69 60.47
C VAL DA 146 -50.09 25.32 60.74
N GLY DA 147 -51.36 25.29 61.12
CA GLY DA 147 -52.03 24.03 61.39
C GLY DA 147 -53.49 24.30 61.69
N SER DA 148 -54.16 23.28 62.22
CA SER DA 148 -55.58 23.41 62.47
C SER DA 148 -55.96 22.56 63.67
N PHE DA 149 -57.17 22.81 64.18
CA PHE DA 149 -57.82 21.97 65.16
C PHE DA 149 -59.14 21.48 64.59
N LYS DA 150 -59.45 20.21 64.86
CA LYS DA 150 -60.59 19.52 64.28
C LYS DA 150 -61.37 18.78 65.36
N VAL DA 151 -62.69 18.77 65.16
CA VAL DA 151 -63.62 18.08 66.05
C VAL DA 151 -64.65 17.34 65.20
N ASN DA 152 -64.80 16.04 65.43
CA ASN DA 152 -65.72 15.19 64.68
C ASN DA 152 -66.84 14.69 65.59
N VAL DA 153 -68.03 14.52 65.01
CA VAL DA 153 -69.21 14.03 65.71
C VAL DA 153 -69.99 13.14 64.75
N GLU DA 154 -70.38 11.96 65.20
CA GLU DA 154 -70.83 10.89 64.31
C GLU DA 154 -72.01 10.14 64.94
N VAL DA 155 -73.04 9.89 64.13
CA VAL DA 155 -74.27 9.24 64.60
C VAL DA 155 -74.57 8.08 63.66
N LEU DA 156 -74.63 6.87 64.22
CA LEU DA 156 -74.81 5.64 63.45
C LEU DA 156 -76.27 5.22 63.59
N GLY DA 157 -77.12 5.80 62.75
CA GLY DA 157 -78.55 5.63 62.82
C GLY DA 157 -79.13 4.55 61.93
N GLY DA 158 -78.27 3.73 61.34
CA GLY DA 158 -78.75 2.67 60.47
C GLY DA 158 -79.32 1.51 61.25
N GLY DA 159 -80.13 0.71 60.56
CA GLY DA 159 -80.64 -0.51 61.13
C GLY DA 159 -81.99 -0.41 61.78
N VAL DA 160 -82.83 0.54 61.33
CA VAL DA 160 -84.15 0.68 61.92
C VAL DA 160 -84.98 -0.55 61.58
N LEU DA 161 -85.69 -1.06 62.58
CA LEU DA 161 -86.45 -2.29 62.44
C LEU DA 161 -87.69 -2.07 61.57
N THR DA 162 -88.31 -3.18 61.15
CA THR DA 162 -89.39 -3.08 60.18
C THR DA 162 -90.62 -2.42 60.76
N GLY DA 163 -90.95 -2.73 62.01
CA GLY DA 163 -92.19 -2.23 62.59
C GLY DA 163 -92.23 -0.73 62.75
N THR DA 164 -91.07 -0.09 62.82
CA THR DA 164 -91.01 1.33 63.10
C THR DA 164 -91.67 2.14 62.00
N ASP DA 165 -92.62 2.99 62.39
CA ASP DA 165 -93.23 3.93 61.48
C ASP DA 165 -92.56 5.30 61.61
N ALA DA 166 -93.11 6.28 60.89
CA ALA DA 166 -92.47 7.59 60.80
C ALA DA 166 -92.45 8.31 62.15
N ASN DA 167 -93.58 8.29 62.88
CA ASN DA 167 -93.64 8.93 64.18
C ASN DA 167 -92.60 8.35 65.13
N ALA DA 168 -92.53 7.03 65.19
CA ALA DA 168 -91.52 6.35 66.01
C ALA DA 168 -90.11 6.73 65.58
N GLN DA 169 -89.90 6.90 64.27
CA GLN DA 169 -88.58 7.32 63.80
C GLN DA 169 -88.23 8.71 64.30
N PHE DA 170 -89.21 9.60 64.39
CA PHE DA 170 -88.96 10.90 65.03
C PHE DA 170 -88.49 10.71 66.47
N ALA DA 171 -89.17 9.80 67.18
CA ALA DA 171 -88.75 9.54 68.55
C ALA DA 171 -87.30 9.07 68.60
N LEU DA 172 -86.92 8.21 67.65
CA LEU DA 172 -85.55 7.71 67.61
C LEU DA 172 -84.57 8.82 67.27
N ASP DA 173 -84.99 9.75 66.39
CA ASP DA 173 -84.20 10.93 66.09
C ASP DA 173 -83.82 11.66 67.37
N GLU DA 174 -84.83 11.96 68.20
CA GLU DA 174 -84.56 12.69 69.43
C GLU DA 174 -83.72 11.87 70.40
N LEU DA 175 -83.93 10.54 70.44
CA LEU DA 175 -83.10 9.69 71.29
C LEU DA 175 -81.63 9.82 70.94
N LEU DA 176 -81.31 9.72 69.66
CA LEU DA 176 -79.92 9.84 69.23
C LEU DA 176 -79.38 11.23 69.56
N SER DA 177 -80.17 12.28 69.35
CA SER DA 177 -79.66 13.61 69.65
C SER DA 177 -79.34 13.75 71.14
N ASN DA 178 -80.14 13.13 72.01
CA ASN DA 178 -79.85 13.17 73.44
C ASN DA 178 -78.56 12.39 73.77
N MET DA 179 -78.34 11.26 73.10
CA MET DA 179 -77.07 10.56 73.29
C MET DA 179 -75.90 11.42 72.82
N LEU DA 180 -76.12 12.20 71.76
CA LEU DA 180 -75.11 13.15 71.29
C LEU DA 180 -74.72 14.13 72.39
N MET DA 181 -75.73 14.76 72.99
CA MET DA 181 -75.49 15.71 74.08
C MET DA 181 -74.73 15.05 75.23
N ASP DA 182 -75.16 13.85 75.61
CA ASP DA 182 -74.46 13.12 76.68
C ASP DA 182 -73.00 12.89 76.32
N ALA DA 183 -72.74 12.50 75.07
CA ALA DA 183 -71.38 12.20 74.66
C ALA DA 183 -70.50 13.45 74.69
N ALA DA 184 -71.01 14.58 74.22
CA ALA DA 184 -70.24 15.81 74.26
C ALA DA 184 -69.95 16.24 75.70
N ARG DA 185 -70.95 16.13 76.59
CA ARG DA 185 -70.71 16.47 77.98
C ARG DA 185 -69.68 15.54 78.61
N ILE DA 186 -69.72 14.24 78.29
CA ILE DA 186 -68.77 13.30 78.85
C ILE DA 186 -67.37 13.55 78.31
N ALA DA 187 -67.27 14.07 77.08
CA ALA DA 187 -65.98 14.39 76.51
C ALA DA 187 -65.35 15.61 77.17
N GLN DA 188 -66.13 16.69 77.32
CA GLN DA 188 -65.61 17.92 77.91
C GLN DA 188 -65.64 17.91 79.43
N ASP DA 189 -66.16 16.85 80.06
CA ASP DA 189 -66.36 16.84 81.49
C ASP DA 189 -65.04 17.01 82.23
N GLY DA 190 -65.07 17.80 83.29
CA GLY DA 190 -63.92 17.96 84.15
C GLY DA 190 -63.68 19.38 84.59
N PRO DA 191 -62.89 19.57 85.65
CA PRO DA 191 -62.53 20.92 86.08
C PRO DA 191 -61.74 21.64 85.01
N LYS DA 192 -61.98 22.96 84.92
CA LYS DA 192 -61.14 23.80 84.07
C LYS DA 192 -59.81 24.13 84.73
N ASN DA 193 -59.62 23.74 85.99
CA ASN DA 193 -58.32 23.86 86.63
C ASN DA 193 -57.27 22.99 85.96
N THR DA 194 -57.70 21.96 85.21
CA THR DA 194 -56.83 20.83 84.91
C THR DA 194 -56.92 20.41 83.45
N ALA DA 195 -55.84 19.81 82.97
CA ALA DA 195 -55.72 19.38 81.58
C ALA DA 195 -56.80 18.37 81.22
N ARG DA 196 -57.48 18.58 80.09
CA ARG DA 196 -58.44 17.54 79.73
C ARG DA 196 -58.54 17.17 78.24
N LEU DA 197 -58.10 18.02 77.29
CA LEU DA 197 -58.19 17.63 75.87
C LEU DA 197 -56.89 17.67 75.06
N VAL DA 198 -56.20 18.83 75.01
CA VAL DA 198 -55.16 19.04 74.01
C VAL DA 198 -53.88 18.32 74.42
N ALA DA 199 -53.10 17.90 73.42
CA ALA DA 199 -51.81 17.23 73.62
C ALA DA 199 -51.94 16.04 74.56
N ALA DA 200 -53.09 15.37 74.51
CA ALA DA 200 -53.40 14.28 75.43
C ALA DA 200 -52.46 13.10 75.22
N SER DA 201 -51.95 12.55 76.32
CA SER DA 201 -51.12 11.35 76.31
C SER DA 201 -51.88 10.12 76.78
N HIS DA 202 -52.57 10.24 77.90
CA HIS DA 202 -53.37 9.18 78.49
C HIS DA 202 -54.33 9.84 79.48
N GLY DA 203 -55.27 9.03 79.98
CA GLY DA 203 -56.27 9.52 80.91
C GLY DA 203 -55.96 8.98 82.29
N VAL DA 204 -56.13 9.82 83.30
CA VAL DA 204 -55.97 9.38 84.68
C VAL DA 204 -57.14 9.89 85.51
N MET DA 205 -57.67 9.01 86.37
CA MET DA 205 -58.76 9.28 87.31
C MET DA 205 -58.20 9.66 88.67
N PRO DA 206 -58.80 10.63 89.35
CA PRO DA 206 -58.34 11.02 90.68
C PRO DA 206 -58.76 10.03 91.76
N GLN DA 207 -58.21 10.23 92.95
CA GLN DA 207 -58.51 9.43 94.12
C GLN DA 207 -59.42 10.22 95.06
N ALA DA 208 -60.51 9.60 95.48
CA ALA DA 208 -61.46 10.19 96.42
C ALA DA 208 -61.99 11.53 95.94
N GLY EA 11 35.68 17.63 -77.08
CA GLY EA 11 35.93 17.53 -78.51
C GLY EA 11 37.40 17.46 -78.88
N GLN EA 12 37.73 17.96 -80.07
CA GLN EA 12 39.10 17.94 -80.57
C GLN EA 12 40.02 18.77 -79.68
N LEU EA 13 41.32 18.58 -79.87
CA LEU EA 13 42.34 19.23 -79.06
C LEU EA 13 43.18 20.17 -79.94
N TYR EA 14 43.48 21.36 -79.40
CA TYR EA 14 44.32 22.32 -80.11
C TYR EA 14 45.24 23.00 -79.10
N MET EA 15 46.06 23.96 -79.56
CA MET EA 15 47.04 24.62 -78.70
C MET EA 15 46.59 26.04 -78.40
N GLY EA 16 46.22 26.30 -77.15
CA GLY EA 16 45.98 27.62 -76.65
C GLY EA 16 47.16 28.07 -75.80
N GLN EA 17 47.22 29.36 -75.52
CA GLN EA 17 48.38 29.90 -74.82
C GLN EA 17 48.47 29.39 -73.39
N GLN EA 18 47.38 28.86 -72.84
CA GLN EA 18 47.47 28.21 -71.53
C GLN EA 18 48.14 26.85 -71.63
N GLY EA 19 48.10 26.24 -72.81
CA GLY EA 19 48.55 24.89 -73.03
C GLY EA 19 47.61 24.19 -73.99
N PRO EA 20 47.75 22.88 -74.15
CA PRO EA 20 46.78 22.14 -74.97
C PRO EA 20 45.39 22.22 -74.37
N VAL EA 21 44.43 22.63 -75.19
CA VAL EA 21 43.08 22.97 -74.74
C VAL EA 21 42.05 22.29 -75.62
N GLN EA 22 40.97 21.85 -74.99
CA GLN EA 22 39.89 21.14 -75.67
C GLN EA 22 38.94 22.14 -76.33
N SER EA 23 38.69 21.94 -77.62
CA SER EA 23 37.72 22.78 -78.31
C SER EA 23 36.32 22.52 -77.78
N SER EA 24 35.49 23.57 -77.74
CA SER EA 24 34.18 23.46 -77.12
C SER EA 24 33.15 24.24 -77.93
N ARG EA 25 31.92 23.71 -77.96
CA ARG EA 25 30.81 24.27 -78.73
C ARG EA 25 29.67 24.56 -77.77
N THR EA 26 29.32 25.84 -77.61
CA THR EA 26 28.33 26.23 -76.62
C THR EA 26 27.26 27.12 -77.24
N THR EA 27 26.11 27.15 -76.56
CA THR EA 27 25.00 28.01 -76.93
C THR EA 27 25.05 29.34 -76.21
N PHE EA 28 26.14 29.62 -75.53
CA PHE EA 28 26.29 30.84 -74.75
C PHE EA 28 26.40 32.06 -75.66
N GLY EA 29 25.59 33.07 -75.40
CA GLY EA 29 25.69 34.33 -76.11
C GLY EA 29 24.98 34.41 -77.43
N VAL EA 30 24.01 33.53 -77.68
CA VAL EA 30 23.22 33.55 -78.91
C VAL EA 30 21.78 33.83 -78.54
N ASN EA 31 21.25 34.97 -78.99
CA ASN EA 31 19.87 35.37 -78.72
C ASN EA 31 19.00 34.96 -79.89
N PRO EA 32 18.22 33.89 -79.79
CA PRO EA 32 17.31 33.50 -80.88
C PRO EA 32 15.89 34.03 -80.74
N ASP EA 33 15.62 34.91 -79.77
CA ASP EA 33 14.28 35.50 -79.63
C ASP EA 33 13.80 36.07 -80.96
N ARG EA 34 12.51 35.91 -81.23
CA ARG EA 34 11.92 36.40 -82.47
C ARG EA 34 10.86 37.46 -82.18
N GLN EA 35 10.63 38.29 -83.19
CA GLN EA 35 9.65 39.35 -83.15
C GLN EA 35 8.35 38.83 -83.75
N ALA EA 36 7.23 39.12 -83.08
CA ALA EA 36 5.95 38.60 -83.52
C ALA EA 36 5.57 39.17 -84.88
N ASN EA 37 4.89 38.33 -85.68
CA ASN EA 37 4.43 38.74 -87.00
C ASN EA 37 3.15 39.56 -86.84
N ALA EA 38 3.36 40.84 -86.50
CA ALA EA 38 2.29 41.80 -86.19
C ALA EA 38 2.42 43.05 -87.05
N ARG EA 39 2.85 42.87 -88.30
CA ARG EA 39 3.21 43.97 -89.18
C ARG EA 39 2.22 44.07 -90.33
N PRO EA 40 1.37 45.10 -90.38
CA PRO EA 40 0.51 45.29 -91.56
C PRO EA 40 1.35 45.47 -92.82
N VAL EA 41 0.90 44.87 -93.93
CA VAL EA 41 1.62 44.94 -95.19
C VAL EA 41 0.74 45.58 -96.24
N TYR EA 42 1.39 46.12 -97.26
CA TYR EA 42 0.70 46.78 -98.35
C TYR EA 42 -0.05 45.74 -99.19
N LEU EA 43 -1.29 46.07 -99.52
CA LEU EA 43 -2.14 45.24 -100.36
C LEU EA 43 -2.46 46.00 -101.63
N ALA EA 44 -1.97 45.50 -102.77
CA ALA EA 44 -2.12 46.23 -104.02
C ALA EA 44 -3.59 46.49 -104.34
N PRO EA 45 -3.91 47.64 -104.95
CA PRO EA 45 -5.32 47.91 -105.30
C PRO EA 45 -5.77 47.22 -106.56
N ALA EA 46 -4.87 46.53 -107.26
CA ALA EA 46 -5.22 45.74 -108.43
C ALA EA 46 -4.02 44.85 -108.76
N ALA EA 47 -4.28 43.81 -109.53
CA ALA EA 47 -3.25 42.81 -109.82
C ALA EA 47 -2.84 42.90 -111.28
N PRO EA 48 -1.58 43.27 -111.61
CA PRO EA 48 -1.23 43.35 -113.03
C PRO EA 48 -0.77 42.01 -113.60
N MET EA 49 -1.52 41.47 -114.57
CA MET EA 49 -1.12 40.25 -115.29
C MET EA 49 -0.61 40.57 -116.70
N GLU EA 50 0.18 41.63 -116.85
CA GLU EA 50 0.53 42.09 -118.20
C GLU EA 50 1.35 41.06 -118.97
N ASN EA 51 2.35 40.44 -118.33
CA ASN EA 51 3.23 39.52 -119.04
C ASN EA 51 2.45 38.37 -119.67
N THR EA 52 1.63 37.67 -118.86
CA THR EA 52 0.91 36.50 -119.36
C THR EA 52 -0.05 36.86 -120.48
N TYR EA 53 -0.73 38.01 -120.37
CA TYR EA 53 -1.75 38.34 -121.36
C TYR EA 53 -1.15 38.89 -122.65
N THR EA 54 -0.03 39.60 -122.57
CA THR EA 54 0.67 39.93 -123.82
C THR EA 54 1.17 38.67 -124.53
N TYR EA 55 1.65 37.67 -123.77
CA TYR EA 55 2.02 36.44 -124.45
C TYR EA 55 0.79 35.75 -125.05
N LEU EA 56 -0.35 35.79 -124.34
CA LEU EA 56 -1.56 35.18 -124.85
C LEU EA 56 -2.06 35.87 -126.11
N GLY EA 57 -1.86 37.19 -126.22
CA GLY EA 57 -2.12 37.86 -127.47
C GLY EA 57 -1.13 37.43 -128.55
N SER EA 58 0.13 37.18 -128.15
CA SER EA 58 1.13 36.73 -129.11
C SER EA 58 0.72 35.43 -129.79
N ILE EA 59 0.32 34.41 -129.00
CA ILE EA 59 0.01 33.12 -129.61
C ILE EA 59 -1.44 33.07 -130.08
N GLN EA 60 -2.12 34.21 -130.06
CA GLN EA 60 -3.51 34.32 -130.49
C GLN EA 60 -4.45 33.49 -129.62
N PHE EA 61 -4.15 33.40 -128.32
CA PHE EA 61 -4.99 32.74 -127.32
C PHE EA 61 -5.27 31.29 -127.67
N ALA EA 62 -4.26 30.61 -128.21
CA ALA EA 62 -4.46 29.23 -128.62
C ALA EA 62 -3.11 28.53 -128.66
N ALA EA 63 -2.97 27.44 -127.91
CA ALA EA 63 -1.83 26.55 -128.03
C ALA EA 63 -2.36 25.13 -128.16
N GLY EA 64 -2.15 24.53 -129.32
CA GLY EA 64 -2.65 23.20 -129.57
C GLY EA 64 -4.16 23.11 -129.44
N ARG EA 65 -4.61 22.24 -128.54
CA ARG EA 65 -6.02 22.04 -128.27
C ARG EA 65 -6.54 22.95 -127.16
N HIS EA 66 -5.64 23.68 -126.48
CA HIS EA 66 -6.02 24.59 -125.42
C HIS EA 66 -6.34 25.95 -126.03
N ILE EA 67 -7.59 26.36 -125.93
CA ILE EA 67 -7.99 27.68 -126.41
C ILE EA 67 -8.33 28.52 -125.18
N PHE EA 68 -7.88 29.76 -125.17
CA PHE EA 68 -8.02 30.58 -123.98
C PHE EA 68 -9.00 31.72 -124.21
N GLY EA 69 -9.55 32.24 -123.11
CA GLY EA 69 -10.45 33.37 -123.20
C GLY EA 69 -9.68 34.69 -123.23
N GLU EA 70 -10.32 35.69 -123.85
CA GLU EA 70 -9.79 37.05 -123.87
C GLU EA 70 -10.23 37.79 -122.62
N PRO EA 71 -9.30 38.37 -121.86
CA PRO EA 71 -9.67 38.98 -120.57
C PRO EA 71 -10.52 40.22 -120.76
N ALA EA 72 -11.07 40.67 -119.63
CA ALA EA 72 -11.67 42.00 -119.59
C ALA EA 72 -10.59 43.07 -119.55
N SER EA 73 -9.62 42.91 -118.66
CA SER EA 73 -8.53 43.86 -118.51
C SER EA 73 -7.23 43.10 -118.26
N ASN EA 74 -6.12 43.68 -118.71
CA ASN EA 74 -4.81 43.16 -118.36
C ASN EA 74 -4.51 43.33 -116.87
N VAL EA 75 -5.20 44.27 -116.22
CA VAL EA 75 -5.04 44.54 -114.80
C VAL EA 75 -6.35 44.24 -114.11
N LEU EA 76 -6.30 43.37 -113.07
CA LEU EA 76 -7.48 42.79 -112.44
C LEU EA 76 -7.92 43.62 -111.25
N PRO EA 77 -9.22 43.90 -111.14
CA PRO EA 77 -9.73 44.69 -110.03
C PRO EA 77 -9.97 43.81 -108.81
N PRO EA 78 -10.00 44.41 -107.62
CA PRO EA 78 -10.30 43.63 -106.42
C PRO EA 78 -11.70 43.05 -106.46
N GLN EA 79 -11.84 41.87 -105.83
CA GLN EA 79 -13.13 41.18 -105.74
C GLN EA 79 -13.75 41.25 -104.35
N ASN EA 80 -12.94 41.12 -103.29
CA ASN EA 80 -13.47 41.17 -101.94
C ASN EA 80 -12.59 42.02 -101.02
N ILE EA 81 -11.89 43.00 -101.60
CA ILE EA 81 -10.99 43.86 -100.86
C ILE EA 81 -11.56 45.26 -100.85
N VAL EA 82 -11.56 45.90 -99.69
CA VAL EA 82 -12.09 47.26 -99.58
C VAL EA 82 -11.04 48.11 -98.91
N PRO EA 83 -10.79 49.32 -99.40
CA PRO EA 83 -9.77 50.16 -98.80
C PRO EA 83 -10.06 50.42 -97.34
N GLY EA 84 -9.02 50.32 -96.52
CA GLY EA 84 -9.16 50.58 -95.11
C GLY EA 84 -9.72 49.44 -94.29
N VAL EA 85 -10.03 48.31 -94.89
CA VAL EA 85 -10.52 47.15 -94.17
C VAL EA 85 -9.43 46.09 -94.21
N PRO EA 86 -8.91 45.64 -93.07
CA PRO EA 86 -7.82 44.65 -93.10
C PRO EA 86 -8.33 43.25 -93.31
N THR EA 87 -7.69 42.53 -94.24
CA THR EA 87 -8.05 41.16 -94.57
C THR EA 87 -6.80 40.32 -94.60
N LYS EA 88 -6.96 39.03 -94.34
CA LYS EA 88 -5.89 38.05 -94.50
C LYS EA 88 -6.03 37.27 -95.80
N HIS EA 89 -7.11 37.54 -96.56
CA HIS EA 89 -7.35 36.87 -97.83
C HIS EA 89 -8.00 37.86 -98.78
N GLY EA 90 -7.40 38.02 -99.96
CA GLY EA 90 -7.90 38.95 -100.96
C GLY EA 90 -7.87 38.38 -102.36
N GLU EA 91 -8.89 38.69 -103.16
CA GLU EA 91 -9.02 38.12 -104.49
C GLU EA 91 -9.20 39.21 -105.52
N TYR EA 92 -8.55 39.04 -106.67
CA TYR EA 92 -8.77 39.85 -107.85
C TYR EA 92 -9.27 38.95 -108.97
N VAL EA 93 -10.12 39.50 -109.84
CA VAL EA 93 -10.76 38.66 -110.85
C VAL EA 93 -11.13 39.51 -112.07
N THR EA 94 -11.01 38.92 -113.26
CA THR EA 94 -11.76 39.42 -114.42
C THR EA 94 -12.49 38.26 -115.07
N THR EA 95 -13.22 38.54 -116.15
CA THR EA 95 -13.99 37.51 -116.84
C THR EA 95 -13.50 37.40 -118.28
N ASN EA 96 -12.89 36.26 -118.60
CA ASN EA 96 -12.52 35.93 -119.97
C ASN EA 96 -13.77 35.67 -120.80
N THR EA 97 -13.77 36.16 -122.04
CA THR EA 97 -14.83 35.92 -123.02
C THR EA 97 -14.22 35.48 -124.34
N GLY EA 98 -15.06 35.01 -125.26
CA GLY EA 98 -14.55 34.51 -126.52
C GLY EA 98 -15.69 34.09 -127.42
N ASP EA 99 -15.34 33.83 -128.68
CA ASP EA 99 -16.31 33.43 -129.69
C ASP EA 99 -16.81 32.03 -129.39
N ARG EA 100 -18.12 31.89 -129.18
CA ARG EA 100 -18.76 30.61 -128.85
C ARG EA 100 -18.14 30.00 -127.59
N LEU EA 101 -17.75 30.84 -126.64
CA LEU EA 101 -17.22 30.41 -125.36
C LEU EA 101 -18.06 31.02 -124.25
N MET EA 102 -18.53 30.17 -123.34
CA MET EA 102 -19.21 30.70 -122.17
C MET EA 102 -18.20 31.41 -121.27
N ALA EA 103 -18.49 32.67 -120.95
CA ALA EA 103 -17.52 33.50 -120.23
C ALA EA 103 -17.16 32.88 -118.88
N SER EA 104 -15.89 33.00 -118.52
CA SER EA 104 -15.34 32.29 -117.37
C SER EA 104 -14.29 33.16 -116.70
N SER EA 105 -14.29 33.16 -115.37
CA SER EA 105 -13.46 34.08 -114.61
C SER EA 105 -12.02 33.57 -114.49
N THR EA 106 -11.08 34.51 -114.49
CA THR EA 106 -9.68 34.24 -114.16
C THR EA 106 -9.36 34.95 -112.84
N THR EA 107 -8.68 34.24 -111.93
CA THR EA 107 -8.60 34.63 -110.53
C THR EA 107 -7.15 34.71 -110.03
N VAL EA 108 -6.90 35.69 -109.17
CA VAL EA 108 -5.60 35.90 -108.55
C VAL EA 108 -5.85 36.05 -107.05
N THR EA 109 -5.36 35.10 -106.27
CA THR EA 109 -5.63 35.01 -104.84
C THR EA 109 -4.37 35.32 -104.04
N ARG EA 110 -4.52 36.11 -102.97
CA ARG EA 110 -3.42 36.48 -102.10
C ARG EA 110 -3.81 36.19 -100.66
N ASP EA 111 -3.03 35.36 -99.98
CA ASP EA 111 -3.23 34.99 -98.58
C ASP EA 111 -2.05 35.47 -97.77
N VAL EA 112 -2.32 36.27 -96.74
CA VAL EA 112 -1.27 36.84 -95.90
C VAL EA 112 -1.57 36.44 -94.47
N SER EA 113 -0.86 35.44 -93.94
CA SER EA 113 -1.07 34.96 -92.57
C SER EA 113 0.25 34.59 -91.92
N ASN EA 114 0.46 35.11 -90.72
CA ASN EA 114 1.55 34.69 -89.84
C ASN EA 114 2.91 34.77 -90.53
N GLY EA 115 3.16 35.86 -91.23
CA GLY EA 115 4.41 36.05 -91.93
C GLY EA 115 4.56 35.34 -93.24
N ARG EA 116 3.54 34.61 -93.67
CA ARG EA 116 3.59 33.85 -94.90
C ARG EA 116 2.67 34.53 -95.91
N THR EA 117 3.26 35.00 -97.00
CA THR EA 117 2.51 35.61 -98.09
C THR EA 117 2.46 34.60 -99.24
N LYS EA 118 1.26 34.36 -99.79
CA LYS EA 118 1.13 33.42 -100.91
C LYS EA 118 0.18 33.96 -101.97
N VAL EA 119 0.67 34.02 -103.21
CA VAL EA 119 -0.09 34.50 -104.36
C VAL EA 119 -0.26 33.33 -105.33
N SER EA 120 -1.49 33.09 -105.75
CA SER EA 120 -1.82 32.03 -106.70
C SER EA 120 -2.61 32.60 -107.87
N ILE EA 121 -2.34 32.10 -109.07
CA ILE EA 121 -2.99 32.55 -110.30
C ILE EA 121 -3.62 31.32 -110.97
N ASP EA 122 -4.91 31.43 -111.29
CA ASP EA 122 -5.66 30.34 -111.92
C ASP EA 122 -6.37 30.90 -113.16
N ILE EA 123 -6.01 30.39 -114.33
CA ILE EA 123 -6.62 30.78 -115.60
C ILE EA 123 -7.23 29.54 -116.23
N PRO EA 124 -8.49 29.60 -116.68
CA PRO EA 124 -9.12 28.46 -117.34
C PRO EA 124 -8.80 28.41 -118.83
N TYR EA 125 -9.13 27.24 -119.43
CA TYR EA 125 -9.02 27.06 -120.87
C TYR EA 125 -10.20 26.21 -121.34
N TYR EA 126 -10.31 26.08 -122.67
CA TYR EA 126 -11.42 25.40 -123.30
C TYR EA 126 -10.91 24.44 -124.38
N ASP EA 127 -11.82 23.56 -124.79
CA ASP EA 127 -11.55 22.47 -125.74
C ASP EA 127 -11.62 23.00 -127.17
N ARG EA 128 -10.46 23.24 -127.78
CA ARG EA 128 -10.47 23.78 -129.14
C ARG EA 128 -11.07 22.81 -130.14
N ASN EA 129 -10.93 21.49 -129.90
CA ASN EA 129 -11.58 20.53 -130.78
C ASN EA 129 -13.09 20.78 -130.81
N ALA EA 130 -13.70 20.97 -129.63
CA ALA EA 130 -15.13 21.25 -129.57
C ALA EA 130 -15.45 22.61 -130.17
N VAL EA 131 -14.65 23.63 -129.89
CA VAL EA 131 -14.97 24.98 -130.37
C VAL EA 131 -14.92 25.04 -131.89
N GLU EA 132 -13.87 24.46 -132.49
CA GLU EA 132 -13.77 24.45 -133.95
C GLU EA 132 -14.77 23.51 -134.60
N THR EA 133 -15.22 22.46 -133.89
CA THR EA 133 -16.35 21.68 -134.40
C THR EA 133 -17.60 22.57 -134.49
N LEU EA 134 -17.85 23.36 -133.43
CA LEU EA 134 -18.96 24.31 -133.43
C LEU EA 134 -18.89 25.26 -134.60
N LYS EA 135 -17.73 25.89 -134.81
CA LYS EA 135 -17.61 26.86 -135.90
C LYS EA 135 -17.76 26.17 -137.25
N ALA EA 136 -17.09 25.03 -137.44
CA ALA EA 136 -16.98 24.42 -138.76
C ALA EA 136 -18.30 23.85 -139.25
N SER EA 137 -19.05 23.14 -138.41
CA SER EA 137 -20.32 22.59 -138.85
C SER EA 137 -21.50 23.51 -138.51
N ALA EA 138 -21.23 24.76 -138.11
CA ALA EA 138 -22.25 25.79 -137.92
C ALA EA 138 -23.31 25.38 -136.90
N ILE EA 139 -22.86 24.84 -135.77
CA ILE EA 139 -23.72 24.47 -134.65
C ILE EA 139 -23.93 25.72 -133.79
N PRO EA 140 -25.07 25.91 -133.14
CA PRO EA 140 -25.32 27.15 -132.38
C PRO EA 140 -24.90 27.17 -130.93
N GLY EA 141 -24.40 26.06 -130.36
CA GLY EA 141 -24.06 26.03 -128.95
C GLY EA 141 -22.73 26.71 -128.61
N ALA EA 142 -22.39 26.68 -127.32
CA ALA EA 142 -21.13 27.19 -126.79
C ALA EA 142 -20.48 26.13 -125.90
N VAL EA 143 -19.21 26.36 -125.57
CA VAL EA 143 -18.41 25.44 -124.76
C VAL EA 143 -18.10 26.10 -123.42
N ALA EA 144 -18.18 25.30 -122.37
CA ALA EA 144 -17.78 25.65 -121.01
C ALA EA 144 -16.32 25.30 -120.80
N PRO EA 145 -15.65 25.92 -119.81
CA PRO EA 145 -14.23 25.62 -119.58
C PRO EA 145 -14.01 24.14 -119.33
N VAL EA 146 -12.83 23.68 -119.74
CA VAL EA 146 -12.50 22.27 -119.68
C VAL EA 146 -11.45 21.97 -118.62
N GLY EA 147 -10.57 22.92 -118.31
CA GLY EA 147 -9.62 22.77 -117.23
C GLY EA 147 -8.98 24.10 -116.93
N SER EA 148 -7.89 24.07 -116.17
CA SER EA 148 -7.19 25.31 -115.83
C SER EA 148 -5.70 25.05 -115.71
N PHE EA 149 -4.96 26.16 -115.58
CA PHE EA 149 -3.56 26.15 -115.20
C PHE EA 149 -3.37 27.07 -114.00
N LYS EA 150 -2.49 26.66 -113.09
CA LYS EA 150 -2.28 27.36 -111.82
C LYS EA 150 -0.78 27.52 -111.54
N VAL EA 151 -0.45 28.69 -110.99
CA VAL EA 151 0.91 29.03 -110.60
C VAL EA 151 0.88 29.62 -109.20
N ASN EA 152 1.66 29.06 -108.28
CA ASN EA 152 1.71 29.49 -106.89
C ASN EA 152 3.08 30.06 -106.55
N VAL EA 153 3.09 31.07 -105.71
CA VAL EA 153 4.32 31.72 -105.26
C VAL EA 153 4.16 32.03 -103.78
N GLU EA 154 5.19 31.75 -102.99
CA GLU EA 154 5.08 31.73 -101.53
C GLU EA 154 6.35 32.33 -100.93
N VAL EA 155 6.18 33.25 -99.99
CA VAL EA 155 7.28 33.92 -99.32
C VAL EA 155 7.10 33.68 -97.83
N LEU EA 156 8.03 32.93 -97.23
CA LEU EA 156 8.00 32.61 -95.81
C LEU EA 156 8.89 33.61 -95.10
N GLY EA 157 8.30 34.71 -94.63
CA GLY EA 157 9.07 35.80 -94.07
C GLY EA 157 8.85 35.95 -92.59
N GLY EA 158 8.43 34.87 -91.95
CA GLY EA 158 8.19 34.91 -90.53
C GLY EA 158 9.48 34.88 -89.72
N GLY EA 159 9.35 35.22 -88.45
CA GLY EA 159 10.43 35.04 -87.51
C GLY EA 159 11.61 35.94 -87.75
N VAL EA 160 11.35 37.24 -87.77
CA VAL EA 160 12.44 38.20 -87.74
C VAL EA 160 12.96 38.32 -86.31
N LEU EA 161 14.24 38.67 -86.18
CA LEU EA 161 14.89 38.76 -84.88
C LEU EA 161 14.41 40.01 -84.13
N THR EA 162 14.72 40.06 -82.83
CA THR EA 162 14.12 41.06 -81.96
C THR EA 162 14.69 42.45 -82.19
N GLY EA 163 15.99 42.53 -82.49
CA GLY EA 163 16.62 43.79 -82.77
C GLY EA 163 16.48 44.28 -84.19
N THR EA 164 15.62 43.66 -84.98
CA THR EA 164 15.40 44.09 -86.35
C THR EA 164 14.72 45.46 -86.34
N ASP EA 165 15.44 46.47 -86.80
CA ASP EA 165 14.92 47.82 -86.82
C ASP EA 165 13.74 47.94 -87.75
N ALA EA 166 12.82 48.86 -87.43
CA ALA EA 166 11.71 49.14 -88.32
C ALA EA 166 12.19 49.47 -89.73
N ASN EA 167 13.30 50.24 -89.83
CA ASN EA 167 13.87 50.58 -91.13
C ASN EA 167 14.46 49.34 -91.82
N ALA EA 168 15.11 48.47 -91.06
CA ALA EA 168 15.76 47.31 -91.66
C ALA EA 168 14.76 46.26 -92.16
N GLN EA 169 13.51 46.32 -91.68
CA GLN EA 169 12.50 45.40 -92.20
C GLN EA 169 12.21 45.69 -93.66
N PHE EA 170 12.39 46.94 -94.10
CA PHE EA 170 12.23 47.26 -95.51
C PHE EA 170 13.35 46.63 -96.33
N ALA EA 171 14.58 46.69 -95.80
CA ALA EA 171 15.68 46.01 -96.48
C ALA EA 171 15.41 44.53 -96.61
N LEU EA 172 14.87 43.92 -95.55
CA LEU EA 172 14.52 42.51 -95.61
C LEU EA 172 13.42 42.27 -96.64
N ASP EA 173 12.46 43.20 -96.73
CA ASP EA 173 11.42 43.13 -97.76
C ASP EA 173 12.04 42.97 -99.14
N GLU EA 174 12.97 43.88 -99.47
CA GLU EA 174 13.58 43.86 -100.79
C GLU EA 174 14.43 42.61 -100.99
N LEU EA 175 15.10 42.14 -99.93
CA LEU EA 175 15.85 40.90 -100.05
C LEU EA 175 14.94 39.74 -100.46
N LEU EA 176 13.79 39.61 -99.80
CA LEU EA 176 12.86 38.53 -100.15
C LEU EA 176 12.34 38.70 -101.57
N SER EA 177 12.05 39.93 -101.99
CA SER EA 177 11.54 40.11 -103.35
C SER EA 177 12.59 39.72 -104.39
N ASN EA 178 13.87 39.99 -104.11
CA ASN EA 178 14.92 39.55 -105.04
C ASN EA 178 15.08 38.04 -105.06
N MET EA 179 14.91 37.37 -103.92
CA MET EA 179 14.87 35.91 -103.93
C MET EA 179 13.70 35.42 -104.78
N LEU EA 180 12.56 36.12 -104.72
CA LEU EA 180 11.41 35.79 -105.56
C LEU EA 180 11.79 35.80 -107.04
N MET EA 181 12.40 36.91 -107.48
CA MET EA 181 12.80 37.03 -108.88
C MET EA 181 13.75 35.90 -109.27
N ASP EA 182 14.75 35.63 -108.43
CA ASP EA 182 15.69 34.56 -108.73
C ASP EA 182 14.98 33.21 -108.82
N ALA EA 183 13.97 32.99 -107.97
CA ALA EA 183 13.27 31.72 -107.96
C ALA EA 183 12.48 31.52 -109.25
N ALA EA 184 11.77 32.56 -109.71
CA ALA EA 184 11.03 32.41 -110.96
C ALA EA 184 11.97 32.22 -112.15
N ARG EA 185 13.11 32.91 -112.14
CA ARG EA 185 14.07 32.72 -113.22
C ARG EA 185 14.60 31.30 -113.24
N ILE EA 186 14.90 30.74 -112.05
CA ILE EA 186 15.37 29.35 -111.99
C ILE EA 186 14.26 28.40 -112.39
N ALA EA 187 13.01 28.76 -112.13
CA ALA EA 187 11.88 27.91 -112.47
C ALA EA 187 11.71 27.79 -113.98
N GLN EA 188 11.82 28.91 -114.71
CA GLN EA 188 11.61 28.87 -116.15
C GLN EA 188 12.90 28.83 -116.95
N ASP EA 189 14.04 28.77 -116.29
CA ASP EA 189 15.32 28.79 -116.98
C ASP EA 189 15.44 27.62 -117.92
N GLY EA 190 15.98 27.88 -119.10
CA GLY EA 190 16.21 26.82 -120.06
C GLY EA 190 15.93 27.27 -121.47
N PRO EA 191 16.47 26.54 -122.45
CA PRO EA 191 16.18 26.86 -123.85
C PRO EA 191 14.72 26.59 -124.14
N LYS EA 192 14.16 27.38 -125.04
CA LYS EA 192 12.80 27.20 -125.52
C LYS EA 192 12.73 26.18 -126.65
N ASN EA 193 13.88 25.63 -127.06
CA ASN EA 193 13.89 24.52 -128.02
C ASN EA 193 13.45 23.23 -127.37
N THR EA 194 13.53 23.12 -126.05
CA THR EA 194 13.35 21.86 -125.36
C THR EA 194 12.28 21.98 -124.28
N ALA EA 195 11.65 20.85 -123.97
CA ALA EA 195 10.56 20.80 -123.01
C ALA EA 195 11.04 21.20 -121.62
N ARG EA 196 10.27 22.04 -120.93
CA ARG EA 196 10.69 22.37 -119.57
C ARG EA 196 9.61 22.48 -118.49
N LEU EA 197 8.32 22.68 -118.81
CA LEU EA 197 7.36 22.86 -117.71
C LEU EA 197 6.17 21.89 -117.67
N VAL EA 198 5.37 21.82 -118.76
CA VAL EA 198 4.07 21.15 -118.67
C VAL EA 198 4.25 19.65 -118.85
N ALA EA 199 3.29 18.91 -118.31
CA ALA EA 199 3.26 17.45 -118.40
C ALA EA 199 4.55 16.83 -117.87
N ALA EA 200 5.21 17.53 -116.95
CA ALA EA 200 6.53 17.14 -116.48
C ALA EA 200 6.48 15.78 -115.80
N SER EA 201 7.45 14.92 -116.15
CA SER EA 201 7.61 13.61 -115.54
C SER EA 201 8.82 13.55 -114.61
N HIS EA 202 9.96 14.03 -115.08
CA HIS EA 202 11.19 14.12 -114.29
C HIS EA 202 12.10 15.13 -114.97
N GLY EA 203 13.21 15.43 -114.32
CA GLY EA 203 14.20 16.35 -114.87
C GLY EA 203 15.40 15.58 -115.42
N VAL EA 204 15.94 16.07 -116.53
CA VAL EA 204 17.15 15.48 -117.09
C VAL EA 204 18.08 16.59 -117.53
N MET EA 205 19.13 16.85 -116.76
CA MET EA 205 20.06 17.89 -117.15
C MET EA 205 21.05 17.36 -118.19
N PRO EA 206 21.36 18.14 -119.23
CA PRO EA 206 22.15 17.61 -120.33
C PRO EA 206 23.62 17.50 -119.99
N GLN EA 207 24.30 16.55 -120.64
CA GLN EA 207 25.72 16.31 -120.40
C GLN EA 207 26.56 17.47 -120.89
N ALA EA 208 26.24 17.98 -122.08
CA ALA EA 208 26.94 19.11 -122.66
C ALA EA 208 26.05 19.72 -123.74
N PRO FA 20 -37.85 8.48 -112.78
CA PRO FA 20 -37.32 9.72 -112.21
C PRO FA 20 -36.74 10.67 -113.27
N VAL FA 21 -37.36 11.84 -113.41
CA VAL FA 21 -36.94 12.85 -114.38
C VAL FA 21 -36.05 13.84 -113.65
N GLN FA 22 -34.83 14.05 -114.17
CA GLN FA 22 -33.85 14.93 -113.54
C GLN FA 22 -33.55 16.12 -114.43
N SER FA 23 -33.21 17.26 -113.81
CA SER FA 23 -32.92 18.48 -114.53
C SER FA 23 -31.41 18.67 -114.66
N SER FA 24 -31.00 19.36 -115.73
CA SER FA 24 -29.58 19.55 -115.98
C SER FA 24 -29.35 20.85 -116.76
N ARG FA 25 -28.07 21.26 -116.74
CA ARG FA 25 -27.57 22.46 -117.42
C ARG FA 25 -26.52 22.02 -118.44
N THR FA 26 -26.83 22.20 -119.71
CA THR FA 26 -26.04 21.61 -120.78
C THR FA 26 -25.20 22.65 -121.49
N THR FA 27 -23.97 22.26 -121.85
CA THR FA 27 -23.21 22.95 -122.88
C THR FA 27 -22.71 21.91 -123.86
N PHE FA 28 -22.37 22.36 -125.07
CA PHE FA 28 -21.85 21.43 -126.05
C PHE FA 28 -20.45 20.97 -125.67
N GLY FA 29 -20.15 19.72 -126.01
CA GLY FA 29 -18.84 19.18 -125.78
C GLY FA 29 -18.86 17.77 -125.24
N VAL FA 30 -17.67 17.27 -124.92
CA VAL FA 30 -17.47 16.01 -124.24
C VAL FA 30 -16.36 16.22 -123.23
N ASN FA 31 -16.46 15.55 -122.09
CA ASN FA 31 -15.38 15.54 -121.13
C ASN FA 31 -14.08 15.15 -121.83
N PRO FA 32 -13.00 15.90 -121.65
CA PRO FA 32 -11.86 15.77 -122.55
C PRO FA 32 -11.06 14.52 -122.25
N ASP FA 33 -10.20 14.17 -123.21
CA ASP FA 33 -9.22 13.12 -123.00
C ASP FA 33 -7.90 13.79 -122.61
N ARG FA 34 -7.45 13.53 -121.40
CA ARG FA 34 -6.21 14.13 -120.90
C ARG FA 34 -5.02 13.26 -121.26
N GLN FA 35 -3.89 13.93 -121.48
CA GLN FA 35 -2.64 13.24 -121.79
C GLN FA 35 -1.88 12.96 -120.51
N ALA FA 36 -1.20 11.81 -120.47
CA ALA FA 36 -0.43 11.43 -119.30
C ALA FA 36 0.77 12.36 -119.13
N ASN FA 37 1.22 12.51 -117.89
CA ASN FA 37 2.34 13.39 -117.57
C ASN FA 37 3.67 12.65 -117.74
N ALA FA 38 3.94 12.23 -118.99
CA ALA FA 38 5.11 11.42 -119.31
C ALA FA 38 6.15 12.20 -120.10
N ARG FA 39 6.22 13.51 -119.88
CA ARG FA 39 7.09 14.37 -120.66
C ARG FA 39 8.29 14.77 -119.83
N PRO FA 40 9.47 14.20 -120.07
CA PRO FA 40 10.66 14.64 -119.34
C PRO FA 40 11.07 16.05 -119.74
N VAL FA 41 11.57 16.81 -118.76
CA VAL FA 41 11.81 18.22 -118.92
C VAL FA 41 13.28 18.53 -118.68
N TYR FA 42 13.66 19.74 -119.09
CA TYR FA 42 15.01 20.23 -118.95
C TYR FA 42 15.30 20.57 -117.49
N LEU FA 43 16.54 20.34 -117.10
CA LEU FA 43 17.00 20.57 -115.75
C LEU FA 43 18.26 21.41 -115.83
N ALA FA 44 18.26 22.58 -115.21
CA ALA FA 44 19.38 23.50 -115.36
C ALA FA 44 20.66 22.87 -114.81
N PRO FA 45 21.80 23.02 -115.51
CA PRO FA 45 23.07 22.50 -114.99
C PRO FA 45 23.66 23.34 -113.88
N ALA FA 46 23.00 24.45 -113.52
CA ALA FA 46 23.36 25.30 -112.39
C ALA FA 46 22.22 26.28 -112.15
N ALA FA 47 22.15 26.81 -110.93
CA ALA FA 47 21.06 27.70 -110.55
C ALA FA 47 21.61 29.11 -110.38
N PRO FA 48 21.16 30.12 -111.18
CA PRO FA 48 21.70 31.47 -110.97
C PRO FA 48 20.93 32.20 -109.89
N MET FA 49 21.63 32.79 -108.95
CA MET FA 49 21.05 33.60 -107.88
C MET FA 49 21.60 35.01 -107.91
N GLU FA 50 21.73 35.59 -109.11
CA GLU FA 50 22.43 36.88 -109.24
C GLU FA 50 21.66 38.01 -108.57
N ASN FA 51 20.33 38.07 -108.74
CA ASN FA 51 19.54 39.18 -108.22
C ASN FA 51 19.70 39.32 -106.70
N THR FA 52 19.45 38.23 -105.98
CA THR FA 52 19.47 38.28 -104.52
C THR FA 52 20.87 38.56 -103.99
N TYR FA 53 21.91 37.99 -104.61
CA TYR FA 53 23.26 38.18 -104.08
C TYR FA 53 23.84 39.55 -104.42
N THR FA 54 23.49 40.11 -105.57
CA THR FA 54 23.83 41.52 -105.79
C THR FA 54 23.13 42.42 -104.77
N TYR FA 55 21.88 42.14 -104.44
CA TYR FA 55 21.24 42.97 -103.42
C TYR FA 55 21.91 42.78 -102.05
N LEU FA 56 22.31 41.55 -101.73
CA LEU FA 56 23.00 41.32 -100.47
C LEU FA 56 24.32 42.09 -100.43
N GLY FA 57 25.04 42.13 -101.54
CA GLY FA 57 26.19 43.02 -101.63
C GLY FA 57 25.81 44.47 -101.41
N SER FA 58 24.63 44.86 -101.90
CA SER FA 58 24.16 46.24 -101.72
C SER FA 58 24.03 46.59 -100.24
N ILE FA 59 23.33 45.76 -99.47
CA ILE FA 59 23.09 46.11 -98.06
C ILE FA 59 24.27 45.72 -97.19
N GLN FA 60 25.35 45.26 -97.82
CA GLN FA 60 26.55 44.83 -97.11
C GLN FA 60 26.26 43.66 -96.16
N PHE FA 61 25.37 42.77 -96.59
CA PHE FA 61 25.10 41.49 -95.92
C PHE FA 61 24.61 41.66 -94.50
N ALA FA 62 23.84 42.72 -94.25
CA ALA FA 62 23.38 42.97 -92.88
C ALA FA 62 22.06 43.74 -92.92
N ALA FA 63 21.16 43.38 -92.02
CA ALA FA 63 19.89 44.08 -91.87
C ALA FA 63 19.30 43.71 -90.52
N GLY FA 64 18.95 44.73 -89.73
CA GLY FA 64 18.50 44.44 -88.38
C GLY FA 64 19.65 43.83 -87.62
N ARG FA 65 19.38 42.75 -86.88
CA ARG FA 65 20.48 41.94 -86.37
C ARG FA 65 20.56 40.61 -87.10
N HIS FA 66 20.02 40.54 -88.32
CA HIS FA 66 20.36 39.47 -89.24
C HIS FA 66 21.65 39.83 -89.96
N ILE FA 67 22.64 38.93 -89.90
CA ILE FA 67 23.82 39.07 -90.74
C ILE FA 67 23.92 37.82 -91.61
N PHE FA 68 24.27 38.00 -92.88
CA PHE FA 68 24.30 36.91 -93.84
C PHE FA 68 25.74 36.61 -94.23
N GLY FA 69 25.92 35.46 -94.88
CA GLY FA 69 27.23 35.04 -95.32
C GLY FA 69 27.48 35.35 -96.78
N GLU FA 70 28.75 35.55 -97.12
CA GLU FA 70 29.14 35.74 -98.51
C GLU FA 70 29.19 34.38 -99.21
N PRO FA 71 28.59 34.26 -100.38
CA PRO FA 71 28.59 32.96 -101.08
C PRO FA 71 29.93 32.67 -101.72
N ALA FA 72 30.07 31.45 -102.19
CA ALA FA 72 31.22 31.12 -103.00
C ALA FA 72 31.01 31.58 -104.44
N SER FA 73 29.84 31.30 -105.00
CA SER FA 73 29.52 31.65 -106.37
C SER FA 73 28.11 32.25 -106.41
N ASN FA 74 27.94 33.24 -107.29
CA ASN FA 74 26.59 33.74 -107.58
C ASN FA 74 25.76 32.69 -108.28
N VAL FA 75 26.40 31.76 -108.97
CA VAL FA 75 25.73 30.65 -109.63
C VAL FA 75 26.09 29.38 -108.88
N LEU FA 76 25.05 28.68 -108.38
CA LEU FA 76 25.10 27.49 -107.53
C LEU FA 76 25.26 26.24 -108.37
N PRO FA 77 26.30 25.45 -108.14
CA PRO FA 77 26.48 24.19 -108.87
C PRO FA 77 25.54 23.12 -108.33
N PRO FA 78 25.32 22.05 -109.11
CA PRO FA 78 24.49 20.94 -108.61
C PRO FA 78 25.25 20.06 -107.63
N GLN FA 79 24.54 19.58 -106.60
CA GLN FA 79 25.13 18.72 -105.58
C GLN FA 79 24.82 17.26 -105.79
N ASN FA 80 23.59 16.93 -106.21
CA ASN FA 80 23.17 15.53 -106.33
C ASN FA 80 22.51 15.24 -107.67
N ILE FA 81 22.93 15.93 -108.74
CA ILE FA 81 22.31 15.76 -110.04
C ILE FA 81 23.39 15.27 -110.99
N VAL FA 82 23.36 13.99 -111.31
CA VAL FA 82 24.25 13.45 -112.34
C VAL FA 82 23.67 13.80 -113.72
N PRO FA 83 24.49 14.17 -114.70
CA PRO FA 83 23.92 14.50 -116.00
C PRO FA 83 23.46 13.26 -116.72
N GLY FA 84 22.35 13.40 -117.43
CA GLY FA 84 21.79 12.27 -118.15
C GLY FA 84 21.10 11.27 -117.28
N VAL FA 85 20.94 11.56 -115.99
CA VAL FA 85 20.27 10.66 -115.07
C VAL FA 85 18.95 11.31 -114.69
N PRO FA 86 17.80 10.67 -114.98
CA PRO FA 86 16.53 11.24 -114.57
C PRO FA 86 16.44 11.34 -113.06
N THR FA 87 16.07 12.52 -112.57
CA THR FA 87 15.95 12.79 -111.14
C THR FA 87 14.67 13.56 -110.93
N LYS FA 88 13.85 13.12 -109.98
CA LYS FA 88 12.63 13.83 -109.62
C LYS FA 88 12.87 14.84 -108.51
N HIS FA 89 14.09 14.88 -107.97
CA HIS FA 89 14.44 15.82 -106.92
C HIS FA 89 15.93 16.11 -106.99
N GLY FA 90 16.28 17.40 -106.95
CA GLY FA 90 17.67 17.80 -107.11
C GLY FA 90 17.96 19.08 -106.36
N GLU FA 91 19.23 19.25 -106.01
CA GLU FA 91 19.63 20.36 -105.15
C GLU FA 91 20.89 21.01 -105.70
N TYR FA 92 20.88 22.33 -105.78
CA TYR FA 92 22.08 23.13 -106.00
C TYR FA 92 22.44 23.80 -104.68
N VAL FA 93 23.73 23.91 -104.39
CA VAL FA 93 24.13 24.41 -103.09
C VAL FA 93 25.47 25.11 -103.20
N THR FA 94 25.58 26.27 -102.56
CA THR FA 94 26.89 26.88 -102.44
C THR FA 94 27.15 27.27 -101.00
N THR FA 95 28.43 27.31 -100.63
CA THR FA 95 28.79 27.50 -99.25
C THR FA 95 28.91 28.99 -98.95
N ASN FA 96 28.47 29.39 -97.75
CA ASN FA 96 28.50 30.75 -97.24
C ASN FA 96 29.61 30.84 -96.20
N THR FA 97 30.49 31.82 -96.34
CA THR FA 97 31.57 32.04 -95.37
C THR FA 97 31.50 33.48 -94.89
N GLY FA 98 32.19 33.78 -93.79
CA GLY FA 98 32.18 35.11 -93.24
C GLY FA 98 33.08 35.19 -92.03
N ASP FA 99 33.39 36.43 -91.64
CA ASP FA 99 34.24 36.69 -90.48
C ASP FA 99 33.53 36.28 -89.21
N ARG FA 100 34.11 35.33 -88.49
CA ARG FA 100 33.52 34.76 -87.28
C ARG FA 100 32.14 34.19 -87.57
N LEU FA 101 32.01 33.51 -88.71
CA LEU FA 101 30.82 32.78 -89.09
C LEU FA 101 31.21 31.32 -89.33
N MET FA 102 30.36 30.41 -88.87
CA MET FA 102 30.54 29.00 -89.24
C MET FA 102 29.99 28.79 -90.64
N ALA FA 103 30.81 28.22 -91.52
CA ALA FA 103 30.39 28.02 -92.90
C ALA FA 103 29.03 27.33 -92.95
N SER FA 104 28.12 27.87 -93.77
CA SER FA 104 26.76 27.34 -93.86
C SER FA 104 26.26 27.36 -95.28
N SER FA 105 25.49 26.35 -95.65
CA SER FA 105 25.14 26.14 -97.05
C SER FA 105 23.82 26.84 -97.37
N THR FA 106 23.79 27.53 -98.51
CA THR FA 106 22.56 28.06 -99.06
C THR FA 106 22.10 27.17 -100.21
N THR FA 107 20.80 26.85 -100.23
CA THR FA 107 20.27 25.72 -100.99
C THR FA 107 19.11 26.11 -101.90
N VAL FA 108 19.15 25.57 -103.12
CA VAL FA 108 18.08 25.74 -104.10
C VAL FA 108 17.60 24.35 -104.49
N THR FA 109 16.34 24.06 -104.22
CA THR FA 109 15.78 22.73 -104.36
C THR FA 109 14.72 22.71 -105.46
N ARG FA 110 14.83 21.74 -106.37
CA ARG FA 110 13.87 21.59 -107.46
C ARG FA 110 13.25 20.20 -107.40
N ASP FA 111 11.92 20.16 -107.39
CA ASP FA 111 11.16 18.92 -107.39
C ASP FA 111 10.28 18.91 -108.62
N VAL FA 112 10.54 17.97 -109.52
CA VAL FA 112 9.78 17.82 -110.76
C VAL FA 112 9.08 16.46 -110.68
N SER FA 113 7.76 16.44 -110.52
CA SER FA 113 7.04 15.17 -110.51
C SER FA 113 5.57 15.38 -110.84
N ASN FA 114 5.03 14.45 -111.62
CA ASN FA 114 3.58 14.36 -111.90
C ASN FA 114 3.01 15.67 -112.45
N GLY FA 115 3.76 16.31 -113.34
CA GLY FA 115 3.36 17.56 -113.95
C GLY FA 115 3.52 18.80 -113.09
N ARG FA 116 3.98 18.65 -111.85
CA ARG FA 116 4.16 19.78 -110.96
C ARG FA 116 5.65 19.99 -110.76
N THR FA 117 6.11 21.20 -111.02
CA THR FA 117 7.50 21.55 -110.79
C THR FA 117 7.57 22.64 -109.72
N LYS FA 118 8.47 22.48 -108.76
CA LYS FA 118 8.54 23.39 -107.61
C LYS FA 118 9.99 23.69 -107.27
N VAL FA 119 10.31 24.98 -107.15
CA VAL FA 119 11.63 25.47 -106.82
C VAL FA 119 11.56 26.21 -105.49
N SER FA 120 12.45 25.88 -104.57
CA SER FA 120 12.53 26.49 -103.25
C SER FA 120 13.94 27.01 -102.99
N ILE FA 121 14.05 28.16 -102.35
CA ILE FA 121 15.33 28.78 -102.05
C ILE FA 121 15.39 29.06 -100.55
N ASP FA 122 16.48 28.62 -99.91
CA ASP FA 122 16.68 28.75 -98.47
C ASP FA 122 18.06 29.33 -98.21
N ILE FA 123 18.10 30.52 -97.61
CA ILE FA 123 19.36 31.17 -97.24
C ILE FA 123 19.37 31.38 -95.73
N PRO FA 124 20.46 31.03 -95.04
CA PRO FA 124 20.51 31.21 -93.59
C PRO FA 124 21.05 32.56 -93.16
N TYR FA 125 20.77 32.91 -91.90
CA TYR FA 125 21.23 34.14 -91.28
C TYR FA 125 21.67 33.86 -89.84
N TYR FA 126 22.60 34.69 -89.36
CA TYR FA 126 23.21 34.59 -88.04
C TYR FA 126 22.85 35.80 -87.18
N ASP FA 127 23.11 35.64 -85.87
CA ASP FA 127 22.89 36.68 -84.86
C ASP FA 127 23.98 37.74 -84.94
N ARG FA 128 23.64 38.88 -85.53
CA ARG FA 128 24.61 39.96 -85.70
C ARG FA 128 25.13 40.44 -84.36
N ASN FA 129 24.32 40.37 -83.29
CA ASN FA 129 24.77 40.81 -81.98
C ASN FA 129 25.91 39.93 -81.48
N ALA FA 130 25.76 38.61 -81.61
CA ALA FA 130 26.82 37.69 -81.24
C ALA FA 130 28.06 37.91 -82.09
N VAL FA 131 27.86 38.02 -83.41
CA VAL FA 131 29.02 38.13 -84.30
C VAL FA 131 29.81 39.39 -83.99
N GLU FA 132 29.12 40.52 -83.84
CA GLU FA 132 29.80 41.80 -83.62
C GLU FA 132 30.38 41.89 -82.22
N THR FA 133 29.73 41.28 -81.22
CA THR FA 133 30.36 41.21 -79.90
C THR FA 133 31.65 40.42 -79.94
N LEU FA 134 31.67 39.31 -80.70
CA LEU FA 134 32.90 38.56 -80.88
C LEU FA 134 33.97 39.38 -81.60
N LYS FA 135 33.58 40.04 -82.69
CA LYS FA 135 34.53 40.85 -83.46
C LYS FA 135 35.12 41.97 -82.62
N ALA FA 136 34.26 42.79 -81.98
CA ALA FA 136 34.74 43.89 -81.17
C ALA FA 136 35.59 43.39 -80.00
N SER FA 137 35.20 42.27 -79.40
CA SER FA 137 35.99 41.76 -78.30
C SER FA 137 37.19 40.94 -78.76
N ALA FA 138 37.39 40.77 -80.07
CA ALA FA 138 38.51 39.98 -80.57
C ALA FA 138 38.49 38.57 -79.96
N ILE FA 139 37.33 37.93 -80.02
CA ILE FA 139 37.16 36.56 -79.54
C ILE FA 139 37.18 35.64 -80.76
N PRO FA 140 37.85 34.50 -80.71
CA PRO FA 140 37.94 33.64 -81.91
C PRO FA 140 36.78 32.67 -82.11
N GLY FA 141 35.63 32.87 -81.49
CA GLY FA 141 34.52 31.98 -81.71
C GLY FA 141 33.87 32.18 -83.07
N ALA FA 142 33.35 31.09 -83.63
CA ALA FA 142 32.60 31.12 -84.89
C ALA FA 142 31.14 30.78 -84.61
N VAL FA 143 30.23 31.49 -85.26
CA VAL FA 143 28.80 31.41 -84.94
C VAL FA 143 28.09 30.58 -85.99
N ALA FA 144 27.24 29.67 -85.52
CA ALA FA 144 26.35 28.89 -86.38
C ALA FA 144 25.09 29.70 -86.70
N PRO FA 145 24.40 29.37 -87.78
CA PRO FA 145 23.23 30.18 -88.18
C PRO FA 145 22.10 30.08 -87.18
N VAL FA 146 21.44 31.21 -86.95
CA VAL FA 146 20.30 31.23 -86.05
C VAL FA 146 18.98 30.94 -86.77
N GLY FA 147 18.89 31.25 -88.06
CA GLY FA 147 17.64 30.95 -88.76
C GLY FA 147 17.84 30.99 -90.26
N SER FA 148 16.71 31.06 -90.98
CA SER FA 148 16.76 31.10 -92.43
C SER FA 148 15.53 31.80 -92.98
N PHE FA 149 15.63 32.20 -94.25
CA PHE FA 149 14.51 32.72 -95.03
C PHE FA 149 14.32 31.85 -96.28
N LYS FA 150 13.06 31.61 -96.62
CA LYS FA 150 12.69 30.68 -97.69
C LYS FA 150 11.65 31.28 -98.62
N VAL FA 151 11.79 30.95 -99.90
CA VAL FA 151 10.87 31.38 -100.95
C VAL FA 151 10.57 30.19 -101.84
N ASN FA 152 9.28 29.88 -102.02
CA ASN FA 152 8.79 28.76 -102.80
C ASN FA 152 8.06 29.24 -104.05
N VAL FA 153 8.21 28.47 -105.13
CA VAL FA 153 7.58 28.78 -106.40
C VAL FA 153 7.13 27.46 -107.02
N GLU FA 154 5.92 27.43 -107.57
CA GLU FA 154 5.28 26.17 -107.91
C GLU FA 154 4.45 26.33 -109.18
N VAL FA 155 4.53 25.35 -110.07
CA VAL FA 155 3.87 25.41 -111.38
C VAL FA 155 3.14 24.09 -111.58
N LEU FA 156 1.80 24.15 -111.63
CA LEU FA 156 0.96 22.98 -111.81
C LEU FA 156 0.64 22.84 -113.28
N GLY FA 157 1.50 22.12 -114.00
CA GLY FA 157 1.42 21.98 -115.44
C GLY FA 157 0.83 20.69 -115.95
N GLY FA 158 0.11 19.96 -115.10
CA GLY FA 158 -0.47 18.71 -115.52
C GLY FA 158 -1.79 18.89 -116.22
N GLY FA 159 -2.20 17.85 -116.93
CA GLY FA 159 -3.53 17.80 -117.51
C GLY FA 159 -3.60 18.26 -118.94
N VAL FA 160 -2.48 18.26 -119.66
CA VAL FA 160 -2.46 18.70 -121.05
C VAL FA 160 -3.39 17.81 -121.87
N LEU FA 161 -4.20 18.45 -122.70
CA LEU FA 161 -5.18 17.76 -123.52
C LEU FA 161 -4.50 16.92 -124.60
N THR FA 162 -5.21 15.87 -125.06
CA THR FA 162 -4.58 14.87 -125.91
C THR FA 162 -4.21 15.42 -127.28
N GLY FA 163 -5.04 16.30 -127.85
CA GLY FA 163 -4.72 16.87 -129.14
C GLY FA 163 -3.42 17.64 -129.18
N THR FA 164 -3.00 18.22 -128.05
CA THR FA 164 -1.84 19.10 -128.01
C THR FA 164 -0.58 18.35 -128.43
N ASP FA 165 0.14 18.89 -129.41
CA ASP FA 165 1.35 18.25 -129.87
C ASP FA 165 2.57 18.91 -129.21
N ALA FA 166 3.78 18.50 -129.63
CA ALA FA 166 5.00 18.95 -128.97
C ALA FA 166 5.20 20.44 -129.12
N ASN FA 167 5.03 20.95 -130.35
CA ASN FA 167 5.19 22.37 -130.61
C ASN FA 167 4.24 23.19 -129.76
N ALA FA 168 2.98 22.74 -129.66
CA ALA FA 168 2.02 23.44 -128.81
C ALA FA 168 2.44 23.42 -127.35
N GLN FA 169 2.98 22.29 -126.89
CA GLN FA 169 3.43 22.22 -125.50
C GLN FA 169 4.55 23.21 -125.23
N PHE FA 170 5.40 23.50 -126.24
CA PHE FA 170 6.37 24.58 -126.06
C PHE FA 170 5.69 25.89 -125.70
N ALA FA 171 4.61 26.20 -126.42
CA ALA FA 171 3.86 27.43 -126.16
C ALA FA 171 3.30 27.44 -124.74
N LEU FA 172 2.78 26.29 -124.30
CA LEU FA 172 2.28 26.20 -122.94
C LEU FA 172 3.40 26.42 -121.93
N ASP FA 173 4.61 25.94 -122.26
CA ASP FA 173 5.78 26.19 -121.40
C ASP FA 173 5.97 27.68 -121.18
N GLU FA 174 6.06 28.43 -122.28
CA GLU FA 174 6.31 29.87 -122.14
C GLU FA 174 5.12 30.57 -121.48
N LEU FA 175 3.89 30.07 -121.69
CA LEU FA 175 2.74 30.66 -121.03
C LEU FA 175 2.84 30.55 -119.52
N LEU FA 176 3.16 29.36 -119.03
CA LEU FA 176 3.37 29.21 -117.59
C LEU FA 176 4.53 30.05 -117.10
N SER FA 177 5.58 30.19 -117.92
CA SER FA 177 6.68 31.07 -117.55
C SER FA 177 6.19 32.50 -117.29
N ASN FA 178 5.36 33.01 -118.19
CA ASN FA 178 4.89 34.39 -118.03
C ASN FA 178 3.94 34.52 -116.85
N MET FA 179 3.14 33.49 -116.58
CA MET FA 179 2.32 33.51 -115.37
C MET FA 179 3.18 33.54 -114.12
N LEU FA 180 4.30 32.81 -114.14
CA LEU FA 180 5.29 32.88 -113.06
C LEU FA 180 5.75 34.31 -112.83
N MET FA 181 6.23 34.95 -113.90
CA MET FA 181 6.72 36.32 -113.78
C MET FA 181 5.64 37.23 -113.19
N ASP FA 182 4.41 37.10 -113.67
CA ASP FA 182 3.33 37.93 -113.16
C ASP FA 182 3.07 37.66 -111.69
N ALA FA 183 3.12 36.39 -111.28
CA ALA FA 183 2.88 36.06 -109.88
C ALA FA 183 3.94 36.68 -108.98
N ALA FA 184 5.20 36.62 -109.40
CA ALA FA 184 6.27 37.20 -108.58
C ALA FA 184 6.14 38.71 -108.51
N ARG FA 185 5.78 39.36 -109.63
CA ARG FA 185 5.56 40.79 -109.59
C ARG FA 185 4.40 41.15 -108.66
N ILE FA 186 3.31 40.39 -108.72
CA ILE FA 186 2.16 40.67 -107.85
C ILE FA 186 2.52 40.43 -106.40
N ALA FA 187 3.46 39.52 -106.14
CA ALA FA 187 3.88 39.25 -104.77
C ALA FA 187 4.69 40.41 -104.21
N GLN FA 188 5.70 40.87 -104.96
CA GLN FA 188 6.56 41.96 -104.48
C GLN FA 188 5.97 43.34 -104.73
N ASP FA 189 4.80 43.43 -105.35
CA ASP FA 189 4.25 44.70 -105.79
C ASP FA 189 4.02 45.64 -104.60
N GLY FA 190 4.39 46.90 -104.80
CA GLY FA 190 4.14 47.92 -103.80
C GLY FA 190 5.27 48.92 -103.67
N PRO FA 191 4.99 50.05 -103.03
CA PRO FA 191 6.05 51.01 -102.72
C PRO FA 191 7.07 50.40 -101.78
N LYS FA 192 8.32 50.79 -101.96
CA LYS FA 192 9.36 50.44 -101.00
C LYS FA 192 9.32 51.34 -99.77
N ASN FA 193 8.41 52.31 -99.74
CA ASN FA 193 8.18 53.15 -98.56
C ASN FA 193 7.45 52.40 -97.46
N THR FA 194 6.62 51.41 -97.83
CA THR FA 194 5.74 50.75 -96.89
C THR FA 194 6.07 49.26 -96.78
N ALA FA 195 5.62 48.68 -95.68
CA ALA FA 195 5.87 47.27 -95.38
C ALA FA 195 5.13 46.38 -96.36
N ARG FA 196 5.80 45.37 -96.91
CA ARG FA 196 5.07 44.50 -97.83
C ARG FA 196 5.28 43.00 -97.63
N LEU FA 197 6.40 42.52 -97.07
CA LEU FA 197 6.63 41.07 -96.96
C LEU FA 197 6.90 40.49 -95.57
N VAL FA 198 7.96 40.95 -94.88
CA VAL FA 198 8.45 40.22 -93.70
C VAL FA 198 7.58 40.51 -92.49
N ALA FA 199 7.53 39.54 -91.58
CA ALA FA 199 6.71 39.63 -90.36
C ALA FA 199 5.27 40.00 -90.69
N ALA FA 200 4.79 39.52 -91.84
CA ALA FA 200 3.45 39.88 -92.29
C ALA FA 200 2.39 39.38 -91.33
N SER FA 201 1.38 40.22 -91.07
CA SER FA 201 0.22 39.84 -90.26
C SER FA 201 -1.08 39.86 -91.03
N HIS FA 202 -1.29 40.89 -91.85
CA HIS FA 202 -2.52 41.08 -92.61
C HIS FA 202 -2.28 42.16 -93.66
N GLY FA 203 -3.15 42.19 -94.65
CA GLY FA 203 -3.02 43.13 -95.76
C GLY FA 203 -4.08 44.22 -95.64
N VAL FA 204 -3.70 45.44 -96.02
CA VAL FA 204 -4.61 46.57 -96.01
C VAL FA 204 -4.43 47.35 -97.31
N MET FA 205 -5.54 47.57 -98.02
CA MET FA 205 -5.52 48.33 -99.27
C MET FA 205 -5.52 49.83 -98.95
N PRO FA 206 -4.65 50.62 -99.59
CA PRO FA 206 -4.55 52.04 -99.24
C PRO FA 206 -5.83 52.78 -99.57
N GLN FA 207 -6.02 53.90 -98.86
CA GLN FA 207 -7.23 54.71 -99.02
C GLN FA 207 -7.46 55.07 -100.47
N ALA FA 208 -6.40 55.45 -101.18
CA ALA FA 208 -6.43 55.68 -102.62
C ALA FA 208 -7.60 56.56 -103.03
N SER GA 23 18.78 24.15 -82.66
CA SER GA 23 19.70 24.81 -81.74
C SER GA 23 20.99 25.25 -82.43
N SER GA 24 21.34 26.52 -82.30
CA SER GA 24 22.52 27.10 -82.93
C SER GA 24 23.57 27.41 -81.87
N ARG GA 25 24.79 26.93 -82.08
CA ARG GA 25 25.86 27.05 -81.10
C ARG GA 25 27.10 27.63 -81.76
N THR GA 26 27.74 28.56 -81.04
CA THR GA 26 29.02 29.08 -81.46
C THR GA 26 30.13 28.12 -80.99
N THR GA 27 31.08 27.89 -81.87
CA THR GA 27 32.12 26.89 -81.67
C THR GA 27 33.49 27.56 -81.55
N PHE GA 28 34.26 27.11 -80.56
CA PHE GA 28 35.64 27.53 -80.35
C PHE GA 28 36.53 26.32 -80.64
N GLY GA 29 37.52 26.52 -81.50
CA GLY GA 29 38.35 25.41 -81.88
C GLY GA 29 37.82 24.70 -83.11
N VAL GA 30 38.20 23.43 -83.21
CA VAL GA 30 37.89 22.62 -84.39
C VAL GA 30 36.44 22.19 -84.35
N ASN GA 31 35.75 22.33 -85.47
CA ASN GA 31 34.42 21.77 -85.64
C ASN GA 31 34.51 20.54 -86.52
N PRO GA 32 34.32 19.34 -85.99
CA PRO GA 32 34.51 18.12 -86.79
C PRO GA 32 33.27 17.60 -87.50
N ASP GA 33 32.19 18.37 -87.61
CA ASP GA 33 30.99 17.91 -88.30
C ASP GA 33 31.31 17.45 -89.72
N ARG GA 34 30.96 16.21 -90.04
CA ARG GA 34 31.16 15.65 -91.36
C ARG GA 34 29.86 15.62 -92.16
N GLN GA 35 29.98 15.72 -93.48
CA GLN GA 35 28.84 15.70 -94.38
C GLN GA 35 28.46 14.26 -94.68
N ALA GA 36 27.16 13.97 -94.57
CA ALA GA 36 26.67 12.62 -94.80
C ALA GA 36 27.01 12.15 -96.21
N ASN GA 37 27.40 10.86 -96.29
CA ASN GA 37 27.83 10.24 -97.55
C ASN GA 37 26.59 9.86 -98.37
N ALA GA 38 25.94 10.89 -98.94
CA ALA GA 38 24.66 10.73 -99.63
C ALA GA 38 24.73 11.48 -100.97
N ARG GA 39 25.79 11.23 -101.72
CA ARG GA 39 26.05 11.91 -103.00
C ARG GA 39 26.16 10.91 -104.14
N PRO GA 40 25.24 10.94 -105.10
CA PRO GA 40 25.38 10.06 -106.27
C PRO GA 40 26.63 10.40 -107.06
N VAL GA 41 27.25 9.37 -107.65
CA VAL GA 41 28.49 9.55 -108.39
C VAL GA 41 28.34 8.95 -109.78
N TYR GA 42 29.10 9.52 -110.71
CA TYR GA 42 29.05 9.08 -112.09
C TYR GA 42 29.56 7.65 -112.24
N LEU GA 43 28.87 6.89 -113.09
CA LEU GA 43 29.18 5.49 -113.34
C LEU GA 43 29.40 5.31 -114.83
N ALA GA 44 30.63 4.95 -115.19
CA ALA GA 44 31.01 4.87 -116.60
C ALA GA 44 30.12 3.87 -117.33
N PRO GA 45 29.72 4.17 -118.58
CA PRO GA 45 28.85 3.25 -119.33
C PRO GA 45 29.57 2.01 -119.83
N ALA GA 46 30.89 1.95 -119.67
CA ALA GA 46 31.69 0.79 -120.06
C ALA GA 46 33.05 0.94 -119.42
N ALA GA 47 33.78 -0.17 -119.34
CA ALA GA 47 35.08 -0.16 -118.65
C ALA GA 47 36.19 -0.34 -119.68
N PRO GA 48 37.05 0.65 -119.92
CA PRO GA 48 38.15 0.44 -120.88
C PRO GA 48 39.30 -0.32 -120.24
N MET GA 49 39.70 -1.43 -120.86
CA MET GA 49 40.87 -2.19 -120.43
C MET GA 49 41.96 -2.18 -121.49
N GLU GA 50 42.19 -1.03 -122.13
CA GLU GA 50 43.04 -1.02 -123.31
C GLU GA 50 44.49 -1.38 -122.98
N ASN GA 51 45.02 -0.87 -121.87
CA ASN GA 51 46.44 -1.08 -121.54
C ASN GA 51 46.78 -2.56 -121.41
N THR GA 52 46.00 -3.27 -120.59
CA THR GA 52 46.31 -4.66 -120.29
C THR GA 52 46.15 -5.56 -121.52
N TYR GA 53 45.13 -5.31 -122.34
CA TYR GA 53 44.89 -6.17 -123.50
C TYR GA 53 45.85 -5.88 -124.65
N THR GA 54 46.25 -4.63 -124.81
CA THR GA 54 47.34 -4.37 -125.75
C THR GA 54 48.63 -5.07 -125.30
N TYR GA 55 48.94 -5.04 -123.99
CA TYR GA 55 50.14 -5.76 -123.58
C TYR GA 55 50.00 -7.26 -123.77
N LEU GA 56 48.79 -7.81 -123.53
CA LEU GA 56 48.56 -9.23 -123.75
C LEU GA 56 48.74 -9.61 -125.21
N GLY GA 57 48.27 -8.75 -126.13
CA GLY GA 57 48.60 -8.93 -127.53
C GLY GA 57 50.10 -8.87 -127.78
N SER GA 58 50.79 -7.99 -127.05
CA SER GA 58 52.25 -7.88 -127.20
C SER GA 58 52.94 -9.21 -126.90
N ILE GA 59 52.56 -9.88 -125.82
CA ILE GA 59 53.26 -11.12 -125.49
C ILE GA 59 52.57 -12.33 -126.09
N GLN GA 60 51.62 -12.09 -127.00
CA GLN GA 60 50.90 -13.17 -127.68
C GLN GA 60 50.13 -14.03 -126.70
N PHE GA 61 49.60 -13.41 -125.65
CA PHE GA 61 48.69 -14.06 -124.70
C PHE GA 61 49.31 -15.28 -124.04
N ALA GA 62 50.61 -15.20 -123.71
CA ALA GA 62 51.28 -16.36 -123.13
C ALA GA 62 52.54 -15.88 -122.41
N ALA GA 63 52.66 -16.22 -121.13
CA ALA GA 63 53.88 -16.00 -120.37
C ALA GA 63 54.17 -17.25 -119.55
N GLY GA 64 55.32 -17.86 -119.81
CA GLY GA 64 55.68 -19.07 -119.10
C GLY GA 64 54.71 -20.19 -119.36
N ARG GA 65 54.18 -20.75 -118.28
CA ARG GA 65 53.16 -21.77 -118.37
C ARG GA 65 51.75 -21.21 -118.31
N HIS GA 66 51.61 -19.89 -118.19
CA HIS GA 66 50.31 -19.24 -118.19
C HIS GA 66 49.93 -18.90 -119.63
N ILE GA 67 48.78 -19.40 -120.07
CA ILE GA 67 48.23 -18.97 -121.36
C ILE GA 67 46.91 -18.25 -121.09
N PHE GA 68 46.69 -17.14 -121.79
CA PHE GA 68 45.52 -16.32 -121.59
C PHE GA 68 44.59 -16.41 -122.79
N GLY GA 69 43.33 -16.00 -122.57
CA GLY GA 69 42.37 -16.01 -123.66
C GLY GA 69 42.22 -14.65 -124.31
N GLU GA 70 41.71 -14.67 -125.54
CA GLU GA 70 41.51 -13.45 -126.31
C GLU GA 70 40.15 -12.84 -126.00
N PRO GA 71 40.08 -11.58 -125.57
CA PRO GA 71 38.79 -11.00 -125.21
C PRO GA 71 37.95 -10.72 -126.45
N ALA GA 72 36.64 -10.61 -126.24
CA ALA GA 72 35.79 -10.17 -127.33
C ALA GA 72 35.96 -8.68 -127.59
N SER GA 73 36.12 -7.88 -126.54
CA SER GA 73 36.33 -6.44 -126.72
C SER GA 73 37.39 -5.94 -125.74
N ASN GA 74 38.05 -4.86 -126.16
CA ASN GA 74 38.97 -4.15 -125.28
C ASN GA 74 38.22 -3.29 -124.28
N VAL GA 75 36.98 -2.94 -124.58
CA VAL GA 75 36.12 -2.17 -123.70
C VAL GA 75 34.95 -3.07 -123.29
N LEU GA 76 34.74 -3.19 -121.97
CA LEU GA 76 33.82 -4.17 -121.42
C LEU GA 76 32.46 -3.54 -121.17
N PRO GA 77 31.39 -4.15 -121.68
CA PRO GA 77 30.04 -3.59 -121.48
C PRO GA 77 29.48 -3.94 -120.12
N PRO GA 78 28.49 -3.20 -119.63
CA PRO GA 78 27.93 -3.52 -118.31
C PRO GA 78 27.10 -4.80 -118.37
N GLN GA 79 27.21 -5.60 -117.32
CA GLN GA 79 26.43 -6.81 -117.18
C GLN GA 79 25.18 -6.63 -116.34
N ASN GA 80 25.29 -5.94 -115.21
CA ASN GA 80 24.16 -5.81 -114.28
C ASN GA 80 23.87 -4.36 -113.92
N ILE GA 81 24.23 -3.42 -114.79
CA ILE GA 81 24.00 -2.00 -114.58
C ILE GA 81 23.01 -1.50 -115.62
N VAL GA 82 21.99 -0.77 -115.16
CA VAL GA 82 20.97 -0.22 -116.03
C VAL GA 82 21.04 1.29 -115.92
N PRO GA 83 21.01 2.03 -117.03
CA PRO GA 83 21.12 3.48 -116.94
C PRO GA 83 19.96 4.06 -116.18
N GLY GA 84 20.27 5.02 -115.31
CA GLY GA 84 19.27 5.71 -114.54
C GLY GA 84 18.87 5.01 -113.27
N VAL GA 85 19.35 3.80 -113.03
CA VAL GA 85 19.00 3.04 -111.84
C VAL GA 85 20.22 3.03 -110.92
N PRO GA 86 20.12 3.58 -109.71
CA PRO GA 86 21.27 3.59 -108.82
C PRO GA 86 21.61 2.18 -108.37
N THR GA 87 22.89 1.85 -108.40
CA THR GA 87 23.38 0.56 -107.91
C THR GA 87 24.62 0.80 -107.07
N LYS GA 88 24.83 -0.07 -106.09
CA LYS GA 88 26.01 0.00 -105.23
C LYS GA 88 27.04 -1.05 -105.61
N HIS GA 89 26.71 -1.91 -106.56
CA HIS GA 89 27.62 -2.95 -107.03
C HIS GA 89 27.31 -3.19 -108.49
N GLY GA 90 28.35 -3.11 -109.33
CA GLY GA 90 28.18 -3.26 -110.76
C GLY GA 90 29.35 -4.00 -111.37
N GLU GA 91 29.09 -4.65 -112.50
CA GLU GA 91 30.08 -5.50 -113.13
C GLU GA 91 30.07 -5.30 -114.63
N TYR GA 92 31.26 -5.14 -115.20
CA TYR GA 92 31.48 -5.20 -116.63
C TYR GA 92 32.20 -6.50 -116.95
N VAL GA 93 31.90 -7.10 -118.10
CA VAL GA 93 32.39 -8.45 -118.36
C VAL GA 93 32.53 -8.67 -119.85
N THR GA 94 33.57 -9.40 -120.24
CA THR GA 94 33.62 -9.93 -121.60
C THR GA 94 34.06 -11.39 -121.57
N THR GA 95 34.13 -12.04 -122.73
CA THR GA 95 34.45 -13.45 -122.81
C THR GA 95 35.79 -13.63 -123.50
N ASN GA 96 36.72 -14.31 -122.83
CA ASN GA 96 37.97 -14.75 -123.44
C ASN GA 96 37.70 -16.11 -124.06
N THR GA 97 38.02 -16.23 -125.35
CA THR GA 97 38.01 -17.49 -126.10
C THR GA 97 39.43 -17.80 -126.55
N GLY GA 98 39.67 -19.06 -126.92
CA GLY GA 98 41.02 -19.49 -127.25
C GLY GA 98 40.99 -20.88 -127.86
N ASP GA 99 42.11 -21.21 -128.51
CA ASP GA 99 42.26 -22.51 -129.14
C ASP GA 99 42.44 -23.58 -128.08
N ARG GA 100 41.59 -24.63 -128.16
CA ARG GA 100 41.54 -25.70 -127.16
C ARG GA 100 41.16 -25.17 -125.77
N LEU GA 101 40.41 -24.07 -125.72
CA LEU GA 101 40.05 -23.45 -124.46
C LEU GA 101 38.53 -23.33 -124.33
N MET GA 102 38.07 -23.42 -123.09
CA MET GA 102 36.67 -23.20 -122.78
C MET GA 102 36.45 -21.74 -122.43
N ALA GA 103 35.41 -21.14 -123.03
CA ALA GA 103 35.14 -19.72 -122.86
C ALA GA 103 35.09 -19.34 -121.39
N SER GA 104 35.89 -18.32 -121.02
CA SER GA 104 35.96 -17.88 -119.63
C SER GA 104 35.85 -16.36 -119.56
N SER GA 105 35.02 -15.87 -118.66
CA SER GA 105 34.73 -14.45 -118.61
C SER GA 105 35.80 -13.69 -117.81
N THR GA 106 36.11 -12.49 -118.30
CA THR GA 106 36.97 -11.52 -117.63
C THR GA 106 36.10 -10.42 -117.04
N THR GA 107 36.31 -10.12 -115.74
CA THR GA 107 35.34 -9.33 -114.97
C THR GA 107 35.98 -8.10 -114.34
N VAL GA 108 35.22 -7.00 -114.33
CA VAL GA 108 35.63 -5.73 -113.75
C VAL GA 108 34.50 -5.30 -112.82
N THR GA 109 34.77 -5.30 -111.52
CA THR GA 109 33.76 -5.08 -110.51
C THR GA 109 33.96 -3.71 -109.86
N ARG GA 110 32.87 -2.97 -109.67
CA ARG GA 110 32.93 -1.66 -109.02
C ARG GA 110 31.89 -1.59 -107.91
N ASP GA 111 32.35 -1.25 -106.71
CA ASP GA 111 31.51 -1.15 -105.52
C ASP GA 111 31.55 0.30 -105.04
N VAL GA 112 30.38 0.90 -104.84
CA VAL GA 112 30.28 2.25 -104.30
C VAL GA 112 29.36 2.21 -103.09
N SER GA 113 29.89 2.55 -101.90
CA SER GA 113 29.10 2.51 -100.67
C SER GA 113 29.78 3.35 -99.61
N ASN GA 114 29.00 4.18 -98.92
CA ASN GA 114 29.46 4.89 -97.72
C ASN GA 114 30.75 5.69 -97.97
N GLY GA 115 30.82 6.31 -99.15
CA GLY GA 115 31.97 7.12 -99.52
C GLY GA 115 33.21 6.36 -99.95
N ARG GA 116 33.12 5.04 -99.99
CA ARG GA 116 34.24 4.18 -100.37
C ARG GA 116 33.91 3.58 -101.71
N THR GA 117 34.79 3.77 -102.67
CA THR GA 117 34.60 3.25 -104.01
C THR GA 117 35.78 2.34 -104.34
N LYS GA 118 35.50 1.15 -104.89
CA LYS GA 118 36.52 0.12 -105.09
C LYS GA 118 36.30 -0.59 -106.42
N VAL GA 119 37.34 -0.60 -107.24
CA VAL GA 119 37.35 -1.26 -108.54
C VAL GA 119 38.31 -2.44 -108.48
N SER GA 120 37.84 -3.63 -108.89
CA SER GA 120 38.63 -4.85 -108.92
C SER GA 120 38.59 -5.44 -110.32
N ILE GA 121 39.71 -6.00 -110.76
CA ILE GA 121 39.83 -6.60 -112.09
C ILE GA 121 40.35 -8.02 -111.93
N ASP GA 122 39.66 -8.97 -112.57
CA ASP GA 122 39.98 -10.40 -112.50
C ASP GA 122 40.06 -10.96 -113.91
N ILE GA 123 41.22 -11.50 -114.27
CA ILE GA 123 41.43 -12.16 -115.55
C ILE GA 123 41.94 -13.57 -115.30
N PRO GA 124 41.33 -14.59 -115.91
CA PRO GA 124 41.79 -15.97 -115.70
C PRO GA 124 42.84 -16.40 -116.70
N TYR GA 125 43.57 -17.45 -116.32
CA TYR GA 125 44.59 -18.07 -117.16
C TYR GA 125 44.41 -19.58 -117.17
N TYR GA 126 45.13 -20.24 -118.08
CA TYR GA 126 45.04 -21.68 -118.29
C TYR GA 126 46.43 -22.30 -118.31
N ASP GA 127 46.44 -23.64 -118.23
CA ASP GA 127 47.67 -24.43 -118.22
C ASP GA 127 48.19 -24.61 -119.64
N ARG GA 128 49.26 -23.88 -119.97
CA ARG GA 128 49.80 -23.94 -121.32
C ARG GA 128 50.30 -25.35 -121.66
N ASN GA 129 50.79 -26.10 -120.66
CA ASN GA 129 51.28 -27.45 -120.93
C ASN GA 129 50.15 -28.36 -121.37
N ALA GA 130 48.99 -28.27 -120.71
CA ALA GA 130 47.84 -29.03 -121.17
C ALA GA 130 47.39 -28.57 -122.55
N VAL GA 131 47.36 -27.25 -122.78
CA VAL GA 131 46.83 -26.75 -124.05
C VAL GA 131 47.71 -27.22 -125.22
N GLU GA 132 49.03 -27.03 -125.10
CA GLU GA 132 49.93 -27.39 -126.19
C GLU GA 132 50.12 -28.89 -126.28
N THR GA 133 49.93 -29.65 -125.19
CA THR GA 133 49.96 -31.11 -125.29
C THR GA 133 48.76 -31.62 -126.07
N LEU GA 134 47.59 -31.06 -125.84
CA LEU GA 134 46.43 -31.39 -126.67
C LEU GA 134 46.67 -31.03 -128.13
N LYS GA 135 47.07 -29.78 -128.39
CA LYS GA 135 47.37 -29.38 -129.77
C LYS GA 135 48.32 -30.38 -130.44
N ALA GA 136 49.42 -30.72 -129.75
CA ALA GA 136 50.43 -31.59 -130.33
C ALA GA 136 49.99 -33.05 -130.43
N SER GA 137 48.99 -33.47 -129.66
CA SER GA 137 48.53 -34.85 -129.70
C SER GA 137 47.35 -35.06 -130.65
N ALA GA 138 46.68 -33.98 -131.07
CA ALA GA 138 45.58 -34.06 -132.06
C ALA GA 138 44.45 -34.95 -131.54
N ILE GA 139 44.02 -34.63 -130.32
CA ILE GA 139 43.09 -35.44 -129.55
C ILE GA 139 42.00 -34.51 -129.05
N PRO GA 140 40.77 -35.01 -128.86
CA PRO GA 140 39.63 -34.09 -128.75
C PRO GA 140 39.57 -33.17 -127.51
N GLY GA 141 40.42 -33.34 -126.51
CA GLY GA 141 40.19 -32.65 -125.24
C GLY GA 141 40.15 -31.13 -125.36
N ALA GA 142 39.45 -30.49 -124.41
CA ALA GA 142 39.55 -29.05 -124.15
C ALA GA 142 39.67 -28.77 -122.65
N VAL GA 143 40.18 -27.59 -122.31
CA VAL GA 143 40.64 -27.27 -120.96
C VAL GA 143 39.93 -26.04 -120.42
N ALA GA 144 39.70 -26.05 -119.12
CA ALA GA 144 39.09 -24.97 -118.34
C ALA GA 144 40.17 -24.18 -117.62
N PRO GA 145 39.83 -22.99 -117.10
CA PRO GA 145 40.84 -22.17 -116.41
C PRO GA 145 41.42 -22.85 -115.18
N VAL GA 146 42.67 -22.48 -114.88
CA VAL GA 146 43.40 -23.02 -113.75
C VAL GA 146 43.47 -22.03 -112.58
N GLY GA 147 43.41 -20.74 -112.87
CA GLY GA 147 43.46 -19.73 -111.82
C GLY GA 147 43.25 -18.36 -112.42
N SER GA 148 43.55 -17.34 -111.64
CA SER GA 148 43.31 -15.98 -112.09
C SER GA 148 44.33 -15.04 -111.46
N PHE GA 149 44.40 -13.84 -112.02
CA PHE GA 149 45.12 -12.73 -111.43
C PHE GA 149 44.16 -11.58 -111.20
N LYS GA 150 44.33 -10.91 -110.06
CA LYS GA 150 43.42 -9.89 -109.58
C LYS GA 150 44.18 -8.65 -109.13
N VAL GA 151 43.57 -7.50 -109.39
CA VAL GA 151 44.10 -6.20 -109.01
C VAL GA 151 42.98 -5.36 -108.43
N ASN GA 152 43.17 -4.82 -107.23
CA ASN GA 152 42.17 -4.01 -106.53
C ASN GA 152 42.66 -2.58 -106.36
N VAL GA 153 41.72 -1.64 -106.41
CA VAL GA 153 42.00 -0.22 -106.26
C VAL GA 153 40.85 0.39 -105.47
N GLU GA 154 41.17 1.18 -104.45
CA GLU GA 154 40.21 1.57 -103.43
C GLU GA 154 40.41 3.02 -103.01
N VAL GA 155 39.31 3.77 -102.92
CA VAL GA 155 39.35 5.20 -102.61
C VAL GA 155 38.40 5.46 -101.45
N LEU GA 156 38.93 5.97 -100.33
CA LEU GA 156 38.17 6.19 -99.10
C LEU GA 156 37.82 7.67 -99.03
N GLY GA 157 36.73 8.04 -99.69
CA GLY GA 157 36.33 9.42 -99.83
C GLY GA 157 35.32 9.92 -98.83
N GLY GA 158 35.06 9.14 -97.79
CA GLY GA 158 34.11 9.55 -96.78
C GLY GA 158 34.67 10.60 -95.85
N GLY GA 159 33.77 11.31 -95.19
CA GLY GA 159 34.17 12.25 -94.17
C GLY GA 159 34.31 13.67 -94.63
N VAL GA 160 33.59 14.07 -95.68
CA VAL GA 160 33.70 15.43 -96.17
C VAL GA 160 33.14 16.38 -95.12
N LEU GA 161 33.86 17.47 -94.87
CA LEU GA 161 33.48 18.42 -93.83
C LEU GA 161 32.25 19.23 -94.23
N THR GA 162 31.67 19.92 -93.24
CA THR GA 162 30.40 20.57 -93.47
C THR GA 162 30.51 21.74 -94.46
N GLY GA 163 31.59 22.52 -94.33
CA GLY GA 163 31.72 23.72 -95.14
C GLY GA 163 31.81 23.45 -96.63
N THR GA 164 32.26 22.25 -97.00
CA THR GA 164 32.52 21.96 -98.40
C THR GA 164 31.24 22.01 -99.23
N ASP GA 165 31.27 22.81 -100.29
CA ASP GA 165 30.18 22.85 -101.26
C ASP GA 165 30.51 21.96 -102.44
N ALA GA 166 29.63 22.00 -103.45
CA ALA GA 166 29.72 21.07 -104.58
C ALA GA 166 30.99 21.31 -105.39
N ASN GA 167 31.30 22.58 -105.70
CA ASN GA 167 32.49 22.91 -106.46
C ASN GA 167 33.75 22.40 -105.77
N ALA GA 168 33.86 22.66 -104.47
CA ALA GA 168 34.98 22.16 -103.67
C ALA GA 168 35.03 20.64 -103.70
N GLN GA 169 33.87 19.98 -103.69
CA GLN GA 169 33.86 18.52 -103.76
C GLN GA 169 34.42 18.03 -105.08
N PHE GA 170 34.16 18.75 -106.17
CA PHE GA 170 34.82 18.41 -107.44
C PHE GA 170 36.33 18.50 -107.29
N ALA GA 171 36.80 19.56 -106.64
CA ALA GA 171 38.23 19.68 -106.42
C ALA GA 171 38.78 18.47 -105.65
N LEU GA 172 38.02 18.03 -104.65
CA LEU GA 172 38.46 16.88 -103.86
C LEU GA 172 38.44 15.60 -104.69
N ASP GA 173 37.46 15.49 -105.59
CA ASP GA 173 37.40 14.39 -106.54
C ASP GA 173 38.73 14.28 -107.30
N GLU GA 174 39.16 15.40 -107.87
CA GLU GA 174 40.40 15.37 -108.65
C GLU GA 174 41.62 15.11 -107.77
N LEU GA 175 41.61 15.62 -106.53
CA LEU GA 175 42.70 15.33 -105.61
C LEU GA 175 42.87 13.85 -105.37
N LEU GA 176 41.76 13.17 -105.08
CA LEU GA 176 41.82 11.73 -104.87
C LEU GA 176 42.28 10.99 -106.12
N SER GA 177 41.80 11.41 -107.30
CA SER GA 177 42.23 10.72 -108.51
C SER GA 177 43.74 10.87 -108.73
N ASN GA 178 44.30 12.03 -108.37
CA ASN GA 178 45.74 12.21 -108.48
C ASN GA 178 46.50 11.32 -107.49
N MET GA 179 45.97 11.17 -106.27
CA MET GA 179 46.58 10.24 -105.34
C MET GA 179 46.51 8.80 -105.87
N LEU GA 180 45.43 8.48 -106.58
CA LEU GA 180 45.31 7.19 -107.23
C LEU GA 180 46.44 6.95 -108.21
N MET GA 181 46.66 7.93 -109.10
CA MET GA 181 47.75 7.82 -110.07
C MET GA 181 49.10 7.65 -109.38
N ASP GA 182 49.34 8.45 -108.34
CA ASP GA 182 50.59 8.32 -107.60
C ASP GA 182 50.75 6.93 -107.00
N ALA GA 183 49.67 6.37 -106.46
CA ALA GA 183 49.74 5.06 -105.83
C ALA GA 183 50.05 3.98 -106.86
N ALA GA 184 49.40 4.03 -108.02
CA ALA GA 184 49.68 3.03 -109.05
C ALA GA 184 51.12 3.13 -109.55
N ARG GA 185 51.62 4.36 -109.74
CA ARG GA 185 53.01 4.52 -110.16
C ARG GA 185 53.97 3.98 -109.10
N ILE GA 186 53.67 4.23 -107.82
CA ILE GA 186 54.55 3.75 -106.74
C ILE GA 186 54.50 2.24 -106.64
N ALA GA 187 53.36 1.64 -107.00
CA ALA GA 187 53.25 0.18 -106.96
C ALA GA 187 54.05 -0.46 -108.08
N GLN GA 188 53.91 0.05 -109.31
CA GLN GA 188 54.62 -0.53 -110.45
C GLN GA 188 56.04 -0.02 -110.60
N ASP GA 189 56.48 0.91 -109.75
CA ASP GA 189 57.76 1.55 -109.92
C ASP GA 189 58.89 0.54 -109.86
N GLY GA 190 59.88 0.71 -110.74
CA GLY GA 190 61.07 -0.10 -110.73
C GLY GA 190 61.53 -0.52 -112.11
N PRO GA 191 62.80 -0.95 -112.21
CA PRO GA 191 63.29 -1.47 -113.49
C PRO GA 191 62.52 -2.70 -113.93
N LYS GA 192 62.33 -2.82 -115.24
CA LYS GA 192 61.80 -4.06 -115.79
C LYS GA 192 62.86 -5.15 -115.89
N ASN GA 193 64.11 -4.83 -115.60
CA ASN GA 193 65.15 -5.84 -115.49
C ASN GA 193 64.88 -6.82 -114.35
N THR GA 194 64.05 -6.43 -113.37
CA THR GA 194 64.09 -7.04 -112.06
C THR GA 194 62.69 -7.32 -111.53
N ALA GA 195 62.61 -8.32 -110.66
CA ALA GA 195 61.35 -8.78 -110.08
C ALA GA 195 60.67 -7.66 -109.30
N ARG GA 196 59.38 -7.45 -109.55
CA ARG GA 196 58.73 -6.44 -108.70
C ARG GA 196 57.32 -6.74 -108.22
N LEU GA 197 56.55 -7.65 -108.85
CA LEU GA 197 55.18 -7.93 -108.37
C LEU GA 197 54.84 -9.39 -108.04
N VAL GA 198 55.01 -10.32 -109.01
CA VAL GA 198 54.41 -11.64 -108.89
C VAL GA 198 55.24 -12.51 -107.95
N ALA GA 199 54.57 -13.45 -107.28
CA ALA GA 199 55.21 -14.40 -106.37
C ALA GA 199 56.07 -13.70 -105.33
N ALA GA 200 55.65 -12.50 -104.93
CA ALA GA 200 56.44 -11.67 -104.02
C ALA GA 200 56.57 -12.32 -102.65
N SER GA 201 57.78 -12.30 -102.11
CA SER GA 201 58.08 -12.78 -100.76
C SER GA 201 58.29 -11.65 -99.78
N HIS GA 202 59.13 -10.68 -100.17
CA HIS GA 202 59.44 -9.50 -99.37
C HIS GA 202 60.02 -8.46 -100.31
N GLY GA 203 60.20 -7.26 -99.78
CA GLY GA 203 60.73 -6.15 -100.55
C GLY GA 203 62.15 -5.86 -100.10
N VAL GA 204 63.04 -5.58 -101.06
CA VAL GA 204 64.40 -5.19 -100.74
C VAL GA 204 64.78 -3.97 -101.56
N MET GA 205 65.43 -3.00 -100.91
CA MET GA 205 65.94 -1.77 -101.49
C MET GA 205 67.40 -1.93 -101.88
N PRO GA 206 67.82 -1.39 -103.02
CA PRO GA 206 69.22 -1.48 -103.43
C PRO GA 206 70.11 -0.52 -102.65
N GLN GA 207 71.42 -0.69 -102.85
CA GLN GA 207 72.44 0.15 -102.25
C GLN GA 207 73.00 1.09 -103.31
N ALA GA 208 73.04 2.39 -102.99
CA ALA GA 208 73.60 3.42 -103.87
C ALA GA 208 72.95 3.44 -105.23
N GLY HA 11 -47.67 34.77 -38.14
CA GLY HA 11 -48.93 34.98 -38.84
C GLY HA 11 -48.77 35.33 -40.31
N GLN HA 12 -49.73 36.09 -40.84
CA GLN HA 12 -49.71 36.46 -42.26
C GLN HA 12 -48.50 37.33 -42.57
N LEU HA 13 -48.23 37.48 -43.87
CA LEU HA 13 -47.08 38.21 -44.36
C LEU HA 13 -47.53 39.46 -45.12
N TYR HA 14 -46.82 40.57 -44.91
CA TYR HA 14 -47.11 41.82 -45.62
C TYR HA 14 -45.79 42.51 -45.96
N MET HA 15 -45.86 43.69 -46.57
CA MET HA 15 -44.66 44.41 -47.01
C MET HA 15 -44.43 45.61 -46.12
N GLY HA 16 -43.36 45.55 -45.32
CA GLY HA 16 -42.87 46.69 -44.57
C GLY HA 16 -41.63 47.23 -45.25
N GLN HA 17 -41.24 48.44 -44.86
CA GLN HA 17 -40.15 49.10 -45.54
C GLN HA 17 -38.82 48.40 -45.32
N GLN HA 18 -38.72 47.54 -44.31
CA GLN HA 18 -37.53 46.72 -44.15
C GLN HA 18 -37.50 45.59 -45.18
N GLY HA 19 -38.66 45.20 -45.68
CA GLY HA 19 -38.82 44.04 -46.53
C GLY HA 19 -40.11 43.33 -46.18
N PRO HA 20 -40.31 42.13 -46.71
CA PRO HA 20 -41.48 41.34 -46.30
C PRO HA 20 -41.39 40.98 -44.82
N VAL HA 21 -42.46 41.29 -44.10
CA VAL HA 21 -42.47 41.23 -42.64
C VAL HA 21 -43.71 40.48 -42.17
N GLN HA 22 -43.54 39.70 -41.10
CA GLN HA 22 -44.60 38.89 -40.55
C GLN HA 22 -45.47 39.72 -39.61
N SER HA 23 -46.78 39.70 -39.83
CA SER HA 23 -47.70 40.39 -38.94
C SER HA 23 -47.71 39.71 -37.57
N SER HA 24 -47.87 40.53 -36.52
CA SER HA 24 -47.76 40.01 -35.16
C SER HA 24 -48.81 40.65 -34.26
N ARG HA 25 -49.30 39.86 -33.31
CA ARG HA 25 -50.36 40.27 -32.39
C ARG HA 25 -49.84 40.11 -30.97
N THR HA 26 -49.71 41.23 -30.25
CA THR HA 26 -49.08 41.21 -28.93
C THR HA 26 -49.97 41.90 -27.90
N THR HA 27 -49.74 41.55 -26.63
CA THR HA 27 -50.39 42.18 -25.50
C THR HA 27 -49.59 43.34 -24.95
N PHE HA 28 -48.55 43.75 -25.66
CA PHE HA 28 -47.67 44.82 -25.20
C PHE HA 28 -48.39 46.17 -25.26
N GLY HA 29 -48.34 46.90 -24.15
CA GLY HA 29 -48.86 48.26 -24.12
C GLY HA 29 -50.35 48.38 -23.87
N VAL HA 30 -50.99 47.36 -23.30
CA VAL HA 30 -52.41 47.40 -22.96
C VAL HA 30 -52.54 47.26 -21.45
N ASN HA 31 -53.05 48.32 -20.80
CA ASN HA 31 -53.24 48.32 -19.35
C ASN HA 31 -54.68 47.93 -19.05
N PRO HA 32 -54.93 46.70 -18.61
CA PRO HA 32 -56.30 46.31 -18.23
C PRO HA 32 -56.62 46.46 -16.75
N ASP HA 33 -55.75 47.07 -15.95
CA ASP HA 33 -56.03 47.29 -14.53
C ASP HA 33 -57.39 47.95 -14.36
N ARG HA 34 -58.11 47.55 -13.31
CA ARG HA 34 -59.42 48.09 -13.02
C ARG HA 34 -59.44 48.80 -11.68
N GLN HA 35 -60.39 49.72 -11.56
CA GLN HA 35 -60.61 50.50 -10.36
C GLN HA 35 -61.67 49.80 -9.51
N ALA HA 36 -61.41 49.70 -8.21
CA ALA HA 36 -62.31 48.97 -7.32
C ALA HA 36 -63.67 49.65 -7.25
N ASN HA 37 -64.71 48.84 -7.11
CA ASN HA 37 -66.08 49.34 -6.99
C ASN HA 37 -66.29 49.81 -5.56
N ALA HA 38 -65.80 51.02 -5.27
CA ALA HA 38 -65.81 51.64 -3.94
C ALA HA 38 -66.47 53.01 -3.99
N ARG HA 39 -67.49 53.15 -4.82
CA ARG HA 39 -68.10 54.45 -5.11
C ARG HA 39 -69.51 54.50 -4.55
N PRO HA 40 -69.77 55.30 -3.51
CA PRO HA 40 -71.15 55.47 -3.05
C PRO HA 40 -72.02 56.07 -4.15
N VAL HA 41 -73.26 55.57 -4.25
CA VAL HA 41 -74.18 56.02 -5.29
C VAL HA 41 -75.43 56.61 -4.63
N TYR HA 42 -76.10 57.45 -5.40
CA TYR HA 42 -77.31 58.10 -4.92
C TYR HA 42 -78.44 57.08 -4.80
N LEU HA 43 -79.16 57.16 -3.68
CA LEU HA 43 -80.30 56.31 -3.40
C LEU HA 43 -81.54 57.18 -3.29
N ALA HA 44 -82.47 57.01 -4.23
CA ALA HA 44 -83.63 57.89 -4.31
C ALA HA 44 -84.42 57.85 -3.00
N PRO HA 45 -85.01 58.98 -2.56
CA PRO HA 45 -85.81 58.98 -1.32
C PRO HA 45 -87.20 58.41 -1.50
N ALA HA 46 -87.59 58.08 -2.73
CA ALA HA 46 -88.87 57.45 -3.01
C ALA HA 46 -88.83 56.93 -4.44
N ALA HA 47 -89.73 56.01 -4.74
CA ALA HA 47 -89.72 55.34 -6.04
C ALA HA 47 -90.93 55.77 -6.85
N PRO HA 48 -90.78 56.49 -7.98
CA PRO HA 48 -91.98 56.88 -8.73
C PRO HA 48 -92.46 55.80 -9.69
N MET HA 49 -93.66 55.27 -9.48
CA MET HA 49 -94.30 54.34 -10.39
C MET HA 49 -95.41 55.00 -11.21
N GLU HA 50 -95.20 56.22 -11.69
CA GLU HA 50 -96.29 56.98 -12.30
C GLU HA 50 -96.81 56.31 -13.57
N ASN HA 51 -95.92 55.84 -14.44
CA ASN HA 51 -96.35 55.28 -15.73
C ASN HA 51 -97.31 54.12 -15.53
N THR HA 52 -96.90 53.12 -14.73
CA THR HA 52 -97.70 51.91 -14.56
C THR HA 52 -99.05 52.22 -13.94
N TYR HA 53 -99.10 53.14 -12.97
CA TYR HA 53 -100.35 53.39 -12.26
C TYR HA 53 -101.30 54.29 -13.05
N THR HA 54 -100.78 55.21 -13.86
CA THR HA 54 -101.67 55.90 -14.78
C THR HA 54 -102.26 54.93 -15.81
N TYR HA 55 -101.47 53.96 -16.29
CA TYR HA 55 -102.09 52.98 -17.18
C TYR HA 55 -103.12 52.14 -16.44
N LEU HA 56 -102.85 51.80 -15.17
CA LEU HA 56 -103.81 51.00 -14.41
C LEU HA 56 -105.09 51.77 -14.15
N GLY HA 57 -105.02 53.09 -14.00
CA GLY HA 57 -106.22 53.89 -13.98
C GLY HA 57 -106.91 53.89 -15.32
N SER HA 58 -106.13 53.89 -16.41
CA SER HA 58 -106.72 53.85 -17.75
C SER HA 58 -107.59 52.62 -17.96
N ILE HA 59 -107.09 51.43 -17.63
CA ILE HA 59 -107.86 50.21 -17.90
C ILE HA 59 -108.81 49.91 -16.75
N GLN HA 60 -108.93 50.85 -15.79
CA GLN HA 60 -109.82 50.71 -14.64
C GLN HA 60 -109.40 49.53 -13.74
N PHE HA 61 -108.09 49.30 -13.64
CA PHE HA 61 -107.50 48.30 -12.74
C PHE HA 61 -108.04 46.89 -13.01
N ALA HA 62 -108.26 46.57 -14.27
CA ALA HA 62 -108.81 45.27 -14.61
C ALA HA 62 -108.44 44.94 -16.04
N ALA HA 63 -107.78 43.80 -16.23
CA ALA HA 63 -107.57 43.23 -17.55
C ALA HA 63 -108.00 41.77 -17.51
N GLY HA 64 -109.06 41.45 -18.24
CA GLY HA 64 -109.56 40.09 -18.23
C GLY HA 64 -109.97 39.63 -16.85
N ARG HA 65 -109.36 38.55 -16.40
CA ARG HA 65 -109.61 37.98 -15.09
C ARG HA 65 -108.69 38.54 -14.01
N HIS HA 66 -107.68 39.33 -14.42
CA HIS HA 66 -106.75 39.93 -13.49
C HIS HA 66 -107.32 41.25 -13.01
N ILE HA 67 -107.63 41.34 -11.72
CA ILE HA 67 -108.10 42.60 -11.14
C ILE HA 67 -107.00 43.10 -10.21
N PHE HA 68 -106.74 44.39 -10.27
CA PHE HA 68 -105.60 44.95 -9.55
C PHE HA 68 -106.07 45.85 -8.41
N GLY HA 69 -105.19 46.02 -7.42
CA GLY HA 69 -105.49 46.91 -6.33
C GLY HA 69 -105.15 48.35 -6.66
N GLU HA 70 -105.87 49.27 -6.00
CA GLU HA 70 -105.59 50.70 -6.11
C GLU HA 70 -104.52 51.09 -5.11
N PRO HA 71 -103.44 51.73 -5.55
CA PRO HA 71 -102.32 52.00 -4.64
C PRO HA 71 -102.68 53.04 -3.58
N ALA HA 72 -101.79 53.15 -2.61
CA ALA HA 72 -101.84 54.27 -1.68
C ALA HA 72 -101.34 55.54 -2.35
N SER HA 73 -100.18 55.45 -3.01
CA SER HA 73 -99.58 56.60 -3.68
C SER HA 73 -98.97 56.13 -4.98
N ASN HA 74 -98.95 57.02 -5.97
CA ASN HA 74 -98.21 56.76 -7.20
C ASN HA 74 -96.71 56.75 -6.95
N VAL HA 75 -96.26 57.38 -5.86
CA VAL HA 75 -94.85 57.44 -5.49
C VAL HA 75 -94.69 56.72 -4.17
N LEU HA 76 -93.77 55.72 -4.14
CA LEU HA 76 -93.64 54.78 -3.03
C LEU HA 76 -92.61 55.27 -2.02
N PRO HA 77 -92.94 55.21 -0.74
CA PRO HA 77 -92.01 55.66 0.30
C PRO HA 77 -91.03 54.55 0.66
N PRO HA 78 -89.88 54.92 1.22
CA PRO HA 78 -88.92 53.90 1.65
C PRO HA 78 -89.49 53.01 2.75
N GLN HA 79 -89.06 51.76 2.75
CA GLN HA 79 -89.48 50.78 3.75
C GLN HA 79 -88.39 50.44 4.77
N ASN HA 80 -87.13 50.33 4.34
CA ASN HA 80 -86.04 50.02 5.26
C ASN HA 80 -84.82 50.89 4.98
N ILE HA 81 -85.03 52.09 4.44
CA ILE HA 81 -83.95 53.00 4.08
C ILE HA 81 -84.03 54.22 5.00
N VAL HA 82 -82.90 54.62 5.54
CA VAL HA 82 -82.87 55.78 6.44
C VAL HA 82 -81.80 56.72 5.93
N PRO HA 83 -82.08 58.02 5.88
CA PRO HA 83 -81.09 58.97 5.37
C PRO HA 83 -79.81 58.90 6.18
N GLY HA 84 -78.69 58.90 5.46
CA GLY HA 84 -77.39 58.88 6.10
C GLY HA 84 -76.92 57.52 6.55
N VAL HA 85 -77.69 56.47 6.32
CA VAL HA 85 -77.27 55.11 6.68
C VAL HA 85 -77.03 54.37 5.37
N PRO HA 86 -75.81 53.86 5.13
CA PRO HA 86 -75.53 53.18 3.86
C PRO HA 86 -76.04 51.75 3.87
N THR HA 87 -76.73 51.37 2.79
CA THR HA 87 -77.29 50.03 2.64
C THR HA 87 -76.93 49.52 1.26
N LYS HA 88 -76.86 48.20 1.12
CA LYS HA 88 -76.72 47.55 -0.17
C LYS HA 88 -78.05 46.99 -0.65
N HIS HA 89 -79.10 47.12 0.15
CA HIS HA 89 -80.44 46.65 -0.20
C HIS HA 89 -81.46 47.61 0.36
N GLY HA 90 -82.34 48.11 -0.51
CA GLY HA 90 -83.37 49.05 -0.12
C GLY HA 90 -84.72 48.74 -0.74
N GLU HA 91 -85.79 48.93 0.03
CA GLU HA 91 -87.13 48.58 -0.43
C GLU HA 91 -88.07 49.78 -0.29
N TYR HA 92 -88.92 49.95 -1.28
CA TYR HA 92 -90.04 50.89 -1.23
C TYR HA 92 -91.33 50.10 -1.37
N VAL HA 93 -92.40 50.56 -0.73
CA VAL HA 93 -93.64 49.79 -0.69
C VAL HA 93 -94.83 50.73 -0.51
N THR HA 94 -95.95 50.39 -1.15
CA THR HA 94 -97.25 50.90 -0.69
C THR HA 94 -98.21 49.73 -0.57
N THR HA 95 -99.45 50.01 -0.16
CA THR HA 95 -100.44 48.95 0.04
C THR HA 95 -101.63 49.20 -0.88
N ASN HA 96 -101.81 48.31 -1.86
CA ASN HA 96 -102.99 48.32 -2.73
C ASN HA 96 -104.22 47.93 -1.91
N THR HA 97 -105.34 48.61 -2.16
CA THR HA 97 -106.64 48.29 -1.57
C THR HA 97 -107.69 48.24 -2.68
N GLY HA 98 -108.88 47.75 -2.32
CA GLY HA 98 -109.93 47.61 -3.31
C GLY HA 98 -111.20 47.09 -2.69
N ASP HA 99 -112.28 47.14 -3.47
CA ASP HA 99 -113.58 46.71 -3.02
C ASP HA 99 -113.60 45.18 -2.86
N ARG HA 100 -113.86 44.72 -1.64
CA ARG HA 100 -113.88 43.29 -1.32
C ARG HA 100 -112.54 42.63 -1.65
N LEU HA 101 -111.45 43.37 -1.48
CA LEU HA 101 -110.10 42.86 -1.68
C LEU HA 101 -109.31 43.06 -0.40
N MET HA 102 -108.70 41.98 0.08
CA MET HA 102 -107.79 42.12 1.22
C MET HA 102 -106.55 42.89 0.78
N ALA HA 103 -106.23 43.97 1.49
CA ALA HA 103 -105.17 44.87 1.06
C ALA HA 103 -103.84 44.13 1.00
N SER HA 104 -103.04 44.48 -0.02
CA SER HA 104 -101.83 43.74 -0.35
C SER HA 104 -100.77 44.70 -0.85
N SER HA 105 -99.53 44.47 -0.44
CA SER HA 105 -98.46 45.41 -0.71
C SER HA 105 -97.89 45.25 -2.11
N THR HA 106 -97.48 46.36 -2.70
CA THR HA 106 -96.71 46.37 -3.94
C THR HA 106 -95.31 46.91 -3.62
N THR HA 107 -94.29 46.23 -4.16
CA THR HA 107 -92.91 46.38 -3.69
C THR HA 107 -91.94 46.71 -4.81
N VAL HA 108 -90.96 47.56 -4.50
CA VAL HA 108 -89.92 47.96 -5.43
C VAL HA 108 -88.59 47.80 -4.68
N THR HA 109 -87.77 46.86 -5.15
CA THR HA 109 -86.54 46.47 -4.49
C THR HA 109 -85.32 46.93 -5.29
N ARG HA 110 -84.31 47.46 -4.61
CA ARG HA 110 -83.08 47.92 -5.24
C ARG HA 110 -81.90 47.31 -4.50
N ASP HA 111 -81.06 46.58 -5.23
CA ASP HA 111 -79.86 45.94 -4.71
C ASP HA 111 -78.65 46.55 -5.40
N VAL HA 112 -77.72 47.06 -4.61
CA VAL HA 112 -76.52 47.71 -5.14
C VAL HA 112 -75.32 47.02 -4.52
N SER HA 113 -74.66 46.13 -5.29
CA SER HA 113 -73.50 45.40 -4.80
C SER HA 113 -72.46 45.23 -5.89
N ASN HA 114 -71.22 45.58 -5.57
CA ASN HA 114 -70.05 45.28 -6.40
C ASN HA 114 -70.21 45.79 -7.83
N GLY HA 115 -70.70 47.01 -7.97
CA GLY HA 115 -70.89 47.62 -9.27
C GLY HA 115 -72.13 47.19 -10.01
N ARG HA 116 -72.94 46.33 -9.42
CA ARG HA 116 -74.14 45.82 -10.07
C ARG HA 116 -75.34 46.43 -9.35
N THR HA 117 -76.12 47.20 -10.10
CA THR HA 117 -77.36 47.79 -9.60
C THR HA 117 -78.52 47.02 -10.19
N LYS HA 118 -79.48 46.61 -9.35
CA LYS HA 118 -80.64 45.86 -9.83
C LYS HA 118 -81.92 46.34 -9.16
N VAL HA 119 -82.90 46.73 -9.97
CA VAL HA 119 -84.20 47.20 -9.51
C VAL HA 119 -85.26 46.21 -9.99
N SER HA 120 -86.12 45.76 -9.06
CA SER HA 120 -87.19 44.83 -9.36
C SER HA 120 -88.52 45.39 -8.84
N ILE HA 121 -89.58 45.18 -9.61
CA ILE HA 121 -90.92 45.65 -9.27
C ILE HA 121 -91.86 44.47 -9.26
N ASP HA 122 -92.61 44.32 -8.15
CA ASP HA 122 -93.55 43.22 -7.98
C ASP HA 122 -94.90 43.78 -7.56
N ILE HA 123 -95.91 43.58 -8.41
CA ILE HA 123 -97.28 44.02 -8.14
C ILE HA 123 -98.19 42.81 -8.13
N PRO HA 124 -99.03 42.65 -7.12
CA PRO HA 124 -99.95 41.51 -7.06
C PRO HA 124 -101.25 41.79 -7.83
N TYR HA 125 -102.01 40.72 -8.05
CA TYR HA 125 -103.33 40.80 -8.64
C TYR HA 125 -104.26 39.80 -7.97
N TYR HA 126 -105.55 39.88 -8.31
CA TYR HA 126 -106.58 39.08 -7.68
C TYR HA 126 -107.49 38.46 -8.76
N ASP HA 127 -108.27 37.47 -8.31
CA ASP HA 127 -109.14 36.65 -9.16
C ASP HA 127 -110.46 37.38 -9.39
N ARG HA 128 -110.61 38.00 -10.57
CA ARG HA 128 -111.83 38.75 -10.84
C ARG HA 128 -113.05 37.84 -10.88
N ASN HA 129 -112.90 36.58 -11.30
CA ASN HA 129 -114.03 35.66 -11.24
C ASN HA 129 -114.56 35.54 -9.81
N ALA HA 130 -113.64 35.38 -8.85
CA ALA HA 130 -114.06 35.31 -7.45
C ALA HA 130 -114.63 36.63 -6.96
N VAL HA 131 -113.99 37.75 -7.32
CA VAL HA 131 -114.45 39.04 -6.80
C VAL HA 131 -115.85 39.38 -7.31
N GLU HA 132 -116.09 39.17 -8.61
CA GLU HA 132 -117.42 39.44 -9.15
C GLU HA 132 -118.45 38.41 -8.71
N THR HA 133 -118.03 37.18 -8.38
CA THR HA 133 -118.96 36.26 -7.73
C THR HA 133 -119.40 36.82 -6.38
N LEU HA 134 -118.44 37.34 -5.60
CA LEU HA 134 -118.75 37.98 -4.32
C LEU HA 134 -119.74 39.12 -4.48
N LYS HA 135 -119.48 40.02 -5.44
CA LYS HA 135 -120.37 41.17 -5.61
C LYS HA 135 -121.74 40.71 -6.09
N ALA HA 136 -121.78 39.81 -7.08
CA ALA HA 136 -123.03 39.48 -7.76
C ALA HA 136 -124.00 38.71 -6.87
N SER HA 137 -123.52 37.71 -6.13
CA SER HA 137 -124.43 36.96 -5.26
C SER HA 137 -124.44 37.50 -3.83
N ALA HA 138 -123.86 38.69 -3.60
CA ALA HA 138 -123.96 39.40 -2.33
C ALA HA 138 -123.41 38.59 -1.16
N ILE HA 139 -122.24 37.98 -1.36
CA ILE HA 139 -121.52 37.24 -0.34
C ILE HA 139 -120.70 38.24 0.47
N PRO HA 140 -120.46 38.04 1.77
CA PRO HA 140 -119.75 39.04 2.57
C PRO HA 140 -118.24 38.91 2.65
N GLY HA 141 -117.62 37.87 2.06
CA GLY HA 141 -116.19 37.68 2.19
C GLY HA 141 -115.36 38.58 1.27
N ALA HA 142 -114.04 38.40 1.37
CA ALA HA 142 -113.07 39.10 0.53
C ALA HA 142 -112.10 38.09 -0.08
N VAL HA 143 -111.32 38.55 -1.07
CA VAL HA 143 -110.37 37.73 -1.78
C VAL HA 143 -108.96 38.19 -1.47
N ALA HA 144 -108.06 37.24 -1.29
CA ALA HA 144 -106.63 37.44 -1.13
C ALA HA 144 -105.94 37.40 -2.49
N PRO HA 145 -104.74 37.98 -2.61
CA PRO HA 145 -104.06 37.99 -3.91
C PRO HA 145 -103.88 36.59 -4.45
N VAL HA 146 -103.88 36.49 -5.78
CA VAL HA 146 -103.83 35.21 -6.45
C VAL HA 146 -102.49 34.98 -7.16
N GLY HA 147 -101.83 36.04 -7.59
CA GLY HA 147 -100.51 35.94 -8.16
C GLY HA 147 -99.89 37.31 -8.27
N SER HA 148 -98.80 37.41 -9.04
CA SER HA 148 -98.14 38.69 -9.21
C SER HA 148 -97.53 38.78 -10.60
N PHE HA 149 -97.06 39.98 -10.92
CA PHE HA 149 -96.21 40.24 -12.08
C PHE HA 149 -94.96 40.97 -11.61
N LYS HA 150 -93.83 40.63 -12.24
CA LYS HA 150 -92.52 41.12 -11.85
C LYS HA 150 -91.72 41.58 -13.07
N VAL HA 151 -90.99 42.68 -12.87
CA VAL HA 151 -90.13 43.26 -13.91
C VAL HA 151 -88.79 43.58 -13.26
N ASN HA 152 -87.70 43.08 -13.85
CA ASN HA 152 -86.35 43.25 -13.34
C ASN HA 152 -85.52 44.07 -14.32
N VAL HA 153 -84.63 44.90 -13.78
CA VAL HA 153 -83.74 45.72 -14.57
C VAL HA 153 -82.38 45.72 -13.87
N GLU HA 154 -81.31 45.58 -14.64
CA GLU HA 154 -79.99 45.28 -14.10
C GLU HA 154 -78.93 46.04 -14.89
N VAL HA 155 -78.04 46.72 -14.18
CA VAL HA 155 -76.98 47.51 -14.78
C VAL HA 155 -75.66 46.98 -14.23
N LEU HA 156 -74.85 46.38 -15.09
CA LEU HA 156 -73.56 45.83 -14.69
C LEU HA 156 -72.50 46.88 -15.01
N GLY HA 157 -72.18 47.70 -14.02
CA GLY HA 157 -71.31 48.83 -14.24
C GLY HA 157 -69.98 48.67 -13.53
N GLY HA 158 -69.62 47.42 -13.25
CA GLY HA 158 -68.37 47.17 -12.58
C GLY HA 158 -67.18 47.29 -13.50
N GLY HA 159 -66.00 47.38 -12.89
CA GLY HA 159 -64.76 47.30 -13.62
C GLY HA 159 -64.51 48.49 -14.53
N VAL HA 160 -64.50 49.67 -13.94
CA VAL HA 160 -64.02 50.84 -14.65
C VAL HA 160 -62.49 50.83 -14.64
N LEU HA 161 -61.90 51.44 -15.66
CA LEU HA 161 -60.45 51.46 -15.81
C LEU HA 161 -59.82 52.40 -14.80
N THR HA 162 -58.49 52.30 -14.66
CA THR HA 162 -57.80 52.97 -13.56
C THR HA 162 -57.71 54.48 -13.78
N GLY HA 163 -57.53 54.91 -15.02
CA GLY HA 163 -57.46 56.32 -15.33
C GLY HA 163 -58.80 56.99 -15.51
N THR HA 164 -59.89 56.32 -15.15
CA THR HA 164 -61.22 56.92 -15.26
C THR HA 164 -61.33 58.07 -14.26
N ASP HA 165 -61.43 59.29 -14.78
CA ASP HA 165 -61.51 60.47 -13.93
C ASP HA 165 -62.79 60.46 -13.12
N ALA HA 166 -62.72 61.07 -11.93
CA ALA HA 166 -63.92 61.23 -11.12
C ALA HA 166 -65.04 61.90 -11.91
N ASN HA 167 -64.69 62.91 -12.72
CA ASN HA 167 -65.68 63.59 -13.56
C ASN HA 167 -66.22 62.68 -14.65
N ALA HA 168 -65.35 61.85 -15.25
CA ALA HA 168 -65.78 61.00 -16.35
C ALA HA 168 -66.67 59.85 -15.89
N GLN HA 169 -66.66 59.54 -14.59
CA GLN HA 169 -67.57 58.50 -14.10
C GLN HA 169 -69.02 58.97 -14.20
N PHE HA 170 -69.26 60.28 -14.16
CA PHE HA 170 -70.61 60.78 -14.38
C PHE HA 170 -71.03 60.58 -15.82
N ALA HA 171 -70.12 60.83 -16.76
CA ALA HA 171 -70.43 60.57 -18.15
C ALA HA 171 -70.75 59.11 -18.36
N LEU HA 172 -70.00 58.22 -17.70
CA LEU HA 172 -70.30 56.80 -17.80
C LEU HA 172 -71.67 56.48 -17.19
N ASP HA 173 -72.01 57.17 -16.10
CA ASP HA 173 -73.33 57.03 -15.49
C ASP HA 173 -74.42 57.26 -16.53
N GLU HA 174 -74.33 58.40 -17.21
CA GLU HA 174 -75.35 58.76 -18.19
C GLU HA 174 -75.34 57.79 -19.38
N LEU HA 175 -74.16 57.31 -19.78
CA LEU HA 175 -74.12 56.32 -20.85
C LEU HA 175 -74.91 55.07 -20.48
N LEU HA 176 -74.70 54.56 -19.26
CA LEU HA 176 -75.44 53.38 -18.83
C LEU HA 176 -76.94 53.65 -18.74
N SER HA 177 -77.33 54.84 -18.28
CA SER HA 177 -78.75 55.12 -18.19
C SER HA 177 -79.41 55.18 -19.58
N ASN HA 178 -78.66 55.67 -20.58
CA ASN HA 178 -79.20 55.67 -21.94
C ASN HA 178 -79.30 54.25 -22.51
N MET HA 179 -78.34 53.39 -22.19
CA MET HA 179 -78.49 51.99 -22.56
C MET HA 179 -79.73 51.38 -21.90
N LEU HA 180 -80.01 51.78 -20.66
CA LEU HA 180 -81.23 51.33 -19.98
C LEU HA 180 -82.47 51.69 -20.77
N MET HA 181 -82.59 52.96 -21.15
CA MET HA 181 -83.75 53.41 -21.93
C MET HA 181 -83.88 52.62 -23.23
N ASP HA 182 -82.75 52.46 -23.94
CA ASP HA 182 -82.80 51.70 -25.20
C ASP HA 182 -83.24 50.25 -24.95
N ALA HA 183 -82.81 49.68 -23.83
CA ALA HA 183 -83.15 48.29 -23.55
C ALA HA 183 -84.65 48.13 -23.28
N ALA HA 184 -85.24 49.03 -22.49
CA ALA HA 184 -86.67 48.94 -22.26
C ALA HA 184 -87.47 49.17 -23.53
N ARG HA 185 -87.01 50.11 -24.37
CA ARG HA 185 -87.70 50.33 -25.63
C ARG HA 185 -87.65 49.10 -26.52
N ILE HA 186 -86.50 48.43 -26.58
CA ILE HA 186 -86.38 47.21 -27.36
C ILE HA 186 -87.22 46.10 -26.76
N ALA HA 187 -87.38 46.12 -25.43
CA ALA HA 187 -88.16 45.08 -24.76
C ALA HA 187 -89.64 45.19 -25.11
N GLN HA 188 -90.19 46.40 -25.12
CA GLN HA 188 -91.62 46.57 -25.39
C GLN HA 188 -91.92 46.97 -26.82
N ASP HA 189 -90.90 47.06 -27.67
CA ASP HA 189 -91.10 47.52 -29.04
C ASP HA 189 -92.04 46.57 -29.77
N GLY HA 190 -92.93 47.14 -30.56
CA GLY HA 190 -93.83 46.36 -31.37
C GLY HA 190 -95.21 46.96 -31.43
N PRO HA 191 -96.00 46.55 -32.43
CA PRO HA 191 -97.38 47.03 -32.51
C PRO HA 191 -98.18 46.48 -31.35
N LYS HA 192 -99.15 47.27 -30.91
CA LYS HA 192 -100.09 46.85 -29.88
C LYS HA 192 -101.26 46.06 -30.45
N ASN HA 193 -101.28 45.86 -31.78
CA ASN HA 193 -102.26 44.97 -32.39
C ASN HA 193 -101.92 43.52 -32.16
N THR HA 194 -100.66 43.22 -31.85
CA THR HA 194 -100.19 41.84 -31.82
C THR HA 194 -99.54 41.53 -30.47
N ALA HA 195 -99.56 40.24 -30.11
CA ALA HA 195 -99.04 39.77 -28.84
C ALA HA 195 -97.54 40.04 -28.73
N ARG HA 196 -97.09 40.54 -27.58
CA ARG HA 196 -95.65 40.71 -27.44
C ARG HA 196 -95.01 40.39 -26.09
N LEU HA 197 -95.74 40.32 -24.97
CA LEU HA 197 -95.04 40.08 -23.71
C LEU HA 197 -95.50 38.88 -22.88
N VAL HA 198 -96.79 38.81 -22.51
CA VAL HA 198 -97.22 37.85 -21.50
C VAL HA 198 -97.44 36.48 -22.13
N ALA HA 199 -97.34 35.45 -21.29
CA ALA HA 199 -97.55 34.07 -21.70
C ALA HA 199 -96.66 33.68 -22.88
N ALA HA 200 -95.51 34.36 -22.99
CA ALA HA 200 -94.64 34.21 -24.15
C ALA HA 200 -94.14 32.78 -24.28
N SER HA 201 -94.19 32.24 -25.50
CA SER HA 201 -93.67 30.92 -25.83
C SER HA 201 -92.40 30.98 -26.64
N HIS HA 202 -92.40 31.79 -27.70
CA HIS HA 202 -91.23 32.04 -28.53
C HIS HA 202 -91.47 33.33 -29.29
N GLY HA 203 -90.44 33.77 -30.02
CA GLY HA 203 -90.55 34.97 -30.83
C GLY HA 203 -90.70 34.62 -32.30
N VAL HA 204 -91.52 35.40 -33.01
CA VAL HA 204 -91.66 35.21 -34.45
C VAL HA 204 -91.65 36.58 -35.12
N MET HA 205 -90.55 36.93 -35.76
CA MET HA 205 -90.51 38.22 -36.44
C MET HA 205 -91.18 38.12 -37.81
N PRO HA 206 -91.97 39.12 -38.20
CA PRO HA 206 -92.78 38.98 -39.41
C PRO HA 206 -91.95 39.17 -40.67
N GLN HA 207 -92.41 38.52 -41.76
CA GLN HA 207 -91.70 38.59 -43.03
C GLN HA 207 -91.79 39.99 -43.63
N ALA HA 208 -92.96 40.59 -43.57
CA ALA HA 208 -93.16 41.93 -44.07
C ALA HA 208 -94.43 42.50 -43.42
N PRO IA 20 -107.32 14.88 14.88
CA PRO IA 20 -106.50 16.10 14.94
C PRO IA 20 -107.20 17.32 14.34
N VAL IA 21 -107.47 18.33 15.19
CA VAL IA 21 -108.13 19.56 14.78
C VAL IA 21 -107.07 20.59 14.47
N GLN IA 22 -107.10 21.15 13.26
CA GLN IA 22 -106.11 22.12 12.83
C GLN IA 22 -106.74 23.49 12.60
N SER IA 23 -105.95 24.54 12.81
CA SER IA 23 -106.43 25.91 12.65
C SER IA 23 -106.00 26.47 11.30
N SER IA 24 -106.80 27.40 10.77
CA SER IA 24 -106.53 27.97 9.46
C SER IA 24 -107.07 29.40 9.36
N ARG IA 25 -106.58 30.08 8.33
CA ARG IA 25 -106.93 31.46 8.00
C ARG IA 25 -107.56 31.47 6.61
N THR IA 26 -108.84 31.78 6.54
CA THR IA 26 -109.62 31.59 5.32
C THR IA 26 -109.91 32.91 4.62
N THR IA 27 -109.84 32.87 3.29
CA THR IA 27 -110.48 33.88 2.46
C THR IA 27 -111.30 33.18 1.41
N PHE IA 28 -112.28 33.90 0.85
CA PHE IA 28 -113.10 33.31 -0.19
C PHE IA 28 -112.29 33.12 -1.47
N GLY IA 29 -112.62 32.06 -2.18
CA GLY IA 29 -111.98 31.80 -3.46
C GLY IA 29 -111.60 30.35 -3.67
N VAL IA 30 -110.93 30.11 -4.79
CA VAL IA 30 -110.33 28.83 -5.10
C VAL IA 30 -108.98 29.12 -5.75
N ASN IA 31 -108.01 28.25 -5.48
CA ASN IA 31 -106.73 28.34 -6.17
C ASN IA 31 -106.96 28.38 -7.68
N PRO IA 32 -106.36 29.32 -8.38
CA PRO IA 32 -106.81 29.63 -9.74
C PRO IA 32 -106.36 28.57 -10.72
N ASP IA 33 -106.98 28.60 -11.90
CA ASP IA 33 -106.54 27.79 -13.02
C ASP IA 33 -105.67 28.67 -13.90
N ARG IA 34 -104.39 28.33 -14.01
CA ARG IA 34 -103.45 29.10 -14.80
C ARG IA 34 -103.44 28.62 -16.25
N GLN IA 35 -103.19 29.55 -17.16
CA GLN IA 35 -103.11 29.23 -18.58
C GLN IA 35 -101.67 28.93 -18.94
N ALA IA 36 -101.50 27.97 -19.86
CA ALA IA 36 -100.17 27.60 -20.31
C ALA IA 36 -99.51 28.73 -21.08
N ASN IA 37 -98.19 28.77 -21.05
CA ASN IA 37 -97.42 29.83 -21.73
C ASN IA 37 -97.18 29.45 -23.20
N ALA IA 38 -98.28 29.34 -23.95
CA ALA IA 38 -98.25 28.89 -25.34
C ALA IA 38 -98.56 30.02 -26.32
N ARG IA 39 -98.22 31.25 -25.94
CA ARG IA 39 -98.58 32.40 -26.74
C ARG IA 39 -97.36 32.93 -27.46
N PRO IA 40 -97.22 32.71 -28.76
CA PRO IA 40 -96.08 33.28 -29.49
C PRO IA 40 -96.20 34.79 -29.60
N VAL IA 41 -95.05 35.46 -29.53
CA VAL IA 41 -95.00 36.91 -29.41
C VAL IA 41 -94.24 37.51 -30.59
N TYR IA 42 -94.39 38.81 -30.71
CA TYR IA 42 -93.75 39.58 -31.76
C TYR IA 42 -92.26 39.72 -31.47
N LEU IA 43 -91.49 39.72 -32.54
CA LEU IA 43 -90.04 39.83 -32.47
C LEU IA 43 -89.62 40.94 -33.42
N ALA IA 44 -88.94 41.95 -32.89
CA ALA IA 44 -88.61 43.12 -33.70
C ALA IA 44 -87.71 42.72 -34.86
N PRO IA 45 -87.96 43.24 -36.07
CA PRO IA 45 -87.07 42.96 -37.21
C PRO IA 45 -85.75 43.72 -37.16
N ALA IA 46 -85.56 44.56 -36.14
CA ALA IA 46 -84.31 45.26 -35.88
C ALA IA 46 -84.40 45.89 -34.49
N ALA IA 47 -83.24 46.18 -33.90
CA ALA IA 47 -83.19 46.71 -32.54
C ALA IA 47 -82.73 48.16 -32.59
N PRO IA 48 -83.55 49.16 -32.16
CA PRO IA 48 -83.05 50.53 -32.21
C PRO IA 48 -82.26 50.87 -30.97
N MET IA 49 -81.07 51.44 -31.14
CA MET IA 49 -80.22 51.89 -30.05
C MET IA 49 -79.94 53.39 -30.17
N GLU IA 50 -80.97 54.17 -30.51
CA GLU IA 50 -80.75 55.59 -30.82
C GLU IA 50 -80.30 56.38 -29.60
N ASN IA 51 -80.90 56.14 -28.42
CA ASN IA 51 -80.61 56.95 -27.24
C ASN IA 51 -79.12 56.85 -26.87
N THR IA 52 -78.62 55.62 -26.72
CA THR IA 52 -77.25 55.43 -26.27
C THR IA 52 -76.23 55.94 -27.30
N TYR IA 53 -76.51 55.75 -28.59
CA TYR IA 53 -75.52 56.14 -29.61
C TYR IA 53 -75.52 57.65 -29.85
N THR IA 54 -76.68 58.31 -29.73
CA THR IA 54 -76.64 59.77 -29.72
C THR IA 54 -75.87 60.29 -28.51
N TYR IA 55 -76.02 59.67 -27.35
CA TYR IA 55 -75.21 60.15 -26.22
C TYR IA 55 -73.73 59.88 -26.45
N LEU IA 56 -73.38 58.74 -27.06
CA LEU IA 56 -71.99 58.47 -27.36
C LEU IA 56 -71.42 59.51 -28.33
N GLY IA 57 -72.22 59.91 -29.31
CA GLY IA 57 -71.82 61.04 -30.14
C GLY IA 57 -71.63 62.31 -29.32
N SER IA 58 -72.48 62.50 -28.30
CA SER IA 58 -72.36 63.67 -27.43
C SER IA 58 -70.99 63.72 -26.75
N ILE IA 59 -70.57 62.63 -26.10
CA ILE IA 59 -69.32 62.67 -25.35
C ILE IA 59 -68.13 62.42 -26.26
N GLN IA 60 -68.38 62.33 -27.56
CA GLN IA 60 -67.33 62.09 -28.55
C GLN IA 60 -66.64 60.74 -28.32
N PHE IA 61 -67.43 59.76 -27.89
CA PHE IA 61 -67.00 58.35 -27.80
C PHE IA 61 -65.81 58.16 -26.85
N ALA IA 62 -65.77 58.94 -25.78
CA ALA IA 62 -64.64 58.84 -24.86
C ALA IA 62 -65.07 59.28 -23.47
N ALA IA 63 -64.56 58.57 -22.46
CA ALA IA 63 -64.82 58.92 -21.07
C ALA IA 63 -63.78 58.20 -20.21
N GLY IA 64 -63.08 58.95 -19.37
CA GLY IA 64 -62.00 58.33 -18.61
C GLY IA 64 -60.94 57.89 -19.59
N ARG IA 65 -60.44 56.67 -19.42
CA ARG IA 65 -59.65 56.07 -20.47
C ARG IA 65 -60.41 54.93 -21.16
N HIS IA 66 -61.73 54.94 -21.06
CA HIS IA 66 -62.57 54.16 -21.95
C HIS IA 66 -62.76 54.93 -23.25
N ILE IA 67 -62.43 54.30 -24.38
CA ILE IA 67 -62.80 54.84 -25.68
C ILE IA 67 -63.67 53.82 -26.39
N PHE IA 68 -64.72 54.30 -27.05
CA PHE IA 68 -65.70 53.43 -27.69
C PHE IA 68 -65.60 53.54 -29.20
N GLY IA 69 -66.23 52.60 -29.89
CA GLY IA 69 -66.22 52.57 -31.33
C GLY IA 69 -67.47 53.18 -31.93
N GLU IA 70 -67.32 53.72 -33.13
CA GLU IA 70 -68.49 54.24 -33.87
C GLU IA 70 -69.22 53.07 -34.51
N PRO IA 71 -70.54 53.00 -34.37
CA PRO IA 71 -71.30 51.89 -34.94
C PRO IA 71 -71.45 52.05 -36.44
N ALA IA 72 -71.95 50.97 -37.05
CA ALA IA 72 -72.34 51.08 -38.46
C ALA IA 72 -73.71 51.71 -38.59
N SER IA 73 -74.67 51.25 -37.78
CA SER IA 73 -76.02 51.76 -37.81
C SER IA 73 -76.50 52.01 -36.39
N ASN IA 74 -77.31 53.06 -36.23
CA ASN IA 74 -78.00 53.28 -34.96
C ASN IA 74 -79.04 52.20 -34.71
N VAL IA 75 -79.53 51.58 -35.76
CA VAL IA 75 -80.46 50.46 -35.67
C VAL IA 75 -79.74 49.20 -36.12
N LEU IA 76 -79.70 48.20 -35.21
CA LEU IA 76 -78.98 46.94 -35.32
C LEU IA 76 -79.82 45.92 -36.08
N PRO IA 77 -79.30 45.37 -37.17
CA PRO IA 77 -80.03 44.33 -37.91
C PRO IA 77 -79.94 43.00 -37.20
N PRO IA 78 -80.83 42.05 -37.53
CA PRO IA 78 -80.74 40.72 -36.93
C PRO IA 78 -79.64 39.88 -37.56
N GLN IA 79 -78.96 39.09 -36.72
CA GLN IA 79 -77.87 38.23 -37.19
C GLN IA 79 -78.29 36.78 -37.38
N ASN IA 80 -79.14 36.25 -36.48
CA ASN IA 80 -79.51 34.84 -36.52
C ASN IA 80 -81.02 34.64 -36.44
N ILE IA 81 -81.81 35.57 -36.95
CA ILE IA 81 -83.26 35.49 -36.85
C ILE IA 81 -83.81 35.44 -38.27
N VAL IA 82 -84.22 34.27 -38.70
CA VAL IA 82 -84.93 34.13 -39.97
C VAL IA 82 -86.37 34.56 -39.78
N PRO IA 83 -86.98 35.27 -40.72
CA PRO IA 83 -88.37 35.68 -40.53
C PRO IA 83 -89.30 34.50 -40.68
N GLY IA 84 -90.35 34.51 -39.85
CA GLY IA 84 -91.30 33.42 -39.90
C GLY IA 84 -90.81 32.14 -39.25
N VAL IA 85 -89.64 32.16 -38.64
CA VAL IA 85 -89.07 30.99 -37.98
C VAL IA 85 -89.14 31.23 -36.49
N PRO IA 86 -89.85 30.42 -35.72
CA PRO IA 86 -89.88 30.59 -34.27
C PRO IA 86 -88.47 30.40 -33.69
N THR IA 87 -88.05 31.36 -32.87
CA THR IA 87 -86.74 31.34 -32.25
C THR IA 87 -86.92 31.75 -30.80
N LYS IA 88 -86.36 30.97 -29.88
CA LYS IA 88 -86.39 31.31 -28.45
C LYS IA 88 -85.18 32.13 -28.05
N HIS IA 89 -84.25 32.37 -28.97
CA HIS IA 89 -83.07 33.16 -28.71
C HIS IA 89 -82.60 33.81 -30.01
N GLY IA 90 -82.34 35.10 -29.95
CA GLY IA 90 -81.96 35.85 -31.14
C GLY IA 90 -81.05 37.01 -30.81
N GLU IA 91 -80.28 37.43 -31.82
CA GLU IA 91 -79.25 38.42 -31.60
C GLU IA 91 -79.27 39.44 -32.73
N TYR IA 92 -79.23 40.71 -32.38
CA TYR IA 92 -78.96 41.79 -33.31
C TYR IA 92 -77.56 42.30 -33.04
N VAL IA 93 -76.83 42.66 -34.09
CA VAL IA 93 -75.43 43.00 -33.90
C VAL IA 93 -75.01 44.01 -34.96
N THR IA 94 -74.28 45.04 -34.54
CA THR IA 94 -73.65 45.90 -35.53
C THR IA 94 -72.19 46.09 -35.20
N THR IA 95 -71.40 46.38 -36.23
CA THR IA 95 -69.97 46.39 -36.08
C THR IA 95 -69.52 47.80 -35.67
N ASN IA 96 -68.52 47.87 -34.80
CA ASN IA 96 -67.92 49.10 -34.28
C ASN IA 96 -66.57 49.26 -34.94
N THR IA 97 -66.31 50.44 -35.51
CA THR IA 97 -65.01 50.73 -36.12
C THR IA 97 -64.47 52.01 -35.51
N GLY IA 98 -63.17 52.27 -35.71
CA GLY IA 98 -62.55 53.45 -35.15
C GLY IA 98 -61.10 53.53 -35.57
N ASP IA 99 -60.53 54.72 -35.38
CA ASP IA 99 -59.13 54.98 -35.73
C ASP IA 99 -58.23 54.19 -34.78
N ARG IA 100 -57.43 53.29 -35.36
CA ARG IA 100 -56.54 52.41 -34.60
C ARG IA 100 -57.34 51.59 -33.59
N LEU IA 101 -58.50 51.11 -34.03
CA LEU IA 101 -59.34 50.19 -33.27
C LEU IA 101 -59.55 48.93 -34.10
N MET IA 102 -59.50 47.77 -33.44
CA MET IA 102 -59.89 46.54 -34.12
C MET IA 102 -61.40 46.45 -34.11
N ALA IA 103 -61.99 46.24 -35.29
CA ALA IA 103 -63.44 46.19 -35.40
C ALA IA 103 -64.01 45.22 -34.37
N SER IA 104 -65.06 45.66 -33.65
CA SER IA 104 -65.65 44.85 -32.58
C SER IA 104 -67.16 45.01 -32.58
N SER IA 105 -67.84 43.91 -32.28
CA SER IA 105 -69.28 43.86 -32.46
C SER IA 105 -70.00 44.27 -31.16
N THR IA 106 -71.01 45.12 -31.31
CA THR IA 106 -71.91 45.45 -30.20
C THR IA 106 -73.21 44.67 -30.40
N THR IA 107 -73.71 44.08 -29.31
CA THR IA 107 -74.69 42.99 -29.39
C THR IA 107 -75.92 43.24 -28.51
N VAL IA 108 -77.09 42.95 -29.07
CA VAL IA 108 -78.36 43.03 -28.37
C VAL IA 108 -79.00 41.66 -28.44
N THR IA 109 -79.22 41.04 -27.30
CA THR IA 109 -79.65 39.66 -27.20
C THR IA 109 -81.04 39.57 -26.58
N ARG IA 110 -81.94 38.84 -27.23
CA ARG IA 110 -83.30 38.65 -26.76
C ARG IA 110 -83.58 37.16 -26.56
N ASP IA 111 -84.04 36.81 -25.36
CA ASP IA 111 -84.40 35.44 -25.00
C ASP IA 111 -85.86 35.44 -24.60
N VAL IA 112 -86.68 34.76 -25.38
CA VAL IA 112 -88.11 34.64 -25.12
C VAL IA 112 -88.40 33.17 -24.84
N SER IA 113 -88.71 32.82 -23.59
CA SER IA 113 -89.06 31.42 -23.29
C SER IA 113 -89.85 31.34 -22.01
N ASN IA 114 -90.84 30.45 -22.02
CA ASN IA 114 -91.62 30.08 -20.82
C ASN IA 114 -92.21 31.29 -20.11
N GLY IA 115 -92.73 32.22 -20.89
CA GLY IA 115 -93.35 33.43 -20.37
C GLY IA 115 -92.39 34.51 -19.90
N ARG IA 116 -91.08 34.28 -19.96
CA ARG IA 116 -90.09 35.24 -19.53
C ARG IA 116 -89.38 35.75 -20.77
N THR IA 117 -89.36 37.06 -20.93
CA THR IA 117 -88.63 37.69 -22.03
C THR IA 117 -87.52 38.56 -21.44
N LYS IA 118 -86.32 38.46 -22.01
CA LYS IA 118 -85.15 39.14 -21.47
C LYS IA 118 -84.29 39.72 -22.59
N VAL IA 119 -83.97 41.01 -22.47
CA VAL IA 119 -83.16 41.73 -23.45
C VAL IA 119 -81.89 42.20 -22.74
N SER IA 120 -80.74 41.92 -23.37
CA SER IA 120 -79.43 42.30 -22.84
C SER IA 120 -78.66 43.08 -23.90
N ILE IA 121 -77.93 44.10 -23.47
CA ILE IA 121 -77.15 44.95 -24.38
C ILE IA 121 -75.71 44.98 -23.89
N ASP IA 122 -74.77 44.70 -24.80
CA ASP IA 122 -73.35 44.62 -24.49
C ASP IA 122 -72.58 45.46 -25.50
N ILE IA 123 -71.90 46.50 -25.02
CA ILE IA 123 -71.07 47.36 -25.87
C ILE IA 123 -69.64 47.30 -25.35
N PRO IA 124 -68.64 47.11 -26.20
CA PRO IA 124 -67.26 47.04 -25.75
C PRO IA 124 -66.55 48.39 -25.73
N TYR IA 125 -65.45 48.44 -24.98
CA TYR IA 125 -64.61 49.61 -24.87
C TYR IA 125 -63.13 49.21 -24.90
N TYR IA 126 -62.29 50.14 -25.35
CA TYR IA 126 -60.85 49.96 -25.53
C TYR IA 126 -60.09 50.89 -24.59
N ASP IA 127 -58.78 50.58 -24.46
CA ASP IA 127 -57.83 51.34 -23.65
C ASP IA 127 -57.43 52.62 -24.38
N ARG IA 128 -58.01 53.73 -23.94
CA ARG IA 128 -57.75 55.02 -24.56
C ARG IA 128 -56.27 55.38 -24.49
N ASN IA 129 -55.57 54.93 -23.44
CA ASN IA 129 -54.14 55.24 -23.32
C ASN IA 129 -53.35 54.58 -24.43
N ALA IA 130 -53.64 53.31 -24.71
CA ALA IA 130 -52.99 52.61 -25.82
C ALA IA 130 -53.35 53.25 -27.14
N VAL IA 131 -54.63 53.53 -27.35
CA VAL IA 131 -55.05 54.07 -28.64
C VAL IA 131 -54.39 55.41 -28.91
N GLU IA 132 -54.40 56.31 -27.93
CA GLU IA 132 -53.85 57.65 -28.12
C GLU IA 132 -52.33 57.63 -28.18
N THR IA 133 -51.67 56.72 -27.46
CA THR IA 133 -50.23 56.58 -27.62
C THR IA 133 -49.88 56.14 -29.03
N LEU IA 134 -50.67 55.21 -29.60
CA LEU IA 134 -50.47 54.80 -30.99
C LEU IA 134 -50.71 55.96 -31.95
N LYS IA 135 -51.80 56.70 -31.75
CA LYS IA 135 -52.13 57.82 -32.64
C LYS IA 135 -51.04 58.90 -32.58
N ALA IA 136 -50.69 59.35 -31.38
CA ALA IA 136 -49.68 60.38 -31.25
C ALA IA 136 -48.34 59.91 -31.79
N SER IA 137 -47.99 58.64 -31.57
CA SER IA 137 -46.72 58.15 -32.08
C SER IA 137 -46.81 57.72 -33.54
N ALA IA 138 -47.97 57.84 -34.19
CA ALA IA 138 -48.12 57.42 -35.59
C ALA IA 138 -47.68 55.97 -35.76
N ILE IA 139 -48.20 55.10 -34.90
CA ILE IA 139 -47.90 53.66 -34.98
C ILE IA 139 -49.12 53.00 -35.62
N PRO IA 140 -48.94 52.05 -36.55
CA PRO IA 140 -50.09 51.45 -37.24
C PRO IA 140 -50.76 50.29 -36.53
N GLY IA 141 -50.56 50.11 -35.22
CA GLY IA 141 -51.23 49.03 -34.53
C GLY IA 141 -52.71 49.31 -34.32
N ALA IA 142 -53.50 48.23 -34.32
CA ALA IA 142 -54.93 48.29 -34.03
C ALA IA 142 -55.20 47.59 -32.71
N VAL IA 143 -56.07 48.17 -31.88
CA VAL IA 143 -56.28 47.70 -30.51
C VAL IA 143 -57.58 46.91 -30.44
N ALA IA 144 -57.51 45.76 -29.76
CA ALA IA 144 -58.68 44.96 -29.44
C ALA IA 144 -59.34 45.50 -28.17
N PRO IA 145 -60.62 45.21 -27.97
CA PRO IA 145 -61.34 45.76 -26.81
C PRO IA 145 -60.80 45.23 -25.50
N VAL IA 146 -60.73 46.12 -24.51
CA VAL IA 146 -60.28 45.72 -23.20
C VAL IA 146 -61.43 45.25 -22.31
N GLY IA 147 -62.64 45.75 -22.53
CA GLY IA 147 -63.75 45.29 -21.71
C GLY IA 147 -65.09 45.63 -22.34
N SER IA 148 -66.15 45.55 -21.53
CA SER IA 148 -67.48 45.86 -22.02
C SER IA 148 -68.37 46.34 -20.87
N PHE IA 149 -69.49 46.95 -21.25
CA PHE IA 149 -70.56 47.32 -20.34
C PHE IA 149 -71.86 46.67 -20.80
N LYS IA 150 -72.65 46.19 -19.83
CA LYS IA 150 -73.84 45.40 -20.09
C LYS IA 150 -75.03 45.90 -19.26
N VAL IA 151 -76.20 45.82 -19.89
CA VAL IA 151 -77.46 46.20 -19.26
C VAL IA 151 -78.50 45.14 -19.60
N ASN IA 152 -79.14 44.58 -18.57
CA ASN IA 152 -80.13 43.52 -18.68
C ASN IA 152 -81.51 44.02 -18.28
N VAL IA 153 -82.53 43.51 -18.96
CA VAL IA 153 -83.92 43.88 -18.71
C VAL IA 153 -84.76 42.61 -18.86
N GLU IA 154 -85.69 42.39 -17.94
CA GLU IA 154 -86.34 41.09 -17.82
C GLU IA 154 -87.80 41.27 -17.41
N VAL IA 155 -88.68 40.51 -18.04
CA VAL IA 155 -90.12 40.62 -17.84
C VAL IA 155 -90.67 39.22 -17.60
N LEU IA 156 -91.18 38.99 -16.39
CA LEU IA 156 -91.73 37.69 -15.99
C LEU IA 156 -93.24 37.74 -16.21
N GLY IA 157 -93.67 37.38 -17.43
CA GLY IA 157 -95.05 37.47 -17.84
C GLY IA 157 -95.84 36.17 -17.83
N GLY IA 158 -95.36 35.17 -17.11
CA GLY IA 158 -96.05 33.91 -17.06
C GLY IA 158 -97.15 33.89 -16.02
N GLY IA 159 -98.04 32.92 -16.16
CA GLY IA 159 -99.05 32.66 -15.16
C GLY IA 159 -100.37 33.34 -15.41
N VAL IA 160 -100.66 33.71 -16.66
CA VAL IA 160 -101.91 34.37 -16.99
C VAL IA 160 -103.06 33.45 -16.65
N LEU IA 161 -104.08 34.01 -15.99
CA LEU IA 161 -105.24 33.25 -15.55
C LEU IA 161 -106.08 32.80 -16.74
N THR IA 162 -106.83 31.71 -16.53
CA THR IA 162 -107.51 31.04 -17.65
C THR IA 162 -108.60 31.90 -18.26
N GLY IA 163 -109.34 32.64 -17.44
CA GLY IA 163 -110.40 33.48 -17.97
C GLY IA 163 -109.92 34.53 -18.96
N THR IA 164 -108.68 34.99 -18.82
CA THR IA 164 -108.16 36.09 -19.62
C THR IA 164 -108.18 35.75 -21.10
N ASP IA 165 -108.80 36.60 -21.90
CA ASP IA 165 -108.86 36.35 -23.34
C ASP IA 165 -107.76 37.15 -24.06
N ALA IA 166 -107.77 37.11 -25.39
CA ALA IA 166 -106.70 37.70 -26.17
C ALA IA 166 -106.65 39.22 -25.98
N ASN IA 167 -107.80 39.87 -26.08
CA ASN IA 167 -107.87 41.32 -25.90
C ASN IA 167 -107.35 41.74 -24.55
N ALA IA 168 -107.73 41.00 -23.50
CA ALA IA 168 -107.22 41.29 -22.16
C ALA IA 168 -105.70 41.12 -22.10
N GLN IA 169 -105.18 40.09 -22.76
CA GLN IA 169 -103.73 39.88 -22.74
C GLN IA 169 -103.01 41.06 -23.41
N PHE IA 170 -103.63 41.69 -24.41
CA PHE IA 170 -103.05 42.93 -24.94
C PHE IA 170 -102.83 43.96 -23.84
N ALA IA 171 -103.85 44.13 -23.00
CA ALA IA 171 -103.77 45.09 -21.90
C ALA IA 171 -102.64 44.72 -20.95
N LEU IA 172 -102.52 43.43 -20.65
CA LEU IA 172 -101.42 42.98 -19.79
C LEU IA 172 -100.06 43.30 -20.44
N ASP IA 173 -99.99 43.18 -21.77
CA ASP IA 173 -98.77 43.54 -22.49
C ASP IA 173 -98.37 44.97 -22.18
N GLU IA 174 -99.31 45.90 -22.40
CA GLU IA 174 -98.97 47.30 -22.18
C GLU IA 174 -98.71 47.58 -20.70
N LEU IA 175 -99.37 46.85 -19.80
CA LEU IA 175 -99.12 47.04 -18.36
C LEU IA 175 -97.67 46.70 -18.02
N LEU IA 176 -97.19 45.55 -18.49
CA LEU IA 176 -95.79 45.20 -18.27
C LEU IA 176 -94.86 46.20 -18.94
N SER IA 177 -95.26 46.72 -20.10
CA SER IA 177 -94.45 47.77 -20.75
C SER IA 177 -94.27 48.96 -19.82
N ASN IA 178 -95.35 49.42 -19.20
CA ASN IA 178 -95.25 50.60 -18.35
C ASN IA 178 -94.46 50.30 -17.07
N MET IA 179 -94.57 49.08 -16.55
CA MET IA 179 -93.73 48.69 -15.41
C MET IA 179 -92.26 48.71 -15.80
N LEU IA 180 -91.95 48.28 -17.04
CA LEU IA 180 -90.60 48.40 -17.56
C LEU IA 180 -90.10 49.84 -17.52
N MET IA 181 -90.88 50.74 -18.11
CA MET IA 181 -90.49 52.14 -18.13
C MET IA 181 -90.24 52.67 -16.73
N ASP IA 182 -91.13 52.34 -15.79
CA ASP IA 182 -90.96 52.79 -14.41
C ASP IA 182 -89.70 52.21 -13.79
N ALA IA 183 -89.40 50.94 -14.06
CA ALA IA 183 -88.20 50.34 -13.50
C ALA IA 183 -86.95 51.02 -14.00
N ALA IA 184 -86.90 51.33 -15.30
CA ALA IA 184 -85.72 52.00 -15.85
C ALA IA 184 -85.57 53.41 -15.29
N ARG IA 185 -86.68 54.12 -15.14
CA ARG IA 185 -86.61 55.44 -14.53
C ARG IA 185 -86.11 55.36 -13.08
N ILE IA 186 -86.61 54.38 -12.32
CA ILE IA 186 -86.18 54.22 -10.93
C ILE IA 186 -84.71 53.83 -10.87
N ALA IA 187 -84.22 53.15 -11.89
CA ALA IA 187 -82.82 52.75 -11.92
C ALA IA 187 -81.92 53.95 -12.16
N GLN IA 188 -82.22 54.76 -13.19
CA GLN IA 188 -81.40 55.91 -13.51
C GLN IA 188 -81.72 57.15 -12.66
N ASP IA 189 -82.69 57.05 -11.78
CA ASP IA 189 -83.19 58.23 -11.06
C ASP IA 189 -82.09 58.86 -10.23
N GLY IA 190 -82.04 60.20 -10.26
CA GLY IA 190 -81.12 60.94 -9.44
C GLY IA 190 -80.52 62.14 -10.14
N PRO IA 191 -79.92 63.04 -9.37
CA PRO IA 191 -79.19 64.15 -9.97
C PRO IA 191 -78.00 63.65 -10.78
N LYS IA 192 -77.71 64.35 -11.86
CA LYS IA 192 -76.47 64.10 -12.60
C LYS IA 192 -75.26 64.74 -11.93
N ASN IA 193 -75.48 65.45 -10.81
CA ASN IA 193 -74.38 65.99 -10.01
C ASN IA 193 -73.68 64.91 -9.21
N THR IA 194 -74.39 63.84 -8.85
CA THR IA 194 -73.86 62.83 -7.94
C THR IA 194 -73.77 61.47 -8.62
N ALA IA 195 -72.94 60.62 -8.03
CA ALA IA 195 -72.70 59.29 -8.55
C ALA IA 195 -73.94 58.42 -8.42
N ARG IA 196 -74.31 57.71 -9.50
CA ARG IA 196 -75.49 56.86 -9.37
C ARG IA 196 -75.36 55.44 -9.90
N LEU IA 197 -74.48 55.15 -10.89
CA LEU IA 197 -74.42 53.79 -11.46
C LEU IA 197 -73.07 53.07 -11.43
N VAL IA 198 -72.02 53.63 -12.05
CA VAL IA 198 -70.81 52.85 -12.34
C VAL IA 198 -69.96 52.72 -11.08
N ALA IA 199 -69.21 51.62 -11.01
CA ALA IA 199 -68.34 51.31 -9.88
C ALA IA 199 -69.12 51.38 -8.57
N ALA IA 200 -70.41 51.01 -8.62
CA ALA IA 200 -71.26 51.12 -7.45
C ALA IA 200 -70.77 50.22 -6.32
N SER IA 201 -70.81 50.75 -5.09
CA SER IA 201 -70.49 49.98 -3.89
C SER IA 201 -71.66 49.82 -2.95
N HIS IA 202 -72.41 50.89 -2.72
CA HIS IA 202 -73.53 50.92 -1.78
C HIS IA 202 -74.34 52.19 -2.03
N GLY IA 203 -75.57 52.19 -1.55
CA GLY IA 203 -76.49 53.30 -1.74
C GLY IA 203 -76.65 54.07 -0.45
N VAL IA 204 -76.78 55.39 -0.58
CA VAL IA 204 -76.99 56.26 0.57
C VAL IA 204 -78.08 57.27 0.22
N MET IA 205 -79.10 57.35 1.06
CA MET IA 205 -80.20 58.29 0.87
C MET IA 205 -79.79 59.67 1.39
N PRO IA 206 -80.02 60.73 0.62
CA PRO IA 206 -79.53 62.06 1.03
C PRO IA 206 -80.22 62.54 2.29
N GLN IA 207 -79.53 63.44 3.00
CA GLN IA 207 -80.04 63.95 4.27
C GLN IA 207 -81.45 64.49 4.13
N ALA IA 208 -81.71 65.22 3.05
CA ALA IA 208 -83.05 65.68 2.69
C ALA IA 208 -83.76 66.32 3.87
N SER JA 23 -58.23 38.02 -22.73
CA SER JA 23 -56.99 38.70 -23.08
C SER JA 23 -57.15 39.53 -24.35
N SER JA 24 -56.80 40.81 -24.28
CA SER JA 24 -56.93 41.75 -25.38
C SER JA 24 -55.55 42.11 -25.91
N ARG JA 25 -55.37 41.99 -27.22
CA ARG JA 25 -54.07 42.17 -27.85
C ARG JA 25 -54.20 43.14 -29.03
N THR JA 26 -53.24 44.05 -29.12
CA THR JA 26 -53.13 44.92 -30.29
C THR JA 26 -52.39 44.18 -31.39
N THR JA 27 -52.90 44.33 -32.61
CA THR JA 27 -52.44 43.58 -33.76
C THR JA 27 -51.80 44.53 -34.79
N PHE JA 28 -50.64 44.12 -35.29
CA PHE JA 28 -49.93 44.80 -36.38
C PHE JA 28 -50.00 43.91 -37.59
N GLY JA 29 -50.43 44.46 -38.71
CA GLY JA 29 -50.59 43.67 -39.90
C GLY JA 29 -51.98 43.07 -40.01
N VAL JA 30 -52.06 41.97 -40.74
CA VAL JA 30 -53.32 41.32 -41.04
C VAL JA 30 -53.83 40.56 -39.83
N ASN JA 31 -55.11 40.73 -39.52
CA ASN JA 31 -55.77 39.92 -38.52
C ASN JA 31 -56.65 38.90 -39.22
N PRO JA 32 -56.33 37.61 -39.21
CA PRO JA 32 -57.11 36.63 -39.98
C PRO JA 32 -58.25 35.96 -39.22
N ASP JA 33 -58.66 36.47 -38.06
CA ASP JA 33 -59.76 35.85 -37.32
C ASP JA 33 -61.01 35.74 -38.18
N ARG JA 34 -61.53 34.53 -38.30
CA ARG JA 34 -62.75 34.26 -39.06
C ARG JA 34 -63.94 34.06 -38.13
N GLN JA 35 -65.12 34.41 -38.63
CA GLN JA 35 -66.36 34.29 -37.89
C GLN JA 35 -66.89 32.87 -38.03
N ALA JA 36 -67.26 32.26 -36.89
CA ALA JA 36 -67.77 30.90 -36.90
C ALA JA 36 -69.00 30.76 -37.79
N ASN JA 37 -69.06 29.65 -38.52
CA ASN JA 37 -70.13 29.36 -39.48
C ASN JA 37 -71.35 28.85 -38.72
N ALA JA 38 -72.02 29.78 -38.03
CA ALA JA 38 -73.14 29.45 -37.12
C ALA JA 38 -74.29 30.40 -37.39
N ARG JA 39 -74.66 30.55 -38.66
CA ARG JA 39 -75.69 31.48 -39.11
C ARG JA 39 -76.80 30.74 -39.83
N PRO JA 40 -78.02 30.72 -39.30
CA PRO JA 40 -79.13 30.12 -40.04
C PRO JA 40 -79.42 30.86 -41.33
N VAL JA 41 -79.83 30.12 -42.36
CA VAL JA 41 -80.08 30.72 -43.66
C VAL JA 41 -81.48 30.34 -44.13
N TYR JA 42 -82.04 31.22 -44.96
CA TYR JA 42 -83.39 31.03 -45.47
C TYR JA 42 -83.45 29.81 -46.37
N LEU JA 43 -84.55 29.07 -46.23
CA LEU JA 43 -84.79 27.84 -46.96
C LEU JA 43 -86.12 27.97 -47.69
N ALA JA 44 -86.06 27.98 -49.03
CA ALA JA 44 -87.25 28.23 -49.83
C ALA JA 44 -88.33 27.19 -49.53
N PRO JA 45 -89.61 27.60 -49.48
CA PRO JA 45 -90.69 26.64 -49.18
C PRO JA 45 -91.01 25.71 -50.34
N ALA JA 46 -90.41 25.92 -51.50
CA ALA JA 46 -90.58 25.07 -52.67
C ALA JA 46 -89.50 25.43 -53.67
N ALA JA 47 -89.26 24.53 -54.61
CA ALA JA 47 -88.17 24.72 -55.56
C ALA JA 47 -88.76 24.98 -56.95
N PRO JA 48 -88.60 26.18 -57.53
CA PRO JA 48 -89.13 26.39 -58.89
C PRO JA 48 -88.20 25.83 -59.94
N MET JA 49 -88.74 24.97 -60.81
CA MET JA 49 -87.99 24.44 -61.95
C MET JA 49 -88.60 24.89 -63.27
N GLU JA 50 -89.02 26.15 -63.35
CA GLU JA 50 -89.82 26.57 -64.50
C GLU JA 50 -89.04 26.50 -65.81
N ASN JA 51 -87.77 26.92 -65.81
CA ASN JA 51 -87.00 27.00 -67.05
C ASN JA 51 -86.88 25.64 -67.72
N THR JA 52 -86.44 24.63 -66.95
CA THR JA 52 -86.16 23.32 -67.53
C THR JA 52 -87.44 22.64 -68.02
N TYR JA 53 -88.55 22.78 -67.28
CA TYR JA 53 -89.78 22.10 -67.66
C TYR JA 53 -90.49 22.80 -68.81
N THR JA 54 -90.41 24.12 -68.89
CA THR JA 54 -90.88 24.78 -70.10
C THR JA 54 -90.07 24.34 -71.32
N TYR JA 55 -88.75 24.21 -71.18
CA TYR JA 55 -87.99 23.74 -72.35
C TYR JA 55 -88.35 22.29 -72.69
N LEU JA 56 -88.58 21.45 -71.68
CA LEU JA 56 -88.98 20.08 -71.93
C LEU JA 56 -90.32 20.01 -72.66
N GLY JA 57 -91.26 20.88 -72.29
CA GLY JA 57 -92.48 21.01 -73.07
C GLY JA 57 -92.19 21.47 -74.49
N SER JA 58 -91.20 22.35 -74.65
CA SER JA 58 -90.82 22.82 -75.98
C SER JA 58 -90.41 21.66 -76.89
N ILE JA 59 -89.58 20.74 -76.39
CA ILE JA 59 -89.13 19.68 -77.28
C ILE JA 59 -90.03 18.45 -77.17
N GLN JA 60 -91.20 18.61 -76.52
CA GLN JA 60 -92.17 17.53 -76.38
C GLN JA 60 -91.59 16.35 -75.62
N PHE JA 61 -90.74 16.64 -74.64
CA PHE JA 61 -90.23 15.65 -73.69
C PHE JA 61 -89.48 14.51 -74.39
N ALA JA 62 -88.73 14.84 -75.44
CA ALA JA 62 -88.04 13.79 -76.19
C ALA JA 62 -86.91 14.41 -76.98
N ALA JA 63 -85.69 13.90 -76.78
CA ALA JA 63 -84.53 14.27 -77.59
C ALA JA 63 -83.78 13.00 -77.94
N GLY JA 64 -83.67 12.73 -79.23
CA GLY JA 64 -82.97 11.53 -79.69
C GLY JA 64 -83.65 10.28 -79.18
N ARG JA 65 -82.87 9.43 -78.53
CA ARG JA 65 -83.39 8.23 -77.92
C ARG JA 65 -83.78 8.43 -76.45
N HIS JA 66 -83.62 9.64 -75.93
CA HIS JA 66 -84.01 9.96 -74.56
C HIS JA 66 -85.45 10.43 -74.57
N ILE JA 67 -86.31 9.77 -73.81
CA ILE JA 67 -87.67 10.26 -73.60
C ILE JA 67 -87.83 10.60 -72.12
N PHE JA 68 -88.46 11.73 -71.83
CA PHE JA 68 -88.61 12.21 -70.47
C PHE JA 68 -90.06 12.11 -70.02
N GLY JA 69 -90.26 12.17 -68.71
CA GLY JA 69 -91.60 12.12 -68.17
C GLY JA 69 -92.15 13.50 -67.86
N GLU JA 70 -93.49 13.57 -67.79
CA GLU JA 70 -94.18 14.82 -67.52
C GLU JA 70 -94.30 15.03 -66.01
N PRO JA 71 -93.83 16.14 -65.46
CA PRO JA 71 -93.89 16.34 -64.01
C PRO JA 71 -95.31 16.63 -63.57
N ALA JA 72 -95.57 16.38 -62.28
CA ALA JA 72 -96.85 16.79 -61.72
C ALA JA 72 -96.91 18.31 -61.54
N SER JA 73 -95.81 18.93 -61.14
CA SER JA 73 -95.78 20.38 -60.98
C SER JA 73 -94.47 20.95 -61.50
N ASN JA 74 -94.53 22.20 -61.93
CA ASN JA 74 -93.34 22.94 -62.29
C ASN JA 74 -92.60 23.42 -61.05
N VAL JA 75 -93.28 23.51 -59.93
CA VAL JA 75 -92.69 23.90 -58.65
C VAL JA 75 -92.78 22.70 -57.73
N LEU JA 76 -91.64 22.31 -57.15
CA LEU JA 76 -91.52 21.06 -56.41
C LEU JA 76 -91.71 21.31 -54.92
N PRO JA 77 -92.61 20.56 -54.28
CA PRO JA 77 -92.84 20.74 -52.84
C PRO JA 77 -91.80 20.03 -52.00
N PRO JA 78 -91.62 20.44 -50.74
CA PRO JA 78 -90.61 19.77 -49.90
C PRO JA 78 -91.06 18.37 -49.53
N GLN JA 79 -90.10 17.45 -49.53
CA GLN JA 79 -90.34 16.08 -49.11
C GLN JA 79 -89.97 15.81 -47.66
N ASN JA 80 -88.82 16.30 -47.21
CA ASN JA 80 -88.34 16.01 -45.87
C ASN JA 80 -87.99 17.27 -45.08
N ILE JA 81 -88.60 18.40 -45.41
CA ILE JA 81 -88.36 19.67 -44.74
C ILE JA 81 -89.64 20.09 -44.04
N VAL JA 82 -89.51 20.46 -42.77
CA VAL JA 82 -90.63 20.90 -41.96
C VAL JA 82 -90.37 22.35 -41.56
N PRO JA 83 -91.36 23.24 -41.68
CA PRO JA 83 -91.12 24.64 -41.35
C PRO JA 83 -90.76 24.79 -39.89
N GLY JA 84 -89.77 25.62 -39.64
CA GLY JA 84 -89.34 25.92 -38.29
C GLY JA 84 -88.35 24.94 -37.73
N VAL JA 85 -88.06 23.86 -38.44
CA VAL JA 85 -87.13 22.84 -37.95
C VAL JA 85 -85.85 22.97 -38.76
N PRO JA 86 -84.71 23.27 -38.14
CA PRO JA 86 -83.47 23.39 -38.91
C PRO JA 86 -83.05 22.04 -39.47
N THR JA 87 -82.65 22.04 -40.74
CA THR JA 87 -82.15 20.83 -41.38
C THR JA 87 -80.90 21.21 -42.17
N LYS JA 88 -79.99 20.25 -42.30
CA LYS JA 88 -78.78 20.44 -43.08
C LYS JA 88 -78.86 19.75 -44.44
N HIS JA 89 -79.93 19.01 -44.67
CA HIS JA 89 -80.13 18.33 -45.93
C HIS JA 89 -81.63 18.27 -46.19
N GLY JA 90 -82.04 18.73 -47.36
CA GLY JA 90 -83.45 18.79 -47.70
C GLY JA 90 -83.67 18.45 -49.16
N GLU JA 91 -84.87 17.97 -49.44
CA GLU JA 91 -85.17 17.49 -50.78
C GLU JA 91 -86.57 17.94 -51.20
N TYR JA 92 -86.67 18.47 -52.40
CA TYR JA 92 -87.95 18.70 -53.07
C TYR JA 92 -88.10 17.68 -54.19
N VAL JA 93 -89.33 17.24 -54.44
CA VAL JA 93 -89.51 16.12 -55.35
C VAL JA 93 -90.88 16.19 -56.00
N THR JA 94 -90.93 15.79 -57.27
CA THR JA 94 -92.23 15.54 -57.90
C THR JA 94 -92.16 14.24 -58.69
N THR JA 95 -93.28 13.83 -59.29
CA THR JA 95 -93.36 12.56 -60.00
C THR JA 95 -93.56 12.82 -61.49
N ASN JA 96 -92.66 12.29 -62.31
CA ASN JA 96 -92.82 12.25 -63.74
C ASN JA 96 -93.61 11.00 -64.09
N THR JA 97 -94.72 11.17 -64.82
CA THR JA 97 -95.52 10.10 -65.40
C THR JA 97 -95.48 10.21 -66.92
N GLY JA 98 -95.84 9.12 -67.59
CA GLY JA 98 -95.72 9.08 -69.04
C GLY JA 98 -96.41 7.87 -69.59
N ASP JA 99 -96.66 7.91 -70.90
CA ASP JA 99 -97.31 6.81 -71.60
C ASP JA 99 -96.34 5.64 -71.73
N ARG JA 100 -96.78 4.46 -71.28
CA ARG JA 100 -95.95 3.25 -71.22
C ARG JA 100 -94.75 3.44 -70.30
N LEU JA 101 -94.88 4.30 -69.29
CA LEU JA 101 -93.78 4.60 -68.38
C LEU JA 101 -94.17 4.33 -66.94
N MET JA 102 -93.18 3.92 -66.15
CA MET JA 102 -93.36 3.75 -64.72
C MET JA 102 -92.98 5.04 -64.00
N ALA JA 103 -93.86 5.47 -63.08
CA ALA JA 103 -93.68 6.74 -62.39
C ALA JA 103 -92.28 6.85 -61.78
N SER JA 104 -91.59 7.94 -62.11
CA SER JA 104 -90.23 8.14 -61.60
C SER JA 104 -90.08 9.56 -61.06
N SER JA 105 -89.48 9.68 -59.89
CA SER JA 105 -89.42 10.95 -59.22
C SER JA 105 -88.25 11.79 -59.73
N THR JA 106 -88.49 13.11 -59.83
CA THR JA 106 -87.49 14.12 -60.13
C THR JA 106 -87.14 14.87 -58.85
N THR JA 107 -85.84 14.97 -58.54
CA THR JA 107 -85.39 15.38 -57.22
C THR JA 107 -84.48 16.60 -57.25
N VAL JA 108 -84.65 17.47 -56.26
CA VAL JA 108 -83.85 18.68 -56.08
C VAL JA 108 -83.34 18.67 -54.64
N THR JA 109 -82.05 18.51 -54.48
CA THR JA 109 -81.42 18.31 -53.18
C THR JA 109 -80.63 19.56 -52.78
N ARG JA 110 -80.77 19.98 -51.53
CA ARG JA 110 -80.05 21.14 -51.01
C ARG JA 110 -79.36 20.77 -49.71
N ASP JA 111 -78.05 21.00 -49.66
CA ASP JA 111 -77.23 20.70 -48.49
C ASP JA 111 -76.64 22.00 -47.97
N VAL JA 112 -76.81 22.27 -46.68
CA VAL JA 112 -76.23 23.44 -46.04
C VAL JA 112 -75.42 22.98 -44.83
N SER JA 113 -74.11 23.23 -44.86
CA SER JA 113 -73.24 22.79 -43.76
C SER JA 113 -71.93 23.57 -43.82
N ASN JA 114 -71.49 24.08 -42.66
CA ASN JA 114 -70.15 24.66 -42.51
C ASN JA 114 -69.88 25.77 -43.52
N GLY JA 115 -70.90 26.58 -43.80
CA GLY JA 115 -70.78 27.69 -44.73
C GLY JA 115 -70.82 27.32 -46.19
N ARG JA 116 -70.99 26.04 -46.50
CA ARG JA 116 -71.03 25.56 -47.87
C ARG JA 116 -72.44 25.12 -48.16
N THR JA 117 -73.02 25.68 -49.21
CA THR JA 117 -74.38 25.37 -49.60
C THR JA 117 -74.36 24.84 -51.03
N LYS JA 118 -75.05 23.72 -51.27
CA LYS JA 118 -74.98 23.01 -52.55
C LYS JA 118 -76.36 22.51 -52.96
N VAL JA 119 -76.76 22.88 -54.17
CA VAL JA 119 -78.03 22.47 -54.77
C VAL JA 119 -77.73 21.55 -55.96
N SER JA 120 -78.38 20.38 -55.98
CA SER JA 120 -78.22 19.40 -57.05
C SER JA 120 -79.59 19.06 -57.62
N ILE JA 121 -79.67 18.87 -58.94
CA ILE JA 121 -80.91 18.55 -59.62
C ILE JA 121 -80.71 17.29 -60.43
N ASP JA 122 -81.63 16.33 -60.27
CA ASP JA 122 -81.55 15.02 -60.94
C ASP JA 122 -82.90 14.75 -61.62
N ILE JA 123 -82.87 14.56 -62.93
CA ILE JA 123 -84.05 14.19 -63.71
C ILE JA 123 -83.75 12.92 -64.48
N PRO JA 124 -84.61 11.91 -64.41
CA PRO JA 124 -84.37 10.66 -65.14
C PRO JA 124 -84.97 10.66 -66.54
N TYR JA 125 -84.45 9.76 -67.37
CA TYR JA 125 -84.93 9.56 -68.73
C TYR JA 125 -85.13 8.07 -68.99
N TYR JA 126 -85.79 7.76 -70.11
CA TYR JA 126 -86.13 6.40 -70.49
C TYR JA 126 -85.72 6.14 -71.94
N ASP JA 127 -85.74 4.85 -72.29
CA ASP JA 127 -85.38 4.38 -73.62
C ASP JA 127 -86.54 4.56 -74.59
N ARG JA 128 -86.41 5.57 -75.46
CA ARG JA 128 -87.49 5.87 -76.39
C ARG JA 128 -87.75 4.71 -77.34
N ASN JA 129 -86.71 3.93 -77.68
CA ASN JA 129 -86.90 2.80 -78.59
C ASN JA 129 -87.79 1.74 -77.95
N ALA JA 130 -87.56 1.44 -76.68
CA ALA JA 130 -88.45 0.52 -75.98
C ALA JA 130 -89.85 1.08 -75.87
N VAL JA 131 -89.98 2.38 -75.55
CA VAL JA 131 -91.31 2.95 -75.35
C VAL JA 131 -92.13 2.91 -76.63
N GLU JA 132 -91.54 3.38 -77.74
CA GLU JA 132 -92.27 3.43 -79.00
C GLU JA 132 -92.43 2.05 -79.62
N THR JA 133 -91.53 1.10 -79.31
CA THR JA 133 -91.74 -0.26 -79.78
C THR JA 133 -92.92 -0.91 -79.08
N LEU JA 134 -93.07 -0.69 -77.78
CA LEU JA 134 -94.27 -1.12 -77.07
C LEU JA 134 -95.52 -0.48 -77.66
N LYS JA 135 -95.53 0.85 -77.77
CA LYS JA 135 -96.67 1.54 -78.35
C LYS JA 135 -97.05 0.92 -79.70
N ALA JA 136 -96.06 0.73 -80.57
CA ALA JA 136 -96.31 0.23 -81.92
C ALA JA 136 -96.68 -1.24 -81.95
N SER JA 137 -96.33 -2.02 -80.93
CA SER JA 137 -96.66 -3.44 -80.90
C SER JA 137 -97.97 -3.74 -80.18
N ALA JA 138 -98.51 -2.80 -79.41
CA ALA JA 138 -99.81 -2.97 -78.75
C ALA JA 138 -99.80 -4.16 -77.80
N ILE JA 139 -98.78 -4.17 -76.95
CA ILE JA 139 -98.45 -5.30 -76.09
C ILE JA 139 -98.29 -4.75 -74.68
N PRO JA 140 -98.58 -5.54 -73.65
CA PRO JA 140 -98.80 -4.96 -72.31
C PRO JA 140 -97.59 -4.30 -71.62
N GLY JA 141 -96.37 -4.44 -72.12
CA GLY JA 141 -95.21 -4.04 -71.32
C GLY JA 141 -95.20 -2.58 -70.90
N ALA JA 142 -94.51 -2.30 -69.78
CA ALA JA 142 -94.12 -0.93 -69.40
C ALA JA 142 -92.66 -0.90 -68.95
N VAL JA 143 -92.06 0.29 -68.98
CA VAL JA 143 -90.61 0.47 -68.89
C VAL JA 143 -90.26 1.40 -67.74
N ALA JA 144 -89.12 1.11 -67.12
CA ALA JA 144 -88.52 1.86 -66.02
C ALA JA 144 -87.40 2.75 -66.55
N PRO JA 145 -86.93 3.72 -65.75
CA PRO JA 145 -85.87 4.63 -66.22
C PRO JA 145 -84.57 3.90 -66.56
N VAL JA 146 -83.84 4.50 -67.50
CA VAL JA 146 -82.57 3.96 -67.96
C VAL JA 146 -81.38 4.72 -67.39
N GLY JA 147 -81.55 6.00 -67.04
CA GLY JA 147 -80.47 6.79 -66.49
C GLY JA 147 -81.01 8.15 -66.11
N SER JA 148 -80.08 9.06 -65.85
CA SER JA 148 -80.48 10.38 -65.40
C SER JA 148 -79.45 11.42 -65.86
N PHE JA 149 -79.86 12.68 -65.77
CA PHE JA 149 -78.97 13.81 -65.93
C PHE JA 149 -78.99 14.64 -64.66
N LYS JA 150 -77.80 15.12 -64.27
CA LYS JA 150 -77.59 15.81 -63.01
C LYS JA 150 -76.81 17.11 -63.22
N VAL JA 151 -77.18 18.11 -62.41
CA VAL JA 151 -76.52 19.41 -62.43
C VAL JA 151 -76.31 19.85 -60.98
N ASN JA 152 -75.07 20.19 -60.63
CA ASN JA 152 -74.70 20.62 -59.28
C ASN JA 152 -74.26 22.08 -59.28
N VAL JA 153 -74.55 22.76 -58.18
CA VAL JA 153 -74.19 24.17 -57.98
C VAL JA 153 -73.82 24.35 -56.52
N GLU JA 154 -72.68 25.01 -56.27
CA GLU JA 154 -72.03 24.97 -54.97
C GLU JA 154 -71.44 26.33 -54.62
N VAL JA 155 -71.67 26.79 -53.39
CA VAL JA 155 -71.26 28.11 -52.93
C VAL JA 155 -70.49 27.93 -51.63
N LEU JA 156 -69.21 28.36 -51.62
CA LEU JA 156 -68.32 28.17 -50.48
C LEU JA 156 -68.25 29.49 -49.73
N GLY JA 157 -69.22 29.71 -48.85
CA GLY JA 157 -69.38 30.97 -48.13
C GLY JA 157 -68.75 31.03 -46.77
N GLY JA 158 -67.93 30.05 -46.43
CA GLY JA 158 -67.29 30.05 -45.13
C GLY JA 158 -66.13 31.02 -45.06
N GLY JA 159 -65.77 31.38 -43.84
CA GLY JA 159 -64.60 32.20 -43.62
C GLY JA 159 -64.87 33.67 -43.50
N VAL JA 160 -66.07 34.07 -43.06
CA VAL JA 160 -66.37 35.48 -42.93
C VAL JA 160 -65.50 36.07 -41.83
N LEU JA 161 -64.94 37.24 -42.10
CA LEU JA 161 -64.02 37.88 -41.17
C LEU JA 161 -64.76 38.43 -39.95
N THR JA 162 -63.98 38.79 -38.93
CA THR JA 162 -64.58 39.16 -37.65
C THR JA 162 -65.36 40.46 -37.74
N GLY JA 163 -64.82 41.45 -38.46
CA GLY JA 163 -65.42 42.77 -38.50
C GLY JA 163 -66.80 42.77 -39.13
N THR JA 164 -67.10 41.81 -39.98
CA THR JA 164 -68.34 41.82 -40.73
C THR JA 164 -69.55 41.72 -39.82
N ASP JA 165 -70.47 42.66 -39.97
CA ASP JA 165 -71.73 42.62 -39.26
C ASP JA 165 -72.81 42.05 -40.19
N ALA JA 166 -74.05 42.05 -39.68
CA ALA JA 166 -75.14 41.37 -40.39
C ALA JA 166 -75.45 42.04 -41.73
N ASN JA 167 -75.52 43.38 -41.74
CA ASN JA 167 -75.79 44.11 -42.98
C ASN JA 167 -74.75 43.79 -44.05
N ALA JA 168 -73.48 43.85 -43.67
CA ALA JA 168 -72.38 43.49 -44.57
C ALA JA 168 -72.51 42.05 -45.05
N GLN JA 169 -72.97 41.15 -44.18
CA GLN JA 169 -73.15 39.77 -44.59
C GLN JA 169 -74.23 39.65 -45.66
N PHE JA 170 -75.28 40.47 -45.55
CA PHE JA 170 -76.26 40.52 -46.65
C PHE JA 170 -75.60 40.92 -47.95
N ALA JA 171 -74.74 41.94 -47.88
CA ALA JA 171 -74.02 42.35 -49.08
C ALA JA 171 -73.22 41.20 -49.66
N LEU JA 172 -72.57 40.42 -48.79
CA LEU JA 172 -71.78 39.29 -49.26
C LEU JA 172 -72.67 38.20 -49.86
N ASP JA 173 -73.86 38.03 -49.28
CA ASP JA 173 -74.86 37.12 -49.84
C ASP JA 173 -75.11 37.45 -51.31
N GLU JA 174 -75.42 38.72 -51.57
CA GLU JA 174 -75.72 39.11 -52.94
C GLU JA 174 -74.49 39.00 -53.85
N LEU JA 175 -73.29 39.28 -53.30
CA LEU JA 175 -72.06 39.11 -54.09
C LEU JA 175 -71.91 37.68 -54.57
N LEU JA 176 -72.08 36.72 -53.67
CA LEU JA 176 -71.97 35.32 -54.06
C LEU JA 176 -73.05 34.94 -55.08
N SER JA 177 -74.28 35.43 -54.88
CA SER JA 177 -75.33 35.07 -55.85
C SER JA 177 -74.98 35.61 -57.25
N ASN JA 178 -74.37 36.79 -57.32
CA ASN JA 178 -73.96 37.33 -58.62
C ASN JA 178 -72.84 36.48 -59.24
N MET JA 179 -71.90 36.01 -58.42
CA MET JA 179 -70.88 35.09 -58.95
C MET JA 179 -71.52 33.80 -59.45
N LEU JA 180 -72.59 33.35 -58.77
CA LEU JA 180 -73.35 32.19 -59.22
C LEU JA 180 -73.89 32.41 -60.63
N MET JA 181 -74.56 33.54 -60.84
CA MET JA 181 -75.10 33.86 -62.16
C MET JA 181 -74.00 33.89 -63.22
N ASP JA 182 -72.87 34.54 -62.89
CA ASP JA 182 -71.75 34.59 -63.83
C ASP JA 182 -71.27 33.19 -64.17
N ALA JA 183 -71.18 32.31 -63.17
CA ALA JA 183 -70.67 30.96 -63.41
C ALA JA 183 -71.61 30.17 -64.31
N ALA JA 184 -72.92 30.27 -64.07
CA ALA JA 184 -73.87 29.55 -64.93
C ALA JA 184 -73.82 30.07 -66.36
N ARG JA 185 -73.72 31.40 -66.54
CA ARG JA 185 -73.62 31.95 -67.89
C ARG JA 185 -72.34 31.47 -68.57
N ILE JA 186 -71.23 31.42 -67.83
CA ILE JA 186 -69.96 30.99 -68.43
C ILE JA 186 -70.00 29.51 -68.77
N ALA JA 187 -70.78 28.73 -68.01
CA ALA JA 187 -70.92 27.31 -68.31
C ALA JA 187 -71.73 27.07 -69.57
N GLN JA 188 -72.88 27.73 -69.68
CA GLN JA 188 -73.75 27.54 -70.84
C GLN JA 188 -73.35 28.40 -72.04
N ASP JA 189 -72.33 29.24 -71.90
CA ASP JA 189 -71.99 30.20 -72.95
C ASP JA 189 -71.63 29.47 -74.24
N GLY JA 190 -72.10 30.02 -75.37
CA GLY JA 190 -71.74 29.52 -76.67
C GLY JA 190 -72.91 29.46 -77.63
N PRO JA 191 -72.59 29.37 -78.93
CA PRO JA 191 -73.66 29.21 -79.93
C PRO JA 191 -74.43 27.92 -79.72
N LYS JA 192 -75.73 27.98 -79.98
CA LYS JA 192 -76.53 26.76 -80.01
C LYS JA 192 -76.35 25.98 -81.31
N ASN JA 193 -75.61 26.54 -82.28
CA ASN JA 193 -75.23 25.79 -83.47
C ASN JA 193 -74.34 24.61 -83.14
N THR JA 194 -73.69 24.62 -81.97
CA THR JA 194 -72.50 23.82 -81.76
C THR JA 194 -72.51 23.12 -80.40
N ALA JA 195 -71.80 22.00 -80.34
CA ALA JA 195 -71.74 21.16 -79.14
C ALA JA 195 -71.15 21.94 -77.97
N ARG JA 196 -71.82 21.88 -76.80
CA ARG JA 196 -71.18 22.56 -75.68
C ARG JA 196 -71.24 21.86 -74.31
N LEU JA 197 -72.16 20.91 -74.07
CA LEU JA 197 -72.21 20.24 -72.76
C LEU JA 197 -72.14 18.71 -72.76
N VAL JA 198 -73.07 18.02 -73.47
CA VAL JA 198 -73.26 16.59 -73.26
C VAL JA 198 -72.17 15.80 -73.96
N ALA JA 199 -71.86 14.63 -73.39
CA ALA JA 199 -70.87 13.71 -73.96
C ALA JA 199 -69.54 14.40 -74.22
N ALA JA 200 -69.21 15.39 -73.38
CA ALA JA 200 -68.03 16.21 -73.59
C ALA JA 200 -66.75 15.38 -73.45
N SER JA 201 -65.82 15.60 -74.39
CA SER JA 201 -64.50 14.98 -74.37
C SER JA 201 -63.41 15.94 -73.93
N HIS JA 202 -63.41 17.13 -74.54
CA HIS JA 202 -62.45 18.19 -74.24
C HIS JA 202 -63.04 19.49 -74.78
N GLY JA 203 -62.40 20.59 -74.44
CA GLY JA 203 -62.85 21.92 -74.86
C GLY JA 203 -61.90 22.44 -75.93
N VAL JA 204 -62.46 23.08 -76.94
CA VAL JA 204 -61.66 23.72 -77.98
C VAL JA 204 -62.20 25.11 -78.24
N MET JA 205 -61.28 26.09 -78.35
CA MET JA 205 -61.55 27.49 -78.65
C MET JA 205 -61.42 27.73 -80.15
N PRO JA 206 -62.29 28.55 -80.74
CA PRO JA 206 -62.20 28.85 -82.17
C PRO JA 206 -61.08 29.85 -82.46
N GLN JA 207 -60.83 30.03 -83.76
CA GLN JA 207 -59.84 30.98 -84.26
C GLN JA 207 -60.56 32.19 -84.84
N ALA JA 208 -60.14 33.38 -84.42
CA ALA JA 208 -60.67 34.65 -84.92
C ALA JA 208 -62.18 34.74 -84.74
N GLY KA 11 -48.99 -58.22 -111.54
CA GLY KA 11 -50.09 -57.34 -111.94
C GLY KA 11 -51.42 -58.05 -112.10
N GLN KA 12 -52.26 -57.52 -112.98
CA GLN KA 12 -53.59 -58.07 -113.21
C GLN KA 12 -53.50 -59.50 -113.77
N LEU KA 13 -54.64 -60.18 -113.72
CA LEU KA 13 -54.73 -61.58 -114.14
C LEU KA 13 -55.62 -61.71 -115.36
N TYR KA 14 -55.21 -62.55 -116.32
CA TYR KA 14 -56.00 -62.80 -117.52
C TYR KA 14 -55.89 -64.28 -117.87
N MET KA 15 -56.52 -64.69 -118.98
CA MET KA 15 -56.54 -66.10 -119.37
C MET KA 15 -55.65 -66.32 -120.58
N GLY KA 16 -54.53 -67.02 -120.37
CA GLY KA 16 -53.69 -67.51 -121.44
C GLY KA 16 -53.93 -68.99 -121.63
N GLN KA 17 -53.44 -69.50 -122.77
CA GLN KA 17 -53.74 -70.89 -123.11
C GLN KA 17 -53.07 -71.87 -122.15
N GLN KA 18 -52.07 -71.42 -121.39
CA GLN KA 18 -51.51 -72.27 -120.36
C GLN KA 18 -52.43 -72.37 -119.16
N GLY KA 19 -53.28 -71.36 -118.98
CA GLY KA 19 -54.12 -71.23 -117.80
C GLY KA 19 -54.21 -69.77 -117.43
N PRO KA 20 -54.76 -69.47 -116.25
CA PRO KA 20 -54.75 -68.07 -115.78
C PRO KA 20 -53.32 -67.60 -115.56
N VAL KA 21 -52.99 -66.45 -116.15
CA VAL KA 21 -51.62 -65.96 -116.23
C VAL KA 21 -51.57 -64.50 -115.82
N GLN KA 22 -50.50 -64.12 -115.14
CA GLN KA 22 -50.32 -62.77 -114.63
C GLN KA 22 -49.74 -61.88 -115.72
N SER KA 23 -50.40 -60.75 -115.96
CA SER KA 23 -49.88 -59.78 -116.91
C SER KA 23 -48.57 -59.17 -116.40
N SER KA 24 -47.65 -58.88 -117.33
CA SER KA 24 -46.33 -58.42 -116.94
C SER KA 24 -45.85 -57.32 -117.87
N ARG KA 25 -45.11 -56.37 -117.31
CA ARG KA 25 -44.60 -55.20 -118.02
C ARG KA 25 -43.09 -55.19 -117.90
N THR KA 26 -42.38 -55.34 -119.02
CA THR KA 26 -40.93 -55.48 -118.99
C THR KA 26 -40.28 -54.51 -119.96
N THR KA 27 -39.00 -54.23 -119.69
CA THR KA 27 -38.17 -53.41 -120.56
C THR KA 27 -37.40 -54.24 -121.57
N PHE KA 28 -37.72 -55.52 -121.67
CA PHE KA 28 -37.02 -56.43 -122.56
C PHE KA 28 -37.33 -56.10 -124.02
N GLY KA 29 -36.29 -55.98 -124.83
CA GLY KA 29 -36.47 -55.80 -126.26
C GLY KA 29 -36.73 -54.39 -126.74
N VAL KA 30 -36.40 -53.37 -125.93
CA VAL KA 30 -36.56 -51.97 -126.32
C VAL KA 30 -35.19 -51.34 -126.36
N ASN KA 31 -34.76 -50.91 -127.55
CA ASN KA 31 -33.46 -50.27 -127.75
C ASN KA 31 -33.64 -48.77 -127.70
N PRO KA 32 -33.29 -48.10 -126.62
CA PRO KA 32 -33.38 -46.63 -126.56
C PRO KA 32 -32.11 -45.88 -126.92
N ASP KA 33 -31.07 -46.59 -127.40
CA ASP KA 33 -29.84 -45.93 -127.82
C ASP KA 33 -30.14 -44.77 -128.77
N ARG KA 34 -29.38 -43.68 -128.64
CA ARG KA 34 -29.56 -42.51 -129.47
C ARG KA 34 -28.33 -42.23 -130.30
N GLN KA 35 -28.55 -41.54 -131.41
CA GLN KA 35 -27.50 -41.14 -132.33
C GLN KA 35 -27.05 -39.72 -131.96
N ALA KA 36 -25.73 -39.52 -131.94
CA ALA KA 36 -25.18 -38.24 -131.52
C ALA KA 36 -25.59 -37.14 -132.48
N ASN KA 37 -25.79 -35.94 -131.92
CA ASN KA 37 -26.15 -34.77 -132.72
C ASN KA 37 -24.88 -34.21 -133.37
N ALA KA 38 -24.48 -34.85 -134.46
CA ALA KA 38 -23.24 -34.56 -135.19
C ALA KA 38 -23.53 -34.30 -136.66
N ARG KA 39 -24.66 -33.66 -136.94
CA ARG KA 39 -25.15 -33.51 -138.30
C ARG KA 39 -25.10 -32.05 -138.72
N PRO KA 40 -24.23 -31.66 -139.65
CA PRO KA 40 -24.26 -30.29 -140.15
C PRO KA 40 -25.61 -29.99 -140.81
N VAL KA 41 -26.11 -28.77 -140.59
CA VAL KA 41 -27.40 -28.36 -141.13
C VAL KA 41 -27.21 -27.15 -142.03
N TYR KA 42 -28.18 -26.98 -142.92
CA TYR KA 42 -28.15 -25.87 -143.85
C TYR KA 42 -28.39 -24.55 -143.13
N LEU KA 43 -27.59 -23.56 -143.47
CA LEU KA 43 -27.69 -22.22 -142.91
C LEU KA 43 -28.02 -21.25 -144.03
N ALA KA 44 -29.21 -20.66 -143.98
CA ALA KA 44 -29.69 -19.83 -145.08
C ALA KA 44 -28.72 -18.67 -145.33
N PRO KA 45 -28.53 -18.26 -146.60
CA PRO KA 45 -27.64 -17.13 -146.89
C PRO KA 45 -28.26 -15.77 -146.63
N ALA KA 46 -29.53 -15.73 -146.28
CA ALA KA 46 -30.22 -14.50 -145.91
C ALA KA 46 -31.54 -14.88 -145.26
N ALA KA 47 -32.11 -13.93 -144.52
CA ALA KA 47 -33.31 -14.19 -143.74
C ALA KA 47 -34.50 -13.45 -144.34
N PRO KA 48 -35.53 -14.12 -144.89
CA PRO KA 48 -36.64 -13.35 -145.46
C PRO KA 48 -37.68 -12.97 -144.43
N MET KA 49 -37.88 -11.67 -144.20
CA MET KA 49 -38.94 -11.16 -143.33
C MET KA 49 -40.09 -10.56 -144.13
N GLU KA 50 -40.49 -11.21 -145.23
CA GLU KA 50 -41.45 -10.57 -146.14
C GLU KA 50 -42.81 -10.35 -145.48
N ASN KA 51 -43.32 -11.34 -144.74
CA ASN KA 51 -44.66 -11.22 -144.17
C ASN KA 51 -44.78 -10.00 -143.25
N THR KA 52 -43.87 -9.89 -142.29
CA THR KA 52 -43.95 -8.81 -141.31
C THR KA 52 -43.82 -7.44 -141.96
N TYR KA 53 -42.95 -7.31 -142.95
CA TYR KA 53 -42.69 -5.99 -143.53
C TYR KA 53 -43.79 -5.58 -144.52
N THR KA 54 -44.39 -6.54 -145.23
CA THR KA 54 -45.58 -6.19 -146.01
C THR KA 54 -46.72 -5.75 -145.10
N TYR KA 55 -46.88 -6.40 -143.93
CA TYR KA 55 -47.91 -5.89 -143.03
C TYR KA 55 -47.55 -4.51 -142.50
N LEU KA 56 -46.25 -4.26 -142.23
CA LEU KA 56 -45.84 -2.95 -141.75
C LEU KA 56 -46.05 -1.86 -142.80
N GLY KA 57 -45.90 -2.20 -144.08
CA GLY KA 57 -46.30 -1.28 -145.12
C GLY KA 57 -47.81 -1.08 -145.15
N SER KA 58 -48.56 -2.14 -144.85
CA SER KA 58 -50.02 -2.03 -144.81
C SER KA 58 -50.48 -1.00 -143.79
N ILE KA 59 -49.98 -1.08 -142.56
CA ILE KA 59 -50.47 -0.17 -141.52
C ILE KA 59 -49.69 1.15 -141.54
N GLN KA 60 -48.87 1.34 -142.56
CA GLN KA 60 -48.07 2.56 -142.73
C GLN KA 60 -47.06 2.74 -141.59
N PHE KA 61 -46.51 1.63 -141.09
CA PHE KA 61 -45.45 1.61 -140.08
C PHE KA 61 -45.85 2.35 -138.80
N ALA KA 62 -47.11 2.21 -138.42
CA ALA KA 62 -47.60 2.93 -137.25
C ALA KA 62 -48.80 2.21 -136.69
N ALA KA 63 -48.74 1.81 -135.42
CA ALA KA 63 -49.90 1.32 -134.70
C ALA KA 63 -49.97 2.07 -133.38
N GLY KA 64 -51.01 2.88 -133.22
CA GLY KA 64 -51.15 3.68 -132.01
C GLY KA 64 -49.97 4.61 -131.80
N ARG KA 65 -49.32 4.44 -130.65
CA ARG KA 65 -48.16 5.23 -130.28
C ARG KA 65 -46.85 4.59 -130.73
N HIS KA 66 -46.90 3.36 -131.24
CA HIS KA 66 -45.73 2.65 -131.72
C HIS KA 66 -45.50 3.02 -133.18
N ILE KA 67 -44.39 3.70 -133.46
CA ILE KA 67 -44.03 4.03 -134.82
C ILE KA 67 -42.80 3.20 -135.17
N PHE KA 68 -42.79 2.63 -136.37
CA PHE KA 68 -41.73 1.69 -136.73
C PHE KA 68 -40.84 2.27 -137.82
N GLY KA 69 -39.62 1.75 -137.89
CA GLY KA 69 -38.71 2.16 -138.93
C GLY KA 69 -38.94 1.40 -140.22
N GLU KA 70 -38.58 2.06 -141.34
CA GLU KA 70 -38.61 1.42 -142.65
C GLU KA 70 -37.32 0.68 -142.90
N PRO KA 71 -37.38 -0.61 -143.24
CA PRO KA 71 -36.17 -1.42 -143.36
C PRO KA 71 -35.30 -0.98 -144.55
N ALA KA 72 -34.09 -1.52 -144.55
CA ALA KA 72 -33.26 -1.43 -145.74
C ALA KA 72 -33.74 -2.41 -146.81
N SER KA 73 -33.97 -3.66 -146.41
CA SER KA 73 -34.43 -4.69 -147.32
C SER KA 73 -35.45 -5.56 -146.61
N ASN KA 74 -36.39 -6.11 -147.38
CA ASN KA 74 -37.28 -7.12 -146.85
C ASN KA 74 -36.55 -8.41 -146.54
N VAL KA 75 -35.39 -8.63 -147.16
CA VAL KA 75 -34.57 -9.81 -146.94
C VAL KA 75 -33.25 -9.36 -146.34
N LEU KA 76 -32.89 -9.95 -145.18
CA LEU KA 76 -31.79 -9.50 -144.34
C LEU KA 76 -30.50 -10.24 -144.70
N PRO KA 77 -29.40 -9.51 -144.83
CA PRO KA 77 -28.12 -10.13 -145.17
C PRO KA 77 -27.44 -10.66 -143.93
N PRO KA 78 -26.53 -11.61 -144.08
CA PRO KA 78 -25.78 -12.11 -142.93
C PRO KA 78 -24.91 -11.03 -142.30
N GLN KA 79 -24.74 -11.13 -140.98
CA GLN KA 79 -23.91 -10.19 -140.22
C GLN KA 79 -22.59 -10.78 -139.77
N ASN KA 80 -22.57 -12.05 -139.34
CA ASN KA 80 -21.33 -12.68 -138.90
C ASN KA 80 -21.20 -14.10 -139.45
N ILE KA 81 -21.81 -14.36 -140.60
CA ILE KA 81 -21.79 -15.68 -141.22
C ILE KA 81 -20.99 -15.59 -142.51
N VAL KA 82 -20.11 -16.55 -142.71
CA VAL KA 82 -19.28 -16.56 -143.92
C VAL KA 82 -19.41 -17.94 -144.56
N PRO KA 83 -19.57 -18.01 -145.88
CA PRO KA 83 -19.74 -19.30 -146.53
C PRO KA 83 -18.56 -20.20 -146.26
N GLY KA 84 -18.86 -21.45 -145.95
CA GLY KA 84 -17.82 -22.43 -145.72
C GLY KA 84 -17.20 -22.40 -144.34
N VAL KA 85 -17.66 -21.52 -143.45
CA VAL KA 85 -17.16 -21.46 -142.09
C VAL KA 85 -18.28 -21.94 -141.18
N PRO KA 86 -18.09 -23.01 -140.40
CA PRO KA 86 -19.18 -23.51 -139.56
C PRO KA 86 -19.31 -22.71 -138.27
N THR KA 87 -20.55 -22.33 -137.95
CA THR KA 87 -20.85 -21.55 -136.75
C THR KA 87 -22.03 -22.20 -136.05
N LYS KA 88 -22.10 -21.99 -134.74
CA LYS KA 88 -23.25 -22.39 -133.94
C LYS KA 88 -24.15 -21.20 -133.65
N HIS KA 89 -23.75 -20.00 -134.08
CA HIS KA 89 -24.53 -18.78 -133.87
C HIS KA 89 -24.36 -17.89 -135.09
N GLY KA 90 -25.48 -17.48 -135.67
CA GLY KA 90 -25.48 -16.62 -136.85
C GLY KA 90 -26.51 -15.51 -136.78
N GLU KA 91 -26.16 -14.33 -137.27
CA GLU KA 91 -27.02 -13.17 -137.17
C GLU KA 91 -27.23 -12.55 -138.55
N TYR KA 92 -28.47 -12.12 -138.81
CA TYR KA 92 -28.80 -11.30 -139.96
C TYR KA 92 -29.36 -9.98 -139.45
N VAL KA 93 -29.12 -8.90 -140.20
CA VAL KA 93 -29.47 -7.57 -139.72
C VAL KA 93 -29.73 -6.64 -140.90
N THR KA 94 -30.71 -5.74 -140.75
CA THR KA 94 -30.72 -4.53 -141.57
C THR KA 94 -30.89 -3.32 -140.66
N THR KA 95 -30.93 -2.12 -141.24
CA THR KA 95 -31.06 -0.90 -140.45
C THR KA 95 -32.33 -0.17 -140.86
N ASN KA 96 -33.29 -0.11 -139.93
CA ASN KA 96 -34.51 0.70 -140.11
C ASN KA 96 -34.14 2.18 -140.08
N THR KA 97 -34.77 2.96 -140.95
CA THR KA 97 -34.65 4.42 -140.99
C THR KA 97 -36.03 5.04 -141.05
N GLY KA 98 -36.09 6.35 -140.87
CA GLY KA 98 -37.38 7.03 -140.86
C GLY KA 98 -37.20 8.53 -140.69
N ASP KA 99 -38.30 9.24 -140.90
CA ASP KA 99 -38.30 10.70 -140.80
C ASP KA 99 -38.14 11.11 -139.35
N ARG KA 100 -37.05 11.86 -139.07
CA ARG KA 100 -36.74 12.32 -137.72
C ARG KA 100 -36.58 11.14 -136.76
N LEU KA 101 -36.08 10.02 -137.26
CA LEU KA 101 -35.80 8.84 -136.45
C LEU KA 101 -34.33 8.48 -136.59
N MET KA 102 -33.64 8.32 -135.46
CA MET KA 102 -32.28 7.83 -135.51
C MET KA 102 -32.29 6.37 -135.94
N ALA KA 103 -31.54 6.06 -137.00
CA ALA KA 103 -31.60 4.72 -137.60
C ALA KA 103 -31.20 3.66 -136.60
N SER KA 104 -31.89 2.52 -136.66
CA SER KA 104 -31.78 1.48 -135.64
C SER KA 104 -31.92 0.11 -136.30
N SER KA 105 -31.11 -0.84 -135.85
CA SER KA 105 -31.01 -2.13 -136.51
C SER KA 105 -32.15 -3.06 -136.09
N THR KA 106 -32.60 -3.89 -137.02
CA THR KA 106 -33.50 -4.99 -136.75
C THR KA 106 -32.74 -6.30 -137.00
N THR KA 107 -32.89 -7.25 -136.06
CA THR KA 107 -31.98 -8.40 -135.96
C THR KA 107 -32.73 -9.73 -135.96
N VAL KA 108 -32.12 -10.72 -136.60
CA VAL KA 108 -32.65 -12.08 -136.68
C VAL KA 108 -31.50 -13.02 -136.31
N THR KA 109 -31.65 -13.70 -135.18
CA THR KA 109 -30.60 -14.52 -134.60
C THR KA 109 -30.97 -16.01 -134.70
N ARG KA 110 -29.98 -16.83 -135.07
CA ARG KA 110 -30.17 -18.27 -135.18
C ARG KA 110 -29.07 -18.98 -134.41
N ASP KA 111 -29.47 -19.81 -133.45
CA ASP KA 111 -28.56 -20.58 -132.61
C ASP KA 111 -28.81 -22.06 -132.88
N VAL KA 112 -27.76 -22.79 -133.26
CA VAL KA 112 -27.87 -24.20 -133.58
C VAL KA 112 -26.88 -24.95 -132.70
N SER KA 113 -27.36 -25.59 -131.62
CA SER KA 113 -26.50 -26.32 -130.70
C SER KA 113 -27.17 -27.58 -130.21
N ASN KA 114 -26.45 -28.70 -130.31
CA ASN KA 114 -26.85 -29.98 -129.69
C ASN KA 114 -28.26 -30.41 -130.08
N GLY KA 115 -28.56 -30.29 -131.36
CA GLY KA 115 -29.88 -30.67 -131.86
C GLY KA 115 -30.98 -29.67 -131.65
N ARG KA 116 -30.69 -28.54 -131.03
CA ARG KA 116 -31.68 -27.53 -130.74
C ARG KA 116 -31.43 -26.35 -131.65
N THR KA 117 -32.41 -26.05 -132.51
CA THR KA 117 -32.36 -24.90 -133.39
C THR KA 117 -33.30 -23.83 -132.83
N LYS KA 118 -32.82 -22.59 -132.72
CA LYS KA 118 -33.64 -21.50 -132.20
C LYS KA 118 -33.45 -20.22 -133.01
N VAL KA 119 -34.55 -19.68 -133.52
CA VAL KA 119 -34.57 -18.45 -134.30
C VAL KA 119 -35.35 -17.39 -133.53
N SER KA 120 -34.76 -16.22 -133.37
CA SER KA 120 -35.37 -15.10 -132.66
C SER KA 120 -35.34 -13.86 -133.55
N ILE KA 121 -36.42 -13.07 -133.49
CA ILE KA 121 -36.56 -11.85 -134.28
C ILE KA 121 -36.85 -10.70 -133.32
N ASP KA 122 -36.05 -9.62 -133.45
CA ASP KA 122 -36.18 -8.44 -132.60
C ASP KA 122 -36.25 -7.20 -133.49
N ILE KA 123 -37.38 -6.51 -133.43
CA ILE KA 123 -37.60 -5.27 -134.17
C ILE KA 123 -37.86 -4.14 -133.19
N PRO KA 124 -37.19 -3.00 -133.32
CA PRO KA 124 -37.43 -1.88 -132.42
C PRO KA 124 -38.59 -1.00 -132.90
N TYR KA 125 -39.03 -0.12 -131.99
CA TYR KA 125 -40.04 0.88 -132.31
C TYR KA 125 -39.69 2.19 -131.60
N TYR KA 126 -40.44 3.24 -131.92
CA TYR KA 126 -40.20 4.58 -131.43
C TYR KA 126 -41.49 5.20 -130.91
N ASP KA 127 -41.31 6.30 -130.16
CA ASP KA 127 -42.38 7.01 -129.47
C ASP KA 127 -43.06 7.98 -130.45
N ARG KA 128 -44.24 7.60 -130.96
CA ARG KA 128 -44.91 8.45 -131.92
C ARG KA 128 -45.34 9.77 -131.31
N ASN KA 129 -45.66 9.79 -130.01
CA ASN KA 129 -45.97 11.06 -129.35
C ASN KA 129 -44.80 12.03 -129.50
N ALA KA 130 -43.58 11.55 -129.25
CA ALA KA 130 -42.40 12.40 -129.40
C ALA KA 130 -42.15 12.77 -130.86
N VAL KA 131 -42.30 11.81 -131.78
CA VAL KA 131 -41.99 12.08 -133.18
C VAL KA 131 -42.96 13.12 -133.76
N GLU KA 132 -44.25 12.98 -133.47
CA GLU KA 132 -45.22 13.95 -133.97
C GLU KA 132 -45.13 15.28 -133.24
N THR KA 133 -44.65 15.30 -131.98
CA THR KA 133 -44.33 16.57 -131.36
C THR KA 133 -43.22 17.29 -132.13
N LEU KA 134 -42.17 16.54 -132.50
CA LEU KA 134 -41.09 17.07 -133.32
C LEU KA 134 -41.60 17.66 -134.62
N LYS KA 135 -42.42 16.90 -135.35
CA LYS KA 135 -42.91 17.39 -136.63
C LYS KA 135 -43.82 18.61 -136.43
N ALA KA 136 -44.74 18.54 -135.47
CA ALA KA 136 -45.79 19.54 -135.35
C ALA KA 136 -45.26 20.90 -134.90
N SER KA 137 -44.38 20.93 -133.89
CA SER KA 137 -43.85 22.22 -133.45
C SER KA 137 -42.53 22.56 -134.12
N ALA KA 138 -42.15 21.83 -135.17
CA ALA KA 138 -40.98 22.16 -136.02
C ALA KA 138 -39.69 22.22 -135.22
N ILE KA 139 -39.47 21.22 -134.36
CA ILE KA 139 -38.25 21.08 -133.58
C ILE KA 139 -37.23 20.35 -134.46
N PRO KA 140 -35.93 20.59 -134.33
CA PRO KA 140 -34.96 19.96 -135.24
C PRO KA 140 -34.37 18.63 -134.79
N GLY KA 141 -34.69 18.12 -133.59
CA GLY KA 141 -34.09 16.89 -133.11
C GLY KA 141 -34.69 15.62 -133.71
N ALA KA 142 -34.16 14.48 -133.27
CA ALA KA 142 -34.63 13.16 -133.65
C ALA KA 142 -34.86 12.31 -132.41
N VAL KA 143 -35.54 11.18 -132.59
CA VAL KA 143 -35.88 10.27 -131.50
C VAL KA 143 -35.11 8.96 -131.69
N ALA KA 144 -34.63 8.42 -130.58
CA ALA KA 144 -34.00 7.12 -130.49
C ALA KA 144 -35.05 6.06 -130.16
N PRO KA 145 -34.77 4.78 -130.46
CA PRO KA 145 -35.77 3.73 -130.19
C PRO KA 145 -36.19 3.73 -128.73
N VAL KA 146 -37.43 3.33 -128.52
CA VAL KA 146 -38.02 3.36 -127.20
C VAL KA 146 -38.23 1.97 -126.61
N GLY KA 147 -38.44 0.96 -127.46
CA GLY KA 147 -38.53 -0.42 -127.02
C GLY KA 147 -38.46 -1.34 -128.21
N SER KA 148 -38.81 -2.60 -127.99
CA SER KA 148 -38.79 -3.56 -129.07
C SER KA 148 -39.89 -4.59 -128.89
N PHE KA 149 -40.06 -5.42 -129.93
CA PHE KA 149 -40.87 -6.62 -129.89
C PHE KA 149 -40.03 -7.79 -130.37
N LYS KA 150 -40.23 -8.95 -129.74
CA LYS KA 150 -39.43 -10.14 -129.97
C LYS KA 150 -40.32 -11.37 -130.11
N VAL KA 151 -39.92 -12.24 -131.05
CA VAL KA 151 -40.61 -13.50 -131.32
C VAL KA 151 -39.56 -14.60 -131.42
N ASN KA 152 -39.74 -15.66 -130.63
CA ASN KA 152 -38.80 -16.78 -130.56
C ASN KA 152 -39.46 -18.05 -131.08
N VAL KA 153 -38.67 -18.89 -131.74
CA VAL KA 153 -39.14 -20.15 -132.27
C VAL KA 153 -38.03 -21.17 -132.05
N GLU KA 154 -38.40 -22.37 -131.60
CA GLU KA 154 -37.42 -23.33 -131.08
C GLU KA 154 -37.83 -24.73 -131.52
N VAL KA 155 -36.88 -25.49 -132.05
CA VAL KA 155 -37.10 -26.85 -132.53
C VAL KA 155 -36.13 -27.74 -131.80
N LEU KA 156 -36.66 -28.62 -130.94
CA LEU KA 156 -35.84 -29.55 -130.17
C LEU KA 156 -35.81 -30.86 -130.92
N GLY KA 157 -34.79 -31.04 -131.76
CA GLY KA 157 -34.71 -32.18 -132.64
C GLY KA 157 -33.61 -33.13 -132.27
N GLY KA 158 -33.19 -33.08 -131.01
CA GLY KA 158 -32.13 -33.95 -130.55
C GLY KA 158 -32.61 -35.36 -130.33
N GLY KA 159 -31.63 -36.27 -130.22
CA GLY KA 159 -31.91 -37.62 -129.80
C GLY KA 159 -32.70 -38.43 -130.81
N VAL KA 160 -32.17 -38.51 -132.02
CA VAL KA 160 -32.70 -39.47 -132.97
C VAL KA 160 -32.18 -40.86 -132.63
N LEU KA 161 -32.96 -41.88 -133.00
CA LEU KA 161 -32.62 -43.26 -132.69
C LEU KA 161 -31.46 -43.74 -133.58
N THR KA 162 -30.89 -44.89 -133.21
CA THR KA 162 -29.63 -45.32 -133.82
C THR KA 162 -29.84 -45.83 -135.25
N GLY KA 163 -30.95 -46.50 -135.49
CA GLY KA 163 -31.25 -47.00 -136.82
C GLY KA 163 -31.88 -45.99 -137.75
N THR KA 164 -31.89 -44.71 -137.37
CA THR KA 164 -32.46 -43.68 -138.23
C THR KA 164 -31.58 -43.52 -139.46
N ASP KA 165 -32.12 -43.88 -140.61
CA ASP KA 165 -31.38 -43.82 -141.87
C ASP KA 165 -31.05 -42.38 -142.22
N ALA KA 166 -29.91 -42.20 -142.89
CA ALA KA 166 -29.56 -40.87 -143.39
C ALA KA 166 -30.70 -40.27 -144.22
N ASN KA 167 -31.36 -41.08 -145.04
CA ASN KA 167 -32.50 -40.60 -145.83
C ASN KA 167 -33.69 -40.25 -144.95
N ALA KA 168 -33.94 -41.04 -143.91
CA ALA KA 168 -35.10 -40.79 -143.07
C ALA KA 168 -34.94 -39.56 -142.19
N GLN KA 169 -33.72 -39.07 -142.00
CA GLN KA 169 -33.54 -37.84 -141.24
C GLN KA 169 -34.13 -36.66 -141.99
N PHE KA 170 -34.19 -36.73 -143.32
CA PHE KA 170 -34.85 -35.68 -144.09
C PHE KA 170 -36.35 -35.71 -143.84
N ALA KA 171 -36.94 -36.92 -143.79
CA ALA KA 171 -38.35 -37.02 -143.47
C ALA KA 171 -38.63 -36.44 -142.10
N LEU KA 172 -37.74 -36.71 -141.13
CA LEU KA 172 -37.90 -36.13 -139.81
C LEU KA 172 -37.78 -34.61 -139.86
N ASP KA 173 -36.88 -34.10 -140.71
CA ASP KA 173 -36.74 -32.67 -140.91
C ASP KA 173 -38.09 -32.05 -141.27
N GLU KA 174 -38.73 -32.63 -142.30
CA GLU KA 174 -40.00 -32.10 -142.77
C GLU KA 174 -41.10 -32.25 -141.71
N LEU KA 175 -41.07 -33.35 -140.95
CA LEU KA 175 -42.05 -33.50 -139.87
C LEU KA 175 -41.93 -32.36 -138.86
N LEU KA 176 -40.70 -32.04 -138.44
CA LEU KA 176 -40.52 -30.95 -137.51
C LEU KA 176 -40.96 -29.61 -138.09
N SER KA 177 -40.67 -29.38 -139.38
CA SER KA 177 -41.07 -28.10 -139.96
C SER KA 177 -42.60 -27.98 -140.03
N ASN KA 178 -43.30 -29.09 -140.26
CA ASN KA 178 -44.77 -29.03 -140.24
C ASN KA 178 -45.31 -28.79 -138.82
N MET KA 179 -44.66 -29.36 -137.81
CA MET KA 179 -45.03 -29.01 -136.44
C MET KA 179 -44.81 -27.53 -136.18
N LEU KA 180 -43.75 -26.96 -136.75
CA LEU KA 180 -43.50 -25.52 -136.65
C LEU KA 180 -44.68 -24.71 -137.19
N MET KA 181 -45.10 -25.05 -138.41
CA MET KA 181 -46.22 -24.34 -139.02
C MET KA 181 -47.47 -24.45 -138.16
N ASP KA 182 -47.78 -25.66 -137.68
CA ASP KA 182 -48.95 -25.85 -136.83
C ASP KA 182 -48.84 -25.02 -135.55
N ALA KA 183 -47.63 -24.92 -135.00
CA ALA KA 183 -47.45 -24.17 -133.76
C ALA KA 183 -47.70 -22.69 -133.95
N ALA KA 184 -47.17 -22.11 -135.03
CA ALA KA 184 -47.42 -20.69 -135.26
C ALA KA 184 -48.90 -20.44 -135.54
N ARG KA 185 -49.56 -21.34 -136.27
CA ARG KA 185 -50.99 -21.17 -136.52
C ARG KA 185 -51.78 -21.21 -135.22
N ILE KA 186 -51.43 -22.13 -134.32
CA ILE KA 186 -52.11 -22.19 -133.03
C ILE KA 186 -51.78 -20.98 -132.18
N ALA KA 187 -50.60 -20.40 -132.37
CA ALA KA 187 -50.21 -19.23 -131.60
C ALA KA 187 -51.03 -18.01 -131.99
N GLN KA 188 -51.26 -17.80 -133.29
CA GLN KA 188 -52.00 -16.62 -133.73
C GLN KA 188 -53.46 -16.89 -134.05
N ASP KA 189 -53.92 -18.12 -133.83
CA ASP KA 189 -55.28 -18.49 -134.17
C ASP KA 189 -56.26 -17.63 -133.40
N GLY KA 190 -57.32 -17.21 -134.07
CA GLY KA 190 -58.36 -16.46 -133.42
C GLY KA 190 -58.89 -15.35 -134.29
N PRO KA 191 -60.09 -14.85 -133.98
CA PRO KA 191 -60.64 -13.73 -134.72
C PRO KA 191 -59.81 -12.49 -134.48
N LYS KA 192 -59.74 -11.64 -135.49
CA LYS KA 192 -59.07 -10.36 -135.39
C LYS KA 192 -59.98 -9.29 -134.81
N ASN KA 193 -61.24 -9.64 -134.50
CA ASN KA 193 -62.13 -8.73 -133.80
C ASN KA 193 -61.76 -8.63 -132.33
N THR KA 194 -61.04 -9.60 -131.78
CA THR KA 194 -60.82 -9.71 -130.35
C THR KA 194 -59.34 -9.79 -130.05
N ALA KA 195 -58.98 -9.36 -128.83
CA ALA KA 195 -57.59 -9.31 -128.39
C ALA KA 195 -56.99 -10.70 -128.34
N ARG KA 196 -55.76 -10.87 -128.85
CA ARG KA 196 -55.15 -12.19 -128.71
C ARG KA 196 -53.67 -12.26 -128.39
N LEU KA 197 -52.85 -11.21 -128.60
CA LEU KA 197 -51.42 -11.39 -128.33
C LEU KA 197 -50.77 -10.43 -127.34
N VAL KA 198 -50.86 -9.11 -127.59
CA VAL KA 198 -50.02 -8.16 -126.85
C VAL KA 198 -50.66 -7.84 -125.52
N ALA KA 199 -49.82 -7.43 -124.56
CA ALA KA 199 -50.25 -7.03 -123.22
C ALA KA 199 -51.05 -8.14 -122.54
N ALA KA 200 -50.79 -9.39 -122.95
CA ALA KA 200 -51.59 -10.52 -122.50
C ALA KA 200 -51.50 -10.68 -120.98
N SER KA 201 -52.66 -10.90 -120.36
CA SER KA 201 -52.77 -11.16 -118.93
C SER KA 201 -53.12 -12.61 -118.64
N HIS KA 202 -54.12 -13.15 -119.32
CA HIS KA 202 -54.52 -14.55 -119.22
C HIS KA 202 -55.35 -14.88 -120.45
N GLY KA 203 -55.69 -16.15 -120.60
CA GLY KA 203 -56.52 -16.61 -121.71
C GLY KA 203 -57.95 -16.85 -121.24
N VAL KA 204 -58.91 -16.51 -122.11
CA VAL KA 204 -60.30 -16.80 -121.82
C VAL KA 204 -60.96 -17.35 -123.07
N MET KA 205 -61.20 -18.65 -123.11
CA MET KA 205 -61.85 -19.22 -124.30
C MET KA 205 -63.37 -19.01 -124.21
N PRO KA 206 -64.02 -18.65 -125.31
CA PRO KA 206 -65.43 -18.27 -125.23
C PRO KA 206 -66.34 -19.47 -125.11
N GLN KA 207 -67.50 -19.25 -124.48
CA GLN KA 207 -68.46 -20.32 -124.27
C GLN KA 207 -69.09 -20.78 -125.58
N ALA KA 208 -69.44 -19.82 -126.42
CA ALA KA 208 -70.01 -20.11 -127.73
C ALA KA 208 -69.83 -18.88 -128.62
N PRO LA 20 -18.68 18.23 -110.30
CA PRO LA 20 -18.39 17.21 -111.31
C PRO LA 20 -19.20 17.37 -112.59
N VAL LA 21 -18.52 17.65 -113.70
CA VAL LA 21 -19.15 17.85 -115.00
C VAL LA 21 -19.10 16.51 -115.75
N GLN LA 22 -20.27 16.03 -116.19
CA GLN LA 22 -20.37 14.75 -116.86
C GLN LA 22 -20.82 14.93 -118.31
N SER LA 23 -20.38 14.02 -119.18
CA SER LA 23 -20.72 14.08 -120.60
C SER LA 23 -21.86 13.12 -120.92
N SER LA 24 -22.64 13.48 -121.93
CA SER LA 24 -23.80 12.67 -122.31
C SER LA 24 -24.10 12.79 -123.80
N ARG LA 25 -24.92 11.85 -124.26
CA ARG LA 25 -25.38 11.74 -125.64
C ARG LA 25 -26.90 11.86 -125.65
N THR LA 26 -27.41 12.95 -126.23
CA THR LA 26 -28.80 13.31 -126.08
C THR LA 26 -29.60 13.04 -127.35
N THR LA 27 -30.82 12.56 -127.18
CA THR LA 27 -31.83 12.64 -128.22
C THR LA 27 -33.09 13.23 -127.61
N PHE LA 28 -33.96 13.77 -128.46
CA PHE LA 28 -35.20 14.32 -127.95
C PHE LA 28 -36.13 13.22 -127.48
N GLY LA 29 -36.89 13.53 -126.44
CA GLY LA 29 -37.88 12.60 -125.94
C GLY LA 29 -37.91 12.52 -124.43
N VAL LA 30 -38.74 11.61 -123.93
CA VAL LA 30 -38.81 11.26 -122.53
C VAL LA 30 -38.97 9.75 -122.46
N ASN LA 31 -38.37 9.15 -121.44
CA ASN LA 31 -38.59 7.73 -121.18
C ASN LA 31 -40.09 7.46 -121.11
N PRO LA 32 -40.58 6.46 -121.84
CA PRO LA 32 -42.01 6.36 -122.09
C PRO LA 32 -42.76 5.88 -120.86
N ASP LA 33 -44.07 6.06 -120.92
CA ASP LA 33 -44.96 5.48 -119.92
C ASP LA 33 -45.52 4.19 -120.50
N ARG LA 34 -45.19 3.07 -119.88
CA ARG LA 34 -45.64 1.77 -120.35
C ARG LA 34 -46.98 1.41 -119.74
N GLN LA 35 -47.78 0.67 -120.50
CA GLN LA 35 -49.08 0.21 -120.05
C GLN LA 35 -48.93 -1.15 -119.39
N ALA LA 36 -49.72 -1.39 -118.34
CA ALA LA 36 -49.68 -2.66 -117.64
C ALA LA 36 -50.22 -3.77 -118.53
N ASN LA 37 -49.74 -4.99 -118.28
CA ASN LA 37 -50.15 -6.15 -119.08
C ASN LA 37 -51.45 -6.76 -118.53
N ALA LA 38 -52.52 -5.96 -118.57
CA ALA LA 38 -53.81 -6.33 -117.99
C ALA LA 38 -54.85 -6.64 -119.06
N ARG LA 39 -54.42 -7.11 -120.21
CA ARG LA 39 -55.32 -7.31 -121.35
C ARG LA 39 -55.59 -8.79 -121.52
N PRO LA 40 -56.77 -9.29 -121.15
CA PRO LA 40 -57.09 -10.70 -121.38
C PRO LA 40 -57.26 -10.98 -122.86
N VAL LA 41 -56.82 -12.18 -123.27
CA VAL LA 41 -56.72 -12.52 -124.68
C VAL LA 41 -57.59 -13.74 -124.98
N TYR LA 42 -57.78 -13.94 -126.28
CA TYR LA 42 -58.57 -15.06 -126.77
C TYR LA 42 -57.79 -16.36 -126.61
N LEU LA 43 -58.54 -17.42 -126.34
CA LEU LA 43 -58.00 -18.75 -126.14
C LEU LA 43 -58.76 -19.70 -127.05
N ALA LA 44 -58.06 -20.39 -127.93
CA ALA LA 44 -58.74 -21.22 -128.91
C ALA LA 44 -59.52 -22.34 -128.22
N PRO LA 45 -60.75 -22.62 -128.66
CA PRO LA 45 -61.52 -23.74 -128.08
C PRO LA 45 -61.05 -25.11 -128.53
N ALA LA 46 -60.04 -25.15 -129.42
CA ALA LA 46 -59.39 -26.38 -129.85
C ALA LA 46 -58.13 -25.99 -130.62
N ALA LA 47 -57.19 -26.94 -130.71
CA ALA LA 47 -55.90 -26.68 -131.35
C ALA LA 47 -55.83 -27.45 -132.66
N PRO LA 48 -55.72 -26.80 -133.84
CA PRO LA 48 -55.62 -27.59 -135.06
C PRO LA 48 -54.19 -28.01 -135.33
N MET LA 49 -53.97 -29.28 -135.63
CA MET LA 49 -52.67 -29.82 -135.99
C MET LA 49 -52.72 -30.47 -137.36
N GLU LA 50 -53.38 -29.82 -138.32
CA GLU LA 50 -53.65 -30.46 -139.61
C GLU LA 50 -52.35 -30.66 -140.41
N ASN LA 51 -51.46 -29.67 -140.43
CA ASN LA 51 -50.25 -29.76 -141.25
C ASN LA 51 -49.40 -30.98 -140.87
N THR LA 52 -49.07 -31.10 -139.59
CA THR LA 52 -48.18 -32.17 -139.14
C THR LA 52 -48.82 -33.54 -139.33
N TYR LA 53 -50.12 -33.67 -139.07
CA TYR LA 53 -50.75 -34.99 -139.14
C TYR LA 53 -51.02 -35.42 -140.58
N THR LA 54 -51.31 -34.48 -141.49
CA THR LA 54 -51.31 -34.86 -142.90
C THR LA 54 -49.93 -35.30 -143.36
N TYR LA 55 -48.87 -34.64 -142.90
CA TYR LA 55 -47.55 -35.12 -143.30
C TYR LA 55 -47.26 -36.50 -142.70
N LEU LA 56 -47.69 -36.74 -141.46
CA LEU LA 56 -47.51 -38.06 -140.86
C LEU LA 56 -48.25 -39.13 -141.65
N GLY LA 57 -49.46 -38.82 -142.12
CA GLY LA 57 -50.12 -39.72 -143.06
C GLY LA 57 -49.32 -39.92 -144.32
N SER LA 58 -48.63 -38.86 -144.78
CA SER LA 58 -47.80 -38.97 -145.98
C SER LA 58 -46.70 -40.01 -145.81
N ILE LA 59 -45.93 -39.93 -144.72
CA ILE LA 59 -44.80 -40.85 -144.57
C ILE LA 59 -45.25 -42.18 -143.97
N GLN LA 60 -46.56 -42.35 -143.82
CA GLN LA 60 -47.14 -43.57 -143.25
C GLN LA 60 -46.66 -43.81 -141.83
N PHE LA 61 -46.50 -42.70 -141.07
CA PHE LA 61 -46.23 -42.74 -139.63
C PHE LA 61 -44.94 -43.48 -139.28
N ALA LA 62 -43.93 -43.36 -140.14
CA ALA LA 62 -42.69 -44.07 -139.88
C ALA LA 62 -41.53 -43.35 -140.54
N ALA LA 63 -40.40 -43.31 -139.84
CA ALA LA 63 -39.18 -42.72 -140.37
C ALA LA 63 -38.02 -43.22 -139.53
N GLY LA 64 -37.00 -43.77 -140.19
CA GLY LA 64 -35.91 -44.36 -139.44
C GLY LA 64 -36.46 -45.55 -138.68
N ARG LA 65 -36.10 -45.66 -137.41
CA ARG LA 65 -36.82 -46.58 -136.53
C ARG LA 65 -37.70 -45.85 -135.54
N HIS LA 66 -38.05 -44.60 -135.84
CA HIS LA 66 -39.17 -43.94 -135.17
C HIS LA 66 -40.47 -44.36 -135.84
N ILE LA 67 -41.41 -44.87 -135.04
CA ILE LA 67 -42.76 -45.08 -135.52
C ILE LA 67 -43.70 -44.27 -134.65
N PHE LA 68 -44.69 -43.63 -135.27
CA PHE LA 68 -45.60 -42.74 -134.58
C PHE LA 68 -47.00 -43.35 -134.51
N GLY LA 69 -47.83 -42.76 -133.66
CA GLY LA 69 -49.19 -43.22 -133.50
C GLY LA 69 -50.18 -42.41 -134.30
N GLU LA 70 -51.27 -43.07 -134.68
CA GLU LA 70 -52.37 -42.36 -135.35
C GLU LA 70 -53.20 -41.61 -134.32
N PRO LA 71 -53.51 -40.34 -134.55
CA PRO LA 71 -54.28 -39.57 -133.58
C PRO LA 71 -55.75 -39.96 -133.61
N ALA LA 72 -56.47 -39.45 -132.62
CA ALA LA 72 -57.91 -39.56 -132.66
C ALA LA 72 -58.51 -38.49 -133.57
N SER LA 73 -58.06 -37.25 -133.41
CA SER LA 73 -58.56 -36.13 -134.19
C SER LA 73 -57.38 -35.30 -134.67
N ASN LA 74 -57.53 -34.75 -135.88
CA ASN LA 74 -56.57 -33.77 -136.37
C ASN LA 74 -56.65 -32.48 -135.57
N VAL LA 75 -57.81 -32.22 -134.96
CA VAL LA 75 -58.01 -31.07 -134.10
C VAL LA 75 -58.16 -31.57 -132.68
N LEU LA 76 -57.28 -31.09 -131.78
CA LEU LA 76 -57.11 -31.48 -130.39
C LEU LA 76 -58.09 -30.72 -129.50
N PRO LA 77 -58.93 -31.42 -128.75
CA PRO LA 77 -59.85 -30.74 -127.83
C PRO LA 77 -59.12 -30.27 -126.58
N PRO LA 78 -59.71 -29.35 -125.82
CA PRO LA 78 -59.09 -28.92 -124.56
C PRO LA 78 -59.29 -29.94 -123.44
N GLN LA 79 -58.27 -30.09 -122.62
CA GLN LA 79 -58.31 -31.04 -121.50
C GLN LA 79 -58.60 -30.38 -120.16
N ASN LA 80 -58.04 -29.18 -119.92
CA ASN LA 80 -58.17 -28.53 -118.63
C ASN LA 80 -58.58 -27.06 -118.77
N ILE LA 81 -59.36 -26.72 -119.80
CA ILE LA 81 -59.75 -25.34 -120.04
C ILE LA 81 -61.27 -25.28 -119.97
N VAL LA 82 -61.78 -24.76 -118.88
CA VAL LA 82 -63.22 -24.50 -118.77
C VAL LA 82 -63.54 -23.21 -119.52
N PRO LA 83 -64.64 -23.13 -120.25
CA PRO LA 83 -64.93 -21.89 -120.96
C PRO LA 83 -65.36 -20.81 -120.02
N GLY LA 84 -64.93 -19.58 -120.31
CA GLY LA 84 -65.27 -18.46 -119.46
C GLY LA 84 -64.49 -18.41 -118.18
N VAL LA 85 -63.51 -19.29 -118.01
CA VAL LA 85 -62.68 -19.32 -116.81
C VAL LA 85 -61.29 -18.83 -117.21
N PRO LA 86 -60.79 -17.74 -116.63
CA PRO LA 86 -59.44 -17.29 -116.96
C PRO LA 86 -58.42 -18.34 -116.53
N THR LA 87 -57.53 -18.69 -117.45
CA THR LA 87 -56.50 -19.69 -117.21
C THR LA 87 -55.20 -19.16 -117.79
N LYS LA 88 -54.13 -19.19 -117.00
CA LYS LA 88 -52.81 -18.79 -117.47
C LYS LA 88 -52.03 -19.96 -118.05
N HIS LA 89 -52.60 -21.16 -118.00
CA HIS LA 89 -51.97 -22.35 -118.54
C HIS LA 89 -53.05 -23.35 -118.93
N GLY LA 90 -52.93 -23.88 -120.14
CA GLY LA 90 -53.95 -24.79 -120.67
C GLY LA 90 -53.36 -25.78 -121.64
N GLU LA 91 -54.05 -26.91 -121.77
CA GLU LA 91 -53.53 -28.02 -122.54
C GLU LA 91 -54.62 -28.62 -123.42
N TYR LA 92 -54.30 -28.83 -124.68
CA TYR LA 92 -55.11 -29.64 -125.58
C TYR LA 92 -54.39 -30.95 -125.79
N VAL LA 93 -55.13 -32.05 -125.88
CA VAL LA 93 -54.50 -33.36 -125.93
C VAL LA 93 -55.38 -34.31 -126.72
N THR LA 94 -54.76 -35.10 -127.60
CA THR LA 94 -55.50 -36.18 -128.21
C THR LA 94 -54.70 -37.47 -128.12
N THR LA 95 -55.41 -38.58 -128.11
CA THR LA 95 -54.78 -39.86 -127.84
C THR LA 95 -54.29 -40.47 -129.16
N ASN LA 96 -53.12 -41.12 -129.08
CA ASN LA 96 -52.46 -41.80 -130.21
C ASN LA 96 -52.62 -43.29 -130.00
N THR LA 97 -53.10 -43.99 -131.03
CA THR LA 97 -53.25 -45.44 -130.98
C THR LA 97 -52.52 -46.05 -132.17
N GLY LA 98 -52.27 -47.36 -132.11
CA GLY LA 98 -51.57 -48.03 -133.18
C GLY LA 98 -51.48 -49.51 -132.90
N ASP LA 99 -51.14 -50.26 -133.95
CA ASP LA 99 -50.99 -51.71 -133.87
C ASP LA 99 -49.78 -52.06 -133.01
N ARG LA 100 -50.04 -52.76 -131.91
CA ARG LA 100 -49.01 -53.11 -130.93
C ARG LA 100 -48.31 -51.86 -130.39
N LEU LA 101 -49.10 -50.83 -130.14
CA LEU LA 101 -48.65 -49.61 -129.50
C LEU LA 101 -49.48 -49.37 -128.25
N MET LA 102 -48.81 -48.94 -127.17
CA MET LA 102 -49.55 -48.51 -125.99
C MET LA 102 -50.06 -47.10 -126.23
N ALA LA 103 -51.36 -46.89 -126.05
CA ALA LA 103 -51.95 -45.59 -126.29
C ALA LA 103 -51.15 -44.49 -125.57
N SER LA 104 -50.83 -43.41 -126.30
CA SER LA 104 -50.01 -42.33 -125.75
C SER LA 104 -50.51 -40.99 -126.22
N SER LA 105 -50.44 -39.99 -125.34
CA SER LA 105 -51.09 -38.72 -125.59
C SER LA 105 -50.13 -37.75 -126.27
N THR LA 106 -50.61 -37.06 -127.30
CA THR LA 106 -49.88 -35.96 -127.91
C THR LA 106 -50.50 -34.65 -127.43
N THR LA 107 -49.62 -33.70 -127.06
CA THR LA 107 -50.00 -32.57 -126.21
C THR LA 107 -49.59 -31.22 -126.80
N VAL LA 108 -50.51 -30.26 -126.72
CA VAL LA 108 -50.27 -28.89 -127.14
C VAL LA 108 -50.54 -28.00 -125.94
N THR LA 109 -49.51 -27.29 -125.50
CA THR LA 109 -49.54 -26.53 -124.25
C THR LA 109 -49.42 -25.03 -124.54
N ARG LA 110 -50.32 -24.25 -123.95
CA ARG LA 110 -50.32 -22.80 -124.11
C ARG LA 110 -50.20 -22.14 -122.75
N ASP LA 111 -49.22 -21.25 -122.62
CA ASP LA 111 -48.97 -20.48 -121.40
C ASP LA 111 -49.09 -19.01 -121.76
N VAL LA 112 -50.08 -18.34 -121.19
CA VAL LA 112 -50.32 -16.91 -121.42
C VAL LA 112 -50.13 -16.22 -120.07
N SER LA 113 -49.04 -15.45 -119.92
CA SER LA 113 -48.85 -14.72 -118.67
C SER LA 113 -47.90 -13.55 -118.89
N ASN LA 114 -48.22 -12.43 -118.23
CA ASN LA 114 -47.35 -11.24 -118.16
C ASN LA 114 -46.90 -10.75 -119.53
N GLY LA 115 -47.83 -10.75 -120.48
CA GLY LA 115 -47.57 -10.30 -121.84
C GLY LA 115 -46.83 -11.28 -122.72
N ARG LA 116 -46.46 -12.44 -122.20
CA ARG LA 116 -45.73 -13.45 -122.97
C ARG LA 116 -46.67 -14.62 -123.19
N THR LA 117 -46.83 -15.00 -124.44
CA THR LA 117 -47.64 -16.16 -124.79
C THR LA 117 -46.74 -17.20 -125.46
N LYS LA 118 -46.86 -18.47 -125.05
CA LYS LA 118 -45.96 -19.52 -125.50
C LYS LA 118 -46.75 -20.80 -125.77
N VAL LA 119 -46.56 -21.37 -126.97
CA VAL LA 119 -47.22 -22.59 -127.40
C VAL LA 119 -46.15 -23.65 -127.64
N SER LA 120 -46.34 -24.83 -127.07
CA SER LA 120 -45.42 -25.95 -127.21
C SER LA 120 -46.17 -27.19 -127.69
N ILE LA 121 -45.55 -27.96 -128.57
CA ILE LA 121 -46.15 -29.17 -129.13
C ILE LA 121 -45.20 -30.33 -128.90
N ASP LA 122 -45.74 -31.43 -128.35
CA ASP LA 122 -44.96 -32.61 -127.99
C ASP LA 122 -45.68 -33.84 -128.54
N ILE LA 123 -45.03 -34.55 -129.45
CA ILE LA 123 -45.55 -35.79 -130.01
C ILE LA 123 -44.58 -36.93 -129.71
N PRO LA 124 -45.06 -38.07 -129.21
CA PRO LA 124 -44.16 -39.17 -128.89
C PRO LA 124 -43.94 -40.13 -130.06
N TYR LA 125 -42.86 -40.91 -129.93
CA TYR LA 125 -42.49 -41.93 -130.91
C TYR LA 125 -42.02 -43.18 -130.20
N TYR LA 126 -42.18 -44.33 -130.87
CA TYR LA 126 -41.86 -45.66 -130.37
C TYR LA 126 -40.74 -46.29 -131.19
N ASP LA 127 -40.18 -47.37 -130.63
CA ASP LA 127 -39.11 -48.17 -131.25
C ASP LA 127 -39.69 -49.06 -132.32
N ARG LA 128 -39.49 -48.65 -133.58
CA ARG LA 128 -40.01 -49.40 -134.71
C ARG LA 128 -39.45 -50.82 -134.75
N ASN LA 129 -38.22 -51.02 -134.27
CA ASN LA 129 -37.63 -52.35 -134.27
C ASN LA 129 -38.40 -53.29 -133.34
N ALA LA 130 -38.74 -52.81 -132.14
CA ALA LA 130 -39.55 -53.59 -131.22
C ALA LA 130 -40.93 -53.84 -131.79
N VAL LA 131 -41.56 -52.79 -132.33
CA VAL LA 131 -42.94 -52.95 -132.81
C VAL LA 131 -42.99 -53.97 -133.94
N GLU LA 132 -42.08 -53.85 -134.91
CA GLU LA 132 -42.11 -54.74 -136.07
C GLU LA 132 -41.65 -56.15 -135.72
N THR LA 133 -40.73 -56.30 -134.77
CA THR LA 133 -40.40 -57.65 -134.30
C THR LA 133 -41.61 -58.31 -133.66
N LEU LA 134 -42.37 -57.55 -132.87
CA LEU LA 134 -43.62 -58.08 -132.30
C LEU LA 134 -44.62 -58.45 -133.37
N LYS LA 135 -44.82 -57.55 -134.35
CA LYS LA 135 -45.79 -57.81 -135.43
C LYS LA 135 -45.40 -59.04 -136.23
N ALA LA 136 -44.16 -59.08 -136.73
CA ALA LA 136 -43.71 -60.22 -137.52
C ALA LA 136 -43.77 -61.51 -136.72
N SER LA 137 -43.41 -61.46 -135.43
CA SER LA 137 -43.46 -62.66 -134.64
C SER LA 137 -44.86 -62.96 -134.10
N ALA LA 138 -45.85 -62.13 -134.40
CA ALA LA 138 -47.21 -62.34 -133.88
C ALA LA 138 -47.20 -62.45 -132.37
N ILE LA 139 -46.54 -61.51 -131.71
CA ILE LA 139 -46.49 -61.45 -130.25
C ILE LA 139 -47.50 -60.40 -129.80
N PRO LA 140 -48.29 -60.63 -128.75
CA PRO LA 140 -49.31 -59.65 -128.34
C PRO LA 140 -48.83 -58.53 -127.43
N GLY LA 141 -47.54 -58.26 -127.34
CA GLY LA 141 -47.09 -57.17 -126.51
C GLY LA 141 -47.40 -55.81 -127.12
N ALA LA 142 -47.64 -54.82 -126.24
CA ALA LA 142 -47.84 -53.43 -126.64
C ALA LA 142 -46.68 -52.60 -126.13
N VAL LA 143 -46.21 -51.68 -126.97
CA VAL LA 143 -44.97 -50.92 -126.70
C VAL LA 143 -45.32 -49.53 -126.21
N ALA LA 144 -44.65 -49.10 -125.15
CA ALA LA 144 -44.71 -47.73 -124.66
C ALA LA 144 -43.75 -46.85 -125.45
N PRO LA 145 -43.99 -45.53 -125.46
CA PRO LA 145 -43.15 -44.64 -126.27
C PRO LA 145 -41.72 -44.58 -125.77
N VAL LA 146 -40.79 -44.54 -126.71
CA VAL LA 146 -39.38 -44.44 -126.36
C VAL LA 146 -38.93 -42.98 -126.23
N GLY LA 147 -39.56 -42.06 -126.96
CA GLY LA 147 -39.15 -40.67 -126.84
C GLY LA 147 -40.20 -39.72 -127.39
N SER LA 148 -39.78 -38.49 -127.63
CA SER LA 148 -40.70 -37.49 -128.16
C SER LA 148 -39.93 -36.42 -128.93
N PHE LA 149 -40.67 -35.66 -129.74
CA PHE LA 149 -40.18 -34.47 -130.41
C PHE LA 149 -41.05 -33.27 -130.01
N LYS LA 150 -40.38 -32.13 -129.81
CA LYS LA 150 -41.00 -30.93 -129.28
C LYS LA 150 -40.64 -29.69 -130.10
N VAL LA 151 -41.62 -28.80 -130.22
CA VAL LA 151 -41.46 -27.53 -130.92
C VAL LA 151 -42.11 -26.44 -130.08
N ASN LA 152 -41.33 -25.39 -129.77
CA ASN LA 152 -41.75 -24.27 -128.94
C ASN LA 152 -41.85 -22.99 -129.78
N VAL LA 153 -42.82 -22.15 -129.43
CA VAL LA 153 -43.06 -20.88 -130.11
C VAL LA 153 -43.46 -19.87 -129.04
N GLU LA 154 -42.90 -18.66 -129.12
CA GLU LA 154 -42.98 -17.72 -128.02
C GLU LA 154 -43.09 -16.30 -128.55
N VAL LA 155 -43.97 -15.51 -127.94
CA VAL LA 155 -44.26 -14.15 -128.38
C VAL LA 155 -44.18 -13.24 -127.16
N LEU LA 156 -43.21 -12.32 -127.16
CA LEU LA 156 -43.00 -11.39 -126.06
C LEU LA 156 -43.72 -10.09 -126.40
N GLY LA 157 -44.99 -10.00 -126.03
CA GLY LA 157 -45.85 -8.88 -126.38
C GLY LA 157 -46.07 -7.86 -125.29
N GLY LA 158 -45.22 -7.83 -124.28
CA GLY LA 158 -45.37 -6.87 -123.21
C GLY LA 158 -44.76 -5.53 -123.54
N GLY LA 159 -45.18 -4.53 -122.76
CA GLY LA 159 -44.57 -3.23 -122.84
C GLY LA 159 -45.27 -2.25 -123.74
N VAL LA 160 -46.55 -2.48 -124.05
CA VAL LA 160 -47.29 -1.60 -124.93
C VAL LA 160 -47.33 -0.20 -124.32
N LEU LA 161 -47.07 0.80 -125.14
CA LEU LA 161 -47.03 2.19 -124.71
C LEU LA 161 -48.42 2.69 -124.32
N THR LA 162 -48.46 3.70 -123.46
CA THR LA 162 -49.72 4.11 -122.84
C THR LA 162 -50.69 4.72 -123.85
N GLY LA 163 -50.17 5.50 -124.80
CA GLY LA 163 -51.05 6.10 -125.80
C GLY LA 163 -51.83 5.09 -126.61
N THR LA 164 -51.30 3.89 -126.81
CA THR LA 164 -51.90 2.89 -127.69
C THR LA 164 -53.29 2.50 -127.21
N ASP LA 165 -54.28 2.62 -128.09
CA ASP LA 165 -55.64 2.26 -127.73
C ASP LA 165 -55.96 0.85 -128.20
N ALA LA 166 -57.22 0.44 -128.03
CA ALA LA 166 -57.62 -0.95 -128.30
C ALA LA 166 -57.45 -1.29 -129.77
N ASN LA 167 -57.93 -0.40 -130.65
CA ASN LA 167 -57.84 -0.63 -132.09
C ASN LA 167 -56.38 -0.77 -132.51
N ALA LA 168 -55.51 0.08 -131.98
CA ALA LA 168 -54.08 -0.02 -132.29
C ALA LA 168 -53.50 -1.35 -131.81
N GLN LA 169 -53.94 -1.81 -130.62
CA GLN LA 169 -53.44 -3.08 -130.12
C GLN LA 169 -53.84 -4.22 -131.03
N PHE LA 170 -55.01 -4.13 -131.69
CA PHE LA 170 -55.34 -5.13 -132.70
C PHE LA 170 -54.24 -5.21 -133.77
N ALA LA 171 -53.80 -4.05 -134.24
CA ALA LA 171 -52.75 -4.00 -135.25
C ALA LA 171 -51.48 -4.64 -134.75
N LEU LA 172 -51.12 -4.35 -133.49
CA LEU LA 172 -49.94 -4.98 -132.91
C LEU LA 172 -50.10 -6.50 -132.87
N ASP LA 173 -51.32 -6.97 -132.60
CA ASP LA 173 -51.59 -8.41 -132.61
C ASP LA 173 -51.21 -9.02 -133.95
N GLU LA 174 -51.75 -8.44 -135.03
CA GLU LA 174 -51.45 -9.01 -136.34
C GLU LA 174 -49.97 -8.84 -136.71
N LEU LA 175 -49.33 -7.77 -136.23
CA LEU LA 175 -47.90 -7.59 -136.49
C LEU LA 175 -47.09 -8.72 -135.89
N LEU LA 176 -47.34 -9.05 -134.62
CA LEU LA 176 -46.65 -10.17 -134.01
C LEU LA 176 -47.00 -11.48 -134.71
N SER LA 177 -48.24 -11.61 -135.19
CA SER LA 177 -48.60 -12.81 -135.96
C SER LA 177 -47.68 -12.96 -137.18
N ASN LA 178 -47.48 -11.87 -137.92
CA ASN LA 178 -46.66 -11.97 -139.12
C ASN LA 178 -45.19 -12.21 -138.79
N MET LA 179 -44.71 -11.65 -137.67
CA MET LA 179 -43.35 -11.97 -137.23
C MET LA 179 -43.22 -13.45 -136.90
N LEU LA 180 -44.27 -14.03 -136.29
CA LEU LA 180 -44.32 -15.46 -136.06
C LEU LA 180 -44.15 -16.25 -137.35
N MET LA 181 -44.98 -15.93 -138.34
CA MET LA 181 -44.90 -16.63 -139.62
C MET LA 181 -43.50 -16.53 -140.21
N ASP LA 182 -42.91 -15.33 -140.17
CA ASP LA 182 -41.57 -15.15 -140.70
C ASP LA 182 -40.54 -15.98 -139.94
N ALA LA 183 -40.67 -16.03 -138.61
CA ALA LA 183 -39.72 -16.80 -137.82
C ALA LA 183 -39.79 -18.29 -138.17
N ALA LA 184 -41.01 -18.81 -138.33
CA ALA LA 184 -41.14 -20.23 -138.67
C ALA LA 184 -40.59 -20.52 -140.06
N ARG LA 185 -40.83 -19.62 -141.01
CA ARG LA 185 -40.26 -19.81 -142.34
C ARG LA 185 -38.74 -19.77 -142.29
N ILE LA 186 -38.17 -18.84 -141.53
CA ILE LA 186 -36.71 -18.75 -141.41
C ILE LA 186 -36.15 -19.98 -140.73
N ALA LA 187 -36.93 -20.60 -139.84
CA ALA LA 187 -36.48 -21.80 -139.16
C ALA LA 187 -36.43 -22.99 -140.11
N GLN LA 188 -37.51 -23.23 -140.85
CA GLN LA 188 -37.57 -24.37 -141.77
C GLN LA 188 -36.91 -24.09 -143.12
N ASP LA 189 -36.39 -22.89 -143.33
CA ASP LA 189 -35.90 -22.48 -144.65
C ASP LA 189 -34.77 -23.37 -145.11
N GLY LA 190 -34.81 -23.75 -146.39
CA GLY LA 190 -33.75 -24.50 -146.99
C GLY LA 190 -34.24 -25.56 -147.96
N PRO LA 191 -33.31 -26.08 -148.79
CA PRO LA 191 -33.67 -27.21 -149.65
C PRO LA 191 -34.01 -28.43 -148.83
N LYS LA 192 -34.96 -29.21 -149.34
CA LYS LA 192 -35.22 -30.52 -148.74
C LYS LA 192 -34.20 -31.56 -149.17
N ASN LA 193 -33.23 -31.18 -150.02
CA ASN LA 193 -32.13 -32.05 -150.39
C ASN LA 193 -31.12 -32.18 -149.27
N THR LA 194 -30.99 -31.16 -148.42
CA THR LA 194 -29.94 -31.12 -147.42
C THR LA 194 -30.51 -31.10 -146.01
N ALA LA 195 -29.66 -31.47 -145.05
CA ALA LA 195 -30.04 -31.55 -143.65
C ALA LA 195 -30.33 -30.16 -143.11
N ARG LA 196 -31.45 -30.01 -142.38
CA ARG LA 196 -31.70 -28.68 -141.82
C ARG LA 196 -32.13 -28.63 -140.36
N LEU LA 197 -32.76 -29.69 -139.80
CA LEU LA 197 -33.25 -29.60 -138.41
C LEU LA 197 -32.76 -30.65 -137.41
N VAL LA 198 -32.99 -31.96 -137.68
CA VAL LA 198 -32.85 -32.98 -136.63
C VAL LA 198 -31.37 -33.31 -136.44
N ALA LA 199 -31.04 -33.73 -135.21
CA ALA LA 199 -29.67 -34.08 -134.84
C ALA LA 199 -28.70 -32.96 -135.21
N ALA LA 200 -29.17 -31.71 -135.12
CA ALA LA 200 -28.36 -30.57 -135.52
C ALA LA 200 -27.10 -30.46 -134.65
N SER LA 201 -25.97 -30.15 -135.29
CA SER LA 201 -24.72 -29.88 -134.58
C SER LA 201 -24.23 -28.46 -134.78
N HIS LA 202 -24.28 -27.94 -136.01
CA HIS LA 202 -23.78 -26.62 -136.37
C HIS LA 202 -24.31 -26.28 -137.75
N GLY LA 203 -24.27 -24.99 -138.07
CA GLY LA 203 -24.78 -24.46 -139.33
C GLY LA 203 -23.64 -24.08 -140.24
N VAL LA 204 -23.82 -24.32 -141.54
CA VAL LA 204 -22.83 -23.96 -142.55
C VAL LA 204 -23.55 -23.32 -143.72
N MET LA 205 -23.10 -22.12 -144.10
CA MET LA 205 -23.68 -21.40 -145.23
C MET LA 205 -23.08 -21.94 -146.53
N PRO LA 206 -23.90 -22.23 -147.54
CA PRO LA 206 -23.38 -22.86 -148.76
C PRO LA 206 -22.43 -21.92 -149.50
N GLN LA 207 -21.54 -22.55 -150.30
CA GLN LA 207 -20.53 -21.79 -151.03
C GLN LA 207 -21.15 -20.67 -151.85
N ALA LA 208 -22.28 -20.96 -152.50
CA ALA LA 208 -23.08 -19.95 -153.21
C ALA LA 208 -22.21 -19.06 -154.09
N SER MA 23 -38.10 -44.35 -118.48
CA SER MA 23 -38.03 -45.76 -118.84
C SER MA 23 -39.30 -46.21 -119.56
N SER MA 24 -39.13 -46.81 -120.74
CA SER MA 24 -40.24 -47.27 -121.56
C SER MA 24 -40.28 -48.79 -121.57
N ARG MA 25 -41.46 -49.35 -121.27
CA ARG MA 25 -41.61 -50.79 -121.11
C ARG MA 25 -42.78 -51.28 -121.96
N THR MA 26 -42.56 -52.40 -122.64
CA THR MA 26 -43.64 -53.08 -123.34
C THR MA 26 -44.43 -53.94 -122.36
N THR MA 27 -45.74 -53.91 -122.50
CA THR MA 27 -46.67 -54.53 -121.56
C THR MA 27 -47.42 -55.66 -122.23
N PHE MA 28 -47.52 -56.79 -121.53
CA PHE MA 28 -48.30 -57.95 -121.93
C PHE MA 28 -49.46 -58.07 -120.96
N GLY MA 29 -50.66 -58.16 -121.48
CA GLY MA 29 -51.82 -58.22 -120.63
C GLY MA 29 -52.37 -56.83 -120.34
N VAL MA 30 -53.07 -56.73 -119.22
CA VAL MA 30 -53.77 -55.52 -118.83
C VAL MA 30 -52.78 -54.48 -118.32
N ASN MA 31 -52.92 -53.25 -118.79
CA ASN MA 31 -52.18 -52.13 -118.24
C ASN MA 31 -53.12 -51.31 -117.38
N PRO MA 32 -52.97 -51.30 -116.05
CA PRO MA 32 -53.93 -50.60 -115.20
C PRO MA 32 -53.59 -49.15 -114.87
N ASP MA 33 -52.65 -48.52 -115.56
CA ASP MA 33 -52.30 -47.13 -115.28
C ASP MA 33 -53.54 -46.23 -115.35
N ARG MA 34 -53.81 -45.51 -114.27
CA ARG MA 34 -54.92 -44.57 -114.20
C ARG MA 34 -54.44 -43.13 -114.36
N GLN MA 35 -55.31 -42.29 -114.90
CA GLN MA 35 -55.02 -40.88 -115.12
C GLN MA 35 -55.31 -40.11 -113.84
N ALA MA 36 -54.36 -39.26 -113.45
CA ALA MA 36 -54.50 -38.48 -112.23
C ALA MA 36 -55.74 -37.60 -112.28
N ASN MA 37 -56.42 -37.52 -111.13
CA ASN MA 37 -57.69 -36.79 -110.99
C ASN MA 37 -57.38 -35.30 -110.83
N ALA MA 38 -56.97 -34.67 -111.95
CA ALA MA 38 -56.47 -33.28 -111.97
C ALA MA 38 -57.15 -32.54 -113.11
N ARG MA 39 -58.47 -32.65 -113.20
CA ARG MA 39 -59.24 -32.06 -114.29
C ARG MA 39 -60.29 -31.10 -113.73
N PRO MA 40 -60.20 -29.81 -114.03
CA PRO MA 40 -61.25 -28.89 -113.61
C PRO MA 40 -62.57 -29.22 -114.28
N VAL MA 41 -63.67 -29.01 -113.55
CA VAL MA 41 -65.00 -29.33 -114.05
C VAL MA 41 -65.90 -28.11 -113.94
N TYR MA 42 -66.89 -28.06 -114.83
CA TYR MA 42 -67.82 -26.95 -114.89
C TYR MA 42 -68.66 -26.89 -113.63
N LEU MA 43 -68.88 -25.66 -113.16
CA LEU MA 43 -69.64 -25.39 -111.94
C LEU MA 43 -70.77 -24.44 -112.28
N ALA MA 44 -72.01 -24.92 -112.15
CA ALA MA 44 -73.16 -24.15 -112.57
C ALA MA 44 -73.22 -22.81 -111.83
N PRO MA 45 -73.61 -21.72 -112.50
CA PRO MA 45 -73.67 -20.41 -111.83
C PRO MA 45 -74.84 -20.27 -110.88
N ALA MA 46 -75.75 -21.25 -110.85
CA ALA MA 46 -76.89 -21.26 -109.95
C ALA MA 46 -77.48 -22.66 -109.96
N ALA MA 47 -78.26 -22.97 -108.94
CA ALA MA 47 -78.80 -24.31 -108.80
C ALA MA 47 -80.31 -24.29 -109.05
N PRO MA 48 -80.83 -24.90 -110.11
CA PRO MA 48 -82.29 -24.90 -110.31
C PRO MA 48 -82.96 -25.96 -109.44
N MET MA 49 -83.94 -25.55 -108.64
CA MET MA 49 -84.74 -26.47 -107.86
C MET MA 49 -86.20 -26.45 -108.30
N GLU MA 50 -86.46 -26.39 -109.60
CA GLU MA 50 -87.81 -26.12 -110.07
C GLU MA 50 -88.78 -27.24 -109.71
N ASN MA 51 -88.35 -28.50 -109.85
CA ASN MA 51 -89.27 -29.63 -109.63
C ASN MA 51 -89.82 -29.64 -108.22
N THR MA 52 -88.94 -29.55 -107.22
CA THR MA 52 -89.36 -29.68 -105.82
C THR MA 52 -90.24 -28.51 -105.39
N TYR MA 53 -89.92 -27.29 -105.84
CA TYR MA 53 -90.69 -26.12 -105.41
C TYR MA 53 -92.01 -26.00 -106.14
N THR MA 54 -92.08 -26.42 -107.39
CA THR MA 54 -93.40 -26.52 -108.02
C THR MA 54 -94.27 -27.55 -107.30
N TYR MA 55 -93.70 -28.70 -106.89
CA TYR MA 55 -94.52 -29.65 -106.15
C TYR MA 55 -94.93 -29.09 -104.79
N LEU MA 56 -94.04 -28.36 -104.13
CA LEU MA 56 -94.40 -27.74 -102.85
C LEU MA 56 -95.52 -26.74 -103.00
N GLY MA 57 -95.51 -25.95 -104.09
CA GLY MA 57 -96.65 -25.12 -104.41
C GLY MA 57 -97.90 -25.96 -104.64
N SER MA 58 -97.74 -27.12 -105.28
CA SER MA 58 -98.88 -28.01 -105.51
C SER MA 58 -99.58 -28.40 -104.21
N ILE MA 59 -98.80 -28.79 -103.19
CA ILE MA 59 -99.46 -29.23 -101.96
C ILE MA 59 -99.65 -28.08 -100.99
N GLN MA 60 -99.42 -26.85 -101.46
CA GLN MA 60 -99.60 -25.65 -100.63
C GLN MA 60 -98.65 -25.66 -99.43
N PHE MA 61 -97.45 -26.19 -99.62
CA PHE MA 61 -96.37 -26.13 -98.64
C PHE MA 61 -96.76 -26.75 -97.31
N ALA MA 62 -97.50 -27.86 -97.36
CA ALA MA 62 -97.96 -28.49 -96.12
C ALA MA 62 -98.33 -29.94 -96.40
N ALA MA 63 -97.72 -30.86 -95.67
CA ALA MA 63 -98.10 -32.28 -95.69
C ALA MA 63 -98.16 -32.78 -94.26
N GLY MA 64 -99.33 -33.24 -93.85
CA GLY MA 64 -99.50 -33.73 -92.49
C GLY MA 64 -99.23 -32.66 -91.47
N ARG MA 65 -98.33 -32.96 -90.55
CA ARG MA 65 -97.90 -32.00 -89.55
C ARG MA 65 -96.67 -31.21 -89.97
N HIS MA 66 -96.13 -31.48 -91.16
CA HIS MA 66 -94.99 -30.76 -91.69
C HIS MA 66 -95.48 -29.55 -92.46
N ILE MA 67 -95.05 -28.36 -92.07
CA ILE MA 67 -95.31 -27.17 -92.87
C ILE MA 67 -93.98 -26.62 -93.38
N PHE MA 68 -93.95 -26.22 -94.64
CA PHE MA 68 -92.72 -25.76 -95.27
C PHE MA 68 -92.79 -24.26 -95.52
N GLY MA 69 -91.62 -23.66 -95.76
CA GLY MA 69 -91.57 -22.25 -96.06
C GLY MA 69 -91.48 -21.97 -97.55
N GLU MA 70 -91.87 -20.74 -97.91
CA GLU MA 70 -91.86 -20.32 -99.31
C GLU MA 70 -90.49 -19.77 -99.68
N PRO MA 71 -89.84 -20.30 -100.71
CA PRO MA 71 -88.50 -19.81 -101.06
C PRO MA 71 -88.56 -18.43 -101.69
N ALA MA 72 -87.43 -17.72 -101.63
CA ALA MA 72 -87.34 -16.47 -102.36
C ALA MA 72 -87.23 -16.71 -103.86
N SER MA 73 -86.49 -17.74 -104.27
CA SER MA 73 -86.37 -18.06 -105.68
C SER MA 73 -86.42 -19.56 -105.91
N ASN MA 74 -86.89 -19.94 -107.10
CA ASN MA 74 -86.83 -21.33 -107.53
C ASN MA 74 -85.43 -21.73 -107.95
N VAL MA 75 -84.60 -20.75 -108.30
CA VAL MA 75 -83.21 -20.98 -108.67
C VAL MA 75 -82.34 -20.31 -107.62
N LEU MA 76 -81.40 -21.08 -107.05
CA LEU MA 76 -80.64 -20.66 -105.88
C LEU MA 76 -79.31 -20.06 -106.30
N PRO MA 77 -78.99 -18.86 -105.84
CA PRO MA 77 -77.71 -18.21 -106.20
C PRO MA 77 -76.57 -18.75 -105.38
N PRO MA 78 -75.32 -18.59 -105.84
CA PRO MA 78 -74.19 -19.09 -105.07
C PRO MA 78 -73.95 -18.23 -103.84
N GLN MA 79 -73.60 -18.90 -102.74
CA GLN MA 79 -73.27 -18.21 -101.51
C GLN MA 79 -71.78 -18.02 -101.31
N ASN MA 80 -70.98 -19.04 -101.58
CA ASN MA 80 -69.54 -18.98 -101.32
C ASN MA 80 -68.71 -19.36 -102.54
N ILE MA 81 -69.26 -19.16 -103.75
CA ILE MA 81 -68.57 -19.47 -105.00
C ILE MA 81 -68.35 -18.17 -105.74
N VAL MA 82 -67.11 -17.96 -106.21
CA VAL MA 82 -66.73 -16.78 -106.96
C VAL MA 82 -66.31 -17.24 -108.35
N PRO MA 83 -66.76 -16.57 -109.41
CA PRO MA 83 -66.40 -17.02 -110.75
C PRO MA 83 -64.91 -16.91 -110.96
N GLY MA 84 -64.35 -17.95 -111.58
CA GLY MA 84 -62.95 -17.98 -111.91
C GLY MA 84 -62.07 -18.47 -110.80
N VAL MA 85 -62.62 -18.71 -109.62
CA VAL MA 85 -61.82 -19.17 -108.48
C VAL MA 85 -62.16 -20.63 -108.24
N PRO MA 86 -61.21 -21.54 -108.34
CA PRO MA 86 -61.51 -22.96 -108.12
C PRO MA 86 -61.86 -23.20 -106.68
N THR MA 87 -62.92 -23.97 -106.46
CA THR MA 87 -63.34 -24.35 -105.11
C THR MA 87 -63.67 -25.84 -105.14
N LYS MA 88 -63.47 -26.49 -104.00
CA LYS MA 88 -63.80 -27.91 -103.84
C LYS MA 88 -65.09 -28.11 -103.06
N HIS MA 89 -65.65 -27.02 -102.55
CA HIS MA 89 -66.89 -27.08 -101.80
C HIS MA 89 -67.64 -25.78 -102.04
N GLY MA 90 -68.89 -25.89 -102.46
CA GLY MA 90 -69.68 -24.72 -102.79
C GLY MA 90 -71.13 -24.90 -102.36
N GLU MA 91 -71.79 -23.78 -102.13
CA GLU MA 91 -73.15 -23.82 -101.60
C GLU MA 91 -74.01 -22.77 -102.30
N TYR MA 92 -75.20 -23.19 -102.72
CA TYR MA 92 -76.26 -22.30 -103.16
C TYR MA 92 -77.33 -22.29 -102.08
N VAL MA 93 -77.97 -21.13 -101.89
CA VAL MA 93 -78.87 -21.00 -100.74
C VAL MA 93 -79.94 -19.97 -101.04
N THR MA 94 -81.15 -20.23 -100.56
CA THR MA 94 -82.17 -19.18 -100.52
C THR MA 94 -82.87 -19.19 -99.16
N THR MA 95 -83.79 -18.26 -98.95
CA THR MA 95 -84.47 -18.12 -97.67
C THR MA 95 -85.94 -18.47 -97.82
N ASN MA 96 -86.40 -19.43 -97.03
CA ASN MA 96 -87.81 -19.74 -96.89
C ASN MA 96 -88.37 -18.83 -95.80
N THR MA 97 -89.44 -18.09 -96.14
CA THR MA 97 -90.22 -17.29 -95.21
C THR MA 97 -91.64 -17.85 -95.16
N GLY MA 98 -92.37 -17.48 -94.12
CA GLY MA 98 -93.70 -18.03 -93.92
C GLY MA 98 -94.42 -17.30 -92.82
N ASP MA 99 -95.74 -17.50 -92.80
CA ASP MA 99 -96.60 -16.87 -91.80
C ASP MA 99 -96.37 -17.52 -90.44
N ARG MA 100 -96.07 -16.69 -89.43
CA ARG MA 100 -95.71 -17.15 -88.08
C ARG MA 100 -94.44 -18.00 -88.09
N LEU MA 101 -93.55 -17.76 -89.05
CA LEU MA 101 -92.34 -18.55 -89.20
C LEU MA 101 -91.11 -17.66 -89.17
N MET MA 102 -90.02 -18.21 -88.63
CA MET MA 102 -88.73 -17.56 -88.64
C MET MA 102 -87.95 -17.96 -89.89
N ALA MA 103 -87.39 -16.98 -90.58
CA ALA MA 103 -86.70 -17.22 -91.84
C ALA MA 103 -85.66 -18.33 -91.71
N SER MA 104 -85.76 -19.33 -92.59
CA SER MA 104 -84.83 -20.45 -92.54
C SER MA 104 -84.31 -20.76 -93.94
N SER MA 105 -83.00 -20.96 -94.04
CA SER MA 105 -82.38 -21.10 -95.33
C SER MA 105 -82.48 -22.53 -95.85
N THR MA 106 -82.68 -22.66 -97.16
CA THR MA 106 -82.65 -23.91 -97.90
C THR MA 106 -81.35 -23.99 -98.68
N THR MA 107 -80.63 -25.11 -98.53
CA THR MA 107 -79.22 -25.20 -98.96
C THR MA 107 -78.97 -26.33 -99.95
N VAL MA 108 -78.11 -26.06 -100.92
CA VAL MA 108 -77.72 -27.02 -101.95
C VAL MA 108 -76.19 -27.02 -101.97
N THR MA 109 -75.59 -28.12 -101.54
CA THR MA 109 -74.16 -28.23 -101.35
C THR MA 109 -73.54 -29.12 -102.43
N ARG MA 110 -72.42 -28.68 -103.00
CA ARG MA 110 -71.71 -29.46 -104.01
C ARG MA 110 -70.24 -29.58 -103.63
N ASP MA 111 -69.76 -30.82 -103.58
CA ASP MA 111 -68.38 -31.13 -103.22
C ASP MA 111 -67.73 -31.81 -104.41
N VAL MA 112 -66.57 -31.29 -104.83
CA VAL MA 112 -65.79 -31.90 -105.92
C VAL MA 112 -64.37 -32.14 -105.41
N SER MA 113 -63.96 -33.42 -105.37
CA SER MA 113 -62.63 -33.76 -104.86
C SER MA 113 -62.25 -35.15 -105.33
N ASN MA 114 -61.03 -35.31 -105.84
CA ASN MA 114 -60.45 -36.63 -106.13
C ASN MA 114 -61.35 -37.46 -107.05
N GLY MA 115 -61.96 -36.81 -108.04
CA GLY MA 115 -62.82 -37.48 -108.99
C GLY MA 115 -64.20 -37.84 -108.50
N ARG MA 116 -64.52 -37.46 -107.27
CA ARG MA 116 -65.81 -37.76 -106.67
C ARG MA 116 -66.55 -36.45 -106.53
N THR MA 117 -67.74 -36.39 -107.08
CA THR MA 117 -68.56 -35.19 -107.04
C THR MA 117 -69.90 -35.55 -106.37
N LYS MA 118 -70.33 -34.73 -105.41
CA LYS MA 118 -71.49 -35.04 -104.59
C LYS MA 118 -72.34 -33.79 -104.35
N VAL MA 119 -73.62 -33.90 -104.69
CA VAL MA 119 -74.60 -32.83 -104.50
C VAL MA 119 -75.59 -33.27 -103.42
N SER MA 120 -75.81 -32.40 -102.43
CA SER MA 120 -76.74 -32.66 -101.34
C SER MA 120 -77.74 -31.50 -101.25
N ILE MA 121 -78.99 -31.82 -100.94
CA ILE MA 121 -80.05 -30.82 -100.84
C ILE MA 121 -80.73 -30.97 -99.48
N ASP MA 122 -80.86 -29.85 -98.77
CA ASP MA 122 -81.44 -29.82 -97.42
C ASP MA 122 -82.52 -28.75 -97.36
N ILE MA 123 -83.75 -29.15 -97.06
CA ILE MA 123 -84.86 -28.23 -96.88
C ILE MA 123 -85.47 -28.45 -95.51
N PRO MA 124 -85.66 -27.40 -94.71
CA PRO MA 124 -86.24 -27.56 -93.38
C PRO MA 124 -87.77 -27.45 -93.38
N TYR MA 125 -88.36 -27.99 -92.30
CA TYR MA 125 -89.80 -27.94 -92.08
C TYR MA 125 -90.07 -27.49 -90.64
N TYR MA 126 -91.34 -27.17 -90.38
CA TYR MA 126 -91.80 -26.66 -89.09
C TYR MA 126 -93.01 -27.45 -88.61
N ASP MA 127 -93.33 -27.23 -87.33
CA ASP MA 127 -94.45 -27.88 -86.65
C ASP MA 127 -95.75 -27.17 -87.00
N ARG MA 128 -96.56 -27.80 -87.86
CA ARG MA 128 -97.80 -27.18 -88.29
C ARG MA 128 -98.75 -26.98 -87.12
N ASN MA 129 -98.70 -27.86 -86.11
CA ASN MA 129 -99.60 -27.71 -84.96
C ASN MA 129 -99.29 -26.45 -84.19
N ALA MA 130 -97.99 -26.17 -83.97
CA ALA MA 130 -97.62 -24.92 -83.34
C ALA MA 130 -98.01 -23.72 -84.20
N VAL MA 131 -97.76 -23.81 -85.52
CA VAL MA 131 -98.02 -22.67 -86.38
C VAL MA 131 -99.52 -22.32 -86.40
N GLU MA 132 -100.37 -23.32 -86.62
CA GLU MA 132 -101.80 -23.06 -86.70
C GLU MA 132 -102.41 -22.80 -85.33
N THR MA 133 -101.80 -23.30 -84.24
CA THR MA 133 -102.28 -22.94 -82.92
C THR MA 133 -102.01 -21.47 -82.60
N LEU MA 134 -100.83 -20.97 -82.99
CA LEU MA 134 -100.57 -19.54 -82.89
C LEU MA 134 -101.56 -18.74 -83.72
N LYS MA 135 -101.68 -19.08 -85.02
CA LYS MA 135 -102.64 -18.37 -85.88
C LYS MA 135 -104.01 -18.32 -85.22
N ALA MA 136 -104.51 -19.47 -84.74
CA ALA MA 136 -105.85 -19.55 -84.17
C ALA MA 136 -105.97 -18.87 -82.82
N SER MA 137 -104.87 -18.67 -82.09
CA SER MA 137 -104.93 -18.03 -80.79
C SER MA 137 -104.68 -16.54 -80.84
N ALA MA 138 -104.16 -16.01 -81.95
CA ALA MA 138 -103.96 -14.56 -82.13
C ALA MA 138 -103.05 -14.00 -81.06
N ILE MA 139 -101.90 -14.64 -80.92
CA ILE MA 139 -100.96 -14.41 -79.84
C ILE MA 139 -99.59 -14.23 -80.47
N PRO MA 140 -98.69 -13.44 -79.86
CA PRO MA 140 -97.53 -12.95 -80.61
C PRO MA 140 -96.47 -13.99 -81.06
N GLY MA 141 -96.54 -15.24 -80.61
CA GLY MA 141 -95.41 -16.15 -80.82
C GLY MA 141 -95.03 -16.35 -82.29
N ALA MA 142 -93.75 -16.70 -82.52
CA ALA MA 142 -93.30 -17.26 -83.80
C ALA MA 142 -92.38 -18.46 -83.56
N VAL MA 143 -92.24 -19.30 -84.59
CA VAL MA 143 -91.67 -20.64 -84.46
C VAL MA 143 -90.48 -20.81 -85.39
N ALA MA 144 -89.51 -21.59 -84.93
CA ALA MA 144 -88.29 -21.97 -85.63
C ALA MA 144 -88.43 -23.37 -86.21
N PRO MA 145 -87.55 -23.77 -87.13
CA PRO MA 145 -87.65 -25.11 -87.72
C PRO MA 145 -87.52 -26.23 -86.71
N VAL MA 146 -88.16 -27.35 -87.05
CA VAL MA 146 -88.16 -28.54 -86.20
C VAL MA 146 -87.24 -29.63 -86.74
N GLY MA 147 -87.00 -29.65 -88.05
CA GLY MA 147 -86.14 -30.65 -88.64
C GLY MA 147 -85.98 -30.37 -90.11
N SER MA 148 -85.44 -31.35 -90.83
CA SER MA 148 -85.18 -31.15 -92.24
C SER MA 148 -85.29 -32.48 -92.98
N PHE MA 149 -85.37 -32.38 -94.30
CA PHE MA 149 -85.25 -33.52 -95.20
C PHE MA 149 -84.07 -33.28 -96.13
N LYS MA 150 -83.32 -34.36 -96.39
CA LYS MA 150 -82.07 -34.31 -97.13
C LYS MA 150 -82.03 -35.40 -98.19
N VAL MA 151 -81.41 -35.04 -99.32
CA VAL MA 151 -81.24 -35.96 -100.45
C VAL MA 151 -79.82 -35.79 -100.98
N ASN MA 152 -79.07 -36.89 -101.07
CA ASN MA 152 -77.69 -36.91 -101.54
C ASN MA 152 -77.57 -37.65 -102.87
N VAL MA 153 -76.65 -37.19 -103.70
CA VAL MA 153 -76.38 -37.78 -105.01
C VAL MA 153 -74.88 -37.71 -105.24
N GLU MA 154 -74.27 -38.82 -105.66
CA GLU MA 154 -72.82 -38.99 -105.62
C GLU MA 154 -72.33 -39.73 -106.85
N VAL MA 155 -71.26 -39.24 -107.46
CA VAL MA 155 -70.71 -39.78 -108.69
C VAL MA 155 -69.22 -40.03 -108.48
N LEU MA 156 -68.79 -41.30 -108.63
CA LEU MA 156 -67.42 -41.70 -108.36
C LEU MA 156 -66.71 -41.84 -109.70
N GLY MA 157 -66.21 -40.72 -110.22
CA GLY MA 157 -65.63 -40.63 -111.54
C GLY MA 157 -64.13 -40.79 -111.60
N GLY MA 158 -63.50 -41.20 -110.50
CA GLY MA 158 -62.07 -41.36 -110.48
C GLY MA 158 -61.64 -42.63 -111.20
N GLY MA 159 -60.37 -42.65 -111.58
CA GLY MA 159 -59.79 -43.85 -112.14
C GLY MA 159 -59.79 -43.92 -113.64
N VAL MA 160 -59.80 -42.77 -114.33
CA VAL MA 160 -59.81 -42.78 -115.78
C VAL MA 160 -58.49 -43.37 -116.28
N LEU MA 161 -58.57 -44.24 -117.27
CA LEU MA 161 -57.40 -44.95 -117.78
C LEU MA 161 -56.52 -44.01 -118.60
N THR MA 162 -55.30 -44.47 -118.88
CA THR MA 162 -54.31 -43.59 -119.49
C THR MA 162 -54.68 -43.22 -120.92
N GLY MA 163 -55.20 -44.19 -121.69
CA GLY MA 163 -55.47 -43.95 -123.09
C GLY MA 163 -56.53 -42.89 -123.34
N THR MA 164 -57.40 -42.67 -122.37
CA THR MA 164 -58.53 -41.77 -122.58
C THR MA 164 -58.07 -40.35 -122.84
N ASP MA 165 -58.53 -39.77 -123.94
CA ASP MA 165 -58.30 -38.37 -124.24
C ASP MA 165 -59.52 -37.55 -123.83
N ALA MA 166 -59.46 -36.26 -124.14
CA ALA MA 166 -60.47 -35.31 -123.66
C ALA MA 166 -61.85 -35.62 -124.24
N ASN MA 167 -61.92 -35.88 -125.55
CA ASN MA 167 -63.19 -36.20 -126.19
C ASN MA 167 -63.85 -37.43 -125.56
N ALA MA 168 -63.06 -38.48 -125.38
CA ALA MA 168 -63.53 -39.68 -124.71
C ALA MA 168 -64.00 -39.39 -123.29
N GLN MA 169 -63.31 -38.48 -122.60
CA GLN MA 169 -63.73 -38.11 -121.25
C GLN MA 169 -65.10 -37.44 -121.27
N PHE MA 170 -65.37 -36.63 -122.30
CA PHE MA 170 -66.73 -36.10 -122.45
C PHE MA 170 -67.74 -37.23 -122.57
N ALA MA 171 -67.40 -38.23 -123.38
CA ALA MA 171 -68.31 -39.37 -123.51
C ALA MA 171 -68.57 -40.02 -122.15
N LEU MA 172 -67.51 -40.15 -121.35
CA LEU MA 172 -67.67 -40.76 -120.03
C LEU MA 172 -68.50 -39.87 -119.11
N ASP MA 173 -68.35 -38.56 -119.25
CA ASP MA 173 -69.20 -37.61 -118.53
C ASP MA 173 -70.66 -37.92 -118.76
N GLU MA 174 -71.04 -38.04 -120.03
CA GLU MA 174 -72.44 -38.30 -120.35
C GLU MA 174 -72.88 -39.69 -119.88
N LEU MA 175 -71.97 -40.67 -119.95
CA LEU MA 175 -72.30 -42.00 -119.45
C LEU MA 175 -72.68 -41.96 -117.97
N LEU MA 176 -71.86 -41.30 -117.17
CA LEU MA 176 -72.16 -41.19 -115.74
C LEU MA 176 -73.47 -40.44 -115.51
N SER MA 177 -73.72 -39.36 -116.27
CA SER MA 177 -74.97 -38.64 -116.05
C SER MA 177 -76.18 -39.53 -116.36
N ASN MA 178 -76.07 -40.39 -117.37
CA ASN MA 178 -77.16 -41.31 -117.67
C ASN MA 178 -77.35 -42.34 -116.55
N MET MA 179 -76.26 -42.82 -115.97
CA MET MA 179 -76.39 -43.71 -114.81
C MET MA 179 -77.05 -42.98 -113.64
N LEU MA 180 -76.76 -41.68 -113.50
CA LEU MA 180 -77.43 -40.85 -112.49
C LEU MA 180 -78.94 -40.87 -112.68
N MET MA 181 -79.38 -40.58 -113.91
CA MET MA 181 -80.81 -40.59 -114.20
C MET MA 181 -81.44 -41.94 -113.90
N ASP MA 182 -80.76 -43.02 -114.32
CA ASP MA 182 -81.28 -44.36 -114.03
C ASP MA 182 -81.41 -44.59 -112.53
N ALA MA 183 -80.41 -44.14 -111.76
CA ALA MA 183 -80.44 -44.36 -110.31
C ALA MA 183 -81.59 -43.60 -109.65
N ALA MA 184 -81.81 -42.35 -110.06
CA ALA MA 184 -82.92 -41.59 -109.49
C ALA MA 184 -84.26 -42.21 -109.84
N ARG MA 185 -84.42 -42.67 -111.08
CA ARG MA 185 -85.66 -43.33 -111.46
C ARG MA 185 -85.88 -44.61 -110.67
N ILE MA 186 -84.80 -45.39 -110.45
CA ILE MA 186 -84.93 -46.63 -109.70
C ILE MA 186 -85.23 -46.35 -108.23
N ALA MA 187 -84.77 -45.22 -107.71
CA ALA MA 187 -85.05 -44.85 -106.34
C ALA MA 187 -86.51 -44.46 -106.16
N GLN MA 188 -87.02 -43.58 -107.04
CA GLN MA 188 -88.40 -43.13 -106.92
C GLN MA 188 -89.41 -44.08 -107.55
N ASP MA 189 -88.96 -45.17 -108.16
CA ASP MA 189 -89.85 -46.04 -108.91
C ASP MA 189 -90.94 -46.62 -108.00
N GLY MA 190 -92.16 -46.68 -108.53
CA GLY MA 190 -93.26 -47.31 -107.83
C GLY MA 190 -94.56 -46.54 -107.93
N PRO MA 191 -95.67 -47.22 -107.66
CA PRO MA 191 -96.96 -46.52 -107.63
C PRO MA 191 -96.99 -45.45 -106.57
N LYS MA 192 -97.68 -44.35 -106.88
CA LYS MA 192 -97.96 -43.34 -105.86
C LYS MA 192 -99.10 -43.74 -104.95
N ASN MA 193 -99.78 -44.86 -105.23
CA ASN MA 193 -100.75 -45.41 -104.30
C ASN MA 193 -100.11 -45.85 -103.00
N THR MA 194 -98.80 -46.07 -102.98
CA THR MA 194 -98.19 -46.91 -101.96
C THR MA 194 -96.89 -46.29 -101.42
N ALA MA 195 -96.58 -46.65 -100.18
CA ALA MA 195 -95.41 -46.13 -99.48
C ALA MA 195 -94.13 -46.47 -100.23
N ARG MA 196 -93.26 -45.48 -100.43
CA ARG MA 196 -91.99 -45.87 -101.05
C ARG MA 196 -90.71 -45.20 -100.51
N LEU MA 197 -90.78 -44.05 -99.83
CA LEU MA 197 -89.54 -43.43 -99.31
C LEU MA 197 -89.49 -43.14 -97.81
N VAL MA 198 -90.45 -42.35 -97.27
CA VAL MA 198 -90.29 -41.75 -95.95
C VAL MA 198 -90.57 -42.80 -94.88
N ALA MA 199 -89.90 -42.63 -93.72
CA ALA MA 199 -90.08 -43.50 -92.55
C ALA MA 199 -89.90 -44.97 -92.93
N ALA MA 200 -89.02 -45.23 -93.88
CA ALA MA 200 -88.83 -46.57 -94.41
C ALA MA 200 -88.26 -47.51 -93.35
N SER MA 201 -88.83 -48.71 -93.26
CA SER MA 201 -88.36 -49.77 -92.38
C SER MA 201 -87.61 -50.86 -93.12
N HIS MA 202 -88.19 -51.34 -94.21
CA HIS MA 202 -87.62 -52.36 -95.07
C HIS MA 202 -88.35 -52.30 -96.40
N GLY MA 203 -87.83 -53.05 -97.36
CA GLY MA 203 -88.41 -53.08 -98.70
C GLY MA 203 -89.11 -54.42 -98.91
N VAL MA 204 -90.28 -54.38 -99.55
CA VAL MA 204 -90.98 -55.61 -99.90
C VAL MA 204 -91.44 -55.53 -101.35
N MET MA 205 -91.26 -56.63 -102.08
CA MET MA 205 -91.66 -56.82 -103.46
C MET MA 205 -93.03 -57.48 -103.53
N PRO MA 206 -93.89 -57.05 -104.46
CA PRO MA 206 -95.22 -57.68 -104.59
C PRO MA 206 -95.14 -59.02 -105.30
N GLN MA 207 -96.28 -59.72 -105.28
CA GLN MA 207 -96.44 -61.01 -105.94
C GLN MA 207 -97.25 -60.81 -107.22
N ALA MA 208 -96.74 -61.35 -108.32
CA ALA MA 208 -97.42 -61.32 -109.62
C ALA MA 208 -97.75 -59.90 -110.05
N GLY NA 11 -116.66 -58.63 -14.24
CA GLY NA 11 -117.42 -57.97 -15.28
C GLY NA 11 -118.00 -56.63 -14.86
N GLN NA 12 -119.13 -56.27 -15.48
CA GLN NA 12 -119.78 -54.99 -15.21
C GLN NA 12 -120.25 -54.91 -13.75
N LEU NA 13 -120.57 -53.70 -13.33
CA LEU NA 13 -120.96 -53.40 -11.96
C LEU NA 13 -122.42 -52.95 -11.90
N TYR NA 14 -123.16 -53.44 -10.91
CA TYR NA 14 -124.55 -53.05 -10.71
C TYR NA 14 -124.81 -52.90 -9.22
N MET NA 15 -126.05 -52.59 -8.84
CA MET NA 15 -126.40 -52.35 -7.43
C MET NA 15 -127.24 -53.51 -6.91
N GLY NA 16 -126.65 -54.30 -6.01
CA GLY NA 16 -127.37 -55.30 -5.25
C GLY NA 16 -127.60 -54.80 -3.84
N GLN NA 17 -128.49 -55.48 -3.13
CA GLN NA 17 -128.88 -54.99 -1.81
C GLN NA 17 -127.73 -55.07 -0.81
N GLN NA 18 -126.70 -55.84 -1.10
CA GLN NA 18 -125.52 -55.82 -0.25
C GLN NA 18 -124.69 -54.57 -0.48
N GLY NA 19 -124.82 -53.97 -1.66
CA GLY NA 19 -124.01 -52.86 -2.09
C GLY NA 19 -123.71 -53.00 -3.57
N PRO NA 20 -122.79 -52.19 -4.10
CA PRO NA 20 -122.37 -52.38 -5.49
C PRO NA 20 -121.70 -53.74 -5.67
N VAL NA 21 -122.18 -54.49 -6.65
CA VAL NA 21 -121.80 -55.90 -6.82
C VAL NA 21 -121.43 -56.14 -8.27
N GLN NA 22 -120.43 -57.00 -8.47
CA GLN NA 22 -119.93 -57.33 -9.79
C GLN NA 22 -120.78 -58.42 -10.42
N SER NA 23 -121.25 -58.17 -11.64
CA SER NA 23 -121.99 -59.18 -12.37
C SER NA 23 -121.08 -60.35 -12.73
N SER NA 24 -121.65 -61.56 -12.73
CA SER NA 24 -120.85 -62.76 -12.93
C SER NA 24 -121.59 -63.76 -13.80
N ARG NA 25 -120.83 -64.49 -14.62
CA ARG NA 25 -121.36 -65.46 -15.56
C ARG NA 25 -120.73 -66.81 -15.27
N THR NA 26 -121.55 -67.78 -14.85
CA THR NA 26 -121.04 -69.07 -14.41
C THR NA 26 -121.75 -70.22 -15.11
N THR NA 27 -121.08 -71.36 -15.13
CA THR NA 27 -121.63 -72.60 -15.67
C THR NA 27 -122.31 -73.43 -14.59
N PHE NA 28 -122.48 -72.86 -13.40
CA PHE NA 28 -123.07 -73.57 -12.28
C PHE NA 28 -124.55 -73.83 -12.52
N GLY NA 29 -124.98 -75.07 -12.34
CA GLY NA 29 -126.38 -75.41 -12.41
C GLY NA 29 -126.94 -75.66 -13.78
N VAL NA 30 -126.11 -75.95 -14.78
CA VAL NA 30 -126.54 -76.26 -16.14
C VAL NA 30 -126.14 -77.68 -16.45
N ASN NA 31 -127.13 -78.56 -16.66
CA ASN NA 31 -126.89 -79.96 -16.98
C ASN NA 31 -126.94 -80.14 -18.49
N PRO NA 32 -125.81 -80.27 -19.17
CA PRO NA 32 -125.82 -80.52 -20.62
C PRO NA 32 -125.74 -81.98 -21.03
N ASP NA 33 -125.84 -82.92 -20.07
CA ASP NA 33 -125.83 -84.34 -20.40
C ASP NA 33 -126.86 -84.64 -21.50
N ARG NA 34 -126.50 -85.55 -22.40
CA ARG NA 34 -127.37 -85.93 -23.50
C ARG NA 34 -127.74 -87.40 -23.42
N GLN NA 35 -128.87 -87.71 -24.03
CA GLN NA 35 -129.40 -89.07 -24.11
C GLN NA 35 -128.93 -89.70 -25.41
N ALA NA 36 -128.46 -90.95 -25.32
CA ALA NA 36 -127.91 -91.62 -26.50
C ALA NA 36 -128.99 -91.83 -27.56
N ASN NA 37 -128.55 -91.74 -28.82
CA ASN NA 37 -129.45 -91.95 -29.95
C ASN NA 37 -129.64 -93.45 -30.15
N ALA NA 38 -130.52 -94.02 -29.33
CA ALA NA 38 -130.80 -95.45 -29.27
C ALA NA 38 -132.29 -95.72 -29.44
N ARG NA 39 -132.94 -94.94 -30.29
CA ARG NA 39 -134.39 -94.94 -30.41
C ARG NA 39 -134.80 -95.47 -31.77
N PRO NA 40 -135.39 -96.67 -31.86
CA PRO NA 40 -135.91 -97.12 -33.16
C PRO NA 40 -136.99 -96.18 -33.68
N VAL NA 41 -136.97 -95.93 -34.99
CA VAL NA 41 -137.92 -95.02 -35.62
C VAL NA 41 -138.73 -95.76 -36.66
N TYR NA 42 -139.90 -95.21 -36.96
CA TYR NA 42 -140.80 -95.80 -37.93
C TYR NA 42 -140.22 -95.66 -39.33
N LEU NA 43 -140.29 -96.75 -40.10
CA LEU NA 43 -139.82 -96.79 -41.47
C LEU NA 43 -141.02 -97.08 -42.36
N ALA NA 44 -141.38 -96.11 -43.21
CA ALA NA 44 -142.59 -96.22 -44.01
C ALA NA 44 -142.54 -97.47 -44.90
N PRO NA 45 -143.66 -98.13 -45.13
CA PRO NA 45 -143.67 -99.32 -46.01
C PRO NA 45 -143.65 -98.99 -47.48
N ALA NA 46 -143.75 -97.72 -47.84
CA ALA NA 46 -143.66 -97.27 -49.22
C ALA NA 46 -143.49 -95.75 -49.21
N ALA NA 47 -143.00 -95.22 -50.32
CA ALA NA 47 -142.66 -93.81 -50.39
C ALA NA 47 -143.64 -93.09 -51.32
N PRO NA 48 -144.49 -92.16 -50.84
CA PRO NA 48 -145.42 -91.51 -51.76
C PRO NA 48 -144.80 -90.31 -52.47
N MET NA 49 -144.67 -90.37 -53.79
CA MET NA 49 -144.22 -89.24 -54.60
C MET NA 49 -145.38 -88.58 -55.35
N GLU NA 50 -146.54 -88.41 -54.71
CA GLU NA 50 -147.72 -87.98 -55.44
C GLU NA 50 -147.57 -86.57 -56.02
N ASN NA 51 -147.02 -85.63 -55.24
CA ASN NA 51 -146.93 -84.24 -55.70
C ASN NA 51 -146.14 -84.14 -57.01
N THR NA 52 -144.92 -84.68 -57.01
CA THR NA 52 -144.05 -84.55 -58.18
C THR NA 52 -144.65 -85.20 -59.41
N TYR NA 53 -145.29 -86.36 -59.26
CA TYR NA 53 -145.79 -87.09 -60.42
C TYR NA 53 -147.10 -86.50 -60.95
N THR NA 54 -147.95 -85.95 -60.09
CA THR NA 54 -149.08 -85.19 -60.61
C THR NA 54 -148.61 -83.95 -61.37
N TYR NA 55 -147.56 -83.28 -60.89
CA TYR NA 55 -147.06 -82.17 -61.70
C TYR NA 55 -146.48 -82.66 -63.02
N LEU NA 56 -145.79 -83.82 -63.00
CA LEU NA 56 -145.23 -84.36 -64.23
C LEU NA 56 -146.30 -84.76 -65.23
N GLY NA 57 -147.45 -85.22 -64.74
CA GLY NA 57 -148.59 -85.41 -65.62
C GLY NA 57 -149.12 -84.08 -66.15
N SER NA 58 -149.08 -83.05 -65.30
CA SER NA 58 -149.54 -81.72 -65.73
C SER NA 58 -148.75 -81.21 -66.93
N ILE NA 59 -147.41 -81.26 -66.86
CA ILE NA 59 -146.62 -80.69 -67.96
C ILE NA 59 -146.41 -81.72 -69.07
N GLN NA 60 -147.10 -82.86 -68.98
CA GLN NA 60 -147.02 -83.93 -69.97
C GLN NA 60 -145.60 -84.54 -70.04
N PHE NA 61 -144.93 -84.61 -68.88
CA PHE NA 61 -143.62 -85.26 -68.75
C PHE NA 61 -142.57 -84.65 -69.68
N ALA NA 62 -142.62 -83.35 -69.85
CA ALA NA 62 -141.70 -82.70 -70.77
C ALA NA 62 -141.57 -81.24 -70.39
N ALA NA 63 -140.35 -80.79 -70.12
CA ALA NA 63 -140.04 -79.37 -69.96
C ALA NA 63 -138.83 -79.06 -70.83
N GLY NA 64 -139.05 -78.26 -71.87
CA GLY NA 64 -137.97 -77.93 -72.79
C GLY NA 64 -137.39 -79.16 -73.45
N ARG NA 65 -136.10 -79.36 -73.26
CA ARG NA 65 -135.38 -80.49 -73.82
C ARG NA 65 -135.34 -81.68 -72.86
N HIS NA 66 -135.82 -81.50 -71.64
CA HIS NA 66 -135.86 -82.57 -70.65
C HIS NA 66 -137.16 -83.34 -70.80
N ILE NA 67 -137.07 -84.60 -71.20
CA ILE NA 67 -138.25 -85.45 -71.30
C ILE NA 67 -138.14 -86.49 -70.20
N PHE NA 68 -139.25 -86.75 -69.52
CA PHE NA 68 -139.22 -87.61 -68.35
C PHE NA 68 -139.96 -88.91 -68.60
N GLY NA 69 -139.61 -89.93 -67.82
CA GLY NA 69 -140.29 -91.19 -67.93
C GLY NA 69 -141.57 -91.22 -67.11
N GLU NA 70 -142.51 -92.07 -67.56
CA GLU NA 70 -143.75 -92.30 -66.83
C GLU NA 70 -143.53 -93.39 -65.79
N PRO NA 71 -143.85 -93.14 -64.52
CA PRO NA 71 -143.54 -94.10 -63.46
C PRO NA 71 -144.36 -95.36 -63.58
N ALA NA 72 -143.95 -96.36 -62.80
CA ALA NA 72 -144.80 -97.53 -62.58
C ALA NA 72 -145.94 -97.19 -61.64
N SER NA 73 -145.63 -96.56 -60.51
CA SER NA 73 -146.62 -96.19 -59.52
C SER NA 73 -146.26 -94.82 -58.96
N ASN NA 74 -147.29 -94.08 -58.55
CA ASN NA 74 -147.07 -92.84 -57.81
C ASN NA 74 -146.50 -93.11 -56.43
N VAL NA 75 -146.69 -94.32 -55.92
CA VAL NA 75 -146.19 -94.72 -54.61
C VAL NA 75 -145.19 -95.84 -54.82
N LEU NA 76 -143.96 -95.66 -54.28
CA LEU NA 76 -142.82 -96.51 -54.56
C LEU NA 76 -142.71 -97.63 -53.54
N PRO NA 77 -142.48 -98.87 -53.99
CA PRO NA 77 -142.35 -99.98 -53.08
C PRO NA 77 -140.94 -100.09 -52.55
N PRO NA 78 -140.76 -100.75 -51.41
CA PRO NA 78 -139.41 -100.95 -50.87
C PRO NA 78 -138.56 -101.80 -51.79
N GLN NA 79 -137.25 -101.51 -51.79
CA GLN NA 79 -136.28 -102.24 -52.59
C GLN NA 79 -135.40 -103.17 -51.78
N ASN NA 80 -134.96 -102.75 -50.59
CA ASN NA 80 -134.11 -103.60 -49.74
C ASN NA 80 -134.56 -103.55 -48.29
N ILE NA 81 -135.84 -103.30 -48.05
CA ILE NA 81 -136.39 -103.21 -46.71
C ILE NA 81 -137.33 -104.38 -46.49
N VAL NA 82 -137.22 -105.03 -45.34
CA VAL NA 82 -138.07 -106.16 -45.03
C VAL NA 82 -138.69 -105.92 -43.66
N PRO NA 83 -139.98 -106.18 -43.50
CA PRO NA 83 -140.63 -105.93 -42.22
C PRO NA 83 -139.96 -106.72 -41.12
N GLY NA 84 -139.74 -106.05 -39.99
CA GLY NA 84 -139.16 -106.69 -38.84
C GLY NA 84 -137.66 -106.81 -38.88
N VAL NA 85 -136.99 -106.33 -39.92
CA VAL NA 85 -135.53 -106.35 -40.00
C VAL NA 85 -135.05 -104.92 -39.87
N PRO NA 86 -134.23 -104.59 -38.87
CA PRO NA 86 -133.79 -103.20 -38.70
C PRO NA 86 -132.63 -102.86 -39.63
N THR NA 87 -132.75 -101.72 -40.30
CA THR NA 87 -131.75 -101.24 -41.24
C THR NA 87 -131.46 -99.78 -40.93
N LYS NA 88 -130.26 -99.34 -41.28
CA LYS NA 88 -129.89 -97.93 -41.23
C LYS NA 88 -129.93 -97.29 -42.61
N HIS NA 89 -130.24 -98.09 -43.65
CA HIS NA 89 -130.32 -97.60 -45.01
C HIS NA 89 -131.43 -98.36 -45.73
N GLY NA 90 -132.37 -97.61 -46.31
CA GLY NA 90 -133.49 -98.19 -47.02
C GLY NA 90 -133.80 -97.49 -48.33
N GLU NA 91 -134.16 -98.26 -49.35
CA GLU NA 91 -134.39 -97.71 -50.68
C GLU NA 91 -135.76 -98.11 -51.19
N TYR NA 92 -136.43 -97.16 -51.85
CA TYR NA 92 -137.65 -97.42 -52.60
C TYR NA 92 -137.38 -97.06 -54.06
N VAL NA 93 -138.04 -97.76 -54.97
CA VAL NA 93 -137.73 -97.61 -56.39
C VAL NA 93 -138.94 -97.98 -57.23
N THR NA 94 -139.15 -97.24 -58.33
CA THR NA 94 -139.95 -97.78 -59.44
C THR NA 94 -139.18 -97.62 -60.74
N THR NA 95 -139.76 -98.06 -61.85
CA THR NA 95 -139.09 -97.96 -63.14
C THR NA 95 -139.91 -97.11 -64.09
N ASN NA 96 -139.37 -95.95 -64.45
CA ASN NA 96 -139.96 -95.08 -65.48
C ASN NA 96 -139.84 -95.76 -66.84
N THR NA 97 -140.89 -95.65 -67.65
CA THR NA 97 -140.90 -96.12 -69.03
C THR NA 97 -141.46 -95.01 -69.94
N GLY NA 98 -141.32 -95.22 -71.25
CA GLY NA 98 -141.77 -94.19 -72.19
C GLY NA 98 -141.58 -94.66 -73.61
N ASP NA 99 -142.16 -93.88 -74.53
CA ASP NA 99 -142.10 -94.20 -75.94
C ASP NA 99 -140.68 -93.99 -76.45
N ARG NA 100 -140.07 -95.06 -76.97
CA ARG NA 100 -138.70 -95.03 -77.49
C ARG NA 100 -137.71 -94.58 -76.40
N LEU NA 101 -137.99 -94.94 -75.16
CA LEU NA 101 -137.12 -94.66 -74.03
C LEU NA 101 -136.75 -95.97 -73.35
N MET NA 102 -135.46 -96.19 -73.16
CA MET NA 102 -135.04 -97.34 -72.37
C MET NA 102 -135.41 -97.13 -70.91
N ALA NA 103 -136.15 -98.07 -70.34
CA ALA NA 103 -136.70 -97.90 -69.00
C ALA NA 103 -135.60 -97.68 -67.99
N SER NA 104 -135.87 -96.81 -67.02
CA SER NA 104 -134.86 -96.33 -66.09
C SER NA 104 -135.49 -96.10 -64.73
N SER NA 105 -134.78 -96.46 -63.67
CA SER NA 105 -135.35 -96.45 -62.34
C SER NA 105 -135.30 -95.05 -61.72
N THR NA 106 -136.32 -94.75 -60.92
CA THR NA 106 -136.33 -93.57 -60.06
C THR NA 106 -136.29 -94.04 -58.61
N THR NA 107 -135.44 -93.38 -57.81
CA THR NA 107 -135.01 -93.90 -56.51
C THR NA 107 -135.23 -92.90 -55.38
N VAL NA 108 -135.62 -93.44 -54.22
CA VAL NA 108 -135.84 -92.64 -53.00
C VAL NA 108 -135.08 -93.35 -51.89
N THR NA 109 -134.05 -92.70 -51.37
CA THR NA 109 -133.14 -93.27 -50.40
C THR NA 109 -133.33 -92.62 -49.03
N ARG NA 110 -133.32 -93.44 -47.97
CA ARG NA 110 -133.47 -92.97 -46.60
C ARG NA 110 -132.35 -93.56 -45.76
N ASP NA 111 -131.55 -92.69 -45.13
CA ASP NA 111 -130.45 -93.07 -44.26
C ASP NA 111 -130.75 -92.58 -42.86
N VAL NA 112 -130.75 -93.48 -41.88
CA VAL NA 112 -131.06 -93.14 -40.50
C VAL NA 112 -129.87 -93.61 -39.65
N SER NA 113 -129.01 -92.66 -39.25
CA SER NA 113 -127.83 -92.98 -38.43
C SER NA 113 -127.58 -91.91 -37.40
N ASN NA 114 -127.41 -92.33 -36.14
CA ASN NA 114 -126.93 -91.47 -35.07
C ASN NA 114 -127.76 -90.20 -34.90
N GLY NA 115 -129.07 -90.36 -34.97
CA GLY NA 115 -129.97 -89.23 -34.82
C GLY NA 115 -130.16 -88.38 -36.06
N ARG NA 116 -129.52 -88.73 -37.15
CA ARG NA 116 -129.58 -87.96 -38.38
C ARG NA 116 -130.39 -88.76 -39.39
N THR NA 117 -131.52 -88.21 -39.80
CA THR NA 117 -132.37 -88.81 -40.83
C THR NA 117 -132.18 -88.03 -42.12
N LYS NA 118 -131.94 -88.73 -43.23
CA LYS NA 118 -131.75 -88.06 -44.51
C LYS NA 118 -132.47 -88.81 -45.63
N VAL NA 119 -133.34 -88.09 -46.35
CA VAL NA 119 -134.11 -88.62 -47.47
C VAL NA 119 -133.66 -87.90 -48.74
N SER NA 120 -133.33 -88.67 -49.77
CA SER NA 120 -132.90 -88.14 -51.06
C SER NA 120 -133.75 -88.75 -52.18
N ILE NA 121 -134.08 -87.93 -53.18
CA ILE NA 121 -134.89 -88.34 -54.31
C ILE NA 121 -134.11 -88.06 -55.59
N ASP NA 122 -133.98 -89.07 -56.45
CA ASP NA 122 -133.25 -88.97 -57.71
C ASP NA 122 -134.13 -89.48 -58.83
N ILE NA 123 -134.47 -88.58 -59.76
CA ILE NA 123 -135.28 -88.93 -60.93
C ILE NA 123 -134.47 -88.63 -62.19
N PRO NA 124 -134.39 -89.56 -63.14
CA PRO NA 124 -133.63 -89.32 -64.38
C PRO NA 124 -134.49 -88.62 -65.42
N TYR NA 125 -133.81 -88.13 -66.47
CA TYR NA 125 -134.47 -87.55 -67.63
C TYR NA 125 -133.71 -87.95 -68.89
N TYR NA 126 -134.29 -87.61 -70.04
CA TYR NA 126 -133.77 -88.00 -71.34
C TYR NA 126 -133.74 -86.79 -72.28
N ASP NA 127 -132.99 -86.98 -73.38
CA ASP NA 127 -132.72 -85.94 -74.38
C ASP NA 127 -133.88 -85.86 -75.36
N ARG NA 128 -134.75 -84.86 -75.19
CA ARG NA 128 -135.90 -84.76 -76.08
C ARG NA 128 -135.49 -84.47 -77.51
N ASN NA 129 -134.38 -83.77 -77.73
CA ASN NA 129 -133.89 -83.58 -79.10
C ASN NA 129 -133.66 -84.93 -79.77
N ALA NA 130 -132.99 -85.85 -79.06
CA ALA NA 130 -132.76 -87.18 -79.61
C ALA NA 130 -134.06 -87.96 -79.77
N VAL NA 131 -134.96 -87.90 -78.78
CA VAL NA 131 -136.18 -88.69 -78.84
C VAL NA 131 -137.07 -88.25 -80.01
N GLU NA 132 -137.23 -86.93 -80.18
CA GLU NA 132 -138.05 -86.43 -81.28
C GLU NA 132 -137.35 -86.61 -82.63
N THR NA 133 -136.01 -86.63 -82.66
CA THR NA 133 -135.34 -87.03 -83.90
C THR NA 133 -135.71 -88.47 -84.27
N LEU NA 134 -135.70 -89.37 -83.27
CA LEU NA 134 -136.11 -90.75 -83.48
C LEU NA 134 -137.53 -90.84 -84.04
N LYS NA 135 -138.47 -90.15 -83.40
CA LYS NA 135 -139.85 -90.23 -83.86
C LYS NA 135 -140.00 -89.62 -85.25
N ALA NA 136 -139.40 -88.45 -85.48
CA ALA NA 136 -139.66 -87.68 -86.70
C ALA NA 136 -139.09 -88.34 -87.94
N SER NA 137 -137.85 -88.83 -87.88
CA SER NA 137 -137.28 -89.49 -89.06
C SER NA 137 -137.47 -91.00 -89.05
N ALA NA 138 -138.32 -91.51 -88.14
CA ALA NA 138 -138.73 -92.92 -88.13
C ALA NA 138 -137.55 -93.87 -87.99
N ILE NA 139 -136.64 -93.56 -87.06
CA ILE NA 139 -135.50 -94.39 -86.73
C ILE NA 139 -135.96 -95.43 -85.71
N PRO NA 140 -135.42 -96.65 -85.68
CA PRO NA 140 -135.93 -97.68 -84.76
C PRO NA 140 -135.28 -97.75 -83.38
N GLY NA 141 -134.25 -96.95 -83.08
CA GLY NA 141 -133.56 -97.06 -81.81
C GLY NA 141 -134.31 -96.40 -80.65
N ALA NA 142 -133.68 -96.48 -79.46
CA ALA NA 142 -134.19 -95.85 -78.24
C ALA NA 142 -133.06 -95.04 -77.59
N VAL NA 143 -133.44 -94.22 -76.62
CA VAL NA 143 -132.52 -93.33 -75.92
C VAL NA 143 -132.40 -93.78 -74.47
N ALA NA 144 -131.18 -93.75 -73.95
CA ALA NA 144 -130.86 -93.98 -72.56
C ALA NA 144 -130.89 -92.66 -71.79
N PRO NA 145 -131.05 -92.71 -70.46
CA PRO NA 145 -131.10 -91.47 -69.69
C PRO NA 145 -129.87 -90.61 -69.91
N VAL NA 146 -130.07 -89.30 -69.82
CA VAL NA 146 -129.03 -88.34 -70.11
C VAL NA 146 -128.52 -87.64 -68.86
N GLY NA 147 -129.37 -87.47 -67.85
CA GLY NA 147 -128.95 -86.93 -66.57
C GLY NA 147 -130.03 -87.16 -65.54
N SER NA 148 -129.92 -86.46 -64.41
CA SER NA 148 -130.91 -86.60 -63.36
C SER NA 148 -131.09 -85.28 -62.62
N PHE NA 149 -132.11 -85.27 -61.76
CA PHE NA 149 -132.31 -84.22 -60.77
C PHE NA 149 -132.45 -84.87 -59.39
N LYS NA 150 -131.90 -84.20 -58.38
CA LYS NA 150 -131.83 -84.73 -57.02
C LYS NA 150 -132.24 -83.67 -56.01
N VAL NA 151 -132.96 -84.14 -54.99
CA VAL NA 151 -133.43 -83.30 -53.88
C VAL NA 151 -133.14 -84.02 -52.58
N ASN NA 152 -132.44 -83.35 -51.66
CA ASN NA 152 -132.03 -83.92 -50.38
C ASN NA 152 -132.71 -83.18 -49.24
N VAL NA 153 -133.06 -83.92 -48.20
CA VAL NA 153 -133.69 -83.36 -47.01
C VAL NA 153 -133.09 -84.07 -45.80
N GLU NA 154 -132.76 -83.31 -44.76
CA GLU NA 154 -131.93 -83.79 -43.67
C GLU NA 154 -132.44 -83.23 -42.36
N VAL NA 155 -132.61 -84.09 -41.36
CA VAL NA 155 -133.11 -83.72 -40.05
C VAL NA 155 -132.07 -84.17 -39.04
N LEU NA 156 -131.42 -83.20 -38.38
CA LEU NA 156 -130.40 -83.48 -37.37
C LEU NA 156 -131.07 -83.44 -36.01
N GLY NA 157 -131.51 -84.60 -35.55
CA GLY NA 157 -132.29 -84.68 -34.34
C GLY NA 157 -131.55 -85.36 -33.21
N GLY NA 158 -130.23 -85.34 -33.30
CA GLY NA 158 -129.43 -85.96 -32.27
C GLY NA 158 -129.35 -85.11 -31.01
N GLY NA 159 -128.90 -85.76 -29.93
CA GLY NA 159 -128.56 -85.04 -28.71
C GLY NA 159 -129.76 -84.46 -28.01
N VAL NA 160 -130.72 -85.32 -27.68
CA VAL NA 160 -131.78 -84.90 -26.79
C VAL NA 160 -131.26 -84.94 -25.35
N LEU NA 161 -131.84 -84.10 -24.50
CA LEU NA 161 -131.40 -84.00 -23.11
C LEU NA 161 -131.85 -85.22 -22.30
N THR NA 162 -131.28 -85.36 -21.11
CA THR NA 162 -131.43 -86.60 -20.35
C THR NA 162 -132.83 -86.75 -19.76
N GLY NA 163 -133.43 -85.65 -19.33
CA GLY NA 163 -134.76 -85.68 -18.78
C GLY NA 163 -135.86 -85.64 -19.81
N THR NA 164 -135.54 -85.81 -21.08
CA THR NA 164 -136.56 -85.82 -22.13
C THR NA 164 -137.43 -87.06 -21.96
N ASP NA 165 -138.70 -86.84 -21.61
CA ASP NA 165 -139.62 -87.94 -21.39
C ASP NA 165 -139.87 -88.70 -22.69
N ALA NA 166 -140.14 -90.00 -22.55
CA ALA NA 166 -140.51 -90.80 -23.71
C ALA NA 166 -141.68 -90.16 -24.47
N ASN NA 167 -142.66 -89.62 -23.73
CA ASN NA 167 -143.80 -88.95 -24.36
C ASN NA 167 -143.38 -87.66 -25.06
N ALA NA 168 -142.46 -86.91 -24.45
CA ALA NA 168 -142.07 -85.63 -25.02
C ALA NA 168 -141.21 -85.78 -26.28
N GLN NA 169 -140.63 -86.97 -26.49
CA GLN NA 169 -139.89 -87.18 -27.73
C GLN NA 169 -140.82 -87.16 -28.93
N PHE NA 170 -142.09 -87.52 -28.74
CA PHE NA 170 -143.06 -87.39 -29.83
C PHE NA 170 -143.33 -85.93 -30.15
N ALA NA 171 -143.45 -85.11 -29.11
CA ALA NA 171 -143.62 -83.67 -29.35
C ALA NA 171 -142.43 -83.12 -30.11
N LEU NA 172 -141.22 -83.56 -29.75
CA LEU NA 172 -140.04 -83.12 -30.48
C LEU NA 172 -140.07 -83.61 -31.92
N ASP NA 173 -140.58 -84.84 -32.14
CA ASP NA 173 -140.76 -85.36 -33.49
C ASP NA 173 -141.57 -84.38 -34.33
N GLU NA 174 -142.73 -84.00 -33.81
CA GLU NA 174 -143.61 -83.10 -34.56
C GLU NA 174 -142.98 -81.73 -34.75
N LEU NA 175 -142.23 -81.25 -33.75
CA LEU NA 175 -141.54 -79.97 -33.93
C LEU NA 175 -140.58 -80.02 -35.11
N LEU NA 176 -139.78 -81.09 -35.19
CA LEU NA 176 -138.85 -81.22 -36.31
C LEU NA 176 -139.59 -81.33 -37.64
N SER NA 177 -140.70 -82.06 -37.68
CA SER NA 177 -141.42 -82.18 -38.94
C SER NA 177 -141.99 -80.83 -39.39
N ASN NA 178 -142.42 -79.99 -38.45
CA ASN NA 178 -142.89 -78.65 -38.81
C ASN NA 178 -141.75 -77.76 -39.30
N MET NA 179 -140.56 -77.90 -38.71
CA MET NA 179 -139.40 -77.20 -39.27
C MET NA 179 -139.12 -77.66 -40.69
N LEU NA 180 -139.30 -78.96 -40.95
CA LEU NA 180 -139.16 -79.50 -42.31
C LEU NA 180 -140.08 -78.78 -43.29
N MET NA 181 -141.37 -78.71 -42.95
CA MET NA 181 -142.33 -78.04 -43.82
C MET NA 181 -141.94 -76.59 -44.06
N ASP NA 182 -141.56 -75.87 -43.00
CA ASP NA 182 -141.15 -74.47 -43.16
C ASP NA 182 -139.93 -74.36 -44.06
N ALA NA 183 -139.00 -75.32 -43.96
CA ALA NA 183 -137.79 -75.27 -44.75
C ALA NA 183 -138.09 -75.45 -46.24
N ALA NA 184 -138.94 -76.42 -46.58
CA ALA NA 184 -139.28 -76.60 -47.99
C ALA NA 184 -140.04 -75.39 -48.53
N ARG NA 185 -140.92 -74.81 -47.71
CA ARG NA 185 -141.64 -73.62 -48.18
C ARG NA 185 -140.68 -72.47 -48.43
N ILE NA 186 -139.70 -72.28 -47.56
CA ILE NA 186 -138.70 -71.23 -47.76
C ILE NA 186 -137.83 -71.55 -48.97
N ALA NA 187 -137.63 -72.83 -49.24
CA ALA NA 187 -136.79 -73.22 -50.37
C ALA NA 187 -137.46 -72.89 -51.70
N GLN NA 188 -138.77 -73.14 -51.82
CA GLN NA 188 -139.45 -72.89 -53.09
C GLN NA 188 -140.23 -71.58 -53.11
N ASP NA 189 -140.16 -70.81 -52.04
CA ASP NA 189 -140.93 -69.58 -51.94
C ASP NA 189 -140.54 -68.64 -53.05
N GLY NA 190 -141.54 -67.98 -53.63
CA GLY NA 190 -141.30 -66.99 -54.66
C GLY NA 190 -142.32 -67.05 -55.77
N PRO NA 191 -142.43 -65.97 -56.53
CA PRO NA 191 -143.34 -65.96 -57.67
C PRO NA 191 -142.86 -66.94 -58.72
N LYS NA 192 -143.80 -67.54 -59.43
CA LYS NA 192 -143.51 -68.43 -60.53
C LYS NA 192 -143.31 -67.66 -61.84
N ASN NA 193 -143.42 -66.32 -61.79
CA ASN NA 193 -143.07 -65.49 -62.94
C ASN NA 193 -141.57 -65.38 -63.11
N THR NA 194 -140.80 -65.63 -62.05
CA THR NA 194 -139.38 -65.35 -62.05
C THR NA 194 -138.58 -66.60 -61.67
N ALA NA 195 -137.33 -66.64 -62.14
CA ALA NA 195 -136.45 -67.78 -61.93
C ALA NA 195 -136.17 -67.98 -60.45
N ARG NA 196 -136.23 -69.23 -59.97
CA ARG NA 196 -135.89 -69.43 -58.57
C ARG NA 196 -135.07 -70.67 -58.21
N LEU NA 197 -135.01 -71.73 -59.02
CA LEU NA 197 -134.28 -72.92 -58.57
C LEU NA 197 -133.15 -73.43 -59.47
N VAL NA 198 -133.44 -73.74 -60.74
CA VAL NA 198 -132.48 -74.49 -61.56
C VAL NA 198 -131.44 -73.56 -62.14
N ALA NA 199 -130.28 -74.12 -62.45
CA ALA NA 199 -129.18 -73.39 -63.06
C ALA NA 199 -128.78 -72.18 -62.22
N ALA NA 200 -129.04 -72.25 -60.91
CA ALA NA 200 -128.86 -71.10 -60.03
C ALA NA 200 -127.40 -70.66 -60.01
N SER NA 201 -127.20 -69.34 -60.11
CA SER NA 201 -125.89 -68.72 -60.01
C SER NA 201 -125.70 -67.97 -58.71
N HIS NA 202 -126.66 -67.13 -58.35
CA HIS NA 202 -126.67 -66.41 -57.09
C HIS NA 202 -128.11 -65.97 -56.82
N GLY NA 203 -128.33 -65.39 -55.64
CA GLY NA 203 -129.63 -64.89 -55.27
C GLY NA 203 -129.68 -63.36 -55.39
N VAL NA 204 -130.82 -62.85 -55.83
CA VAL NA 204 -131.01 -61.40 -55.89
C VAL NA 204 -132.40 -61.08 -55.38
N MET NA 205 -132.49 -60.56 -54.15
CA MET NA 205 -133.82 -60.20 -53.64
C MET NA 205 -134.24 -58.84 -54.17
N PRO NA 206 -135.51 -58.68 -54.56
CA PRO NA 206 -135.91 -57.45 -55.25
C PRO NA 206 -136.08 -56.29 -54.28
N GLN NA 207 -135.87 -55.07 -54.81
CA GLN NA 207 -135.98 -53.86 -54.00
C GLN NA 207 -137.41 -53.61 -53.56
N ALA NA 208 -138.35 -53.79 -54.48
CA ALA NA 208 -139.76 -53.63 -54.20
C ALA NA 208 -140.56 -54.35 -55.28
N PRO OA 20 -106.95 -104.18 -82.03
CA PRO OA 20 -107.77 -104.53 -80.86
C PRO OA 20 -109.26 -104.23 -81.07
N VAL OA 21 -110.08 -105.28 -81.09
CA VAL OA 21 -111.52 -105.17 -81.29
C VAL OA 21 -112.18 -105.13 -79.91
N GLN OA 22 -112.97 -104.09 -79.65
CA GLN OA 22 -113.62 -103.92 -78.36
C GLN OA 22 -115.13 -104.01 -78.49
N SER OA 23 -115.79 -104.47 -77.43
CA SER OA 23 -117.24 -104.64 -77.42
C SER OA 23 -117.90 -103.47 -76.71
N SER OA 24 -119.13 -103.16 -77.11
CA SER OA 24 -119.85 -102.03 -76.54
C SER OA 24 -121.36 -102.26 -76.58
N ARG OA 25 -122.05 -101.42 -75.79
CA ARG OA 25 -123.51 -101.42 -75.66
C ARG OA 25 -124.02 -100.07 -76.11
N THR OA 26 -124.76 -100.04 -77.21
CA THR OA 26 -125.09 -98.79 -77.88
C THR OA 26 -126.55 -98.42 -77.66
N THR OA 27 -126.79 -97.13 -77.48
CA THR OA 27 -128.12 -96.55 -77.67
C THR OA 27 -127.97 -95.34 -78.58
N PHE OA 28 -129.08 -94.95 -79.20
CA PHE OA 28 -129.03 -93.78 -80.06
C PHE OA 28 -128.87 -92.51 -79.24
N GLY OA 29 -128.15 -91.55 -79.81
CA GLY OA 29 -127.99 -90.27 -79.18
C GLY OA 29 -126.59 -89.73 -79.26
N VAL OA 30 -126.37 -88.60 -78.60
CA VAL OA 30 -125.06 -88.00 -78.41
C VAL OA 30 -125.02 -87.48 -76.98
N ASN OA 31 -123.84 -87.55 -76.38
CA ASN OA 31 -123.64 -86.93 -75.08
C ASN OA 31 -124.09 -85.47 -75.13
N PRO OA 32 -124.91 -85.01 -74.20
CA PRO OA 32 -125.62 -83.76 -74.39
C PRO OA 32 -124.70 -82.57 -74.21
N ASP OA 33 -125.20 -81.42 -74.66
CA ASP OA 33 -124.56 -80.15 -74.40
C ASP OA 33 -125.26 -79.52 -73.20
N ARG OA 34 -124.54 -79.35 -72.10
CA ARG OA 34 -125.10 -78.79 -70.89
C ARG OA 34 -124.97 -77.27 -70.90
N GLN OA 35 -125.94 -76.61 -70.27
CA GLN OA 35 -125.94 -75.17 -70.15
C GLN OA 35 -125.24 -74.76 -68.86
N ALA OA 36 -124.52 -73.65 -68.92
CA ALA OA 36 -123.82 -73.16 -67.74
C ALA OA 36 -124.81 -72.69 -66.68
N ASN OA 37 -124.39 -72.75 -65.42
CA ASN OA 37 -125.25 -72.36 -64.30
C ASN OA 37 -125.15 -70.85 -64.05
N ALA OA 38 -125.58 -70.07 -65.05
CA ALA OA 38 -125.45 -68.61 -65.02
C ALA OA 38 -126.80 -67.92 -64.85
N ARG OA 39 -127.73 -68.58 -64.18
CA ARG OA 39 -129.09 -68.08 -64.07
C ARG OA 39 -129.32 -67.53 -62.68
N PRO OA 40 -129.35 -66.21 -62.49
CA PRO OA 40 -129.64 -65.66 -61.16
C PRO OA 40 -131.10 -65.91 -60.77
N VAL OA 41 -131.31 -66.17 -59.48
CA VAL OA 41 -132.60 -66.63 -58.99
C VAL OA 41 -133.15 -65.64 -57.97
N TYR OA 42 -134.42 -65.82 -57.67
CA TYR OA 42 -135.13 -65.00 -56.72
C TYR OA 42 -134.70 -65.35 -55.30
N LEU OA 43 -134.67 -64.33 -54.46
CA LEU OA 43 -134.27 -64.45 -53.07
C LEU OA 43 -135.35 -63.80 -52.22
N ALA OA 44 -135.94 -64.57 -51.31
CA ALA OA 44 -137.08 -64.07 -50.55
C ALA OA 44 -136.66 -62.85 -49.70
N PRO OA 45 -137.48 -61.80 -49.66
CA PRO OA 45 -137.17 -60.65 -48.79
C PRO OA 45 -137.42 -60.91 -47.32
N ALA OA 46 -137.90 -62.09 -46.97
CA ALA OA 46 -138.07 -62.54 -45.59
C ALA OA 46 -138.38 -64.04 -45.62
N ALA OA 47 -138.13 -64.70 -44.49
CA ALA OA 47 -138.30 -66.15 -44.40
C ALA OA 47 -139.49 -66.45 -43.51
N PRO OA 48 -140.58 -67.09 -44.00
CA PRO OA 48 -141.69 -67.38 -43.08
C PRO OA 48 -141.45 -68.69 -42.35
N MET OA 49 -141.63 -68.67 -41.03
CA MET OA 49 -141.51 -69.86 -40.18
C MET OA 49 -142.82 -70.10 -39.44
N GLU OA 50 -143.95 -69.94 -40.12
CA GLU OA 50 -145.24 -69.97 -39.42
C GLU OA 50 -145.56 -71.37 -38.86
N ASN OA 51 -145.29 -72.43 -39.63
CA ASN OA 51 -145.66 -73.78 -39.21
C ASN OA 51 -145.01 -74.15 -37.87
N THR OA 52 -143.68 -74.01 -37.81
CA THR OA 52 -142.94 -74.43 -36.62
C THR OA 52 -143.29 -73.57 -35.41
N TYR OA 53 -143.49 -72.27 -35.59
CA TYR OA 53 -143.74 -71.40 -34.44
C TYR OA 53 -145.18 -71.52 -33.93
N THR OA 54 -146.15 -71.76 -34.82
CA THR OA 54 -147.47 -72.12 -34.32
C THR OA 54 -147.43 -73.44 -33.54
N TYR OA 55 -146.65 -74.42 -34.01
CA TYR OA 55 -146.58 -75.63 -33.21
C TYR OA 55 -145.89 -75.39 -31.86
N LEU OA 56 -144.86 -74.53 -31.85
CA LEU OA 56 -144.21 -74.20 -30.58
C LEU OA 56 -145.18 -73.52 -29.62
N GLY OA 57 -146.03 -72.64 -30.15
CA GLY OA 57 -147.11 -72.11 -29.33
C GLY OA 57 -148.03 -73.21 -28.83
N SER OA 58 -148.26 -74.24 -29.66
CA SER OA 58 -149.11 -75.36 -29.26
C SER OA 58 -148.55 -76.06 -28.03
N ILE OA 59 -147.28 -76.45 -28.04
CA ILE OA 59 -146.73 -77.22 -26.92
C ILE OA 59 -146.29 -76.29 -25.79
N GLN OA 60 -146.59 -74.99 -25.92
CA GLN OA 60 -146.22 -74.00 -24.91
C GLN OA 60 -144.70 -73.92 -24.72
N PHE OA 61 -143.97 -74.09 -25.83
CA PHE OA 61 -142.52 -73.86 -25.88
C PHE OA 61 -141.74 -74.76 -24.93
N ALA OA 62 -142.21 -75.99 -24.73
CA ALA OA 62 -141.54 -76.87 -23.80
C ALA OA 62 -141.78 -78.32 -24.19
N ALA OA 63 -140.75 -79.14 -24.04
CA ALA OA 63 -140.86 -80.57 -24.31
C ALA OA 63 -139.66 -81.25 -23.66
N GLY OA 64 -139.93 -82.27 -22.83
CA GLY OA 64 -138.84 -82.88 -22.09
C GLY OA 64 -138.29 -81.85 -21.13
N ARG OA 65 -136.97 -81.74 -21.07
CA ARG OA 65 -136.37 -80.58 -20.42
C ARG OA 65 -135.74 -79.63 -21.43
N HIS OA 66 -136.17 -79.71 -22.69
CA HIS OA 66 -135.93 -78.63 -23.63
C HIS OA 66 -136.98 -77.54 -23.44
N ILE OA 67 -136.53 -76.31 -23.23
CA ILE OA 67 -137.43 -75.17 -23.26
C ILE OA 67 -136.94 -74.22 -24.35
N PHE OA 68 -137.88 -73.66 -25.12
CA PHE OA 68 -137.55 -72.81 -26.26
C PHE OA 68 -137.94 -71.37 -25.97
N GLY OA 69 -137.44 -70.48 -26.80
CA GLY OA 69 -137.73 -69.06 -26.66
C GLY OA 69 -138.84 -68.61 -27.59
N GLU OA 70 -139.54 -67.57 -27.15
CA GLU OA 70 -140.55 -66.95 -28.01
C GLU OA 70 -139.88 -66.04 -29.02
N PRO OA 71 -140.23 -66.13 -30.29
CA PRO OA 71 -139.59 -65.29 -31.30
C PRO OA 71 -140.10 -63.87 -31.25
N ALA OA 72 -139.42 -63.01 -32.01
CA ALA OA 72 -139.94 -61.67 -32.20
C ALA OA 72 -141.02 -61.66 -33.28
N SER OA 73 -140.74 -62.32 -34.39
CA SER OA 73 -141.67 -62.38 -35.51
C SER OA 73 -141.75 -63.81 -36.02
N ASN OA 74 -142.94 -64.21 -36.46
CA ASN OA 74 -143.10 -65.47 -37.16
C ASN OA 74 -142.41 -65.44 -38.52
N VAL OA 75 -142.23 -64.24 -39.08
CA VAL OA 75 -141.51 -64.06 -40.32
C VAL OA 75 -140.21 -63.34 -40.01
N LEU OA 76 -139.08 -63.98 -40.37
CA LEU OA 76 -137.71 -63.59 -40.09
C LEU OA 76 -137.22 -62.60 -41.13
N PRO OA 77 -136.77 -61.41 -40.72
CA PRO OA 77 -136.22 -60.44 -41.65
C PRO OA 77 -134.82 -60.81 -42.08
N PRO OA 78 -134.32 -60.25 -43.18
CA PRO OA 78 -132.93 -60.52 -43.59
C PRO OA 78 -131.93 -59.73 -42.76
N GLN OA 79 -130.79 -60.37 -42.46
CA GLN OA 79 -129.74 -59.74 -41.66
C GLN OA 79 -128.60 -59.21 -42.51
N ASN OA 80 -128.21 -59.92 -43.56
CA ASN OA 80 -127.04 -59.55 -44.36
C ASN OA 80 -127.34 -59.56 -45.86
N ILE OA 81 -128.58 -59.26 -46.25
CA ILE OA 81 -128.97 -59.31 -47.65
C ILE OA 81 -129.42 -57.91 -48.05
N VAL OA 82 -128.56 -57.21 -48.77
CA VAL OA 82 -128.96 -55.92 -49.35
C VAL OA 82 -129.79 -56.17 -50.60
N PRO OA 83 -130.85 -55.41 -50.85
CA PRO OA 83 -131.65 -55.68 -52.04
C PRO OA 83 -130.92 -55.24 -53.28
N GLY OA 84 -131.08 -56.02 -54.34
CA GLY OA 84 -130.43 -55.70 -55.59
C GLY OA 84 -128.95 -56.02 -55.60
N VAL OA 85 -128.44 -56.65 -54.55
CA VAL OA 85 -127.04 -57.02 -54.47
C VAL OA 85 -126.96 -58.53 -54.59
N PRO OA 86 -126.27 -59.06 -55.60
CA PRO OA 86 -126.13 -60.52 -55.71
C PRO OA 86 -125.37 -61.06 -54.52
N THR OA 87 -125.93 -62.09 -53.89
CA THR OA 87 -125.33 -62.72 -52.72
C THR OA 87 -125.46 -64.22 -52.90
N LYS OA 88 -124.35 -64.95 -52.70
CA LYS OA 88 -124.36 -66.41 -52.77
C LYS OA 88 -124.62 -67.02 -51.40
N HIS OA 89 -124.74 -66.20 -50.37
CA HIS OA 89 -125.01 -66.67 -49.02
C HIS OA 89 -125.72 -65.58 -48.24
N GLY OA 90 -126.81 -65.94 -47.59
CA GLY OA 90 -127.63 -64.96 -46.88
C GLY OA 90 -128.32 -65.58 -45.69
N GLU OA 91 -128.65 -64.72 -44.72
CA GLU OA 91 -129.18 -65.19 -43.45
C GLU OA 91 -130.36 -64.32 -43.02
N TYR OA 92 -131.44 -64.97 -42.62
CA TYR OA 92 -132.54 -64.32 -41.93
C TYR OA 92 -132.47 -64.74 -40.47
N VAL OA 93 -132.78 -63.82 -39.56
CA VAL OA 93 -132.59 -64.12 -38.15
C VAL OA 93 -133.61 -63.34 -37.33
N THR OA 94 -134.21 -63.99 -36.36
CA THR OA 94 -135.01 -63.26 -35.39
C THR OA 94 -134.63 -63.66 -33.97
N THR OA 95 -134.84 -62.74 -33.05
CA THR OA 95 -134.35 -62.91 -31.70
C THR OA 95 -135.39 -63.66 -30.87
N ASN OA 96 -134.93 -64.54 -29.99
CA ASN OA 96 -135.75 -65.35 -29.09
C ASN OA 96 -135.58 -64.78 -27.69
N THR OA 97 -136.70 -64.50 -27.02
CA THR OA 97 -136.66 -64.01 -25.64
C THR OA 97 -137.53 -64.92 -24.78
N GLY OA 98 -137.37 -64.81 -23.46
CA GLY OA 98 -138.13 -65.64 -22.54
C GLY OA 98 -137.80 -65.29 -21.11
N ASP OA 99 -138.66 -65.76 -20.20
CA ASP OA 99 -138.50 -65.52 -18.78
C ASP OA 99 -137.28 -66.26 -18.27
N ARG OA 100 -136.31 -65.51 -17.75
CA ARG OA 100 -135.03 -66.05 -17.28
C ARG OA 100 -134.33 -66.82 -18.38
N LEU OA 101 -134.38 -66.26 -19.60
CA LEU OA 101 -133.64 -66.76 -20.75
C LEU OA 101 -132.75 -65.66 -21.27
N MET OA 102 -131.52 -66.02 -21.66
CA MET OA 102 -130.67 -65.07 -22.35
C MET OA 102 -131.09 -65.02 -23.81
N ALA OA 103 -131.35 -63.81 -24.31
CA ALA OA 103 -131.82 -63.67 -25.69
C ALA OA 103 -130.90 -64.42 -26.64
N SER OA 104 -131.49 -65.21 -27.55
CA SER OA 104 -130.72 -66.04 -28.47
C SER OA 104 -131.36 -66.05 -29.85
N SER OA 105 -130.54 -66.07 -30.88
CA SER OA 105 -131.01 -65.85 -32.23
C SER OA 105 -131.35 -67.19 -32.89
N THR OA 106 -132.50 -67.23 -33.56
CA THR OA 106 -132.86 -68.36 -34.42
C THR OA 106 -132.63 -67.96 -35.87
N THR OA 107 -132.01 -68.86 -36.65
CA THR OA 107 -131.36 -68.51 -37.90
C THR OA 107 -131.82 -69.39 -39.06
N VAL OA 108 -132.06 -68.76 -40.20
CA VAL OA 108 -132.40 -69.44 -41.45
C VAL OA 108 -131.38 -69.03 -42.49
N THR OA 109 -130.64 -70.00 -43.01
CA THR OA 109 -129.48 -69.75 -43.87
C THR OA 109 -129.76 -70.29 -45.26
N ARG OA 110 -129.52 -69.46 -46.28
CA ARG OA 110 -129.69 -69.86 -47.68
C ARG OA 110 -128.38 -69.70 -48.43
N ASP OA 111 -127.95 -70.77 -49.09
CA ASP OA 111 -126.75 -70.78 -49.90
C ASP OA 111 -127.14 -71.14 -51.32
N VAL OA 112 -126.97 -70.20 -52.24
CA VAL OA 112 -127.27 -70.40 -53.65
C VAL OA 112 -125.97 -70.31 -54.42
N SER OA 113 -125.47 -71.44 -54.95
CA SER OA 113 -124.25 -71.39 -55.75
C SER OA 113 -124.16 -72.61 -56.66
N ASN OA 114 -123.68 -72.37 -57.88
CA ASN OA 114 -123.34 -73.42 -58.84
C ASN OA 114 -124.49 -74.40 -59.09
N GLY OA 115 -125.70 -73.84 -59.20
CA GLY OA 115 -126.90 -74.62 -59.44
C GLY OA 115 -127.46 -75.35 -58.23
N ARG OA 116 -126.82 -75.26 -57.08
CA ARG OA 116 -127.28 -75.92 -55.88
C ARG OA 116 -127.77 -74.87 -54.91
N THR OA 117 -129.00 -75.02 -54.45
CA THR OA 117 -129.58 -74.11 -53.47
C THR OA 117 -129.87 -74.91 -52.20
N LYS OA 118 -129.51 -74.36 -51.04
CA LYS OA 118 -129.62 -75.08 -49.78
C LYS OA 118 -130.10 -74.14 -48.67
N VAL OA 119 -131.15 -74.57 -47.97
CA VAL OA 119 -131.75 -73.81 -46.88
C VAL OA 119 -131.60 -74.62 -45.59
N SER OA 120 -131.10 -73.98 -44.54
CA SER OA 120 -130.90 -74.60 -43.24
C SER OA 120 -131.59 -73.77 -42.16
N ILE OA 121 -132.19 -74.45 -41.19
CA ILE OA 121 -132.90 -73.79 -40.09
C ILE OA 121 -132.33 -74.30 -38.77
N ASP OA 122 -131.97 -73.37 -37.88
CA ASP OA 122 -131.34 -73.68 -36.60
C ASP OA 122 -132.07 -72.92 -35.51
N ILE OA 123 -132.70 -73.64 -34.58
CA ILE OA 123 -133.38 -73.05 -33.44
C ILE OA 123 -132.75 -73.57 -32.16
N PRO OA 124 -132.41 -72.71 -31.21
CA PRO OA 124 -131.79 -73.15 -29.96
C PRO OA 124 -132.79 -73.51 -28.87
N TYR OA 125 -132.30 -74.27 -27.89
CA TYR OA 125 -133.08 -74.68 -26.72
C TYR OA 125 -132.21 -74.58 -25.47
N TYR OA 126 -132.88 -74.38 -24.33
CA TYR OA 126 -132.27 -74.20 -23.02
C TYR OA 126 -132.67 -75.34 -22.08
N ASP OA 127 -131.91 -75.42 -20.97
CA ASP OA 127 -132.12 -76.40 -19.91
C ASP OA 127 -133.31 -76.02 -19.04
N ARG OA 128 -134.43 -76.70 -19.29
CA ARG OA 128 -135.67 -76.40 -18.55
C ARG OA 128 -135.48 -76.59 -17.05
N ASN OA 129 -134.61 -77.51 -16.64
CA ASN OA 129 -134.38 -77.73 -15.21
C ASN OA 129 -133.76 -76.51 -14.57
N ALA OA 130 -132.75 -75.94 -15.22
CA ALA OA 130 -132.12 -74.72 -14.73
C ALA OA 130 -133.12 -73.57 -14.73
N VAL OA 131 -133.87 -73.41 -15.83
CA VAL OA 131 -134.77 -72.27 -15.93
C VAL OA 131 -135.83 -72.34 -14.84
N GLU OA 132 -136.45 -73.51 -14.66
CA GLU OA 132 -137.54 -73.65 -13.69
C GLU OA 132 -137.03 -73.62 -12.26
N THR OA 133 -135.82 -74.13 -12.00
CA THR OA 133 -135.23 -73.96 -10.67
C THR OA 133 -135.01 -72.48 -10.36
N LEU OA 134 -134.55 -71.70 -11.33
CA LEU OA 134 -134.41 -70.26 -11.15
C LEU OA 134 -135.76 -69.60 -10.90
N LYS OA 135 -136.77 -69.94 -11.71
CA LYS OA 135 -138.09 -69.34 -11.58
C LYS OA 135 -138.70 -69.66 -10.22
N ALA OA 136 -138.75 -70.95 -9.85
CA ALA OA 136 -139.33 -71.34 -8.57
C ALA OA 136 -138.55 -70.73 -7.41
N SER OA 137 -137.23 -70.66 -7.52
CA SER OA 137 -136.47 -70.06 -6.43
C SER OA 137 -136.42 -68.54 -6.51
N ALA OA 138 -137.06 -67.93 -7.49
CA ALA OA 138 -137.02 -66.46 -7.63
C ALA OA 138 -135.58 -65.95 -7.67
N ILE OA 139 -134.77 -66.57 -8.51
CA ILE OA 139 -133.37 -66.16 -8.70
C ILE OA 139 -133.31 -65.35 -9.99
N PRO OA 140 -132.58 -64.23 -10.03
CA PRO OA 140 -132.57 -63.41 -11.24
C PRO OA 140 -131.57 -63.80 -12.31
N GLY OA 141 -131.06 -65.02 -12.32
CA GLY OA 141 -130.14 -65.43 -13.36
C GLY OA 141 -130.85 -65.67 -14.69
N ALA OA 142 -130.13 -65.40 -15.78
CA ALA OA 142 -130.60 -65.67 -17.13
C ALA OA 142 -129.75 -66.78 -17.75
N VAL OA 143 -130.40 -67.70 -18.45
CA VAL OA 143 -129.75 -68.92 -18.94
C VAL OA 143 -129.44 -68.77 -20.42
N ALA OA 144 -128.22 -69.15 -20.80
CA ALA OA 144 -127.81 -69.26 -22.19
C ALA OA 144 -128.24 -70.60 -22.77
N PRO OA 145 -128.37 -70.71 -24.09
CA PRO OA 145 -128.88 -71.94 -24.69
C PRO OA 145 -127.91 -73.11 -24.49
N VAL OA 146 -128.49 -74.28 -24.24
CA VAL OA 146 -127.68 -75.48 -24.07
C VAL OA 146 -127.45 -76.19 -25.39
N GLY OA 147 -128.37 -76.07 -26.35
CA GLY OA 147 -128.14 -76.74 -27.62
C GLY OA 147 -129.03 -76.18 -28.71
N SER OA 148 -129.14 -76.93 -29.81
CA SER OA 148 -129.97 -76.50 -30.92
C SER OA 148 -130.46 -77.70 -31.71
N PHE OA 149 -131.49 -77.46 -32.53
CA PHE OA 149 -131.98 -78.41 -33.52
C PHE OA 149 -131.92 -77.78 -34.91
N LYS OA 150 -131.54 -78.60 -35.89
CA LYS OA 150 -131.27 -78.14 -37.25
C LYS OA 150 -131.94 -79.03 -38.29
N VAL OA 151 -132.41 -78.38 -39.35
CA VAL OA 151 -133.04 -79.05 -40.48
C VAL OA 151 -132.49 -78.45 -41.77
N ASN OA 152 -131.97 -79.31 -42.65
CA ASN OA 152 -131.35 -78.92 -43.91
C ASN OA 152 -132.19 -79.40 -45.09
N VAL OA 153 -132.21 -78.60 -46.15
CA VAL OA 153 -132.95 -78.91 -47.36
C VAL OA 153 -132.10 -78.43 -48.54
N GLU OA 154 -132.02 -79.26 -49.59
CA GLU OA 154 -131.02 -79.05 -50.63
C GLU OA 154 -131.59 -79.46 -51.98
N VAL OA 155 -131.32 -78.65 -53.00
CA VAL OA 155 -131.87 -78.85 -54.34
C VAL OA 155 -130.71 -78.74 -55.33
N LEU OA 156 -130.40 -79.86 -56.00
CA LEU OA 156 -129.31 -79.91 -56.98
C LEU OA 156 -129.91 -79.67 -58.36
N GLY OA 157 -129.99 -78.41 -58.76
CA GLY OA 157 -130.62 -78.00 -60.00
C GLY OA 157 -129.70 -77.69 -61.14
N GLY OA 158 -128.47 -78.16 -61.10
CA GLY OA 158 -127.53 -77.89 -62.16
C GLY OA 158 -127.66 -78.87 -63.30
N GLY OA 159 -127.09 -78.48 -64.44
CA GLY OA 159 -126.98 -79.38 -65.57
C GLY OA 159 -128.09 -79.26 -66.57
N VAL OA 160 -128.80 -78.13 -66.59
CA VAL OA 160 -129.90 -77.95 -67.53
C VAL OA 160 -129.36 -78.04 -68.95
N LEU OA 161 -130.08 -78.78 -69.79
CA LEU OA 161 -129.68 -79.01 -71.17
C LEU OA 161 -129.81 -77.73 -71.99
N THR OA 162 -129.01 -77.66 -73.07
CA THR OA 162 -128.86 -76.40 -73.80
C THR OA 162 -130.16 -75.99 -74.51
N GLY OA 163 -130.89 -76.95 -75.05
CA GLY OA 163 -132.13 -76.60 -75.72
C GLY OA 163 -133.15 -75.90 -74.84
N THR OA 164 -133.13 -76.18 -73.53
CA THR OA 164 -134.14 -75.67 -72.61
C THR OA 164 -134.15 -74.14 -72.59
N ASP OA 165 -135.31 -73.56 -72.82
CA ASP OA 165 -135.41 -72.11 -72.81
C ASP OA 165 -135.94 -71.62 -71.46
N ALA OA 166 -136.19 -70.31 -71.35
CA ALA OA 166 -136.55 -69.72 -70.06
C ALA OA 166 -137.88 -70.26 -69.54
N ASN OA 167 -138.88 -70.30 -70.43
CA ASN OA 167 -140.19 -70.80 -70.04
C ASN OA 167 -140.11 -72.24 -69.55
N ALA OA 168 -139.33 -73.08 -70.24
CA ALA OA 168 -139.14 -74.45 -69.80
C ALA OA 168 -138.46 -74.51 -68.43
N GLN OA 169 -137.48 -73.62 -68.20
CA GLN OA 169 -136.81 -73.62 -66.91
C GLN OA 169 -137.79 -73.27 -65.79
N PHE OA 170 -138.79 -72.44 -66.07
CA PHE OA 170 -139.84 -72.23 -65.07
C PHE OA 170 -140.48 -73.55 -64.65
N ALA OA 171 -140.80 -74.38 -65.63
CA ALA OA 171 -141.41 -75.68 -65.36
C ALA OA 171 -140.48 -76.54 -64.51
N LEU OA 172 -139.19 -76.52 -64.83
CA LEU OA 172 -138.24 -77.28 -64.03
C LEU OA 172 -138.21 -76.75 -62.60
N ASP OA 173 -138.36 -75.43 -62.42
CA ASP OA 173 -138.43 -74.84 -61.09
C ASP OA 173 -139.56 -75.49 -60.29
N GLU OA 174 -140.76 -75.48 -60.84
CA GLU OA 174 -141.89 -76.03 -60.10
C GLU OA 174 -141.73 -77.55 -59.90
N LEU OA 175 -141.10 -78.23 -60.86
CA LEU OA 175 -140.87 -79.67 -60.69
C LEU OA 175 -140.00 -79.95 -59.47
N LEU OA 176 -138.89 -79.24 -59.34
CA LEU OA 176 -138.05 -79.40 -58.17
C LEU OA 176 -138.80 -79.01 -56.90
N SER OA 177 -139.67 -77.99 -56.99
CA SER OA 177 -140.49 -77.63 -55.84
C SER OA 177 -141.33 -78.81 -55.37
N ASN OA 178 -141.98 -79.50 -56.30
CA ASN OA 178 -142.84 -80.61 -55.91
C ASN OA 178 -142.03 -81.80 -55.39
N MET OA 179 -140.82 -82.01 -55.94
CA MET OA 179 -139.95 -83.04 -55.38
C MET OA 179 -139.56 -82.69 -53.95
N LEU OA 180 -139.32 -81.41 -53.68
CA LEU OA 180 -139.09 -80.94 -52.31
C LEU OA 180 -140.23 -81.33 -51.39
N MET OA 181 -141.45 -80.96 -51.78
CA MET OA 181 -142.62 -81.28 -50.96
C MET OA 181 -142.71 -82.78 -50.69
N ASP OA 182 -142.49 -83.59 -51.72
CA ASP OA 182 -142.56 -85.04 -51.56
C ASP OA 182 -141.47 -85.53 -50.62
N ALA OA 183 -140.26 -84.98 -50.72
CA ALA OA 183 -139.19 -85.41 -49.85
C ALA OA 183 -139.51 -85.10 -48.38
N ALA OA 184 -140.05 -83.91 -48.11
CA ALA OA 184 -140.39 -83.56 -46.74
C ALA OA 184 -141.50 -84.44 -46.20
N ARG OA 185 -142.50 -84.74 -47.03
CA ARG OA 185 -143.55 -85.65 -46.60
C ARG OA 185 -143.00 -87.03 -46.30
N ILE OA 186 -142.11 -87.54 -47.16
CA ILE OA 186 -141.51 -88.86 -46.94
C ILE OA 186 -140.65 -88.87 -45.69
N ALA OA 187 -140.07 -87.71 -45.34
CA ALA OA 187 -139.25 -87.62 -44.15
C ALA OA 187 -140.10 -87.69 -42.89
N GLN OA 188 -141.16 -86.88 -42.82
CA GLN OA 188 -142.02 -86.86 -41.64
C GLN OA 188 -143.07 -87.96 -41.62
N ASP OA 189 -143.13 -88.78 -42.67
CA ASP OA 189 -144.21 -89.75 -42.82
C ASP OA 189 -144.24 -90.73 -41.66
N GLY OA 190 -145.46 -91.02 -41.19
CA GLY OA 190 -145.65 -92.00 -40.15
C GLY OA 190 -146.70 -91.61 -39.14
N PRO OA 191 -147.16 -92.59 -38.36
CA PRO OA 191 -148.07 -92.28 -37.26
C PRO OA 191 -147.38 -91.41 -36.23
N LYS OA 192 -148.17 -90.53 -35.62
CA LYS OA 192 -147.67 -89.79 -34.46
C LYS OA 192 -147.72 -90.61 -33.19
N ASN OA 193 -148.20 -91.86 -33.27
CA ASN OA 193 -148.15 -92.79 -32.14
C ASN OA 193 -146.75 -93.32 -31.90
N THR OA 194 -145.93 -93.40 -32.95
CA THR OA 194 -144.64 -94.06 -32.87
C THR OA 194 -143.50 -93.08 -33.15
N ALA OA 195 -142.32 -93.47 -32.70
CA ALA OA 195 -141.12 -92.65 -32.85
C ALA OA 195 -140.72 -92.54 -34.31
N ARG OA 196 -140.42 -91.32 -34.77
CA ARG OA 196 -140.01 -91.23 -36.17
C ARG OA 196 -138.77 -90.37 -36.46
N LEU OA 197 -138.44 -89.36 -35.63
CA LEU OA 197 -137.30 -88.50 -35.94
C LEU OA 197 -136.17 -88.37 -34.91
N VAL OA 198 -136.47 -87.93 -33.68
CA VAL OA 198 -135.41 -87.49 -32.76
C VAL OA 198 -134.73 -88.69 -32.14
N ALA OA 199 -133.45 -88.51 -31.78
CA ALA OA 199 -132.64 -89.57 -31.18
C ALA OA 199 -132.68 -90.84 -32.02
N ALA OA 200 -132.78 -90.67 -33.34
CA ALA OA 200 -132.91 -91.82 -34.23
C ALA OA 200 -131.68 -92.71 -34.16
N SER OA 201 -131.91 -94.03 -34.15
CA SER OA 201 -130.83 -95.02 -34.22
C SER OA 201 -130.88 -95.88 -35.46
N HIS OA 202 -132.07 -96.34 -35.85
CA HIS OA 202 -132.26 -97.22 -36.99
C HIS OA 202 -133.75 -97.26 -37.31
N GLY OA 203 -134.06 -97.72 -38.52
CA GLY OA 203 -135.43 -97.76 -39.00
C GLY OA 203 -135.91 -99.20 -39.04
N VAL OA 204 -137.19 -99.39 -38.72
CA VAL OA 204 -137.81 -100.71 -38.76
C VAL OA 204 -139.17 -100.58 -39.43
N MET OA 205 -139.41 -101.40 -40.45
CA MET OA 205 -140.69 -101.41 -41.16
C MET OA 205 -141.69 -102.24 -40.38
N PRO OA 206 -142.92 -101.74 -40.17
CA PRO OA 206 -143.87 -102.47 -39.33
C PRO OA 206 -144.28 -103.80 -39.96
N GLN OA 207 -144.71 -104.72 -39.09
CA GLN OA 207 -145.08 -106.06 -39.53
C GLN OA 207 -146.08 -106.02 -40.67
N ALA OA 208 -147.08 -105.14 -40.57
CA ALA OA 208 -148.03 -104.87 -41.65
C ALA OA 208 -148.59 -106.15 -42.23
N SER PA 23 -119.83 -74.15 -24.65
CA SER PA 23 -120.12 -74.00 -23.23
C SER PA 23 -121.21 -72.95 -22.99
N SER PA 24 -122.26 -73.34 -22.26
CA SER PA 24 -123.40 -72.47 -21.97
C SER PA 24 -123.38 -72.08 -20.51
N ARG PA 25 -123.49 -70.77 -20.24
CA ARG PA 25 -123.36 -70.24 -18.90
C ARG PA 25 -124.54 -69.32 -18.59
N THR PA 26 -125.08 -69.47 -17.38
CA THR PA 26 -126.09 -68.55 -16.89
C THR PA 26 -125.41 -67.31 -16.32
N THR PA 27 -125.98 -66.16 -16.63
CA THR PA 27 -125.39 -64.86 -16.32
C THR PA 27 -126.26 -64.11 -15.32
N PHE PA 28 -125.61 -63.53 -14.31
CA PHE PA 28 -126.23 -62.67 -13.31
C PHE PA 28 -125.69 -61.27 -13.54
N GLY PA 29 -126.60 -60.31 -13.66
CA GLY PA 29 -126.17 -58.96 -13.95
C GLY PA 29 -126.12 -58.69 -15.45
N VAL PA 30 -125.29 -57.72 -15.80
CA VAL PA 30 -125.19 -57.24 -17.16
C VAL PA 30 -124.39 -58.22 -18.01
N ASN PA 31 -124.92 -58.55 -19.19
CA ASN PA 31 -124.17 -59.31 -20.18
C ASN PA 31 -123.70 -58.36 -21.26
N PRO PA 32 -122.40 -58.07 -21.37
CA PRO PA 32 -121.92 -57.08 -22.34
C PRO PA 32 -121.53 -57.63 -23.71
N ASP PA 33 -121.88 -58.88 -24.04
CA ASP PA 33 -121.52 -59.43 -25.35
C ASP PA 33 -122.02 -58.54 -26.48
N ARG PA 34 -121.11 -58.12 -27.35
CA ARG PA 34 -121.44 -57.29 -28.50
C ARG PA 34 -121.46 -58.13 -29.78
N GLN PA 35 -122.28 -57.70 -30.73
CA GLN PA 35 -122.42 -58.37 -32.02
C GLN PA 35 -121.33 -57.88 -32.96
N ALA PA 36 -120.67 -58.83 -33.62
CA ALA PA 36 -119.57 -58.50 -34.53
C ALA PA 36 -120.06 -57.57 -35.65
N ASN PA 37 -119.20 -56.59 -35.98
CA ASN PA 37 -119.52 -55.58 -36.99
C ASN PA 37 -119.29 -56.16 -38.38
N ALA PA 38 -120.22 -57.05 -38.79
CA ALA PA 38 -120.09 -57.83 -40.02
C ALA PA 38 -121.42 -57.77 -40.78
N ARG PA 39 -121.94 -56.55 -40.96
CA ARG PA 39 -123.25 -56.32 -41.59
C ARG PA 39 -123.09 -55.42 -42.80
N PRO PA 40 -123.36 -55.91 -44.01
CA PRO PA 40 -123.34 -55.02 -45.17
C PRO PA 40 -124.41 -53.94 -45.07
N VAL PA 41 -124.10 -52.76 -45.59
CA VAL PA 41 -125.00 -51.63 -45.52
C VAL PA 41 -125.23 -51.06 -46.90
N TYR PA 42 -126.40 -50.45 -47.07
CA TYR PA 42 -126.79 -49.88 -48.35
C TYR PA 42 -125.89 -48.72 -48.73
N LEU PA 43 -125.54 -48.66 -50.01
CA LEU PA 43 -124.66 -47.64 -50.55
C LEU PA 43 -125.38 -46.93 -51.69
N ALA PA 44 -125.66 -45.65 -51.50
CA ALA PA 44 -126.46 -44.89 -52.46
C ALA PA 44 -125.81 -44.92 -53.84
N PRO PA 45 -126.60 -45.04 -54.92
CA PRO PA 45 -126.01 -45.08 -56.27
C PRO PA 45 -125.52 -43.73 -56.76
N ALA PA 46 -125.77 -42.66 -56.01
CA ALA PA 46 -125.30 -41.32 -56.34
C ALA PA 46 -125.48 -40.46 -55.11
N ALA PA 47 -124.77 -39.33 -55.08
CA ALA PA 47 -124.79 -38.47 -53.89
C ALA PA 47 -125.53 -37.18 -54.23
N PRO PA 48 -126.70 -36.90 -53.64
CA PRO PA 48 -127.37 -35.63 -53.93
C PRO PA 48 -126.77 -34.48 -53.13
N MET PA 49 -126.34 -33.43 -53.83
CA MET PA 49 -125.86 -32.21 -53.18
C MET PA 49 -126.75 -31.03 -53.48
N GLU PA 50 -128.07 -31.23 -53.46
CA GLU PA 50 -128.97 -30.20 -53.97
C GLU PA 50 -128.93 -28.93 -53.13
N ASN PA 51 -128.90 -29.06 -51.80
CA ASN PA 51 -128.98 -27.89 -50.93
C ASN PA 51 -127.83 -26.92 -51.18
N THR PA 52 -126.60 -27.42 -51.17
CA THR PA 52 -125.43 -26.56 -51.27
C THR PA 52 -125.33 -25.90 -52.65
N TYR PA 53 -125.67 -26.63 -53.72
CA TYR PA 53 -125.54 -26.06 -55.07
C TYR PA 53 -126.68 -25.11 -55.39
N THR PA 54 -127.88 -25.35 -54.87
CA THR PA 54 -128.91 -24.32 -55.00
C THR PA 54 -128.49 -23.04 -54.25
N TYR PA 55 -127.90 -23.18 -53.06
CA TYR PA 55 -127.47 -21.95 -52.39
C TYR PA 55 -126.33 -21.26 -53.16
N LEU PA 56 -125.42 -22.04 -53.74
CA LEU PA 56 -124.34 -21.46 -54.54
C LEU PA 56 -124.90 -20.71 -55.75
N GLY PA 57 -125.92 -21.26 -56.40
CA GLY PA 57 -126.62 -20.51 -57.42
C GLY PA 57 -127.25 -19.24 -56.85
N SER PA 58 -127.77 -19.32 -55.63
CA SER PA 58 -128.36 -18.13 -54.99
C SER PA 58 -127.35 -17.00 -54.89
N ILE PA 59 -126.13 -17.28 -54.45
CA ILE PA 59 -125.18 -16.17 -54.28
C ILE PA 59 -124.35 -15.96 -55.54
N GLN PA 60 -124.74 -16.61 -56.64
CA GLN PA 60 -124.04 -16.47 -57.92
C GLN PA 60 -122.60 -16.94 -57.82
N PHE PA 61 -122.37 -17.99 -57.02
CA PHE PA 61 -121.08 -18.68 -56.95
C PHE PA 61 -119.95 -17.75 -56.56
N ALA PA 62 -120.22 -16.82 -55.64
CA ALA PA 62 -119.19 -15.85 -55.24
C ALA PA 62 -119.55 -15.26 -53.89
N ALA PA 63 -118.63 -15.36 -52.94
CA ALA PA 63 -118.76 -14.69 -51.65
C ALA PA 63 -117.41 -14.06 -51.32
N GLY PA 64 -117.41 -12.74 -51.16
CA GLY PA 64 -116.18 -12.03 -50.86
C GLY PA 64 -115.14 -12.21 -51.94
N ARG PA 65 -113.97 -12.66 -51.54
CA ARG PA 65 -112.91 -12.96 -52.49
C ARG PA 65 -112.90 -14.42 -52.93
N HIS PA 66 -113.84 -15.22 -52.44
CA HIS PA 66 -113.98 -16.62 -52.84
C HIS PA 66 -114.90 -16.69 -54.05
N ILE PA 67 -114.41 -17.25 -55.15
CA ILE PA 67 -115.27 -17.55 -56.29
C ILE PA 67 -115.31 -19.05 -56.47
N PHE PA 68 -116.50 -19.60 -56.74
CA PHE PA 68 -116.69 -21.03 -56.85
C PHE PA 68 -116.98 -21.41 -58.30
N GLY PA 69 -116.83 -22.69 -58.59
CA GLY PA 69 -117.12 -23.18 -59.92
C GLY PA 69 -118.50 -23.79 -60.04
N GLU PA 70 -119.00 -23.85 -61.28
CA GLU PA 70 -120.32 -24.41 -61.55
C GLU PA 70 -120.23 -25.92 -61.75
N PRO PA 71 -120.97 -26.72 -60.99
CA PRO PA 71 -120.85 -28.16 -61.15
C PRO PA 71 -121.50 -28.65 -62.43
N ALA PA 72 -121.08 -29.83 -62.88
CA ALA PA 72 -121.76 -30.44 -64.01
C ALA PA 72 -123.13 -30.97 -63.60
N SER PA 73 -123.25 -31.53 -62.40
CA SER PA 73 -124.54 -32.03 -61.92
C SER PA 73 -124.72 -31.69 -60.46
N ASN PA 74 -126.00 -31.56 -60.07
CA ASN PA 74 -126.35 -31.42 -58.66
C ASN PA 74 -126.27 -32.74 -57.93
N VAL PA 75 -126.34 -33.85 -58.66
CA VAL PA 75 -126.22 -35.19 -58.10
C VAL PA 75 -124.95 -35.81 -58.67
N LEU PA 76 -124.09 -36.29 -57.77
CA LEU PA 76 -122.74 -36.72 -58.14
C LEU PA 76 -122.70 -38.23 -58.38
N PRO PA 77 -122.18 -38.65 -59.53
CA PRO PA 77 -122.12 -40.09 -59.85
C PRO PA 77 -120.94 -40.75 -59.16
N PRO PA 78 -120.97 -42.08 -58.99
CA PRO PA 78 -119.84 -42.75 -58.33
C PRO PA 78 -118.63 -42.77 -59.24
N GLN PA 79 -117.46 -42.59 -58.64
CA GLN PA 79 -116.20 -42.65 -59.35
C GLN PA 79 -115.51 -44.00 -59.23
N ASN PA 80 -115.48 -44.58 -58.03
CA ASN PA 80 -114.76 -45.82 -57.80
C ASN PA 80 -115.63 -46.90 -57.14
N ILE PA 81 -116.94 -46.83 -57.33
CA ILE PA 81 -117.88 -47.78 -56.76
C ILE PA 81 -118.54 -48.54 -57.90
N VAL PA 82 -118.57 -49.87 -57.78
CA VAL PA 82 -119.17 -50.74 -58.77
C VAL PA 82 -120.33 -51.47 -58.10
N PRO PA 83 -121.50 -51.55 -58.74
CA PRO PA 83 -122.62 -52.21 -58.09
C PRO PA 83 -122.33 -53.67 -57.85
N GLY PA 84 -122.71 -54.13 -56.67
CA GLY PA 84 -122.55 -55.52 -56.31
C GLY PA 84 -121.19 -55.85 -55.75
N VAL PA 85 -120.25 -54.91 -55.74
CA VAL PA 85 -118.91 -55.17 -55.25
C VAL PA 85 -118.77 -54.43 -53.92
N PRO PA 86 -118.53 -55.13 -52.82
CA PRO PA 86 -118.39 -54.43 -51.53
C PRO PA 86 -117.14 -53.59 -51.52
N THR PA 87 -117.27 -52.36 -51.02
CA THR PA 87 -116.14 -51.46 -50.87
C THR PA 87 -116.23 -50.81 -49.50
N LYS PA 88 -115.08 -50.47 -48.92
CA LYS PA 88 -115.02 -49.79 -47.65
C LYS PA 88 -114.70 -48.31 -47.81
N HIS PA 89 -114.44 -47.88 -49.04
CA HIS PA 89 -114.14 -46.49 -49.33
C HIS PA 89 -114.66 -46.19 -50.73
N GLY PA 90 -115.47 -45.15 -50.85
CA GLY PA 90 -116.06 -44.81 -52.12
C GLY PA 90 -116.14 -43.31 -52.30
N GLU PA 91 -116.18 -42.89 -53.55
CA GLU PA 91 -116.12 -41.47 -53.87
C GLU PA 91 -117.09 -41.15 -54.99
N TYR PA 92 -117.88 -40.09 -54.80
CA TYR PA 92 -118.66 -39.48 -55.87
C TYR PA 92 -118.02 -38.15 -56.22
N VAL PA 93 -118.07 -37.77 -57.49
CA VAL PA 93 -117.30 -36.62 -57.93
C VAL PA 93 -117.97 -35.97 -59.14
N THR PA 94 -117.91 -34.65 -59.19
CA THR PA 94 -118.23 -33.96 -60.43
C THR PA 94 -117.19 -32.87 -60.71
N THR PA 95 -117.33 -32.18 -61.83
CA THR PA 95 -116.34 -31.18 -62.25
C THR PA 95 -116.97 -29.79 -62.21
N ASN PA 96 -116.35 -28.88 -61.45
CA ASN PA 96 -116.69 -27.47 -61.47
C ASN PA 96 -115.87 -26.83 -62.59
N THR PA 97 -116.57 -26.14 -63.50
CA THR PA 97 -115.97 -25.32 -64.54
C THR PA 97 -116.40 -23.87 -64.31
N GLY PA 98 -115.67 -22.95 -64.93
CA GLY PA 98 -115.90 -21.53 -64.70
C GLY PA 98 -115.13 -20.68 -65.68
N ASP PA 99 -115.55 -19.43 -65.77
CA ASP PA 99 -114.90 -18.47 -66.67
C ASP PA 99 -113.53 -18.09 -66.12
N ARG PA 100 -112.50 -18.24 -66.96
CA ARG PA 100 -111.10 -18.03 -66.58
C ARG PA 100 -110.67 -18.99 -65.47
N LEU PA 101 -111.28 -20.17 -65.41
CA LEU PA 101 -110.99 -21.14 -64.37
C LEU PA 101 -110.57 -22.48 -64.97
N MET PA 102 -109.70 -23.16 -64.25
CA MET PA 102 -109.29 -24.51 -64.61
C MET PA 102 -110.19 -25.52 -63.92
N ALA PA 103 -110.67 -26.49 -64.69
CA ALA PA 103 -111.62 -27.47 -64.18
C ALA PA 103 -111.12 -28.12 -62.89
N SER PA 104 -111.96 -28.08 -61.86
CA SER PA 104 -111.58 -28.65 -60.56
C SER PA 104 -112.72 -29.50 -60.02
N SER PA 105 -112.37 -30.68 -59.54
CA SER PA 105 -113.38 -31.64 -59.13
C SER PA 105 -113.87 -31.37 -57.71
N THR PA 106 -115.17 -31.58 -57.50
CA THR PA 106 -115.83 -31.54 -56.20
C THR PA 106 -116.12 -32.97 -55.76
N THR PA 107 -115.72 -33.32 -54.53
CA THR PA 107 -115.64 -34.72 -54.11
C THR PA 107 -116.47 -34.99 -52.86
N VAL PA 108 -117.12 -36.16 -52.83
CA VAL PA 108 -117.91 -36.63 -51.71
C VAL PA 108 -117.43 -38.03 -51.38
N THR PA 109 -116.80 -38.19 -50.22
CA THR PA 109 -116.14 -39.41 -49.82
C THR PA 109 -116.93 -40.11 -48.72
N ARG PA 110 -117.09 -41.43 -48.84
CA ARG PA 110 -117.80 -42.22 -47.84
C ARG PA 110 -116.95 -43.41 -47.44
N ASP PA 111 -116.71 -43.55 -46.13
CA ASP PA 111 -115.91 -44.63 -45.57
C ASP PA 111 -116.79 -45.45 -44.65
N VAL PA 112 -116.81 -46.76 -44.85
CA VAL PA 112 -117.56 -47.68 -44.00
C VAL PA 112 -116.60 -48.76 -43.50
N SER PA 113 -116.39 -48.81 -42.18
CA SER PA 113 -115.47 -49.80 -41.60
C SER PA 113 -115.75 -49.95 -40.12
N ASN PA 114 -115.82 -51.21 -39.66
CA ASN PA 114 -115.87 -51.52 -38.22
C ASN PA 114 -117.01 -50.80 -37.52
N GLY PA 115 -118.16 -50.71 -38.18
CA GLY PA 115 -119.34 -50.06 -37.62
C GLY PA 115 -119.33 -48.56 -37.63
N ARG PA 116 -118.28 -47.95 -38.18
CA ARG PA 116 -118.15 -46.51 -38.23
C ARG PA 116 -118.29 -46.09 -39.68
N THR PA 117 -119.22 -45.19 -39.94
CA THR PA 117 -119.46 -44.71 -41.28
C THR PA 117 -119.28 -43.20 -41.29
N LYS PA 118 -118.55 -42.69 -42.28
CA LYS PA 118 -118.15 -41.28 -42.31
C LYS PA 118 -118.23 -40.72 -43.73
N VAL PA 119 -118.98 -39.64 -43.87
CA VAL PA 119 -119.15 -38.92 -45.14
C VAL PA 119 -118.46 -37.57 -45.04
N SER PA 120 -117.62 -37.25 -46.02
CA SER PA 120 -116.89 -35.99 -46.08
C SER PA 120 -117.17 -35.32 -47.43
N ILE PA 121 -117.31 -33.99 -47.43
CA ILE PA 121 -117.58 -33.22 -48.63
C ILE PA 121 -116.53 -32.14 -48.77
N ASP PA 122 -115.91 -32.05 -49.96
CA ASP PA 122 -114.85 -31.10 -50.25
C ASP PA 122 -115.18 -30.35 -51.53
N ILE PA 123 -115.29 -29.03 -51.43
CA ILE PA 123 -115.52 -28.16 -52.59
C ILE PA 123 -114.42 -27.11 -52.64
N PRO PA 124 -113.76 -26.93 -53.78
CA PRO PA 124 -112.70 -25.93 -53.88
C PRO PA 124 -113.21 -24.55 -54.32
N TYR PA 125 -112.38 -23.55 -54.04
CA TYR PA 125 -112.66 -22.17 -54.41
C TYR PA 125 -111.41 -21.56 -55.05
N TYR PA 126 -111.59 -20.38 -55.66
CA TYR PA 126 -110.55 -19.68 -56.39
C TYR PA 126 -110.48 -18.23 -55.94
N ASP PA 127 -109.38 -17.58 -56.35
CA ASP PA 127 -109.11 -16.17 -56.02
C ASP PA 127 -109.88 -15.25 -56.95
N ARG PA 128 -110.94 -14.65 -56.43
CA ARG PA 128 -111.78 -13.79 -57.26
C ARG PA 128 -111.01 -12.60 -57.78
N ASN PA 129 -110.02 -12.10 -57.01
CA ASN PA 129 -109.25 -10.94 -57.47
C ASN PA 129 -108.43 -11.29 -58.70
N ALA PA 130 -107.81 -12.47 -58.71
CA ALA PA 130 -107.11 -12.91 -59.92
C ALA PA 130 -108.08 -13.11 -61.07
N VAL PA 131 -109.24 -13.74 -60.80
CA VAL PA 131 -110.16 -14.05 -61.89
C VAL PA 131 -110.68 -12.76 -62.55
N GLU PA 132 -111.16 -11.81 -61.73
CA GLU PA 132 -111.72 -10.59 -62.29
C GLU PA 132 -110.64 -9.66 -62.81
N THR PA 133 -109.40 -9.75 -62.31
CA THR PA 133 -108.31 -8.97 -62.89
C THR PA 133 -107.97 -9.46 -64.28
N LEU PA 134 -107.95 -10.79 -64.47
CA LEU PA 134 -107.79 -11.33 -65.82
C LEU PA 134 -108.93 -10.89 -66.74
N LYS PA 135 -110.18 -11.11 -66.30
CA LYS PA 135 -111.32 -10.68 -67.10
C LYS PA 135 -111.18 -9.22 -67.52
N ALA PA 136 -110.85 -8.34 -66.56
CA ALA PA 136 -110.77 -6.91 -66.83
C ALA PA 136 -109.55 -6.52 -67.65
N SER PA 137 -108.50 -7.34 -67.66
CA SER PA 137 -107.30 -7.02 -68.44
C SER PA 137 -107.31 -7.61 -69.84
N ALA PA 138 -108.19 -8.58 -70.12
CA ALA PA 138 -108.32 -9.16 -71.46
C ALA PA 138 -107.01 -9.79 -71.92
N ILE PA 139 -106.49 -10.64 -71.06
CA ILE PA 139 -105.15 -11.22 -71.19
C ILE PA 139 -105.29 -12.72 -71.00
N PRO PA 140 -104.45 -13.54 -71.63
CA PRO PA 140 -104.77 -14.96 -71.78
C PRO PA 140 -104.81 -15.81 -70.50
N GLY PA 141 -104.38 -15.32 -69.34
CA GLY PA 141 -104.19 -16.21 -68.20
C GLY PA 141 -105.44 -16.98 -67.78
N ALA PA 142 -105.22 -18.14 -67.13
CA ALA PA 142 -106.26 -18.84 -66.37
C ALA PA 142 -105.69 -19.31 -65.02
N VAL PA 143 -106.61 -19.57 -64.07
CA VAL PA 143 -106.27 -19.73 -62.66
C VAL PA 143 -106.74 -21.08 -62.15
N ALA PA 144 -105.96 -21.65 -61.24
CA ALA PA 144 -106.21 -22.90 -60.53
C ALA PA 144 -106.77 -22.62 -59.14
N PRO PA 145 -107.32 -23.64 -58.47
CA PRO PA 145 -107.90 -23.41 -57.14
C PRO PA 145 -106.87 -22.94 -56.11
N VAL PA 146 -107.37 -22.19 -55.13
CA VAL PA 146 -106.56 -21.64 -54.06
C VAL PA 146 -106.74 -22.40 -52.75
N GLY PA 147 -107.88 -23.03 -52.54
CA GLY PA 147 -108.14 -23.78 -51.32
C GLY PA 147 -109.48 -24.46 -51.42
N SER PA 148 -109.95 -24.95 -50.28
CA SER PA 148 -111.20 -25.69 -50.27
C SER PA 148 -111.90 -25.51 -48.95
N PHE PA 149 -113.17 -25.89 -48.93
CA PHE PA 149 -113.95 -26.02 -47.70
C PHE PA 149 -114.44 -27.45 -47.58
N LYS PA 150 -114.41 -27.97 -46.35
CA LYS PA 150 -114.69 -29.36 -46.06
C LYS PA 150 -115.66 -29.48 -44.88
N VAL PA 151 -116.52 -30.48 -44.98
CA VAL PA 151 -117.50 -30.80 -43.95
C VAL PA 151 -117.53 -32.31 -43.75
N ASN PA 152 -117.34 -32.76 -42.50
CA ASN PA 152 -117.32 -34.17 -42.15
C ASN PA 152 -118.51 -34.54 -41.27
N VAL PA 153 -119.00 -35.76 -41.43
CA VAL PA 153 -120.12 -36.28 -40.67
C VAL PA 153 -119.84 -37.76 -40.39
N GLU PA 154 -120.01 -38.18 -39.14
CA GLU PA 154 -119.48 -39.45 -38.66
C GLU PA 154 -120.46 -40.12 -37.71
N VAL PA 155 -120.68 -41.42 -37.90
CA VAL PA 155 -121.66 -42.19 -37.14
C VAL PA 155 -120.95 -43.43 -36.59
N LEU PA 156 -120.92 -43.56 -35.25
CA LEU PA 156 -120.20 -44.64 -34.58
C LEU PA 156 -121.22 -45.69 -34.16
N GLY PA 157 -121.56 -46.58 -35.09
CA GLY PA 157 -122.61 -47.56 -34.92
C GLY PA 157 -122.16 -48.92 -34.43
N GLY PA 158 -120.91 -49.04 -34.01
CA GLY PA 158 -120.42 -50.31 -33.54
C GLY PA 158 -120.91 -50.64 -32.14
N GLY PA 159 -120.84 -51.91 -31.81
CA GLY PA 159 -121.15 -52.35 -30.47
C GLY PA 159 -122.57 -52.81 -30.25
N VAL PA 160 -123.24 -53.30 -31.31
CA VAL PA 160 -124.61 -53.74 -31.15
C VAL PA 160 -124.62 -54.97 -30.25
N LEU PA 161 -125.57 -55.01 -29.32
CA LEU PA 161 -125.64 -56.08 -28.34
C LEU PA 161 -126.14 -57.38 -28.97
N THR PA 162 -125.98 -58.47 -28.22
CA THR PA 162 -126.25 -59.79 -28.80
C THR PA 162 -127.73 -59.99 -29.10
N GLY PA 163 -128.60 -59.53 -28.20
CA GLY PA 163 -130.02 -59.80 -28.35
C GLY PA 163 -130.63 -59.16 -29.59
N THR PA 164 -130.02 -58.10 -30.09
CA THR PA 164 -130.61 -57.34 -31.18
C THR PA 164 -130.72 -58.19 -32.44
N ASP PA 165 -131.94 -58.25 -32.99
CA ASP PA 165 -132.17 -58.89 -34.27
C ASP PA 165 -132.20 -57.84 -35.37
N ALA PA 166 -132.50 -58.30 -36.59
CA ALA PA 166 -132.42 -57.44 -37.76
C ALA PA 166 -133.41 -56.29 -37.71
N ASN PA 167 -134.67 -56.58 -37.35
CA ASN PA 167 -135.69 -55.54 -37.25
C ASN PA 167 -135.28 -54.46 -36.26
N ALA PA 168 -134.83 -54.87 -35.08
CA ALA PA 168 -134.33 -53.93 -34.08
C ALA PA 168 -133.16 -53.13 -34.61
N GLN PA 169 -132.29 -53.75 -35.41
CA GLN PA 169 -131.18 -53.02 -35.99
C GLN PA 169 -131.66 -51.92 -36.94
N PHE PA 170 -132.75 -52.20 -37.68
CA PHE PA 170 -133.35 -51.13 -38.48
C PHE PA 170 -133.79 -49.97 -37.59
N ALA PA 171 -134.41 -50.30 -36.47
CA ALA PA 171 -134.81 -49.25 -35.54
C ALA PA 171 -133.61 -48.43 -35.10
N LEU PA 172 -132.49 -49.10 -34.82
CA LEU PA 172 -131.28 -48.39 -34.40
C LEU PA 172 -130.73 -47.54 -35.52
N ASP PA 173 -130.83 -48.04 -36.76
CA ASP PA 173 -130.46 -47.26 -37.94
C ASP PA 173 -131.16 -45.91 -37.92
N GLU PA 174 -132.49 -45.94 -37.77
CA GLU PA 174 -133.24 -44.69 -37.79
C GLU PA 174 -132.93 -43.81 -36.58
N LEU PA 175 -132.66 -44.44 -35.43
CA LEU PA 175 -132.27 -43.66 -34.26
C LEU PA 175 -131.01 -42.84 -34.52
N LEU PA 176 -129.99 -43.49 -35.07
CA LEU PA 176 -128.75 -42.78 -35.38
C LEU PA 176 -128.99 -41.69 -36.42
N SER PA 177 -129.80 -41.96 -37.44
CA SER PA 177 -130.04 -40.92 -38.43
C SER PA 177 -130.72 -39.69 -37.81
N ASN PA 178 -131.62 -39.92 -36.84
CA ASN PA 178 -132.24 -38.79 -36.16
C ASN PA 178 -131.23 -38.01 -35.31
N MET PA 179 -130.30 -38.71 -34.66
CA MET PA 179 -129.24 -38.00 -33.94
C MET PA 179 -128.37 -37.20 -34.92
N LEU PA 180 -128.17 -37.73 -36.12
CA LEU PA 180 -127.47 -37.00 -37.17
C LEU PA 180 -128.15 -35.67 -37.47
N MET PA 181 -129.46 -35.72 -37.72
CA MET PA 181 -130.21 -34.51 -38.00
C MET PA 181 -130.11 -33.52 -36.84
N ASP PA 182 -130.26 -34.01 -35.61
CA ASP PA 182 -130.12 -33.13 -34.45
C ASP PA 182 -128.75 -32.48 -34.40
N ALA PA 183 -127.70 -33.24 -34.70
CA ALA PA 183 -126.35 -32.69 -34.63
C ALA PA 183 -126.12 -31.62 -35.68
N ALA PA 184 -126.61 -31.85 -36.91
CA ALA PA 184 -126.46 -30.83 -37.95
C ALA PA 184 -127.23 -29.56 -37.60
N ARG PA 185 -128.45 -29.71 -37.06
CA ARG PA 185 -129.20 -28.53 -36.65
C ARG PA 185 -128.49 -27.77 -35.53
N ILE PA 186 -127.91 -28.50 -34.57
CA ILE PA 186 -127.22 -27.85 -33.46
C ILE PA 186 -125.95 -27.17 -33.94
N ALA PA 187 -125.33 -27.69 -35.00
CA ALA PA 187 -124.14 -27.08 -35.55
C ALA PA 187 -124.47 -25.77 -36.27
N GLN PA 188 -125.48 -25.80 -37.13
CA GLN PA 188 -125.84 -24.60 -37.90
C GLN PA 188 -126.76 -23.65 -37.13
N ASP PA 189 -127.16 -24.01 -35.91
CA ASP PA 189 -128.15 -23.22 -35.18
C ASP PA 189 -127.65 -21.80 -34.95
N GLY PA 190 -128.54 -20.84 -35.09
CA GLY PA 190 -128.25 -19.46 -34.80
C GLY PA 190 -128.79 -18.48 -35.82
N PRO PA 191 -128.88 -17.20 -35.43
CA PRO PA 191 -129.31 -16.18 -36.38
C PRO PA 191 -128.35 -16.06 -37.54
N LYS PA 192 -128.90 -15.79 -38.72
CA LYS PA 192 -128.06 -15.45 -39.87
C LYS PA 192 -127.57 -14.02 -39.81
N ASN PA 193 -128.03 -13.22 -38.85
CA ASN PA 193 -127.48 -11.90 -38.62
C ASN PA 193 -126.02 -11.96 -38.19
N THR PA 194 -125.56 -13.11 -37.68
CA THR PA 194 -124.38 -13.15 -36.83
C THR PA 194 -123.46 -14.30 -37.21
N ALA PA 195 -122.16 -14.11 -36.91
CA ALA PA 195 -121.12 -15.07 -37.24
C ALA PA 195 -121.39 -16.42 -36.56
N ARG PA 196 -121.31 -17.52 -37.30
CA ARG PA 196 -121.46 -18.78 -36.60
C ARG PA 196 -120.55 -19.93 -37.02
N LEU PA 197 -119.93 -19.93 -38.22
CA LEU PA 197 -119.05 -21.04 -38.60
C LEU PA 197 -117.63 -20.69 -39.03
N VAL PA 198 -117.47 -19.82 -40.05
CA VAL PA 198 -116.17 -19.68 -40.72
C VAL PA 198 -115.23 -18.83 -39.87
N ALA PA 199 -113.94 -19.11 -40.01
CA ALA PA 199 -112.88 -18.36 -39.32
C ALA PA 199 -113.12 -18.30 -37.81
N ALA PA 200 -113.73 -19.35 -37.28
CA ALA PA 200 -114.13 -19.38 -35.88
C ALA PA 200 -112.93 -19.34 -34.95
N SER PA 201 -113.00 -18.50 -33.92
CA SER PA 201 -111.99 -18.40 -32.88
C SER PA 201 -112.42 -19.06 -31.59
N HIS PA 202 -113.63 -18.76 -31.14
CA HIS PA 202 -114.23 -19.32 -29.92
C HIS PA 202 -115.72 -19.09 -30.01
N GLY PA 203 -116.44 -19.70 -29.08
CA GLY PA 203 -117.90 -19.60 -29.03
C GLY PA 203 -118.30 -18.71 -27.87
N VAL PA 204 -119.30 -17.85 -28.11
CA VAL PA 204 -119.83 -17.02 -27.03
C VAL PA 204 -121.35 -17.09 -27.06
N MET PA 205 -121.96 -17.23 -25.88
CA MET PA 205 -123.41 -17.25 -25.66
C MET PA 205 -123.91 -15.86 -25.29
N PRO PA 206 -125.07 -15.47 -25.81
CA PRO PA 206 -125.63 -14.15 -25.47
C PRO PA 206 -126.24 -14.13 -24.08
N GLN PA 207 -126.60 -12.92 -23.65
CA GLN PA 207 -127.24 -12.68 -22.37
C GLN PA 207 -128.72 -12.38 -22.61
N ALA PA 208 -129.58 -13.08 -21.86
CA ALA PA 208 -131.03 -12.89 -21.91
C ALA PA 208 -131.58 -13.05 -23.32
N GLY QA 11 -39.43 35.14 34.82
CA GLY QA 11 -39.92 36.28 34.05
C GLY QA 11 -38.93 37.42 33.95
N GLN QA 12 -39.46 38.64 33.82
CA GLN QA 12 -38.64 39.83 33.66
C GLN QA 12 -37.79 40.07 34.91
N LEU QA 13 -36.79 40.93 34.77
CA LEU QA 13 -35.83 41.23 35.83
C LEU QA 13 -35.97 42.67 36.29
N TYR QA 14 -35.91 42.89 37.60
CA TYR QA 14 -35.98 44.24 38.17
C TYR QA 14 -35.00 44.33 39.33
N MET QA 15 -34.95 45.49 40.00
CA MET QA 15 -33.99 45.71 41.09
C MET QA 15 -34.72 45.72 42.43
N GLY QA 16 -34.48 44.68 43.23
CA GLY QA 16 -34.91 44.64 44.61
C GLY QA 16 -33.73 44.91 45.52
N GLN QA 17 -34.03 45.19 46.78
CA GLN QA 17 -32.96 45.60 47.69
C GLN QA 17 -31.98 44.47 47.97
N GLN QA 18 -32.35 43.23 47.69
CA GLN QA 18 -31.39 42.14 47.79
C GLN QA 18 -30.41 42.16 46.62
N GLY QA 19 -30.81 42.76 45.51
CA GLY QA 19 -30.06 42.73 44.27
C GLY QA 19 -31.02 42.61 43.11
N PRO QA 20 -30.50 42.34 41.91
CA PRO QA 20 -31.40 42.08 40.77
C PRO QA 20 -32.22 40.81 41.02
N VAL QA 21 -33.53 40.93 40.87
CA VAL QA 21 -34.47 39.90 41.28
C VAL QA 21 -35.46 39.64 40.15
N GLN QA 22 -35.84 38.38 39.99
CA GLN QA 22 -36.75 37.96 38.94
C GLN QA 22 -38.19 38.17 39.39
N SER QA 23 -38.97 38.86 38.55
CA SER QA 23 -40.39 39.04 38.83
C SER QA 23 -41.11 37.70 38.76
N SER QA 24 -42.12 37.52 39.61
CA SER QA 24 -42.80 36.23 39.70
C SER QA 24 -44.30 36.43 39.87
N ARG QA 25 -45.06 35.52 39.28
CA ARG QA 25 -46.53 35.56 39.29
C ARG QA 25 -47.04 34.27 39.92
N THR QA 26 -47.71 34.38 41.07
CA THR QA 26 -48.13 33.20 41.81
C THR QA 26 -49.60 33.27 42.16
N THR QA 27 -50.18 32.10 42.43
CA THR QA 27 -51.55 31.96 42.88
C THR QA 27 -51.64 31.94 44.40
N PHE QA 28 -50.54 32.23 45.08
CA PHE QA 28 -50.50 32.18 46.53
C PHE QA 28 -51.32 33.31 47.14
N GLY QA 29 -52.20 32.97 48.07
CA GLY QA 29 -52.94 33.97 48.82
C GLY QA 29 -54.20 34.49 48.15
N VAL QA 30 -54.75 33.77 47.18
CA VAL QA 30 -56.00 34.15 46.52
C VAL QA 30 -57.04 33.08 46.81
N ASN QA 31 -58.10 33.47 47.53
CA ASN QA 31 -59.18 32.56 47.88
C ASN QA 31 -60.31 32.71 46.86
N PRO QA 32 -60.46 31.80 45.92
CA PRO QA 32 -61.58 31.87 44.96
C PRO QA 32 -62.81 31.06 45.36
N ASP QA 33 -62.87 30.51 46.58
CA ASP QA 33 -64.04 29.79 47.03
C ASP QA 33 -65.30 30.62 46.81
N ARG QA 34 -66.39 29.96 46.42
CA ARG QA 34 -67.65 30.63 46.18
C ARG QA 34 -68.73 30.13 47.14
N GLN QA 35 -69.73 30.99 47.33
CA GLN QA 35 -70.87 30.72 48.19
C GLN QA 35 -71.99 30.16 47.32
N ALA QA 36 -72.63 29.09 47.80
CA ALA QA 36 -73.66 28.43 47.01
C ALA QA 36 -74.86 29.35 46.79
N ASN QA 37 -75.48 29.21 45.62
CA ASN QA 37 -76.66 30.00 45.26
C ASN QA 37 -77.87 29.37 45.95
N ALA QA 38 -78.02 29.68 47.23
CA ALA QA 38 -79.05 29.14 48.11
C ALA QA 38 -79.84 30.25 48.77
N ARG QA 39 -80.08 31.33 48.04
CA ARG QA 39 -80.65 32.56 48.60
C ARG QA 39 -82.04 32.80 48.01
N PRO QA 40 -83.11 32.67 48.80
CA PRO QA 40 -84.43 33.02 48.29
C PRO QA 40 -84.49 34.50 47.91
N VAL QA 41 -85.17 34.79 46.80
CA VAL QA 41 -85.27 36.15 46.30
C VAL QA 41 -86.73 36.57 46.25
N TYR QA 42 -86.93 37.88 46.27
CA TYR QA 42 -88.26 38.44 46.23
C TYR QA 42 -88.89 38.23 44.85
N LEU QA 43 -90.15 37.81 44.85
CA LEU QA 43 -90.92 37.58 43.64
C LEU QA 43 -92.09 38.54 43.64
N ALA QA 44 -92.11 39.47 42.69
CA ALA QA 44 -93.11 40.52 42.69
C ALA QA 44 -94.51 39.93 42.61
N PRO QA 45 -95.51 40.54 43.27
CA PRO QA 45 -96.88 40.03 43.21
C PRO QA 45 -97.62 40.40 41.94
N ALA QA 46 -97.01 41.21 41.08
CA ALA QA 46 -97.56 41.56 39.78
C ALA QA 46 -96.47 42.23 38.96
N ALA QA 47 -96.67 42.25 37.66
CA ALA QA 47 -95.64 42.75 36.74
C ALA QA 47 -96.08 44.07 36.13
N PRO QA 48 -95.42 45.21 36.41
CA PRO QA 48 -95.90 46.46 35.80
C PRO QA 48 -95.33 46.69 34.41
N MET QA 49 -96.19 46.73 33.38
CA MET QA 49 -95.79 47.07 32.03
C MET QA 49 -96.22 48.48 31.65
N GLU QA 50 -96.07 49.45 32.55
CA GLU QA 50 -96.65 50.77 32.31
C GLU QA 50 -96.02 51.48 31.11
N ASN QA 51 -94.69 51.42 30.99
CA ASN QA 51 -94.01 52.16 29.92
C ASN QA 51 -94.52 51.73 28.54
N THR QA 52 -94.49 50.42 28.27
CA THR QA 52 -94.85 49.92 26.95
C THR QA 52 -96.32 50.24 26.61
N TYR QA 53 -97.21 50.13 27.59
CA TYR QA 53 -98.64 50.32 27.30
C TYR QA 53 -99.02 51.79 27.18
N THR QA 54 -98.36 52.67 27.94
CA THR QA 54 -98.57 54.10 27.67
C THR QA 54 -98.07 54.47 26.27
N TYR QA 55 -96.94 53.90 25.83
CA TYR QA 55 -96.54 54.19 24.46
C TYR QA 55 -97.55 53.61 23.46
N LEU QA 56 -98.08 52.43 23.75
CA LEU QA 56 -99.06 51.82 22.84
C LEU QA 56 -100.35 52.63 22.77
N GLY QA 57 -100.74 53.28 23.88
CA GLY QA 57 -101.81 54.25 23.81
C GLY QA 57 -101.42 55.47 23.00
N SER QA 58 -100.16 55.88 23.09
CA SER QA 58 -99.69 57.03 22.32
C SER QA 58 -99.85 56.81 20.82
N ILE QA 59 -99.40 55.67 20.31
CA ILE QA 59 -99.47 55.46 18.85
C ILE QA 59 -100.82 54.88 18.44
N GLN QA 60 -101.76 54.83 19.38
CA GLN QA 60 -103.11 54.31 19.14
C GLN QA 60 -103.10 52.82 18.76
N PHE QA 61 -102.17 52.07 19.36
CA PHE QA 61 -102.09 50.60 19.21
C PHE QA 61 -101.92 50.18 17.75
N ALA QA 62 -101.16 50.96 16.99
CA ALA QA 62 -101.00 50.66 15.57
C ALA QA 62 -99.71 51.28 15.08
N ALA QA 63 -98.83 50.46 14.52
CA ALA QA 63 -97.66 50.96 13.80
C ALA QA 63 -97.62 50.23 12.46
N GLY QA 64 -97.81 50.99 11.39
CA GLY QA 64 -97.82 50.39 10.06
C GLY QA 64 -98.90 49.34 9.92
N ARG QA 65 -98.48 48.13 9.59
CA ARG QA 65 -99.37 46.99 9.41
C ARG QA 65 -99.55 46.20 10.70
N HIS QA 66 -98.79 46.53 11.74
CA HIS QA 66 -98.88 45.85 13.03
C HIS QA 66 -99.95 46.55 13.86
N ILE QA 67 -101.04 45.84 14.15
CA ILE QA 67 -102.08 46.38 15.02
C ILE QA 67 -102.03 45.58 16.31
N PHE QA 68 -102.14 46.27 17.44
CA PHE QA 68 -101.94 45.63 18.74
C PHE QA 68 -103.26 45.58 19.51
N GLY QA 69 -103.31 44.64 20.45
CA GLY QA 69 -104.48 44.53 21.29
C GLY QA 69 -104.39 45.47 22.49
N GLU QA 70 -105.57 45.86 22.99
CA GLU QA 70 -105.67 46.67 24.20
C GLU QA 70 -105.67 45.76 25.42
N PRO QA 71 -104.78 45.99 26.38
CA PRO QA 71 -104.65 45.07 27.52
C PRO QA 71 -105.86 45.10 28.42
N ALA QA 72 -105.89 44.11 29.32
CA ALA QA 72 -106.83 44.16 30.43
C ALA QA 72 -106.37 45.17 31.48
N SER QA 73 -105.10 45.09 31.86
CA SER QA 73 -104.53 45.98 32.86
C SER QA 73 -103.11 46.35 32.44
N ASN QA 74 -102.69 47.56 32.83
CA ASN QA 74 -101.29 47.94 32.67
C ASN QA 74 -100.38 47.14 33.58
N VAL QA 75 -100.94 46.57 34.65
CA VAL QA 75 -100.19 45.76 35.61
C VAL QA 75 -100.76 44.34 35.56
N LEU QA 76 -99.87 43.35 35.34
CA LEU QA 76 -100.26 41.97 35.05
C LEU QA 76 -100.31 41.14 36.32
N PRO QA 77 -101.36 40.36 36.49
CA PRO QA 77 -101.50 39.53 37.67
C PRO QA 77 -100.75 38.22 37.51
N PRO QA 78 -100.40 37.57 38.60
CA PRO QA 78 -99.73 36.27 38.50
C PRO QA 78 -100.62 35.22 37.86
N GLN QA 79 -99.99 34.29 37.13
CA GLN QA 79 -100.68 33.20 36.48
C GLN QA 79 -100.49 31.85 37.15
N ASN QA 80 -99.29 31.55 37.64
CA ASN QA 80 -99.02 30.28 38.32
C ASN QA 80 -98.20 30.48 39.58
N ILE QA 81 -98.31 31.65 40.21
CA ILE QA 81 -97.56 31.99 41.41
C ILE QA 81 -98.53 32.10 42.56
N VAL QA 82 -98.17 31.50 43.68
CA VAL QA 82 -99.04 31.56 44.86
C VAL QA 82 -98.19 32.03 46.03
N PRO QA 83 -98.70 32.93 46.85
CA PRO QA 83 -97.91 33.44 47.98
C PRO QA 83 -97.51 32.31 48.90
N GLY QA 84 -96.24 32.33 49.31
CA GLY QA 84 -95.73 31.34 50.23
C GLY QA 84 -95.34 30.03 49.60
N VAL QA 85 -95.46 29.88 48.29
CA VAL QA 85 -95.04 28.67 47.60
C VAL QA 85 -93.82 29.01 46.77
N PRO QA 86 -92.67 28.38 47.00
CA PRO QA 86 -91.47 28.73 46.24
C PRO QA 86 -91.45 28.08 44.86
N THR QA 87 -91.15 28.89 43.84
CA THR QA 87 -91.10 28.43 42.46
C THR QA 87 -89.81 28.95 41.84
N LYS QA 88 -89.33 28.22 40.82
CA LYS QA 88 -88.22 28.67 40.00
C LYS QA 88 -88.69 29.23 38.67
N HIS QA 89 -90.00 29.19 38.43
CA HIS QA 89 -90.59 29.71 37.20
C HIS QA 89 -91.95 30.32 37.53
N GLY QA 90 -92.13 31.58 37.14
CA GLY QA 90 -93.37 32.30 37.40
C GLY QA 90 -93.84 33.11 36.21
N GLU QA 91 -95.16 33.14 35.99
CA GLU QA 91 -95.71 33.80 34.82
C GLU QA 91 -96.78 34.80 35.24
N TYR QA 92 -96.79 35.96 34.58
CA TYR QA 92 -97.86 36.93 34.67
C TYR QA 92 -98.48 37.10 33.29
N VAL QA 93 -99.78 37.39 33.25
CA VAL QA 93 -100.49 37.41 31.97
C VAL QA 93 -101.70 38.33 32.06
N THR QA 94 -101.98 39.05 30.97
CA THR QA 94 -103.34 39.58 30.76
C THR QA 94 -103.80 39.18 29.36
N THR QA 95 -105.02 39.60 29.01
CA THR QA 95 -105.58 39.26 27.70
C THR QA 95 -105.88 40.53 26.93
N ASN QA 96 -105.15 40.75 25.85
CA ASN QA 96 -105.43 41.84 24.93
C ASN QA 96 -106.73 41.55 24.18
N THR QA 97 -107.53 42.60 23.98
CA THR QA 97 -108.75 42.56 23.18
C THR QA 97 -108.78 43.72 22.20
N GLY QA 98 -109.72 43.68 21.27
CA GLY QA 98 -109.78 44.73 20.26
C GLY QA 98 -110.97 44.50 19.34
N ASP QA 99 -111.23 45.52 18.53
CA ASP QA 99 -112.35 45.50 17.59
C ASP QA 99 -112.06 44.51 16.49
N ARG QA 100 -112.92 43.49 16.36
CA ARG QA 100 -112.77 42.43 15.36
C ARG QA 100 -111.44 41.72 15.50
N LEU QA 101 -110.96 41.57 16.74
CA LEU QA 101 -109.75 40.85 17.05
C LEU QA 101 -110.07 39.76 18.05
N MET QA 102 -109.67 38.53 17.73
CA MET QA 102 -109.80 37.46 18.71
C MET QA 102 -108.83 37.69 19.86
N ALA QA 103 -109.36 37.72 21.09
CA ALA QA 103 -108.56 38.09 22.24
C ALA QA 103 -107.37 37.15 22.42
N SER QA 104 -106.23 37.72 22.81
CA SER QA 104 -104.96 37.00 22.83
C SER QA 104 -104.13 37.47 24.00
N SER QA 105 -103.46 36.55 24.66
CA SER QA 105 -102.77 36.83 25.90
C SER QA 105 -101.40 37.47 25.65
N THR QA 106 -101.01 38.37 26.55
CA THR QA 106 -99.66 38.91 26.61
C THR QA 106 -99.02 38.42 27.91
N THR QA 107 -97.76 37.96 27.81
CA THR QA 107 -97.13 37.14 28.85
C THR QA 107 -95.78 37.71 29.29
N VAL QA 108 -95.51 37.60 30.60
CA VAL QA 108 -94.26 38.04 31.21
C VAL QA 108 -93.77 36.88 32.06
N THR QA 109 -92.64 36.30 31.66
CA THR QA 109 -92.09 35.10 32.28
C THR QA 109 -90.83 35.42 33.06
N ARG QA 110 -90.69 34.83 34.25
CA ARG QA 110 -89.53 35.03 35.10
C ARG QA 110 -89.00 33.67 35.54
N ASP QA 111 -87.74 33.39 35.21
CA ASP QA 111 -87.06 32.15 35.57
C ASP QA 111 -85.91 32.48 36.51
N VAL QA 112 -85.90 31.85 37.68
CA VAL QA 112 -84.87 32.11 38.69
C VAL QA 112 -84.23 30.77 39.03
N SER QA 113 -83.03 30.50 38.48
CA SER QA 113 -82.33 29.24 38.74
C SER QA 113 -80.85 29.46 38.86
N ASN QA 114 -80.27 28.92 39.93
CA ASN QA 114 -78.81 28.84 40.10
C ASN QA 114 -78.12 30.19 39.95
N GLY QA 115 -78.70 31.21 40.56
CA GLY QA 115 -78.15 32.55 40.51
C GLY QA 115 -78.43 33.33 39.25
N ARG QA 116 -79.17 32.75 38.31
CA ARG QA 116 -79.46 33.39 37.05
C ARG QA 116 -80.94 33.76 37.05
N THR QA 117 -81.21 35.05 36.97
CA THR QA 117 -82.57 35.58 36.88
C THR QA 117 -82.81 36.02 35.44
N LYS QA 118 -83.93 35.59 34.84
CA LYS QA 118 -84.25 35.96 33.46
C LYS QA 118 -85.73 36.31 33.32
N VAL QA 119 -85.99 37.51 32.82
CA VAL QA 119 -87.34 38.02 32.57
C VAL QA 119 -87.53 38.20 31.07
N SER QA 120 -88.62 37.65 30.53
CA SER QA 120 -88.95 37.76 29.12
C SER QA 120 -90.37 38.29 28.96
N ILE QA 121 -90.57 39.14 27.96
CA ILE QA 121 -91.87 39.75 27.68
C ILE QA 121 -92.23 39.42 26.23
N ASP QA 122 -93.45 38.88 26.04
CA ASP QA 122 -93.95 38.49 24.73
C ASP QA 122 -95.33 39.11 24.52
N ILE QA 123 -95.45 39.99 23.54
CA ILE QA 123 -96.71 40.64 23.19
C ILE QA 123 -97.05 40.30 21.75
N PRO QA 124 -98.27 39.86 21.46
CA PRO QA 124 -98.66 39.53 20.08
C PRO QA 124 -99.16 40.76 19.33
N TYR QA 125 -99.27 40.60 18.01
CA TYR QA 125 -99.86 41.61 17.14
C TYR QA 125 -100.69 40.93 16.06
N TYR QA 126 -101.40 41.75 15.28
CA TYR QA 126 -102.33 41.28 14.28
C TYR QA 126 -102.12 42.02 12.97
N ASP QA 127 -102.71 41.46 11.91
CA ASP QA 127 -102.57 41.93 10.53
C ASP QA 127 -103.54 43.06 10.27
N ARG QA 128 -103.03 44.31 10.28
CA ARG QA 128 -103.92 45.44 10.07
C ARG QA 128 -104.53 45.44 8.68
N ASN QA 129 -103.82 44.92 7.67
CA ASN QA 129 -104.42 44.81 6.35
C ASN QA 129 -105.69 43.97 6.41
N ALA QA 130 -105.64 42.83 7.10
CA ALA QA 130 -106.83 41.99 7.25
C ALA QA 130 -107.90 42.68 8.09
N VAL QA 131 -107.51 43.33 9.19
CA VAL QA 131 -108.50 43.93 10.08
C VAL QA 131 -109.24 45.07 9.38
N GLU QA 132 -108.52 45.93 8.67
CA GLU QA 132 -109.17 47.02 7.97
C GLU QA 132 -109.93 46.53 6.73
N THR QA 133 -109.52 45.41 6.14
CA THR QA 133 -110.38 44.80 5.12
C THR QA 133 -111.72 44.39 5.72
N LEU QA 134 -111.68 43.76 6.89
CA LEU QA 134 -112.91 43.39 7.61
C LEU QA 134 -113.80 44.60 7.87
N LYS QA 135 -113.23 45.67 8.41
CA LYS QA 135 -114.03 46.84 8.72
C LYS QA 135 -114.57 47.47 7.44
N ALA QA 136 -113.73 47.62 6.42
CA ALA QA 136 -114.08 48.43 5.24
C ALA QA 136 -115.16 47.76 4.40
N SER QA 137 -115.04 46.46 4.13
CA SER QA 137 -116.06 45.79 3.32
C SER QA 137 -117.14 45.13 4.17
N ALA QA 138 -117.19 45.45 5.48
CA ALA QA 138 -118.28 45.03 6.37
C ALA QA 138 -118.44 43.51 6.43
N ILE QA 139 -117.32 42.81 6.56
CA ILE QA 139 -117.29 41.36 6.72
C ILE QA 139 -117.49 41.05 8.20
N PRO QA 140 -118.11 39.94 8.60
CA PRO QA 140 -118.39 39.69 10.01
C PRO QA 140 -117.33 38.92 10.79
N GLY QA 141 -116.24 38.45 10.16
CA GLY QA 141 -115.26 37.66 10.87
C GLY QA 141 -114.30 38.47 11.74
N ALA QA 142 -113.38 37.75 12.39
CA ALA QA 142 -112.32 38.34 13.20
C ALA QA 142 -110.98 37.75 12.79
N VAL QA 143 -109.90 38.38 13.27
CA VAL QA 143 -108.53 37.99 12.96
C VAL QA 143 -107.86 37.46 14.21
N ALA QA 144 -107.08 36.40 14.05
CA ALA QA 144 -106.23 35.81 15.05
C ALA QA 144 -104.85 36.44 14.99
N PRO QA 145 -104.06 36.37 16.08
CA PRO QA 145 -102.72 36.98 16.06
C PRO QA 145 -101.88 36.45 14.93
N VAL QA 146 -101.00 37.30 14.43
CA VAL QA 146 -100.18 36.99 13.28
C VAL QA 146 -98.72 36.78 13.65
N GLY QA 147 -98.23 37.43 14.70
CA GLY QA 147 -96.89 37.21 15.18
C GLY QA 147 -96.73 37.85 16.55
N SER QA 148 -95.49 37.97 17.00
CA SER QA 148 -95.24 38.58 18.29
C SER QA 148 -93.92 39.34 18.27
N PHE QA 149 -93.68 40.08 19.36
CA PHE QA 149 -92.40 40.68 19.67
C PHE QA 149 -91.99 40.27 21.08
N LYS QA 150 -90.70 40.02 21.26
CA LYS QA 150 -90.15 39.50 22.50
C LYS QA 150 -88.90 40.27 22.92
N VAL QA 151 -88.80 40.49 24.23
CA VAL QA 151 -87.66 41.18 24.84
C VAL QA 151 -87.21 40.37 26.05
N ASN QA 152 -85.92 40.02 26.09
CA ASN QA 152 -85.34 39.21 27.15
C ASN QA 152 -84.32 40.02 27.94
N VAL QA 153 -84.26 39.77 29.25
CA VAL QA 153 -83.31 40.43 30.13
C VAL QA 153 -82.82 39.38 31.11
N GLU QA 154 -81.51 39.39 31.37
CA GLU QA 154 -80.86 38.29 32.06
C GLU QA 154 -79.78 38.84 32.99
N VAL QA 155 -79.78 38.38 34.24
CA VAL QA 155 -78.83 38.82 35.25
C VAL QA 155 -78.13 37.58 35.77
N LEU QA 156 -76.83 37.48 35.50
CA LEU QA 156 -76.03 36.33 35.94
C LEU QA 156 -75.34 36.74 37.23
N GLY QA 157 -75.98 36.41 38.34
CA GLY QA 157 -75.50 36.87 39.64
C GLY QA 157 -74.98 35.73 40.49
N GLY QA 158 -74.58 34.64 39.83
CA GLY QA 158 -74.07 33.50 40.56
C GLY QA 158 -72.65 33.72 41.03
N GLY QA 159 -72.23 32.87 41.97
CA GLY QA 159 -70.85 32.80 42.37
C GLY QA 159 -70.39 34.02 43.14
N VAL QA 160 -71.09 34.31 44.23
CA VAL QA 160 -70.57 35.29 45.17
C VAL QA 160 -69.48 34.64 46.03
N LEU QA 161 -68.56 35.46 46.50
CA LEU QA 161 -67.44 34.98 47.30
C LEU QA 161 -67.89 34.58 48.70
N THR QA 162 -67.02 33.87 49.41
CA THR QA 162 -67.42 33.22 50.66
C THR QA 162 -67.61 34.22 51.79
N GLY QA 163 -66.78 35.26 51.83
CA GLY QA 163 -66.89 36.28 52.85
C GLY QA 163 -67.90 37.36 52.55
N THR QA 164 -68.74 37.17 51.54
CA THR QA 164 -69.77 38.16 51.22
C THR QA 164 -70.80 38.20 52.34
N ASP QA 165 -70.84 39.32 53.04
CA ASP QA 165 -71.75 39.46 54.16
C ASP QA 165 -73.20 39.44 53.69
N ALA QA 166 -74.09 38.94 54.55
CA ALA QA 166 -75.51 38.98 54.24
C ALA QA 166 -75.97 40.40 53.88
N ASN QA 167 -75.44 41.41 54.59
CA ASN QA 167 -75.78 42.80 54.29
C ASN QA 167 -75.21 43.24 52.95
N ALA QA 168 -73.99 42.80 52.62
CA ALA QA 168 -73.36 43.23 51.38
C ALA QA 168 -74.00 42.61 50.15
N GLN QA 169 -74.75 41.51 50.32
CA GLN QA 169 -75.45 40.95 49.17
C GLN QA 169 -76.53 41.90 48.67
N PHE QA 170 -77.08 42.74 49.55
CA PHE QA 170 -78.02 43.76 49.11
C PHE QA 170 -77.32 44.80 48.26
N ALA QA 171 -76.13 45.21 48.68
CA ALA QA 171 -75.36 46.16 47.87
C ALA QA 171 -75.08 45.56 46.50
N LEU QA 172 -74.75 44.27 46.45
CA LEU QA 172 -74.53 43.62 45.16
C LEU QA 172 -75.82 43.58 44.34
N ASP QA 173 -76.95 43.37 45.02
CA ASP QA 173 -78.25 43.43 44.35
C ASP QA 173 -78.41 44.74 43.59
N GLU QA 174 -78.19 45.85 44.29
CA GLU QA 174 -78.37 47.15 43.69
C GLU QA 174 -77.35 47.40 42.58
N LEU QA 175 -76.12 46.90 42.75
CA LEU QA 175 -75.13 47.03 41.69
C LEU QA 175 -75.61 46.36 40.40
N LEU QA 176 -76.12 45.14 40.51
CA LEU QA 176 -76.62 44.45 39.33
C LEU QA 176 -77.81 45.18 38.72
N SER QA 177 -78.70 45.72 39.55
CA SER QA 177 -79.85 46.42 38.99
C SER QA 177 -79.42 47.68 38.22
N ASN QA 178 -78.37 48.36 38.70
CA ASN QA 178 -77.85 49.53 37.98
C ASN QA 178 -77.19 49.12 36.66
N MET QA 179 -76.50 47.97 36.65
CA MET QA 179 -76.00 47.47 35.38
C MET QA 179 -77.14 47.17 34.41
N LEU QA 180 -78.26 46.66 34.95
CA LEU QA 180 -79.46 46.43 34.14
C LEU QA 180 -79.91 47.71 33.45
N MET QA 181 -80.08 48.78 34.24
CA MET QA 181 -80.51 50.06 33.68
C MET QA 181 -79.55 50.55 32.60
N ASP QA 182 -78.24 50.48 32.88
CA ASP QA 182 -77.26 50.90 31.89
C ASP QA 182 -77.36 50.07 30.61
N ALA QA 183 -77.63 48.77 30.77
CA ALA QA 183 -77.71 47.90 29.61
C ALA QA 183 -78.90 48.25 28.72
N ALA QA 184 -80.06 48.48 29.32
CA ALA QA 184 -81.22 48.86 28.50
C ALA QA 184 -81.01 50.21 27.83
N ARG QA 185 -80.37 51.15 28.55
CA ARG QA 185 -80.11 52.45 27.94
C ARG QA 185 -79.17 52.30 26.75
N ILE QA 186 -78.14 51.46 26.87
CA ILE QA 186 -77.22 51.23 25.75
C ILE QA 186 -77.93 50.50 24.62
N ALA QA 187 -78.92 49.67 24.96
CA ALA QA 187 -79.64 48.92 23.95
C ALA QA 187 -80.49 49.85 23.08
N GLN QA 188 -81.19 50.81 23.69
CA GLN QA 188 -82.06 51.68 22.93
C GLN QA 188 -81.45 53.03 22.61
N ASP QA 189 -80.20 53.25 22.99
CA ASP QA 189 -79.56 54.54 22.79
C ASP QA 189 -79.51 54.87 21.32
N GLY QA 190 -79.77 56.13 21.01
CA GLY QA 190 -79.68 56.60 19.64
C GLY QA 190 -80.78 57.56 19.29
N PRO QA 191 -80.59 58.35 18.23
CA PRO QA 191 -81.63 59.26 17.78
C PRO QA 191 -82.82 58.47 17.27
N LYS QA 192 -83.99 59.03 17.46
CA LYS QA 192 -85.22 58.46 16.94
C LYS QA 192 -85.48 58.88 15.50
N ASN QA 193 -84.58 59.69 14.92
CA ASN QA 193 -84.65 59.99 13.49
C ASN QA 193 -84.18 58.83 12.65
N THR QA 194 -83.41 57.91 13.22
CA THR QA 194 -82.73 56.88 12.45
C THR QA 194 -83.08 55.49 13.00
N ALA QA 195 -82.99 54.49 12.12
CA ALA QA 195 -83.33 53.12 12.45
C ALA QA 195 -82.41 52.58 13.54
N ARG QA 196 -82.97 51.89 14.54
CA ARG QA 196 -82.08 51.30 15.54
C ARG QA 196 -82.42 49.91 16.07
N LEU QA 197 -83.66 49.41 15.96
CA LEU QA 197 -83.92 48.10 16.57
C LEU QA 197 -84.48 47.01 15.65
N VAL QA 198 -85.61 47.25 14.98
CA VAL QA 198 -86.34 46.16 14.32
C VAL QA 198 -85.72 45.88 12.96
N ALA QA 199 -85.93 44.65 12.49
CA ALA QA 199 -85.45 44.20 11.18
C ALA QA 199 -83.95 44.41 11.04
N ALA QA 200 -83.24 44.41 12.16
CA ALA QA 200 -81.83 44.76 12.18
C ALA QA 200 -81.01 43.78 11.33
N SER QA 201 -80.11 44.33 10.51
CA SER QA 201 -79.19 43.56 9.69
C SER QA 201 -77.76 43.63 10.20
N HIS QA 202 -77.28 44.83 10.50
CA HIS QA 202 -75.97 45.06 11.08
C HIS QA 202 -75.98 46.45 11.70
N GLY QA 203 -74.89 46.79 12.38
CA GLY QA 203 -74.74 48.10 12.99
C GLY QA 203 -73.80 48.97 12.16
N VAL QA 204 -74.12 50.26 12.08
CA VAL QA 204 -73.24 51.20 11.40
C VAL QA 204 -73.15 52.47 12.24
N MET QA 205 -72.03 52.66 12.93
CA MET QA 205 -71.89 53.88 13.73
C MET QA 205 -71.45 55.04 12.84
N PRO QA 206 -72.02 56.23 13.02
CA PRO QA 206 -71.77 57.33 12.08
C PRO QA 206 -70.40 57.96 12.30
N GLN QA 207 -69.85 58.51 11.21
CA GLN QA 207 -68.53 59.14 11.27
C GLN QA 207 -68.56 60.41 12.10
N ALA QA 208 -69.59 61.23 11.92
CA ALA QA 208 -69.76 62.44 12.67
C ALA QA 208 -71.22 62.86 12.58
N PRO RA 20 -111.34 11.70 2.49
CA PRO RA 20 -111.10 12.04 3.90
C PRO RA 20 -111.52 13.47 4.25
N VAL RA 21 -112.52 13.59 5.12
CA VAL RA 21 -113.06 14.88 5.56
C VAL RA 21 -112.37 15.25 6.85
N GLN RA 22 -111.75 16.44 6.88
CA GLN RA 22 -111.00 16.90 8.05
C GLN RA 22 -111.66 18.13 8.67
N SER RA 23 -111.50 18.28 9.97
CA SER RA 23 -112.10 19.39 10.71
C SER RA 23 -111.06 20.48 10.95
N SER RA 24 -111.52 21.73 11.04
CA SER RA 24 -110.62 22.86 11.21
C SER RA 24 -111.31 24.00 11.96
N ARG RA 25 -110.46 24.92 12.45
CA ARG RA 25 -110.86 26.11 13.19
C ARG RA 25 -110.40 27.33 12.40
N THR RA 26 -111.34 28.10 11.89
CA THR RA 26 -111.05 29.14 10.92
C THR RA 26 -111.14 30.52 11.55
N THR RA 27 -110.21 31.39 11.15
CA THR RA 27 -110.39 32.83 11.30
C THR RA 27 -110.11 33.48 9.96
N PHE RA 28 -110.62 34.70 9.78
CA PHE RA 28 -110.37 35.40 8.54
C PHE RA 28 -108.91 35.85 8.46
N GLY RA 29 -108.39 35.84 7.23
CA GLY RA 29 -107.05 36.31 7.00
C GLY RA 29 -106.26 35.43 6.05
N VAL RA 30 -104.99 35.78 5.90
CA VAL RA 30 -104.02 34.98 5.15
C VAL RA 30 -102.72 35.05 5.94
N ASN RA 31 -101.98 33.94 5.91
CA ASN RA 31 -100.65 33.93 6.48
C ASN RA 31 -99.84 35.09 5.92
N PRO RA 32 -99.20 35.89 6.75
CA PRO RA 32 -98.71 37.19 6.30
C PRO RA 32 -97.47 37.05 5.43
N ASP RA 33 -97.15 38.13 4.75
CA ASP RA 33 -95.89 38.25 4.03
C ASP RA 33 -94.92 39.02 4.93
N ARG RA 34 -93.85 38.34 5.34
CA ARG RA 34 -92.87 38.96 6.22
C ARG RA 34 -91.79 39.67 5.40
N GLN RA 35 -91.26 40.74 5.98
CA GLN RA 35 -90.20 41.50 5.34
C GLN RA 35 -88.85 40.97 5.80
N ALA RA 36 -87.88 40.96 4.89
CA ALA RA 36 -86.55 40.49 5.22
C ALA RA 36 -85.87 41.43 6.20
N ASN RA 37 -84.96 40.88 7.00
CA ASN RA 37 -84.25 41.65 8.02
C ASN RA 37 -83.02 42.35 7.42
N ALA RA 38 -83.28 43.25 6.46
CA ALA RA 38 -82.23 43.93 5.71
C ALA RA 38 -82.11 45.40 6.09
N ARG RA 39 -82.43 45.74 7.32
CA ARG RA 39 -82.47 47.12 7.76
C ARG RA 39 -81.26 47.42 8.62
N PRO RA 40 -80.24 48.12 8.12
CA PRO RA 40 -79.11 48.49 8.98
C PRO RA 40 -79.52 49.51 10.03
N VAL RA 41 -78.92 49.38 11.21
CA VAL RA 41 -79.34 50.13 12.38
C VAL RA 41 -78.18 50.98 12.89
N TYR RA 42 -78.55 51.91 13.77
CA TYR RA 42 -77.60 52.81 14.40
C TYR RA 42 -76.78 52.08 15.43
N LEU RA 43 -75.52 52.48 15.54
CA LEU RA 43 -74.56 51.91 16.46
C LEU RA 43 -73.93 53.04 17.25
N ALA RA 44 -74.07 52.99 18.58
CA ALA RA 44 -73.61 54.10 19.39
C ALA RA 44 -72.09 54.30 19.24
N PRO RA 45 -71.61 55.54 19.12
CA PRO RA 45 -70.17 55.78 19.05
C PRO RA 45 -69.47 55.65 20.38
N ALA RA 46 -70.21 55.37 21.46
CA ALA RA 46 -69.67 55.08 22.78
C ALA RA 46 -70.81 54.54 23.64
N ALA RA 47 -70.45 53.82 24.70
CA ALA RA 47 -71.44 53.18 25.57
C ALA RA 47 -71.46 53.88 26.91
N PRO RA 48 -72.57 54.51 27.34
CA PRO RA 48 -72.56 55.16 28.66
C PRO RA 48 -72.89 54.17 29.75
N MET RA 49 -72.08 54.14 30.81
CA MET RA 49 -72.30 53.30 31.98
C MET RA 49 -72.41 54.15 33.23
N GLU RA 50 -73.13 55.26 33.15
CA GLU RA 50 -73.13 56.23 34.26
C GLU RA 50 -73.82 55.67 35.50
N ASN RA 51 -74.96 54.98 35.34
CA ASN RA 51 -75.72 54.51 36.49
C ASN RA 51 -74.89 53.58 37.38
N THR RA 52 -74.31 52.54 36.78
CA THR RA 52 -73.58 51.54 37.54
C THR RA 52 -72.32 52.13 38.18
N TYR RA 53 -71.62 53.02 37.47
CA TYR RA 53 -70.35 53.54 38.01
C TYR RA 53 -70.59 54.61 39.09
N THR RA 54 -71.65 55.39 38.98
CA THR RA 54 -72.01 56.25 40.11
C THR RA 54 -72.39 55.40 41.33
N TYR RA 55 -73.10 54.29 41.12
CA TYR RA 55 -73.39 53.46 42.29
C TYR RA 55 -72.11 52.84 42.87
N LEU RA 56 -71.18 52.44 42.01
CA LEU RA 56 -69.90 51.90 42.50
C LEU RA 56 -69.15 52.94 43.30
N GLY RA 57 -69.18 54.21 42.86
CA GLY RA 57 -68.65 55.28 43.69
C GLY RA 57 -69.38 55.38 45.01
N SER RA 58 -70.69 55.13 45.00
CA SER RA 58 -71.48 55.19 46.23
C SER RA 58 -70.96 54.18 47.25
N ILE RA 59 -70.81 52.91 46.86
CA ILE RA 59 -70.42 51.90 47.84
C ILE RA 59 -68.92 51.87 48.04
N GLN RA 60 -68.22 52.83 47.43
CA GLN RA 60 -66.76 52.93 47.52
C GLN RA 60 -66.07 51.68 46.96
N PHE RA 61 -66.66 51.12 45.89
CA PHE RA 61 -66.06 50.06 45.09
C PHE RA 61 -65.78 48.79 45.91
N ALA RA 62 -66.65 48.50 46.88
CA ALA RA 62 -66.42 47.34 47.72
C ALA RA 62 -67.75 46.81 48.25
N ALA RA 63 -67.87 45.49 48.31
CA ALA RA 63 -69.03 44.84 48.87
C ALA RA 63 -68.68 43.40 49.17
N GLY RA 64 -68.93 42.97 50.40
CA GLY RA 64 -68.50 41.63 50.79
C GLY RA 64 -66.99 41.60 50.74
N ARG RA 65 -66.43 40.55 50.16
CA ARG RA 65 -65.02 40.58 49.80
C ARG RA 65 -64.82 40.70 48.30
N HIS RA 66 -65.83 41.19 47.58
CA HIS RA 66 -65.64 41.70 46.24
C HIS RA 66 -65.11 43.13 46.31
N ILE RA 67 -63.99 43.39 45.65
CA ILE RA 67 -63.54 44.77 45.46
C ILE RA 67 -63.44 45.02 43.96
N PHE RA 68 -63.87 46.19 43.52
CA PHE RA 68 -63.92 46.52 42.11
C PHE RA 68 -62.88 47.59 41.78
N GLY RA 69 -62.64 47.76 40.48
CA GLY RA 69 -61.69 48.74 40.01
C GLY RA 69 -62.35 50.03 39.59
N GLU RA 70 -61.60 51.13 39.72
CA GLU RA 70 -62.07 52.41 39.21
C GLU RA 70 -61.88 52.48 37.71
N PRO RA 71 -62.90 52.89 36.95
CA PRO RA 71 -62.77 52.95 35.50
C PRO RA 71 -61.92 54.13 35.05
N ALA RA 72 -61.61 54.13 33.77
CA ALA RA 72 -60.99 55.31 33.18
C ALA RA 72 -62.05 56.35 32.85
N SER RA 73 -63.13 55.92 32.22
CA SER RA 73 -64.21 56.81 31.82
C SER RA 73 -65.55 56.18 32.19
N ASN RA 74 -66.50 57.03 32.59
CA ASN RA 74 -67.87 56.57 32.76
C ASN RA 74 -68.50 56.19 31.43
N VAL RA 75 -67.99 56.75 30.34
CA VAL RA 75 -68.44 56.42 29.00
C VAL RA 75 -67.30 55.68 28.30
N LEU RA 76 -67.60 54.45 27.85
CA LEU RA 76 -66.69 53.48 27.25
C LEU RA 76 -66.52 53.74 25.76
N PRO RA 77 -65.30 53.95 25.29
CA PRO RA 77 -65.06 54.15 23.86
C PRO RA 77 -65.12 52.83 23.12
N PRO RA 78 -65.29 52.87 21.79
CA PRO RA 78 -65.27 51.62 21.00
C PRO RA 78 -63.86 51.10 20.79
N GLN RA 79 -63.72 49.77 20.84
CA GLN RA 79 -62.43 49.13 20.65
C GLN RA 79 -62.22 48.57 19.25
N ASN RA 80 -63.26 48.00 18.65
CA ASN RA 80 -63.14 47.35 17.35
C ASN RA 80 -64.22 47.80 16.37
N ILE RA 81 -64.68 49.04 16.47
CA ILE RA 81 -65.76 49.53 15.62
C ILE RA 81 -65.22 50.70 14.83
N VAL RA 82 -64.92 50.46 13.56
CA VAL RA 82 -64.55 51.56 12.67
C VAL RA 82 -65.82 52.29 12.22
N PRO RA 83 -65.82 53.61 12.13
CA PRO RA 83 -67.04 54.30 11.72
C PRO RA 83 -67.31 54.09 10.25
N GLY RA 84 -68.58 53.96 9.91
CA GLY RA 84 -68.96 53.74 8.54
C GLY RA 84 -68.69 52.34 8.04
N VAL RA 85 -68.27 51.44 8.91
CA VAL RA 85 -67.99 50.06 8.54
C VAL RA 85 -69.08 49.20 9.17
N PRO RA 86 -69.86 48.48 8.36
CA PRO RA 86 -70.88 47.60 8.95
C PRO RA 86 -70.21 46.50 9.77
N THR RA 87 -70.70 46.34 11.00
CA THR RA 87 -70.16 45.34 11.93
C THR RA 87 -71.35 44.66 12.59
N LYS RA 88 -71.35 43.34 12.61
CA LYS RA 88 -72.38 42.57 13.29
C LYS RA 88 -72.00 42.27 14.73
N HIS RA 89 -70.81 42.66 15.14
CA HIS RA 89 -70.34 42.46 16.50
C HIS RA 89 -69.34 43.53 16.85
N GLY RA 90 -69.51 44.15 18.02
CA GLY RA 90 -68.66 45.26 18.42
C GLY RA 90 -68.54 45.35 19.92
N GLU RA 91 -67.43 45.96 20.36
CA GLU RA 91 -67.10 45.98 21.77
C GLU RA 91 -66.63 47.36 22.18
N TYR RA 92 -67.18 47.86 23.28
CA TYR RA 92 -66.65 49.03 23.97
C TYR RA 92 -65.96 48.55 25.23
N VAL RA 93 -64.85 49.18 25.59
CA VAL RA 93 -64.07 48.68 26.71
C VAL RA 93 -63.34 49.83 27.38
N THR RA 94 -63.36 49.85 28.71
CA THR RA 94 -62.49 50.78 29.42
C THR RA 94 -61.72 50.05 30.50
N THR RA 95 -60.56 50.61 30.82
CA THR RA 95 -59.65 49.91 31.70
C THR RA 95 -59.96 50.28 33.15
N ASN RA 96 -59.83 49.29 34.06
CA ASN RA 96 -60.08 49.42 35.48
C ASN RA 96 -58.72 49.40 36.17
N THR RA 97 -58.46 50.38 37.03
CA THR RA 97 -57.22 50.44 37.80
C THR RA 97 -57.57 50.55 39.28
N GLY RA 98 -56.58 50.30 40.14
CA GLY RA 98 -56.81 50.37 41.58
C GLY RA 98 -55.53 50.09 42.32
N ASP RA 99 -55.55 50.43 43.61
CA ASP RA 99 -54.40 50.23 44.49
C ASP RA 99 -54.17 48.74 44.70
N ARG RA 100 -52.98 48.28 44.29
CA ARG RA 100 -52.63 46.86 44.35
C ARG RA 100 -53.64 46.01 43.59
N LEU RA 101 -54.06 46.51 42.43
CA LEU RA 101 -54.90 45.79 41.49
C LEU RA 101 -54.19 45.71 40.15
N MET RA 102 -54.27 44.54 39.51
CA MET RA 102 -53.80 44.44 38.14
C MET RA 102 -54.85 45.01 37.21
N ALA RA 103 -54.45 45.95 36.35
CA ALA RA 103 -55.40 46.60 35.45
C ALA RA 103 -56.22 45.55 34.71
N SER RA 104 -57.55 45.75 34.68
CA SER RA 104 -58.46 44.79 34.06
C SER RA 104 -59.58 45.50 33.33
N SER RA 105 -59.98 44.94 32.20
CA SER RA 105 -60.87 45.63 31.30
C SER RA 105 -62.32 45.29 31.61
N THR RA 106 -63.18 46.30 31.64
CA THR RA 106 -64.62 46.11 31.71
C THR RA 106 -65.22 46.33 30.33
N THR RA 107 -66.14 45.43 29.94
CA THR RA 107 -66.50 45.25 28.52
C THR RA 107 -68.00 45.31 28.30
N VAL RA 108 -68.39 46.01 27.24
CA VAL RA 108 -69.78 46.10 26.80
C VAL RA 108 -69.83 45.61 25.36
N THR RA 109 -70.58 44.54 25.14
CA THR RA 109 -70.59 43.83 23.86
C THR RA 109 -71.95 43.95 23.20
N ARG RA 110 -71.97 44.33 21.93
CA ARG RA 110 -73.21 44.46 21.17
C ARG RA 110 -73.15 43.55 19.94
N ASP RA 111 -74.17 42.72 19.79
CA ASP RA 111 -74.30 41.81 18.65
C ASP RA 111 -75.60 42.14 17.94
N VAL RA 112 -75.50 42.61 16.72
CA VAL RA 112 -76.66 42.96 15.89
C VAL RA 112 -76.66 42.02 14.70
N SER RA 113 -77.61 41.07 14.65
CA SER RA 113 -77.68 40.19 13.49
C SER RA 113 -79.07 39.58 13.38
N ASN RA 114 -79.55 39.48 12.13
CA ASN RA 114 -80.78 38.75 11.78
C ASN RA 114 -81.98 39.22 12.59
N GLY RA 115 -82.08 40.54 12.77
CA GLY RA 115 -83.18 41.15 13.50
C GLY RA 115 -83.08 41.07 15.01
N ARG RA 116 -82.05 40.43 15.55
CA ARG RA 116 -81.88 40.29 16.98
C ARG RA 116 -80.69 41.15 17.39
N THR RA 117 -80.91 42.02 18.35
CA THR RA 117 -79.84 42.86 18.89
C THR RA 117 -79.66 42.50 20.37
N LYS RA 118 -78.41 42.34 20.80
CA LYS RA 118 -78.11 41.87 22.15
C LYS RA 118 -76.93 42.63 22.72
N VAL RA 119 -77.10 43.18 23.92
CA VAL RA 119 -76.08 43.94 24.63
C VAL RA 119 -75.75 43.21 25.92
N SER RA 120 -74.45 42.99 26.17
CA SER RA 120 -73.96 42.32 27.37
C SER RA 120 -72.92 43.18 28.07
N ILE RA 121 -72.95 43.20 29.39
CA ILE RA 121 -72.02 43.99 30.20
C ILE RA 121 -71.33 43.06 31.18
N ASP RA 122 -70.00 43.14 31.23
CA ASP RA 122 -69.17 42.28 32.06
C ASP RA 122 -68.17 43.16 32.82
N ILE RA 123 -68.28 43.16 34.15
CA ILE RA 123 -67.35 43.90 35.01
C ILE RA 123 -66.66 42.92 35.94
N PRO RA 124 -65.35 42.97 36.09
CA PRO RA 124 -64.63 42.05 36.96
C PRO RA 124 -64.49 42.55 38.40
N TYR RA 125 -64.21 41.59 39.29
CA TYR RA 125 -64.00 41.86 40.70
C TYR RA 125 -62.83 41.02 41.21
N TYR RA 126 -62.17 41.54 42.26
CA TYR RA 126 -60.98 40.95 42.88
C TYR RA 126 -61.29 40.54 44.32
N ASP RA 127 -60.37 39.71 44.86
CA ASP RA 127 -60.42 39.21 46.24
C ASP RA 127 -59.99 40.31 47.21
N ARG RA 128 -60.98 40.91 47.87
CA ARG RA 128 -60.72 41.99 48.80
C ARG RA 128 -59.81 41.54 49.94
N ASN RA 129 -59.88 40.25 50.33
CA ASN RA 129 -59.03 39.76 51.40
C ASN RA 129 -57.56 39.81 51.00
N ALA RA 130 -57.27 39.36 49.78
CA ALA RA 130 -55.90 39.44 49.27
C ALA RA 130 -55.44 40.88 49.14
N VAL RA 131 -56.30 41.73 48.56
CA VAL RA 131 -55.90 43.12 48.33
C VAL RA 131 -55.59 43.82 49.65
N GLU RA 132 -56.48 43.68 50.64
CA GLU RA 132 -56.31 44.37 51.90
C GLU RA 132 -55.19 43.77 52.73
N THR RA 133 -54.96 42.46 52.64
CA THR RA 133 -53.78 41.88 53.30
C THR RA 133 -52.50 42.46 52.70
N LEU RA 134 -52.45 42.62 51.38
CA LEU RA 134 -51.30 43.25 50.75
C LEU RA 134 -51.14 44.70 51.20
N LYS RA 135 -52.23 45.46 51.19
CA LYS RA 135 -52.18 46.87 51.59
C LYS RA 135 -51.72 47.02 53.03
N ALA RA 136 -52.38 46.32 53.96
CA ALA RA 136 -52.00 46.41 55.38
C ALA RA 136 -50.57 45.94 55.60
N SER RA 137 -50.15 44.90 54.90
CA SER RA 137 -48.78 44.43 55.08
C SER RA 137 -47.78 45.22 54.25
N ALA RA 138 -48.21 46.22 53.48
CA ALA RA 138 -47.30 47.00 52.63
C ALA RA 138 -46.50 46.08 51.72
N ILE RA 139 -47.19 45.18 51.04
CA ILE RA 139 -46.56 44.27 50.08
C ILE RA 139 -46.82 44.81 48.68
N PRO RA 140 -45.85 44.81 47.78
CA PRO RA 140 -46.07 45.42 46.45
C PRO RA 140 -46.70 44.51 45.41
N GLY RA 141 -47.36 43.43 45.79
CA GLY RA 141 -48.02 42.59 44.80
C GLY RA 141 -49.28 43.23 44.24
N ALA RA 142 -49.57 42.92 42.98
CA ALA RA 142 -50.78 43.35 42.31
C ALA RA 142 -51.66 42.13 42.03
N VAL RA 143 -52.97 42.28 42.24
CA VAL RA 143 -53.89 41.14 42.19
C VAL RA 143 -54.66 41.16 40.87
N ALA RA 144 -54.75 39.99 40.25
CA ALA RA 144 -55.59 39.78 39.08
C ALA RA 144 -57.03 39.49 39.50
N PRO RA 145 -58.00 39.73 38.62
CA PRO RA 145 -59.40 39.56 39.01
C PRO RA 145 -59.75 38.11 39.32
N VAL RA 146 -60.56 37.92 40.34
CA VAL RA 146 -61.00 36.60 40.71
C VAL RA 146 -62.28 36.18 39.97
N GLY RA 147 -63.12 37.14 39.59
CA GLY RA 147 -64.33 36.77 38.88
C GLY RA 147 -64.96 37.95 38.18
N SER RA 148 -66.22 37.79 37.78
CA SER RA 148 -66.92 38.87 37.10
C SER RA 148 -68.43 38.73 37.32
N PHE RA 149 -69.14 39.83 37.05
CA PHE RA 149 -70.59 39.86 37.00
C PHE RA 149 -71.04 40.33 35.62
N LYS RA 150 -72.12 39.71 35.12
CA LYS RA 150 -72.60 39.92 33.76
C LYS RA 150 -74.10 40.14 33.73
N VAL RA 151 -74.51 41.02 32.82
CA VAL RA 151 -75.91 41.34 32.58
C VAL RA 151 -76.16 41.37 31.07
N ASN RA 152 -77.14 40.60 30.61
CA ASN RA 152 -77.49 40.46 29.21
C ASN RA 152 -78.87 41.06 28.93
N VAL RA 153 -79.02 41.64 27.75
CA VAL RA 153 -80.26 42.26 27.32
C VAL RA 153 -80.43 41.98 25.83
N GLU RA 154 -81.64 41.60 25.43
CA GLU RA 154 -81.84 41.02 24.11
C GLU RA 154 -83.20 41.44 23.55
N VAL RA 155 -83.21 41.80 22.26
CA VAL RA 155 -84.40 42.33 21.61
C VAL RA 155 -84.58 41.56 20.31
N LEU RA 156 -85.68 40.79 20.21
CA LEU RA 156 -85.98 39.99 19.04
C LEU RA 156 -86.93 40.80 18.15
N GLY RA 157 -86.35 41.60 17.25
CA GLY RA 157 -87.08 42.52 16.41
C GLY RA 157 -87.31 42.07 14.99
N GLY RA 158 -87.18 40.78 14.71
CA GLY RA 158 -87.38 40.29 13.37
C GLY RA 158 -88.84 40.02 13.06
N GLY RA 159 -89.13 39.91 11.77
CA GLY RA 159 -90.43 39.48 11.32
C GLY RA 159 -91.38 40.61 11.00
N VAL RA 160 -90.86 41.81 10.74
CA VAL RA 160 -91.71 42.95 10.43
C VAL RA 160 -92.52 42.65 9.17
N LEU RA 161 -93.81 42.96 9.24
CA LEU RA 161 -94.73 42.69 8.15
C LEU RA 161 -94.44 43.59 6.94
N THR RA 162 -94.82 43.11 5.76
CA THR RA 162 -94.40 43.76 4.51
C THR RA 162 -95.00 45.16 4.36
N GLY RA 163 -96.26 45.33 4.75
CA GLY RA 163 -96.87 46.64 4.63
C GLY RA 163 -96.16 47.75 5.39
N THR RA 164 -95.49 47.40 6.49
CA THR RA 164 -94.88 48.40 7.37
C THR RA 164 -93.83 49.21 6.64
N ASP RA 165 -93.98 50.53 6.68
CA ASP RA 165 -93.02 51.40 6.01
C ASP RA 165 -91.98 51.91 7.02
N ALA RA 166 -91.10 52.81 6.56
CA ALA RA 166 -89.98 53.26 7.39
C ALA RA 166 -90.46 53.99 8.63
N ASN RA 167 -91.40 54.93 8.43
CA ASN RA 167 -91.92 55.70 9.55
C ASN RA 167 -92.55 54.79 10.60
N ALA RA 168 -93.31 53.79 10.15
CA ALA RA 168 -93.90 52.83 11.08
C ALA RA 168 -92.82 52.05 11.82
N GLN RA 169 -91.75 51.68 11.12
CA GLN RA 169 -90.68 50.95 11.79
C GLN RA 169 -90.03 51.80 12.90
N PHE RA 170 -89.99 53.12 12.70
CA PHE RA 170 -89.54 53.98 13.82
C PHE RA 170 -90.38 53.74 15.07
N ALA RA 171 -91.70 53.69 14.89
CA ALA RA 171 -92.61 53.46 16.01
C ALA RA 171 -92.33 52.11 16.66
N LEU RA 172 -92.10 51.09 15.84
CA LEU RA 172 -91.77 49.78 16.40
C LEU RA 172 -90.47 49.85 17.19
N ASP RA 173 -89.51 50.66 16.73
CA ASP RA 173 -88.26 50.86 17.47
C ASP RA 173 -88.56 51.33 18.89
N GLU RA 174 -89.32 52.42 19.00
CA GLU RA 174 -89.59 52.97 20.33
C GLU RA 174 -90.44 52.01 21.15
N LEU RA 175 -91.31 51.22 20.50
CA LEU RA 175 -92.11 50.24 21.24
C LEU RA 175 -91.22 49.20 21.91
N LEU RA 176 -90.28 48.64 21.16
CA LEU RA 176 -89.34 47.70 21.75
C LEU RA 176 -88.50 48.37 22.83
N SER RA 177 -88.15 49.65 22.63
CA SER RA 177 -87.43 50.37 23.68
C SER RA 177 -88.21 50.37 25.00
N ASN RA 178 -89.51 50.67 24.92
CA ASN RA 178 -90.31 50.73 26.15
C ASN RA 178 -90.50 49.34 26.76
N MET RA 179 -90.61 48.31 25.93
CA MET RA 179 -90.64 46.95 26.47
C MET RA 179 -89.35 46.61 27.20
N LEU RA 180 -88.22 47.07 26.66
CA LEU RA 180 -86.93 46.95 27.35
C LEU RA 180 -86.98 47.56 28.74
N MET RA 181 -87.39 48.83 28.80
CA MET RA 181 -87.46 49.52 30.08
C MET RA 181 -88.33 48.75 31.07
N ASP RA 182 -89.49 48.27 30.60
CA ASP RA 182 -90.39 47.52 31.48
C ASP RA 182 -89.74 46.23 31.95
N ALA RA 183 -89.03 45.54 31.06
CA ALA RA 183 -88.39 44.29 31.45
C ALA RA 183 -87.34 44.53 32.53
N ALA RA 184 -86.54 45.59 32.38
CA ALA RA 184 -85.52 45.86 33.39
C ALA RA 184 -86.14 46.25 34.73
N ARG RA 185 -87.22 47.03 34.68
CA ARG RA 185 -87.92 47.37 35.93
C ARG RA 185 -88.48 46.12 36.59
N ILE RA 186 -89.09 45.22 35.81
CA ILE RA 186 -89.64 43.98 36.37
C ILE RA 186 -88.54 43.10 36.92
N ALA RA 187 -87.34 43.19 36.35
CA ALA RA 187 -86.23 42.39 36.83
C ALA RA 187 -85.73 42.89 38.19
N GLN RA 188 -85.50 44.20 38.31
CA GLN RA 188 -84.99 44.77 39.56
C GLN RA 188 -86.09 45.05 40.57
N ASP RA 189 -87.35 44.79 40.23
CA ASP RA 189 -88.47 45.20 41.07
C ASP RA 189 -88.40 44.55 42.44
N GLY RA 190 -88.69 45.33 43.47
CA GLY RA 190 -88.75 44.83 44.82
C GLY RA 190 -88.18 45.77 45.85
N PRO RA 191 -88.50 45.52 47.13
CA PRO RA 191 -87.87 46.30 48.20
C PRO RA 191 -86.37 46.05 48.24
N LYS RA 192 -85.63 47.10 48.59
CA LYS RA 192 -84.21 46.94 48.86
C LYS RA 192 -83.96 46.35 50.25
N ASN RA 193 -85.02 46.09 51.02
CA ASN RA 193 -84.91 45.40 52.30
C ASN RA 193 -84.65 43.91 52.13
N THR RA 194 -85.12 43.34 51.03
CA THR RA 194 -85.08 41.89 50.84
C THR RA 194 -84.21 41.51 49.65
N ALA RA 195 -83.79 40.25 49.65
CA ALA RA 195 -82.92 39.72 48.61
C ALA RA 195 -83.66 39.64 47.28
N ARG RA 196 -83.04 40.12 46.20
CA ARG RA 196 -83.75 40.01 44.92
C ARG RA 196 -82.92 39.49 43.74
N LEU RA 197 -81.59 39.63 43.70
CA LEU RA 197 -80.82 39.19 42.53
C LEU RA 197 -79.69 38.18 42.74
N VAL RA 198 -78.69 38.50 43.59
CA VAL RA 198 -77.43 37.74 43.58
C VAL RA 198 -77.63 36.43 44.35
N ALA RA 199 -76.84 35.42 43.97
CA ALA RA 199 -76.89 34.10 44.58
C ALA RA 199 -78.32 33.55 44.60
N ALA RA 200 -79.10 33.90 43.57
CA ALA RA 200 -80.50 33.52 43.54
C ALA RA 200 -80.66 32.00 43.48
N SER RA 201 -81.62 31.48 44.25
CA SER RA 201 -81.98 30.07 44.22
C SER RA 201 -83.39 29.82 43.74
N HIS RA 202 -84.36 30.61 44.19
CA HIS RA 202 -85.77 30.45 43.87
C HIS RA 202 -86.50 31.70 44.31
N GLY RA 203 -87.70 31.88 43.76
CA GLY RA 203 -88.51 33.06 44.03
C GLY RA 203 -89.68 32.70 44.93
N VAL RA 204 -90.03 33.62 45.83
CA VAL RA 204 -91.16 33.43 46.73
C VAL RA 204 -91.95 34.73 46.76
N MET RA 205 -93.26 34.62 46.52
CA MET RA 205 -94.16 35.77 46.55
C MET RA 205 -94.55 36.06 48.00
N PRO RA 206 -94.49 37.31 48.44
CA PRO RA 206 -94.76 37.61 49.85
C PRO RA 206 -96.21 37.31 50.21
N GLN RA 207 -96.41 37.07 51.51
CA GLN RA 207 -97.73 36.70 52.02
C GLN RA 207 -98.78 37.72 51.59
N ALA RA 208 -98.45 39.00 51.67
CA ALA RA 208 -99.28 40.09 51.14
C ALA RA 208 -100.74 39.95 51.60
N SER SA 23 -57.85 30.85 36.15
CA SER SA 23 -56.91 30.98 37.25
C SER SA 23 -56.42 32.42 37.40
N SER SA 24 -56.55 32.98 38.60
CA SER SA 24 -56.17 34.36 38.89
C SER SA 24 -54.93 34.36 39.78
N ARG SA 25 -53.91 35.12 39.38
CA ARG SA 25 -52.63 35.12 40.06
C ARG SA 25 -52.20 36.54 40.35
N THR SA 26 -51.69 36.75 41.57
CA THR SA 26 -51.08 38.02 41.93
C THR SA 26 -49.64 38.04 41.43
N THR SA 27 -49.24 39.18 40.88
CA THR SA 27 -47.96 39.34 40.21
C THR SA 27 -47.09 40.34 40.97
N PHE SA 28 -45.83 39.96 41.16
CA PHE SA 28 -44.79 40.82 41.73
C PHE SA 28 -43.80 41.16 40.64
N GLY SA 29 -43.53 42.43 40.47
CA GLY SA 29 -42.66 42.85 39.40
C GLY SA 29 -43.44 43.15 38.12
N VAL SA 30 -42.72 43.03 37.01
CA VAL SA 30 -43.26 43.39 35.71
C VAL SA 30 -44.20 42.31 35.22
N ASN SA 31 -45.36 42.73 34.72
CA ASN SA 31 -46.28 41.83 34.04
C ASN SA 31 -46.18 42.09 32.54
N PRO SA 32 -45.62 41.18 31.75
CA PRO SA 32 -45.42 41.44 30.32
C PRO SA 32 -46.55 41.00 29.40
N ASP SA 33 -47.74 40.68 29.91
CA ASP SA 33 -48.84 40.26 29.06
C ASP SA 33 -49.14 41.30 28.00
N ARG SA 34 -49.11 40.89 26.73
CA ARG SA 34 -49.41 41.76 25.61
C ARG SA 34 -50.82 41.51 25.08
N GLN SA 35 -51.43 42.55 24.51
CA GLN SA 35 -52.76 42.48 23.95
C GLN SA 35 -52.67 41.95 22.51
N ALA SA 36 -53.53 40.97 22.20
CA ALA SA 36 -53.52 40.37 20.87
C ALA SA 36 -53.78 41.42 19.80
N ASN SA 37 -53.05 41.28 18.69
CA ASN SA 37 -53.12 42.23 17.56
C ASN SA 37 -54.35 41.90 16.72
N ALA SA 38 -55.53 42.26 17.26
CA ALA SA 38 -56.82 41.90 16.67
C ALA SA 38 -57.72 43.14 16.65
N ARG SA 39 -57.18 44.26 16.15
CA ARG SA 39 -57.87 45.54 16.14
C ARG SA 39 -57.98 46.07 14.72
N PRO SA 40 -59.20 46.20 14.18
CA PRO SA 40 -59.35 46.81 12.86
C PRO SA 40 -58.90 48.26 12.87
N VAL SA 41 -58.33 48.71 11.75
CA VAL SA 41 -57.80 50.07 11.66
C VAL SA 41 -58.39 50.74 10.43
N TYR SA 42 -58.49 52.07 10.52
CA TYR SA 42 -59.06 52.87 9.45
C TYR SA 42 -58.21 52.79 8.20
N LEU SA 43 -58.88 52.72 7.06
CA LEU SA 43 -58.25 52.60 5.75
C LEU SA 43 -58.76 53.73 4.88
N ALA SA 44 -57.85 54.63 4.50
CA ALA SA 44 -58.23 55.82 3.76
C ALA SA 44 -58.93 55.46 2.45
N PRO SA 45 -59.98 56.19 2.05
CA PRO SA 45 -60.69 55.87 0.80
C PRO SA 45 -59.92 56.25 -0.44
N ALA SA 46 -58.79 56.93 -0.30
CA ALA SA 46 -57.93 57.31 -1.42
C ALA SA 46 -56.60 57.76 -0.85
N ALA SA 47 -55.57 57.76 -1.71
CA ALA SA 47 -54.23 58.08 -1.24
C ALA SA 47 -53.81 59.43 -1.80
N PRO SA 48 -53.63 60.48 -0.98
CA PRO SA 48 -53.17 61.76 -1.54
C PRO SA 48 -51.67 61.77 -1.77
N MET SA 49 -51.26 62.08 -3.00
CA MET SA 49 -49.86 62.24 -3.35
C MET SA 49 -49.53 63.67 -3.76
N GLU SA 50 -50.11 64.66 -3.07
CA GLU SA 50 -50.04 66.03 -3.56
C GLU SA 50 -48.61 66.56 -3.58
N ASN SA 51 -47.83 66.28 -2.54
CA ASN SA 51 -46.48 66.86 -2.43
C ASN SA 51 -45.60 66.46 -3.61
N THR SA 52 -45.53 65.16 -3.89
CA THR SA 52 -44.62 64.65 -4.91
C THR SA 52 -45.03 65.13 -6.31
N TYR SA 53 -46.33 65.16 -6.59
CA TYR SA 53 -46.78 65.53 -7.94
C TYR SA 53 -46.73 67.05 -8.16
N THR SA 54 -46.96 67.84 -7.12
CA THR SA 54 -46.67 69.26 -7.28
C THR SA 54 -45.18 69.51 -7.53
N TYR SA 55 -44.30 68.78 -6.84
CA TYR SA 55 -42.88 68.98 -7.13
C TYR SA 55 -42.53 68.52 -8.55
N LEU SA 56 -43.14 67.42 -9.00
CA LEU SA 56 -42.90 66.94 -10.36
C LEU SA 56 -43.36 67.97 -11.40
N GLY SA 57 -44.50 68.61 -11.15
CA GLY SA 57 -44.89 69.74 -11.98
C GLY SA 57 -43.88 70.87 -11.91
N SER SA 58 -43.29 71.10 -10.73
CA SER SA 58 -42.27 72.13 -10.58
C SER SA 58 -41.09 71.90 -11.51
N ILE SA 59 -40.59 70.66 -11.59
CA ILE SA 59 -39.41 70.45 -12.42
C ILE SA 59 -39.81 70.03 -13.84
N GLN SA 60 -41.09 70.16 -14.17
CA GLN SA 60 -41.60 69.83 -15.50
C GLN SA 60 -41.37 68.36 -15.83
N PHE SA 61 -41.50 67.50 -14.82
CA PHE SA 61 -41.49 66.05 -14.99
C PHE SA 61 -40.21 65.55 -15.66
N ALA SA 62 -39.08 66.15 -15.31
CA ALA SA 62 -37.82 65.76 -15.95
C ALA SA 62 -36.65 66.20 -15.09
N ALA SA 63 -35.79 65.25 -14.72
CA ALA SA 63 -34.54 65.54 -14.03
C ALA SA 63 -33.44 64.72 -14.69
N GLY SA 64 -32.44 65.41 -15.24
CA GLY SA 64 -31.35 64.72 -15.90
C GLY SA 64 -31.83 63.91 -17.08
N ARG SA 65 -31.48 62.63 -17.08
CA ARG SA 65 -31.94 61.72 -18.10
C ARG SA 65 -33.22 60.99 -17.71
N HIS SA 66 -33.77 61.27 -16.53
CA HIS SA 66 -35.02 60.69 -16.08
C HIS SA 66 -36.17 61.57 -16.54
N ILE SA 67 -37.10 61.02 -17.30
CA ILE SA 67 -38.33 61.73 -17.62
C ILE SA 67 -39.49 60.97 -16.98
N PHE SA 68 -40.43 61.71 -16.39
CA PHE SA 68 -41.55 61.12 -15.69
C PHE SA 68 -42.85 61.35 -16.45
N GLY SA 69 -43.87 60.57 -16.10
CA GLY SA 69 -45.16 60.73 -16.73
C GLY SA 69 -46.11 61.56 -15.90
N GLU SA 70 -47.12 62.12 -16.58
CA GLU SA 70 -48.12 62.95 -15.92
C GLU SA 70 -49.25 62.09 -15.37
N PRO SA 71 -49.55 62.18 -14.07
CA PRO SA 71 -50.60 61.32 -13.51
C PRO SA 71 -51.98 61.78 -13.95
N ALA SA 72 -52.94 60.85 -13.88
CA ALA SA 72 -54.31 61.25 -14.12
C ALA SA 72 -54.87 62.04 -12.94
N SER SA 73 -54.51 61.67 -11.71
CA SER SA 73 -54.97 62.41 -10.55
C SER SA 73 -53.85 62.56 -9.54
N ASN SA 74 -53.94 63.64 -8.75
CA ASN SA 74 -53.05 63.82 -7.62
C ASN SA 74 -53.45 62.93 -6.45
N VAL SA 75 -54.70 62.50 -6.41
CA VAL SA 75 -55.21 61.61 -5.39
C VAL SA 75 -55.57 60.29 -6.06
N LEU SA 76 -55.03 59.19 -5.52
CA LEU SA 76 -55.10 57.89 -6.19
C LEU SA 76 -56.27 57.09 -5.64
N PRO SA 77 -57.14 56.57 -6.51
CA PRO SA 77 -58.30 55.79 -6.06
C PRO SA 77 -57.92 54.36 -5.73
N PRO SA 78 -58.72 53.66 -4.95
CA PRO SA 78 -58.37 52.27 -4.61
C PRO SA 78 -58.57 51.37 -5.82
N GLN SA 79 -57.66 50.41 -5.98
CA GLN SA 79 -57.75 49.41 -7.03
C GLN SA 79 -58.37 48.10 -6.58
N ASN SA 80 -57.97 47.61 -5.41
CA ASN SA 80 -58.43 46.30 -4.94
C ASN SA 80 -59.01 46.36 -3.53
N ILE SA 81 -59.53 47.52 -3.13
CA ILE SA 81 -60.13 47.72 -1.80
C ILE SA 81 -61.60 48.01 -1.99
N VAL SA 82 -62.44 47.30 -1.23
CA VAL SA 82 -63.88 47.47 -1.27
C VAL SA 82 -64.33 47.95 0.10
N PRO SA 83 -65.19 48.96 0.19
CA PRO SA 83 -65.60 49.46 1.49
C PRO SA 83 -66.33 48.40 2.26
N GLY SA 84 -66.01 48.30 3.54
CA GLY SA 84 -66.66 47.37 4.44
C GLY SA 84 -66.07 45.99 4.42
N VAL SA 85 -65.12 45.72 3.54
CA VAL SA 85 -64.51 44.40 3.45
C VAL SA 85 -63.11 44.49 4.01
N PRO SA 86 -62.77 43.77 5.07
CA PRO SA 86 -61.43 43.86 5.63
C PRO SA 86 -60.42 43.27 4.67
N THR SA 87 -59.31 43.97 4.49
CA THR SA 87 -58.21 43.49 3.65
C THR SA 87 -56.91 43.74 4.40
N LYS SA 88 -55.92 42.88 4.15
CA LYS SA 88 -54.59 43.03 4.74
C LYS SA 88 -53.59 43.58 3.74
N HIS SA 89 -54.01 43.75 2.49
CA HIS SA 89 -53.15 44.29 1.47
C HIS SA 89 -54.04 45.07 0.49
N GLY SA 90 -53.68 46.32 0.24
CA GLY SA 90 -54.47 47.18 -0.61
C GLY SA 90 -53.59 48.07 -1.45
N GLU SA 91 -54.12 48.49 -2.59
CA GLU SA 91 -53.35 49.26 -3.55
C GLU SA 91 -54.19 50.39 -4.13
N TYR SA 92 -53.61 51.58 -4.16
CA TYR SA 92 -54.14 52.70 -4.91
C TYR SA 92 -53.25 52.93 -6.13
N VAL SA 93 -53.84 53.35 -7.24
CA VAL SA 93 -53.08 53.39 -8.48
C VAL SA 93 -53.65 54.45 -9.41
N THR SA 94 -52.76 55.11 -10.14
CA THR SA 94 -53.21 55.94 -11.26
C THR SA 94 -52.30 55.68 -12.47
N THR SA 95 -52.61 56.32 -13.59
CA THR SA 95 -51.86 56.09 -14.83
C THR SA 95 -51.10 57.36 -15.21
N ASN SA 96 -49.78 57.23 -15.37
CA ASN SA 96 -48.96 58.27 -15.94
C ASN SA 96 -48.96 58.09 -17.46
N THR SA 97 -49.32 59.16 -18.17
CA THR SA 97 -49.23 59.25 -19.62
C THR SA 97 -48.24 60.35 -19.99
N GLY SA 98 -47.77 60.32 -21.23
CA GLY SA 98 -46.73 61.25 -21.64
C GLY SA 98 -46.54 61.19 -23.14
N ASP SA 99 -45.88 62.23 -23.65
CA ASP SA 99 -45.59 62.33 -25.08
C ASP SA 99 -44.52 61.32 -25.47
N ARG SA 100 -44.82 60.50 -26.48
CA ARG SA 100 -43.96 59.39 -26.91
C ARG SA 100 -43.75 58.36 -25.80
N LEU SA 101 -44.72 58.22 -24.90
CA LEU SA 101 -44.61 57.33 -23.77
C LEU SA 101 -45.76 56.33 -23.75
N MET SA 102 -45.48 55.14 -23.24
CA MET SA 102 -46.49 54.12 -23.03
C MET SA 102 -47.03 54.23 -21.61
N ALA SA 103 -48.36 54.22 -21.48
CA ALA SA 103 -49.02 54.41 -20.20
C ALA SA 103 -48.44 53.48 -19.14
N SER SA 104 -48.02 54.06 -18.01
CA SER SA 104 -47.44 53.28 -16.93
C SER SA 104 -48.05 53.68 -15.59
N SER SA 105 -48.43 52.69 -14.81
CA SER SA 105 -49.15 52.96 -13.58
C SER SA 105 -48.21 53.32 -12.44
N THR SA 106 -48.66 54.26 -11.60
CA THR SA 106 -48.00 54.66 -10.35
C THR SA 106 -48.79 54.08 -9.18
N THR SA 107 -48.09 53.39 -8.28
CA THR SA 107 -48.75 52.52 -7.30
C THR SA 107 -48.39 52.89 -5.86
N VAL SA 108 -49.39 52.79 -4.98
CA VAL SA 108 -49.25 53.06 -3.56
C VAL SA 108 -49.82 51.86 -2.83
N THR SA 109 -48.96 51.10 -2.16
CA THR SA 109 -49.31 49.82 -1.55
C THR SA 109 -49.34 49.96 -0.03
N ARG SA 110 -50.37 49.41 0.61
CA ARG SA 110 -50.50 49.44 2.06
C ARG SA 110 -50.76 48.03 2.58
N ASP SA 111 -49.93 47.58 3.51
CA ASP SA 111 -50.03 46.26 4.11
C ASP SA 111 -50.28 46.44 5.60
N VAL SA 112 -51.32 45.78 6.11
CA VAL SA 112 -51.64 45.79 7.54
C VAL SA 112 -51.72 44.34 8.02
N SER SA 113 -50.84 43.96 8.95
CA SER SA 113 -50.83 42.58 9.45
C SER SA 113 -50.06 42.53 10.77
N ASN SA 114 -50.64 41.85 11.76
CA ASN SA 114 -49.93 41.53 13.01
C ASN SA 114 -49.36 42.78 13.69
N GLY SA 115 -50.12 43.88 13.65
CA GLY SA 115 -49.71 45.12 14.28
C GLY SA 115 -48.69 45.93 13.51
N ARG SA 116 -48.29 45.45 12.34
CA ARG SA 116 -47.29 46.13 11.52
C ARG SA 116 -47.99 46.66 10.30
N THR SA 117 -47.85 47.95 10.07
CA THR SA 117 -48.49 48.60 8.93
C THR SA 117 -47.40 49.26 8.10
N LYS SA 118 -47.45 49.06 6.78
CA LYS SA 118 -46.37 49.49 5.88
C LYS SA 118 -46.95 50.05 4.59
N VAL SA 119 -46.54 51.27 4.26
CA VAL SA 119 -46.95 51.97 3.04
C VAL SA 119 -45.72 52.11 2.14
N SER SA 120 -45.87 51.71 0.87
CA SER SA 120 -44.81 51.80 -0.12
C SER SA 120 -45.31 52.57 -1.34
N ILE SA 121 -44.45 53.39 -1.94
CA ILE SA 121 -44.81 54.20 -3.10
C ILE SA 121 -43.81 53.92 -4.20
N ASP SA 122 -44.32 53.62 -5.41
CA ASP SA 122 -43.49 53.28 -6.57
C ASP SA 122 -43.93 54.13 -7.74
N ILE SA 123 -43.01 54.92 -8.28
CA ILE SA 123 -43.25 55.73 -9.47
C ILE SA 123 -42.20 55.40 -10.52
N PRO SA 124 -42.59 55.09 -11.76
CA PRO SA 124 -41.62 54.76 -12.80
C PRO SA 124 -41.14 55.98 -13.57
N TYR SA 125 -39.99 55.80 -14.23
CA TYR SA 125 -39.38 56.82 -15.08
C TYR SA 125 -38.98 56.19 -16.41
N TYR SA 126 -38.63 57.05 -17.37
CA TYR SA 126 -38.27 56.66 -18.72
C TYR SA 126 -36.97 57.32 -19.14
N ASP SA 127 -36.42 56.82 -20.25
CA ASP SA 127 -35.15 57.30 -20.83
C ASP SA 127 -35.40 58.56 -21.64
N ARG SA 128 -35.00 59.71 -21.07
CA ARG SA 128 -35.24 60.98 -21.74
C ARG SA 128 -34.49 61.04 -23.08
N ASN SA 129 -33.34 60.38 -23.19
CA ASN SA 129 -32.58 60.42 -24.44
C ASN SA 129 -33.35 59.72 -25.55
N ALA SA 130 -33.95 58.57 -25.25
CA ALA SA 130 -34.80 57.92 -26.24
C ALA SA 130 -36.01 58.77 -26.57
N VAL SA 131 -36.65 59.36 -25.54
CA VAL SA 131 -37.88 60.11 -25.80
C VAL SA 131 -37.61 61.32 -26.70
N GLU SA 132 -36.59 62.12 -26.36
CA GLU SA 132 -36.31 63.32 -27.13
C GLU SA 132 -35.65 62.99 -28.46
N THR SA 133 -34.96 61.85 -28.58
CA THR SA 133 -34.45 61.44 -29.89
C THR SA 133 -35.58 61.07 -30.84
N LEU SA 134 -36.59 60.37 -30.32
CA LEU SA 134 -37.79 60.13 -31.13
C LEU SA 134 -38.47 61.43 -31.53
N LYS SA 135 -38.75 62.30 -30.55
CA LYS SA 135 -39.36 63.59 -30.86
C LYS SA 135 -38.59 64.31 -31.96
N ALA SA 136 -37.26 64.38 -31.82
CA ALA SA 136 -36.43 65.12 -32.76
C ALA SA 136 -36.29 64.42 -34.12
N SER SA 137 -36.52 63.11 -34.18
CA SER SA 137 -36.39 62.39 -35.44
C SER SA 137 -37.72 62.26 -36.20
N ALA SA 138 -38.86 62.52 -35.54
CA ALA SA 138 -40.17 62.50 -36.19
C ALA SA 138 -40.46 61.13 -36.80
N ILE SA 139 -40.30 60.12 -35.97
CA ILE SA 139 -40.34 58.72 -36.37
C ILE SA 139 -41.28 58.00 -35.42
N PRO SA 140 -41.96 56.94 -35.86
CA PRO SA 140 -43.13 56.45 -35.13
C PRO SA 140 -42.91 55.86 -33.72
N GLY SA 141 -41.67 55.62 -33.28
CA GLY SA 141 -41.46 54.83 -32.08
C GLY SA 141 -42.13 55.39 -30.83
N ALA SA 142 -42.43 54.51 -29.87
CA ALA SA 142 -42.76 54.89 -28.49
C ALA SA 142 -42.02 53.99 -27.50
N VAL SA 143 -41.88 54.48 -26.26
CA VAL SA 143 -40.96 53.92 -25.28
C VAL SA 143 -41.71 53.51 -24.01
N ALA SA 144 -41.23 52.44 -23.40
CA ALA SA 144 -41.70 51.88 -22.14
C ALA SA 144 -40.80 52.31 -20.98
N PRO SA 145 -41.24 52.14 -19.73
CA PRO SA 145 -40.42 52.55 -18.59
C PRO SA 145 -39.08 51.82 -18.52
N VAL SA 146 -38.10 52.50 -17.94
CA VAL SA 146 -36.76 51.98 -17.77
C VAL SA 146 -36.48 51.54 -16.34
N GLY SA 147 -37.16 52.13 -15.36
CA GLY SA 147 -36.96 51.78 -13.97
C GLY SA 147 -37.93 52.54 -13.11
N SER SA 148 -37.69 52.52 -11.81
CA SER SA 148 -38.61 53.15 -10.88
C SER SA 148 -37.85 53.65 -9.66
N PHE SA 149 -38.52 54.51 -8.90
CA PHE SA 149 -38.08 54.92 -7.58
C PHE SA 149 -39.15 54.54 -6.57
N LYS SA 150 -38.68 54.07 -5.40
CA LYS SA 150 -39.53 53.52 -4.37
C LYS SA 150 -39.17 54.10 -3.00
N VAL SA 151 -40.21 54.29 -2.19
CA VAL SA 151 -40.08 54.80 -0.84
C VAL SA 151 -40.99 53.99 0.07
N ASN SA 152 -40.43 53.42 1.15
CA ASN SA 152 -41.15 52.59 2.11
C ASN SA 152 -41.22 53.28 3.47
N VAL SA 153 -42.33 53.04 4.17
CA VAL SA 153 -42.57 53.60 5.51
C VAL SA 153 -43.30 52.54 6.32
N GLU SA 154 -42.82 52.27 7.53
CA GLU SA 154 -43.20 51.09 8.28
C GLU SA 154 -43.37 51.42 9.77
N VAL SA 155 -44.46 50.92 10.37
CA VAL SA 155 -44.80 51.22 11.75
C VAL SA 155 -45.06 49.90 12.47
N LEU SA 156 -44.26 49.61 13.51
CA LEU SA 156 -44.33 48.34 14.23
C LEU SA 156 -45.11 48.58 15.51
N GLY SA 157 -46.43 48.51 15.41
CA GLY SA 157 -47.34 48.83 16.49
C GLY SA 157 -47.80 47.66 17.34
N GLY SA 158 -47.19 46.50 17.15
CA GLY SA 158 -47.58 45.34 17.92
C GLY SA 158 -47.06 45.38 19.34
N GLY SA 159 -47.70 44.60 20.20
CA GLY SA 159 -47.22 44.45 21.56
C GLY SA 159 -47.87 45.35 22.56
N VAL SA 160 -49.11 45.79 22.32
CA VAL SA 160 -49.78 46.66 23.27
C VAL SA 160 -50.03 45.89 24.55
N LEU SA 161 -49.77 46.54 25.69
CA LEU SA 161 -49.87 45.89 26.98
C LEU SA 161 -51.34 45.68 27.37
N THR SA 162 -51.55 44.87 28.41
CA THR SA 162 -52.91 44.46 28.75
C THR SA 162 -53.74 45.63 29.27
N GLY SA 163 -53.13 46.47 30.10
CA GLY SA 163 -53.89 47.53 30.75
C GLY SA 163 -54.46 48.55 29.78
N THR SA 164 -53.86 48.69 28.60
CA THR SA 164 -54.25 49.72 27.67
C THR SA 164 -55.69 49.54 27.20
N ASP SA 165 -56.49 50.59 27.36
CA ASP SA 165 -57.84 50.60 26.82
C ASP SA 165 -57.86 51.35 25.50
N ALA SA 166 -59.06 51.52 24.95
CA ALA SA 166 -59.21 52.06 23.60
C ALA SA 166 -58.73 53.50 23.51
N ASN SA 167 -59.11 54.35 24.48
CA ASN SA 167 -58.68 55.74 24.50
C ASN SA 167 -57.16 55.85 24.52
N ALA SA 168 -56.52 55.09 25.40
CA ALA SA 168 -55.07 55.05 25.46
C ALA SA 168 -54.46 54.58 24.14
N GLN SA 169 -55.12 53.63 23.47
CA GLN SA 169 -54.62 53.17 22.18
C GLN SA 169 -54.67 54.29 21.15
N PHE SA 170 -55.70 55.15 21.21
CA PHE SA 170 -55.69 56.34 20.35
C PHE SA 170 -54.47 57.19 20.62
N ALA SA 171 -54.17 57.38 21.91
CA ALA SA 171 -52.98 58.16 22.26
C ALA SA 171 -51.73 57.54 21.65
N LEU SA 172 -51.64 56.22 21.69
CA LEU SA 172 -50.48 55.53 21.13
C LEU SA 172 -50.44 55.68 19.61
N ASP SA 173 -51.61 55.67 18.98
CA ASP SA 173 -51.72 55.94 17.55
C ASP SA 173 -51.03 57.24 17.21
N GLU SA 174 -51.40 58.31 17.92
CA GLU SA 174 -50.82 59.61 17.61
C GLU SA 174 -49.32 59.65 17.94
N LEU SA 175 -48.90 58.94 19.00
CA LEU SA 175 -47.48 58.88 19.32
C LEU SA 175 -46.68 58.30 18.16
N LEU SA 176 -47.14 57.18 17.61
CA LEU SA 176 -46.45 56.57 16.49
C LEU SA 176 -46.45 57.49 15.28
N SER SA 177 -47.57 58.17 15.01
CA SER SA 177 -47.59 59.05 13.85
C SER SA 177 -46.58 60.20 14.01
N ASN SA 178 -46.40 60.69 15.24
CA ASN SA 178 -45.40 61.73 15.47
C ASN SA 178 -43.98 61.19 15.26
N MET SA 179 -43.72 59.96 15.69
CA MET SA 179 -42.42 59.36 15.41
C MET SA 179 -42.21 59.19 13.90
N LEU SA 180 -43.29 58.91 13.16
CA LEU SA 180 -43.23 58.85 11.71
C LEU SA 180 -42.75 60.17 11.13
N MET SA 181 -43.39 61.27 11.55
CA MET SA 181 -42.99 62.59 11.07
C MET SA 181 -41.54 62.88 11.39
N ASP SA 182 -41.11 62.57 12.62
CA ASP SA 182 -39.72 62.78 12.99
C ASP SA 182 -38.78 61.98 12.10
N ALA SA 183 -39.14 60.73 11.80
CA ALA SA 183 -38.28 59.90 10.98
C ALA SA 183 -38.15 60.43 9.56
N ALA SA 184 -39.26 60.87 8.97
CA ALA SA 184 -39.19 61.44 7.62
C ALA SA 184 -38.36 62.71 7.59
N ARG SA 185 -38.52 63.57 8.61
CA ARG SA 185 -37.71 64.78 8.66
C ARG SA 185 -36.23 64.44 8.81
N ILE SA 186 -35.91 63.44 9.63
CA ILE SA 186 -34.50 63.06 9.83
C ILE SA 186 -33.92 62.44 8.57
N ALA SA 187 -34.76 61.79 7.78
CA ALA SA 187 -34.30 61.19 6.52
C ALA SA 187 -33.99 62.26 5.49
N GLN SA 188 -34.92 63.22 5.30
CA GLN SA 188 -34.72 64.26 4.29
C GLN SA 188 -33.87 65.43 4.80
N ASP SA 189 -33.45 65.41 6.06
CA ASP SA 189 -32.78 66.55 6.66
C ASP SA 189 -31.49 66.87 5.90
N GLY SA 190 -31.23 68.16 5.71
CA GLY SA 190 -30.00 68.61 5.12
C GLY SA 190 -30.18 69.73 4.11
N PRO SA 191 -29.09 70.44 3.81
CA PRO SA 191 -29.15 71.48 2.78
C PRO SA 191 -29.50 70.89 1.43
N LYS SA 192 -30.27 71.65 0.65
CA LYS SA 192 -30.51 71.28 -0.74
C LYS SA 192 -29.33 71.64 -1.63
N ASN SA 193 -28.31 72.33 -1.10
CA ASN SA 193 -27.07 72.55 -1.83
C ASN SA 193 -26.34 71.25 -2.12
N THR SA 194 -26.64 70.17 -1.37
CA THR SA 194 -25.73 69.06 -1.25
C THR SA 194 -26.44 67.71 -1.36
N ALA SA 195 -25.69 66.71 -1.80
CA ALA SA 195 -26.22 65.37 -2.02
C ALA SA 195 -26.76 64.78 -0.73
N ARG SA 196 -27.98 64.22 -0.78
CA ARG SA 196 -28.44 63.57 0.44
C ARG SA 196 -29.19 62.25 0.29
N LEU SA 197 -29.77 61.90 -0.87
CA LEU SA 197 -30.48 60.62 -1.00
C LEU SA 197 -30.03 59.68 -2.12
N VAL SA 198 -30.05 60.15 -3.39
CA VAL SA 198 -29.96 59.24 -4.54
C VAL SA 198 -28.52 58.80 -4.73
N ALA SA 199 -28.36 57.59 -5.27
CA ALA SA 199 -27.05 57.01 -5.59
C ALA SA 199 -26.11 57.05 -4.39
N ALA SA 200 -26.68 56.92 -3.20
CA ALA SA 200 -25.92 57.06 -1.96
C ALA SA 200 -24.89 55.94 -1.83
N SER SA 201 -23.67 56.33 -1.43
CA SER SA 201 -22.58 55.39 -1.15
C SER SA 201 -22.35 55.22 0.34
N HIS SA 202 -22.25 56.33 1.06
CA HIS SA 202 -22.04 56.36 2.50
C HIS SA 202 -22.45 57.74 2.99
N GLY SA 203 -22.50 57.89 4.30
CA GLY SA 203 -22.88 59.15 4.93
C GLY SA 203 -21.66 59.80 5.53
N VAL SA 204 -21.55 61.12 5.37
CA VAL SA 204 -20.47 61.88 6.00
C VAL SA 204 -21.05 63.11 6.67
N MET SA 205 -20.57 63.38 7.90
CA MET SA 205 -20.93 64.53 8.72
C MET SA 205 -19.92 65.65 8.51
N PRO SA 206 -20.37 66.90 8.45
CA PRO SA 206 -19.45 68.03 8.29
C PRO SA 206 -18.72 68.37 9.59
N GLN SA 207 -17.73 69.26 9.47
CA GLN SA 207 -16.96 69.75 10.60
C GLN SA 207 -17.40 71.17 10.93
N ALA SA 208 -17.69 71.41 12.21
CA ALA SA 208 -18.07 72.73 12.71
C ALA SA 208 -19.28 73.29 11.99
N GLY TA 11 22.47 -42.41 -117.27
CA GLY TA 11 21.55 -42.49 -118.40
C GLY TA 11 21.76 -43.70 -119.30
N GLN TA 12 21.43 -43.54 -120.58
CA GLN TA 12 21.55 -44.63 -121.54
C GLN TA 12 23.01 -45.06 -121.70
N LEU TA 13 23.19 -46.23 -122.31
CA LEU TA 13 24.50 -46.84 -122.49
C LEU TA 13 24.84 -46.90 -123.98
N TYR TA 14 26.11 -46.59 -124.30
CA TYR TA 14 26.59 -46.67 -125.68
C TYR TA 14 28.01 -47.22 -125.68
N MET TA 15 28.64 -47.32 -126.85
CA MET TA 15 29.98 -47.90 -126.97
C MET TA 15 30.99 -46.81 -127.27
N GLY TA 16 31.85 -46.52 -126.28
CA GLY TA 16 33.01 -45.68 -126.47
C GLY TA 16 34.25 -46.54 -126.57
N GLN TA 17 35.34 -45.92 -127.03
CA GLN TA 17 36.54 -46.70 -127.29
C GLN TA 17 37.16 -47.24 -126.00
N GLN TA 18 36.80 -46.70 -124.85
CA GLN TA 18 37.23 -47.29 -123.60
C GLN TA 18 36.46 -48.57 -123.29
N GLY TA 19 35.27 -48.70 -123.84
CA GLY TA 19 34.35 -49.78 -123.53
C GLY TA 19 32.94 -49.24 -123.50
N PRO TA 20 31.98 -50.03 -123.02
CA PRO TA 20 30.62 -49.52 -122.85
C PRO TA 20 30.61 -48.40 -121.82
N VAL TA 21 30.03 -47.27 -122.21
CA VAL TA 21 30.11 -46.03 -121.44
C VAL TA 21 28.72 -45.42 -121.31
N GLN TA 22 28.47 -44.83 -120.14
CA GLN TA 22 27.19 -44.23 -119.83
C GLN TA 22 27.11 -42.81 -120.39
N SER TA 23 26.06 -42.53 -121.14
CA SER TA 23 25.85 -41.18 -121.64
C SER TA 23 25.56 -40.23 -120.50
N SER TA 24 26.02 -38.98 -120.63
CA SER TA 24 25.91 -38.02 -119.53
C SER TA 24 25.57 -36.64 -120.07
N ARG TA 25 24.78 -35.91 -119.28
CA ARG TA 25 24.29 -34.58 -119.65
C ARG TA 25 24.73 -33.60 -118.57
N THR TA 26 25.59 -32.65 -118.93
CA THR TA 26 26.17 -31.74 -117.95
C THR TA 26 26.01 -30.29 -118.37
N THR TA 27 26.09 -29.41 -117.38
CA THR TA 27 26.06 -27.97 -117.59
C THR TA 27 27.46 -27.39 -117.72
N PHE TA 28 28.47 -28.26 -117.85
CA PHE TA 28 29.85 -27.82 -117.93
C PHE TA 28 30.12 -27.14 -119.27
N GLY TA 29 30.72 -25.95 -119.21
CA GLY TA 29 31.14 -25.26 -120.42
C GLY TA 29 30.10 -24.45 -121.13
N VAL TA 30 29.01 -24.08 -120.45
CA VAL TA 30 27.96 -23.25 -121.03
C VAL TA 30 27.91 -21.94 -120.25
N ASN TA 31 28.22 -20.82 -120.92
CA ASN TA 31 28.21 -19.50 -120.30
C ASN TA 31 26.88 -18.84 -120.60
N PRO TA 32 25.95 -18.78 -119.65
CA PRO TA 32 24.67 -18.08 -119.86
C PRO TA 32 24.65 -16.63 -119.39
N ASP TA 33 25.78 -16.06 -118.98
CA ASP TA 33 25.83 -14.67 -118.59
C ASP TA 33 25.19 -13.78 -119.64
N ARG TA 34 24.48 -12.74 -119.19
CA ARG TA 34 23.82 -11.82 -120.10
C ARG TA 34 24.36 -10.41 -119.94
N GLN TA 35 24.20 -9.64 -121.01
CA GLN TA 35 24.62 -8.25 -121.07
C GLN TA 35 23.43 -7.37 -120.69
N ALA TA 36 23.69 -6.39 -119.84
CA ALA TA 36 22.62 -5.53 -119.34
C ALA TA 36 21.99 -4.73 -120.47
N ASN TA 37 20.68 -4.49 -120.36
CA ASN TA 37 19.95 -3.72 -121.34
C ASN TA 37 20.19 -2.24 -121.06
N ALA TA 38 21.35 -1.75 -121.53
CA ALA TA 38 21.84 -0.40 -121.31
C ALA TA 38 22.18 0.27 -122.63
N ARG TA 39 21.39 0.00 -123.65
CA ARG TA 39 21.69 0.41 -125.02
C ARG TA 39 20.68 1.44 -125.50
N PRO TA 40 21.07 2.71 -125.68
CA PRO TA 40 20.13 3.68 -126.26
C PRO TA 40 19.73 3.25 -127.66
N VAL TA 41 18.44 3.44 -128.00
CA VAL TA 41 17.92 3.06 -129.29
C VAL TA 41 17.37 4.28 -130.00
N TYR TA 42 17.29 4.17 -131.32
CA TYR TA 42 16.79 5.25 -132.16
C TYR TA 42 15.30 5.43 -131.94
N LEU TA 43 14.88 6.68 -131.80
CA LEU TA 43 13.49 7.05 -131.63
C LEU TA 43 13.08 7.91 -132.83
N ALA TA 44 12.16 7.39 -133.64
CA ALA TA 44 11.80 8.06 -134.88
C ALA TA 44 11.27 9.46 -134.60
N PRO TA 45 11.54 10.44 -135.47
CA PRO TA 45 11.04 11.81 -135.25
C PRO TA 45 9.59 11.98 -135.65
N ALA TA 46 8.97 10.95 -136.23
CA ALA TA 46 7.55 10.97 -136.56
C ALA TA 46 7.13 9.55 -136.90
N ALA TA 47 5.82 9.31 -136.84
CA ALA TA 47 5.30 7.94 -137.01
C ALA TA 47 4.56 7.85 -138.33
N PRO TA 48 5.02 7.06 -139.32
CA PRO TA 48 4.26 6.99 -140.58
C PRO TA 48 3.13 5.98 -140.53
N MET TA 49 1.88 6.42 -140.66
CA MET TA 49 0.72 5.55 -140.77
C MET TA 49 0.19 5.49 -142.21
N GLU TA 50 1.08 5.41 -143.20
CA GLU TA 50 0.62 5.56 -144.59
C GLU TA 50 -0.30 4.43 -145.02
N ASN TA 51 0.03 3.18 -144.66
CA ASN TA 51 -0.77 2.03 -145.13
C ASN TA 51 -2.23 2.16 -144.69
N THR TA 52 -2.44 2.36 -143.38
CA THR TA 52 -3.81 2.39 -142.85
C THR TA 52 -4.62 3.55 -143.44
N TYR TA 53 -4.00 4.71 -143.62
CA TYR TA 53 -4.75 5.87 -144.08
C TYR TA 53 -5.01 5.84 -145.58
N THR TA 54 -4.10 5.27 -146.38
CA THR TA 54 -4.45 5.03 -147.77
C THR TA 54 -5.60 4.04 -147.89
N TYR TA 55 -5.63 3.01 -147.05
CA TYR TA 55 -6.79 2.13 -147.11
C TYR TA 55 -8.06 2.86 -146.67
N LEU TA 56 -7.95 3.74 -145.66
CA LEU TA 56 -9.12 4.48 -145.21
C LEU TA 56 -9.62 5.45 -146.27
N GLY TA 57 -8.72 6.00 -147.08
CA GLY TA 57 -9.17 6.74 -148.25
C GLY TA 57 -9.84 5.84 -149.27
N SER TA 58 -9.33 4.60 -149.41
CA SER TA 58 -9.93 3.66 -150.35
C SER TA 58 -11.39 3.38 -150.01
N ILE TA 59 -11.70 3.06 -148.76
CA ILE TA 59 -13.08 2.71 -148.43
C ILE TA 59 -13.90 3.95 -148.11
N GLN TA 60 -13.33 5.13 -148.36
CA GLN TA 60 -14.02 6.41 -148.14
C GLN TA 60 -14.33 6.64 -146.65
N PHE TA 61 -13.44 6.15 -145.77
CA PHE TA 61 -13.53 6.37 -144.32
C PHE TA 61 -14.84 5.85 -143.74
N ALA TA 62 -15.31 4.73 -144.25
CA ALA TA 62 -16.59 4.21 -143.78
C ALA TA 62 -16.64 2.71 -144.06
N ALA TA 63 -16.85 1.92 -143.02
CA ALA TA 63 -17.15 0.50 -143.17
C ALA TA 63 -18.38 0.20 -142.34
N GLY TA 64 -19.47 -0.15 -143.01
CA GLY TA 64 -20.71 -0.42 -142.30
C GLY TA 64 -21.19 0.78 -141.50
N ARG TA 65 -21.34 0.56 -140.20
CA ARG TA 65 -21.78 1.60 -139.26
C ARG TA 65 -20.60 2.36 -138.66
N HIS TA 66 -19.38 1.93 -138.91
CA HIS TA 66 -18.19 2.58 -138.41
C HIS TA 66 -17.77 3.66 -139.39
N ILE TA 67 -17.85 4.91 -138.97
CA ILE TA 67 -17.38 6.02 -139.80
C ILE TA 67 -16.13 6.58 -139.15
N PHE TA 68 -15.13 6.87 -139.95
CA PHE TA 68 -13.83 7.27 -139.41
C PHE TA 68 -13.53 8.73 -139.71
N GLY TA 69 -12.65 9.31 -138.91
CA GLY TA 69 -12.24 10.67 -139.15
C GLY TA 69 -11.11 10.76 -140.15
N GLU TA 70 -11.04 11.91 -140.84
CA GLU TA 70 -9.95 12.20 -141.76
C GLU TA 70 -8.77 12.80 -141.00
N PRO TA 71 -7.58 12.23 -141.12
CA PRO TA 71 -6.45 12.69 -140.31
C PRO TA 71 -6.00 14.09 -140.68
N ALA TA 72 -5.15 14.65 -139.83
CA ALA TA 72 -4.42 15.85 -140.18
C ALA TA 72 -3.30 15.53 -141.16
N SER TA 73 -2.51 14.50 -140.85
CA SER TA 73 -1.40 14.08 -141.69
C SER TA 73 -1.32 12.57 -141.70
N ASN TA 74 -0.84 12.02 -142.82
CA ASN TA 74 -0.53 10.59 -142.87
C ASN TA 74 0.65 10.24 -141.98
N VAL TA 75 1.48 11.22 -141.66
CA VAL TA 75 2.65 11.04 -140.80
C VAL TA 75 2.45 11.88 -139.55
N LEU TA 76 2.55 11.23 -138.37
CA LEU TA 76 2.17 11.81 -137.09
C LEU TA 76 3.38 12.47 -136.42
N PRO TA 77 3.20 13.68 -135.90
CA PRO TA 77 4.28 14.38 -135.23
C PRO TA 77 4.40 13.94 -133.78
N PRO TA 78 5.57 14.13 -133.18
CA PRO TA 78 5.73 13.79 -131.76
C PRO TA 78 4.84 14.66 -130.88
N GLN TA 79 4.39 14.06 -129.77
CA GLN TA 79 3.56 14.75 -128.79
C GLN TA 79 4.29 15.10 -127.51
N ASN TA 80 5.15 14.23 -127.00
CA ASN TA 80 5.90 14.50 -125.79
C ASN TA 80 7.37 14.11 -125.92
N ILE TA 81 7.89 14.13 -127.14
CA ILE TA 81 9.28 13.74 -127.41
C ILE TA 81 10.04 14.98 -127.86
N VAL TA 82 11.22 15.16 -127.31
CA VAL TA 82 12.04 16.32 -127.66
C VAL TA 82 13.42 15.81 -128.05
N PRO TA 83 14.00 16.32 -129.12
CA PRO TA 83 15.32 15.83 -129.55
C PRO TA 83 16.34 16.02 -128.45
N GLY TA 84 17.15 14.99 -128.24
CA GLY TA 84 18.21 15.06 -127.27
C GLY TA 84 17.78 14.80 -125.84
N VAL TA 85 16.50 14.53 -125.59
CA VAL TA 85 16.01 14.21 -124.26
C VAL TA 85 15.64 12.74 -124.25
N PRO TA 86 16.24 11.90 -123.40
CA PRO TA 86 15.92 10.47 -123.41
C PRO TA 86 14.64 10.18 -122.65
N THR TA 87 13.77 9.38 -123.26
CA THR TA 87 12.50 9.00 -122.68
C THR TA 87 12.33 7.50 -122.84
N LYS TA 88 11.56 6.91 -121.93
CA LYS TA 88 11.14 5.52 -122.04
C LYS TA 88 9.72 5.40 -122.56
N HIS TA 89 9.06 6.53 -122.78
CA HIS TA 89 7.69 6.56 -123.29
C HIS TA 89 7.53 7.75 -124.21
N GLY TA 90 7.08 7.49 -125.44
CA GLY TA 90 6.89 8.54 -126.42
C GLY TA 90 5.60 8.41 -127.20
N GLU TA 91 4.95 9.53 -127.49
CA GLU TA 91 3.64 9.51 -128.14
C GLU TA 91 3.67 10.39 -129.38
N TYR TA 92 3.02 9.91 -130.44
CA TYR TA 92 2.73 10.70 -131.63
C TYR TA 92 1.22 10.78 -131.80
N VAL TA 93 0.74 11.89 -132.35
CA VAL TA 93 -0.70 12.12 -132.41
C VAL TA 93 -1.04 13.04 -133.57
N THR TA 94 -2.19 12.79 -134.22
CA THR TA 94 -2.84 13.83 -135.00
C THR TA 94 -4.31 13.90 -134.60
N THR TA 95 -5.05 14.81 -135.21
CA THR TA 95 -6.47 14.99 -134.88
C THR TA 95 -7.32 14.72 -136.11
N ASN TA 96 -8.10 13.65 -136.05
CA ASN TA 96 -9.08 13.34 -137.08
C ASN TA 96 -10.21 14.36 -137.02
N THR TA 97 -10.69 14.79 -138.19
CA THR TA 97 -11.85 15.67 -138.33
C THR TA 97 -12.81 15.10 -139.37
N GLY TA 98 -14.00 15.67 -139.45
CA GLY TA 98 -15.00 15.16 -140.37
C GLY TA 98 -16.25 16.01 -140.33
N ASP TA 99 -17.13 15.74 -141.30
CA ASP TA 99 -18.39 16.47 -141.42
C ASP TA 99 -19.31 16.09 -140.28
N ARG TA 100 -19.70 17.08 -139.48
CA ARG TA 100 -20.57 16.87 -138.32
C ARG TA 100 -19.97 15.86 -137.35
N LEU TA 101 -18.64 15.86 -137.23
CA LEU TA 101 -17.92 15.01 -136.30
C LEU TA 101 -17.07 15.89 -135.39
N MET TA 102 -17.21 15.71 -134.09
CA MET TA 102 -16.32 16.40 -133.16
C MET TA 102 -14.91 15.82 -133.30
N ALA TA 103 -13.94 16.69 -133.55
CA ALA TA 103 -12.59 16.23 -133.86
C ALA TA 103 -12.01 15.43 -132.71
N SER TA 104 -11.26 14.38 -133.05
CA SER TA 104 -10.81 13.39 -132.09
C SER TA 104 -9.44 12.90 -132.48
N SER TA 105 -8.57 12.70 -131.49
CA SER TA 105 -7.17 12.41 -131.74
C SER TA 105 -6.96 10.92 -132.04
N THR TA 106 -6.01 10.64 -132.93
CA THR TA 106 -5.51 9.28 -133.16
C THR TA 106 -4.05 9.23 -132.67
N THR TA 107 -3.73 8.15 -131.94
CA THR TA 107 -2.51 8.10 -131.11
C THR TA 107 -1.66 6.88 -131.42
N VAL TA 108 -0.34 7.08 -131.38
CA VAL TA 108 0.65 6.02 -131.60
C VAL TA 108 1.64 6.11 -130.44
N THR TA 109 1.66 5.08 -129.60
CA THR TA 109 2.43 5.06 -128.38
C THR TA 109 3.59 4.08 -128.48
N ARG TA 110 4.78 4.48 -128.00
CA ARG TA 110 5.96 3.64 -128.02
C ARG TA 110 6.57 3.62 -126.63
N ASP TA 111 6.71 2.43 -126.06
CA ASP TA 111 7.29 2.21 -124.75
C ASP TA 111 8.55 1.37 -124.90
N VAL TA 112 9.67 1.89 -124.41
CA VAL TA 112 10.95 1.21 -124.53
C VAL TA 112 11.52 1.05 -123.12
N SER TA 113 11.41 -0.15 -122.54
CA SER TA 113 11.90 -0.42 -121.20
C SER TA 113 12.52 -1.80 -121.10
N ASN TA 114 13.74 -1.87 -120.56
CA ASN TA 114 14.37 -3.12 -120.18
C ASN TA 114 14.44 -4.12 -121.33
N GLY TA 115 14.81 -3.63 -122.51
CA GLY TA 115 14.91 -4.49 -123.69
C GLY TA 115 13.61 -4.81 -124.37
N ARG TA 116 12.50 -4.29 -123.88
CA ARG TA 116 11.19 -4.57 -124.44
C ARG TA 116 10.70 -3.31 -125.13
N THR TA 117 10.50 -3.40 -126.44
CA THR TA 117 9.95 -2.30 -127.22
C THR TA 117 8.50 -2.65 -127.56
N LYS TA 118 7.58 -1.71 -127.33
CA LYS TA 118 6.17 -1.95 -127.63
C LYS TA 118 5.53 -0.72 -128.27
N VAL TA 119 4.94 -0.93 -129.44
CA VAL TA 119 4.25 0.11 -130.21
C VAL TA 119 2.77 -0.24 -130.28
N SER TA 120 1.92 0.72 -129.93
CA SER TA 120 0.47 0.55 -129.97
C SER TA 120 -0.17 1.67 -130.77
N ILE TA 121 -1.20 1.33 -131.54
CA ILE TA 121 -1.91 2.28 -132.38
C ILE TA 121 -3.39 2.25 -132.01
N ASP TA 122 -3.96 3.42 -131.73
CA ASP TA 122 -5.37 3.55 -131.33
C ASP TA 122 -6.03 4.60 -132.21
N ILE TA 123 -7.01 4.18 -133.00
CA ILE TA 123 -7.78 5.07 -133.87
C ILE TA 123 -9.25 5.00 -133.46
N PRO TA 124 -9.91 6.14 -133.28
CA PRO TA 124 -11.33 6.13 -132.91
C PRO TA 124 -12.23 6.06 -134.13
N TYR TA 125 -13.52 5.78 -133.86
CA TYR TA 125 -14.55 5.79 -134.89
C TYR TA 125 -15.83 6.37 -134.32
N TYR TA 126 -16.81 6.58 -135.19
CA TYR TA 126 -18.07 7.23 -134.84
C TYR TA 126 -19.25 6.43 -135.38
N ASP TA 127 -20.43 6.76 -134.85
CA ASP TA 127 -21.69 6.08 -135.14
C ASP TA 127 -22.29 6.61 -136.44
N ARG TA 128 -22.13 5.86 -137.53
CA ARG TA 128 -22.64 6.35 -138.81
C ARG TA 128 -24.16 6.46 -138.81
N ASN TA 129 -24.86 5.61 -138.05
CA ASN TA 129 -26.31 5.75 -137.93
C ASN TA 129 -26.66 7.15 -137.42
N ALA TA 130 -25.96 7.59 -136.35
CA ALA TA 130 -26.21 8.92 -135.81
C ALA TA 130 -25.79 10.01 -136.79
N VAL TA 131 -24.63 9.85 -137.45
CA VAL TA 131 -24.14 10.91 -138.33
C VAL TA 131 -25.07 11.10 -139.53
N GLU TA 132 -25.51 10.00 -140.15
CA GLU TA 132 -26.42 10.11 -141.27
C GLU TA 132 -27.82 10.53 -140.85
N THR TA 133 -28.23 10.23 -139.61
CA THR TA 133 -29.46 10.83 -139.10
C THR TA 133 -29.34 12.35 -139.05
N LEU TA 134 -28.20 12.84 -138.55
CA LEU TA 134 -27.93 14.28 -138.52
C LEU TA 134 -28.01 14.89 -139.90
N LYS TA 135 -27.33 14.29 -140.88
CA LYS TA 135 -27.34 14.86 -142.22
C LYS TA 135 -28.73 14.79 -142.83
N ALA TA 136 -29.41 13.66 -142.70
CA ALA TA 136 -30.65 13.41 -143.44
C ALA TA 136 -31.80 14.28 -142.94
N SER TA 137 -31.99 14.40 -141.62
CA SER TA 137 -33.07 15.23 -141.11
C SER TA 137 -32.63 16.65 -140.80
N ALA TA 138 -31.42 17.04 -141.23
CA ALA TA 138 -30.93 18.43 -141.15
C ALA TA 138 -30.90 18.95 -139.71
N ILE TA 139 -30.38 18.13 -138.81
CA ILE TA 139 -30.20 18.49 -137.41
C ILE TA 139 -28.86 19.23 -137.29
N PRO TA 140 -28.68 20.19 -136.39
CA PRO TA 140 -27.43 20.96 -136.34
C PRO TA 140 -26.32 20.42 -135.44
N GLY TA 141 -26.55 19.33 -134.70
CA GLY TA 141 -25.53 18.84 -133.77
C GLY TA 141 -24.41 18.05 -134.44
N ALA TA 142 -23.48 17.58 -133.61
CA ALA TA 142 -22.36 16.74 -134.03
C ALA TA 142 -22.29 15.50 -133.14
N VAL TA 143 -21.49 14.52 -133.56
CA VAL TA 143 -21.32 13.26 -132.86
C VAL TA 143 -19.90 13.18 -132.31
N ALA TA 144 -19.79 12.66 -131.09
CA ALA TA 144 -18.53 12.34 -130.44
C ALA TA 144 -18.14 10.90 -130.75
N PRO TA 145 -16.86 10.55 -130.61
CA PRO TA 145 -16.43 9.17 -130.92
C PRO TA 145 -17.21 8.16 -130.10
N VAL TA 146 -17.39 6.99 -130.69
CA VAL TA 146 -18.20 5.95 -130.11
C VAL TA 146 -17.36 4.77 -129.62
N GLY TA 147 -16.23 4.50 -130.24
CA GLY TA 147 -15.31 3.49 -129.79
C GLY TA 147 -13.98 3.63 -130.51
N SER TA 148 -13.16 2.60 -130.41
CA SER TA 148 -11.86 2.64 -131.07
C SER TA 148 -11.45 1.25 -131.52
N PHE TA 149 -10.36 1.21 -132.29
CA PHE TA 149 -9.65 -0.02 -132.63
C PHE TA 149 -8.18 0.16 -132.28
N LYS TA 150 -7.57 -0.91 -131.77
CA LYS TA 150 -6.21 -0.89 -131.27
C LYS TA 150 -5.41 -2.09 -131.79
N VAL TA 151 -4.14 -1.81 -132.11
CA VAL TA 151 -3.21 -2.82 -132.59
C VAL TA 151 -1.90 -2.65 -131.83
N ASN TA 152 -1.42 -3.74 -131.22
CA ASN TA 152 -0.20 -3.73 -130.41
C ASN TA 152 0.86 -4.61 -131.05
N VAL TA 153 2.11 -4.19 -130.92
CA VAL TA 153 3.24 -4.93 -131.45
C VAL TA 153 4.36 -4.82 -130.41
N GLU TA 154 5.04 -5.94 -130.16
CA GLU TA 154 5.94 -6.06 -129.02
C GLU TA 154 7.16 -6.88 -129.41
N VAL TA 155 8.34 -6.37 -129.08
CA VAL TA 155 9.60 -7.01 -129.42
C VAL TA 155 10.35 -7.20 -128.10
N LEU TA 156 10.53 -8.45 -127.70
CA LEU TA 156 11.24 -8.78 -126.45
C LEU TA 156 12.68 -9.09 -126.82
N GLY TA 157 13.53 -8.07 -126.76
CA GLY TA 157 14.90 -8.20 -127.22
C GLY TA 157 15.89 -8.14 -126.08
N GLY TA 158 15.43 -8.45 -124.89
CA GLY TA 158 16.31 -8.43 -123.74
C GLY TA 158 17.24 -9.62 -123.68
N GLY TA 159 18.25 -9.50 -122.85
CA GLY TA 159 19.10 -10.64 -122.53
C GLY TA 159 19.96 -11.09 -123.69
N VAL TA 160 20.75 -10.17 -124.23
CA VAL TA 160 21.78 -10.58 -125.17
C VAL TA 160 22.97 -11.14 -124.38
N LEU TA 161 23.71 -12.04 -125.03
CA LEU TA 161 24.84 -12.70 -124.38
C LEU TA 161 26.02 -11.73 -124.24
N THR TA 162 27.01 -12.14 -123.43
CA THR TA 162 28.06 -11.22 -123.00
C THR TA 162 29.04 -10.92 -124.13
N GLY TA 163 29.34 -11.91 -124.95
CA GLY TA 163 30.23 -11.72 -126.07
C GLY TA 163 29.59 -11.15 -127.31
N THR TA 164 28.36 -10.66 -127.21
CA THR TA 164 27.70 -10.05 -128.36
C THR TA 164 28.40 -8.76 -128.73
N ASP TA 165 29.04 -8.75 -129.89
CA ASP TA 165 29.78 -7.59 -130.35
C ASP TA 165 28.84 -6.42 -130.59
N ALA TA 166 29.38 -5.21 -130.39
CA ALA TA 166 28.60 -4.01 -130.70
C ALA TA 166 28.09 -4.04 -132.14
N ASN TA 167 28.91 -4.54 -133.07
CA ASN TA 167 28.49 -4.66 -134.47
C ASN TA 167 27.40 -5.71 -134.64
N ALA TA 168 27.52 -6.82 -133.92
CA ALA TA 168 26.55 -7.91 -134.08
C ALA TA 168 25.18 -7.56 -133.50
N GLN TA 169 25.11 -6.57 -132.62
CA GLN TA 169 23.81 -6.16 -132.11
C GLN TA 169 22.96 -5.55 -133.21
N PHE TA 170 23.59 -4.97 -134.23
CA PHE TA 170 22.83 -4.48 -135.38
C PHE TA 170 22.24 -5.64 -136.17
N ALA TA 171 23.03 -6.70 -136.35
CA ALA TA 171 22.50 -7.89 -137.01
C ALA TA 171 21.32 -8.45 -136.25
N LEU TA 172 21.41 -8.47 -134.92
CA LEU TA 172 20.28 -8.92 -134.11
C LEU TA 172 19.09 -8.00 -134.27
N ASP TA 173 19.34 -6.69 -134.38
CA ASP TA 173 18.28 -5.72 -134.65
C ASP TA 173 17.49 -6.13 -135.87
N GLU TA 174 18.20 -6.36 -136.97
CA GLU TA 174 17.53 -6.71 -138.23
C GLU TA 174 16.84 -8.06 -138.13
N LEU TA 175 17.43 -9.01 -137.40
CA LEU TA 175 16.75 -10.30 -137.20
C LEU TA 175 15.39 -10.10 -136.54
N LEU TA 176 15.34 -9.31 -135.47
CA LEU TA 176 14.08 -9.07 -134.79
C LEU TA 176 13.08 -8.34 -135.70
N SER TA 177 13.56 -7.39 -136.50
CA SER TA 177 12.63 -6.68 -137.37
C SER TA 177 12.03 -7.63 -138.43
N ASN TA 178 12.83 -8.59 -138.92
CA ASN TA 178 12.28 -9.57 -139.86
C ASN TA 178 11.27 -10.51 -139.19
N MET TA 179 11.52 -10.88 -137.94
CA MET TA 179 10.49 -11.63 -137.21
C MET TA 179 9.21 -10.80 -137.07
N LEU TA 180 9.36 -9.50 -136.87
CA LEU TA 180 8.19 -8.60 -136.84
C LEU TA 180 7.37 -8.71 -138.11
N MET TA 181 8.04 -8.56 -139.26
CA MET TA 181 7.34 -8.64 -140.54
C MET TA 181 6.63 -9.98 -140.69
N ASP TA 182 7.34 -11.08 -140.37
CA ASP TA 182 6.72 -12.40 -140.48
C ASP TA 182 5.50 -12.51 -139.56
N ALA TA 183 5.58 -11.91 -138.38
CA ALA TA 183 4.48 -12.01 -137.42
C ALA TA 183 3.24 -11.28 -137.94
N ALA TA 184 3.41 -10.07 -138.48
CA ALA TA 184 2.25 -9.36 -139.01
C ALA TA 184 1.67 -10.09 -140.22
N ARG TA 185 2.53 -10.67 -141.07
CA ARG TA 185 2.01 -11.42 -142.20
C ARG TA 185 1.20 -12.63 -141.74
N ILE TA 186 1.69 -13.34 -140.72
CA ILE TA 186 0.95 -14.47 -140.19
C ILE TA 186 -0.33 -14.02 -139.52
N ALA TA 187 -0.33 -12.81 -138.97
CA ALA TA 187 -1.51 -12.29 -138.29
C ALA TA 187 -2.63 -12.00 -139.28
N GLN TA 188 -2.31 -11.40 -140.43
CA GLN TA 188 -3.35 -11.05 -141.40
C GLN TA 188 -3.47 -12.03 -142.55
N ASP TA 189 -2.70 -13.11 -142.52
CA ASP TA 189 -2.68 -14.07 -143.61
C ASP TA 189 -4.07 -14.66 -143.79
N GLY TA 190 -4.48 -14.82 -145.04
CA GLY TA 190 -5.74 -15.45 -145.34
C GLY TA 190 -6.46 -14.78 -146.49
N PRO TA 191 -7.41 -15.49 -147.09
CA PRO TA 191 -8.20 -14.89 -148.17
C PRO TA 191 -9.06 -13.79 -147.60
N LYS TA 192 -9.30 -12.77 -148.42
CA LYS TA 192 -10.18 -11.67 -148.09
C LYS TA 192 -11.64 -12.00 -148.40
N ASN TA 193 -11.90 -13.21 -148.94
CA ASN TA 193 -13.27 -13.67 -149.12
C ASN TA 193 -13.88 -14.09 -147.80
N THR TA 194 -13.06 -14.40 -146.79
CA THR TA 194 -13.54 -15.02 -145.56
C THR TA 194 -13.11 -14.21 -144.35
N ALA TA 195 -13.89 -14.34 -143.28
CA ALA TA 195 -13.67 -13.59 -142.05
C ALA TA 195 -12.32 -13.96 -141.43
N ARG TA 196 -11.55 -12.95 -140.98
CA ARG TA 196 -10.31 -13.32 -140.31
C ARG TA 196 -9.89 -12.50 -139.09
N LEU TA 197 -10.40 -11.28 -138.86
CA LEU TA 197 -9.89 -10.54 -137.70
C LEU TA 197 -10.91 -10.06 -136.66
N VAL TA 198 -11.93 -9.30 -137.09
CA VAL TA 198 -12.77 -8.58 -136.11
C VAL TA 198 -13.84 -9.52 -135.58
N ALA TA 199 -14.33 -9.19 -134.38
CA ALA TA 199 -15.39 -9.94 -133.72
C ALA TA 199 -15.03 -11.42 -133.57
N ALA TA 200 -13.73 -11.71 -133.54
CA ALA TA 200 -13.25 -13.08 -133.57
C ALA TA 200 -13.76 -13.87 -132.37
N SER TA 201 -14.24 -15.08 -132.63
CA SER TA 201 -14.69 -16.02 -131.60
C SER TA 201 -13.73 -17.17 -131.40
N HIS TA 202 -13.32 -17.80 -132.50
CA HIS TA 202 -12.33 -18.88 -132.50
C HIS TA 202 -11.79 -19.00 -133.92
N GLY TA 203 -10.78 -19.86 -134.07
CA GLY TA 203 -10.19 -20.11 -135.37
C GLY TA 203 -10.66 -21.44 -135.93
N VAL TA 204 -10.87 -21.48 -137.24
CA VAL TA 204 -11.24 -22.73 -137.90
C VAL TA 204 -10.44 -22.84 -139.19
N MET TA 205 -9.42 -23.69 -139.20
CA MET TA 205 -8.64 -23.85 -140.44
C MET TA 205 -9.37 -24.82 -141.38
N PRO TA 206 -9.40 -24.51 -142.68
CA PRO TA 206 -10.22 -25.31 -143.59
C PRO TA 206 -9.58 -26.64 -143.93
N GLN TA 207 -10.43 -27.62 -144.25
CA GLN TA 207 -9.95 -28.97 -144.57
C GLN TA 207 -9.20 -28.97 -145.90
N ALA TA 208 -9.74 -28.29 -146.89
CA ALA TA 208 -9.11 -28.17 -148.19
C ALA TA 208 -9.69 -26.95 -148.91
N PRO UA 20 -31.60 18.69 -106.89
CA PRO UA 20 -30.19 18.84 -107.32
C PRO UA 20 -30.04 19.02 -108.82
N VAL UA 21 -29.55 20.18 -109.25
CA VAL UA 21 -29.35 20.50 -110.65
C VAL UA 21 -27.90 20.20 -111.00
N GLN UA 22 -27.69 19.36 -112.01
CA GLN UA 22 -26.35 18.95 -112.42
C GLN UA 22 -26.02 19.45 -113.82
N SER UA 23 -24.73 19.70 -114.06
CA SER UA 23 -24.27 20.21 -115.33
C SER UA 23 -23.71 19.07 -116.19
N SER UA 24 -23.81 19.24 -117.52
CA SER UA 24 -23.36 18.20 -118.44
C SER UA 24 -22.91 18.80 -119.76
N ARG UA 25 -22.19 17.96 -120.52
CA ARG UA 25 -21.64 18.29 -121.83
C ARG UA 25 -22.25 17.32 -122.85
N THR UA 26 -23.06 17.84 -123.75
CA THR UA 26 -23.90 17.01 -124.60
C THR UA 26 -23.38 16.97 -126.02
N THR UA 27 -23.46 15.79 -126.63
CA THR UA 27 -23.39 15.66 -128.08
C THR UA 27 -24.58 14.82 -128.53
N PHE UA 28 -24.95 14.94 -129.79
CA PHE UA 28 -26.05 14.14 -130.31
C PHE UA 28 -25.65 12.67 -130.41
N GLY UA 29 -26.62 11.81 -130.17
CA GLY UA 29 -26.40 10.39 -130.32
C GLY UA 29 -27.02 9.57 -129.21
N VAL UA 30 -26.74 8.27 -129.24
CA VAL UA 30 -27.10 7.33 -128.19
C VAL UA 30 -25.93 6.38 -128.05
N ASN UA 31 -25.68 5.95 -126.82
CA ASN UA 31 -24.70 4.91 -126.57
C ASN UA 31 -24.99 3.71 -127.46
N PRO UA 32 -24.00 3.21 -128.19
CA PRO UA 32 -24.29 2.31 -129.30
C PRO UA 32 -24.69 0.93 -128.81
N ASP UA 33 -25.24 0.16 -129.73
CA ASP UA 33 -25.50 -1.25 -129.49
C ASP UA 33 -24.36 -2.05 -130.12
N ARG UA 34 -23.59 -2.72 -129.28
CA ARG UA 34 -22.45 -3.50 -129.75
C ARG UA 34 -22.87 -4.91 -130.12
N GLN UA 35 -22.17 -5.47 -131.10
CA GLN UA 35 -22.43 -6.83 -131.55
C GLN UA 35 -21.53 -7.79 -130.79
N ALA UA 36 -22.07 -8.96 -130.49
CA ALA UA 36 -21.31 -9.98 -129.77
C ALA UA 36 -20.17 -10.50 -130.64
N ASN UA 37 -19.10 -10.95 -129.97
CA ASN UA 37 -17.92 -11.46 -130.68
C ASN UA 37 -18.09 -12.95 -131.02
N ALA UA 38 -19.10 -13.22 -131.87
CA ALA UA 38 -19.46 -14.59 -132.22
C ALA UA 38 -19.09 -14.93 -133.66
N ARG UA 39 -18.05 -14.31 -134.18
CA ARG UA 39 -17.68 -14.47 -135.57
C ARG UA 39 -16.46 -15.37 -135.69
N PRO UA 40 -16.61 -16.63 -136.10
CA PRO UA 40 -15.43 -17.49 -136.30
C PRO UA 40 -14.60 -17.01 -137.48
N VAL UA 41 -13.28 -17.15 -137.34
CA VAL UA 41 -12.34 -16.57 -138.28
C VAL UA 41 -11.48 -17.66 -138.90
N TYR UA 42 -10.79 -17.26 -139.97
CA TYR UA 42 -9.92 -18.14 -140.70
C TYR UA 42 -8.64 -18.40 -139.90
N LEU UA 43 -8.13 -19.61 -140.05
CA LEU UA 43 -6.93 -20.06 -139.36
C LEU UA 43 -6.00 -20.65 -140.40
N ALA UA 44 -4.80 -20.09 -140.51
CA ALA UA 44 -3.89 -20.51 -141.58
C ALA UA 44 -3.53 -21.99 -141.42
N PRO UA 45 -3.52 -22.76 -142.52
CA PRO UA 45 -3.10 -24.17 -142.44
C PRO UA 45 -1.60 -24.36 -142.28
N ALA UA 46 -0.84 -23.27 -142.28
CA ALA UA 46 0.59 -23.26 -142.00
C ALA UA 46 1.04 -21.81 -141.82
N ALA UA 47 2.17 -21.63 -141.13
CA ALA UA 47 2.67 -20.30 -140.81
C ALA UA 47 3.92 -20.02 -141.63
N PRO UA 48 3.93 -19.01 -142.53
CA PRO UA 48 5.17 -18.76 -143.27
C PRO UA 48 6.11 -17.86 -142.49
N MET UA 49 7.37 -18.26 -142.40
CA MET UA 49 8.42 -17.48 -141.74
C MET UA 49 9.55 -17.18 -142.71
N GLU UA 50 9.21 -16.81 -143.94
CA GLU UA 50 10.23 -16.69 -144.99
C GLU UA 50 11.18 -15.52 -144.72
N ASN UA 51 10.66 -14.37 -144.27
CA ASN UA 51 11.50 -13.18 -144.09
C ASN UA 51 12.63 -13.44 -143.10
N THR UA 52 12.28 -13.93 -141.90
CA THR UA 52 13.27 -14.11 -140.85
C THR UA 52 14.28 -15.20 -141.21
N TYR UA 53 13.83 -16.28 -141.86
CA TYR UA 53 14.75 -17.38 -142.15
C TYR UA 53 15.67 -17.08 -143.34
N THR UA 54 15.18 -16.33 -144.33
CA THR UA 54 16.12 -15.83 -145.34
C THR UA 54 17.15 -14.89 -144.71
N TYR UA 55 16.75 -14.04 -143.77
CA TYR UA 55 17.78 -13.21 -143.14
C TYR UA 55 18.76 -14.05 -142.32
N LEU UA 56 18.26 -15.09 -141.64
CA LEU UA 56 19.16 -15.97 -140.90
C LEU UA 56 20.15 -16.66 -141.83
N GLY UA 57 19.70 -17.07 -143.01
CA GLY UA 57 20.63 -17.54 -144.01
C GLY UA 57 21.63 -16.48 -144.40
N SER UA 58 21.19 -15.21 -144.44
CA SER UA 58 22.08 -14.11 -144.79
C SER UA 58 23.24 -14.01 -143.80
N ILE UA 59 22.95 -13.98 -142.50
CA ILE UA 59 24.02 -13.78 -141.51
C ILE UA 59 24.71 -15.10 -141.18
N GLN UA 60 24.36 -16.16 -141.90
CA GLN UA 60 24.93 -17.49 -141.70
C GLN UA 60 24.65 -18.00 -140.28
N PHE UA 61 23.45 -17.68 -139.77
CA PHE UA 61 22.93 -18.23 -138.52
C PHE UA 61 23.81 -17.93 -137.31
N ALA UA 62 24.44 -16.75 -137.31
CA ALA UA 62 25.34 -16.42 -136.21
C ALA UA 62 25.40 -14.91 -136.05
N ALA UA 63 25.45 -14.47 -134.79
CA ALA UA 63 25.59 -13.05 -134.47
C ALA UA 63 26.03 -12.94 -133.02
N GLY UA 64 27.12 -12.22 -132.78
CA GLY UA 64 27.65 -12.17 -131.42
C GLY UA 64 28.11 -13.57 -131.05
N ARG UA 65 27.77 -14.02 -129.85
CA ARG UA 65 27.91 -15.44 -129.56
C ARG UA 65 26.56 -16.13 -129.48
N HIS UA 66 25.54 -15.55 -130.10
CA HIS UA 66 24.32 -16.28 -130.42
C HIS UA 66 24.52 -17.07 -131.71
N ILE UA 67 24.28 -18.38 -131.65
CA ILE UA 67 24.23 -19.18 -132.87
C ILE UA 67 22.84 -19.81 -132.94
N PHE UA 68 22.26 -19.83 -134.14
CA PHE UA 68 20.90 -20.32 -134.34
C PHE UA 68 20.91 -21.62 -135.11
N GLY UA 69 19.77 -22.30 -135.10
CA GLY UA 69 19.63 -23.56 -135.81
C GLY UA 69 18.99 -23.40 -137.16
N GLU UA 70 19.33 -24.30 -138.07
CA GLU UA 70 18.68 -24.34 -139.37
C GLU UA 70 17.32 -25.01 -139.25
N PRO UA 71 16.26 -24.42 -139.79
CA PRO UA 71 14.93 -25.01 -139.68
C PRO UA 71 14.77 -26.21 -140.61
N ALA UA 72 13.67 -26.92 -140.40
CA ALA UA 72 13.30 -27.94 -141.37
C ALA UA 72 12.61 -27.32 -142.58
N SER UA 73 11.66 -26.43 -142.32
CA SER UA 73 10.91 -25.78 -143.38
C SER UA 73 10.82 -24.29 -143.10
N ASN UA 74 10.86 -23.49 -144.16
CA ASN UA 74 10.57 -22.06 -144.03
C ASN UA 74 9.11 -21.83 -143.67
N VAL UA 75 8.25 -22.79 -144.00
CA VAL UA 75 6.83 -22.73 -143.65
C VAL UA 75 6.57 -23.82 -142.62
N LEU UA 76 6.07 -23.40 -141.43
CA LEU UA 76 5.84 -24.18 -140.23
C LEU UA 76 4.48 -24.88 -140.31
N PRO UA 77 4.45 -26.20 -140.21
CA PRO UA 77 3.18 -26.92 -140.21
C PRO UA 77 2.48 -26.80 -138.87
N PRO UA 78 1.18 -27.08 -138.81
CA PRO UA 78 0.47 -27.06 -137.52
C PRO UA 78 0.75 -28.30 -136.69
N GLN UA 79 0.87 -28.10 -135.38
CA GLN UA 79 1.14 -29.19 -134.45
C GLN UA 79 -0.10 -29.69 -133.73
N ASN UA 80 -1.01 -28.79 -133.34
CA ASN UA 80 -2.17 -29.17 -132.55
C ASN UA 80 -3.47 -28.60 -133.12
N ILE UA 81 -3.56 -28.43 -134.44
CA ILE UA 81 -4.72 -27.83 -135.06
C ILE UA 81 -5.31 -28.87 -136.01
N VAL UA 82 -6.41 -29.48 -135.59
CA VAL UA 82 -7.15 -30.37 -136.49
C VAL UA 82 -8.01 -29.52 -137.43
N PRO UA 83 -8.11 -29.87 -138.71
CA PRO UA 83 -8.93 -29.04 -139.60
C PRO UA 83 -10.40 -29.22 -139.31
N GLY UA 84 -11.13 -28.12 -139.43
CA GLY UA 84 -12.56 -28.18 -139.16
C GLY UA 84 -12.91 -28.25 -137.70
N VAL UA 85 -11.93 -28.14 -136.81
CA VAL UA 85 -12.16 -28.19 -135.38
C VAL UA 85 -11.92 -26.79 -134.83
N PRO UA 86 -12.91 -26.15 -134.23
CA PRO UA 86 -12.69 -24.82 -133.64
C PRO UA 86 -11.67 -24.92 -132.53
N THR UA 87 -10.67 -24.04 -132.58
CA THR UA 87 -9.60 -23.99 -131.60
C THR UA 87 -9.35 -22.53 -131.25
N LYS UA 88 -9.32 -22.21 -129.96
CA LYS UA 88 -9.00 -20.86 -129.50
C LYS UA 88 -7.52 -20.68 -129.28
N HIS UA 89 -6.73 -21.74 -129.44
CA HIS UA 89 -5.28 -21.68 -129.28
C HIS UA 89 -4.65 -22.75 -130.13
N GLY UA 90 -3.62 -22.35 -130.89
CA GLY UA 90 -2.98 -23.27 -131.82
C GLY UA 90 -1.52 -22.92 -132.03
N GLU UA 91 -0.76 -23.93 -132.42
CA GLU UA 91 0.69 -23.79 -132.50
C GLU UA 91 1.20 -24.42 -133.79
N TYR UA 92 2.04 -23.68 -134.50
CA TYR UA 92 2.85 -24.22 -135.59
C TYR UA 92 4.28 -24.34 -135.10
N VAL UA 93 4.98 -25.39 -135.51
CA VAL UA 93 6.30 -25.63 -134.95
C VAL UA 93 7.15 -26.36 -135.98
N THR UA 94 8.40 -25.91 -136.13
CA THR UA 94 9.33 -26.70 -136.92
C THR UA 94 10.63 -26.89 -136.15
N THR UA 95 11.32 -27.98 -136.48
CA THR UA 95 12.46 -28.38 -135.69
C THR UA 95 13.72 -27.71 -136.26
N ASN UA 96 14.62 -27.31 -135.36
CA ASN UA 96 15.90 -26.65 -135.67
C ASN UA 96 16.99 -27.68 -135.43
N THR UA 97 17.88 -27.86 -136.41
CA THR UA 97 19.01 -28.77 -136.27
C THR UA 97 20.28 -28.00 -136.60
N GLY UA 98 21.43 -28.57 -136.22
CA GLY UA 98 22.71 -27.92 -136.47
C GLY UA 98 23.84 -28.80 -136.01
N ASP UA 99 25.04 -28.44 -136.47
CA ASP UA 99 26.26 -29.16 -136.11
C ASP UA 99 26.57 -28.95 -134.63
N ARG UA 100 26.58 -30.06 -133.88
CA ARG UA 100 26.79 -30.03 -132.44
C ARG UA 100 25.75 -29.14 -131.75
N LEU UA 101 24.51 -29.25 -132.21
CA LEU UA 101 23.35 -28.61 -131.60
C LEU UA 101 22.34 -29.67 -131.25
N MET UA 102 21.72 -29.53 -130.07
CA MET UA 102 20.59 -30.39 -129.73
C MET UA 102 19.35 -29.84 -130.42
N ALA UA 103 18.66 -30.71 -131.16
CA ALA UA 103 17.49 -30.28 -131.91
C ALA UA 103 16.53 -29.52 -131.00
N SER UA 104 16.06 -28.36 -131.48
CA SER UA 104 15.19 -27.50 -130.67
C SER UA 104 14.11 -26.88 -131.54
N SER UA 105 12.92 -26.73 -130.98
CA SER UA 105 11.75 -26.37 -131.75
C SER UA 105 11.58 -24.85 -131.76
N THR UA 106 11.29 -24.30 -132.94
CA THR UA 106 10.88 -22.91 -133.07
C THR UA 106 9.37 -22.86 -133.28
N THR UA 107 8.71 -21.94 -132.57
CA THR UA 107 7.27 -22.01 -132.33
C THR UA 107 6.55 -20.71 -132.70
N VAL UA 108 5.41 -20.86 -133.35
CA VAL UA 108 4.53 -19.75 -133.70
C VAL UA 108 3.17 -20.05 -133.10
N THR UA 109 2.73 -19.19 -132.19
CA THR UA 109 1.54 -19.42 -131.38
C THR UA 109 0.45 -18.41 -131.73
N ARG UA 110 -0.76 -18.89 -131.98
CA ARG UA 110 -1.90 -18.02 -132.29
C ARG UA 110 -3.02 -18.26 -131.28
N ASP UA 111 -3.47 -17.18 -130.67
CA ASP UA 111 -4.57 -17.21 -129.70
C ASP UA 111 -5.68 -16.32 -130.24
N VAL UA 112 -6.82 -16.92 -130.57
CA VAL UA 112 -7.98 -16.20 -131.06
C VAL UA 112 -9.10 -16.36 -130.04
N SER UA 113 -9.44 -15.29 -129.32
CA SER UA 113 -10.54 -15.38 -128.36
C SER UA 113 -11.10 -14.00 -128.06
N ASN UA 114 -12.43 -13.94 -127.94
CA ASN UA 114 -13.16 -12.75 -127.48
C ASN UA 114 -12.81 -11.50 -128.27
N GLY UA 115 -12.70 -11.66 -129.58
CA GLY UA 115 -12.38 -10.57 -130.49
C GLY UA 115 -10.93 -10.15 -130.53
N ARG UA 116 -10.07 -10.77 -129.74
CA ARG UA 116 -8.65 -10.44 -129.71
C ARG UA 116 -7.90 -11.59 -130.33
N THR UA 117 -7.07 -11.30 -131.32
CA THR UA 117 -6.23 -12.29 -131.95
C THR UA 117 -4.77 -11.91 -131.72
N LYS UA 118 -3.94 -12.88 -131.32
CA LYS UA 118 -2.55 -12.60 -130.94
C LYS UA 118 -1.63 -13.69 -131.47
N VAL UA 119 -0.57 -13.28 -132.17
CA VAL UA 119 0.42 -14.16 -132.75
C VAL UA 119 1.77 -13.88 -132.09
N SER UA 120 2.43 -14.93 -131.62
CA SER UA 120 3.74 -14.84 -130.98
C SER UA 120 4.73 -15.77 -131.67
N ILE UA 121 5.97 -15.32 -131.81
CA ILE UA 121 7.02 -16.11 -132.46
C ILE UA 121 8.20 -16.21 -131.51
N ASP UA 122 8.68 -17.43 -131.30
CA ASP UA 122 9.78 -17.73 -130.37
C ASP UA 122 10.80 -18.60 -131.08
N ILE UA 123 12.01 -18.08 -131.24
CA ILE UA 123 13.12 -18.82 -131.84
C ILE UA 123 14.25 -18.92 -130.82
N PRO UA 124 14.82 -20.10 -130.61
CA PRO UA 124 15.91 -20.26 -129.64
C PRO UA 124 17.29 -20.04 -130.24
N TYR UA 125 18.25 -19.79 -129.33
CA TYR UA 125 19.65 -19.59 -129.68
C TYR UA 125 20.54 -20.31 -128.67
N TYR UA 126 21.73 -20.69 -129.13
CA TYR UA 126 22.72 -21.44 -128.36
C TYR UA 126 23.99 -20.60 -128.17
N ASP UA 127 24.82 -21.09 -127.22
CA ASP UA 127 26.11 -20.48 -126.88
C ASP UA 127 27.15 -20.81 -127.95
N ARG UA 128 27.42 -19.83 -128.80
CA ARG UA 128 28.37 -20.02 -129.90
C ARG UA 128 29.76 -20.40 -129.36
N ASN UA 129 30.12 -19.90 -128.18
CA ASN UA 129 31.43 -20.22 -127.61
C ASN UA 129 31.54 -21.70 -127.30
N ALA UA 130 30.50 -22.26 -126.68
CA ALA UA 130 30.47 -23.70 -126.41
C ALA UA 130 30.47 -24.49 -127.71
N VAL UA 131 29.63 -24.09 -128.67
CA VAL UA 131 29.52 -24.88 -129.90
C VAL UA 131 30.84 -24.89 -130.64
N GLU UA 132 31.48 -23.73 -130.79
CA GLU UA 132 32.72 -23.65 -131.55
C GLU UA 132 33.89 -24.26 -130.81
N THR UA 133 33.91 -24.20 -129.47
CA THR UA 133 34.93 -24.93 -128.72
C THR UA 133 34.79 -26.43 -128.95
N LEU UA 134 33.55 -26.93 -128.97
CA LEU UA 134 33.34 -28.35 -129.27
C LEU UA 134 33.78 -28.70 -130.68
N LYS UA 135 33.40 -27.86 -131.66
CA LYS UA 135 33.76 -28.11 -133.06
C LYS UA 135 35.27 -28.12 -133.25
N ALA UA 136 35.94 -27.05 -132.79
CA ALA UA 136 37.39 -26.97 -132.94
C ALA UA 136 38.09 -28.09 -132.19
N SER UA 137 37.60 -28.45 -131.03
CA SER UA 137 38.23 -29.54 -130.29
C SER UA 137 37.76 -30.92 -130.76
N ALA UA 138 36.88 -31.00 -131.74
CA ALA UA 138 36.38 -32.29 -132.23
C ALA UA 138 35.80 -33.11 -131.07
N ILE UA 139 34.94 -32.47 -130.28
CA ILE UA 139 34.27 -33.14 -129.16
C ILE UA 139 32.85 -33.48 -129.62
N PRO UA 140 32.32 -34.66 -129.32
CA PRO UA 140 30.99 -35.04 -129.82
C PRO UA 140 29.81 -34.57 -128.98
N GLY UA 141 29.98 -33.59 -128.11
CA GLY UA 141 28.85 -33.11 -127.33
C GLY UA 141 27.88 -32.28 -128.18
N ALA UA 142 26.60 -32.35 -127.81
CA ALA UA 142 25.55 -31.55 -128.44
C ALA UA 142 25.02 -30.55 -127.41
N VAL UA 143 24.77 -29.32 -127.85
CA VAL UA 143 24.45 -28.22 -126.94
C VAL UA 143 22.96 -27.94 -127.00
N ALA UA 144 22.35 -27.78 -125.82
CA ALA UA 144 20.97 -27.34 -125.68
C ALA UA 144 20.91 -25.81 -125.76
N PRO UA 145 19.74 -25.26 -126.11
CA PRO UA 145 19.64 -23.80 -126.28
C PRO UA 145 19.84 -23.05 -124.99
N VAL UA 146 20.53 -21.93 -125.09
CA VAL UA 146 20.75 -21.09 -123.92
C VAL UA 146 19.65 -20.06 -123.73
N GLY UA 147 18.99 -19.63 -124.80
CA GLY UA 147 17.91 -18.67 -124.64
C GLY UA 147 17.03 -18.60 -125.86
N SER UA 148 16.23 -17.53 -125.93
CA SER UA 148 15.34 -17.36 -127.07
C SER UA 148 15.04 -15.87 -127.27
N PHE UA 149 14.53 -15.57 -128.46
CA PHE UA 149 13.99 -14.26 -128.81
C PHE UA 149 12.53 -14.40 -129.24
N LYS UA 150 11.72 -13.43 -128.81
CA LYS UA 150 10.27 -13.47 -128.98
C LYS UA 150 9.73 -12.15 -129.51
N VAL UA 151 8.71 -12.28 -130.37
CA VAL UA 151 8.02 -11.15 -130.96
C VAL UA 151 6.51 -11.42 -130.90
N ASN UA 152 5.77 -10.47 -130.32
CA ASN UA 152 4.32 -10.58 -130.12
C ASN UA 152 3.60 -9.54 -130.97
N VAL UA 153 2.42 -9.92 -131.46
CA VAL UA 153 1.59 -9.07 -132.29
C VAL UA 153 0.13 -9.32 -131.89
N GLU UA 154 -0.64 -8.25 -131.75
CA GLU UA 154 -1.94 -8.35 -131.11
C GLU UA 154 -2.93 -7.40 -131.76
N VAL UA 155 -4.16 -7.87 -131.98
CA VAL UA 155 -5.18 -7.12 -132.70
C VAL UA 155 -6.45 -7.18 -131.86
N LEU UA 156 -6.89 -6.03 -131.34
CA LEU UA 156 -8.09 -5.93 -130.51
C LEU UA 156 -9.26 -5.55 -131.41
N GLY UA 157 -9.93 -6.55 -131.97
CA GLY UA 157 -10.99 -6.37 -132.95
C GLY UA 157 -12.39 -6.51 -132.41
N GLY UA 158 -12.58 -6.41 -131.11
CA GLY UA 158 -13.90 -6.54 -130.55
C GLY UA 158 -14.68 -5.25 -130.57
N GLY UA 159 -15.99 -5.37 -130.39
CA GLY UA 159 -16.84 -4.22 -130.23
C GLY UA 159 -17.48 -3.72 -131.49
N VAL UA 160 -17.57 -4.56 -132.53
CA VAL UA 160 -18.17 -4.15 -133.79
C VAL UA 160 -19.61 -3.74 -133.54
N LEU UA 161 -20.00 -2.61 -134.13
CA LEU UA 161 -21.34 -2.05 -133.96
C LEU UA 161 -22.38 -2.92 -134.65
N THR UA 162 -23.62 -2.83 -134.16
CA THR UA 162 -24.66 -3.78 -134.58
C THR UA 162 -25.04 -3.61 -136.04
N GLY UA 163 -25.10 -2.37 -136.53
CA GLY UA 163 -25.45 -2.15 -137.92
C GLY UA 163 -24.50 -2.82 -138.91
N THR UA 164 -23.24 -3.00 -138.54
CA THR UA 164 -22.22 -3.51 -139.46
C THR UA 164 -22.57 -4.90 -139.96
N ASP UA 165 -22.61 -5.06 -141.28
CA ASP UA 165 -22.94 -6.36 -141.84
C ASP UA 165 -21.65 -7.12 -142.21
N ALA UA 166 -21.81 -8.28 -142.85
CA ALA UA 166 -20.67 -9.15 -143.12
C ALA UA 166 -19.67 -8.49 -144.07
N ASN UA 167 -20.19 -7.91 -145.16
CA ASN UA 167 -19.32 -7.25 -146.13
C ASN UA 167 -18.53 -6.12 -145.49
N ALA UA 168 -19.20 -5.33 -144.64
CA ALA UA 168 -18.50 -4.27 -143.91
C ALA UA 168 -17.41 -4.84 -143.00
N GLN UA 169 -17.70 -5.95 -142.33
CA GLN UA 169 -16.70 -6.55 -141.47
C GLN UA 169 -15.47 -6.99 -142.26
N PHE UA 170 -15.65 -7.40 -143.52
CA PHE UA 170 -14.48 -7.65 -144.36
C PHE UA 170 -13.58 -6.43 -144.43
N ALA UA 171 -14.18 -5.27 -144.65
CA ALA UA 171 -13.42 -4.03 -144.73
C ALA UA 171 -12.69 -3.74 -143.43
N LEU UA 172 -13.37 -3.98 -142.31
CA LEU UA 172 -12.71 -3.80 -141.02
C LEU UA 172 -11.52 -4.75 -140.87
N ASP UA 173 -11.65 -5.97 -141.41
CA ASP UA 173 -10.54 -6.92 -141.41
C ASP UA 173 -9.31 -6.31 -142.07
N GLU UA 174 -9.49 -5.83 -143.31
CA GLU UA 174 -8.34 -5.29 -144.02
C GLU UA 174 -7.83 -4.01 -143.35
N LEU UA 175 -8.71 -3.23 -142.71
CA LEU UA 175 -8.26 -2.04 -142.01
C LEU UA 175 -7.32 -2.39 -140.88
N LEU UA 176 -7.70 -3.37 -140.05
CA LEU UA 176 -6.81 -3.81 -138.99
C LEU UA 176 -5.52 -4.39 -139.56
N SER UA 177 -5.61 -5.08 -140.70
CA SER UA 177 -4.40 -5.58 -141.36
C SER UA 177 -3.43 -4.44 -141.65
N ASN UA 178 -3.94 -3.34 -142.22
CA ASN UA 178 -3.05 -2.24 -142.57
C ASN UA 178 -2.51 -1.53 -141.33
N MET UA 179 -3.31 -1.46 -140.25
CA MET UA 179 -2.78 -0.93 -139.00
C MET UA 179 -1.65 -1.80 -138.47
N LEU UA 180 -1.79 -3.12 -138.62
CA LEU UA 180 -0.71 -4.05 -138.28
C LEU UA 180 0.57 -3.70 -139.02
N MET UA 181 0.47 -3.61 -140.35
CA MET UA 181 1.64 -3.30 -141.16
C MET UA 181 2.28 -2.00 -140.70
N ASP UA 182 1.47 -0.97 -140.44
CA ASP UA 182 2.01 0.31 -139.99
C ASP UA 182 2.69 0.19 -138.64
N ALA UA 183 2.11 -0.60 -137.73
CA ALA UA 183 2.72 -0.76 -136.42
C ALA UA 183 4.08 -1.43 -136.52
N ALA UA 184 4.19 -2.46 -137.36
CA ALA UA 184 5.47 -3.15 -137.52
C ALA UA 184 6.51 -2.24 -138.15
N ARG UA 185 6.10 -1.45 -139.14
CA ARG UA 185 7.03 -0.49 -139.74
C ARG UA 185 7.50 0.53 -138.71
N ILE UA 186 6.57 1.05 -137.89
CA ILE UA 186 6.93 2.04 -136.87
C ILE UA 186 7.85 1.41 -135.82
N ALA UA 187 7.71 0.11 -135.60
CA ALA UA 187 8.55 -0.58 -134.62
C ALA UA 187 9.98 -0.71 -135.14
N GLN UA 188 10.14 -1.20 -136.37
CA GLN UA 188 11.48 -1.39 -136.93
C GLN UA 188 12.07 -0.12 -137.55
N ASP UA 189 11.33 0.98 -137.54
CA ASP UA 189 11.73 2.18 -138.26
C ASP UA 189 13.07 2.71 -137.74
N GLY UA 190 13.92 3.12 -138.67
CA GLY UA 190 15.18 3.73 -138.32
C GLY UA 190 16.32 3.31 -139.22
N PRO UA 191 17.42 4.08 -139.18
CA PRO UA 191 18.64 3.66 -139.89
C PRO UA 191 19.17 2.35 -139.33
N LYS UA 192 19.73 1.54 -140.23
CA LYS UA 192 20.47 0.37 -139.78
C LYS UA 192 21.87 0.73 -139.30
N ASN UA 193 22.24 2.00 -139.35
CA ASN UA 193 23.50 2.47 -138.78
C ASN UA 193 23.46 2.53 -137.27
N THR UA 194 22.28 2.74 -136.69
CA THR UA 194 22.14 2.99 -135.26
C THR UA 194 21.31 1.90 -134.59
N ALA UA 195 21.48 1.81 -133.28
CA ALA UA 195 20.81 0.81 -132.47
C ALA UA 195 19.31 1.07 -132.43
N ARG UA 196 18.49 0.05 -132.65
CA ARG UA 196 17.05 0.31 -132.56
C ARG UA 196 16.22 -0.70 -131.76
N LEU UA 197 16.63 -1.97 -131.62
CA LEU UA 197 15.80 -2.94 -130.91
C LEU UA 197 16.40 -3.68 -129.70
N VAL UA 198 17.51 -4.40 -129.88
CA VAL UA 198 17.94 -5.37 -128.86
C VAL UA 198 18.63 -4.64 -127.71
N ALA UA 199 18.55 -5.24 -126.53
CA ALA UA 199 19.14 -4.68 -125.31
C ALA UA 199 18.69 -3.23 -125.10
N ALA UA 200 17.46 -2.94 -125.50
CA ALA UA 200 16.96 -1.58 -125.43
C ALA UA 200 16.88 -1.09 -123.98
N SER UA 201 17.29 0.16 -123.76
CA SER UA 201 17.18 0.81 -122.47
C SER UA 201 16.25 2.01 -122.48
N HIS UA 202 16.35 2.86 -123.50
CA HIS UA 202 15.57 4.09 -123.61
C HIS UA 202 15.71 4.60 -125.04
N GLY UA 203 14.80 5.48 -125.42
CA GLY UA 203 14.75 6.04 -126.77
C GLY UA 203 15.22 7.48 -126.75
N VAL UA 204 15.93 7.87 -127.80
CA VAL UA 204 16.40 9.25 -127.97
C VAL UA 204 16.14 9.68 -129.39
N MET UA 205 15.47 10.83 -129.55
CA MET UA 205 15.18 11.38 -130.87
C MET UA 205 16.40 12.13 -131.37
N PRO UA 206 16.82 11.93 -132.62
CA PRO UA 206 18.05 12.56 -133.10
C PRO UA 206 17.92 14.07 -133.16
N GLN UA 207 19.09 14.74 -133.10
CA GLN UA 207 19.12 16.20 -133.08
C GLN UA 207 18.34 16.78 -134.25
N ALA UA 208 18.50 16.19 -135.43
CA ALA UA 208 17.70 16.54 -136.61
C ALA UA 208 17.65 18.04 -136.83
N SER VA 23 17.63 -24.09 -117.21
CA SER VA 23 18.99 -24.62 -117.25
C SER VA 23 19.26 -25.37 -118.55
N SER VA 24 20.34 -24.99 -119.24
CA SER VA 24 20.71 -25.59 -120.52
C SER VA 24 21.97 -26.43 -120.34
N ARG VA 25 21.91 -27.68 -120.81
CA ARG VA 25 22.98 -28.64 -120.61
C ARG VA 25 23.38 -29.27 -121.93
N THR VA 26 24.68 -29.39 -122.14
CA THR VA 26 25.20 -30.14 -123.27
C THR VA 26 25.22 -31.63 -122.94
N THR VA 27 24.81 -32.43 -123.91
CA THR VA 27 24.60 -33.86 -123.72
C THR VA 27 25.59 -34.65 -124.57
N PHE VA 28 26.20 -35.67 -123.95
CA PHE VA 28 27.07 -36.63 -124.61
C PHE VA 28 26.36 -37.96 -124.62
N GLY VA 29 26.26 -38.58 -125.79
CA GLY VA 29 25.54 -39.81 -125.89
C GLY VA 29 24.08 -39.58 -126.23
N VAL VA 30 23.27 -40.57 -125.85
CA VAL VA 30 21.85 -40.58 -126.19
C VAL VA 30 21.09 -39.61 -125.29
N ASN VA 31 20.23 -38.81 -125.91
CA ASN VA 31 19.30 -37.98 -125.17
C ASN VA 31 17.92 -38.60 -125.26
N PRO VA 32 17.38 -39.16 -124.18
CA PRO VA 32 16.09 -39.87 -124.25
C PRO VA 32 14.85 -39.02 -123.98
N ASP VA 33 14.96 -37.69 -123.96
CA ASP VA 33 13.79 -36.85 -123.72
C ASP VA 33 12.66 -37.16 -124.69
N ARG VA 34 11.48 -37.50 -124.16
CA ARG VA 34 10.30 -37.79 -124.96
C ARG VA 34 9.34 -36.61 -124.96
N GLN VA 35 8.59 -36.48 -126.05
CA GLN VA 35 7.61 -35.42 -126.22
C GLN VA 35 6.30 -35.83 -125.55
N ALA VA 36 5.74 -34.92 -124.75
CA ALA VA 36 4.50 -35.21 -124.05
C ALA VA 36 3.38 -35.56 -125.01
N ASN VA 37 2.58 -36.56 -124.61
CA ASN VA 37 1.49 -37.09 -125.42
C ASN VA 37 0.27 -36.15 -125.30
N ALA VA 38 0.39 -34.98 -125.95
CA ALA VA 38 -0.59 -33.89 -125.83
C ALA VA 38 -0.94 -33.37 -127.22
N ARG VA 39 -1.24 -34.30 -128.13
CA ARG VA 39 -1.51 -33.97 -129.54
C ARG VA 39 -2.90 -34.43 -129.93
N PRO VA 40 -3.82 -33.54 -130.27
CA PRO VA 40 -5.13 -33.97 -130.77
C PRO VA 40 -4.99 -34.71 -132.09
N VAL VA 41 -5.86 -35.70 -132.29
CA VAL VA 41 -5.82 -36.53 -133.48
C VAL VA 41 -7.18 -36.55 -134.15
N TYR VA 42 -7.15 -36.75 -135.47
CA TYR VA 42 -8.36 -36.76 -136.26
C TYR VA 42 -9.26 -37.92 -135.87
N LEU VA 43 -10.56 -37.64 -135.84
CA LEU VA 43 -11.58 -38.61 -135.46
C LEU VA 43 -12.59 -38.70 -136.59
N ALA VA 44 -12.66 -39.87 -137.22
CA ALA VA 44 -13.51 -40.04 -138.40
C ALA VA 44 -14.96 -39.73 -138.06
N PRO VA 45 -15.71 -39.07 -138.97
CA PRO VA 45 -17.11 -38.74 -138.68
C PRO VA 45 -18.04 -39.94 -138.76
N ALA VA 46 -17.55 -41.09 -139.19
CA ALA VA 46 -18.31 -42.33 -139.26
C ALA VA 46 -17.34 -43.47 -139.47
N ALA VA 47 -17.80 -44.68 -139.17
CA ALA VA 47 -16.92 -45.85 -139.23
C ALA VA 47 -17.34 -46.73 -140.40
N PRO VA 48 -16.53 -46.89 -141.46
CA PRO VA 48 -16.93 -47.78 -142.55
C PRO VA 48 -16.65 -49.24 -142.21
N MET VA 49 -17.68 -50.08 -142.30
CA MET VA 49 -17.52 -51.52 -142.12
C MET VA 49 -17.83 -52.27 -143.40
N GLU VA 50 -17.39 -51.77 -144.55
CA GLU VA 50 -17.86 -52.31 -145.82
C GLU VA 50 -17.41 -53.75 -146.03
N ASN VA 51 -16.16 -54.07 -145.68
CA ASN VA 51 -15.62 -55.40 -145.97
C ASN VA 51 -16.43 -56.49 -145.28
N THR VA 52 -16.65 -56.35 -143.97
CA THR VA 52 -17.30 -57.40 -143.19
C THR VA 52 -18.75 -57.58 -143.59
N TYR VA 53 -19.46 -56.48 -143.88
CA TYR VA 53 -20.88 -56.58 -144.21
C TYR VA 53 -21.12 -57.07 -145.65
N THR VA 54 -20.22 -56.71 -146.57
CA THR VA 54 -20.30 -57.35 -147.88
C THR VA 54 -20.05 -58.86 -147.76
N TYR VA 55 -19.09 -59.29 -146.94
CA TYR VA 55 -18.90 -60.73 -146.79
C TYR VA 55 -20.11 -61.38 -146.13
N LEU VA 56 -20.71 -60.71 -145.16
CA LEU VA 56 -21.90 -61.26 -144.50
C LEU VA 56 -23.05 -61.41 -145.49
N GLY VA 57 -23.22 -60.44 -146.40
CA GLY VA 57 -24.15 -60.62 -147.50
C GLY VA 57 -23.77 -61.80 -148.38
N SER VA 58 -22.47 -62.00 -148.58
CA SER VA 58 -22.00 -63.14 -149.38
C SER VA 58 -22.48 -64.46 -148.81
N ILE VA 59 -22.35 -64.65 -147.50
CA ILE VA 59 -22.75 -65.95 -146.95
C ILE VA 59 -24.20 -65.94 -146.50
N GLN VA 60 -24.94 -64.89 -146.86
CA GLN VA 60 -26.36 -64.78 -146.52
C GLN VA 60 -26.57 -64.75 -145.02
N PHE VA 61 -25.64 -64.11 -144.31
CA PHE VA 61 -25.77 -63.82 -142.88
C PHE VA 61 -25.96 -65.10 -142.06
N ALA VA 62 -25.27 -66.17 -142.42
CA ALA VA 62 -25.45 -67.44 -141.70
C ALA VA 62 -24.25 -68.32 -141.96
N ALA VA 63 -23.59 -68.78 -140.90
CA ALA VA 63 -22.53 -69.77 -140.97
C ALA VA 63 -22.77 -70.80 -139.87
N GLY VA 64 -22.96 -72.05 -140.27
CA GLY VA 64 -23.21 -73.11 -139.31
C GLY VA 64 -24.46 -72.85 -138.51
N ARG VA 65 -24.31 -72.86 -137.20
CA ARG VA 65 -25.42 -72.55 -136.31
C ARG VA 65 -25.47 -71.08 -135.91
N HIS VA 66 -24.54 -70.27 -136.41
CA HIS VA 66 -24.53 -68.84 -136.16
C HIS VA 66 -25.36 -68.14 -137.23
N ILE VA 67 -26.38 -67.40 -136.81
CA ILE VA 67 -27.11 -66.55 -137.75
C ILE VA 67 -26.89 -65.09 -137.32
N PHE VA 68 -26.65 -64.23 -138.30
CA PHE VA 68 -26.35 -62.82 -138.03
C PHE VA 68 -27.50 -61.94 -138.46
N GLY VA 69 -27.50 -60.71 -137.96
CA GLY VA 69 -28.53 -59.76 -138.33
C GLY VA 69 -28.08 -58.81 -139.44
N GLU VA 70 -29.07 -58.24 -140.12
CA GLU VA 70 -28.81 -57.31 -141.22
C GLU VA 70 -28.64 -55.89 -140.68
N PRO VA 71 -27.53 -55.22 -140.95
CA PRO VA 71 -27.34 -53.88 -140.40
C PRO VA 71 -28.22 -52.86 -141.09
N ALA VA 72 -28.45 -51.74 -140.41
CA ALA VA 72 -29.14 -50.65 -141.07
C ALA VA 72 -28.25 -49.95 -142.07
N SER VA 73 -26.96 -49.80 -141.76
CA SER VA 73 -26.02 -49.18 -142.69
C SER VA 73 -24.70 -49.91 -142.69
N ASN VA 74 -24.01 -49.84 -143.83
CA ASN VA 74 -22.65 -50.33 -143.93
C ASN VA 74 -21.66 -49.39 -143.28
N VAL VA 75 -22.04 -48.12 -143.13
CA VAL VA 75 -21.23 -47.12 -142.47
C VAL VA 75 -21.95 -46.69 -141.20
N LEU VA 76 -21.25 -46.75 -140.07
CA LEU VA 76 -21.88 -46.58 -138.75
C LEU VA 76 -21.73 -45.15 -138.29
N PRO VA 77 -22.84 -44.51 -137.88
CA PRO VA 77 -22.78 -43.12 -137.43
C PRO VA 77 -22.32 -43.03 -135.98
N PRO VA 78 -21.82 -41.87 -135.55
CA PRO VA 78 -21.38 -41.75 -134.15
C PRO VA 78 -22.56 -41.75 -133.20
N GLN VA 79 -22.38 -42.41 -132.07
CA GLN VA 79 -23.38 -42.43 -131.01
C GLN VA 79 -23.13 -41.40 -129.91
N ASN VA 80 -21.89 -41.27 -129.46
CA ASN VA 80 -21.57 -40.40 -128.34
C ASN VA 80 -20.44 -39.42 -128.66
N ILE VA 81 -20.25 -39.09 -129.94
CA ILE VA 81 -19.22 -38.17 -130.39
C ILE VA 81 -19.90 -36.94 -130.97
N VAL VA 82 -19.45 -35.76 -130.54
CA VAL VA 82 -19.97 -34.50 -131.00
C VAL VA 82 -18.84 -33.76 -131.70
N PRO VA 83 -19.07 -33.18 -132.89
CA PRO VA 83 -17.98 -32.51 -133.59
C PRO VA 83 -17.49 -31.33 -132.80
N GLY VA 84 -16.17 -31.20 -132.76
CA GLY VA 84 -15.52 -30.10 -132.09
C GLY VA 84 -15.31 -30.31 -130.60
N VAL VA 85 -15.82 -31.40 -130.04
CA VAL VA 85 -15.68 -31.67 -128.63
C VAL VA 85 -14.67 -32.81 -128.47
N PRO VA 86 -13.55 -32.60 -127.81
CA PRO VA 86 -12.58 -33.68 -127.64
C PRO VA 86 -13.13 -34.78 -126.76
N THR VA 87 -12.95 -36.02 -127.18
CA THR VA 87 -13.35 -37.18 -126.40
C THR VA 87 -12.21 -38.19 -126.43
N LYS VA 88 -12.11 -38.97 -125.37
CA LYS VA 88 -11.11 -40.03 -125.27
C LYS VA 88 -11.72 -41.40 -125.50
N HIS VA 89 -13.05 -41.46 -125.63
CA HIS VA 89 -13.75 -42.71 -125.87
C HIS VA 89 -14.96 -42.39 -126.72
N GLY VA 90 -15.10 -43.10 -127.83
CA GLY VA 90 -16.20 -42.84 -128.76
C GLY VA 90 -16.71 -44.13 -129.36
N GLU VA 91 -17.97 -44.11 -129.77
CA GLU VA 91 -18.63 -45.31 -130.25
C GLU VA 91 -19.48 -44.99 -131.47
N TYR VA 92 -19.34 -45.82 -132.50
CA TYR VA 92 -20.24 -45.83 -133.64
C TYR VA 92 -21.09 -47.10 -133.54
N VAL VA 93 -22.35 -47.00 -133.97
CA VAL VA 93 -23.27 -48.11 -133.72
C VAL VA 93 -24.35 -48.13 -134.78
N THR VA 94 -24.76 -49.34 -135.17
CA THR VA 94 -25.98 -49.49 -135.95
C THR VA 94 -26.81 -50.65 -135.39
N THR VA 95 -27.98 -50.88 -135.97
CA THR VA 95 -28.89 -51.91 -135.47
C THR VA 95 -29.03 -53.02 -136.49
N ASN VA 96 -28.73 -54.25 -136.07
CA ASN VA 96 -29.01 -55.45 -136.84
C ASN VA 96 -30.43 -55.88 -136.52
N THR VA 97 -31.25 -56.03 -137.57
CA THR VA 97 -32.59 -56.61 -137.50
C THR VA 97 -32.61 -57.89 -138.31
N GLY VA 98 -33.63 -58.71 -138.06
CA GLY VA 98 -33.70 -60.01 -138.70
C GLY VA 98 -35.05 -60.66 -138.45
N ASP VA 99 -35.33 -61.68 -139.27
CA ASP VA 99 -36.57 -62.42 -139.16
C ASP VA 99 -36.56 -63.28 -137.91
N ARG VA 100 -37.60 -63.14 -137.08
CA ARG VA 100 -37.70 -63.80 -135.77
C ARG VA 100 -36.56 -63.40 -134.84
N LEU VA 101 -36.03 -62.19 -135.01
CA LEU VA 101 -34.90 -61.71 -134.22
C LEU VA 101 -35.25 -60.42 -133.52
N MET VA 102 -34.66 -60.24 -132.34
CA MET VA 102 -34.77 -59.00 -131.59
C MET VA 102 -33.62 -58.07 -131.95
N ALA VA 103 -33.96 -56.81 -132.24
CA ALA VA 103 -32.96 -55.84 -132.70
C ALA VA 103 -31.75 -55.80 -131.77
N SER VA 104 -30.56 -55.96 -132.35
CA SER VA 104 -29.33 -55.96 -131.56
C SER VA 104 -28.29 -55.07 -132.22
N SER VA 105 -27.65 -54.25 -131.42
CA SER VA 105 -26.74 -53.24 -131.96
C SER VA 105 -25.36 -53.83 -132.21
N THR VA 106 -24.74 -53.39 -133.31
CA THR VA 106 -23.36 -53.67 -133.67
C THR VA 106 -22.51 -52.43 -133.40
N THR VA 107 -21.40 -52.63 -132.66
CA THR VA 107 -20.68 -51.50 -132.06
C THR VA 107 -19.21 -51.45 -132.47
N VAL VA 108 -18.72 -50.23 -132.69
CA VAL VA 108 -17.33 -49.97 -133.05
C VAL VA 108 -16.82 -48.92 -132.08
N THR VA 109 -15.88 -49.32 -131.22
CA THR VA 109 -15.41 -48.49 -130.13
C THR VA 109 -13.99 -48.02 -130.40
N ARG VA 110 -13.71 -46.74 -130.16
CA ARG VA 110 -12.39 -46.17 -130.35
C ARG VA 110 -11.96 -45.42 -129.10
N ASP VA 111 -10.80 -45.78 -128.57
CA ASP VA 111 -10.24 -45.19 -127.37
C ASP VA 111 -8.92 -44.52 -127.73
N VAL VA 112 -8.78 -43.25 -127.36
CA VAL VA 112 -7.53 -42.50 -127.59
C VAL VA 112 -7.08 -41.92 -126.25
N SER VA 113 -5.91 -42.34 -125.78
CA SER VA 113 -5.40 -41.87 -124.48
C SER VA 113 -3.91 -42.14 -124.40
N ASN VA 114 -3.14 -41.13 -123.97
CA ASN VA 114 -1.73 -41.31 -123.62
C ASN VA 114 -0.91 -41.90 -124.77
N GLY VA 115 -1.23 -41.48 -125.99
CA GLY VA 115 -0.53 -41.95 -127.18
C GLY VA 115 -0.92 -43.33 -127.67
N ARG VA 116 -1.88 -43.95 -127.01
CA ARG VA 116 -2.33 -45.29 -127.37
C ARG VA 116 -3.74 -45.16 -127.92
N THR VA 117 -3.93 -45.66 -129.13
CA THR VA 117 -5.23 -45.60 -129.78
C THR VA 117 -5.67 -47.03 -130.11
N LYS VA 118 -6.92 -47.36 -129.78
CA LYS VA 118 -7.41 -48.73 -129.88
C LYS VA 118 -8.84 -48.75 -130.43
N VAL VA 119 -9.03 -49.51 -131.50
CA VAL VA 119 -10.33 -49.70 -132.14
C VAL VA 119 -10.77 -51.14 -131.93
N SER VA 120 -12.01 -51.34 -131.45
CA SER VA 120 -12.59 -52.64 -131.20
C SER VA 120 -13.92 -52.75 -131.94
N ILE VA 121 -14.21 -53.92 -132.50
CA ILE VA 121 -15.44 -54.15 -133.24
C ILE VA 121 -16.14 -55.37 -132.65
N ASP VA 122 -17.44 -55.21 -132.35
CA ASP VA 122 -18.25 -56.26 -131.73
C ASP VA 122 -19.52 -56.44 -132.54
N ILE VA 123 -19.73 -57.65 -133.06
CA ILE VA 123 -20.96 -58.01 -133.78
C ILE VA 123 -21.59 -59.22 -133.12
N PRO VA 124 -22.87 -59.18 -132.79
CA PRO VA 124 -23.52 -60.33 -132.15
C PRO VA 124 -24.12 -61.32 -133.15
N TYR VA 125 -24.34 -62.53 -132.67
CA TYR VA 125 -24.97 -63.60 -133.44
C TYR VA 125 -26.07 -64.25 -132.62
N TYR VA 126 -26.88 -65.08 -133.29
CA TYR VA 126 -28.02 -65.75 -132.69
C TYR VA 126 -27.99 -67.25 -133.02
N ASP VA 127 -28.84 -67.99 -132.31
CA ASP VA 127 -28.97 -69.43 -132.44
C ASP VA 127 -29.85 -69.77 -133.64
N ARG VA 128 -29.21 -70.23 -134.72
CA ARG VA 128 -29.94 -70.53 -135.94
C ARG VA 128 -30.95 -71.65 -135.71
N ASN VA 129 -30.65 -72.60 -134.81
CA ASN VA 129 -31.57 -73.69 -134.56
C ASN VA 129 -32.87 -73.19 -133.94
N ALA VA 130 -32.76 -72.26 -132.99
CA ALA VA 130 -33.97 -71.65 -132.44
C ALA VA 130 -34.70 -70.84 -133.50
N VAL VA 131 -33.96 -70.07 -134.31
CA VAL VA 131 -34.63 -69.20 -135.28
C VAL VA 131 -35.41 -70.02 -136.30
N GLU VA 132 -34.77 -71.04 -136.89
CA GLU VA 132 -35.42 -71.82 -137.92
C GLU VA 132 -36.45 -72.78 -137.33
N THR VA 133 -36.30 -73.18 -136.06
CA THR VA 133 -37.35 -73.97 -135.42
C THR VA 133 -38.62 -73.16 -135.22
N LEU VA 134 -38.47 -71.89 -134.80
CA LEU VA 134 -39.62 -70.99 -134.75
C LEU VA 134 -40.25 -70.81 -136.13
N LYS VA 135 -39.44 -70.44 -137.12
CA LYS VA 135 -39.96 -70.29 -138.48
C LYS VA 135 -40.76 -71.52 -138.90
N ALA VA 136 -40.17 -72.71 -138.70
CA ALA VA 136 -40.80 -73.95 -139.15
C ALA VA 136 -42.02 -74.35 -138.31
N SER VA 137 -42.13 -73.85 -137.08
CA SER VA 137 -43.26 -74.20 -136.23
C SER VA 137 -44.40 -73.19 -136.31
N ALA VA 138 -44.18 -72.00 -136.87
CA ALA VA 138 -45.23 -71.00 -137.07
C ALA VA 138 -45.88 -70.61 -135.75
N ILE VA 139 -45.02 -70.24 -134.81
CA ILE VA 139 -45.38 -70.01 -133.42
C ILE VA 139 -44.78 -68.66 -133.02
N PRO VA 140 -45.41 -67.93 -132.10
CA PRO VA 140 -45.10 -66.50 -131.96
C PRO VA 140 -43.69 -66.14 -131.46
N GLY VA 141 -42.85 -67.06 -131.00
CA GLY VA 141 -41.64 -66.68 -130.30
C GLY VA 141 -40.70 -65.80 -131.12
N ALA VA 142 -39.86 -65.01 -130.42
CA ALA VA 142 -38.69 -64.36 -131.00
C ALA VA 142 -37.49 -64.50 -130.06
N VAL VA 143 -36.29 -64.35 -130.62
CA VAL VA 143 -35.04 -64.74 -129.97
C VAL VA 143 -34.09 -63.55 -129.87
N ALA VA 144 -33.33 -63.54 -128.78
CA ALA VA 144 -32.29 -62.57 -128.47
C ALA VA 144 -30.91 -63.13 -128.79
N PRO VA 145 -29.88 -62.28 -128.85
CA PRO VA 145 -28.53 -62.78 -129.18
C PRO VA 145 -28.00 -63.80 -128.19
N VAL VA 146 -27.13 -64.68 -128.70
CA VAL VA 146 -26.52 -65.73 -127.91
C VAL VA 146 -25.07 -65.42 -127.57
N GLY VA 147 -24.39 -64.62 -128.38
CA GLY VA 147 -23.00 -64.28 -128.13
C GLY VA 147 -22.54 -63.29 -129.17
N SER VA 148 -21.23 -63.09 -129.22
CA SER VA 148 -20.68 -62.10 -130.12
C SER VA 148 -19.29 -62.53 -130.57
N PHE VA 149 -18.81 -61.86 -131.62
CA PHE VA 149 -17.43 -61.94 -132.05
C PHE VA 149 -16.81 -60.56 -132.02
N LYS VA 150 -15.55 -60.50 -131.57
CA LYS VA 150 -14.86 -59.25 -131.32
C LYS VA 150 -13.46 -59.28 -131.94
N VAL VA 151 -13.06 -58.11 -132.42
CA VAL VA 151 -11.74 -57.92 -133.03
C VAL VA 151 -11.17 -56.59 -132.52
N ASN VA 152 -9.96 -56.64 -131.96
CA ASN VA 152 -9.28 -55.47 -131.40
C ASN VA 152 -8.03 -55.13 -132.21
N VAL VA 153 -7.74 -53.83 -132.29
CA VAL VA 153 -6.58 -53.32 -133.01
C VAL VA 153 -6.03 -52.14 -132.21
N GLU VA 154 -4.72 -52.12 -131.99
CA GLU VA 154 -4.12 -51.25 -130.98
C GLU VA 154 -2.79 -50.70 -131.49
N VAL VA 155 -2.57 -49.39 -131.31
CA VAL VA 155 -1.39 -48.71 -131.80
C VAL VA 155 -0.78 -47.92 -130.64
N LEU VA 156 0.48 -48.25 -130.30
CA LEU VA 156 1.17 -47.66 -129.14
C LEU VA 156 2.11 -46.58 -129.67
N GLY VA 157 1.57 -45.39 -129.87
CA GLY VA 157 2.28 -44.28 -130.49
C GLY VA 157 2.93 -43.32 -129.53
N GLY VA 158 3.00 -43.66 -128.26
CA GLY VA 158 3.60 -42.78 -127.29
C GLY VA 158 5.12 -42.81 -127.36
N GLY VA 159 5.74 -41.77 -126.82
CA GLY VA 159 7.17 -41.73 -126.70
C GLY VA 159 7.89 -41.03 -127.82
N VAL VA 160 7.23 -40.07 -128.48
CA VAL VA 160 7.88 -39.36 -129.58
C VAL VA 160 9.02 -38.54 -129.01
N LEU VA 161 10.17 -38.57 -129.68
CA LEU VA 161 11.37 -37.90 -129.21
C LEU VA 161 11.25 -36.38 -129.36
N THR VA 162 12.16 -35.66 -128.72
CA THR VA 162 12.04 -34.21 -128.64
C THR VA 162 12.23 -33.56 -130.01
N GLY VA 163 13.20 -34.04 -130.78
CA GLY VA 163 13.53 -33.40 -132.04
C GLY VA 163 12.41 -33.42 -133.06
N THR VA 164 11.50 -34.39 -132.93
CA THR VA 164 10.47 -34.57 -133.95
C THR VA 164 9.55 -33.36 -134.03
N ASP VA 165 9.42 -32.82 -135.23
CA ASP VA 165 8.45 -31.76 -135.50
C ASP VA 165 7.18 -32.35 -136.09
N ALA VA 166 6.26 -31.46 -136.46
CA ALA VA 166 4.93 -31.89 -136.89
C ALA VA 166 4.98 -32.70 -138.18
N ASN VA 167 5.76 -32.23 -139.17
CA ASN VA 167 5.88 -32.94 -140.44
C ASN VA 167 6.41 -34.37 -140.22
N ALA VA 168 7.47 -34.49 -139.43
CA ALA VA 168 8.02 -35.79 -139.07
C ALA VA 168 6.98 -36.66 -138.36
N GLN VA 169 6.15 -36.04 -137.52
CA GLN VA 169 5.11 -36.81 -136.84
C GLN VA 169 4.09 -37.36 -137.83
N PHE VA 170 3.80 -36.61 -138.89
CA PHE VA 170 2.96 -37.17 -139.96
C PHE VA 170 3.61 -38.40 -140.56
N ALA VA 171 4.93 -38.30 -140.80
CA ALA VA 171 5.62 -39.47 -141.34
C ALA VA 171 5.49 -40.67 -140.41
N LEU VA 172 5.59 -40.43 -139.10
CA LEU VA 172 5.46 -41.51 -138.13
C LEU VA 172 4.04 -42.06 -138.11
N ASP VA 173 3.05 -41.18 -138.29
CA ASP VA 173 1.66 -41.60 -138.45
C ASP VA 173 1.54 -42.66 -139.53
N GLU VA 174 2.07 -42.35 -140.72
CA GLU VA 174 1.95 -43.29 -141.82
C GLU VA 174 2.76 -44.56 -141.57
N LEU VA 175 3.91 -44.44 -140.90
CA LEU VA 175 4.69 -45.63 -140.56
C LEU VA 175 3.88 -46.60 -139.71
N LEU VA 176 3.23 -46.09 -138.66
CA LEU VA 176 2.41 -46.94 -137.82
C LEU VA 176 1.26 -47.54 -138.60
N SER VA 177 0.61 -46.75 -139.46
CA SER VA 177 -0.50 -47.32 -140.22
C SER VA 177 -0.04 -48.47 -141.12
N ASN VA 178 1.16 -48.35 -141.68
CA ASN VA 178 1.70 -49.45 -142.49
C ASN VA 178 2.00 -50.69 -141.65
N MET VA 179 2.51 -50.50 -140.44
CA MET VA 179 2.69 -51.64 -139.54
C MET VA 179 1.34 -52.28 -139.19
N LEU VA 180 0.29 -51.45 -139.08
CA LEU VA 180 -1.06 -51.96 -138.87
C LEU VA 180 -1.47 -52.90 -139.99
N MET VA 181 -1.31 -52.44 -141.24
CA MET VA 181 -1.66 -53.27 -142.39
C MET VA 181 -0.87 -54.57 -142.38
N ASP VA 182 0.43 -54.49 -142.12
CA ASP VA 182 1.25 -55.70 -142.05
C ASP VA 182 0.73 -56.65 -140.98
N ALA VA 183 0.35 -56.13 -139.82
CA ALA VA 183 -0.11 -56.98 -138.74
C ALA VA 183 -1.41 -57.68 -139.10
N ALA VA 184 -2.35 -56.96 -139.70
CA ALA VA 184 -3.61 -57.58 -140.10
C ALA VA 184 -3.38 -58.66 -141.16
N ARG VA 185 -2.50 -58.39 -142.13
CA ARG VA 185 -2.20 -59.41 -143.14
C ARG VA 185 -1.56 -60.63 -142.51
N ILE VA 186 -0.65 -60.44 -141.54
CA ILE VA 186 0.01 -61.56 -140.89
C ILE VA 186 -0.97 -62.35 -140.04
N ALA VA 187 -1.99 -61.67 -139.50
CA ALA VA 187 -2.99 -62.37 -138.71
C ALA VA 187 -3.90 -63.24 -139.58
N GLN VA 188 -4.40 -62.67 -140.69
CA GLN VA 188 -5.30 -63.43 -141.56
C GLN VA 188 -4.57 -64.31 -142.57
N ASP VA 189 -3.24 -64.29 -142.57
CA ASP VA 189 -2.47 -64.99 -143.60
C ASP VA 189 -2.75 -66.49 -143.55
N GLY VA 190 -2.88 -67.09 -144.73
CA GLY VA 190 -3.03 -68.52 -144.84
C GLY VA 190 -4.06 -68.94 -145.87
N PRO VA 191 -4.00 -70.21 -146.30
CA PRO VA 191 -5.01 -70.73 -147.21
C PRO VA 191 -6.39 -70.70 -146.59
N LYS VA 192 -7.40 -70.42 -147.42
CA LYS VA 192 -8.78 -70.57 -146.98
C LYS VA 192 -9.23 -72.02 -146.98
N ASN VA 193 -8.40 -72.94 -147.48
CA ASN VA 193 -8.68 -74.36 -147.35
C ASN VA 193 -8.69 -74.81 -145.91
N THR VA 194 -8.06 -74.05 -145.00
CA THR VA 194 -7.61 -74.59 -143.73
C THR VA 194 -7.93 -73.64 -142.58
N ALA VA 195 -8.07 -74.24 -141.39
CA ALA VA 195 -8.42 -73.51 -140.18
C ALA VA 195 -7.38 -72.45 -139.85
N ARG VA 196 -7.83 -71.23 -139.56
CA ARG VA 196 -6.81 -70.26 -139.15
C ARG VA 196 -7.18 -69.30 -138.01
N LEU VA 197 -8.46 -69.07 -137.69
CA LEU VA 197 -8.80 -68.15 -136.59
C LEU VA 197 -9.68 -68.70 -135.46
N VAL VA 198 -10.90 -69.20 -135.81
CA VAL VA 198 -11.92 -69.44 -134.79
C VAL VA 198 -11.62 -70.72 -134.03
N ALA VA 199 -12.05 -70.75 -132.76
CA ALA VA 199 -11.90 -71.92 -131.90
C ALA VA 199 -10.45 -72.40 -131.85
N ALA VA 200 -9.52 -71.46 -131.95
CA ALA VA 200 -8.11 -71.80 -132.04
C ALA VA 200 -7.61 -72.44 -130.75
N SER VA 201 -6.83 -73.52 -130.90
CA SER VA 201 -6.19 -74.21 -129.79
C SER VA 201 -4.70 -73.91 -129.71
N HIS VA 202 -4.01 -74.02 -130.84
CA HIS VA 202 -2.59 -73.76 -130.96
C HIS VA 202 -2.29 -73.56 -132.44
N GLY VA 203 -1.08 -73.14 -132.72
CA GLY VA 203 -0.64 -72.87 -134.09
C GLY VA 203 0.32 -73.96 -134.52
N VAL VA 204 0.19 -74.42 -135.76
CA VAL VA 204 1.12 -75.39 -136.33
C VAL VA 204 1.54 -74.94 -137.71
N MET VA 205 2.84 -75.03 -138.00
CA MET VA 205 3.47 -74.72 -139.27
C MET VA 205 3.61 -75.98 -140.12
N PRO VA 206 3.37 -75.88 -141.43
CA PRO VA 206 3.51 -77.05 -142.30
C PRO VA 206 4.96 -77.37 -142.60
N GLN VA 207 5.16 -78.52 -143.24
CA GLN VA 207 6.47 -79.00 -143.66
C GLN VA 207 6.60 -78.82 -145.17
N ALA VA 208 7.71 -78.20 -145.59
CA ALA VA 208 8.03 -77.99 -147.01
C ALA VA 208 6.93 -77.24 -147.74
N GLY WA 11 -20.78 35.03 46.74
CA GLY WA 11 -19.85 35.80 47.55
C GLY WA 11 -20.10 35.72 49.04
N GLN WA 12 -19.73 36.78 49.75
CA GLN WA 12 -19.87 36.82 51.21
C GLN WA 12 -21.35 36.74 51.61
N LEU WA 13 -21.57 36.46 52.89
CA LEU WA 13 -22.90 36.27 53.45
C LEU WA 13 -23.23 37.38 54.44
N TYR WA 14 -24.46 37.89 54.39
CA TYR WA 14 -24.91 38.92 55.33
C TYR WA 14 -26.36 38.64 55.71
N MET WA 15 -26.96 39.49 56.54
CA MET WA 15 -28.32 39.27 57.02
C MET WA 15 -29.27 40.26 56.35
N GLY WA 16 -30.14 39.73 55.49
CA GLY WA 16 -31.26 40.48 54.94
C GLY WA 16 -32.54 40.06 55.63
N GLN WA 17 -33.58 40.87 55.43
CA GLN WA 17 -34.81 40.62 56.16
C GLN WA 17 -35.49 39.32 55.74
N GLN WA 18 -35.11 38.77 54.59
CA GLN WA 18 -35.62 37.45 54.22
C GLN WA 18 -34.92 36.36 55.01
N GLY WA 19 -33.72 36.64 55.50
CA GLY WA 19 -32.87 35.66 56.14
C GLY WA 19 -31.43 35.92 55.75
N PRO WA 20 -30.53 34.99 56.07
CA PRO WA 20 -29.15 35.13 55.58
C PRO WA 20 -29.10 35.06 54.07
N VAL WA 21 -28.45 36.05 53.46
CA VAL WA 21 -28.50 36.27 52.03
C VAL WA 21 -27.08 36.50 51.50
N GLN WA 22 -26.84 35.98 50.30
CA GLN WA 22 -25.53 36.06 49.67
C GLN WA 22 -25.37 37.40 48.95
N SER WA 23 -24.29 38.10 49.24
CA SER WA 23 -24.01 39.35 48.55
C SER WA 23 -23.69 39.06 47.09
N SER WA 24 -24.09 39.99 46.21
CA SER WA 24 -23.95 39.76 44.78
C SER WA 24 -23.53 41.05 44.07
N ARG WA 25 -22.72 40.88 43.02
CA ARG WA 25 -22.17 41.99 42.26
C ARG WA 25 -22.58 41.82 40.80
N THR WA 26 -23.38 42.76 40.29
CA THR WA 26 -23.95 42.61 38.95
C THR WA 26 -23.71 43.87 38.12
N THR WA 27 -23.76 43.69 36.80
CA THR WA 27 -23.66 44.77 35.84
C THR WA 27 -25.03 45.32 35.46
N PHE WA 28 -26.07 44.91 36.17
CA PHE WA 28 -27.43 45.32 35.86
C PHE WA 28 -27.63 46.79 36.20
N GLY WA 29 -28.17 47.54 35.24
CA GLY WA 29 -28.54 48.92 35.49
C GLY WA 29 -27.43 49.94 35.36
N VAL WA 30 -26.34 49.61 34.66
CA VAL WA 30 -25.24 50.54 34.41
C VAL WA 30 -25.15 50.78 32.92
N ASN WA 31 -25.38 52.03 32.49
CA ASN WA 31 -25.32 52.41 31.09
C ASN WA 31 -23.95 52.99 30.80
N PRO WA 32 -23.05 52.26 30.17
CA PRO WA 32 -21.73 52.81 29.79
C PRO WA 32 -21.65 53.39 28.39
N ASP WA 33 -22.77 53.50 27.67
CA ASP WA 33 -22.75 54.10 26.34
C ASP WA 33 -22.05 55.44 26.36
N ARG WA 34 -21.29 55.73 25.30
CA ARG WA 34 -20.56 56.98 25.20
C ARG WA 34 -21.05 57.80 24.00
N GLN WA 35 -20.82 59.10 24.11
CA GLN WA 35 -21.17 60.06 23.09
C GLN WA 35 -19.95 60.29 22.18
N ALA WA 36 -20.18 60.29 20.88
CA ALA WA 36 -19.08 60.40 19.93
C ALA WA 36 -18.38 61.75 20.06
N ASN WA 37 -17.08 61.75 19.84
CA ASN WA 37 -16.27 62.96 19.90
C ASN WA 37 -16.45 63.71 18.58
N ALA WA 38 -17.57 64.43 18.49
CA ALA WA 38 -18.01 65.17 17.31
C ALA WA 38 -18.28 66.63 17.63
N ARG WA 39 -17.48 67.19 18.53
CA ARG WA 39 -17.73 68.52 19.09
C ARG WA 39 -16.65 69.49 18.63
N PRO WA 40 -16.98 70.46 17.77
CA PRO WA 40 -15.98 71.49 17.43
C PRO WA 40 -15.57 72.27 18.67
N VAL WA 41 -14.27 72.58 18.76
CA VAL WA 41 -13.72 73.29 19.91
C VAL WA 41 -13.10 74.60 19.45
N TYR WA 42 -13.00 75.53 20.39
CA TYR WA 42 -12.43 76.83 20.11
C TYR WA 42 -10.94 76.71 19.87
N LEU WA 43 -10.46 77.40 18.84
CA LEU WA 43 -9.05 77.43 18.48
C LEU WA 43 -8.58 78.87 18.60
N ALA WA 44 -7.66 79.11 19.55
CA ALA WA 44 -7.23 80.48 19.84
C ALA WA 44 -6.65 81.14 18.59
N PRO WA 45 -6.85 82.45 18.41
CA PRO WA 45 -6.28 83.13 17.24
C PRO WA 45 -4.82 83.48 17.40
N ALA WA 46 -4.23 83.23 18.56
CA ALA WA 46 -2.81 83.42 18.80
C ALA WA 46 -2.46 82.74 20.11
N ALA WA 47 -1.16 82.47 20.29
CA ALA WA 47 -0.71 81.70 21.44
C ALA WA 47 0.07 82.60 22.39
N PRO WA 48 -0.41 82.87 23.63
CA PRO WA 48 0.37 83.76 24.49
C PRO WA 48 1.45 83.01 25.28
N MET WA 49 2.72 83.34 25.04
CA MET WA 49 3.84 82.80 25.81
C MET WA 49 4.40 83.82 26.79
N GLU WA 50 3.54 84.58 27.47
CA GLU WA 50 4.02 85.71 28.27
C GLU WA 50 4.91 85.26 29.43
N ASN WA 51 4.51 84.21 30.15
CA ASN WA 51 5.26 83.79 31.34
C ASN WA 51 6.70 83.46 30.99
N THR WA 52 6.90 82.58 30.00
CA THR WA 52 8.25 82.12 29.66
C THR WA 52 9.14 83.28 29.18
N TYR WA 53 8.58 84.20 28.39
CA TYR WA 53 9.39 85.26 27.82
C TYR WA 53 9.69 86.38 28.81
N THR WA 54 8.78 86.66 29.74
CA THR WA 54 9.15 87.56 30.84
C THR WA 54 10.25 86.94 31.70
N TYR WA 55 10.21 85.63 31.95
CA TYR WA 55 11.33 85.05 32.68
C TYR WA 55 12.62 85.13 31.86
N LEU WA 56 12.52 84.93 30.54
CA LEU WA 56 13.72 85.00 29.70
C LEU WA 56 14.30 86.41 29.66
N GLY WA 57 13.45 87.43 29.75
CA GLY WA 57 13.95 88.77 29.95
C GLY WA 57 14.59 88.94 31.32
N SER WA 58 14.04 88.27 32.33
CA SER WA 58 14.60 88.35 33.67
C SER WA 58 16.04 87.86 33.70
N ILE WA 59 16.31 86.67 33.13
CA ILE WA 59 17.67 86.12 33.22
C ILE WA 59 18.54 86.64 32.09
N GLN WA 60 18.04 87.62 31.33
CA GLN WA 60 18.77 88.24 30.23
C GLN WA 60 19.06 87.23 29.11
N PHE WA 61 18.13 86.30 28.89
CA PHE WA 61 18.19 85.33 27.79
C PHE WA 61 19.46 84.48 27.83
N ALA WA 62 19.89 84.13 29.03
CA ALA WA 62 21.13 83.37 29.16
C ALA WA 62 21.11 82.61 30.48
N ALA WA 63 21.25 81.30 30.41
CA ALA WA 63 21.49 80.49 31.61
C ALA WA 63 22.69 79.60 31.32
N GLY WA 64 23.78 79.82 32.04
CA GLY WA 64 24.99 79.04 31.82
C GLY WA 64 25.50 79.18 30.39
N ARG WA 65 25.61 78.05 29.73
CA ARG WA 65 26.07 77.98 28.35
C ARG WA 65 24.93 78.07 27.35
N HIS WA 66 23.69 78.04 27.82
CA HIS WA 66 22.51 78.14 26.96
C HIS WA 66 22.17 79.60 26.76
N ILE WA 67 22.30 80.09 25.54
CA ILE WA 67 21.92 81.46 25.22
C ILE WA 67 20.69 81.39 24.33
N PHE WA 68 19.71 82.24 24.61
CA PHE WA 68 18.42 82.14 23.93
C PHE WA 68 18.20 83.34 23.01
N GLY WA 69 17.33 83.14 22.03
CA GLY WA 69 16.99 84.22 21.12
C GLY WA 69 15.89 85.09 21.69
N GLU WA 70 15.90 86.36 21.25
CA GLU WA 70 14.85 87.31 21.61
C GLU WA 70 13.69 87.17 20.63
N PRO WA 71 12.47 86.96 21.11
CA PRO WA 71 11.34 86.69 20.21
C PRO WA 71 10.97 87.91 19.38
N ALA WA 72 10.12 87.65 18.39
CA ALA WA 72 9.46 88.73 17.68
C ALA WA 72 8.35 89.32 18.54
N SER WA 73 7.51 88.47 19.10
CA SER WA 73 6.40 88.89 19.93
C SER WA 73 6.25 87.93 21.09
N ASN WA 74 5.77 88.45 22.23
CA ASN WA 74 5.39 87.59 23.34
C ASN WA 74 4.17 86.75 23.00
N VAL WA 75 3.37 87.18 22.03
CA VAL WA 75 2.18 86.46 21.59
C VAL WA 75 2.40 86.03 20.14
N LEU WA 76 2.23 84.73 19.88
CA LEU WA 76 2.61 84.10 18.61
C LEU WA 76 1.43 84.07 17.66
N PRO WA 77 1.65 84.45 16.40
CA PRO WA 77 0.59 84.44 15.41
C PRO WA 77 0.41 83.07 14.81
N PRO WA 78 -0.77 82.78 14.25
CA PRO WA 78 -0.97 81.49 13.58
C PRO WA 78 -0.06 81.33 12.37
N GLN WA 79 0.33 80.08 12.13
CA GLN WA 79 1.18 79.74 10.98
C GLN WA 79 0.44 79.02 9.87
N ASN WA 80 -0.49 78.11 10.20
CA ASN WA 80 -1.25 77.39 9.17
C ASN WA 80 -2.73 77.32 9.54
N ILE WA 81 -3.23 78.28 10.29
CA ILE WA 81 -4.61 78.32 10.73
C ILE WA 81 -5.30 79.49 10.06
N VAL WA 82 -6.49 79.24 9.54
CA VAL WA 82 -7.25 80.30 8.87
C VAL WA 82 -8.64 80.33 9.48
N PRO WA 83 -9.18 81.52 9.77
CA PRO WA 83 -10.50 81.60 10.39
C PRO WA 83 -11.53 80.94 9.51
N GLY WA 84 -12.40 80.15 10.15
CA GLY WA 84 -13.47 79.49 9.43
C GLY WA 84 -13.09 78.22 8.72
N VAL WA 85 -11.84 77.80 8.80
CA VAL WA 85 -11.40 76.55 8.19
C VAL WA 85 -11.09 75.57 9.31
N PRO WA 86 -11.77 74.42 9.39
CA PRO WA 86 -11.52 73.49 10.49
C PRO WA 86 -10.27 72.65 10.26
N THR WA 87 -9.42 72.56 11.28
CA THR WA 87 -8.18 71.81 11.23
C THR WA 87 -8.08 70.95 12.47
N LYS WA 88 -7.37 69.84 12.36
CA LYS WA 88 -7.02 69.01 13.50
C LYS WA 88 -5.59 69.25 13.95
N HIS WA 89 -4.86 70.12 13.25
CA HIS WA 89 -3.49 70.45 13.59
C HIS WA 89 -3.25 71.92 13.27
N GLY WA 90 -2.78 72.67 14.27
CA GLY WA 90 -2.52 74.09 14.11
C GLY WA 90 -1.21 74.53 14.75
N GLU WA 91 -0.50 75.45 14.10
CA GLU WA 91 0.81 75.86 14.55
C GLU WA 91 0.86 77.38 14.69
N TYR WA 92 1.51 77.85 15.75
CA TYR WA 92 1.87 79.25 15.93
C TYR WA 92 3.39 79.34 16.01
N VAL WA 93 3.94 80.46 15.53
CA VAL WA 93 5.38 80.58 15.41
C VAL WA 93 5.80 82.04 15.47
N THR WA 94 6.94 82.31 16.12
CA THR WA 94 7.67 83.56 15.84
C THR WA 94 9.12 83.23 15.55
N THR WA 95 9.93 84.25 15.27
CA THR WA 95 11.34 84.03 14.96
C THR WA 95 12.20 84.75 15.98
N ASN WA 96 12.93 83.98 16.78
CA ASN WA 96 13.93 84.51 17.70
C ASN WA 96 15.10 85.08 16.89
N THR WA 97 15.63 86.22 17.33
CA THR WA 97 16.83 86.84 16.78
C THR WA 97 17.78 87.22 17.91
N GLY WA 98 19.00 87.58 17.55
CA GLY WA 98 20.00 87.90 18.56
C GLY WA 98 21.29 88.35 17.92
N ASP WA 99 22.18 88.88 18.76
CA ASP WA 99 23.47 89.39 18.32
C ASP WA 99 24.35 88.22 17.89
N ARG WA 100 24.76 88.23 16.62
CA ARG WA 100 25.59 87.17 16.05
C ARG WA 100 24.93 85.80 16.17
N LEU WA 101 23.60 85.78 16.08
CA LEU WA 101 22.81 84.56 16.10
C LEU WA 101 21.98 84.48 14.84
N MET WA 102 22.08 83.36 14.13
CA MET WA 102 21.20 83.14 12.98
C MET WA 102 19.78 82.94 13.48
N ALA WA 103 18.85 83.74 12.96
CA ALA WA 103 17.49 83.75 13.48
C ALA WA 103 16.84 82.38 13.34
N SER WA 104 16.05 82.00 14.34
CA SER WA 104 15.53 80.65 14.46
C SER WA 104 14.14 80.70 15.07
N SER WA 105 13.24 79.87 14.56
CA SER WA 105 11.84 79.94 14.92
C SER WA 105 11.56 79.21 16.24
N THR WA 106 10.62 79.75 17.00
CA THR WA 106 10.07 79.09 18.17
C THR WA 106 8.60 78.75 17.87
N THR WA 107 8.19 77.52 18.22
CA THR WA 107 6.97 76.92 17.69
C THR WA 107 6.06 76.40 18.80
N VAL WA 108 4.75 76.56 18.59
CA VAL WA 108 3.72 76.10 19.51
C VAL WA 108 2.71 75.33 18.68
N THR WA 109 2.62 74.03 18.92
CA THR WA 109 1.81 73.12 18.13
C THR WA 109 0.60 72.62 18.93
N ARG WA 110 -0.56 72.57 18.29
CA ARG WA 110 -1.79 72.11 18.92
C ARG WA 110 -2.44 71.06 18.01
N ASP WA 111 -2.63 69.86 18.55
CA ASP WA 111 -3.26 68.74 17.85
C ASP WA 111 -4.55 68.39 18.56
N VAL WA 112 -5.66 68.40 17.83
CA VAL WA 112 -6.98 68.12 18.40
C VAL WA 112 -7.58 66.97 17.59
N SER WA 113 -7.55 65.75 18.15
CA SER WA 113 -8.09 64.57 17.47
C SER WA 113 -8.77 63.64 18.44
N ASN WA 114 -10.00 63.25 18.12
CA ASN WA 114 -10.71 62.17 18.82
C ASN WA 114 -10.80 62.42 20.32
N GLY WA 115 -11.11 63.65 20.70
CA GLY WA 115 -11.23 64.01 22.10
C GLY WA 115 -9.94 64.26 22.83
N ARG WA 116 -8.81 64.16 22.15
CA ARG WA 116 -7.50 64.33 22.75
C ARG WA 116 -6.93 65.65 22.24
N THR WA 117 -6.71 66.58 23.15
CA THR WA 117 -6.09 67.86 22.84
C THR WA 117 -4.65 67.83 23.35
N LYS WA 118 -3.68 68.21 22.51
CA LYS WA 118 -2.28 68.21 22.91
C LYS WA 118 -1.57 69.46 22.41
N VAL WA 119 -0.95 70.19 23.33
CA VAL WA 119 -0.21 71.41 23.05
C VAL WA 119 1.26 71.17 23.40
N SER WA 120 2.16 71.48 22.46
CA SER WA 120 3.60 71.32 22.65
C SER WA 120 4.30 72.62 22.32
N ILE WA 121 5.33 72.94 23.10
CA ILE WA 121 6.11 74.17 22.93
C ILE WA 121 7.57 73.78 22.76
N ASP WA 122 8.20 74.29 21.69
CA ASP WA 122 9.59 74.00 21.37
C ASP WA 122 10.33 75.32 21.15
N ILE WA 123 11.32 75.60 22.00
CA ILE WA 123 12.14 76.80 21.90
C ILE WA 123 13.59 76.37 21.71
N PRO WA 124 14.31 76.92 20.74
CA PRO WA 124 15.71 76.57 20.54
C PRO WA 124 16.64 77.42 21.41
N TYR WA 125 17.90 76.97 21.48
CA TYR WA 125 18.96 77.71 22.16
C TYR WA 125 20.26 77.58 21.37
N TYR WA 126 21.27 78.33 21.80
CA TYR WA 126 22.55 78.41 21.11
C TYR WA 126 23.69 78.26 22.09
N ASP WA 127 24.87 78.01 21.52
CA ASP WA 127 26.11 77.73 22.26
C ASP WA 127 26.77 79.04 22.70
N ARG WA 128 26.60 79.39 23.98
CA ARG WA 128 27.16 80.65 24.45
C ARG WA 128 28.69 80.65 24.39
N ASN WA 129 29.32 79.48 24.57
CA ASN WA 129 30.77 79.42 24.42
C ASN WA 129 31.18 79.89 23.02
N ALA WA 130 30.49 79.41 21.98
CA ALA WA 130 30.78 79.85 20.63
C ALA WA 130 30.43 81.32 20.42
N VAL WA 131 29.29 81.77 20.94
CA VAL WA 131 28.88 83.15 20.69
C VAL WA 131 29.83 84.14 21.34
N GLU WA 132 30.24 83.88 22.59
CA GLU WA 132 31.18 84.77 23.25
C GLU WA 132 32.59 84.64 22.69
N THR WA 133 32.95 83.49 22.12
CA THR WA 133 34.20 83.43 21.36
C THR WA 133 34.15 84.37 20.16
N LEU WA 134 33.02 84.36 19.43
CA LEU WA 134 32.82 85.28 18.32
C LEU WA 134 32.97 86.74 18.75
N LYS WA 135 32.27 87.12 19.82
CA LYS WA 135 32.36 88.50 20.26
C LYS WA 135 33.76 88.87 20.73
N ALA WA 136 34.37 87.99 21.54
CA ALA WA 136 35.62 88.34 22.22
C ALA WA 136 36.79 88.45 21.26
N SER WA 137 36.95 87.52 20.32
CA SER WA 137 38.07 87.61 19.39
C SER WA 137 37.68 88.31 18.09
N ALA WA 138 36.50 88.95 18.05
CA ALA WA 138 36.08 89.81 16.92
C ALA WA 138 36.05 89.05 15.60
N ILE WA 139 35.47 87.86 15.62
CA ILE WA 139 35.27 87.03 14.43
C ILE WA 139 33.96 87.49 13.78
N PRO WA 140 33.81 87.43 12.45
CA PRO WA 140 32.60 87.95 11.81
C PRO WA 140 31.46 86.97 11.61
N GLY WA 141 31.60 85.68 11.97
CA GLY WA 141 30.54 84.72 11.72
C GLY WA 141 29.39 84.78 12.74
N ALA WA 142 28.42 83.89 12.53
CA ALA WA 142 27.28 83.72 13.43
C ALA WA 142 27.13 82.24 13.78
N VAL WA 143 26.28 81.98 14.79
CA VAL WA 143 26.04 80.63 15.29
C VAL WA 143 24.60 80.23 14.98
N ALA WA 144 24.43 78.98 14.58
CA ALA WA 144 23.15 78.33 14.37
C ALA WA 144 22.70 77.66 15.66
N PRO WA 145 21.39 77.40 15.81
CA PRO WA 145 20.91 76.77 17.06
C PRO WA 145 21.62 75.45 17.31
N VAL WA 146 21.75 75.13 18.60
CA VAL WA 146 22.50 73.98 19.03
C VAL WA 146 21.60 72.89 19.59
N GLY WA 147 20.46 73.25 20.18
CA GLY WA 147 19.48 72.29 20.64
C GLY WA 147 18.18 73.00 20.96
N SER WA 148 17.30 72.30 21.66
CA SER WA 148 16.03 72.90 22.03
C SER WA 148 15.56 72.36 23.38
N PHE WA 149 14.50 72.98 23.89
CA PHE WA 149 13.73 72.48 25.02
C PHE WA 149 12.26 72.40 24.62
N LYS WA 150 11.59 71.36 25.11
CA LYS WA 150 10.21 71.05 24.74
C LYS WA 150 9.37 70.72 25.97
N VAL WA 151 8.13 71.21 25.93
CA VAL WA 151 7.15 70.98 26.99
C VAL WA 151 5.84 70.56 26.34
N ASN WA 152 5.30 69.42 26.77
CA ASN WA 152 4.06 68.86 26.22
C ASN WA 152 2.97 68.84 27.28
N VAL WA 153 1.74 69.08 26.85
CA VAL WA 153 0.58 69.05 27.72
C VAL WA 153 -0.56 68.40 26.95
N GLU WA 154 -1.29 67.51 27.62
CA GLU WA 154 -2.22 66.61 26.95
C GLU WA 154 -3.47 66.45 27.80
N VAL WA 155 -4.63 66.58 27.18
CA VAL WA 155 -5.92 66.48 27.86
C VAL WA 155 -6.70 65.40 27.13
N LEU WA 156 -6.96 64.28 27.82
CA LEU WA 156 -7.70 63.17 27.27
C LEU WA 156 -9.15 63.32 27.70
N GLY WA 157 -9.95 63.96 26.86
CA GLY WA 157 -11.32 64.30 27.23
C GLY WA 157 -12.33 63.53 26.43
N GLY WA 158 -11.91 62.38 25.91
CA GLY WA 158 -12.81 61.56 25.12
C GLY WA 158 -13.80 60.81 25.99
N GLY WA 159 -14.84 60.30 25.32
CA GLY WA 159 -15.75 59.37 25.96
C GLY WA 159 -16.59 60.00 27.04
N VAL WA 160 -17.32 61.05 26.68
CA VAL WA 160 -18.35 61.55 27.57
C VAL WA 160 -19.58 60.64 27.46
N LEU WA 161 -20.35 60.60 28.54
CA LEU WA 161 -21.53 59.74 28.61
C LEU WA 161 -22.66 60.31 27.75
N THR WA 162 -23.69 59.47 27.52
CA THR WA 162 -24.70 59.80 26.52
C THR WA 162 -25.64 60.90 26.99
N GLY WA 163 -25.96 60.91 28.28
CA GLY WA 163 -26.83 61.93 28.84
C GLY WA 163 -26.12 63.20 29.21
N THR WA 164 -24.87 63.38 28.81
CA THR WA 164 -24.15 64.61 29.09
C THR WA 164 -24.78 65.77 28.33
N ASP WA 165 -25.39 66.70 29.06
CA ASP WA 165 -26.07 67.83 28.45
C ASP WA 165 -25.08 68.72 27.74
N ALA WA 166 -25.55 69.37 26.67
CA ALA WA 166 -24.71 70.35 25.98
C ALA WA 166 -24.17 71.40 26.95
N ASN WA 167 -24.99 71.83 27.91
CA ASN WA 167 -24.53 72.80 28.90
C ASN WA 167 -23.50 72.20 29.84
N ALA WA 168 -23.68 70.94 30.22
CA ALA WA 168 -22.77 70.31 31.18
C ALA WA 168 -21.40 70.01 30.57
N GLN WA 169 -21.31 69.98 29.24
CA GLN WA 169 -19.99 69.79 28.63
C GLN WA 169 -19.08 70.98 28.90
N PHE WA 170 -19.67 72.17 29.10
CA PHE WA 170 -18.86 73.33 29.49
C PHE WA 170 -18.31 73.15 30.89
N ALA WA 171 -19.15 72.64 31.81
CA ALA WA 171 -18.65 72.36 33.15
C ALA WA 171 -17.52 71.36 33.10
N LEU WA 172 -17.65 70.33 32.25
CA LEU WA 172 -16.57 69.37 32.11
C LEU WA 172 -15.32 70.02 31.53
N ASP WA 173 -15.51 70.97 30.60
CA ASP WA 173 -14.39 71.74 30.06
C ASP WA 173 -13.59 72.37 31.19
N GLU WA 174 -14.29 73.10 32.06
CA GLU WA 174 -13.62 73.80 33.15
C GLU WA 174 -12.98 72.81 34.13
N LEU WA 175 -13.64 71.67 34.37
CA LEU WA 175 -13.02 70.66 35.24
C LEU WA 175 -11.67 70.21 34.69
N LEU WA 176 -11.62 69.91 33.39
CA LEU WA 176 -10.36 69.48 32.80
C LEU WA 176 -9.31 70.59 32.85
N SER WA 177 -9.72 71.84 32.64
CA SER WA 177 -8.72 72.91 32.68
C SER WA 177 -8.15 73.08 34.10
N ASN WA 178 -8.98 72.87 35.13
CA ASN WA 178 -8.46 72.93 36.49
C ASN WA 178 -7.53 71.77 36.80
N MET WA 179 -7.81 70.58 36.27
CA MET WA 179 -6.84 69.49 36.39
C MET WA 179 -5.54 69.85 35.71
N LEU WA 180 -5.61 70.55 34.58
CA LEU WA 180 -4.41 71.04 33.90
C LEU WA 180 -3.56 71.91 34.81
N MET WA 181 -4.20 72.91 35.43
CA MET WA 181 -3.47 73.81 36.33
C MET WA 181 -2.83 73.02 37.47
N ASP WA 182 -3.59 72.11 38.09
CA ASP WA 182 -3.04 71.30 39.18
C ASP WA 182 -1.85 70.47 38.70
N ALA WA 183 -1.93 69.96 37.48
CA ALA WA 183 -0.85 69.12 36.96
C ALA WA 183 0.43 69.92 36.76
N ALA WA 184 0.33 71.11 36.18
CA ALA WA 184 1.54 71.93 36.01
C ALA WA 184 2.12 72.34 37.37
N ARG WA 185 1.25 72.66 38.33
CA ARG WA 185 1.76 73.02 39.65
C ARG WA 185 2.49 71.85 40.29
N ILE WA 186 1.94 70.63 40.16
CA ILE WA 186 2.61 69.46 40.71
C ILE WA 186 3.90 69.18 39.95
N ALA WA 187 3.95 69.53 38.67
CA ALA WA 187 5.13 69.29 37.87
C ALA WA 187 6.29 70.18 38.31
N GLN WA 188 6.03 71.46 38.59
CA GLN WA 188 7.10 72.37 38.96
C GLN WA 188 7.20 72.61 40.46
N ASP WA 189 6.38 71.94 41.25
CA ASP WA 189 6.35 72.15 42.69
C ASP WA 189 7.70 71.84 43.29
N GLY WA 190 8.13 72.67 44.22
CA GLY WA 190 9.37 72.42 44.92
C GLY WA 190 10.15 73.69 45.16
N PRO WA 191 11.08 73.66 46.12
CA PRO WA 191 11.92 74.82 46.37
C PRO WA 191 12.82 75.06 45.19
N LYS WA 192 13.12 76.33 44.95
CA LYS WA 192 14.06 76.74 43.91
C LYS WA 192 15.50 76.69 44.40
N ASN WA 193 15.72 76.32 45.67
CA ASN WA 193 17.06 76.08 46.17
C ASN WA 193 17.62 74.76 45.65
N THR WA 194 16.77 73.84 45.22
CA THR WA 194 17.18 72.49 44.92
C THR WA 194 16.76 72.10 43.49
N ALA WA 195 17.52 71.17 42.92
CA ALA WA 195 17.29 70.72 41.55
C ALA WA 195 15.92 70.08 41.40
N ARG WA 196 15.19 70.42 40.33
CA ARG WA 196 13.91 69.75 40.15
C ARG WA 196 13.51 69.34 38.73
N LEU WA 197 14.07 69.93 37.66
CA LEU WA 197 13.57 69.56 36.33
C LEU WA 197 14.59 69.02 35.32
N VAL WA 198 15.66 69.78 35.03
CA VAL WA 198 16.50 69.47 33.88
C VAL WA 198 17.52 68.40 34.26
N ALA WA 199 17.99 67.67 33.26
CA ALA WA 199 19.00 66.63 33.42
C ALA WA 199 18.57 65.59 34.44
N ALA WA 200 17.25 65.44 34.62
CA ALA WA 200 16.71 64.60 35.68
C ALA WA 200 17.14 63.15 35.52
N SER WA 201 17.57 62.54 36.62
CA SER WA 201 17.95 61.14 36.67
C SER WA 201 16.93 60.29 37.40
N HIS WA 202 16.51 60.73 38.58
CA HIS WA 202 15.48 60.10 39.38
C HIS WA 202 14.96 61.12 40.38
N GLY WA 203 13.92 60.74 41.11
CA GLY WA 203 13.34 61.59 42.13
C GLY WA 203 13.77 61.14 43.52
N VAL WA 204 14.01 62.11 44.41
CA VAL WA 204 14.33 61.79 45.79
C VAL WA 204 13.56 62.74 46.70
N MET WA 205 12.49 62.25 47.33
CA MET WA 205 11.75 63.13 48.23
C MET WA 205 12.44 63.19 49.59
N PRO WA 206 12.51 64.37 50.20
CA PRO WA 206 13.33 64.52 51.42
C PRO WA 206 12.62 63.95 52.64
N GLN WA 207 13.42 63.51 53.60
CA GLN WA 207 12.89 62.92 54.83
C GLN WA 207 12.18 63.96 55.68
N ALA WA 208 12.77 65.14 55.80
CA ALA WA 208 12.18 66.23 56.54
C ALA WA 208 12.84 67.54 56.09
N PRO XA 20 35.94 63.81 -5.39
CA PRO XA 20 34.56 64.30 -5.27
C PRO XA 20 34.45 65.57 -4.43
N VAL XA 21 34.03 66.66 -5.06
CA VAL XA 21 33.88 67.96 -4.40
C VAL XA 21 32.43 68.10 -3.97
N GLN XA 22 32.20 68.35 -2.68
CA GLN XA 22 30.85 68.45 -2.13
C GLN XA 22 30.58 69.86 -1.63
N SER XA 23 29.31 70.27 -1.68
CA SER XA 23 28.90 71.59 -1.26
C SER XA 23 28.31 71.55 0.15
N SER XA 24 28.45 72.66 0.87
CA SER XA 24 27.97 72.71 2.25
C SER XA 24 27.58 74.13 2.64
N ARG XA 25 26.84 74.20 3.75
CA ARG XA 25 26.35 75.44 4.35
C ARG XA 25 26.93 75.56 5.75
N THR XA 26 27.79 76.55 5.95
CA THR XA 26 28.60 76.62 7.15
C THR XA 26 28.10 77.70 8.10
N THR XA 27 28.15 77.40 9.39
CA THR XA 27 28.12 78.43 10.43
C THR XA 27 29.27 78.16 11.38
N PHE XA 28 29.67 79.20 12.12
CA PHE XA 28 30.74 79.02 13.08
C PHE XA 28 30.27 78.17 14.25
N GLY XA 29 31.20 77.39 14.79
CA GLY XA 29 30.92 76.59 15.96
C GLY XA 29 31.45 75.19 15.87
N VAL XA 30 31.13 74.40 16.90
CA VAL XA 30 31.41 72.97 16.93
C VAL XA 30 30.19 72.30 17.53
N ASN XA 31 29.89 71.09 17.06
CA ASN XA 31 28.85 70.29 17.67
C ASN XA 31 29.10 70.18 19.17
N PRO XA 32 28.11 70.45 20.00
CA PRO XA 32 28.38 70.71 21.42
C PRO XA 32 28.69 69.42 22.16
N ASP XA 33 29.24 69.60 23.35
CA ASP XA 33 29.43 68.50 24.28
C ASP XA 33 28.26 68.52 25.27
N ARG XA 34 27.43 67.49 25.23
CA ARG XA 34 26.27 67.40 26.10
C ARG XA 34 26.63 66.75 27.42
N GLN XA 35 25.94 67.18 28.47
CA GLN XA 35 26.13 66.63 29.80
C GLN XA 35 25.18 65.47 30.03
N ALA XA 36 25.64 64.46 30.74
CA ALA XA 36 24.81 63.30 31.03
C ALA XA 36 23.67 63.68 31.96
N ASN XA 37 22.57 62.93 31.86
CA ASN XA 37 21.38 63.20 32.67
C ASN XA 37 21.49 62.50 34.03
N ALA XA 38 22.49 62.92 34.82
CA ALA XA 38 22.81 62.29 36.10
C ALA XA 38 22.45 63.18 37.27
N ARG XA 39 21.45 64.03 37.11
CA ARG XA 39 21.11 65.02 38.13
C ARG XA 39 19.85 64.58 38.86
N PRO XA 40 19.95 64.08 40.09
CA PRO XA 40 18.73 63.74 40.84
C PRO XA 40 17.95 64.98 41.23
N VAL XA 41 16.63 64.85 41.21
CA VAL XA 41 15.74 65.99 41.36
C VAL XA 41 14.85 65.80 42.57
N TYR XA 42 14.21 66.90 42.95
CA TYR XA 42 13.30 66.94 44.07
C TYR XA 42 12.00 66.23 43.72
N LEU XA 43 11.43 65.58 44.73
CA LEU XA 43 10.19 64.83 44.60
C LEU XA 43 9.25 65.30 45.70
N ALA XA 44 8.08 65.81 45.33
CA ALA XA 44 7.19 66.39 46.31
C ALA XA 44 6.74 65.33 47.33
N PRO XA 45 6.73 65.67 48.63
CA PRO XA 45 6.24 64.71 49.64
C PRO XA 45 4.73 64.55 49.65
N ALA XA 46 4.02 65.29 48.79
CA ALA XA 46 2.58 65.17 48.59
C ALA XA 46 2.21 65.97 47.35
N ALA XA 47 1.06 65.62 46.75
CA ALA XA 47 0.63 66.26 45.51
C ALA XA 47 -0.58 67.14 45.79
N PRO XA 48 -0.53 68.47 45.60
CA PRO XA 48 -1.73 69.26 45.86
C PRO XA 48 -2.64 69.29 44.66
N MET XA 49 -3.93 69.02 44.87
CA MET XA 49 -4.96 69.07 43.82
C MET XA 49 -6.04 70.07 44.20
N GLU XA 50 -5.65 71.23 44.73
CA GLU XA 50 -6.64 72.16 45.28
C GLU XA 50 -7.55 72.75 44.20
N ASN XA 51 -6.98 73.13 43.04
CA ASN XA 51 -7.76 73.79 42.00
C ASN XA 51 -8.94 72.92 41.54
N THR XA 52 -8.63 71.69 41.14
CA THR XA 52 -9.65 70.81 40.58
C THR XA 52 -10.70 70.43 41.63
N TYR XA 53 -10.30 70.21 42.88
CA TYR XA 53 -11.26 69.77 43.88
C TYR XA 53 -12.13 70.91 44.40
N THR XA 54 -11.59 72.13 44.47
CA THR XA 54 -12.47 73.27 44.72
C THR XA 54 -13.48 73.45 43.59
N TYR XA 55 -13.05 73.25 42.34
CA TYR XA 55 -14.05 73.36 41.27
C TYR XA 55 -15.09 72.24 41.36
N LEU XA 56 -14.67 71.03 41.73
CA LEU XA 56 -15.62 69.94 41.90
C LEU XA 56 -16.63 70.26 43.00
N GLY XA 57 -16.16 70.87 44.10
CA GLY XA 57 -17.09 71.38 45.08
C GLY XA 57 -18.03 72.41 44.50
N SER XA 58 -17.53 73.23 43.57
CA SER XA 58 -18.36 74.25 42.93
C SER XA 58 -19.53 73.62 42.19
N ILE XA 59 -19.27 72.63 41.33
CA ILE XA 59 -20.35 72.07 40.52
C ILE XA 59 -21.12 71.01 41.30
N GLN XA 60 -20.80 70.85 42.58
CA GLN XA 60 -21.43 69.87 43.45
C GLN XA 60 -21.21 68.44 42.93
N PHE XA 61 -20.02 68.20 42.37
CA PHE XA 61 -19.55 66.85 42.00
C PHE XA 61 -20.45 66.18 40.97
N ALA XA 62 -21.02 66.96 40.05
CA ALA XA 62 -21.93 66.39 39.08
C ALA XA 62 -21.92 67.24 37.82
N ALA XA 63 -21.97 66.56 36.66
CA ALA XA 63 -22.06 67.24 35.38
C ALA XA 63 -22.52 66.23 34.35
N GLY XA 64 -23.57 66.56 33.61
CA GLY XA 64 -24.14 65.58 32.69
C GLY XA 64 -24.68 64.43 33.50
N ARG XA 65 -24.38 63.21 33.08
CA ARG XA 65 -24.60 62.06 33.97
C ARG XA 65 -23.28 61.49 34.48
N HIS XA 66 -22.22 62.30 34.46
CA HIS XA 66 -21.04 62.01 35.26
C HIS XA 66 -21.25 62.49 36.68
N ILE XA 67 -21.07 61.60 37.65
CA ILE XA 67 -21.03 62.00 39.04
C ILE XA 67 -19.68 61.59 39.60
N PHE XA 68 -19.07 62.46 40.40
CA PHE XA 68 -17.73 62.22 40.93
C PHE XA 68 -17.79 61.96 42.44
N GLY XA 69 -16.69 61.47 42.97
CA GLY XA 69 -16.59 61.19 44.39
C GLY XA 69 -15.90 62.29 45.15
N GLU XA 70 -16.27 62.43 46.43
CA GLU XA 70 -15.59 63.36 47.30
C GLU XA 70 -14.27 62.77 47.77
N PRO XA 71 -13.17 63.51 47.70
CA PRO XA 71 -11.88 62.97 48.10
C PRO XA 71 -11.75 62.90 49.62
N ALA XA 72 -10.69 62.24 50.05
CA ALA XA 72 -10.35 62.29 51.46
C ALA XA 72 -9.61 63.57 51.79
N SER XA 73 -8.62 63.91 50.97
CA SER XA 73 -7.81 65.11 51.17
C SER XA 73 -7.66 65.84 49.85
N ASN XA 74 -7.62 67.18 49.93
CA ASN XA 74 -7.27 67.97 48.76
C ASN XA 74 -5.82 67.78 48.39
N VAL XA 75 -4.99 67.38 49.34
CA VAL XA 75 -3.59 67.07 49.10
C VAL XA 75 -3.40 65.57 49.27
N LEU XA 76 -2.91 64.91 48.20
CA LEU XA 76 -2.75 63.48 48.03
C LEU XA 76 -1.42 63.02 48.63
N PRO XA 77 -1.46 62.08 49.58
CA PRO XA 77 -0.22 61.55 50.16
C PRO XA 77 0.45 60.58 49.22
N PRO XA 78 1.74 60.29 49.43
CA PRO XA 78 2.41 59.29 48.58
C PRO XA 78 2.05 57.87 48.99
N GLN XA 79 1.92 57.00 47.99
CA GLN XA 79 1.57 55.60 48.22
C GLN XA 79 2.76 54.66 48.16
N ASN XA 80 3.71 54.90 47.25
CA ASN XA 80 4.83 54.01 47.05
C ASN XA 80 6.17 54.74 47.01
N ILE XA 81 6.30 55.85 47.74
CA ILE XA 81 7.50 56.65 47.70
C ILE XA 81 8.07 56.69 49.12
N VAL XA 82 9.11 55.91 49.35
CA VAL XA 82 9.84 55.98 50.62
C VAL XA 82 10.75 57.21 50.60
N PRO XA 83 10.88 57.96 51.69
CA PRO XA 83 11.75 59.13 51.66
C PRO XA 83 13.20 58.72 51.63
N GLY XA 84 13.99 59.47 50.89
CA GLY XA 84 15.40 59.17 50.79
C GLY XA 84 15.71 57.98 49.90
N VAL XA 85 14.72 57.43 49.23
CA VAL XA 85 14.91 56.29 48.35
C VAL XA 85 14.72 56.79 46.93
N PRO XA 86 15.75 56.70 46.07
CA PRO XA 86 15.57 57.11 44.68
C PRO XA 86 14.52 56.25 43.99
N THR XA 87 13.56 56.91 43.34
CA THR XA 87 12.47 56.24 42.64
C THR XA 87 12.30 56.94 41.30
N LYS XA 88 12.24 56.16 40.23
CA LYS XA 88 11.99 56.70 38.90
C LYS XA 88 10.50 56.71 38.57
N HIS XA 89 9.67 56.19 39.47
CA HIS XA 89 8.23 56.18 39.28
C HIS XA 89 7.55 56.18 40.65
N GLY XA 90 6.58 57.06 40.81
CA GLY XA 90 5.91 57.21 42.09
C GLY XA 90 4.48 57.67 41.93
N GLU XA 91 3.67 57.35 42.94
CA GLU XA 91 2.24 57.57 42.85
C GLU XA 91 1.72 58.18 44.14
N TYR XA 92 0.93 59.24 44.03
CA TYR XA 92 0.13 59.76 45.12
C TYR XA 92 -1.32 59.39 44.87
N VAL XA 93 -2.05 59.05 45.91
CA VAL XA 93 -3.40 58.54 45.71
C VAL XA 93 -4.26 58.90 46.91
N THR XA 94 -5.48 59.36 46.65
CA THR XA 94 -6.44 59.50 47.74
C THR XA 94 -7.75 58.86 47.35
N THR XA 95 -8.48 58.43 48.37
CA THR XA 95 -9.67 57.64 48.15
C THR XA 95 -10.88 58.57 47.97
N ASN XA 96 -11.78 58.18 47.06
CA ASN XA 96 -13.01 58.91 46.74
C ASN XA 96 -14.16 58.12 47.34
N THR XA 97 -15.02 58.79 48.10
CA THR XA 97 -16.22 58.16 48.67
C THR XA 97 -17.44 58.97 48.27
N GLY XA 98 -18.62 58.37 48.44
CA GLY XA 98 -19.85 59.04 48.08
C GLY XA 98 -21.05 58.18 48.41
N ASP XA 99 -22.22 58.82 48.42
CA ASP XA 99 -23.47 58.15 48.71
C ASP XA 99 -23.80 57.16 47.60
N ARG XA 100 -23.89 55.88 47.95
CA ARG XA 100 -24.14 54.80 46.99
C ARG XA 100 -23.07 54.80 45.90
N LEU XA 101 -21.82 55.02 46.30
CA LEU XA 101 -20.65 54.91 45.45
C LEU XA 101 -19.69 53.91 46.05
N MET XA 102 -19.10 53.07 45.19
CA MET XA 102 -18.03 52.20 45.65
C MET XA 102 -16.74 53.02 45.71
N ALA XA 103 -16.09 52.98 46.87
CA ALA XA 103 -14.87 53.77 47.05
C ALA XA 103 -13.90 53.53 45.91
N SER XA 104 -13.36 54.61 45.33
CA SER XA 104 -12.47 54.52 44.18
C SER XA 104 -11.33 55.53 44.28
N SER XA 105 -10.16 55.13 43.84
CA SER XA 105 -8.95 55.90 44.09
C SER XA 105 -8.70 56.87 42.94
N THR XA 106 -8.37 58.11 43.28
CA THR XA 106 -7.89 59.08 42.31
C THR XA 106 -6.37 59.20 42.45
N THR XA 107 -5.68 59.22 41.30
CA THR XA 107 -4.25 58.92 41.23
C THR XA 107 -3.46 60.00 40.50
N VAL XA 108 -2.31 60.35 41.07
CA VAL XA 108 -1.37 61.29 40.46
C VAL XA 108 -0.04 60.56 40.32
N THR XA 109 0.42 60.41 39.09
CA THR XA 109 1.58 59.58 38.77
C THR XA 109 2.71 60.44 38.25
N ARG XA 110 3.91 60.27 38.80
CA ARG XA 110 5.09 61.01 38.37
C ARG XA 110 6.17 60.02 37.93
N ASP XA 111 6.68 60.23 36.71
CA ASP XA 111 7.74 59.43 36.13
C ASP XA 111 8.91 60.35 35.83
N VAL XA 112 10.02 60.15 36.51
CA VAL XA 112 11.23 60.95 36.33
C VAL XA 112 12.31 60.00 35.80
N SER XA 113 12.70 60.13 34.53
CA SER XA 113 13.76 59.28 34.00
C SER XA 113 14.38 59.91 32.77
N ASN XA 114 15.71 59.79 32.68
CA ASN XA 114 16.48 60.17 31.48
C ASN XA 114 16.22 61.60 31.04
N GLY XA 115 16.13 62.50 32.01
CA GLY XA 115 15.89 63.91 31.75
C GLY XA 115 14.46 64.29 31.43
N ARG XA 116 13.55 63.32 31.37
CA ARG XA 116 12.16 63.58 31.06
C ARG XA 116 11.35 63.35 32.33
N THR XA 117 10.58 64.34 32.73
CA THR XA 117 9.69 64.22 33.87
C THR XA 117 8.25 64.37 33.39
N LYS XA 118 7.36 63.47 33.86
CA LYS XA 118 5.99 63.44 33.37
C LYS XA 118 5.02 63.19 34.52
N VAL XA 119 4.00 64.03 34.63
CA VAL XA 119 2.98 63.96 35.67
C VAL XA 119 1.64 63.70 35.00
N SER XA 120 0.90 62.70 35.49
CA SER XA 120 -0.41 62.34 34.97
C SER XA 120 -1.42 62.30 36.10
N ILE XA 121 -2.64 62.77 35.82
CA ILE XA 121 -3.70 62.81 36.82
C ILE XA 121 -4.91 62.08 36.26
N ASP XA 122 -5.47 61.16 37.05
CA ASP XA 122 -6.59 60.31 36.64
C ASP XA 122 -7.64 60.34 37.75
N ILE XA 123 -8.83 60.86 37.42
CA ILE XA 123 -9.95 60.89 38.35
C ILE XA 123 -11.11 60.11 37.75
N PRO XA 124 -11.75 59.21 38.50
CA PRO XA 124 -12.85 58.43 37.97
C PRO XA 124 -14.22 59.09 38.15
N TYR XA 125 -15.17 58.62 37.36
CA TYR XA 125 -16.56 59.08 37.40
C TYR XA 125 -17.51 57.88 37.28
N TYR XA 126 -18.70 58.05 37.84
CA TYR XA 126 -19.75 57.03 37.90
C TYR XA 126 -20.98 57.48 37.10
N ASP XA 127 -21.85 56.50 36.84
CA ASP XA 127 -23.12 56.69 36.13
C ASP XA 127 -24.15 57.34 37.04
N ARG XA 128 -24.36 58.65 36.85
CA ARG XA 128 -25.29 59.39 37.68
C ARG XA 128 -26.70 58.82 37.58
N ASN XA 129 -27.06 58.25 36.44
CA ASN XA 129 -28.40 57.68 36.29
C ASN XA 129 -28.60 56.49 37.21
N ALA XA 130 -27.60 55.60 37.27
CA ALA XA 130 -27.65 54.48 38.19
C ALA XA 130 -27.66 54.95 39.64
N VAL XA 131 -26.77 55.89 39.96
CA VAL XA 131 -26.66 56.33 41.36
C VAL XA 131 -27.98 56.95 41.83
N GLU XA 132 -28.55 57.84 41.01
CA GLU XA 132 -29.76 58.55 41.42
C GLU XA 132 -30.98 57.64 41.39
N THR XA 133 -31.03 56.66 40.46
CA THR XA 133 -32.10 55.67 40.52
C THR XA 133 -32.03 54.86 41.81
N LEU XA 134 -30.82 54.49 42.24
CA LEU XA 134 -30.66 53.80 43.52
C LEU XA 134 -31.09 54.68 44.69
N LYS XA 135 -30.64 55.94 44.70
CA LYS XA 135 -30.99 56.85 45.78
C LYS XA 135 -32.49 57.07 45.86
N ALA XA 136 -33.12 57.46 44.74
CA ALA XA 136 -34.56 57.70 44.74
C ALA XA 136 -35.33 56.44 45.11
N SER XA 137 -34.88 55.28 44.64
CA SER XA 137 -35.59 54.06 44.98
C SER XA 137 -35.17 53.51 46.34
N ALA XA 138 -34.27 54.16 47.07
CA ALA XA 138 -33.82 53.67 48.36
C ALA XA 138 -33.32 52.23 48.26
N ILE XA 139 -32.45 51.99 47.28
CA ILE XA 139 -31.83 50.68 47.08
C ILE XA 139 -30.42 50.74 47.66
N PRO XA 140 -29.96 49.72 48.39
CA PRO XA 140 -28.64 49.79 49.03
C PRO XA 140 -27.46 49.39 48.16
N GLY XA 141 -27.59 49.38 46.83
CA GLY XA 141 -26.46 49.03 45.99
C GLY XA 141 -25.43 50.16 45.93
N ALA XA 142 -24.17 49.77 45.78
CA ALA XA 142 -23.07 50.72 45.59
C ALA XA 142 -22.51 50.55 44.18
N VAL XA 143 -22.20 51.67 43.53
CA VAL XA 143 -21.83 51.67 42.11
C VAL XA 143 -20.33 51.81 41.97
N ALA XA 144 -19.75 50.99 41.10
CA ALA XA 144 -18.36 51.10 40.70
C ALA XA 144 -18.21 52.14 39.59
N PRO XA 145 -17.01 52.70 39.41
CA PRO XA 145 -16.84 53.77 38.43
C PRO XA 145 -17.03 53.28 37.00
N VAL XA 146 -17.66 54.11 36.20
CA VAL XA 146 -17.88 53.76 34.80
C VAL XA 146 -16.72 54.23 33.92
N GLY XA 147 -16.02 55.29 34.30
CA GLY XA 147 -14.90 55.73 33.48
C GLY XA 147 -13.98 56.67 34.23
N SER XA 148 -13.13 57.36 33.48
CA SER XA 148 -12.21 58.30 34.10
C SER XA 148 -11.84 59.40 33.12
N PHE XA 149 -11.27 60.48 33.66
CA PHE XA 149 -10.66 61.57 32.89
C PHE XA 149 -9.21 61.73 33.31
N LYS XA 150 -8.35 61.99 32.31
CA LYS XA 150 -6.91 62.02 32.49
C LYS XA 150 -6.28 63.25 31.84
N VAL XA 151 -5.26 63.77 32.51
CA VAL XA 151 -4.49 64.92 32.04
C VAL XA 151 -3.01 64.62 32.25
N ASN XA 152 -2.23 64.73 31.16
CA ASN XA 152 -0.80 64.46 31.14
C ASN XA 152 -0.01 65.74 30.92
N VAL XA 153 1.16 65.81 31.55
CA VAL XA 153 2.06 66.95 31.46
C VAL XA 153 3.48 66.41 31.43
N GLU XA 154 4.32 66.96 30.54
CA GLU XA 154 5.59 66.34 30.23
C GLU XA 154 6.64 67.40 29.94
N VAL XA 155 7.83 67.20 30.47
CA VAL XA 155 8.93 68.17 30.38
C VAL XA 155 10.17 67.43 29.93
N LEU XA 156 10.65 67.76 28.71
CA LEU XA 156 11.83 67.13 28.14
C LEU XA 156 13.04 68.01 28.45
N GLY XA 157 13.66 67.75 29.59
CA GLY XA 157 14.76 68.56 30.10
C GLY XA 157 16.14 68.00 29.90
N GLY XA 158 16.31 67.06 28.99
CA GLY XA 158 17.60 66.47 28.74
C GLY XA 158 18.44 67.29 27.79
N GLY XA 159 19.73 67.01 27.80
CA GLY XA 159 20.65 67.59 26.83
C GLY XA 159 21.33 68.85 27.28
N VAL XA 160 21.41 69.08 28.60
CA VAL XA 160 22.06 70.27 29.11
C VAL XA 160 23.52 70.28 28.67
N LEU XA 161 23.97 71.44 28.20
CA LEU XA 161 25.32 71.61 27.69
C LEU XA 161 26.35 71.52 28.83
N THR XA 162 27.58 71.14 28.46
CA THR XA 162 28.58 70.80 29.48
C THR XA 162 29.00 72.01 30.31
N GLY XA 163 29.12 73.17 29.67
CA GLY XA 163 29.51 74.36 30.41
C GLY XA 163 28.57 74.73 31.55
N THR XA 164 27.29 74.39 31.41
CA THR XA 164 26.27 74.82 32.37
C THR XA 164 26.57 74.28 33.76
N ASP XA 165 26.63 75.18 34.75
CA ASP XA 165 26.90 74.75 36.11
C ASP XA 165 25.60 74.62 36.89
N ALA XA 166 25.71 74.35 38.20
CA ALA XA 166 24.53 74.05 39.01
C ALA XA 166 23.59 75.25 39.09
N ASN XA 167 24.16 76.43 39.37
CA ASN XA 167 23.35 77.63 39.48
C ASN XA 167 22.61 77.91 38.18
N ALA XA 168 23.28 77.74 37.04
CA ALA XA 168 22.62 77.91 35.75
C ALA XA 168 21.49 76.90 35.56
N GLN XA 169 21.71 75.66 36.00
CA GLN XA 169 20.65 74.66 35.87
C GLN XA 169 19.43 75.04 36.69
N PHE XA 170 19.63 75.73 37.82
CA PHE XA 170 18.45 76.26 38.53
C PHE XA 170 17.61 77.16 37.62
N ALA XA 171 18.28 78.04 36.89
CA ALA XA 171 17.59 78.94 35.98
C ALA XA 171 16.84 78.16 34.91
N LEU XA 172 17.48 77.12 34.37
CA LEU XA 172 16.80 76.29 33.39
C LEU XA 172 15.56 75.63 34.00
N ASP XA 173 15.65 75.24 35.29
CA ASP XA 173 14.49 74.68 35.98
C ASP XA 173 13.31 75.65 35.91
N GLU XA 174 13.54 76.89 36.36
CA GLU XA 174 12.43 77.84 36.37
C GLU XA 174 11.97 78.18 34.95
N LEU XA 175 12.88 78.15 33.97
CA LEU XA 175 12.48 78.40 32.59
C LEU XA 175 11.48 77.36 32.11
N LEU XA 176 11.80 76.08 32.33
CA LEU XA 176 10.86 75.03 31.97
C LEU XA 176 9.56 75.15 32.75
N SER XA 177 9.64 75.58 34.02
CA SER XA 177 8.42 75.82 34.78
C SER XA 177 7.51 76.83 34.08
N ASN XA 178 8.09 77.94 33.62
CA ASN XA 178 7.27 78.96 32.98
C ASN XA 178 6.73 78.50 31.63
N MET XA 179 7.51 77.69 30.90
CA MET XA 179 6.97 77.10 29.67
C MET XA 179 5.80 76.18 29.98
N LEU XA 180 5.87 75.45 31.08
CA LEU XA 180 4.74 74.64 31.55
C LEU XA 180 3.50 75.49 31.74
N MET XA 181 3.64 76.56 32.53
CA MET XA 181 2.50 77.44 32.78
C MET XA 181 1.91 77.96 31.48
N ASP XA 182 2.77 78.38 30.55
CA ASP XA 182 2.28 78.89 29.28
C ASP XA 182 1.56 77.82 28.49
N ALA XA 183 2.08 76.59 28.50
CA ALA XA 183 1.44 75.51 27.76
C ALA XA 183 0.04 75.23 28.31
N ALA XA 184 -0.10 75.20 29.64
CA ALA XA 184 -1.41 74.94 30.23
C ALA XA 184 -2.39 76.07 29.93
N ARG XA 185 -1.91 77.32 29.97
CA ARG XA 185 -2.78 78.43 29.61
C ARG XA 185 -3.22 78.33 28.15
N ILE XA 186 -2.29 78.00 27.24
CA ILE XA 186 -2.62 77.87 25.83
C ILE XA 186 -3.59 76.71 25.60
N ALA XA 187 -3.52 75.69 26.46
CA ALA XA 187 -4.42 74.56 26.34
C ALA XA 187 -5.84 74.93 26.73
N GLN XA 188 -6.00 75.56 27.90
CA GLN XA 188 -7.33 75.93 28.39
C GLN XA 188 -7.85 77.25 27.80
N ASP XA 189 -7.06 77.91 26.97
CA ASP XA 189 -7.38 79.26 26.50
C ASP XA 189 -8.70 79.27 25.74
N GLY XA 190 -9.51 80.28 26.01
CA GLY XA 190 -10.75 80.48 25.29
C GLY XA 190 -11.89 80.95 26.16
N PRO XA 191 -12.94 81.46 25.53
CA PRO XA 191 -14.16 81.80 26.28
C PRO XA 191 -14.77 80.57 26.90
N LYS XA 192 -15.35 80.75 28.09
CA LYS XA 192 -16.16 79.69 28.69
C LYS XA 192 -17.55 79.62 28.07
N ASN XA 193 -17.86 80.51 27.12
CA ASN XA 193 -19.11 80.43 26.37
C ASN XA 193 -19.10 79.31 25.35
N THR XA 194 -17.92 78.95 24.84
CA THR XA 194 -17.81 78.01 23.73
C THR XA 194 -17.05 76.76 24.14
N ALA XA 195 -17.25 75.71 23.36
CA ALA XA 195 -16.64 74.41 23.62
C ALA XA 195 -15.13 74.48 23.41
N ARG XA 196 -14.36 73.93 24.36
CA ARG XA 196 -12.91 73.98 24.15
C ARG XA 196 -12.15 72.67 24.41
N LEU XA 197 -12.64 71.77 25.27
CA LEU XA 197 -11.86 70.56 25.58
C LEU XA 197 -12.53 69.19 25.35
N VAL XA 198 -13.68 68.91 25.99
CA VAL XA 198 -14.18 67.54 26.06
C VAL XA 198 -14.86 67.16 24.75
N ALA XA 199 -14.83 65.86 24.45
CA ALA XA 199 -15.42 65.32 23.21
C ALA XA 199 -14.90 66.08 21.99
N ALA XA 200 -13.65 66.52 22.05
CA ALA XA 200 -13.09 67.32 20.97
C ALA XA 200 -13.03 66.52 19.67
N SER XA 201 -13.38 67.18 18.56
CA SER XA 201 -13.26 66.60 17.23
C SER XA 201 -12.28 67.34 16.34
N HIS XA 202 -12.31 68.66 16.35
CA HIS XA 202 -11.47 69.51 15.52
C HIS XA 202 -11.55 70.94 16.03
N GLY XA 203 -10.59 71.75 15.63
CA GLY XA 203 -10.47 73.13 16.07
C GLY XA 203 -10.88 74.07 14.96
N VAL XA 204 -11.54 75.17 15.32
CA VAL XA 204 -11.95 76.19 14.37
C VAL XA 204 -11.62 77.56 14.96
N MET XA 205 -10.90 78.37 14.21
CA MET XA 205 -10.56 79.72 14.63
C MET XA 205 -11.72 80.66 14.35
N PRO XA 206 -12.12 81.50 15.32
CA PRO XA 206 -13.30 82.33 15.12
C PRO XA 206 -13.10 83.34 14.01
N GLN XA 207 -14.22 83.79 13.44
CA GLN XA 207 -14.19 84.71 12.31
C GLN XA 207 -13.35 85.94 12.64
N ALA XA 208 -13.51 86.48 13.85
CA ALA XA 208 -12.68 87.56 14.36
C ALA XA 208 -12.54 88.70 13.35
N SER YA 23 -15.06 46.56 32.82
CA SER YA 23 -16.44 46.32 33.22
C SER YA 23 -16.72 46.83 34.63
N SER YA 24 -17.76 47.66 34.76
CA SER YA 24 -18.13 48.27 36.03
C SER YA 24 -19.43 47.66 36.53
N ARG YA 25 -19.43 47.22 37.79
CA ARG YA 25 -20.55 46.49 38.37
C ARG YA 25 -20.93 47.11 39.70
N THR YA 26 -22.25 47.26 39.90
CA THR YA 26 -22.77 47.67 41.19
C THR YA 26 -22.87 46.46 42.10
N THR YA 27 -22.48 46.66 43.37
CA THR YA 27 -22.34 45.58 44.33
C THR YA 27 -23.36 45.77 45.46
N PHE YA 28 -24.02 44.67 45.83
CA PHE YA 28 -24.93 44.60 46.97
C PHE YA 28 -24.28 43.71 48.01
N GLY YA 29 -24.18 44.20 49.23
CA GLY YA 29 -23.52 43.45 50.26
C GLY YA 29 -22.04 43.78 50.33
N VAL YA 30 -21.29 42.81 50.85
CA VAL YA 30 -19.87 42.99 51.12
C VAL YA 30 -19.09 42.90 49.82
N ASN YA 31 -18.17 43.84 49.62
CA ASN YA 31 -17.22 43.76 48.53
C ASN YA 31 -15.87 43.36 49.09
N PRO YA 32 -15.38 42.14 48.83
CA PRO YA 32 -14.13 41.68 49.44
C PRO YA 32 -12.86 41.96 48.65
N ASP YA 33 -12.89 42.82 47.62
CA ASP YA 33 -11.69 43.11 46.85
C ASP YA 33 -10.56 43.60 47.75
N ARG YA 34 -9.41 42.92 47.68
CA ARG YA 34 -8.24 43.27 48.45
C ARG YA 34 -7.21 43.99 47.56
N GLN YA 35 -6.43 44.87 48.19
CA GLN YA 35 -5.40 45.63 47.51
C GLN YA 35 -4.13 44.79 47.42
N ALA YA 36 -3.54 44.74 46.22
CA ALA YA 36 -2.33 43.95 46.01
C ALA YA 36 -1.20 44.40 46.93
N ASN YA 37 -0.46 43.42 47.45
CA ASN YA 37 0.63 43.65 48.40
C ASN YA 37 1.87 44.10 47.64
N ALA YA 38 1.83 45.36 47.16
CA ALA YA 38 2.86 45.91 46.27
C ALA YA 38 3.26 47.29 46.78
N ARG YA 39 3.55 47.38 48.09
CA ARG YA 39 3.86 48.65 48.75
C ARG YA 39 5.24 48.58 49.40
N PRO YA 40 6.21 49.37 48.94
CA PRO YA 40 7.51 49.41 49.62
C PRO YA 40 7.36 49.94 51.04
N VAL YA 41 8.19 49.41 51.94
CA VAL YA 41 8.13 49.79 53.35
C VAL YA 41 9.50 50.22 53.82
N TYR YA 42 9.50 51.09 54.82
CA TYR YA 42 10.72 51.63 55.37
C TYR YA 42 11.56 50.54 56.03
N LEU YA 43 12.87 50.62 55.82
CA LEU YA 43 13.83 49.67 56.35
C LEU YA 43 14.86 50.41 57.16
N ALA YA 44 14.89 50.15 58.46
CA ALA YA 44 15.75 50.89 59.37
C ALA YA 44 17.22 50.77 58.95
N PRO YA 45 18.01 51.84 59.05
CA PRO YA 45 19.43 51.77 58.64
C PRO YA 45 20.30 51.01 59.63
N ALA YA 46 19.75 50.62 60.78
CA ALA YA 46 20.46 49.83 61.78
C ALA YA 46 19.44 49.31 62.76
N ALA YA 47 19.83 48.28 63.51
CA ALA YA 47 18.89 47.62 64.41
C ALA YA 47 19.29 47.92 65.85
N PRO YA 48 18.51 48.67 66.64
CA PRO YA 48 18.89 48.90 68.03
C PRO YA 48 18.53 47.72 68.92
N MET YA 49 19.51 47.20 69.65
CA MET YA 49 19.29 46.14 70.61
C MET YA 49 19.60 46.61 72.03
N GLU YA 50 19.21 47.84 72.38
CA GLU YA 50 19.68 48.43 73.62
C GLU YA 50 19.16 47.68 74.85
N ASN YA 51 17.89 47.27 74.84
CA ASN YA 51 17.29 46.66 76.03
C ASN YA 51 18.03 45.38 76.43
N THR YA 52 18.22 44.48 75.48
CA THR YA 52 18.80 43.17 75.79
C THR YA 52 20.26 43.29 76.22
N TYR YA 53 21.03 44.19 75.59
CA TYR YA 53 22.45 44.30 75.92
C TYR YA 53 22.69 45.07 77.21
N THR YA 54 21.84 46.05 77.51
CA THR YA 54 21.92 46.62 78.85
C THR YA 54 21.59 45.58 79.92
N TYR YA 55 20.58 44.72 79.70
CA TYR YA 55 20.32 43.70 80.70
C TYR YA 55 21.47 42.70 80.80
N LEU YA 56 22.09 42.36 79.66
CA LEU YA 56 23.24 41.45 79.68
C LEU YA 56 24.41 42.06 80.47
N GLY YA 57 24.64 43.36 80.31
CA GLY YA 57 25.59 44.04 81.19
C GLY YA 57 25.17 43.97 82.64
N SER YA 58 23.86 44.06 82.90
CA SER YA 58 23.37 43.96 84.28
C SER YA 58 23.77 42.65 84.93
N ILE YA 59 23.60 41.53 84.22
CA ILE YA 59 23.91 40.26 84.87
C ILE YA 59 25.35 39.84 84.60
N GLN YA 60 26.15 40.76 84.06
CA GLN YA 60 27.58 40.50 83.78
C GLN YA 60 27.75 39.36 82.78
N PHE YA 61 26.83 39.28 81.82
CA PHE YA 61 26.94 38.36 80.69
C PHE YA 61 27.05 36.91 81.13
N ALA YA 62 26.31 36.53 82.16
CA ALA YA 62 26.40 35.16 82.67
C ALA YA 62 25.17 34.85 83.49
N ALA YA 63 24.47 33.78 83.14
CA ALA YA 63 23.36 33.24 83.92
C ALA YA 63 23.53 31.73 84.00
N GLY YA 64 23.67 31.22 85.21
CA GLY YA 64 23.83 29.78 85.40
C GLY YA 64 25.08 29.28 84.72
N ARG YA 65 24.91 28.27 83.87
CA ARG YA 65 26.01 27.75 83.08
C ARG YA 65 26.12 28.39 81.71
N HIS YA 66 25.24 29.34 81.39
CA HIS YA 66 25.29 30.07 80.14
C HIS YA 66 26.18 31.29 80.31
N ILE YA 67 27.22 31.41 79.51
CA ILE YA 67 28.01 32.63 79.47
C ILE YA 67 27.86 33.26 78.09
N PHE YA 68 27.69 34.57 78.05
CA PHE YA 68 27.45 35.29 76.80
C PHE YA 68 28.66 36.13 76.43
N GLY YA 69 28.71 36.54 75.16
CA GLY YA 69 29.79 37.38 74.71
C GLY YA 69 29.41 38.85 74.68
N GLU YA 70 30.45 39.70 74.71
CA GLU YA 70 30.25 41.14 74.70
C GLU YA 70 30.14 41.66 73.27
N PRO YA 71 29.07 42.36 72.91
CA PRO YA 71 28.93 42.81 71.52
C PRO YA 71 29.88 43.96 71.22
N ALA YA 72 30.16 44.14 69.92
CA ALA YA 72 30.92 45.32 69.53
C ALA YA 72 30.07 46.58 69.64
N SER YA 73 28.79 46.50 69.29
CA SER YA 73 27.91 47.66 69.39
C SER YA 73 26.54 47.25 69.92
N ASN YA 74 25.89 48.19 70.59
CA ASN YA 74 24.51 48.02 71.00
C ASN YA 74 23.55 48.18 69.83
N VAL YA 75 23.98 48.87 68.78
CA VAL YA 75 23.21 49.05 67.56
C VAL YA 75 23.93 48.33 66.44
N LEU YA 76 23.20 47.46 65.73
CA LEU YA 76 23.79 46.53 64.78
C LEU YA 76 23.72 47.10 63.37
N PRO YA 77 24.84 47.15 62.66
CA PRO YA 77 24.84 47.71 61.29
C PRO YA 77 24.35 46.68 60.28
N PRO YA 78 23.90 47.12 59.10
CA PRO YA 78 23.43 46.16 58.11
C PRO YA 78 24.58 45.38 57.51
N GLN YA 79 24.35 44.09 57.28
CA GLN YA 79 25.32 43.23 56.64
C GLN YA 79 25.10 43.06 55.14
N ASN YA 80 23.85 42.86 54.73
CA ASN YA 80 23.55 42.59 53.32
C ASN YA 80 22.48 43.52 52.76
N ILE YA 81 22.34 44.72 53.33
CA ILE YA 81 21.36 45.70 52.89
C ILE YA 81 22.10 46.90 52.35
N VAL YA 82 21.71 47.36 51.16
CA VAL YA 82 22.30 48.50 50.51
C VAL YA 82 21.22 49.58 50.38
N PRO YA 83 21.51 50.83 50.70
CA PRO YA 83 20.48 51.85 50.62
C PRO YA 83 20.02 52.03 49.19
N GLY YA 84 18.71 52.15 49.04
CA GLY YA 84 18.10 52.39 47.74
C GLY YA 84 17.85 51.12 46.95
N VAL YA 85 18.29 49.97 47.44
CA VAL YA 85 18.09 48.72 46.72
C VAL YA 85 17.04 47.92 47.47
N PRO YA 86 15.91 47.60 46.85
CA PRO YA 86 14.88 46.84 47.54
C PRO YA 86 15.36 45.43 47.82
N THR YA 87 15.12 44.96 49.04
CA THR YA 87 15.45 43.59 49.43
C THR YA 87 14.27 43.02 50.19
N LYS YA 88 14.10 41.71 50.11
CA LYS YA 88 13.04 41.00 50.83
C LYS YA 88 13.60 40.27 52.04
N HIS YA 89 14.92 40.26 52.19
CA HIS YA 89 15.56 39.61 53.32
C HIS YA 89 16.81 40.40 53.65
N GLY YA 90 16.95 40.78 54.92
CA GLY YA 90 18.07 41.59 55.33
C GLY YA 90 18.54 41.19 56.72
N GLU YA 91 19.80 41.46 56.99
CA GLU YA 91 20.42 41.02 58.24
C GLU YA 91 21.30 42.12 58.80
N TYR YA 92 21.15 42.38 60.09
CA TYR YA 92 22.08 43.19 60.86
C TYR YA 92 22.87 42.26 61.79
N VAL YA 93 24.14 42.59 62.02
CA VAL YA 93 24.99 41.64 62.71
C VAL YA 93 26.10 42.38 63.45
N THR YA 94 26.46 41.87 64.64
CA THR YA 94 27.68 42.30 65.28
C THR YA 94 28.44 41.10 65.82
N THR YA 95 29.61 41.33 66.39
CA THR YA 95 30.47 40.25 66.87
C THR YA 95 30.56 40.30 68.39
N ASN YA 96 30.20 39.19 69.04
CA ASN YA 96 30.44 39.00 70.46
C ASN YA 96 31.83 38.41 70.62
N THR YA 97 32.66 39.06 71.43
CA THR YA 97 33.97 38.58 71.85
C THR YA 97 33.96 38.37 73.35
N GLY YA 98 34.93 37.60 73.85
CA GLY YA 98 34.94 37.24 75.25
C GLY YA 98 36.25 36.57 75.62
N ASP YA 99 36.51 36.53 76.92
CA ASP YA 99 37.72 35.90 77.45
C ASP YA 99 37.62 34.39 77.30
N ARG YA 100 38.65 33.79 76.67
CA ARG YA 100 38.68 32.37 76.34
C ARG YA 100 37.55 31.97 75.40
N LEU YA 101 37.08 32.90 74.57
CA LEU YA 101 35.96 32.67 73.68
C LEU YA 101 36.35 32.95 72.24
N MET YA 102 35.74 32.19 71.33
CA MET YA 102 35.90 32.42 69.90
C MET YA 102 34.80 33.35 69.41
N ALA YA 103 35.20 34.36 68.64
CA ALA YA 103 34.27 35.39 68.17
C ALA YA 103 33.04 34.77 67.52
N SER YA 104 31.86 35.17 67.99
CA SER YA 104 30.62 34.63 67.46
C SER YA 104 29.63 35.75 67.18
N SER YA 105 29.01 35.71 66.01
CA SER YA 105 28.17 36.81 65.58
C SER YA 105 26.76 36.70 66.16
N THR YA 106 26.20 37.85 66.51
CA THR YA 106 24.81 38.01 66.93
C THR YA 106 24.02 38.64 65.79
N THR YA 107 22.88 38.01 65.44
CA THR YA 107 22.20 38.31 64.17
C THR YA 107 20.76 38.73 64.38
N VAL YA 108 20.32 39.71 63.57
CA VAL YA 108 18.97 40.22 63.58
C VAL YA 108 18.47 40.18 62.13
N THR YA 109 17.51 39.33 61.87
CA THR YA 109 17.04 39.04 60.52
C THR YA 109 15.65 39.64 60.31
N ARG YA 110 15.44 40.28 59.16
CA ARG YA 110 14.15 40.86 58.81
C ARG YA 110 13.73 40.40 57.43
N ASP YA 111 12.53 39.83 57.35
CA ASP YA 111 11.98 39.32 56.09
C ASP YA 111 10.71 40.11 55.79
N VAL YA 112 10.61 40.65 54.58
CA VAL YA 112 9.42 41.36 54.13
C VAL YA 112 8.96 40.74 52.81
N SER YA 113 7.75 40.16 52.80
CA SER YA 113 7.24 39.50 51.60
C SER YA 113 5.73 39.34 51.71
N ASN YA 114 5.01 39.69 50.65
CA ASN YA 114 3.57 39.39 50.52
C ASN YA 114 2.77 39.93 51.71
N GLY YA 115 3.14 41.12 52.18
CA GLY YA 115 2.44 41.76 53.29
C GLY YA 115 2.78 41.22 54.66
N ARG YA 116 3.69 40.27 54.74
CA ARG YA 116 4.07 39.65 56.00
C ARG YA 116 5.50 40.09 56.29
N THR YA 117 5.69 40.67 57.46
CA THR YA 117 7.01 41.14 57.86
C THR YA 117 7.38 40.45 59.17
N LYS YA 118 8.61 39.94 59.24
CA LYS YA 118 9.04 39.10 60.36
C LYS YA 118 10.47 39.42 60.76
N VAL YA 119 10.66 39.75 62.04
CA VAL YA 119 11.96 40.05 62.63
C VAL YA 119 12.32 38.94 63.60
N SER YA 120 13.53 38.39 63.46
CA SER YA 120 14.05 37.33 64.32
C SER YA 120 15.38 37.76 64.90
N ILE YA 121 15.63 37.41 66.17
CA ILE YA 121 16.87 37.77 66.85
C ILE YA 121 17.49 36.49 67.41
N ASP YA 122 18.79 36.30 67.13
CA ASP YA 122 19.53 35.12 67.55
C ASP YA 122 20.82 35.55 68.23
N ILE YA 123 20.99 35.16 69.49
CA ILE YA 123 22.20 35.41 70.26
C ILE YA 123 22.75 34.10 70.78
N PRO YA 124 24.03 33.80 70.57
CA PRO YA 124 24.61 32.55 71.04
C PRO YA 124 25.18 32.66 72.44
N TYR YA 125 25.34 31.48 73.06
CA TYR YA 125 25.92 31.36 74.40
C TYR YA 125 26.98 30.25 74.39
N TYR YA 126 27.76 30.19 75.47
CA TYR YA 126 28.85 29.24 75.63
C TYR YA 126 28.75 28.53 76.97
N ASP YA 127 29.55 27.46 77.09
CA ASP YA 127 29.61 26.63 78.29
C ASP YA 127 30.50 27.28 79.34
N ARG YA 128 29.86 27.85 80.37
CA ARG YA 128 30.61 28.55 81.41
C ARG YA 128 31.56 27.61 82.13
N ASN YA 129 31.19 26.32 82.27
CA ASN YA 129 32.06 25.37 82.97
C ASN YA 129 33.36 25.17 82.20
N ALA YA 130 33.27 25.03 80.88
CA ALA YA 130 34.49 24.95 80.09
C ALA YA 130 35.29 26.24 80.17
N VAL YA 131 34.60 27.40 80.08
CA VAL YA 131 35.34 28.67 80.07
C VAL YA 131 36.10 28.87 81.37
N GLU YA 132 35.42 28.71 82.52
CA GLU YA 132 36.06 28.95 83.79
C GLU YA 132 37.03 27.83 84.16
N THR YA 133 36.84 26.62 83.65
CA THR YA 133 37.82 25.57 83.86
C THR YA 133 39.13 25.87 83.13
N LEU YA 134 39.03 26.37 81.90
CA LEU YA 134 40.22 26.85 81.21
C LEU YA 134 40.89 28.00 81.97
N LYS YA 135 40.12 29.03 82.31
CA LYS YA 135 40.68 30.14 83.09
C LYS YA 135 41.42 29.63 84.31
N ALA YA 136 40.78 28.74 85.08
CA ALA YA 136 41.37 28.25 86.33
C ALA YA 136 42.53 27.29 86.11
N SER YA 137 42.65 26.67 84.94
CA SER YA 137 43.73 25.74 84.68
C SER YA 137 44.93 26.39 84.00
N ALA YA 138 44.78 27.60 83.44
CA ALA YA 138 45.88 28.34 82.83
C ALA YA 138 46.51 27.55 81.70
N ILE YA 139 45.65 27.11 80.79
CA ILE YA 139 45.98 26.19 79.72
C ILE YA 139 45.45 26.78 78.43
N PRO YA 140 46.09 26.51 77.29
CA PRO YA 140 45.84 27.34 76.09
C PRO YA 140 44.44 27.28 75.46
N GLY YA 141 43.56 26.36 75.86
CA GLY YA 141 42.34 26.14 75.07
C GLY YA 141 41.47 27.38 74.92
N ALA YA 142 40.66 27.40 73.85
CA ALA YA 142 39.52 28.32 73.70
C ALA YA 142 38.31 27.56 73.18
N VAL YA 143 37.12 28.16 73.39
CA VAL YA 143 35.84 27.47 73.25
C VAL YA 143 34.95 28.20 72.26
N ALA YA 144 34.16 27.42 71.52
CA ALA YA 144 33.17 27.86 70.56
C ALA YA 144 31.78 27.81 71.17
N PRO YA 145 30.79 28.45 70.53
CA PRO YA 145 29.43 28.46 71.10
C PRO YA 145 28.81 27.07 71.22
N VAL YA 146 27.93 26.93 72.20
CA VAL YA 146 27.24 25.69 72.49
C VAL YA 146 25.80 25.69 71.99
N GLY YA 147 25.18 26.86 71.90
CA GLY YA 147 23.80 26.96 71.44
C GLY YA 147 23.41 28.42 71.34
N SER YA 148 22.11 28.65 71.20
CA SER YA 148 21.63 30.01 71.01
C SER YA 148 20.24 30.13 71.59
N PHE YA 149 19.82 31.39 71.75
CA PHE YA 149 18.45 31.73 72.07
C PHE YA 149 17.90 32.63 70.96
N LYS YA 150 16.63 32.39 70.61
CA LYS YA 150 15.99 33.04 69.49
C LYS YA 150 14.61 33.56 69.88
N VAL YA 151 14.27 34.71 69.29
CA VAL YA 151 12.99 35.36 69.49
C VAL YA 151 12.46 35.85 68.15
N ASN YA 152 11.24 35.46 67.79
CA ASN YA 152 10.61 35.82 66.53
C ASN YA 152 9.40 36.72 66.76
N VAL YA 153 9.17 37.63 65.82
CA VAL YA 153 8.05 38.56 65.87
C VAL YA 153 7.55 38.75 64.44
N GLU YA 154 6.24 38.65 64.25
CA GLU YA 154 5.65 38.48 62.93
C GLU YA 154 4.36 39.29 62.80
N VAL YA 155 4.20 40.00 61.68
CA VAL YA 155 3.07 40.88 61.45
C VAL YA 155 2.48 40.52 60.09
N LEU YA 156 1.19 40.12 60.09
CA LEU YA 156 0.51 39.65 58.88
C LEU YA 156 -0.36 40.79 58.37
N GLY YA 157 0.24 41.69 57.61
CA GLY YA 157 -0.40 42.91 57.15
C GLY YA 157 -1.04 42.84 55.78
N GLY YA 158 -1.14 41.65 55.21
CA GLY YA 158 -1.73 41.50 53.91
C GLY YA 158 -3.24 41.61 53.95
N GLY YA 159 -3.82 41.90 52.79
CA GLY YA 159 -5.26 41.91 52.65
C GLY YA 159 -5.91 43.25 52.82
N VAL YA 160 -5.19 44.34 52.53
CA VAL YA 160 -5.79 45.66 52.68
C VAL YA 160 -6.89 45.82 51.66
N LEU YA 161 -8.02 46.37 52.10
CA LEU YA 161 -9.20 46.50 51.25
C LEU YA 161 -9.01 47.59 50.20
N THR YA 162 -9.90 47.61 49.21
CA THR YA 162 -9.70 48.48 48.05
C THR YA 162 -9.83 49.95 48.43
N GLY YA 163 -10.81 50.28 49.29
CA GLY YA 163 -11.08 51.67 49.59
C GLY YA 163 -9.93 52.37 50.30
N THR YA 164 -9.07 51.62 50.97
CA THR YA 164 -8.03 52.22 51.79
C THR YA 164 -7.05 53.02 50.94
N ASP YA 165 -6.85 54.28 51.32
CA ASP YA 165 -5.84 55.11 50.70
C ASP YA 165 -4.58 55.12 51.55
N ALA YA 166 -3.62 55.94 51.14
CA ALA YA 166 -2.30 55.92 51.77
C ALA YA 166 -2.36 56.38 53.22
N ASN YA 167 -3.08 57.47 53.48
CA ASN YA 167 -3.21 57.99 54.85
C ASN YA 167 -3.80 56.93 55.78
N ALA YA 168 -4.90 56.30 55.33
CA ALA YA 168 -5.51 55.22 56.09
C ALA YA 168 -4.54 54.07 56.31
N GLN YA 169 -3.70 53.78 55.32
CA GLN YA 169 -2.71 52.71 55.49
C GLN YA 169 -1.71 53.07 56.57
N PHE YA 170 -1.34 54.35 56.69
CA PHE YA 170 -0.51 54.76 57.82
C PHE YA 170 -1.21 54.45 59.13
N ALA YA 171 -2.51 54.76 59.19
CA ALA YA 171 -3.25 54.46 60.42
C ALA YA 171 -3.19 52.97 60.72
N LEU YA 172 -3.31 52.14 59.70
CA LEU YA 172 -3.26 50.69 59.91
C LEU YA 172 -1.87 50.25 60.34
N ASP YA 173 -0.84 50.91 59.80
CA ASP YA 173 0.53 50.67 60.26
C ASP YA 173 0.63 50.82 61.77
N GLU YA 174 0.15 51.95 62.28
CA GLU YA 174 0.24 52.19 63.71
C GLU YA 174 -0.63 51.22 64.51
N LEU YA 175 -1.79 50.83 63.96
CA LEU YA 175 -2.64 49.85 64.62
C LEU YA 175 -1.90 48.54 64.84
N LEU YA 176 -1.25 48.04 63.79
CA LEU YA 176 -0.50 46.80 63.91
C LEU YA 176 0.65 46.95 64.89
N SER YA 177 1.35 48.08 64.87
CA SER YA 177 2.46 48.23 65.81
C SER YA 177 1.96 48.21 67.26
N ASN YA 178 0.77 48.77 67.51
CA ASN YA 178 0.20 48.71 68.86
C ASN YA 178 -0.18 47.29 69.25
N MET YA 179 -0.70 46.51 68.30
CA MET YA 179 -0.95 45.10 68.60
C MET YA 179 0.35 44.35 68.89
N LEU YA 180 1.43 44.74 68.21
CA LEU YA 180 2.75 44.19 68.49
C LEU YA 180 3.15 44.42 69.95
N MET YA 181 3.03 45.67 70.39
CA MET YA 181 3.37 46.00 71.78
C MET YA 181 2.52 45.20 72.75
N ASP YA 182 1.21 45.11 72.48
CA ASP YA 182 0.33 44.32 73.34
C ASP YA 182 0.78 42.86 73.40
N ALA YA 183 1.16 42.30 72.26
CA ALA YA 183 1.55 40.90 72.22
C ALA YA 183 2.83 40.66 73.01
N ALA YA 184 3.81 41.55 72.88
CA ALA YA 184 5.05 41.38 73.64
C ALA YA 184 4.80 41.50 75.14
N ARG YA 185 3.95 42.46 75.54
CA ARG YA 185 3.63 42.59 76.96
C ARG YA 185 2.91 41.35 77.47
N ILE YA 186 1.99 40.79 76.68
CA ILE YA 186 1.26 39.60 77.11
C ILE YA 186 2.18 38.39 77.18
N ALA YA 187 3.22 38.37 76.34
CA ALA YA 187 4.18 37.27 76.37
C ALA YA 187 5.05 37.33 77.62
N GLN YA 188 5.60 38.50 77.92
CA GLN YA 188 6.49 38.64 79.08
C GLN YA 188 5.74 38.87 80.38
N ASP YA 189 4.40 38.97 80.34
CA ASP YA 189 3.64 39.33 81.52
C ASP YA 189 3.84 38.32 82.64
N GLY YA 190 3.97 38.83 83.86
CA GLY YA 190 4.05 37.98 85.03
C GLY YA 190 5.08 38.43 86.04
N PRO YA 191 4.96 37.95 87.28
CA PRO YA 191 5.98 38.26 88.29
C PRO YA 191 7.34 37.74 87.89
N LYS YA 192 8.38 38.50 88.24
CA LYS YA 192 9.74 38.00 88.10
C LYS YA 192 10.12 37.05 89.22
N ASN YA 193 9.26 36.87 90.23
CA ASN YA 193 9.46 35.84 91.23
C ASN YA 193 9.41 34.45 90.65
N THR YA 194 8.80 34.29 89.47
CA THR YA 194 8.30 32.98 89.04
C THR YA 194 8.64 32.70 87.58
N ALA YA 195 8.72 31.41 87.28
CA ALA YA 195 9.08 30.93 85.95
C ALA YA 195 8.08 31.41 84.90
N ARG YA 196 8.58 31.96 83.79
CA ARG YA 196 7.61 32.32 82.77
C ARG YA 196 8.00 32.05 81.30
N LEU YA 197 9.28 31.89 80.95
CA LEU YA 197 9.62 31.63 79.54
C LEU YA 197 10.46 30.37 79.26
N VAL YA 198 11.65 30.25 79.88
CA VAL YA 198 12.64 29.27 79.43
C VAL YA 198 12.27 27.88 79.91
N ALA YA 199 12.66 26.87 79.12
CA ALA YA 199 12.43 25.47 79.46
C ALA YA 199 10.96 25.18 79.76
N ALA YA 200 10.08 25.93 79.09
CA ALA YA 200 8.65 25.85 79.37
C ALA YA 200 8.09 24.47 79.03
N SER YA 201 7.26 23.93 79.92
CA SER YA 201 6.56 22.66 79.72
C SER YA 201 5.09 22.88 79.40
N HIS YA 202 4.43 23.69 80.20
CA HIS YA 202 3.02 24.03 80.05
C HIS YA 202 2.77 25.30 80.84
N GLY YA 203 1.58 25.86 80.68
CA GLY YA 203 1.19 27.09 81.35
C GLY YA 203 0.19 26.77 82.44
N VAL YA 204 0.33 27.41 83.60
CA VAL YA 204 -0.63 27.26 84.67
C VAL YA 204 -1.01 28.63 85.22
N MET YA 205 -2.30 28.85 85.45
CA MET YA 205 -2.88 30.05 86.01
C MET YA 205 -3.06 29.90 87.52
N PRO YA 206 -2.78 30.94 88.30
CA PRO YA 206 -2.96 30.87 89.74
C PRO YA 206 -4.43 30.96 90.15
N GLN YA 207 -4.65 30.71 91.44
CA GLN YA 207 -5.97 30.80 92.05
C GLN YA 207 -6.07 32.07 92.88
N ALA YA 208 -7.13 32.85 92.65
CA ALA YA 208 -7.41 34.07 93.41
C ALA YA 208 -6.26 35.06 93.34
N GLY ZA 11 -75.85 -34.45 76.85
CA GLY ZA 11 -75.90 -34.94 78.21
C GLY ZA 11 -77.04 -35.93 78.47
N GLN ZA 12 -77.52 -35.94 79.71
CA GLN ZA 12 -78.59 -36.85 80.11
C GLN ZA 12 -79.87 -36.56 79.34
N LEU ZA 13 -80.80 -37.52 79.41
CA LEU ZA 13 -82.06 -37.46 78.68
C LEU ZA 13 -83.23 -37.35 79.65
N TYR ZA 14 -84.20 -36.49 79.33
CA TYR ZA 14 -85.40 -36.35 80.14
C TYR ZA 14 -86.60 -36.17 79.22
N MET ZA 15 -87.79 -35.98 79.79
CA MET ZA 15 -89.03 -35.88 79.01
C MET ZA 15 -89.52 -34.44 79.01
N GLY ZA 16 -89.43 -33.79 77.85
CA GLY ZA 16 -90.06 -32.50 77.61
C GLY ZA 16 -91.31 -32.70 76.78
N GLN ZA 17 -92.13 -31.65 76.74
CA GLN ZA 17 -93.42 -31.78 76.08
C GLN ZA 17 -93.28 -31.98 74.58
N GLN ZA 18 -92.13 -31.66 74.01
CA GLN ZA 18 -91.90 -31.98 72.61
C GLN ZA 18 -91.64 -33.47 72.41
N GLY ZA 19 -91.17 -34.14 73.46
CA GLY ZA 19 -90.73 -35.51 73.40
C GLY ZA 19 -89.52 -35.69 74.29
N PRO ZA 20 -88.85 -36.84 74.19
CA PRO ZA 20 -87.58 -37.00 74.93
C PRO ZA 20 -86.54 -36.01 74.43
N VAL ZA 21 -85.95 -35.28 75.37
CA VAL ZA 21 -85.09 -34.15 75.06
C VAL ZA 21 -83.81 -34.24 75.86
N GLN ZA 22 -82.71 -33.83 75.24
CA GLN ZA 22 -81.39 -33.89 75.84
C GLN ZA 22 -81.16 -32.67 76.72
N SER ZA 23 -80.77 -32.90 77.97
CA SER ZA 23 -80.43 -31.81 78.86
C SER ZA 23 -79.17 -31.09 78.37
N SER ZA 24 -79.13 -29.77 78.57
CA SER ZA 24 -78.03 -28.98 78.03
C SER ZA 24 -77.61 -27.90 79.02
N ARG ZA 25 -76.31 -27.62 79.03
CA ARG ZA 25 -75.69 -26.66 79.95
C ARG ZA 25 -75.00 -25.60 79.13
N THR ZA 26 -75.48 -24.35 79.23
CA THR ZA 26 -74.97 -23.28 78.38
C THR ZA 26 -74.57 -22.06 79.21
N THR ZA 27 -73.70 -21.24 78.62
CA THR ZA 27 -73.29 -19.98 79.21
C THR ZA 27 -74.15 -18.82 78.74
N PHE ZA 28 -75.24 -19.12 78.05
CA PHE ZA 28 -76.11 -18.10 77.50
C PHE ZA 28 -76.86 -17.37 78.61
N GLY ZA 29 -76.82 -16.04 78.58
CA GLY ZA 29 -77.59 -15.24 79.50
C GLY ZA 29 -76.99 -15.00 80.86
N VAL ZA 30 -75.67 -15.17 81.01
CA VAL ZA 30 -74.98 -14.92 82.26
C VAL ZA 30 -73.99 -13.78 82.03
N ASN ZA 31 -74.21 -12.65 82.72
CA ASN ZA 31 -73.34 -11.49 82.60
C ASN ZA 31 -72.33 -11.51 83.73
N PRO ZA 32 -71.08 -11.88 83.49
CA PRO ZA 32 -70.05 -11.85 84.54
C PRO ZA 32 -69.22 -10.58 84.59
N ASP ZA 33 -69.56 -9.54 83.81
CA ASP ZA 33 -68.84 -8.28 83.86
C ASP ZA 33 -68.70 -7.79 85.30
N ARG ZA 34 -67.56 -7.21 85.61
CA ARG ZA 34 -67.29 -6.70 86.94
C ARG ZA 34 -67.07 -5.19 86.91
N GLN ZA 35 -67.31 -4.58 88.07
CA GLN ZA 35 -67.14 -3.16 88.29
C GLN ZA 35 -65.75 -2.91 88.86
N ALA ZA 36 -65.06 -1.92 88.32
CA ALA ZA 36 -63.69 -1.66 88.74
C ALA ZA 36 -63.63 -1.24 90.20
N ASN ZA 37 -62.55 -1.64 90.87
CA ASN ZA 37 -62.33 -1.29 92.27
C ASN ZA 37 -61.79 0.14 92.34
N ALA ZA 38 -62.73 1.09 92.22
CA ALA ZA 38 -62.44 2.53 92.16
C ALA ZA 38 -63.23 3.28 93.22
N ARG ZA 39 -63.39 2.67 94.39
CA ARG ZA 39 -64.28 3.17 95.43
C ARG ZA 39 -63.47 3.61 96.63
N PRO ZA 40 -63.39 4.92 96.92
CA PRO ZA 40 -62.73 5.35 98.16
C PRO ZA 40 -63.44 4.78 99.38
N VAL ZA 41 -62.66 4.37 100.38
CA VAL ZA 41 -63.22 3.77 101.59
C VAL ZA 41 -62.82 4.61 102.79
N TYR ZA 42 -63.60 4.46 103.85
CA TYR ZA 42 -63.35 5.19 105.08
C TYR ZA 42 -62.10 4.66 105.77
N LEU ZA 43 -61.26 5.59 106.23
CA LEU ZA 43 -60.04 5.26 106.95
C LEU ZA 43 -60.15 5.83 108.36
N ALA ZA 44 -60.18 4.95 109.35
CA ALA ZA 44 -60.43 5.37 110.73
C ALA ZA 44 -59.38 6.37 111.18
N PRO ZA 45 -59.74 7.37 111.99
CA PRO ZA 45 -58.75 8.34 112.48
C PRO ZA 45 -57.89 7.83 113.62
N ALA ZA 46 -58.18 6.64 114.12
CA ALA ZA 46 -57.38 6.00 115.15
C ALA ZA 46 -57.80 4.54 115.24
N ALA ZA 47 -56.94 3.72 115.83
CA ALA ZA 47 -57.17 2.28 115.87
C ALA ZA 47 -57.47 1.84 117.28
N PRO ZA 48 -58.68 1.35 117.61
CA PRO ZA 48 -58.93 0.94 119.00
C PRO ZA 48 -58.48 -0.48 119.28
N MET ZA 49 -57.51 -0.66 120.18
CA MET ZA 49 -57.08 -1.98 120.64
C MET ZA 49 -57.59 -2.27 122.06
N GLU ZA 50 -58.85 -1.93 122.35
CA GLU ZA 50 -59.31 -2.02 123.74
C GLU ZA 50 -59.33 -3.45 124.26
N ASN ZA 51 -59.81 -4.41 123.44
CA ASN ZA 51 -59.95 -5.78 123.93
C ASN ZA 51 -58.60 -6.34 124.39
N THR ZA 52 -57.59 -6.26 123.52
CA THR ZA 52 -56.29 -6.87 123.84
C THR ZA 52 -55.65 -6.22 125.06
N TYR ZA 53 -55.77 -4.90 125.21
CA TYR ZA 53 -55.09 -4.22 126.29
C TYR ZA 53 -55.83 -4.37 127.63
N THR ZA 54 -57.16 -4.45 127.61
CA THR ZA 54 -57.84 -4.82 128.85
C THR ZA 54 -57.46 -6.25 129.29
N TYR ZA 55 -57.32 -7.17 128.34
CA TYR ZA 55 -56.85 -8.49 128.76
C TYR ZA 55 -55.42 -8.42 129.30
N LEU ZA 56 -54.56 -7.59 128.67
CA LEU ZA 56 -53.19 -7.47 129.14
C LEU ZA 56 -53.12 -6.85 130.54
N GLY ZA 57 -54.04 -5.95 130.86
CA GLY ZA 57 -54.16 -5.49 132.23
C GLY ZA 57 -54.64 -6.61 133.15
N SER ZA 58 -55.53 -7.47 132.64
CA SER ZA 58 -56.02 -8.58 133.44
C SER ZA 58 -54.89 -9.50 133.89
N ILE ZA 59 -54.03 -9.92 132.96
CA ILE ZA 59 -52.98 -10.87 133.34
C ILE ZA 59 -51.75 -10.14 133.88
N GLN ZA 60 -51.87 -8.84 134.10
CA GLN ZA 60 -50.79 -8.02 134.64
C GLN ZA 60 -49.59 -7.97 133.69
N PHE ZA 61 -49.86 -7.97 132.38
CA PHE ZA 61 -48.84 -7.82 131.33
C PHE ZA 61 -47.75 -8.88 131.42
N ALA ZA 62 -48.13 -10.10 131.78
CA ALA ZA 62 -47.14 -11.16 131.94
C ALA ZA 62 -47.82 -12.50 131.77
N ALA ZA 63 -47.34 -13.31 130.83
CA ALA ZA 63 -47.73 -14.70 130.71
C ALA ZA 63 -46.47 -15.54 130.62
N GLY ZA 64 -46.22 -16.34 131.64
CA GLY ZA 64 -45.02 -17.16 131.67
C GLY ZA 64 -43.76 -16.31 131.61
N ARG ZA 65 -42.95 -16.57 130.60
CA ARG ZA 65 -41.70 -15.85 130.38
C ARG ZA 65 -41.88 -14.64 129.49
N HIS ZA 66 -43.07 -14.46 128.90
CA HIS ZA 66 -43.37 -13.32 128.05
C HIS ZA 66 -43.85 -12.18 128.92
N ILE ZA 67 -43.08 -11.09 128.97
CA ILE ZA 67 -43.51 -9.91 129.69
C ILE ZA 67 -43.79 -8.83 128.66
N PHE ZA 68 -44.89 -8.10 128.85
CA PHE ZA 68 -45.33 -7.15 127.83
C PHE ZA 68 -45.19 -5.72 128.33
N GLY ZA 69 -45.11 -4.79 127.38
CA GLY ZA 69 -45.04 -3.40 127.72
C GLY ZA 69 -46.42 -2.80 127.94
N GLU ZA 70 -46.47 -1.76 128.78
CA GLU ZA 70 -47.69 -0.99 129.01
C GLU ZA 70 -47.84 0.07 127.94
N PRO ZA 71 -48.96 0.13 127.23
CA PRO ZA 71 -49.11 1.06 126.11
C PRO ZA 71 -49.14 2.51 126.56
N ALA ZA 72 -49.02 3.39 125.58
CA ALA ZA 72 -49.31 4.79 125.81
C ALA ZA 72 -50.82 5.02 125.90
N SER ZA 73 -51.56 4.48 124.94
CA SER ZA 73 -53.01 4.63 124.89
C SER ZA 73 -53.62 3.31 124.44
N ASN ZA 74 -54.83 3.04 124.92
CA ASN ZA 74 -55.61 1.91 124.40
C ASN ZA 74 -56.04 2.16 122.96
N VAL ZA 75 -56.08 3.42 122.53
CA VAL ZA 75 -56.45 3.79 121.17
C VAL ZA 75 -55.24 4.45 120.52
N LEU ZA 76 -54.84 3.92 119.34
CA LEU ZA 76 -53.58 4.27 118.69
C LEU ZA 76 -53.79 5.40 117.69
N PRO ZA 77 -52.90 6.40 117.72
CA PRO ZA 77 -53.01 7.52 116.80
C PRO ZA 77 -52.38 7.19 115.46
N PRO ZA 78 -52.77 7.89 114.40
CA PRO ZA 78 -52.15 7.67 113.09
C PRO ZA 78 -50.67 8.02 113.11
N GLN ZA 79 -49.91 7.30 112.29
CA GLN ZA 79 -48.47 7.52 112.17
C GLN ZA 79 -48.08 8.17 110.85
N ASN ZA 80 -48.71 7.80 109.73
CA ASN ZA 80 -48.40 8.40 108.44
C ASN ZA 80 -49.67 8.72 107.64
N ILE ZA 81 -50.77 8.98 108.35
CA ILE ZA 81 -52.06 9.27 107.71
C ILE ZA 81 -52.41 10.71 108.00
N VAL ZA 82 -52.85 11.43 106.98
CA VAL ZA 82 -53.21 12.83 107.15
C VAL ZA 82 -54.61 13.01 106.58
N PRO ZA 83 -55.49 13.73 107.26
CA PRO ZA 83 -56.85 13.90 106.77
C PRO ZA 83 -56.85 14.55 105.40
N GLY ZA 84 -57.67 14.00 104.51
CA GLY ZA 84 -57.80 14.56 103.18
C GLY ZA 84 -56.73 14.13 102.21
N VAL ZA 85 -55.78 13.30 102.61
CA VAL ZA 85 -54.74 12.80 101.72
C VAL ZA 85 -55.01 11.31 101.50
N PRO ZA 86 -55.23 10.86 100.27
CA PRO ZA 86 -55.54 9.44 100.04
C PRO ZA 86 -54.28 8.59 100.04
N THR ZA 87 -54.33 7.48 100.78
CA THR ZA 87 -53.21 6.56 100.88
C THR ZA 87 -53.74 5.14 100.67
N LYS ZA 88 -52.86 4.27 100.20
CA LYS ZA 88 -53.15 2.85 100.12
C LYS ZA 88 -52.50 2.07 101.27
N HIS ZA 89 -51.74 2.77 102.12
CA HIS ZA 89 -51.08 2.17 103.27
C HIS ZA 89 -51.08 3.16 104.41
N GLY ZA 90 -51.59 2.71 105.56
CA GLY ZA 90 -51.67 3.55 106.75
C GLY ZA 90 -51.28 2.84 108.02
N GLU ZA 91 -50.58 3.54 108.91
CA GLU ZA 91 -50.06 2.92 110.12
C GLU ZA 91 -50.50 3.70 111.34
N TYR ZA 92 -50.86 2.98 112.41
CA TYR ZA 92 -51.10 3.53 113.73
C TYR ZA 92 -50.09 2.91 114.68
N VAL ZA 93 -49.68 3.68 115.70
CA VAL ZA 93 -48.61 3.22 116.57
C VAL ZA 93 -48.73 3.88 117.94
N THR ZA 94 -48.41 3.12 119.00
CA THR ZA 94 -48.03 3.75 120.28
C THR ZA 94 -46.72 3.14 120.75
N THR ZA 95 -46.23 3.59 121.90
CA THR ZA 95 -44.97 3.10 122.44
C THR ZA 95 -45.21 2.46 123.80
N ASN ZA 96 -45.02 1.15 123.87
CA ASN ZA 96 -45.05 0.43 125.13
C ASN ZA 96 -43.84 0.81 125.97
N THR ZA 97 -44.06 0.97 127.29
CA THR ZA 97 -42.99 1.21 128.26
C THR ZA 97 -43.16 0.26 129.45
N GLY ZA 98 -42.15 0.22 130.30
CA GLY ZA 98 -42.19 -0.69 131.44
C GLY ZA 98 -40.97 -0.53 132.31
N ASP ZA 99 -41.03 -1.16 133.48
CA ASP ZA 99 -39.95 -1.09 134.45
C ASP ZA 99 -38.75 -1.86 133.93
N ARG ZA 100 -37.62 -1.15 133.78
CA ARG ZA 100 -36.38 -1.73 133.26
C ARG ZA 100 -36.59 -2.36 131.89
N LEU ZA 101 -37.45 -1.75 131.09
CA LEU ZA 101 -37.71 -2.17 129.71
C LEU ZA 101 -37.44 -0.99 128.78
N MET ZA 102 -36.62 -1.22 127.76
CA MET ZA 102 -36.45 -0.19 126.74
C MET ZA 102 -37.73 -0.06 125.93
N ALA ZA 103 -38.27 1.17 125.86
CA ALA ZA 103 -39.56 1.38 125.25
C ALA ZA 103 -39.58 0.94 123.79
N SER ZA 104 -40.69 0.35 123.38
CA SER ZA 104 -40.80 -0.32 122.09
C SER ZA 104 -42.19 -0.13 121.52
N SER ZA 105 -42.27 0.10 120.22
CA SER ZA 105 -43.53 0.48 119.59
C SER ZA 105 -44.39 -0.74 119.30
N THR ZA 106 -45.70 -0.55 119.42
CA THR ZA 106 -46.69 -1.51 118.95
C THR ZA 106 -47.45 -0.90 117.78
N THR ZA 107 -47.64 -1.69 116.72
CA THR ZA 107 -48.01 -1.19 115.40
C THR ZA 107 -49.25 -1.88 114.84
N VAL ZA 108 -50.08 -1.09 114.15
CA VAL ZA 108 -51.30 -1.57 113.50
C VAL ZA 108 -51.28 -1.03 112.08
N THR ZA 109 -51.16 -1.93 111.11
CA THR ZA 109 -50.97 -1.59 109.71
C THR ZA 109 -52.23 -1.93 108.90
N ARG ZA 110 -52.62 -1.03 108.00
CA ARG ZA 110 -53.78 -1.22 107.15
C ARG ZA 110 -53.39 -0.96 105.70
N ASP ZA 111 -53.56 -1.96 104.84
CA ASP ZA 111 -53.26 -1.88 103.42
C ASP ZA 111 -54.56 -2.03 102.64
N VAL ZA 112 -54.86 -1.06 101.79
CA VAL ZA 112 -56.09 -1.08 101.00
C VAL ZA 112 -55.69 -0.95 99.53
N SER ZA 113 -55.72 -2.07 98.80
CA SER ZA 113 -55.35 -2.08 97.39
C SER ZA 113 -56.23 -3.02 96.59
N ASN ZA 114 -56.78 -2.51 95.50
CA ASN ZA 114 -57.47 -3.32 94.49
C ASN ZA 114 -58.58 -4.19 95.09
N GLY ZA 115 -59.38 -3.58 95.98
CA GLY ZA 115 -60.47 -4.30 96.61
C GLY ZA 115 -60.09 -5.18 97.77
N ARG ZA 116 -58.82 -5.25 98.12
CA ARG ZA 116 -58.33 -6.09 99.19
C ARG ZA 116 -57.93 -5.20 100.35
N THR ZA 117 -58.62 -5.37 101.48
CA THR ZA 117 -58.30 -4.66 102.71
C THR ZA 117 -57.61 -5.63 103.65
N LYS ZA 118 -56.47 -5.22 104.22
CA LYS ZA 118 -55.73 -6.09 105.15
C LYS ZA 118 -55.23 -5.30 106.35
N VAL ZA 119 -55.59 -5.75 107.55
CA VAL ZA 119 -55.19 -5.15 108.82
C VAL ZA 119 -54.31 -6.14 109.56
N SER ZA 120 -53.14 -5.69 110.02
CA SER ZA 120 -52.20 -6.51 110.77
C SER ZA 120 -51.83 -5.80 112.06
N ILE ZA 121 -51.69 -6.59 113.13
CA ILE ZA 121 -51.34 -6.07 114.45
C ILE ZA 121 -50.08 -6.79 114.94
N ASP ZA 122 -49.08 -6.01 115.35
CA ASP ZA 122 -47.80 -6.54 115.82
C ASP ZA 122 -47.48 -5.91 117.18
N ILE ZA 123 -47.41 -6.75 118.21
CA ILE ZA 123 -47.06 -6.31 119.56
C ILE ZA 123 -45.81 -7.04 120.00
N PRO ZA 124 -44.81 -6.34 120.52
CA PRO ZA 124 -43.58 -7.00 121.00
C PRO ZA 124 -43.72 -7.49 122.43
N TYR ZA 125 -42.75 -8.33 122.83
CA TYR ZA 125 -42.64 -8.80 124.20
C TYR ZA 125 -41.16 -8.86 124.60
N TYR ZA 126 -40.92 -9.13 125.87
CA TYR ZA 126 -39.58 -9.14 126.45
C TYR ZA 126 -39.37 -10.39 127.29
N ASP ZA 127 -38.09 -10.63 127.59
CA ASP ZA 127 -37.63 -11.83 128.31
C ASP ZA 127 -37.79 -11.63 129.81
N ARG ZA 128 -38.84 -12.23 130.39
CA ARG ZA 128 -39.07 -12.03 131.81
C ARG ZA 128 -37.96 -12.64 132.66
N ASN ZA 129 -37.31 -13.72 132.19
CA ASN ZA 129 -36.17 -14.26 132.91
C ASN ZA 129 -35.09 -13.18 133.08
N ALA ZA 130 -34.78 -12.46 131.99
CA ALA ZA 130 -33.80 -11.40 132.06
C ALA ZA 130 -34.29 -10.24 132.92
N VAL ZA 131 -35.56 -9.85 132.78
CA VAL ZA 131 -36.05 -8.68 133.52
C VAL ZA 131 -36.05 -8.94 135.02
N GLU ZA 132 -36.51 -10.13 135.44
CA GLU ZA 132 -36.51 -10.45 136.86
C GLU ZA 132 -35.10 -10.73 137.38
N THR ZA 133 -34.18 -11.17 136.53
CA THR ZA 133 -32.78 -11.22 136.96
C THR ZA 133 -32.28 -9.81 137.28
N LEU ZA 134 -32.59 -8.84 136.40
CA LEU ZA 134 -32.25 -7.44 136.64
C LEU ZA 134 -32.80 -6.94 137.96
N LYS ZA 135 -34.10 -7.15 138.20
CA LYS ZA 135 -34.69 -6.66 139.43
C LYS ZA 135 -34.10 -7.36 140.64
N ALA ZA 136 -33.95 -8.68 140.58
CA ALA ZA 136 -33.61 -9.47 141.76
C ALA ZA 136 -32.17 -9.23 142.23
N SER ZA 137 -31.21 -9.20 141.31
CA SER ZA 137 -29.83 -8.98 141.72
C SER ZA 137 -29.43 -7.50 141.63
N ALA ZA 138 -30.40 -6.60 141.43
CA ALA ZA 138 -30.20 -5.15 141.50
C ALA ZA 138 -29.16 -4.67 140.48
N ILE ZA 139 -29.27 -5.16 139.26
CA ILE ZA 139 -28.42 -4.74 138.14
C ILE ZA 139 -29.04 -3.47 137.54
N PRO ZA 140 -28.26 -2.53 136.99
CA PRO ZA 140 -28.83 -1.28 136.50
C PRO ZA 140 -29.27 -1.25 135.04
N GLY ZA 141 -29.06 -2.31 134.26
CA GLY ZA 141 -29.41 -2.27 132.85
C GLY ZA 141 -30.89 -2.46 132.56
N ALA ZA 142 -31.22 -2.45 131.26
CA ALA ZA 142 -32.57 -2.68 130.77
C ALA ZA 142 -32.53 -3.74 129.67
N VAL ZA 143 -33.71 -4.24 129.30
CA VAL ZA 143 -33.87 -5.29 128.30
C VAL ZA 143 -34.58 -4.70 127.08
N ALA ZA 144 -34.11 -5.10 125.90
CA ALA ZA 144 -34.72 -4.81 124.62
C ALA ZA 144 -35.71 -5.91 124.25
N PRO ZA 145 -36.67 -5.63 123.35
CA PRO ZA 145 -37.66 -6.64 122.99
C PRO ZA 145 -36.99 -7.91 122.48
N VAL ZA 146 -37.64 -9.03 122.72
CA VAL ZA 146 -37.10 -10.33 122.39
C VAL ZA 146 -37.83 -10.99 121.22
N GLY ZA 147 -39.10 -10.70 121.04
CA GLY ZA 147 -39.86 -11.17 119.89
C GLY ZA 147 -41.17 -10.44 119.80
N SER ZA 148 -42.08 -10.97 118.98
CA SER ZA 148 -43.38 -10.34 118.83
C SER ZA 148 -44.45 -11.39 118.58
N PHE ZA 149 -45.70 -10.92 118.60
CA PHE ZA 149 -46.85 -11.69 118.15
C PHE ZA 149 -47.62 -10.84 117.14
N LYS ZA 150 -48.15 -11.52 116.11
CA LYS ZA 150 -48.79 -10.87 114.97
C LYS ZA 150 -50.11 -11.56 114.63
N VAL ZA 151 -51.09 -10.74 114.29
CA VAL ZA 151 -52.43 -11.19 113.89
C VAL ZA 151 -52.83 -10.44 112.62
N ASN ZA 152 -53.20 -11.19 111.57
CA ASN ZA 152 -53.56 -10.62 110.28
C ASN ZA 152 -55.03 -10.91 109.98
N VAL ZA 153 -55.67 -9.96 109.32
CA VAL ZA 153 -57.07 -10.08 108.93
C VAL ZA 153 -57.20 -9.48 107.54
N GLU ZA 154 -57.93 -10.16 106.66
CA GLU ZA 154 -57.92 -9.84 105.23
C GLU ZA 154 -59.32 -10.01 104.67
N VAL ZA 155 -59.77 -9.01 103.92
CA VAL ZA 155 -61.10 -9.00 103.31
C VAL ZA 155 -60.90 -8.82 101.82
N LEU ZA 156 -61.25 -9.84 101.05
CA LEU ZA 156 -61.12 -9.81 99.59
C LEU ZA 156 -62.48 -9.42 99.03
N GLY ZA 157 -62.66 -8.13 98.80
CA GLY ZA 157 -63.95 -7.61 98.40
C GLY ZA 157 -63.94 -7.10 96.99
N GLY ZA 158 -63.01 -7.58 96.19
CA GLY ZA 158 -62.92 -7.16 94.81
C GLY ZA 158 -63.99 -7.79 93.94
N GLY ZA 159 -64.17 -7.20 92.75
CA GLY ZA 159 -64.99 -7.81 91.73
C GLY ZA 159 -66.46 -7.84 92.07
N VAL ZA 160 -67.01 -6.66 92.33
CA VAL ZA 160 -68.46 -6.54 92.41
C VAL ZA 160 -69.03 -6.49 91.00
N LEU ZA 161 -70.27 -6.93 90.86
CA LEU ZA 161 -70.92 -7.00 89.56
C LEU ZA 161 -71.32 -5.60 89.09
N THR ZA 162 -71.68 -5.51 87.79
CA THR ZA 162 -71.82 -4.21 87.15
C THR ZA 162 -73.09 -3.48 87.61
N GLY ZA 163 -74.16 -4.24 87.84
CA GLY ZA 163 -75.40 -3.65 88.29
C GLY ZA 163 -75.49 -3.44 89.78
N THR ZA 164 -74.38 -3.58 90.51
CA THR ZA 164 -74.37 -3.35 91.94
C THR ZA 164 -74.63 -1.88 92.21
N ASP ZA 165 -75.78 -1.58 92.81
CA ASP ZA 165 -76.15 -0.21 93.10
C ASP ZA 165 -75.21 0.41 94.12
N ALA ZA 166 -75.01 1.72 94.01
CA ALA ZA 166 -74.22 2.44 95.01
C ALA ZA 166 -74.73 2.16 96.42
N ASN ZA 167 -76.06 2.10 96.59
CA ASN ZA 167 -76.65 1.80 97.90
C ASN ZA 167 -76.37 0.36 98.31
N ALA ZA 168 -76.42 -0.58 97.37
CA ALA ZA 168 -76.24 -1.98 97.71
C ALA ZA 168 -74.79 -2.31 98.07
N GLN ZA 169 -73.84 -1.46 97.69
CA GLN ZA 169 -72.46 -1.70 98.10
C GLN ZA 169 -72.31 -1.55 99.60
N PHE ZA 170 -73.16 -0.74 100.24
CA PHE ZA 170 -73.13 -0.66 101.70
C PHE ZA 170 -73.62 -1.96 102.31
N ALA ZA 171 -74.68 -2.54 101.74
CA ALA ZA 171 -75.14 -3.84 102.22
C ALA ZA 171 -74.04 -4.88 102.09
N LEU ZA 172 -73.31 -4.84 100.97
CA LEU ZA 172 -72.19 -5.78 100.80
C LEU ZA 172 -71.11 -5.50 101.84
N ASP ZA 173 -70.88 -4.23 102.15
CA ASP ZA 173 -69.93 -3.86 103.20
C ASP ZA 173 -70.26 -4.59 104.49
N GLU ZA 174 -71.52 -4.47 104.93
CA GLU ZA 174 -71.93 -5.09 106.18
C GLU ZA 174 -71.87 -6.61 106.10
N LEU ZA 175 -72.19 -7.18 104.94
CA LEU ZA 175 -72.07 -8.64 104.78
C LEU ZA 175 -70.64 -9.09 105.03
N LEU ZA 176 -69.67 -8.40 104.42
CA LEU ZA 176 -68.27 -8.76 104.63
C LEU ZA 176 -67.85 -8.59 106.09
N SER ZA 177 -68.32 -7.52 106.74
CA SER ZA 177 -67.93 -7.33 108.14
C SER ZA 177 -68.49 -8.44 109.03
N ASN ZA 178 -69.70 -8.93 108.72
CA ASN ZA 178 -70.25 -10.05 109.49
C ASN ZA 178 -69.48 -11.35 109.23
N MET ZA 179 -69.02 -11.57 108.00
CA MET ZA 179 -68.13 -12.69 107.76
C MET ZA 179 -66.84 -12.56 108.56
N LEU ZA 180 -66.34 -11.33 108.70
CA LEU ZA 180 -65.17 -11.07 109.54
C LEU ZA 180 -65.39 -11.55 110.97
N MET ZA 181 -66.51 -11.11 111.57
CA MET ZA 181 -66.82 -11.51 112.94
C MET ZA 181 -66.91 -13.03 113.06
N ASP ZA 182 -67.61 -13.67 112.12
CA ASP ZA 182 -67.72 -15.13 112.17
C ASP ZA 182 -66.35 -15.79 112.06
N ALA ZA 183 -65.47 -15.21 111.24
CA ALA ZA 183 -64.15 -15.81 111.05
C ALA ZA 183 -63.32 -15.74 112.33
N ALA ZA 184 -63.32 -14.59 113.00
CA ALA ZA 184 -62.57 -14.50 114.24
C ALA ZA 184 -63.14 -15.42 115.31
N ARG ZA 185 -64.48 -15.53 115.37
CA ARG ZA 185 -65.08 -16.44 116.34
C ARG ZA 185 -64.68 -17.88 116.06
N ILE ZA 186 -64.66 -18.29 114.79
CA ILE ZA 186 -64.23 -19.63 114.44
C ILE ZA 186 -62.75 -19.82 114.73
N ALA ZA 187 -61.97 -18.75 114.62
CA ALA ZA 187 -60.53 -18.83 114.87
C ALA ZA 187 -60.24 -19.09 116.33
N GLN ZA 188 -60.94 -18.41 117.25
CA GLN ZA 188 -60.66 -18.58 118.67
C GLN ZA 188 -61.63 -19.51 119.37
N ASP ZA 189 -62.56 -20.10 118.65
CA ASP ZA 189 -63.58 -20.95 119.24
C ASP ZA 189 -62.92 -22.12 119.95
N GLY ZA 190 -63.44 -22.45 121.13
CA GLY ZA 190 -62.96 -23.59 121.86
C GLY ZA 190 -62.91 -23.33 123.34
N PRO ZA 191 -62.86 -24.40 124.14
CA PRO ZA 191 -62.73 -24.24 125.58
C PRO ZA 191 -61.37 -23.65 125.91
N LYS ZA 192 -61.33 -22.86 126.98
CA LYS ZA 192 -60.10 -22.29 127.49
C LYS ZA 192 -59.38 -23.26 128.42
N ASN ZA 193 -59.96 -24.45 128.66
CA ASN ZA 193 -59.27 -25.50 129.39
C ASN ZA 193 -58.19 -26.15 128.55
N THR ZA 194 -58.28 -26.05 127.23
CA THR ZA 194 -57.43 -26.81 126.33
C THR ZA 194 -56.70 -25.89 125.36
N ALA ZA 195 -55.54 -26.36 124.90
CA ALA ZA 195 -54.69 -25.59 124.00
C ALA ZA 195 -55.40 -25.29 122.68
N ARG ZA 196 -55.30 -24.05 122.20
CA ARG ZA 196 -55.91 -23.80 120.90
C ARG ZA 196 -55.17 -22.88 119.93
N LEU ZA 197 -54.22 -22.03 120.36
CA LEU ZA 197 -53.61 -21.14 119.37
C LEU ZA 197 -52.09 -21.18 119.23
N VAL ZA 198 -51.34 -20.97 120.32
CA VAL ZA 198 -49.90 -20.73 120.20
C VAL ZA 198 -49.16 -22.05 120.08
N ALA ZA 199 -47.97 -21.98 119.47
CA ALA ZA 199 -47.10 -23.14 119.31
C ALA ZA 199 -47.80 -24.28 118.60
N ALA ZA 200 -48.81 -23.94 117.79
CA ALA ZA 200 -49.67 -24.93 117.17
C ALA ZA 200 -48.87 -25.87 116.27
N SER ZA 201 -49.13 -27.17 116.39
CA SER ZA 201 -48.54 -28.20 115.54
C SER ZA 201 -49.53 -28.78 114.55
N HIS ZA 202 -50.70 -29.15 115.02
CA HIS ZA 202 -51.80 -29.65 114.20
C HIS ZA 202 -53.09 -29.51 115.00
N GLY ZA 203 -54.20 -29.81 114.35
CA GLY ZA 203 -55.51 -29.76 115.00
C GLY ZA 203 -55.99 -31.16 115.32
N VAL ZA 204 -56.65 -31.30 116.47
CA VAL ZA 204 -57.25 -32.58 116.84
C VAL ZA 204 -58.63 -32.32 117.41
N MET ZA 205 -59.68 -32.59 116.64
CA MET ZA 205 -61.02 -32.38 117.15
C MET ZA 205 -61.44 -33.57 118.02
N PRO ZA 206 -62.09 -33.33 119.16
CA PRO ZA 206 -62.35 -34.41 120.11
C PRO ZA 206 -63.50 -35.29 119.66
N GLN ZA 207 -63.45 -36.56 120.09
CA GLN ZA 207 -64.48 -37.53 119.72
C GLN ZA 207 -65.81 -37.19 120.37
N ALA ZA 208 -65.78 -36.82 121.64
CA ALA ZA 208 -66.97 -36.44 122.38
C ALA ZA 208 -66.54 -35.62 123.59
N PRO AB 20 -8.93 -5.16 114.64
CA PRO AB 20 -10.12 -4.38 114.25
C PRO AB 20 -11.08 -4.16 115.43
N VAL AB 21 -11.25 -2.90 115.83
CA VAL AB 21 -12.12 -2.52 116.93
C VAL AB 21 -13.47 -2.12 116.35
N GLN AB 22 -14.54 -2.77 116.82
CA GLN AB 22 -15.88 -2.53 116.30
C GLN AB 22 -16.78 -1.93 117.38
N SER AB 23 -17.75 -1.12 116.95
CA SER AB 23 -18.66 -0.45 117.87
C SER AB 23 -19.99 -1.20 117.93
N SER AB 24 -20.65 -1.10 119.08
CA SER AB 24 -21.91 -1.82 119.28
C SER AB 24 -22.81 -1.08 120.27
N ARG AB 25 -24.08 -1.48 120.24
CA ARG AB 25 -25.14 -0.96 121.10
C ARG AB 25 -25.67 -2.09 121.96
N THR AB 26 -25.46 -2.00 123.25
CA THR AB 26 -25.68 -3.14 124.15
C THR AB 26 -26.94 -2.93 124.99
N THR AB 27 -27.67 -4.02 125.19
CA THR AB 27 -28.64 -4.10 126.28
C THR AB 27 -28.38 -5.41 127.03
N PHE AB 28 -28.84 -5.46 128.28
CA PHE AB 28 -28.67 -6.68 129.04
C PHE AB 28 -29.55 -7.79 128.50
N GLY AB 29 -29.04 -9.01 128.59
CA GLY AB 29 -29.79 -10.17 128.19
C GLY AB 29 -28.99 -11.18 127.40
N VAL AB 30 -29.69 -12.21 126.93
CA VAL AB 30 -29.14 -13.20 126.02
C VAL AB 30 -30.23 -13.50 125.00
N ASN AB 31 -29.81 -13.77 123.77
CA ASN AB 31 -30.74 -14.23 122.76
C ASN AB 31 -31.52 -15.44 123.30
N PRO AB 32 -32.84 -15.43 123.19
CA PRO AB 32 -33.64 -16.37 123.98
C PRO AB 32 -33.57 -17.77 123.42
N ASP AB 33 -34.01 -18.71 124.23
CA ASP AB 33 -34.21 -20.08 123.79
C ASP AB 33 -35.68 -20.25 123.45
N ARG AB 34 -35.97 -20.50 122.18
CA ARG AB 34 -37.34 -20.67 121.73
C ARG AB 34 -37.79 -22.12 121.86
N GLN AB 35 -39.08 -22.29 122.12
CA GLN AB 35 -39.66 -23.62 122.22
C GLN AB 35 -40.19 -24.06 120.87
N ALA AB 36 -40.06 -25.35 120.58
CA ALA AB 36 -40.53 -25.89 119.33
C ALA AB 36 -42.06 -25.83 119.26
N ASN AB 37 -42.58 -25.75 118.03
CA ASN AB 37 -44.02 -25.65 117.81
C ASN AB 37 -44.65 -27.04 117.77
N ALA AB 38 -44.56 -27.75 118.90
CA ALA AB 38 -45.01 -29.14 119.00
C ALA AB 38 -46.26 -29.28 119.85
N ARG AB 39 -47.10 -28.25 119.87
CA ARG AB 39 -48.25 -28.21 120.75
C ARG AB 39 -49.52 -28.45 119.93
N PRO AB 40 -50.13 -29.64 120.00
CA PRO AB 40 -51.39 -29.85 119.27
C PRO AB 40 -52.52 -29.06 119.91
N VAL AB 41 -53.42 -28.57 119.05
CA VAL AB 41 -54.44 -27.62 119.46
C VAL AB 41 -55.82 -28.19 119.19
N TYR AB 42 -56.80 -27.53 119.78
CA TYR AB 42 -58.19 -27.91 119.64
C TYR AB 42 -58.71 -27.53 118.26
N LEU AB 43 -59.60 -28.38 117.76
CA LEU AB 43 -60.20 -28.21 116.45
C LEU AB 43 -61.71 -28.32 116.61
N ALA AB 44 -62.42 -27.27 116.21
CA ALA AB 44 -63.86 -27.23 116.46
C ALA AB 44 -64.55 -28.36 115.72
N PRO AB 45 -65.51 -29.05 116.38
CA PRO AB 45 -66.27 -30.11 115.68
C PRO AB 45 -67.31 -29.58 114.71
N ALA AB 46 -67.45 -28.25 114.60
CA ALA AB 46 -68.29 -27.59 113.63
C ALA AB 46 -67.96 -26.10 113.64
N ALA AB 47 -68.29 -25.42 112.54
CA ALA AB 47 -67.96 -24.01 112.39
C ALA AB 47 -69.23 -23.18 112.45
N PRO AB 48 -69.41 -22.28 113.44
CA PRO AB 48 -70.64 -21.49 113.44
C PRO AB 48 -70.51 -20.26 112.57
N MET AB 49 -71.49 -20.03 111.70
CA MET AB 49 -71.55 -18.85 110.84
C MET AB 49 -72.82 -18.07 111.09
N GLU AB 50 -73.20 -17.90 112.37
CA GLU AB 50 -74.50 -17.32 112.68
C GLU AB 50 -74.59 -15.85 112.29
N ASN AB 51 -73.53 -15.06 112.53
CA ASN AB 51 -73.58 -13.63 112.27
C ASN AB 51 -73.87 -13.34 110.80
N THR AB 52 -73.08 -13.92 109.90
CA THR AB 52 -73.21 -13.63 108.48
C THR AB 52 -74.54 -14.13 107.92
N TYR AB 53 -75.01 -15.30 108.37
CA TYR AB 53 -76.24 -15.85 107.80
C TYR AB 53 -77.50 -15.16 108.34
N THR AB 54 -77.47 -14.72 109.60
CA THR AB 54 -78.56 -13.85 110.05
C THR AB 54 -78.58 -12.54 109.26
N TYR AB 55 -77.41 -11.97 108.95
CA TYR AB 55 -77.45 -10.75 108.14
C TYR AB 55 -77.95 -11.04 106.73
N LEU AB 56 -77.58 -12.19 106.17
CA LEU AB 56 -78.08 -12.56 104.84
C LEU AB 56 -79.60 -12.72 104.86
N GLY AB 57 -80.14 -13.29 105.93
CA GLY AB 57 -81.59 -13.29 106.10
C GLY AB 57 -82.14 -11.87 106.17
N SER AB 58 -81.38 -10.96 106.79
CA SER AB 58 -81.81 -9.57 106.89
C SER AB 58 -82.01 -8.94 105.52
N ILE AB 59 -81.00 -9.05 104.64
CA ILE AB 59 -81.09 -8.38 103.35
C ILE AB 59 -81.87 -9.22 102.35
N GLN AB 60 -82.44 -10.34 102.82
CA GLN AB 60 -83.21 -11.26 101.97
C GLN AB 60 -82.34 -11.84 100.85
N PHE AB 61 -81.07 -12.09 101.17
CA PHE AB 61 -80.14 -12.83 100.30
C PHE AB 61 -79.92 -12.13 98.94
N ALA AB 62 -79.94 -10.81 98.93
CA ALA AB 62 -79.78 -10.10 97.68
C ALA AB 62 -79.18 -8.73 97.93
N ALA AB 63 -78.29 -8.31 97.03
CA ALA AB 63 -77.69 -6.99 97.10
C ALA AB 63 -77.08 -6.69 95.74
N GLY AB 64 -77.43 -5.55 95.16
CA GLY AB 64 -76.97 -5.26 93.81
C GLY AB 64 -77.59 -6.27 92.88
N ARG AB 65 -76.79 -6.84 91.99
CA ARG AB 65 -77.23 -8.03 91.27
C ARG AB 65 -76.48 -9.27 91.75
N HIS AB 66 -75.92 -9.23 92.95
CA HIS AB 66 -75.52 -10.44 93.65
C HIS AB 66 -76.73 -11.05 94.34
N ILE AB 67 -77.01 -12.31 94.06
CA ILE AB 67 -77.99 -13.05 94.84
C ILE AB 67 -77.29 -14.25 95.46
N PHE AB 68 -77.61 -14.54 96.71
CA PHE AB 68 -76.94 -15.60 97.46
C PHE AB 68 -77.91 -16.76 97.71
N GLY AB 69 -77.34 -17.89 98.13
CA GLY AB 69 -78.13 -19.06 98.40
C GLY AB 69 -78.42 -19.22 99.88
N GLU AB 70 -79.55 -19.87 100.16
CA GLU AB 70 -79.89 -20.20 101.55
C GLU AB 70 -79.10 -21.43 101.98
N PRO AB 71 -78.46 -21.39 103.15
CA PRO AB 71 -77.67 -22.54 103.60
C PRO AB 71 -78.55 -23.67 104.09
N ALA AB 72 -77.92 -24.80 104.33
CA ALA AB 72 -78.62 -25.88 105.00
C ALA AB 72 -78.63 -25.66 106.51
N SER AB 73 -77.48 -25.30 107.06
CA SER AB 73 -77.34 -25.07 108.50
C SER AB 73 -76.56 -23.79 108.73
N ASN AB 74 -76.94 -23.06 109.78
CA ASN AB 74 -76.14 -21.94 110.23
C ASN AB 74 -74.81 -22.40 110.79
N VAL AB 75 -74.74 -23.65 111.25
CA VAL AB 75 -73.50 -24.24 111.74
C VAL AB 75 -73.09 -25.33 110.75
N LEU AB 76 -71.88 -25.18 110.20
CA LEU AB 76 -71.27 -25.99 109.15
C LEU AB 76 -70.61 -27.23 109.74
N PRO AB 77 -71.01 -28.42 109.30
CA PRO AB 77 -70.38 -29.65 109.78
C PRO AB 77 -69.03 -29.86 109.12
N PRO AB 78 -68.17 -30.71 109.69
CA PRO AB 78 -66.89 -31.01 109.05
C PRO AB 78 -67.03 -31.98 107.89
N GLN AB 79 -66.25 -31.75 106.84
CA GLN AB 79 -66.28 -32.59 105.65
C GLN AB 79 -65.16 -33.61 105.60
N ASN AB 80 -63.95 -33.23 106.03
CA ASN AB 80 -62.78 -34.10 105.91
C ASN AB 80 -62.00 -34.19 107.23
N ILE AB 81 -62.68 -34.08 108.37
CA ILE AB 81 -62.00 -34.09 109.66
C ILE AB 81 -62.55 -35.28 110.44
N VAL AB 82 -61.75 -36.34 110.52
CA VAL AB 82 -62.09 -37.46 111.38
C VAL AB 82 -61.74 -37.10 112.83
N PRO AB 83 -62.56 -37.47 113.81
CA PRO AB 83 -62.23 -37.11 115.19
C PRO AB 83 -61.08 -37.95 115.70
N GLY AB 84 -60.22 -37.32 116.49
CA GLY AB 84 -59.08 -38.02 117.02
C GLY AB 84 -57.97 -38.24 116.02
N VAL AB 85 -58.09 -37.69 114.82
CA VAL AB 85 -57.07 -37.83 113.79
C VAL AB 85 -56.40 -36.48 113.61
N PRO AB 86 -55.09 -36.37 113.85
CA PRO AB 86 -54.42 -35.09 113.63
C PRO AB 86 -54.50 -34.70 112.18
N THR AB 87 -54.92 -33.46 111.93
CA THR AB 87 -55.06 -32.92 110.58
C THR AB 87 -54.49 -31.51 110.59
N LYS AB 88 -53.62 -31.21 109.63
CA LYS AB 88 -53.07 -29.87 109.48
C LYS AB 88 -53.92 -29.02 108.54
N HIS AB 89 -54.96 -29.60 107.96
CA HIS AB 89 -55.86 -28.87 107.07
C HIS AB 89 -57.23 -29.53 107.12
N GLY AB 90 -58.26 -28.72 107.28
CA GLY AB 90 -59.61 -29.23 107.43
C GLY AB 90 -60.64 -28.25 106.90
N GLU AB 91 -61.80 -28.80 106.52
CA GLU AB 91 -62.82 -28.01 105.85
C GLU AB 91 -64.18 -28.32 106.42
N TYR AB 92 -64.94 -27.28 106.75
CA TYR AB 92 -66.36 -27.40 107.04
C TYR AB 92 -67.12 -26.84 105.85
N VAL AB 93 -68.25 -27.45 105.50
CA VAL AB 93 -68.94 -27.05 104.28
C VAL AB 93 -70.43 -27.30 104.45
N THR AB 94 -71.23 -26.34 104.02
CA THR AB 94 -72.66 -26.61 103.93
C THR AB 94 -73.18 -26.18 102.57
N THR AB 95 -74.26 -26.83 102.15
CA THR AB 95 -74.75 -26.65 100.80
C THR AB 95 -75.73 -25.48 100.77
N ASN AB 96 -75.69 -24.70 99.69
CA ASN AB 96 -76.53 -23.54 99.44
C ASN AB 96 -77.54 -23.94 98.37
N THR AB 97 -78.82 -23.70 98.62
CA THR AB 97 -79.88 -23.97 97.65
C THR AB 97 -80.70 -22.71 97.45
N GLY AB 98 -81.48 -22.68 96.37
CA GLY AB 98 -82.30 -21.52 96.07
C GLY AB 98 -83.14 -21.77 94.84
N ASP AB 99 -84.14 -20.90 94.67
CA ASP AB 99 -85.05 -20.98 93.54
C ASP AB 99 -84.30 -20.66 92.25
N ARG AB 100 -84.26 -21.62 91.34
CA ARG AB 100 -83.52 -21.50 90.08
C ARG AB 100 -82.05 -21.19 90.34
N LEU AB 101 -81.50 -21.86 91.34
CA LEU AB 101 -80.07 -21.82 91.65
C LEU AB 101 -79.52 -23.24 91.62
N MET AB 102 -78.33 -23.39 91.05
CA MET AB 102 -77.63 -24.66 91.14
C MET AB 102 -76.98 -24.76 92.51
N ALA AB 103 -77.26 -25.86 93.22
CA ALA AB 103 -76.72 -26.02 94.57
C ALA AB 103 -75.22 -25.78 94.57
N SER AB 104 -74.74 -24.97 95.53
CA SER AB 104 -73.33 -24.60 95.60
C SER AB 104 -72.85 -24.54 97.03
N SER AB 105 -71.62 -24.97 97.27
CA SER AB 105 -71.13 -25.19 98.61
C SER AB 105 -70.46 -23.92 99.13
N THR AB 106 -70.76 -23.56 100.38
CA THR AB 106 -70.04 -22.52 101.09
C THR AB 106 -69.09 -23.18 102.09
N THR AB 107 -67.85 -22.66 102.13
CA THR AB 107 -66.72 -23.39 102.69
C THR AB 107 -65.95 -22.57 103.73
N VAL AB 108 -65.59 -23.23 104.83
CA VAL AB 108 -64.77 -22.65 105.88
C VAL AB 108 -63.56 -23.55 106.04
N THR AB 109 -62.38 -22.99 105.80
CA THR AB 109 -61.13 -23.73 105.73
C THR AB 109 -60.20 -23.33 106.87
N ARG AB 110 -59.67 -24.32 107.58
CA ARG AB 110 -58.74 -24.08 108.69
C ARG AB 110 -57.43 -24.81 108.42
N ASP AB 111 -56.34 -24.06 108.48
CA ASP AB 111 -54.98 -24.58 108.29
C ASP AB 111 -54.20 -24.31 109.55
N VAL AB 112 -53.81 -25.36 110.26
CA VAL AB 112 -53.03 -25.26 111.49
C VAL AB 112 -51.68 -25.92 111.21
N SER AB 113 -50.60 -25.12 111.13
CA SER AB 113 -49.29 -25.72 110.93
C SER AB 113 -48.20 -24.75 111.37
N ASN AB 114 -47.16 -25.31 112.00
CA ASN AB 114 -45.93 -24.59 112.35
C ASN AB 114 -46.21 -23.32 113.16
N GLY AB 115 -47.13 -23.41 114.10
CA GLY AB 115 -47.50 -22.30 114.96
C GLY AB 115 -48.40 -21.26 114.33
N ARG AB 116 -48.76 -21.41 113.06
CA ARG AB 116 -49.61 -20.46 112.37
C ARG AB 116 -50.95 -21.13 112.13
N THR AB 117 -52.02 -20.49 112.57
CA THR AB 117 -53.37 -20.99 112.34
C THR AB 117 -54.11 -19.98 111.48
N LYS AB 118 -54.82 -20.45 110.44
CA LYS AB 118 -55.47 -19.57 109.48
C LYS AB 118 -56.85 -20.11 109.10
N VAL AB 119 -57.86 -19.26 109.21
CA VAL AB 119 -59.24 -19.59 108.89
C VAL AB 119 -59.69 -18.71 107.73
N SER AB 120 -60.27 -19.34 106.71
CA SER AB 120 -60.76 -18.65 105.52
C SER AB 120 -62.22 -19.03 105.27
N ILE AB 121 -63.03 -18.06 104.85
CA ILE AB 121 -64.45 -18.27 104.58
C ILE AB 121 -64.75 -17.81 103.16
N ASP AB 122 -65.41 -18.67 102.39
CA ASP AB 122 -65.73 -18.43 100.99
C ASP AB 122 -67.20 -18.73 100.76
N ILE AB 123 -67.97 -17.70 100.38
CA ILE AB 123 -69.39 -17.87 100.06
C ILE AB 123 -69.61 -17.42 98.62
N PRO AB 124 -70.31 -18.21 97.81
CA PRO AB 124 -70.55 -17.84 96.41
C PRO AB 124 -71.80 -17.01 96.21
N TYR AB 125 -71.85 -16.35 95.05
CA TYR AB 125 -72.99 -15.52 94.63
C TYR AB 125 -73.26 -15.75 93.14
N TYR AB 126 -74.52 -15.54 92.76
CA TYR AB 126 -75.04 -15.74 91.41
C TYR AB 126 -75.51 -14.43 90.82
N ASP AB 127 -75.70 -14.46 89.48
CA ASP AB 127 -76.19 -13.33 88.69
C ASP AB 127 -77.69 -13.15 88.88
N ARG AB 128 -78.04 -12.15 89.70
CA ARG AB 128 -79.45 -11.89 90.01
C ARG AB 128 -80.24 -11.57 88.74
N ASN AB 129 -79.59 -10.97 87.74
CA ASN AB 129 -80.29 -10.64 86.49
C ASN AB 129 -80.73 -11.91 85.77
N ALA AB 130 -79.83 -12.89 85.68
CA ALA AB 130 -80.17 -14.17 85.08
C ALA AB 130 -81.25 -14.88 85.89
N VAL AB 131 -81.09 -14.92 87.22
CA VAL AB 131 -82.03 -15.66 88.03
C VAL AB 131 -83.42 -15.07 87.91
N GLU AB 132 -83.54 -13.74 88.02
CA GLU AB 132 -84.84 -13.10 87.99
C GLU AB 132 -85.46 -13.11 86.59
N THR AB 133 -84.63 -13.04 85.54
CA THR AB 133 -85.17 -13.21 84.19
C THR AB 133 -85.76 -14.60 84.01
N LEU AB 134 -85.07 -15.63 84.55
CA LEU AB 134 -85.62 -16.98 84.52
C LEU AB 134 -86.92 -17.08 85.31
N LYS AB 135 -86.94 -16.53 86.53
CA LYS AB 135 -88.12 -16.59 87.38
C LYS AB 135 -89.31 -15.90 86.72
N ALA AB 136 -89.13 -14.63 86.29
CA ALA AB 136 -90.21 -13.89 85.66
C ALA AB 136 -90.67 -14.56 84.38
N SER AB 137 -89.74 -15.12 83.61
CA SER AB 137 -90.14 -15.78 82.38
C SER AB 137 -90.60 -17.22 82.61
N ALA AB 138 -90.60 -17.71 83.85
CA ALA AB 138 -91.01 -19.09 84.14
C ALA AB 138 -90.20 -20.08 83.29
N ILE AB 139 -88.88 -19.90 83.31
CA ILE AB 139 -87.97 -20.80 82.59
C ILE AB 139 -87.37 -21.76 83.62
N PRO AB 140 -87.25 -23.06 83.34
CA PRO AB 140 -86.75 -24.00 84.34
C PRO AB 140 -85.23 -24.13 84.43
N GLY AB 141 -84.47 -23.18 83.93
CA GLY AB 141 -83.02 -23.27 84.05
C GLY AB 141 -82.55 -22.98 85.47
N ALA AB 142 -81.45 -23.63 85.85
CA ALA AB 142 -80.79 -23.41 87.13
C ALA AB 142 -79.43 -22.77 86.88
N VAL AB 143 -79.07 -21.79 87.69
CA VAL AB 143 -77.88 -20.96 87.47
C VAL AB 143 -76.76 -21.40 88.39
N ALA AB 144 -75.56 -21.53 87.81
CA ALA AB 144 -74.34 -21.78 88.56
C ALA AB 144 -73.78 -20.46 89.09
N PRO AB 145 -72.96 -20.51 90.15
CA PRO AB 145 -72.47 -19.26 90.75
C PRO AB 145 -71.55 -18.50 89.81
N VAL AB 146 -71.69 -17.18 89.84
CA VAL AB 146 -70.83 -16.33 89.02
C VAL AB 146 -69.56 -15.93 89.76
N GLY AB 147 -69.58 -15.86 91.08
CA GLY AB 147 -68.37 -15.50 91.80
C GLY AB 147 -68.45 -15.85 93.27
N SER AB 148 -67.54 -15.27 94.04
CA SER AB 148 -67.53 -15.53 95.48
C SER AB 148 -66.90 -14.35 96.21
N PHE AB 149 -67.14 -14.32 97.53
CA PHE AB 149 -66.50 -13.40 98.46
C PHE AB 149 -65.77 -14.20 99.54
N LYS AB 150 -64.58 -13.71 99.90
CA LYS AB 150 -63.67 -14.42 100.80
C LYS AB 150 -63.13 -13.50 101.89
N VAL AB 151 -62.98 -14.09 103.08
CA VAL AB 151 -62.42 -13.40 104.24
C VAL AB 151 -61.42 -14.34 104.93
N ASN AB 152 -60.20 -13.85 105.12
CA ASN AB 152 -59.10 -14.59 105.71
C ASN AB 152 -58.72 -14.02 107.07
N VAL AB 153 -58.32 -14.90 107.98
CA VAL AB 153 -57.92 -14.52 109.33
C VAL AB 153 -56.75 -15.41 109.72
N GLU AB 154 -55.72 -14.83 110.32
CA GLU AB 154 -54.44 -15.52 110.48
C GLU AB 154 -53.80 -15.12 111.80
N VAL AB 155 -53.24 -16.12 112.49
CA VAL AB 155 -52.66 -15.93 113.82
C VAL AB 155 -51.28 -16.57 113.81
N LEU AB 156 -50.24 -15.75 113.96
CA LEU AB 156 -48.85 -16.22 113.97
C LEU AB 156 -48.43 -16.41 115.42
N GLY AB 157 -48.67 -17.61 115.94
CA GLY AB 157 -48.43 -17.93 117.33
C GLY AB 157 -47.18 -18.71 117.62
N GLY AB 158 -46.21 -18.70 116.72
CA GLY AB 158 -44.99 -19.43 116.94
C GLY AB 158 -43.98 -18.63 117.74
N GLY AB 159 -42.99 -19.35 118.26
CA GLY AB 159 -41.86 -18.72 118.91
C GLY AB 159 -42.00 -18.57 120.40
N VAL AB 160 -42.86 -19.37 121.04
CA VAL AB 160 -43.05 -19.28 122.48
C VAL AB 160 -41.72 -19.58 123.17
N LEU AB 161 -41.39 -18.75 124.16
CA LEU AB 161 -40.14 -18.88 124.90
C LEU AB 161 -40.14 -20.13 125.77
N THR AB 162 -38.94 -20.63 126.06
CA THR AB 162 -38.80 -21.94 126.69
C THR AB 162 -39.36 -21.97 128.11
N GLY AB 163 -39.16 -20.89 128.87
CA GLY AB 163 -39.66 -20.87 130.22
C GLY AB 163 -41.17 -21.03 130.33
N THR AB 164 -41.91 -20.60 129.29
CA THR AB 164 -43.37 -20.59 129.34
C THR AB 164 -43.93 -21.99 129.55
N ASP AB 165 -44.77 -22.15 130.56
CA ASP AB 165 -45.35 -23.45 130.83
C ASP AB 165 -46.76 -23.54 130.22
N ALA AB 166 -47.47 -24.64 130.49
CA ALA AB 166 -48.76 -24.88 129.85
C ALA AB 166 -49.79 -23.84 130.25
N ASN AB 167 -49.87 -23.57 131.57
CA ASN AB 167 -50.82 -22.58 132.06
C ASN AB 167 -50.58 -21.22 131.44
N ALA AB 168 -49.32 -20.82 131.34
CA ALA AB 168 -48.98 -19.55 130.69
C ALA AB 168 -49.40 -19.55 129.21
N GLN AB 169 -49.20 -20.68 128.53
CA GLN AB 169 -49.61 -20.74 127.13
C GLN AB 169 -51.11 -20.56 126.99
N PHE AB 170 -51.90 -21.02 127.97
CA PHE AB 170 -53.33 -20.70 127.94
C PHE AB 170 -53.57 -19.21 127.86
N ALA AB 171 -52.84 -18.45 128.68
CA ALA AB 171 -52.97 -17.00 128.69
C ALA AB 171 -52.61 -16.41 127.34
N LEU AB 172 -51.52 -16.93 126.74
CA LEU AB 172 -51.15 -16.46 125.41
C LEU AB 172 -52.26 -16.75 124.40
N ASP AB 173 -52.94 -17.90 124.55
CA ASP AB 173 -54.07 -18.23 123.69
C ASP AB 173 -55.11 -17.13 123.73
N GLU AB 174 -55.55 -16.79 124.94
CA GLU AB 174 -56.61 -15.78 125.04
C GLU AB 174 -56.09 -14.41 124.60
N LEU AB 175 -54.79 -14.12 124.78
CA LEU AB 175 -54.25 -12.85 124.31
C LEU AB 175 -54.35 -12.73 122.80
N LEU AB 176 -53.96 -13.77 122.08
CA LEU AB 176 -54.11 -13.75 120.63
C LEU AB 176 -55.57 -13.68 120.23
N SER AB 177 -56.45 -14.32 121.01
CA SER AB 177 -57.89 -14.21 120.73
C SER AB 177 -58.34 -12.74 120.77
N ASN AB 178 -57.91 -12.01 121.80
CA ASN AB 178 -58.35 -10.63 121.91
C ASN AB 178 -57.72 -9.74 120.83
N MET AB 179 -56.48 -10.05 120.43
CA MET AB 179 -55.90 -9.32 119.29
C MET AB 179 -56.69 -9.59 118.02
N LEU AB 180 -57.18 -10.82 117.84
CA LEU AB 180 -58.08 -11.15 116.74
C LEU AB 180 -59.30 -10.25 116.74
N MET AB 181 -60.00 -10.22 117.88
CA MET AB 181 -61.20 -9.40 117.98
C MET AB 181 -60.90 -7.95 117.63
N ASP AB 182 -59.80 -7.41 118.16
CA ASP AB 182 -59.44 -6.03 117.87
C ASP AB 182 -59.15 -5.83 116.39
N ALA AB 183 -58.47 -6.78 115.76
CA ALA AB 183 -58.17 -6.64 114.34
C ALA AB 183 -59.45 -6.61 113.51
N ALA AB 184 -60.41 -7.48 113.83
CA ALA AB 184 -61.66 -7.50 113.07
C ALA AB 184 -62.44 -6.20 113.27
N ARG AB 185 -62.46 -5.69 114.50
CA ARG AB 185 -63.14 -4.43 114.75
C ARG AB 185 -62.46 -3.29 113.97
N ILE AB 186 -61.12 -3.26 113.96
CA ILE AB 186 -60.40 -2.22 113.22
C ILE AB 186 -60.64 -2.35 111.72
N ALA AB 187 -60.89 -3.57 111.26
CA ALA AB 187 -61.14 -3.79 109.84
C ALA AB 187 -62.52 -3.25 109.44
N GLN AB 188 -63.56 -3.61 110.20
CA GLN AB 188 -64.91 -3.16 109.88
C GLN AB 188 -65.24 -1.76 110.41
N ASP AB 189 -64.31 -1.13 111.11
CA ASP AB 189 -64.58 0.12 111.80
C ASP AB 189 -65.01 1.21 110.82
N GLY AB 190 -66.04 1.96 111.22
CA GLY AB 190 -66.49 3.09 110.44
C GLY AB 190 -68.00 3.25 110.42
N PRO AB 191 -68.47 4.42 110.01
CA PRO AB 191 -69.90 4.61 109.82
C PRO AB 191 -70.43 3.71 108.73
N LYS AB 192 -71.66 3.24 108.91
CA LYS AB 192 -72.35 2.54 107.83
C LYS AB 192 -72.91 3.50 106.79
N ASN AB 193 -72.75 4.81 106.99
CA ASN AB 193 -73.12 5.81 105.99
C ASN AB 193 -72.15 5.85 104.83
N THR AB 194 -70.89 5.49 105.06
CA THR AB 194 -69.84 5.64 104.06
C THR AB 194 -69.24 4.30 103.67
N ALA AB 195 -68.61 4.30 102.51
CA ALA AB 195 -68.00 3.09 101.95
C ALA AB 195 -66.82 2.65 102.80
N ARG AB 196 -66.75 1.35 103.11
CA ARG AB 196 -65.59 0.93 103.90
C ARG AB 196 -64.89 -0.35 103.41
N LEU AB 197 -65.56 -1.28 102.72
CA LEU AB 197 -64.90 -2.54 102.33
C LEU AB 197 -64.86 -2.90 100.85
N VAL AB 198 -66.03 -3.03 100.18
CA VAL AB 198 -66.07 -3.69 98.87
C VAL AB 198 -65.59 -2.73 97.80
N ALA AB 199 -65.04 -3.30 96.72
CA ALA AB 199 -64.51 -2.53 95.59
C ALA AB 199 -63.54 -1.45 96.07
N ALA AB 200 -62.81 -1.75 97.14
CA ALA AB 200 -61.91 -0.78 97.73
C ALA AB 200 -60.80 -0.37 96.76
N SER AB 201 -60.51 0.93 96.70
CA SER AB 201 -59.39 1.45 95.91
C SER AB 201 -58.31 2.09 96.76
N HIS AB 202 -58.68 2.88 97.76
CA HIS AB 202 -57.75 3.61 98.62
C HIS AB 202 -58.53 4.13 99.81
N GLY AB 203 -57.79 4.49 100.86
CA GLY AB 203 -58.36 4.96 102.10
C GLY AB 203 -58.15 6.46 102.24
N VAL AB 204 -59.15 7.13 102.82
CA VAL AB 204 -59.07 8.56 103.08
C VAL AB 204 -59.60 8.82 104.47
N MET AB 205 -58.80 9.53 105.27
CA MET AB 205 -59.19 9.89 106.64
C MET AB 205 -60.07 11.12 106.60
N PRO AB 206 -61.20 11.13 107.32
CA PRO AB 206 -62.14 12.26 107.22
C PRO AB 206 -61.52 13.53 107.76
N GLN AB 207 -62.06 14.66 107.27
CA GLN AB 207 -61.55 15.98 107.65
C GLN AB 207 -61.48 16.14 109.16
N ALA AB 208 -62.52 15.68 109.85
CA ALA AB 208 -62.55 15.62 111.31
C ALA AB 208 -62.09 16.93 111.94
N SER BB 23 -65.67 -20.43 84.51
CA SER BB 23 -66.84 -20.26 83.66
C SER BB 23 -68.10 -20.81 84.35
N SER BB 24 -69.14 -19.99 84.43
CA SER BB 24 -70.40 -20.34 85.08
C SER BB 24 -71.49 -20.51 84.03
N ARG BB 25 -72.18 -21.63 84.10
CA ARG BB 25 -73.17 -21.99 83.08
C ARG BB 25 -74.49 -22.38 83.75
N THR BB 26 -75.58 -21.89 83.18
CA THR BB 26 -76.91 -22.31 83.61
C THR BB 26 -77.25 -23.62 82.91
N THR BB 27 -77.85 -24.52 83.67
CA THR BB 27 -78.11 -25.89 83.23
C THR BB 27 -79.62 -26.14 83.16
N PHE BB 28 -80.05 -26.76 82.05
CA PHE BB 28 -81.42 -27.21 81.84
C PHE BB 28 -81.41 -28.72 81.86
N GLY BB 29 -82.27 -29.31 82.67
CA GLY BB 29 -82.27 -30.74 82.80
C GLY BB 29 -81.36 -31.22 83.91
N VAL BB 30 -80.92 -32.46 83.76
CA VAL BB 30 -80.12 -33.13 84.79
C VAL BB 30 -78.69 -32.61 84.75
N ASN BB 31 -78.16 -32.30 85.93
CA ASN BB 31 -76.75 -31.99 86.07
C ASN BB 31 -76.06 -33.19 86.70
N PRO BB 32 -75.22 -33.93 85.97
CA PRO BB 32 -74.61 -35.14 86.53
C PRO BB 32 -73.26 -34.97 87.21
N ASP BB 33 -72.84 -33.74 87.52
CA ASP BB 33 -71.55 -33.53 88.18
C ASP BB 33 -71.47 -34.34 89.47
N ARG BB 34 -70.43 -35.17 89.58
CA ARG BB 34 -70.19 -35.97 90.78
C ARG BB 34 -69.07 -35.37 91.62
N GLN BB 35 -69.16 -35.61 92.93
CA GLN BB 35 -68.17 -35.11 93.88
C GLN BB 35 -67.00 -36.09 93.93
N ALA BB 36 -65.78 -35.54 93.86
CA ALA BB 36 -64.58 -36.36 93.87
C ALA BB 36 -64.50 -37.19 95.14
N ASN BB 37 -64.06 -38.44 94.97
CA ASN BB 37 -63.97 -39.42 96.07
C ASN BB 37 -62.70 -39.14 96.87
N ALA BB 38 -62.74 -38.06 97.67
CA ALA BB 38 -61.57 -37.54 98.39
C ALA BB 38 -61.99 -37.24 99.84
N ARG BB 39 -62.65 -38.21 100.47
CA ARG BB 39 -63.20 -38.04 101.82
C ARG BB 39 -62.63 -39.10 102.75
N PRO BB 40 -61.85 -38.72 103.77
CA PRO BB 40 -61.38 -39.71 104.74
C PRO BB 40 -62.54 -40.31 105.50
N VAL BB 41 -62.41 -41.59 105.85
CA VAL BB 41 -63.47 -42.31 106.55
C VAL BB 41 -62.92 -42.95 107.81
N TYR BB 42 -63.81 -43.12 108.78
CA TYR BB 42 -63.43 -43.68 110.07
C TYR BB 42 -63.00 -45.14 109.91
N LEU BB 43 -61.95 -45.49 110.65
CA LEU BB 43 -61.36 -46.82 110.62
C LEU BB 43 -61.35 -47.37 112.04
N ALA BB 44 -62.12 -48.44 112.26
CA ALA BB 44 -62.29 -48.98 113.60
C ALA BB 44 -60.94 -49.37 114.20
N PRO BB 45 -60.72 -49.14 115.50
CA PRO BB 45 -59.44 -49.49 116.12
C PRO BB 45 -59.27 -50.98 116.35
N ALA BB 46 -60.30 -51.77 116.10
CA ALA BB 46 -60.24 -53.23 116.22
C ALA BB 46 -61.48 -53.79 115.55
N ALA BB 47 -61.42 -55.08 115.22
CA ALA BB 47 -62.51 -55.71 114.47
C ALA BB 47 -63.25 -56.68 115.39
N PRO BB 48 -64.51 -56.45 115.74
CA PRO BB 48 -65.21 -57.43 116.58
C PRO BB 48 -65.74 -58.59 115.75
N MET BB 49 -65.38 -59.82 116.14
CA MET BB 49 -65.90 -61.02 115.50
C MET BB 49 -66.73 -61.84 116.48
N GLU BB 50 -67.56 -61.18 117.30
CA GLU BB 50 -68.19 -61.88 118.41
C GLU BB 50 -69.16 -62.96 117.94
N ASN BB 51 -69.96 -62.67 116.90
CA ASN BB 51 -71.00 -63.60 116.46
C ASN BB 51 -70.40 -64.94 116.04
N THR BB 52 -69.42 -64.91 115.15
CA THR BB 52 -68.87 -66.14 114.58
C THR BB 52 -68.15 -66.97 115.64
N TYR BB 53 -67.42 -66.32 116.56
CA TYR BB 53 -66.65 -67.08 117.55
C TYR BB 53 -67.53 -67.61 118.68
N THR BB 54 -68.58 -66.88 119.05
CA THR BB 54 -69.56 -67.50 119.95
C THR BB 54 -70.22 -68.71 119.30
N TYR BB 55 -70.56 -68.64 118.01
CA TYR BB 55 -71.14 -69.84 117.39
C TYR BB 55 -70.12 -70.98 117.32
N LEU BB 56 -68.85 -70.65 117.05
CA LEU BB 56 -67.81 -71.69 117.02
C LEU BB 56 -67.66 -72.36 118.38
N GLY BB 57 -67.73 -71.57 119.46
CA GLY BB 57 -67.81 -72.16 120.78
C GLY BB 57 -69.03 -73.03 120.96
N SER BB 58 -70.16 -72.62 120.36
CA SER BB 58 -71.38 -73.41 120.44
C SER BB 58 -71.19 -74.81 119.86
N ILE BB 59 -70.55 -74.92 118.70
CA ILE BB 59 -70.42 -76.25 118.11
C ILE BB 59 -69.11 -76.91 118.53
N GLN BB 60 -68.43 -76.32 119.51
CA GLN BB 60 -67.17 -76.88 120.03
C GLN BB 60 -66.09 -76.94 118.95
N PHE BB 61 -66.10 -75.94 118.06
CA PHE BB 61 -65.04 -75.76 117.07
C PHE BB 61 -64.87 -76.96 116.16
N ALA BB 62 -65.98 -77.60 115.79
CA ALA BB 62 -65.88 -78.79 114.96
C ALA BB 62 -67.22 -79.04 114.27
N ALA BB 63 -67.20 -79.13 112.95
CA ALA BB 63 -68.36 -79.54 112.16
C ALA BB 63 -67.90 -80.54 111.13
N GLY BB 64 -68.47 -81.75 111.19
CA GLY BB 64 -68.09 -82.79 110.26
C GLY BB 64 -66.64 -83.15 110.37
N ARG BB 65 -65.94 -83.09 109.23
CA ARG BB 65 -64.51 -83.32 109.21
C ARG BB 65 -63.70 -82.04 109.33
N HIS BB 66 -64.36 -80.89 109.46
CA HIS BB 66 -63.70 -79.61 109.66
C HIS BB 66 -63.50 -79.38 111.15
N ILE BB 67 -62.26 -79.18 111.57
CA ILE BB 67 -61.98 -78.76 112.94
C ILE BB 67 -61.36 -77.38 112.89
N PHE BB 68 -61.79 -76.50 113.78
CA PHE BB 68 -61.33 -75.12 113.80
C PHE BB 68 -60.46 -74.86 115.02
N GLY BB 69 -59.69 -73.77 114.96
CA GLY BB 69 -58.85 -73.41 116.08
C GLY BB 69 -59.49 -72.36 116.98
N GLU BB 70 -58.99 -72.31 118.21
CA GLU BB 70 -59.50 -71.36 119.20
C GLU BB 70 -58.77 -70.02 119.08
N PRO BB 71 -59.47 -68.92 118.89
CA PRO BB 71 -58.79 -67.64 118.73
C PRO BB 71 -58.21 -67.14 120.04
N ALA BB 72 -57.21 -66.26 119.93
CA ALA BB 72 -56.72 -65.61 121.13
C ALA BB 72 -57.72 -64.57 121.65
N SER BB 73 -58.39 -63.85 120.75
CA SER BB 73 -59.38 -62.87 121.17
C SER BB 73 -60.59 -62.91 120.25
N ASN BB 74 -61.73 -62.53 120.81
CA ASN BB 74 -62.94 -62.34 120.02
C ASN BB 74 -62.89 -61.05 119.24
N VAL BB 75 -62.07 -60.09 119.68
CA VAL BB 75 -61.88 -58.82 118.99
C VAL BB 75 -60.45 -58.78 118.50
N LEU BB 76 -60.27 -58.51 117.20
CA LEU BB 76 -58.99 -58.64 116.53
C LEU BB 76 -58.27 -57.30 116.48
N PRO BB 77 -57.02 -57.25 116.94
CA PRO BB 77 -56.27 -55.98 116.93
C PRO BB 77 -55.69 -55.69 115.56
N PRO BB 78 -55.34 -54.43 115.27
CA PRO BB 78 -54.78 -54.12 113.95
C PRO BB 78 -53.38 -54.66 113.83
N GLN BB 79 -53.05 -55.16 112.65
CA GLN BB 79 -51.72 -55.65 112.34
C GLN BB 79 -50.86 -54.62 111.62
N ASN BB 80 -51.42 -53.93 110.62
CA ASN BB 80 -50.63 -53.00 109.81
C ASN BB 80 -51.27 -51.61 109.73
N ILE BB 81 -52.05 -51.24 110.75
CA ILE BB 81 -52.73 -49.94 110.81
C ILE BB 81 -52.15 -49.16 111.97
N VAL BB 82 -51.77 -47.91 111.71
CA VAL BB 82 -51.22 -47.03 112.73
C VAL BB 82 -52.17 -45.85 112.89
N PRO BB 83 -52.51 -45.45 114.11
CA PRO BB 83 -53.45 -44.36 114.28
C PRO BB 83 -52.90 -43.07 113.71
N GLY BB 84 -53.76 -42.35 113.01
CA GLY BB 84 -53.40 -41.07 112.44
C GLY BB 84 -52.74 -41.17 111.08
N VAL BB 85 -52.44 -42.36 110.60
CA VAL BB 85 -51.78 -42.54 109.32
C VAL BB 85 -52.81 -43.09 108.35
N PRO BB 86 -53.13 -42.38 107.27
CA PRO BB 86 -54.11 -42.89 106.32
C PRO BB 86 -53.59 -44.11 105.61
N THR BB 87 -54.44 -45.13 105.49
CA THR BB 87 -54.10 -46.35 104.76
C THR BB 87 -55.30 -46.72 103.90
N LYS BB 88 -55.01 -47.37 102.77
CA LYS BB 88 -56.05 -47.85 101.86
C LYS BB 88 -56.25 -49.34 101.99
N HIS BB 89 -55.42 -50.01 102.78
CA HIS BB 89 -55.54 -51.43 103.00
C HIS BB 89 -55.06 -51.72 104.41
N GLY BB 90 -55.89 -52.41 105.18
CA GLY BB 90 -55.58 -52.69 106.57
C GLY BB 90 -56.06 -54.08 106.97
N GLU BB 91 -55.41 -54.63 107.98
CA GLU BB 91 -55.67 -56.01 108.38
C GLU BB 91 -55.69 -56.11 109.89
N TYR BB 92 -56.72 -56.78 110.41
CA TYR BB 92 -56.77 -57.22 111.79
C TYR BB 92 -56.57 -58.73 111.83
N VAL BB 93 -55.92 -59.24 112.86
CA VAL BB 93 -55.51 -60.64 112.84
C VAL BB 93 -55.41 -61.16 114.27
N THR BB 94 -55.79 -62.41 114.45
CA THR BB 94 -55.45 -63.11 115.68
C THR BB 94 -54.96 -64.52 115.36
N THR BB 95 -54.56 -65.27 116.38
CA THR BB 95 -53.99 -66.60 116.18
C THR BB 95 -54.92 -67.66 116.76
N ASN BB 96 -55.32 -68.60 115.91
CA ASN BB 96 -56.03 -69.80 116.35
C ASN BB 96 -54.99 -70.83 116.73
N THR BB 97 -55.11 -71.35 117.96
CA THR BB 97 -54.32 -72.47 118.46
C THR BB 97 -55.26 -73.64 118.77
N GLY BB 98 -54.70 -74.83 118.88
CA GLY BB 98 -55.50 -76.02 119.06
C GLY BB 98 -54.64 -77.21 119.41
N ASP BB 99 -55.31 -78.24 119.92
CA ASP BB 99 -54.64 -79.48 120.30
C ASP BB 99 -54.21 -80.24 119.05
N ARG BB 100 -52.91 -80.59 118.99
CA ARG BB 100 -52.31 -81.22 117.80
C ARG BB 100 -52.39 -80.34 116.57
N LEU BB 101 -52.43 -79.01 116.76
CA LEU BB 101 -52.57 -78.07 115.67
C LEU BB 101 -51.42 -77.08 115.65
N MET BB 102 -51.06 -76.65 114.44
CA MET BB 102 -50.07 -75.60 114.25
C MET BB 102 -50.77 -74.25 114.19
N ALA BB 103 -50.25 -73.28 114.95
CA ALA BB 103 -50.87 -71.96 115.05
C ALA BB 103 -51.15 -71.37 113.68
N SER BB 104 -52.41 -70.96 113.45
CA SER BB 104 -52.80 -70.40 112.17
C SER BB 104 -53.61 -69.13 112.39
N SER BB 105 -53.27 -68.09 111.63
CA SER BB 105 -53.87 -66.79 111.86
C SER BB 105 -55.23 -66.67 111.16
N THR BB 106 -56.16 -66.00 111.83
CA THR BB 106 -57.46 -65.62 111.29
C THR BB 106 -57.43 -64.13 110.96
N THR BB 107 -57.85 -63.77 109.73
CA THR BB 107 -57.58 -62.44 109.18
C THR BB 107 -58.85 -61.73 108.75
N VAL BB 108 -58.88 -60.42 108.99
CA VAL BB 108 -59.99 -59.54 108.61
C VAL BB 108 -59.38 -58.38 107.85
N THR BB 109 -59.67 -58.29 106.56
CA THR BB 109 -59.05 -57.34 105.66
C THR BB 109 -60.05 -56.26 105.26
N ARG BB 110 -59.61 -55.00 105.27
CA ARG BB 110 -60.46 -53.88 104.88
C ARG BB 110 -59.73 -53.02 103.86
N ASP BB 111 -60.37 -52.80 102.71
CA ASP BB 111 -59.83 -52.02 101.62
C ASP BB 111 -60.73 -50.82 101.40
N VAL BB 112 -60.14 -49.62 101.39
CA VAL BB 112 -60.88 -48.39 101.10
C VAL BB 112 -60.19 -47.66 99.96
N SER BB 113 -60.88 -47.49 98.83
CA SER BB 113 -60.29 -46.84 97.66
C SER BB 113 -61.39 -46.38 96.72
N ASN BB 114 -61.30 -45.14 96.24
CA ASN BB 114 -62.16 -44.63 95.16
C ASN BB 114 -63.64 -44.80 95.49
N GLY BB 115 -64.00 -44.57 96.75
CA GLY BB 115 -65.39 -44.67 97.19
C GLY BB 115 -65.91 -46.07 97.40
N ARG BB 116 -65.06 -47.07 97.21
CA ARG BB 116 -65.45 -48.46 97.36
C ARG BB 116 -64.75 -49.00 98.59
N THR BB 117 -65.52 -49.54 99.51
CA THR BB 117 -64.98 -50.08 100.74
C THR BB 117 -65.38 -51.55 100.84
N LYS BB 118 -64.42 -52.42 101.16
CA LYS BB 118 -64.64 -53.86 101.12
C LYS BB 118 -63.97 -54.54 102.31
N VAL BB 119 -64.76 -55.31 103.06
CA VAL BB 119 -64.29 -56.08 104.21
C VAL BB 119 -64.38 -57.56 103.87
N SER BB 120 -63.29 -58.29 104.10
CA SER BB 120 -63.21 -59.73 103.85
C SER BB 120 -62.75 -60.43 105.12
N ILE BB 121 -63.31 -61.61 105.39
CA ILE BB 121 -62.98 -62.38 106.57
C ILE BB 121 -62.57 -63.79 106.14
N ASP BB 122 -61.41 -64.24 106.63
CA ASP BB 122 -60.85 -65.54 106.29
C ASP BB 122 -60.50 -66.30 107.56
N ILE BB 123 -61.11 -67.46 107.75
CA ILE BB 123 -60.82 -68.35 108.87
C ILE BB 123 -60.41 -69.71 108.34
N PRO BB 124 -59.29 -70.28 108.79
CA PRO BB 124 -58.86 -71.60 108.30
C PRO BB 124 -59.41 -72.74 109.15
N TYR BB 125 -59.40 -73.92 108.54
CA TYR BB 125 -59.82 -75.16 109.20
C TYR BB 125 -58.79 -76.25 108.94
N TYR BB 126 -58.93 -77.36 109.68
CA TYR BB 126 -58.00 -78.48 109.63
C TYR BB 126 -58.77 -79.78 109.45
N ASP BB 127 -58.00 -80.84 109.13
CA ASP BB 127 -58.52 -82.18 108.90
C ASP BB 127 -58.75 -82.89 110.24
N ARG BB 128 -60.03 -83.00 110.62
CA ARG BB 128 -60.35 -83.60 111.91
C ARG BB 128 -59.91 -85.07 111.95
N ASN BB 129 -59.93 -85.76 110.81
CA ASN BB 129 -59.52 -87.17 110.79
C ASN BB 129 -58.05 -87.31 111.14
N ALA BB 130 -57.20 -86.44 110.58
CA ALA BB 130 -55.80 -86.45 110.96
C ALA BB 130 -55.63 -86.08 112.42
N VAL BB 131 -56.35 -85.06 112.88
CA VAL BB 131 -56.14 -84.59 114.26
C VAL BB 131 -56.52 -85.68 115.26
N GLU BB 132 -57.71 -86.28 115.10
CA GLU BB 132 -58.16 -87.29 116.05
C GLU BB 132 -57.42 -88.61 115.87
N THR BB 133 -56.90 -88.89 114.67
CA THR BB 133 -56.06 -90.08 114.49
C THR BB 133 -54.74 -89.94 115.24
N LEU BB 134 -54.13 -88.75 115.18
CA LEU BB 134 -52.96 -88.48 116.01
C LEU BB 134 -53.28 -88.61 117.50
N LYS BB 135 -54.32 -87.91 117.96
CA LYS BB 135 -54.71 -88.02 119.37
C LYS BB 135 -54.86 -89.48 119.78
N ALA BB 136 -55.58 -90.27 118.98
CA ALA BB 136 -55.85 -91.66 119.32
C ALA BB 136 -54.64 -92.56 119.19
N SER BB 137 -53.64 -92.18 118.40
CA SER BB 137 -52.45 -93.01 118.24
C SER BB 137 -51.32 -92.64 119.20
N ALA BB 138 -51.39 -91.48 119.86
CA ALA BB 138 -50.39 -91.08 120.87
C ALA BB 138 -48.99 -91.03 120.26
N ILE BB 139 -48.90 -90.31 119.16
CA ILE BB 139 -47.72 -90.26 118.30
C ILE BB 139 -47.41 -88.79 118.05
N PRO BB 140 -46.13 -88.43 117.85
CA PRO BB 140 -45.74 -87.03 117.98
C PRO BB 140 -46.31 -86.04 116.93
N GLY BB 141 -46.96 -86.49 115.86
CA GLY BB 141 -47.26 -85.58 114.75
C GLY BB 141 -48.10 -84.37 115.15
N ALA BB 142 -47.97 -83.29 114.37
CA ALA BB 142 -48.91 -82.16 114.37
C ALA BB 142 -49.25 -81.74 112.95
N VAL BB 143 -50.38 -81.04 112.79
CA VAL BB 143 -51.02 -80.82 111.50
C VAL BB 143 -51.20 -79.32 111.24
N ALA BB 144 -51.08 -78.96 109.97
CA ALA BB 144 -51.26 -77.61 109.44
C ALA BB 144 -52.64 -77.48 108.80
N PRO BB 145 -53.09 -76.24 108.53
CA PRO BB 145 -54.43 -76.07 107.94
C PRO BB 145 -54.57 -76.73 106.57
N VAL BB 146 -55.82 -77.11 106.28
CA VAL BB 146 -56.17 -77.76 105.02
C VAL BB 146 -56.87 -76.81 104.06
N GLY BB 147 -57.55 -75.80 104.56
CA GLY BB 147 -58.25 -74.85 103.72
C GLY BB 147 -58.84 -73.76 104.57
N SER BB 148 -59.73 -72.97 103.97
CA SER BB 148 -60.31 -71.84 104.67
C SER BB 148 -61.71 -71.58 104.16
N PHE BB 149 -62.44 -70.78 104.93
CA PHE BB 149 -63.71 -70.21 104.51
C PHE BB 149 -63.61 -68.69 104.54
N LYS BB 150 -64.22 -68.06 103.54
CA LYS BB 150 -64.10 -66.63 103.30
C LYS BB 150 -65.47 -66.02 103.05
N VAL BB 151 -65.62 -64.79 103.54
CA VAL BB 151 -66.85 -64.01 103.37
C VAL BB 151 -66.46 -62.58 103.03
N ASN BB 152 -67.00 -62.06 101.92
CA ASN BB 152 -66.71 -60.71 101.44
C ASN BB 152 -67.95 -59.83 101.52
N VAL BB 153 -67.74 -58.55 101.78
CA VAL BB 153 -68.81 -57.56 101.88
C VAL BB 153 -68.27 -56.26 101.28
N GLU BB 154 -69.05 -55.63 100.40
CA GLU BB 154 -68.56 -54.58 99.53
C GLU BB 154 -69.60 -53.48 99.37
N VAL BB 155 -69.16 -52.22 99.48
CA VAL BB 155 -70.05 -51.06 99.43
C VAL BB 155 -69.50 -50.09 98.40
N LEU BB 156 -70.29 -49.79 97.35
CA LEU BB 156 -69.86 -48.96 96.24
C LEU BB 156 -70.46 -47.57 96.45
N GLY BB 157 -69.76 -46.75 97.24
CA GLY BB 157 -70.23 -45.45 97.66
C GLY BB 157 -69.76 -44.29 96.82
N GLY BB 158 -69.17 -44.56 95.67
CA GLY BB 158 -68.69 -43.49 94.82
C GLY BB 158 -69.81 -42.83 94.05
N GLY BB 159 -69.54 -41.62 93.59
CA GLY BB 159 -70.47 -40.93 92.73
C GLY BB 159 -71.39 -39.97 93.44
N VAL BB 160 -70.98 -39.42 94.59
CA VAL BB 160 -71.84 -38.49 95.30
C VAL BB 160 -72.00 -37.24 94.47
N LEU BB 161 -73.23 -36.74 94.39
CA LEU BB 161 -73.54 -35.59 93.56
C LEU BB 161 -73.00 -34.30 94.18
N THR BB 162 -73.00 -33.24 93.37
CA THR BB 162 -72.33 -32.00 93.79
C THR BB 162 -73.05 -31.34 94.95
N GLY BB 163 -74.39 -31.33 94.90
CA GLY BB 163 -75.15 -30.60 95.91
C GLY BB 163 -74.97 -31.14 97.32
N THR BB 164 -74.61 -32.41 97.44
CA THR BB 164 -74.56 -33.05 98.74
C THR BB 164 -73.52 -32.40 99.64
N ASP BB 165 -73.94 -32.00 100.84
CA ASP BB 165 -73.04 -31.50 101.84
C ASP BB 165 -72.71 -32.61 102.84
N ALA BB 166 -71.96 -32.25 103.88
CA ALA BB 166 -71.44 -33.24 104.81
C ALA BB 166 -72.54 -33.94 105.59
N ASN BB 167 -73.52 -33.16 106.09
CA ASN BB 167 -74.64 -33.75 106.83
C ASN BB 167 -75.39 -34.77 105.98
N ALA BB 168 -75.71 -34.38 104.75
CA ALA BB 168 -76.36 -35.29 103.80
C ALA BB 168 -75.52 -36.53 103.55
N GLN BB 169 -74.20 -36.36 103.49
CA GLN BB 169 -73.33 -37.52 103.30
C GLN BB 169 -73.42 -38.48 104.48
N PHE BB 170 -73.57 -37.95 105.69
CA PHE BB 170 -73.83 -38.84 106.83
C PHE BB 170 -75.11 -39.63 106.62
N ALA BB 171 -76.14 -38.95 106.14
CA ALA BB 171 -77.39 -39.66 105.86
C ALA BB 171 -77.17 -40.77 104.86
N LEU BB 172 -76.36 -40.52 103.83
CA LEU BB 172 -76.08 -41.53 102.82
C LEU BB 172 -75.28 -42.68 103.42
N ASP BB 173 -74.36 -42.36 104.33
CA ASP BB 173 -73.62 -43.37 105.08
C ASP BB 173 -74.57 -44.36 105.71
N GLU BB 174 -75.55 -43.85 106.46
CA GLU BB 174 -76.49 -44.73 107.15
C GLU BB 174 -77.37 -45.49 106.16
N LEU BB 175 -77.73 -44.85 105.04
CA LEU BB 175 -78.52 -45.55 104.02
C LEU BB 175 -77.78 -46.78 103.50
N LEU BB 176 -76.50 -46.62 103.16
CA LEU BB 176 -75.73 -47.75 102.68
C LEU BB 176 -75.60 -48.83 103.76
N SER BB 177 -75.38 -48.42 105.01
CA SER BB 177 -75.26 -49.44 106.05
C SER BB 177 -76.55 -50.25 106.20
N ASN BB 178 -77.70 -49.60 106.04
CA ASN BB 178 -78.98 -50.32 106.09
C ASN BB 178 -79.12 -51.28 104.91
N MET BB 179 -78.68 -50.87 103.72
CA MET BB 179 -78.69 -51.80 102.59
C MET BB 179 -77.76 -52.99 102.86
N LEU BB 180 -76.65 -52.73 103.56
CA LEU BB 180 -75.75 -53.81 103.97
C LEU BB 180 -76.48 -54.84 104.83
N MET BB 181 -77.17 -54.36 105.86
CA MET BB 181 -77.93 -55.26 106.73
C MET BB 181 -78.97 -56.05 105.94
N ASP BB 182 -79.69 -55.38 105.05
CA ASP BB 182 -80.68 -56.07 104.22
C ASP BB 182 -80.02 -57.16 103.39
N ALA BB 183 -78.86 -56.86 102.81
CA ALA BB 183 -78.18 -57.83 101.95
C ALA BB 183 -77.73 -59.06 102.74
N ALA BB 184 -77.18 -58.84 103.93
CA ALA BB 184 -76.76 -59.98 104.75
C ALA BB 184 -77.95 -60.84 105.17
N ARG BB 185 -79.06 -60.19 105.54
CA ARG BB 185 -80.25 -60.96 105.90
C ARG BB 185 -80.77 -61.75 104.70
N ILE BB 186 -80.75 -61.15 103.51
CA ILE BB 186 -81.25 -61.84 102.32
C ILE BB 186 -80.33 -63.00 101.94
N ALA BB 187 -79.04 -62.87 102.26
CA ALA BB 187 -78.09 -63.95 101.98
C ALA BB 187 -78.30 -65.13 102.90
N GLN BB 188 -78.42 -64.87 104.21
CA GLN BB 188 -78.58 -65.95 105.18
C GLN BB 188 -80.03 -66.40 105.33
N ASP BB 189 -80.97 -65.76 104.64
CA ASP BB 189 -82.38 -66.04 104.85
C ASP BB 189 -82.71 -67.50 104.55
N GLY BB 190 -83.54 -68.09 105.39
CA GLY BB 190 -84.03 -69.42 105.15
C GLY BB 190 -84.08 -70.28 106.40
N PRO BB 191 -84.84 -71.37 106.36
CA PRO BB 191 -84.88 -72.31 107.49
C PRO BB 191 -83.50 -72.91 107.73
N LYS BB 192 -83.20 -73.13 109.01
CA LYS BB 192 -82.01 -73.90 109.35
C LYS BB 192 -82.23 -75.40 109.20
N ASN BB 193 -83.45 -75.83 108.89
CA ASN BB 193 -83.70 -77.22 108.54
C ASN BB 193 -82.98 -77.62 107.26
N THR BB 194 -82.60 -76.66 106.43
CA THR BB 194 -82.35 -76.92 105.02
C THR BB 194 -81.08 -76.23 104.53
N ALA BB 195 -80.48 -76.82 103.50
CA ALA BB 195 -79.23 -76.33 102.92
C ALA BB 195 -79.38 -74.92 102.40
N ARG BB 196 -78.44 -74.03 102.76
CA ARG BB 196 -78.55 -72.71 102.15
C ARG BB 196 -77.25 -72.03 101.71
N LEU BB 197 -76.07 -72.41 102.21
CA LEU BB 197 -74.83 -71.74 101.76
C LEU BB 197 -73.73 -72.64 101.19
N VAL BB 198 -73.26 -73.65 101.97
CA VAL BB 198 -72.00 -74.32 101.65
C VAL BB 198 -72.22 -75.32 100.52
N ALA BB 199 -71.17 -75.54 99.73
CA ALA BB 199 -71.18 -76.51 98.63
C ALA BB 199 -72.35 -76.28 97.68
N ALA BB 200 -72.74 -75.01 97.53
CA ALA BB 200 -73.91 -74.65 96.75
C ALA BB 200 -73.72 -74.99 95.27
N SER BB 201 -74.75 -75.59 94.67
CA SER BB 201 -74.79 -75.90 93.25
C SER BB 201 -75.68 -74.95 92.48
N HIS BB 202 -76.90 -74.73 92.98
CA HIS BB 202 -77.89 -73.84 92.39
C HIS BB 202 -78.91 -73.53 93.46
N GLY BB 203 -79.79 -72.59 93.16
CA GLY BB 203 -80.82 -72.16 94.09
C GLY BB 203 -82.16 -72.69 93.61
N VAL BB 204 -82.98 -73.15 94.54
CA VAL BB 204 -84.34 -73.59 94.21
C VAL BB 204 -85.32 -73.00 95.23
N MET BB 205 -86.44 -72.48 94.73
CA MET BB 205 -87.54 -71.92 95.49
C MET BB 205 -88.61 -72.97 95.75
N PRO BB 206 -89.19 -73.00 96.94
CA PRO BB 206 -90.25 -73.97 97.24
C PRO BB 206 -91.58 -73.58 96.60
N GLN BB 207 -92.53 -74.52 96.69
CA GLN BB 207 -93.88 -74.33 96.19
C GLN BB 207 -94.82 -74.11 97.37
N ALA BB 208 -95.63 -73.06 97.28
CA ALA BB 208 -96.64 -72.73 98.29
C ALA BB 208 -96.03 -72.57 99.68
N GLY CB 11 51.27 20.90 -61.59
CA GLY CB 11 52.54 21.51 -61.26
C GLY CB 11 52.43 22.87 -60.59
N GLN CB 12 53.44 23.72 -60.80
CA GLN CB 12 53.48 25.04 -60.18
C GLN CB 12 52.31 25.90 -60.67
N LEU CB 13 52.09 27.00 -59.95
CA LEU CB 13 50.98 27.90 -60.20
C LEU CB 13 51.50 29.25 -60.66
N TYR CB 14 50.85 29.85 -61.67
CA TYR CB 14 51.22 31.18 -62.16
C TYR CB 14 49.94 31.94 -62.49
N MET CB 15 50.07 33.17 -62.99
CA MET CB 15 48.92 34.02 -63.29
C MET CB 15 48.72 34.13 -64.79
N GLY CB 16 47.64 33.53 -65.28
CA GLY CB 16 47.19 33.71 -66.64
C GLY CB 16 45.98 34.65 -66.64
N GLN CB 17 45.64 35.14 -67.84
CA GLN CB 17 44.60 36.14 -67.92
C GLN CB 17 43.23 35.58 -67.55
N GLN CB 18 43.08 34.26 -67.55
CA GLN CB 18 41.84 33.66 -67.06
C GLN CB 18 41.78 33.72 -65.53
N GLY CB 19 42.94 33.79 -64.88
CA GLY CB 19 43.05 33.70 -63.45
C GLY CB 19 44.30 32.91 -63.10
N PRO CB 20 44.46 32.53 -61.83
CA PRO CB 20 45.58 31.66 -61.47
C PRO CB 20 45.44 30.31 -62.15
N VAL CB 21 46.50 29.89 -62.83
CA VAL CB 21 46.48 28.74 -63.72
C VAL CB 21 47.67 27.84 -63.43
N GLN CB 22 47.44 26.53 -63.53
CA GLN CB 22 48.46 25.54 -63.24
C GLN CB 22 49.33 25.31 -64.46
N SER CB 23 50.64 25.41 -64.28
CA SER CB 23 51.58 25.13 -65.36
C SER CB 23 51.52 23.65 -65.73
N SER CB 24 51.70 23.36 -67.02
CA SER CB 24 51.54 21.99 -67.51
C SER CB 24 52.59 21.67 -68.56
N ARG CB 25 53.03 20.41 -68.55
CA ARG CB 25 54.08 19.92 -69.44
C ARG CB 25 53.52 18.76 -70.24
N THR CB 26 53.42 18.93 -71.57
CA THR CB 26 52.78 17.94 -72.41
C THR CB 26 53.66 17.55 -73.59
N THR CB 27 53.38 16.38 -74.14
CA THR CB 27 54.05 15.88 -75.33
C THR CB 27 53.29 16.25 -76.60
N PHE CB 28 52.29 17.11 -76.48
CA PHE CB 28 51.45 17.48 -77.60
C PHE CB 28 52.24 18.35 -78.58
N GLY CB 29 52.19 17.99 -79.86
CA GLY CB 29 52.77 18.81 -80.90
C GLY CB 29 54.25 18.63 -81.14
N VAL CB 30 54.85 17.51 -80.69
CA VAL CB 30 56.26 17.21 -80.92
C VAL CB 30 56.34 15.96 -81.79
N ASN CB 31 56.89 16.12 -83.00
CA ASN CB 31 57.04 15.01 -83.93
C ASN CB 31 58.46 14.45 -83.79
N PRO CB 32 58.65 13.31 -83.14
CA PRO CB 32 59.98 12.70 -83.06
C PRO CB 32 60.27 11.65 -84.12
N ASP CB 33 59.41 11.48 -85.12
CA ASP CB 33 59.67 10.53 -86.19
C ASP CB 33 61.06 10.76 -86.78
N ARG CB 34 61.73 9.66 -87.13
CA ARG CB 34 63.06 9.73 -87.70
C ARG CB 34 63.08 9.15 -89.12
N GLN CB 35 64.07 9.60 -89.87
CA GLN CB 35 64.30 9.18 -91.23
C GLN CB 35 65.31 8.03 -91.23
N ALA CB 36 65.01 6.98 -91.99
CA ALA CB 36 65.86 5.80 -91.99
C ALA CB 36 67.24 6.12 -92.53
N ASN CB 37 68.25 5.44 -91.97
CA ASN CB 37 69.63 5.61 -92.41
C ASN CB 37 69.84 4.80 -93.68
N ALA CB 38 69.40 5.38 -94.80
CA ALA CB 38 69.41 4.76 -96.12
C ALA CB 38 70.13 5.65 -97.13
N ARG CB 39 71.18 6.32 -96.69
CA ARG CB 39 71.85 7.35 -97.47
C ARG CB 39 73.25 6.89 -97.85
N PRO CB 40 73.52 6.60 -99.12
CA PRO CB 40 74.90 6.29 -99.52
C PRO CB 40 75.82 7.48 -99.25
N VAL CB 41 77.04 7.18 -98.78
CA VAL CB 41 78.00 8.21 -98.43
C VAL CB 41 79.26 8.04 -99.27
N TYR CB 42 79.99 9.12 -99.41
CA TYR CB 42 81.21 9.12 -100.19
C TYR CB 42 82.30 8.32 -99.47
N LEU CB 43 82.99 7.48 -100.23
CA LEU CB 43 84.09 6.67 -99.73
C LEU CB 43 85.36 7.09 -100.45
N ALA CB 44 86.30 7.65 -99.69
CA ALA CB 44 87.50 8.21 -100.29
C ALA CB 44 88.26 7.15 -101.09
N PRO CB 45 88.89 7.51 -102.21
CA PRO CB 45 89.66 6.53 -102.99
C PRO CB 45 91.03 6.24 -102.42
N ALA CB 46 91.44 6.95 -101.37
CA ALA CB 46 92.69 6.69 -100.67
C ALA CB 46 92.65 7.46 -99.37
N ALA CB 47 93.52 7.05 -98.44
CA ALA CB 47 93.50 7.61 -97.09
C ALA CB 47 94.76 8.45 -96.87
N PRO CB 48 94.66 9.78 -96.69
CA PRO CB 48 95.89 10.55 -96.48
C PRO CB 48 96.35 10.57 -95.04
N MET CB 49 97.52 10.01 -94.74
CA MET CB 49 98.13 10.07 -93.41
C MET CB 49 99.29 11.06 -93.37
N GLU CB 50 99.14 12.23 -94.00
CA GLU CB 50 100.29 13.13 -94.16
C GLU CB 50 100.81 13.65 -92.83
N ASN CB 51 99.91 14.06 -91.92
CA ASN CB 51 100.34 14.66 -90.66
C ASN CB 51 101.24 13.71 -89.87
N THR CB 52 100.76 12.48 -89.64
CA THR CB 52 101.50 11.53 -88.81
C THR CB 52 102.86 11.19 -89.42
N TYR CB 53 102.92 11.03 -90.74
CA TYR CB 53 104.16 10.60 -91.36
C TYR CB 53 105.18 11.73 -91.52
N THR CB 54 104.72 12.97 -91.72
CA THR CB 54 105.67 14.09 -91.62
C THR CB 54 106.22 14.21 -90.21
N TYR CB 55 105.40 14.00 -89.18
CA TYR CB 55 105.99 14.01 -87.84
C TYR CB 55 106.97 12.86 -87.65
N LEU CB 56 106.66 11.68 -88.21
CA LEU CB 56 107.56 10.54 -88.09
C LEU CB 56 108.87 10.78 -88.80
N GLY CB 57 108.85 11.51 -89.92
CA GLY CB 57 110.09 11.96 -90.51
C GLY CB 57 110.82 12.95 -89.63
N SER CB 58 110.06 13.81 -88.94
CA SER CB 58 110.67 14.79 -88.03
C SER CB 58 111.50 14.12 -86.95
N ILE CB 59 110.92 13.12 -86.26
CA ILE CB 59 111.65 12.51 -85.15
C ILE CB 59 112.55 11.38 -85.63
N GLN CB 60 112.70 11.26 -86.95
CA GLN CB 60 113.55 10.24 -87.57
C GLN CB 60 113.05 8.82 -87.27
N PHE CB 61 111.73 8.66 -87.19
CA PHE CB 61 111.08 7.35 -87.01
C PHE CB 61 111.56 6.62 -85.76
N ALA CB 62 111.78 7.38 -84.68
CA ALA CB 62 112.30 6.77 -83.47
C ALA CB 62 111.93 7.66 -82.29
N ALA CB 63 111.23 7.11 -81.31
CA ALA CB 63 111.02 7.76 -80.03
C ALA CB 63 111.37 6.77 -78.94
N GLY CB 64 112.43 7.07 -78.19
CA GLY CB 64 112.88 6.17 -77.15
C GLY CB 64 113.23 4.79 -77.69
N ARG CB 65 112.56 3.78 -77.17
CA ARG CB 65 112.75 2.41 -77.57
C ARG CB 65 111.83 1.99 -78.70
N HIS CB 66 110.88 2.84 -79.08
CA HIS CB 66 109.95 2.57 -80.16
C HIS CB 66 110.58 3.03 -81.46
N ILE CB 67 110.86 2.09 -82.35
CA ILE CB 67 111.37 2.42 -83.67
C ILE CB 67 110.28 2.09 -84.68
N PHE CB 68 110.07 2.99 -85.64
CA PHE CB 68 108.95 2.85 -86.55
C PHE CB 68 109.43 2.53 -87.96
N GLY CB 69 108.55 1.94 -88.75
CA GLY CB 69 108.87 1.66 -90.13
C GLY CB 69 108.60 2.85 -91.03
N GLU CB 70 109.35 2.91 -92.14
CA GLU CB 70 109.13 3.92 -93.17
C GLU CB 70 108.06 3.46 -94.13
N PRO CB 71 107.02 4.25 -94.35
CA PRO CB 71 105.89 3.80 -95.17
C PRO CB 71 106.27 3.63 -96.64
N ALA CB 72 105.37 3.00 -97.37
CA ALA CB 72 105.45 3.01 -98.83
C ALA CB 72 105.04 4.36 -99.37
N SER CB 73 103.90 4.86 -98.92
CA SER CB 73 103.36 6.14 -99.37
C SER CB 73 102.75 6.87 -98.18
N ASN CB 74 102.80 8.21 -98.23
CA ASN CB 74 102.07 9.01 -97.25
C ASN CB 74 100.57 8.88 -97.43
N VAL CB 75 100.13 8.48 -98.62
CA VAL CB 75 98.72 8.30 -98.93
C VAL CB 75 98.49 6.82 -99.24
N LEU CB 76 97.53 6.21 -98.53
CA LEU CB 76 97.33 4.77 -98.52
C LEU CB 76 96.30 4.36 -99.58
N PRO CB 77 96.60 3.32 -100.35
CA PRO CB 77 95.67 2.86 -101.37
C PRO CB 77 94.63 1.93 -100.79
N PRO CB 78 93.49 1.78 -101.45
CA PRO CB 78 92.47 0.84 -100.96
C PRO CB 78 92.97 -0.59 -100.99
N GLN CB 79 92.48 -1.38 -100.04
CA GLN CB 79 92.83 -2.80 -99.93
C GLN CB 79 91.70 -3.73 -100.36
N ASN CB 80 90.45 -3.42 -100.01
CA ASN CB 80 89.33 -4.26 -100.40
C ASN CB 80 88.15 -3.43 -100.91
N ILE CB 81 88.43 -2.26 -101.46
CA ILE CB 81 87.40 -1.36 -101.96
C ILE CB 81 87.52 -1.29 -103.48
N VAL CB 82 86.40 -1.38 -104.16
CA VAL CB 82 86.41 -1.32 -105.61
C VAL CB 82 85.39 -0.27 -106.04
N PRO CB 83 85.73 0.59 -106.99
CA PRO CB 83 84.80 1.64 -107.41
C PRO CB 83 83.51 1.04 -107.90
N GLY CB 84 82.40 1.64 -107.46
CA GLY CB 84 81.09 1.21 -107.90
C GLY CB 84 80.54 0.00 -107.16
N VAL CB 85 81.26 -0.53 -106.18
CA VAL CB 85 80.78 -1.66 -105.39
C VAL CB 85 80.51 -1.13 -103.98
N PRO CB 86 79.29 -1.21 -103.47
CA PRO CB 86 79.01 -0.67 -102.13
C PRO CB 86 79.44 -1.62 -101.03
N THR CB 87 80.15 -1.08 -100.04
CA THR CB 87 80.64 -1.85 -98.90
C THR CB 87 80.30 -1.09 -97.62
N LYS CB 88 80.17 -1.85 -96.54
CA LYS CB 88 80.02 -1.27 -95.21
C LYS CB 88 81.33 -1.32 -94.43
N HIS CB 89 82.37 -1.90 -95.03
CA HIS CB 89 83.69 -2.00 -94.41
C HIS CB 89 84.75 -1.85 -95.49
N GLY CB 90 85.67 -0.92 -95.29
CA GLY CB 90 86.74 -0.66 -96.24
C GLY CB 90 88.09 -0.44 -95.58
N GLU CB 91 89.14 -0.96 -96.20
CA GLU CB 91 90.47 -0.90 -95.60
C GLU CB 91 91.46 -0.29 -96.58
N TYR CB 92 92.35 0.56 -96.06
CA TYR CB 92 93.51 1.05 -96.79
C TYR CB 92 94.76 0.60 -96.06
N VAL CB 93 95.83 0.36 -96.81
CA VAL CB 93 97.04 -0.23 -96.22
C VAL CB 93 98.26 0.17 -97.03
N THR CB 94 99.38 0.39 -96.32
CA THR CB 94 100.69 0.31 -96.97
C THR CB 94 101.59 -0.59 -96.15
N THR CB 95 102.84 -0.79 -96.60
CA THR CB 95 103.77 -1.65 -95.90
C THR CB 95 104.99 -0.85 -95.47
N ASN CB 96 105.15 -0.68 -94.16
CA ASN CB 96 106.34 -0.07 -93.59
C ASN CB 96 107.54 -1.00 -93.78
N THR CB 97 108.70 -0.43 -94.11
CA THR CB 97 109.97 -1.15 -94.22
C THR CB 97 111.04 -0.39 -93.45
N GLY CB 98 112.20 -1.03 -93.27
CA GLY CB 98 113.26 -0.40 -92.50
C GLY CB 98 114.50 -1.29 -92.49
N ASP CB 99 115.58 -0.71 -92.00
CA ASP CB 99 116.86 -1.40 -91.93
C ASP CB 99 116.80 -2.48 -90.88
N ARG CB 100 117.01 -3.73 -91.30
CA ARG CB 100 116.96 -4.90 -90.42
C ARG CB 100 115.60 -5.01 -89.72
N LEU CB 101 114.54 -4.62 -90.42
CA LEU CB 101 113.17 -4.71 -89.93
C LEU CB 101 112.37 -5.54 -90.93
N MET CB 102 111.68 -6.57 -90.43
CA MET CB 102 110.76 -7.30 -91.28
C MET CB 102 109.56 -6.42 -91.61
N ALA CB 103 109.29 -6.24 -92.91
CA ALA CB 103 108.28 -5.29 -93.34
C ALA CB 103 106.92 -5.65 -92.77
N SER CB 104 106.16 -4.61 -92.40
CA SER CB 104 104.92 -4.78 -91.64
C SER CB 104 103.92 -3.73 -92.07
N SER CB 105 102.66 -4.12 -92.19
CA SER CB 105 101.64 -3.27 -92.77
C SER CB 105 101.09 -2.27 -91.74
N THR CB 106 100.76 -1.08 -92.22
CA THR CB 106 100.02 -0.09 -91.45
C THR CB 106 98.64 0.07 -92.10
N THR CB 107 97.59 0.10 -91.25
CA THR CB 107 96.22 -0.10 -91.70
C THR CB 107 95.28 1.01 -91.25
N VAL CB 108 94.34 1.36 -92.12
CA VAL CB 108 93.34 2.39 -91.85
C VAL CB 108 91.99 1.77 -92.22
N THR CB 109 91.13 1.57 -91.23
CA THR CB 109 89.87 0.87 -91.38
C THR CB 109 88.70 1.84 -91.25
N ARG CB 110 87.70 1.70 -92.12
CA ARG CB 110 86.51 2.54 -92.08
C ARG CB 110 85.28 1.65 -92.13
N ASP CB 111 84.43 1.77 -91.10
CA ASP CB 111 83.19 1.02 -90.98
C ASP CB 111 82.02 1.98 -91.02
N VAL CB 112 81.10 1.77 -91.96
CA VAL CB 112 79.94 2.65 -92.13
C VAL CB 112 78.69 1.78 -92.03
N SER CB 113 78.01 1.83 -90.86
CA SER CB 113 76.81 1.04 -90.64
C SER CB 113 75.79 1.82 -89.84
N ASN CB 114 74.55 1.84 -90.34
CA ASN CB 114 73.40 2.35 -89.59
C ASN CB 114 73.62 3.77 -89.06
N GLY CB 115 74.16 4.63 -89.90
CA GLY CB 115 74.41 6.01 -89.51
C GLY CB 115 75.65 6.24 -88.69
N ARG CB 116 76.40 5.20 -88.39
CA ARG CB 116 77.59 5.31 -87.55
C ARG CB 116 78.80 5.10 -88.45
N THR CB 117 79.63 6.13 -88.55
CA THR CB 117 80.88 6.06 -89.30
C THR CB 117 82.02 5.96 -88.30
N LYS CB 118 82.94 5.01 -88.50
CA LYS CB 118 84.08 4.83 -87.60
C LYS CB 118 85.36 4.56 -88.37
N VAL CB 119 86.38 5.39 -88.12
CA VAL CB 119 87.69 5.29 -88.75
C VAL CB 119 88.71 4.96 -87.67
N SER CB 120 89.52 3.93 -87.91
CA SER CB 120 90.56 3.50 -86.98
C SER CB 120 91.90 3.41 -87.71
N ILE CB 121 92.97 3.82 -87.03
CA ILE CB 121 94.31 3.79 -87.59
C ILE CB 121 95.20 2.98 -86.67
N ASP CB 122 95.91 1.99 -87.24
CA ASP CB 122 96.80 1.10 -86.50
C ASP CB 122 98.16 1.09 -87.16
N ILE CB 123 99.18 1.56 -86.44
CA ILE CB 123 100.57 1.57 -86.93
C ILE CB 123 101.42 0.73 -85.99
N PRO CB 124 102.23 -0.17 -86.51
CA PRO CB 124 103.10 -0.99 -85.65
C PRO CB 124 104.41 -0.29 -85.35
N TYR CB 125 105.13 -0.85 -84.37
CA TYR CB 125 106.47 -0.40 -84.02
C TYR CB 125 107.33 -1.61 -83.66
N TYR CB 126 108.63 -1.36 -83.47
CA TYR CB 126 109.62 -2.40 -83.24
C TYR CB 126 110.51 -2.02 -82.07
N ASP CB 127 111.23 -3.04 -81.58
CA ASP CB 127 112.08 -2.95 -80.40
C ASP CB 127 113.44 -2.37 -80.77
N ARG CB 128 113.65 -1.08 -80.47
CA ARG CB 128 114.91 -0.46 -80.85
C ARG CB 128 116.09 -1.07 -80.11
N ASN CB 129 115.89 -1.55 -78.88
CA ASN CB 129 116.97 -2.24 -78.18
C ASN CB 129 117.45 -3.43 -79.00
N ALA CB 130 116.52 -4.23 -79.52
CA ALA CB 130 116.90 -5.37 -80.35
C ALA CB 130 117.52 -4.91 -81.68
N VAL CB 131 116.95 -3.89 -82.31
CA VAL CB 131 117.44 -3.48 -83.62
C VAL CB 131 118.87 -2.94 -83.52
N GLU CB 132 119.14 -2.09 -82.51
CA GLU CB 132 120.48 -1.56 -82.34
C GLU CB 132 121.45 -2.61 -81.82
N THR CB 133 120.98 -3.63 -81.10
CA THR CB 133 121.84 -4.77 -80.80
C THR CB 133 122.28 -5.46 -82.09
N LEU CB 134 121.33 -5.68 -83.01
CA LEU CB 134 121.64 -6.25 -84.31
C LEU CB 134 122.69 -5.44 -85.06
N LYS CB 135 122.48 -4.12 -85.14
CA LYS CB 135 123.44 -3.29 -85.87
C LYS CB 135 124.80 -3.28 -85.19
N ALA CB 136 124.81 -3.12 -83.86
CA ALA CB 136 126.06 -2.88 -83.15
C ALA CB 136 126.97 -4.09 -83.11
N SER CB 137 126.43 -5.28 -82.84
CA SER CB 137 127.28 -6.47 -82.81
C SER CB 137 127.29 -7.22 -84.14
N ALA CB 138 126.76 -6.59 -85.21
CA ALA CB 138 126.87 -7.11 -86.57
C ALA CB 138 126.25 -8.50 -86.72
N ILE CB 139 125.06 -8.67 -86.15
CA ILE CB 139 124.28 -9.92 -86.26
C ILE CB 139 123.49 -9.84 -87.56
N PRO CB 140 123.21 -10.96 -88.25
CA PRO CB 140 122.53 -10.88 -89.55
C PRO CB 140 121.01 -10.95 -89.52
N GLY CB 141 120.36 -11.15 -88.37
CA GLY CB 141 118.93 -11.30 -88.34
C GLY CB 141 118.16 -9.99 -88.46
N ALA CB 142 116.83 -10.11 -88.41
CA ALA CB 142 115.91 -8.97 -88.42
C ALA CB 142 114.90 -9.11 -87.28
N VAL CB 143 114.18 -8.02 -87.01
CA VAL CB 143 113.20 -7.95 -85.94
C VAL CB 143 111.80 -7.83 -86.53
N ALA CB 144 110.86 -8.54 -85.92
CA ALA CB 144 109.44 -8.47 -86.21
C ALA CB 144 108.78 -7.42 -85.32
N PRO CB 145 107.62 -6.90 -85.72
CA PRO CB 145 106.96 -5.87 -84.90
C PRO CB 145 106.73 -6.35 -83.48
N VAL CB 146 106.75 -5.40 -82.56
CA VAL CB 146 106.66 -5.70 -81.15
C VAL CB 146 105.32 -5.25 -80.55
N GLY CB 147 104.72 -4.20 -81.09
CA GLY CB 147 103.40 -3.77 -80.68
C GLY CB 147 102.85 -2.76 -81.67
N SER CB 148 101.80 -2.08 -81.26
CA SER CB 148 101.20 -1.08 -82.15
C SER CB 148 100.63 0.07 -81.33
N PHE CB 149 100.22 1.11 -82.06
CA PHE CB 149 99.41 2.20 -81.52
C PHE CB 149 98.18 2.38 -82.41
N LYS CB 150 97.05 2.69 -81.76
CA LYS CB 150 95.76 2.78 -82.42
C LYS CB 150 95.01 4.03 -82.00
N VAL CB 151 94.33 4.63 -82.98
CA VAL CB 151 93.53 5.83 -82.79
C VAL CB 151 92.19 5.60 -83.48
N ASN CB 152 91.09 5.79 -82.73
CA ASN CB 152 89.74 5.57 -83.23
C ASN CB 152 88.96 6.88 -83.23
N VAL CB 153 88.11 7.04 -84.24
CA VAL CB 153 87.27 8.22 -84.37
C VAL CB 153 85.90 7.76 -84.86
N GLU CB 154 84.84 8.30 -84.26
CA GLU CB 154 83.50 7.76 -84.42
C GLU CB 154 82.49 8.90 -84.51
N VAL CB 155 81.61 8.84 -85.51
CA VAL CB 155 80.60 9.86 -85.75
C VAL CB 155 79.26 9.16 -85.74
N LEU CB 156 78.44 9.46 -84.73
CA LEU CB 156 77.12 8.88 -84.59
C LEU CB 156 76.11 9.84 -85.20
N GLY CB 157 75.82 9.63 -86.49
CA GLY CB 157 74.99 10.56 -87.23
C GLY CB 157 73.64 9.98 -87.59
N GLY CB 158 73.22 8.98 -86.82
CA GLY CB 158 71.94 8.36 -87.09
C GLY CB 158 70.78 9.21 -86.62
N GLY CB 159 69.60 8.86 -87.11
CA GLY CB 159 68.37 9.43 -86.59
C GLY CB 159 68.20 10.89 -86.93
N VAL CB 160 68.24 11.20 -88.22
CA VAL CB 160 67.82 12.52 -88.65
C VAL CB 160 66.29 12.57 -88.68
N LEU CB 161 65.76 13.78 -88.50
CA LEU CB 161 64.32 13.97 -88.45
C LEU CB 161 63.70 13.84 -89.85
N THR CB 162 62.37 13.74 -89.88
CA THR CB 162 61.69 13.35 -91.12
C THR CB 162 61.67 14.50 -92.14
N GLY CB 163 61.54 15.72 -91.66
CA GLY CB 163 61.55 16.87 -92.55
C GLY CB 163 62.92 17.38 -92.92
N THR CB 164 63.97 16.63 -92.62
CA THR CB 164 65.32 17.04 -92.98
C THR CB 164 65.47 17.01 -94.49
N ASP CB 165 65.63 18.18 -95.09
CA ASP CB 165 65.74 18.29 -96.53
C ASP CB 165 67.01 17.60 -97.02
N ALA CB 166 66.94 17.08 -98.25
CA ALA CB 166 68.14 16.51 -98.86
C ALA CB 166 69.30 17.50 -98.85
N ASN CB 167 69.01 18.78 -99.10
CA ASN CB 167 70.06 19.81 -99.06
C ASN CB 167 70.57 20.04 -97.65
N ALA CB 168 69.69 20.00 -96.66
CA ALA CB 168 70.10 20.27 -95.28
C ALA CB 168 70.93 19.14 -94.69
N GLN CB 169 70.88 17.94 -95.28
CA GLN CB 169 71.73 16.86 -94.78
C GLN CB 169 73.19 17.17 -95.04
N PHE CB 170 73.49 17.96 -96.07
CA PHE CB 170 74.87 18.40 -96.29
C PHE CB 170 75.31 19.35 -95.19
N ALA CB 171 74.43 20.26 -94.80
CA ALA CB 171 74.76 21.15 -93.69
C ALA CB 171 75.02 20.35 -92.43
N LEU CB 172 74.21 19.31 -92.19
CA LEU CB 172 74.45 18.46 -91.03
C LEU CB 172 75.78 17.73 -91.16
N ASP CB 173 76.13 17.31 -92.38
CA ASP CB 173 77.43 16.70 -92.64
C ASP CB 173 78.54 17.59 -92.13
N GLU CB 174 78.53 18.85 -92.55
CA GLU CB 174 79.59 19.78 -92.17
C GLU CB 174 79.56 20.06 -90.68
N LEU CB 175 78.37 20.12 -90.07
CA LEU CB 175 78.30 20.29 -88.62
C LEU CB 175 79.03 19.17 -87.89
N LEU CB 176 78.76 17.93 -88.30
CA LEU CB 176 79.44 16.80 -87.66
C LEU CB 176 80.95 16.85 -87.88
N SER CB 177 81.38 17.22 -89.09
CA SER CB 177 82.82 17.27 -89.32
C SER CB 177 83.50 18.34 -88.45
N ASN CB 178 82.81 19.46 -88.21
CA ASN CB 178 83.37 20.48 -87.31
C ASN CB 178 83.42 20.00 -85.87
N MET CB 179 82.41 19.23 -85.43
CA MET CB 179 82.50 18.61 -84.12
C MET CB 179 83.70 17.66 -84.05
N LEU CB 180 83.96 16.95 -85.15
CA LEU CB 180 85.15 16.09 -85.23
C LEU CB 180 86.43 16.86 -84.96
N MET CB 181 86.61 17.97 -85.69
CA MET CB 181 87.80 18.79 -85.50
C MET CB 181 87.92 19.27 -84.06
N ASP CB 182 86.82 19.77 -83.49
CA ASP CB 182 86.85 20.23 -82.10
C ASP CB 182 87.22 19.09 -81.15
N ALA CB 183 86.74 17.88 -81.44
CA ALA CB 183 87.02 16.76 -80.56
C ALA CB 183 88.48 16.39 -80.58
N ALA CB 184 89.10 16.34 -81.76
CA ALA CB 184 90.53 16.01 -81.80
C ALA CB 184 91.36 17.12 -81.15
N ARG CB 185 90.97 18.38 -81.33
CA ARG CB 185 91.70 19.46 -80.68
C ARG CB 185 91.61 19.34 -79.16
N ILE CB 186 90.42 19.01 -78.64
CA ILE CB 186 90.27 18.83 -77.20
C ILE CB 186 91.04 17.61 -76.72
N ALA CB 187 91.17 16.60 -77.59
CA ALA CB 187 91.88 15.38 -77.22
C ALA CB 187 93.37 15.65 -77.05
N GLN CB 188 93.98 16.42 -77.95
CA GLN CB 188 95.42 16.66 -77.87
C GLN CB 188 95.78 18.01 -77.25
N ASP CB 189 94.79 18.76 -76.79
CA ASP CB 189 95.03 20.08 -76.25
C ASP CB 189 95.95 19.98 -75.04
N GLY CB 190 96.87 20.92 -74.96
CA GLY CB 190 97.76 20.98 -73.82
C GLY CB 190 99.17 21.35 -74.20
N PRO CB 191 99.96 21.82 -73.23
CA PRO CB 191 101.36 22.13 -73.51
C PRO CB 191 102.10 20.85 -73.81
N LYS CB 192 103.10 20.96 -74.68
CA LYS CB 192 103.99 19.87 -75.01
C LYS CB 192 105.13 19.74 -74.01
N ASN CB 193 105.18 20.62 -73.01
CA ASN CB 193 106.14 20.48 -71.91
C ASN CB 193 105.72 19.37 -70.96
N THR CB 194 104.44 19.00 -70.95
CA THR CB 194 103.90 18.12 -69.93
C THR CB 194 103.21 16.91 -70.58
N ALA CB 195 103.17 15.82 -69.82
CA ALA CB 195 102.59 14.56 -70.30
C ALA CB 195 101.11 14.73 -70.61
N ARG CB 196 100.66 14.19 -71.74
CA ARG CB 196 99.22 14.27 -71.99
C ARG CB 196 98.53 13.06 -72.63
N LEU CB 197 99.24 12.12 -73.28
CA LEU CB 197 98.50 11.03 -73.93
C LEU CB 197 98.88 9.60 -73.54
N VAL CB 198 100.16 9.22 -73.69
CA VAL CB 198 100.52 7.80 -73.60
C VAL CB 198 100.69 7.39 -72.15
N ALA CB 199 100.51 6.10 -71.90
CA ALA CB 199 100.68 5.51 -70.57
C ALA CB 199 99.78 6.20 -69.55
N ALA CB 200 98.68 6.79 -70.01
CA ALA CB 200 97.84 7.61 -69.16
C ALA CB 200 97.27 6.81 -68.00
N SER CB 201 97.32 7.41 -66.80
CA SER CB 201 96.75 6.82 -65.59
C SER CB 201 95.50 7.55 -65.14
N HIS CB 202 95.55 8.87 -65.09
CA HIS CB 202 94.42 9.72 -64.75
C HIS CB 202 94.74 11.13 -65.25
N GLY CB 203 93.76 12.02 -65.13
CA GLY CB 203 93.92 13.41 -65.53
C GLY CB 203 94.10 14.29 -64.31
N VAL CB 204 94.97 15.30 -64.43
CA VAL CB 204 95.14 16.27 -63.36
C VAL CB 204 95.20 17.66 -63.97
N MET CB 205 94.13 18.43 -63.84
CA MET CB 205 94.17 19.78 -64.39
C MET CB 205 94.87 20.72 -63.42
N PRO CB 206 95.71 21.63 -63.90
CA PRO CB 206 96.55 22.43 -63.01
C PRO CB 206 95.76 23.55 -62.36
N GLN CB 207 96.21 23.94 -61.15
CA GLN CB 207 95.53 25.00 -60.40
C GLN CB 207 95.69 26.35 -61.08
N ALA CB 208 96.89 26.64 -61.55
CA ALA CB 208 97.17 27.87 -62.26
C ALA CB 208 98.44 27.68 -63.08
N PRO DB 20 108.70 -35.24 -79.30
CA PRO DB 20 107.93 -34.46 -80.28
C PRO DB 20 108.71 -33.26 -80.82
N VAL DB 21 109.00 -33.27 -82.12
CA VAL DB 21 109.74 -32.20 -82.79
C VAL DB 21 108.72 -31.24 -83.40
N GLN DB 22 108.81 -29.96 -83.05
CA GLN DB 22 107.88 -28.96 -83.53
C GLN DB 22 108.58 -27.93 -84.41
N SER DB 23 107.83 -27.38 -85.36
CA SER DB 23 108.37 -26.40 -86.31
C SER DB 23 108.01 -24.98 -85.86
N SER DB 24 108.87 -24.02 -86.22
CA SER DB 24 108.65 -22.64 -85.81
C SER DB 24 109.25 -21.68 -86.83
N ARG DB 25 108.83 -20.42 -86.70
CA ARG DB 25 109.25 -19.30 -87.53
C ARG DB 25 109.91 -18.27 -86.62
N THR DB 26 111.21 -18.07 -86.79
CA THR DB 26 112.00 -17.30 -85.84
C THR DB 26 112.36 -15.93 -86.39
N THR DB 27 112.32 -14.94 -85.52
CA THR DB 27 113.02 -13.68 -85.75
C THR DB 27 113.85 -13.37 -84.50
N PHE DB 28 114.86 -12.53 -84.67
CA PHE DB 28 115.68 -12.15 -83.53
C PHE DB 28 114.90 -11.25 -82.59
N GLY DB 29 115.18 -11.40 -81.29
CA GLY DB 29 114.57 -10.56 -80.29
C GLY DB 29 114.12 -11.33 -79.06
N VAL DB 30 113.47 -10.59 -78.17
CA VAL DB 30 112.81 -11.15 -76.99
C VAL DB 30 111.50 -10.40 -76.84
N ASN DB 31 110.48 -11.12 -76.37
CA ASN DB 31 109.22 -10.48 -76.02
C ASN DB 31 109.50 -9.32 -75.07
N PRO DB 32 108.95 -8.14 -75.35
CA PRO DB 32 109.45 -6.93 -74.69
C PRO DB 32 108.97 -6.84 -73.26
N ASP DB 33 109.61 -5.95 -72.52
CA ASP DB 33 109.16 -5.58 -71.18
C ASP DB 33 108.35 -4.31 -71.30
N ARG DB 34 107.06 -4.38 -71.00
CA ARG DB 34 106.17 -3.24 -71.09
C ARG DB 34 106.18 -2.44 -69.80
N GLN DB 35 105.99 -1.13 -69.93
CA GLN DB 35 105.93 -0.24 -68.79
C GLN DB 35 104.48 -0.10 -68.33
N ALA DB 36 104.29 0.00 -67.02
CA ALA DB 36 102.95 0.16 -66.47
C ALA DB 36 102.37 1.52 -66.85
N ASN DB 37 101.04 1.58 -66.93
CA ASN DB 37 100.36 2.81 -67.32
C ASN DB 37 100.13 3.71 -66.10
N ALA DB 38 101.23 4.15 -65.49
CA ALA DB 38 101.21 4.93 -64.25
C ALA DB 38 101.59 6.39 -64.48
N ARG DB 39 101.31 6.91 -65.66
CA ARG DB 39 101.75 8.24 -66.03
C ARG DB 39 100.56 9.20 -65.99
N PRO DB 40 100.44 10.05 -64.98
CA PRO DB 40 99.34 11.03 -64.97
C PRO DB 40 99.54 12.07 -66.05
N VAL DB 41 98.43 12.51 -66.64
CA VAL DB 41 98.45 13.35 -67.83
C VAL DB 41 97.73 14.67 -67.54
N TYR DB 42 97.95 15.61 -68.45
CA TYR DB 42 97.36 16.92 -68.37
C TYR DB 42 95.88 16.87 -68.70
N LEU DB 43 95.13 17.72 -68.03
CA LEU DB 43 93.68 17.81 -68.19
C LEU DB 43 93.34 19.27 -68.44
N ALA DB 44 92.70 19.55 -69.57
CA ALA DB 44 92.44 20.93 -69.95
C ALA DB 44 91.55 21.61 -68.91
N PRO DB 45 91.85 22.85 -68.52
CA PRO DB 45 90.97 23.58 -67.59
C PRO DB 45 89.69 24.09 -68.24
N ALA DB 46 89.52 23.87 -69.54
CA ALA DB 46 88.30 24.17 -70.27
C ALA DB 46 88.39 23.53 -71.64
N ALA DB 47 87.23 23.31 -72.26
CA ALA DB 47 87.18 22.62 -73.55
C ALA DB 47 86.79 23.61 -74.63
N PRO DB 48 87.64 23.88 -75.65
CA PRO DB 48 87.22 24.83 -76.69
C PRO DB 48 86.41 24.13 -77.76
N MET DB 49 85.25 24.70 -78.11
CA MET DB 49 84.40 24.19 -79.18
C MET DB 49 84.19 25.25 -80.25
N GLU DB 50 85.26 25.97 -80.62
CA GLU DB 50 85.11 27.13 -81.49
C GLU DB 50 84.68 26.73 -82.90
N ASN DB 51 85.25 25.65 -83.46
CA ASN DB 51 84.95 25.27 -84.84
C ASN DB 51 83.46 25.00 -85.05
N THR DB 52 82.90 24.12 -84.21
CA THR DB 52 81.51 23.71 -84.39
C THR DB 52 80.55 24.88 -84.13
N TYR DB 53 80.84 25.73 -83.15
CA TYR DB 53 79.90 26.81 -82.82
C TYR DB 53 79.98 27.96 -83.81
N THR DB 54 81.15 28.24 -84.37
CA THR DB 54 81.19 29.18 -85.49
C THR DB 54 80.41 28.63 -86.68
N TYR DB 55 80.52 27.33 -86.96
CA TYR DB 55 79.70 26.81 -88.06
C TYR DB 55 78.21 26.90 -87.75
N LEU DB 56 77.83 26.64 -86.49
CA LEU DB 56 76.42 26.77 -86.11
C LEU DB 56 75.93 28.19 -86.30
N GLY DB 57 76.77 29.17 -85.95
CA GLY DB 57 76.44 30.54 -86.30
C GLY DB 57 76.30 30.74 -87.80
N SER DB 58 77.12 30.04 -88.57
CA SER DB 58 77.04 30.13 -90.04
C SER DB 58 75.66 29.72 -90.54
N ILE DB 59 75.18 28.54 -90.14
CA ILE DB 59 73.92 28.05 -90.68
C ILE DB 59 72.73 28.64 -89.93
N GLN DB 60 73.00 29.58 -89.02
CA GLN DB 60 71.97 30.23 -88.21
C GLN DB 60 71.21 29.21 -87.35
N PHE DB 61 71.95 28.20 -86.86
CA PHE DB 61 71.45 27.25 -85.85
C PHE DB 61 70.24 26.46 -86.34
N ALA DB 62 70.20 26.14 -87.63
CA ALA DB 62 69.05 25.43 -88.17
C ALA DB 62 69.46 24.64 -89.39
N ALA DB 63 68.90 23.43 -89.51
CA ALA DB 63 69.14 22.59 -90.67
C ALA DB 63 68.06 21.52 -90.69
N GLY DB 64 67.37 21.39 -91.83
CA GLY DB 64 66.25 20.47 -91.87
C GLY DB 64 65.19 20.98 -90.93
N ARG DB 65 64.62 20.08 -90.12
CA ARG DB 65 63.83 20.53 -88.98
C ARG DB 65 64.56 20.30 -87.66
N HIS DB 66 65.88 20.16 -87.71
CA HIS DB 66 66.69 20.31 -86.52
C HIS DB 66 66.95 21.79 -86.25
N ILE DB 67 66.62 22.25 -85.05
CA ILE DB 67 67.04 23.58 -84.62
C ILE DB 67 67.88 23.42 -83.37
N PHE DB 68 68.97 24.18 -83.29
CA PHE DB 68 69.92 24.07 -82.18
C PHE DB 68 69.85 25.30 -81.30
N GLY DB 69 70.46 25.18 -80.12
CA GLY DB 69 70.48 26.27 -79.17
C GLY DB 69 71.78 27.06 -79.23
N GLU DB 70 71.68 28.33 -78.87
CA GLU DB 70 72.87 29.17 -78.76
C GLU DB 70 73.58 28.88 -77.44
N PRO DB 71 74.88 28.67 -77.45
CA PRO DB 71 75.61 28.35 -76.22
C PRO DB 71 75.79 29.59 -75.36
N ALA DB 72 76.25 29.35 -74.14
CA ALA DB 72 76.68 30.46 -73.31
C ALA DB 72 78.08 30.90 -73.68
N SER DB 73 78.99 29.94 -73.83
CA SER DB 73 80.38 30.23 -74.16
C SER DB 73 80.83 29.28 -75.26
N ASN DB 74 81.69 29.79 -76.16
CA ASN DB 74 82.35 28.93 -77.12
C ASN DB 74 83.34 28.00 -76.44
N VAL DB 75 83.82 28.38 -75.27
CA VAL DB 75 84.70 27.55 -74.46
C VAL DB 75 83.93 27.12 -73.23
N LEU DB 76 83.82 25.78 -73.04
CA LEU DB 76 83.05 25.08 -72.03
C LEU DB 76 83.85 24.97 -70.74
N PRO DB 77 83.33 25.48 -69.63
CA PRO DB 77 84.02 25.34 -68.34
C PRO DB 77 83.86 23.94 -67.78
N PRO DB 78 84.70 23.54 -66.83
CA PRO DB 78 84.54 22.23 -66.19
C PRO DB 78 83.42 22.23 -65.16
N GLN DB 79 82.69 21.11 -65.12
CA GLN DB 79 81.57 20.95 -64.18
C GLN DB 79 81.92 20.15 -62.95
N ASN DB 80 82.72 19.09 -63.10
CA ASN DB 80 83.03 18.19 -61.99
C ASN DB 80 84.53 17.92 -61.86
N ILE DB 81 85.37 18.88 -62.23
CA ILE DB 81 86.82 18.68 -62.20
C ILE DB 81 87.39 19.71 -61.24
N VAL DB 82 87.76 19.25 -60.05
CA VAL DB 82 88.48 20.11 -59.11
C VAL DB 82 89.95 20.17 -59.53
N PRO DB 83 90.61 21.32 -59.45
CA PRO DB 83 92.00 21.37 -59.87
C PRO DB 83 92.89 20.68 -58.85
N GLY DB 84 93.91 20.00 -59.36
CA GLY DB 84 94.81 19.29 -58.48
C GLY DB 84 94.25 18.00 -57.93
N VAL DB 85 93.07 17.60 -58.37
CA VAL DB 85 92.44 16.37 -57.90
C VAL DB 85 92.47 15.38 -59.06
N PRO DB 86 93.13 14.24 -58.90
CA PRO DB 86 93.12 13.25 -59.98
C PRO DB 86 91.71 12.75 -60.23
N THR DB 87 91.32 12.77 -61.50
CA THR DB 87 89.99 12.33 -61.92
C THR DB 87 90.16 11.47 -63.17
N LYS DB 88 89.54 10.30 -63.17
CA LYS DB 88 89.55 9.43 -64.34
C LYS DB 88 88.37 9.70 -65.27
N HIS DB 89 87.48 10.61 -64.87
CA HIS DB 89 86.33 10.97 -65.68
C HIS DB 89 85.92 12.41 -65.34
N GLY DB 90 85.72 13.21 -66.38
CA GLY DB 90 85.40 14.62 -66.18
C GLY DB 90 84.56 15.16 -67.31
N GLU DB 91 83.81 16.22 -66.99
CA GLU DB 91 82.83 16.75 -67.91
C GLU DB 91 82.92 18.27 -67.96
N TYR DB 92 82.94 18.82 -69.16
CA TYR DB 92 82.73 20.24 -69.38
C TYR DB 92 81.35 20.43 -69.98
N VAL DB 93 80.66 21.50 -69.59
CA VAL DB 93 79.27 21.64 -70.01
C VAL DB 93 78.93 23.11 -70.10
N THR DB 94 78.25 23.49 -71.17
CA THR DB 94 77.68 24.83 -71.21
C THR DB 94 76.21 24.78 -71.61
N THR DB 95 75.48 25.78 -71.17
CA THR DB 95 74.03 25.75 -71.32
C THR DB 95 73.65 26.36 -72.67
N ASN DB 96 72.62 25.78 -73.30
CA ASN DB 96 72.09 26.21 -74.59
C ASN DB 96 70.75 26.88 -74.31
N THR DB 97 70.55 28.08 -74.85
CA THR DB 97 69.29 28.80 -74.70
C THR DB 97 68.79 29.18 -76.10
N GLY DB 98 67.52 29.56 -76.18
CA GLY DB 98 66.94 29.93 -77.47
C GLY DB 98 65.50 30.37 -77.28
N ASP DB 99 64.98 31.02 -78.33
CA ASP DB 99 63.61 31.51 -78.33
C ASP DB 99 62.65 30.34 -78.36
N ARG DB 100 61.82 30.24 -77.32
CA ARG DB 100 60.88 29.13 -77.15
C ARG DB 100 61.61 27.79 -77.15
N LEU DB 101 62.77 27.75 -76.48
CA LEU DB 101 63.53 26.55 -76.24
C LEU DB 101 63.71 26.35 -74.75
N MET DB 102 63.58 25.12 -74.28
CA MET DB 102 63.93 24.82 -72.91
C MET DB 102 65.43 24.68 -72.80
N ALA DB 103 66.04 25.42 -71.88
CA ALA DB 103 67.49 25.40 -71.73
C ALA DB 103 68.00 23.96 -71.64
N SER DB 104 69.03 23.65 -72.42
CA SER DB 104 69.57 22.29 -72.48
C SER DB 104 71.08 22.31 -72.57
N SER DB 105 71.72 21.34 -71.91
CA SER DB 105 73.16 21.38 -71.73
C SER DB 105 73.85 20.63 -72.86
N THR DB 106 74.92 21.23 -73.40
CA THR DB 106 75.80 20.55 -74.34
C THR DB 106 77.07 20.14 -73.59
N THR DB 107 77.52 18.90 -73.83
CA THR DB 107 78.45 18.22 -72.93
C THR DB 107 79.66 17.65 -73.65
N VAL DB 108 80.82 17.84 -73.05
CA VAL DB 108 82.09 17.29 -73.53
C VAL DB 108 82.67 16.43 -72.43
N THR DB 109 82.83 15.15 -72.69
CA THR DB 109 83.19 14.16 -71.68
C THR DB 109 84.56 13.58 -71.98
N ARG DB 110 85.44 13.55 -70.98
CA ARG DB 110 86.78 13.00 -71.12
C ARG DB 110 86.98 11.89 -70.11
N ASP DB 111 87.39 10.72 -70.60
CA ASP DB 111 87.68 9.54 -69.78
C ASP DB 111 89.13 9.17 -70.00
N VAL DB 112 89.94 9.29 -68.96
CA VAL DB 112 91.35 8.94 -69.01
C VAL DB 112 91.57 7.77 -68.06
N SER DB 113 91.82 6.57 -68.59
CA SER DB 113 92.10 5.44 -67.70
C SER DB 113 92.86 4.36 -68.46
N ASN DB 114 93.82 3.74 -67.75
CA ASN DB 114 94.54 2.55 -68.22
C ASN DB 114 95.18 2.76 -69.60
N GLY DB 115 95.76 3.93 -69.79
CA GLY DB 115 96.42 4.29 -71.04
C GLY DB 115 95.51 4.66 -72.19
N ARG DB 116 94.19 4.62 -71.99
CA ARG DB 116 93.23 4.96 -73.03
C ARG DB 116 92.58 6.27 -72.64
N THR DB 117 92.62 7.24 -73.54
CA THR DB 117 91.95 8.52 -73.32
C THR DB 117 90.87 8.69 -74.39
N LYS DB 118 89.68 9.11 -73.97
CA LYS DB 118 88.53 9.18 -74.87
C LYS DB 118 87.72 10.45 -74.61
N VAL DB 119 87.46 11.21 -75.67
CA VAL DB 119 86.71 12.46 -75.61
C VAL DB 119 85.44 12.29 -76.45
N SER DB 120 84.30 12.64 -75.87
CA SER DB 120 83.00 12.55 -76.51
C SER DB 120 82.29 13.89 -76.44
N ILE DB 121 81.60 14.26 -77.52
CA ILE DB 121 80.87 15.53 -77.60
C ILE DB 121 79.42 15.24 -77.96
N ASP DB 122 78.50 15.82 -77.20
CA ASP DB 122 77.06 15.58 -77.36
C ASP DB 122 76.36 16.93 -77.37
N ILE DB 123 75.73 17.27 -78.48
CA ILE DB 123 74.95 18.51 -78.61
C ILE DB 123 73.51 18.15 -78.94
N PRO DB 124 72.52 18.73 -78.25
CA PRO DB 124 71.12 18.40 -78.52
C PRO DB 124 70.48 19.29 -79.58
N TYR DB 125 69.37 18.80 -80.12
CA TYR DB 125 68.58 19.51 -81.13
C TYR DB 125 67.09 19.33 -80.82
N TYR DB 126 66.31 20.33 -81.26
CA TYR DB 126 64.86 20.41 -81.03
C TYR DB 126 64.11 20.33 -82.36
N ASP DB 127 62.80 20.09 -82.24
CA ASP DB 127 61.87 20.02 -83.36
C ASP DB 127 61.54 21.42 -83.89
N ARG DB 128 62.17 21.76 -85.01
CA ARG DB 128 61.98 23.08 -85.60
C ARG DB 128 60.51 23.33 -85.95
N ASN DB 129 59.77 22.27 -86.29
CA ASN DB 129 58.35 22.44 -86.64
C ASN DB 129 57.56 22.91 -85.43
N ALA DB 130 57.80 22.28 -84.28
CA ALA DB 130 57.14 22.71 -83.05
C ALA DB 130 57.56 24.11 -82.67
N VAL DB 131 58.86 24.41 -82.73
CA VAL DB 131 59.34 25.71 -82.30
C VAL DB 131 58.74 26.82 -83.15
N GLU DB 132 58.77 26.63 -84.49
CA GLU DB 132 58.30 27.67 -85.39
C GLU DB 132 56.78 27.79 -85.37
N THR DB 133 56.05 26.67 -85.16
CA THR DB 133 54.61 26.77 -84.97
C THR DB 133 54.28 27.59 -83.73
N LEU DB 134 55.03 27.38 -82.64
CA LEU DB 134 54.85 28.19 -81.44
C LEU DB 134 55.16 29.66 -81.70
N LYS DB 135 56.29 29.94 -82.37
CA LYS DB 135 56.69 31.31 -82.65
C LYS DB 135 55.65 32.02 -83.51
N ALA DB 136 55.29 31.42 -84.65
CA ALA DB 136 54.32 32.03 -85.55
C ALA DB 136 52.97 32.20 -84.87
N SER DB 137 52.56 31.23 -84.06
CA SER DB 137 51.29 31.37 -83.37
C SER DB 137 51.38 32.20 -82.10
N ALA DB 138 52.56 32.71 -81.75
CA ALA DB 138 52.73 33.50 -80.53
C ALA DB 138 52.22 32.73 -79.31
N ILE DB 139 52.67 31.48 -79.18
CA ILE DB 139 52.32 30.63 -78.04
C ILE DB 139 53.51 30.64 -77.10
N PRO DB 140 53.31 30.75 -75.78
CA PRO DB 140 54.45 30.84 -74.85
C PRO DB 140 55.05 29.51 -74.41
N GLY DB 141 54.81 28.41 -75.11
CA GLY DB 141 55.41 27.15 -74.72
C GLY DB 141 56.89 27.10 -75.04
N ALA DB 142 57.64 26.37 -74.21
CA ALA DB 142 59.06 26.12 -74.41
C ALA DB 142 59.28 24.64 -74.71
N VAL DB 143 60.15 24.35 -75.67
CA VAL DB 143 60.30 22.99 -76.19
C VAL DB 143 61.56 22.35 -75.60
N ALA DB 144 61.42 21.11 -75.17
CA ALA DB 144 62.55 20.28 -74.74
C ALA DB 144 63.21 19.63 -75.95
N PRO DB 145 64.47 19.23 -75.83
CA PRO DB 145 65.18 18.67 -76.99
C PRO DB 145 64.60 17.35 -77.44
N VAL DB 146 64.54 17.17 -78.75
CA VAL DB 146 64.03 15.93 -79.31
C VAL DB 146 65.15 14.90 -79.50
N GLY DB 147 66.39 15.33 -79.70
CA GLY DB 147 67.46 14.36 -79.87
C GLY DB 147 68.82 14.98 -79.69
N SER DB 148 69.85 14.27 -80.14
CA SER DB 148 71.21 14.78 -80.02
C SER DB 148 72.09 14.17 -81.10
N PHE DB 149 73.24 14.80 -81.31
CA PHE DB 149 74.32 14.29 -82.16
C PHE DB 149 75.59 14.16 -81.33
N LYS DB 150 76.33 13.07 -81.58
CA LYS DB 150 77.50 12.69 -80.78
C LYS DB 150 78.68 12.34 -81.67
N VAL DB 151 79.87 12.72 -81.19
CA VAL DB 151 81.13 12.42 -81.85
C VAL DB 151 82.13 11.94 -80.79
N ASN DB 152 82.71 10.76 -81.02
CA ASN DB 152 83.66 10.12 -80.11
C ASN DB 152 85.05 10.08 -80.72
N VAL DB 153 86.06 10.21 -79.88
CA VAL DB 153 87.45 10.18 -80.29
C VAL DB 153 88.23 9.45 -79.21
N GLU DB 154 89.14 8.56 -79.61
CA GLU DB 154 89.73 7.60 -78.68
C GLU DB 154 91.18 7.34 -79.05
N VAL DB 155 92.04 7.29 -78.04
CA VAL DB 155 93.48 7.14 -78.24
C VAL DB 155 93.95 6.03 -77.31
N LEU DB 156 94.43 4.92 -77.89
CA LEU DB 156 94.90 3.77 -77.15
C LEU DB 156 96.42 3.89 -77.01
N GLY DB 157 96.86 4.56 -75.95
CA GLY DB 157 98.26 4.87 -75.71
C GLY DB 157 98.97 3.99 -74.72
N GLY DB 158 98.43 2.82 -74.43
CA GLY DB 158 99.07 1.94 -73.49
C GLY DB 158 100.14 1.08 -74.11
N GLY DB 159 100.98 0.52 -73.26
CA GLY DB 159 101.96 -0.46 -73.69
C GLY DB 159 103.31 0.10 -74.00
N VAL DB 160 103.64 1.29 -73.48
CA VAL DB 160 104.93 1.90 -73.75
C VAL DB 160 106.04 0.99 -73.24
N LEU DB 161 107.06 0.81 -74.07
CA LEU DB 161 108.18 -0.07 -73.76
C LEU DB 161 109.03 0.50 -72.62
N THR DB 162 109.72 -0.39 -71.91
CA THR DB 162 110.38 0.00 -70.66
C THR DB 162 111.54 0.97 -70.90
N GLY DB 163 112.29 0.77 -71.97
CA GLY DB 163 113.40 1.67 -72.24
C GLY DB 163 112.99 3.12 -72.42
N THR DB 164 111.77 3.37 -72.90
CA THR DB 164 111.32 4.72 -73.24
C THR DB 164 111.35 5.63 -72.02
N ASP DB 165 112.03 6.77 -72.14
CA ASP DB 165 112.10 7.69 -71.02
C ASP DB 165 111.08 8.81 -71.19
N ALA DB 166 111.11 9.80 -70.30
CA ALA DB 166 110.08 10.84 -70.28
C ALA DB 166 110.09 11.66 -71.55
N ASN DB 167 111.29 12.10 -71.96
CA ASN DB 167 111.42 12.90 -73.18
C ASN DB 167 110.89 12.15 -74.39
N ALA DB 168 111.20 10.86 -74.49
CA ALA DB 168 110.68 10.05 -75.58
C ALA DB 168 109.15 9.96 -75.53
N GLN DB 169 108.60 9.83 -74.32
CA GLN DB 169 107.15 9.76 -74.21
C GLN DB 169 106.50 11.05 -74.70
N PHE DB 170 107.17 12.20 -74.52
CA PHE DB 170 106.66 13.43 -75.14
C PHE DB 170 106.46 13.26 -76.64
N ALA DB 171 107.47 12.68 -77.29
CA ALA DB 171 107.40 12.46 -78.73
C ALA DB 171 106.24 11.55 -79.09
N LEU DB 172 106.05 10.50 -78.29
CA LEU DB 172 104.92 9.61 -78.54
C LEU DB 172 103.59 10.36 -78.39
N ASP DB 173 103.54 11.31 -77.44
CA ASP DB 173 102.35 12.14 -77.27
C ASP DB 173 102.02 12.85 -78.58
N GLU DB 174 103.00 13.58 -79.12
CA GLU DB 174 102.72 14.33 -80.35
C GLU DB 174 102.44 13.39 -81.52
N LEU DB 175 103.05 12.19 -81.53
CA LEU DB 175 102.76 11.24 -82.60
C LEU DB 175 101.30 10.83 -82.60
N LEU DB 176 100.78 10.47 -81.43
CA LEU DB 176 99.37 10.14 -81.33
C LEU DB 176 98.50 11.34 -81.69
N SER DB 177 98.94 12.55 -81.32
CA SER DB 177 98.21 13.74 -81.72
C SER DB 177 98.06 13.82 -83.24
N ASN DB 178 99.15 13.59 -83.97
CA ASN DB 178 99.08 13.70 -85.41
C ASN DB 178 98.25 12.56 -86.03
N MET DB 179 98.30 11.37 -85.42
CA MET DB 179 97.40 10.31 -85.88
C MET DB 179 95.95 10.68 -85.68
N LEU DB 180 95.65 11.36 -84.56
CA LEU DB 180 94.31 11.91 -84.34
C LEU DB 180 93.88 12.83 -85.47
N MET DB 181 94.72 13.82 -85.77
CA MET DB 181 94.40 14.76 -86.84
C MET DB 181 94.14 14.04 -88.15
N ASP DB 182 94.99 13.06 -88.48
CA ASP DB 182 94.81 12.30 -89.72
C ASP DB 182 93.51 11.52 -89.70
N ALA DB 183 93.17 10.92 -88.56
CA ALA DB 183 91.92 10.16 -88.50
C ALA DB 183 90.71 11.05 -88.72
N ALA DB 184 90.71 12.24 -88.11
CA ALA DB 184 89.57 13.14 -88.29
C ALA DB 184 89.48 13.63 -89.74
N ARG DB 185 90.62 13.92 -90.37
CA ARG DB 185 90.60 14.31 -91.77
C ARG DB 185 90.06 13.18 -92.63
N ILE DB 186 90.50 11.94 -92.38
CA ILE DB 186 90.03 10.80 -93.16
C ILE DB 186 88.54 10.57 -92.94
N ALA DB 187 88.04 10.93 -91.76
CA ALA DB 187 86.63 10.76 -91.46
C ALA DB 187 85.78 11.77 -92.25
N GLN DB 188 86.15 13.05 -92.21
CA GLN DB 188 85.39 14.08 -92.89
C GLN DB 188 85.75 14.22 -94.37
N ASP DB 189 86.71 13.43 -94.86
CA ASP DB 189 87.23 13.61 -96.20
C ASP DB 189 86.15 13.44 -97.25
N GLY DB 190 86.15 14.32 -98.25
CA GLY DB 190 85.25 14.23 -99.36
C GLY DB 190 84.73 15.56 -99.84
N PRO DB 191 84.15 15.58 -101.04
CA PRO DB 191 83.49 16.79 -101.52
C PRO DB 191 82.31 17.13 -100.64
N LYS DB 192 82.06 18.43 -100.47
CA LYS DB 192 80.84 18.89 -99.84
C LYS DB 192 79.65 18.84 -100.79
N ASN DB 193 79.87 18.44 -102.05
CA ASN DB 193 78.78 18.23 -103.00
C ASN DB 193 78.01 16.96 -102.70
N THR DB 194 78.66 15.96 -102.10
CA THR DB 194 78.07 14.64 -101.93
C THR DB 194 77.92 14.29 -100.46
N ALA DB 195 77.05 13.33 -100.21
CA ALA DB 195 76.75 12.88 -98.85
C ALA DB 195 77.95 12.18 -98.24
N ARG DB 196 78.30 12.51 -97.00
CA ARG DB 196 79.44 11.81 -96.42
C ARG DB 196 79.25 11.31 -94.98
N LEU DB 197 78.39 11.92 -94.14
CA LEU DB 197 78.27 11.49 -92.75
C LEU DB 197 76.90 11.06 -92.23
N VAL DB 198 75.88 11.95 -92.30
CA VAL DB 198 74.65 11.72 -91.55
C VAL DB 198 73.76 10.72 -92.26
N ALA DB 199 72.96 10.00 -91.49
CA ALA DB 199 72.05 8.97 -92.00
C ALA DB 199 72.81 7.97 -92.89
N ALA DB 200 74.06 7.71 -92.54
CA ALA DB 200 74.90 6.85 -93.36
C ALA DB 200 74.35 5.43 -93.41
N SER DB 201 74.37 4.83 -94.60
CA SER DB 201 73.99 3.43 -94.79
C SER DB 201 75.14 2.56 -95.25
N HIS DB 202 75.93 3.04 -96.21
CA HIS DB 202 77.04 2.29 -96.80
C HIS DB 202 77.90 3.26 -97.59
N GLY DB 203 79.12 2.83 -97.88
CA GLY DB 203 80.10 3.65 -98.58
C GLY DB 203 80.27 3.15 -100.01
N VAL DB 204 80.46 4.08 -100.94
CA VAL DB 204 80.68 3.76 -102.34
C VAL DB 204 81.83 4.63 -102.85
N MET DB 205 82.83 3.98 -103.44
CA MET DB 205 83.98 4.69 -104.00
C MET DB 205 83.61 5.20 -105.40
N PRO DB 206 83.91 6.46 -105.72
CA PRO DB 206 83.48 7.02 -107.00
C PRO DB 206 84.17 6.32 -108.17
N GLN DB 207 83.51 6.40 -109.33
CA GLN DB 207 84.00 5.73 -110.53
C GLN DB 207 85.45 6.12 -110.82
N ALA DB 208 85.76 7.41 -110.68
CA ALA DB 208 87.13 7.92 -110.77
C ALA DB 208 87.85 7.39 -111.99
N SER EB 23 61.61 10.71 -73.78
CA SER EB 23 60.42 11.48 -74.10
C SER EB 23 60.65 12.98 -73.90
N SER EB 24 60.36 13.76 -74.95
CA SER EB 24 60.56 15.21 -74.94
C SER EB 24 59.21 15.91 -74.90
N ARG EB 25 59.05 16.84 -73.97
CA ARG EB 25 57.78 17.51 -73.73
C ARG EB 25 57.97 19.01 -73.71
N THR EB 26 57.07 19.71 -74.38
CA THR EB 26 57.02 21.17 -74.28
C THR EB 26 56.27 21.58 -73.02
N THR EB 27 56.81 22.59 -72.34
CA THR EB 27 56.35 23.01 -71.03
C THR EB 27 55.78 24.42 -71.12
N PHE EB 28 54.61 24.60 -70.50
CA PHE EB 28 53.96 25.90 -70.33
C PHE EB 28 54.00 26.26 -68.86
N GLY EB 29 54.49 27.45 -68.56
CA GLY EB 29 54.64 27.83 -67.17
C GLY EB 29 56.00 27.46 -66.64
N VAL EB 30 56.04 27.30 -65.32
CA VAL EB 30 57.29 27.07 -64.60
C VAL EB 30 57.73 25.63 -64.78
N ASN EB 31 59.01 25.43 -65.08
CA ASN EB 31 59.61 24.11 -65.09
C ASN EB 31 60.46 23.96 -63.85
N PRO EB 32 60.07 23.14 -62.87
CA PRO EB 32 60.82 23.05 -61.61
C PRO EB 32 61.91 21.99 -61.56
N ASP EB 33 62.32 21.41 -62.69
CA ASP EB 33 63.37 20.39 -62.68
C ASP EB 33 64.63 20.92 -62.01
N ARG EB 34 65.10 20.20 -60.99
CA ARG EB 34 66.32 20.56 -60.27
C ARG EB 34 67.48 19.67 -60.70
N GLN EB 35 68.68 20.22 -60.62
CA GLN EB 35 69.90 19.50 -60.98
C GLN EB 35 70.36 18.68 -59.79
N ALA EB 36 70.69 17.40 -60.05
CA ALA EB 36 71.13 16.51 -58.99
C ALA EB 36 72.37 17.04 -58.29
N ASN EB 37 72.39 16.87 -56.97
CA ASN EB 37 73.47 17.38 -56.10
C ASN EB 37 74.65 16.40 -56.17
N ALA EB 38 75.35 16.44 -57.32
CA ALA EB 38 76.43 15.48 -57.64
C ALA EB 38 77.63 16.25 -58.16
N ARG EB 39 78.03 17.30 -57.44
CA ARG EB 39 79.11 18.18 -57.84
C ARG EB 39 80.20 18.21 -56.78
N PRO EB 40 81.41 17.74 -57.09
CA PRO EB 40 82.50 17.86 -56.13
C PRO EB 40 82.86 19.31 -55.87
N VAL EB 41 83.25 19.61 -54.63
CA VAL EB 41 83.56 20.97 -54.23
C VAL EB 41 84.95 21.02 -53.61
N TYR EB 42 85.57 22.19 -53.73
CA TYR EB 42 86.92 22.39 -53.23
C TYR EB 42 86.95 22.29 -51.71
N LEU EB 43 88.01 21.64 -51.21
CA LEU EB 43 88.21 21.41 -49.79
C LEU EB 43 89.56 22.00 -49.40
N ALA EB 44 89.54 23.02 -48.55
CA ALA EB 44 90.75 23.74 -48.19
C ALA EB 44 91.78 22.78 -47.58
N PRO EB 45 93.07 22.95 -47.90
CA PRO EB 45 94.10 22.05 -47.33
C PRO EB 45 94.39 22.33 -45.87
N ALA EB 46 93.83 23.38 -45.29
CA ALA EB 46 93.99 23.71 -43.89
C ALA EB 46 92.95 24.77 -43.53
N ALA EB 47 92.69 24.91 -42.24
CA ALA EB 47 91.63 25.81 -41.79
C ALA EB 47 92.26 27.02 -41.09
N PRO EB 48 92.18 28.24 -41.63
CA PRO EB 48 92.75 29.38 -40.91
C PRO EB 48 91.81 29.87 -39.81
N MET EB 49 92.32 29.96 -38.59
CA MET EB 49 91.58 30.52 -37.47
C MET EB 49 92.23 31.79 -36.95
N GLU EB 50 92.72 32.65 -37.84
CA GLU EB 50 93.58 33.75 -37.41
C GLU EB 50 92.82 34.75 -36.53
N ASN EB 51 91.57 35.08 -36.88
CA ASN EB 51 90.83 36.11 -36.16
C ASN EB 51 90.66 35.75 -34.69
N THR EB 52 90.15 34.54 -34.42
CA THR EB 52 89.83 34.15 -33.05
C THR EB 52 91.08 34.03 -32.19
N TYR EB 53 92.18 33.50 -32.74
CA TYR EB 53 93.39 33.30 -31.95
C TYR EB 53 94.17 34.59 -31.74
N THR EB 54 94.14 35.50 -32.70
CA THR EB 54 94.68 36.83 -32.42
C THR EB 54 93.87 37.52 -31.31
N TYR EB 55 92.54 37.40 -31.32
CA TYR EB 55 91.79 38.02 -30.23
C TYR EB 55 92.09 37.33 -28.90
N LEU EB 56 92.25 36.00 -28.90
CA LEU EB 56 92.59 35.30 -27.67
C LEU EB 56 93.94 35.74 -27.12
N GLY EB 57 94.92 35.96 -28.01
CA GLY EB 57 96.15 36.60 -27.58
C GLY EB 57 95.92 37.99 -27.03
N SER EB 58 94.97 38.73 -27.61
CA SER EB 58 94.65 40.06 -27.12
C SER EB 58 94.20 40.03 -25.66
N ILE EB 59 93.32 39.11 -25.30
CA ILE EB 59 92.84 39.10 -23.92
C ILE EB 59 93.69 38.20 -23.04
N GLN EB 60 94.84 37.75 -23.55
CA GLN EB 60 95.76 36.90 -22.79
C GLN EB 60 95.11 35.58 -22.40
N PHE EB 61 94.25 35.07 -23.27
CA PHE EB 61 93.67 33.72 -23.13
C PHE EB 61 92.89 33.57 -21.82
N ALA EB 62 92.17 34.61 -21.41
CA ALA EB 62 91.45 34.55 -20.15
C ALA EB 62 90.36 35.60 -20.14
N ALA EB 63 89.12 35.19 -19.90
CA ALA EB 63 88.00 36.08 -19.69
C ALA EB 63 87.20 35.58 -18.50
N GLY EB 64 87.09 36.40 -17.47
CA GLY EB 64 86.36 36.01 -16.28
C GLY EB 64 86.97 34.78 -15.63
N ARG EB 65 86.14 33.77 -15.42
CA ARG EB 65 86.59 32.51 -14.89
C ARG EB 65 86.95 31.51 -15.97
N HIS EB 66 86.83 31.88 -17.24
CA HIS EB 66 87.20 31.03 -18.36
C HIS EB 66 88.67 31.27 -18.69
N ILE EB 67 89.49 30.22 -18.65
CA ILE EB 67 90.86 30.31 -19.14
C ILE EB 67 90.99 29.39 -20.34
N PHE EB 68 91.68 29.87 -21.37
CA PHE EB 68 91.81 29.13 -22.62
C PHE EB 68 93.25 28.66 -22.80
N GLY EB 69 93.43 27.67 -23.69
CA GLY EB 69 94.74 27.18 -23.97
C GLY EB 69 95.36 27.80 -25.21
N GLU EB 70 96.69 27.73 -25.28
CA GLU EB 70 97.43 28.29 -26.41
C GLU EB 70 97.53 27.27 -27.53
N PRO EB 71 97.10 27.59 -28.74
CA PRO EB 71 97.14 26.60 -29.82
C PRO EB 71 98.56 26.38 -30.31
N ALA EB 72 98.78 25.22 -30.94
CA ALA EB 72 100.07 25.00 -31.58
C ALA EB 72 100.19 25.83 -32.85
N SER EB 73 99.11 25.98 -33.61
CA SER EB 73 99.15 26.80 -34.83
C SER EB 73 97.87 27.61 -34.95
N ASN EB 74 98.01 28.76 -35.63
CA ASN EB 74 96.85 29.56 -36.00
C ASN EB 74 96.11 28.96 -37.16
N VAL EB 75 96.78 28.13 -37.95
CA VAL EB 75 96.17 27.44 -39.08
C VAL EB 75 96.19 25.95 -38.77
N LEU EB 76 95.01 25.31 -38.86
CA LEU EB 76 94.82 23.94 -38.38
C LEU EB 76 94.99 22.95 -39.53
N PRO EB 77 95.83 21.94 -39.35
CA PRO EB 77 96.05 20.95 -40.41
C PRO EB 77 94.95 19.90 -40.44
N PRO EB 78 94.76 19.21 -41.56
CA PRO EB 78 93.71 18.20 -41.61
C PRO EB 78 94.08 16.98 -40.77
N GLN EB 79 93.08 16.43 -40.10
CA GLN EB 79 93.24 15.22 -39.31
C GLN EB 79 92.84 13.96 -40.05
N ASN EB 80 91.70 13.98 -40.74
CA ASN EB 80 91.17 12.79 -41.39
C ASN EB 80 90.86 13.02 -42.87
N ILE EB 81 91.54 13.97 -43.50
CA ILE EB 81 91.34 14.29 -44.92
C ILE EB 81 92.62 13.96 -45.65
N VAL EB 82 92.48 13.23 -46.77
CA VAL EB 82 93.59 12.84 -47.60
C VAL EB 82 93.41 13.49 -48.96
N PRO EB 83 94.43 14.09 -49.55
CA PRO EB 83 94.25 14.76 -50.84
C PRO EB 83 93.87 13.75 -51.90
N GLY EB 84 92.91 14.16 -52.73
CA GLY EB 84 92.46 13.34 -53.83
C GLY EB 84 91.42 12.32 -53.47
N VAL EB 85 91.09 12.18 -52.18
CA VAL EB 85 90.10 11.20 -51.75
C VAL EB 85 88.85 11.97 -51.34
N PRO EB 86 87.71 11.74 -51.99
CA PRO EB 86 86.50 12.46 -51.62
C PRO EB 86 86.03 12.04 -50.24
N THR EB 87 85.66 13.02 -49.42
CA THR EB 87 85.11 12.77 -48.10
C THR EB 87 83.91 13.67 -47.91
N LYS EB 88 82.95 13.20 -47.11
CA LYS EB 88 81.76 13.97 -46.78
C LYS EB 88 81.85 14.56 -45.38
N HIS EB 89 82.89 14.21 -44.64
CA HIS EB 89 83.08 14.72 -43.30
C HIS EB 89 84.58 14.81 -43.06
N GLY EB 90 85.05 15.98 -42.64
CA GLY EB 90 86.46 16.21 -42.44
C GLY EB 90 86.70 17.11 -41.24
N GLU EB 91 87.88 16.95 -40.65
CA GLU EB 91 88.20 17.66 -39.42
C GLU EB 91 89.62 18.19 -39.47
N TYR EB 92 89.78 19.45 -39.09
CA TYR EB 92 91.07 20.05 -38.81
C TYR EB 92 91.20 20.24 -37.31
N VAL EB 93 92.41 20.09 -36.78
CA VAL EB 93 92.55 20.05 -35.33
C VAL EB 93 93.94 20.52 -34.94
N THR EB 94 94.01 21.25 -33.81
CA THR EB 94 95.30 21.49 -33.18
C THR EB 94 95.19 21.27 -31.68
N THR EB 95 96.31 21.41 -30.97
CA THR EB 95 96.34 21.13 -29.53
C THR EB 95 96.59 22.43 -28.77
N ASN EB 96 95.68 22.75 -27.86
CA ASN EB 96 95.87 23.82 -26.89
C ASN EB 96 96.62 23.24 -25.69
N THR EB 97 97.74 23.86 -25.33
CA THR EB 97 98.50 23.56 -24.13
C THR EB 97 98.50 24.80 -23.23
N GLY EB 98 98.82 24.60 -21.97
CA GLY EB 98 98.74 25.68 -21.00
C GLY EB 98 99.38 25.29 -19.69
N ASP EB 99 99.67 26.31 -18.88
CA ASP EB 99 100.28 26.11 -17.58
C ASP EB 99 99.25 25.50 -16.62
N ARG EB 100 99.63 24.38 -15.99
CA ARG EB 100 98.75 23.59 -15.13
C ARG EB 100 97.53 23.06 -15.89
N LEU EB 101 97.67 22.83 -17.20
CA LEU EB 101 96.57 22.39 -18.03
C LEU EB 101 96.92 21.10 -18.75
N MET EB 102 95.90 20.28 -18.98
CA MET EB 102 96.03 19.07 -19.76
C MET EB 102 95.70 19.36 -21.22
N ALA EB 103 96.58 18.90 -22.12
CA ALA EB 103 96.43 19.20 -23.54
C ALA EB 103 95.03 18.87 -24.05
N SER EB 104 94.39 19.85 -24.68
CA SER EB 104 93.04 19.66 -25.20
C SER EB 104 92.95 20.17 -26.62
N SER EB 105 92.33 19.37 -27.48
CA SER EB 105 92.31 19.69 -28.90
C SER EB 105 91.19 20.67 -29.24
N THR EB 106 91.49 21.58 -30.17
CA THR EB 106 90.55 22.52 -30.76
C THR EB 106 90.21 22.04 -32.17
N THR EB 107 88.90 21.93 -32.48
CA THR EB 107 88.45 21.19 -33.66
C THR EB 107 87.60 22.05 -34.59
N VAL EB 108 87.79 21.84 -35.89
CA VAL EB 108 87.05 22.53 -36.94
C VAL EB 108 86.51 21.45 -37.87
N THR EB 109 85.20 21.29 -37.88
CA THR EB 109 84.54 20.19 -38.58
C THR EB 109 83.80 20.73 -39.80
N ARG EB 110 83.93 20.04 -40.94
CA ARG EB 110 83.25 20.43 -42.17
C ARG EB 110 82.51 19.22 -42.74
N ASP EB 111 81.21 19.39 -42.98
CA ASP EB 111 80.36 18.35 -43.52
C ASP EB 111 79.82 18.82 -44.86
N VAL EB 112 79.97 17.99 -45.89
CA VAL EB 112 79.44 18.29 -47.23
C VAL EB 112 78.58 17.11 -47.67
N SER EB 113 77.28 17.35 -47.86
CA SER EB 113 76.36 16.28 -48.26
C SER EB 113 75.09 16.88 -48.85
N ASN EB 114 74.65 16.34 -49.99
CA ASN EB 114 73.34 16.66 -50.56
C ASN EB 114 73.14 18.16 -50.76
N GLY EB 115 74.20 18.84 -51.18
CA GLY EB 115 74.16 20.28 -51.43
C GLY EB 115 74.20 21.15 -50.20
N ARG EB 116 74.34 20.56 -49.02
CA ARG EB 116 74.38 21.29 -47.77
C ARG EB 116 75.78 21.17 -47.22
N THR EB 117 76.40 22.30 -46.95
CA THR EB 117 77.76 22.33 -46.43
C THR EB 117 77.74 23.09 -45.11
N LYS EB 118 78.39 22.51 -44.09
CA LYS EB 118 78.31 23.04 -42.73
C LYS EB 118 79.67 22.97 -42.04
N VAL EB 119 80.12 24.11 -41.54
CA VAL EB 119 81.37 24.25 -40.80
C VAL EB 119 81.06 24.56 -39.35
N SER EB 120 81.66 23.81 -38.42
CA SER EB 120 81.48 24.00 -36.99
C SER EB 120 82.85 24.15 -36.33
N ILE EB 121 82.93 25.03 -35.34
CA ILE EB 121 84.19 25.29 -34.62
C ILE EB 121 83.94 25.11 -33.13
N ASP EB 122 84.81 24.32 -32.49
CA ASP EB 122 84.69 24.00 -31.07
C ASP EB 122 86.02 24.26 -30.38
N ILE EB 123 86.03 25.16 -29.40
CA ILE EB 123 87.20 25.45 -28.60
C ILE EB 123 86.87 25.25 -27.13
N PRO EB 124 87.67 24.50 -26.38
CA PRO EB 124 87.39 24.26 -24.97
C PRO EB 124 88.02 25.31 -24.06
N TYR EB 125 87.49 25.38 -22.84
CA TYR EB 125 87.98 26.28 -21.80
C TYR EB 125 88.12 25.50 -20.49
N TYR EB 126 88.79 26.13 -19.52
CA TYR EB 126 89.07 25.53 -18.21
C TYR EB 126 88.67 26.49 -17.10
N ASP EB 127 88.65 25.92 -15.88
CA ASP EB 127 88.29 26.65 -14.66
C ASP EB 127 89.49 27.46 -14.17
N ARG EB 128 89.43 28.77 -14.37
CA ARG EB 128 90.54 29.63 -13.97
C ARG EB 128 90.76 29.58 -12.47
N ASN EB 129 89.69 29.40 -11.69
CA ASN EB 129 89.84 29.36 -10.23
C ASN EB 129 90.67 28.15 -9.80
N ALA EB 130 90.40 26.99 -10.41
CA ALA EB 130 91.23 25.83 -10.13
C ALA EB 130 92.66 26.05 -10.60
N VAL EB 131 92.83 26.62 -11.80
CA VAL EB 131 94.18 26.77 -12.34
C VAL EB 131 95.03 27.69 -11.46
N GLU EB 132 94.50 28.86 -11.12
CA GLU EB 132 95.26 29.82 -10.33
C GLU EB 132 95.36 29.41 -8.88
N THR EB 133 94.42 28.60 -8.37
CA THR EB 133 94.55 28.06 -7.01
C THR EB 133 95.70 27.06 -6.94
N LEU EB 134 95.82 26.20 -7.96
CA LEU EB 134 96.99 25.33 -8.04
C LEU EB 134 98.29 26.13 -8.14
N LYS EB 135 98.35 27.07 -9.09
CA LYS EB 135 99.54 27.91 -9.21
C LYS EB 135 99.92 28.52 -7.86
N ALA EB 136 98.94 29.11 -7.17
CA ALA EB 136 99.20 29.80 -5.91
C ALA EB 136 99.50 28.86 -4.76
N SER EB 137 99.10 27.59 -4.85
CA SER EB 137 99.35 26.65 -3.76
C SER EB 137 100.63 25.84 -3.96
N ALA EB 138 101.20 25.83 -5.17
CA ALA EB 138 102.47 25.15 -5.45
C ALA EB 138 102.37 23.66 -5.14
N ILE EB 139 101.35 23.05 -5.70
CA ILE EB 139 100.94 21.68 -5.41
C ILE EB 139 100.78 20.97 -6.74
N PRO EB 140 101.00 19.66 -6.79
CA PRO EB 140 101.22 19.00 -8.10
C PRO EB 140 100.03 18.95 -9.07
N GLY EB 141 98.81 19.31 -8.67
CA GLY EB 141 97.65 19.00 -9.51
C GLY EB 141 97.72 19.62 -10.91
N ALA EB 142 97.00 18.99 -11.85
CA ALA EB 142 96.67 19.59 -13.15
C ALA EB 142 95.20 19.34 -13.49
N VAL EB 143 94.66 20.16 -14.39
CA VAL EB 143 93.23 20.29 -14.63
C VAL EB 143 92.89 20.01 -16.09
N ALA EB 144 91.73 19.40 -16.29
CA ALA EB 144 91.14 19.07 -17.58
C ALA EB 144 90.07 20.11 -17.95
N PRO EB 145 89.64 20.15 -19.21
CA PRO EB 145 88.63 21.14 -19.62
C PRO EB 145 87.31 20.99 -18.88
N VAL EB 146 86.62 22.12 -18.74
CA VAL EB 146 85.33 22.19 -18.06
C VAL EB 146 84.17 22.30 -19.04
N GLY EB 147 84.40 22.85 -20.23
CA GLY EB 147 83.35 23.00 -21.21
C GLY EB 147 83.93 23.55 -22.49
N SER EB 148 83.04 23.99 -23.38
CA SER EB 148 83.49 24.47 -24.68
C SER EB 148 82.53 25.53 -25.17
N PHE EB 149 83.00 26.25 -26.20
CA PHE EB 149 82.15 27.16 -26.98
C PHE EB 149 82.19 26.71 -28.43
N LYS EB 150 81.02 26.79 -29.08
CA LYS EB 150 80.82 26.27 -30.42
C LYS EB 150 80.09 27.30 -31.29
N VAL EB 151 80.49 27.32 -32.56
CA VAL EB 151 79.91 28.19 -33.56
C VAL EB 151 79.68 27.39 -34.85
N ASN EB 152 78.44 27.39 -35.36
CA ASN EB 152 78.06 26.67 -36.56
C ASN EB 152 77.69 27.62 -37.68
N VAL EB 153 77.99 27.20 -38.92
CA VAL EB 153 77.70 27.98 -40.11
C VAL EB 153 77.29 26.99 -41.20
N GLU EB 154 76.19 27.28 -41.89
CA GLU EB 154 75.50 26.29 -42.71
C GLU EB 154 74.99 26.94 -43.99
N VAL EB 155 75.20 26.27 -45.14
CA VAL EB 155 74.84 26.79 -46.44
C VAL EB 155 74.03 25.72 -47.17
N LEU EB 156 72.78 26.05 -47.53
CA LEU EB 156 71.85 25.10 -48.14
C LEU EB 156 71.83 25.37 -49.64
N GLY EB 157 72.78 24.80 -50.34
CA GLY EB 157 73.00 25.06 -51.75
C GLY EB 157 72.33 24.08 -52.70
N GLY EB 158 71.45 23.23 -52.20
CA GLY EB 158 70.79 22.27 -53.04
C GLY EB 158 69.68 22.90 -53.86
N GLY EB 159 69.31 22.21 -54.94
CA GLY EB 159 68.17 22.62 -55.72
C GLY EB 159 68.51 23.46 -56.92
N VAL EB 160 69.71 23.33 -57.47
CA VAL EB 160 70.09 24.13 -58.63
C VAL EB 160 69.22 23.70 -59.81
N LEU EB 161 68.73 24.69 -60.55
CA LEU EB 161 67.81 24.44 -61.66
C LEU EB 161 68.54 23.83 -62.84
N THR EB 162 67.75 23.31 -63.80
CA THR EB 162 68.36 22.55 -64.89
C THR EB 162 69.19 23.42 -65.81
N GLY EB 163 68.70 24.63 -66.11
CA GLY EB 163 69.38 25.47 -67.08
C GLY EB 163 70.77 25.90 -66.64
N THR EB 164 71.04 25.91 -65.35
CA THR EB 164 72.29 26.44 -64.85
C THR EB 164 73.48 25.61 -65.33
N ASP EB 165 74.45 26.29 -65.95
CA ASP EB 165 75.69 25.67 -66.34
C ASP EB 165 76.76 25.95 -65.28
N ALA EB 166 77.99 25.51 -65.58
CA ALA EB 166 79.06 25.56 -64.59
C ALA EB 166 79.43 26.99 -64.23
N ASN EB 167 79.57 27.87 -65.24
CA ASN EB 167 79.90 29.27 -64.99
C ASN EB 167 78.87 29.93 -64.08
N ALA EB 168 77.59 29.73 -64.40
CA ALA EB 168 76.51 30.25 -63.57
C ALA EB 168 76.58 29.68 -62.15
N GLN EB 169 76.96 28.41 -62.02
CA GLN EB 169 77.10 27.83 -60.69
C GLN EB 169 78.20 28.52 -59.89
N PHE EB 170 79.28 28.92 -60.56
CA PHE EB 170 80.28 29.73 -59.87
C PHE EB 170 79.67 31.03 -59.36
N ALA EB 171 78.85 31.66 -60.20
CA ALA EB 171 78.19 32.88 -59.76
C ALA EB 171 77.34 32.62 -58.52
N LEU EB 172 76.64 31.49 -58.50
CA LEU EB 172 75.80 31.15 -57.34
C LEU EB 172 76.66 30.87 -56.11
N ASP EB 173 77.83 30.25 -56.33
CA ASP EB 173 78.79 30.06 -55.25
C ASP EB 173 79.10 31.37 -54.55
N GLU EB 174 79.47 32.39 -55.34
CA GLU EB 174 79.81 33.67 -54.76
C GLU EB 174 78.60 34.34 -54.11
N LEU EB 175 77.40 34.16 -54.70
CA LEU EB 175 76.20 34.71 -54.09
C LEU EB 175 75.99 34.17 -52.68
N LEU EB 176 76.09 32.86 -52.53
CA LEU EB 176 75.92 32.26 -51.21
C LEU EB 176 77.00 32.74 -50.25
N SER EB 177 78.25 32.85 -50.71
CA SER EB 177 79.30 33.31 -49.80
C SER EB 177 79.01 34.74 -49.31
N ASN EB 178 78.46 35.59 -50.19
CA ASN EB 178 78.10 36.94 -49.76
C ASN EB 178 76.95 36.93 -48.74
N MET EB 179 75.97 36.04 -48.93
CA MET EB 179 74.93 35.90 -47.91
C MET EB 179 75.52 35.42 -46.59
N LEU EB 180 76.55 34.57 -46.66
CA LEU EB 180 77.27 34.13 -45.46
C LEU EB 180 77.84 35.32 -44.71
N MET EB 181 78.57 36.17 -45.43
CA MET EB 181 79.16 37.35 -44.81
C MET EB 181 78.08 38.24 -44.18
N ASP EB 182 76.99 38.46 -44.90
CA ASP EB 182 75.89 39.26 -44.35
C ASP EB 182 75.35 38.64 -43.08
N ALA EB 183 75.19 37.32 -43.06
CA ALA EB 183 74.63 36.66 -41.89
C ALA EB 183 75.54 36.79 -40.68
N ALA EB 184 76.86 36.62 -40.88
CA ALA EB 184 77.79 36.76 -39.76
C ALA EB 184 77.80 38.19 -39.23
N ARG EB 185 77.76 39.18 -40.13
CA ARG EB 185 77.72 40.57 -39.68
C ARG EB 185 76.43 40.86 -38.91
N ILE EB 186 75.30 40.31 -39.37
CA ILE EB 186 74.03 40.54 -38.69
C ILE EB 186 74.02 39.85 -37.34
N ALA EB 187 74.74 38.73 -37.21
CA ALA EB 187 74.81 38.04 -35.93
C ALA EB 187 75.64 38.81 -34.92
N GLN EB 188 76.83 39.27 -35.32
CA GLN EB 188 77.70 39.99 -34.40
C GLN EB 188 77.38 41.47 -34.30
N ASP EB 189 76.39 41.96 -35.05
CA ASP EB 189 76.13 43.39 -35.11
C ASP EB 189 75.76 43.93 -33.74
N GLY EB 190 76.27 45.12 -33.43
CA GLY EB 190 75.92 45.81 -32.21
C GLY EB 190 77.10 46.45 -31.52
N PRO EB 191 76.83 47.40 -30.61
CA PRO EB 191 77.90 48.02 -29.82
C PRO EB 191 78.61 46.98 -28.97
N LYS EB 192 79.92 47.16 -28.80
CA LYS EB 192 80.66 46.37 -27.84
C LYS EB 192 80.47 46.87 -26.42
N ASN EB 193 79.78 47.99 -26.23
CA ASN EB 193 79.39 48.43 -24.90
C ASN EB 193 78.44 47.47 -24.22
N THR EB 194 77.76 46.62 -25.00
CA THR EB 194 76.52 45.99 -24.55
C THR EB 194 76.48 44.51 -24.90
N ALA EB 195 75.72 43.77 -24.09
CA ALA EB 195 75.58 42.33 -24.23
C ALA EB 195 75.02 41.95 -25.60
N ARG EB 196 75.64 41.00 -26.29
CA ARG EB 196 75.01 40.60 -27.54
C ARG EB 196 75.02 39.10 -27.87
N LEU EB 197 75.89 38.26 -27.30
CA LEU EB 197 75.87 36.83 -27.63
C LEU EB 197 75.72 35.85 -26.45
N VAL EB 198 76.63 35.91 -25.46
CA VAL EB 198 76.77 34.82 -24.50
C VAL EB 198 75.65 34.90 -23.46
N ALA EB 199 75.27 33.73 -22.94
CA ALA EB 199 74.25 33.60 -21.90
C ALA EB 199 72.96 34.32 -22.28
N ALA EB 200 72.66 34.33 -23.59
CA ALA EB 200 71.52 35.07 -24.11
C ALA EB 200 70.20 34.49 -23.59
N SER EB 201 69.31 35.39 -23.17
CA SER EB 201 67.96 35.04 -22.73
C SER EB 201 66.91 35.39 -23.77
N HIS EB 202 66.97 36.61 -24.30
CA HIS EB 202 66.06 37.11 -25.32
C HIS EB 202 66.72 38.32 -25.94
N GLY EB 203 66.12 38.81 -27.02
CA GLY EB 203 66.64 39.96 -27.75
C GLY EB 203 65.75 41.15 -27.49
N VAL EB 204 66.37 42.32 -27.31
CA VAL EB 204 65.62 43.56 -27.15
C VAL EB 204 66.22 44.63 -28.04
N MET EB 205 65.36 45.39 -28.72
CA MET EB 205 65.69 46.51 -29.59
C MET EB 205 65.60 47.82 -28.81
N PRO EB 206 66.54 48.74 -29.04
CA PRO EB 206 66.49 50.03 -28.36
C PRO EB 206 65.43 50.96 -28.95
N GLN EB 207 65.21 52.08 -28.26
CA GLN EB 207 64.28 53.12 -28.68
C GLN EB 207 65.07 54.30 -29.21
N ALA EB 208 64.70 54.77 -30.40
CA ALA EB 208 65.30 55.94 -31.04
C ALA EB 208 66.81 55.80 -31.20
N GLY FB 11 52.96 -67.63 96.89
CA GLY FB 11 54.18 -68.34 97.24
C GLY FB 11 53.96 -69.58 98.08
N GLN FB 12 54.94 -69.93 98.90
CA GLN FB 12 54.87 -71.12 99.74
C GLN FB 12 53.74 -71.01 100.75
N LEU FB 13 53.40 -72.15 101.34
CA LEU FB 13 52.28 -72.26 102.28
C LEU FB 13 52.80 -72.60 103.67
N TYR FB 14 52.23 -71.95 104.69
CA TYR FB 14 52.59 -72.24 106.08
C TYR FB 14 51.32 -72.19 106.93
N MET FB 15 51.46 -72.39 108.25
CA MET FB 15 50.31 -72.44 109.15
C MET FB 15 50.25 -71.19 110.00
N GLY FB 16 49.25 -70.34 109.74
CA GLY FB 16 48.93 -69.22 110.58
C GLY FB 16 47.69 -69.56 111.41
N GLN FB 17 47.46 -68.74 112.44
CA GLN FB 17 46.38 -69.06 113.36
C GLN FB 17 45.02 -68.96 112.72
N GLN FB 18 44.91 -68.28 111.57
CA GLN FB 18 43.65 -68.29 110.84
C GLN FB 18 43.44 -69.63 110.12
N GLY FB 19 44.53 -70.34 109.85
CA GLY FB 19 44.50 -71.54 109.05
C GLY FB 19 45.74 -71.58 108.17
N PRO FB 20 45.79 -72.50 107.21
CA PRO FB 20 46.90 -72.49 106.25
C PRO FB 20 46.88 -71.21 105.43
N VAL FB 21 48.01 -70.53 105.38
CA VAL FB 21 48.12 -69.18 104.83
C VAL FB 21 49.32 -69.12 103.89
N GLN FB 22 49.14 -68.36 102.80
CA GLN FB 22 50.17 -68.21 101.77
C GLN FB 22 51.16 -67.14 102.19
N SER FB 23 52.45 -67.49 102.14
CA SER FB 23 53.48 -66.51 102.43
C SER FB 23 53.52 -65.45 101.33
N SER FB 24 53.83 -64.21 101.72
CA SER FB 24 53.78 -63.10 100.78
C SER FB 24 54.94 -62.14 101.00
N ARG FB 25 55.42 -61.57 99.90
CA ARG FB 25 56.57 -60.67 99.90
C ARG FB 25 56.12 -59.33 99.31
N THR FB 26 56.15 -58.27 100.11
CA THR FB 26 55.63 -56.98 99.69
C THR FB 26 56.64 -55.88 99.93
N THR FB 27 56.46 -54.78 99.18
CA THR FB 27 57.26 -53.58 99.34
C THR FB 27 56.61 -52.59 100.30
N PHE FB 28 55.57 -53.01 100.99
CA PHE FB 28 54.84 -52.15 101.90
C PHE FB 28 55.68 -51.82 103.14
N GLY FB 29 55.78 -50.53 103.45
CA GLY FB 29 56.42 -50.11 104.67
C GLY FB 29 57.93 -49.96 104.61
N VAL FB 30 58.50 -49.84 103.41
CA VAL FB 30 59.94 -49.65 103.24
C VAL FB 30 60.17 -48.30 102.58
N ASN FB 31 60.82 -47.38 103.32
CA ASN FB 31 61.10 -46.05 102.82
C ASN FB 31 62.52 -46.02 102.24
N PRO FB 32 62.69 -46.05 100.93
CA PRO FB 32 64.02 -45.95 100.33
C PRO FB 32 64.47 -44.54 99.95
N ASP FB 33 63.71 -43.51 100.31
CA ASP FB 33 64.11 -42.13 100.02
C ASP FB 33 65.53 -41.89 100.48
N ARG FB 34 66.27 -41.11 99.70
CA ARG FB 34 67.65 -40.79 100.01
C ARG FB 34 67.83 -39.29 100.22
N GLN FB 35 68.88 -38.96 100.97
CA GLN FB 35 69.25 -37.60 101.28
C GLN FB 35 70.29 -37.14 100.27
N ALA FB 36 70.11 -35.93 99.74
CA ALA FB 36 71.00 -35.42 98.70
C ALA FB 36 72.42 -35.27 99.23
N ASN FB 37 73.39 -35.51 98.34
CA ASN FB 37 74.80 -35.37 98.68
C ASN FB 37 75.16 -33.88 98.61
N ALA FB 38 74.81 -33.16 99.68
CA ALA FB 38 74.97 -31.72 99.81
C ALA FB 38 75.75 -31.36 101.06
N ARG FB 39 76.73 -32.19 101.41
CA ARG FB 39 77.43 -32.09 102.68
C ARG FB 39 78.88 -31.69 102.45
N PRO FB 40 79.29 -30.47 102.83
CA PRO FB 40 80.71 -30.12 102.73
C PRO FB 40 81.55 -31.03 103.60
N VAL FB 41 82.73 -31.42 103.09
CA VAL FB 41 83.61 -32.33 103.81
C VAL FB 41 84.95 -31.64 104.05
N TYR FB 42 85.65 -32.14 105.06
CA TYR FB 42 86.95 -31.60 105.41
C TYR FB 42 87.99 -31.93 104.34
N LEU FB 43 88.77 -30.92 103.99
CA LEU FB 43 89.85 -31.07 103.01
C LEU FB 43 91.17 -30.79 103.71
N ALA FB 44 92.01 -31.81 103.81
CA ALA FB 44 93.25 -31.71 104.57
C ALA FB 44 94.11 -30.56 104.04
N PRO FB 45 94.83 -29.84 104.90
CA PRO FB 45 95.71 -28.77 104.43
C PRO FB 45 97.03 -29.25 103.86
N ALA FB 46 97.31 -30.55 103.94
CA ALA FB 46 98.50 -31.15 103.36
C ALA FB 46 98.31 -32.66 103.37
N ALA FB 47 99.10 -33.34 102.53
CA ALA FB 47 98.93 -34.78 102.35
C ALA FB 47 100.11 -35.51 102.95
N PRO FB 48 99.95 -36.32 104.01
CA PRO FB 48 101.13 -37.01 104.57
C PRO FB 48 101.44 -38.31 103.85
N MET FB 49 102.60 -38.41 103.20
CA MET FB 49 103.07 -39.64 102.59
C MET FB 49 104.19 -40.29 103.40
N GLU FB 50 104.06 -40.31 104.73
CA GLU FB 50 105.18 -40.74 105.57
C GLU FB 50 105.55 -42.21 105.35
N ASN FB 51 104.55 -43.09 105.26
CA ASN FB 51 104.84 -44.53 105.15
C ASN FB 51 105.69 -44.83 103.92
N THR FB 52 105.24 -44.36 102.75
CA THR FB 52 105.93 -44.69 101.50
C THR FB 52 107.35 -44.13 101.49
N TYR FB 53 107.54 -42.92 102.01
CA TYR FB 53 108.85 -42.29 101.91
C TYR FB 53 109.83 -42.83 102.96
N THR FB 54 109.36 -43.23 104.13
CA THR FB 54 110.25 -43.96 105.04
C THR FB 54 110.67 -45.30 104.43
N TYR FB 55 109.75 -46.00 103.75
CA TYR FB 55 110.21 -47.22 103.09
C TYR FB 55 111.21 -46.90 101.97
N LEU FB 56 110.99 -45.81 101.24
CA LEU FB 56 111.91 -45.44 100.17
C LEU FB 56 113.29 -45.08 100.71
N GLY FB 57 113.34 -44.49 101.91
CA GLY FB 57 114.62 -44.31 102.58
C GLY FB 57 115.23 -45.65 102.99
N SER FB 58 114.37 -46.59 103.39
CA SER FB 58 114.85 -47.92 103.78
C SER FB 58 115.59 -48.60 102.64
N ILE FB 59 114.99 -48.64 101.45
CA ILE FB 59 115.63 -49.37 100.35
C ILE FB 59 116.62 -48.49 99.60
N GLN FB 60 116.89 -47.30 100.14
CA GLN FB 60 117.84 -46.35 99.55
C GLN FB 60 117.37 -45.86 98.19
N PHE FB 61 116.05 -45.71 98.02
CA PHE FB 61 115.43 -45.14 96.81
C PHE FB 61 115.82 -45.92 95.55
N ALA FB 62 115.90 -47.23 95.67
CA ALA FB 62 116.31 -48.04 94.53
C ALA FB 62 115.81 -49.46 94.72
N ALA FB 63 115.03 -49.95 93.76
CA ALA FB 63 114.68 -51.36 93.70
C ALA FB 63 114.95 -51.85 92.29
N GLY FB 64 115.92 -52.74 92.16
CA GLY FB 64 116.30 -53.23 90.84
C GLY FB 64 116.76 -52.13 89.92
N ARG FB 65 116.07 -52.00 88.79
CA ARG FB 65 116.36 -50.99 87.80
C ARG FB 65 115.57 -49.71 88.02
N HIS FB 66 114.62 -49.72 88.95
CA HIS FB 66 113.82 -48.56 89.28
C HIS FB 66 114.54 -47.72 90.31
N ILE FB 67 114.95 -46.52 89.94
CA ILE FB 67 115.59 -45.61 90.88
C ILE FB 67 114.61 -44.46 91.11
N PHE FB 68 114.47 -44.06 92.37
CA PHE FB 68 113.44 -43.09 92.72
C PHE FB 68 114.07 -41.76 93.14
N GLY FB 69 113.28 -40.70 93.03
CA GLY FB 69 113.75 -39.40 93.47
C GLY FB 69 113.52 -39.19 94.95
N GLU FB 70 114.38 -38.35 95.55
CA GLU FB 70 114.22 -37.94 96.94
C GLU FB 70 113.26 -36.76 97.04
N PRO FB 71 112.22 -36.86 97.85
CA PRO FB 71 111.20 -35.81 97.89
C PRO FB 71 111.73 -34.51 98.47
N ALA FB 72 110.92 -33.47 98.30
CA ALA FB 72 111.15 -32.23 99.03
C ALA FB 72 110.73 -32.38 100.49
N SER FB 73 109.54 -32.91 100.71
CA SER FB 73 109.00 -33.10 102.05
C SER FB 73 108.25 -34.43 102.09
N ASN FB 74 108.26 -35.06 103.28
CA ASN FB 74 107.41 -36.22 103.51
C ASN FB 74 105.94 -35.85 103.51
N VAL FB 75 105.63 -34.57 103.76
CA VAL FB 75 104.27 -34.07 103.77
C VAL FB 75 104.13 -33.05 102.67
N LEU FB 76 103.12 -33.26 101.79
CA LEU FB 76 102.97 -32.53 100.53
C LEU FB 76 102.07 -31.31 100.72
N PRO FB 77 102.48 -30.15 100.21
CA PRO FB 77 101.67 -28.95 100.34
C PRO FB 77 100.61 -28.89 99.25
N PRO FB 78 99.55 -28.12 99.48
CA PRO FB 78 98.53 -27.98 98.44
C PRO FB 78 99.08 -27.29 97.20
N GLN FB 79 98.52 -27.66 96.05
CA GLN FB 79 98.92 -27.09 94.76
C GLN FB 79 97.87 -26.15 94.18
N ASN FB 80 96.58 -26.47 94.30
CA ASN FB 80 95.53 -25.60 93.78
C ASN FB 80 94.38 -25.45 94.77
N ILE FB 81 94.67 -25.58 96.06
CA ILE FB 81 93.66 -25.50 97.11
C ILE FB 81 93.93 -24.25 97.92
N VAL FB 82 92.88 -23.50 98.21
CA VAL FB 82 93.02 -22.26 98.99
C VAL FB 82 92.01 -22.33 100.12
N PRO FB 83 92.42 -21.96 101.34
CA PRO FB 83 91.50 -22.02 102.46
C PRO FB 83 90.27 -21.17 102.21
N GLY FB 84 89.11 -21.73 102.53
CA GLY FB 84 87.86 -21.01 102.38
C GLY FB 84 87.29 -20.99 100.99
N VAL FB 85 87.94 -21.63 100.02
CA VAL FB 85 87.42 -21.72 98.66
C VAL FB 85 87.00 -23.17 98.42
N PRO FB 86 85.74 -23.44 98.12
CA PRO FB 86 85.31 -24.83 97.93
C PRO FB 86 85.66 -25.35 96.55
N THR FB 87 86.24 -26.55 96.51
CA THR FB 87 86.66 -27.20 95.27
C THR FB 87 86.16 -28.62 95.29
N LYS FB 88 85.96 -29.18 94.10
CA LYS FB 88 85.66 -30.60 93.94
C LYS FB 88 86.89 -31.38 93.49
N HIS FB 89 88.00 -30.68 93.28
CA HIS FB 89 89.26 -31.30 92.86
C HIS FB 89 90.42 -30.55 93.50
N GLY FB 90 91.27 -31.29 94.20
CA GLY FB 90 92.41 -30.70 94.88
C GLY FB 90 93.69 -31.51 94.71
N GLU FB 91 94.82 -30.84 94.55
CA GLU FB 91 96.08 -31.52 94.29
C GLU FB 91 97.13 -31.08 95.29
N TYR FB 92 97.94 -32.04 95.75
CA TYR FB 92 99.14 -31.78 96.52
C TYR FB 92 100.33 -32.32 95.74
N VAL FB 93 101.48 -31.66 95.89
CA VAL FB 93 102.64 -32.00 95.06
C VAL FB 93 103.93 -31.63 95.79
N THR FB 94 104.97 -32.46 95.62
CA THR FB 94 106.34 -31.99 95.85
C THR FB 94 107.18 -32.34 94.63
N THR FB 95 108.47 -31.99 94.68
CA THR FB 95 109.37 -32.26 93.56
C THR FB 95 110.50 -33.16 94.03
N ASN FB 96 110.53 -34.38 93.51
CA ASN FB 96 111.64 -35.30 93.74
C ASN FB 96 112.87 -34.79 93.00
N THR FB 97 114.04 -34.91 93.65
CA THR FB 97 115.35 -34.60 93.06
C THR FB 97 116.31 -35.75 93.32
N GLY FB 98 117.46 -35.70 92.65
CA GLY FB 98 118.43 -36.78 92.79
C GLY FB 98 119.68 -36.48 92.00
N ASP FB 99 120.69 -37.31 92.24
CA ASP FB 99 121.99 -37.16 91.59
C ASP FB 99 121.86 -37.51 90.11
N ARG FB 100 122.16 -36.55 89.24
CA ARG FB 100 122.06 -36.72 87.80
C ARG FB 100 120.65 -37.13 87.38
N LEU FB 101 119.65 -36.62 88.09
CA LEU FB 101 118.24 -36.84 87.77
C LEU FB 101 117.57 -35.50 87.57
N MET FB 102 116.88 -35.34 86.45
CA MET FB 102 116.07 -34.15 86.25
C MET FB 102 114.88 -34.18 87.20
N ALA FB 103 114.73 -33.12 88.00
CA ALA FB 103 113.73 -33.11 89.05
C ALA FB 103 112.33 -33.30 88.48
N SER FB 104 111.50 -34.05 89.21
CA SER FB 104 110.21 -34.49 88.70
C SER FB 104 109.21 -34.54 89.85
N SER FB 105 107.99 -34.11 89.58
CA SER FB 105 106.99 -33.93 90.64
C SER FB 105 106.32 -35.26 90.99
N THR FB 106 105.98 -35.40 92.28
CA THR FB 106 105.14 -36.48 92.76
C THR FB 106 103.83 -35.87 93.25
N THR FB 107 102.70 -36.50 92.86
CA THR FB 107 101.37 -35.86 92.93
C THR FB 107 100.37 -36.72 93.69
N VAL FB 108 99.51 -36.05 94.45
CA VAL FB 108 98.44 -36.68 95.22
C VAL FB 108 97.16 -35.91 94.90
N THR FB 109 96.23 -36.58 94.24
CA THR FB 109 95.01 -35.97 93.73
C THR FB 109 93.79 -36.45 94.52
N ARG FB 110 92.89 -35.53 94.85
CA ARG FB 110 91.67 -35.85 95.58
C ARG FB 110 90.48 -35.24 94.84
N ASP FB 111 89.53 -36.10 94.46
CA ASP FB 111 88.31 -35.70 93.77
C ASP FB 111 87.12 -36.03 94.65
N VAL FB 112 86.30 -35.02 94.94
CA VAL FB 112 85.13 -35.19 95.81
C VAL FB 112 83.92 -34.72 95.02
N SER FB 113 83.13 -35.68 94.50
CA SER FB 113 81.93 -35.35 93.72
C SER FB 113 80.81 -36.32 94.01
N ASN FB 114 79.63 -35.79 94.31
CA ASN FB 114 78.39 -36.56 94.40
C ASN FB 114 78.50 -37.74 95.35
N GLY FB 115 79.09 -37.50 96.51
CA GLY FB 115 79.25 -38.54 97.51
C GLY FB 115 80.40 -39.51 97.28
N ARG FB 116 81.16 -39.33 96.20
CA ARG FB 116 82.25 -40.21 95.87
C ARG FB 116 83.55 -39.46 96.11
N THR FB 117 84.36 -39.97 97.04
CA THR FB 117 85.67 -39.43 97.34
C THR FB 117 86.72 -40.35 96.73
N LYS FB 118 87.68 -39.80 96.00
CA LYS FB 118 88.73 -40.61 95.38
C LYS FB 118 90.09 -39.93 95.50
N VAL FB 119 91.04 -40.67 96.09
CA VAL FB 119 92.41 -40.21 96.29
C VAL FB 119 93.35 -41.09 95.45
N SER FB 120 94.21 -40.45 94.66
CA SER FB 120 95.17 -41.15 93.81
C SER FB 120 96.56 -40.61 94.06
N ILE FB 121 97.55 -41.50 94.06
CA ILE FB 121 98.95 -41.15 94.30
C ILE FB 121 99.77 -41.64 93.11
N ASP FB 122 100.57 -40.72 92.54
CA ASP FB 122 101.41 -41.01 91.38
C ASP FB 122 102.84 -40.57 91.68
N ILE FB 123 103.76 -41.52 91.71
CA ILE FB 123 105.18 -41.26 91.94
C ILE FB 123 105.97 -41.74 90.74
N PRO FB 124 106.86 -40.93 90.19
CA PRO FB 124 107.67 -41.35 89.04
C PRO FB 124 108.92 -42.09 89.47
N TYR FB 125 109.55 -42.73 88.48
CA TYR FB 125 110.85 -43.39 88.68
C TYR FB 125 111.71 -43.18 87.44
N TYR FB 126 112.97 -43.60 87.54
CA TYR FB 126 113.96 -43.39 86.51
C TYR FB 126 114.73 -44.69 86.23
N ASP FB 127 115.44 -44.68 85.10
CA ASP FB 127 116.16 -45.83 84.57
C ASP FB 127 117.53 -45.93 85.24
N ARG FB 128 117.65 -46.85 86.20
CA ARG FB 128 118.93 -46.97 86.91
C ARG FB 128 120.05 -47.43 85.99
N ASN FB 129 119.74 -48.23 84.96
CA ASN FB 129 120.78 -48.59 84.00
C ASN FB 129 121.39 -47.34 83.37
N ALA FB 130 120.54 -46.40 82.95
CA ALA FB 130 121.03 -45.16 82.38
C ALA FB 130 121.77 -44.31 83.41
N VAL FB 131 121.23 -44.21 84.64
CA VAL FB 131 121.84 -43.33 85.64
C VAL FB 131 123.22 -43.85 86.03
N GLU FB 132 123.35 -45.15 86.25
CA GLU FB 132 124.66 -45.70 86.61
C GLU FB 132 125.61 -45.73 85.42
N THR FB 133 125.10 -45.80 84.18
CA THR FB 133 125.98 -45.58 83.04
C THR FB 133 126.57 -44.17 83.07
N LEU FB 134 125.71 -43.18 83.36
CA LEU FB 134 126.18 -41.79 83.51
C LEU FB 134 127.26 -41.66 84.56
N LYS FB 135 127.02 -42.22 85.75
CA LYS FB 135 128.00 -42.09 86.81
C LYS FB 135 129.29 -42.83 86.46
N ALA FB 136 129.17 -44.06 85.93
CA ALA FB 136 130.33 -44.94 85.78
C ALA FB 136 131.28 -44.45 84.68
N SER FB 137 130.76 -44.04 83.53
CA SER FB 137 131.64 -43.56 82.47
C SER FB 137 131.81 -42.05 82.49
N ALA FB 138 131.37 -41.38 83.56
CA ALA FB 138 131.62 -39.95 83.80
C ALA FB 138 131.08 -39.08 82.68
N ILE FB 139 129.84 -39.36 82.26
CA ILE FB 139 129.12 -38.57 81.25
C ILE FB 139 128.47 -37.40 81.98
N PRO FB 140 128.30 -36.23 81.36
CA PRO FB 140 127.75 -35.07 82.08
C PRO FB 140 126.23 -34.90 82.03
N GLY FB 141 125.48 -35.74 81.30
CA GLY FB 141 124.05 -35.53 81.18
C GLY FB 141 123.25 -36.02 82.39
N ALA FB 142 121.93 -35.85 82.29
CA ALA FB 142 120.98 -36.31 83.29
C ALA FB 142 119.87 -37.13 82.62
N VAL FB 143 119.08 -37.82 83.44
CA VAL FB 143 118.00 -38.68 82.97
C VAL FB 143 116.67 -38.08 83.40
N ALA FB 144 115.69 -38.16 82.50
CA ALA FB 144 114.31 -37.80 82.73
C ALA FB 144 113.53 -39.01 83.21
N PRO FB 145 112.38 -38.82 83.88
CA PRO FB 145 111.62 -39.97 84.37
C PRO FB 145 111.26 -40.92 83.25
N VAL FB 146 111.17 -42.19 83.61
CA VAL FB 146 110.94 -43.26 82.65
C VAL FB 146 109.54 -43.86 82.77
N GLY FB 147 108.96 -43.85 83.96
CA GLY FB 147 107.59 -44.28 84.14
C GLY FB 147 107.11 -43.87 85.52
N SER FB 148 105.99 -44.45 85.94
CA SER FB 148 105.45 -44.13 87.24
C SER FB 148 104.75 -45.35 87.85
N PHE FB 149 104.38 -45.19 89.12
CA PHE FB 149 103.48 -46.11 89.81
C PHE FB 149 102.34 -45.31 90.42
N LYS FB 150 101.14 -45.91 90.40
CA LYS FB 150 99.92 -45.24 90.81
C LYS FB 150 99.08 -46.16 91.71
N VAL FB 151 98.49 -45.53 92.73
CA VAL FB 151 97.62 -46.21 93.68
C VAL FB 151 96.35 -45.37 93.86
N ASN FB 152 95.19 -46.00 93.66
CA ASN FB 152 93.90 -45.32 93.74
C ASN FB 152 93.09 -45.88 94.90
N VAL FB 153 92.32 -45.02 95.55
CA VAL FB 153 91.46 -45.40 96.65
C VAL FB 153 90.17 -44.61 96.50
N GLU FB 154 89.03 -45.28 96.71
CA GLU FB 154 87.74 -44.74 96.34
C GLU FB 154 86.71 -45.13 97.39
N VAL FB 155 85.93 -44.14 97.84
CA VAL FB 155 84.90 -44.34 98.87
C VAL FB 155 83.60 -43.86 98.27
N LEU FB 156 82.67 -44.80 98.06
CA LEU FB 156 81.36 -44.49 97.49
C LEU FB 156 80.40 -44.34 98.66
N GLY FB 157 80.22 -43.10 99.12
CA GLY FB 157 79.44 -42.84 100.30
C GLY FB 157 78.16 -42.10 100.00
N GLY FB 158 77.70 -42.22 98.77
CA GLY FB 158 76.48 -41.55 98.39
C GLY FB 158 75.24 -42.26 98.91
N GLY FB 159 74.13 -41.53 98.86
CA GLY FB 159 72.84 -42.14 99.12
C GLY FB 159 72.64 -42.56 100.55
N VAL FB 160 72.80 -41.60 101.46
CA VAL FB 160 72.38 -41.85 102.83
C VAL FB 160 70.86 -41.69 102.92
N LEU FB 161 70.27 -42.39 103.88
CA LEU FB 161 68.82 -42.38 104.05
C LEU FB 161 68.35 -41.05 104.65
N THR FB 162 67.03 -40.83 104.59
CA THR FB 162 66.49 -39.50 104.89
C THR FB 162 66.53 -39.19 106.38
N GLY FB 163 66.30 -40.19 107.22
CA GLY FB 163 66.36 -40.01 108.65
C GLY FB 163 67.74 -40.09 109.25
N THR FB 164 68.78 -40.07 108.43
CA THR FB 164 70.14 -40.10 108.94
C THR FB 164 70.44 -38.80 109.67
N ASP FB 165 70.62 -38.89 110.98
CA ASP FB 165 70.87 -37.71 111.79
C ASP FB 165 72.21 -37.08 111.42
N ALA FB 166 72.28 -35.76 111.58
CA ALA FB 166 73.54 -35.06 111.37
C ALA FB 166 74.66 -35.68 112.20
N ASN FB 167 74.35 -36.08 113.45
CA ASN FB 167 75.34 -36.74 114.30
C ASN FB 167 75.72 -38.12 113.78
N ALA FB 168 74.73 -38.86 113.28
CA ALA FB 168 75.00 -40.22 112.82
C ALA FB 168 75.82 -40.25 111.53
N GLN FB 169 75.85 -39.15 110.78
CA GLN FB 169 76.70 -39.12 109.59
C GLN FB 169 78.18 -39.20 109.96
N PHE FB 170 78.54 -38.75 111.15
CA PHE FB 170 79.92 -38.91 111.61
C PHE FB 170 80.22 -40.37 111.88
N ALA FB 171 79.26 -41.08 112.50
CA ALA FB 171 79.45 -42.51 112.71
C ALA FB 171 79.62 -43.23 111.38
N LEU FB 172 78.83 -42.83 110.38
CA LEU FB 172 78.98 -43.43 109.05
C LEU FB 172 80.34 -43.10 108.47
N ASP FB 173 80.83 -41.86 108.70
CA ASP FB 173 82.16 -41.48 108.28
C ASP FB 173 83.20 -42.47 108.78
N GLU FB 174 83.17 -42.73 110.09
CA GLU FB 174 84.16 -43.63 110.68
C GLU FB 174 83.97 -45.06 110.18
N LEU FB 175 82.72 -45.48 109.95
CA LEU FB 175 82.51 -46.82 109.38
C LEU FB 175 83.20 -46.96 108.03
N LEU FB 176 83.03 -45.97 107.16
CA LEU FB 176 83.68 -46.02 105.85
C LEU FB 176 85.20 -46.01 105.98
N SER FB 177 85.73 -45.21 106.90
CA SER FB 177 87.19 -45.17 107.04
C SER FB 177 87.74 -46.52 107.52
N ASN FB 178 86.99 -47.22 108.39
CA ASN FB 178 87.42 -48.55 108.80
C ASN FB 178 87.35 -49.57 107.67
N MET FB 179 86.33 -49.46 106.81
CA MET FB 179 86.31 -50.29 105.61
C MET FB 179 87.53 -50.00 104.73
N LEU FB 180 87.93 -48.72 104.65
CA LEU FB 180 89.14 -48.36 103.92
C LEU FB 180 90.37 -49.10 104.45
N MET FB 181 90.57 -49.04 105.76
CA MET FB 181 91.71 -49.73 106.37
C MET FB 181 91.67 -51.22 106.06
N ASP FB 182 90.50 -51.86 106.23
CA ASP FB 182 90.38 -53.27 105.94
C ASP FB 182 90.70 -53.57 104.47
N ALA FB 183 90.29 -52.67 103.57
CA ALA FB 183 90.52 -52.90 102.16
C ALA FB 183 92.00 -52.86 101.81
N ALA FB 184 92.73 -51.86 102.35
CA ALA FB 184 94.16 -51.82 102.08
C ALA FB 184 94.89 -53.02 102.69
N ARG FB 185 94.46 -53.45 103.88
CA ARG FB 185 95.10 -54.62 104.48
C ARG FB 185 94.86 -55.86 103.62
N ILE FB 186 93.64 -56.03 103.09
CA ILE FB 186 93.35 -57.17 102.22
C ILE FB 186 94.11 -57.03 100.91
N ALA FB 187 94.37 -55.81 100.47
CA ALA FB 187 95.09 -55.60 99.22
C ALA FB 187 96.54 -56.03 99.34
N GLN FB 188 97.21 -55.70 100.45
CA GLN FB 188 98.63 -56.03 100.59
C GLN FB 188 98.86 -57.28 101.44
N ASP FB 189 97.82 -57.93 101.89
CA ASP FB 189 97.94 -59.09 102.76
C ASP FB 189 98.75 -60.17 102.05
N GLY FB 190 99.63 -60.81 102.81
CA GLY FB 190 100.39 -61.92 102.28
C GLY FB 190 101.82 -61.92 102.77
N PRO FB 191 102.49 -63.07 102.68
CA PRO FB 191 103.91 -63.12 103.05
C PRO FB 191 104.72 -62.30 102.09
N LYS FB 192 105.79 -61.71 102.61
CA LYS FB 192 106.75 -60.98 101.81
C LYS FB 192 107.79 -61.89 101.17
N ASN FB 193 107.71 -63.20 101.44
CA ASN FB 193 108.56 -64.17 100.76
C ASN FB 193 108.10 -64.40 99.33
N THR FB 194 106.83 -64.09 99.02
CA THR FB 194 106.22 -64.47 97.76
C THR FB 194 105.65 -63.25 97.05
N ALA FB 195 105.57 -63.35 95.72
CA ALA FB 195 105.09 -62.26 94.88
C ALA FB 195 103.64 -61.92 95.19
N ARG FB 196 103.33 -60.62 95.30
CA ARG FB 196 101.92 -60.30 95.53
C ARG FB 196 101.35 -59.09 94.80
N LEU FB 197 102.14 -58.13 94.31
CA LEU FB 197 101.50 -56.95 93.70
C LEU FB 197 101.89 -56.61 92.26
N VAL FB 198 103.20 -56.43 91.98
CA VAL FB 198 103.60 -55.83 90.70
C VAL FB 198 103.64 -56.90 89.62
N ALA FB 199 103.50 -56.45 88.38
CA ALA FB 199 103.55 -57.33 87.20
C ALA FB 199 102.54 -58.46 87.31
N ALA FB 200 101.47 -58.23 88.06
CA ALA FB 200 100.51 -59.29 88.37
C ALA FB 200 99.86 -59.84 87.11
N SER FB 201 99.77 -61.16 87.02
CA SER FB 201 99.12 -61.86 85.93
C SER FB 201 97.80 -62.48 86.35
N HIS FB 202 97.80 -63.20 87.47
CA HIS FB 202 96.60 -63.79 88.06
C HIS FB 202 96.92 -64.09 89.52
N GLY FB 203 95.89 -64.52 90.25
CA GLY FB 203 96.06 -64.89 91.65
C GLY FB 203 96.07 -66.41 91.80
N VAL FB 204 96.91 -66.89 92.72
CA VAL FB 204 96.94 -68.32 93.03
C VAL FB 204 97.02 -68.49 94.54
N MET FB 205 95.90 -68.87 95.16
CA MET FB 205 95.94 -69.07 96.61
C MET FB 205 96.52 -70.45 96.93
N PRO FB 206 97.37 -70.56 97.94
CA PRO FB 206 98.08 -71.83 98.17
C PRO FB 206 97.19 -72.86 98.83
N GLN FB 207 97.50 -74.14 98.56
CA GLN FB 207 96.71 -75.24 99.12
C GLN FB 207 96.90 -75.34 100.62
N ALA FB 208 98.12 -75.20 101.09
CA ALA FB 208 98.42 -75.24 102.50
C ALA FB 208 99.78 -74.58 102.72
N PRO GB 20 113.89 -30.37 56.09
CA PRO GB 20 113.20 -29.84 57.27
C PRO GB 20 113.97 -30.05 58.57
N VAL GB 21 114.39 -28.95 59.20
CA VAL GB 21 115.15 -28.99 60.45
C VAL GB 21 114.16 -28.83 61.60
N GLN GB 22 114.17 -29.78 62.54
CA GLN GB 22 113.25 -29.77 63.65
C GLN GB 22 114.00 -29.58 64.97
N SER GB 23 113.33 -28.96 65.94
CA SER GB 23 113.92 -28.70 67.24
C SER GB 23 113.46 -29.74 68.26
N SER GB 24 114.32 -29.99 69.25
CA SER GB 24 114.01 -31.01 70.26
C SER GB 24 114.67 -30.68 71.59
N ARG GB 25 114.18 -31.37 72.63
CA ARG GB 25 114.66 -31.26 74.00
C ARG GB 25 115.17 -32.62 74.44
N THR GB 26 116.48 -32.71 74.67
CA THR GB 26 117.14 -33.99 74.85
C THR GB 26 117.51 -34.23 76.30
N THR GB 27 117.35 -35.48 76.73
CA THR GB 27 118.02 -35.98 77.92
C THR GB 27 118.71 -37.29 77.56
N PHE GB 28 119.71 -37.67 78.36
CA PHE GB 28 120.39 -38.92 78.09
C PHE GB 28 119.48 -40.10 78.41
N GLY GB 29 119.65 -41.17 77.64
CA GLY GB 29 118.91 -42.38 77.89
C GLY GB 29 118.37 -43.02 76.62
N VAL GB 30 117.60 -44.09 76.82
CA VAL GB 30 116.86 -44.75 75.76
C VAL GB 30 115.51 -45.13 76.35
N ASN GB 31 114.48 -45.07 75.51
CA ASN GB 31 113.18 -45.56 75.92
C ASN GB 31 113.30 -46.99 76.45
N PRO GB 32 112.75 -47.28 77.61
CA PRO GB 32 113.14 -48.49 78.34
C PRO GB 32 112.51 -49.73 77.70
N ASP GB 33 113.05 -50.87 78.09
CA ASP GB 33 112.46 -52.15 77.75
C ASP GB 33 111.62 -52.60 78.93
N ARG GB 34 110.31 -52.69 78.73
CA ARG GB 34 109.39 -53.09 79.79
C ARG GB 34 109.24 -54.60 79.83
N GLN GB 35 109.02 -55.12 81.04
CA GLN GB 35 108.81 -56.54 81.24
C GLN GB 35 107.32 -56.86 81.17
N ALA GB 36 107.00 -58.01 80.60
CA ALA GB 36 105.61 -58.42 80.49
C ALA GB 36 105.02 -58.71 81.87
N ASN GB 37 103.71 -58.54 81.98
CA ASN GB 37 103.01 -58.76 83.24
C ASN GB 37 102.63 -60.23 83.42
N ALA GB 38 103.66 -61.08 83.49
CA ALA GB 38 103.49 -62.53 83.54
C ALA GB 38 103.84 -63.10 84.91
N ARG GB 39 103.65 -62.30 85.96
CA ARG GB 39 104.07 -62.70 87.29
C ARG GB 39 102.85 -63.09 88.12
N PRO GB 40 102.60 -64.37 88.36
CA PRO GB 40 101.48 -64.75 89.22
C PRO GB 40 101.73 -64.36 90.67
N VAL GB 41 100.66 -63.96 91.35
CA VAL GB 41 100.77 -63.36 92.67
C VAL GB 41 99.99 -64.18 93.68
N TYR GB 42 100.25 -63.89 94.95
CA TYR GB 42 99.61 -64.55 96.06
C TYR GB 42 98.18 -64.08 96.19
N LEU GB 43 97.33 -65.01 96.62
CA LEU GB 43 95.91 -64.77 96.79
C LEU GB 43 95.53 -65.24 98.18
N ALA GB 44 95.00 -64.34 99.01
CA ALA GB 44 94.73 -64.68 100.39
C ALA GB 44 93.71 -65.82 100.48
N PRO GB 45 93.93 -66.80 101.36
CA PRO GB 45 92.94 -67.87 101.55
C PRO GB 45 91.72 -67.44 102.33
N ALA GB 46 91.67 -66.19 102.79
CA ALA GB 46 90.52 -65.59 103.44
C ALA GB 46 90.77 -64.09 103.56
N ALA GB 47 89.69 -63.32 103.70
CA ALA GB 47 89.78 -61.87 103.74
C ALA GB 47 89.46 -61.39 105.15
N PRO GB 48 90.39 -60.73 105.87
CA PRO GB 48 90.04 -60.27 107.21
C PRO GB 48 89.36 -58.91 107.16
N MET GB 49 88.24 -58.78 107.85
CA MET GB 49 87.50 -57.52 107.96
C MET GB 49 87.37 -57.10 109.42
N GLU GB 50 88.44 -57.25 110.19
CA GLU GB 50 88.34 -57.06 111.64
C GLU GB 50 88.05 -55.59 112.00
N ASN GB 51 88.71 -54.64 111.34
CA ASN GB 51 88.57 -53.23 111.71
C ASN GB 51 87.12 -52.77 111.60
N THR GB 52 86.51 -52.99 110.43
CA THR GB 52 85.16 -52.50 110.18
C THR GB 52 84.14 -53.20 111.08
N TYR GB 53 84.30 -54.50 111.32
CA TYR GB 53 83.29 -55.22 112.10
C TYR GB 53 83.43 -54.95 113.61
N THR GB 54 84.63 -54.73 114.10
CA THR GB 54 84.75 -54.23 115.47
C THR GB 54 84.12 -52.85 115.61
N TYR GB 55 84.29 -51.97 114.62
CA TYR GB 55 83.61 -50.69 114.72
C TYR GB 55 82.09 -50.84 114.67
N LEU GB 56 81.60 -51.76 113.83
CA LEU GB 56 80.16 -52.00 113.77
C LEU GB 56 79.64 -52.50 115.11
N GLY GB 57 80.40 -53.37 115.78
CA GLY GB 57 80.06 -53.73 117.15
C GLY GB 57 80.05 -52.52 118.06
N SER GB 58 80.98 -51.58 117.82
CA SER GB 58 81.02 -50.36 118.64
C SER GB 58 79.73 -49.57 118.55
N ILE GB 59 79.26 -49.29 117.35
CA ILE GB 59 78.06 -48.44 117.21
C ILE GB 59 76.78 -49.26 117.36
N GLN GB 60 76.94 -50.54 117.71
CA GLN GB 60 75.81 -51.46 117.90
C GLN GB 60 75.01 -51.61 116.59
N PHE GB 61 75.73 -51.61 115.46
CA PHE GB 61 75.17 -51.95 114.14
C PHE GB 61 74.05 -51.02 113.72
N ALA GB 62 74.14 -49.74 114.10
CA ALA GB 62 73.07 -48.81 113.76
C ALA GB 62 73.63 -47.40 113.68
N ALA GB 63 73.13 -46.64 112.70
CA ALA GB 63 73.51 -45.24 112.55
C ALA GB 63 72.48 -44.58 111.65
N GLY GB 64 71.91 -43.48 112.11
CA GLY GB 64 70.84 -42.85 111.35
C GLY GB 64 69.67 -43.82 111.34
N ARG GB 65 69.06 -44.02 110.17
CA ARG GB 65 68.15 -45.13 110.01
C ARG GB 65 68.75 -46.23 109.14
N HIS GB 66 70.07 -46.26 109.02
CA HIS GB 66 70.76 -47.45 108.54
C HIS GB 66 70.94 -48.42 109.69
N ILE GB 67 70.47 -49.66 109.49
CA ILE GB 67 70.80 -50.73 110.43
C ILE GB 67 71.52 -51.82 109.65
N PHE GB 68 72.56 -52.39 110.25
CA PHE GB 68 73.40 -53.37 109.59
C PHE GB 68 73.20 -54.75 110.21
N GLY GB 69 73.70 -55.76 109.52
CA GLY GB 69 73.59 -57.13 109.99
C GLY GB 69 74.85 -57.60 110.68
N GLU GB 70 74.68 -58.53 111.61
CA GLU GB 70 75.82 -59.16 112.25
C GLU GB 70 76.40 -60.23 111.33
N PRO GB 71 77.71 -60.25 111.14
CA PRO GB 71 78.32 -61.24 110.24
C PRO GB 71 78.37 -62.61 110.87
N ALA GB 72 78.73 -63.58 110.05
CA ALA GB 72 79.02 -64.90 110.59
C ALA GB 72 80.44 -64.94 111.14
N SER GB 73 81.39 -64.43 110.37
CA SER GB 73 82.79 -64.43 110.75
C SER GB 73 83.39 -63.06 110.48
N ASN GB 74 84.31 -62.62 111.35
CA ASN GB 74 85.10 -61.43 111.08
C ASN GB 74 86.04 -61.67 109.91
N VAL GB 75 86.39 -62.91 109.65
CA VAL GB 75 87.23 -63.29 108.52
C VAL GB 75 86.36 -64.05 107.54
N LEU GB 76 86.28 -63.53 106.29
CA LEU GB 76 85.44 -63.99 105.19
C LEU GB 76 86.12 -65.12 104.43
N PRO GB 77 85.47 -66.28 104.33
CA PRO GB 77 86.04 -67.39 103.56
C PRO GB 77 85.87 -67.16 102.07
N PRO GB 78 86.64 -67.87 101.23
CA PRO GB 78 86.46 -67.75 99.78
C PRO GB 78 85.23 -68.51 99.28
N GLN GB 79 84.55 -67.92 98.30
CA GLN GB 79 83.35 -68.54 97.73
C GLN GB 79 83.61 -69.23 96.41
N ASN GB 80 84.46 -68.66 95.55
CA ASN GB 80 84.69 -69.20 94.22
C ASN GB 80 86.18 -69.33 93.89
N ILE GB 81 87.02 -69.59 94.90
CA ILE GB 81 88.46 -69.66 94.68
C ILE GB 81 88.90 -71.05 95.08
N VAL GB 82 89.17 -71.88 94.09
CA VAL GB 82 89.77 -73.20 94.36
C VAL GB 82 91.27 -73.02 94.59
N PRO GB 83 91.87 -73.72 95.54
CA PRO GB 83 93.30 -73.54 95.76
C PRO GB 83 94.10 -74.15 94.65
N GLY GB 84 95.19 -73.49 94.29
CA GLY GB 84 96.03 -73.99 93.23
C GLY GB 84 95.46 -73.77 91.85
N VAL GB 85 94.35 -73.06 91.73
CA VAL GB 85 93.71 -72.79 90.45
C VAL GB 85 93.90 -71.31 90.16
N PRO GB 86 94.59 -70.94 89.08
CA PRO GB 86 94.72 -69.52 88.75
C PRO GB 86 93.36 -68.91 88.47
N THR GB 87 93.09 -67.78 89.12
CA THR GB 87 91.83 -67.07 88.98
C THR GB 87 92.15 -65.59 88.86
N LYS GB 88 91.57 -64.93 87.85
CA LYS GB 88 91.74 -63.49 87.69
C LYS GB 88 90.64 -62.71 88.40
N HIS GB 89 89.68 -63.41 89.00
CA HIS GB 89 88.60 -62.77 89.75
C HIS GB 89 88.11 -63.74 90.81
N GLY GB 90 87.98 -63.22 92.04
CA GLY GB 90 87.60 -64.06 93.16
C GLY GB 90 86.84 -63.27 94.21
N GLU GB 91 86.04 -64.00 94.98
CA GLU GB 91 85.12 -63.36 95.91
C GLU GB 91 85.15 -64.09 97.25
N TYR GB 92 85.29 -63.33 98.33
CA TYR GB 92 85.05 -63.83 99.68
C TYR GB 92 83.72 -63.26 100.16
N VAL GB 93 82.96 -64.05 100.91
CA VAL GB 93 81.62 -63.62 101.26
C VAL GB 93 81.23 -64.24 102.59
N THR GB 94 80.63 -63.43 103.46
CA THR GB 94 80.03 -64.00 104.65
C THR GB 94 78.61 -63.49 104.83
N THR GB 95 77.80 -64.29 105.49
CA THR GB 95 76.37 -63.99 105.56
C THR GB 95 76.10 -63.10 106.76
N ASN GB 96 75.16 -62.16 106.60
CA ASN GB 96 74.74 -61.21 107.62
C ASN GB 96 73.36 -61.64 108.08
N THR GB 97 73.17 -61.76 109.40
CA THR GB 97 71.88 -62.10 109.98
C THR GB 97 71.51 -61.05 111.01
N GLY GB 98 70.23 -61.03 111.40
CA GLY GB 98 69.76 -60.06 112.36
C GLY GB 98 68.30 -60.28 112.68
N ASP GB 99 67.87 -59.65 113.77
CA ASP GB 99 66.48 -59.75 114.23
C ASP GB 99 65.57 -59.04 113.24
N ARG GB 100 64.64 -59.80 112.65
CA ARG GB 100 63.74 -59.29 111.62
C ARG GB 100 64.52 -58.70 110.44
N LEU GB 101 65.60 -59.38 110.06
CA LEU GB 101 66.39 -59.06 108.88
C LEU GB 101 66.42 -60.28 107.97
N MET GB 102 66.29 -60.05 106.67
CA MET GB 102 66.52 -61.13 105.71
C MET GB 102 68.01 -61.30 105.52
N ALA GB 103 68.50 -62.53 105.69
CA ALA GB 103 69.92 -62.80 105.58
C ALA GB 103 70.47 -62.20 104.28
N SER GB 104 71.60 -61.49 104.38
CA SER GB 104 72.18 -60.82 103.21
C SER GB 104 73.69 -60.90 103.25
N SER GB 105 74.30 -61.05 102.08
CA SER GB 105 75.71 -61.38 102.00
C SER GB 105 76.53 -60.10 101.90
N THR GB 106 77.61 -60.04 102.67
CA THR GB 106 78.62 -59.00 102.52
C THR GB 106 79.82 -59.57 101.79
N THR GB 107 80.34 -58.79 100.82
CA THR GB 107 81.20 -59.32 99.77
C THR GB 107 82.50 -58.54 99.62
N VAL GB 108 83.59 -59.28 99.45
CA VAL GB 108 84.91 -58.71 99.20
C VAL GB 108 85.42 -59.30 97.89
N THR GB 109 85.64 -58.45 96.91
CA THR GB 109 85.95 -58.86 95.54
C THR GB 109 87.36 -58.46 95.17
N ARG GB 110 88.14 -59.40 94.63
CA ARG GB 110 89.51 -59.14 94.20
C ARG GB 110 89.64 -59.48 92.72
N ASP GB 111 90.14 -58.51 91.95
CA ASP GB 111 90.39 -58.67 90.52
C ASP GB 111 91.87 -58.44 90.28
N VAL GB 112 92.58 -59.48 89.85
CA VAL GB 112 94.00 -59.41 89.55
C VAL GB 112 94.17 -59.68 88.06
N SER GB 113 94.52 -58.65 87.28
CA SER GB 113 94.74 -58.87 85.86
C SER GB 113 95.61 -57.76 85.28
N ASN GB 114 96.51 -58.16 84.38
CA ASN GB 114 97.33 -57.25 83.57
C ASN GB 114 98.08 -56.24 84.42
N GLY GB 115 98.64 -56.71 85.53
CA GLY GB 115 99.41 -55.87 86.45
C GLY GB 115 98.60 -54.98 87.36
N ARG GB 116 97.27 -54.99 87.25
CA ARG GB 116 96.41 -54.16 88.08
C ARG GB 116 95.67 -55.09 89.02
N THR GB 117 95.76 -54.80 90.31
CA THR GB 117 95.03 -55.56 91.32
C THR GB 117 94.06 -54.60 92.01
N LYS GB 118 92.80 -55.05 92.20
CA LYS GB 118 91.75 -54.19 92.73
C LYS GB 118 90.88 -54.97 93.71
N VAL GB 119 90.70 -54.40 94.91
CA VAL GB 119 89.89 -54.99 95.97
C VAL GB 119 88.72 -54.06 96.26
N SER GB 120 87.51 -54.63 96.30
CA SER GB 120 86.29 -53.88 96.57
C SER GB 120 85.52 -54.54 97.71
N ILE GB 121 84.92 -53.72 98.57
CA ILE GB 121 84.17 -54.22 99.72
C ILE GB 121 82.78 -53.60 99.67
N ASP GB 122 81.75 -54.46 99.80
CA ASP GB 122 80.36 -54.06 99.71
C ASP GB 122 79.61 -54.64 100.90
N ILE GB 123 79.07 -53.79 101.75
CA ILE GB 123 78.27 -54.21 102.90
C ILE GB 123 76.87 -53.60 102.78
N PRO GB 124 75.81 -54.37 102.95
CA PRO GB 124 74.45 -53.84 102.83
C PRO GB 124 73.90 -53.30 104.14
N TYR GB 125 72.86 -52.47 104.00
CA TYR GB 125 72.14 -51.88 105.13
C TYR GB 125 70.64 -51.91 104.85
N TYR GB 126 69.86 -51.94 105.94
CA TYR GB 126 68.41 -52.02 105.93
C TYR GB 126 67.78 -50.77 106.54
N ASP GB 127 66.48 -50.62 106.28
CA ASP GB 127 65.66 -49.52 106.79
C ASP GB 127 65.33 -49.73 108.27
N ARG GB 128 66.06 -49.00 109.13
CA ARG GB 128 65.88 -49.12 110.57
C ARG GB 128 64.45 -48.80 110.98
N ASN GB 129 63.78 -47.90 110.25
CA ASN GB 129 62.40 -47.54 110.58
C ASN GB 129 61.47 -48.73 110.40
N ALA GB 130 61.62 -49.44 109.28
CA ALA GB 130 60.84 -50.64 109.05
C ALA GB 130 61.16 -51.70 110.08
N VAL GB 131 62.45 -51.94 110.34
CA VAL GB 131 62.83 -53.01 111.24
C VAL GB 131 62.28 -52.75 112.64
N GLU GB 132 62.45 -51.53 113.15
CA GLU GB 132 62.02 -51.21 114.50
C GLU GB 132 60.51 -51.13 114.61
N THR GB 133 59.81 -50.68 113.56
CA THR GB 133 58.35 -50.74 113.57
C THR GB 133 57.87 -52.18 113.67
N LEU GB 134 58.52 -53.09 112.93
CA LEU GB 134 58.19 -54.51 113.05
C LEU GB 134 58.48 -55.05 114.43
N LYS GB 135 59.65 -54.74 114.99
CA LYS GB 135 60.02 -55.21 116.32
C LYS GB 135 59.05 -54.71 117.38
N ALA GB 136 58.83 -53.39 117.43
CA ALA GB 136 57.92 -52.83 118.42
C ALA GB 136 56.51 -53.36 118.25
N SER GB 137 56.06 -53.53 117.01
CA SER GB 137 54.72 -54.06 116.81
C SER GB 137 54.67 -55.58 116.90
N ALA GB 138 55.78 -56.26 117.15
CA ALA GB 138 55.80 -57.73 117.22
C ALA GB 138 55.20 -58.34 115.95
N ILE GB 139 55.68 -57.86 114.80
CA ILE GB 139 55.26 -58.39 113.51
C ILE GB 139 56.35 -59.33 113.02
N PRO GB 140 56.01 -60.50 112.46
CA PRO GB 140 57.05 -61.46 112.05
C PRO GB 140 57.65 -61.25 110.68
N GLY GB 141 57.53 -60.07 110.08
CA GLY GB 141 58.14 -59.84 108.79
C GLY GB 141 59.64 -59.70 108.87
N ALA GB 142 60.33 -60.13 107.80
CA ALA GB 142 61.78 -59.98 107.67
C ALA GB 142 62.07 -59.00 106.53
N VAL GB 143 63.04 -58.12 106.74
CA VAL GB 143 63.30 -57.02 105.82
C VAL GB 143 64.51 -57.33 104.97
N ALA GB 144 64.38 -57.08 103.67
CA ALA GB 144 65.49 -57.15 102.72
C ALA GB 144 66.29 -55.85 102.74
N PRO GB 145 67.55 -55.88 102.32
CA PRO GB 145 68.39 -54.68 102.41
C PRO GB 145 67.90 -53.57 101.49
N VAL GB 146 67.97 -52.35 101.99
CA VAL GB 146 67.58 -51.19 101.19
C VAL GB 146 68.74 -50.64 100.38
N GLY GB 147 69.98 -50.80 100.84
CA GLY GB 147 71.09 -50.29 100.05
C GLY GB 147 72.41 -50.90 100.50
N SER GB 148 73.50 -50.27 100.07
CA SER GB 148 74.82 -50.75 100.43
C SER GB 148 75.83 -49.60 100.43
N PHE GB 149 76.97 -49.86 101.06
CA PHE GB 149 78.14 -48.99 101.02
C PHE GB 149 79.34 -49.77 100.48
N LYS GB 150 80.13 -49.09 99.64
CA LYS GB 150 81.23 -49.71 98.91
C LYS GB 150 82.51 -48.89 99.01
N VAL GB 151 83.62 -49.62 99.08
CA VAL GB 151 84.95 -49.03 99.14
C VAL GB 151 85.86 -49.80 98.17
N ASN GB 152 86.51 -49.08 97.26
CA ASN GB 152 87.38 -49.64 96.23
C ASN GB 152 88.83 -49.23 96.48
N VAL GB 153 89.75 -50.13 96.16
CA VAL GB 153 91.18 -49.91 96.32
C VAL GB 153 91.88 -50.56 95.12
N GLU GB 154 92.84 -49.86 94.54
CA GLU GB 154 93.37 -50.25 93.24
C GLU GB 154 94.86 -49.94 93.17
N VAL GB 155 95.62 -50.88 92.61
CA VAL GB 155 97.08 -50.78 92.55
C VAL GB 155 97.50 -51.09 91.12
N LEU GB 156 98.07 -50.07 90.44
CA LEU GB 156 98.52 -50.20 89.06
C LEU GB 156 100.00 -50.53 89.07
N GLY GB 157 100.32 -51.83 89.13
CA GLY GB 157 101.66 -52.33 89.26
C GLY GB 157 102.31 -52.82 87.98
N GLY GB 158 101.80 -52.43 86.83
CA GLY GB 158 102.37 -52.88 85.58
C GLY GB 158 103.52 -52.01 85.13
N GLY GB 159 104.30 -52.56 84.21
CA GLY GB 159 105.34 -51.80 83.56
C GLY GB 159 106.71 -51.95 84.18
N VAL GB 160 106.94 -53.02 84.95
CA VAL GB 160 108.23 -53.23 85.58
C VAL GB 160 109.31 -53.33 84.52
N LEU GB 161 110.42 -52.62 84.76
CA LEU GB 161 111.52 -52.58 83.83
C LEU GB 161 112.25 -53.93 83.74
N THR GB 162 112.90 -54.16 82.60
CA THR GB 162 113.41 -55.51 82.31
C THR GB 162 114.55 -55.90 83.24
N GLY GB 163 115.41 -54.96 83.60
CA GLY GB 163 116.51 -55.28 84.50
C GLY GB 163 116.06 -55.81 85.85
N THR GB 164 114.89 -55.39 86.32
CA THR GB 164 114.42 -55.74 87.66
C THR GB 164 114.30 -57.23 87.85
N ASP GB 165 114.95 -57.77 88.88
CA ASP GB 165 114.88 -59.20 89.13
C ASP GB 165 113.83 -59.49 90.20
N ALA GB 166 113.74 -60.77 90.62
CA ALA GB 166 112.68 -61.20 91.52
C ALA GB 166 112.79 -60.51 92.87
N ASN GB 167 114.00 -60.49 93.43
CA ASN GB 167 114.22 -59.86 94.73
C ASN GB 167 113.84 -58.39 94.70
N ALA GB 168 114.20 -57.69 93.62
CA ALA GB 168 113.82 -56.30 93.47
C ALA GB 168 112.29 -56.13 93.39
N GLN GB 169 111.64 -57.05 92.69
CA GLN GB 169 110.18 -56.97 92.59
C GLN GB 169 109.53 -57.13 93.97
N PHE GB 170 110.15 -57.91 94.86
CA PHE GB 170 109.65 -57.95 96.24
C PHE GB 170 109.61 -56.54 96.85
N ALA GB 171 110.70 -55.80 96.66
CA ALA GB 171 110.78 -54.44 97.18
C ALA GB 171 109.70 -53.56 96.59
N LEU GB 172 109.46 -53.70 95.28
CA LEU GB 172 108.39 -52.93 94.66
C LEU GB 172 107.04 -53.30 95.25
N ASP GB 173 106.85 -54.58 95.60
CA ASP GB 173 105.63 -55.02 96.27
C ASP GB 173 105.39 -54.22 97.53
N GLU GB 174 106.40 -54.20 98.42
CA GLU GB 174 106.22 -53.49 99.68
C GLU GB 174 106.08 -51.99 99.46
N LEU GB 175 106.73 -51.45 98.42
CA LEU GB 175 106.59 -50.03 98.12
C LEU GB 175 105.15 -49.67 97.79
N LEU GB 176 104.53 -50.44 96.91
CA LEU GB 176 103.12 -50.22 96.59
C LEU GB 176 102.25 -50.42 97.83
N SER GB 177 102.61 -51.38 98.68
CA SER GB 177 101.88 -51.56 99.94
C SER GB 177 101.87 -50.27 100.77
N ASN GB 178 103.04 -49.65 100.91
CA ASN GB 178 103.11 -48.43 101.72
C ASN GB 178 102.39 -47.26 101.06
N MET GB 179 102.41 -47.19 99.72
CA MET GB 179 101.61 -46.17 99.05
C MET GB 179 100.13 -46.39 99.29
N LEU GB 180 99.70 -47.66 99.33
CA LEU GB 180 98.32 -47.98 99.72
C LEU GB 180 97.97 -47.42 101.08
N MET GB 181 98.80 -47.74 102.07
CA MET GB 181 98.55 -47.26 103.43
C MET GB 181 98.45 -45.74 103.46
N ASP GB 182 99.36 -45.06 102.76
CA ASP GB 182 99.33 -43.61 102.73
C ASP GB 182 98.07 -43.09 102.07
N ALA GB 183 97.63 -43.74 100.99
CA ALA GB 183 96.42 -43.29 100.30
C ALA GB 183 95.20 -43.41 101.21
N ALA GB 184 95.10 -44.53 101.94
CA ALA GB 184 93.95 -44.70 102.84
C ALA GB 184 93.98 -43.70 103.98
N ARG GB 185 95.16 -43.41 104.51
CA ARG GB 185 95.27 -42.40 105.56
C ARG GB 185 94.87 -41.02 105.02
N ILE GB 186 95.32 -40.69 103.81
CA ILE GB 186 94.97 -39.39 103.22
C ILE GB 186 93.48 -39.31 102.93
N ALA GB 187 92.85 -40.46 102.66
CA ALA GB 187 91.42 -40.49 102.40
C ALA GB 187 90.62 -40.21 103.67
N GLN GB 188 90.94 -40.93 104.76
CA GLN GB 188 90.21 -40.78 106.01
C GLN GB 188 90.70 -39.61 106.85
N ASP GB 189 91.73 -38.89 106.40
CA ASP GB 189 92.38 -37.88 107.22
C ASP GB 189 91.40 -36.78 107.61
N GLY GB 190 91.48 -36.37 108.87
CA GLY GB 190 90.69 -35.26 109.35
C GLY GB 190 90.17 -35.46 110.76
N PRO GB 191 89.72 -34.37 111.39
CA PRO GB 191 89.05 -34.50 112.69
C PRO GB 191 87.77 -35.31 112.57
N LYS GB 192 87.48 -36.06 113.61
CA LYS GB 192 86.18 -36.71 113.71
C LYS GB 192 85.09 -35.75 114.16
N ASN GB 193 85.45 -34.49 114.43
CA ASN GB 193 84.47 -33.45 114.74
C ASN GB 193 83.72 -32.99 113.51
N THR GB 194 84.34 -33.08 112.34
CA THR GB 194 83.79 -32.51 111.12
C THR GB 194 83.52 -33.59 110.08
N ALA GB 195 82.65 -33.24 109.13
CA ALA GB 195 82.23 -34.16 108.08
C ALA GB 195 83.40 -34.45 107.14
N ARG GB 196 83.61 -35.72 106.82
CA ARG GB 196 84.71 -36.00 105.89
C ARG GB 196 84.41 -36.97 104.75
N LEU GB 197 83.45 -37.91 104.88
CA LEU GB 197 83.22 -38.88 103.80
C LEU GB 197 81.81 -38.97 103.21
N VAL GB 198 80.77 -39.25 104.02
CA VAL GB 198 79.47 -39.66 103.47
C VAL GB 198 78.71 -38.45 102.96
N ALA GB 199 77.85 -38.69 101.97
CA ALA GB 199 77.04 -37.63 101.36
C ALA GB 199 77.92 -36.45 100.92
N ALA GB 200 79.14 -36.75 100.49
CA ALA GB 200 80.09 -35.70 100.14
C ALA GB 200 79.59 -34.89 98.95
N SER GB 201 79.76 -33.58 99.02
CA SER GB 201 79.45 -32.68 97.91
C SER GB 201 80.67 -31.95 97.36
N HIS GB 202 81.53 -31.46 98.24
CA HIS GB 202 82.71 -30.69 97.87
C HIS GB 202 83.62 -30.57 99.09
N GLY GB 203 84.87 -30.24 98.84
CA GLY GB 203 85.88 -30.14 99.89
C GLY GB 203 86.21 -28.68 100.16
N VAL GB 204 86.45 -28.37 101.43
CA VAL GB 204 86.83 -27.02 101.84
C VAL GB 204 87.98 -27.14 102.83
N MET GB 205 89.07 -26.41 102.55
CA MET GB 205 90.23 -26.39 103.42
C MET GB 205 89.99 -25.41 104.57
N PRO GB 206 90.27 -25.79 105.81
CA PRO GB 206 89.94 -24.91 106.95
C PRO GB 206 90.77 -23.64 106.91
N GLN GB 207 90.22 -22.61 107.57
CA GLN GB 207 90.86 -21.30 107.57
C GLN GB 207 92.30 -21.38 108.04
N ALA GB 208 92.56 -22.18 109.08
CA ALA GB 208 93.91 -22.49 109.54
C ALA GB 208 94.77 -21.24 109.68
N SER HB 23 64.82 -53.12 93.96
CA SER HB 23 63.63 -53.11 94.80
C SER HB 23 63.79 -54.04 96.01
N SER HB 24 63.57 -53.51 97.21
CA SER HB 24 63.71 -54.24 98.45
C SER HB 24 62.35 -54.49 99.07
N ARG HB 25 62.07 -55.74 99.40
CA ARG HB 25 60.76 -56.15 99.88
C ARG HB 25 60.89 -56.93 101.18
N THR HB 26 60.02 -56.62 102.14
CA THR HB 26 59.91 -57.40 103.35
C THR HB 26 59.04 -58.62 103.09
N THR HB 27 59.47 -59.77 103.62
CA THR HB 27 58.86 -61.06 103.34
C THR HB 27 58.25 -61.64 104.61
N PHE HB 28 57.02 -62.14 104.49
CA PHE HB 28 56.31 -62.85 105.53
C PHE HB 28 56.20 -64.30 105.11
N GLY HB 29 56.61 -65.20 105.98
CA GLY HB 29 56.60 -66.60 105.62
C GLY HB 29 57.93 -67.03 105.01
N VAL HB 30 57.84 -68.09 104.22
CA VAL HB 30 59.02 -68.72 103.63
C VAL HB 30 59.53 -67.89 102.47
N ASN HB 31 60.84 -67.66 102.43
CA ASN HB 31 61.48 -67.06 101.28
C ASN HB 31 62.22 -68.14 100.52
N PRO HB 32 61.76 -68.54 99.33
CA PRO HB 32 62.39 -69.65 98.61
C PRO HB 32 63.51 -69.28 97.65
N ASP HB 33 64.05 -68.07 97.70
CA ASP HB 33 65.13 -67.68 96.80
C ASP HB 33 66.30 -68.64 96.89
N ARG HB 34 66.69 -69.22 95.76
CA ARG HB 34 67.82 -70.14 95.69
C ARG HB 34 69.05 -69.44 95.11
N GLN HB 35 70.22 -69.92 95.52
CA GLN HB 35 71.49 -69.38 95.07
C GLN HB 35 71.87 -70.04 93.75
N ALA HB 36 72.26 -69.21 92.77
CA ALA HB 36 72.62 -69.72 91.46
C ALA HB 36 73.77 -70.72 91.55
N ASN HB 37 73.67 -71.78 90.75
CA ASN HB 37 74.64 -72.88 90.74
C ASN HB 37 75.86 -72.46 89.91
N ALA HB 38 76.66 -71.57 90.50
CA ALA HB 38 77.80 -70.93 89.80
C ALA HB 38 79.03 -70.98 90.71
N ARG HB 39 79.31 -72.17 91.25
CA ARG HB 39 80.40 -72.36 92.21
C ARG HB 39 81.37 -73.41 91.69
N PRO HB 40 82.62 -73.04 91.40
CA PRO HB 40 83.61 -74.04 91.01
C PRO HB 40 83.88 -75.02 92.14
N VAL HB 41 84.14 -76.27 91.76
CA VAL HB 41 84.37 -77.32 92.75
C VAL HB 41 85.68 -78.02 92.46
N TYR HB 42 86.27 -78.56 93.53
CA TYR HB 42 87.55 -79.24 93.43
C TYR HB 42 87.44 -80.50 92.58
N LEU HB 43 88.47 -80.72 91.76
CA LEU HB 43 88.54 -81.85 90.85
C LEU HB 43 89.82 -82.62 91.13
N ALA HB 44 89.67 -83.85 91.60
CA ALA HB 44 90.82 -84.65 92.02
C ALA HB 44 91.82 -84.80 90.87
N PRO HB 45 93.12 -84.75 91.15
CA PRO HB 45 94.13 -84.90 90.07
C PRO HB 45 94.27 -86.32 89.58
N ALA HB 46 93.62 -87.28 90.21
CA ALA HB 46 93.63 -88.67 89.80
C ALA HB 46 92.52 -89.39 90.55
N ALA HB 47 92.13 -90.55 90.04
CA ALA HB 47 91.00 -91.28 90.62
C ALA HB 47 91.51 -92.54 91.30
N PRO HB 48 91.43 -92.68 92.63
CA PRO HB 48 91.89 -93.93 93.25
C PRO HB 48 90.84 -95.02 93.15
N MET HB 49 91.23 -96.17 92.60
CA MET HB 49 90.35 -97.33 92.54
C MET HB 49 90.91 -98.48 93.38
N GLU HB 50 91.45 -98.19 94.56
CA GLU HB 50 92.21 -99.20 95.29
C GLU HB 50 91.34 -100.38 95.72
N ASN HB 51 90.12 -100.10 96.20
CA ASN HB 51 89.26 -101.17 96.75
C ASN HB 51 88.97 -102.24 95.71
N THR HB 52 88.49 -101.82 94.54
CA THR HB 52 88.04 -102.77 93.52
C THR HB 52 89.21 -103.58 92.96
N TYR HB 53 90.38 -102.95 92.77
CA TYR HB 53 91.51 -103.66 92.17
C TYR HB 53 92.21 -104.57 93.17
N THR HB 54 92.25 -104.19 94.45
CA THR HB 54 92.70 -105.15 95.45
C THR HB 54 91.77 -106.36 95.51
N TYR HB 55 90.44 -106.15 95.43
CA TYR HB 55 89.57 -107.32 95.43
C TYR HB 55 89.76 -108.17 94.16
N LEU HB 56 89.98 -107.51 93.02
CA LEU HB 56 90.23 -108.25 91.78
C LEU HB 56 91.50 -109.09 91.88
N GLY HB 57 92.55 -108.54 92.50
CA GLY HB 57 93.71 -109.35 92.81
C GLY HB 57 93.37 -110.49 93.74
N SER HB 58 92.46 -110.26 94.69
CA SER HB 58 92.04 -111.32 95.61
C SER HB 58 91.46 -112.51 94.86
N ILE HB 59 90.58 -112.27 93.90
CA ILE HB 59 89.97 -113.41 93.22
C ILE HB 59 90.75 -113.81 91.97
N GLN HB 60 91.97 -113.26 91.82
CA GLN HB 60 92.84 -113.59 90.69
C GLN HB 60 92.19 -113.20 89.36
N PHE HB 61 91.45 -112.10 89.36
CA PHE HB 61 90.90 -111.51 88.15
C PHE HB 61 90.02 -112.46 87.37
N ALA HB 62 89.23 -113.26 88.08
CA ALA HB 62 88.38 -114.25 87.41
C ALA HB 62 87.26 -114.67 88.33
N ALA HB 63 86.02 -114.54 87.87
CA ALA HB 63 84.85 -115.06 88.57
C ALA HB 63 83.96 -115.74 87.55
N GLY HB 64 83.73 -117.03 87.75
CA GLY HB 64 82.89 -117.79 86.83
C GLY HB 64 83.47 -117.80 85.44
N ARG HB 65 82.67 -117.39 84.47
CA ARG HB 65 83.11 -117.27 83.10
C ARG HB 65 83.62 -115.87 82.76
N HIS HB 66 83.60 -114.95 83.73
CA HIS HB 66 84.12 -113.61 83.54
C HIS HB 66 85.60 -113.60 83.88
N ILE HB 67 86.44 -113.19 82.94
CA ILE HB 67 87.85 -112.95 83.24
C ILE HB 67 88.14 -111.48 83.04
N PHE HB 68 88.89 -110.89 83.96
CA PHE HB 68 89.19 -109.47 83.94
C PHE HB 68 90.65 -109.22 83.59
N GLY HB 69 90.94 -107.99 83.18
CA GLY HB 69 92.31 -107.63 82.87
C GLY HB 69 93.01 -106.94 84.01
N GLU HB 70 94.35 -106.98 83.96
CA GLU HB 70 95.18 -106.37 85.00
C GLU HB 70 95.43 -104.90 84.67
N PRO HB 71 95.10 -103.97 85.56
CA PRO HB 71 95.28 -102.55 85.25
C PRO HB 71 96.75 -102.17 85.26
N ALA HB 72 97.07 -101.08 84.58
CA ALA HB 72 98.41 -100.54 84.68
C ALA HB 72 98.64 -99.87 86.04
N SER HB 73 97.63 -99.18 86.57
CA SER HB 73 97.76 -98.54 87.87
C SER HB 73 96.48 -98.71 88.67
N ASN HB 74 96.63 -98.71 89.99
CA ASN HB 74 95.49 -98.68 90.90
C ASN HB 74 94.89 -97.29 90.97
N VAL HB 75 95.66 -96.26 90.63
CA VAL HB 75 95.18 -94.89 90.60
C VAL HB 75 95.22 -94.42 89.15
N LEU HB 76 94.10 -93.91 88.66
CA LEU HB 76 93.91 -93.62 87.25
C LEU HB 76 94.22 -92.16 86.96
N PRO HB 77 95.08 -91.89 85.97
CA PRO HB 77 95.44 -90.51 85.64
C PRO HB 77 94.38 -89.85 84.77
N PRO HB 78 94.34 -88.51 84.72
CA PRO HB 78 93.33 -87.86 83.88
C PRO HB 78 93.65 -88.02 82.41
N GLN HB 79 92.61 -88.22 81.61
CA GLN HB 79 92.75 -88.32 80.17
C GLN HB 79 92.46 -87.02 79.44
N ASN HB 80 91.40 -86.32 79.83
CA ASN HB 80 90.98 -85.10 79.13
C ASN HB 80 90.80 -83.91 80.07
N ILE HB 81 91.51 -83.91 81.20
CA ILE HB 81 91.44 -82.83 82.19
C ILE HB 81 92.80 -82.16 82.25
N VAL HB 82 92.79 -80.82 82.18
CA VAL HB 82 94.00 -80.03 82.24
C VAL HB 82 93.92 -79.15 83.47
N PRO HB 83 94.97 -79.06 84.28
CA PRO HB 83 94.90 -78.26 85.50
C PRO HB 83 94.66 -76.81 85.17
N GLY HB 84 93.76 -76.20 85.94
CA GLY HB 84 93.46 -74.79 85.78
C GLY HB 84 92.42 -74.50 84.73
N VAL HB 85 91.97 -75.49 83.98
CA VAL HB 85 90.99 -75.28 82.93
C VAL HB 85 89.68 -75.88 83.41
N PRO HB 86 88.62 -75.08 83.56
CA PRO HB 86 87.35 -75.64 84.02
C PRO HB 86 86.76 -76.58 82.98
N THR HB 87 86.28 -77.73 83.42
CA THR HB 87 85.61 -78.68 82.56
C THR HB 87 84.36 -79.18 83.27
N LYS HB 88 83.35 -79.53 82.47
CA LYS HB 88 82.11 -80.08 83.01
C LYS HB 88 82.03 -81.58 82.81
N HIS HB 89 83.01 -82.16 82.13
CA HIS HB 89 83.05 -83.59 81.89
C HIS HB 89 84.52 -83.99 81.83
N GLY HB 90 84.89 -84.98 82.62
CA GLY HB 90 86.27 -85.42 82.71
C GLY HB 90 86.36 -86.92 82.87
N GLU HB 91 87.48 -87.47 82.43
CA GLU HB 91 87.65 -88.92 82.43
C GLU HB 91 89.05 -89.28 82.88
N TYR HB 92 89.12 -90.26 83.79
CA TYR HB 92 90.36 -90.92 84.14
C TYR HB 92 90.34 -92.32 83.56
N VAL HB 93 91.50 -92.82 83.15
CA VAL HB 93 91.50 -94.07 82.38
C VAL HB 93 92.82 -94.79 82.58
N THR HB 94 92.76 -96.12 82.64
CA THR HB 94 93.96 -96.92 82.53
C THR HB 94 93.72 -98.09 81.57
N THR HB 95 94.75 -98.89 81.33
CA THR HB 95 94.65 -99.99 80.38
C THR HB 95 94.78 -101.32 81.12
N ASN HB 96 93.78 -102.18 80.95
CA ASN HB 96 93.84 -103.57 81.40
C ASN HB 96 94.48 -104.38 80.29
N THR HB 97 95.54 -105.12 80.63
CA THR HB 97 96.19 -106.08 79.75
C THR HB 97 96.06 -107.47 80.39
N GLY HB 98 96.26 -108.50 79.57
CA GLY HB 98 96.04 -109.86 80.03
C GLY HB 98 96.57 -110.86 79.03
N ASP HB 99 96.73 -112.09 79.50
CA ASP HB 99 97.22 -113.17 78.67
C ASP HB 99 96.14 -113.59 77.68
N ARG HB 100 96.49 -113.61 76.38
CA ARG HB 100 95.55 -113.87 75.28
C ARG HB 100 94.44 -112.83 75.22
N LEU HB 101 94.72 -111.61 75.69
CA LEU HB 101 93.72 -110.55 75.73
C LEU HB 101 94.18 -109.33 74.96
N MET HB 102 93.22 -108.63 74.38
CA MET HB 102 93.47 -107.36 73.72
C MET HB 102 93.28 -106.22 74.70
N ALA HB 103 94.24 -105.30 74.74
CA ALA HB 103 94.24 -104.21 75.71
C ALA HB 103 92.91 -103.47 75.70
N SER HB 104 92.30 -103.34 76.88
CA SER HB 104 91.01 -102.67 76.99
C SER HB 104 91.04 -101.68 78.14
N SER HB 105 90.53 -100.48 77.90
CA SER HB 105 90.64 -99.41 78.87
C SER HB 105 89.53 -99.49 79.92
N THR HB 106 89.89 -99.19 81.16
CA THR HB 106 88.97 -99.03 82.28
C THR HB 106 88.79 -97.54 82.57
N THR HB 107 87.53 -97.09 82.66
CA THR HB 107 87.21 -95.66 82.61
C THR HB 107 86.42 -95.20 83.84
N VAL HB 108 86.74 -94.00 84.29
CA VAL HB 108 86.08 -93.36 85.43
C VAL HB 108 85.68 -91.96 84.97
N THR HB 109 84.38 -91.73 84.85
CA THR HB 109 83.83 -90.52 84.26
C THR HB 109 83.20 -89.66 85.35
N ARG HB 110 83.47 -88.35 85.32
CA ARG HB 110 82.90 -87.41 86.26
C ARG HB 110 82.26 -86.24 85.53
N ASP HB 111 81.00 -85.99 85.81
CA ASP HB 111 80.23 -84.92 85.19
C ASP HB 111 79.81 -83.94 86.28
N VAL HB 112 80.09 -82.66 86.07
CA VAL HB 112 79.68 -81.61 87.00
C VAL HB 112 78.91 -80.55 86.21
N SER HB 113 77.62 -80.36 86.54
CA SER HB 113 76.80 -79.39 85.82
C SER HB 113 75.57 -79.05 86.66
N ASN HB 114 75.26 -77.76 86.77
CA ASN HB 114 74.00 -77.29 87.35
C ASN HB 114 73.77 -77.85 88.76
N GLY HB 115 74.84 -77.94 89.54
CA GLY HB 115 74.76 -78.43 90.91
C GLY HB 115 74.66 -79.93 91.05
N ARG HB 116 74.69 -80.65 89.95
CA ARG HB 116 74.59 -82.10 89.96
C ARG HB 116 75.94 -82.66 89.56
N THR HB 117 76.48 -83.52 90.39
CA THR HB 117 77.78 -84.11 90.14
C THR HB 117 77.61 -85.63 90.14
N LYS HB 118 78.17 -86.29 89.12
CA LYS HB 118 77.94 -87.73 88.90
C LYS HB 118 79.23 -88.42 88.47
N VAL HB 119 79.59 -89.47 89.20
CA VAL HB 119 80.77 -90.29 88.93
C VAL HB 119 80.30 -91.67 88.50
N SER HB 120 80.82 -92.16 87.37
CA SER HB 120 80.50 -93.47 86.82
C SER HB 120 81.79 -94.25 86.61
N ILE HB 121 81.75 -95.56 86.87
CA ILE HB 121 82.91 -96.43 86.71
C ILE HB 121 82.53 -97.59 85.82
N ASP HB 122 83.36 -97.85 84.80
CA ASP HB 122 83.12 -98.91 83.81
C ASP HB 122 84.37 -99.76 83.68
N ILE HB 123 84.24 -101.05 83.97
CA ILE HB 123 85.32 -102.02 83.81
C ILE HB 123 84.85 -103.14 82.91
N PRO HB 124 85.60 -103.50 81.86
CA PRO HB 124 85.20 -104.57 80.96
C PRO HB 124 85.70 -105.94 81.40
N TYR HB 125 85.04 -106.97 80.88
CA TYR HB 125 85.40 -108.36 81.11
C TYR HB 125 85.44 -109.12 79.78
N TYR HB 126 85.98 -110.34 79.84
CA TYR HB 126 86.16 -111.18 78.67
C TYR HB 126 85.62 -112.58 78.94
N ASP HB 127 85.50 -113.35 77.85
CA ASP HB 127 85.00 -114.73 77.88
C ASP HB 127 86.11 -115.68 78.31
N ARG HB 128 86.02 -116.16 79.56
CA ARG HB 128 87.05 -117.03 80.09
C ARG HB 128 87.13 -118.33 79.29
N ASN HB 129 86.00 -118.81 78.76
CA ASN HB 129 86.01 -120.05 78.00
C ASN HB 129 86.83 -119.90 76.72
N ALA HB 130 86.67 -118.78 76.02
CA ALA HB 130 87.51 -118.52 74.86
C ALA HB 130 88.97 -118.37 75.26
N VAL HB 131 89.24 -117.64 76.35
CA VAL HB 131 90.63 -117.39 76.73
C VAL HB 131 91.35 -118.69 77.07
N GLU HB 132 90.74 -119.51 77.93
CA GLU HB 132 91.38 -120.75 78.36
C GLU HB 132 91.36 -121.80 77.26
N THR HB 133 90.40 -121.75 76.34
CA THR HB 133 90.43 -122.66 75.20
C THR HB 133 91.59 -122.34 74.26
N LEU HB 134 91.85 -121.06 74.03
CA LEU HB 134 93.05 -120.67 73.29
C LEU HB 134 94.32 -121.12 74.01
N LYS HB 135 94.45 -120.77 75.30
CA LYS HB 135 95.62 -121.21 76.06
C LYS HB 135 95.83 -122.71 75.92
N ALA HB 136 94.77 -123.49 76.10
CA ALA HB 136 94.87 -124.95 76.08
C ALA HB 136 95.11 -125.51 74.67
N SER HB 137 94.75 -124.77 73.63
CA SER HB 137 94.94 -125.25 72.27
C SER HB 137 96.26 -124.81 71.65
N ALA HB 138 96.94 -123.82 72.24
CA ALA HB 138 98.26 -123.38 71.76
C ALA HB 138 98.19 -122.90 70.31
N ILE HB 139 97.25 -122.00 70.08
CA ILE HB 139 96.87 -121.53 68.76
C ILE HB 139 96.85 -120.01 68.80
N PRO HB 140 97.13 -119.33 67.69
CA PRO HB 140 97.51 -117.91 67.76
C PRO HB 140 96.41 -116.92 68.23
N GLY HB 141 95.15 -117.32 68.36
CA GLY HB 141 94.09 -116.33 68.54
C GLY HB 141 94.27 -115.44 69.77
N ALA HB 142 93.68 -114.23 69.70
CA ALA HB 142 93.45 -113.39 70.87
C ALA HB 142 92.03 -112.81 70.85
N VAL HB 143 91.55 -112.38 72.02
CA VAL HB 143 90.14 -112.10 72.27
C VAL HB 143 89.96 -110.67 72.75
N ALA HB 144 88.84 -110.07 72.35
CA ALA HB 144 88.38 -108.74 72.72
C ALA HB 144 87.34 -108.82 73.82
N PRO HB 145 87.02 -107.70 74.48
CA PRO HB 145 86.02 -107.75 75.57
C PRO HB 145 84.64 -108.18 75.09
N VAL HB 146 83.90 -108.79 76.02
CA VAL HB 146 82.55 -109.27 75.76
C VAL HB 146 81.49 -108.37 76.37
N GLY HB 147 81.81 -107.64 77.42
CA GLY HB 147 80.86 -106.75 78.06
C GLY HB 147 81.54 -105.99 79.17
N SER HB 148 80.73 -105.35 80.00
CA SER HB 148 81.28 -104.52 81.06
C SER HB 148 80.33 -104.52 82.25
N PHE HB 149 80.87 -104.05 83.38
CA PHE HB 149 80.08 -103.74 84.56
C PHE HB 149 80.27 -102.27 84.89
N LYS HB 150 79.17 -101.63 85.30
CA LYS HB 150 79.12 -100.19 85.53
C LYS HB 150 78.45 -99.89 86.87
N VAL HB 151 78.96 -98.84 87.50
CA VAL HB 151 78.44 -98.35 88.78
C VAL HB 151 78.37 -96.82 88.72
N ASN HB 152 77.20 -96.26 89.01
CA ASN HB 152 76.95 -94.82 88.97
C ASN HB 152 76.67 -94.28 90.37
N VAL HB 153 77.10 -93.04 90.62
CA VAL HB 153 76.90 -92.37 91.88
C VAL HB 153 76.63 -90.89 91.59
N GLU HB 154 75.60 -90.34 92.20
CA GLU HB 154 75.03 -89.06 91.76
C GLU HB 154 74.61 -88.22 92.96
N VAL HB 155 74.97 -86.94 92.95
CA VAL HB 155 74.72 -86.02 94.06
C VAL HB 155 74.02 -84.78 93.51
N LEU HB 156 72.80 -84.52 93.99
CA LEU HB 156 71.98 -83.42 93.49
C LEU HB 156 72.08 -82.27 94.47
N GLY HB 157 73.12 -81.47 94.32
CA GLY HB 157 73.46 -80.39 95.24
C GLY HB 157 72.93 -79.03 94.88
N GLY HB 158 72.04 -78.95 93.89
CA GLY HB 158 71.50 -77.68 93.49
C GLY HB 158 70.45 -77.17 94.46
N GLY HB 159 70.22 -75.87 94.41
CA GLY HB 159 69.14 -75.27 95.17
C GLY HB 159 69.56 -74.70 96.50
N VAL HB 160 70.82 -74.28 96.64
CA VAL HB 160 71.27 -73.71 97.91
C VAL HB 160 70.54 -72.40 98.14
N LEU HB 161 70.08 -72.20 99.37
CA LEU HB 161 69.29 -71.04 99.72
C LEU HB 161 70.16 -69.78 99.76
N THR HB 162 69.49 -68.62 99.81
CA THR HB 162 70.22 -67.36 99.68
C THR HB 162 71.11 -67.09 100.88
N GLY HB 163 70.62 -67.39 102.09
CA GLY HB 163 71.35 -67.03 103.29
C GLY HB 163 72.68 -67.76 103.42
N THR HB 164 72.81 -68.91 102.78
CA THR HB 164 73.99 -69.73 102.97
C THR HB 164 75.24 -69.02 102.48
N ASP HB 165 76.25 -68.93 103.35
CA ASP HB 165 77.55 -68.42 102.98
C ASP HB 165 78.49 -69.58 102.68
N ALA HB 166 79.76 -69.22 102.43
CA ALA HB 166 80.73 -70.22 101.97
C ALA HB 166 81.01 -71.28 103.02
N ASN HB 167 81.21 -70.86 104.28
CA ASN HB 167 81.47 -71.81 105.37
C ASN HB 167 80.32 -72.81 105.50
N ALA HB 168 79.09 -72.30 105.51
CA ALA HB 168 77.92 -73.16 105.56
C ALA HB 168 77.87 -74.11 104.36
N GLN HB 169 78.29 -73.63 103.20
CA GLN HB 169 78.31 -74.50 102.02
C GLN HB 169 79.30 -75.65 102.21
N PHE HB 170 80.43 -75.38 102.87
CA PHE HB 170 81.32 -76.49 103.21
C PHE HB 170 80.62 -77.51 104.08
N ALA HB 171 79.87 -77.01 105.07
CA ALA HB 171 79.12 -77.93 105.91
C ALA HB 171 78.16 -78.79 105.08
N LEU HB 172 77.51 -78.16 104.11
CA LEU HB 172 76.58 -78.91 103.26
C LEU HB 172 77.32 -79.92 102.39
N ASP HB 173 78.52 -79.55 101.93
CA ASP HB 173 79.38 -80.47 101.22
C ASP HB 173 79.57 -81.76 102.00
N GLU HB 174 79.98 -81.61 103.26
CA GLU HB 174 80.21 -82.80 104.08
C GLU HB 174 78.92 -83.56 104.37
N LEU HB 175 77.80 -82.84 104.52
CA LEU HB 175 76.52 -83.52 104.72
C LEU HB 175 76.19 -84.45 103.55
N LEU HB 176 76.33 -83.93 102.33
CA LEU HB 176 76.05 -84.75 101.16
C LEU HB 176 77.02 -85.93 101.08
N SER HB 177 78.29 -85.71 101.38
CA SER HB 177 79.23 -86.84 101.31
C SER HB 177 78.86 -87.93 102.31
N ASN HB 178 78.35 -87.55 103.48
CA ASN HB 178 77.90 -88.55 104.45
C ASN HB 178 76.67 -89.30 103.95
N MET HB 179 75.75 -88.60 103.29
CA MET HB 179 74.61 -89.30 102.68
C MET HB 179 75.09 -90.26 101.59
N LEU HB 180 76.15 -89.88 100.88
CA LEU HB 180 76.76 -90.78 99.90
C LEU HB 180 77.21 -92.07 100.54
N MET HB 181 77.98 -91.95 101.62
CA MET HB 181 78.46 -93.14 102.33
C MET HB 181 77.30 -94.00 102.80
N ASP HB 182 76.27 -93.38 103.37
CA ASP HB 182 75.10 -94.13 103.82
C ASP HB 182 74.45 -94.87 102.65
N ALA HB 183 74.34 -94.22 101.50
CA ALA HB 183 73.70 -94.84 100.35
C ALA HB 183 74.49 -96.04 99.84
N ALA HB 184 75.81 -95.91 99.77
CA ALA HB 184 76.63 -97.05 99.32
C ALA HB 184 76.53 -98.22 100.30
N ARG HB 185 76.55 -97.92 101.61
CA ARG HB 185 76.41 -98.99 102.59
C ARG HB 185 75.05 -99.68 102.47
N ILE HB 186 73.99 -98.89 102.26
CA ILE HB 186 72.64 -99.47 102.13
C ILE HB 186 72.52 -100.29 100.85
N ALA HB 187 73.27 -99.92 99.81
CA ALA HB 187 73.24 -100.67 98.57
C ALA HB 187 73.94 -102.02 98.73
N GLN HB 188 75.15 -102.01 99.30
CA GLN HB 188 75.90 -103.25 99.46
C GLN HB 188 75.51 -104.05 100.69
N ASP HB 189 74.59 -103.54 101.51
CA ASP HB 189 74.27 -104.18 102.78
C ASP HB 189 73.75 -105.59 102.57
N GLY HB 190 74.20 -106.50 103.44
CA GLY HB 190 73.70 -107.86 103.43
C GLY HB 190 74.78 -108.90 103.63
N PRO HB 191 74.38 -110.12 104.01
CA PRO HB 191 75.35 -111.21 104.13
C PRO HB 191 76.01 -111.52 102.79
N LYS HB 192 77.29 -111.88 102.85
CA LYS HB 192 77.96 -112.39 101.66
C LYS HB 192 77.62 -113.84 101.39
N ASN HB 193 76.88 -114.49 102.29
CA ASN HB 193 76.34 -115.82 102.02
C ASN HB 193 75.36 -115.81 100.86
N THR HB 194 74.79 -114.65 100.52
CA THR HB 194 73.55 -114.61 99.77
C THR HB 194 73.59 -113.56 98.66
N ALA HB 195 72.78 -113.81 97.63
CA ALA HB 195 72.72 -112.96 96.45
C ALA HB 195 72.29 -111.55 96.81
N ARG HB 196 73.02 -110.54 96.32
CA ARG HB 196 72.53 -109.20 96.61
C ARG HB 196 72.62 -108.16 95.48
N LEU HB 197 73.46 -108.34 94.44
CA LEU HB 197 73.53 -107.34 93.37
C LEU HB 197 73.31 -107.84 91.94
N VAL HB 198 74.11 -108.82 91.49
CA VAL HB 198 74.19 -109.12 90.05
C VAL HB 198 72.98 -109.94 89.62
N ALA HB 199 72.59 -109.77 88.36
CA ALA HB 199 71.48 -110.51 87.75
C ALA HB 199 70.21 -110.40 88.59
N ALA HB 200 70.03 -109.25 89.24
CA ALA HB 200 68.93 -109.05 90.16
C ALA HB 200 67.59 -109.07 89.43
N SER HB 201 66.63 -109.79 90.02
CA SER HB 201 65.25 -109.84 89.52
C SER HB 201 64.30 -109.02 90.36
N HIS HB 202 64.37 -109.18 91.66
CA HIS HB 202 63.54 -108.46 92.63
C HIS HB 202 64.22 -108.59 93.98
N GLY HB 203 63.71 -107.84 94.95
CA GLY HB 203 64.25 -107.83 96.30
C GLY HB 203 63.29 -108.56 97.22
N VAL HB 204 63.85 -109.37 98.12
CA VAL HB 204 63.03 -110.03 99.14
C VAL HB 204 63.69 -109.87 100.49
N MET HB 205 62.87 -109.57 101.51
CA MET HB 205 63.25 -109.40 102.91
C MET HB 205 63.04 -110.72 103.66
N PRO HB 206 63.95 -111.08 104.56
CA PRO HB 206 63.79 -112.31 105.34
C PRO HB 206 62.76 -112.15 106.46
N GLN HB 207 62.43 -113.27 107.08
CA GLN HB 207 61.51 -113.33 108.21
C GLN HB 207 62.30 -113.54 109.49
N ALA HB 208 62.03 -112.71 110.50
CA ALA HB 208 62.66 -112.80 111.82
C ALA HB 208 64.17 -112.75 111.74
N GLY IB 11 49.86 1.72 72.87
CA GLY IB 11 50.39 1.32 74.16
C GLY IB 11 49.52 1.71 75.34
N GLN IB 12 50.15 1.93 76.49
CA GLN IB 12 49.44 2.28 77.71
C GLN IB 12 48.71 3.60 77.56
N LEU IB 13 47.78 3.86 78.49
CA LEU IB 13 46.93 5.03 78.48
C LEU IB 13 47.25 5.93 79.66
N TYR IB 14 47.29 7.25 79.43
CA TYR IB 14 47.52 8.21 80.50
C TYR IB 14 46.64 9.43 80.26
N MET IB 15 46.75 10.45 81.11
CA MET IB 15 45.89 11.63 81.02
C MET IB 15 46.71 12.82 80.53
N GLY IB 16 46.42 13.25 79.30
CA GLY IB 16 46.94 14.49 78.76
C GLY IB 16 45.84 15.54 78.79
N GLN IB 17 46.26 16.80 78.61
CA GLN IB 17 45.31 17.89 78.75
C GLN IB 17 44.25 17.88 77.67
N GLN IB 18 44.47 17.16 76.57
CA GLN IB 18 43.42 16.99 75.58
C GLN IB 18 42.37 15.99 76.05
N GLY IB 19 42.75 15.11 76.96
CA GLY IB 19 41.91 14.01 77.41
C GLY IB 19 42.78 12.79 77.62
N PRO IB 20 42.16 11.63 77.82
CA PRO IB 20 42.95 10.38 77.90
C PRO IB 20 43.65 10.11 76.57
N VAL IB 21 44.95 9.89 76.65
CA VAL IB 21 45.82 9.84 75.47
C VAL IB 21 46.71 8.61 75.55
N GLN IB 22 46.95 8.00 74.39
CA GLN IB 22 47.74 6.78 74.30
C GLN IB 22 49.22 7.12 74.25
N SER IB 23 50.01 6.51 75.12
CA SER IB 23 51.45 6.69 75.09
C SER IB 23 52.03 6.10 73.81
N SER IB 24 53.08 6.74 73.29
CA SER IB 24 53.64 6.34 72.01
C SER IB 24 55.15 6.42 72.03
N ARG IB 25 55.79 5.49 71.32
CA ARG IB 25 57.24 5.37 71.27
C ARG IB 25 57.68 5.48 69.80
N THR IB 26 58.42 6.53 69.47
CA THR IB 26 58.78 6.80 68.09
C THR IB 26 60.27 7.01 67.94
N THR IB 27 60.74 6.80 66.71
CA THR IB 27 62.13 7.06 66.33
C THR IB 27 62.32 8.47 65.78
N PHE IB 28 61.30 9.31 65.90
CA PHE IB 28 61.36 10.65 65.37
C PHE IB 28 62.32 11.52 66.17
N GLY IB 29 63.22 12.21 65.47
CA GLY IB 29 64.11 13.15 66.11
C GLY IB 29 65.36 12.59 66.73
N VAL IB 30 65.78 11.39 66.34
CA VAL IB 30 67.00 10.77 66.85
C VAL IB 30 67.95 10.60 65.68
N ASN IB 31 69.09 11.29 65.72
CA ASN IB 31 70.10 11.22 64.68
C ASN IB 31 71.16 10.20 65.09
N PRO IB 32 71.17 9.00 64.53
CA PRO IB 32 72.22 8.02 64.85
C PRO IB 32 73.40 8.00 63.89
N ASP IB 33 73.48 8.95 62.96
CA ASP IB 33 74.62 9.02 62.04
C ASP IB 33 75.93 8.98 62.81
N ARG IB 34 76.91 8.29 62.24
CA ARG IB 34 78.22 8.17 62.87
C ARG IB 34 79.31 8.79 62.01
N GLN IB 35 80.39 9.16 62.68
CA GLN IB 35 81.56 9.76 62.06
C GLN IB 35 82.56 8.65 61.76
N ALA IB 36 83.12 8.68 60.55
CA ALA IB 36 84.03 7.63 60.12
C ALA IB 36 85.28 7.61 60.98
N ASN IB 37 85.81 6.41 61.20
CA ASN IB 37 87.03 6.22 61.98
C ASN IB 37 88.23 6.53 61.09
N ALA IB 38 88.49 7.84 60.93
CA ALA IB 38 89.52 8.38 60.06
C ALA IB 38 90.47 9.30 60.82
N ARG IB 39 90.75 8.95 62.07
CA ARG IB 39 91.48 9.82 62.99
C ARG IB 39 92.83 9.22 63.32
N PRO IB 40 93.93 9.81 62.85
CA PRO IB 40 95.26 9.33 63.27
C PRO IB 40 95.42 9.45 64.78
N VAL IB 41 96.05 8.44 65.39
CA VAL IB 41 96.25 8.42 66.83
C VAL IB 41 97.74 8.36 67.14
N TYR IB 42 98.07 8.80 68.35
CA TYR IB 42 99.45 8.82 68.80
C TYR IB 42 99.95 7.40 69.02
N LEU IB 43 101.16 7.14 68.54
CA LEU IB 43 101.82 5.85 68.68
C LEU IB 43 103.08 6.06 69.50
N ALA IB 44 103.11 5.48 70.71
CA ALA IB 44 104.21 5.72 71.63
C ALA IB 44 105.55 5.32 71.00
N PRO IB 45 106.63 6.04 71.29
CA PRO IB 45 107.95 5.68 70.73
C PRO IB 45 108.62 4.53 71.45
N ALA IB 46 108.04 4.06 72.55
CA ALA IB 46 108.54 2.91 73.28
C ALA IB 46 107.46 2.47 74.25
N ALA IB 47 107.58 1.23 74.72
CA ALA IB 47 106.53 0.64 75.56
C ALA IB 47 107.07 0.46 76.97
N PRO IB 48 106.53 1.16 78.00
CA PRO IB 48 107.08 0.96 79.35
C PRO IB 48 106.44 -0.22 80.07
N MET IB 49 107.23 -1.24 80.39
CA MET IB 49 106.78 -2.37 81.20
C MET IB 49 107.32 -2.30 82.63
N GLU IB 50 107.32 -1.11 83.23
CA GLU IB 50 108.01 -0.96 84.52
C GLU IB 50 107.36 -1.78 85.63
N ASN IB 51 106.03 -1.79 85.72
CA ASN IB 51 105.36 -2.48 86.81
C ASN IB 51 105.72 -3.97 86.84
N THR IB 52 105.55 -4.65 85.70
CA THR IB 52 105.77 -6.10 85.66
C THR IB 52 107.23 -6.45 85.98
N TYR IB 53 108.18 -5.65 85.48
CA TYR IB 53 109.59 -6.00 85.66
C TYR IB 53 110.11 -5.66 87.05
N THR IB 54 109.60 -4.59 87.67
CA THR IB 54 109.92 -4.40 89.09
C THR IB 54 109.36 -5.53 89.94
N TYR IB 55 108.15 -6.02 89.63
CA TYR IB 55 107.69 -7.18 90.40
C TYR IB 55 108.57 -8.40 90.13
N LEU IB 56 109.01 -8.57 88.87
CA LEU IB 56 109.86 -9.72 88.56
C LEU IB 56 111.21 -9.64 89.25
N GLY IB 57 111.73 -8.43 89.46
CA GLY IB 57 112.88 -8.27 90.32
C GLY IB 57 112.57 -8.59 91.76
N SER IB 58 111.35 -8.25 92.21
CA SER IB 58 110.94 -8.54 93.57
C SER IB 58 110.99 -10.04 93.87
N ILE IB 59 110.39 -10.87 93.00
CA ILE IB 59 110.34 -12.30 93.28
C ILE IB 59 111.59 -13.01 92.78
N GLN IB 60 112.59 -12.23 92.36
CA GLN IB 60 113.86 -12.76 91.88
C GLN IB 60 113.68 -13.61 90.60
N PHE IB 61 112.73 -13.21 89.75
CA PHE IB 61 112.50 -13.82 88.44
C PHE IB 61 112.20 -15.31 88.56
N ALA IB 62 111.47 -15.70 89.59
CA ALA IB 62 111.19 -17.11 89.79
C ALA IB 62 109.93 -17.24 90.64
N ALA IB 63 108.93 -17.95 90.11
CA ALA IB 63 107.77 -18.37 90.90
C ALA IB 63 107.57 -19.85 90.68
N GLY IB 64 107.76 -20.63 91.74
CA GLY IB 64 107.62 -22.07 91.63
C GLY IB 64 108.58 -22.65 90.61
N ARG IB 65 108.02 -23.33 89.63
CA ARG IB 65 108.79 -23.96 88.56
C ARG IB 65 108.98 -23.03 87.36
N HIS IB 66 108.32 -21.88 87.37
CA HIS IB 66 108.44 -20.90 86.30
C HIS IB 66 109.62 -19.98 86.59
N ILE IB 67 110.65 -20.05 85.76
CA ILE IB 67 111.79 -19.15 85.89
C ILE IB 67 111.76 -18.21 84.71
N PHE IB 68 112.01 -16.92 84.97
CA PHE IB 68 111.85 -15.91 83.94
C PHE IB 68 113.20 -15.33 83.54
N GLY IB 69 113.23 -14.76 82.33
CA GLY IB 69 114.43 -14.12 81.87
C GLY IB 69 114.53 -12.68 82.35
N GLU IB 70 115.77 -12.20 82.47
CA GLU IB 70 116.03 -10.80 82.81
C GLU IB 70 116.02 -9.95 81.54
N PRO IB 71 115.22 -8.89 81.49
CA PRO IB 71 115.07 -8.13 80.26
C PRO IB 71 116.34 -7.37 79.90
N ALA IB 72 116.35 -6.86 78.67
CA ALA IB 72 117.35 -5.89 78.27
C ALA IB 72 117.06 -4.53 78.89
N SER IB 73 115.82 -4.08 78.78
CA SER IB 73 115.40 -2.79 79.31
C SER IB 73 114.00 -2.93 79.89
N ASN IB 74 113.73 -2.13 80.92
CA ASN IB 74 112.37 -2.01 81.43
C ASN IB 74 111.45 -1.33 80.42
N VAL IB 75 112.02 -0.57 79.49
CA VAL IB 75 111.26 0.13 78.45
C VAL IB 75 111.69 -0.43 77.11
N LEU IB 76 110.70 -0.89 76.32
CA LEU IB 76 110.93 -1.66 75.10
C LEU IB 76 110.99 -0.75 73.88
N PRO IB 77 111.97 -0.94 73.02
CA PRO IB 77 112.11 -0.13 71.82
C PRO IB 77 111.23 -0.65 70.71
N PRO IB 78 110.89 0.20 69.74
CA PRO IB 78 110.09 -0.26 68.60
C PRO IB 78 110.84 -1.30 67.78
N GLN IB 79 110.07 -2.22 67.20
CA GLN IB 79 110.61 -3.27 66.35
C GLN IB 79 110.34 -3.07 64.86
N ASN IB 80 109.14 -2.59 64.50
CA ASN IB 80 108.81 -2.36 63.10
C ASN IB 80 108.09 -1.03 62.91
N ILE IB 81 108.35 -0.06 63.79
CA ILE IB 81 107.71 1.25 63.74
C ILE IB 81 108.78 2.28 63.40
N VAL IB 82 108.45 3.17 62.48
CA VAL IB 82 109.39 4.21 62.08
C VAL IB 82 108.67 5.54 62.17
N PRO IB 83 109.31 6.57 62.71
CA PRO IB 83 108.66 7.86 62.86
C PRO IB 83 108.21 8.39 61.52
N GLY IB 84 106.98 8.91 61.49
CA GLY IB 84 106.45 9.49 60.27
C GLY IB 84 105.88 8.51 59.29
N VAL IB 85 105.91 7.21 59.58
CA VAL IB 85 105.33 6.20 58.70
C VAL IB 85 104.09 5.65 59.40
N PRO IB 86 102.90 5.76 58.79
CA PRO IB 86 101.69 5.29 59.46
C PRO IB 86 101.52 3.79 59.32
N THR IB 87 101.23 3.12 60.45
CA THR IB 87 101.03 1.68 60.50
C THR IB 87 99.77 1.39 61.27
N LYS IB 88 99.15 0.25 60.96
CA LYS IB 88 98.03 -0.26 61.73
C LYS IB 88 98.47 -1.37 62.68
N HIS IB 89 99.75 -1.74 62.64
CA HIS IB 89 100.30 -2.78 63.50
C HIS IB 89 101.73 -2.40 63.87
N GLY IB 90 102.01 -2.37 65.18
CA GLY IB 90 103.32 -2.01 65.68
C GLY IB 90 103.79 -2.90 66.81
N GLU IB 91 105.08 -3.22 66.83
CA GLU IB 91 105.62 -4.15 67.81
C GLU IB 91 106.80 -3.52 68.53
N TYR IB 92 106.87 -3.76 69.84
CA TYR IB 92 108.03 -3.46 70.65
C TYR IB 92 108.57 -4.75 71.24
N VAL IB 93 109.89 -4.82 71.43
CA VAL IB 93 110.50 -6.08 71.84
C VAL IB 93 111.81 -5.81 72.59
N THR IB 94 112.08 -6.62 73.62
CA THR IB 94 113.46 -6.76 74.09
C THR IB 94 113.80 -8.25 74.16
N THR IB 95 115.02 -8.57 74.59
CA THR IB 95 115.46 -9.96 74.67
C THR IB 95 115.83 -10.29 76.10
N ASN IB 96 115.04 -11.17 76.73
CA ASN IB 96 115.36 -11.70 78.05
C ASN IB 96 116.57 -12.61 77.95
N THR IB 97 117.46 -12.53 78.94
CA THR IB 97 118.62 -13.41 79.08
C THR IB 97 118.69 -13.94 80.51
N GLY IB 98 119.56 -14.92 80.73
CA GLY IB 98 119.65 -15.53 82.04
C GLY IB 98 120.74 -16.58 82.07
N ASP IB 99 121.04 -17.03 83.29
CA ASP IB 99 122.09 -18.02 83.50
C ASP IB 99 121.63 -19.37 82.96
N ARG IB 100 122.39 -19.91 82.01
CA ARG IB 100 122.07 -21.19 81.36
C ARG IB 100 120.68 -21.16 80.72
N LEU IB 101 120.28 -20.00 80.21
CA LEU IB 101 119.02 -19.82 79.50
C LEU IB 101 119.30 -19.28 78.12
N MET IB 102 118.76 -19.95 77.09
CA MET IB 102 118.86 -19.40 75.75
C MET IB 102 117.99 -18.16 75.65
N ALA IB 103 118.61 -17.05 75.22
CA ALA IB 103 117.93 -15.76 75.24
C ALA IB 103 116.67 -15.80 74.37
N SER IB 104 115.62 -15.13 74.85
CA SER IB 104 114.29 -15.24 74.26
C SER IB 104 113.59 -13.89 74.35
N SER IB 105 112.88 -13.52 73.31
CA SER IB 105 112.31 -12.18 73.20
C SER IB 105 110.99 -12.08 73.97
N THR IB 106 110.75 -10.90 74.55
CA THR IB 106 109.47 -10.53 75.12
C THR IB 106 108.87 -9.41 74.26
N THR IB 107 107.57 -9.55 73.95
CA THR IB 107 106.94 -8.78 72.88
C THR IB 107 105.68 -8.04 73.35
N VAL IB 108 105.50 -6.83 72.82
CA VAL IB 108 104.34 -5.99 73.10
C VAL IB 108 103.79 -5.53 71.77
N THR IB 109 102.59 -5.98 71.43
CA THR IB 109 101.98 -5.76 70.14
C THR IB 109 100.80 -4.79 70.25
N ARG IB 110 100.69 -3.85 69.31
CA ARG IB 110 99.60 -2.87 69.28
C ARG IB 110 98.99 -2.87 67.90
N ASP IB 111 97.69 -3.14 67.82
CA ASP IB 111 96.92 -3.16 66.59
C ASP IB 111 95.87 -2.06 66.66
N VAL IB 112 95.88 -1.16 65.67
CA VAL IB 112 94.95 -0.04 65.63
C VAL IB 112 94.21 -0.09 64.31
N SER IB 113 92.96 -0.58 64.32
CA SER IB 113 92.16 -0.70 63.10
C SER IB 113 90.71 -0.37 63.37
N ASN IB 114 90.15 0.52 62.54
CA ASN IB 114 88.71 0.78 62.50
C ASN IB 114 88.15 1.16 63.87
N GLY IB 115 88.87 2.02 64.57
CA GLY IB 115 88.44 2.47 65.89
C GLY IB 115 88.71 1.51 67.02
N ARG IB 116 89.32 0.37 66.75
CA ARG IB 116 89.59 -0.63 67.77
C ARG IB 116 91.10 -0.64 68.01
N THR IB 117 91.48 -0.32 69.24
CA THR IB 117 92.87 -0.36 69.66
C THR IB 117 93.05 -1.59 70.55
N LYS IB 118 94.09 -2.40 70.27
CA LYS IB 118 94.35 -3.60 71.07
C LYS IB 118 95.83 -3.76 71.35
N VAL IB 119 96.18 -3.87 72.63
CA VAL IB 119 97.56 -4.04 73.09
C VAL IB 119 97.65 -5.41 73.77
N SER IB 120 98.65 -6.20 73.35
CA SER IB 120 98.89 -7.52 73.91
C SER IB 120 100.34 -7.64 74.36
N ILE IB 121 100.55 -8.32 75.49
CA ILE IB 121 101.88 -8.50 76.07
C ILE IB 121 102.13 -10.01 76.23
N ASP IB 122 103.26 -10.48 75.71
CA ASP IB 122 103.63 -11.89 75.76
C ASP IB 122 105.05 -12.01 76.31
N ILE IB 123 105.17 -12.66 77.47
CA ILE IB 123 106.47 -12.88 78.10
C ILE IB 123 106.68 -14.39 78.24
N PRO IB 124 107.83 -14.92 77.85
CA PRO IB 124 108.10 -16.35 77.98
C PRO IB 124 108.65 -16.70 79.36
N TYR IB 125 108.66 -18.00 79.64
CA TYR IB 125 109.27 -18.54 80.85
C TYR IB 125 109.96 -19.86 80.52
N TYR IB 126 110.70 -20.38 81.51
CA TYR IB 126 111.51 -21.57 81.34
C TYR IB 126 111.28 -22.54 82.51
N ASP IB 127 111.73 -23.77 82.29
CA ASP IB 127 111.54 -24.90 83.21
C ASP IB 127 112.60 -24.86 84.30
N ARG IB 128 112.22 -24.38 85.49
CA ARG IB 128 113.21 -24.29 86.56
C ARG IB 128 113.71 -25.65 87.01
N ASN IB 129 112.89 -26.70 86.90
CA ASN IB 129 113.38 -28.05 87.20
C ASN IB 129 114.58 -28.39 86.32
N ALA IB 130 114.46 -28.11 85.01
CA ALA IB 130 115.57 -28.37 84.10
C ALA IB 130 116.76 -27.45 84.38
N VAL IB 131 116.50 -26.16 84.65
CA VAL IB 131 117.60 -25.23 84.84
C VAL IB 131 118.40 -25.57 86.09
N GLU IB 132 117.72 -25.89 87.20
CA GLU IB 132 118.43 -26.24 88.42
C GLU IB 132 119.05 -27.64 88.32
N THR IB 133 118.50 -28.54 87.50
CA THR IB 133 119.21 -29.78 87.21
C THR IB 133 120.55 -29.49 86.53
N LEU IB 134 120.53 -28.57 85.54
CA LEU IB 134 121.76 -28.15 84.87
C LEU IB 134 122.78 -27.59 85.85
N LYS IB 135 122.35 -26.67 86.71
CA LYS IB 135 123.29 -26.07 87.66
C LYS IB 135 123.80 -27.12 88.65
N ALA IB 136 122.90 -27.94 89.20
CA ALA IB 136 123.25 -28.81 90.31
C ALA IB 136 124.20 -29.93 89.91
N SER IB 137 123.94 -30.60 88.78
CA SER IB 137 124.83 -31.68 88.36
C SER IB 137 125.91 -31.20 87.39
N ALA IB 138 126.07 -29.88 87.23
CA ALA IB 138 127.17 -29.29 86.46
C ALA IB 138 127.19 -29.76 85.02
N ILE IB 139 126.01 -29.75 84.38
CA ILE IB 139 125.85 -30.08 82.97
C ILE IB 139 126.13 -28.81 82.17
N PRO IB 140 126.67 -28.88 80.95
CA PRO IB 140 127.02 -27.66 80.21
C PRO IB 140 125.94 -27.08 79.30
N GLY IB 141 124.77 -27.71 79.15
CA GLY IB 141 123.77 -27.22 78.22
C GLY IB 141 122.95 -26.04 78.76
N ALA IB 142 122.01 -25.58 77.93
CA ALA IB 142 121.07 -24.52 78.28
C ALA IB 142 119.65 -24.97 77.96
N VAL IB 143 118.68 -24.20 78.45
CA VAL IB 143 117.26 -24.50 78.29
C VAL IB 143 116.63 -23.44 77.41
N ALA IB 144 115.74 -23.87 76.52
CA ALA IB 144 114.90 -23.03 75.69
C ALA IB 144 113.59 -22.75 76.39
N PRO IB 145 112.88 -21.69 76.01
CA PRO IB 145 111.62 -21.37 76.68
C PRO IB 145 110.64 -22.53 76.62
N VAL IB 146 109.81 -22.62 77.65
CA VAL IB 146 108.90 -23.73 77.81
C VAL IB 146 107.45 -23.32 77.58
N GLY IB 147 107.10 -22.07 77.87
CA GLY IB 147 105.77 -21.55 77.58
C GLY IB 147 105.78 -20.04 77.73
N SER IB 148 104.58 -19.46 77.78
CA SER IB 148 104.48 -18.02 77.94
C SER IB 148 103.24 -17.66 78.74
N PHE IB 149 103.15 -16.38 79.08
CA PHE IB 149 101.95 -15.76 79.62
C PHE IB 149 101.61 -14.53 78.79
N LYS IB 150 100.31 -14.31 78.59
CA LYS IB 150 99.79 -13.27 77.71
C LYS IB 150 98.66 -12.51 78.38
N VAL IB 151 98.67 -11.19 78.14
CA VAL IB 151 97.65 -10.28 78.66
C VAL IB 151 97.20 -9.37 77.52
N ASN IB 152 95.89 -9.32 77.27
CA ASN IB 152 95.32 -8.54 76.18
C ASN IB 152 94.43 -7.43 76.75
N VAL IB 153 94.43 -6.29 76.08
CA VAL IB 153 93.63 -5.14 76.46
C VAL IB 153 93.10 -4.53 75.17
N GLU IB 154 91.81 -4.16 75.18
CA GLU IB 154 91.10 -3.82 73.96
C GLU IB 154 90.16 -2.65 74.23
N VAL IB 155 90.19 -1.63 73.38
CA VAL IB 155 89.37 -0.45 73.52
C VAL IB 155 88.59 -0.31 72.22
N LEU IB 156 87.26 -0.47 72.30
CA LEU IB 156 86.39 -0.37 71.14
C LEU IB 156 85.83 1.05 71.13
N GLY IB 157 86.51 1.93 70.39
CA GLY IB 157 86.16 3.35 70.41
C GLY IB 157 85.60 3.80 69.09
N GLY IB 158 85.05 2.87 68.32
CA GLY IB 158 84.48 3.22 67.05
C GLY IB 158 83.13 3.89 67.18
N GLY IB 159 82.70 4.51 66.09
CA GLY IB 159 81.34 5.00 65.99
C GLY IB 159 81.06 6.17 66.91
N VAL IB 160 81.85 7.22 66.76
CA VAL IB 160 81.49 8.48 67.40
C VAL IB 160 80.42 9.17 66.58
N LEU IB 161 79.60 9.99 67.24
CA LEU IB 161 78.50 10.67 66.59
C LEU IB 161 79.01 11.81 65.72
N THR IB 162 78.12 12.34 64.86
CA THR IB 162 78.54 13.25 63.80
C THR IB 162 78.91 14.63 64.35
N GLY IB 163 78.18 15.08 65.36
CA GLY IB 163 78.46 16.37 65.97
C GLY IB 163 79.54 16.34 67.01
N THR IB 164 80.29 15.25 67.12
CA THR IB 164 81.38 15.18 68.08
C THR IB 164 82.48 16.15 67.67
N ASP IB 165 82.69 17.18 68.48
CA ASP IB 165 83.69 18.19 68.18
C ASP IB 165 85.08 17.59 68.22
N ALA IB 166 85.98 18.15 67.40
CA ALA IB 166 87.37 17.74 67.44
C ALA IB 166 87.93 17.84 68.86
N ASN IB 167 87.56 18.89 69.61
CA ASN IB 167 88.01 19.03 71.00
C ASN IB 167 87.39 17.97 71.89
N ALA IB 168 86.12 17.64 71.68
CA ALA IB 168 85.45 16.68 72.55
C ALA IB 168 85.94 15.25 72.33
N GLN IB 169 86.60 14.98 71.21
CA GLN IB 169 87.16 13.64 71.02
C GLN IB 169 88.28 13.39 72.00
N PHE IB 170 88.97 14.44 72.46
CA PHE IB 170 89.98 14.27 73.49
C PHE IB 170 89.33 13.89 74.82
N ALA IB 171 88.21 14.53 75.14
CA ALA IB 171 87.49 14.16 76.35
C ALA IB 171 87.05 12.70 76.28
N LEU IB 172 86.58 12.26 75.10
CA LEU IB 172 86.23 10.86 74.95
C LEU IB 172 87.45 9.95 75.11
N ASP IB 173 88.60 10.41 74.60
CA ASP IB 173 89.85 9.68 74.79
C ASP IB 173 90.07 9.38 76.26
N GLU IB 174 90.02 10.44 77.08
CA GLU IB 174 90.28 10.28 78.51
C GLU IB 174 89.20 9.42 79.17
N LEU IB 175 87.95 9.54 78.73
CA LEU IB 175 86.90 8.68 79.28
C LEU IB 175 87.24 7.20 79.06
N LEU IB 176 87.64 6.85 77.83
CA LEU IB 176 87.99 5.46 77.55
C LEU IB 176 89.20 5.02 78.37
N SER IB 177 90.19 5.89 78.53
CA SER IB 177 91.36 5.48 79.30
C SER IB 177 91.00 5.22 80.78
N ASN IB 178 90.06 6.01 81.32
CA ASN IB 178 89.61 5.75 82.69
C ASN IB 178 88.81 4.45 82.81
N MET IB 179 88.02 4.13 81.79
CA MET IB 179 87.39 2.81 81.77
C MET IB 179 88.43 1.70 81.74
N LEU IB 180 89.53 1.93 81.01
CA LEU IB 180 90.64 0.98 80.99
C LEU IB 180 91.17 0.71 82.39
N MET IB 181 91.48 1.80 83.11
CA MET IB 181 92.01 1.65 84.47
C MET IB 181 91.02 0.89 85.36
N ASP IB 182 89.73 1.26 85.29
CA ASP IB 182 88.73 0.56 86.10
C ASP IB 182 88.67 -0.92 85.73
N ALA IB 183 88.82 -1.24 84.45
CA ALA IB 183 88.73 -2.62 84.02
C ALA IB 183 89.89 -3.45 84.57
N ALA IB 184 91.11 -2.92 84.50
CA ALA IB 184 92.25 -3.68 85.05
C ALA IB 184 92.11 -3.83 86.56
N ARG IB 185 91.63 -2.79 87.25
CA ARG IB 185 91.44 -2.91 88.70
C ARG IB 185 90.41 -3.99 89.02
N ILE IB 186 89.32 -4.05 88.26
CA ILE IB 186 88.31 -5.08 88.49
C ILE IB 186 88.86 -6.45 88.13
N ALA IB 187 89.78 -6.50 87.18
CA ALA IB 187 90.36 -7.77 86.76
C ALA IB 187 91.24 -8.36 87.87
N GLN IB 188 92.07 -7.54 88.52
CA GLN IB 188 92.97 -8.05 89.54
C GLN IB 188 92.47 -7.84 90.96
N ASP IB 189 91.27 -7.29 91.12
CA ASP IB 189 90.74 -6.99 92.43
C ASP IB 189 90.63 -8.26 93.25
N GLY IB 190 90.99 -8.16 94.52
CA GLY IB 190 90.85 -9.27 95.42
C GLY IB 190 92.02 -9.38 96.38
N PRO IB 191 91.82 -10.10 97.49
CA PRO IB 191 92.91 -10.32 98.42
C PRO IB 191 93.98 -11.18 97.78
N LYS IB 192 95.22 -10.93 98.16
CA LYS IB 192 96.36 -11.72 97.72
C LYS IB 192 96.55 -12.96 98.58
N ASN IB 193 95.69 -13.15 99.60
CA ASN IB 193 95.69 -14.39 100.37
C ASN IB 193 95.06 -15.52 99.59
N THR IB 194 94.24 -15.21 98.58
CA THR IB 194 93.42 -16.21 97.92
C THR IB 194 93.67 -16.20 96.41
N ALA IB 195 93.43 -17.34 95.78
CA ALA IB 195 93.65 -17.52 94.35
C ALA IB 195 92.75 -16.59 93.54
N ARG IB 196 93.33 -15.94 92.52
CA ARG IB 196 92.45 -15.11 91.70
C ARG IB 196 92.69 -15.11 90.18
N LEU IB 197 93.86 -15.50 89.67
CA LEU IB 197 94.04 -15.38 88.21
C LEU IB 197 94.42 -16.67 87.45
N VAL IB 198 95.53 -17.32 87.84
CA VAL IB 198 96.10 -18.37 86.99
C VAL IB 198 95.37 -19.68 87.23
N ALA IB 199 95.42 -20.55 86.21
CA ALA IB 199 94.82 -21.88 86.27
C ALA IB 199 93.34 -21.80 86.62
N ALA IB 200 92.71 -20.67 86.29
CA ALA IB 200 91.34 -20.42 86.71
C ALA IB 200 90.37 -21.45 86.14
N SER IB 201 89.49 -21.95 86.99
CA SER IB 201 88.43 -22.89 86.60
C SER IB 201 87.06 -22.24 86.59
N HIS IB 202 86.72 -21.53 87.66
CA HIS IB 202 85.48 -20.78 87.77
C HIS IB 202 85.66 -19.74 88.86
N GLY IB 203 84.67 -18.88 89.02
CA GLY IB 203 84.68 -17.86 90.06
C GLY IB 203 83.77 -18.25 91.21
N VAL IB 204 84.21 -17.94 92.43
CA VAL IB 204 83.37 -18.17 93.60
C VAL IB 204 83.46 -16.96 94.51
N MET IB 205 82.42 -16.14 94.53
CA MET IB 205 82.45 -14.97 95.41
C MET IB 205 82.07 -15.38 96.84
N PRO IB 206 82.76 -14.86 97.85
CA PRO IB 206 82.55 -15.36 99.20
C PRO IB 206 81.27 -14.81 99.82
N GLN IB 207 80.69 -15.59 100.75
CA GLN IB 207 79.46 -15.21 101.41
C GLN IB 207 79.66 -14.01 102.31
N ALA IB 208 80.75 -14.02 103.07
CA ALA IB 208 81.09 -12.92 103.94
C ALA IB 208 82.57 -13.00 104.27
N PRO JB 20 116.80 -43.33 56.98
CA PRO JB 20 116.70 -41.87 56.84
C PRO JB 20 117.29 -41.11 58.03
N VAL JB 21 118.35 -40.35 57.77
CA VAL JB 21 119.03 -39.57 58.81
C VAL JB 21 118.47 -38.16 58.76
N GLN JB 22 117.97 -37.67 59.91
CA GLN JB 22 117.36 -36.35 60.00
C GLN JB 22 118.17 -35.43 60.90
N SER JB 23 118.11 -34.14 60.61
CA SER JB 23 118.86 -33.13 61.36
C SER JB 23 117.94 -32.45 62.37
N SER JB 24 118.54 -32.00 63.48
CA SER JB 24 117.76 -31.36 64.55
C SER JB 24 118.61 -30.35 65.30
N ARG JB 25 117.89 -29.51 66.06
CA ARG JB 25 118.45 -28.46 66.91
C ARG JB 25 118.05 -28.74 68.35
N THR JB 26 119.03 -29.06 69.18
CA THR JB 26 118.77 -29.59 70.51
C THR JB 26 119.03 -28.56 71.59
N THR JB 27 118.18 -28.55 72.60
CA THR JB 27 118.50 -27.95 73.88
C THR JB 27 118.20 -28.97 74.98
N PHE JB 28 118.81 -28.78 76.14
CA PHE JB 28 118.53 -29.68 77.24
C PHE JB 28 117.13 -29.48 77.78
N GLY JB 29 116.53 -30.57 78.22
CA GLY JB 29 115.22 -30.50 78.83
C GLY JB 29 114.29 -31.61 78.39
N VAL JB 30 113.05 -31.52 78.85
CA VAL JB 30 111.97 -32.38 78.42
C VAL JB 30 110.73 -31.51 78.30
N ASN JB 31 109.89 -31.83 77.32
CA ASN JB 31 108.60 -31.16 77.20
C ASN JB 31 107.87 -31.24 78.55
N PRO JB 32 107.37 -30.13 79.05
CA PRO JB 32 106.98 -30.06 80.46
C PRO JB 32 105.67 -30.80 80.70
N ASP JB 33 105.41 -31.06 81.97
CA ASP JB 33 104.12 -31.57 82.41
C ASP JB 33 103.30 -30.39 82.89
N ARG JB 34 102.20 -30.12 82.20
CA ARG JB 34 101.34 -29.00 82.54
C ARG JB 34 100.29 -29.42 83.55
N GLN JB 35 99.90 -28.48 84.40
CA GLN JB 35 98.87 -28.72 85.41
C GLN JB 35 97.51 -28.34 84.84
N ALA JB 36 96.49 -29.10 85.21
CA ALA JB 36 95.14 -28.82 84.75
C ALA JB 36 94.63 -27.51 85.34
N ASN JB 37 93.72 -26.86 84.61
CA ASN JB 37 93.16 -25.58 85.04
C ASN JB 37 91.97 -25.80 85.98
N ALA JB 38 92.25 -26.41 87.13
CA ALA JB 38 91.22 -26.80 88.10
C ALA JB 38 91.26 -25.94 89.36
N ARG JB 39 91.70 -24.71 89.22
CA ARG JB 39 91.91 -23.84 90.38
C ARG JB 39 90.79 -22.80 90.44
N PRO JB 40 89.82 -22.94 91.34
CA PRO JB 40 88.78 -21.91 91.47
C PRO JB 40 89.36 -20.63 92.05
N VAL JB 41 88.83 -19.50 91.57
CA VAL JB 41 89.41 -18.20 91.85
C VAL JB 41 88.37 -17.33 92.54
N TYR JB 42 88.88 -16.23 93.10
CA TYR JB 42 88.06 -15.26 93.80
C TYR JB 42 87.25 -14.45 92.81
N LEU JB 43 86.05 -14.08 93.25
CA LEU JB 43 85.11 -13.32 92.44
C LEU JB 43 84.64 -12.15 93.29
N ALA JB 44 84.86 -10.93 92.79
CA ALA JB 44 84.57 -9.74 93.58
C ALA JB 44 83.07 -9.68 93.91
N PRO JB 45 82.71 -9.34 95.16
CA PRO JB 45 81.28 -9.18 95.51
C PRO JB 45 80.67 -7.90 94.98
N ALA JB 46 81.45 -7.06 94.31
CA ALA JB 46 80.99 -5.87 93.62
C ALA JB 46 82.12 -5.35 92.74
N ALA JB 47 81.76 -4.55 91.73
CA ALA JB 47 82.74 -4.05 90.77
C ALA JB 47 82.92 -2.55 90.97
N PRO JB 48 84.11 -2.05 91.35
CA PRO JB 48 84.25 -0.60 91.49
C PRO JB 48 84.56 0.06 90.18
N MET JB 49 83.83 1.12 89.84
CA MET JB 49 84.05 1.92 88.64
C MET JB 49 84.32 3.36 89.01
N GLU JB 50 85.14 3.60 90.04
CA GLU JB 50 85.31 4.95 90.56
C GLU JB 50 86.02 5.87 89.58
N ASN JB 51 87.06 5.38 88.91
CA ASN JB 51 87.86 6.23 88.01
C ASN JB 51 87.00 6.83 86.90
N THR JB 52 86.29 5.98 86.18
CA THR JB 52 85.53 6.43 85.03
C THR JB 52 84.37 7.35 85.45
N TYR JB 53 83.71 7.05 86.57
CA TYR JB 53 82.55 7.85 86.96
C TYR JB 53 82.95 9.19 87.58
N THR JB 54 84.09 9.24 88.29
CA THR JB 54 84.60 10.55 88.67
C THR JB 54 84.97 11.38 87.44
N TYR JB 55 85.55 10.75 86.41
CA TYR JB 55 85.84 11.55 85.22
C TYR JB 55 84.56 12.01 84.54
N LEU JB 56 83.53 11.16 84.53
CA LEU JB 56 82.25 11.56 83.94
C LEU JB 56 81.65 12.74 84.69
N GLY JB 57 81.77 12.73 86.02
CA GLY JB 57 81.41 13.91 86.78
C GLY JB 57 82.23 15.12 86.38
N SER JB 58 83.50 14.90 86.06
CA SER JB 58 84.37 15.99 85.64
C SER JB 58 83.84 16.67 84.38
N ILE JB 59 83.54 15.90 83.34
CA ILE JB 59 83.13 16.52 82.08
C ILE JB 59 81.63 16.85 82.09
N GLN JB 60 81.00 16.65 83.24
CA GLN JB 60 79.56 16.92 83.40
C GLN JB 60 78.72 16.04 82.46
N PHE JB 61 79.18 14.79 82.28
CA PHE JB 61 78.42 13.74 81.57
C PHE JB 61 78.08 14.12 80.13
N ALA JB 62 78.98 14.84 79.47
CA ALA JB 62 78.70 15.27 78.11
C ALA JB 62 80.01 15.47 77.35
N ALA JB 63 80.00 15.07 76.09
CA ALA JB 63 81.14 15.28 75.20
C ALA JB 63 80.67 15.11 73.78
N GLY JB 64 80.96 16.10 72.93
CA GLY JB 64 80.43 16.06 71.58
C GLY JB 64 78.92 16.15 71.66
N ARG JB 65 78.22 15.30 70.91
CA ARG JB 65 76.80 15.12 71.16
C ARG JB 65 76.52 13.77 71.80
N HIS JB 66 77.52 13.17 72.43
CA HIS JB 66 77.28 12.08 73.38
C HIS JB 66 76.91 12.68 74.73
N ILE JB 67 75.76 12.26 75.28
CA ILE JB 67 75.44 12.57 76.66
C ILE JB 67 75.26 11.26 77.40
N PHE JB 68 75.78 11.21 78.63
CA PHE JB 68 75.76 9.99 79.42
C PHE JB 68 74.81 10.13 80.60
N GLY JB 69 74.50 8.99 81.22
CA GLY JB 69 73.61 8.96 82.36
C GLY JB 69 74.36 8.93 83.68
N GLU JB 70 73.73 9.49 84.71
CA GLU JB 70 74.29 9.40 86.06
C GLU JB 70 74.01 8.02 86.64
N PRO JB 71 75.00 7.36 87.22
CA PRO JB 71 74.78 6.02 87.76
C PRO JB 71 74.03 6.08 89.08
N ALA JB 72 73.62 4.90 89.54
CA ALA JB 72 73.09 4.81 90.89
C ALA JB 72 74.22 4.74 91.91
N SER JB 73 75.22 3.90 91.65
CA SER JB 73 76.34 3.72 92.54
C SER JB 73 77.63 3.72 91.73
N ASN JB 74 78.69 4.29 92.33
CA ASN JB 74 80.01 4.16 91.74
C ASN JB 74 80.50 2.73 91.81
N VAL JB 75 79.98 1.94 92.74
CA VAL JB 75 80.30 0.53 92.85
C VAL JB 75 79.06 -0.26 92.47
N LEU JB 76 79.20 -1.12 91.44
CA LEU JB 76 78.17 -1.92 90.79
C LEU JB 76 77.93 -3.21 91.56
N PRO JB 77 76.70 -3.47 92.00
CA PRO JB 77 76.39 -4.72 92.69
C PRO JB 77 76.27 -5.86 91.70
N PRO JB 78 76.34 -7.10 92.17
CA PRO JB 78 76.16 -8.25 91.27
C PRO JB 78 74.69 -8.49 90.95
N GLN JB 79 74.43 -8.88 89.70
CA GLN JB 79 73.07 -9.14 89.25
C GLN JB 79 72.72 -10.62 89.21
N ASN JB 80 73.65 -11.48 88.81
CA ASN JB 80 73.38 -12.90 88.64
C ASN JB 80 74.44 -13.78 89.32
N ILE JB 81 75.01 -13.31 90.42
CA ILE JB 81 76.08 -14.06 91.10
C ILE JB 81 75.60 -14.35 92.50
N VAL JB 82 75.20 -15.59 92.73
CA VAL JB 82 74.87 -16.04 94.09
C VAL JB 82 76.17 -16.33 94.84
N PRO JB 83 76.29 -15.97 96.11
CA PRO JB 83 77.54 -16.24 96.81
C PRO JB 83 77.68 -17.72 97.10
N GLY JB 84 78.92 -18.20 97.00
CA GLY JB 84 79.18 -19.61 97.24
C GLY JB 84 78.74 -20.51 96.11
N VAL JB 85 78.29 -19.95 95.00
CA VAL JB 85 77.86 -20.74 93.85
C VAL JB 85 78.89 -20.54 92.76
N PRO JB 86 79.56 -21.59 92.30
CA PRO JB 86 80.52 -21.44 91.20
C PRO JB 86 79.81 -20.97 89.95
N THR JB 87 80.36 -19.92 89.34
CA THR JB 87 79.80 -19.33 88.12
C THR JB 87 80.95 -19.06 87.19
N LYS JB 88 80.82 -19.48 85.93
CA LYS JB 88 81.83 -19.19 84.92
C LYS JB 88 81.53 -17.90 84.16
N HIS JB 89 80.40 -17.26 84.47
CA HIS JB 89 80.01 -16.01 83.85
C HIS JB 89 79.13 -15.23 84.81
N GLY JB 90 79.45 -13.95 84.99
CA GLY JB 90 78.74 -13.12 85.95
C GLY JB 90 78.73 -11.67 85.53
N GLU JB 91 77.72 -10.96 86.03
CA GLU JB 91 77.48 -9.59 85.59
C GLU JB 91 77.18 -8.70 86.78
N TYR JB 92 77.85 -7.55 86.85
CA TYR JB 92 77.48 -6.47 87.74
C TYR JB 92 76.84 -5.37 86.91
N VAL JB 93 75.81 -4.72 87.46
CA VAL JB 93 75.06 -3.77 86.66
C VAL JB 93 74.50 -2.69 87.56
N THR JB 94 74.61 -1.43 87.12
CA THR JB 94 73.90 -0.38 87.82
C THR JB 94 73.13 0.47 86.81
N THR JB 95 72.06 1.07 87.30
CA THR JB 95 71.13 1.76 86.41
C THR JB 95 71.58 3.21 86.25
N ASN JB 96 71.42 3.74 85.03
CA ASN JB 96 71.77 5.10 84.65
C ASN JB 96 70.47 5.87 84.49
N THR JB 97 70.37 7.03 85.14
CA THR JB 97 69.19 7.89 85.00
C THR JB 97 69.65 9.28 84.59
N GLY JB 98 68.70 10.09 84.12
CA GLY JB 98 69.03 11.44 83.68
C GLY JB 98 67.78 12.17 83.26
N ASP JB 99 67.93 13.49 83.14
CA ASP JB 99 66.82 14.36 82.73
C ASP JB 99 66.47 14.10 81.29
N ARG JB 100 65.22 13.66 81.07
CA ARG JB 100 64.74 13.29 79.73
C ARG JB 100 65.60 12.19 79.12
N LEU JB 101 65.99 11.22 79.97
CA LEU JB 101 66.70 10.03 79.54
C LEU JB 101 65.89 8.81 79.97
N MET JB 102 65.82 7.82 79.10
CA MET JB 102 65.24 6.54 79.50
C MET JB 102 66.27 5.75 80.27
N ALA JB 103 65.90 5.30 81.47
CA ALA JB 103 66.85 4.58 82.32
C ALA JB 103 67.52 3.46 81.53
N SER JB 104 68.85 3.37 81.64
CA SER JB 104 69.62 2.39 80.88
C SER JB 104 70.76 1.82 81.73
N SER JB 105 71.02 0.54 81.56
CA SER JB 105 71.91 -0.17 82.46
C SER JB 105 73.34 -0.12 81.92
N THR JB 106 74.30 0.16 82.82
CA THR JB 106 75.71 0.03 82.51
C THR JB 106 76.23 -1.26 83.15
N THR JB 107 77.03 -2.02 82.38
CA THR JB 107 77.27 -3.43 82.67
C THR JB 107 78.76 -3.77 82.70
N VAL JB 108 79.14 -4.57 83.69
CA VAL JB 108 80.50 -5.09 83.83
C VAL JB 108 80.41 -6.60 83.84
N THR JB 109 81.03 -7.24 82.87
CA THR JB 109 80.89 -8.67 82.64
C THR JB 109 82.21 -9.39 82.88
N ARG JB 110 82.18 -10.45 83.67
CA ARG JB 110 83.37 -11.25 83.96
C ARG JB 110 83.14 -12.69 83.53
N ASP JB 111 84.05 -13.21 82.72
CA ASP JB 111 84.02 -14.59 82.25
C ASP JB 111 85.30 -15.27 82.71
N VAL JB 112 85.16 -16.26 83.58
CA VAL JB 112 86.29 -17.02 84.10
C VAL JB 112 86.11 -18.46 83.62
N SER JB 113 86.96 -18.92 82.70
CA SER JB 113 86.87 -20.30 82.26
C SER JB 113 88.19 -20.74 81.63
N ASN JB 114 88.56 -22.00 81.92
CA ASN JB 114 89.70 -22.68 81.28
C ASN JB 114 90.99 -21.88 81.37
N GLY JB 115 91.22 -21.28 82.53
CA GLY JB 115 92.42 -20.50 82.78
C GLY JB 115 92.42 -19.10 82.19
N ARG JB 116 91.37 -18.71 81.49
CA ARG JB 116 91.28 -17.40 80.88
C ARG JB 116 90.21 -16.61 81.63
N THR JB 117 90.58 -15.44 82.11
CA THR JB 117 89.64 -14.55 82.78
C THR JB 117 89.53 -13.27 81.96
N LYS JB 118 88.30 -12.80 81.74
CA LYS JB 118 88.05 -11.66 80.86
C LYS JB 118 86.98 -10.75 81.46
N VAL JB 119 87.29 -9.46 81.57
CA VAL JB 119 86.40 -8.45 82.10
C VAL JB 119 86.08 -7.45 81.00
N SER JB 120 84.80 -7.16 80.80
CA SER JB 120 84.33 -6.22 79.79
C SER JB 120 83.43 -5.17 80.44
N ILE JB 121 83.54 -3.93 79.99
CA ILE JB 121 82.76 -2.82 80.53
C ILE JB 121 82.04 -2.13 79.38
N ASP JB 122 80.73 -1.94 79.52
CA ASP JB 122 79.88 -1.35 78.50
C ASP JB 122 79.03 -0.26 79.12
N ILE JB 123 79.22 0.98 78.67
CA ILE JB 123 78.43 2.12 79.13
C ILE JB 123 77.72 2.73 77.94
N PRO JB 124 76.43 3.01 78.03
CA PRO JB 124 75.68 3.59 76.92
C PRO JB 124 75.70 5.12 76.90
N TYR JB 125 75.39 5.67 75.73
CA TYR JB 125 75.29 7.11 75.52
C TYR JB 125 74.08 7.42 74.63
N TYR JB 126 73.55 8.63 74.81
CA TYR JB 126 72.36 9.14 74.13
C TYR JB 126 72.72 10.32 73.23
N ASP JB 127 71.77 10.64 72.34
CA ASP JB 127 71.86 11.76 71.40
C ASP JB 127 71.61 13.09 72.12
N ARG JB 128 72.70 13.81 72.39
CA ARG JB 128 72.60 15.07 73.11
C ARG JB 128 71.73 16.07 72.36
N ASN JB 129 71.71 16.00 71.03
CA ASN JB 129 70.89 16.93 70.25
C ASN JB 129 69.41 16.70 70.52
N ALA JB 130 68.98 15.44 70.54
CA ALA JB 130 67.61 15.12 70.88
C ALA JB 130 67.28 15.52 72.32
N VAL JB 131 68.18 15.19 73.25
CA VAL JB 131 67.89 15.46 74.66
C VAL JB 131 67.75 16.95 74.89
N GLU JB 132 68.67 17.74 74.36
CA GLU JB 132 68.66 19.18 74.60
C GLU JB 132 67.54 19.88 73.83
N THR JB 133 67.19 19.37 72.64
CA THR JB 133 66.01 19.91 71.95
C THR JB 133 64.75 19.67 72.78
N LEU JB 134 64.63 18.49 73.39
CA LEU JB 134 63.49 18.22 74.27
C LEU JB 134 63.51 19.13 75.49
N LYS JB 135 64.67 19.28 76.13
CA LYS JB 135 64.79 20.12 77.32
C LYS JB 135 64.44 21.58 77.01
N ALA JB 136 65.08 22.15 75.98
CA ALA JB 136 64.81 23.54 75.63
C ALA JB 136 63.36 23.73 75.20
N SER JB 137 62.80 22.77 74.49
CA SER JB 137 61.41 22.91 74.08
C SER JB 137 60.43 22.49 75.17
N ALA JB 138 60.91 22.06 76.34
CA ALA JB 138 60.01 21.62 77.42
C ALA JB 138 59.07 20.53 76.92
N ILE JB 139 59.63 19.53 76.26
CA ILE JB 139 58.86 18.38 75.77
C ILE JB 139 59.07 17.23 76.74
N PRO JB 140 58.04 16.47 77.12
CA PRO JB 140 58.22 15.41 78.12
C PRO JB 140 58.69 14.07 77.58
N GLY JB 141 59.28 14.00 76.39
CA GLY JB 141 59.77 12.73 75.89
C GLY JB 141 61.05 12.30 76.59
N ALA JB 142 61.22 10.98 76.72
CA ALA JB 142 62.42 10.38 77.26
C ALA JB 142 63.16 9.63 76.16
N VAL JB 143 64.48 9.75 76.12
CA VAL JB 143 65.29 9.23 75.02
C VAL JB 143 65.96 7.93 75.43
N ALA JB 144 65.90 6.94 74.54
CA ALA JB 144 66.64 5.70 74.68
C ALA JB 144 68.06 5.88 74.17
N PRO JB 145 68.99 5.02 74.62
CA PRO JB 145 70.40 5.20 74.24
C PRO JB 145 70.61 4.96 72.76
N VAL JB 146 71.48 5.79 72.18
CA VAL JB 146 71.82 5.65 70.77
C VAL JB 146 73.00 4.70 70.55
N GLY JB 147 73.90 4.59 71.53
CA GLY JB 147 75.02 3.67 71.34
C GLY JB 147 75.71 3.36 72.64
N SER JB 148 76.90 2.80 72.54
CA SER JB 148 77.67 2.46 73.73
C SER JB 148 79.16 2.47 73.42
N PHE JB 149 79.96 2.51 74.51
CA PHE JB 149 81.40 2.33 74.45
C PHE JB 149 81.81 1.15 75.34
N LYS JB 150 82.78 0.37 74.84
CA LYS JB 150 83.18 -0.89 75.47
C LYS JB 150 84.70 -0.99 75.58
N VAL JB 151 85.12 -1.59 76.69
CA VAL JB 151 86.52 -1.84 76.98
C VAL JB 151 86.67 -3.26 77.50
N ASN JB 152 87.54 -4.05 76.87
CA ASN JB 152 87.78 -5.45 77.19
C ASN JB 152 89.19 -5.64 77.75
N VAL JB 153 89.31 -6.57 78.69
CA VAL JB 153 90.58 -6.89 79.33
C VAL JB 153 90.62 -8.39 79.56
N GLU JB 154 91.76 -9.01 79.26
CA GLU JB 154 91.80 -10.47 79.15
C GLU JB 154 93.15 -10.98 79.65
N VAL JB 155 93.12 -12.06 80.42
CA VAL JB 155 94.30 -12.62 81.06
C VAL JB 155 94.32 -14.11 80.76
N LEU JB 156 95.33 -14.56 80.01
CA LEU JB 156 95.48 -15.97 79.63
C LEU JB 156 96.43 -16.63 80.62
N GLY JB 157 95.87 -17.14 81.72
CA GLY JB 157 96.63 -17.70 82.81
C GLY JB 157 96.72 -19.20 82.86
N GLY JB 158 96.45 -19.87 81.75
CA GLY JB 158 96.51 -21.31 81.73
C GLY JB 158 97.91 -21.84 81.48
N GLY JB 159 98.09 -23.11 81.79
CA GLY JB 159 99.32 -23.80 81.47
C GLY JB 159 100.34 -23.81 82.57
N VAL JB 160 99.93 -23.62 83.82
CA VAL JB 160 100.87 -23.60 84.93
C VAL JB 160 101.55 -24.96 85.03
N LEU JB 161 102.86 -24.93 85.20
CA LEU JB 161 103.68 -26.14 85.26
C LEU JB 161 103.39 -26.93 86.54
N THR JB 162 103.65 -28.24 86.46
CA THR JB 162 103.21 -29.14 87.53
C THR JB 162 103.92 -28.89 88.84
N GLY JB 163 105.21 -28.58 88.79
CA GLY JB 163 105.95 -28.33 90.01
C GLY JB 163 105.40 -27.17 90.84
N THR JB 164 104.78 -26.19 90.19
CA THR JB 164 104.32 -24.97 90.86
C THR JB 164 103.31 -25.28 91.95
N ASP JB 165 103.59 -24.82 93.17
CA ASP JB 165 102.66 -25.07 94.27
C ASP JB 165 101.75 -23.85 94.48
N ALA JB 166 100.94 -23.90 95.54
CA ALA JB 166 99.92 -22.87 95.75
C ALA JB 166 100.55 -21.51 95.99
N ASN JB 167 101.56 -21.47 96.88
CA ASN JB 167 102.23 -20.22 97.18
C ASN JB 167 102.85 -19.60 95.93
N ALA JB 168 103.48 -20.43 95.09
CA ALA JB 168 104.02 -19.93 93.84
C ALA JB 168 102.93 -19.38 92.92
N GLN JB 169 101.78 -20.06 92.89
CA GLN JB 169 100.69 -19.57 92.05
C GLN JB 169 100.22 -18.20 92.52
N PHE JB 170 100.29 -17.93 93.83
CA PHE JB 170 99.99 -16.55 94.28
C PHE JB 170 100.90 -15.54 93.58
N ALA JB 171 102.19 -15.86 93.50
CA ALA JB 171 103.14 -14.96 92.84
C ALA JB 171 102.78 -14.78 91.38
N LEU JB 172 102.40 -15.86 90.71
CA LEU JB 172 101.98 -15.74 89.32
C LEU JB 172 100.75 -14.85 89.20
N ASP JB 173 99.84 -14.92 90.18
CA ASP JB 173 98.68 -14.04 90.20
C ASP JB 173 99.10 -12.58 90.15
N GLU JB 174 99.98 -12.19 91.08
CA GLU JB 174 100.39 -10.79 91.12
C GLU JB 174 101.20 -10.42 89.87
N LEU JB 175 101.95 -11.37 89.30
CA LEU JB 175 102.69 -11.09 88.08
C LEU JB 175 101.75 -10.71 86.95
N LEU JB 176 100.72 -11.52 86.74
CA LEU JB 176 99.74 -11.18 85.71
C LEU JB 176 99.04 -9.86 86.03
N SER JB 177 98.80 -9.58 87.32
CA SER JB 177 98.23 -8.30 87.69
C SER JB 177 99.09 -7.14 87.19
N ASN JB 178 100.41 -7.23 87.41
CA ASN JB 178 101.28 -6.14 86.99
C ASN JB 178 101.39 -6.04 85.47
N MET JB 179 101.33 -7.18 84.78
CA MET JB 179 101.27 -7.13 83.32
C MET JB 179 100.01 -6.42 82.84
N LEU JB 180 98.89 -6.67 83.54
CA LEU JB 180 97.65 -5.94 83.27
C LEU JB 180 97.85 -4.44 83.37
N MET JB 181 98.38 -4.00 84.51
CA MET JB 181 98.61 -2.57 84.71
C MET JB 181 99.46 -1.99 83.60
N ASP JB 182 100.55 -2.70 83.24
CA ASP JB 182 101.41 -2.21 82.18
C ASP JB 182 100.69 -2.14 80.85
N ALA JB 183 99.86 -3.13 80.55
CA ALA JB 183 99.13 -3.12 79.28
C ALA JB 183 98.18 -1.92 79.21
N ALA JB 184 97.47 -1.64 80.30
CA ALA JB 184 96.56 -0.50 80.30
C ALA JB 184 97.30 0.82 80.16
N ARG JB 185 98.45 0.94 80.84
CA ARG JB 185 99.25 2.15 80.69
C ARG JB 185 99.74 2.30 79.25
N ILE JB 186 100.20 1.21 78.63
CA ILE JB 186 100.67 1.27 77.25
C ILE JB 186 99.53 1.60 76.30
N ALA JB 187 98.30 1.21 76.67
CA ALA JB 187 97.15 1.51 75.83
C ALA JB 187 96.81 2.99 75.87
N GLN JB 188 96.71 3.56 77.07
CA GLN JB 188 96.34 4.97 77.21
C GLN JB 188 97.53 5.92 77.06
N ASP JB 189 98.73 5.39 76.85
CA ASP JB 189 99.95 6.20 76.86
C ASP JB 189 99.90 7.28 75.80
N GLY JB 190 100.33 8.48 76.16
CA GLY JB 190 100.45 9.56 75.23
C GLY JB 190 100.04 10.91 75.81
N PRO JB 191 100.42 11.99 75.12
CA PRO JB 191 99.94 13.32 75.52
C PRO JB 191 98.43 13.41 75.39
N LYS JB 192 97.82 14.16 76.30
CA LYS JB 192 96.41 14.50 76.15
C LYS JB 192 96.20 15.63 75.14
N ASN JB 193 97.29 16.17 74.57
CA ASN JB 193 97.19 17.15 73.50
C ASN JB 193 96.78 16.53 72.18
N THR JB 194 97.10 15.25 71.97
CA THR JB 194 96.92 14.60 70.68
C THR JB 194 95.94 13.43 70.79
N ALA JB 195 95.40 13.06 69.64
CA ALA JB 195 94.42 11.99 69.55
C ALA JB 195 95.06 10.65 69.88
N ARG JB 196 94.41 9.84 70.73
CA ARG JB 196 95.02 8.55 71.01
C ARG JB 196 94.07 7.35 70.97
N LEU JB 197 92.75 7.49 71.22
CA LEU JB 197 91.87 6.32 71.25
C LEU JB 197 90.67 6.29 70.31
N VAL JB 198 89.75 7.28 70.40
CA VAL JB 198 88.44 7.15 69.75
C VAL JB 198 88.55 7.42 68.27
N ALA JB 199 87.65 6.79 67.51
CA ALA JB 199 87.62 6.92 66.04
C ALA JB 199 88.99 6.63 65.44
N ALA JB 200 89.72 5.70 66.05
CA ALA JB 200 91.08 5.40 65.61
C ALA JB 200 91.09 4.83 64.20
N SER JB 201 92.05 5.28 63.39
CA SER JB 201 92.26 4.76 62.05
C SER JB 201 93.60 4.07 61.88
N HIS JB 202 94.67 4.68 62.40
CA HIS JB 202 96.03 4.19 62.26
C HIS JB 202 96.91 4.94 63.25
N GLY JB 203 98.08 4.38 63.52
CA GLY JB 203 99.02 4.94 64.48
C GLY JB 203 100.20 5.56 63.75
N VAL JB 204 100.70 6.66 64.28
CA VAL JB 204 101.87 7.34 63.73
C VAL JB 204 102.79 7.73 64.88
N MET JB 205 104.06 7.33 64.78
CA MET JB 205 105.06 7.66 65.78
C MET JB 205 105.57 9.08 65.54
N PRO JB 206 105.67 9.92 66.57
CA PRO JB 206 106.05 11.31 66.35
C PRO JB 206 107.48 11.41 65.85
N GLN JB 207 107.76 12.54 65.17
CA GLN JB 207 109.07 12.76 64.57
C GLN JB 207 110.18 12.60 65.59
N ALA JB 208 109.98 13.12 66.79
CA ALA JB 208 110.88 12.91 67.93
C ALA JB 208 112.34 13.15 67.55
N SER KB 23 67.82 -0.23 67.14
CA SER KB 23 66.98 0.94 66.96
C SER KB 23 66.63 1.59 68.29
N SER KB 24 66.90 2.91 68.39
CA SER KB 24 66.66 3.66 69.61
C SER KB 24 65.51 4.63 69.40
N ARG KB 25 64.53 4.59 70.31
CA ARG KB 25 63.31 5.36 70.17
C ARG KB 25 63.04 6.15 71.45
N THR KB 26 62.64 7.41 71.26
CA THR KB 26 62.18 8.22 72.37
C THR KB 26 60.72 7.91 72.66
N THR KB 27 60.40 7.81 73.94
CA THR KB 27 59.10 7.35 74.41
C THR KB 27 58.37 8.48 75.14
N PHE KB 28 57.09 8.65 74.81
CA PHE KB 28 56.20 9.58 75.48
C PHE KB 28 55.17 8.75 76.24
N GLY KB 29 55.01 9.05 77.52
CA GLY KB 29 54.11 8.27 78.32
C GLY KB 29 54.82 7.09 78.98
N VAL KB 30 54.03 6.08 79.30
CA VAL KB 30 54.50 4.92 80.04
C VAL KB 30 55.31 4.01 79.13
N ASN KB 31 56.47 3.57 79.62
CA ASN KB 31 57.24 2.54 78.95
C ASN KB 31 57.07 1.25 79.70
N PRO KB 32 56.37 0.25 79.16
CA PRO KB 32 56.10 -0.99 79.90
C PRO KB 32 57.11 -2.10 79.72
N ASP KB 33 58.30 -1.84 79.17
CA ASP KB 33 59.29 -2.89 78.99
C ASP KB 33 59.62 -3.58 80.31
N ARG KB 34 59.47 -4.89 80.35
CA ARG KB 34 59.78 -5.69 81.53
C ARG KB 34 61.11 -6.41 81.37
N GLN KB 35 61.77 -6.65 82.50
CA GLN KB 35 63.05 -7.33 82.53
C GLN KB 35 62.83 -8.84 82.53
N ALA KB 36 63.55 -9.53 81.67
CA ALA KB 36 63.41 -10.98 81.56
C ALA KB 36 63.69 -11.67 82.88
N ASN KB 37 62.88 -12.69 83.18
CA ASN KB 37 62.95 -13.44 84.44
C ASN KB 37 64.09 -14.46 84.35
N ALA KB 38 65.32 -13.94 84.42
CA ALA KB 38 66.54 -14.73 84.19
C ALA KB 38 67.54 -14.43 85.31
N ARG KB 39 67.08 -14.48 86.55
CA ARG KB 39 67.89 -14.13 87.71
C ARG KB 39 67.96 -15.29 88.68
N PRO KB 40 69.14 -15.87 88.91
CA PRO KB 40 69.26 -16.93 89.92
C PRO KB 40 68.96 -16.39 91.31
N VAL KB 41 68.35 -17.24 92.14
CA VAL KB 41 67.97 -16.83 93.48
C VAL KB 41 68.53 -17.81 94.50
N TYR KB 42 68.75 -17.29 95.71
CA TYR KB 42 69.32 -18.09 96.78
C TYR KB 42 68.39 -19.21 97.19
N LEU KB 43 68.97 -20.37 97.46
CA LEU KB 43 68.25 -21.57 97.83
C LEU KB 43 68.79 -22.06 99.16
N ALA KB 44 67.95 -22.03 100.20
CA ALA KB 44 68.40 -22.36 101.54
C ALA KB 44 68.97 -23.78 101.59
N PRO KB 45 70.05 -24.01 102.35
CA PRO KB 45 70.64 -25.36 102.42
C PRO KB 45 69.83 -26.33 103.25
N ALA KB 46 68.78 -25.86 103.92
CA ALA KB 46 67.89 -26.70 104.70
C ALA KB 46 66.65 -25.89 105.02
N ALA KB 47 65.57 -26.59 105.39
CA ALA KB 47 64.30 -25.92 105.62
C ALA KB 47 63.98 -25.95 107.11
N PRO KB 48 63.95 -24.83 107.83
CA PRO KB 48 63.59 -24.88 109.25
C PRO KB 48 62.07 -24.95 109.44
N MET KB 49 61.62 -25.96 110.18
CA MET KB 49 60.21 -26.09 110.53
C MET KB 49 60.01 -25.97 112.04
N GLU KB 50 60.72 -25.05 112.68
CA GLU KB 50 60.75 -25.05 114.14
C GLU KB 50 59.38 -24.75 114.75
N ASN KB 51 58.64 -23.80 114.18
CA ASN KB 51 57.37 -23.36 114.78
C ASN KB 51 56.38 -24.53 114.87
N THR KB 52 56.16 -25.21 113.75
CA THR KB 52 55.14 -26.25 113.69
C THR KB 52 55.50 -27.44 114.57
N TYR KB 53 56.78 -27.83 114.62
CA TYR KB 53 57.16 -29.01 115.39
C TYR KB 53 57.24 -28.71 116.88
N THR KB 54 57.62 -27.50 117.27
CA THR KB 54 57.46 -27.13 118.68
C THR KB 54 55.99 -27.15 119.08
N TYR KB 55 55.08 -26.66 118.23
CA TYR KB 55 53.67 -26.73 118.63
C TYR KB 55 53.19 -28.18 118.68
N LEU KB 56 53.66 -29.03 117.76
CA LEU KB 56 53.28 -30.44 117.80
C LEU KB 56 53.77 -31.11 119.08
N GLY KB 57 54.98 -30.79 119.52
CA GLY KB 57 55.41 -31.22 120.83
C GLY KB 57 54.52 -30.68 121.95
N SER KB 58 54.04 -29.45 121.78
CA SER KB 58 53.14 -28.86 122.78
C SER KB 58 51.88 -29.70 122.96
N ILE KB 59 51.26 -30.13 121.86
CA ILE KB 59 50.01 -30.87 122.02
C ILE KB 59 50.27 -32.37 122.08
N GLN KB 60 51.54 -32.76 122.23
CA GLN KB 60 51.92 -34.18 122.34
C GLN KB 60 51.53 -34.96 121.09
N PHE KB 61 51.63 -34.30 119.93
CA PHE KB 61 51.47 -34.94 118.63
C PHE KB 61 50.11 -35.61 118.47
N ALA KB 62 49.07 -34.98 118.98
CA ALA KB 62 47.74 -35.59 118.92
C ALA KB 62 46.69 -34.51 119.13
N ALA KB 63 45.76 -34.41 118.17
CA ALA KB 63 44.59 -33.55 118.29
C ALA KB 63 43.38 -34.33 117.81
N GLY KB 64 42.41 -34.51 118.71
CA GLY KB 64 41.22 -35.26 118.36
C GLY KB 64 41.53 -36.68 117.97
N ARG KB 65 41.07 -37.08 116.80
CA ARG KB 65 41.37 -38.39 116.26
C ARG KB 65 42.60 -38.38 115.36
N HIS KB 66 43.25 -37.23 115.18
CA HIS KB 66 44.47 -37.12 114.40
C HIS KB 66 45.66 -37.37 115.30
N ILE KB 67 46.48 -38.35 114.98
CA ILE KB 67 47.75 -38.54 115.67
C ILE KB 67 48.87 -38.31 114.67
N PHE KB 68 49.91 -37.61 115.10
CA PHE KB 68 51.02 -37.24 114.22
C PHE KB 68 52.28 -38.00 114.62
N GLY KB 69 53.24 -38.04 113.70
CA GLY KB 69 54.49 -38.69 113.97
C GLY KB 69 55.57 -37.73 114.41
N GLU KB 70 56.59 -38.28 115.09
CA GLU KB 70 57.70 -37.49 115.58
C GLU KB 70 58.78 -37.36 114.51
N PRO KB 71 59.17 -36.15 114.13
CA PRO KB 71 60.17 -36.01 113.07
C PRO KB 71 61.56 -36.40 113.55
N ALA KB 72 62.43 -36.74 112.60
CA ALA KB 72 63.82 -36.96 112.95
C ALA KB 72 64.52 -35.64 113.26
N SER KB 73 64.21 -34.58 112.52
CA SER KB 73 64.82 -33.29 112.79
C SER KB 73 63.78 -32.17 112.66
N ASN KB 74 64.03 -31.09 113.40
CA ASN KB 74 63.24 -29.88 113.24
C ASN KB 74 63.63 -29.11 111.99
N VAL KB 75 64.84 -29.35 111.49
CA VAL KB 75 65.32 -28.73 110.27
C VAL KB 75 65.51 -29.83 109.24
N LEU KB 76 64.91 -29.65 108.06
CA LEU KB 76 64.82 -30.70 107.07
C LEU KB 76 65.94 -30.57 106.04
N PRO KB 77 66.68 -31.65 105.80
CA PRO KB 77 67.80 -31.60 104.84
C PRO KB 77 67.30 -31.73 103.41
N PRO KB 78 68.08 -31.30 102.42
CA PRO KB 78 67.63 -31.41 101.03
C PRO KB 78 67.66 -32.87 100.58
N GLN KB 79 66.65 -33.24 99.81
CA GLN KB 79 66.56 -34.57 99.22
C GLN KB 79 67.09 -34.63 97.80
N ASN KB 80 66.72 -33.67 96.95
CA ASN KB 80 67.09 -33.71 95.54
C ASN KB 80 67.77 -32.42 95.08
N ILE KB 81 68.42 -31.70 96.00
CA ILE KB 81 69.12 -30.45 95.69
C ILE KB 81 70.60 -30.68 95.93
N VAL KB 82 71.42 -30.28 94.94
CA VAL KB 82 72.86 -30.41 95.03
C VAL KB 82 73.45 -29.00 94.98
N PRO KB 83 74.41 -28.67 95.84
CA PRO KB 83 74.95 -27.32 95.85
C PRO KB 83 75.63 -27.02 94.53
N GLY KB 84 75.39 -25.81 94.03
CA GLY KB 84 76.00 -25.35 92.82
C GLY KB 84 75.28 -25.76 91.56
N VAL KB 85 74.25 -26.59 91.67
CA VAL KB 85 73.51 -27.06 90.50
C VAL KB 85 72.16 -26.36 90.50
N PRO KB 86 71.84 -25.58 89.48
CA PRO KB 86 70.54 -24.89 89.46
C PRO KB 86 69.42 -25.89 89.30
N THR KB 87 68.37 -25.72 90.09
CA THR KB 87 67.18 -26.55 90.01
C THR KB 87 65.96 -25.65 90.07
N LYS KB 88 64.88 -26.07 89.42
CA LYS KB 88 63.62 -25.35 89.45
C LYS KB 88 62.61 -26.00 90.37
N HIS KB 89 62.96 -27.16 90.92
CA HIS KB 89 62.09 -27.85 91.84
C HIS KB 89 62.97 -28.60 92.83
N GLY KB 90 62.72 -28.38 94.12
CA GLY KB 90 63.53 -28.98 95.16
C GLY KB 90 62.69 -29.38 96.35
N GLU KB 91 63.18 -30.37 97.09
CA GLU KB 91 62.42 -30.93 98.18
C GLU KB 91 63.33 -31.18 99.38
N TYR KB 92 62.86 -30.76 100.56
CA TYR KB 92 63.45 -31.14 101.83
C TYR KB 92 62.50 -32.12 102.52
N VAL KB 93 63.05 -33.08 103.24
CA VAL KB 93 62.22 -34.16 103.75
C VAL KB 93 62.82 -34.73 105.02
N THR KB 94 61.95 -35.10 105.96
CA THR KB 94 62.40 -35.93 107.08
C THR KB 94 61.39 -37.06 107.31
N THR KB 95 61.68 -37.93 108.27
CA THR KB 95 60.84 -39.10 108.53
C THR KB 95 60.18 -38.96 109.89
N ASN KB 96 58.85 -39.03 109.91
CA ASN KB 96 58.08 -39.13 111.14
C ASN KB 96 57.97 -40.62 111.49
N THR KB 97 58.37 -40.97 112.71
CA THR KB 97 58.20 -42.29 113.29
C THR KB 97 57.29 -42.17 114.51
N GLY KB 98 56.75 -43.30 114.94
CA GLY KB 98 55.77 -43.29 116.02
C GLY KB 98 55.47 -44.69 116.49
N ASP KB 99 54.88 -44.77 117.67
CA ASP KB 99 54.51 -46.05 118.27
C ASP KB 99 53.32 -46.64 117.53
N ARG KB 100 53.48 -47.89 117.08
CA ARG KB 100 52.48 -48.58 116.24
C ARG KB 100 52.26 -47.86 114.92
N LEU KB 101 53.26 -47.15 114.43
CA LEU KB 101 53.15 -46.37 113.21
C LEU KB 101 54.20 -46.80 112.19
N MET KB 102 53.83 -46.70 110.91
CA MET KB 102 54.76 -46.93 109.82
C MET KB 102 55.40 -45.62 109.40
N ALA KB 103 56.73 -45.63 109.26
CA ALA KB 103 57.49 -44.42 108.96
C ALA KB 103 56.90 -43.68 107.77
N SER KB 104 56.61 -42.39 107.96
CA SER KB 104 56.03 -41.59 106.88
C SER KB 104 56.77 -40.26 106.78
N SER KB 105 57.09 -39.88 105.56
CA SER KB 105 57.93 -38.70 105.34
C SER KB 105 57.11 -37.42 105.36
N THR KB 106 57.69 -36.37 105.94
CA THR KB 106 57.16 -35.01 105.93
C THR KB 106 57.97 -34.18 104.93
N THR KB 107 57.28 -33.49 104.02
CA THR KB 107 57.91 -32.93 102.82
C THR KB 107 57.69 -31.41 102.71
N VAL KB 108 58.73 -30.73 102.25
CA VAL KB 108 58.71 -29.28 102.03
C VAL KB 108 59.23 -29.05 100.61
N THR KB 109 58.34 -28.59 99.74
CA THR KB 109 58.61 -28.47 98.31
C THR KB 109 58.75 -27.01 97.92
N ARG KB 110 59.76 -26.69 97.12
CA ARG KB 110 59.99 -25.33 96.64
C ARG KB 110 60.16 -25.34 95.13
N ASP KB 111 59.35 -24.54 94.45
CA ASP KB 111 59.35 -24.42 93.00
C ASP KB 111 59.73 -22.99 92.63
N VAL KB 112 60.73 -22.83 91.77
CA VAL KB 112 61.15 -21.52 91.28
C VAL KB 112 61.13 -21.55 89.76
N SER KB 113 60.27 -20.72 89.14
CA SER KB 113 60.16 -20.70 87.68
C SER KB 113 59.49 -19.42 87.24
N ASN KB 114 60.06 -18.76 86.23
CA ASN KB 114 59.41 -17.62 85.55
C ASN KB 114 59.01 -16.52 86.52
N GLY KB 115 59.87 -16.27 87.51
CA GLY KB 115 59.63 -15.23 88.51
C GLY KB 115 58.63 -15.58 89.58
N ARG KB 116 58.10 -16.79 89.57
CA ARG KB 116 57.13 -17.24 90.54
C ARG KB 116 57.79 -18.28 91.42
N THR KB 117 57.77 -18.06 92.71
CA THR KB 117 58.39 -18.97 93.67
C THR KB 117 57.31 -19.43 94.64
N LYS KB 118 57.25 -20.74 94.89
CA LYS KB 118 56.16 -21.34 95.67
C LYS KB 118 56.69 -22.42 96.60
N VAL KB 119 56.39 -22.28 97.89
CA VAL KB 119 56.78 -23.23 98.93
C VAL KB 119 55.51 -23.91 99.45
N SER KB 120 55.53 -25.25 99.49
CA SER KB 120 54.42 -26.04 99.99
C SER KB 120 54.92 -26.98 101.08
N ILE KB 121 54.09 -27.18 102.11
CA ILE KB 121 54.45 -28.04 103.24
C ILE KB 121 53.35 -29.08 103.42
N ASP KB 122 53.75 -30.35 103.52
CA ASP KB 122 52.82 -31.48 103.65
C ASP KB 122 53.26 -32.35 104.82
N ILE KB 123 52.38 -32.49 105.81
CA ILE KB 123 52.61 -33.37 106.96
C ILE KB 123 51.47 -34.35 107.06
N PRO KB 124 51.74 -35.65 107.17
CA PRO KB 124 50.68 -36.65 107.28
C PRO KB 124 50.26 -36.93 108.71
N TYR KB 125 49.06 -37.49 108.85
CA TYR KB 125 48.50 -37.89 110.13
C TYR KB 125 47.94 -39.31 110.03
N TYR KB 126 47.62 -39.89 111.18
CA TYR KB 126 47.13 -41.26 111.30
C TYR KB 126 45.86 -41.30 112.15
N ASP KB 127 45.19 -42.46 112.08
CA ASP KB 127 43.95 -42.72 112.82
C ASP KB 127 44.27 -43.08 114.27
N ARG KB 128 44.02 -42.14 115.18
CA ARG KB 128 44.33 -42.37 116.57
C ARG KB 128 43.51 -43.52 117.14
N ASN KB 129 42.28 -43.73 116.64
CA ASN KB 129 41.45 -44.82 117.15
C ASN KB 129 42.07 -46.17 116.82
N ALA KB 130 42.58 -46.33 115.60
CA ALA KB 130 43.29 -47.56 115.26
C ALA KB 130 44.56 -47.70 116.09
N VAL KB 131 45.32 -46.61 116.26
CA VAL KB 131 46.59 -46.71 116.96
C VAL KB 131 46.38 -47.13 118.41
N GLU KB 132 45.47 -46.44 119.12
CA GLU KB 132 45.25 -46.74 120.53
C GLU KB 132 44.47 -48.03 120.72
N THR KB 133 43.67 -48.46 119.73
CA THR KB 133 43.03 -49.77 119.82
C THR KB 133 44.06 -50.89 119.73
N LEU KB 134 45.04 -50.76 118.82
CA LEU KB 134 46.15 -51.70 118.79
C LEU KB 134 46.91 -51.70 120.10
N LYS KB 135 47.34 -50.53 120.57
CA LYS KB 135 48.06 -50.44 121.85
C LYS KB 135 47.28 -51.16 122.94
N ALA KB 136 45.98 -50.88 123.05
CA ALA KB 136 45.16 -51.44 124.12
C ALA KB 136 44.87 -52.92 123.94
N SER KB 137 44.96 -53.45 122.71
CA SER KB 137 44.68 -54.86 122.47
C SER KB 137 45.93 -55.73 122.51
N ALA KB 138 47.12 -55.14 122.46
CA ALA KB 138 48.38 -55.89 122.57
C ALA KB 138 48.50 -56.94 121.47
N ILE KB 139 48.30 -56.48 120.25
CA ILE KB 139 48.17 -57.33 119.07
C ILE KB 139 49.12 -56.76 118.01
N PRO KB 140 49.65 -57.59 117.13
CA PRO KB 140 50.83 -57.19 116.34
C PRO KB 140 50.64 -56.04 115.33
N GLY KB 141 49.41 -55.60 115.03
CA GLY KB 141 49.22 -54.70 113.89
C GLY KB 141 50.01 -53.41 113.96
N ALA KB 142 50.29 -52.83 112.78
CA ALA KB 142 50.74 -51.44 112.65
C ALA KB 142 50.00 -50.74 111.51
N VAL KB 143 49.99 -49.41 111.56
CA VAL KB 143 49.08 -48.57 110.76
C VAL KB 143 49.88 -47.59 109.91
N ALA KB 144 49.35 -47.32 108.71
CA ALA KB 144 49.85 -46.37 107.74
C ALA KB 144 49.06 -45.07 107.81
N PRO KB 145 49.58 -44.00 107.19
CA PRO KB 145 48.87 -42.71 107.26
C PRO KB 145 47.48 -42.75 106.63
N VAL KB 146 46.61 -41.88 107.14
CA VAL KB 146 45.24 -41.77 106.68
C VAL KB 146 45.02 -40.54 105.80
N GLY KB 147 45.81 -39.49 105.98
CA GLY KB 147 45.68 -38.30 105.19
C GLY KB 147 46.79 -37.33 105.55
N SER KB 148 46.62 -36.09 105.10
CA SER KB 148 47.66 -35.10 105.32
C SER KB 148 47.04 -33.72 105.43
N PHE KB 149 47.84 -32.78 105.92
CA PHE KB 149 47.53 -31.36 105.90
C PHE KB 149 48.62 -30.64 105.13
N LYS KB 150 48.19 -29.66 104.32
CA LYS KB 150 49.06 -28.94 103.40
C LYS KB 150 48.85 -27.44 103.50
N VAL KB 151 49.96 -26.73 103.34
CA VAL KB 151 49.97 -25.26 103.36
C VAL KB 151 50.85 -24.76 102.22
N ASN KB 152 50.31 -23.89 101.37
CA ASN KB 152 51.01 -23.34 100.22
C ASN KB 152 51.25 -21.84 100.39
N VAL KB 153 52.36 -21.37 99.86
CA VAL KB 153 52.75 -19.97 99.91
C VAL KB 153 53.42 -19.61 98.59
N GLU KB 154 53.02 -18.52 97.97
CA GLU KB 154 53.33 -18.24 96.57
C GLU KB 154 53.63 -16.76 96.37
N VAL KB 155 54.70 -16.46 95.63
CA VAL KB 155 55.16 -15.10 95.42
C VAL KB 155 55.34 -14.90 93.91
N LEU KB 156 54.59 -13.93 93.35
CA LEU KB 156 54.58 -13.68 91.91
C LEU KB 156 55.47 -12.47 91.64
N GLY KB 157 56.78 -12.73 91.51
CA GLY KB 157 57.77 -11.69 91.39
C GLY KB 157 58.18 -11.33 89.98
N GLY KB 158 57.45 -11.83 88.99
CA GLY KB 158 57.78 -11.53 87.62
C GLY KB 158 57.35 -10.13 87.22
N GLY KB 159 57.98 -9.65 86.14
CA GLY KB 159 57.58 -8.38 85.57
C GLY KB 159 58.38 -7.20 86.03
N VAL KB 160 59.64 -7.40 86.43
CA VAL KB 160 60.45 -6.29 86.90
C VAL KB 160 60.72 -5.36 85.72
N LEU KB 161 60.59 -4.06 85.96
CA LEU KB 161 60.72 -3.07 84.90
C LEU KB 161 62.18 -2.91 84.49
N THR KB 162 62.39 -2.24 83.36
CA THR KB 162 63.73 -2.19 82.76
C THR KB 162 64.70 -1.39 83.62
N GLY KB 163 64.23 -0.26 84.17
CA GLY KB 163 65.13 0.62 84.90
C GLY KB 163 65.73 0.00 86.14
N THR KB 164 65.06 -1.00 86.70
CA THR KB 164 65.49 -1.56 87.98
C THR KB 164 66.87 -2.20 87.86
N ASP KB 165 67.77 -1.80 88.73
CA ASP KB 165 69.08 -2.42 88.84
C ASP KB 165 69.08 -3.42 89.99
N ALA KB 166 70.25 -3.99 90.26
CA ALA KB 166 70.36 -5.09 91.21
C ALA KB 166 70.01 -4.64 92.63
N ASN KB 167 70.53 -3.49 93.06
CA ASN KB 167 70.25 -2.98 94.39
C ASN KB 167 68.74 -2.78 94.60
N ALA KB 168 68.10 -2.13 93.62
CA ALA KB 168 66.65 -1.96 93.66
C ALA KB 168 65.93 -3.29 93.71
N GLN KB 169 66.44 -4.29 93.00
CA GLN KB 169 65.81 -5.61 93.04
C GLN KB 169 65.90 -6.21 94.44
N PHE KB 170 67.00 -5.97 95.15
CA PHE KB 170 67.04 -6.38 96.56
C PHE KB 170 65.94 -5.72 97.36
N ALA KB 171 65.74 -4.43 97.11
CA ALA KB 171 64.67 -3.73 97.81
C ALA KB 171 63.32 -4.38 97.53
N LEU KB 172 63.11 -4.77 96.26
CA LEU KB 172 61.85 -5.41 95.89
C LEU KB 172 61.72 -6.79 96.55
N ASP KB 173 62.85 -7.49 96.68
CA ASP KB 173 62.88 -8.76 97.41
C ASP KB 173 62.30 -8.58 98.80
N GLU KB 174 62.81 -7.59 99.52
CA GLU KB 174 62.34 -7.39 100.89
C GLU KB 174 60.89 -6.93 100.92
N LEU KB 175 60.47 -6.12 99.92
CA LEU KB 175 59.07 -5.71 99.86
C LEU KB 175 58.14 -6.92 99.76
N LEU KB 176 58.46 -7.84 98.86
CA LEU KB 176 57.63 -9.04 98.72
C LEU KB 176 57.64 -9.86 99.99
N SER KB 177 58.81 -10.01 100.64
CA SER KB 177 58.83 -10.80 101.87
C SER KB 177 57.94 -10.17 102.95
N ASN KB 178 57.90 -8.84 103.01
CA ASN KB 178 57.01 -8.18 103.97
C ASN KB 178 55.54 -8.41 103.64
N MET KB 179 55.20 -8.40 102.34
CA MET KB 179 53.82 -8.74 101.97
C MET KB 179 53.50 -10.19 102.34
N LEU KB 180 54.49 -11.07 102.25
CA LEU KB 180 54.34 -12.46 102.70
C LEU KB 180 53.94 -12.51 104.16
N MET KB 181 54.71 -11.82 105.00
CA MET KB 181 54.41 -11.79 106.43
C MET KB 181 53.02 -11.25 106.70
N ASP KB 182 52.65 -10.16 106.02
CA ASP KB 182 51.31 -9.60 106.18
C ASP KB 182 50.24 -10.62 105.80
N ALA KB 183 50.46 -11.35 104.71
CA ALA KB 183 49.47 -12.32 104.26
C ALA KB 183 49.30 -13.46 105.24
N ALA KB 184 50.40 -13.97 105.79
CA ALA KB 184 50.30 -15.04 106.78
C ALA KB 184 49.58 -14.56 108.04
N ARG KB 185 49.90 -13.34 108.50
CA ARG KB 185 49.21 -12.81 109.67
C ARG KB 185 47.72 -12.64 109.40
N ILE KB 186 47.35 -12.17 108.21
CA ILE KB 186 45.94 -11.97 107.87
C ILE KB 186 45.22 -13.31 107.75
N ALA KB 187 45.94 -14.36 107.35
CA ALA KB 187 45.34 -15.68 107.25
C ALA KB 187 45.07 -16.27 108.64
N GLN KB 188 46.05 -16.21 109.53
CA GLN KB 188 45.89 -16.78 110.86
C GLN KB 188 45.21 -15.85 111.84
N ASP KB 189 44.87 -14.62 111.42
CA ASP KB 189 44.35 -13.63 112.34
C ASP KB 189 43.05 -14.10 112.98
N GLY KB 190 42.91 -13.83 114.27
CA GLY KB 190 41.68 -14.11 114.98
C GLY KB 190 41.90 -14.71 116.36
N PRO KB 191 40.86 -14.65 117.21
CA PRO KB 191 40.95 -15.29 118.52
C PRO KB 191 41.16 -16.78 118.40
N LYS KB 192 41.94 -17.33 119.33
CA LYS KB 192 42.04 -18.78 119.45
C LYS KB 192 40.84 -19.38 120.17
N ASN KB 193 39.95 -18.56 120.69
CA ASN KB 193 38.68 -19.05 121.23
C ASN KB 193 37.82 -19.69 120.16
N THR KB 194 38.06 -19.37 118.88
CA THR KB 194 37.05 -19.53 117.85
C THR KB 194 37.63 -20.15 116.58
N ALA KB 195 36.75 -20.83 115.84
CA ALA KB 195 37.12 -21.53 114.62
C ALA KB 195 37.71 -20.57 113.58
N ARG KB 196 38.86 -20.92 113.00
CA ARG KB 196 39.33 -20.03 111.94
C ARG KB 196 39.94 -20.68 110.70
N LEU KB 197 40.40 -21.94 110.73
CA LEU KB 197 40.97 -22.57 109.53
C LEU KB 197 40.37 -23.89 109.05
N VAL KB 198 40.34 -24.92 109.93
CA VAL KB 198 40.09 -26.28 109.47
C VAL KB 198 38.60 -26.49 109.22
N ALA KB 199 38.29 -27.38 108.27
CA ALA KB 199 36.90 -27.74 107.94
C ALA KB 199 36.07 -26.51 107.62
N ALA KB 200 36.69 -25.48 107.05
CA ALA KB 200 36.04 -24.21 106.81
C ALA KB 200 34.91 -24.34 105.80
N SER KB 201 33.77 -23.74 106.10
CA SER KB 201 32.61 -23.68 105.21
C SER KB 201 32.47 -22.31 104.55
N HIS KB 202 32.54 -21.26 105.35
CA HIS KB 202 32.42 -19.88 104.91
C HIS KB 202 32.99 -19.00 106.01
N GLY KB 203 33.14 -17.72 105.71
CA GLY KB 203 33.69 -16.76 106.64
C GLY KB 203 32.58 -15.86 107.14
N VAL KB 204 32.59 -15.56 108.44
CA VAL KB 204 31.63 -14.61 109.01
C VAL KB 204 32.36 -13.62 109.90
N MET KB 205 32.01 -12.34 109.76
CA MET KB 205 32.52 -11.22 110.54
C MET KB 205 31.61 -10.94 111.73
N PRO KB 206 32.18 -10.63 112.90
CA PRO KB 206 31.36 -10.31 114.07
C PRO KB 206 30.76 -8.92 113.99
N GLN KB 207 29.86 -8.64 114.94
CA GLN KB 207 29.21 -7.35 115.07
C GLN KB 207 29.81 -6.61 116.26
N ALA KB 208 30.21 -5.36 116.03
CA ALA KB 208 30.75 -4.47 117.07
C ALA KB 208 31.96 -5.09 117.77
N GLY LB 11 115.04 -60.83 -4.27
CA GLY LB 11 115.86 -59.63 -4.09
C GLY LB 11 116.50 -59.12 -5.36
N GLN LB 12 117.67 -58.48 -5.22
CA GLN LB 12 118.37 -57.89 -6.34
C GLN LB 12 118.80 -58.98 -7.34
N LEU LB 13 119.18 -58.54 -8.54
CA LEU LB 13 119.54 -59.41 -9.64
C LEU LB 13 121.02 -59.24 -9.97
N TYR LB 14 121.71 -60.36 -10.23
CA TYR LB 14 123.12 -60.31 -10.63
C TYR LB 14 123.35 -61.38 -11.70
N MET LB 15 124.60 -61.53 -12.15
CA MET LB 15 124.92 -62.47 -13.22
C MET LB 15 125.69 -63.65 -12.66
N GLY LB 16 125.04 -64.82 -12.65
CA GLY LB 16 125.69 -66.08 -12.36
C GLY LB 16 125.91 -66.84 -13.65
N GLN LB 17 126.76 -67.87 -13.57
CA GLN LB 17 127.13 -68.58 -14.79
C GLN LB 17 125.97 -69.33 -15.40
N GLN LB 18 124.89 -69.56 -14.64
CA GLN LB 18 123.69 -70.14 -15.23
C GLN LB 18 122.94 -69.11 -16.06
N GLY LB 19 123.14 -67.83 -15.76
CA GLY LB 19 122.39 -66.75 -16.35
C GLY LB 19 122.12 -65.70 -15.29
N PRO LB 20 121.25 -64.73 -15.59
CA PRO LB 20 120.85 -63.77 -14.55
C PRO LB 20 120.12 -64.47 -13.43
N VAL LB 21 120.57 -64.23 -12.20
CA VAL LB 21 120.14 -64.99 -11.02
C VAL LB 21 119.79 -64.02 -9.90
N GLN LB 22 118.75 -64.37 -9.14
CA GLN LB 22 118.26 -63.54 -8.06
C GLN LB 22 119.07 -63.80 -6.79
N SER LB 23 119.58 -62.74 -6.19
CA SER LB 23 120.29 -62.87 -4.93
C SER LB 23 119.34 -63.30 -3.82
N SER LB 24 119.84 -64.11 -2.90
CA SER LB 24 118.98 -64.69 -1.87
C SER LB 24 119.69 -64.71 -0.52
N ARG LB 25 118.92 -64.51 0.54
CA ARG LB 25 119.41 -64.45 1.91
C ARG LB 25 118.72 -65.51 2.73
N THR LB 26 119.48 -66.50 3.23
CA THR LB 26 118.89 -67.64 3.91
C THR LB 26 119.55 -67.88 5.26
N THR LB 27 118.83 -68.56 6.13
CA THR LB 27 119.33 -68.98 7.43
C THR LB 27 119.94 -70.37 7.39
N PHE LB 28 120.11 -70.92 6.19
CA PHE LB 28 120.64 -72.26 6.02
C PHE LB 28 122.11 -72.32 6.41
N GLY LB 29 122.47 -73.28 7.26
CA GLY LB 29 123.86 -73.52 7.59
C GLY LB 29 124.44 -72.65 8.68
N VAL LB 30 123.60 -72.04 9.52
CA VAL LB 30 124.06 -71.23 10.64
C VAL LB 30 123.59 -71.88 11.93
N ASN LB 31 124.54 -72.33 12.76
CA ASN LB 31 124.24 -72.98 14.03
C ASN LB 31 124.31 -71.95 15.13
N PRO LB 32 123.20 -71.45 15.65
CA PRO LB 32 123.23 -70.51 16.77
C PRO LB 32 123.09 -71.14 18.16
N ASP LB 33 123.12 -72.48 18.26
CA ASP LB 33 123.04 -73.13 19.56
C ASP LB 33 124.08 -72.55 20.51
N ARG LB 34 123.69 -72.42 21.78
CA ARG LB 34 124.57 -71.88 22.80
C ARG LB 34 124.86 -72.91 23.88
N GLN LB 35 125.99 -72.69 24.54
CA GLN LB 35 126.46 -73.54 25.64
C GLN LB 35 125.98 -72.93 26.95
N ALA LB 36 125.45 -73.76 27.84
CA ALA LB 36 124.90 -73.27 29.09
C ALA LB 36 125.98 -72.64 29.95
N ASN LB 37 125.59 -71.62 30.70
CA ASN LB 37 126.49 -70.92 31.61
C ASN LB 37 126.60 -71.74 32.89
N ALA LB 38 127.44 -72.79 32.81
CA ALA LB 38 127.65 -73.77 33.88
C ALA LB 38 129.12 -73.89 34.23
N ARG LB 39 129.84 -72.77 34.19
CA ARG LB 39 131.29 -72.75 34.31
C ARG LB 39 131.70 -72.07 35.60
N PRO LB 40 132.24 -72.80 36.58
CA PRO LB 40 132.76 -72.14 37.78
C PRO LB 40 133.89 -71.19 37.42
N VAL LB 41 133.92 -70.03 38.09
CA VAL LB 41 134.93 -69.01 37.81
C VAL LB 41 135.73 -68.73 39.07
N TYR LB 42 136.93 -68.21 38.86
CA TYR LB 42 137.82 -67.89 39.97
C TYR LB 42 137.28 -66.69 40.75
N LEU LB 43 137.31 -66.82 42.07
CA LEU LB 43 136.88 -65.77 42.99
C LEU LB 43 138.08 -65.33 43.81
N ALA LB 44 138.50 -64.08 43.62
CA ALA LB 44 139.73 -63.61 44.25
C ALA LB 44 139.63 -63.73 45.77
N PRO LB 45 140.73 -64.04 46.46
CA PRO LB 45 140.69 -64.14 47.93
C PRO LB 45 140.73 -62.80 48.63
N ALA LB 46 140.91 -61.71 47.89
CA ALA LB 46 140.86 -60.36 48.44
C ALA LB 46 140.77 -59.39 47.27
N ALA LB 47 140.34 -58.17 47.58
CA ALA LB 47 140.08 -57.18 46.53
C ALA LB 47 141.11 -56.07 46.61
N PRO LB 48 141.99 -55.88 45.60
CA PRO LB 48 142.97 -54.79 45.73
C PRO LB 48 142.43 -53.46 45.25
N MET LB 49 142.33 -52.47 46.15
CA MET LB 49 141.96 -51.11 45.79
C MET LB 49 143.17 -50.17 45.81
N GLU LB 50 144.32 -50.61 45.29
CA GLU LB 50 145.54 -49.83 45.46
C GLU LB 50 145.47 -48.47 44.76
N ASN LB 51 144.95 -48.43 43.52
CA ASN LB 51 144.95 -47.18 42.76
C ASN LB 51 144.19 -46.09 43.49
N THR LB 52 142.94 -46.37 43.89
CA THR LB 52 142.10 -45.35 44.51
C THR LB 52 142.71 -44.86 45.83
N TYR LB 53 143.28 -45.75 46.63
CA TYR LB 53 143.77 -45.36 47.94
C TYR LB 53 145.12 -44.65 47.87
N THR LB 54 145.97 -44.99 46.91
CA THR LB 54 147.16 -44.16 46.69
C THR LB 54 146.77 -42.76 46.24
N TYR LB 55 145.74 -42.64 45.39
CA TYR LB 55 145.32 -41.28 45.05
C TYR LB 55 144.74 -40.56 46.27
N LEU LB 56 144.00 -41.28 47.12
CA LEU LB 56 143.43 -40.67 48.31
C LEU LB 56 144.51 -40.22 49.29
N GLY LB 57 145.62 -40.95 49.35
CA GLY LB 57 146.78 -40.45 50.09
C GLY LB 57 147.39 -39.23 49.42
N SER LB 58 147.37 -39.19 48.09
CA SER LB 58 147.91 -38.04 47.36
C SER LB 58 147.17 -36.75 47.74
N ILE LB 59 145.84 -36.77 47.70
CA ILE LB 59 145.10 -35.53 47.96
C ILE LB 59 144.86 -35.33 49.45
N GLN LB 60 145.49 -36.18 50.28
CA GLN LB 60 145.37 -36.10 51.73
C GLN LB 60 143.94 -36.36 52.21
N PHE LB 61 143.23 -37.26 51.50
CA PHE LB 61 141.89 -37.72 51.88
C PHE LB 61 140.90 -36.56 51.99
N ALA LB 62 141.02 -35.58 51.10
CA ALA LB 62 140.14 -34.42 51.18
C ALA LB 62 140.09 -33.77 49.81
N ALA LB 63 138.88 -33.63 49.27
CA ALA LB 63 138.64 -32.82 48.08
C ALA LB 63 137.48 -31.90 48.39
N GLY LB 64 137.75 -30.60 48.43
CA GLY LB 64 136.72 -29.63 48.76
C GLY LB 64 136.10 -29.89 50.11
N ARG LB 65 134.78 -30.09 50.10
CA ARG LB 65 134.02 -30.36 51.31
C ARG LB 65 133.91 -31.85 51.61
N HIS LB 66 134.35 -32.70 50.69
CA HIS LB 66 134.32 -34.14 50.87
C HIS LB 66 135.58 -34.58 51.58
N ILE LB 67 135.45 -35.08 52.81
CA ILE LB 67 136.58 -35.61 53.54
C ILE LB 67 136.40 -37.13 53.62
N PHE LB 68 137.47 -37.86 53.41
CA PHE LB 68 137.37 -39.31 53.30
C PHE LB 68 138.04 -39.99 54.49
N GLY LB 69 137.63 -41.22 54.75
CA GLY LB 69 138.24 -42.00 55.80
C GLY LB 69 139.50 -42.71 55.33
N GLU LB 70 140.41 -42.95 56.28
CA GLU LB 70 141.62 -43.72 56.02
C GLU LB 70 141.31 -45.21 56.17
N PRO LB 71 141.62 -46.02 55.17
CA PRO LB 71 141.24 -47.44 55.21
C PRO LB 71 142.01 -48.22 56.27
N ALA LB 72 141.52 -49.43 56.52
CA ALA LB 72 142.30 -50.39 57.29
C ALA LB 72 143.44 -50.94 56.46
N SER LB 73 143.13 -51.38 55.23
CA SER LB 73 144.10 -51.95 54.34
C SER LB 73 143.82 -51.48 52.92
N ASN LB 74 144.87 -51.36 52.11
CA ASN LB 74 144.70 -51.11 50.69
C ASN LB 74 144.08 -52.31 49.99
N VAL LB 75 144.20 -53.50 50.59
CA VAL LB 75 143.65 -54.73 50.03
C VAL LB 75 142.59 -55.25 51.00
N LEU LB 76 141.36 -55.48 50.49
CA LEU LB 76 140.19 -55.75 51.30
C LEU LB 76 139.99 -57.25 51.48
N PRO LB 77 139.72 -57.69 52.71
CA PRO LB 77 139.51 -59.10 52.98
C PRO LB 77 138.08 -59.51 52.68
N PRO LB 78 137.85 -60.79 52.44
CA PRO LB 78 136.48 -61.25 52.21
C PRO LB 78 135.60 -61.06 53.44
N GLN LB 79 134.32 -60.80 53.18
CA GLN LB 79 133.33 -60.61 54.25
C GLN LB 79 132.38 -61.79 54.40
N ASN LB 80 131.93 -62.40 53.31
CA ASN LB 80 131.03 -63.55 53.39
C ASN LB 80 131.44 -64.65 52.42
N ILE LB 81 132.73 -64.74 52.11
CA ILE LB 81 133.26 -65.74 51.19
C ILE LB 81 134.13 -66.70 51.96
N VAL LB 82 133.95 -67.99 51.71
CA VAL LB 82 134.73 -69.00 52.40
C VAL LB 82 135.33 -69.91 51.34
N PRO LB 83 136.61 -70.27 51.48
CA PRO LB 83 137.24 -71.13 50.47
C PRO LB 83 136.50 -72.44 50.34
N GLY LB 84 136.29 -72.85 49.09
CA GLY LB 84 135.65 -74.12 48.83
C GLY LB 84 134.14 -74.10 48.91
N VAL LB 85 133.53 -72.96 49.20
CA VAL LB 85 132.07 -72.84 49.23
C VAL LB 85 131.66 -71.99 48.05
N PRO LB 86 130.83 -72.50 47.13
CA PRO LB 86 130.45 -71.71 45.94
C PRO LB 86 129.35 -70.72 46.26
N THR LB 87 129.55 -69.48 45.82
CA THR LB 87 128.58 -68.40 46.04
C THR LB 87 128.37 -67.68 44.72
N LYS LB 88 127.19 -67.07 44.58
CA LYS LB 88 126.90 -66.19 43.47
C LYS LB 88 127.01 -64.73 43.88
N HIS LB 89 127.29 -64.47 45.15
CA HIS LB 89 127.43 -63.11 45.67
C HIS LB 89 128.51 -63.11 46.74
N GLY LB 90 129.50 -62.22 46.56
CA GLY LB 90 130.60 -62.12 47.49
C GLY LB 90 130.99 -60.68 47.80
N GLU LB 91 131.34 -60.42 49.06
CA GLU LB 91 131.61 -59.06 49.49
C GLU LB 91 132.99 -59.00 50.17
N TYR LB 92 133.72 -57.92 49.88
CA TYR LB 92 134.94 -57.56 50.59
C TYR LB 92 134.72 -56.21 51.26
N VAL LB 93 135.36 -56.00 52.41
CA VAL LB 93 135.10 -54.80 53.19
C VAL LB 93 136.32 -54.46 54.04
N THR LB 94 136.58 -53.15 54.20
CA THR LB 94 137.38 -52.70 55.34
C THR LB 94 136.64 -51.56 56.04
N THR LB 95 137.23 -51.03 57.10
CA THR LB 95 136.59 -49.94 57.85
C THR LB 95 137.48 -48.72 57.83
N ASN LB 96 137.01 -47.66 57.16
CA ASN LB 96 137.66 -46.37 57.18
C ASN LB 96 137.53 -45.75 58.57
N THR LB 97 138.62 -45.11 59.04
CA THR LB 97 138.64 -44.35 60.29
C THR LB 97 139.27 -42.98 60.04
N GLY LB 98 139.16 -42.10 61.03
CA GLY LB 98 139.66 -40.75 60.87
C GLY LB 98 139.49 -39.95 62.15
N ASP LB 99 140.13 -38.79 62.16
CA ASP LB 99 140.08 -37.90 63.31
C ASP LB 99 138.69 -37.30 63.45
N ARG LB 100 138.05 -37.56 64.59
CA ARG LB 100 136.68 -37.09 64.86
C ARG LB 100 135.70 -37.56 63.79
N LEU LB 101 135.93 -38.77 63.28
CA LEU LB 101 135.04 -39.41 62.30
C LEU LB 101 134.60 -40.75 62.86
N MET LB 102 133.29 -40.97 62.88
CA MET LB 102 132.79 -42.29 63.24
C MET LB 102 133.15 -43.28 62.14
N ALA LB 103 133.83 -44.37 62.52
CA ALA LB 103 134.35 -45.31 61.53
C ALA LB 103 133.24 -45.90 60.68
N SER LB 104 133.53 -46.07 59.40
CA SER LB 104 132.52 -46.43 58.40
C SER LB 104 133.13 -47.35 57.37
N SER LB 105 132.38 -48.35 56.95
CA SER LB 105 132.91 -49.40 56.09
C SER LB 105 132.93 -48.97 54.62
N THR LB 106 133.93 -49.43 53.90
CA THR LB 106 133.99 -49.33 52.45
C THR LB 106 133.89 -50.74 51.86
N THR LB 107 133.05 -50.88 50.82
CA THR LB 107 132.57 -52.19 50.38
C THR LB 107 132.81 -52.42 48.89
N VAL LB 108 133.14 -53.67 48.54
CA VAL LB 108 133.38 -54.10 47.17
C VAL LB 108 132.55 -55.36 46.97
N THR LB 109 131.55 -55.29 46.11
CA THR LB 109 130.58 -56.35 45.90
C THR LB 109 130.78 -57.00 44.53
N ARG LB 110 130.70 -58.33 44.48
CA ARG LB 110 130.84 -59.07 43.23
C ARG LB 110 129.68 -60.05 43.11
N ASP LB 111 128.92 -59.92 42.02
CA ASP LB 111 127.78 -60.77 41.73
C ASP LB 111 128.06 -61.54 40.44
N VAL LB 112 127.99 -62.86 40.52
CA VAL LB 112 128.28 -63.73 39.37
C VAL LB 112 127.06 -64.61 39.14
N SER LB 113 126.24 -64.27 38.14
CA SER LB 113 125.03 -65.04 37.84
C SER LB 113 124.80 -65.12 36.34
N ASN LB 114 124.58 -66.35 35.85
CA ASN LB 114 124.12 -66.59 34.49
C ASN LB 114 125.01 -65.93 33.44
N GLY LB 115 126.32 -66.06 33.62
CA GLY LB 115 127.27 -65.48 32.69
C GLY LB 115 127.53 -64.00 32.85
N ARG LB 116 126.89 -63.35 33.80
CA ARG LB 116 127.03 -61.92 34.00
C ARG LB 116 127.81 -61.72 35.29
N THR LB 117 128.99 -61.10 35.16
CA THR LB 117 129.82 -60.75 36.30
C THR LB 117 129.70 -59.25 36.53
N LYS LB 118 129.46 -58.84 37.78
CA LYS LB 118 129.33 -57.41 38.09
C LYS LB 118 130.04 -57.08 39.41
N VAL LB 119 130.96 -56.12 39.33
CA VAL LB 119 131.73 -55.64 40.49
C VAL LB 119 131.34 -54.19 40.74
N SER LB 120 131.00 -53.87 42.00
CA SER LB 120 130.63 -52.53 42.41
C SER LB 120 131.47 -52.11 43.61
N ILE LB 121 131.86 -50.84 43.64
CA ILE LB 121 132.69 -50.28 44.71
C ILE LB 121 131.95 -49.08 45.29
N ASP LB 122 131.79 -49.07 46.63
CA ASP LB 122 131.09 -48.01 47.34
C ASP LB 122 131.98 -47.52 48.48
N ILE LB 123 132.38 -46.25 48.40
CA ILE LB 123 133.19 -45.62 49.43
C ILE LB 123 132.43 -44.44 50.01
N PRO LB 124 132.33 -44.30 51.32
CA PRO LB 124 131.61 -43.16 51.92
C PRO LB 124 132.53 -41.96 52.08
N TYR LB 125 131.90 -40.82 52.36
CA TYR LB 125 132.61 -39.59 52.69
C TYR LB 125 131.86 -38.83 53.79
N TYR LB 126 132.49 -37.77 54.29
CA TYR LB 126 131.97 -37.01 55.41
C TYR LB 126 132.03 -35.51 55.10
N ASP LB 127 131.30 -34.75 55.93
CA ASP LB 127 131.11 -33.31 55.78
C ASP LB 127 132.30 -32.56 56.37
N ARG LB 128 133.21 -32.09 55.52
CA ARG LB 128 134.39 -31.41 56.04
C ARG LB 128 134.02 -30.11 56.74
N ASN LB 129 132.94 -29.43 56.32
CA ASN LB 129 132.51 -28.24 57.05
C ASN LB 129 132.22 -28.59 58.50
N ALA LB 130 131.49 -29.69 58.74
CA ALA LB 130 131.21 -30.11 60.11
C ALA LB 130 132.47 -30.56 60.84
N VAL LB 131 133.34 -31.32 60.16
CA VAL LB 131 134.52 -31.84 60.85
C VAL LB 131 135.46 -30.71 61.27
N GLU LB 132 135.70 -29.74 60.37
CA GLU LB 132 136.56 -28.62 60.73
C GLU LB 132 135.89 -27.67 61.71
N THR LB 133 134.55 -27.59 61.73
CA THR LB 133 133.89 -26.87 62.81
C THR LB 133 134.20 -27.54 64.16
N LEU LB 134 134.12 -28.88 64.20
CA LEU LB 134 134.46 -29.62 65.41
C LEU LB 134 135.88 -29.33 65.87
N LYS LB 135 136.84 -29.42 64.95
CA LYS LB 135 138.23 -29.19 65.33
C LYS LB 135 138.44 -27.74 65.77
N ALA LB 136 137.90 -26.78 65.01
CA ALA LB 136 138.24 -25.37 65.22
C ALA LB 136 137.66 -24.82 66.51
N SER LB 137 136.40 -25.12 66.83
CA SER LB 137 135.83 -24.61 68.07
C SER LB 137 135.94 -25.60 69.22
N ALA LB 138 136.73 -26.67 69.05
CA ALA LB 138 137.08 -27.61 70.13
C ALA LB 138 135.84 -28.26 70.73
N ILE LB 139 134.94 -28.72 69.86
CA ILE LB 139 133.73 -29.47 70.26
C ILE LB 139 134.13 -30.93 70.41
N PRO LB 140 133.53 -31.71 71.31
CA PRO LB 140 133.95 -33.10 71.51
C PRO LB 140 133.27 -34.16 70.66
N GLY LB 141 132.28 -33.82 69.84
CA GLY LB 141 131.57 -34.84 69.08
C GLY LB 141 132.31 -35.33 67.85
N ALA LB 142 131.66 -36.26 67.13
CA ALA LB 142 132.16 -36.81 65.88
C ALA LB 142 131.07 -36.72 64.81
N VAL LB 143 131.46 -36.95 63.56
CA VAL LB 143 130.56 -36.88 62.41
C VAL LB 143 130.40 -38.27 61.81
N ALA LB 144 129.17 -38.58 61.42
CA ALA LB 144 128.79 -39.77 60.69
C ALA LB 144 128.88 -39.52 59.19
N PRO LB 145 129.00 -40.57 58.38
CA PRO LB 145 129.10 -40.36 56.93
C PRO LB 145 127.92 -39.58 56.38
N VAL LB 146 128.19 -38.82 55.33
CA VAL LB 146 127.20 -37.92 54.77
C VAL LB 146 126.70 -38.40 53.41
N GLY LB 147 127.53 -39.11 52.65
CA GLY LB 147 127.11 -39.71 51.39
C GLY LB 147 128.15 -40.70 50.93
N SER LB 148 128.05 -41.10 49.67
CA SER LB 148 129.01 -42.05 49.12
C SER LB 148 129.24 -41.78 47.64
N PHE LB 149 130.23 -42.47 47.10
CA PHE LB 149 130.47 -42.57 45.66
C PHE LB 149 130.54 -44.04 45.28
N LYS LB 150 130.00 -44.36 44.11
CA LYS LB 150 129.87 -45.73 43.63
C LYS LB 150 130.31 -45.85 42.17
N VAL LB 151 130.98 -46.96 41.89
CA VAL LB 151 131.46 -47.28 40.55
C VAL LB 151 131.11 -48.73 40.25
N ASN LB 152 130.42 -48.97 39.13
CA ASN LB 152 129.97 -50.29 38.73
C ASN LB 152 130.65 -50.73 37.44
N VAL LB 153 130.94 -52.01 37.35
CA VAL LB 153 131.56 -52.60 36.17
C VAL LB 153 130.89 -53.94 35.92
N GLU LB 154 130.58 -54.22 34.65
CA GLU LB 154 129.70 -55.32 34.30
C GLU LB 154 130.21 -55.99 33.03
N VAL LB 155 130.31 -57.32 33.05
CA VAL LB 155 130.80 -58.10 31.93
C VAL LB 155 129.71 -59.11 31.60
N LEU LB 156 129.11 -58.96 30.42
CA LEU LB 156 128.05 -59.85 29.96
C LEU LB 156 128.69 -60.90 29.07
N GLY LB 157 129.05 -62.03 29.66
CA GLY LB 157 129.81 -63.04 28.95
C GLY LB 157 129.01 -64.30 28.73
N GLY LB 158 127.68 -64.16 28.74
CA GLY LB 158 126.83 -65.30 28.53
C GLY LB 158 126.77 -65.71 27.07
N GLY LB 159 126.26 -66.93 26.85
CA GLY LB 159 125.93 -67.37 25.52
C GLY LB 159 127.14 -67.61 24.64
N VAL LB 160 128.05 -68.45 25.12
CA VAL LB 160 129.11 -68.92 24.24
C VAL LB 160 128.55 -70.02 23.33
N LEU LB 161 129.16 -70.16 22.16
CA LEU LB 161 128.69 -71.12 21.17
C LEU LB 161 129.05 -72.55 21.59
N THR LB 162 128.45 -73.53 20.91
CA THR LB 162 128.52 -74.91 21.38
C THR LB 162 129.89 -75.53 21.14
N GLY LB 163 130.54 -75.18 20.04
CA GLY LB 163 131.85 -75.68 19.74
C GLY LB 163 132.98 -74.93 20.39
N THR LB 164 132.68 -74.05 21.35
CA THR LB 164 133.72 -73.31 22.05
C THR LB 164 134.52 -74.28 22.91
N ASP LB 165 135.79 -74.47 22.54
CA ASP LB 165 136.65 -75.39 23.26
C ASP LB 165 136.89 -74.90 24.69
N ALA LB 166 137.09 -75.86 25.60
CA ALA LB 166 137.45 -75.51 26.96
C ALA LB 166 138.67 -74.59 27.00
N ASN LB 167 139.65 -74.84 26.13
CA ASN LB 167 140.84 -73.99 26.05
C ASN LB 167 140.50 -72.61 25.50
N ALA LB 168 139.62 -72.54 24.51
CA ALA LB 168 139.29 -71.26 23.89
C ALA LB 168 138.46 -70.36 24.81
N GLN LB 169 137.83 -70.92 25.84
CA GLN LB 169 137.11 -70.08 26.77
C GLN LB 169 138.07 -69.19 27.56
N PHE LB 170 139.31 -69.63 27.74
CA PHE LB 170 140.31 -68.78 28.37
C PHE LB 170 140.65 -67.61 27.47
N ALA LB 171 140.80 -67.87 26.17
CA ALA LB 171 141.05 -66.78 25.24
C ALA LB 171 139.90 -65.78 25.27
N LEU LB 172 138.66 -66.27 25.35
CA LEU LB 172 137.52 -65.37 25.46
C LEU LB 172 137.57 -64.59 26.77
N ASP LB 173 138.01 -65.25 27.86
CA ASP LB 173 138.20 -64.56 29.13
C ASP LB 173 139.08 -63.33 28.95
N GLU LB 174 140.25 -63.53 28.34
CA GLU LB 174 141.20 -62.43 28.17
C GLU LB 174 140.64 -61.36 27.23
N LEU LB 175 139.89 -61.78 26.19
CA LEU LB 175 139.26 -60.79 25.31
C LEU LB 175 138.33 -59.87 26.09
N LEU LB 176 137.48 -60.46 26.94
CA LEU LB 176 136.57 -59.63 27.74
C LEU LB 176 137.33 -58.72 28.70
N SER LB 177 138.40 -59.23 29.30
CA SER LB 177 139.15 -58.37 30.24
C SER LB 177 139.80 -57.18 29.51
N ASN LB 178 140.25 -57.39 28.26
CA ASN LB 178 140.79 -56.27 27.49
C ASN LB 178 139.71 -55.27 27.11
N MET LB 179 138.50 -55.75 26.80
CA MET LB 179 137.40 -54.82 26.60
C MET LB 179 137.13 -54.01 27.87
N LEU LB 180 137.25 -54.66 29.03
CA LEU LB 180 137.11 -53.97 30.30
C LEU LB 180 138.09 -52.80 30.42
N MET LB 181 139.36 -53.08 30.17
CA MET LB 181 140.38 -52.03 30.25
C MET LB 181 140.06 -50.89 29.29
N ASP LB 182 139.71 -51.22 28.04
CA ASP LB 182 139.37 -50.18 27.07
C ASP LB 182 138.18 -49.37 27.54
N ALA LB 183 137.20 -50.02 28.18
CA ALA LB 183 136.01 -49.31 28.62
C ALA LB 183 136.33 -48.31 29.73
N ALA LB 184 137.15 -48.72 30.71
CA ALA LB 184 137.51 -47.77 31.77
C ALA LB 184 138.35 -46.62 31.21
N ARG LB 185 139.23 -46.91 30.26
CA ARG LB 185 140.02 -45.83 29.67
C ARG LB 185 139.14 -44.84 28.93
N ILE LB 186 138.13 -45.35 28.20
CA ILE LB 186 137.20 -44.46 27.51
C ILE LB 186 136.35 -43.70 28.51
N ALA LB 187 136.07 -44.30 29.66
CA ALA LB 187 135.26 -43.65 30.67
C ALA LB 187 135.97 -42.45 31.27
N GLN LB 188 137.26 -42.59 31.59
CA GLN LB 188 137.99 -41.49 32.23
C GLN LB 188 138.83 -40.68 31.26
N ASP LB 189 138.77 -40.99 29.98
CA ASP LB 189 139.61 -40.32 29.00
C ASP LB 189 139.29 -38.83 28.98
N GLY LB 190 140.34 -38.02 28.88
CA GLY LB 190 140.17 -36.59 28.78
C GLY LB 190 141.21 -35.83 29.56
N PRO LB 191 141.39 -34.56 29.23
CA PRO LB 191 142.33 -33.73 29.99
C PRO LB 191 141.82 -33.54 31.40
N LYS LB 192 142.75 -33.44 32.33
CA LYS LB 192 142.45 -33.14 33.72
C LYS LB 192 142.30 -31.65 33.96
N ASN LB 193 142.49 -30.82 32.92
CA ASN LB 193 142.21 -29.39 33.03
C ASN LB 193 140.72 -29.12 33.01
N THR LB 194 139.91 -30.05 32.51
CA THR LB 194 138.50 -29.79 32.25
C THR LB 194 137.63 -30.84 32.94
N ALA LB 195 136.40 -30.44 33.25
CA ALA LB 195 135.46 -31.30 33.96
C ALA LB 195 135.13 -32.54 33.15
N ARG LB 196 135.11 -33.72 33.80
CA ARG LB 196 134.72 -34.90 33.04
C ARG LB 196 133.85 -35.94 33.74
N LEU LB 197 133.76 -36.00 35.08
CA LEU LB 197 132.96 -37.07 35.67
C LEU LB 197 131.82 -36.65 36.61
N VAL LB 198 132.12 -35.90 37.67
CA VAL LB 198 131.15 -35.71 38.75
C VAL LB 198 130.17 -34.61 38.38
N ALA LB 199 128.99 -34.67 38.99
CA ALA LB 199 127.94 -33.68 38.80
C ALA LB 199 127.58 -33.53 37.33
N ALA LB 200 127.81 -34.58 36.55
CA ALA LB 200 127.67 -34.51 35.10
C ALA LB 200 126.24 -34.17 34.71
N SER LB 201 126.10 -33.23 33.76
CA SER LB 201 124.82 -32.83 33.20
C SER LB 201 124.63 -33.34 31.77
N HIS LB 202 125.63 -33.13 30.93
CA HIS LB 202 125.65 -33.62 29.56
C HIS LB 202 127.09 -33.62 29.08
N GLY LB 203 127.32 -34.16 27.89
CA GLY LB 203 128.64 -34.18 27.29
C GLY LB 203 128.76 -33.11 26.21
N VAL LB 204 129.95 -32.49 26.14
CA VAL LB 204 130.21 -31.53 25.07
C VAL LB 204 131.60 -31.78 24.52
N MET LB 205 131.70 -32.38 23.34
CA MET LB 205 133.02 -32.62 22.76
C MET LB 205 133.52 -31.35 22.07
N PRO LB 206 134.80 -31.02 22.23
CA PRO LB 206 135.29 -29.73 21.75
C PRO LB 206 135.49 -29.73 20.25
N GLN LB 207 135.36 -28.53 19.66
CA GLN LB 207 135.50 -28.38 18.21
C GLN LB 207 136.94 -28.61 17.77
N ALA LB 208 137.89 -28.08 18.52
CA ALA LB 208 139.30 -28.26 18.24
C ALA LB 208 140.08 -27.94 19.51
N PRO MB 20 104.63 -37.91 74.02
CA PRO MB 20 105.41 -39.06 73.57
C PRO MB 20 106.92 -38.78 73.51
N VAL MB 21 107.68 -39.49 74.34
CA VAL MB 21 109.13 -39.34 74.41
C VAL MB 21 109.76 -40.40 73.51
N GLN MB 22 110.59 -39.97 72.57
CA GLN MB 22 111.22 -40.88 71.61
C GLN MB 22 112.73 -40.91 71.81
N SER MB 23 113.34 -42.05 71.49
CA SER MB 23 114.78 -42.24 71.64
C SER MB 23 115.47 -42.06 70.30
N SER MB 24 116.73 -41.62 70.37
CA SER MB 24 117.50 -41.36 69.15
C SER MB 24 118.99 -41.55 69.39
N ARG MB 25 119.70 -41.65 68.26
CA ARG MB 25 121.15 -41.83 68.21
C ARG MB 25 121.75 -40.64 67.47
N THR MB 26 122.50 -39.82 68.17
CA THR MB 26 122.92 -38.52 67.66
C THR MB 26 124.40 -38.53 67.27
N THR MB 27 124.69 -37.85 66.17
CA THR MB 27 126.05 -37.39 65.89
C THR MB 27 125.99 -35.91 65.55
N PHE MB 28 127.13 -35.23 65.68
CA PHE MB 28 127.15 -33.82 65.34
C PHE MB 28 127.04 -33.63 63.83
N GLY MB 29 126.40 -32.54 63.46
CA GLY MB 29 126.27 -32.19 62.06
C GLY MB 29 124.90 -31.71 61.68
N VAL MB 30 124.73 -31.48 60.38
CA VAL MB 30 123.45 -31.17 59.76
C VAL MB 30 123.40 -31.92 58.45
N ASN MB 31 122.20 -32.37 58.08
CA ASN MB 31 122.00 -32.95 56.77
C ASN MB 31 122.52 -31.99 55.70
N PRO MB 32 123.34 -32.45 54.77
CA PRO MB 32 124.13 -31.53 53.95
C PRO MB 32 123.27 -30.85 52.90
N ASP MB 33 123.83 -29.80 52.33
CA ASP MB 33 123.25 -29.14 51.17
C ASP MB 33 123.96 -29.68 49.94
N ARG MB 34 123.22 -30.39 49.08
CA ARG MB 34 123.78 -30.97 47.89
C ARG MB 34 123.73 -29.99 46.72
N GLN MB 35 124.71 -30.09 45.85
CA GLN MB 35 124.78 -29.25 44.66
C GLN MB 35 124.08 -29.95 43.50
N ALA MB 36 123.41 -29.15 42.67
CA ALA MB 36 122.71 -29.69 41.52
C ALA MB 36 123.70 -30.24 40.50
N ASN MB 37 123.25 -31.23 39.73
CA ASN MB 37 124.10 -31.87 38.72
C ASN MB 37 124.08 -31.10 37.41
N ALA MB 38 124.56 -29.85 37.46
CA ALA MB 38 124.50 -28.92 36.33
C ALA MB 38 125.88 -28.68 35.73
N ARG MB 39 126.77 -29.66 35.83
CA ARG MB 39 128.14 -29.49 35.40
C ARG MB 39 128.37 -30.21 34.08
N PRO MB 40 128.46 -29.50 32.96
CA PRO MB 40 128.75 -30.18 31.69
C PRO MB 40 130.18 -30.71 31.66
N VAL MB 41 130.35 -31.87 31.03
CA VAL MB 41 131.60 -32.61 31.09
C VAL MB 41 132.17 -32.78 29.69
N TYR MB 42 133.43 -33.19 29.68
CA TYR MB 42 134.16 -33.42 28.44
C TYR MB 42 133.68 -34.71 27.78
N LEU MB 43 133.68 -34.69 26.47
CA LEU MB 43 133.24 -35.81 25.65
C LEU MB 43 134.34 -36.10 24.64
N ALA MB 44 134.86 -37.32 24.64
CA ALA MB 44 136.00 -37.64 23.80
C ALA MB 44 135.63 -37.47 22.32
N PRO MB 45 136.50 -36.88 21.50
CA PRO MB 45 136.23 -36.77 20.06
C PRO MB 45 136.42 -38.08 19.31
N ALA MB 46 136.84 -39.14 20.00
CA ALA MB 46 136.96 -40.49 19.46
C ALA MB 46 137.19 -41.45 20.63
N ALA MB 47 136.88 -42.72 20.40
CA ALA MB 47 136.98 -43.73 21.45
C ALA MB 47 138.13 -44.67 21.13
N PRO MB 48 139.20 -44.76 21.96
CA PRO MB 48 140.26 -45.70 21.62
C PRO MB 48 139.95 -47.08 22.13
N MET MB 49 140.10 -48.10 21.27
CA MET MB 49 139.91 -49.50 21.63
C MET MB 49 141.17 -50.29 21.36
N GLU MB 50 142.33 -49.73 21.71
CA GLU MB 50 143.59 -50.35 21.32
C GLU MB 50 143.84 -51.68 22.02
N ASN MB 51 143.53 -51.77 23.33
CA ASN MB 51 143.82 -52.99 24.09
C ASN MB 51 143.12 -54.20 23.49
N THR MB 52 141.79 -54.10 23.33
CA THR MB 52 141.01 -55.24 22.86
C THR MB 52 141.37 -55.63 21.43
N TYR MB 53 141.65 -54.66 20.56
CA TYR MB 53 141.90 -54.99 19.16
C TYR MB 53 143.33 -55.52 18.96
N THR MB 54 144.30 -55.05 19.74
CA THR MB 54 145.59 -55.73 19.72
C THR MB 54 145.47 -57.17 20.21
N TYR MB 55 144.65 -57.41 21.24
CA TYR MB 55 144.49 -58.80 21.67
C TYR MB 55 143.79 -59.63 20.58
N LEU MB 56 142.81 -59.04 19.90
CA LEU MB 56 142.14 -59.76 18.81
C LEU MB 56 143.13 -60.11 17.70
N GLY MB 57 144.03 -59.18 17.39
CA GLY MB 57 145.13 -59.52 16.49
C GLY MB 57 145.97 -60.67 17.02
N SER MB 58 146.17 -60.69 18.34
CA SER MB 58 146.95 -61.77 18.95
C SER MB 58 146.33 -63.13 18.68
N ILE MB 59 145.04 -63.30 18.96
CA ILE MB 59 144.43 -64.62 18.81
C ILE MB 59 144.01 -64.88 17.36
N GLN MB 60 144.36 -63.95 16.47
CA GLN MB 60 144.03 -64.07 15.05
C GLN MB 60 142.52 -64.08 14.83
N PHE MB 61 141.80 -63.31 15.66
CA PHE MB 61 140.37 -63.04 15.48
C PHE MB 61 139.52 -64.31 15.53
N ALA MB 62 139.92 -65.28 16.35
CA ALA MB 62 139.18 -66.53 16.41
C ALA MB 62 139.37 -67.17 17.77
N ALA MB 63 138.29 -67.76 18.29
CA ALA MB 63 138.33 -68.49 19.54
C ALA MB 63 137.08 -69.36 19.62
N GLY MB 64 137.28 -70.65 19.86
CA GLY MB 64 136.15 -71.57 19.83
C GLY MB 64 135.63 -71.60 18.42
N ARG MB 65 134.31 -71.52 18.26
CA ARG MB 65 133.76 -71.24 16.93
C ARG MB 65 133.20 -69.82 16.85
N HIS MB 66 133.66 -68.93 17.73
CA HIS MB 66 133.50 -67.50 17.51
C HIS MB 66 134.59 -67.00 16.58
N ILE MB 67 134.20 -66.35 15.49
CA ILE MB 67 135.17 -65.63 14.66
C ILE MB 67 134.75 -64.16 14.64
N PHE MB 68 135.72 -63.28 14.73
CA PHE MB 68 135.46 -61.84 14.81
C PHE MB 68 135.92 -61.15 13.53
N GLY MB 69 135.48 -59.91 13.37
CA GLY MB 69 135.84 -59.12 12.21
C GLY MB 69 136.99 -58.17 12.49
N GLU MB 70 137.75 -57.88 11.43
CA GLU MB 70 138.81 -56.88 11.53
C GLU MB 70 138.19 -55.48 11.46
N PRO MB 71 138.57 -54.58 12.38
CA PRO MB 71 138.00 -53.24 12.38
C PRO MB 71 138.58 -52.38 11.26
N ALA MB 72 137.97 -51.23 11.07
CA ALA MB 72 138.55 -50.24 10.19
C ALA MB 72 139.66 -49.47 10.91
N SER MB 73 139.37 -49.03 12.12
CA SER MB 73 140.32 -48.26 12.91
C SER MB 73 140.34 -48.80 14.34
N ASN MB 74 141.53 -48.77 14.95
CA ASN MB 74 141.64 -49.06 16.37
C ASN MB 74 140.98 -47.97 17.20
N VAL MB 75 140.87 -46.77 16.65
CA VAL MB 75 140.19 -45.66 17.29
C VAL MB 75 138.92 -45.37 16.51
N LEU MB 76 137.77 -45.44 17.21
CA LEU MB 76 136.41 -45.34 16.70
C LEU MB 76 135.99 -43.88 16.61
N PRO MB 77 135.60 -43.42 15.42
CA PRO MB 77 135.13 -42.04 15.26
C PRO MB 77 133.71 -41.89 15.79
N PRO MB 78 133.27 -40.66 16.06
CA PRO MB 78 131.88 -40.45 16.50
C PRO MB 78 130.90 -40.53 15.34
N GLN MB 79 129.73 -41.11 15.61
CA GLN MB 79 128.70 -41.26 14.59
C GLN MB 79 127.60 -40.21 14.69
N ASN MB 80 127.19 -39.86 15.92
CA ASN MB 80 126.07 -38.95 16.12
C ASN MB 80 126.40 -37.82 17.10
N ILE MB 81 127.66 -37.39 17.15
CA ILE MB 81 128.08 -36.37 18.10
C ILE MB 81 128.61 -35.19 17.30
N VAL MB 82 127.81 -34.14 17.22
CA VAL MB 82 128.28 -32.90 16.61
C VAL MB 82 129.13 -32.14 17.64
N PRO MB 83 130.23 -31.52 17.24
CA PRO MB 83 131.05 -30.82 18.22
C PRO MB 83 130.37 -29.55 18.67
N GLY MB 84 130.52 -29.24 19.96
CA GLY MB 84 129.90 -28.06 20.50
C GLY MB 84 128.42 -28.19 20.72
N VAL MB 85 127.85 -29.37 20.52
CA VAL MB 85 126.42 -29.60 20.71
C VAL MB 85 126.28 -30.48 21.94
N PRO MB 86 125.59 -30.01 22.99
CA PRO MB 86 125.38 -30.86 24.15
C PRO MB 86 124.56 -32.07 23.78
N THR MB 87 125.05 -33.25 24.18
CA THR MB 87 124.40 -34.52 23.89
C THR MB 87 124.45 -35.35 25.16
N LYS MB 88 123.31 -35.91 25.56
CA LYS MB 88 123.25 -36.80 26.71
C LYS MB 88 123.44 -38.26 26.31
N HIS MB 89 123.57 -38.52 25.02
CA HIS MB 89 123.79 -39.87 24.52
C HIS MB 89 124.53 -39.79 23.19
N GLY MB 90 125.60 -40.58 23.08
CA GLY MB 90 126.43 -40.54 21.89
C GLY MB 90 127.07 -41.88 21.60
N GLU MB 91 127.42 -42.07 20.34
CA GLU MB 91 127.90 -43.38 19.88
C GLU MB 91 129.10 -43.21 18.97
N TYR MB 92 130.15 -43.98 19.24
CA TYR MB 92 131.26 -44.15 18.32
C TYR MB 92 131.14 -45.53 17.69
N VAL MB 93 131.47 -45.65 16.41
CA VAL MB 93 131.24 -46.91 15.73
C VAL MB 93 132.26 -47.08 14.62
N THR MB 94 132.81 -48.28 14.52
CA THR MB 94 133.63 -48.58 13.35
C THR MB 94 133.19 -49.90 12.73
N THR MB 95 133.42 -50.02 11.43
CA THR MB 95 132.90 -51.14 10.69
C THR MB 95 133.89 -52.31 10.74
N ASN MB 96 133.36 -53.52 10.84
CA ASN MB 96 134.11 -54.77 10.90
C ASN MB 96 133.94 -55.46 9.55
N THR MB 97 135.05 -55.86 8.93
CA THR MB 97 135.01 -56.59 7.66
C THR MB 97 135.81 -57.88 7.82
N GLY MB 98 135.62 -58.81 6.89
CA GLY MB 98 136.32 -60.08 6.95
C GLY MB 98 135.97 -60.93 5.74
N ASP MB 99 136.79 -61.96 5.54
CA ASP MB 99 136.60 -62.89 4.44
C ASP MB 99 135.34 -63.70 4.65
N ARG MB 100 134.39 -63.57 3.70
CA ARG MB 100 133.08 -64.21 3.79
C ARG MB 100 132.36 -63.82 5.08
N LEU MB 101 132.47 -62.55 5.44
CA LEU MB 101 131.74 -61.95 6.54
C LEU MB 101 130.92 -60.79 6.02
N MET MB 102 129.69 -60.66 6.50
CA MET MB 102 128.89 -59.48 6.21
C MET MB 102 129.35 -58.35 7.13
N ALA MB 103 129.69 -57.21 6.54
CA ALA MB 103 130.19 -56.09 7.31
C ALA MB 103 129.25 -55.80 8.50
N SER MB 104 129.83 -55.64 9.69
CA SER MB 104 129.04 -55.43 10.90
C SER MB 104 129.72 -54.42 11.82
N SER MB 105 128.91 -53.61 12.47
CA SER MB 105 129.43 -52.46 13.19
C SER MB 105 129.71 -52.83 14.65
N THR MB 106 130.87 -52.41 15.15
CA THR MB 106 131.18 -52.50 16.57
C THR MB 106 131.01 -51.12 17.19
N THR MB 107 130.37 -51.08 18.37
CA THR MB 107 129.77 -49.85 18.89
C THR MB 107 130.21 -49.56 20.33
N VAL MB 108 130.51 -48.29 20.59
CA VAL MB 108 130.85 -47.80 21.92
C VAL MB 108 129.88 -46.69 22.24
N THR MB 109 129.10 -46.88 23.29
CA THR MB 109 127.98 -46.01 23.64
C THR MB 109 128.25 -45.31 24.96
N ARG MB 110 128.07 -43.98 24.99
CA ARG MB 110 128.27 -43.19 26.19
C ARG MB 110 126.99 -42.44 26.52
N ASP MB 111 126.52 -42.60 27.75
CA ASP MB 111 125.33 -41.93 28.26
C ASP MB 111 125.74 -41.09 29.46
N VAL MB 112 125.63 -39.78 29.34
CA VAL MB 112 125.97 -38.85 30.40
C VAL MB 112 124.68 -38.13 30.80
N SER MB 113 124.15 -38.44 31.99
CA SER MB 113 122.95 -37.73 32.44
C SER MB 113 122.81 -37.82 33.96
N ASN MB 114 122.38 -36.70 34.55
CA ASN MB 114 122.01 -36.63 35.97
C ASN MB 114 123.12 -37.13 36.89
N GLY MB 115 124.35 -36.75 36.57
CA GLY MB 115 125.51 -37.13 37.36
C GLY MB 115 126.01 -38.54 37.15
N ARG MB 116 125.35 -39.34 36.32
CA ARG MB 116 125.75 -40.71 36.06
C ARG MB 116 126.27 -40.78 34.64
N THR MB 117 127.48 -41.29 34.49
CA THR MB 117 128.08 -41.49 33.18
C THR MB 117 128.31 -42.99 32.97
N LYS MB 118 127.93 -43.50 31.80
CA LYS MB 118 127.98 -44.94 31.53
C LYS MB 118 128.49 -45.20 30.12
N VAL MB 119 129.50 -46.06 30.00
CA VAL MB 119 130.11 -46.44 28.75
C VAL MB 119 129.89 -47.93 28.53
N SER MB 120 129.39 -48.30 27.34
CA SER MB 120 129.13 -49.69 26.98
C SER MB 120 129.83 -50.01 25.67
N ILE MB 121 130.38 -51.22 25.56
CA ILE MB 121 131.09 -51.67 24.37
C ILE MB 121 130.46 -52.97 23.90
N ASP MB 122 130.13 -53.04 22.60
CA ASP MB 122 129.47 -54.19 22.00
C ASP MB 122 130.21 -54.56 20.73
N ILE MB 123 130.78 -55.77 20.69
CA ILE MB 123 131.45 -56.29 19.52
C ILE MB 123 130.77 -57.57 19.08
N PRO MB 124 130.47 -57.73 17.79
CA PRO MB 124 129.78 -58.93 17.32
C PRO MB 124 130.74 -60.05 16.91
N TYR MB 125 130.19 -61.26 16.85
CA TYR MB 125 130.91 -62.45 16.43
C TYR MB 125 130.03 -63.30 15.53
N TYR MB 126 130.68 -64.07 14.65
CA TYR MB 126 130.05 -64.93 13.65
C TYR MB 126 130.35 -66.40 13.92
N ASP MB 127 129.57 -67.27 13.25
CA ASP MB 127 129.71 -68.73 13.33
C ASP MB 127 130.91 -69.18 12.49
N ARG MB 128 132.00 -69.50 13.20
CA ARG MB 128 133.22 -69.92 12.53
C ARG MB 128 132.99 -71.19 11.70
N ASN MB 129 132.07 -72.05 12.12
CA ASN MB 129 131.79 -73.27 11.36
C ASN MB 129 131.21 -72.95 9.99
N ALA MB 130 130.24 -72.02 9.96
CA ALA MB 130 129.68 -71.58 8.69
C ALA MB 130 130.73 -70.89 7.83
N VAL MB 131 131.51 -69.99 8.44
CA VAL MB 131 132.47 -69.23 7.65
C VAL MB 131 133.51 -70.15 7.03
N GLU MB 132 134.05 -71.09 7.83
CA GLU MB 132 135.11 -71.96 7.33
C GLU MB 132 134.57 -73.02 6.38
N THR MB 133 133.33 -73.47 6.56
CA THR MB 133 132.72 -74.35 5.57
C THR MB 133 132.58 -73.63 4.23
N LEU MB 134 132.18 -72.36 4.26
CA LEU MB 134 132.11 -71.57 3.03
C LEU MB 134 133.48 -71.40 2.40
N LYS MB 135 134.48 -71.05 3.20
CA LYS MB 135 135.84 -70.83 2.70
C LYS MB 135 136.40 -72.11 2.07
N ALA MB 136 136.37 -73.22 2.82
CA ALA MB 136 136.90 -74.48 2.31
C ALA MB 136 136.13 -74.94 1.08
N SER MB 137 134.82 -74.74 1.05
CA SER MB 137 134.06 -75.15 -0.12
C SER MB 137 134.09 -74.11 -1.23
N ALA MB 138 134.78 -72.98 -1.05
CA ALA MB 138 134.82 -71.94 -2.07
C ALA MB 138 133.41 -71.51 -2.48
N ILE MB 139 132.58 -71.23 -1.47
CA ILE MB 139 131.22 -70.74 -1.69
C ILE MB 139 131.23 -69.24 -1.49
N PRO MB 140 130.56 -68.45 -2.33
CA PRO MB 140 130.61 -66.99 -2.19
C PRO MB 140 129.62 -66.38 -1.22
N GLY MB 141 129.05 -67.14 -0.29
CA GLY MB 141 128.13 -66.55 0.68
C GLY MB 141 128.86 -65.72 1.73
N ALA MB 142 128.18 -64.69 2.21
CA ALA MB 142 128.67 -63.85 3.30
C ALA MB 142 127.79 -64.05 4.52
N VAL MB 143 128.40 -64.13 5.70
CA VAL MB 143 127.70 -64.52 6.92
C VAL MB 143 127.44 -63.28 7.77
N ALA MB 144 126.20 -63.18 8.27
CA ALA MB 144 125.82 -62.16 9.24
C ALA MB 144 126.20 -62.61 10.65
N PRO MB 145 126.35 -61.67 11.58
CA PRO MB 145 126.80 -62.03 12.92
C PRO MB 145 125.79 -62.88 13.66
N VAL MB 146 126.30 -63.86 14.40
CA VAL MB 146 125.43 -64.72 15.19
C VAL MB 146 125.19 -64.17 16.59
N GLY MB 147 126.13 -63.39 17.13
CA GLY MB 147 125.90 -62.85 18.47
C GLY MB 147 126.85 -61.70 18.76
N SER MB 148 126.94 -61.35 20.04
CA SER MB 148 127.82 -60.26 20.45
C SER MB 148 128.27 -60.46 21.89
N PHE MB 149 129.33 -59.73 22.26
CA PHE MB 149 129.79 -59.61 23.63
C PHE MB 149 129.80 -58.15 24.05
N LYS MB 150 129.40 -57.90 25.30
CA LYS MB 150 129.19 -56.56 25.82
C LYS MB 150 129.83 -56.37 27.18
N VAL MB 151 130.35 -55.16 27.38
CA VAL MB 151 130.98 -54.76 28.65
C VAL MB 151 130.48 -53.37 29.00
N ASN MB 152 129.94 -53.21 30.22
CA ASN MB 152 129.38 -51.97 30.72
C ASN MB 152 130.22 -51.43 31.87
N VAL MB 153 130.30 -50.11 31.94
CA VAL MB 153 131.06 -49.40 32.98
C VAL MB 153 130.26 -48.16 33.36
N GLU MB 154 130.16 -47.89 34.66
CA GLU MB 154 129.20 -46.92 35.14
C GLU MB 154 129.78 -46.17 36.34
N VAL MB 155 129.57 -44.87 36.38
CA VAL MB 155 130.14 -44.00 37.40
C VAL MB 155 129.02 -43.11 37.93
N LEU MB 156 128.66 -43.29 39.21
CA LEU MB 156 127.61 -42.53 39.86
C LEU MB 156 128.25 -41.36 40.59
N GLY MB 157 128.39 -40.24 39.88
CA GLY MB 157 129.08 -39.07 40.38
C GLY MB 157 128.19 -37.95 40.86
N GLY MB 158 126.94 -38.22 41.16
CA GLY MB 158 126.04 -37.19 41.62
C GLY MB 158 126.15 -36.96 43.11
N GLY MB 159 125.62 -35.81 43.53
CA GLY MB 159 125.49 -35.51 44.94
C GLY MB 159 126.63 -34.73 45.53
N VAL MB 160 127.41 -34.02 44.70
CA VAL MB 160 128.53 -33.24 45.18
C VAL MB 160 128.03 -32.19 46.16
N LEU MB 161 128.73 -32.07 47.28
CA LEU MB 161 128.35 -31.14 48.33
C LEU MB 161 128.56 -29.69 47.90
N THR MB 162 127.79 -28.78 48.53
CA THR MB 162 127.72 -27.40 48.03
C THR MB 162 129.05 -26.67 48.19
N GLY MB 163 129.75 -26.91 49.29
CA GLY MB 163 131.02 -26.24 49.50
C GLY MB 163 132.06 -26.51 48.42
N THR MB 164 131.98 -27.69 47.78
CA THR MB 164 133.00 -28.11 46.82
C THR MB 164 133.09 -27.15 45.64
N ASP MB 165 134.29 -26.65 45.38
CA ASP MB 165 134.46 -25.73 44.26
C ASP MB 165 134.97 -26.47 43.03
N ALA MB 166 135.29 -25.73 41.97
CA ALA MB 166 135.65 -26.35 40.69
C ALA MB 166 136.93 -27.15 40.81
N ASN MB 167 137.95 -26.56 41.43
CA ASN MB 167 139.23 -27.24 41.60
C ASN MB 167 139.06 -28.54 42.37
N ALA MB 168 138.27 -28.51 43.44
CA ALA MB 168 137.98 -29.72 44.20
C ALA MB 168 137.28 -30.77 43.34
N GLN MB 169 136.33 -30.33 42.51
CA GLN MB 169 135.64 -31.28 41.65
C GLN MB 169 136.61 -31.96 40.68
N PHE MB 170 137.65 -31.26 40.25
CA PHE MB 170 138.69 -31.94 39.46
C PHE MB 170 139.26 -33.14 40.22
N ALA MB 171 139.55 -32.94 41.50
CA ALA MB 171 140.09 -34.02 42.32
C ALA MB 171 139.11 -35.18 42.41
N LEU MB 172 137.82 -34.86 42.58
CA LEU MB 172 136.81 -35.91 42.61
C LEU MB 172 136.77 -36.67 41.29
N ASP MB 173 136.98 -35.95 40.17
CA ASP MB 173 137.06 -36.60 38.85
C ASP MB 173 138.13 -37.68 38.86
N GLU MB 174 139.34 -37.31 39.24
CA GLU MB 174 140.42 -38.29 39.21
C GLU MB 174 140.20 -39.41 40.23
N LEU MB 175 139.54 -39.09 41.36
CA LEU MB 175 139.24 -40.13 42.35
C LEU MB 175 138.33 -41.20 41.76
N LEU MB 176 137.25 -40.77 41.10
CA LEU MB 176 136.38 -41.74 40.45
C LEU MB 176 137.12 -42.49 39.34
N SER MB 177 138.04 -41.81 38.64
CA SER MB 177 138.85 -42.50 37.64
C SER MB 177 139.62 -43.67 38.27
N ASN MB 178 140.25 -43.42 39.41
CA ASN MB 178 141.05 -44.48 40.02
C ASN MB 178 140.15 -45.60 40.58
N MET MB 179 138.96 -45.26 41.07
CA MET MB 179 138.02 -46.31 41.47
C MET MB 179 137.61 -47.16 40.28
N LEU MB 180 137.45 -46.53 39.10
CA LEU MB 180 137.21 -47.25 37.86
C LEU MB 180 138.30 -48.27 37.59
N MET MB 181 139.55 -47.79 37.59
CA MET MB 181 140.67 -48.69 37.34
C MET MB 181 140.68 -49.86 38.30
N ASP MB 182 140.45 -49.58 39.59
CA ASP MB 182 140.44 -50.64 40.58
C ASP MB 182 139.30 -51.63 40.33
N ALA MB 183 138.13 -51.13 39.94
CA ALA MB 183 137.01 -52.02 39.69
C ALA MB 183 137.31 -52.95 38.52
N ALA MB 184 137.91 -52.42 37.45
CA ALA MB 184 138.23 -53.27 36.30
C ALA MB 184 139.29 -54.30 36.64
N ARG MB 185 140.29 -53.91 37.44
CA ARG MB 185 141.29 -54.87 37.87
C ARG MB 185 140.66 -55.97 38.73
N ILE MB 186 139.76 -55.60 39.64
CA ILE MB 186 139.09 -56.58 40.50
C ILE MB 186 138.20 -57.49 39.67
N ALA MB 187 137.68 -56.98 38.56
CA ALA MB 187 136.83 -57.80 37.70
C ALA MB 187 137.64 -58.85 36.96
N GLN MB 188 138.75 -58.43 36.33
CA GLN MB 188 139.57 -59.36 35.56
C GLN MB 188 140.57 -60.14 36.41
N ASP MB 189 140.61 -59.87 37.72
CA ASP MB 189 141.64 -60.43 38.58
C ASP MB 189 141.61 -61.95 38.58
N GLY MB 190 142.78 -62.55 38.52
CA GLY MB 190 142.90 -63.99 38.62
C GLY MB 190 143.95 -64.57 37.69
N PRO MB 191 144.35 -65.82 37.95
CA PRO MB 191 145.24 -66.51 37.02
C PRO MB 191 144.57 -66.71 35.67
N LYS MB 192 145.39 -66.63 34.62
CA LYS MB 192 144.90 -67.01 33.30
C LYS MB 192 144.87 -68.52 33.11
N ASN MB 193 145.29 -69.28 34.12
CA ASN MB 193 145.18 -70.74 34.10
C ASN MB 193 143.74 -71.20 34.32
N THR MB 194 142.95 -70.41 35.04
CA THR MB 194 141.62 -70.82 35.46
C THR MB 194 140.54 -69.92 34.87
N ALA MB 195 139.33 -70.46 34.85
CA ALA MB 195 138.18 -69.76 34.28
C ALA MB 195 137.82 -68.55 35.14
N ARG MB 196 137.59 -67.40 34.51
CA ARG MB 196 137.22 -66.24 35.33
C ARG MB 196 136.03 -65.41 34.82
N LEU MB 197 135.73 -65.38 33.50
CA LEU MB 197 134.65 -64.51 33.03
C LEU MB 197 133.50 -65.17 32.24
N VAL MB 198 133.80 -65.84 31.11
CA VAL MB 198 132.73 -66.21 30.16
C VAL MB 198 131.98 -67.43 30.66
N ALA MB 199 130.71 -67.52 30.26
CA ALA MB 199 129.83 -68.62 30.65
C ALA MB 199 129.83 -68.80 32.17
N ALA MB 200 129.96 -67.70 32.90
CA ALA MB 200 130.06 -67.75 34.35
C ALA MB 200 128.78 -68.32 34.96
N SER MB 201 128.94 -69.18 35.97
CA SER MB 201 127.82 -69.72 36.74
C SER MB 201 127.85 -69.32 38.20
N HIS MB 202 129.02 -69.38 38.83
CA HIS MB 202 129.20 -69.09 40.25
C HIS MB 202 130.69 -68.95 40.52
N GLY MB 203 131.01 -68.33 41.64
CA GLY MB 203 132.38 -68.06 42.03
C GLY MB 203 132.79 -68.99 43.16
N VAL MB 204 134.05 -69.42 43.13
CA VAL MB 204 134.61 -70.27 44.18
C VAL MB 204 135.99 -69.74 44.54
N MET MB 205 136.21 -69.50 45.83
CA MET MB 205 137.50 -69.03 46.33
C MET MB 205 138.44 -70.21 46.48
N PRO MB 206 139.69 -70.11 46.01
CA PRO MB 206 140.59 -71.27 46.04
C PRO MB 206 140.93 -71.66 47.46
N GLN MB 207 141.31 -72.94 47.61
CA GLN MB 207 141.61 -73.49 48.93
C GLN MB 207 142.64 -72.65 49.66
N ALA MB 208 143.67 -72.20 48.94
CA ALA MB 208 144.66 -71.25 49.46
C ALA MB 208 145.17 -71.66 50.83
N SER NB 23 117.67 -63.03 14.37
CA SER NB 23 117.93 -64.02 13.34
C SER NB 23 119.07 -63.59 12.42
N SER NB 24 120.07 -64.45 12.26
CA SER NB 24 121.26 -64.16 11.45
C SER NB 24 121.22 -65.03 10.19
N ARG NB 25 121.39 -64.40 9.04
CA ARG NB 25 121.27 -65.07 7.76
C ARG NB 25 122.47 -64.79 6.89
N THR NB 26 122.98 -65.82 6.24
CA THR NB 26 124.02 -65.66 5.23
C THR NB 26 123.39 -65.26 3.90
N THR NB 27 124.02 -64.31 3.24
CA THR NB 27 123.49 -63.68 2.03
C THR NB 27 124.38 -64.01 0.84
N PHE NB 28 123.73 -64.39 -0.27
CA PHE NB 28 124.37 -64.61 -1.56
C PHE NB 28 123.91 -63.51 -2.50
N GLY NB 29 124.86 -62.85 -3.13
CA GLY NB 29 124.51 -61.74 -3.98
C GLY NB 29 124.51 -60.42 -3.22
N VAL NB 30 123.73 -59.48 -3.76
CA VAL NB 30 123.70 -58.12 -3.24
C VAL NB 30 122.87 -58.08 -1.97
N ASN NB 31 123.40 -57.40 -0.95
CA ASN NB 31 122.65 -57.11 0.26
C ASN NB 31 122.25 -55.64 0.22
N PRO NB 32 120.97 -55.31 0.04
CA PRO NB 32 120.57 -53.91 -0.10
C PRO NB 32 120.17 -53.20 1.19
N ASP NB 33 120.47 -53.76 2.37
CA ASP NB 33 120.12 -53.10 3.63
C ASP NB 33 120.69 -51.68 3.69
N ARG NB 34 119.82 -50.71 3.91
CA ARG NB 34 120.22 -49.31 4.04
C ARG NB 34 120.23 -48.88 5.49
N GLN NB 35 121.09 -47.91 5.80
CA GLN NB 35 121.22 -47.37 7.14
C GLN NB 35 120.18 -46.28 7.36
N ALA NB 36 119.48 -46.35 8.49
CA ALA NB 36 118.44 -45.39 8.79
C ALA NB 36 118.99 -43.98 8.82
N ASN NB 37 118.20 -43.04 8.28
CA ASN NB 37 118.58 -41.64 8.15
C ASN NB 37 118.37 -40.94 9.50
N ALA NB 38 119.25 -41.24 10.45
CA ALA NB 38 119.12 -40.80 11.85
C ALA NB 38 120.46 -40.23 12.32
N ARG NB 39 121.05 -39.35 11.51
CA ARG NB 39 122.37 -38.80 11.78
C ARG NB 39 122.30 -37.27 11.86
N PRO NB 40 122.58 -36.68 13.02
CA PRO NB 40 122.63 -35.22 13.10
C PRO NB 40 123.74 -34.65 12.23
N VAL NB 41 123.50 -33.48 11.66
CA VAL NB 41 124.46 -32.86 10.76
C VAL NB 41 124.74 -31.43 11.23
N TYR NB 42 125.95 -30.97 10.90
CA TYR NB 42 126.39 -29.66 11.30
C TYR NB 42 125.56 -28.58 10.63
N LEU NB 43 125.26 -27.54 11.41
CA LEU NB 43 124.43 -26.42 10.96
C LEU NB 43 125.22 -25.13 11.18
N ALA NB 44 125.56 -24.47 10.08
CA ALA NB 44 126.41 -23.29 10.15
C ALA NB 44 125.80 -22.22 11.05
N PRO NB 45 126.60 -21.51 11.85
CA PRO NB 45 126.05 -20.48 12.74
C PRO NB 45 125.64 -19.21 12.01
N ALA NB 46 125.93 -19.11 10.71
CA ALA NB 46 125.53 -17.98 9.89
C ALA NB 46 125.73 -18.36 8.44
N ALA NB 47 125.07 -17.63 7.54
CA ALA NB 47 125.10 -17.98 6.13
C ALA NB 47 125.92 -16.93 5.38
N PRO NB 48 127.08 -17.26 4.81
CA PRO NB 48 127.82 -16.24 4.04
C PRO NB 48 127.26 -16.09 2.64
N MET NB 49 126.91 -14.86 2.27
CA MET NB 49 126.47 -14.54 0.91
C MET NB 49 127.44 -13.60 0.22
N GLU NB 50 128.75 -13.80 0.39
CA GLU NB 50 129.70 -12.80 -0.03
C GLU NB 50 129.71 -12.62 -1.55
N ASN NB 51 129.64 -13.73 -2.31
CA ASN NB 51 129.75 -13.64 -3.77
C ASN NB 51 128.66 -12.76 -4.37
N THR NB 52 127.41 -13.04 -4.03
CA THR NB 52 126.28 -12.34 -4.64
C THR NB 52 126.25 -10.86 -4.26
N TYR NB 53 126.58 -10.53 -3.01
CA TYR NB 53 126.51 -9.14 -2.58
C TYR NB 53 127.71 -8.32 -3.06
N THR NB 54 128.88 -8.94 -3.19
CA THR NB 54 129.96 -8.23 -3.87
C THR NB 54 129.60 -7.95 -5.33
N TYR NB 55 128.97 -8.92 -6.01
CA TYR NB 55 128.58 -8.63 -7.40
C TYR NB 55 127.50 -7.54 -7.46
N LEU NB 56 126.57 -7.55 -6.49
CA LEU NB 56 125.54 -6.51 -6.46
C LEU NB 56 126.16 -5.13 -6.23
N GLY NB 57 127.17 -5.05 -5.37
CA GLY NB 57 127.93 -3.81 -5.28
C GLY NB 57 128.61 -3.46 -6.58
N SER NB 58 129.09 -4.47 -7.31
CA SER NB 58 129.72 -4.23 -8.61
C SER NB 58 128.78 -3.52 -9.57
N ILE NB 59 127.53 -3.98 -9.67
CA ILE NB 59 126.64 -3.35 -10.64
C ILE NB 59 125.85 -2.21 -10.01
N GLN NB 60 126.22 -1.81 -8.80
CA GLN NB 60 125.57 -0.70 -8.09
C GLN NB 60 124.09 -1.01 -7.82
N PHE NB 61 123.81 -2.28 -7.55
CA PHE NB 61 122.48 -2.71 -7.10
C PHE NB 61 121.38 -2.36 -8.09
N ALA NB 62 121.68 -2.47 -9.38
CA ALA NB 62 120.69 -2.09 -10.40
C ALA NB 62 121.05 -2.77 -11.72
N ALA NB 63 120.11 -3.52 -12.29
CA ALA NB 63 120.23 -4.07 -13.63
C ALA NB 63 118.92 -3.85 -14.35
N GLY NB 64 118.97 -3.13 -15.46
CA GLY NB 64 117.77 -2.84 -16.23
C GLY NB 64 116.77 -2.06 -15.41
N ARG NB 65 115.56 -2.60 -15.35
CA ARG NB 65 114.51 -2.02 -14.54
C ARG NB 65 114.43 -2.62 -13.14
N HIS NB 66 115.32 -3.56 -12.81
CA HIS NB 66 115.39 -4.16 -11.50
C HIS NB 66 116.34 -3.34 -10.64
N ILE NB 67 115.84 -2.83 -9.51
CA ILE NB 67 116.71 -2.20 -8.53
C ILE NB 67 116.68 -3.04 -7.26
N PHE NB 68 117.85 -3.24 -6.65
CA PHE NB 68 117.98 -4.08 -5.46
C PHE NB 68 118.29 -3.23 -4.24
N GLY NB 69 118.06 -3.83 -3.07
CA GLY NB 69 118.36 -3.13 -1.83
C GLY NB 69 119.71 -3.52 -1.26
N GLU NB 70 120.23 -2.63 -0.40
CA GLU NB 70 121.53 -2.85 0.23
C GLU NB 70 121.37 -3.66 1.50
N PRO NB 71 122.05 -4.79 1.65
CA PRO NB 71 121.87 -5.61 2.85
C PRO NB 71 122.52 -4.96 4.05
N ALA NB 72 122.05 -5.36 5.24
CA ALA NB 72 122.73 -4.93 6.45
C ALA NB 72 124.06 -5.66 6.62
N SER NB 73 124.12 -6.95 6.28
CA SER NB 73 125.37 -7.69 6.38
C SER NB 73 125.55 -8.60 5.18
N ASN NB 74 126.81 -8.87 4.86
CA ASN NB 74 127.14 -9.88 3.86
C ASN NB 74 126.97 -11.28 4.40
N VAL NB 75 127.01 -11.44 5.72
CA VAL NB 75 126.80 -12.73 6.37
C VAL NB 75 125.52 -12.62 7.18
N LEU NB 76 124.61 -13.58 6.95
CA LEU NB 76 123.25 -13.50 7.48
C LEU NB 76 123.15 -14.28 8.78
N PRO NB 77 122.62 -13.66 9.84
CA PRO NB 77 122.50 -14.34 11.14
C PRO NB 77 121.27 -15.23 11.18
N PRO NB 78 121.23 -16.22 12.09
CA PRO NB 78 120.06 -17.09 12.14
C PRO NB 78 118.86 -16.35 12.71
N GLN NB 79 117.70 -16.63 12.15
CA GLN NB 79 116.44 -16.07 12.64
C GLN NB 79 115.69 -17.00 13.58
N ASN NB 80 115.60 -18.28 13.25
CA ASN NB 80 114.81 -19.22 14.03
C ASN NB 80 115.61 -20.45 14.44
N ILE NB 81 116.93 -20.34 14.54
CA ILE NB 81 117.81 -21.43 14.92
C ILE NB 81 118.46 -21.09 16.26
N VAL NB 82 118.41 -22.04 17.20
CA VAL NB 82 118.99 -21.87 18.51
C VAL NB 82 120.10 -22.91 18.66
N PRO NB 83 121.27 -22.53 19.16
CA PRO NB 83 122.35 -23.50 19.27
C PRO NB 83 121.97 -24.62 20.23
N GLY NB 84 122.31 -25.83 19.83
CA GLY NB 84 122.06 -27.00 20.65
C GLY NB 84 120.67 -27.57 20.51
N VAL NB 85 119.79 -26.92 19.77
CA VAL NB 85 118.42 -27.40 19.60
C VAL NB 85 118.29 -27.93 18.18
N PRO NB 86 117.99 -29.21 18.00
CA PRO NB 86 117.86 -29.74 16.64
C PRO NB 86 116.65 -29.14 15.95
N THR NB 87 116.83 -28.74 14.69
CA THR NB 87 115.74 -28.21 13.88
C THR NB 87 115.84 -28.85 12.50
N LYS NB 88 114.70 -29.01 11.85
CA LYS NB 88 114.63 -29.54 10.49
C LYS NB 88 114.40 -28.45 9.47
N HIS NB 89 114.19 -27.22 9.93
CA HIS NB 89 113.97 -26.09 9.05
C HIS NB 89 114.52 -24.86 9.75
N GLY NB 90 115.39 -24.14 9.05
CA GLY NB 90 116.04 -22.97 9.61
C GLY NB 90 116.20 -21.88 8.58
N GLU NB 91 116.28 -20.64 9.07
CA GLU NB 91 116.30 -19.49 8.19
C GLU NB 91 117.31 -18.47 8.70
N TYR NB 92 118.15 -17.97 7.79
CA TYR NB 92 118.98 -16.81 8.03
C TYR NB 92 118.42 -15.66 7.23
N VAL NB 93 118.53 -14.44 7.75
CA VAL NB 93 117.82 -13.32 7.15
C VAL NB 93 118.55 -12.02 7.45
N THR NB 94 118.55 -11.12 6.47
CA THR NB 94 118.95 -9.75 6.74
C THR NB 94 117.96 -8.79 6.07
N THR NB 95 118.16 -7.49 6.27
CA THR NB 95 117.24 -6.48 5.75
C THR NB 95 117.94 -5.65 4.68
N ASN NB 96 117.34 -5.62 3.49
CA ASN NB 96 117.76 -4.70 2.43
C ASN NB 96 117.01 -3.39 2.65
N THR NB 97 117.75 -2.29 2.72
CA THR NB 97 117.22 -0.93 2.74
C THR NB 97 117.71 -0.20 1.51
N GLY NB 98 117.05 0.91 1.19
CA GLY NB 98 117.35 1.63 -0.04
C GLY NB 98 116.64 2.96 -0.07
N ASP NB 99 117.12 3.83 -0.96
CA ASP NB 99 116.55 5.15 -1.13
C ASP NB 99 115.19 5.05 -1.80
N ARG NB 100 114.17 5.65 -1.18
CA ARG NB 100 112.77 5.56 -1.62
C ARG NB 100 112.26 4.12 -1.60
N LEU NB 101 112.81 3.28 -0.73
CA LEU NB 101 112.46 1.88 -0.66
C LEU NB 101 111.98 1.51 0.72
N MET NB 102 111.05 0.54 0.77
CA MET NB 102 110.58 -0.03 2.02
C MET NB 102 111.42 -1.25 2.37
N ALA NB 103 111.87 -1.31 3.62
CA ALA NB 103 112.76 -2.38 4.06
C ALA NB 103 112.20 -3.75 3.71
N SER NB 104 113.01 -4.56 3.02
CA SER NB 104 112.58 -5.90 2.62
C SER NB 104 113.66 -6.92 2.95
N SER NB 105 113.23 -8.03 3.53
CA SER NB 105 114.18 -9.01 4.02
C SER NB 105 114.66 -9.94 2.91
N THR NB 106 115.94 -10.29 2.97
CA THR NB 106 116.56 -11.31 2.12
C THR NB 106 116.78 -12.57 2.93
N THR NB 107 116.33 -13.72 2.40
CA THR NB 107 116.18 -14.93 3.19
C THR NB 107 116.95 -16.12 2.60
N VAL NB 108 117.54 -16.91 3.49
CA VAL NB 108 118.29 -18.11 3.15
C VAL NB 108 117.72 -19.25 4.00
N THR NB 109 117.07 -20.19 3.35
CA THR NB 109 116.33 -21.26 4.01
C THR NB 109 117.06 -22.58 3.86
N ARG NB 110 117.16 -23.34 4.94
CA ARG NB 110 117.80 -24.66 4.91
C ARG NB 110 116.88 -25.69 5.54
N ASP NB 111 116.59 -26.76 4.80
CA ASP NB 111 115.73 -27.85 5.25
C ASP NB 111 116.55 -29.12 5.29
N VAL NB 112 116.51 -29.81 6.43
CA VAL NB 112 117.20 -31.09 6.59
C VAL NB 112 116.17 -32.13 7.07
N SER NB 113 115.92 -33.16 6.26
CA SER NB 113 114.94 -34.17 6.62
C SER NB 113 115.18 -35.43 5.79
N ASN NB 114 115.17 -36.59 6.45
CA ASN NB 114 115.17 -37.89 5.76
C ASN NB 114 116.34 -38.03 4.77
N GLY NB 115 117.50 -37.52 5.17
CA GLY NB 115 118.70 -37.59 4.34
C GLY NB 115 118.76 -36.61 3.21
N ARG NB 116 117.77 -35.74 3.07
CA ARG NB 116 117.71 -34.77 2.00
C ARG NB 116 117.89 -33.40 2.62
N THR NB 117 118.88 -32.68 2.11
CA THR NB 117 119.18 -31.35 2.62
C THR NB 117 119.07 -30.36 1.47
N LYS NB 118 118.39 -29.24 1.71
CA LYS NB 118 118.06 -28.29 0.64
C LYS NB 118 118.21 -26.86 1.12
N VAL NB 119 119.01 -26.08 0.40
CA VAL NB 119 119.25 -24.67 0.70
C VAL NB 119 118.63 -23.84 -0.43
N SER NB 120 117.83 -22.84 -0.06
CA SER NB 120 117.17 -21.94 -1.00
C SER NB 120 117.51 -20.50 -0.63
N ILE NB 121 117.71 -19.65 -1.64
CA ILE NB 121 118.05 -18.25 -1.44
C ILE NB 121 117.06 -17.39 -2.21
N ASP NB 122 116.48 -16.40 -1.53
CA ASP NB 122 115.47 -15.51 -2.09
C ASP NB 122 115.87 -14.07 -1.83
N ILE NB 123 116.05 -13.29 -2.89
CA ILE NB 123 116.34 -11.86 -2.80
C ILE NB 123 115.30 -11.10 -3.60
N PRO NB 124 114.68 -10.07 -3.02
CA PRO NB 124 113.67 -9.29 -3.74
C PRO NB 124 114.27 -8.11 -4.49
N TYR NB 125 113.48 -7.63 -5.47
CA TYR NB 125 113.84 -6.47 -6.27
C TYR NB 125 112.63 -5.52 -6.34
N TYR NB 126 112.88 -4.32 -6.85
CA TYR NB 126 111.89 -3.25 -6.95
C TYR NB 126 111.88 -2.66 -8.35
N ASP NB 127 110.84 -1.87 -8.61
CA ASP NB 127 110.63 -1.20 -9.89
C ASP NB 127 111.47 0.06 -9.97
N ARG NB 128 112.55 0.00 -10.75
CA ARG NB 128 113.45 1.14 -10.85
C ARG NB 128 112.75 2.35 -11.45
N ASN NB 129 111.77 2.13 -12.34
CA ASN NB 129 111.06 3.26 -12.95
C ASN NB 129 110.27 4.03 -11.91
N ALA NB 130 109.58 3.31 -11.02
CA ALA NB 130 108.89 3.98 -9.92
C ALA NB 130 109.88 4.67 -9.00
N VAL NB 131 110.99 4.01 -8.67
CA VAL NB 131 111.93 4.60 -7.70
C VAL NB 131 112.52 5.89 -8.25
N GLU NB 132 113.03 5.86 -9.48
CA GLU NB 132 113.67 7.05 -10.05
C GLU NB 132 112.65 8.10 -10.45
N THR NB 133 111.40 7.71 -10.74
CA THR NB 133 110.36 8.71 -10.99
C THR NB 133 110.03 9.48 -9.71
N LEU NB 134 109.94 8.78 -8.58
CA LEU NB 134 109.79 9.46 -7.29
C LEU NB 134 110.97 10.38 -7.02
N LYS NB 135 112.19 9.85 -7.11
CA LYS NB 135 113.38 10.68 -6.89
C LYS NB 135 113.31 11.95 -7.74
N ALA NB 136 113.02 11.79 -9.03
CA ALA NB 136 113.01 12.93 -9.95
C ALA NB 136 111.84 13.86 -9.74
N SER NB 137 110.74 13.41 -9.13
CA SER NB 137 109.58 14.26 -8.91
C SER NB 137 109.59 14.94 -7.55
N ALA NB 138 110.42 14.49 -6.61
CA ALA NB 138 110.56 15.14 -5.30
C ALA NB 138 109.24 15.16 -4.55
N ILE NB 139 108.64 13.97 -4.47
CA ILE NB 139 107.28 13.77 -3.98
C ILE NB 139 107.35 12.65 -2.95
N PRO NB 140 106.48 12.65 -1.94
CA PRO NB 140 106.72 11.83 -0.75
C PRO NB 140 106.70 10.30 -0.92
N GLY NB 141 106.27 9.75 -2.06
CA GLY NB 141 106.00 8.31 -2.12
C GLY NB 141 107.20 7.44 -1.78
N ALA NB 142 106.91 6.21 -1.31
CA ALA NB 142 107.89 5.12 -1.24
C ALA NB 142 107.28 3.82 -1.76
N VAL NB 143 108.14 2.88 -2.16
CA VAL NB 143 107.77 1.72 -2.95
C VAL NB 143 108.16 0.43 -2.24
N ALA NB 144 107.33 -0.59 -2.43
CA ALA NB 144 107.50 -1.94 -1.92
C ALA NB 144 108.04 -2.86 -3.02
N PRO NB 145 108.54 -4.05 -2.66
CA PRO NB 145 109.08 -4.95 -3.68
C PRO NB 145 108.06 -5.38 -4.72
N VAL NB 146 108.58 -5.67 -5.91
CA VAL NB 146 107.76 -6.09 -7.05
C VAL NB 146 107.86 -7.59 -7.31
N GLY NB 147 108.98 -8.21 -6.94
CA GLY NB 147 109.16 -9.63 -7.14
C GLY NB 147 110.47 -10.07 -6.52
N SER NB 148 110.90 -11.28 -6.88
CA SER NB 148 112.10 -11.82 -6.28
C SER NB 148 112.77 -12.76 -7.27
N PHE NB 149 114.03 -13.08 -6.96
CA PHE NB 149 114.77 -14.14 -7.64
C PHE NB 149 115.18 -15.18 -6.60
N LYS NB 150 115.10 -16.45 -7.01
CA LYS NB 150 115.30 -17.59 -6.13
C LYS NB 150 116.24 -18.60 -6.77
N VAL NB 151 117.04 -19.22 -5.92
CA VAL NB 151 117.99 -20.26 -6.32
C VAL NB 151 117.93 -21.38 -5.29
N ASN NB 152 117.69 -22.62 -5.76
CA ASN NB 152 117.59 -23.80 -4.92
C ASN NB 152 118.74 -24.77 -5.17
N VAL NB 153 119.17 -25.45 -4.12
CA VAL NB 153 120.25 -26.43 -4.19
C VAL NB 153 119.89 -27.57 -3.26
N GLU NB 154 120.01 -28.82 -3.73
CA GLU NB 154 119.40 -29.97 -3.08
C GLU NB 154 120.32 -31.17 -3.16
N VAL NB 155 120.49 -31.88 -2.04
CA VAL NB 155 121.40 -33.01 -1.93
C VAL NB 155 120.63 -34.19 -1.35
N LEU NB 156 120.55 -35.30 -2.11
CA LEU NB 156 119.76 -36.46 -1.73
C LEU NB 156 120.72 -37.51 -1.18
N GLY NB 157 121.03 -37.38 0.11
CA GLY NB 157 122.03 -38.20 0.76
C GLY NB 157 121.50 -39.43 1.48
N GLY NB 158 120.23 -39.77 1.27
CA GLY NB 158 119.66 -40.91 1.92
C GLY NB 158 120.10 -42.22 1.28
N GLY NB 159 119.98 -43.29 2.05
CA GLY NB 159 120.23 -44.61 1.51
C GLY NB 159 121.62 -45.14 1.76
N VAL NB 160 122.28 -44.69 2.83
CA VAL NB 160 123.62 -45.17 3.10
C VAL NB 160 123.55 -46.65 3.46
N LEU NB 161 124.48 -47.43 2.90
CA LEU NB 161 124.47 -48.87 3.09
C LEU NB 161 124.91 -49.25 4.50
N THR NB 162 124.69 -50.52 4.86
CA THR NB 162 124.90 -50.94 6.24
C THR NB 162 126.37 -50.91 6.62
N GLY NB 163 127.24 -51.35 5.71
CA GLY NB 163 128.65 -51.48 6.04
C GLY NB 163 129.33 -50.15 6.36
N THR NB 164 128.78 -49.05 5.87
CA THR NB 164 129.43 -47.76 6.00
C THR NB 164 129.54 -47.35 7.47
N ASP NB 165 130.76 -47.03 7.89
CA ASP NB 165 130.98 -46.48 9.22
C ASP NB 165 131.09 -44.97 9.14
N ALA NB 166 131.41 -44.34 10.28
CA ALA NB 166 131.38 -42.89 10.37
C ALA NB 166 132.44 -42.24 9.49
N ASN NB 167 133.67 -42.77 9.50
CA ASN NB 167 134.75 -42.24 8.68
C ASN NB 167 134.37 -42.27 7.19
N ALA NB 168 133.86 -43.41 6.74
CA ALA NB 168 133.39 -43.54 5.36
C ALA NB 168 132.27 -42.55 5.07
N GLN NB 169 131.39 -42.31 6.04
CA GLN NB 169 130.33 -41.34 5.82
C GLN NB 169 130.90 -39.93 5.62
N PHE NB 170 131.98 -39.60 6.33
CA PHE NB 170 132.66 -38.32 6.04
C PHE NB 170 133.13 -38.28 4.60
N ALA NB 171 133.71 -39.39 4.14
CA ALA NB 171 134.14 -39.44 2.74
C ALA NB 171 132.97 -39.18 1.80
N LEU NB 172 131.81 -39.77 2.11
CA LEU NB 172 130.64 -39.57 1.27
C LEU NB 172 130.15 -38.14 1.33
N ASP NB 173 130.26 -37.52 2.51
CA ASP NB 173 129.95 -36.10 2.66
C ASP NB 173 130.72 -35.28 1.65
N GLU NB 174 132.04 -35.49 1.60
CA GLU NB 174 132.86 -34.70 0.68
C GLU NB 174 132.55 -35.04 -0.77
N LEU NB 175 132.23 -36.32 -1.06
CA LEU NB 175 131.85 -36.69 -2.42
C LEU NB 175 130.64 -35.90 -2.90
N LEU NB 176 129.60 -35.84 -2.06
CA LEU NB 176 128.41 -35.08 -2.44
C LEU NB 176 128.73 -33.61 -2.60
N SER NB 177 129.55 -33.04 -1.72
CA SER NB 177 129.86 -31.62 -1.86
C SER NB 177 130.59 -31.34 -3.19
N ASN NB 178 131.45 -32.27 -3.61
CA ASN NB 178 132.12 -32.10 -4.90
C ASN NB 178 131.13 -32.20 -6.06
N MET NB 179 130.15 -33.09 -5.97
CA MET NB 179 129.11 -33.14 -7.00
C MET NB 179 128.30 -31.83 -7.00
N LEU NB 180 128.10 -31.23 -5.83
CA LEU NB 180 127.46 -29.93 -5.73
C LEU NB 180 128.21 -28.88 -6.53
N MET NB 181 129.52 -28.79 -6.31
CA MET NB 181 130.35 -27.83 -7.03
C MET NB 181 130.27 -28.07 -8.54
N ASP NB 182 130.36 -29.33 -8.95
CA ASP NB 182 130.25 -29.65 -10.38
C ASP NB 182 128.91 -29.20 -10.94
N ALA NB 183 127.83 -29.41 -10.19
CA ALA NB 183 126.51 -29.05 -10.68
C ALA NB 183 126.36 -27.54 -10.83
N ALA NB 184 126.86 -26.77 -9.85
CA ALA NB 184 126.79 -25.32 -9.97
C ALA NB 184 127.61 -24.81 -11.15
N ARG NB 185 128.81 -25.37 -11.35
CA ARG NB 185 129.62 -24.96 -12.49
C ARG NB 185 128.92 -25.30 -13.81
N ILE NB 186 128.28 -26.47 -13.88
CA ILE NB 186 127.59 -26.86 -15.11
C ILE NB 186 126.37 -25.99 -15.36
N ALA NB 187 125.76 -25.50 -14.28
CA ALA NB 187 124.61 -24.61 -14.43
C ALA NB 187 125.02 -23.24 -14.95
N GLN NB 188 126.05 -22.65 -14.36
CA GLN NB 188 126.49 -21.32 -14.76
C GLN NB 188 127.44 -21.33 -15.96
N ASP NB 189 127.78 -22.52 -16.47
CA ASP NB 189 128.79 -22.61 -17.52
C ASP NB 189 128.36 -21.85 -18.76
N GLY NB 190 129.32 -21.16 -19.38
CA GLY NB 190 129.07 -20.49 -20.64
C GLY NB 190 129.70 -19.10 -20.71
N PRO NB 191 129.84 -18.59 -21.94
CA PRO NB 191 130.35 -17.22 -22.09
C PRO NB 191 129.41 -16.21 -21.45
N LYS NB 192 130.00 -15.16 -20.89
CA LYS NB 192 129.21 -14.04 -20.43
C LYS NB 192 128.79 -13.12 -21.57
N ASN NB 193 129.27 -13.38 -22.78
CA ASN NB 193 128.77 -12.66 -23.96
C ASN NB 193 127.31 -12.96 -24.23
N THR NB 194 126.78 -14.06 -23.69
CA THR NB 194 125.58 -14.67 -24.23
C THR NB 194 124.60 -15.09 -23.13
N ALA NB 195 123.33 -15.12 -23.50
CA ALA NB 195 122.25 -15.45 -22.58
C ALA NB 195 122.42 -16.84 -21.99
N ARG NB 196 122.30 -16.98 -20.66
CA ARG NB 196 122.37 -18.34 -20.14
C ARG NB 196 121.41 -18.71 -19.02
N LEU NB 197 120.83 -17.76 -18.26
CA LEU NB 197 119.90 -18.14 -17.18
C LEU NB 197 118.50 -17.52 -17.22
N VAL NB 198 118.41 -16.16 -17.22
CA VAL NB 198 117.14 -15.50 -16.93
C VAL NB 198 116.23 -15.55 -18.14
N ALA NB 199 114.92 -15.56 -17.88
CA ALA NB 199 113.89 -15.56 -18.92
C ALA NB 199 114.11 -16.67 -19.93
N ALA NB 200 114.64 -17.79 -19.46
CA ALA NB 200 115.01 -18.90 -20.33
C ALA NB 200 113.78 -19.52 -20.99
N SER NB 201 113.89 -19.77 -22.29
CA SER NB 201 112.86 -20.45 -23.06
C SER NB 201 113.22 -21.90 -23.38
N HIS NB 202 114.44 -22.10 -23.87
CA HIS NB 202 114.97 -23.41 -24.22
C HIS NB 202 116.48 -23.28 -24.29
N GLY NB 203 117.15 -24.41 -24.42
CA GLY NB 203 118.60 -24.46 -24.49
C GLY NB 203 119.02 -24.79 -25.91
N VAL NB 204 120.07 -24.11 -26.39
CA VAL NB 204 120.62 -24.42 -27.70
C VAL NB 204 122.13 -24.51 -27.60
N MET NB 205 122.70 -25.54 -28.24
CA MET NB 205 124.13 -25.81 -28.33
C MET NB 205 124.71 -25.21 -29.61
N PRO NB 206 125.90 -24.62 -29.56
CA PRO NB 206 126.51 -24.06 -30.76
C PRO NB 206 127.09 -25.14 -31.66
N GLN NB 207 127.49 -24.70 -32.86
CA GLN NB 207 128.12 -25.55 -33.85
C GLN NB 207 129.62 -25.27 -33.90
N ALA NB 208 130.43 -26.33 -33.82
CA ALA NB 208 131.88 -26.24 -33.90
C ALA NB 208 132.46 -25.30 -32.85
N GLY OB 11 88.23 6.00 10.38
CA GLY OB 11 88.53 6.78 11.58
C GLY OB 11 88.19 8.26 11.45
N GLN OB 12 88.93 9.09 12.19
CA GLN OB 12 88.69 10.53 12.20
C GLN OB 12 88.93 11.13 10.81
N LEU OB 13 88.46 12.36 10.63
CA LEU OB 13 88.52 13.06 9.37
C LEU OB 13 89.43 14.28 9.48
N TYR OB 14 90.26 14.51 8.46
CA TYR OB 14 91.14 15.68 8.42
C TYR OB 14 91.19 16.22 6.99
N MET OB 15 91.98 17.26 6.76
CA MET OB 15 92.04 17.90 5.44
C MET OB 15 93.36 17.57 4.77
N GLY OB 16 93.30 16.77 3.71
CA GLY OB 16 94.42 16.53 2.83
C GLY OB 16 94.23 17.33 1.55
N GLN OB 17 95.31 17.45 0.78
CA GLN OB 17 95.26 18.30 -0.41
C GLN OB 17 94.32 17.75 -1.47
N GLN OB 18 93.95 16.47 -1.39
CA GLN OB 18 92.93 15.95 -2.29
C GLN OB 18 91.54 16.42 -1.88
N GLY OB 19 91.37 16.76 -0.61
CA GLY OB 19 90.08 17.08 -0.04
C GLY OB 19 90.02 16.52 1.37
N PRO OB 20 88.84 16.53 1.98
CA PRO OB 20 88.69 15.87 3.29
C PRO OB 20 88.94 14.38 3.17
N VAL OB 21 89.82 13.89 4.02
CA VAL OB 21 90.35 12.53 3.91
C VAL OB 21 90.29 11.85 5.27
N GLN OB 22 90.00 10.55 5.25
CA GLN OB 22 89.85 9.76 6.46
C GLN OB 22 91.22 9.28 6.94
N SER OB 23 91.52 9.52 8.20
CA SER OB 23 92.76 9.02 8.78
C SER OB 23 92.73 7.50 8.86
N SER OB 24 93.90 6.88 8.67
CA SER OB 24 93.96 5.42 8.61
C SER OB 24 95.20 4.90 9.32
N ARG OB 25 95.05 3.74 9.94
CA ARG OB 25 96.10 3.11 10.73
C ARG OB 25 96.38 1.72 10.15
N THR OB 26 97.58 1.52 9.62
CA THR OB 26 97.89 0.27 8.91
C THR OB 26 99.17 -0.34 9.44
N THR OB 27 99.30 -1.64 9.22
CA THR OB 27 100.51 -2.40 9.54
C THR OB 27 101.47 -2.46 8.38
N PHE OB 28 101.21 -1.69 7.33
CA PHE OB 28 102.04 -1.71 6.14
C PHE OB 28 103.40 -1.08 6.41
N GLY OB 29 104.46 -1.79 6.03
CA GLY OB 29 105.81 -1.25 6.11
C GLY OB 29 106.48 -1.37 7.46
N VAL OB 30 106.03 -2.27 8.33
CA VAL OB 30 106.65 -2.50 9.63
C VAL OB 30 107.17 -3.93 9.65
N ASN OB 31 108.50 -4.08 9.76
CA ASN OB 31 109.14 -5.38 9.80
C ASN OB 31 109.38 -5.77 11.25
N PRO OB 32 108.58 -6.66 11.83
CA PRO OB 32 108.82 -7.11 13.21
C PRO OB 32 109.64 -8.39 13.34
N ASP OB 33 110.21 -8.90 12.24
CA ASP OB 33 111.06 -10.09 12.30
C ASP OB 33 112.12 -9.93 13.39
N ARG OB 34 112.42 -11.02 14.08
CA ARG OB 34 113.41 -11.01 15.15
C ARG OB 34 114.57 -11.94 14.82
N GLN OB 35 115.70 -11.64 15.43
CA GLN OB 35 116.92 -12.41 15.29
C GLN OB 35 116.99 -13.43 16.43
N ALA OB 36 117.33 -14.67 16.09
CA ALA OB 36 117.35 -15.74 17.08
C ALA OB 36 118.40 -15.46 18.15
N ASN OB 37 118.08 -15.88 19.37
CA ASN OB 37 118.98 -15.73 20.51
C ASN OB 37 120.03 -16.85 20.44
N ALA OB 38 121.03 -16.63 19.58
CA ALA OB 38 122.09 -17.60 19.28
C ALA OB 38 123.46 -16.97 19.49
N ARG OB 39 123.58 -16.11 20.50
CA ARG OB 39 124.77 -15.29 20.71
C ARG OB 39 125.49 -15.72 21.98
N PRO OB 40 126.66 -16.33 21.88
CA PRO OB 40 127.43 -16.63 23.10
C PRO OB 40 127.79 -15.35 23.84
N VAL OB 41 127.70 -15.41 25.18
CA VAL OB 41 127.98 -14.24 26.02
C VAL OB 41 129.12 -14.56 26.95
N TYR OB 42 129.77 -13.48 27.41
CA TYR OB 42 130.89 -13.60 28.32
C TYR OB 42 130.43 -14.09 29.68
N LEU OB 43 131.16 -15.04 30.24
CA LEU OB 43 130.89 -15.59 31.55
C LEU OB 43 132.08 -15.29 32.46
N ALA OB 44 131.85 -14.46 33.47
CA ALA OB 44 132.95 -14.00 34.31
C ALA OB 44 133.68 -15.17 34.96
N PRO OB 45 135.01 -15.09 35.13
CA PRO OB 45 135.74 -16.19 35.77
C PRO OB 45 135.64 -16.20 37.28
N ALA OB 46 134.99 -15.20 37.86
CA ALA OB 46 134.73 -15.15 39.29
C ALA OB 46 133.70 -14.06 39.55
N ALA OB 47 133.07 -14.12 40.72
CA ALA OB 47 131.97 -13.21 41.03
C ALA OB 47 132.40 -12.25 42.13
N PRO OB 48 132.51 -10.92 41.87
CA PRO OB 48 132.93 -10.04 42.95
C PRO OB 48 131.78 -9.58 43.82
N MET OB 49 131.79 -9.94 45.11
CA MET OB 49 130.81 -9.45 46.08
C MET OB 49 131.41 -8.40 47.01
N GLU OB 50 132.20 -7.47 46.48
CA GLU OB 50 132.95 -6.57 47.35
C GLU OB 50 132.04 -5.66 48.16
N ASN OB 51 131.00 -5.08 47.53
CA ASN OB 51 130.15 -4.12 48.24
C ASN OB 51 129.52 -4.74 49.48
N THR OB 52 128.86 -5.89 49.32
CA THR OB 52 128.14 -6.51 50.43
C THR OB 52 129.08 -6.90 51.57
N TYR OB 53 130.26 -7.41 51.23
CA TYR OB 53 131.16 -7.90 52.28
C TYR OB 53 131.91 -6.78 52.98
N THR OB 54 132.22 -5.69 52.29
CA THR OB 54 132.73 -4.52 53.01
C THR OB 54 131.67 -3.96 53.95
N TYR OB 55 130.39 -3.94 53.54
CA TYR OB 55 129.39 -3.51 54.51
C TYR OB 55 129.29 -4.48 55.68
N LEU OB 56 129.41 -5.79 55.41
CA LEU OB 56 129.33 -6.77 56.49
C LEU OB 56 130.50 -6.65 57.45
N GLY OB 57 131.67 -6.25 56.96
CA GLY OB 57 132.76 -5.89 57.86
C GLY OB 57 132.44 -4.63 58.64
N SER OB 58 131.75 -3.68 58.00
CA SER OB 58 131.37 -2.44 58.69
C SER OB 58 130.50 -2.72 59.92
N ILE OB 59 129.45 -3.52 59.76
CA ILE OB 59 128.54 -3.75 60.90
C ILE OB 59 129.03 -4.89 61.78
N GLN OB 60 130.25 -5.37 61.53
CA GLN OB 60 130.87 -6.44 62.30
C GLN OB 60 130.09 -7.76 62.17
N PHE OB 61 129.52 -8.00 60.99
CA PHE OB 61 128.83 -9.26 60.65
C PHE OB 61 127.68 -9.56 61.61
N ALA OB 62 126.97 -8.51 62.03
CA ALA OB 62 125.89 -8.72 62.99
C ALA OB 62 124.91 -7.56 62.87
N ALA OB 63 123.65 -7.89 62.61
CA ALA OB 63 122.56 -6.92 62.70
C ALA OB 63 121.47 -7.54 63.54
N GLY OB 64 121.23 -6.96 64.71
CA GLY OB 64 120.22 -7.50 65.61
C GLY OB 64 120.51 -8.93 66.01
N ARG OB 65 119.56 -9.81 65.71
CA ARG OB 65 119.67 -11.23 66.01
C ARG OB 65 120.28 -12.01 64.85
N HIS OB 66 120.50 -11.37 63.70
CA HIS OB 66 121.09 -12.01 62.54
C HIS OB 66 122.60 -11.88 62.63
N ILE OB 67 123.29 -13.01 62.79
CA ILE OB 67 124.75 -13.01 62.80
C ILE OB 67 125.20 -13.69 61.52
N PHE OB 68 126.21 -13.12 60.88
CA PHE OB 68 126.62 -13.60 59.56
C PHE OB 68 127.99 -14.25 59.63
N GLY OB 69 128.26 -15.12 58.65
CA GLY OB 69 129.56 -15.74 58.57
C GLY OB 69 130.56 -14.87 57.83
N GLU OB 70 131.85 -15.06 58.17
CA GLU OB 70 132.94 -14.39 57.49
C GLU OB 70 133.34 -15.20 56.25
N PRO OB 71 133.37 -14.58 55.08
CA PRO OB 71 133.62 -15.33 53.85
C PRO OB 71 135.05 -15.86 53.78
N ALA OB 72 135.24 -16.74 52.81
CA ALA OB 72 136.60 -17.13 52.43
C ALA OB 72 137.27 -16.03 51.64
N SER OB 73 136.58 -15.51 50.63
CA SER OB 73 137.09 -14.45 49.78
C SER OB 73 135.98 -13.47 49.46
N ASN OB 74 136.35 -12.21 49.26
CA ASN OB 74 135.41 -11.22 48.75
C ASN OB 74 135.02 -11.52 47.31
N VAL OB 75 135.85 -12.27 46.59
CA VAL OB 75 135.61 -12.65 45.21
C VAL OB 75 135.47 -14.16 45.15
N LEU OB 76 134.34 -14.63 44.58
CA LEU OB 76 133.92 -16.02 44.63
C LEU OB 76 134.43 -16.79 43.42
N PRO OB 77 134.99 -17.97 43.62
CA PRO OB 77 135.50 -18.77 42.52
C PRO OB 77 134.38 -19.58 41.88
N PRO OB 78 134.56 -20.00 40.63
CA PRO OB 78 133.54 -20.85 39.99
C PRO OB 78 133.41 -22.19 40.69
N GLN OB 79 132.18 -22.71 40.66
CA GLN OB 79 131.87 -24.02 41.27
C GLN OB 79 131.65 -25.12 40.24
N ASN OB 80 130.97 -24.82 39.12
CA ASN OB 80 130.74 -25.82 38.09
C ASN OB 80 130.99 -25.27 36.69
N ILE OB 81 131.87 -24.28 36.58
CA ILE OB 81 132.18 -23.64 35.31
C ILE OB 81 133.61 -23.98 34.94
N VAL OB 82 133.82 -24.35 33.69
CA VAL OB 82 135.16 -24.69 33.23
C VAL OB 82 135.44 -23.88 31.97
N PRO OB 83 136.63 -23.30 31.85
CA PRO OB 83 136.93 -22.50 30.67
C PRO OB 83 136.79 -23.30 29.41
N GLY OB 84 136.15 -22.69 28.41
CA GLY OB 84 135.98 -23.34 27.13
C GLY OB 84 134.84 -24.32 27.05
N VAL OB 85 134.08 -24.51 28.12
CA VAL OB 85 132.93 -25.40 28.11
C VAL OB 85 131.69 -24.53 28.21
N PRO OB 86 130.77 -24.56 27.24
CA PRO OB 86 129.59 -23.69 27.30
C PRO OB 86 128.52 -24.26 28.20
N THR OB 87 127.99 -23.41 29.08
CA THR OB 87 126.94 -23.79 30.03
C THR OB 87 125.84 -22.74 29.98
N LYS OB 88 124.64 -23.18 30.32
CA LYS OB 88 123.51 -22.27 30.51
C LYS OB 88 123.25 -21.99 31.98
N HIS OB 89 124.02 -22.63 32.87
CA HIS OB 89 123.88 -22.45 34.31
C HIS OB 89 125.26 -22.53 34.94
N GLY OB 90 125.62 -21.49 35.70
CA GLY OB 90 126.91 -21.43 36.36
C GLY OB 90 126.84 -20.92 37.80
N GLU OB 91 127.64 -21.51 38.68
CA GLU OB 91 127.57 -21.18 40.09
C GLU OB 91 128.95 -20.79 40.60
N TYR OB 92 128.98 -19.77 41.46
CA TYR OB 92 130.15 -19.40 42.23
C TYR OB 92 129.81 -19.54 43.71
N VAL OB 93 130.82 -19.88 44.52
CA VAL OB 93 130.56 -20.19 45.93
C VAL OB 93 131.80 -19.94 46.75
N THR OB 94 131.61 -19.43 47.98
CA THR OB 94 132.64 -19.60 49.02
C THR OB 94 131.98 -20.15 50.27
N THR OB 95 132.78 -20.35 51.32
CA THR OB 95 132.26 -20.92 52.57
C THR OB 95 132.49 -19.94 53.70
N ASN OB 96 131.38 -19.39 54.23
CA ASN OB 96 131.42 -18.56 55.43
C ASN OB 96 131.79 -19.42 56.64
N THR OB 97 132.63 -18.86 57.51
CA THR OB 97 133.00 -19.47 58.79
C THR OB 97 132.85 -18.45 59.91
N GLY OB 98 132.95 -18.92 61.15
CA GLY OB 98 132.76 -18.03 62.29
C GLY OB 98 132.96 -18.77 63.59
N ASP OB 99 133.03 -17.99 64.66
CA ASP OB 99 133.25 -18.52 65.99
C ASP OB 99 132.01 -19.28 66.45
N ARG OB 100 132.17 -20.58 66.73
CA ARG OB 100 131.08 -21.45 67.14
C ARG OB 100 129.95 -21.47 66.11
N LEU OB 101 130.31 -21.37 64.84
CA LEU OB 101 129.37 -21.44 63.74
C LEU OB 101 129.80 -22.57 62.81
N MET OB 102 128.87 -23.48 62.49
CA MET OB 102 129.16 -24.49 61.49
C MET OB 102 129.25 -23.83 60.12
N ALA OB 103 130.38 -24.04 59.43
CA ALA OB 103 130.65 -23.34 58.19
C ALA OB 103 129.57 -23.62 57.15
N SER OB 104 129.21 -22.59 56.38
CA SER OB 104 128.05 -22.64 55.49
C SER OB 104 128.35 -21.84 54.25
N SER OB 105 127.93 -22.35 53.10
CA SER OB 105 128.30 -21.77 51.82
C SER OB 105 127.41 -20.57 51.46
N THR OB 106 128.01 -19.59 50.80
CA THR OB 106 127.28 -18.49 50.18
C THR OB 106 127.44 -18.62 48.66
N THR OB 107 126.31 -18.45 47.94
CA THR OB 107 126.19 -18.88 46.55
C THR OB 107 125.72 -17.76 45.63
N VAL OB 108 126.27 -17.74 44.42
CA VAL OB 108 125.92 -16.76 43.39
C VAL OB 108 125.66 -17.56 42.12
N THR OB 109 124.41 -17.55 41.67
CA THR OB 109 123.95 -18.37 40.55
C THR OB 109 123.64 -17.49 39.34
N ARG OB 110 124.06 -17.95 38.16
CA ARG OB 110 123.82 -17.23 36.90
C ARG OB 110 123.21 -18.20 35.89
N ASP OB 111 122.02 -17.86 35.40
CA ASP OB 111 121.30 -18.64 34.41
C ASP OB 111 121.16 -17.82 33.13
N VAL OB 112 121.64 -18.37 32.02
CA VAL OB 112 121.61 -17.67 30.74
C VAL OB 112 120.87 -18.56 29.75
N SER OB 113 119.60 -18.25 29.47
CA SER OB 113 118.79 -19.04 28.54
C SER OB 113 117.89 -18.16 27.70
N ASN OB 114 117.94 -18.36 26.40
CA ASN OB 114 116.97 -17.77 25.46
C ASN OB 114 116.89 -16.25 25.59
N GLY OB 115 118.05 -15.61 25.69
CA GLY OB 115 118.10 -14.17 25.82
C GLY OB 115 117.83 -13.61 27.19
N ARG OB 116 117.58 -14.46 28.17
CA ARG OB 116 117.26 -14.04 29.51
C ARG OB 116 118.44 -14.39 30.40
N THR OB 117 119.07 -13.36 30.98
CA THR OB 117 120.16 -13.53 31.92
C THR OB 117 119.62 -13.26 33.32
N LYS OB 118 119.90 -14.16 34.28
CA LYS OB 118 119.44 -13.98 35.64
C LYS OB 118 120.52 -14.35 36.65
N VAL OB 119 120.85 -13.41 37.54
CA VAL OB 119 121.84 -13.58 38.59
C VAL OB 119 121.13 -13.50 39.93
N SER OB 120 121.38 -14.50 40.79
CA SER OB 120 120.81 -14.57 42.13
C SER OB 120 121.91 -14.75 43.16
N ILE OB 121 121.75 -14.09 44.31
CA ILE OB 121 122.72 -14.15 45.40
C ILE OB 121 121.99 -14.61 46.65
N ASP OB 122 122.53 -15.65 47.31
CA ASP OB 122 121.95 -16.23 48.51
C ASP OB 122 123.04 -16.32 49.58
N ILE OB 123 122.85 -15.58 50.68
CA ILE OB 123 123.76 -15.60 51.81
C ILE OB 123 123.01 -16.07 53.05
N PRO OB 124 123.54 -17.02 53.81
CA PRO OB 124 122.87 -17.49 55.01
C PRO OB 124 123.22 -16.63 56.23
N TYR OB 125 122.44 -16.84 57.30
CA TYR OB 125 122.70 -16.20 58.58
C TYR OB 125 122.39 -17.19 59.71
N TYR OB 126 122.73 -16.79 60.93
CA TYR OB 126 122.61 -17.65 62.10
C TYR OB 126 121.94 -16.90 63.24
N ASP OB 127 121.51 -17.67 64.24
CA ASP OB 127 120.75 -17.19 65.40
C ASP OB 127 121.69 -16.63 66.44
N ARG OB 128 121.80 -15.30 66.51
CA ARG OB 128 122.73 -14.71 67.47
C ARG OB 128 122.31 -14.98 68.91
N ASN OB 129 121.01 -15.13 69.18
CA ASN OB 129 120.59 -15.50 70.53
C ASN OB 129 121.23 -16.83 70.93
N ALA OB 130 121.18 -17.81 70.03
CA ALA OB 130 121.81 -19.11 70.31
C ALA OB 130 123.33 -18.99 70.41
N VAL OB 131 123.95 -18.23 69.50
CA VAL OB 131 125.41 -18.17 69.49
C VAL OB 131 125.93 -17.50 70.77
N GLU OB 132 125.32 -16.40 71.18
CA GLU OB 132 125.74 -15.72 72.40
C GLU OB 132 125.36 -16.51 73.65
N THR OB 133 124.30 -17.33 73.60
CA THR OB 133 124.06 -18.27 74.70
C THR OB 133 125.23 -19.25 74.82
N LEU OB 134 125.68 -19.79 73.68
CA LEU OB 134 126.84 -20.68 73.66
C LEU OB 134 128.07 -20.03 74.27
N LYS OB 135 128.39 -18.81 73.83
CA LYS OB 135 129.58 -18.14 74.36
C LYS OB 135 129.43 -17.83 75.84
N ALA OB 136 128.26 -17.30 76.24
CA ALA OB 136 128.09 -16.76 77.58
C ALA OB 136 128.10 -17.85 78.65
N SER OB 137 127.38 -18.95 78.43
CA SER OB 137 127.36 -20.01 79.43
C SER OB 137 128.41 -21.09 79.16
N ALA OB 138 129.34 -20.84 78.23
CA ALA OB 138 130.50 -21.71 77.98
C ALA OB 138 130.09 -23.13 77.59
N ILE OB 139 129.11 -23.23 76.69
CA ILE OB 139 128.65 -24.51 76.14
C ILE OB 139 129.58 -24.87 74.98
N PRO OB 140 129.85 -26.15 74.70
CA PRO OB 140 130.82 -26.49 73.64
C PRO OB 140 130.25 -26.68 72.23
N GLY OB 141 128.93 -26.59 72.02
CA GLY OB 141 128.38 -26.85 70.71
C GLY OB 141 128.52 -25.67 69.74
N ALA OB 142 127.99 -25.88 68.52
CA ALA OB 142 127.95 -24.88 67.47
C ALA OB 142 126.54 -24.77 66.92
N VAL OB 143 126.30 -23.72 66.14
CA VAL OB 143 124.99 -23.43 65.55
C VAL OB 143 125.08 -23.59 64.03
N ALA OB 144 124.03 -24.19 63.46
CA ALA OB 144 123.82 -24.30 62.03
C ALA OB 144 123.04 -23.11 61.52
N PRO OB 145 123.11 -22.80 60.21
CA PRO OB 145 122.39 -21.64 59.69
C PRO OB 145 120.90 -21.73 59.99
N VAL OB 146 120.30 -20.56 60.15
CA VAL OB 146 118.91 -20.47 60.55
C VAL OB 146 118.01 -19.97 59.41
N GLY OB 147 118.54 -19.16 58.50
CA GLY OB 147 117.81 -18.74 57.33
C GLY OB 147 118.76 -18.10 56.34
N SER OB 148 118.18 -17.41 55.35
CA SER OB 148 119.02 -16.76 54.35
C SER OB 148 118.35 -15.48 53.88
N PHE OB 149 119.11 -14.71 53.10
CA PHE OB 149 118.60 -13.58 52.33
C PHE OB 149 119.02 -13.77 50.87
N LYS OB 150 118.12 -13.37 49.96
CA LYS OB 150 118.29 -13.58 48.53
C LYS OB 150 117.94 -12.32 47.75
N VAL OB 151 118.75 -12.08 46.71
CA VAL OB 151 118.56 -10.94 45.81
C VAL OB 151 118.67 -11.45 44.38
N ASN OB 152 117.66 -11.16 43.56
CA ASN OB 152 117.60 -11.61 42.18
C ASN OB 152 117.65 -10.42 41.23
N VAL OB 153 118.30 -10.61 40.09
CA VAL OB 153 118.41 -9.59 39.06
C VAL OB 153 118.26 -10.29 37.72
N GLU OB 154 117.48 -9.67 36.81
CA GLU OB 154 117.04 -10.35 35.60
C GLU OB 154 117.04 -9.36 34.44
N VAL OB 155 117.62 -9.76 33.32
CA VAL OB 155 117.74 -8.93 32.13
C VAL OB 155 117.10 -9.71 31.00
N LEU OB 156 115.97 -9.20 30.49
CA LEU OB 156 115.24 -9.84 29.40
C LEU OB 156 115.68 -9.17 28.11
N GLY OB 157 116.69 -9.74 27.46
CA GLY OB 157 117.30 -9.12 26.30
C GLY OB 157 117.03 -9.89 25.03
N GLY OB 158 115.96 -10.66 25.04
CA GLY OB 158 115.61 -11.43 23.87
C GLY OB 158 114.97 -10.58 22.79
N GLY OB 159 114.92 -11.16 21.58
CA GLY OB 159 114.17 -10.57 20.50
C GLY OB 159 114.75 -9.28 19.99
N VAL OB 160 116.01 -9.33 19.57
CA VAL OB 160 116.57 -8.22 18.82
C VAL OB 160 116.08 -8.30 17.37
N LEU OB 161 116.02 -7.14 16.73
CA LEU OB 161 115.52 -7.05 15.36
C LEU OB 161 116.54 -7.61 14.38
N THR OB 162 116.10 -7.83 13.13
CA THR OB 162 116.90 -8.59 12.18
C THR OB 162 118.08 -7.79 11.66
N GLY OB 163 117.90 -6.49 11.47
CA GLY OB 163 118.96 -5.63 11.01
C GLY OB 163 119.89 -5.14 12.09
N THR OB 164 119.81 -5.70 13.29
CA THR OB 164 120.70 -5.30 14.38
C THR OB 164 122.12 -5.74 14.04
N ASP OB 165 122.99 -4.76 13.81
CA ASP OB 165 124.38 -5.05 13.45
C ASP OB 165 125.09 -5.74 14.60
N ALA OB 166 126.06 -6.59 14.24
CA ALA OB 166 126.90 -7.21 15.26
C ALA OB 166 127.52 -6.17 16.18
N ASN OB 167 127.95 -5.03 15.62
CA ASN OB 167 128.52 -3.95 16.43
C ASN OB 167 127.46 -3.30 17.32
N ALA OB 168 126.25 -3.13 16.80
CA ALA OB 168 125.21 -2.46 17.58
C ALA OB 168 124.69 -3.31 18.73
N GLN OB 169 124.92 -4.63 18.69
CA GLN OB 169 124.52 -5.45 19.82
C GLN OB 169 125.33 -5.11 21.06
N PHE OB 170 126.55 -4.61 20.89
CA PHE OB 170 127.34 -4.15 22.03
C PHE OB 170 126.71 -2.90 22.64
N ALA OB 171 126.26 -1.98 21.77
CA ALA OB 171 125.58 -0.80 22.27
C ALA OB 171 124.34 -1.19 23.05
N LEU OB 172 123.60 -2.19 22.54
CA LEU OB 172 122.42 -2.66 23.27
C LEU OB 172 122.83 -3.29 24.60
N ASP OB 173 123.96 -4.01 24.61
CA ASP OB 173 124.50 -4.56 25.85
C ASP OB 173 124.63 -3.47 26.91
N GLU OB 174 125.32 -2.38 26.55
CA GLU OB 174 125.55 -1.31 27.50
C GLU OB 174 124.25 -0.63 27.90
N LEU OB 175 123.30 -0.49 26.95
CA LEU OB 175 122.00 0.08 27.32
C LEU OB 175 121.32 -0.74 28.41
N LEU OB 176 121.31 -2.07 28.25
CA LEU OB 176 120.69 -2.91 29.27
C LEU OB 176 121.44 -2.82 30.60
N SER OB 177 122.76 -2.75 30.56
CA SER OB 177 123.49 -2.66 31.83
C SER OB 177 123.18 -1.34 32.56
N ASN OB 178 122.99 -0.25 31.80
CA ASN OB 178 122.61 1.01 32.44
C ASN OB 178 121.20 0.97 33.01
N MET OB 179 120.28 0.27 32.34
CA MET OB 179 118.96 0.05 32.94
C MET OB 179 119.10 -0.75 34.23
N LEU OB 180 120.02 -1.72 34.26
CA LEU OB 180 120.29 -2.47 35.48
C LEU OB 180 120.68 -1.54 36.64
N MET OB 181 121.65 -0.67 36.39
CA MET OB 181 122.10 0.25 37.43
C MET OB 181 120.94 1.13 37.91
N ASP OB 182 120.16 1.68 36.97
CA ASP OB 182 119.02 2.51 37.35
C ASP OB 182 118.01 1.71 38.19
N ALA OB 183 117.82 0.43 37.86
CA ALA OB 183 116.86 -0.38 38.58
C ALA OB 183 117.30 -0.62 40.01
N ALA OB 184 118.57 -0.95 40.23
CA ALA OB 184 119.03 -1.15 41.60
C ALA OB 184 118.98 0.15 42.39
N ARG OB 185 119.31 1.27 41.75
CA ARG OB 185 119.22 2.55 42.46
C ARG OB 185 117.78 2.85 42.87
N ILE OB 186 116.82 2.58 41.98
CA ILE OB 186 115.42 2.81 42.32
C ILE OB 186 114.96 1.82 43.39
N ALA OB 187 115.56 0.63 43.42
CA ALA OB 187 115.18 -0.37 44.40
C ALA OB 187 115.60 0.05 45.80
N GLN OB 188 116.82 0.58 45.96
CA GLN OB 188 117.30 0.95 47.29
C GLN OB 188 117.17 2.43 47.59
N ASP OB 189 116.60 3.21 46.68
CA ASP OB 189 116.49 4.64 46.85
C ASP OB 189 115.69 4.96 48.10
N GLY OB 190 116.15 5.96 48.85
CA GLY OB 190 115.44 6.40 50.01
C GLY OB 190 116.37 6.76 51.15
N PRO OB 191 115.87 7.54 52.11
CA PRO OB 191 116.67 7.87 53.29
C PRO OB 191 116.91 6.62 54.10
N LYS OB 192 118.07 6.57 54.74
CA LYS OB 192 118.42 5.50 55.66
C LYS OB 192 117.88 5.74 57.06
N ASN OB 193 117.19 6.88 57.27
CA ASN OB 193 116.49 7.11 58.53
C ASN OB 193 115.21 6.29 58.62
N THR OB 194 114.69 5.84 57.49
CA THR OB 194 113.36 5.23 57.45
C THR OB 194 113.42 3.85 56.82
N ALA OB 195 112.47 3.00 57.19
CA ALA OB 195 112.40 1.62 56.72
C ALA OB 195 112.21 1.57 55.21
N ARG OB 196 112.97 0.71 54.52
CA ARG OB 196 112.71 0.60 53.08
C ARG OB 196 112.77 -0.79 52.45
N LEU OB 197 113.39 -1.81 53.06
CA LEU OB 197 113.46 -3.10 52.35
C LEU OB 197 112.90 -4.32 53.07
N VAL OB 198 113.39 -4.63 54.28
CA VAL OB 198 113.10 -5.93 54.89
C VAL OB 198 111.75 -5.90 55.57
N ALA OB 199 111.15 -7.10 55.70
CA ALA OB 199 109.87 -7.27 56.37
C ALA OB 199 108.78 -6.40 55.74
N ALA OB 200 108.97 -6.05 54.46
CA ALA OB 200 108.10 -5.10 53.79
C ALA OB 200 106.66 -5.59 53.76
N SER OB 201 105.73 -4.68 54.09
CA SER OB 201 104.29 -4.94 54.03
C SER OB 201 103.62 -4.23 52.87
N HIS OB 202 103.90 -2.94 52.73
CA HIS OB 202 103.41 -2.12 51.62
C HIS OB 202 104.29 -0.88 51.53
N GLY OB 203 104.06 -0.09 50.50
CA GLY OB 203 104.81 1.15 50.30
C GLY OB 203 103.96 2.36 50.69
N VAL OB 204 104.61 3.34 51.30
CA VAL OB 204 103.93 4.59 51.62
C VAL OB 204 104.82 5.75 51.27
N MET OB 205 104.53 6.44 50.17
CA MET OB 205 105.36 7.58 49.81
C MET OB 205 104.94 8.82 50.61
N PRO OB 206 105.89 9.61 51.09
CA PRO OB 206 105.54 10.69 52.01
C PRO OB 206 104.94 11.88 51.28
N GLN OB 207 104.09 12.63 52.01
CA GLN OB 207 103.42 13.79 51.44
C GLN OB 207 104.41 14.91 51.15
N ALA OB 208 105.33 15.16 52.08
CA ALA OB 208 106.35 16.16 51.91
C ALA OB 208 107.49 15.86 52.88
N PRO PB 20 111.00 -48.07 68.03
CA PRO PB 20 111.81 -47.65 66.86
C PRO PB 20 112.85 -46.59 67.22
N VAL PB 21 114.13 -46.94 67.09
CA VAL PB 21 115.24 -46.05 67.40
C VAL PB 21 115.67 -45.38 66.09
N GLN PB 22 115.69 -44.05 66.07
CA GLN PB 22 116.03 -43.30 64.87
C GLN PB 22 117.32 -42.50 65.08
N SER PB 23 118.05 -42.30 63.99
CA SER PB 23 119.32 -41.58 64.04
C SER PB 23 119.13 -40.13 63.59
N SER PB 24 119.97 -39.24 64.12
CA SER PB 24 119.86 -37.82 63.81
C SER PB 24 121.22 -37.13 63.90
N ARG PB 25 121.25 -35.93 63.32
CA ARG PB 25 122.41 -35.05 63.27
C ARG PB 25 122.07 -33.76 64.00
N THR PB 26 122.71 -33.51 65.12
CA THR PB 26 122.29 -32.45 66.04
C THR PB 26 123.25 -31.26 65.97
N THR PB 27 122.67 -30.06 66.04
CA THR PB 27 123.42 -28.87 66.41
C THR PB 27 122.64 -28.16 67.52
N PHE PB 28 123.35 -27.32 68.27
CA PHE PB 28 122.68 -26.58 69.33
C PHE PB 28 121.76 -25.52 68.74
N GLY PB 29 120.65 -25.29 69.43
CA GLY PB 29 119.73 -24.25 69.03
C GLY PB 29 118.27 -24.67 69.12
N VAL PB 30 117.41 -23.77 68.67
CA VAL PB 30 115.99 -24.03 68.51
C VAL PB 30 115.56 -23.38 67.21
N ASN PB 31 114.61 -24.01 66.53
CA ASN PB 31 114.02 -23.41 65.36
C ASN PB 31 113.52 -22.01 65.70
N PRO PB 32 113.86 -20.99 64.92
CA PRO PB 32 113.72 -19.62 65.38
C PRO PB 32 112.28 -19.18 65.37
N ASP PB 33 112.03 -18.06 66.05
CA ASP PB 33 110.74 -17.39 65.98
C ASP PB 33 110.88 -16.26 64.97
N ARG PB 34 110.13 -16.36 63.88
CA ARG PB 34 110.19 -15.36 62.82
C ARG PB 34 109.20 -14.23 63.09
N GLN PB 35 109.56 -13.04 62.66
CA GLN PB 35 108.70 -11.87 62.80
C GLN PB 35 107.83 -11.72 61.57
N ALA PB 36 106.60 -11.28 61.78
CA ALA PB 36 105.68 -11.07 60.67
C ALA PB 36 106.14 -9.92 59.79
N ASN PB 37 105.77 -9.99 58.51
CA ASN PB 37 106.16 -8.97 57.53
C ASN PB 37 105.19 -7.79 57.55
N ALA PB 38 105.13 -7.12 58.70
CA ALA PB 38 104.17 -6.04 58.94
C ALA PB 38 104.85 -4.67 58.98
N ARG PB 39 105.96 -4.52 58.26
CA ARG PB 39 106.76 -3.31 58.32
C ARG PB 39 106.54 -2.48 57.06
N PRO PB 40 105.77 -1.40 57.13
CA PRO PB 40 105.62 -0.54 55.93
C PRO PB 40 106.91 0.18 55.60
N VAL PB 41 107.17 0.34 54.30
CA VAL PB 41 108.44 0.82 53.81
C VAL PB 41 108.25 2.10 53.02
N TYR PB 42 109.37 2.76 52.77
CA TYR PB 42 109.41 4.00 52.03
C TYR PB 42 109.17 3.73 50.55
N LEU PB 43 108.51 4.68 49.91
CA LEU PB 43 108.17 4.60 48.50
C LEU PB 43 108.63 5.90 47.85
N ALA PB 44 109.50 5.80 46.86
CA ALA PB 44 110.08 7.00 46.26
C ALA PB 44 108.98 7.86 45.63
N PRO PB 45 109.02 9.19 45.83
CA PRO PB 45 108.04 10.08 45.17
C PRO PB 45 108.30 10.29 43.70
N ALA PB 46 109.38 9.70 43.16
CA ALA PB 46 109.70 9.69 41.74
C ALA PB 46 110.82 8.68 41.51
N ALA PB 47 110.93 8.22 40.27
CA ALA PB 47 111.92 7.19 39.93
C ALA PB 47 113.01 7.81 39.06
N PRO PB 48 114.28 7.86 39.49
CA PRO PB 48 115.31 8.44 38.61
C PRO PB 48 115.84 7.41 37.64
N MET PB 49 115.89 7.77 36.36
CA MET PB 49 116.44 6.91 35.31
C MET PB 49 117.59 7.62 34.60
N GLU PB 50 118.47 8.28 35.37
CA GLU PB 50 119.48 9.14 34.75
C GLU PB 50 120.51 8.33 33.97
N ASN PB 51 120.97 7.19 34.52
CA ASN PB 51 122.03 6.42 33.87
C ASN PB 51 121.63 5.99 32.46
N THR PB 52 120.48 5.32 32.35
CA THR PB 52 120.06 4.78 31.07
C THR PB 52 119.77 5.89 30.04
N TYR PB 53 119.17 7.00 30.48
CA TYR PB 53 118.80 8.04 29.52
C TYR PB 53 120.00 8.89 29.09
N THR PB 54 120.99 9.09 29.97
CA THR PB 54 122.23 9.67 29.50
C THR PB 54 122.93 8.76 28.49
N TYR PB 55 122.90 7.44 28.72
CA TYR PB 55 123.51 6.58 27.71
C TYR PB 55 122.72 6.62 26.39
N LEU PB 56 121.39 6.70 26.47
CA LEU PB 56 120.59 6.81 25.25
C LEU PB 56 120.92 8.08 24.49
N GLY PB 57 121.13 9.19 25.22
CA GLY PB 57 121.65 10.39 24.58
C GLY PB 57 123.00 10.14 23.94
N SER PB 58 123.84 9.32 24.58
CA SER PB 58 125.15 9.00 24.04
C SER PB 58 125.05 8.35 22.66
N ILE PB 59 124.23 7.30 22.54
CA ILE PB 59 124.18 6.57 21.27
C ILE PB 59 123.22 7.25 20.28
N GLN PB 60 122.71 8.42 20.67
CA GLN PB 60 121.76 9.19 19.84
C GLN PB 60 120.49 8.39 19.58
N PHE PB 61 120.05 7.63 20.59
CA PHE PB 61 118.75 6.95 20.61
C PHE PB 61 118.59 5.96 19.46
N ALA PB 62 119.67 5.31 19.06
CA ALA PB 62 119.59 4.38 17.94
C ALA PB 62 120.66 3.30 18.08
N ALA PB 63 120.29 2.08 17.72
CA ALA PB 63 121.23 0.96 17.72
C ALA PB 63 120.62 -0.15 16.89
N GLY PB 64 121.39 -0.64 15.92
CA GLY PB 64 120.82 -1.64 15.01
C GLY PB 64 119.71 -0.97 14.23
N ARG PB 65 118.58 -1.64 14.11
CA ARG PB 65 117.38 -0.96 13.64
C ARG PB 65 116.38 -0.76 14.76
N HIS PB 66 116.84 -0.79 16.01
CA HIS PB 66 116.07 -0.26 17.13
C HIS PB 66 116.28 1.25 17.20
N ILE PB 67 115.18 2.01 17.18
CA ILE PB 67 115.24 3.42 17.48
C ILE PB 67 114.36 3.69 18.70
N PHE PB 68 114.83 4.53 19.60
CA PHE PB 68 114.14 4.80 20.85
C PHE PB 68 113.59 6.22 20.86
N GLY PB 69 112.71 6.49 21.82
CA GLY PB 69 112.11 7.79 21.95
C GLY PB 69 112.80 8.63 23.00
N GLU PB 70 112.74 9.95 22.81
CA GLU PB 70 113.25 10.87 23.82
C GLU PB 70 112.22 11.02 24.94
N PRO PB 71 112.63 10.92 26.20
CA PRO PB 71 111.69 11.02 27.30
C PRO PB 71 111.26 12.46 27.54
N ALA PB 72 110.26 12.60 28.40
CA ALA PB 72 109.90 13.93 28.86
C ALA PB 72 110.83 14.36 29.99
N SER PB 73 111.06 13.48 30.95
CA SER PB 73 111.91 13.76 32.10
C SER PB 73 112.85 12.59 32.33
N ASN PB 74 114.08 12.91 32.77
CA ASN PB 74 114.98 11.86 33.23
C ASN PB 74 114.48 11.24 34.53
N VAL PB 75 113.67 11.97 35.28
CA VAL PB 75 113.05 11.47 36.49
C VAL PB 75 111.56 11.34 36.24
N LEU PB 76 111.04 10.10 36.42
CA LEU PB 76 109.69 9.65 36.13
C LEU PB 76 108.77 9.96 37.30
N PRO PB 77 107.69 10.72 37.07
CA PRO PB 77 106.74 11.00 38.15
C PRO PB 77 105.84 9.80 38.41
N PRO PB 78 105.18 9.75 39.56
CA PRO PB 78 104.23 8.65 39.82
C PRO PB 78 102.91 8.84 39.10
N GLN PB 79 102.35 7.74 38.62
CA GLN PB 79 101.09 7.77 37.89
C GLN PB 79 99.90 7.36 38.74
N ASN PB 80 100.06 6.37 39.62
CA ASN PB 80 98.95 5.84 40.41
C ASN PB 80 99.28 5.74 41.89
N ILE PB 81 100.14 6.62 42.41
CA ILE PB 81 100.56 6.56 43.79
C ILE PB 81 100.13 7.85 44.47
N VAL PB 82 99.07 7.77 45.26
CA VAL PB 82 98.66 8.92 46.08
C VAL PB 82 99.57 8.97 47.31
N PRO PB 83 100.00 10.15 47.75
CA PRO PB 83 100.87 10.19 48.93
C PRO PB 83 100.10 9.88 50.19
N GLY PB 84 100.75 9.17 51.10
CA GLY PB 84 100.09 8.81 52.34
C GLY PB 84 99.10 7.69 52.19
N VAL PB 85 98.98 7.09 51.03
CA VAL PB 85 98.05 5.99 50.79
C VAL PB 85 98.89 4.72 50.62
N PRO PB 86 98.71 3.72 51.48
CA PRO PB 86 99.45 2.47 51.32
C PRO PB 86 99.08 1.81 49.99
N THR PB 87 100.09 1.44 49.22
CA THR PB 87 99.91 0.80 47.93
C THR PB 87 100.90 -0.35 47.84
N LYS PB 88 100.42 -1.52 47.46
CA LYS PB 88 101.29 -2.68 47.25
C LYS PB 88 101.78 -2.77 45.81
N HIS PB 89 101.32 -1.87 44.95
CA HIS PB 89 101.74 -1.83 43.56
C HIS PB 89 101.63 -0.41 43.05
N GLY PB 90 102.68 0.07 42.39
CA GLY PB 90 102.73 1.44 41.92
C GLY PB 90 103.58 1.59 40.68
N GLU PB 91 103.30 2.63 39.92
CA GLU PB 91 103.92 2.80 38.61
C GLU PB 91 104.34 4.24 38.43
N TYR PB 92 105.58 4.45 37.98
CA TYR PB 92 106.05 5.73 37.48
C TYR PB 92 106.15 5.62 35.97
N VAL PB 93 105.80 6.70 35.26
CA VAL PB 93 105.75 6.61 33.81
C VAL PB 93 106.05 7.97 33.21
N THR PB 94 106.87 7.98 32.17
CA THR PB 94 107.04 9.20 31.40
C THR PB 94 106.87 8.93 29.93
N THR PB 95 106.45 9.95 29.20
CA THR PB 95 106.09 9.76 27.81
C THR PB 95 107.31 9.94 26.93
N ASN PB 96 107.40 9.13 25.87
CA ASN PB 96 108.49 9.14 24.89
C ASN PB 96 107.93 9.75 23.62
N THR PB 97 108.63 10.74 23.06
CA THR PB 97 108.24 11.36 21.80
C THR PB 97 109.42 11.31 20.84
N GLY PB 98 109.15 11.53 19.56
CA GLY PB 98 110.19 11.49 18.56
C GLY PB 98 109.63 11.85 17.19
N ASP PB 99 110.56 12.14 16.27
CA ASP PB 99 110.21 12.50 14.91
C ASP PB 99 109.62 11.28 14.20
N ARG PB 100 108.36 11.41 13.76
CA ARG PB 100 107.63 10.32 13.12
C ARG PB 100 107.57 9.10 14.04
N LEU PB 101 107.35 9.34 15.32
CA LEU PB 101 107.11 8.31 16.32
C LEU PB 101 105.77 8.57 16.99
N MET PB 102 105.01 7.50 17.22
CA MET PB 102 103.81 7.61 18.02
C MET PB 102 104.21 7.64 19.49
N ALA PB 103 103.75 8.66 20.22
CA ALA PB 103 104.11 8.79 21.62
C ALA PB 103 103.87 7.48 22.36
N SER PB 104 104.87 7.05 23.15
CA SER PB 104 104.78 5.76 23.85
C SER PB 104 105.39 5.88 25.24
N SER PB 105 104.79 5.20 26.20
CA SER PB 105 105.13 5.40 27.59
C SER PB 105 106.22 4.42 28.02
N THR PB 106 107.22 4.93 28.74
CA THR PB 106 108.21 4.09 29.39
C THR PB 106 107.88 4.01 30.88
N THR PB 107 107.96 2.79 31.44
CA THR PB 107 107.31 2.46 32.70
C THR PB 107 108.25 1.82 33.71
N VAL PB 108 108.15 2.25 34.96
CA VAL PB 108 108.89 1.69 36.08
C VAL PB 108 107.88 1.22 37.11
N THR PB 109 107.87 -0.07 37.39
CA THR PB 109 106.86 -0.70 38.21
C THR PB 109 107.47 -1.23 39.50
N ARG PB 110 106.85 -0.91 40.63
CA ARG PB 110 107.32 -1.36 41.94
C ARG PB 110 106.21 -2.14 42.63
N ASP PB 111 106.53 -3.36 43.06
CA ASP PB 111 105.60 -4.23 43.78
C ASP PB 111 106.22 -4.54 45.13
N VAL PB 112 105.58 -4.07 46.19
CA VAL PB 112 106.02 -4.30 47.56
C VAL PB 112 104.97 -5.13 48.26
N SER PB 113 105.25 -6.42 48.54
CA SER PB 113 104.28 -7.24 49.25
C SER PB 113 104.97 -8.42 49.92
N ASN PB 114 104.52 -8.73 51.13
CA ASN PB 114 104.91 -9.94 51.87
C ASN PB 114 106.43 -10.07 52.00
N GLY PB 115 107.09 -8.96 52.28
CA GLY PB 115 108.53 -8.92 52.45
C GLY PB 115 109.34 -8.94 51.17
N ARG PB 116 108.70 -9.03 50.01
CA ARG PB 116 109.39 -9.08 48.74
C ARG PB 116 109.12 -7.77 48.02
N THR PB 117 110.17 -7.09 47.62
CA THR PB 117 110.05 -5.86 46.85
C THR PB 117 110.68 -6.08 45.47
N LYS PB 118 109.99 -5.66 44.42
CA LYS PB 118 110.43 -5.92 43.04
C LYS PB 118 110.21 -4.70 42.16
N VAL PB 119 111.27 -4.28 41.46
CA VAL PB 119 111.24 -3.14 40.56
C VAL PB 119 111.53 -3.64 39.14
N SER PB 120 110.69 -3.23 38.19
CA SER PB 120 110.81 -3.60 36.80
C SER PB 120 110.82 -2.35 35.93
N ILE PB 121 111.64 -2.35 34.89
CA ILE PB 121 111.76 -1.22 33.97
C ILE PB 121 111.52 -1.71 32.56
N ASP PB 122 110.64 -1.02 31.82
CA ASP PB 122 110.23 -1.40 30.48
C ASP PB 122 110.31 -0.16 29.58
N ILE PB 123 111.19 -0.20 28.59
CA ILE PB 123 111.32 0.88 27.61
C ILE PB 123 111.04 0.33 26.22
N PRO PB 124 110.21 0.99 25.42
CA PRO PB 124 109.89 0.49 24.08
C PRO PB 124 110.85 1.00 23.01
N TYR PB 125 110.84 0.29 21.88
CA TYR PB 125 111.64 0.63 20.71
C TYR PB 125 110.81 0.42 19.44
N TYR PB 126 111.16 1.19 18.39
CA TYR PB 126 110.48 1.21 17.10
C TYR PB 126 111.41 0.71 16.00
N ASP PB 127 110.79 0.42 14.85
CA ASP PB 127 111.47 -0.05 13.64
C ASP PB 127 112.16 1.11 12.94
N ARG PB 128 113.48 1.19 13.11
CA ARG PB 128 114.26 2.28 12.53
C ARG PB 128 114.12 2.30 11.01
N ASN PB 129 113.94 1.12 10.39
CA ASN PB 129 113.80 1.08 8.93
C ASN PB 129 112.54 1.81 8.48
N ALA PB 130 111.43 1.54 9.18
CA ALA PB 130 110.19 2.24 8.87
C ALA PB 130 110.32 3.72 9.14
N VAL PB 131 110.89 4.09 10.29
CA VAL PB 131 110.96 5.50 10.65
C VAL PB 131 111.81 6.27 9.64
N GLU PB 132 112.97 5.73 9.28
CA GLU PB 132 113.87 6.43 8.37
C GLU PB 132 113.35 6.42 6.94
N THR PB 133 112.66 5.36 6.52
CA THR PB 133 112.01 5.40 5.22
C THR PB 133 110.96 6.50 5.16
N LEU PB 134 110.18 6.65 6.23
CA LEU PB 134 109.22 7.76 6.30
C LEU PB 134 109.90 9.11 6.26
N LYS PB 135 110.96 9.28 7.07
CA LYS PB 135 111.68 10.55 7.11
C LYS PB 135 112.28 10.90 5.76
N ALA PB 136 113.05 9.97 5.16
CA ALA PB 136 113.67 10.24 3.87
C ALA PB 136 112.62 10.48 2.80
N SER PB 137 111.52 9.75 2.83
CA SER PB 137 110.48 9.97 1.83
C SER PB 137 109.56 11.13 2.18
N ALA PB 138 109.77 11.81 3.31
CA ALA PB 138 108.90 12.92 3.71
C ALA PB 138 107.44 12.48 3.75
N ILE PB 139 107.19 11.35 4.42
CA ILE PB 139 105.84 10.83 4.58
C ILE PB 139 105.38 11.19 6.00
N PRO PB 140 104.14 11.65 6.20
CA PRO PB 140 103.71 12.08 7.54
C PRO PB 140 103.20 10.98 8.46
N GLY PB 141 103.51 9.72 8.21
CA GLY PB 141 103.07 8.66 9.10
C GLY PB 141 103.85 8.65 10.40
N ALA PB 142 103.18 8.24 11.48
CA ALA PB 142 103.80 8.06 12.79
C ALA PB 142 103.80 6.57 13.14
N VAL PB 143 104.90 6.10 13.70
CA VAL PB 143 105.11 4.66 13.92
C VAL PB 143 104.87 4.32 15.38
N ALA PB 144 104.13 3.23 15.61
CA ALA PB 144 103.94 2.66 16.93
C ALA PB 144 105.11 1.75 17.27
N PRO PB 145 105.34 1.50 18.56
CA PRO PB 145 106.52 0.70 18.96
C PRO PB 145 106.41 -0.74 18.49
N VAL PB 146 107.54 -1.27 18.06
CA VAL PB 146 107.58 -2.67 17.63
C VAL PB 146 107.90 -3.62 18.78
N GLY PB 147 108.61 -3.16 19.80
CA GLY PB 147 108.90 -4.05 20.92
C GLY PB 147 109.36 -3.28 22.14
N SER PB 148 109.95 -4.01 23.09
CA SER PB 148 110.43 -3.38 24.30
C SER PB 148 111.58 -4.20 24.89
N PHE PB 149 112.32 -3.56 25.80
CA PHE PB 149 113.33 -4.20 26.63
C PHE PB 149 113.00 -3.99 28.10
N LYS PB 150 113.22 -5.05 28.89
CA LYS PB 150 112.82 -5.09 30.30
C LYS PB 150 113.95 -5.59 31.19
N VAL PB 151 114.00 -5.00 32.38
CA VAL PB 151 114.98 -5.36 33.41
C VAL PB 151 114.25 -5.45 34.75
N ASN PB 152 114.38 -6.59 35.43
CA ASN PB 152 113.73 -6.87 36.70
C ASN PB 152 114.76 -6.98 37.82
N VAL PB 153 114.37 -6.53 39.00
CA VAL PB 153 115.22 -6.55 40.18
C VAL PB 153 114.34 -6.90 41.38
N GLU PB 154 114.81 -7.79 42.24
CA GLU PB 154 113.94 -8.40 43.24
C GLU PB 154 114.72 -8.65 44.53
N VAL PB 155 114.08 -8.34 45.66
CA VAL PB 155 114.72 -8.42 46.97
C VAL PB 155 113.78 -9.19 47.89
N LEU PB 156 114.22 -10.37 48.34
CA LEU PB 156 113.43 -11.23 49.21
C LEU PB 156 113.86 -10.95 50.65
N GLY PB 157 113.21 -9.98 51.28
CA GLY PB 157 113.55 -9.51 52.60
C GLY PB 157 112.69 -10.02 53.74
N GLY PB 158 111.96 -11.10 53.52
CA GLY PB 158 111.11 -11.63 54.56
C GLY PB 158 111.86 -12.54 55.51
N GLY PB 159 111.24 -12.77 56.66
CA GLY PB 159 111.74 -13.75 57.60
C GLY PB 159 112.63 -13.19 58.68
N VAL PB 160 112.55 -11.89 58.95
CA VAL PB 160 113.38 -11.27 59.96
C VAL PB 160 113.09 -11.91 61.31
N LEU PB 161 114.15 -12.24 62.04
CA LEU PB 161 114.05 -12.90 63.33
C LEU PB 161 113.44 -11.97 64.38
N THR PB 162 112.82 -12.58 65.41
CA THR PB 162 112.01 -11.80 66.34
C THR PB 162 112.85 -10.84 67.18
N GLY PB 163 114.04 -11.27 67.58
CA GLY PB 163 114.88 -10.40 68.39
C GLY PB 163 115.25 -9.08 67.70
N THR PB 164 115.31 -9.09 66.37
CA THR PB 164 115.78 -7.92 65.62
C THR PB 164 114.90 -6.70 65.88
N ASP PB 165 115.51 -5.60 66.29
CA ASP PB 165 114.74 -4.39 66.55
C ASP PB 165 114.80 -3.45 65.33
N ALA PB 166 114.23 -2.26 65.48
CA ALA PB 166 114.10 -1.34 64.35
C ALA PB 166 115.46 -0.90 63.82
N ASN PB 167 116.36 -0.51 64.75
CA ASN PB 167 117.68 -0.07 64.35
C ASN PB 167 118.42 -1.16 63.60
N ALA PB 168 118.33 -2.39 64.09
CA ALA PB 168 118.94 -3.51 63.38
C ALA PB 168 118.35 -3.71 61.99
N GLN PB 169 117.03 -3.55 61.88
CA GLN PB 169 116.41 -3.69 60.57
C GLN PB 169 116.93 -2.65 59.59
N PHE PB 170 117.26 -1.45 60.08
CA PHE PB 170 117.94 -0.48 59.20
C PHE PB 170 119.20 -1.08 58.58
N ALA PB 171 120.01 -1.73 59.41
CA ALA PB 171 121.24 -2.35 58.94
C ALA PB 171 120.95 -3.41 57.90
N LEU PB 172 119.91 -4.22 58.14
CA LEU PB 172 119.53 -5.22 57.15
C LEU PB 172 119.12 -4.57 55.84
N ASP PB 173 118.45 -3.40 55.92
CA ASP PB 173 118.09 -2.65 54.72
C ASP PB 173 119.33 -2.36 53.88
N GLU PB 174 120.34 -1.75 54.51
CA GLU PB 174 121.53 -1.39 53.74
C GLU PB 174 122.27 -2.63 53.27
N LEU PB 175 122.22 -3.73 54.03
CA LEU PB 175 122.86 -4.97 53.60
C LEU PB 175 122.26 -5.48 52.31
N LEU PB 176 120.93 -5.54 52.24
CA LEU PB 176 120.28 -5.94 51.00
C LEU PB 176 120.58 -4.96 49.88
N SER PB 177 120.69 -3.67 50.20
CA SER PB 177 121.07 -2.68 49.18
C SER PB 177 122.42 -3.05 48.56
N ASN PB 178 123.40 -3.38 49.39
CA ASN PB 178 124.72 -3.69 48.86
C ASN PB 178 124.73 -5.01 48.09
N MET PB 179 123.92 -5.98 48.52
CA MET PB 179 123.77 -7.20 47.72
C MET PB 179 123.17 -6.89 46.35
N LEU PB 180 122.22 -5.96 46.31
CA LEU PB 180 121.67 -5.48 45.04
C LEU PB 180 122.77 -4.95 44.13
N MET PB 181 123.57 -4.02 44.65
CA MET PB 181 124.64 -3.44 43.85
C MET PB 181 125.57 -4.53 43.33
N ASP PB 182 125.94 -5.48 44.19
CA ASP PB 182 126.82 -6.56 43.76
C ASP PB 182 126.18 -7.41 42.68
N ALA PB 183 124.88 -7.69 42.81
CA ALA PB 183 124.21 -8.51 41.80
C ALA PB 183 124.20 -7.81 40.45
N ALA PB 184 123.94 -6.50 40.43
CA ALA PB 184 123.92 -5.77 39.16
C ALA PB 184 125.31 -5.72 38.54
N ARG PB 185 126.34 -5.53 39.37
CA ARG PB 185 127.70 -5.55 38.84
C ARG PB 185 128.04 -6.92 38.26
N ILE PB 186 127.66 -7.99 38.96
CA ILE PB 186 127.95 -9.34 38.47
C ILE PB 186 127.17 -9.63 37.18
N ALA PB 187 126.01 -8.99 37.03
CA ALA PB 187 125.22 -9.18 35.82
C ALA PB 187 125.87 -8.50 34.62
N GLN PB 188 126.27 -7.23 34.76
CA GLN PB 188 126.87 -6.50 33.66
C GLN PB 188 128.37 -6.75 33.50
N ASP PB 189 128.96 -7.56 34.39
CA ASP PB 189 130.40 -7.72 34.43
C ASP PB 189 130.94 -8.26 33.11
N GLY PB 190 132.05 -7.69 32.66
CA GLY PB 190 132.73 -8.17 31.48
C GLY PB 190 133.30 -7.06 30.62
N PRO PB 191 134.20 -7.42 29.71
CA PRO PB 191 134.69 -6.45 28.73
C PRO PB 191 133.56 -5.97 27.84
N LYS PB 192 133.63 -4.70 27.45
CA LYS PB 192 132.73 -4.20 26.43
C LYS PB 192 133.18 -4.60 25.02
N ASN PB 193 134.30 -5.31 24.91
CA ASN PB 193 134.74 -5.87 23.63
C ASN PB 193 133.91 -7.06 23.21
N THR PB 194 133.35 -7.80 24.17
CA THR PB 194 132.69 -9.05 23.90
C THR PB 194 131.21 -9.00 24.28
N ALA PB 195 130.45 -9.92 23.70
CA ALA PB 195 129.01 -10.00 23.92
C ALA PB 195 128.71 -10.41 25.35
N ARG PB 196 127.78 -9.70 26.01
CA ARG PB 196 127.48 -10.13 27.38
C ARG PB 196 125.99 -10.22 27.73
N LEU PB 197 125.08 -9.47 27.09
CA LEU PB 197 123.67 -9.51 27.49
C LEU PB 197 122.63 -9.89 26.44
N VAL PB 198 122.54 -9.13 25.31
CA VAL PB 198 121.38 -9.24 24.44
C VAL PB 198 121.48 -10.47 23.56
N ALA PB 199 120.33 -11.01 23.17
CA ALA PB 199 120.25 -12.21 22.34
C ALA PB 199 121.08 -13.35 22.93
N ALA PB 200 121.14 -13.40 24.26
CA ALA PB 200 121.97 -14.38 24.94
C ALA PB 200 121.49 -15.81 24.63
N SER PB 201 122.43 -16.70 24.39
CA SER PB 201 122.15 -18.12 24.21
C SER PB 201 122.77 -19.01 25.28
N HIS PB 202 124.02 -18.75 25.65
CA HIS PB 202 124.76 -19.54 26.62
C HIS PB 202 126.00 -18.76 27.02
N GLY PB 203 126.59 -19.16 28.14
CA GLY PB 203 127.76 -18.49 28.69
C GLY PB 203 129.00 -19.35 28.48
N VAL PB 204 130.13 -18.69 28.22
CA VAL PB 204 131.40 -19.38 28.06
C VAL PB 204 132.46 -18.60 28.82
N MET PB 205 133.19 -19.30 29.69
CA MET PB 205 134.27 -18.70 30.46
C MET PB 205 135.53 -18.61 29.60
N PRO PB 206 136.22 -17.47 29.56
CA PRO PB 206 137.37 -17.34 28.66
C PRO PB 206 138.50 -18.26 29.06
N GLN PB 207 139.34 -18.56 28.06
CA GLN PB 207 140.45 -19.50 28.27
C GLN PB 207 141.31 -19.09 29.46
N ALA PB 208 141.59 -17.79 29.59
CA ALA PB 208 142.26 -17.22 30.75
C ALA PB 208 143.50 -18.02 31.12
N SER QB 23 100.49 -6.31 17.97
CA SER QB 23 100.55 -5.76 16.62
C SER QB 23 100.81 -4.25 16.65
N SER QB 24 101.83 -3.81 15.92
CA SER QB 24 102.24 -2.41 15.86
C SER QB 24 101.91 -1.84 14.50
N ARG QB 25 101.22 -0.70 14.48
CA ARG QB 25 100.72 -0.10 13.26
C ARG QB 25 101.12 1.36 13.19
N THR QB 26 101.57 1.77 12.01
CA THR QB 26 101.82 3.19 11.75
C THR QB 26 100.51 3.87 11.38
N THR QB 27 100.31 5.07 11.93
CA THR QB 27 99.07 5.80 11.83
C THR QB 27 99.27 7.08 11.02
N PHE QB 28 98.35 7.34 10.10
CA PHE QB 28 98.28 8.57 9.32
C PHE QB 28 97.04 9.33 9.76
N GLY QB 29 97.22 10.59 10.11
CA GLY QB 29 96.11 11.36 10.62
C GLY QB 29 96.00 11.26 12.13
N VAL QB 30 94.78 11.48 12.60
CA VAL QB 30 94.50 11.55 14.04
C VAL QB 30 94.48 10.16 14.63
N ASN QB 31 95.15 10.00 15.76
CA ASN QB 31 95.05 8.77 16.55
C ASN QB 31 94.18 9.04 17.76
N PRO QB 32 92.98 8.49 17.84
CA PRO QB 32 92.06 8.82 18.94
C PRO QB 32 92.15 7.90 20.16
N ASP QB 33 93.18 7.07 20.28
CA ASP QB 33 93.29 6.18 21.44
C ASP QB 33 93.25 6.97 22.74
N ARG QB 34 92.31 6.61 23.63
CA ARG QB 34 92.17 7.25 24.92
C ARG QB 34 92.74 6.36 26.03
N GLN QB 35 93.21 7.02 27.09
CA GLN QB 35 93.79 6.32 28.23
C GLN QB 35 92.68 5.90 29.18
N ALA QB 36 92.73 4.64 29.61
CA ALA QB 36 91.72 4.10 30.50
C ALA QB 36 91.63 4.91 31.79
N ASN QB 37 90.39 5.13 32.26
CA ASN QB 37 90.10 5.93 33.44
C ASN QB 37 90.35 5.08 34.69
N ALA QB 38 91.64 4.85 34.98
CA ALA QB 38 92.07 3.93 36.05
C ALA QB 38 93.14 4.61 36.89
N ARG QB 39 92.86 5.84 37.31
CA ARG QB 39 93.82 6.68 38.05
C ARG QB 39 93.24 7.08 39.39
N PRO QB 40 93.83 6.64 40.51
CA PRO QB 40 93.36 7.11 41.81
C PRO QB 40 93.59 8.60 41.97
N VAL QB 41 92.66 9.25 42.68
CA VAL QB 41 92.73 10.70 42.86
C VAL QB 41 92.66 11.03 44.35
N TYR QB 42 93.27 12.16 44.69
CA TYR QB 42 93.32 12.61 46.07
C TYR QB 42 91.93 12.93 46.59
N LEU QB 43 91.69 12.55 47.84
CA LEU QB 43 90.41 12.73 48.52
C LEU QB 43 90.66 13.50 49.80
N ALA QB 44 90.12 14.71 49.87
CA ALA QB 44 90.39 15.60 51.00
C ALA QB 44 89.95 14.95 52.31
N PRO QB 45 90.73 15.12 53.39
CA PRO QB 45 90.36 14.50 54.67
C PRO QB 45 89.20 15.19 55.37
N ALA QB 46 88.73 16.32 54.84
CA ALA QB 46 87.59 17.03 55.38
C ALA QB 46 87.15 18.05 54.34
N ALA QB 47 85.92 18.54 54.47
CA ALA QB 47 85.37 19.44 53.48
C ALA QB 47 85.23 20.82 54.08
N PRO QB 48 85.97 21.84 53.63
CA PRO QB 48 85.79 23.18 54.19
C PRO QB 48 84.58 23.89 53.57
N MET QB 49 83.67 24.35 54.42
CA MET QB 49 82.53 25.14 53.98
C MET QB 49 82.57 26.56 54.54
N GLU QB 50 83.76 27.16 54.57
CA GLU QB 50 83.92 28.41 55.31
C GLU QB 50 83.09 29.55 54.72
N ASN QB 51 83.06 29.66 53.39
CA ASN QB 51 82.39 30.80 52.74
C ASN QB 51 80.91 30.84 53.10
N THR QB 52 80.21 29.72 52.92
CA THR QB 52 78.76 29.70 53.11
C THR QB 52 78.38 29.92 54.57
N TYR QB 53 79.14 29.36 55.51
CA TYR QB 53 78.79 29.48 56.93
C TYR QB 53 79.16 30.84 57.50
N THR QB 54 80.25 31.44 57.02
CA THR QB 54 80.48 32.83 57.39
C THR QB 54 79.37 33.74 56.86
N TYR QB 55 78.88 33.51 55.63
CA TYR QB 55 77.78 34.34 55.17
C TYR QB 55 76.50 34.08 55.98
N LEU QB 56 76.27 32.82 56.36
CA LEU QB 56 75.10 32.51 57.18
C LEU QB 56 75.18 33.20 58.54
N GLY QB 57 76.37 33.25 59.14
CA GLY QB 57 76.55 34.08 60.32
C GLY QB 57 76.29 35.55 60.04
N SER QB 58 76.67 36.01 58.84
CA SER QB 58 76.42 37.40 58.47
C SER QB 58 74.94 37.73 58.51
N ILE QB 59 74.09 36.88 57.96
CA ILE QB 59 72.67 37.23 57.94
C ILE QB 59 71.94 36.68 59.16
N GLN QB 60 72.70 36.19 60.15
CA GLN QB 60 72.13 35.66 61.39
C GLN QB 60 71.23 34.46 61.12
N PHE QB 61 71.62 33.65 60.13
CA PHE QB 61 70.97 32.36 59.87
C PHE QB 61 69.48 32.51 59.58
N ALA QB 62 69.11 33.57 58.86
CA ALA QB 62 67.69 33.80 58.59
C ALA QB 62 67.55 34.73 57.39
N ALA QB 63 66.81 34.28 56.38
CA ALA QB 63 66.44 35.12 55.24
C ALA QB 63 64.96 34.90 54.96
N GLY QB 64 64.19 35.97 55.04
CA GLY QB 64 62.76 35.86 54.79
C GLY QB 64 62.09 34.93 55.77
N ARG QB 65 61.38 33.95 55.22
CA ARG QB 65 60.75 32.92 56.03
C ARG QB 65 61.62 31.68 56.19
N HIS QB 66 62.82 31.69 55.62
CA HIS QB 66 63.77 30.59 55.77
C HIS QB 66 64.63 30.84 56.99
N ILE QB 67 64.63 29.92 57.95
CA ILE QB 67 65.56 29.98 59.07
C ILE QB 67 66.49 28.77 58.97
N PHE QB 68 67.78 29.00 59.20
CA PHE QB 68 68.78 27.95 59.07
C PHE QB 68 69.33 27.56 60.43
N GLY QB 69 69.98 26.40 60.48
CA GLY QB 69 70.56 25.94 61.72
C GLY QB 69 72.06 26.24 61.80
N GLU QB 70 72.56 26.26 63.04
CA GLU QB 70 73.98 26.54 63.28
C GLU QB 70 74.79 25.27 63.20
N PRO QB 71 75.81 25.20 62.35
CA PRO QB 71 76.58 23.96 62.23
C PRO QB 71 77.46 23.73 63.44
N ALA QB 72 77.84 22.46 63.65
CA ALA QB 72 78.82 22.17 64.68
C ALA QB 72 80.21 22.63 64.27
N SER QB 73 80.56 22.47 62.98
CA SER QB 73 81.86 22.91 62.51
C SER QB 73 81.73 23.56 61.14
N ASN QB 74 82.66 24.49 60.87
CA ASN QB 74 82.78 25.06 59.54
C ASN QB 74 83.45 24.10 58.57
N VAL QB 75 84.20 23.13 59.09
CA VAL QB 75 84.85 22.10 58.29
C VAL QB 75 84.22 20.77 58.65
N LEU QB 76 83.76 20.04 57.63
CA LEU QB 76 82.93 18.86 57.84
C LEU QB 76 83.80 17.60 57.79
N PRO QB 77 83.69 16.74 58.82
CA PRO QB 77 84.50 15.51 58.86
C PRO QB 77 83.89 14.42 58.00
N PRO QB 78 84.68 13.43 57.59
CA PRO QB 78 84.13 12.36 56.76
C PRO QB 78 83.20 11.47 57.57
N GLN QB 79 82.12 11.04 56.93
CA GLN QB 79 81.17 10.12 57.54
C GLN QB 79 81.41 8.67 57.14
N ASN QB 80 81.65 8.41 55.86
CA ASN QB 80 81.78 7.04 55.37
C ASN QB 80 83.07 6.83 54.57
N ILE QB 81 84.10 7.62 54.85
CA ILE QB 81 85.39 7.52 54.17
C ILE QB 81 86.43 7.09 55.19
N VAL QB 82 87.22 6.09 54.83
CA VAL QB 82 88.28 5.56 55.68
C VAL QB 82 89.60 5.79 54.97
N PRO QB 83 90.63 6.29 55.65
CA PRO QB 83 91.89 6.55 54.96
C PRO QB 83 92.49 5.27 54.44
N GLY QB 84 93.00 5.34 53.22
CA GLY QB 84 93.66 4.22 52.59
C GLY QB 84 92.72 3.25 51.90
N VAL QB 85 91.42 3.45 52.02
CA VAL QB 85 90.44 2.56 51.40
C VAL QB 85 89.83 3.30 50.23
N PRO QB 86 89.97 2.82 49.00
CA PRO QB 86 89.38 3.51 47.85
C PRO QB 86 87.87 3.45 47.93
N THR QB 87 87.23 4.59 47.66
CA THR QB 87 85.78 4.67 47.61
C THR QB 87 85.40 5.50 46.39
N LYS QB 88 84.23 5.19 45.83
CA LYS QB 88 83.71 5.93 44.68
C LYS QB 88 82.60 6.89 45.10
N HIS QB 89 82.20 6.84 46.36
CA HIS QB 89 81.17 7.72 46.88
C HIS QB 89 81.49 7.99 48.34
N GLY QB 90 81.54 9.26 48.70
CA GLY QB 90 81.91 9.65 50.05
C GLY QB 90 81.11 10.85 50.50
N GLU QB 91 80.95 10.97 51.81
CA GLU QB 91 80.10 12.01 52.38
C GLU QB 91 80.77 12.62 53.61
N TYR QB 92 80.77 13.95 53.66
CA TYR QB 92 81.11 14.70 54.85
C TYR QB 92 79.83 15.31 55.41
N VAL QB 93 79.74 15.41 56.72
CA VAL QB 93 78.46 15.79 57.32
C VAL QB 93 78.69 16.47 58.66
N THR QB 94 77.87 17.47 58.95
CA THR QB 94 77.80 17.99 60.32
C THR QB 94 76.34 18.17 60.72
N THR QB 95 76.11 18.60 61.97
CA THR QB 95 74.76 18.74 62.50
C THR QB 95 74.45 20.21 62.74
N ASN QB 96 73.38 20.71 62.13
CA ASN QB 96 72.83 22.01 62.42
C ASN QB 96 71.85 21.84 63.60
N THR QB 97 72.07 22.62 64.65
CA THR QB 97 71.16 22.74 65.79
C THR QB 97 70.65 24.17 65.86
N GLY QB 98 69.55 24.36 66.59
CA GLY QB 98 68.91 25.66 66.63
C GLY QB 98 67.85 25.70 67.70
N ASP QB 99 67.44 26.92 68.05
CA ASP QB 99 66.42 27.14 69.06
C ASP QB 99 65.06 26.74 68.51
N ARG QB 100 64.36 25.87 69.25
CA ARG QB 100 63.09 25.28 68.82
C ARG QB 100 63.23 24.47 67.54
N LEU QB 101 64.41 23.90 67.30
CA LEU QB 101 64.68 23.16 66.08
C LEU QB 101 65.16 21.75 66.41
N MET QB 102 64.81 20.83 65.52
CA MET QB 102 65.29 19.45 65.60
C MET QB 102 66.56 19.31 64.80
N ALA QB 103 67.58 18.68 65.40
CA ALA QB 103 68.89 18.55 64.78
C ALA QB 103 68.78 17.99 63.37
N SER QB 104 69.37 18.70 62.41
CA SER QB 104 69.32 18.28 61.01
C SER QB 104 70.71 18.36 60.39
N SER QB 105 71.09 17.31 59.67
CA SER QB 105 72.45 17.21 59.17
C SER QB 105 72.60 17.97 57.85
N THR QB 106 73.75 18.61 57.69
CA THR QB 106 74.20 19.26 56.46
C THR QB 106 75.25 18.38 55.79
N THR QB 107 75.05 18.09 54.49
CA THR QB 107 75.79 17.02 53.82
C THR QB 107 76.54 17.52 52.58
N VAL QB 108 77.73 16.97 52.39
CA VAL QB 108 78.59 17.28 51.26
C VAL QB 108 79.00 15.95 50.64
N THR QB 109 78.53 15.67 49.44
CA THR QB 109 78.68 14.38 48.79
C THR QB 109 79.66 14.49 47.62
N ARG QB 110 80.57 13.53 47.52
CA ARG QB 110 81.54 13.50 46.43
C ARG QB 110 81.53 12.13 45.76
N ASP QB 111 81.33 12.12 44.45
CA ASP QB 111 81.28 10.91 43.65
C ASP QB 111 82.43 10.94 42.65
N VAL QB 112 83.23 9.88 42.61
CA VAL QB 112 84.31 9.75 41.64
C VAL QB 112 84.14 8.42 40.90
N SER QB 113 83.93 8.50 39.59
CA SER QB 113 83.72 7.29 38.79
C SER QB 113 83.95 7.59 37.32
N ASN QB 114 84.71 6.73 36.64
CA ASN QB 114 84.85 6.77 35.18
C ASN QB 114 85.31 8.15 34.68
N GLY QB 115 86.23 8.77 35.42
CA GLY QB 115 86.77 10.07 35.06
C GLY QB 115 85.88 11.25 35.34
N ARG QB 116 84.72 11.01 35.93
CA ARG QB 116 83.76 12.07 36.24
C ARG QB 116 83.72 12.21 37.74
N THR QB 117 83.96 13.42 38.21
CA THR QB 117 83.96 13.70 39.63
C THR QB 117 82.92 14.79 39.91
N LYS QB 118 82.09 14.58 40.93
CA LYS QB 118 80.95 15.46 41.20
C LYS QB 118 80.77 15.69 42.69
N VAL QB 119 80.75 16.96 43.08
CA VAL QB 119 80.55 17.39 44.46
C VAL QB 119 79.19 18.08 44.57
N SER QB 120 78.38 17.66 45.54
CA SER QB 120 77.06 18.22 45.79
C SER QB 120 76.98 18.66 47.25
N ILE QB 121 76.30 19.79 47.49
CA ILE QB 121 76.15 20.34 48.83
C ILE QB 121 74.67 20.55 49.10
N ASP QB 122 74.20 20.04 50.24
CA ASP QB 122 72.79 20.13 50.64
C ASP QB 122 72.70 20.67 52.06
N ILE QB 123 72.01 21.80 52.20
CA ILE QB 123 71.76 22.41 53.51
C ILE QB 123 70.26 22.59 53.69
N PRO QB 124 69.68 22.14 54.80
CA PRO QB 124 68.24 22.29 55.02
C PRO QB 124 67.89 23.59 55.73
N TYR QB 125 66.61 23.96 55.58
CA TYR QB 125 66.04 25.14 56.23
C TYR QB 125 64.72 24.78 56.89
N TYR QB 126 64.21 25.70 57.72
CA TYR QB 126 63.00 25.51 58.48
C TYR QB 126 62.07 26.71 58.30
N ASP QB 127 60.82 26.51 58.76
CA ASP QB 127 59.76 27.51 58.68
C ASP QB 127 59.91 28.52 59.81
N ARG QB 128 60.38 29.72 59.47
CA ARG QB 128 60.61 30.73 60.49
C ARG QB 128 59.31 31.13 61.17
N ASN QB 129 58.18 31.08 60.45
CA ASN QB 129 56.91 31.46 61.06
C ASN QB 129 56.52 30.49 62.16
N ALA QB 130 56.70 29.19 61.92
CA ALA QB 130 56.46 28.21 62.98
C ALA QB 130 57.44 28.41 64.13
N VAL QB 131 58.72 28.64 63.82
CA VAL QB 131 59.72 28.74 64.89
C VAL QB 131 59.43 29.93 65.80
N GLU QB 132 59.21 31.11 65.21
CA GLU QB 132 58.99 32.31 66.01
C GLU QB 132 57.59 32.31 66.62
N THR QB 133 56.61 31.62 66.04
CA THR QB 133 55.31 31.50 66.68
C THR QB 133 55.40 30.64 67.94
N LEU QB 134 56.17 29.55 67.89
CA LEU QB 134 56.44 28.78 69.10
C LEU QB 134 57.16 29.63 70.15
N LYS QB 135 58.27 30.27 69.76
CA LYS QB 135 58.99 31.13 70.69
C LYS QB 135 58.04 32.12 71.36
N ALA QB 136 57.22 32.80 70.56
CA ALA QB 136 56.33 33.84 71.07
C ALA QB 136 55.16 33.27 71.88
N SER QB 137 54.80 32.01 71.69
CA SER QB 137 53.68 31.42 72.43
C SER QB 137 54.12 30.70 73.69
N ALA QB 138 55.41 30.40 73.84
CA ALA QB 138 55.94 29.77 75.07
C ALA QB 138 55.27 28.43 75.33
N ILE QB 139 55.29 27.60 74.29
CA ILE QB 139 54.56 26.34 74.24
C ILE QB 139 55.54 25.27 73.79
N PRO QB 140 55.36 24.02 74.20
CA PRO QB 140 56.47 23.05 74.11
C PRO QB 140 56.93 22.63 72.70
N GLY QB 141 56.23 22.99 71.63
CA GLY QB 141 56.52 22.37 70.33
C GLY QB 141 57.95 22.59 69.85
N ALA QB 142 58.42 21.65 68.99
CA ALA QB 142 59.62 21.84 68.18
C ALA QB 142 59.37 21.39 66.74
N VAL QB 143 60.20 21.89 65.81
CA VAL QB 143 59.94 21.82 64.38
C VAL QB 143 61.08 21.12 63.65
N ALA QB 144 60.72 20.39 62.61
CA ALA QB 144 61.61 19.68 61.71
C ALA QB 144 61.82 20.48 60.43
N PRO QB 145 62.83 20.13 59.62
CA PRO QB 145 63.09 20.88 58.38
C PRO QB 145 61.92 20.84 57.40
N VAL QB 146 61.83 21.90 56.61
CA VAL QB 146 60.78 22.06 55.60
C VAL QB 146 61.29 21.80 54.19
N GLY QB 147 62.57 22.02 53.94
CA GLY QB 147 63.15 21.80 52.63
C GLY QB 147 64.63 22.02 52.68
N SER QB 148 65.24 22.12 51.50
CA SER QB 148 66.68 22.26 51.44
C SER QB 148 67.06 23.06 50.20
N PHE QB 149 68.31 23.51 50.19
CA PHE QB 149 68.94 24.08 49.02
C PHE QB 149 70.18 23.25 48.67
N LYS QB 150 70.37 23.06 47.36
CA LYS QB 150 71.40 22.17 46.83
C LYS QB 150 72.18 22.86 45.71
N VAL QB 151 73.47 22.55 45.68
CA VAL QB 151 74.39 23.07 44.68
C VAL QB 151 75.29 21.92 44.20
N ASN QB 152 75.33 21.69 42.88
CA ASN QB 152 76.11 20.63 42.28
C ASN QB 152 77.24 21.19 41.42
N VAL QB 153 78.36 20.47 41.39
CA VAL QB 153 79.52 20.86 40.61
C VAL QB 153 80.14 19.58 40.05
N GLU QB 154 80.45 19.58 38.75
CA GLU QB 154 80.74 18.35 38.02
C GLU QB 154 81.88 18.56 37.03
N VAL QB 155 82.82 17.63 36.99
CA VAL QB 155 84.01 17.73 36.15
C VAL QB 155 84.13 16.44 35.36
N LEU QB 156 84.11 16.57 34.02
CA LEU QB 156 84.12 15.41 33.12
C LEU QB 156 85.54 15.25 32.58
N GLY QB 157 86.38 14.58 33.35
CA GLY QB 157 87.79 14.45 33.06
C GLY QB 157 88.20 13.20 32.32
N GLY QB 158 87.23 12.46 31.80
CA GLY QB 158 87.54 11.25 31.08
C GLY QB 158 88.05 11.53 29.68
N GLY QB 159 88.73 10.54 29.11
CA GLY QB 159 89.15 10.63 27.73
C GLY QB 159 90.56 11.13 27.53
N VAL QB 160 91.44 10.95 28.51
CA VAL QB 160 92.82 11.42 28.36
C VAL QB 160 93.49 10.63 27.25
N LEU QB 161 94.21 11.32 26.38
CA LEU QB 161 94.84 10.70 25.23
C LEU QB 161 96.04 9.84 25.64
N THR QB 162 96.50 9.02 24.70
CA THR QB 162 97.53 8.03 25.05
C THR QB 162 98.86 8.68 25.40
N GLY QB 163 99.24 9.72 24.64
CA GLY QB 163 100.55 10.31 24.83
C GLY QB 163 100.76 10.94 26.19
N THR QB 164 99.66 11.33 26.85
CA THR QB 164 99.77 12.08 28.10
C THR QB 164 100.43 11.25 29.18
N ASP QB 165 101.48 11.81 29.78
CA ASP QB 165 102.11 11.20 30.93
C ASP QB 165 101.59 11.84 32.21
N ALA QB 166 102.18 11.44 33.34
CA ALA QB 166 101.66 11.86 34.64
C ALA QB 166 101.80 13.36 34.87
N ASN QB 167 102.97 13.92 34.53
CA ASN QB 167 103.19 15.36 34.68
C ASN QB 167 102.16 16.16 33.88
N ALA QB 168 101.96 15.79 32.62
CA ALA QB 168 100.96 16.42 31.78
C ALA QB 168 99.56 16.27 32.38
N GLN QB 169 99.28 15.12 33.00
CA GLN QB 169 97.98 14.95 33.64
C GLN QB 169 97.79 15.92 34.80
N PHE QB 170 98.87 16.21 35.54
CA PHE QB 170 98.78 17.26 36.55
C PHE QB 170 98.41 18.59 35.92
N ALA QB 171 99.03 18.89 34.78
CA ALA QB 171 98.70 20.13 34.10
C ALA QB 171 97.21 20.16 33.74
N LEU QB 172 96.68 19.02 33.29
CA LEU QB 172 95.27 18.96 32.92
C LEU QB 172 94.38 19.11 34.15
N ASP QB 173 94.83 18.54 35.28
CA ASP QB 173 94.15 18.73 36.55
C ASP QB 173 93.92 20.21 36.83
N GLU QB 174 95.00 20.98 36.75
CA GLU QB 174 94.89 22.41 37.05
C GLU QB 174 94.05 23.14 36.00
N LEU QB 175 94.13 22.70 34.73
CA LEU QB 175 93.29 23.31 33.70
C LEU QB 175 91.80 23.17 34.03
N LEU QB 176 91.40 21.95 34.40
CA LEU QB 176 90.01 21.74 34.76
C LEU QB 176 89.61 22.54 35.98
N SER QB 177 90.49 22.63 36.99
CA SER QB 177 90.13 23.40 38.17
C SER QB 177 89.92 24.88 37.82
N ASN QB 178 90.73 25.40 36.88
CA ASN QB 178 90.53 26.79 36.45
C ASN QB 178 89.21 26.96 35.71
N MET QB 179 88.83 25.99 34.88
CA MET QB 179 87.51 26.06 34.25
C MET QB 179 86.40 26.01 35.29
N LEU QB 180 86.62 25.26 36.37
CA LEU QB 180 85.68 25.22 37.49
C LEU QB 180 85.47 26.62 38.06
N MET QB 181 86.58 27.30 38.38
CA MET QB 181 86.49 28.65 38.93
C MET QB 181 85.76 29.58 37.97
N ASP QB 182 86.10 29.51 36.68
CA ASP QB 182 85.41 30.34 35.69
C ASP QB 182 83.91 30.06 35.68
N ALA QB 183 83.53 28.79 35.76
CA ALA QB 183 82.11 28.44 35.72
C ALA QB 183 81.36 28.97 36.93
N ALA QB 184 81.96 28.85 38.12
CA ALA QB 184 81.30 29.37 39.31
C ALA QB 184 81.16 30.90 39.24
N ARG QB 185 82.20 31.59 38.77
CA ARG QB 185 82.10 33.03 38.63
C ARG QB 185 81.02 33.42 37.63
N ILE QB 186 80.93 32.68 36.52
CA ILE QB 186 79.91 32.99 35.50
C ILE QB 186 78.52 32.70 36.02
N ALA QB 187 78.39 31.73 36.93
CA ALA QB 187 77.09 31.42 37.51
C ALA QB 187 76.64 32.51 38.47
N GLN QB 188 77.53 32.93 39.38
CA GLN QB 188 77.17 33.94 40.37
C GLN QB 188 77.30 35.37 39.84
N ASP QB 189 77.76 35.55 38.60
CA ASP QB 189 78.06 36.88 38.09
C ASP QB 189 76.81 37.75 38.09
N GLY QB 190 76.98 39.01 38.47
CA GLY QB 190 75.92 39.98 38.40
C GLY QB 190 75.85 40.89 39.62
N PRO QB 191 75.15 42.03 39.48
CA PRO QB 191 74.96 42.91 40.63
C PRO QB 191 74.17 42.22 41.73
N LYS QB 192 74.53 42.54 42.97
CA LYS QB 192 73.72 42.11 44.10
C LYS QB 192 72.48 42.96 44.28
N ASN QB 193 72.33 44.05 43.51
CA ASN QB 193 71.09 44.81 43.49
C ASN QB 193 69.93 43.99 42.96
N THR QB 194 70.20 42.91 42.23
CA THR QB 194 69.21 42.34 41.33
C THR QB 194 69.16 40.82 41.42
N ALA QB 195 68.00 40.28 41.09
CA ALA QB 195 67.74 38.84 41.17
C ALA QB 195 68.69 38.06 40.27
N ARG QB 196 69.31 37.01 40.80
CA ARG QB 196 70.13 36.22 39.89
C ARG QB 196 70.10 34.70 40.03
N LEU QB 197 69.67 34.12 41.18
CA LEU QB 197 69.63 32.66 41.30
C LEU QB 197 68.29 32.03 41.70
N VAL QB 198 67.71 32.44 42.84
CA VAL QB 198 66.62 31.67 43.45
C VAL QB 198 65.32 31.94 42.72
N ALA QB 199 64.43 30.94 42.72
CA ALA QB 199 63.10 31.04 42.12
C ALA QB 199 63.18 31.51 40.67
N ALA QB 200 64.25 31.13 39.98
CA ALA QB 200 64.52 31.60 38.63
C ALA QB 200 63.45 31.10 37.66
N SER QB 201 62.97 32.00 36.80
CA SER QB 201 62.02 31.67 35.74
C SER QB 201 62.69 31.63 34.36
N HIS QB 202 63.48 32.66 34.06
CA HIS QB 202 64.21 32.79 32.81
C HIS QB 202 65.29 33.83 33.02
N GLY QB 203 66.17 33.94 32.04
CA GLY QB 203 67.29 34.88 32.11
C GLY QB 203 67.02 36.02 31.15
N VAL QB 204 67.34 37.24 31.59
CA VAL QB 204 67.23 38.41 30.72
C VAL QB 204 68.50 39.24 30.83
N MET QB 205 69.00 39.70 29.68
CA MET QB 205 70.18 40.56 29.54
C MET QB 205 69.74 42.03 29.48
N PRO QB 206 70.48 42.93 30.12
CA PRO QB 206 70.15 44.35 30.07
C PRO QB 206 70.55 44.99 28.74
N GLN QB 207 70.10 46.23 28.56
CA GLN QB 207 70.40 47.03 27.39
C GLN QB 207 71.45 48.08 27.76
N ALA QB 208 72.51 48.16 26.96
CA ALA QB 208 73.57 49.16 27.12
C ALA QB 208 74.19 49.10 28.51
N GLY RB 11 31.64 30.99 -59.80
CA GLY RB 11 30.90 32.23 -59.88
C GLY RB 11 30.24 32.49 -61.23
N GLN RB 12 30.09 33.76 -61.58
CA GLN RB 12 29.45 34.15 -62.83
C GLN RB 12 30.23 33.64 -64.03
N LEU RB 13 29.57 33.68 -65.19
CA LEU RB 13 30.13 33.17 -66.43
C LEU RB 13 30.34 34.31 -67.42
N TYR RB 14 31.49 34.29 -68.13
CA TYR RB 14 31.77 35.30 -69.15
C TYR RB 14 32.46 34.61 -70.32
N MET RB 15 32.85 35.38 -71.34
CA MET RB 15 33.45 34.83 -72.55
C MET RB 15 34.94 35.16 -72.59
N GLY RB 16 35.77 34.13 -72.42
CA GLY RB 16 37.19 34.23 -72.65
C GLY RB 16 37.54 33.58 -73.97
N GLN RB 17 38.75 33.85 -74.45
CA GLN RB 17 39.12 33.38 -75.77
C GLN RB 17 39.23 31.86 -75.84
N GLN RB 18 39.33 31.19 -74.70
CA GLN RB 18 39.27 29.73 -74.70
C GLN RB 18 37.85 29.24 -74.92
N GLY RB 19 36.86 30.07 -74.58
CA GLY RB 19 35.47 29.70 -74.58
C GLY RB 19 34.78 30.34 -73.39
N PRO RB 20 33.55 29.94 -73.11
CA PRO RB 20 32.89 30.44 -71.90
C PRO RB 20 33.63 29.97 -70.66
N VAL RB 21 33.95 30.93 -69.79
CA VAL RB 21 34.85 30.70 -68.66
C VAL RB 21 34.24 31.28 -67.39
N GLN RB 22 34.45 30.58 -66.29
CA GLN RB 22 33.91 30.96 -65.00
C GLN RB 22 34.80 32.00 -64.33
N SER RB 23 34.20 33.11 -63.91
CA SER RB 23 34.95 34.13 -63.18
C SER RB 23 35.37 33.59 -61.83
N SER RB 24 36.56 34.02 -61.37
CA SER RB 24 37.12 33.47 -60.14
C SER RB 24 37.79 34.56 -59.33
N ARG RB 25 37.70 34.43 -58.00
CA ARG RB 25 38.24 35.40 -57.06
C ARG RB 25 39.23 34.69 -56.15
N THR RB 26 40.50 35.08 -56.21
CA THR RB 26 41.55 34.38 -55.49
C THR RB 26 42.40 35.35 -54.69
N THR RB 27 43.05 34.79 -53.66
CA THR RB 27 44.00 35.53 -52.83
C THR RB 27 45.42 35.41 -53.35
N PHE RB 28 45.59 34.85 -54.55
CA PHE RB 28 46.91 34.63 -55.12
C PHE RB 28 47.55 35.96 -55.51
N GLY RB 29 48.79 36.16 -55.07
CA GLY RB 29 49.55 37.32 -55.50
C GLY RB 29 49.32 38.59 -54.71
N VAL RB 30 48.77 38.51 -53.50
CA VAL RB 30 48.55 39.66 -52.65
C VAL RB 30 49.38 39.50 -51.40
N ASN RB 31 50.36 40.39 -51.21
CA ASN RB 31 51.24 40.36 -50.04
C ASN RB 31 50.69 41.31 -48.98
N PRO RB 32 50.05 40.82 -47.93
CA PRO RB 32 49.57 41.68 -46.85
C PRO RB 32 50.53 41.84 -45.68
N ASP RB 33 51.76 41.33 -45.77
CA ASP RB 33 52.74 41.49 -44.71
C ASP RB 33 52.85 42.95 -44.30
N ARG RB 34 53.01 43.19 -42.99
CA ARG RB 34 53.13 44.54 -42.47
C ARG RB 34 54.48 44.76 -41.81
N GLN RB 35 54.86 46.02 -41.75
CA GLN RB 35 56.11 46.46 -41.15
C GLN RB 35 55.83 46.86 -39.70
N ALA RB 36 56.70 46.41 -38.79
CA ALA RB 36 56.48 46.66 -37.38
C ALA RB 36 56.54 48.15 -37.06
N ASN RB 37 55.73 48.56 -36.10
CA ASN RB 37 55.68 49.95 -35.66
C ASN RB 37 56.86 50.19 -34.72
N ALA RB 38 58.04 50.40 -35.32
CA ALA RB 38 59.31 50.55 -34.63
C ALA RB 38 60.01 51.84 -35.06
N ARG RB 39 59.22 52.89 -35.30
CA ARG RB 39 59.71 54.12 -35.89
C ARG RB 39 59.65 55.25 -34.88
N PRO RB 40 60.78 55.75 -34.39
CA PRO RB 40 60.74 56.94 -33.52
C PRO RB 40 60.14 58.13 -34.26
N VAL RB 41 59.32 58.91 -33.55
CA VAL RB 41 58.65 60.06 -34.14
C VAL RB 41 59.06 61.32 -33.39
N TYR RB 42 58.92 62.44 -34.09
CA TYR RB 42 59.26 63.73 -33.52
C TYR RB 42 58.28 64.12 -32.43
N LEU RB 43 58.81 64.61 -31.32
CA LEU RB 43 58.02 65.06 -30.19
C LEU RB 43 58.28 66.54 -29.99
N ALA RB 44 57.25 67.36 -30.19
CA ALA RB 44 57.41 68.81 -30.18
C ALA RB 44 57.96 69.27 -28.83
N PRO RB 45 58.82 70.30 -28.81
CA PRO RB 45 59.36 70.79 -27.53
C PRO RB 45 58.40 71.69 -26.76
N ALA RB 46 57.24 72.00 -27.35
CA ALA RB 46 56.20 72.77 -26.68
C ALA RB 46 54.93 72.64 -27.52
N ALA RB 47 53.80 72.94 -26.88
CA ALA RB 47 52.50 72.76 -27.53
C ALA RB 47 51.86 74.10 -27.82
N PRO RB 48 51.66 74.50 -29.09
CA PRO RB 48 51.06 75.82 -29.31
C PRO RB 48 49.54 75.78 -29.29
N MET RB 49 48.91 76.46 -28.34
CA MET RB 49 47.46 76.62 -28.28
C MET RB 49 47.01 78.00 -28.72
N GLU RB 50 47.61 78.55 -29.79
CA GLU RB 50 47.36 79.95 -30.13
C GLU RB 50 45.91 80.20 -30.52
N ASN RB 51 45.32 79.31 -31.34
CA ASN RB 51 43.96 79.55 -31.83
C ASN RB 51 42.97 79.70 -30.68
N THR RB 52 42.95 78.72 -29.78
CA THR RB 52 41.96 78.72 -28.69
C THR RB 52 42.13 79.93 -27.78
N TYR RB 53 43.37 80.32 -27.50
CA TYR RB 53 43.58 81.40 -26.54
C TYR RB 53 43.37 82.78 -27.16
N THR RB 54 43.65 82.95 -28.45
CA THR RB 54 43.21 84.19 -29.10
C THR RB 54 41.69 84.30 -29.12
N TYR RB 55 40.98 83.19 -29.35
CA TYR RB 55 39.52 83.29 -29.26
C TYR RB 55 39.09 83.61 -27.83
N LEU RB 56 39.77 83.02 -26.83
CA LEU RB 56 39.40 83.30 -25.44
C LEU RB 56 39.66 84.75 -25.06
N GLY RB 57 40.69 85.37 -25.63
CA GLY RB 57 40.85 86.80 -25.50
C GLY RB 57 39.74 87.57 -26.20
N SER RB 58 39.28 87.05 -27.34
CA SER RB 58 38.20 87.70 -28.08
C SER RB 58 36.94 87.80 -27.23
N ILE RB 59 36.50 86.70 -26.62
CA ILE RB 59 35.24 86.73 -25.87
C ILE RB 59 35.47 87.20 -24.44
N GLN RB 60 36.68 87.68 -24.15
CA GLN RB 60 37.03 88.18 -22.82
C GLN RB 60 36.97 87.08 -21.75
N PHE RB 61 37.32 85.85 -22.13
CA PHE RB 61 37.41 84.71 -21.22
C PHE RB 61 36.10 84.44 -20.48
N ALA RB 62 34.98 84.62 -21.18
CA ALA RB 62 33.68 84.43 -20.55
C ALA RB 62 32.65 84.13 -21.61
N ALA RB 63 31.96 83.00 -21.47
CA ALA RB 63 30.79 82.70 -22.28
C ALA RB 63 29.69 82.26 -21.33
N GLY RB 64 28.64 83.07 -21.25
CA GLY RB 64 27.54 82.77 -20.34
C GLY RB 64 28.00 82.69 -18.91
N ARG RB 65 27.76 81.53 -18.30
CA ARG RB 65 28.12 81.26 -16.92
C ARG RB 65 29.52 80.64 -16.81
N HIS RB 66 30.14 80.28 -17.93
CA HIS RB 66 31.46 79.70 -17.96
C HIS RB 66 32.48 80.82 -18.00
N ILE RB 67 33.28 80.96 -16.95
CA ILE RB 67 34.35 81.94 -16.93
C ILE RB 67 35.66 81.18 -16.97
N PHE RB 68 36.61 81.65 -17.77
CA PHE RB 68 37.83 80.90 -18.01
C PHE RB 68 39.02 81.62 -17.40
N GLY RB 69 40.08 80.84 -17.13
CA GLY RB 69 41.29 81.43 -16.62
C GLY RB 69 42.18 81.96 -17.73
N GLU RB 70 43.00 82.97 -17.39
CA GLU RB 70 43.99 83.51 -18.30
C GLU RB 70 45.27 82.69 -18.21
N PRO RB 71 45.78 82.19 -19.34
CA PRO RB 71 46.93 81.28 -19.30
C PRO RB 71 48.20 81.99 -18.85
N ALA RB 72 49.21 81.17 -18.57
CA ALA RB 72 50.56 81.70 -18.41
C ALA RB 72 51.16 82.05 -19.76
N SER RB 73 51.06 81.14 -20.71
CA SER RB 73 51.61 81.33 -22.05
C SER RB 73 50.64 80.74 -23.07
N ASN RB 74 50.61 81.34 -24.26
CA ASN RB 74 49.89 80.75 -25.37
C ASN RB 74 50.54 79.46 -25.84
N VAL RB 75 51.82 79.28 -25.54
CA VAL RB 75 52.57 78.08 -25.90
C VAL RB 75 53.00 77.38 -24.62
N LEU RB 76 52.65 76.08 -24.51
CA LEU RB 76 52.78 75.31 -23.28
C LEU RB 76 54.10 74.58 -23.22
N PRO RB 77 54.79 74.66 -22.08
CA PRO RB 77 56.07 73.98 -21.94
C PRO RB 77 55.89 72.53 -21.55
N PRO RB 78 56.88 71.69 -21.81
CA PRO RB 78 56.78 70.28 -21.41
C PRO RB 78 56.72 70.13 -19.90
N GLN RB 79 55.99 69.10 -19.46
CA GLN RB 79 55.84 68.79 -18.04
C GLN RB 79 56.63 67.57 -17.60
N ASN RB 80 56.69 66.52 -18.42
CA ASN RB 80 57.44 65.32 -18.06
C ASN RB 80 58.26 64.80 -19.24
N ILE RB 81 58.66 65.70 -20.14
CA ILE RB 81 59.42 65.33 -21.33
C ILE RB 81 60.81 65.93 -21.21
N VAL RB 82 61.82 65.12 -21.50
CA VAL RB 82 63.19 65.60 -21.43
C VAL RB 82 63.87 65.28 -22.75
N PRO RB 83 64.64 66.21 -23.31
CA PRO RB 83 65.28 65.97 -24.59
C PRO RB 83 66.18 64.76 -24.51
N GLY RB 84 66.09 63.92 -25.54
CA GLY RB 84 66.94 62.74 -25.63
C GLY RB 84 66.46 61.56 -24.82
N VAL RB 85 65.33 61.66 -24.13
CA VAL RB 85 64.77 60.55 -23.37
C VAL RB 85 63.49 60.11 -24.09
N PRO RB 86 63.40 58.86 -24.56
CA PRO RB 86 62.20 58.43 -25.29
C PRO RB 86 61.06 58.08 -24.35
N THR RB 87 59.87 58.60 -24.65
CA THR RB 87 58.68 58.37 -23.86
C THR RB 87 57.54 58.00 -24.80
N LYS RB 88 56.58 57.25 -24.28
CA LYS RB 88 55.34 56.95 -24.98
C LYS RB 88 54.20 57.83 -24.49
N HIS RB 89 54.47 58.66 -23.49
CA HIS RB 89 53.46 59.57 -22.93
C HIS RB 89 54.14 60.87 -22.53
N GLY RB 90 53.62 61.99 -23.05
CA GLY RB 90 54.17 63.30 -22.76
C GLY RB 90 53.11 64.34 -22.48
N GLU RB 91 53.38 65.23 -21.54
CA GLU RB 91 52.40 66.22 -21.11
C GLU RB 91 52.99 67.62 -21.19
N TYR RB 92 52.19 68.57 -21.65
CA TYR RB 92 52.48 69.98 -21.58
C TYR RB 92 51.41 70.66 -20.72
N VAL RB 93 51.80 71.72 -20.01
CA VAL RB 93 50.89 72.32 -19.05
C VAL RB 93 51.25 73.80 -18.84
N THR RB 94 50.22 74.63 -18.67
CA THR RB 94 50.42 75.93 -18.01
C THR RB 94 49.39 76.08 -16.91
N THR RB 95 49.44 77.21 -16.20
CA THR RB 95 48.51 77.45 -15.10
C THR RB 95 47.69 78.71 -15.39
N ASN RB 96 46.39 78.50 -15.59
CA ASN RB 96 45.44 79.61 -15.72
C ASN RB 96 45.29 80.31 -14.38
N THR RB 97 45.22 81.65 -14.42
CA THR RB 97 44.94 82.49 -13.25
C THR RB 97 43.84 83.48 -13.58
N GLY RB 98 43.34 84.16 -12.55
CA GLY RB 98 42.24 85.10 -12.76
C GLY RB 98 41.88 85.79 -11.47
N ASP RB 99 41.05 86.82 -11.62
CA ASP RB 99 40.60 87.62 -10.48
C ASP RB 99 39.67 86.80 -9.61
N ARG RB 100 40.06 86.61 -8.34
CA ARG RB 100 39.28 85.81 -7.39
C ARG RB 100 39.05 84.38 -7.90
N LEU RB 101 40.04 83.85 -8.61
CA LEU RB 101 40.02 82.48 -9.11
C LEU RB 101 41.24 81.75 -8.59
N MET RB 102 41.04 80.60 -7.96
CA MET RB 102 42.17 79.76 -7.59
C MET RB 102 42.82 79.20 -8.84
N ALA RB 103 44.12 79.43 -8.99
CA ALA RB 103 44.82 79.07 -10.22
C ALA RB 103 44.71 77.58 -10.49
N SER RB 104 44.55 77.23 -11.77
CA SER RB 104 44.23 75.87 -12.18
C SER RB 104 44.93 75.57 -13.50
N SER RB 105 45.46 74.37 -13.63
CA SER RB 105 46.28 74.00 -14.76
C SER RB 105 45.44 73.63 -15.98
N THR RB 106 45.95 73.98 -17.17
CA THR RB 106 45.42 73.50 -18.43
C THR RB 106 46.46 72.58 -19.08
N THR RB 107 45.99 71.43 -19.59
CA THR RB 107 46.86 70.29 -19.91
C THR RB 107 46.67 69.81 -21.34
N VAL RB 108 47.78 69.41 -21.96
CA VAL RB 108 47.81 68.89 -23.32
C VAL RB 108 48.61 67.59 -23.27
N THR RB 109 47.94 66.46 -23.51
CA THR RB 109 48.52 65.14 -23.37
C THR RB 109 48.72 64.48 -24.73
N ARG RB 110 49.87 63.83 -24.91
CA ARG RB 110 50.18 63.13 -26.15
C ARG RB 110 50.64 61.72 -25.83
N ASP RB 111 49.93 60.73 -26.37
CA ASP RB 111 50.24 59.32 -26.19
C ASP RB 111 50.61 58.73 -27.54
N VAL RB 112 51.79 58.13 -27.62
CA VAL RB 112 52.29 57.55 -28.87
C VAL RB 112 52.61 56.08 -28.59
N SER RB 113 51.74 55.16 -29.01
CA SER RB 113 51.93 53.73 -28.79
C SER RB 113 51.46 52.93 -29.98
N ASN RB 114 52.33 52.03 -30.46
CA ASN RB 114 51.96 51.01 -31.45
C ASN RB 114 51.33 51.61 -32.70
N GLY RB 115 51.92 52.69 -33.19
CA GLY RB 115 51.42 53.36 -34.38
C GLY RB 115 50.23 54.26 -34.18
N ARG RB 116 49.75 54.39 -32.96
CA ARG RB 116 48.58 55.21 -32.66
C ARG RB 116 49.06 56.43 -31.91
N THR RB 117 48.85 57.60 -32.50
CA THR RB 117 49.16 58.88 -31.88
C THR RB 117 47.86 59.52 -31.42
N LYS RB 118 47.81 59.98 -30.17
CA LYS RB 118 46.59 60.62 -29.64
C LYS RB 118 46.94 61.84 -28.82
N VAL RB 119 46.35 62.98 -29.19
CA VAL RB 119 46.53 64.26 -28.50
C VAL RB 119 45.19 64.68 -27.91
N SER RB 120 45.20 65.02 -26.61
CA SER RB 120 44.02 65.46 -25.90
C SER RB 120 44.29 66.80 -25.22
N ILE RB 121 43.29 67.68 -25.21
CA ILE RB 121 43.39 69.00 -24.61
C ILE RB 121 42.27 69.15 -23.59
N ASP RB 122 42.64 69.54 -22.36
CA ASP RB 122 41.69 69.71 -21.27
C ASP RB 122 41.89 71.09 -20.65
N ILE RB 123 40.87 71.93 -20.74
CA ILE RB 123 40.89 73.27 -20.16
C ILE RB 123 39.77 73.38 -19.14
N PRO RB 124 40.03 73.87 -17.93
CA PRO RB 124 38.98 74.02 -16.92
C PRO RB 124 38.25 75.34 -17.06
N TYR RB 125 37.11 75.43 -16.36
CA TYR RB 125 36.34 76.67 -16.26
C TYR RB 125 35.79 76.81 -14.86
N TYR RB 126 35.19 77.98 -14.59
CA TYR RB 126 34.70 78.33 -13.27
C TYR RB 126 33.29 78.89 -13.36
N ASP RB 127 32.63 78.95 -12.19
CA ASP RB 127 31.24 79.36 -12.03
C ASP RB 127 31.15 80.88 -11.99
N ARG RB 128 30.75 81.48 -13.12
CA ARG RB 128 30.68 82.95 -13.15
C ARG RB 128 29.62 83.49 -12.19
N ASN RB 129 28.54 82.73 -11.95
CA ASN RB 129 27.58 83.17 -10.95
C ASN RB 129 28.25 83.37 -9.59
N ALA RB 130 29.07 82.39 -9.19
CA ALA RB 130 29.79 82.50 -7.92
C ALA RB 130 30.82 83.63 -7.97
N VAL RB 131 31.57 83.75 -9.07
CA VAL RB 131 32.63 84.75 -9.12
C VAL RB 131 32.05 86.16 -9.06
N GLU RB 132 30.99 86.43 -9.82
CA GLU RB 132 30.38 87.75 -9.78
C GLU RB 132 29.62 88.00 -8.48
N THR RB 133 29.13 86.95 -7.81
CA THR RB 133 28.62 87.15 -6.45
C THR RB 133 29.73 87.63 -5.53
N LEU RB 134 30.91 87.00 -5.62
CA LEU RB 134 32.08 87.44 -4.85
C LEU RB 134 32.41 88.90 -5.11
N LYS RB 135 32.51 89.28 -6.38
CA LYS RB 135 32.87 90.66 -6.68
C LYS RB 135 31.79 91.63 -6.22
N ALA RB 136 30.51 91.30 -6.49
CA ALA RB 136 29.43 92.26 -6.28
C ALA RB 136 29.17 92.54 -4.81
N SER RB 137 29.13 91.51 -3.97
CA SER RB 137 28.88 91.74 -2.55
C SER RB 137 30.17 91.85 -1.74
N ALA RB 138 31.32 91.98 -2.41
CA ALA RB 138 32.61 92.27 -1.78
C ALA RB 138 32.99 91.22 -0.74
N ILE RB 139 32.84 89.95 -1.11
CA ILE RB 139 33.24 88.81 -0.28
C ILE RB 139 34.72 88.56 -0.54
N PRO RB 140 35.50 88.07 0.43
CA PRO RB 140 36.95 87.90 0.22
C PRO RB 140 37.41 86.56 -0.32
N GLY RB 141 36.53 85.58 -0.52
CA GLY RB 141 36.96 84.27 -0.96
C GLY RB 141 37.25 84.17 -2.45
N ALA RB 142 37.64 82.97 -2.88
CA ALA RB 142 37.89 82.64 -4.28
C ALA RB 142 37.13 81.37 -4.66
N VAL RB 143 37.07 81.11 -5.96
CA VAL RB 143 36.35 79.97 -6.52
C VAL RB 143 37.35 78.99 -7.13
N ALA RB 144 37.11 77.71 -6.91
CA ALA RB 144 37.82 76.61 -7.53
C ALA RB 144 37.15 76.20 -8.82
N PRO RB 145 37.87 75.53 -9.73
CA PRO RB 145 37.25 75.13 -11.01
C PRO RB 145 36.00 74.30 -10.79
N VAL RB 146 35.08 74.42 -11.73
CA VAL RB 146 33.79 73.79 -11.63
C VAL RB 146 33.62 72.65 -12.63
N GLY RB 147 34.28 72.72 -13.77
CA GLY RB 147 34.28 71.63 -14.73
C GLY RB 147 35.36 71.88 -15.77
N SER RB 148 35.28 71.12 -16.86
CA SER RB 148 36.26 71.28 -17.92
C SER RB 148 35.63 71.01 -19.28
N PHE RB 149 36.39 71.31 -20.33
CA PHE RB 149 36.11 70.89 -21.69
C PHE RB 149 37.32 70.18 -22.26
N LYS RB 150 37.05 69.13 -23.06
CA LYS RB 150 38.09 68.26 -23.58
C LYS RB 150 37.87 67.99 -25.07
N VAL RB 151 39.00 67.95 -25.79
CA VAL RB 151 39.01 67.68 -27.22
C VAL RB 151 40.10 66.65 -27.49
N ASN RB 152 39.73 65.55 -28.16
CA ASN RB 152 40.64 64.45 -28.46
C ASN RB 152 40.84 64.32 -29.97
N VAL RB 153 42.05 63.96 -30.36
CA VAL RB 153 42.40 63.76 -31.76
C VAL RB 153 43.30 62.53 -31.83
N GLU RB 154 43.06 61.67 -32.81
CA GLU RB 154 43.65 60.34 -32.83
C GLU RB 154 44.01 59.97 -34.26
N VAL RB 155 45.22 59.49 -34.47
CA VAL RB 155 45.73 59.11 -35.79
C VAL RB 155 46.17 57.66 -35.68
N LEU RB 156 45.47 56.77 -36.38
CA LEU RB 156 45.78 55.35 -36.38
C LEU RB 156 46.64 55.07 -37.61
N GLY RB 157 47.95 55.12 -37.42
CA GLY RB 157 48.88 55.00 -38.52
C GLY RB 157 49.67 53.72 -38.49
N GLY RB 158 49.13 52.72 -37.83
CA GLY RB 158 49.81 51.45 -37.75
C GLY RB 158 49.69 50.65 -39.02
N GLY RB 159 50.54 49.63 -39.12
CA GLY RB 159 50.42 48.65 -40.18
C GLY RB 159 50.73 49.20 -41.56
N VAL RB 160 51.92 49.75 -41.70
CA VAL RB 160 52.41 50.06 -43.03
C VAL RB 160 52.92 48.78 -43.69
N LEU RB 161 52.87 48.76 -45.02
CA LEU RB 161 53.27 47.58 -45.78
C LEU RB 161 54.79 47.42 -45.77
N THR RB 162 55.25 46.24 -46.21
CA THR RB 162 56.66 45.88 -46.01
C THR RB 162 57.58 46.64 -46.96
N GLY RB 163 57.12 46.88 -48.19
CA GLY RB 163 57.90 47.63 -49.14
C GLY RB 163 57.80 49.12 -49.03
N THR RB 164 57.22 49.63 -47.94
CA THR RB 164 57.11 51.07 -47.75
C THR RB 164 58.52 51.64 -47.52
N ASP RB 165 58.97 52.45 -48.47
CA ASP RB 165 60.30 53.04 -48.39
C ASP RB 165 60.39 53.99 -47.21
N ALA RB 166 61.59 54.09 -46.65
CA ALA RB 166 61.83 55.08 -45.59
C ALA RB 166 61.41 56.47 -46.03
N ASN RB 167 61.68 56.83 -47.30
CA ASN RB 167 61.27 58.13 -47.83
C ASN RB 167 59.76 58.24 -47.95
N ALA RB 168 59.10 57.16 -48.37
CA ALA RB 168 57.66 57.21 -48.58
C ALA RB 168 56.87 57.28 -47.27
N GLN RB 169 57.50 56.92 -46.15
CA GLN RB 169 56.82 57.06 -44.88
C GLN RB 169 56.58 58.53 -44.54
N PHE RB 170 57.43 59.43 -45.05
CA PHE RB 170 57.19 60.85 -44.88
C PHE RB 170 55.97 61.29 -45.67
N ALA RB 171 55.84 60.78 -46.90
CA ALA RB 171 54.64 61.09 -47.67
C ALA RB 171 53.39 60.61 -46.96
N LEU RB 172 53.47 59.42 -46.36
CA LEU RB 172 52.33 58.92 -45.59
C LEU RB 172 52.06 59.80 -44.38
N ASP RB 173 53.13 60.31 -43.75
CA ASP RB 173 52.98 61.26 -42.64
C ASP RB 173 52.11 62.43 -43.06
N GLU RB 174 52.48 63.06 -44.18
CA GLU RB 174 51.74 64.23 -44.64
C GLU RB 174 50.32 63.87 -45.05
N LEU RB 175 50.11 62.68 -45.63
CA LEU RB 175 48.75 62.25 -45.96
C LEU RB 175 47.88 62.19 -44.71
N LEU RB 176 48.39 61.59 -43.64
CA LEU RB 176 47.63 61.51 -42.40
C LEU RB 176 47.36 62.90 -41.81
N SER RB 177 48.34 63.79 -41.89
CA SER RB 177 48.12 65.12 -41.33
C SER RB 177 47.03 65.88 -42.12
N ASN RB 178 46.97 65.67 -43.43
CA ASN RB 178 45.91 66.30 -44.21
C ASN RB 178 44.53 65.69 -43.90
N MET RB 179 44.48 64.39 -43.64
CA MET RB 179 43.23 63.81 -43.15
C MET RB 179 42.83 64.43 -41.82
N LEU RB 180 43.81 64.70 -40.96
CA LEU RB 180 43.55 65.39 -39.70
C LEU RB 180 42.86 66.73 -39.92
N MET RB 181 43.44 67.55 -40.79
CA MET RB 181 42.86 68.87 -41.09
C MET RB 181 41.44 68.72 -41.60
N ASP RB 182 41.23 67.80 -42.55
CA ASP RB 182 39.88 67.59 -43.09
C ASP RB 182 38.90 67.16 -41.99
N ALA RB 183 39.38 66.35 -41.06
CA ALA RB 183 38.51 65.85 -40.00
C ALA RB 183 38.07 66.98 -39.08
N ALA RB 184 39.00 67.84 -38.67
CA ALA RB 184 38.60 68.96 -37.81
C ALA RB 184 37.67 69.92 -38.54
N ARG RB 185 37.92 70.15 -39.83
CA ARG RB 185 37.03 71.02 -40.59
C ARG RB 185 35.62 70.44 -40.65
N ILE RB 186 35.52 69.12 -40.88
CA ILE RB 186 34.21 68.47 -40.91
C ILE RB 186 33.56 68.50 -39.53
N ALA RB 187 34.38 68.46 -38.48
CA ALA RB 187 33.86 68.47 -37.13
C ALA RB 187 33.22 69.81 -36.78
N GLN RB 188 33.85 70.92 -37.16
CA GLN RB 188 33.31 72.24 -36.82
C GLN RB 188 32.54 72.89 -37.95
N ASP RB 189 32.40 72.22 -39.08
CA ASP RB 189 31.75 72.80 -40.24
C ASP RB 189 30.33 73.17 -39.90
N GLY RB 190 29.90 74.33 -40.39
CA GLY RB 190 28.54 74.77 -40.21
C GLY RB 190 28.45 76.25 -39.94
N PRO RB 191 27.26 76.83 -40.14
CA PRO RB 191 27.06 78.24 -39.84
C PRO RB 191 27.18 78.46 -38.34
N LYS RB 192 27.68 79.62 -37.97
CA LYS RB 192 27.76 80.05 -36.58
C LYS RB 192 26.45 80.67 -36.10
N ASN RB 193 25.45 80.76 -36.99
CA ASN RB 193 24.12 81.20 -36.58
C ASN RB 193 23.39 80.10 -35.83
N THR RB 194 23.80 78.84 -36.00
CA THR RB 194 23.05 77.71 -35.50
C THR RB 194 23.91 76.83 -34.62
N ALA RB 195 23.26 76.11 -33.71
CA ALA RB 195 23.95 75.25 -32.75
C ALA RB 195 24.70 74.12 -33.45
N ARG RB 196 25.95 73.86 -33.03
CA ARG RB 196 26.64 72.74 -33.66
C ARG RB 196 27.50 71.85 -32.76
N LEU RB 197 27.94 72.28 -31.57
CA LEU RB 197 28.83 71.39 -30.82
C LEU RB 197 28.39 71.01 -29.40
N VAL RB 198 28.15 72.00 -28.52
CA VAL RB 198 28.02 71.71 -27.10
C VAL RB 198 26.60 71.25 -26.79
N ALA RB 199 26.47 70.49 -25.70
CA ALA RB 199 25.18 69.99 -25.23
C ALA RB 199 24.47 69.19 -26.30
N ALA RB 200 25.24 68.62 -27.24
CA ALA RB 200 24.66 67.97 -28.41
C ALA RB 200 23.77 66.80 -28.01
N SER RB 201 22.60 66.73 -28.65
CA SER RB 201 21.66 65.64 -28.45
C SER RB 201 21.60 64.71 -29.66
N HIS RB 202 21.47 65.28 -30.85
CA HIS RB 202 21.48 64.56 -32.11
C HIS RB 202 21.79 65.54 -33.22
N GLY RB 203 21.95 65.03 -34.42
CA GLY RB 203 22.22 65.87 -35.58
C GLY RB 203 20.95 66.00 -36.44
N VAL RB 204 20.76 67.19 -37.00
CA VAL RB 204 19.66 67.41 -37.92
C VAL RB 204 20.15 68.22 -39.10
N MET RB 205 20.34 67.57 -40.25
CA MET RB 205 20.80 68.33 -41.42
C MET RB 205 19.62 69.01 -42.09
N PRO RB 206 19.77 70.26 -42.53
CA PRO RB 206 18.63 71.02 -43.01
C PRO RB 206 18.21 70.60 -44.42
N GLN RB 207 16.91 70.78 -44.70
CA GLN RB 207 16.37 70.40 -46.00
C GLN RB 207 16.90 71.29 -47.11
N ALA RB 208 16.97 72.59 -46.85
CA ALA RB 208 17.49 73.55 -47.80
C ALA RB 208 17.87 74.82 -47.04
N PRO SB 20 32.61 62.96 15.97
CA PRO SB 20 33.75 62.91 15.04
C PRO SB 20 33.96 64.24 14.30
N VAL SB 21 35.10 64.88 14.55
CA VAL SB 21 35.46 66.15 13.94
C VAL SB 21 36.32 65.86 12.72
N GLN SB 22 35.91 66.35 11.55
CA GLN SB 22 36.62 66.10 10.30
C GLN SB 22 37.19 67.39 9.73
N SER SB 23 38.30 67.27 9.01
CA SER SB 23 38.98 68.41 8.42
C SER SB 23 38.63 68.53 6.95
N SER SB 24 38.65 69.77 6.44
CA SER SB 24 38.28 70.03 5.06
C SER SB 24 39.01 71.26 4.52
N ARG SB 25 38.97 71.35 3.18
CA ARG SB 25 39.58 72.43 2.40
C ARG SB 25 38.48 73.14 1.64
N THR SB 26 38.21 74.40 1.99
CA THR SB 26 37.02 75.09 1.52
C THR SB 26 37.37 76.13 0.47
N THR SB 27 36.52 76.25 -0.53
CA THR SB 27 36.46 77.42 -1.38
C THR SB 27 35.01 77.89 -1.45
N PHE SB 28 34.81 79.16 -1.79
CA PHE SB 28 33.46 79.66 -1.92
C PHE SB 28 32.77 79.06 -3.14
N GLY SB 29 31.47 78.85 -3.02
CA GLY SB 29 30.68 78.37 -4.12
C GLY SB 29 29.68 77.29 -3.72
N VAL SB 30 29.01 76.76 -4.73
CA VAL SB 30 28.14 75.61 -4.60
C VAL SB 30 28.37 74.73 -5.81
N ASN SB 31 28.27 73.43 -5.60
CA ASN SB 31 28.31 72.50 -6.72
C ASN SB 31 27.28 72.91 -7.77
N PRO SB 32 27.66 73.02 -9.03
CA PRO SB 32 26.83 73.74 -10.00
C PRO SB 32 25.62 72.92 -10.40
N ASP SB 33 24.68 73.61 -11.03
CA ASP SB 33 23.54 72.96 -11.66
C ASP SB 33 23.86 72.82 -13.15
N ARG SB 34 23.98 71.59 -13.61
CA ARG SB 34 24.30 71.33 -15.00
C ARG SB 34 23.04 71.25 -15.85
N GLN SB 35 23.17 71.67 -17.11
CA GLN SB 35 22.07 71.62 -18.05
C GLN SB 35 22.09 70.30 -18.80
N ALA SB 36 20.91 69.77 -19.09
CA ALA SB 36 20.80 68.52 -19.82
C ALA SB 36 21.29 68.69 -21.25
N ASN SB 37 21.78 67.60 -21.83
CA ASN SB 37 22.32 67.62 -23.19
C ASN SB 37 21.20 67.42 -24.22
N ALA SB 38 20.26 68.37 -24.24
CA ALA SB 38 19.06 68.29 -25.06
C ALA SB 38 19.09 69.28 -26.23
N ARG SB 39 20.28 69.61 -26.70
CA ARG SB 39 20.43 70.64 -27.72
C ARG SB 39 20.73 70.00 -29.06
N PRO SB 40 19.78 69.93 -29.98
CA PRO SB 40 20.07 69.39 -31.32
C PRO SB 40 20.99 70.31 -32.10
N VAL SB 41 21.88 69.70 -32.87
CA VAL SB 41 22.96 70.43 -33.53
C VAL SB 41 22.86 70.27 -35.03
N TYR SB 42 23.62 71.11 -35.72
CA TYR SB 42 23.68 71.12 -37.16
C TYR SB 42 24.46 69.92 -37.67
N LEU SB 43 24.03 69.42 -38.82
CA LEU SB 43 24.62 68.25 -39.45
C LEU SB 43 24.92 68.63 -40.90
N ALA SB 44 26.18 68.54 -41.31
CA ALA SB 44 26.56 69.00 -42.64
C ALA SB 44 25.84 68.19 -43.71
N PRO SB 45 25.32 68.83 -44.76
CA PRO SB 45 24.68 68.09 -45.86
C PRO SB 45 25.67 67.40 -46.78
N ALA SB 46 26.97 67.55 -46.52
CA ALA SB 46 28.04 66.85 -47.22
C ALA SB 46 29.33 67.08 -46.46
N ALA SB 47 30.30 66.18 -46.66
CA ALA SB 47 31.57 66.24 -45.93
C ALA SB 47 32.68 66.65 -46.90
N PRO SB 48 33.36 67.80 -46.72
CA PRO SB 48 34.44 68.13 -47.65
C PRO SB 48 35.74 67.48 -47.24
N MET SB 49 36.42 66.83 -48.17
CA MET SB 49 37.72 66.20 -47.96
C MET SB 49 38.75 66.79 -48.91
N GLU SB 50 38.73 68.12 -49.09
CA GLU SB 50 39.56 68.73 -50.13
C GLU SB 50 41.05 68.62 -49.82
N ASN SB 51 41.44 68.84 -48.56
CA ASN SB 51 42.87 68.85 -48.19
C ASN SB 51 43.53 67.52 -48.52
N THR SB 52 42.96 66.42 -48.02
CA THR SB 52 43.58 65.11 -48.19
C THR SB 52 43.60 64.68 -49.66
N TYR SB 53 42.54 64.98 -50.41
CA TYR SB 53 42.48 64.50 -51.80
C TYR SB 53 43.35 65.35 -52.73
N THR SB 54 43.49 66.65 -52.46
CA THR SB 54 44.50 67.40 -53.20
C THR SB 54 45.90 66.87 -52.90
N TYR SB 55 46.18 66.51 -51.65
CA TYR SB 55 47.51 65.94 -51.39
C TYR SB 55 47.68 64.59 -52.09
N LEU SB 56 46.62 63.77 -52.13
CA LEU SB 56 46.70 62.51 -52.84
C LEU SB 56 46.98 62.72 -54.32
N GLY SB 57 46.35 63.74 -54.92
CA GLY SB 57 46.71 64.12 -56.27
C GLY SB 57 48.17 64.53 -56.36
N SER SB 58 48.68 65.19 -55.31
CA SER SB 58 50.09 65.60 -55.30
C SER SB 58 51.02 64.40 -55.42
N ILE SB 59 50.84 63.39 -54.58
CA ILE SB 59 51.77 62.26 -54.59
C ILE SB 59 51.41 61.25 -55.67
N GLN SB 60 50.43 61.59 -56.50
CA GLN SB 60 49.96 60.72 -57.58
C GLN SB 60 49.42 59.39 -57.03
N PHE SB 61 48.76 59.46 -55.87
CA PHE SB 61 48.00 58.34 -55.29
C PHE SB 61 48.89 57.13 -55.01
N ALA SB 62 50.13 57.35 -54.61
CA ALA SB 62 51.03 56.23 -54.37
C ALA SB 62 52.10 56.64 -53.37
N ALA SB 63 52.43 55.71 -52.48
CA ALA SB 63 53.50 55.91 -51.51
C ALA SB 63 53.91 54.56 -50.96
N GLY SB 64 55.20 54.26 -51.00
CA GLY SB 64 55.64 52.94 -50.61
C GLY SB 64 55.05 51.94 -51.58
N ARG SB 65 54.50 50.85 -51.07
CA ARG SB 65 53.66 50.00 -51.91
C ARG SB 65 52.19 50.13 -51.53
N HIS SB 66 51.82 51.22 -50.87
CA HIS SB 66 50.42 51.62 -50.78
C HIS SB 66 50.03 52.37 -52.06
N ILE SB 67 48.98 51.91 -52.73
CA ILE SB 67 48.39 52.68 -53.82
C ILE SB 67 46.94 52.95 -53.44
N PHE SB 68 46.48 54.17 -53.72
CA PHE SB 68 45.15 54.61 -53.34
C PHE SB 68 44.27 54.77 -54.57
N GLY SB 69 42.98 54.90 -54.33
CA GLY SB 69 42.02 55.07 -55.41
C GLY SB 69 41.63 56.53 -55.60
N GLU SB 70 41.27 56.86 -56.84
CA GLU SB 70 40.75 58.19 -57.13
C GLU SB 70 39.29 58.27 -56.72
N PRO SB 71 38.90 59.32 -56.00
CA PRO SB 71 37.51 59.43 -55.54
C PRO SB 71 36.59 59.83 -56.67
N ALA SB 72 35.30 59.77 -56.38
CA ALA SB 72 34.33 60.32 -57.30
C ALA SB 72 34.22 61.83 -57.11
N SER SB 73 34.12 62.27 -55.86
CA SER SB 73 33.98 63.67 -55.54
C SER SB 73 34.92 64.02 -54.38
N ASN SB 74 35.48 65.23 -54.43
CA ASN SB 74 36.22 65.75 -53.29
C ASN SB 74 35.30 66.01 -52.12
N VAL SB 75 34.02 66.23 -52.38
CA VAL SB 75 33.01 66.40 -51.34
C VAL SB 75 32.10 65.18 -51.37
N LEU SB 76 32.02 64.49 -50.22
CA LEU SB 76 31.33 63.23 -49.98
C LEU SB 76 29.86 63.49 -49.67
N PRO SB 77 28.94 62.90 -50.44
CA PRO SB 77 27.51 63.05 -50.17
C PRO SB 77 27.09 62.17 -49.01
N PRO SB 78 25.93 62.45 -48.39
CA PRO SB 78 25.45 61.57 -47.32
C PRO SB 78 24.82 60.30 -47.86
N GLN SB 79 25.05 59.20 -47.14
CA GLN SB 79 24.53 57.90 -47.53
C GLN SB 79 23.28 57.49 -46.77
N ASN SB 80 23.21 57.79 -45.47
CA ASN SB 80 22.11 57.35 -44.63
C ASN SB 80 21.52 58.49 -43.80
N ILE SB 81 21.56 59.72 -44.31
CA ILE SB 81 21.09 60.87 -43.55
C ILE SB 81 19.95 61.50 -44.34
N VAL SB 82 18.73 61.27 -43.89
CA VAL SB 82 17.58 61.95 -44.48
C VAL SB 82 17.50 63.36 -43.91
N PRO SB 83 17.17 64.38 -44.70
CA PRO SB 83 17.12 65.73 -44.15
C PRO SB 83 15.92 65.90 -43.26
N GLY SB 84 16.09 66.66 -42.19
CA GLY SB 84 15.01 66.88 -41.26
C GLY SB 84 14.72 65.70 -40.36
N VAL SB 85 15.52 64.64 -40.43
CA VAL SB 85 15.33 63.46 -39.60
C VAL SB 85 16.45 63.44 -38.58
N PRO SB 86 16.15 63.50 -37.29
CA PRO SB 86 17.21 63.41 -36.27
C PRO SB 86 17.91 62.07 -36.37
N THR SB 87 19.25 62.12 -36.42
CA THR SB 87 20.08 60.93 -36.51
C THR SB 87 21.24 61.11 -35.55
N LYS SB 88 21.49 60.10 -34.73
CA LYS SB 88 22.64 60.12 -33.82
C LYS SB 88 23.87 59.49 -34.45
N HIS SB 89 23.74 58.98 -35.67
CA HIS SB 89 24.85 58.37 -36.39
C HIS SB 89 24.60 58.50 -37.89
N GLY SB 90 25.62 58.97 -38.60
CA GLY SB 90 25.47 59.21 -40.03
C GLY SB 90 26.79 59.04 -40.76
N GLU SB 91 26.67 58.75 -42.05
CA GLU SB 91 27.84 58.39 -42.85
C GLU SB 91 27.79 59.10 -44.20
N TYR SB 92 28.90 59.72 -44.57
CA TYR SB 92 29.12 60.19 -45.93
C TYR SB 92 30.11 59.25 -46.59
N VAL SB 93 29.92 58.97 -47.87
CA VAL SB 93 30.75 57.96 -48.53
C VAL SB 93 30.89 58.30 -50.00
N THR SB 94 32.10 58.18 -50.52
CA THR SB 94 32.26 58.26 -51.96
C THR SB 94 33.10 57.09 -52.46
N THR SB 95 32.87 56.73 -53.71
CA THR SB 95 33.47 55.53 -54.24
C THR SB 95 34.84 55.85 -54.83
N ASN SB 96 35.80 54.93 -54.65
CA ASN SB 96 37.17 55.03 -55.13
C ASN SB 96 37.30 54.07 -56.31
N THR SB 97 37.82 54.55 -57.44
CA THR SB 97 38.06 53.71 -58.61
C THR SB 97 39.52 53.87 -59.02
N GLY SB 98 39.98 52.95 -59.86
CA GLY SB 98 41.37 53.00 -60.32
C GLY SB 98 41.63 51.88 -61.30
N ASP SB 99 42.76 52.02 -62.01
CA ASP SB 99 43.17 51.04 -63.00
C ASP SB 99 43.55 49.74 -62.31
N ARG SB 100 42.83 48.67 -62.65
CA ARG SB 100 43.02 47.35 -62.03
C ARG SB 100 42.85 47.44 -60.51
N LEU SB 101 41.84 48.22 -60.08
CA LEU SB 101 41.43 48.31 -58.69
C LEU SB 101 39.96 47.93 -58.60
N MET SB 102 39.62 47.17 -57.56
CA MET SB 102 38.21 46.93 -57.28
C MET SB 102 37.64 48.14 -56.55
N ALA SB 103 36.54 48.67 -57.08
CA ALA SB 103 35.95 49.87 -56.50
C ALA SB 103 35.76 49.70 -55.00
N SER SB 104 36.19 50.70 -54.22
CA SER SB 104 36.13 50.62 -52.75
C SER SB 104 35.74 51.96 -52.16
N SER SB 105 34.96 51.92 -51.09
CA SER SB 105 34.32 53.12 -50.57
C SER SB 105 35.20 53.75 -49.50
N THR SB 106 35.36 55.07 -49.57
CA THR SB 106 35.99 55.85 -48.51
C THR SB 106 34.89 56.55 -47.71
N THR SB 107 35.04 56.50 -46.38
CA THR SB 107 33.91 56.75 -45.46
C THR SB 107 34.24 57.78 -44.40
N VAL SB 108 33.30 58.68 -44.15
CA VAL SB 108 33.38 59.69 -43.11
C VAL SB 108 32.18 59.50 -42.19
N THR SB 109 32.43 59.19 -40.93
CA THR SB 109 31.41 58.80 -39.98
C THR SB 109 31.29 59.83 -38.88
N ARG SB 110 30.05 60.27 -38.60
CA ARG SB 110 29.79 61.25 -37.55
C ARG SB 110 28.81 60.65 -36.54
N ASP SB 111 29.20 60.68 -35.27
CA ASP SB 111 28.37 60.20 -34.17
C ASP SB 111 28.14 61.36 -33.22
N VAL SB 112 26.89 61.80 -33.10
CA VAL SB 112 26.51 62.89 -32.22
C VAL SB 112 25.59 62.31 -31.15
N SER SB 113 26.06 62.20 -29.90
CA SER SB 113 25.18 61.71 -28.84
C SER SB 113 25.70 62.14 -27.49
N ASN SB 114 24.75 62.51 -26.61
CA ASN SB 114 25.01 62.79 -25.19
C ASN SB 114 26.11 63.83 -25.00
N GLY SB 115 26.07 64.88 -25.82
CA GLY SB 115 27.02 65.97 -25.77
C GLY SB 115 28.39 65.68 -26.36
N ARG SB 116 28.61 64.48 -26.87
CA ARG SB 116 29.89 64.11 -27.47
C ARG SB 116 29.67 63.95 -28.96
N THR SB 117 30.47 64.66 -29.75
CA THR SB 117 30.42 64.55 -31.19
C THR SB 117 31.77 64.01 -31.68
N LYS SB 118 31.74 63.02 -32.58
CA LYS SB 118 32.94 62.34 -33.02
C LYS SB 118 32.90 62.09 -34.52
N VAL SB 119 33.96 62.50 -35.22
CA VAL SB 119 34.09 62.33 -36.67
C VAL SB 119 35.28 61.43 -36.94
N SER SB 120 35.08 60.40 -37.77
CA SER SB 120 36.11 59.45 -38.14
C SER SB 120 36.22 59.36 -39.66
N ILE SB 121 37.44 59.25 -40.17
CA ILE SB 121 37.69 59.16 -41.60
C ILE SB 121 38.51 57.92 -41.88
N ASP SB 122 38.04 57.11 -42.85
CA ASP SB 122 38.66 55.83 -43.20
C ASP SB 122 38.83 55.78 -44.71
N ILE SB 123 40.08 55.71 -45.17
CA ILE SB 123 40.40 55.58 -46.59
C ILE SB 123 41.18 54.29 -46.80
N PRO SB 124 40.82 53.47 -47.79
CA PRO SB 124 41.52 52.21 -48.03
C PRO SB 124 42.70 52.36 -49.00
N TYR SB 125 43.58 51.36 -48.93
CA TYR SB 125 44.74 51.27 -49.81
C TYR SB 125 44.94 49.83 -50.27
N TYR SB 126 45.56 49.69 -51.45
CA TYR SB 126 45.80 48.42 -52.12
C TYR SB 126 47.30 48.15 -52.23
N ASP SB 127 47.60 46.88 -52.55
CA ASP SB 127 48.97 46.37 -52.74
C ASP SB 127 49.50 46.83 -54.09
N ARG SB 128 50.36 47.86 -54.07
CA ARG SB 128 50.93 48.41 -55.29
C ARG SB 128 51.72 47.35 -56.06
N ASN SB 129 52.32 46.39 -55.36
CA ASN SB 129 53.08 45.36 -56.05
C ASN SB 129 52.17 44.48 -56.90
N ALA SB 130 51.03 44.08 -56.35
CA ALA SB 130 50.05 43.31 -57.11
C ALA SB 130 49.51 44.14 -58.26
N VAL SB 131 49.14 45.39 -58.00
CA VAL SB 131 48.52 46.20 -59.05
C VAL SB 131 49.48 46.40 -60.21
N GLU SB 132 50.73 46.76 -59.91
CA GLU SB 132 51.70 47.05 -60.97
C GLU SB 132 52.16 45.77 -61.67
N THR SB 133 52.23 44.64 -60.96
CA THR SB 133 52.51 43.38 -61.65
C THR SB 133 51.40 43.05 -62.64
N LEU SB 134 50.15 43.28 -62.25
CA LEU SB 134 49.03 43.09 -63.17
C LEU SB 134 49.11 44.03 -64.37
N LYS SB 135 49.38 45.31 -64.11
CA LYS SB 135 49.47 46.30 -65.18
C LYS SB 135 50.59 45.97 -66.16
N ALA SB 136 51.80 45.76 -65.64
CA ALA SB 136 52.94 45.44 -66.51
C ALA SB 136 52.70 44.15 -67.26
N SER SB 137 52.10 43.15 -66.62
CA SER SB 137 51.85 41.90 -67.31
C SER SB 137 50.58 41.94 -68.15
N ALA SB 138 49.85 43.06 -68.19
CA ALA SB 138 48.61 43.15 -68.95
C ALA SB 138 47.66 42.02 -68.56
N ILE SB 139 47.44 41.87 -67.26
CA ILE SB 139 46.51 40.88 -66.73
C ILE SB 139 45.23 41.61 -66.35
N PRO SB 140 44.04 41.07 -66.65
CA PRO SB 140 42.80 41.81 -66.36
C PRO SB 140 42.24 41.64 -64.95
N GLY SB 141 43.03 41.21 -63.98
CA GLY SB 141 42.53 41.09 -62.63
C GLY SB 141 42.35 42.45 -61.96
N ALA SB 142 41.36 42.54 -61.07
CA ALA SB 142 41.12 43.73 -60.26
C ALA SB 142 41.40 43.40 -58.81
N VAL SB 143 42.05 44.32 -58.09
CA VAL SB 143 42.55 44.06 -56.74
C VAL SB 143 41.62 44.71 -55.72
N ALA SB 144 41.29 43.95 -54.67
CA ALA SB 144 40.57 44.46 -53.52
C ALA SB 144 41.54 45.12 -52.55
N PRO SB 145 41.05 46.01 -51.69
CA PRO SB 145 41.94 46.75 -50.79
C PRO SB 145 42.61 45.84 -49.77
N VAL SB 146 43.88 46.12 -49.51
CA VAL SB 146 44.62 45.35 -48.52
C VAL SB 146 44.48 45.95 -47.12
N GLY SB 147 44.27 47.26 -47.01
CA GLY SB 147 44.13 47.83 -45.68
C GLY SB 147 43.50 49.20 -45.72
N SER SB 148 43.63 49.93 -44.61
CA SER SB 148 43.07 51.28 -44.54
C SER SB 148 43.84 52.12 -43.54
N PHE SB 149 43.65 53.43 -43.64
CA PHE SB 149 44.13 54.40 -42.66
C PHE SB 149 42.95 55.20 -42.12
N LYS SB 150 43.00 55.46 -40.81
CA LYS SB 150 41.89 56.08 -40.07
C LYS SB 150 42.37 57.22 -39.18
N VAL SB 151 41.52 58.24 -39.10
CA VAL SB 151 41.76 59.42 -38.27
C VAL SB 151 40.48 59.75 -37.53
N ASN SB 152 40.55 59.85 -36.21
CA ASN SB 152 39.42 60.12 -35.32
C ASN SB 152 39.57 61.49 -34.67
N VAL SB 153 38.43 62.16 -34.47
CA VAL SB 153 38.38 63.48 -33.86
C VAL SB 153 37.14 63.52 -32.97
N GLU SB 154 37.27 64.05 -31.76
CA GLU SB 154 36.25 63.89 -30.75
C GLU SB 154 36.15 65.14 -29.89
N VAL SB 155 34.92 65.56 -29.59
CA VAL SB 155 34.65 66.79 -28.87
C VAL SB 155 33.67 66.46 -27.75
N LEU SB 156 34.13 66.61 -26.50
CA LEU SB 156 33.31 66.32 -25.32
C LEU SB 156 32.69 67.63 -24.85
N GLY SB 157 31.53 67.96 -25.38
CA GLY SB 157 30.86 69.21 -25.13
C GLY SB 157 29.72 69.17 -24.14
N GLY SB 158 29.66 68.14 -23.31
CA GLY SB 158 28.59 68.04 -22.34
C GLY SB 158 28.89 68.81 -21.07
N GLY SB 159 27.84 69.04 -20.30
CA GLY SB 159 27.98 69.61 -18.98
C GLY SB 159 27.83 71.11 -18.92
N VAL SB 160 27.19 71.71 -19.93
CA VAL SB 160 27.01 73.16 -19.94
C VAL SB 160 26.21 73.58 -18.72
N LEU SB 161 26.69 74.63 -18.06
CA LEU SB 161 26.06 75.14 -16.85
C LEU SB 161 24.69 75.76 -17.14
N THR SB 162 23.84 75.77 -16.10
CA THR SB 162 22.43 76.12 -16.32
C THR SB 162 22.25 77.59 -16.72
N GLY SB 163 23.04 78.49 -16.14
CA GLY SB 163 22.92 79.89 -16.49
C GLY SB 163 23.15 80.19 -17.97
N THR SB 164 23.97 79.37 -18.63
CA THR SB 164 24.38 79.64 -20.01
C THR SB 164 23.18 79.66 -20.94
N ASP SB 165 23.02 80.76 -21.69
CA ASP SB 165 21.91 80.86 -22.62
C ASP SB 165 22.35 80.48 -24.03
N ALA SB 166 21.46 80.65 -25.01
CA ALA SB 166 21.71 80.17 -26.36
C ALA SB 166 22.88 80.91 -27.00
N ASN SB 167 22.88 82.24 -26.88
CA ASN SB 167 23.96 83.05 -27.44
C ASN SB 167 25.30 82.66 -26.86
N ALA SB 168 25.36 82.43 -25.55
CA ALA SB 168 26.59 81.98 -24.91
C ALA SB 168 27.03 80.62 -25.44
N GLN SB 169 26.06 79.71 -25.65
CA GLN SB 169 26.42 78.41 -26.19
C GLN SB 169 27.03 78.52 -27.58
N PHE SB 170 26.60 79.51 -28.37
CA PHE SB 170 27.30 79.75 -29.64
C PHE SB 170 28.79 79.98 -29.42
N ALA SB 171 29.12 80.81 -28.43
CA ALA SB 171 30.51 81.10 -28.13
C ALA SB 171 31.25 79.84 -27.72
N LEU SB 172 30.61 79.00 -26.90
CA LEU SB 172 31.23 77.74 -26.54
C LEU SB 172 31.47 76.86 -27.76
N ASP SB 173 30.55 76.91 -28.74
CA ASP SB 173 30.74 76.18 -29.99
C ASP SB 173 32.04 76.58 -30.65
N GLU SB 174 32.22 77.88 -30.86
CA GLU SB 174 33.44 78.33 -31.54
C GLU SB 174 34.69 78.06 -30.69
N LEU SB 175 34.55 78.10 -29.36
CA LEU SB 175 35.69 77.79 -28.50
C LEU SB 175 36.17 76.37 -28.70
N LEU SB 176 35.24 75.41 -28.70
CA LEU SB 176 35.62 74.03 -28.97
C LEU SB 176 36.17 73.88 -30.37
N SER SB 177 35.63 74.64 -31.33
CA SER SB 177 36.20 74.62 -32.69
C SER SB 177 37.68 74.98 -32.68
N ASN SB 178 38.03 76.05 -31.96
CA ASN SB 178 39.42 76.47 -31.94
C ASN SB 178 40.31 75.49 -31.19
N MET SB 179 39.78 74.85 -30.13
CA MET SB 179 40.54 73.80 -29.48
C MET SB 179 40.78 72.63 -30.43
N LEU SB 180 39.80 72.31 -31.27
CA LEU SB 180 39.98 71.31 -32.32
C LEU SB 180 41.15 71.66 -33.22
N MET SB 181 41.13 72.88 -33.76
CA MET SB 181 42.20 73.31 -34.65
C MET SB 181 43.56 73.19 -33.97
N ASP SB 182 43.65 73.62 -32.71
CA ASP SB 182 44.91 73.54 -31.98
C ASP SB 182 45.34 72.09 -31.78
N ALA SB 183 44.40 71.20 -31.48
CA ALA SB 183 44.74 69.81 -31.29
C ALA SB 183 45.30 69.19 -32.56
N ALA SB 184 44.69 69.50 -33.70
CA ALA SB 184 45.17 68.94 -34.97
C ALA SB 184 46.56 69.49 -35.31
N ARG SB 185 46.78 70.79 -35.06
CA ARG SB 185 48.10 71.35 -35.30
C ARG SB 185 49.14 70.70 -34.40
N ILE SB 186 48.80 70.49 -33.12
CA ILE SB 186 49.75 69.86 -32.19
C ILE SB 186 50.01 68.41 -32.59
N ALA SB 187 49.04 67.77 -33.23
CA ALA SB 187 49.22 66.40 -33.67
C ALA SB 187 50.18 66.32 -34.85
N GLN SB 188 49.97 67.15 -35.88
CA GLN SB 188 50.82 67.12 -37.07
C GLN SB 188 52.10 67.93 -36.90
N ASP SB 189 52.29 68.59 -35.76
CA ASP SB 189 53.40 69.53 -35.59
C ASP SB 189 54.73 68.84 -35.76
N GLY SB 190 55.64 69.51 -36.48
CA GLY SB 190 56.99 69.03 -36.64
C GLY SB 190 57.55 69.27 -38.03
N PRO SB 191 58.87 69.15 -38.16
CA PRO SB 191 59.48 69.22 -39.48
C PRO SB 191 59.01 68.06 -40.35
N LYS SB 192 58.88 68.35 -41.65
CA LYS SB 192 58.64 67.28 -42.60
C LYS SB 192 59.92 66.53 -42.95
N ASN SB 193 61.06 66.93 -42.38
CA ASN SB 193 62.31 66.19 -42.54
C ASN SB 193 62.34 64.93 -41.71
N THR SB 194 61.61 64.90 -40.60
CA THR SB 194 61.68 63.81 -39.64
C THR SB 194 60.34 63.08 -39.52
N ALA SB 195 60.42 61.85 -39.01
CA ALA SB 195 59.25 61.00 -38.85
C ALA SB 195 58.33 61.57 -37.79
N ARG SB 196 57.02 61.63 -38.07
CA ARG SB 196 56.14 62.15 -37.03
C ARG SB 196 54.85 61.34 -36.79
N LEU SB 197 54.31 60.60 -37.76
CA LEU SB 197 53.03 59.89 -37.54
C LEU SB 197 53.00 58.37 -37.76
N VAL SB 198 53.35 57.88 -38.96
CA VAL SB 198 53.03 56.50 -39.32
C VAL SB 198 54.03 55.55 -38.68
N ALA SB 199 53.57 54.32 -38.43
CA ALA SB 199 54.40 53.28 -37.79
C ALA SB 199 55.04 53.80 -36.51
N ALA SB 200 54.33 54.67 -35.80
CA ALA SB 200 54.87 55.29 -34.60
C ALA SB 200 55.16 54.25 -33.52
N SER SB 201 56.29 54.39 -32.85
CA SER SB 201 56.66 53.55 -31.72
C SER SB 201 56.77 54.32 -30.41
N HIS SB 202 57.41 55.49 -30.44
CA HIS SB 202 57.65 56.31 -29.27
C HIS SB 202 58.09 57.69 -29.73
N GLY SB 203 57.99 58.66 -28.83
CA GLY SB 203 58.32 60.04 -29.12
C GLY SB 203 59.63 60.42 -28.47
N VAL SB 204 60.42 61.25 -29.16
CA VAL SB 204 61.68 61.74 -28.64
C VAL SB 204 61.77 63.23 -28.93
N MET SB 205 62.03 64.02 -27.88
CA MET SB 205 62.19 65.47 -28.02
C MET SB 205 63.59 65.79 -28.50
N PRO SB 206 63.76 66.65 -29.50
CA PRO SB 206 65.09 66.89 -30.06
C PRO SB 206 66.00 67.57 -29.05
N GLN SB 207 67.31 67.38 -29.28
CA GLN SB 207 68.32 67.90 -28.35
C GLN SB 207 68.12 69.39 -28.11
N ALA SB 208 67.84 70.15 -29.16
CA ALA SB 208 67.47 71.56 -29.07
C ALA SB 208 68.43 72.34 -28.19
N SER TB 23 40.35 39.46 -45.24
CA SER TB 23 41.00 38.83 -46.40
C SER TB 23 40.69 39.58 -47.70
N SER TB 24 41.73 39.97 -48.43
CA SER TB 24 41.59 40.73 -49.66
C SER TB 24 41.96 39.85 -50.84
N ARG TB 25 41.08 39.81 -51.85
CA ARG TB 25 41.24 38.91 -52.98
C ARG TB 25 41.09 39.69 -54.28
N THR TB 26 41.98 39.39 -55.22
CA THR TB 26 41.85 39.92 -56.57
C THR TB 26 40.87 39.06 -57.36
N THR TB 27 40.01 39.73 -58.13
CA THR TB 27 38.90 39.09 -58.82
C THR TB 27 39.10 39.20 -60.34
N PHE TB 28 38.87 38.08 -61.02
CA PHE TB 28 38.88 38.01 -62.48
C PHE TB 28 37.45 37.74 -62.92
N GLY TB 29 36.96 38.55 -63.84
CA GLY TB 29 35.59 38.42 -64.26
C GLY TB 29 34.66 39.27 -63.43
N VAL TB 30 33.40 38.84 -63.40
CA VAL TB 30 32.34 39.60 -62.75
C VAL TB 30 32.44 39.45 -61.24
N ASN TB 31 32.32 40.56 -60.53
CA ASN TB 31 32.19 40.54 -59.08
C ASN TB 31 30.75 40.84 -58.72
N PRO TB 32 29.99 39.88 -58.22
CA PRO TB 32 28.56 40.09 -57.96
C PRO TB 32 28.22 40.59 -56.56
N ASP TB 33 29.18 41.05 -55.76
CA ASP TB 33 28.88 41.53 -54.41
C ASP TB 33 27.82 42.63 -54.45
N ARG TB 34 26.74 42.43 -53.71
CA ARG TB 34 25.66 43.41 -53.62
C ARG TB 34 25.73 44.17 -52.29
N GLN TB 35 25.25 45.41 -52.32
CA GLN TB 35 25.23 46.28 -51.15
C GLN TB 35 23.99 45.98 -50.32
N ALA TB 36 24.19 45.82 -49.02
CA ALA TB 36 23.09 45.50 -48.12
C ALA TB 36 22.01 46.58 -48.17
N ASN TB 37 20.75 46.12 -48.13
CA ASN TB 37 19.58 46.99 -48.25
C ASN TB 37 19.31 47.64 -46.88
N ALA TB 38 20.17 48.60 -46.53
CA ALA TB 38 20.17 49.23 -45.20
C ALA TB 38 20.25 50.74 -45.37
N ARG TB 39 19.40 51.30 -46.23
CA ARG TB 39 19.41 52.71 -46.57
C ARG TB 39 18.06 53.34 -46.27
N PRO TB 40 17.98 54.28 -45.31
CA PRO TB 40 16.71 54.98 -45.08
C PRO TB 40 16.30 55.79 -46.30
N VAL TB 41 14.99 55.87 -46.52
CA VAL TB 41 14.46 56.57 -47.67
C VAL TB 41 13.44 57.60 -47.22
N TYR TB 42 13.31 58.66 -48.03
CA TYR TB 42 12.40 59.74 -47.73
C TYR TB 42 10.95 59.27 -47.75
N LEU TB 43 10.18 59.76 -46.80
CA LEU TB 43 8.77 59.41 -46.65
C LEU TB 43 7.95 60.69 -46.67
N ALA TB 44 7.11 60.83 -47.70
CA ALA TB 44 6.36 62.05 -47.89
C ALA TB 44 5.49 62.37 -46.68
N PRO TB 45 5.37 63.64 -46.28
CA PRO TB 45 4.54 63.99 -45.11
C PRO TB 45 3.06 63.91 -45.37
N ALA TB 46 2.65 63.68 -46.61
CA ALA TB 46 1.25 63.53 -46.99
C ALA TB 46 1.20 62.95 -48.39
N ALA TB 47 0.05 62.39 -48.75
CA ALA TB 47 -0.07 61.71 -50.03
C ALA TB 47 -0.99 62.53 -50.94
N PRO TB 48 -0.50 63.12 -52.04
CA PRO TB 48 -1.41 63.85 -52.93
C PRO TB 48 -2.18 62.91 -53.85
N MET TB 49 -3.50 63.02 -53.84
CA MET TB 49 -4.35 62.27 -54.75
C MET TB 49 -5.10 63.19 -55.70
N GLU TB 50 -4.44 64.23 -56.20
CA GLU TB 50 -5.16 65.28 -56.92
C GLU TB 50 -5.81 64.77 -58.21
N ASN TB 51 -5.09 63.94 -58.97
CA ASN TB 51 -5.58 63.50 -60.28
C ASN TB 51 -6.91 62.76 -60.15
N THR TB 52 -6.95 61.75 -59.28
CA THR TB 52 -8.13 60.89 -59.18
C THR TB 52 -9.34 61.66 -58.64
N TYR TB 53 -9.14 62.55 -57.68
CA TYR TB 53 -10.27 63.27 -57.08
C TYR TB 53 -10.77 64.41 -57.98
N THR TB 54 -9.89 65.05 -58.73
CA THR TB 54 -10.39 65.96 -59.75
C THR TB 54 -11.20 65.21 -60.80
N TYR TB 55 -10.76 64.01 -61.22
CA TYR TB 55 -11.59 63.29 -62.18
C TYR TB 55 -12.92 62.86 -61.56
N LEU TB 56 -12.91 62.47 -60.28
CA LEU TB 56 -14.15 62.09 -59.61
C LEU TB 56 -15.12 63.28 -59.54
N GLY TB 57 -14.59 64.48 -59.27
CA GLY TB 57 -15.42 65.66 -59.40
C GLY TB 57 -15.93 65.87 -60.81
N SER TB 58 -15.10 65.53 -61.81
CA SER TB 58 -15.53 65.64 -63.20
C SER TB 58 -16.77 64.81 -63.48
N ILE TB 59 -16.79 63.56 -63.02
CA ILE TB 59 -17.95 62.72 -63.35
C ILE TB 59 -19.02 62.81 -62.27
N GLN TB 60 -18.87 63.77 -61.35
CA GLN TB 60 -19.84 63.99 -60.28
C GLN TB 60 -19.96 62.76 -59.37
N PHE TB 61 -18.84 62.08 -59.16
CA PHE TB 61 -18.74 61.00 -58.18
C PHE TB 61 -19.72 59.87 -58.46
N ALA TB 62 -19.92 59.55 -59.74
CA ALA TB 62 -20.90 58.52 -60.08
C ALA TB 62 -20.60 58.01 -61.50
N ALA TB 63 -20.42 56.70 -61.62
CA ALA TB 63 -20.30 56.03 -62.91
C ALA TB 63 -21.15 54.78 -62.88
N GLY TB 64 -22.13 54.71 -63.76
CA GLY TB 64 -23.02 53.55 -63.81
C GLY TB 64 -23.77 53.38 -62.51
N ARG TB 65 -23.66 52.19 -61.95
CA ARG TB 65 -24.27 51.90 -60.66
C ARG TB 65 -23.31 52.14 -59.50
N HIS TB 66 -22.08 52.56 -59.77
CA HIS TB 66 -21.11 52.89 -58.74
C HIS TB 66 -21.26 54.34 -58.34
N ILE TB 67 -21.52 54.60 -57.07
CA ILE TB 67 -21.49 55.97 -56.56
C ILE TB 67 -20.36 56.08 -55.55
N PHE TB 68 -19.61 57.18 -55.63
CA PHE TB 68 -18.44 57.37 -54.77
C PHE TB 68 -18.71 58.47 -53.75
N GLY TB 69 -17.88 58.50 -52.71
CA GLY TB 69 -18.01 59.51 -51.70
C GLY TB 69 -17.06 60.68 -51.91
N GLU TB 70 -17.40 61.81 -51.30
CA GLU TB 70 -16.59 63.02 -51.42
C GLU TB 70 -15.52 63.04 -50.34
N PRO TB 71 -14.24 63.16 -50.69
CA PRO TB 71 -13.19 63.13 -49.67
C PRO TB 71 -13.18 64.40 -48.86
N ALA TB 72 -12.60 64.32 -47.66
CA ALA TB 72 -12.39 65.53 -46.88
C ALA TB 72 -11.26 66.36 -47.48
N SER TB 73 -10.19 65.73 -47.97
CA SER TB 73 -9.10 66.46 -48.58
C SER TB 73 -8.60 65.73 -49.83
N ASN TB 74 -8.06 66.52 -50.76
CA ASN TB 74 -7.37 65.97 -51.92
C ASN TB 74 -6.00 65.44 -51.56
N VAL TB 75 -5.43 65.91 -50.45
CA VAL TB 75 -4.14 65.46 -49.95
C VAL TB 75 -4.39 64.77 -48.62
N LEU TB 76 -3.90 63.52 -48.51
CA LEU TB 76 -4.24 62.66 -47.38
C LEU TB 76 -3.17 62.74 -46.30
N PRO TB 77 -3.56 63.01 -45.05
CA PRO TB 77 -2.58 63.11 -43.97
C PRO TB 77 -2.16 61.74 -43.45
N PRO TB 78 -1.02 61.64 -42.77
CA PRO TB 78 -0.59 60.34 -42.27
C PRO TB 78 -1.45 59.90 -41.10
N GLN TB 79 -1.75 58.61 -41.06
CA GLN TB 79 -2.51 58.02 -39.96
C GLN TB 79 -1.62 57.39 -38.90
N ASN TB 80 -0.61 56.63 -39.31
CA ASN TB 80 0.22 55.89 -38.37
C ASN TB 80 1.71 56.16 -38.57
N ILE TB 81 2.07 57.32 -39.11
CA ILE TB 81 3.44 57.72 -39.35
C ILE TB 81 3.76 58.91 -38.47
N VAL TB 82 4.89 58.83 -37.76
CA VAL TB 82 5.35 59.89 -36.88
C VAL TB 82 6.68 60.40 -37.42
N PRO TB 83 6.88 61.72 -37.50
CA PRO TB 83 8.13 62.22 -38.06
C PRO TB 83 9.30 61.81 -37.20
N GLY TB 84 10.37 61.39 -37.87
CA GLY TB 84 11.59 61.01 -37.20
C GLY TB 84 11.61 59.58 -36.73
N VAL TB 85 10.52 58.85 -36.85
CA VAL TB 85 10.45 57.47 -36.39
C VAL TB 85 10.43 56.59 -37.62
N PRO TB 86 11.41 55.71 -37.80
CA PRO TB 86 11.41 54.84 -38.98
C PRO TB 86 10.27 53.85 -38.91
N THR TB 87 9.57 53.69 -40.04
CA THR TB 87 8.50 52.70 -40.14
C THR TB 87 8.67 51.97 -41.47
N LYS TB 88 8.23 50.72 -41.50
CA LYS TB 88 8.26 49.91 -42.71
C LYS TB 88 6.88 49.79 -43.34
N HIS TB 89 5.86 50.32 -42.67
CA HIS TB 89 4.50 50.29 -43.18
C HIS TB 89 3.81 51.54 -42.69
N GLY TB 90 3.22 52.29 -43.61
CA GLY TB 90 2.57 53.54 -43.28
C GLY TB 90 1.32 53.74 -44.11
N GLU TB 91 0.40 54.52 -43.56
CA GLU TB 91 -0.90 54.70 -44.18
C GLU TB 91 -1.33 56.17 -44.09
N TYR TB 92 -1.79 56.70 -45.23
CA TYR TB 92 -2.48 57.97 -45.28
C TYR TB 92 -3.95 57.70 -45.54
N VAL TB 93 -4.83 58.52 -44.97
CA VAL TB 93 -6.25 58.18 -45.01
C VAL TB 93 -7.08 59.46 -44.93
N THR TB 94 -8.19 59.46 -45.66
CA THR TB 94 -9.22 60.49 -45.43
C THR TB 94 -10.60 59.84 -45.41
N THR TB 95 -11.63 60.64 -45.17
CA THR TB 95 -12.99 60.13 -45.03
C THR TB 95 -13.84 60.64 -46.18
N ASN TB 96 -14.44 59.70 -46.93
CA ASN TB 96 -15.46 60.01 -47.91
C ASN TB 96 -16.80 60.05 -47.20
N THR TB 97 -17.52 61.16 -47.35
CA THR TB 97 -18.89 61.33 -46.90
C THR TB 97 -19.79 61.56 -48.10
N GLY TB 98 -21.09 61.37 -47.91
CA GLY TB 98 -22.02 61.45 -49.02
C GLY TB 98 -23.45 61.43 -48.52
N ASP TB 99 -24.34 61.85 -49.42
CA ASP TB 99 -25.77 61.90 -49.12
C ASP TB 99 -26.33 60.47 -49.05
N ARG TB 100 -26.99 60.15 -47.93
CA ARG TB 100 -27.50 58.81 -47.65
C ARG TB 100 -26.37 57.78 -47.58
N LEU TB 101 -25.17 58.20 -47.20
CA LEU TB 101 -24.01 57.33 -47.16
C LEU TB 101 -23.39 57.33 -45.77
N MET TB 102 -22.82 56.17 -45.41
CA MET TB 102 -22.06 56.04 -44.18
C MET TB 102 -20.59 56.32 -44.44
N ALA TB 103 -20.00 57.15 -43.59
CA ALA TB 103 -18.62 57.59 -43.78
C ALA TB 103 -17.69 56.40 -44.00
N SER TB 104 -16.92 56.44 -45.08
CA SER TB 104 -16.00 55.36 -45.40
C SER TB 104 -14.64 55.92 -45.78
N SER TB 105 -13.59 55.33 -45.21
CA SER TB 105 -12.26 55.87 -45.38
C SER TB 105 -11.63 55.42 -46.69
N THR TB 106 -10.88 56.33 -47.31
CA THR TB 106 -10.05 56.07 -48.49
C THR TB 106 -8.58 56.02 -48.05
N THR TB 107 -7.88 54.94 -48.45
CA THR TB 107 -6.59 54.60 -47.85
C THR TB 107 -5.48 54.50 -48.88
N VAL TB 108 -4.29 54.98 -48.49
CA VAL TB 108 -3.09 54.95 -49.32
C VAL TB 108 -2.00 54.33 -48.47
N THR TB 109 -1.56 53.13 -48.83
CA THR TB 109 -0.65 52.33 -48.04
C THR TB 109 0.73 52.28 -48.70
N ARG TB 110 1.79 52.47 -47.92
CA ARG TB 110 3.15 52.41 -48.42
C ARG TB 110 3.98 51.47 -47.57
N ASP TB 111 4.61 50.48 -48.21
CA ASP TB 111 5.43 49.49 -47.56
C ASP TB 111 6.86 49.62 -48.07
N VAL TB 112 7.81 49.74 -47.17
CA VAL TB 112 9.23 49.79 -47.53
C VAL TB 112 9.98 48.72 -46.75
N SER TB 113 10.56 47.75 -47.47
CA SER TB 113 11.27 46.65 -46.82
C SER TB 113 12.20 45.98 -47.81
N ASN TB 114 13.45 45.73 -47.40
CA ASN TB 114 14.39 44.90 -48.17
C ASN TB 114 14.57 45.40 -49.59
N GLY TB 115 14.61 46.73 -49.76
CA GLY TB 115 14.81 47.35 -51.05
C GLY TB 115 13.59 47.37 -51.94
N ARG TB 116 12.46 46.88 -51.47
CA ARG TB 116 11.23 46.83 -52.24
C ARG TB 116 10.27 47.82 -51.61
N THR TB 117 9.78 48.74 -52.43
CA THR TB 117 8.85 49.76 -51.95
C THR TB 117 7.56 49.65 -52.77
N LYS TB 118 6.42 49.66 -52.09
CA LYS TB 118 5.13 49.40 -52.73
C LYS TB 118 4.06 50.32 -52.19
N VAL TB 119 3.38 51.03 -53.09
CA VAL TB 119 2.29 51.94 -52.78
C VAL TB 119 1.00 51.35 -53.34
N SER TB 120 -0.04 51.28 -52.50
CA SER TB 120 -1.35 50.77 -52.87
C SER TB 120 -2.41 51.81 -52.53
N ILE TB 121 -3.41 51.93 -53.39
CA ILE TB 121 -4.50 52.90 -53.20
C ILE TB 121 -5.82 52.16 -53.26
N ASP TB 122 -6.68 52.38 -52.26
CA ASP TB 122 -7.98 51.72 -52.14
C ASP TB 122 -9.05 52.78 -51.92
N ILE TB 123 -10.02 52.84 -52.83
CA ILE TB 123 -11.17 53.74 -52.71
C ILE TB 123 -12.44 52.91 -52.78
N PRO TB 124 -13.37 53.07 -51.84
CA PRO TB 124 -14.62 52.30 -51.88
C PRO TB 124 -15.73 53.00 -52.66
N TYR TB 125 -16.72 52.19 -53.06
CA TYR TB 125 -17.90 52.66 -53.77
C TYR TB 125 -19.15 52.06 -53.13
N TYR TB 126 -20.31 52.60 -53.53
CA TYR TB 126 -21.60 52.20 -52.99
C TYR TB 126 -22.58 51.91 -54.13
N ASP TB 127 -23.70 51.30 -53.73
CA ASP TB 127 -24.77 50.91 -54.66
C ASP TB 127 -25.66 52.12 -54.97
N ARG TB 128 -25.50 52.66 -56.17
CA ARG TB 128 -26.26 53.84 -56.54
C ARG TB 128 -27.75 53.57 -56.56
N ASN TB 129 -28.16 52.33 -56.89
CA ASN TB 129 -29.58 52.00 -56.92
C ASN TB 129 -30.19 52.09 -55.53
N ALA TB 130 -29.49 51.57 -54.52
CA ALA TB 130 -29.96 51.72 -53.16
C ALA TB 130 -29.97 53.18 -52.74
N VAL TB 131 -28.92 53.93 -53.09
CA VAL TB 131 -28.84 55.33 -52.63
C VAL TB 131 -29.97 56.16 -53.22
N GLU TB 132 -30.18 56.08 -54.53
CA GLU TB 132 -31.20 56.88 -55.18
C GLU TB 132 -32.60 56.35 -54.89
N THR TB 133 -32.75 55.05 -54.58
CA THR TB 133 -34.05 54.55 -54.16
C THR TB 133 -34.44 55.10 -52.79
N LEU TB 134 -33.49 55.17 -51.88
CA LEU TB 134 -33.73 55.85 -50.60
C LEU TB 134 -34.09 57.31 -50.81
N LYS TB 135 -33.25 58.05 -51.54
CA LYS TB 135 -33.55 59.45 -51.83
C LYS TB 135 -34.97 59.61 -52.36
N ALA TB 136 -35.33 58.80 -53.35
CA ALA TB 136 -36.63 58.93 -54.00
C ALA TB 136 -37.79 58.44 -53.12
N SER TB 137 -37.53 57.61 -52.12
CA SER TB 137 -38.60 57.11 -51.26
C SER TB 137 -38.78 57.95 -49.99
N ALA TB 138 -37.81 58.80 -49.65
CA ALA TB 138 -37.92 59.71 -48.50
C ALA TB 138 -38.12 58.92 -47.20
N ILE TB 139 -37.24 57.95 -47.00
CA ILE TB 139 -37.34 56.96 -45.95
C ILE TB 139 -35.99 56.93 -45.23
N PRO TB 140 -35.95 56.61 -43.94
CA PRO TB 140 -34.77 56.93 -43.13
C PRO TB 140 -33.46 56.18 -43.48
N GLY TB 141 -33.47 55.15 -44.32
CA GLY TB 141 -32.29 54.29 -44.43
C GLY TB 141 -31.02 55.02 -44.84
N ALA TB 142 -29.87 54.44 -44.46
CA ALA TB 142 -28.56 54.79 -45.02
C ALA TB 142 -27.77 53.53 -45.34
N VAL TB 143 -26.77 53.67 -46.22
CA VAL TB 143 -26.10 52.56 -46.88
C VAL TB 143 -24.61 52.60 -46.63
N ALA TB 144 -24.02 51.41 -46.52
CA ALA TB 144 -22.59 51.16 -46.34
C ALA TB 144 -21.95 50.78 -47.67
N PRO TB 145 -20.61 50.80 -47.76
CA PRO TB 145 -19.95 50.46 -49.03
C PRO TB 145 -20.23 49.04 -49.49
N VAL TB 146 -20.18 48.87 -50.82
CA VAL TB 146 -20.43 47.59 -51.45
C VAL TB 146 -19.14 46.92 -51.92
N GLY TB 147 -18.11 47.70 -52.23
CA GLY TB 147 -16.85 47.16 -52.68
C GLY TB 147 -15.84 48.28 -52.84
N SER TB 148 -14.74 47.96 -53.51
CA SER TB 148 -13.67 48.94 -53.65
C SER TB 148 -12.94 48.70 -54.96
N PHE TB 149 -12.14 49.70 -55.34
CA PHE TB 149 -11.18 49.59 -56.41
C PHE TB 149 -9.79 49.88 -55.87
N LYS TB 150 -8.82 49.10 -56.34
CA LYS TB 150 -7.45 49.12 -55.83
C LYS TB 150 -6.45 49.18 -56.98
N VAL TB 151 -5.37 49.91 -56.70
CA VAL TB 151 -4.26 50.07 -57.65
C VAL TB 151 -2.95 49.95 -56.88
N ASN TB 152 -2.08 49.04 -57.33
CA ASN TB 152 -0.78 48.78 -56.71
C ASN TB 152 0.36 49.20 -57.62
N VAL TB 153 1.44 49.66 -57.01
CA VAL TB 153 2.64 50.08 -57.72
C VAL TB 153 3.85 49.67 -56.88
N GLU TB 154 4.84 49.04 -57.52
CA GLU TB 154 5.88 48.30 -56.82
C GLU TB 154 7.23 48.51 -57.49
N VAL TB 155 8.26 48.77 -56.69
CA VAL TB 155 9.60 49.06 -57.18
C VAL TB 155 10.58 48.16 -56.46
N LEU TB 156 11.30 47.32 -57.24
CA LEU TB 156 12.21 46.32 -56.68
C LEU TB 156 13.63 46.87 -56.80
N GLY TB 157 14.03 47.67 -55.83
CA GLY TB 157 15.29 48.39 -55.85
C GLY TB 157 16.44 47.72 -55.13
N GLY TB 158 16.27 46.46 -54.75
CA GLY TB 158 17.32 45.75 -54.06
C GLY TB 158 18.42 45.30 -55.00
N GLY TB 159 19.57 45.02 -54.42
CA GLY TB 159 20.67 44.46 -55.17
C GLY TB 159 21.66 45.45 -55.70
N VAL TB 160 21.81 46.60 -55.05
CA VAL TB 160 22.76 47.60 -55.52
C VAL TB 160 24.17 47.04 -55.38
N LEU TB 161 24.99 47.24 -56.40
CA LEU TB 161 26.33 46.69 -56.43
C LEU TB 161 27.26 47.44 -55.47
N THR TB 162 28.43 46.84 -55.22
CA THR TB 162 29.31 47.38 -54.19
C THR TB 162 29.88 48.73 -54.57
N GLY TB 163 30.26 48.90 -55.83
CA GLY TB 163 30.93 50.11 -56.25
C GLY TB 163 30.08 51.35 -56.11
N THR TB 164 28.75 51.19 -56.14
CA THR TB 164 27.86 52.34 -56.16
C THR TB 164 27.99 53.17 -54.90
N ASP TB 165 28.23 54.47 -55.08
CA ASP TB 165 28.23 55.40 -53.97
C ASP TB 165 26.89 56.12 -53.90
N ALA TB 166 26.79 57.08 -52.99
CA ALA TB 166 25.52 57.73 -52.69
C ALA TB 166 25.00 58.52 -53.88
N ASN TB 167 25.88 59.30 -54.53
CA ASN TB 167 25.48 60.08 -55.70
C ASN TB 167 24.91 59.19 -56.80
N ALA TB 168 25.63 58.10 -57.11
CA ALA TB 168 25.17 57.13 -58.08
C ALA TB 168 23.82 56.52 -57.67
N GLN TB 169 23.63 56.30 -56.37
CA GLN TB 169 22.35 55.77 -55.91
C GLN TB 169 21.22 56.76 -56.18
N PHE TB 170 21.49 58.06 -56.05
CA PHE TB 170 20.48 59.04 -56.46
C PHE TB 170 20.14 58.88 -57.93
N ALA TB 171 21.17 58.69 -58.75
CA ALA TB 171 20.90 58.49 -60.17
C ALA TB 171 20.01 57.27 -60.39
N LEU TB 172 20.26 56.20 -59.63
CA LEU TB 172 19.44 55.00 -59.77
C LEU TB 172 18.02 55.24 -59.28
N ASP TB 173 17.87 56.06 -58.24
CA ASP TB 173 16.56 56.48 -57.77
C ASP TB 173 15.75 57.07 -58.91
N GLU TB 174 16.34 58.04 -59.62
CA GLU TB 174 15.62 58.68 -60.71
C GLU TB 174 15.36 57.72 -61.86
N LEU TB 175 16.30 56.80 -62.12
CA LEU TB 175 16.09 55.80 -63.17
C LEU TB 175 14.85 54.96 -62.89
N LEU TB 176 14.72 54.47 -61.66
CA LEU TB 176 13.55 53.68 -61.31
C LEU TB 176 12.28 54.51 -61.40
N SER TB 177 12.32 55.77 -60.96
CA SER TB 177 11.10 56.58 -61.04
C SER TB 177 10.68 56.78 -62.51
N ASN TB 178 11.64 56.90 -63.42
CA ASN TB 178 11.30 57.01 -64.84
C ASN TB 178 10.69 55.72 -65.38
N MET TB 179 11.21 54.57 -64.94
CA MET TB 179 10.58 53.31 -65.32
C MET TB 179 9.16 53.21 -64.77
N LEU TB 180 8.94 53.77 -63.58
CA LEU TB 180 7.59 53.84 -63.00
C LEU TB 180 6.65 54.60 -63.93
N MET TB 181 7.07 55.79 -64.36
CA MET TB 181 6.24 56.59 -65.25
C MET TB 181 5.95 55.83 -66.55
N ASP TB 182 6.98 55.21 -67.12
CA ASP TB 182 6.78 54.42 -68.34
C ASP TB 182 5.76 53.30 -68.12
N ALA TB 183 5.85 52.63 -66.97
CA ALA TB 183 4.94 51.51 -66.70
C ALA TB 183 3.50 52.00 -66.56
N ALA TB 184 3.28 53.11 -65.86
CA ALA TB 184 1.92 53.64 -65.73
C ALA TB 184 1.35 54.07 -67.09
N ARG TB 185 2.18 54.72 -67.91
CA ARG TB 185 1.71 55.10 -69.24
C ARG TB 185 1.37 53.88 -70.09
N ILE TB 186 2.18 52.82 -70.00
CA ILE TB 186 1.93 51.61 -70.78
C ILE TB 186 0.68 50.90 -70.29
N ALA TB 187 0.38 51.03 -68.99
CA ALA TB 187 -0.82 50.42 -68.44
C ALA TB 187 -2.08 51.14 -68.91
N GLN TB 188 -2.08 52.47 -68.82
CA GLN TB 188 -3.27 53.24 -69.21
C GLN TB 188 -3.32 53.54 -70.71
N ASP TB 189 -2.32 53.11 -71.47
CA ASP TB 189 -2.24 53.48 -72.88
C ASP TB 189 -3.44 52.97 -73.64
N GLY TB 190 -3.95 53.80 -74.55
CA GLY TB 190 -5.02 53.41 -75.44
C GLY TB 190 -6.08 54.48 -75.62
N PRO TB 191 -6.89 54.35 -76.68
CA PRO TB 191 -8.00 55.28 -76.88
C PRO TB 191 -8.99 55.21 -75.74
N LYS TB 192 -9.57 56.36 -75.39
CA LYS TB 192 -10.68 56.38 -74.46
C LYS TB 192 -12.00 55.98 -75.12
N ASN TB 193 -11.99 55.80 -76.45
CA ASN TB 193 -13.15 55.24 -77.13
C ASN TB 193 -13.45 53.82 -76.69
N THR TB 194 -12.46 53.13 -76.11
CA THR TB 194 -12.48 51.67 -76.07
C THR TB 194 -12.07 51.13 -74.71
N ALA TB 195 -12.57 49.93 -74.41
CA ALA TB 195 -12.33 49.27 -73.13
C ALA TB 195 -10.85 49.04 -72.90
N ARG TB 196 -10.35 49.41 -71.71
CA ARG TB 196 -8.95 49.08 -71.48
C ARG TB 196 -8.56 48.58 -70.08
N LEU TB 197 -9.35 48.80 -69.02
CA LEU TB 197 -8.98 48.31 -67.69
C LEU TB 197 -10.00 47.44 -66.96
N VAL TB 198 -11.23 47.93 -66.75
CA VAL TB 198 -12.14 47.31 -65.79
C VAL TB 198 -12.77 46.06 -66.39
N ALA TB 199 -13.10 45.10 -65.54
CA ALA TB 199 -13.77 43.86 -65.93
C ALA TB 199 -13.02 43.15 -67.06
N ALA TB 200 -11.69 43.30 -67.06
CA ALA TB 200 -10.87 42.78 -68.14
C ALA TB 200 -10.92 41.25 -68.20
N SER TB 201 -11.07 40.72 -69.41
CA SER TB 201 -11.04 39.28 -69.67
C SER TB 201 -9.73 38.84 -70.30
N HIS TB 202 -9.32 39.54 -71.35
CA HIS TB 202 -8.08 39.28 -72.08
C HIS TB 202 -7.74 40.54 -72.86
N GLY TB 203 -6.56 40.54 -73.44
CA GLY TB 203 -6.07 41.68 -74.20
C GLY TB 203 -6.09 41.33 -75.68
N VAL TB 204 -6.51 42.27 -76.52
CA VAL TB 204 -6.47 42.08 -77.96
C VAL TB 204 -5.87 43.31 -78.61
N MET TB 205 -4.97 43.08 -79.59
CA MET TB 205 -4.30 44.10 -80.39
C MET TB 205 -5.06 44.32 -81.69
N PRO TB 206 -5.18 45.56 -82.15
CA PRO TB 206 -5.87 45.83 -83.41
C PRO TB 206 -5.01 45.48 -84.62
N GLN TB 207 -5.64 45.54 -85.79
CA GLN TB 207 -5.00 45.29 -87.07
C GLN TB 207 -4.78 46.61 -87.79
N ALA TB 208 -3.56 46.85 -88.26
CA ALA TB 208 -3.19 48.05 -89.02
C ALA TB 208 -3.51 49.32 -88.27
N GLY UB 11 -38.89 24.98 54.53
CA GLY UB 11 -39.97 25.00 55.50
C GLY UB 11 -41.27 25.62 54.99
N GLN UB 12 -42.03 26.21 55.90
CA GLN UB 12 -43.32 26.82 55.56
C GLN UB 12 -43.12 27.99 54.59
N LEU UB 13 -44.22 28.42 53.99
CA LEU UB 13 -44.23 29.47 52.98
C LEU UB 13 -44.99 30.68 53.50
N TYR UB 14 -44.45 31.88 53.24
CA TYR UB 14 -45.12 33.12 53.62
C TYR UB 14 -44.91 34.15 52.52
N MET UB 15 -45.41 35.37 52.70
CA MET UB 15 -45.35 36.41 51.68
C MET UB 15 -44.34 37.48 52.08
N GLY UB 16 -43.22 37.53 51.36
CA GLY UB 16 -42.26 38.60 51.46
C GLY UB 16 -42.42 39.53 50.27
N GLN UB 17 -41.82 40.71 50.39
CA GLN UB 17 -42.02 41.72 49.35
C GLN UB 17 -41.41 41.31 48.02
N GLN UB 18 -40.50 40.34 48.01
CA GLN UB 18 -40.00 39.81 46.75
C GLN UB 18 -41.04 38.91 46.09
N GLY UB 19 -41.95 38.34 46.88
CA GLY UB 19 -42.89 37.35 46.43
C GLY UB 19 -43.08 36.31 47.51
N PRO UB 20 -43.74 35.20 47.20
CA PRO UB 20 -43.83 34.11 48.17
C PRO UB 20 -42.45 33.53 48.45
N VAL UB 21 -42.11 33.45 49.74
CA VAL UB 21 -40.76 33.14 50.18
C VAL UB 21 -40.82 32.05 51.25
N GLN UB 22 -39.82 31.16 51.21
CA GLN UB 22 -39.74 30.04 52.13
C GLN UB 22 -39.10 30.48 53.44
N SER UB 23 -39.76 30.19 54.55
CA SER UB 23 -39.20 30.48 55.86
C SER UB 23 -37.97 29.60 56.10
N SER UB 24 -36.99 30.17 56.82
CA SER UB 24 -35.72 29.46 57.00
C SER UB 24 -35.19 29.68 58.41
N ARG UB 25 -34.55 28.63 58.94
CA ARG UB 25 -34.02 28.63 60.30
C ARG UB 25 -32.52 28.36 60.23
N THR UB 26 -31.72 29.34 60.65
CA THR UB 26 -30.27 29.23 60.50
C THR UB 26 -29.55 29.51 61.81
N THR UB 27 -28.32 29.02 61.90
CA THR UB 27 -27.45 29.27 63.03
C THR UB 27 -26.56 30.48 62.80
N PHE UB 28 -26.82 31.24 61.74
CA PHE UB 28 -26.00 32.38 61.39
C PHE UB 28 -26.19 33.51 62.40
N GLY UB 29 -25.08 34.04 62.90
CA GLY UB 29 -25.12 35.20 63.76
C GLY UB 29 -25.40 34.93 65.22
N VAL UB 30 -25.18 33.71 65.70
CA VAL UB 30 -25.35 33.36 67.11
C VAL UB 30 -24.00 32.94 67.66
N ASN UB 31 -23.48 33.71 68.63
CA ASN UB 31 -22.20 33.43 69.25
C ASN UB 31 -22.44 32.67 70.55
N PRO UB 32 -22.23 31.36 70.58
CA PRO UB 32 -22.38 30.60 71.83
C PRO UB 32 -21.10 30.41 72.63
N ASP UB 33 -20.00 31.06 72.25
CA ASP UB 33 -18.75 30.98 73.02
C ASP UB 33 -19.01 31.25 74.50
N ARG UB 34 -18.31 30.53 75.36
CA ARG UB 34 -18.47 30.69 76.79
C ARG UB 34 -17.16 31.13 77.43
N GLN UB 35 -17.29 31.76 78.58
CA GLN UB 35 -16.19 32.25 79.38
C GLN UB 35 -15.82 31.20 80.41
N ALA UB 36 -14.52 30.93 80.56
CA ALA UB 36 -14.07 29.88 81.45
C ALA UB 36 -14.43 30.20 82.90
N ASN UB 37 -14.72 29.16 83.66
CA ASN UB 37 -15.05 29.30 85.08
C ASN UB 37 -13.74 29.45 85.85
N ALA UB 38 -13.21 30.67 85.84
CA ALA UB 38 -11.93 31.03 86.44
C ALA UB 38 -12.08 32.20 87.39
N ARG UB 39 -13.20 32.24 88.12
CA ARG UB 39 -13.57 33.39 88.93
C ARG UB 39 -13.54 33.02 90.40
N PRO UB 40 -12.60 33.54 91.18
CA PRO UB 40 -12.63 33.30 92.64
C PRO UB 40 -13.91 33.85 93.24
N VAL UB 41 -14.49 33.11 94.19
CA VAL UB 41 -15.74 33.51 94.83
C VAL UB 41 -15.51 33.66 96.32
N TYR UB 42 -16.39 34.45 96.93
CA TYR UB 42 -16.32 34.70 98.36
C TYR UB 42 -16.67 33.44 99.14
N LEU UB 43 -15.88 33.16 100.16
CA LEU UB 43 -16.09 32.02 101.05
C LEU UB 43 -16.34 32.56 102.46
N ALA UB 44 -17.56 32.34 102.96
CA ALA UB 44 -17.96 32.91 104.23
C ALA UB 44 -17.01 32.46 105.35
N PRO UB 45 -16.72 33.34 106.33
CA PRO UB 45 -15.85 32.93 107.45
C PRO UB 45 -16.54 32.10 108.50
N ALA UB 46 -17.86 31.90 108.37
CA ALA UB 46 -18.61 31.05 109.27
C ALA UB 46 -19.97 30.80 108.64
N ALA UB 47 -20.65 29.76 109.11
CA ALA UB 47 -21.91 29.34 108.51
C ALA UB 47 -23.06 29.61 109.47
N PRO UB 48 -24.00 30.52 109.17
CA PRO UB 48 -25.08 30.75 110.13
C PRO UB 48 -26.23 29.77 109.97
N MET UB 49 -26.50 28.95 110.98
CA MET UB 49 -27.65 28.06 111.01
C MET UB 49 -28.75 28.57 111.95
N GLU UB 50 -29.02 29.88 111.94
CA GLU UB 50 -29.91 30.44 112.96
C GLU UB 50 -31.34 29.90 112.85
N ASN UB 51 -31.88 29.81 111.62
CA ASN UB 51 -33.27 29.40 111.46
C ASN UB 51 -33.52 28.02 112.06
N THR UB 52 -32.71 27.03 111.67
CA THR UB 52 -32.93 25.65 112.11
C THR UB 52 -32.79 25.52 113.63
N TYR UB 53 -31.83 26.22 114.23
CA TYR UB 53 -31.58 26.05 115.65
C TYR UB 53 -32.59 26.83 116.52
N THR UB 54 -33.07 27.97 116.05
CA THR UB 54 -34.20 28.58 116.76
C THR UB 54 -35.44 27.69 116.70
N TYR UB 55 -35.69 27.03 115.56
CA TYR UB 55 -36.81 26.10 115.56
C TYR UB 55 -36.55 24.92 116.50
N LEU UB 56 -35.31 24.44 116.56
CA LEU UB 56 -34.99 23.33 117.45
C LEU UB 56 -35.14 23.71 118.92
N GLY UB 57 -34.85 24.97 119.26
CA GLY UB 57 -35.19 25.45 120.59
C GLY UB 57 -36.69 25.53 120.79
N SER UB 58 -37.44 25.88 119.73
CA SER UB 58 -38.90 25.94 119.83
C SER UB 58 -39.49 24.59 120.23
N ILE UB 59 -39.11 23.53 119.54
CA ILE UB 59 -39.73 22.22 119.82
C ILE UB 59 -39.00 21.52 120.96
N GLN UB 60 -38.09 22.21 121.62
CA GLN UB 60 -37.32 21.68 122.76
C GLN UB 60 -36.44 20.50 122.33
N PHE UB 61 -35.90 20.57 121.10
CA PHE UB 61 -34.94 19.59 120.58
C PHE UB 61 -35.49 18.17 120.60
N ALA UB 62 -36.78 18.03 120.30
CA ALA UB 62 -37.39 16.71 120.34
C ALA UB 62 -38.62 16.72 119.46
N ALA UB 63 -38.66 15.81 118.48
CA ALA UB 63 -39.88 15.55 117.71
C ALA UB 63 -40.09 14.05 117.72
N GLY UB 64 -41.17 13.61 118.35
CA GLY UB 64 -41.46 12.18 118.45
C GLY UB 64 -40.34 11.42 119.12
N ARG UB 65 -39.79 10.45 118.40
CA ARG UB 65 -38.71 9.62 118.89
C ARG UB 65 -37.34 10.19 118.54
N HIS UB 66 -37.29 11.25 117.73
CA HIS UB 66 -36.06 11.89 117.34
C HIS UB 66 -35.70 12.94 118.37
N ILE UB 67 -34.60 12.73 119.08
CA ILE UB 67 -34.12 13.71 120.04
C ILE UB 67 -32.83 14.29 119.48
N PHE UB 68 -32.69 15.61 119.58
CA PHE UB 68 -31.56 16.28 118.93
C PHE UB 68 -30.60 16.84 119.96
N GLY UB 69 -29.36 17.04 119.52
CA GLY UB 69 -28.36 17.63 120.39
C GLY UB 69 -28.44 19.16 120.38
N GLU UB 70 -28.00 19.76 121.49
CA GLU UB 70 -27.89 21.21 121.60
C GLU UB 70 -26.54 21.66 121.04
N PRO UB 71 -26.52 22.59 120.10
CA PRO UB 71 -25.27 22.97 119.45
C PRO UB 71 -24.32 23.69 120.39
N ALA UB 72 -23.09 23.84 119.92
CA ALA UB 72 -22.15 24.74 120.57
C ALA UB 72 -22.50 26.19 120.26
N SER UB 73 -22.71 26.49 118.99
CA SER UB 73 -23.04 27.83 118.55
C SER UB 73 -24.08 27.76 117.45
N ASN UB 74 -24.93 28.79 117.38
CA ASN UB 74 -25.84 28.92 116.24
C ASN UB 74 -25.09 29.21 114.96
N VAL UB 75 -23.86 29.74 115.07
CA VAL UB 75 -23.02 30.06 113.92
C VAL UB 75 -21.78 29.17 113.99
N LEU UB 76 -21.51 28.43 112.89
CA LEU UB 76 -20.51 27.38 112.85
C LEU UB 76 -19.17 27.92 112.37
N PRO UB 77 -18.09 27.57 113.06
CA PRO UB 77 -16.77 28.03 112.67
C PRO UB 77 -16.18 27.14 111.58
N PRO UB 78 -15.22 27.66 110.82
CA PRO UB 78 -14.57 26.84 109.81
C PRO UB 78 -13.80 25.68 110.42
N GLN UB 79 -13.76 24.56 109.67
CA GLN UB 79 -13.05 23.36 110.10
C GLN UB 79 -11.75 23.12 109.34
N ASN UB 80 -11.73 23.38 108.03
CA ASN UB 80 -10.51 23.19 107.24
C ASN UB 80 -10.27 24.35 106.28
N ILE UB 81 -10.76 25.54 106.64
CA ILE UB 81 -10.63 26.72 105.81
C ILE UB 81 -9.70 27.71 106.51
N VAL UB 82 -8.78 28.28 105.76
CA VAL UB 82 -7.84 29.23 106.33
C VAL UB 82 -7.87 30.48 105.46
N PRO UB 83 -7.89 31.66 106.06
CA PRO UB 83 -7.95 32.89 105.27
C PRO UB 83 -6.76 32.98 104.34
N GLY UB 84 -7.03 33.37 103.10
CA GLY UB 84 -5.98 33.55 102.12
C GLY UB 84 -5.51 32.28 101.46
N VAL UB 85 -6.09 31.13 101.79
CA VAL UB 85 -5.71 29.86 101.15
C VAL UB 85 -6.91 29.44 100.29
N PRO UB 86 -6.75 29.28 98.98
CA PRO UB 86 -7.90 28.90 98.14
C PRO UB 86 -8.18 27.41 98.19
N THR UB 87 -9.46 27.07 98.39
CA THR UB 87 -9.90 25.68 98.48
C THR UB 87 -11.12 25.52 97.58
N LYS UB 88 -11.32 24.29 97.10
CA LYS UB 88 -12.53 23.92 96.38
C LYS UB 88 -13.49 23.17 97.28
N HIS UB 89 -13.09 22.91 98.53
CA HIS UB 89 -13.93 22.20 99.50
C HIS UB 89 -13.69 22.79 100.88
N GLY UB 90 -14.77 23.20 101.54
CA GLY UB 90 -14.68 23.80 102.86
C GLY UB 90 -15.76 23.30 103.81
N GLU UB 91 -15.40 23.09 105.07
CA GLU UB 91 -16.32 22.52 106.04
C GLU UB 91 -16.42 23.42 107.27
N TYR UB 92 -17.64 23.56 107.78
CA TYR UB 92 -17.89 24.19 109.07
C TYR UB 92 -18.54 23.15 109.98
N VAL UB 93 -18.29 23.24 111.28
CA VAL UB 93 -18.73 22.20 112.20
C VAL UB 93 -18.91 22.78 113.60
N THR UB 94 -19.92 22.31 114.32
CA THR UB 94 -19.91 22.42 115.79
C THR UB 94 -20.22 21.05 116.38
N THR UB 95 -20.24 20.96 117.71
CA THR UB 95 -20.50 19.69 118.37
C THR UB 95 -21.75 19.80 119.23
N ASN UB 96 -22.80 19.08 118.84
CA ASN UB 96 -24.01 18.96 119.64
C ASN UB 96 -23.71 18.15 120.90
N THR UB 97 -24.28 18.59 122.03
CA THR UB 97 -24.22 17.88 123.31
C THR UB 97 -25.61 17.78 123.91
N GLY UB 98 -25.74 16.96 124.95
CA GLY UB 98 -27.05 16.75 125.56
C GLY UB 98 -26.94 15.85 126.77
N ASP UB 99 -28.04 15.79 127.50
CA ASP UB 99 -28.11 14.98 128.72
C ASP UB 99 -28.09 13.51 128.35
N ARG UB 100 -27.09 12.78 128.85
CA ARG UB 100 -26.91 11.36 128.57
C ARG UB 100 -26.81 11.10 127.07
N LEU UB 101 -26.20 12.02 126.34
CA LEU UB 101 -25.96 11.89 124.91
C LEU UB 101 -24.47 12.04 124.64
N MET UB 102 -23.89 11.08 123.94
CA MET UB 102 -22.51 11.23 123.51
C MET UB 102 -22.43 12.32 122.46
N ALA UB 103 -21.57 13.32 122.70
CA ALA UB 103 -21.52 14.49 121.86
C ALA UB 103 -21.18 14.12 120.41
N SER UB 104 -21.81 14.81 119.47
CA SER UB 104 -21.77 14.43 118.06
C SER UB 104 -21.78 15.69 117.21
N SER UB 105 -20.98 15.69 116.15
CA SER UB 105 -20.78 16.89 115.36
C SER UB 105 -21.91 17.10 114.35
N THR UB 106 -22.24 18.37 114.10
CA THR UB 106 -23.12 18.77 113.02
C THR UB 106 -22.29 19.56 112.00
N THR UB 107 -22.48 19.24 110.70
CA THR UB 107 -21.55 19.62 109.65
C THR UB 107 -22.24 20.36 108.51
N VAL UB 108 -21.53 21.34 107.96
CA VAL UB 108 -22.00 22.14 106.82
C VAL UB 108 -20.87 22.16 105.81
N THR UB 109 -21.09 21.54 104.66
CA THR UB 109 -20.08 21.34 103.64
C THR UB 109 -20.37 22.20 102.41
N ARG UB 110 -19.33 22.83 101.86
CA ARG UB 110 -19.45 23.67 100.67
C ARG UB 110 -18.40 23.23 99.66
N ASP UB 111 -18.85 22.85 98.46
CA ASP UB 111 -18.00 22.43 97.36
C ASP UB 111 -18.17 23.40 96.22
N VAL UB 112 -17.06 23.99 95.77
CA VAL UB 112 -17.09 24.98 94.69
C VAL UB 112 -16.15 24.48 93.59
N SER UB 113 -16.71 23.92 92.51
CA SER UB 113 -15.91 23.41 91.40
C SER UB 113 -16.58 23.69 90.08
N ASN UB 114 -15.81 24.25 89.15
CA ASN UB 114 -16.22 24.38 87.75
C ASN UB 114 -17.56 25.08 87.58
N GLY UB 115 -17.76 26.15 88.32
CA GLY UB 115 -18.99 26.91 88.26
C GLY UB 115 -20.15 26.34 89.03
N ARG UB 116 -19.96 25.22 89.71
CA ARG UB 116 -21.01 24.57 90.45
C ARG UB 116 -20.72 24.75 91.94
N THR UB 117 -21.63 25.43 92.62
CA THR UB 117 -21.54 25.62 94.06
C THR UB 117 -22.57 24.71 94.73
N LYS UB 118 -22.15 23.95 95.74
CA LYS UB 118 -23.06 23.04 96.44
C LYS UB 118 -22.83 23.08 97.94
N VAL UB 119 -23.90 23.37 98.69
CA VAL UB 119 -23.90 23.43 100.14
C VAL UB 119 -24.79 22.33 100.68
N SER UB 120 -24.26 21.54 101.62
CA SER UB 120 -24.99 20.44 102.24
C SER UB 120 -24.92 20.58 103.76
N ILE UB 121 -26.03 20.27 104.43
CA ILE UB 121 -26.14 20.35 105.88
C ILE UB 121 -26.55 18.98 106.41
N ASP UB 122 -25.79 18.47 107.39
CA ASP UB 122 -26.04 17.17 108.00
C ASP UB 122 -26.08 17.33 109.51
N ILE UB 123 -27.24 17.05 110.11
CA ILE UB 123 -27.42 17.11 111.56
C ILE UB 123 -27.83 15.72 112.05
N PRO UB 124 -27.19 15.20 113.09
CA PRO UB 124 -27.56 13.89 113.63
C PRO UB 124 -28.70 13.99 114.64
N TYR UB 125 -29.26 12.82 114.96
CA TYR UB 125 -30.27 12.69 116.00
C TYR UB 125 -30.05 11.40 116.77
N TYR UB 126 -30.80 11.23 117.86
CA TYR UB 126 -30.65 10.12 118.78
C TYR UB 126 -32.01 9.50 119.09
N ASP UB 127 -31.95 8.29 119.66
CA ASP UB 127 -33.11 7.45 119.95
C ASP UB 127 -33.73 7.89 121.28
N ARG UB 128 -34.84 8.64 121.21
CA ARG UB 128 -35.45 9.12 122.45
C ARG UB 128 -35.98 7.97 123.30
N ASN UB 129 -36.43 6.87 122.67
CA ASN UB 129 -36.84 5.71 123.45
C ASN UB 129 -35.71 5.24 124.36
N ALA UB 130 -34.50 5.13 123.80
CA ALA UB 130 -33.34 4.72 124.58
C ALA UB 130 -32.97 5.77 125.62
N VAL UB 131 -33.00 7.05 125.26
CA VAL UB 131 -32.57 8.10 126.18
C VAL UB 131 -33.50 8.18 127.38
N GLU UB 132 -34.82 8.13 127.14
CA GLU UB 132 -35.77 8.19 128.24
C GLU UB 132 -35.79 6.88 129.03
N THR UB 133 -35.45 5.74 128.41
CA THR UB 133 -35.23 4.53 129.21
C THR UB 133 -34.08 4.74 130.20
N LEU UB 134 -32.98 5.32 129.71
CA LEU UB 134 -31.84 5.65 130.58
C LEU UB 134 -32.25 6.54 131.74
N LYS UB 135 -32.97 7.63 131.45
CA LYS UB 135 -33.35 8.54 132.52
C LYS UB 135 -34.32 7.87 133.49
N ALA UB 136 -35.32 7.15 132.96
CA ALA UB 136 -36.42 6.66 133.78
C ALA UB 136 -35.99 5.55 134.73
N SER UB 137 -35.21 4.58 134.26
CA SER UB 137 -34.77 3.50 135.14
C SER UB 137 -33.41 3.77 135.75
N ALA UB 138 -32.90 5.01 135.64
CA ALA UB 138 -31.68 5.45 136.32
C ALA UB 138 -30.46 4.60 135.96
N ILE UB 139 -30.30 4.33 134.67
CA ILE UB 139 -29.14 3.60 134.13
C ILE UB 139 -28.02 4.62 133.92
N PRO UB 140 -26.74 4.26 134.06
CA PRO UB 140 -25.67 5.26 133.94
C PRO UB 140 -25.08 5.47 132.55
N GLY UB 141 -25.50 4.72 131.53
CA GLY UB 141 -24.89 4.85 130.21
C GLY UB 141 -25.38 6.06 129.42
N ALA UB 142 -24.85 6.19 128.19
CA ALA UB 142 -25.24 7.22 127.25
C ALA UB 142 -25.55 6.58 125.89
N VAL UB 143 -26.16 7.38 125.02
CA VAL UB 143 -26.57 6.94 123.69
C VAL UB 143 -25.74 7.66 122.63
N ALA UB 144 -25.35 6.92 121.61
CA ALA UB 144 -24.68 7.42 120.42
C ALA UB 144 -25.71 7.77 119.36
N PRO UB 145 -25.36 8.63 118.40
CA PRO UB 145 -26.33 9.02 117.37
C PRO UB 145 -26.89 7.81 116.65
N VAL UB 146 -28.14 7.94 116.21
CA VAL UB 146 -28.86 6.85 115.59
C VAL UB 146 -29.06 7.07 114.09
N GLY UB 147 -29.15 8.31 113.64
CA GLY UB 147 -29.22 8.62 112.23
C GLY UB 147 -29.01 10.10 112.02
N SER UB 148 -29.33 10.56 110.82
CA SER UB 148 -29.17 11.99 110.52
C SER UB 148 -30.24 12.45 109.56
N PHE UB 149 -30.28 13.77 109.36
CA PHE UB 149 -31.04 14.41 108.30
C PHE UB 149 -30.12 15.32 107.52
N LYS UB 150 -30.33 15.36 106.19
CA LYS UB 150 -29.47 16.08 105.26
C LYS UB 150 -30.29 16.91 104.28
N VAL UB 151 -29.77 18.10 103.99
CA VAL UB 151 -30.38 19.03 103.05
C VAL UB 151 -29.28 19.54 102.12
N ASN UB 152 -29.50 19.41 100.81
CA ASN UB 152 -28.53 19.81 99.79
C ASN UB 152 -29.09 20.95 98.95
N VAL UB 153 -28.21 21.86 98.55
CA VAL UB 153 -28.56 23.00 97.71
C VAL UB 153 -27.45 23.20 96.71
N GLU UB 154 -27.81 23.43 95.46
CA GLU UB 154 -26.86 23.37 94.34
C GLU UB 154 -27.17 24.48 93.35
N VAL UB 155 -26.15 25.21 92.95
CA VAL UB 155 -26.27 26.33 92.01
C VAL UB 155 -25.33 26.03 90.86
N LEU UB 156 -25.90 25.80 89.67
CA LEU UB 156 -25.13 25.50 88.47
C LEU UB 156 -24.98 26.80 87.70
N GLY UB 157 -23.88 27.50 87.96
CA GLY UB 157 -23.68 28.82 87.40
C GLY UB 157 -22.57 28.85 86.38
N GLY UB 158 -22.28 27.70 85.79
CA GLY UB 158 -21.24 27.63 84.80
C GLY UB 158 -21.68 28.20 83.46
N GLY UB 159 -20.69 28.45 82.61
CA GLY UB 159 -20.95 28.78 81.23
C GLY UB 159 -21.60 30.13 81.05
N VAL UB 160 -20.95 31.16 81.56
CA VAL UB 160 -21.37 32.52 81.22
C VAL UB 160 -20.82 32.86 79.82
N LEU UB 161 -21.52 33.75 79.15
CA LEU UB 161 -21.15 34.14 77.78
C LEU UB 161 -19.90 35.03 77.79
N THR UB 162 -19.33 35.21 76.60
CA THR UB 162 -18.00 35.84 76.51
C THR UB 162 -18.05 37.33 76.78
N GLY UB 163 -19.10 37.99 76.35
CA GLY UB 163 -19.26 39.41 76.58
C GLY UB 163 -19.84 39.77 77.92
N THR UB 164 -19.94 38.82 78.84
CA THR UB 164 -20.45 39.11 80.18
C THR UB 164 -19.47 40.01 80.91
N ASP UB 165 -19.89 41.24 81.18
CA ASP UB 165 -19.03 42.20 81.84
C ASP UB 165 -18.71 41.76 83.25
N ALA UB 166 -17.53 42.15 83.74
CA ALA UB 166 -17.19 41.87 85.13
C ALA UB 166 -18.26 42.40 86.08
N ASN UB 167 -18.81 43.58 85.78
CA ASN UB 167 -19.89 44.15 86.61
C ASN UB 167 -21.16 43.33 86.50
N ALA UB 168 -21.49 42.85 85.30
CA ALA UB 168 -22.73 42.13 85.11
C ALA UB 168 -22.71 40.74 85.74
N GLN UB 169 -21.52 40.21 86.06
CA GLN UB 169 -21.46 38.93 86.75
C GLN UB 169 -22.03 39.05 88.16
N PHE UB 170 -21.95 40.25 88.76
CA PHE UB 170 -22.58 40.45 90.05
C PHE UB 170 -24.10 40.40 89.92
N ALA UB 171 -24.64 41.01 88.87
CA ALA UB 171 -26.07 40.93 88.64
C ALA UB 171 -26.50 39.49 88.46
N LEU UB 172 -25.70 38.71 87.74
CA LEU UB 172 -26.01 37.29 87.59
C LEU UB 172 -25.94 36.57 88.93
N ASP UB 173 -24.97 36.95 89.78
CA ASP UB 173 -24.88 36.41 91.12
C ASP UB 173 -26.21 36.55 91.85
N GLU UB 174 -26.73 37.79 91.87
CA GLU UB 174 -27.97 38.05 92.59
C GLU UB 174 -29.15 37.33 91.94
N LEU UB 175 -29.16 37.22 90.60
CA LEU UB 175 -30.22 36.46 89.95
C LEU UB 175 -30.25 35.01 90.45
N LEU UB 176 -29.08 34.37 90.49
CA LEU UB 176 -29.03 33.00 90.98
C LEU UB 176 -29.45 32.89 92.43
N SER UB 177 -29.06 33.85 93.27
CA SER UB 177 -29.45 33.77 94.67
C SER UB 177 -30.97 33.91 94.83
N ASN UB 178 -31.61 34.74 93.99
CA ASN UB 178 -33.07 34.84 94.05
C ASN UB 178 -33.74 33.56 93.57
N MET UB 179 -33.18 32.89 92.55
CA MET UB 179 -33.69 31.58 92.19
C MET UB 179 -33.56 30.61 93.34
N LEU UB 180 -32.46 30.69 94.10
CA LEU UB 180 -32.28 29.88 95.29
C LEU UB 180 -33.44 30.07 96.28
N MET UB 181 -33.73 31.32 96.61
CA MET UB 181 -34.81 31.61 97.54
C MET UB 181 -36.14 31.05 97.03
N ASP UB 182 -36.43 31.28 95.75
CA ASP UB 182 -37.68 30.75 95.18
C ASP UB 182 -37.72 29.23 95.26
N ALA UB 183 -36.58 28.57 95.07
CA ALA UB 183 -36.54 27.12 95.08
C ALA UB 183 -36.83 26.58 96.47
N ALA UB 184 -36.22 27.17 97.51
CA ALA UB 184 -36.51 26.69 98.86
C ALA UB 184 -37.97 26.95 99.24
N ARG UB 185 -38.51 28.10 98.82
CA ARG UB 185 -39.91 28.37 99.13
C ARG UB 185 -40.82 27.36 98.45
N ILE UB 186 -40.53 26.99 97.19
CA ILE UB 186 -41.32 25.99 96.50
C ILE UB 186 -41.13 24.62 97.15
N ALA UB 187 -39.95 24.37 97.72
CA ALA UB 187 -39.68 23.10 98.35
C ALA UB 187 -40.51 22.90 99.61
N GLN UB 188 -40.62 23.95 100.45
CA GLN UB 188 -41.35 23.82 101.69
C GLN UB 188 -42.77 24.37 101.64
N ASP UB 189 -43.20 24.84 100.48
CA ASP UB 189 -44.51 25.46 100.34
C ASP UB 189 -45.58 24.46 100.71
N GLY UB 190 -46.59 24.94 101.43
CA GLY UB 190 -47.72 24.12 101.77
C GLY UB 190 -48.21 24.38 103.18
N PRO UB 191 -49.45 23.97 103.46
CA PRO UB 191 -49.98 24.12 104.82
C PRO UB 191 -49.22 23.20 105.76
N LYS UB 192 -49.08 23.65 107.00
CA LYS UB 192 -48.47 22.87 108.05
C LYS UB 192 -49.48 21.93 108.71
N ASN UB 193 -50.75 21.97 108.27
CA ASN UB 193 -51.73 20.99 108.71
C ASN UB 193 -51.51 19.63 108.08
N THR UB 194 -50.81 19.59 106.95
CA THR UB 194 -50.73 18.38 106.14
C THR UB 194 -49.27 18.00 105.90
N ALA UB 195 -49.05 16.70 105.67
CA ALA UB 195 -47.71 16.16 105.47
C ALA UB 195 -47.07 16.74 104.21
N ARG UB 196 -45.79 17.13 104.31
CA ARG UB 196 -45.15 17.62 103.10
C ARG UB 196 -43.69 17.22 102.84
N LEU UB 197 -42.91 16.80 103.84
CA LEU UB 197 -41.50 16.52 103.54
C LEU UB 197 -40.99 15.11 103.88
N VAL UB 198 -41.10 14.68 105.15
CA VAL UB 198 -40.38 13.49 105.59
C VAL UB 198 -41.15 12.24 105.21
N ALA UB 199 -40.43 11.13 105.09
CA ALA UB 199 -41.00 9.82 104.77
C ALA UB 199 -41.80 9.87 103.48
N ALA UB 200 -41.47 10.80 102.60
CA ALA UB 200 -42.26 11.06 101.40
C ALA UB 200 -42.32 9.83 100.51
N SER UB 201 -43.52 9.52 100.03
CA SER UB 201 -43.76 8.43 99.09
C SER UB 201 -44.06 8.93 97.69
N HIS UB 202 -44.98 9.88 97.58
CA HIS UB 202 -45.33 10.53 96.32
C HIS UB 202 -46.02 11.84 96.66
N GLY UB 203 -46.30 12.63 95.63
CA GLY UB 203 -47.00 13.90 95.80
C GLY UB 203 -48.47 13.76 95.37
N VAL UB 204 -49.34 14.44 96.11
CA VAL UB 204 -50.75 14.48 95.74
C VAL UB 204 -51.26 15.89 95.90
N MET UB 205 -51.45 16.61 94.78
CA MET UB 205 -51.97 17.97 94.89
C MET UB 205 -53.48 17.95 95.05
N PRO UB 206 -54.04 18.78 95.92
CA PRO UB 206 -55.47 18.66 96.24
C PRO UB 206 -56.34 19.26 95.14
N GLN UB 207 -57.57 18.72 95.04
CA GLN UB 207 -58.51 19.17 94.01
C GLN UB 207 -58.97 20.59 94.29
N ALA UB 208 -59.29 20.88 95.54
CA ALA UB 208 -59.70 22.21 95.94
C ALA UB 208 -59.50 22.34 97.45
N PRO VB 20 -11.80 -17.07 119.82
CA PRO VB 20 -11.37 -15.72 119.43
C PRO VB 20 -12.07 -14.61 120.22
N VAL VB 21 -11.29 -13.86 121.00
CA VAL VB 21 -11.80 -12.77 121.83
C VAL VB 21 -11.64 -11.47 121.05
N GLN VB 22 -12.72 -10.74 120.86
CA GLN VB 22 -12.71 -9.50 120.08
C GLN VB 22 -13.04 -8.30 120.97
N SER VB 23 -12.48 -7.14 120.60
CA SER VB 23 -12.68 -5.92 121.36
C SER VB 23 -13.75 -5.06 120.71
N SER VB 24 -14.44 -4.27 121.53
CA SER VB 24 -15.53 -3.43 121.04
C SER VB 24 -15.69 -2.17 121.88
N ARG VB 25 -16.43 -1.23 121.31
CA ARG VB 25 -16.75 0.07 121.91
C ARG VB 25 -18.27 0.17 122.04
N THR VB 26 -18.75 0.18 123.27
CA THR VB 26 -20.17 0.01 123.53
C THR VB 26 -20.82 1.33 123.94
N THR VB 27 -22.04 1.55 123.46
CA THR VB 27 -22.95 2.51 124.05
C THR VB 27 -24.28 1.82 124.28
N PHE VB 28 -25.08 2.37 125.19
CA PHE VB 28 -26.39 1.79 125.44
C PHE VB 28 -27.32 2.02 124.25
N GLY VB 29 -28.19 1.05 124.02
CA GLY VB 29 -29.18 1.18 122.98
C GLY VB 29 -29.35 -0.09 122.17
N VAL VB 30 -30.19 0.02 121.13
CA VAL VB 30 -30.38 -1.01 120.13
C VAL VB 30 -30.48 -0.31 118.79
N ASN VB 31 -29.97 -0.96 117.75
CA ASN VB 31 -30.16 -0.45 116.41
C ASN VB 31 -31.64 -0.22 116.15
N PRO VB 32 -32.02 0.96 115.65
CA PRO VB 32 -33.42 1.37 115.71
C PRO VB 32 -34.27 0.62 114.70
N ASP VB 33 -35.58 0.72 114.89
CA ASP VB 33 -36.54 0.24 113.92
C ASP VB 33 -36.99 1.44 113.09
N ARG VB 34 -36.67 1.42 111.81
CA ARG VB 34 -37.02 2.51 110.91
C ARG VB 34 -38.40 2.30 110.32
N GLN VB 35 -39.09 3.41 110.07
CA GLN VB 35 -40.41 3.37 109.46
C GLN VB 35 -40.28 3.48 107.94
N ALA VB 36 -41.15 2.76 107.24
CA ALA VB 36 -41.13 2.79 105.79
C ALA VB 36 -41.54 4.16 105.26
N ASN VB 37 -41.05 4.50 104.08
CA ASN VB 37 -41.33 5.80 103.48
C ASN VB 37 -42.64 5.76 102.69
N ALA VB 38 -43.73 5.51 103.42
CA ALA VB 38 -45.06 5.33 102.82
C ALA VB 38 -45.99 6.51 103.11
N ARG VB 39 -45.43 7.70 103.27
CA ARG VB 39 -46.20 8.86 103.66
C ARG VB 39 -46.41 9.77 102.47
N PRO VB 40 -47.59 9.81 101.87
CA PRO VB 40 -47.83 10.75 100.76
C PRO VB 40 -47.84 12.18 101.26
N VAL VB 41 -47.32 13.09 100.43
CA VAL VB 41 -47.08 14.46 100.82
C VAL VB 41 -47.86 15.40 99.93
N TYR VB 42 -47.93 16.65 100.39
CA TYR VB 42 -48.61 17.71 99.68
C TYR VB 42 -47.81 18.15 98.47
N LEU VB 43 -48.54 18.51 97.42
CA LEU VB 43 -47.96 18.94 96.17
C LEU VB 43 -48.61 20.27 95.79
N ALA VB 44 -47.80 21.30 95.63
CA ALA VB 44 -48.34 22.64 95.40
C ALA VB 44 -49.15 22.67 94.10
N PRO VB 45 -50.33 23.31 94.10
CA PRO VB 45 -51.09 23.44 92.85
C PRO VB 45 -50.53 24.47 91.88
N ALA VB 46 -49.45 25.14 92.27
CA ALA VB 46 -48.71 26.07 91.41
C ALA VB 46 -47.40 26.41 92.10
N ALA VB 47 -46.42 26.85 91.32
CA ALA VB 47 -45.08 27.15 91.84
C ALA VB 47 -44.86 28.65 91.82
N PRO VB 48 -44.67 29.33 92.97
CA PRO VB 48 -44.41 30.77 92.88
C PRO VB 48 -42.95 31.07 92.65
N MET VB 49 -42.66 31.92 91.68
CA MET VB 49 -41.30 32.37 91.37
C MET VB 49 -41.20 33.88 91.49
N GLU VB 50 -41.79 34.45 92.54
CA GLU VB 50 -41.90 35.91 92.63
C GLU VB 50 -40.53 36.57 92.83
N ASN VB 51 -39.68 36.00 93.68
CA ASN VB 51 -38.40 36.63 94.01
C ASN VB 51 -37.54 36.83 92.75
N THR VB 52 -37.33 35.74 92.00
CA THR VB 52 -36.45 35.80 90.84
C THR VB 52 -37.01 36.70 89.75
N TYR VB 53 -38.33 36.68 89.53
CA TYR VB 53 -38.90 37.45 88.43
C TYR VB 53 -39.01 38.94 88.77
N THR VB 54 -39.24 39.29 90.04
CA THR VB 54 -39.10 40.69 90.42
C THR VB 54 -37.66 41.17 90.24
N TYR VB 55 -36.68 40.33 90.57
CA TYR VB 55 -35.31 40.78 90.32
C TYR VB 55 -35.03 40.92 88.83
N LEU VB 56 -35.56 40.01 88.01
CA LEU VB 56 -35.38 40.13 86.57
C LEU VB 56 -36.00 41.42 86.04
N GLY VB 57 -37.17 41.80 86.57
CA GLY VB 57 -37.71 43.11 86.26
C GLY VB 57 -36.78 44.22 86.70
N SER VB 58 -36.10 44.03 87.84
CA SER VB 58 -35.16 45.03 88.33
C SER VB 58 -34.04 45.29 87.31
N ILE VB 59 -33.37 44.23 86.84
CA ILE VB 59 -32.23 44.43 85.95
C ILE VB 59 -32.68 44.63 84.51
N GLN VB 60 -33.99 44.71 84.30
CA GLN VB 60 -34.58 44.89 82.98
C GLN VB 60 -34.23 43.72 82.04
N PHE VB 61 -34.18 42.52 82.63
CA PHE VB 61 -34.06 41.26 81.88
C PHE VB 61 -32.78 41.18 81.04
N ALA VB 62 -31.69 41.76 81.55
CA ALA VB 62 -30.45 41.77 80.79
C ALA VB 62 -29.26 41.86 81.74
N ALA VB 63 -28.21 41.13 81.40
CA ALA VB 63 -26.97 41.17 82.17
C ALA VB 63 -25.87 40.57 81.30
N GLY VB 64 -24.78 41.31 81.13
CA GLY VB 64 -23.74 40.85 80.23
C GLY VB 64 -24.32 40.83 78.83
N ARG VB 65 -24.08 39.75 78.09
CA ARG VB 65 -24.85 39.54 76.87
C ARG VB 65 -25.84 38.40 77.04
N HIS VB 66 -26.21 38.07 78.27
CA HIS VB 66 -27.41 37.28 78.52
C HIS VB 66 -28.63 38.20 78.51
N ILE VB 67 -29.61 37.86 77.68
CA ILE VB 67 -30.90 38.52 77.76
C ILE VB 67 -31.95 37.46 78.05
N PHE VB 68 -32.90 37.78 78.92
CA PHE VB 68 -33.91 36.84 79.36
C PHE VB 68 -35.28 37.22 78.82
N GLY VB 69 -36.21 36.29 78.92
CA GLY VB 69 -37.56 36.51 78.46
C GLY VB 69 -38.51 36.90 79.58
N GLU VB 70 -39.53 37.67 79.21
CA GLU VB 70 -40.58 38.01 80.17
C GLU VB 70 -41.54 36.84 80.32
N PRO VB 71 -41.87 36.44 81.54
CA PRO VB 71 -42.75 35.29 81.74
C PRO VB 71 -44.21 35.66 81.44
N ALA VB 72 -45.03 34.63 81.41
CA ALA VB 72 -46.47 34.87 81.34
C ALA VB 72 -47.02 35.18 82.73
N SER VB 73 -46.63 34.38 83.72
CA SER VB 73 -47.09 34.55 85.08
C SER VB 73 -45.90 34.43 86.03
N ASN VB 74 -45.95 35.23 87.11
CA ASN VB 74 -44.99 35.05 88.19
C ASN VB 74 -45.21 33.74 88.92
N VAL VB 75 -46.43 33.20 88.86
CA VAL VB 75 -46.74 31.91 89.42
C VAL VB 75 -47.02 30.94 88.28
N LEU VB 76 -46.24 29.84 88.25
CA LEU VB 76 -46.19 28.82 87.21
C LEU VB 76 -47.28 27.77 87.45
N PRO VB 77 -48.16 27.55 86.48
CA PRO VB 77 -49.19 26.52 86.61
C PRO VB 77 -48.60 25.14 86.39
N PRO VB 78 -49.30 24.09 86.83
CA PRO VB 78 -48.81 22.73 86.57
C PRO VB 78 -49.09 22.29 85.13
N GLN VB 79 -48.14 21.55 84.57
CA GLN VB 79 -48.26 21.06 83.20
C GLN VB 79 -48.70 19.61 83.12
N ASN VB 80 -48.21 18.74 84.01
CA ASN VB 80 -48.48 17.32 83.95
C ASN VB 80 -48.94 16.76 85.29
N ILE VB 81 -49.63 17.55 86.11
CA ILE VB 81 -50.04 17.12 87.43
C ILE VB 81 -51.56 17.18 87.47
N VAL VB 82 -52.20 16.03 87.38
CA VAL VB 82 -53.64 15.96 87.58
C VAL VB 82 -53.94 16.00 89.08
N PRO VB 83 -54.97 16.70 89.53
CA PRO VB 83 -55.24 16.73 90.96
C PRO VB 83 -55.80 15.42 91.44
N GLY VB 84 -55.39 15.03 92.64
CA GLY VB 84 -55.85 13.78 93.19
C GLY VB 84 -55.19 12.56 92.60
N VAL VB 85 -54.20 12.75 91.73
CA VAL VB 85 -53.50 11.64 91.11
C VAL VB 85 -52.10 11.60 91.70
N PRO VB 86 -51.70 10.52 92.36
CA PRO VB 86 -50.34 10.44 92.88
C PRO VB 86 -49.33 10.49 91.75
N THR VB 87 -48.35 11.36 91.88
CA THR VB 87 -47.30 11.54 90.88
C THR VB 87 -45.97 11.65 91.62
N LYS VB 88 -44.98 10.88 91.18
CA LYS VB 88 -43.64 10.95 91.75
C LYS VB 88 -42.77 11.95 91.01
N HIS VB 89 -43.29 12.56 89.95
CA HIS VB 89 -42.57 13.55 89.18
C HIS VB 89 -43.56 14.49 88.52
N GLY VB 90 -43.31 15.79 88.65
CA GLY VB 90 -44.23 16.79 88.15
C GLY VB 90 -43.52 18.07 87.76
N GLU VB 91 -44.14 18.81 86.86
CA GLU VB 91 -43.50 19.97 86.26
C GLU VB 91 -44.49 21.13 86.19
N TYR VB 92 -44.05 22.30 86.65
CA TYR VB 92 -44.73 23.55 86.39
C TYR VB 92 -43.94 24.32 85.34
N VAL VB 93 -44.64 25.01 84.45
CA VAL VB 93 -43.95 25.64 83.33
C VAL VB 93 -44.71 26.88 82.90
N THR VB 94 -43.98 27.96 82.66
CA THR VB 94 -44.61 29.10 82.03
C THR VB 94 -43.78 29.57 80.85
N THR VB 95 -44.44 30.20 79.89
CA THR VB 95 -43.81 30.54 78.64
C THR VB 95 -43.15 31.92 78.76
N ASN VB 96 -41.97 32.06 78.13
CA ASN VB 96 -41.18 33.29 78.10
C ASN VB 96 -41.32 33.87 76.70
N THR VB 97 -41.66 35.15 76.62
CA THR VB 97 -41.76 35.84 75.33
C THR VB 97 -40.89 37.10 75.39
N GLY VB 98 -40.60 37.67 74.22
CA GLY VB 98 -39.78 38.86 74.16
C GLY VB 98 -39.66 39.35 72.74
N ASP VB 99 -39.18 40.59 72.60
CA ASP VB 99 -38.99 41.22 71.31
C ASP VB 99 -37.87 40.52 70.55
N ARG VB 100 -38.20 39.95 69.40
CA ARG VB 100 -37.25 39.18 68.59
C ARG VB 100 -36.65 38.03 69.40
N LEU VB 101 -37.51 37.37 70.19
CA LEU VB 101 -37.17 36.17 70.93
C LEU VB 101 -38.12 35.05 70.52
N MET VB 102 -37.58 33.86 70.34
CA MET VB 102 -38.44 32.70 70.14
C MET VB 102 -38.97 32.25 71.50
N ALA VB 103 -40.30 32.12 71.60
CA ALA VB 103 -40.91 31.75 72.87
C ALA VB 103 -40.23 30.50 73.45
N SER VB 104 -39.89 30.57 74.74
CA SER VB 104 -39.15 29.47 75.39
C SER VB 104 -39.66 29.26 76.80
N SER VB 105 -39.71 28.00 77.22
CA SER VB 105 -40.39 27.65 78.46
C SER VB 105 -39.39 27.66 79.62
N THR VB 106 -39.81 28.26 80.74
CA THR VB 106 -39.07 28.17 81.99
C THR VB 106 -39.78 27.16 82.90
N THR VB 107 -38.97 26.28 83.52
CA THR VB 107 -39.48 25.03 84.09
C THR VB 107 -39.07 24.84 85.55
N VAL VB 108 -40.02 24.38 86.35
CA VAL VB 108 -39.80 24.04 87.75
C VAL VB 108 -40.21 22.58 87.93
N THR VB 109 -39.26 21.75 88.32
CA THR VB 109 -39.43 20.30 88.35
C THR VB 109 -39.36 19.79 89.79
N ARG VB 110 -40.34 18.99 90.19
CA ARG VB 110 -40.38 18.40 91.53
C ARG VB 110 -40.41 16.89 91.42
N ASP VB 111 -39.47 16.24 92.11
CA ASP VB 111 -39.38 14.79 92.17
C ASP VB 111 -39.51 14.37 93.62
N VAL VB 112 -40.59 13.66 93.95
CA VAL VB 112 -40.85 13.17 95.29
C VAL VB 112 -40.82 11.64 95.23
N SER VB 113 -39.78 11.02 95.80
CA SER VB 113 -39.74 9.56 95.83
C SER VB 113 -38.82 9.06 96.93
N ASN VB 114 -39.24 7.99 97.59
CA ASN VB 114 -38.43 7.24 98.56
C ASN VB 114 -37.87 8.14 99.66
N GLY VB 115 -38.71 9.05 100.15
CA GLY VB 115 -38.33 9.98 101.20
C GLY VB 115 -37.48 11.15 100.78
N ARG VB 116 -37.11 11.23 99.51
CA ARG VB 116 -36.28 12.32 99.02
C ARG VB 116 -37.14 13.18 98.12
N THR VB 117 -37.18 14.48 98.41
CA THR VB 117 -37.90 15.43 97.59
C THR VB 117 -36.90 16.43 97.01
N LYS VB 118 -37.01 16.71 95.70
CA LYS VB 118 -36.04 17.54 95.00
C LYS VB 118 -36.74 18.49 94.04
N VAL VB 119 -36.41 19.77 94.14
CA VAL VB 119 -36.98 20.83 93.30
C VAL VB 119 -35.85 21.45 92.49
N SER VB 120 -36.06 21.56 91.18
CA SER VB 120 -35.07 22.15 90.25
C SER VB 120 -35.73 23.24 89.44
N ILE VB 121 -35.00 24.33 89.20
CA ILE VB 121 -35.50 25.46 88.44
C ILE VB 121 -34.54 25.74 87.30
N ASP VB 122 -35.08 25.87 86.08
CA ASP VB 122 -34.30 26.06 84.86
C ASP VB 122 -34.91 27.22 84.08
N ILE VB 123 -34.14 28.30 83.91
CA ILE VB 123 -34.57 29.45 83.11
C ILE VB 123 -33.58 29.65 81.97
N PRO VB 124 -34.07 29.84 80.74
CA PRO VB 124 -33.16 30.02 79.60
C PRO VB 124 -32.79 31.48 79.35
N TYR VB 125 -31.70 31.65 78.60
CA TYR VB 125 -31.20 32.95 78.20
C TYR VB 125 -30.75 32.92 76.74
N TYR VB 126 -30.81 34.08 76.09
CA TYR VB 126 -30.48 34.27 74.69
C TYR VB 126 -29.27 35.18 74.53
N ASP VB 127 -28.72 35.17 73.30
CA ASP VB 127 -27.56 35.99 72.91
C ASP VB 127 -28.00 37.43 72.67
N ARG VB 128 -27.70 38.28 73.65
CA ARG VB 128 -28.09 39.69 73.57
C ARG VB 128 -27.47 40.36 72.34
N ASN VB 129 -26.28 39.91 71.91
CA ASN VB 129 -25.65 40.52 70.75
C ASN VB 129 -26.47 40.27 69.49
N ALA VB 130 -26.93 39.03 69.31
CA ALA VB 130 -27.79 38.70 68.19
C ALA VB 130 -29.10 39.45 68.27
N VAL VB 131 -29.73 39.47 69.46
CA VAL VB 131 -31.03 40.10 69.59
C VAL VB 131 -30.95 41.58 69.27
N GLU VB 132 -29.95 42.27 69.83
CA GLU VB 132 -29.83 43.71 69.64
C GLU VB 132 -29.36 44.07 68.24
N THR VB 133 -28.52 43.23 67.62
CA THR VB 133 -28.19 43.45 66.21
C THR VB 133 -29.43 43.36 65.34
N LEU VB 134 -30.30 42.37 65.62
CA LEU VB 134 -31.57 42.27 64.89
C LEU VB 134 -32.45 43.49 65.12
N LYS VB 135 -32.59 43.90 66.38
CA LYS VB 135 -33.43 45.05 66.71
C LYS VB 135 -32.93 46.32 66.04
N ALA VB 136 -31.64 46.64 66.22
CA ALA VB 136 -31.08 47.85 65.63
C ALA VB 136 -31.15 47.80 64.11
N SER VB 137 -30.92 46.63 63.51
CA SER VB 137 -31.01 46.54 62.07
C SER VB 137 -32.44 46.36 61.57
N ALA VB 138 -33.44 46.31 62.45
CA ALA VB 138 -34.82 46.11 62.03
C ALA VB 138 -34.95 44.86 61.17
N ILE VB 139 -34.40 43.76 61.67
CA ILE VB 139 -34.50 42.47 60.98
C ILE VB 139 -35.57 41.65 61.69
N PRO VB 140 -36.45 40.95 60.98
CA PRO VB 140 -37.54 40.22 61.64
C PRO VB 140 -37.20 38.83 62.14
N GLY VB 141 -35.94 38.48 62.33
CA GLY VB 141 -35.61 37.18 62.85
C GLY VB 141 -35.90 37.06 64.34
N ALA VB 142 -36.27 35.84 64.76
CA ALA VB 142 -36.49 35.52 66.17
C ALA VB 142 -35.41 34.55 66.62
N VAL VB 143 -34.89 34.77 67.83
CA VAL VB 143 -33.73 34.03 68.33
C VAL VB 143 -34.17 32.96 69.31
N ALA VB 144 -33.61 31.76 69.15
CA ALA VB 144 -33.78 30.67 70.09
C ALA VB 144 -32.78 30.80 71.23
N PRO VB 145 -33.07 30.20 72.38
CA PRO VB 145 -32.20 30.37 73.54
C PRO VB 145 -30.83 29.75 73.33
N VAL VB 146 -29.81 30.46 73.82
CA VAL VB 146 -28.45 29.95 73.71
C VAL VB 146 -28.07 29.08 74.91
N GLY VB 147 -28.65 29.32 76.07
CA GLY VB 147 -28.32 28.47 77.21
C GLY VB 147 -29.34 28.60 78.32
N SER VB 148 -28.95 28.14 79.51
CA SER VB 148 -29.85 28.20 80.65
C SER VB 148 -29.05 28.25 81.95
N PHE VB 149 -29.74 28.65 83.02
CA PHE VB 149 -29.24 28.59 84.39
C PHE VB 149 -30.17 27.74 85.25
N LYS VB 150 -29.58 26.94 86.13
CA LYS VB 150 -30.29 25.94 86.91
C LYS VB 150 -29.91 25.99 88.38
N VAL VB 151 -30.90 25.77 89.23
CA VAL VB 151 -30.73 25.73 90.68
C VAL VB 151 -31.49 24.52 91.23
N ASN VB 152 -30.80 23.66 91.97
CA ASN VB 152 -31.33 22.43 92.54
C ASN VB 152 -31.40 22.52 94.06
N VAL VB 153 -32.43 21.91 94.63
CA VAL VB 153 -32.65 21.89 96.07
C VAL VB 153 -33.18 20.51 96.42
N GLU VB 154 -32.67 19.93 97.51
CA GLU VB 154 -32.89 18.52 97.77
C GLU VB 154 -33.01 18.27 99.27
N VAL VB 155 -33.97 17.45 99.67
CA VAL VB 155 -34.26 17.18 101.07
C VAL VB 155 -34.34 15.68 101.25
N LEU VB 156 -33.41 15.12 102.03
CA LEU VB 156 -33.34 13.68 102.30
C LEU VB 156 -34.08 13.41 103.61
N GLY VB 157 -35.38 13.18 103.52
CA GLY VB 157 -36.24 13.01 104.67
C GLY VB 157 -36.60 11.59 105.02
N GLY VB 158 -35.86 10.61 104.54
CA GLY VB 158 -36.15 9.24 104.83
C GLY VB 158 -35.57 8.79 106.15
N GLY VB 159 -36.09 7.67 106.64
CA GLY VB 159 -35.53 7.01 107.81
C GLY VB 159 -36.17 7.40 109.11
N VAL VB 160 -37.41 7.90 109.07
CA VAL VB 160 -38.09 8.30 110.30
C VAL VB 160 -38.25 7.09 111.20
N LEU VB 161 -37.95 7.27 112.48
CA LEU VB 161 -38.01 6.21 113.46
C LEU VB 161 -39.45 5.77 113.73
N THR VB 162 -39.60 4.52 114.17
CA THR VB 162 -40.93 3.91 114.24
C THR VB 162 -41.82 4.58 115.29
N GLY VB 163 -41.25 4.97 116.42
CA GLY VB 163 -42.04 5.62 117.45
C GLY VB 163 -42.72 6.90 116.99
N THR VB 164 -42.11 7.61 116.03
CA THR VB 164 -42.59 8.93 115.62
C THR VB 164 -44.01 8.85 115.07
N ASP VB 165 -44.90 9.66 115.63
CA ASP VB 165 -46.28 9.65 115.15
C ASP VB 165 -46.50 10.79 114.16
N ALA VB 166 -47.75 10.98 113.74
CA ALA VB 166 -48.06 11.94 112.68
C ALA VB 166 -47.74 13.36 113.11
N ASN VB 167 -48.18 13.73 114.32
CA ASN VB 167 -47.93 15.07 114.83
C ASN VB 167 -46.45 15.36 114.91
N ALA VB 168 -45.66 14.39 115.37
CA ALA VB 168 -44.21 14.56 115.41
C ALA VB 168 -43.64 14.74 114.01
N GLN VB 169 -44.16 13.99 113.03
CA GLN VB 169 -43.66 14.13 111.67
C GLN VB 169 -43.93 15.53 111.13
N PHE VB 170 -45.02 16.16 111.56
CA PHE VB 170 -45.21 17.58 111.20
C PHE VB 170 -44.03 18.42 111.65
N ALA VB 171 -43.59 18.21 112.88
CA ALA VB 171 -42.45 18.96 113.42
C ALA VB 171 -41.20 18.71 112.59
N LEU VB 172 -40.98 17.44 112.22
CA LEU VB 172 -39.84 17.14 111.37
C LEU VB 172 -39.94 17.86 110.02
N ASP VB 173 -41.16 17.99 109.50
CA ASP VB 173 -41.38 18.74 108.26
C ASP VB 173 -40.84 20.16 108.40
N GLU VB 174 -41.30 20.86 109.43
CA GLU VB 174 -40.86 22.25 109.59
C GLU VB 174 -39.36 22.33 109.89
N LEU VB 175 -38.81 21.31 110.58
CA LEU VB 175 -37.37 21.31 110.84
C LEU VB 175 -36.57 21.26 109.55
N LEU VB 176 -36.94 20.36 108.65
CA LEU VB 176 -36.27 20.31 107.36
C LEU VB 176 -36.49 21.60 106.58
N SER VB 177 -37.67 22.21 106.71
CA SER VB 177 -37.91 23.50 106.07
C SER VB 177 -36.89 24.54 106.52
N ASN VB 178 -36.65 24.61 107.83
CA ASN VB 178 -35.71 25.61 108.33
C ASN VB 178 -34.27 25.29 107.94
N MET VB 179 -33.93 24.01 107.87
CA MET VB 179 -32.60 23.65 107.35
C MET VB 179 -32.45 24.08 105.89
N LEU VB 180 -33.53 23.95 105.12
CA LEU VB 180 -33.54 24.46 103.75
C LEU VB 180 -33.21 25.95 103.71
N MET VB 181 -33.96 26.73 104.49
CA MET VB 181 -33.74 28.18 104.51
C MET VB 181 -32.29 28.50 104.87
N ASP VB 182 -31.75 27.81 105.88
CA ASP VB 182 -30.37 28.05 106.29
C ASP VB 182 -29.40 27.68 105.18
N ALA VB 183 -29.65 26.58 104.47
CA ALA VB 183 -28.75 26.19 103.39
C ALA VB 183 -28.73 27.22 102.28
N ALA VB 184 -29.90 27.75 101.91
CA ALA VB 184 -29.95 28.76 100.86
C ALA VB 184 -29.26 30.05 101.29
N ARG VB 185 -29.44 30.44 102.54
CA ARG VB 185 -28.75 31.62 103.04
C ARG VB 185 -27.23 31.41 103.02
N ILE VB 186 -26.77 30.23 103.44
CA ILE VB 186 -25.33 29.94 103.45
C ILE VB 186 -24.80 29.89 102.02
N ALA VB 187 -25.64 29.53 101.06
CA ALA VB 187 -25.21 29.48 99.68
C ALA VB 187 -25.01 30.88 99.11
N GLN VB 188 -26.02 31.76 99.30
CA GLN VB 188 -25.94 33.12 98.76
C GLN VB 188 -25.16 34.07 99.66
N ASP VB 189 -24.68 33.61 100.81
CA ASP VB 189 -24.08 34.49 101.80
C ASP VB 189 -22.87 35.21 101.24
N GLY VB 190 -22.78 36.51 101.56
CA GLY VB 190 -21.63 37.29 101.18
C GLY VB 190 -21.99 38.71 100.75
N PRO VB 191 -20.98 39.58 100.70
CA PRO VB 191 -21.20 40.91 100.16
C PRO VB 191 -21.57 40.85 98.69
N LYS VB 192 -22.43 41.78 98.28
CA LYS VB 192 -22.70 41.95 96.85
C LYS VB 192 -21.60 42.72 96.14
N ASN VB 193 -20.58 43.16 96.89
CA ASN VB 193 -19.40 43.80 96.29
C ASN VB 193 -18.49 42.79 95.61
N THR VB 194 -18.50 41.55 96.07
CA THR VB 194 -17.55 40.55 95.60
C THR VB 194 -18.25 39.38 94.93
N ALA VB 195 -17.48 38.66 94.12
CA ALA VB 195 -18.00 37.53 93.36
C ALA VB 195 -18.39 36.39 94.29
N ARG VB 196 -19.57 35.81 94.09
CA ARG VB 196 -19.93 34.70 94.96
C ARG VB 196 -20.51 33.45 94.27
N LEU VB 197 -21.14 33.56 93.10
CA LEU VB 197 -21.77 32.37 92.49
C LEU VB 197 -21.33 31.99 91.06
N VAL VB 198 -21.49 32.88 90.08
CA VAL VB 198 -21.41 32.46 88.67
C VAL VB 198 -19.95 32.31 88.26
N ALA VB 199 -19.71 31.43 87.28
CA ALA VB 199 -18.36 31.15 86.78
C ALA VB 199 -17.41 30.80 87.91
N ALA VB 200 -17.93 30.16 88.96
CA ALA VB 200 -17.13 29.86 90.14
C ALA VB 200 -15.98 28.93 89.80
N SER VB 201 -14.80 29.20 90.36
CA SER VB 201 -13.63 28.34 90.23
C SER VB 201 -13.17 27.76 91.55
N HIS VB 202 -13.14 28.57 92.60
CA HIS VB 202 -12.66 28.17 93.92
C HIS VB 202 -13.07 29.24 94.92
N GLY VB 203 -13.05 28.87 96.20
CA GLY VB 203 -13.46 29.75 97.27
C GLY VB 203 -12.23 30.23 98.05
N VAL VB 204 -12.29 31.49 98.49
CA VAL VB 204 -11.22 32.08 99.29
C VAL VB 204 -11.85 32.84 100.44
N MET VB 205 -11.41 32.54 101.66
CA MET VB 205 -11.90 33.22 102.86
C MET VB 205 -11.17 34.54 103.03
N PRO VB 206 -11.87 35.64 103.29
CA PRO VB 206 -11.21 36.95 103.35
C PRO VB 206 -10.24 37.03 104.51
N GLN VB 207 -9.26 37.94 104.36
CA GLN VB 207 -8.20 38.09 105.35
C GLN VB 207 -8.79 38.30 106.74
N ALA VB 208 -9.83 39.12 106.83
CA ALA VB 208 -10.59 39.31 108.07
C ALA VB 208 -9.69 39.56 109.27
N SER WB 23 -27.93 22.98 69.85
CA SER WB 23 -27.76 23.98 68.81
C SER WB 23 -28.94 24.96 68.79
N SER WB 24 -28.64 26.25 68.85
CA SER WB 24 -29.66 27.31 68.88
C SER WB 24 -29.63 28.07 67.57
N ARG WB 25 -30.81 28.22 66.95
CA ARG WB 25 -30.92 28.80 65.63
C ARG WB 25 -31.98 29.90 65.64
N THR WB 26 -31.66 31.01 65.00
CA THR WB 26 -32.64 32.07 64.77
C THR WB 26 -33.49 31.73 63.55
N THR WB 27 -34.78 31.97 63.67
CA THR WB 27 -35.76 31.55 62.68
C THR WB 27 -36.41 32.78 62.04
N PHE WB 28 -36.52 32.74 60.71
CA PHE WB 28 -37.23 33.74 59.92
C PHE WB 28 -38.46 33.08 59.34
N GLY WB 29 -39.60 33.70 59.54
CA GLY WB 29 -40.84 33.11 59.09
C GLY WB 29 -41.46 32.24 60.17
N VAL WB 30 -42.26 31.28 59.69
CA VAL WB 30 -43.05 30.42 60.57
C VAL WB 30 -42.16 29.36 61.19
N ASN WB 31 -42.30 29.18 62.50
CA ASN WB 31 -41.66 28.07 63.19
C ASN WB 31 -42.71 27.01 63.49
N PRO WB 32 -42.69 25.85 62.83
CA PRO WB 32 -43.76 24.86 63.03
C PRO WB 32 -43.51 23.82 64.11
N ASP WB 33 -42.52 24.02 64.99
CA ASP WB 33 -42.25 23.05 66.05
C ASP WB 33 -43.51 22.79 66.89
N ARG WB 34 -43.91 21.52 66.99
CA ARG WB 34 -45.06 21.12 67.78
C ARG WB 34 -44.62 20.49 69.10
N GLN WB 35 -45.47 20.64 70.11
CA GLN WB 35 -45.21 20.10 71.44
C GLN WB 35 -45.65 18.64 71.48
N ALA WB 36 -44.78 17.78 72.01
CA ALA WB 36 -45.06 16.36 72.08
C ALA WB 36 -46.33 16.10 72.88
N ASN WB 37 -47.13 15.13 72.38
CA ASN WB 37 -48.42 14.78 72.98
C ASN WB 37 -48.18 13.87 74.19
N ALA WB 38 -47.69 14.48 75.28
CA ALA WB 38 -47.26 13.76 76.48
C ALA WB 38 -47.84 14.44 77.71
N ARG WB 39 -49.15 14.71 77.68
CA ARG WB 39 -49.83 15.44 78.74
C ARG WB 39 -50.96 14.59 79.31
N PRO WB 40 -50.90 14.20 80.58
CA PRO WB 40 -52.02 13.48 81.19
C PRO WB 40 -53.26 14.36 81.25
N VAL WB 41 -54.43 13.74 81.09
CA VAL WB 41 -55.68 14.47 81.08
C VAL WB 41 -56.64 13.85 82.09
N TYR WB 42 -57.54 14.70 82.58
CA TYR WB 42 -58.49 14.30 83.59
C TYR WB 42 -59.46 13.26 83.04
N LEU WB 43 -59.77 12.27 83.86
CA LEU WB 43 -60.64 11.17 83.51
C LEU WB 43 -61.78 11.11 84.53
N ALA WB 44 -63.00 11.36 84.06
CA ALA WB 44 -64.15 11.45 84.95
C ALA WB 44 -64.33 10.16 85.74
N PRO WB 45 -64.69 10.24 87.03
CA PRO WB 45 -64.86 9.01 87.84
C PRO WB 45 -66.13 8.25 87.51
N ALA WB 46 -66.99 8.80 86.65
CA ALA WB 46 -68.21 8.14 86.21
C ALA WB 46 -68.75 8.90 85.01
N ALA WB 47 -69.61 8.25 84.25
CA ALA WB 47 -70.12 8.86 83.01
C ALA WB 47 -71.58 9.21 83.18
N PRO WB 48 -71.98 10.49 83.19
CA PRO WB 48 -73.41 10.80 83.31
C PRO WB 48 -74.12 10.66 81.96
N MET WB 49 -75.18 9.86 81.93
CA MET WB 49 -76.03 9.72 80.75
C MET WB 49 -77.44 10.24 81.02
N GLU WB 50 -77.57 11.36 81.73
CA GLU WB 50 -78.87 11.77 82.21
C GLU WB 50 -79.83 12.11 81.08
N ASN WB 51 -79.35 12.81 80.04
CA ASN WB 51 -80.24 13.28 78.96
C ASN WB 51 -80.93 12.12 78.26
N THR WB 52 -80.15 11.13 77.83
CA THR WB 52 -80.69 10.03 77.03
C THR WB 52 -81.66 9.16 77.84
N TYR WB 53 -81.35 8.92 79.12
CA TYR WB 53 -82.18 8.04 79.93
C TYR WB 53 -83.44 8.74 80.42
N THR WB 54 -83.38 10.05 80.68
CA THR WB 54 -84.62 10.77 80.92
C THR WB 54 -85.52 10.74 79.67
N TYR WB 55 -84.94 10.91 78.47
CA TYR WB 55 -85.79 10.83 77.30
C TYR WB 55 -86.36 9.42 77.11
N LEU WB 56 -85.56 8.39 77.41
CA LEU WB 56 -86.05 7.02 77.30
C LEU WB 56 -87.21 6.77 78.27
N GLY WB 57 -87.11 7.31 79.48
CA GLY WB 57 -88.25 7.30 80.38
C GLY WB 57 -89.45 8.04 79.80
N SER WB 58 -89.18 9.14 79.10
CA SER WB 58 -90.25 9.91 78.46
C SER WB 58 -91.05 9.05 77.48
N ILE WB 59 -90.37 8.28 76.64
CA ILE WB 59 -91.12 7.51 75.65
C ILE WB 59 -91.45 6.11 76.16
N GLN WB 60 -91.22 5.89 77.46
CA GLN WB 60 -91.52 4.59 78.09
C GLN WB 60 -90.71 3.47 77.48
N PHE WB 61 -89.46 3.79 77.09
CA PHE WB 61 -88.49 2.79 76.65
C PHE WB 61 -88.98 1.99 75.45
N ALA WB 62 -89.67 2.66 74.52
CA ALA WB 62 -90.21 1.95 73.36
C ALA WB 62 -90.50 2.95 72.26
N ALA WB 63 -89.93 2.71 71.07
CA ALA WB 63 -90.25 3.46 69.88
C ALA WB 63 -90.42 2.49 68.73
N GLY WB 64 -91.61 2.48 68.13
CA GLY WB 64 -91.89 1.57 67.04
C GLY WB 64 -91.77 0.13 67.45
N ARG WB 65 -90.94 -0.61 66.73
CA ARG WB 65 -90.65 -1.99 67.06
C ARG WB 65 -89.42 -2.14 67.92
N HIS WB 66 -88.76 -1.03 68.27
CA HIS WB 66 -87.59 -1.05 69.15
C HIS WB 66 -88.07 -0.93 70.59
N ILE WB 67 -87.71 -1.90 71.43
CA ILE WB 67 -87.95 -1.78 72.86
C ILE WB 67 -86.60 -1.75 73.56
N PHE WB 68 -86.46 -0.87 74.54
CA PHE WB 68 -85.19 -0.68 75.24
C PHE WB 68 -85.29 -1.18 76.67
N GLY WB 69 -84.13 -1.41 77.28
CA GLY WB 69 -84.10 -1.85 78.66
C GLY WB 69 -83.89 -0.72 79.64
N GLU WB 70 -84.28 -0.97 80.89
CA GLU WB 70 -84.16 0.02 81.95
C GLU WB 70 -82.78 -0.06 82.60
N PRO WB 71 -82.02 1.01 82.64
CA PRO WB 71 -80.68 0.94 83.22
C PRO WB 71 -80.72 0.81 84.72
N ALA WB 72 -79.63 0.29 85.29
CA ALA WB 72 -79.53 0.29 86.75
C ALA WB 72 -79.26 1.69 87.28
N SER WB 73 -78.44 2.48 86.58
CA SER WB 73 -78.17 3.85 87.00
C SER WB 73 -78.15 4.78 85.81
N ASN WB 74 -78.48 6.06 86.08
CA ASN WB 74 -78.33 7.10 85.08
C ASN WB 74 -76.89 7.52 84.93
N VAL WB 75 -76.06 7.26 85.94
CA VAL WB 75 -74.63 7.55 85.91
C VAL WB 75 -73.90 6.22 85.95
N LEU WB 76 -72.99 6.01 84.99
CA LEU WB 76 -72.36 4.71 84.76
C LEU WB 76 -71.02 4.65 85.47
N PRO WB 77 -70.79 3.61 86.28
CA PRO WB 77 -69.51 3.49 87.01
C PRO WB 77 -68.43 2.92 86.12
N PRO WB 78 -67.16 3.12 86.46
CA PRO WB 78 -66.08 2.59 85.63
C PRO WB 78 -66.00 1.07 85.76
N GLN WB 79 -65.73 0.42 84.63
CA GLN WB 79 -65.54 -1.03 84.61
C GLN WB 79 -64.09 -1.45 84.66
N ASN WB 80 -63.22 -0.78 83.89
CA ASN WB 80 -61.83 -1.18 83.80
C ASN WB 80 -60.86 -0.02 84.07
N ILE WB 81 -61.30 0.97 84.84
CA ILE WB 81 -60.49 2.14 85.18
C ILE WB 81 -60.24 2.12 86.68
N VAL WB 82 -58.97 2.28 87.07
CA VAL WB 82 -58.57 2.31 88.46
C VAL WB 82 -58.00 3.68 88.75
N PRO WB 83 -58.37 4.32 89.86
CA PRO WB 83 -57.86 5.66 90.13
C PRO WB 83 -56.37 5.64 90.31
N GLY WB 84 -55.72 6.63 89.72
CA GLY WB 84 -54.29 6.79 89.84
C GLY WB 84 -53.49 5.98 88.84
N VAL WB 85 -54.14 5.13 88.06
CA VAL WB 85 -53.44 4.30 87.08
C VAL WB 85 -53.76 4.85 85.70
N PRO WB 86 -52.76 5.30 84.94
CA PRO WB 86 -53.03 5.84 83.61
C PRO WB 86 -53.51 4.74 82.68
N THR WB 87 -54.56 5.04 81.92
CA THR WB 87 -55.08 4.12 80.92
C THR WB 87 -55.35 4.91 79.66
N LYS WB 88 -55.23 4.24 78.52
CA LYS WB 88 -55.52 4.83 77.21
C LYS WB 88 -56.87 4.39 76.68
N HIS WB 89 -57.53 3.46 77.38
CA HIS WB 89 -58.83 2.97 76.96
C HIS WB 89 -59.59 2.61 78.23
N GLY WB 90 -60.79 3.15 78.36
CA GLY WB 90 -61.60 2.94 79.55
C GLY WB 90 -63.07 2.81 79.20
N GLU WB 91 -63.80 2.13 80.06
CA GLU WB 91 -65.19 1.82 79.79
C GLU WB 91 -66.02 2.00 81.05
N TYR WB 92 -67.15 2.69 80.91
CA TYR WB 92 -68.19 2.73 81.92
C TYR WB 92 -69.37 1.90 81.42
N VAL WB 93 -70.07 1.24 82.33
CA VAL WB 93 -71.07 0.27 81.89
C VAL WB 93 -72.16 0.13 82.95
N THR WB 94 -73.39 -0.04 82.51
CA THR WB 94 -74.44 -0.48 83.40
C THR WB 94 -75.27 -1.58 82.73
N THR WB 95 -76.25 -2.12 83.45
CA THR WB 95 -77.05 -3.23 82.95
C THR WB 95 -78.49 -2.78 82.74
N ASN WB 96 -78.98 -2.94 81.50
CA ASN WB 96 -80.39 -2.77 81.19
C ASN WB 96 -81.08 -4.09 81.46
N THR WB 97 -82.14 -4.06 82.28
CA THR WB 97 -83.04 -5.17 82.52
C THR WB 97 -84.43 -4.80 82.04
N GLY WB 98 -85.28 -5.81 81.85
CA GLY WB 98 -86.60 -5.57 81.28
C GLY WB 98 -87.45 -6.81 81.39
N ASP WB 99 -88.75 -6.60 81.22
CA ASP WB 99 -89.72 -7.68 81.28
C ASP WB 99 -89.60 -8.55 80.04
N ARG WB 100 -89.43 -9.86 80.26
CA ARG WB 100 -89.18 -10.84 79.18
C ARG WB 100 -87.89 -10.54 78.43
N LEU WB 101 -86.92 -9.91 79.10
CA LEU WB 101 -85.67 -9.53 78.47
C LEU WB 101 -84.48 -10.12 79.20
N MET WB 102 -83.44 -10.41 78.45
CA MET WB 102 -82.17 -10.86 79.01
C MET WB 102 -81.27 -9.67 79.26
N ALA WB 103 -80.68 -9.62 80.45
CA ALA WB 103 -79.86 -8.47 80.86
C ALA WB 103 -78.81 -8.15 79.82
N SER WB 104 -78.76 -6.89 79.38
CA SER WB 104 -77.81 -6.46 78.37
C SER WB 104 -77.14 -5.17 78.80
N SER WB 105 -75.83 -5.11 78.65
CA SER WB 105 -75.08 -3.98 79.17
C SER WB 105 -75.07 -2.82 78.18
N THR WB 106 -75.15 -1.61 78.72
CA THR WB 106 -74.99 -0.35 78.00
C THR WB 106 -73.62 0.23 78.30
N THR WB 107 -72.87 0.58 77.24
CA THR WB 107 -71.43 0.85 77.37
C THR WB 107 -71.05 2.23 76.87
N VAL WB 108 -70.11 2.86 77.58
CA VAL WB 108 -69.58 4.18 77.25
C VAL WB 108 -68.07 4.04 77.23
N THR WB 109 -67.47 4.17 76.06
CA THR WB 109 -66.05 3.90 75.85
C THR WB 109 -65.30 5.20 75.60
N ARG WB 110 -64.15 5.36 76.25
CA ARG WB 110 -63.32 6.56 76.08
C ARG WB 110 -61.89 6.14 75.75
N ASP WB 111 -61.36 6.66 74.65
CA ASP WB 111 -60.02 6.36 74.18
C ASP WB 111 -59.22 7.66 74.18
N VAL WB 112 -58.06 7.65 74.81
CA VAL WB 112 -57.15 8.81 74.81
C VAL WB 112 -55.78 8.35 74.34
N SER WB 113 -55.33 8.89 73.19
CA SER WB 113 -54.04 8.49 72.63
C SER WB 113 -53.57 9.55 71.65
N ASN WB 114 -52.30 9.94 71.75
CA ASN WB 114 -51.64 10.79 70.74
C ASN WB 114 -52.41 12.08 70.48
N GLY WB 115 -52.95 12.67 71.55
CA GLY WB 115 -53.68 13.92 71.46
C GLY WB 115 -55.09 13.80 70.92
N ARG WB 116 -55.55 12.60 70.63
CA ARG WB 116 -56.87 12.36 70.10
C ARG WB 116 -57.68 11.66 71.18
N THR WB 117 -58.81 12.23 71.52
CA THR WB 117 -59.68 11.68 72.55
C THR WB 117 -61.04 11.42 71.92
N LYS WB 118 -61.60 10.24 72.18
CA LYS WB 118 -62.83 9.80 71.51
C LYS WB 118 -63.74 9.06 72.48
N VAL WB 119 -64.98 9.53 72.59
CA VAL WB 119 -66.02 8.94 73.43
C VAL WB 119 -67.08 8.33 72.53
N SER WB 120 -67.43 7.07 72.79
CA SER WB 120 -68.46 6.35 72.03
C SER WB 120 -69.49 5.80 73.01
N ILE WB 121 -70.77 5.82 72.60
CA ILE WB 121 -71.87 5.35 73.43
C ILE WB 121 -72.65 4.32 72.64
N ASP WB 122 -72.91 3.15 73.25
CA ASP WB 122 -73.61 2.05 72.62
C ASP WB 122 -74.72 1.58 73.54
N ILE WB 123 -75.96 1.64 73.06
CA ILE WB 123 -77.13 1.14 73.78
C ILE WB 123 -77.85 0.13 72.91
N PRO WB 124 -78.16 -1.06 73.44
CA PRO WB 124 -78.86 -2.07 72.64
C PRO WB 124 -80.38 -1.97 72.76
N TYR WB 125 -81.05 -2.57 71.77
CA TYR WB 125 -82.50 -2.65 71.72
C TYR WB 125 -82.93 -4.07 71.40
N TYR WB 126 -84.23 -4.33 71.56
CA TYR WB 126 -84.82 -5.65 71.37
C TYR WB 126 -86.05 -5.55 70.47
N ASP WB 127 -86.50 -6.74 70.02
CA ASP WB 127 -87.66 -6.88 69.13
C ASP WB 127 -88.95 -6.80 69.95
N ARG WB 128 -89.64 -5.66 69.83
CA ARG WB 128 -90.85 -5.47 70.60
C ARG WB 128 -91.93 -6.48 70.22
N ASN WB 129 -91.94 -6.92 68.95
CA ASN WB 129 -92.95 -7.89 68.51
C ASN WB 129 -92.76 -9.23 69.22
N ALA WB 130 -91.51 -9.67 69.34
CA ALA WB 130 -91.24 -10.88 70.11
C ALA WB 130 -91.59 -10.68 71.58
N VAL WB 131 -91.22 -9.53 72.15
CA VAL WB 131 -91.44 -9.33 73.58
C VAL WB 131 -92.93 -9.34 73.91
N GLU WB 132 -93.73 -8.56 73.16
CA GLU WB 132 -95.15 -8.48 73.45
C GLU WB 132 -95.89 -9.73 73.01
N THR WB 133 -95.38 -10.47 72.03
CA THR WB 133 -96.00 -11.76 71.68
C THR WB 133 -95.81 -12.77 72.80
N LEU WB 134 -94.62 -12.81 73.41
CA LEU WB 134 -94.42 -13.64 74.59
C LEU WB 134 -95.35 -13.21 75.73
N LYS WB 135 -95.35 -11.91 76.06
CA LYS WB 135 -96.23 -11.42 77.11
C LYS WB 135 -97.68 -11.87 76.86
N ALA WB 136 -98.16 -11.67 75.64
CA ALA WB 136 -99.55 -11.98 75.29
C ALA WB 136 -99.83 -13.48 75.22
N SER WB 137 -98.81 -14.30 75.01
CA SER WB 137 -99.02 -15.75 74.91
C SER WB 137 -98.83 -16.48 76.25
N ALA WB 138 -98.22 -15.83 77.24
CA ALA WB 138 -98.07 -16.41 78.59
C ALA WB 138 -97.28 -17.71 78.53
N ILE WB 139 -96.13 -17.62 77.88
CA ILE WB 139 -95.29 -18.78 77.54
C ILE WB 139 -93.87 -18.45 77.99
N PRO WB 140 -93.08 -19.45 78.36
CA PRO WB 140 -91.87 -19.18 79.14
C PRO WB 140 -90.74 -18.38 78.44
N GLY WB 141 -90.79 -18.14 77.14
CA GLY WB 141 -89.62 -17.63 76.44
C GLY WB 141 -89.09 -16.30 76.99
N ALA WB 142 -87.79 -16.05 76.78
CA ALA WB 142 -87.19 -14.72 76.92
C ALA WB 142 -86.26 -14.43 75.75
N VAL WB 143 -85.98 -13.14 75.52
CA VAL WB 143 -85.38 -12.64 74.29
C VAL WB 143 -84.10 -11.87 74.59
N ALA WB 144 -83.14 -11.99 73.68
CA ALA WB 144 -81.85 -11.32 73.67
C ALA WB 144 -81.88 -10.11 72.75
N PRO WB 145 -80.89 -9.21 72.85
CA PRO WB 145 -80.90 -8.02 71.98
C PRO WB 145 -80.81 -8.35 70.50
N VAL WB 146 -81.38 -7.45 69.70
CA VAL WB 146 -81.42 -7.58 68.25
C VAL WB 146 -80.40 -6.68 67.57
N GLY WB 147 -80.04 -5.56 68.19
CA GLY WB 147 -79.09 -4.63 67.61
C GLY WB 147 -78.80 -3.53 68.58
N SER WB 148 -78.16 -2.47 68.08
CA SER WB 148 -77.77 -1.38 68.95
C SER WB 148 -77.77 -0.08 68.16
N PHE WB 149 -77.72 1.02 68.91
CA PHE WB 149 -77.47 2.34 68.36
C PHE WB 149 -76.22 2.91 69.01
N LYS WB 150 -75.40 3.59 68.19
CA LYS WB 150 -74.10 4.08 68.59
C LYS WB 150 -73.91 5.53 68.17
N VAL WB 151 -73.20 6.27 69.04
CA VAL WB 151 -72.88 7.67 68.80
C VAL WB 151 -71.42 7.90 69.18
N ASN WB 152 -70.64 8.46 68.27
CA ASN WB 152 -69.22 8.73 68.46
C ASN WB 152 -68.94 10.22 68.48
N VAL WB 153 -67.96 10.62 69.28
CA VAL WB 153 -67.54 12.01 69.41
C VAL WB 153 -66.03 12.02 69.57
N GLU WB 154 -65.34 12.88 68.80
CA GLU WB 154 -63.91 12.78 68.61
C GLU WB 154 -63.27 14.16 68.57
N VAL WB 155 -62.16 14.33 69.29
CA VAL WB 155 -61.47 15.60 69.42
C VAL WB 155 -60.01 15.40 69.09
N LEU WB 156 -59.52 16.11 68.05
CA LEU WB 156 -58.16 15.94 67.55
C LEU WB 156 -57.32 17.09 68.09
N GLY WB 157 -56.82 16.92 69.30
CA GLY WB 157 -56.12 17.96 70.02
C GLY WB 157 -54.61 17.94 69.90
N GLY WB 158 -54.08 17.13 68.99
CA GLY WB 158 -52.66 17.06 68.81
C GLY WB 158 -52.11 18.25 68.06
N GLY WB 159 -50.80 18.46 68.22
CA GLY WB 159 -50.13 19.49 67.45
C GLY WB 159 -49.99 20.82 68.14
N VAL WB 160 -49.96 20.84 69.48
CA VAL WB 160 -49.84 22.09 70.19
C VAL WB 160 -48.46 22.67 69.91
N LEU WB 161 -48.41 23.98 69.64
CA LEU WB 161 -47.18 24.64 69.27
C LEU WB 161 -46.25 24.80 70.48
N THR WB 162 -45.00 25.14 70.20
CA THR WB 162 -43.98 25.13 71.25
C THR WB 162 -44.23 26.22 72.29
N GLY WB 163 -44.63 27.42 71.83
CA GLY WB 163 -44.78 28.54 72.75
C GLY WB 163 -45.84 28.33 73.80
N THR WB 164 -46.82 27.48 73.53
CA THR WB 164 -47.96 27.33 74.42
C THR WB 164 -47.53 26.80 75.79
N ASP WB 165 -47.91 27.51 76.84
CA ASP WB 165 -47.71 27.05 78.20
C ASP WB 165 -48.98 26.41 78.72
N ALA WB 166 -48.95 26.03 80.00
CA ALA WB 166 -50.04 25.26 80.58
C ALA WB 166 -51.33 26.05 80.64
N ASN WB 167 -51.27 27.32 81.06
CA ASN WB 167 -52.46 28.16 81.13
C ASN WB 167 -53.12 28.28 79.75
N ALA WB 168 -52.32 28.57 78.73
CA ALA WB 168 -52.81 28.64 77.36
C ALA WB 168 -53.42 27.31 76.92
N GLN WB 169 -52.83 26.20 77.35
CA GLN WB 169 -53.40 24.90 77.01
C GLN WB 169 -54.78 24.72 77.62
N PHE WB 170 -54.98 25.24 78.83
CA PHE WB 170 -56.34 25.25 79.39
C PHE WB 170 -57.29 26.01 78.50
N ALA WB 171 -56.84 27.16 78.01
CA ALA WB 171 -57.68 27.94 77.11
C ALA WB 171 -58.04 27.12 75.87
N LEU WB 172 -57.06 26.38 75.34
CA LEU WB 172 -57.32 25.56 74.16
C LEU WB 172 -58.27 24.41 74.49
N ASP WB 173 -58.17 23.87 75.70
CA ASP WB 173 -59.11 22.86 76.17
C ASP WB 173 -60.54 23.37 76.03
N GLU WB 174 -60.79 24.56 76.57
CA GLU WB 174 -62.15 25.10 76.53
C GLU WB 174 -62.57 25.43 75.09
N LEU WB 175 -61.62 25.88 74.26
CA LEU WB 175 -61.95 26.15 72.86
C LEU WB 175 -62.47 24.90 72.17
N LEU WB 176 -61.76 23.78 72.33
CA LEU WB 176 -62.20 22.54 71.72
C LEU WB 176 -63.55 22.10 72.28
N SER WB 177 -63.76 22.24 73.59
CA SER WB 177 -65.05 21.83 74.13
C SER WB 177 -66.20 22.66 73.53
N ASN WB 178 -65.95 23.94 73.28
CA ASN WB 178 -66.98 24.77 72.65
C ASN WB 178 -67.23 24.33 71.20
N MET WB 179 -66.18 23.96 70.48
CA MET WB 179 -66.40 23.40 69.14
C MET WB 179 -67.18 22.11 69.20
N LEU WB 180 -66.96 21.31 70.25
CA LEU WB 180 -67.75 20.10 70.48
C LEU WB 180 -69.24 20.42 70.58
N MET WB 181 -69.57 21.39 71.44
CA MET WB 181 -70.97 21.78 71.60
C MET WB 181 -71.56 22.26 70.29
N ASP WB 182 -70.82 23.09 69.55
CA ASP WB 182 -71.29 23.55 68.25
C ASP WB 182 -71.56 22.39 67.31
N ALA WB 183 -70.67 21.40 67.30
CA ALA WB 183 -70.82 20.27 66.39
C ALA WB 183 -72.06 19.44 66.75
N ALA WB 184 -72.29 19.19 68.04
CA ALA WB 184 -73.47 18.43 68.43
C ALA WB 184 -74.75 19.18 68.08
N ARG WB 185 -74.77 20.51 68.30
CA ARG WB 185 -75.95 21.28 67.93
C ARG WB 185 -76.18 21.25 66.43
N ILE WB 186 -75.11 21.33 65.63
CA ILE WB 186 -75.26 21.31 64.18
C ILE WB 186 -75.71 19.95 63.70
N ALA WB 187 -75.34 18.90 64.42
CA ALA WB 187 -75.78 17.55 64.05
C ALA WB 187 -77.26 17.35 64.34
N GLN WB 188 -77.71 17.72 65.53
CA GLN WB 188 -79.12 17.54 65.89
C GLN WB 188 -80.03 18.66 65.40
N ASP WB 189 -79.47 19.68 64.74
CA ASP WB 189 -80.26 20.85 64.37
C ASP WB 189 -81.39 20.47 63.44
N GLY WB 190 -82.56 21.08 63.66
CA GLY WB 190 -83.69 20.90 62.79
C GLY WB 190 -85.01 20.74 63.52
N PRO WB 191 -86.12 20.94 62.81
CA PRO WB 191 -87.43 20.72 63.42
C PRO WB 191 -87.61 19.26 63.83
N LYS WB 192 -88.31 19.06 64.95
CA LYS WB 192 -88.71 17.71 65.32
C LYS WB 192 -89.92 17.24 64.53
N ASN WB 193 -90.52 18.10 63.71
CA ASN WB 193 -91.56 17.67 62.79
C ASN WB 193 -91.04 16.70 61.75
N THR WB 194 -89.73 16.67 61.53
CA THR WB 194 -89.17 16.14 60.29
C THR WB 194 -87.96 15.23 60.54
N ALA WB 195 -87.75 14.31 59.60
CA ALA WB 195 -86.68 13.33 59.69
C ALA WB 195 -85.32 14.00 59.75
N ARG WB 196 -84.47 13.60 60.70
CA ARG WB 196 -83.14 14.20 60.65
C ARG WB 196 -81.95 13.28 60.95
N LEU WB 197 -82.12 12.11 61.60
CA LEU WB 197 -80.96 11.24 61.87
C LEU WB 197 -81.06 9.79 61.38
N VAL WB 198 -82.10 9.05 61.80
CA VAL WB 198 -82.09 7.59 61.66
C VAL WB 198 -82.43 7.20 60.22
N ALA WB 199 -81.89 6.06 59.79
CA ALA WB 199 -82.14 5.50 58.46
C ALA WB 199 -81.87 6.53 57.36
N ALA WB 200 -80.90 7.40 57.60
CA ALA WB 200 -80.61 8.50 56.69
C ALA WB 200 -80.11 7.99 55.34
N SER WB 201 -80.64 8.57 54.27
CA SER WB 201 -80.21 8.28 52.90
C SER WB 201 -79.35 9.39 52.32
N HIS WB 202 -79.80 10.63 52.46
CA HIS WB 202 -79.12 11.82 51.98
C HIS WB 202 -79.72 13.01 52.70
N GLY WB 203 -79.09 14.16 52.52
CA GLY WB 203 -79.52 15.39 53.17
C GLY WB 203 -80.15 16.30 52.13
N VAL WB 204 -81.25 16.95 52.50
CA VAL WB 204 -81.87 17.93 51.61
C VAL WB 204 -82.20 19.19 52.41
N MET WB 205 -81.90 20.35 51.81
CA MET WB 205 -82.16 21.68 52.35
C MET WB 205 -83.50 22.21 51.82
N PRO WB 206 -84.28 22.87 52.66
CA PRO WB 206 -85.56 23.44 52.21
C PRO WB 206 -85.36 24.70 51.39
N GLN WB 207 -86.47 25.16 50.80
CA GLN WB 207 -86.51 26.37 50.01
C GLN WB 207 -87.22 27.47 50.81
N ALA WB 208 -86.57 28.63 50.90
CA ALA WB 208 -87.12 29.81 51.57
C ALA WB 208 -87.47 29.51 53.03
N GLY XB 11 41.39 -34.20 -109.20
CA GLY XB 11 41.95 -32.91 -109.54
C GLY XB 11 41.02 -32.03 -110.37
N GLN XB 12 41.61 -31.17 -111.21
CA GLN XB 12 40.85 -30.26 -112.04
C GLN XB 12 39.98 -31.02 -113.04
N LEU XB 13 39.03 -30.30 -113.64
CA LEU XB 13 38.07 -30.86 -114.56
C LEU XB 13 38.27 -30.29 -115.95
N TYR XB 14 38.18 -31.15 -116.97
CA TYR XB 14 38.30 -30.71 -118.36
C TYR XB 14 37.30 -31.49 -119.20
N MET XB 15 37.29 -31.26 -120.53
CA MET XB 15 36.32 -31.90 -121.42
C MET XB 15 37.01 -32.95 -122.27
N GLY XB 16 36.71 -34.22 -122.00
CA GLY XB 16 37.10 -35.31 -122.86
C GLY XB 16 35.91 -35.77 -123.68
N GLN XB 17 36.19 -36.58 -124.70
CA GLN XB 17 35.13 -36.95 -125.63
C GLN XB 17 34.09 -37.85 -124.97
N GLN XB 18 34.41 -38.45 -123.83
CA GLN XB 18 33.39 -39.18 -123.09
C GLN XB 18 32.44 -38.23 -122.37
N GLY XB 19 32.89 -37.01 -122.09
CA GLY XB 19 32.18 -36.05 -121.29
C GLY XB 19 33.15 -35.30 -120.42
N PRO XB 20 32.66 -34.52 -119.46
CA PRO XB 20 33.56 -33.87 -118.50
C PRO XB 20 34.30 -34.91 -117.68
N VAL XB 21 35.63 -34.79 -117.65
CA VAL XB 21 36.51 -35.81 -117.10
C VAL XB 21 37.51 -35.16 -116.16
N GLN XB 22 37.83 -35.88 -115.08
CA GLN XB 22 38.75 -35.39 -114.06
C GLN XB 22 40.18 -35.67 -114.47
N SER XB 23 41.02 -34.63 -114.45
CA SER XB 23 42.43 -34.79 -114.74
C SER XB 23 43.09 -35.63 -113.64
N SER XB 24 44.07 -36.45 -114.04
CA SER XB 24 44.69 -37.38 -113.10
C SER XB 24 46.19 -37.46 -113.34
N ARG XB 25 46.93 -37.64 -112.23
CA ARG XB 25 48.39 -37.69 -112.24
C ARG XB 25 48.82 -39.02 -111.66
N THR XB 26 49.47 -39.86 -112.47
CA THR XB 26 49.82 -41.20 -112.04
C THR XB 26 51.29 -41.51 -112.29
N THR XB 27 51.79 -42.49 -111.55
CA THR XB 27 53.15 -42.99 -111.72
C THR XB 27 53.20 -44.18 -112.67
N PHE XB 28 52.10 -44.45 -113.36
CA PHE XB 28 52.02 -45.58 -114.27
C PHE XB 28 52.88 -45.36 -115.50
N GLY XB 29 53.72 -46.34 -115.83
CA GLY XB 29 54.49 -46.30 -117.04
C GLY XB 29 55.78 -45.52 -116.99
N VAL XB 30 56.33 -45.27 -115.80
CA VAL XB 30 57.61 -44.57 -115.63
C VAL XB 30 58.59 -45.53 -114.99
N ASN XB 31 59.66 -45.89 -115.72
CA ASN XB 31 60.68 -46.79 -115.23
C ASN XB 31 61.83 -45.98 -114.67
N PRO XB 32 61.96 -45.86 -113.35
CA PRO XB 32 63.10 -45.14 -112.76
C PRO XB 32 64.29 -46.02 -112.38
N ASP XB 33 64.29 -47.30 -112.75
CA ASP XB 33 65.42 -48.18 -112.46
C ASP XB 33 66.73 -47.53 -112.94
N ARG XB 34 67.78 -47.72 -112.16
CA ARG XB 34 69.09 -47.16 -112.48
C ARG XB 34 70.11 -48.26 -112.70
N GLN XB 35 71.14 -47.91 -113.46
CA GLN XB 35 72.25 -48.79 -113.77
C GLN XB 35 73.37 -48.55 -112.77
N ALA XB 36 73.95 -49.63 -112.24
CA ALA XB 36 74.96 -49.50 -111.21
C ALA XB 36 76.20 -48.80 -111.74
N ASN XB 37 76.84 -48.03 -110.87
CA ASN XB 37 78.06 -47.31 -111.21
C ASN XB 37 79.22 -48.29 -111.14
N ALA XB 38 79.36 -49.08 -112.22
CA ALA XB 38 80.35 -50.16 -112.35
C ALA XB 38 81.18 -49.98 -113.61
N ARG XB 39 81.48 -48.73 -113.96
CA ARG XB 39 82.10 -48.40 -115.23
C ARG XB 39 83.51 -47.87 -115.01
N PRO XB 40 84.55 -48.60 -115.39
CA PRO XB 40 85.90 -48.05 -115.30
C PRO XB 40 86.04 -46.81 -116.18
N VAL XB 41 86.76 -45.81 -115.67
CA VAL XB 41 86.94 -44.55 -116.39
C VAL XB 41 88.42 -44.32 -116.65
N TYR XB 42 88.68 -43.50 -117.65
CA TYR XB 42 90.05 -43.17 -118.02
C TYR XB 42 90.69 -42.29 -116.96
N LEU XB 43 91.92 -42.63 -116.61
CA LEU XB 43 92.71 -41.89 -115.63
C LEU XB 43 93.93 -41.32 -116.35
N ALA XB 44 94.01 -40.00 -116.44
CA ALA XB 44 95.06 -39.36 -117.22
C ALA XB 44 96.44 -39.76 -116.69
N PRO XB 45 97.44 -39.92 -117.56
CA PRO XB 45 98.79 -40.27 -117.09
C PRO XB 45 99.58 -39.10 -116.53
N ALA XB 46 99.02 -37.89 -116.61
CA ALA XB 46 99.64 -36.70 -116.04
C ALA XB 46 98.59 -35.60 -116.03
N ALA XB 47 98.83 -34.59 -115.20
CA ALA XB 47 97.84 -33.52 -115.02
C ALA XB 47 98.37 -32.22 -115.62
N PRO XB 48 97.74 -31.67 -116.68
CA PRO XB 48 98.28 -30.42 -117.23
C PRO XB 48 97.77 -29.19 -116.52
N MET XB 49 98.65 -28.43 -115.88
CA MET XB 49 98.30 -27.14 -115.26
C MET XB 49 98.81 -25.96 -116.08
N GLU XB 50 98.69 -26.03 -117.41
CA GLU XB 50 99.34 -25.01 -118.25
C GLU XB 50 98.77 -23.62 -118.03
N ASN XB 51 97.43 -23.49 -117.93
CA ASN XB 51 96.83 -22.16 -117.82
C ASN XB 51 97.34 -21.42 -116.59
N THR XB 52 97.25 -22.06 -115.42
CA THR XB 52 97.63 -21.38 -114.17
C THR XB 52 99.11 -21.00 -114.16
N TYR XB 53 99.98 -21.86 -114.69
CA TYR XB 53 101.41 -21.58 -114.61
C TYR XB 53 101.87 -20.57 -115.66
N THR XB 54 101.25 -20.54 -116.83
CA THR XB 54 101.52 -19.43 -117.75
C THR XB 54 101.07 -18.10 -117.14
N TYR XB 55 99.93 -18.07 -116.44
CA TYR XB 55 99.58 -16.82 -115.78
C TYR XB 55 100.57 -16.48 -114.68
N LEU XB 56 101.05 -17.49 -113.94
CA LEU XB 56 102.02 -17.23 -112.88
C LEU XB 56 103.34 -16.72 -113.43
N GLY XB 57 103.74 -17.17 -114.62
CA GLY XB 57 104.86 -16.55 -115.30
C GLY XB 57 104.55 -15.13 -115.71
N SER XB 58 103.30 -14.86 -116.11
CA SER XB 58 102.91 -13.51 -116.49
C SER XB 58 103.10 -12.52 -115.35
N ILE XB 59 102.60 -12.84 -114.16
CA ILE XB 59 102.69 -11.88 -113.06
C ILE XB 59 104.02 -12.01 -112.32
N GLN XB 60 104.94 -12.80 -112.88
CA GLN XB 60 106.27 -13.01 -112.29
C GLN XB 60 106.19 -13.68 -110.92
N PHE XB 61 105.21 -14.58 -110.75
CA PHE XB 61 105.07 -15.40 -109.54
C PHE XB 61 104.92 -14.55 -108.27
N ALA XB 62 104.21 -13.44 -108.39
CA ALA XB 62 104.07 -12.54 -107.25
C ALA XB 62 102.83 -11.70 -107.44
N ALA XB 63 101.91 -11.76 -106.48
CA ALA XB 63 100.80 -10.83 -106.41
C ALA XB 63 100.75 -10.27 -104.99
N GLY XB 64 101.00 -8.98 -104.87
CA GLY XB 64 101.02 -8.36 -103.56
C GLY XB 64 102.05 -8.97 -102.63
N ARG XB 65 101.57 -9.48 -101.51
CA ARG XB 65 102.41 -10.12 -100.51
C ARG XB 65 102.52 -11.62 -100.73
N HIS XB 66 101.75 -12.17 -101.67
CA HIS XB 66 101.78 -13.60 -101.99
C HIS XB 66 102.86 -13.84 -103.03
N ILE XB 67 103.91 -14.56 -102.66
CA ILE XB 67 104.94 -14.93 -103.61
C ILE XB 67 104.84 -16.43 -103.84
N PHE XB 68 104.95 -16.85 -105.09
CA PHE XB 68 104.70 -18.23 -105.44
C PHE XB 68 105.98 -18.92 -105.87
N GLY XB 69 105.98 -20.26 -105.75
CA GLY XB 69 107.12 -21.02 -106.20
C GLY XB 69 107.05 -21.32 -107.69
N GLU XB 70 108.23 -21.51 -108.29
CA GLU XB 70 108.34 -21.92 -109.69
C GLU XB 70 108.26 -23.44 -109.77
N PRO XB 71 107.36 -23.98 -110.60
CA PRO XB 71 107.16 -25.43 -110.63
C PRO XB 71 108.34 -26.16 -111.21
N ALA XB 72 108.32 -27.48 -111.04
CA ALA XB 72 109.22 -28.34 -111.78
C ALA XB 72 108.80 -28.47 -113.23
N SER XB 73 107.51 -28.75 -113.44
CA SER XB 73 106.96 -28.91 -114.78
C SER XB 73 105.58 -28.29 -114.82
N ASN XB 74 105.19 -27.78 -115.99
CA ASN XB 74 103.82 -27.35 -116.21
C ASN XB 74 102.86 -28.52 -116.21
N VAL XB 75 103.36 -29.72 -116.46
CA VAL XB 75 102.55 -30.93 -116.47
C VAL XB 75 103.06 -31.84 -115.37
N LEU XB 76 102.13 -32.26 -114.48
CA LEU XB 76 102.45 -32.95 -113.23
C LEU XB 76 102.44 -34.46 -113.42
N PRO XB 77 103.45 -35.15 -112.91
CA PRO XB 77 103.51 -36.60 -113.03
C PRO XB 77 102.70 -37.27 -111.94
N PRO XB 78 102.29 -38.52 -112.16
CA PRO XB 78 101.56 -39.25 -111.13
C PRO XB 78 102.42 -39.48 -109.89
N GLN XB 79 101.76 -39.49 -108.73
CA GLN XB 79 102.43 -39.72 -107.45
C GLN XB 79 102.15 -41.10 -106.86
N ASN XB 80 100.92 -41.61 -106.98
CA ASN XB 80 100.58 -42.93 -106.45
C ASN XB 80 99.74 -43.73 -107.44
N ILE XB 81 99.89 -43.45 -108.73
CA ILE XB 81 99.11 -44.11 -109.78
C ILE XB 81 100.07 -44.96 -110.59
N VAL XB 82 99.66 -46.19 -110.87
CA VAL XB 82 100.50 -47.10 -111.65
C VAL XB 82 99.65 -47.65 -112.79
N PRO XB 83 100.18 -47.71 -114.01
CA PRO XB 83 99.40 -48.21 -115.13
C PRO XB 83 98.91 -49.61 -114.87
N GLY XB 84 97.64 -49.85 -115.18
CA GLY XB 84 97.06 -51.17 -115.03
C GLY XB 84 96.62 -51.52 -113.63
N VAL XB 85 96.77 -50.61 -112.67
CA VAL XB 85 96.31 -50.86 -111.30
C VAL XB 85 95.12 -49.93 -111.06
N PRO XB 86 93.93 -50.46 -110.74
CA PRO XB 86 92.77 -49.59 -110.55
C PRO XB 86 92.76 -48.96 -109.16
N THR XB 87 92.52 -47.65 -109.13
CA THR XB 87 92.47 -46.89 -107.89
C THR XB 87 91.23 -46.02 -107.90
N LYS XB 88 90.74 -45.70 -106.71
CA LYS XB 88 89.66 -44.73 -106.55
C LYS XB 88 90.20 -43.38 -106.10
N HIS XB 89 91.52 -43.28 -105.88
CA HIS XB 89 92.16 -42.04 -105.47
C HIS XB 89 93.53 -41.96 -106.12
N GLY XB 90 93.79 -40.85 -106.83
CA GLY XB 90 95.05 -40.65 -107.51
C GLY XB 90 95.60 -39.24 -107.36
N GLU XB 91 96.91 -39.11 -107.20
CA GLU XB 91 97.53 -37.83 -106.95
C GLU XB 91 98.63 -37.56 -107.96
N TYR XB 92 98.71 -36.31 -108.41
CA TYR XB 92 99.82 -35.80 -109.20
C TYR XB 92 100.48 -34.67 -108.41
N VAL XB 93 101.79 -34.52 -108.57
CA VAL XB 93 102.53 -33.56 -107.76
C VAL XB 93 103.78 -33.10 -108.49
N THR XB 94 104.13 -31.82 -108.33
CA THR XB 94 105.50 -31.38 -108.56
C THR XB 94 105.99 -30.60 -107.35
N THR XB 95 107.23 -30.13 -107.41
CA THR XB 95 107.81 -29.38 -106.29
C THR XB 95 108.19 -27.98 -106.77
N ASN XB 96 107.49 -26.97 -106.25
CA ASN XB 96 107.84 -25.58 -106.47
C ASN XB 96 109.15 -25.26 -105.75
N THR XB 97 110.01 -24.47 -106.41
CA THR XB 97 111.24 -23.95 -105.82
C THR XB 97 111.34 -22.46 -106.08
N GLY XB 98 112.31 -21.81 -105.42
CA GLY XB 98 112.44 -20.37 -105.56
C GLY XB 98 113.64 -19.87 -104.77
N ASP XB 99 113.97 -18.60 -105.02
CA ASP XB 99 115.11 -17.96 -104.38
C ASP XB 99 114.80 -17.74 -102.90
N ARG XB 100 115.61 -18.34 -102.04
CA ARG XB 100 115.44 -18.26 -100.59
C ARG XB 100 114.06 -18.77 -100.16
N LEU XB 101 113.56 -19.78 -100.87
CA LEU XB 101 112.29 -20.42 -100.54
C LEU XB 101 112.55 -21.91 -100.34
N MET XB 102 112.09 -22.44 -99.21
CA MET XB 102 112.15 -23.88 -99.01
C MET XB 102 111.16 -24.56 -99.95
N ALA XB 103 111.65 -25.50 -100.76
CA ALA XB 103 110.85 -26.10 -101.81
C ALA XB 103 109.62 -26.78 -101.23
N SER XB 104 108.50 -26.66 -101.95
CA SER XB 104 107.19 -27.07 -101.44
C SER XB 104 106.36 -27.62 -102.57
N SER XB 105 105.63 -28.69 -102.31
CA SER XB 105 104.92 -29.42 -103.34
C SER XB 105 103.60 -28.76 -103.70
N THR XB 106 103.24 -28.84 -104.97
CA THR XB 106 101.90 -28.47 -105.45
C THR XB 106 101.21 -29.74 -105.93
N THR XB 107 99.93 -29.90 -105.54
CA THR XB 107 99.23 -31.18 -105.61
C THR XB 107 97.91 -31.10 -106.36
N VAL XB 108 97.61 -32.15 -107.12
CA VAL XB 108 96.37 -32.27 -107.87
C VAL XB 108 95.79 -33.64 -107.55
N THR XB 109 94.65 -33.66 -106.88
CA THR XB 109 94.03 -34.87 -106.37
C THR XB 109 92.76 -35.20 -107.15
N ARG XB 110 92.58 -36.48 -107.47
CA ARG XB 110 91.39 -36.95 -108.20
C ARG XB 110 90.80 -38.14 -107.46
N ASP XB 111 89.53 -38.00 -107.07
CA ASP XB 111 88.79 -39.04 -106.37
C ASP XB 111 87.64 -39.49 -107.24
N VAL XB 112 87.56 -40.79 -107.53
CA VAL XB 112 86.52 -41.33 -108.39
C VAL XB 112 85.82 -42.44 -107.60
N SER XB 113 84.62 -42.13 -107.07
CA SER XB 113 83.86 -43.10 -106.29
C SER XB 113 82.37 -42.97 -106.57
N ASN XB 114 81.74 -44.11 -106.86
CA ASN XB 114 80.28 -44.22 -106.94
C ASN XB 114 79.66 -43.21 -107.89
N GLY XB 115 80.28 -43.05 -109.06
CA GLY XB 115 79.78 -42.11 -110.05
C GLY XB 115 80.14 -40.67 -109.82
N ARG XB 116 80.87 -40.36 -108.76
CA ARG XB 116 81.22 -39.00 -108.42
C ARG XB 116 82.72 -38.83 -108.68
N THR XB 117 83.05 -37.94 -109.61
CA THR XB 117 84.44 -37.61 -109.91
C THR XB 117 84.74 -36.24 -109.31
N LYS XB 118 85.85 -36.12 -108.59
CA LYS XB 118 86.22 -34.84 -107.97
C LYS XB 118 87.71 -34.58 -108.11
N VAL XB 119 88.04 -33.43 -108.69
CA VAL XB 119 89.42 -32.99 -108.89
C VAL XB 119 89.65 -31.73 -108.06
N SER XB 120 90.72 -31.73 -107.27
CA SER XB 120 91.09 -30.60 -106.43
C SER XB 120 92.54 -30.21 -106.70
N ILE XB 121 92.81 -28.91 -106.70
CA ILE XB 121 94.14 -28.36 -106.94
C ILE XB 121 94.53 -27.49 -105.76
N ASP XB 122 95.71 -27.75 -105.20
CA ASP XB 122 96.23 -27.02 -104.04
C ASP XB 122 97.64 -26.53 -104.35
N ILE XB 123 97.82 -25.21 -104.39
CA ILE XB 123 99.12 -24.60 -104.62
C ILE XB 123 99.48 -23.73 -103.41
N PRO XB 124 100.68 -23.86 -102.87
CA PRO XB 124 101.09 -23.04 -101.73
C PRO XB 124 101.66 -21.70 -102.16
N TYR XB 125 101.80 -20.81 -101.18
CA TYR XB 125 102.45 -19.51 -101.39
C TYR XB 125 103.28 -19.17 -100.15
N TYR XB 126 104.04 -18.08 -100.27
CA TYR XB 126 104.98 -17.67 -99.24
C TYR XB 126 104.83 -16.18 -98.96
N ASP XB 127 105.41 -15.76 -97.82
CA ASP XB 127 105.32 -14.41 -97.29
C ASP XB 127 106.36 -13.51 -97.98
N ARG XB 128 105.91 -12.69 -98.94
CA ARG XB 128 106.87 -11.85 -99.66
C ARG XB 128 107.50 -10.82 -98.74
N ASN XB 129 106.79 -10.36 -97.71
CA ASN XB 129 107.42 -9.44 -96.75
C ASN XB 129 108.65 -10.09 -96.13
N ALA XB 130 108.52 -11.35 -95.71
CA ALA XB 130 109.67 -12.06 -95.14
C ALA XB 130 110.75 -12.32 -96.18
N VAL XB 131 110.36 -12.71 -97.40
CA VAL XB 131 111.36 -13.05 -98.41
C VAL XB 131 112.18 -11.83 -98.80
N GLU XB 132 111.51 -10.69 -99.02
CA GLU XB 132 112.24 -9.48 -99.39
C GLU XB 132 113.00 -8.90 -98.20
N THR XB 133 112.55 -9.15 -96.97
CA THR XB 133 113.40 -8.80 -95.82
C THR XB 133 114.71 -9.59 -95.86
N LEU XB 134 114.61 -10.89 -96.15
CA LEU XB 134 115.79 -11.74 -96.30
C LEU XB 134 116.73 -11.20 -97.36
N LYS XB 135 116.21 -10.90 -98.55
CA LYS XB 135 117.06 -10.42 -99.62
C LYS XB 135 117.67 -9.05 -99.28
N ALA XB 136 116.84 -8.14 -98.74
CA ALA XB 136 117.27 -6.75 -98.59
C ALA XB 136 118.33 -6.58 -97.51
N SER XB 137 118.16 -7.22 -96.34
CA SER XB 137 119.16 -7.08 -95.30
C SER XB 137 120.19 -8.20 -95.32
N ALA XB 138 120.23 -9.00 -96.40
CA ALA XB 138 121.27 -10.00 -96.64
C ALA XB 138 121.35 -11.03 -95.51
N ILE XB 139 120.19 -11.54 -95.08
CA ILE XB 139 120.09 -12.59 -94.08
C ILE XB 139 120.24 -13.93 -94.80
N PRO XB 140 120.80 -14.97 -94.19
CA PRO XB 140 121.04 -16.23 -94.91
C PRO XB 140 119.91 -17.26 -94.85
N GLY XB 141 118.83 -17.03 -94.11
CA GLY XB 141 117.80 -18.04 -93.99
C GLY XB 141 116.85 -18.12 -95.19
N ALA XB 142 115.89 -19.04 -95.08
CA ALA XB 142 114.84 -19.24 -96.08
C ALA XB 142 113.47 -19.23 -95.40
N VAL XB 143 112.41 -19.14 -96.21
CA VAL XB 143 111.04 -19.08 -95.74
C VAL XB 143 110.31 -20.35 -96.16
N ALA XB 144 109.50 -20.87 -95.25
CA ALA XB 144 108.59 -21.97 -95.48
C ALA XB 144 107.24 -21.45 -95.95
N PRO XB 145 106.42 -22.29 -96.61
CA PRO XB 145 105.13 -21.81 -97.10
C PRO XB 145 104.27 -21.25 -95.97
N VAL XB 146 103.45 -20.29 -96.33
CA VAL XB 146 102.65 -19.57 -95.36
C VAL XB 146 101.16 -19.91 -95.47
N GLY XB 147 100.68 -20.27 -96.65
CA GLY XB 147 99.32 -20.72 -96.83
C GLY XB 147 99.17 -21.34 -98.20
N SER XB 148 97.92 -21.53 -98.61
CA SER XB 148 97.66 -22.12 -99.92
C SER XB 148 96.38 -21.55 -100.51
N PHE XB 149 96.16 -21.88 -101.79
CA PHE XB 149 94.90 -21.68 -102.47
C PHE XB 149 94.45 -22.99 -103.08
N LYS XB 150 93.13 -23.22 -103.04
CA LYS XB 150 92.53 -24.49 -103.45
C LYS XB 150 91.31 -24.25 -104.33
N VAL XB 151 91.18 -25.10 -105.35
CA VAL XB 151 90.07 -25.07 -106.30
C VAL XB 151 89.56 -26.49 -106.47
N ASN XB 152 88.25 -26.67 -106.26
CA ASN XB 152 87.61 -27.99 -106.35
C ASN XB 152 86.61 -28.01 -107.49
N VAL XB 153 86.51 -29.16 -108.15
CA VAL XB 153 85.58 -29.37 -109.24
C VAL XB 153 85.00 -30.77 -109.10
N GLU XB 154 83.69 -30.90 -109.29
CA GLU XB 154 82.96 -32.10 -108.91
C GLU XB 154 81.91 -32.40 -109.96
N VAL XB 155 81.85 -33.65 -110.41
CA VAL XB 155 80.90 -34.09 -111.42
C VAL XB 155 80.13 -35.25 -110.83
N LEU XB 156 78.83 -35.05 -110.60
CA LEU XB 156 77.97 -36.08 -110.03
C LEU XB 156 77.27 -36.77 -111.19
N GLY XB 157 77.86 -37.86 -111.65
CA GLY XB 157 77.37 -38.54 -112.84
C GLY XB 157 76.78 -39.89 -112.53
N GLY XB 158 76.35 -40.07 -111.29
CA GLY XB 158 75.76 -41.33 -110.91
C GLY XB 158 74.34 -41.49 -111.42
N GLY XB 159 73.87 -42.73 -111.36
CA GLY XB 159 72.46 -43.01 -111.60
C GLY XB 159 72.05 -42.79 -113.05
N VAL XB 160 72.74 -43.47 -113.95
CA VAL XB 160 72.24 -43.52 -115.32
C VAL XB 160 71.12 -44.54 -115.40
N LEU XB 161 70.21 -44.33 -116.36
CA LEU XB 161 69.06 -45.19 -116.52
C LEU XB 161 69.45 -46.54 -117.12
N THR XB 162 68.52 -47.51 -117.05
CA THR XB 162 68.87 -48.89 -117.36
C THR XB 162 69.08 -49.12 -118.86
N GLY XB 163 68.30 -48.44 -119.68
CA GLY XB 163 68.44 -48.56 -121.11
C GLY XB 163 69.51 -47.69 -121.72
N THR XB 164 70.36 -47.08 -120.91
CA THR XB 164 71.44 -46.25 -121.43
C THR XB 164 72.44 -47.13 -122.16
N ASP XB 165 72.53 -46.95 -123.47
CA ASP XB 165 73.42 -47.76 -124.29
C ASP XB 165 74.87 -47.48 -123.93
N ALA XB 166 75.71 -48.49 -124.09
CA ALA XB 166 77.15 -48.31 -123.89
C ALA XB 166 77.67 -47.14 -124.73
N ASN XB 167 77.19 -47.01 -125.97
CA ASN XB 167 77.59 -45.90 -126.83
C ASN XB 167 77.08 -44.57 -126.30
N ALA XB 168 75.85 -44.54 -125.79
CA ALA XB 168 75.27 -43.28 -125.33
C ALA XB 168 75.90 -42.78 -124.04
N GLN XB 169 76.60 -43.64 -123.31
CA GLN XB 169 77.30 -43.17 -122.11
C GLN XB 169 78.43 -42.23 -122.49
N PHE XB 170 79.00 -42.39 -123.69
CA PHE XB 170 80.01 -41.44 -124.16
C PHE XB 170 79.38 -40.07 -124.42
N ALA XB 171 78.20 -40.07 -125.04
CA ALA XB 171 77.50 -38.82 -125.24
C ALA XB 171 77.21 -38.13 -123.91
N LEU XB 172 76.82 -38.92 -122.91
CA LEU XB 172 76.60 -38.34 -121.58
C LEU XB 172 77.91 -37.81 -120.99
N ASP XB 173 79.01 -38.51 -121.25
CA ASP XB 173 80.33 -38.04 -120.83
C ASP XB 173 80.56 -36.61 -121.34
N GLU XB 174 80.38 -36.43 -122.64
CA GLU XB 174 80.64 -35.12 -123.24
C GLU XB 174 79.66 -34.07 -122.73
N LEU XB 175 78.39 -34.48 -122.50
CA LEU XB 175 77.44 -33.52 -121.92
C LEU XB 175 77.93 -32.99 -120.57
N LEU XB 176 78.37 -33.90 -119.70
CA LEU XB 176 78.87 -33.47 -118.40
C LEU XB 176 80.10 -32.58 -118.53
N SER XB 177 81.01 -32.91 -119.46
CA SER XB 177 82.20 -32.08 -119.60
C SER XB 177 81.84 -30.67 -120.09
N ASN XB 178 80.82 -30.55 -120.95
CA ASN XB 178 80.38 -29.22 -121.36
C ASN XB 178 79.72 -28.44 -120.22
N MET XB 179 78.97 -29.13 -119.36
CA MET XB 179 78.48 -28.47 -118.16
C MET XB 179 79.64 -27.99 -117.29
N LEU XB 180 80.72 -28.78 -117.21
CA LEU XB 180 81.92 -28.37 -116.49
C LEU XB 180 82.45 -27.03 -117.02
N MET XB 181 82.65 -26.96 -118.34
CA MET XB 181 83.15 -25.73 -118.95
C MET XB 181 82.24 -24.54 -118.63
N ASP XB 182 80.92 -24.73 -118.79
CA ASP XB 182 79.99 -23.66 -118.50
C ASP XB 182 80.08 -23.24 -117.03
N ALA XB 183 80.29 -24.20 -116.13
CA ALA XB 183 80.35 -23.88 -114.72
C ALA XB 183 81.57 -23.04 -114.39
N ALA XB 184 82.74 -23.41 -114.93
CA ALA XB 184 83.93 -22.60 -114.66
C ALA XB 184 83.80 -21.20 -115.27
N ARG XB 185 83.19 -21.10 -116.46
CA ARG XB 185 83.00 -19.78 -117.06
C ARG XB 185 82.09 -18.93 -116.20
N ILE XB 186 81.01 -19.52 -115.66
CA ILE XB 186 80.11 -18.76 -114.79
C ILE XB 186 80.81 -18.42 -113.48
N ALA XB 187 81.75 -19.26 -113.05
CA ALA XB 187 82.46 -18.99 -111.80
C ALA XB 187 83.37 -17.79 -111.93
N GLN XB 188 84.10 -17.67 -113.03
CA GLN XB 188 85.04 -16.56 -113.20
C GLN XB 188 84.50 -15.41 -114.03
N ASP XB 189 83.25 -15.50 -114.47
CA ASP XB 189 82.68 -14.49 -115.34
C ASP XB 189 82.68 -13.15 -114.65
N GLY XB 190 83.01 -12.11 -115.40
CA GLY XB 190 82.97 -10.77 -114.87
C GLY XB 190 84.13 -9.93 -115.37
N PRO XB 191 83.99 -8.61 -115.27
CA PRO XB 191 85.09 -7.72 -115.66
C PRO XB 191 86.24 -7.90 -114.70
N LYS XB 192 87.45 -7.73 -115.23
CA LYS XB 192 88.67 -7.77 -114.43
C LYS XB 192 88.97 -6.42 -113.80
N ASN XB 193 88.13 -5.41 -114.07
CA ASN XB 193 88.24 -4.13 -113.38
C ASN XB 193 87.73 -4.21 -111.96
N THR XB 194 86.91 -5.21 -111.65
CA THR XB 194 86.20 -5.26 -110.37
C THR XB 194 86.47 -6.58 -109.67
N ALA XB 195 86.35 -6.54 -108.33
CA ALA XB 195 86.61 -7.71 -107.49
C ALA XB 195 85.65 -8.84 -107.80
N ARG XB 196 86.15 -10.07 -107.91
CA ARG XB 196 85.21 -11.16 -108.13
C ARG XB 196 85.47 -12.48 -107.41
N LEU XB 197 86.68 -12.79 -106.92
CA LEU XB 197 86.87 -14.11 -106.31
C LEU XB 197 87.39 -14.14 -104.87
N VAL XB 198 88.55 -13.52 -104.60
CA VAL XB 198 89.24 -13.77 -103.33
C VAL XB 198 88.64 -12.89 -102.24
N ALA XB 199 88.80 -13.33 -101.00
CA ALA XB 199 88.34 -12.60 -99.83
C ALA XB 199 86.85 -12.27 -99.92
N ALA XB 200 86.11 -13.09 -100.67
CA ALA XB 200 84.72 -12.81 -100.97
C ALA XB 200 83.88 -12.75 -99.70
N SER XB 201 83.03 -11.73 -99.61
CA SER XB 201 82.09 -11.55 -98.51
C SER XB 201 80.65 -11.83 -98.93
N HIS XB 202 80.23 -11.26 -100.04
CA HIS XB 202 78.91 -11.49 -100.62
C HIS XB 202 78.97 -11.06 -102.08
N GLY XB 203 77.89 -11.31 -102.81
CA GLY XB 203 77.78 -10.92 -104.20
C GLY XB 203 76.91 -9.69 -104.36
N VAL XB 204 77.29 -8.81 -105.28
CA VAL XB 204 76.47 -7.64 -105.58
C VAL XB 204 76.42 -7.46 -107.08
N MET XB 205 75.30 -7.81 -107.70
CA MET XB 205 75.20 -7.63 -109.15
C MET XB 205 74.84 -6.17 -109.47
N PRO XB 206 75.46 -5.57 -110.49
CA PRO XB 206 75.28 -4.14 -110.71
C PRO XB 206 73.94 -3.84 -111.37
N GLN XB 207 73.44 -2.62 -111.10
CA GLN XB 207 72.16 -2.19 -111.64
C GLN XB 207 72.23 -2.00 -113.15
N ALA XB 208 73.30 -1.39 -113.63
CA ALA XB 208 73.51 -1.19 -115.04
C ALA XB 208 75.00 -0.92 -115.27
N PRO YB 20 112.81 -28.20 -68.85
CA PRO YB 20 112.56 -29.03 -70.04
C PRO YB 20 113.05 -28.40 -71.34
N VAL YB 21 114.03 -29.04 -71.97
CA VAL YB 21 114.62 -28.57 -73.22
C VAL YB 21 113.91 -29.28 -74.36
N GLN YB 22 113.36 -28.51 -75.30
CA GLN YB 22 112.60 -29.06 -76.42
C GLN YB 22 113.31 -28.77 -77.74
N SER YB 23 113.12 -29.67 -78.71
CA SER YB 23 113.75 -29.53 -80.02
C SER YB 23 112.76 -28.96 -81.03
N SER YB 24 113.28 -28.25 -82.02
CA SER YB 24 112.44 -27.61 -83.02
C SER YB 24 113.16 -27.48 -84.36
N ARG YB 25 112.35 -27.22 -85.39
CA ARG YB 25 112.79 -27.04 -86.77
C ARG YB 25 112.41 -25.63 -87.20
N THR YB 26 113.40 -24.78 -87.44
CA THR YB 26 113.17 -23.37 -87.62
C THR YB 26 113.31 -22.96 -89.07
N THR YB 27 112.44 -22.04 -89.50
CA THR YB 27 112.69 -21.24 -90.69
C THR YB 27 112.46 -19.77 -90.33
N PHE YB 28 113.04 -18.89 -91.12
CA PHE YB 28 112.85 -17.47 -90.87
C PHE YB 28 111.42 -17.05 -91.18
N GLY YB 29 110.93 -16.10 -90.40
CA GLY YB 29 109.61 -15.55 -90.64
C GLY YB 29 108.81 -15.36 -89.37
N VAL YB 30 107.57 -14.95 -89.56
CA VAL YB 30 106.58 -14.86 -88.50
C VAL YB 30 105.27 -15.35 -89.08
N ASN YB 31 104.47 -16.01 -88.23
CA ASN YB 31 103.12 -16.37 -88.63
C ASN YB 31 102.38 -15.16 -89.16
N PRO YB 32 101.76 -15.25 -90.32
CA PRO YB 32 101.34 -14.04 -91.03
C PRO YB 32 100.13 -13.41 -90.39
N ASP YB 33 99.87 -12.17 -90.78
CA ASP YB 33 98.64 -11.49 -90.43
C ASP YB 33 97.68 -11.63 -91.62
N ARG YB 34 96.58 -12.32 -91.40
CA ARG YB 34 95.60 -12.54 -92.45
C ARG YB 34 94.58 -11.42 -92.49
N GLN YB 35 94.09 -11.13 -93.69
CA GLN YB 35 93.08 -10.10 -93.89
C GLN YB 35 91.69 -10.74 -93.81
N ALA YB 36 90.75 -9.99 -93.24
CA ALA YB 36 89.38 -10.49 -93.12
C ALA YB 36 88.73 -10.60 -94.48
N ASN YB 37 87.78 -11.51 -94.60
CA ASN YB 37 87.08 -11.75 -95.86
C ASN YB 37 85.90 -10.79 -96.03
N ALA YB 38 86.23 -9.50 -96.10
CA ALA YB 38 85.23 -8.43 -96.15
C ALA YB 38 85.17 -7.77 -97.52
N ARG YB 39 85.48 -8.52 -98.57
CA ARG YB 39 85.57 -7.95 -99.91
C ARG YB 39 84.36 -8.36 -100.72
N PRO YB 40 83.39 -7.47 -100.96
CA PRO YB 40 82.26 -7.84 -101.81
C PRO YB 40 82.69 -7.99 -103.25
N VAL YB 41 82.06 -8.96 -103.94
CA VAL YB 41 82.49 -9.38 -105.26
C VAL YB 41 81.36 -9.17 -106.27
N TYR YB 42 81.76 -9.25 -107.52
CA TYR YB 42 80.83 -9.10 -108.63
C TYR YB 42 79.95 -10.33 -108.77
N LEU YB 43 78.72 -10.08 -109.18
CA LEU YB 43 77.71 -11.12 -109.35
C LEU YB 43 77.12 -10.96 -110.74
N ALA YB 44 77.22 -11.99 -111.55
CA ALA YB 44 76.79 -11.88 -112.94
C ALA YB 44 75.30 -11.57 -113.03
N PRO YB 45 74.88 -10.64 -113.90
CA PRO YB 45 73.45 -10.36 -114.07
C PRO YB 45 72.71 -11.45 -114.85
N ALA YB 46 73.41 -12.47 -115.32
CA ALA YB 46 72.84 -13.65 -115.97
C ALA YB 46 73.92 -14.70 -116.09
N ALA YB 47 73.50 -15.96 -116.22
CA ALA YB 47 74.45 -17.08 -116.27
C ALA YB 47 74.46 -17.66 -117.68
N PRO YB 48 75.59 -17.63 -118.42
CA PRO YB 48 75.57 -18.22 -119.76
C PRO YB 48 75.84 -19.71 -119.70
N MET YB 49 75.00 -20.49 -120.38
CA MET YB 49 75.15 -21.95 -120.48
C MET YB 49 75.27 -22.36 -121.94
N GLU YB 50 76.05 -21.61 -122.73
CA GLU YB 50 76.07 -21.82 -124.18
C GLU YB 50 76.70 -23.17 -124.54
N ASN YB 51 77.81 -23.55 -123.89
CA ASN YB 51 78.52 -24.77 -124.25
C ASN YB 51 77.62 -26.00 -124.14
N THR YB 52 77.00 -26.19 -122.97
CA THR YB 52 76.21 -27.38 -122.72
C THR YB 52 74.96 -27.42 -123.60
N TYR YB 53 74.33 -26.27 -123.85
CA TYR YB 53 73.09 -26.29 -124.61
C TYR YB 53 73.34 -26.43 -126.12
N THR YB 54 74.45 -25.89 -126.62
CA THR YB 54 74.82 -26.23 -128.00
C THR YB 54 75.13 -27.72 -128.14
N TYR YB 55 75.79 -28.32 -127.14
CA TYR YB 55 76.01 -29.76 -127.26
C TYR YB 55 74.68 -30.54 -127.19
N LEU YB 56 73.75 -30.08 -126.35
CA LEU YB 56 72.46 -30.74 -126.28
C LEU YB 56 71.72 -30.64 -127.62
N GLY YB 57 71.82 -29.49 -128.28
CA GLY YB 57 71.33 -29.41 -129.64
C GLY YB 57 72.03 -30.39 -130.57
N SER YB 58 73.33 -30.60 -130.34
CA SER YB 58 74.09 -31.55 -131.15
C SER YB 58 73.50 -32.96 -131.07
N ILE YB 59 73.30 -33.46 -129.85
CA ILE YB 59 72.84 -34.85 -129.71
C ILE YB 59 71.33 -34.94 -129.85
N GLN YB 60 70.69 -33.83 -130.20
CA GLN YB 60 69.23 -33.75 -130.38
C GLN YB 60 68.51 -34.10 -129.07
N PHE YB 61 69.09 -33.67 -127.94
CA PHE YB 61 68.45 -33.73 -126.62
C PHE YB 61 68.10 -35.15 -126.20
N ALA YB 62 68.93 -36.12 -126.58
CA ALA YB 62 68.62 -37.50 -126.24
C ALA YB 62 69.91 -38.31 -126.16
N ALA YB 63 69.96 -39.21 -125.19
CA ALA YB 63 71.09 -40.11 -125.03
C ALA YB 63 70.66 -41.26 -124.13
N GLY YB 64 70.85 -42.48 -124.59
CA GLY YB 64 70.35 -43.63 -123.83
C GLY YB 64 68.85 -43.53 -123.81
N ARG YB 65 68.25 -43.73 -122.64
CA ARG YB 65 66.85 -43.38 -122.47
C ARG YB 65 66.69 -42.14 -121.60
N HIS YB 66 67.74 -41.33 -121.48
CA HIS YB 66 67.60 -39.97 -121.00
C HIS YB 66 67.15 -39.07 -122.15
N ILE YB 67 66.05 -38.35 -121.95
CA ILE YB 67 65.67 -37.29 -122.89
C ILE YB 67 65.62 -35.99 -122.10
N PHE YB 68 66.12 -34.91 -122.71
CA PHE YB 68 66.22 -33.62 -122.06
C PHE YB 68 65.24 -32.64 -122.67
N GLY YB 69 65.04 -31.52 -121.98
CA GLY YB 69 64.15 -30.49 -122.44
C GLY YB 69 64.88 -29.36 -123.14
N GLU YB 70 64.18 -28.71 -124.07
CA GLU YB 70 64.73 -27.53 -124.71
C GLU YB 70 64.56 -26.32 -123.79
N PRO YB 71 65.62 -25.52 -123.61
CA PRO YB 71 65.54 -24.38 -122.70
C PRO YB 71 64.76 -23.24 -123.34
N ALA YB 72 64.47 -22.24 -122.51
CA ALA YB 72 63.93 -21.01 -123.05
C ALA YB 72 65.05 -20.13 -123.60
N SER YB 73 66.12 -19.98 -122.85
CA SER YB 73 67.25 -19.16 -123.24
C SER YB 73 68.54 -19.91 -122.96
N ASN YB 74 69.53 -19.71 -123.85
CA ASN YB 74 70.87 -20.21 -123.58
C ASN YB 74 71.51 -19.46 -122.42
N VAL YB 75 71.05 -18.24 -122.16
CA VAL YB 75 71.51 -17.46 -121.03
C VAL YB 75 70.36 -17.35 -120.04
N LEU YB 76 70.62 -17.81 -118.80
CA LEU YB 76 69.67 -17.94 -117.69
C LEU YB 76 69.56 -16.63 -116.93
N PRO YB 77 68.35 -16.07 -116.81
CA PRO YB 77 68.16 -14.84 -116.05
C PRO YB 77 68.17 -15.12 -114.56
N PRO YB 78 68.37 -14.10 -113.73
CA PRO YB 78 68.31 -14.30 -112.27
C PRO YB 78 66.88 -14.41 -111.77
N GLN YB 79 66.68 -15.29 -110.79
CA GLN YB 79 65.35 -15.50 -110.20
C GLN YB 79 65.16 -14.78 -108.87
N ASN YB 80 66.18 -14.74 -108.03
CA ASN YB 80 66.06 -14.17 -106.70
C ASN YB 80 67.19 -13.19 -106.38
N ILE YB 81 67.71 -12.49 -107.38
CA ILE YB 81 68.83 -11.57 -107.18
C ILE YB 81 68.35 -10.18 -107.58
N VAL YB 82 68.08 -9.35 -106.58
CA VAL YB 82 67.79 -7.95 -106.84
C VAL YB 82 69.10 -7.20 -107.09
N PRO YB 83 69.16 -6.28 -108.04
CA PRO YB 83 70.43 -5.58 -108.27
C PRO YB 83 70.71 -4.61 -107.16
N GLY YB 84 71.99 -4.51 -106.81
CA GLY YB 84 72.38 -3.61 -105.75
C GLY YB 84 72.06 -4.12 -104.37
N VAL YB 85 71.57 -5.35 -104.25
CA VAL YB 85 71.24 -5.94 -102.97
C VAL YB 85 72.26 -7.02 -102.69
N PRO YB 86 73.04 -6.91 -101.61
CA PRO YB 86 74.00 -7.98 -101.29
C PRO YB 86 73.26 -9.28 -101.00
N THR YB 87 73.71 -10.35 -101.66
CA THR YB 87 73.11 -11.67 -101.51
C THR YB 87 74.25 -12.67 -101.39
N LYS YB 88 74.18 -13.55 -100.39
CA LYS YB 88 75.16 -14.61 -100.22
C LYS YB 88 74.73 -15.88 -100.93
N HIS YB 89 73.55 -15.88 -101.52
CA HIS YB 89 73.04 -17.03 -102.27
C HIS YB 89 72.07 -16.56 -103.33
N GLY YB 90 72.26 -17.05 -104.55
CA GLY YB 90 71.46 -16.60 -105.67
C GLY YB 90 71.29 -17.68 -106.72
N GLU YB 91 70.22 -17.57 -107.48
CA GLU YB 91 69.85 -18.62 -108.42
C GLU YB 91 69.44 -18.02 -109.75
N TYR YB 92 69.99 -18.56 -110.83
CA TYR YB 92 69.49 -18.30 -112.18
C TYR YB 92 68.76 -19.54 -112.65
N VAL YB 93 67.67 -19.35 -113.39
CA VAL YB 93 66.83 -20.50 -113.74
C VAL YB 93 66.14 -20.23 -115.07
N THR YB 94 66.13 -21.23 -115.93
CA THR YB 94 65.31 -21.12 -117.12
C THR YB 94 64.46 -22.38 -117.29
N THR YB 95 63.33 -22.22 -117.95
CA THR YB 95 62.36 -23.30 -118.00
C THR YB 95 62.65 -24.17 -119.22
N ASN YB 96 62.47 -25.49 -119.05
CA ASN YB 96 62.67 -26.51 -120.06
C ASN YB 96 61.31 -26.98 -120.52
N THR YB 97 61.08 -26.99 -121.83
CA THR YB 97 59.82 -27.49 -122.40
C THR YB 97 60.14 -28.55 -123.44
N GLY YB 98 59.12 -29.33 -123.82
CA GLY YB 98 59.31 -30.39 -124.78
C GLY YB 98 58.01 -31.07 -125.09
N ASP YB 99 58.02 -31.84 -126.19
CA ASP YB 99 56.84 -32.58 -126.63
C ASP YB 99 56.52 -33.69 -125.63
N ARG YB 100 55.34 -33.62 -125.04
CA ARG YB 100 54.90 -34.56 -124.00
C ARG YB 100 55.90 -34.58 -122.84
N LEU YB 101 56.37 -33.39 -122.47
CA LEU YB 101 57.19 -33.18 -121.29
C LEU YB 101 56.51 -32.18 -120.37
N MET YB 102 56.55 -32.44 -119.07
CA MET YB 102 56.11 -31.44 -118.11
C MET YB 102 57.21 -30.41 -117.92
N ALA YB 103 56.87 -29.13 -118.10
CA ALA YB 103 57.86 -28.08 -118.00
C ALA YB 103 58.66 -28.23 -116.70
N SER YB 104 59.99 -28.14 -116.81
CA SER YB 104 60.87 -28.35 -115.65
C SER YB 104 62.04 -27.37 -115.69
N SER YB 105 62.44 -26.89 -114.52
CA SER YB 105 63.39 -25.79 -114.44
C SER YB 105 64.81 -26.33 -114.35
N THR YB 106 65.71 -25.75 -115.13
CA THR YB 106 67.14 -26.00 -115.00
C THR YB 106 67.78 -24.82 -114.27
N THR YB 107 68.66 -25.14 -113.30
CA THR YB 107 69.06 -24.21 -112.25
C THR YB 107 70.56 -24.07 -112.11
N VAL YB 108 71.01 -22.82 -111.96
CA VAL YB 108 72.41 -22.50 -111.71
C VAL YB 108 72.47 -21.73 -110.41
N THR YB 109 73.16 -22.28 -109.43
CA THR YB 109 73.18 -21.77 -108.06
C THR YB 109 74.57 -21.25 -107.70
N ARG YB 110 74.63 -20.04 -107.16
CA ARG YB 110 75.89 -19.43 -106.74
C ARG YB 110 75.81 -19.08 -105.26
N ASP YB 111 76.79 -19.56 -104.50
CA ASP YB 111 76.90 -19.28 -103.07
C ASP YB 111 78.24 -18.60 -102.84
N VAL YB 112 78.19 -17.35 -102.40
CA VAL YB 112 79.39 -16.55 -102.12
C VAL YB 112 79.37 -16.25 -100.62
N SER YB 113 80.27 -16.87 -99.85
CA SER YB 113 80.33 -16.55 -98.42
C SER YB 113 81.69 -16.93 -97.85
N ASN YB 114 82.18 -16.07 -96.96
CA ASN YB 114 83.39 -16.33 -96.15
C ASN YB 114 84.60 -16.70 -97.02
N GLY YB 115 84.76 -15.99 -98.13
CA GLY YB 115 85.86 -16.21 -99.05
C GLY YB 115 85.72 -17.41 -99.95
N ARG YB 116 84.65 -18.18 -99.84
CA ARG YB 116 84.43 -19.36 -100.66
C ARG YB 116 83.29 -19.06 -101.61
N THR YB 117 83.53 -19.24 -102.89
CA THR YB 117 82.49 -19.06 -103.91
C THR YB 117 82.26 -20.41 -104.59
N LYS YB 118 80.98 -20.78 -104.77
CA LYS YB 118 80.63 -22.10 -105.30
C LYS YB 118 79.47 -21.98 -106.27
N VAL YB 119 79.65 -22.55 -107.46
CA VAL YB 119 78.64 -22.55 -108.53
C VAL YB 119 78.25 -23.99 -108.80
N SER YB 120 76.94 -24.26 -108.84
CA SER YB 120 76.39 -25.58 -109.10
C SER YB 120 75.38 -25.51 -110.23
N ILE YB 121 75.38 -26.52 -111.10
CA ILE YB 121 74.47 -26.57 -112.24
C ILE YB 121 73.71 -27.88 -112.19
N ASP YB 122 72.38 -27.80 -112.31
CA ASP YB 122 71.48 -28.95 -112.21
C ASP YB 122 70.52 -28.92 -113.39
N ILE YB 123 70.60 -29.94 -114.25
CA ILE YB 123 69.69 -30.06 -115.39
C ILE YB 123 68.93 -31.38 -115.25
N PRO YB 124 67.61 -31.39 -115.42
CA PRO YB 124 66.83 -32.61 -115.29
C PRO YB 124 66.69 -33.38 -116.61
N TYR YB 125 66.34 -34.66 -116.46
CA TYR YB 125 66.10 -35.56 -117.59
C TYR YB 125 64.88 -36.43 -117.31
N TYR YB 126 64.23 -36.86 -118.39
CA TYR YB 126 63.01 -37.66 -118.37
C TYR YB 126 63.25 -39.03 -118.98
N ASP YB 127 62.28 -39.93 -118.71
CA ASP YB 127 62.27 -41.31 -119.22
C ASP YB 127 61.88 -41.33 -120.70
N ARG YB 128 62.88 -41.49 -121.56
CA ARG YB 128 62.65 -41.49 -123.00
C ARG YB 128 61.69 -42.61 -123.40
N ASN YB 129 61.70 -43.73 -122.66
CA ASN YB 129 60.80 -44.83 -123.01
C ASN YB 129 59.33 -44.43 -122.81
N ALA YB 130 59.05 -43.76 -121.69
CA ALA YB 130 57.70 -43.26 -121.45
C ALA YB 130 57.32 -42.20 -122.48
N VAL YB 131 58.23 -41.26 -122.74
CA VAL YB 131 57.89 -40.16 -123.64
C VAL YB 131 57.60 -40.70 -125.04
N GLU YB 132 58.45 -41.59 -125.55
CA GLU YB 132 58.28 -42.09 -126.90
C GLU YB 132 57.12 -43.07 -127.00
N THR YB 133 56.83 -43.83 -125.95
CA THR YB 133 55.61 -44.65 -125.96
C THR YB 133 54.37 -43.77 -126.04
N LEU YB 134 54.36 -42.64 -125.31
CA LEU YB 134 53.26 -41.70 -125.42
C LEU YB 134 53.16 -41.10 -126.81
N LYS YB 135 54.29 -40.66 -127.37
CA LYS YB 135 54.29 -40.06 -128.70
C LYS YB 135 53.80 -41.03 -129.76
N ALA YB 136 54.40 -42.23 -129.81
CA ALA YB 136 54.00 -43.22 -130.80
C ALA YB 136 52.55 -43.63 -130.62
N SER YB 137 52.09 -43.75 -129.38
CA SER YB 137 50.70 -44.12 -129.17
C SER YB 137 49.75 -42.92 -129.25
N ALA YB 138 50.25 -41.72 -129.51
CA ALA YB 138 49.40 -40.53 -129.57
C ALA YB 138 48.57 -40.39 -128.30
N ILE YB 139 49.24 -40.47 -127.15
CA ILE YB 139 48.59 -40.31 -125.85
C ILE YB 139 48.92 -38.90 -125.37
N PRO YB 140 47.96 -38.16 -124.80
CA PRO YB 140 48.24 -36.77 -124.40
C PRO YB 140 48.85 -36.58 -123.02
N GLY YB 141 49.45 -37.61 -122.43
CA GLY YB 141 50.09 -37.43 -121.14
C GLY YB 141 51.39 -36.66 -121.23
N ALA YB 142 51.69 -35.89 -120.18
CA ALA YB 142 52.94 -35.17 -120.04
C ALA YB 142 53.77 -35.79 -118.92
N VAL YB 143 55.07 -35.92 -119.14
CA VAL YB 143 55.93 -36.66 -118.22
C VAL YB 143 56.74 -35.69 -117.36
N ALA YB 144 56.79 -35.97 -116.06
CA ALA YB 144 57.64 -35.26 -115.13
C ALA YB 144 59.06 -35.83 -115.16
N PRO YB 145 60.06 -35.06 -114.74
CA PRO YB 145 61.44 -35.53 -114.83
C PRO YB 145 61.71 -36.71 -113.92
N VAL YB 146 62.49 -37.65 -114.42
CA VAL YB 146 62.86 -38.82 -113.64
C VAL YB 146 64.14 -38.58 -112.82
N GLY YB 147 65.03 -37.71 -113.29
CA GLY YB 147 66.24 -37.46 -112.51
C GLY YB 147 66.94 -36.20 -112.96
N SER YB 148 68.19 -36.07 -112.54
CA SER YB 148 68.97 -34.89 -112.91
C SER YB 148 70.46 -35.22 -112.92
N PHE YB 149 71.22 -34.33 -113.56
CA PHE YB 149 72.68 -34.35 -113.53
C PHE YB 149 73.19 -33.01 -112.99
N LYS YB 150 74.24 -33.09 -112.16
CA LYS YB 150 74.76 -31.94 -111.43
C LYS YB 150 76.28 -31.85 -111.54
N VAL YB 151 76.75 -30.60 -111.61
CA VAL YB 151 78.17 -30.29 -111.67
C VAL YB 151 78.45 -29.13 -110.72
N ASN YB 152 79.40 -29.33 -109.81
CA ASN YB 152 79.79 -28.35 -108.79
C ASN YB 152 81.19 -27.83 -109.04
N VAL YB 153 81.40 -26.56 -108.72
CA VAL YB 153 82.69 -25.89 -108.89
C VAL YB 153 82.87 -24.96 -107.71
N GLU YB 154 84.07 -24.95 -107.12
CA GLU YB 154 84.27 -24.33 -105.83
C GLU YB 154 85.65 -23.69 -105.77
N VAL YB 155 85.72 -22.48 -105.21
CA VAL YB 155 86.95 -21.69 -105.16
C VAL YB 155 87.12 -21.20 -103.73
N LEU YB 156 88.19 -21.69 -103.06
CA LEU YB 156 88.48 -21.31 -101.67
C LEU YB 156 89.48 -20.16 -101.69
N GLY YB 157 88.96 -18.94 -101.74
CA GLY YB 157 89.76 -17.74 -101.88
C GLY YB 157 90.00 -16.96 -100.62
N GLY YB 158 89.82 -17.57 -99.45
CA GLY YB 158 90.03 -16.88 -98.21
C GLY YB 158 91.47 -16.88 -97.78
N GLY YB 159 91.78 -15.99 -96.85
CA GLY YB 159 93.07 -15.98 -96.21
C GLY YB 159 94.09 -15.06 -96.84
N VAL YB 160 93.63 -14.05 -97.60
CA VAL YB 160 94.54 -13.13 -98.25
C VAL YB 160 95.36 -12.41 -97.20
N LEU YB 161 96.67 -12.32 -97.44
CA LEU YB 161 97.60 -11.70 -96.50
C LEU YB 161 97.38 -10.19 -96.42
N THR YB 162 97.77 -9.61 -95.28
CA THR YB 162 97.40 -8.22 -95.00
C THR YB 162 98.07 -7.23 -95.93
N GLY YB 163 99.33 -7.49 -96.30
CA GLY YB 163 100.01 -6.58 -97.20
C GLY YB 163 99.34 -6.42 -98.55
N THR YB 164 98.62 -7.44 -99.01
CA THR YB 164 98.04 -7.44 -100.35
C THR YB 164 97.05 -6.31 -100.53
N ASP YB 165 97.26 -5.49 -101.57
CA ASP YB 165 96.35 -4.39 -101.81
C ASP YB 165 95.32 -4.76 -102.87
N ALA YB 166 94.50 -3.80 -103.28
CA ALA YB 166 93.38 -4.08 -104.18
C ALA YB 166 93.86 -4.57 -105.54
N ASN YB 167 94.85 -3.86 -106.10
CA ASN YB 167 95.39 -4.25 -107.40
C ASN YB 167 95.95 -5.66 -107.36
N ALA YB 168 96.67 -6.01 -106.30
CA ALA YB 168 97.18 -7.37 -106.15
C ALA YB 168 96.06 -8.38 -106.07
N GLN YB 169 94.98 -8.03 -105.36
CA GLN YB 169 93.86 -8.97 -105.25
C GLN YB 169 93.24 -9.22 -106.62
N PHE YB 170 93.26 -8.22 -107.52
CA PHE YB 170 92.83 -8.50 -108.90
C PHE YB 170 93.63 -9.65 -109.51
N ALA YB 171 94.95 -9.60 -109.33
CA ALA YB 171 95.82 -10.65 -109.85
C ALA YB 171 95.46 -12.01 -109.25
N LEU YB 172 95.20 -12.03 -107.95
CA LEU YB 172 94.79 -13.28 -107.31
C LEU YB 172 93.47 -13.78 -107.91
N ASP YB 173 92.56 -12.86 -108.25
CA ASP YB 173 91.31 -13.23 -108.91
C ASP YB 173 91.60 -14.02 -110.18
N GLU YB 174 92.41 -13.44 -111.07
CA GLU YB 174 92.67 -14.11 -112.33
C GLU YB 174 93.45 -15.41 -112.11
N LEU YB 175 94.30 -15.46 -111.08
CA LEU YB 175 95.04 -16.69 -110.78
C LEU YB 175 94.08 -17.83 -110.44
N LEU YB 176 93.13 -17.57 -109.56
CA LEU YB 176 92.14 -18.59 -109.24
C LEU YB 176 91.31 -18.94 -110.46
N SER YB 177 91.02 -17.95 -111.32
CA SER YB 177 90.31 -18.24 -112.57
C SER YB 177 91.06 -19.28 -113.40
N ASN YB 178 92.38 -19.10 -113.55
CA ASN YB 178 93.14 -20.03 -114.37
C ASN YB 178 93.26 -21.41 -113.71
N MET YB 179 93.33 -21.44 -112.37
CA MET YB 179 93.30 -22.74 -111.69
C MET YB 179 91.96 -23.45 -111.93
N LEU YB 180 90.86 -22.68 -111.96
CA LEU YB 180 89.56 -23.22 -112.33
C LEU YB 180 89.61 -23.89 -113.70
N MET YB 181 90.08 -23.14 -114.70
CA MET YB 181 90.15 -23.68 -116.06
C MET YB 181 90.97 -24.97 -116.08
N ASP YB 182 92.11 -24.97 -115.40
CA ASP YB 182 92.94 -26.17 -115.37
C ASP YB 182 92.23 -27.33 -114.70
N ALA YB 183 91.50 -27.06 -113.62
CA ALA YB 183 90.80 -28.14 -112.93
C ALA YB 183 89.74 -28.75 -113.82
N ALA YB 184 88.99 -27.93 -114.56
CA ALA YB 184 87.96 -28.46 -115.45
C ALA YB 184 88.57 -29.26 -116.58
N ARG YB 185 89.69 -28.78 -117.14
CA ARG YB 185 90.36 -29.55 -118.18
C ARG YB 185 90.86 -30.89 -117.64
N ILE YB 186 91.43 -30.89 -116.43
CA ILE YB 186 91.92 -32.14 -115.84
C ILE YB 186 90.76 -33.08 -115.55
N ALA YB 187 89.58 -32.53 -115.28
CA ALA YB 187 88.42 -33.36 -115.00
C ALA YB 187 87.92 -34.05 -116.27
N GLN YB 188 87.74 -33.28 -117.35
CA GLN YB 188 87.23 -33.84 -118.60
C GLN YB 188 88.32 -34.50 -119.46
N ASP YB 189 89.58 -34.46 -119.02
CA ASP YB 189 90.69 -34.89 -119.84
C ASP YB 189 90.56 -36.35 -120.23
N GLY YB 190 90.86 -36.65 -121.49
CA GLY YB 190 90.87 -38.00 -121.97
C GLY YB 190 90.32 -38.15 -123.37
N PRO YB 191 90.60 -39.29 -124.00
CA PRO YB 191 89.98 -39.60 -125.29
C PRO YB 191 88.48 -39.70 -125.17
N LYS YB 192 87.78 -39.26 -126.21
CA LYS YB 192 86.35 -39.51 -126.29
C LYS YB 192 86.03 -40.93 -126.75
N ASN YB 193 87.06 -41.73 -127.03
CA ASN YB 193 86.89 -43.15 -127.33
C ASN YB 193 86.56 -43.97 -126.10
N THR YB 194 87.02 -43.52 -124.93
CA THR YB 194 86.91 -44.31 -123.71
C THR YB 194 86.07 -43.60 -122.66
N ALA YB 195 85.58 -44.39 -121.71
CA ALA YB 195 84.71 -43.90 -120.66
C ALA YB 195 85.48 -42.98 -119.72
N ARG YB 196 84.90 -41.81 -119.39
CA ARG YB 196 85.63 -40.94 -118.47
C ARG YB 196 84.82 -40.34 -117.32
N LEU YB 197 83.50 -40.16 -117.44
CA LEU YB 197 82.73 -39.51 -116.37
C LEU YB 197 81.55 -40.27 -115.76
N VAL YB 198 80.54 -40.65 -116.57
CA VAL YB 198 79.25 -41.08 -116.01
C VAL YB 198 79.36 -42.51 -115.50
N ALA YB 199 78.54 -42.83 -114.51
CA ALA YB 199 78.52 -44.16 -113.88
C ALA YB 199 79.92 -44.59 -113.46
N ALA YB 200 80.74 -43.63 -113.05
CA ALA YB 200 82.12 -43.91 -112.71
C ALA YB 200 82.20 -44.85 -111.51
N SER YB 201 83.12 -45.82 -111.59
CA SER YB 201 83.40 -46.72 -110.47
C SER YB 201 84.82 -46.59 -109.93
N HIS YB 202 85.80 -46.48 -110.82
CA HIS YB 202 87.22 -46.40 -110.46
C HIS YB 202 88.00 -45.96 -111.68
N GLY YB 203 89.22 -45.49 -111.44
CA GLY YB 203 90.08 -44.97 -112.49
C GLY YB 203 91.20 -45.96 -112.78
N VAL YB 204 91.57 -46.07 -114.05
CA VAL YB 204 92.68 -46.93 -114.46
C VAL YB 204 93.54 -46.16 -115.46
N MET YB 205 94.84 -46.10 -115.18
CA MET YB 205 95.78 -45.43 -116.07
C MET YB 205 96.16 -46.36 -117.21
N PRO YB 206 96.15 -45.89 -118.46
CA PRO YB 206 96.40 -46.79 -119.59
C PRO YB 206 97.82 -47.33 -119.57
N GLN YB 207 97.99 -48.49 -120.22
CA GLN YB 207 99.27 -49.17 -120.24
C GLN YB 207 100.39 -48.24 -120.71
N ALA YB 208 100.11 -47.46 -121.75
CA ALA YB 208 101.01 -46.40 -122.21
C ALA YB 208 102.45 -46.90 -122.37
N SER ZB 23 59.55 -38.89 -106.37
CA SER ZB 23 58.59 -39.60 -107.21
C SER ZB 23 58.16 -38.76 -108.41
N SER ZB 24 58.29 -39.32 -109.61
CA SER ZB 24 57.96 -38.63 -110.86
C SER ZB 24 56.71 -39.25 -111.47
N ARG ZB 25 55.74 -38.41 -111.80
CA ARG ZB 25 54.44 -38.86 -112.27
C ARG ZB 25 54.07 -38.14 -113.56
N THR ZB 26 53.56 -38.91 -114.51
CA THR ZB 26 53.00 -38.33 -115.73
C THR ZB 26 51.57 -37.87 -115.46
N THR ZB 27 51.24 -36.70 -115.98
CA THR ZB 27 49.99 -36.02 -115.69
C THR ZB 27 49.14 -35.91 -116.96
N PHE ZB 28 47.85 -36.24 -116.83
CA PHE ZB 28 46.85 -36.08 -117.88
C PHE ZB 28 45.91 -34.97 -117.44
N GLY ZB 29 45.70 -34.01 -118.31
CA GLY ZB 29 44.87 -32.88 -117.95
C GLY ZB 29 45.69 -31.76 -117.35
N VAL ZB 30 45.01 -30.95 -116.55
CA VAL ZB 30 45.58 -29.74 -115.97
C VAL ZB 30 46.49 -30.11 -114.81
N ASN ZB 31 47.68 -29.52 -114.79
CA ASN ZB 31 48.56 -29.63 -113.64
C ASN ZB 31 48.52 -28.32 -112.88
N PRO ZB 32 47.93 -28.27 -111.68
CA PRO ZB 32 47.78 -27.00 -110.96
C PRO ZB 32 48.91 -26.64 -110.01
N ASP ZB 33 50.06 -27.30 -110.06
CA ASP ZB 33 51.17 -26.97 -109.17
C ASP ZB 33 51.54 -25.49 -109.27
N ARG ZB 34 51.52 -24.80 -108.14
CA ARG ZB 34 51.90 -23.39 -108.07
C ARG ZB 34 53.30 -23.22 -107.50
N GLN ZB 35 53.96 -22.15 -107.92
CA GLN ZB 35 55.30 -21.83 -107.47
C GLN ZB 35 55.22 -21.08 -106.14
N ALA ZB 36 56.04 -21.51 -105.18
CA ALA ZB 36 56.05 -20.88 -103.86
C ALA ZB 36 56.37 -19.40 -103.96
N ASN ZB 37 55.67 -18.60 -103.15
CA ASN ZB 37 55.80 -17.14 -103.14
C ASN ZB 37 57.04 -16.76 -102.33
N ALA ZB 38 58.22 -17.01 -102.92
CA ALA ZB 38 59.51 -16.85 -102.24
C ALA ZB 38 60.46 -16.08 -103.15
N ARG ZB 39 59.98 -14.95 -103.69
CA ARG ZB 39 60.74 -14.15 -104.65
C ARG ZB 39 60.92 -12.73 -104.13
N PRO ZB 40 62.14 -12.30 -103.86
CA PRO ZB 40 62.35 -10.90 -103.47
C PRO ZB 40 61.98 -9.95 -104.59
N VAL ZB 41 61.46 -8.78 -104.22
CA VAL ZB 41 61.01 -7.81 -105.20
C VAL ZB 41 61.65 -6.47 -104.91
N TYR ZB 42 61.80 -5.69 -105.98
CA TYR ZB 42 62.44 -4.39 -105.89
C TYR ZB 42 61.62 -3.43 -105.04
N LEU ZB 43 62.31 -2.65 -104.22
CA LEU ZB 43 61.71 -1.70 -103.31
C LEU ZB 43 62.28 -0.32 -103.59
N ALA ZB 44 61.43 0.59 -104.05
CA ALA ZB 44 61.88 1.91 -104.48
C ALA ZB 44 62.60 2.63 -103.34
N PRO ZB 45 63.69 3.35 -103.63
CA PRO ZB 45 64.42 4.07 -102.55
C PRO ZB 45 63.70 5.30 -102.05
N ALA ZB 46 62.60 5.69 -102.69
CA ALA ZB 46 61.78 6.82 -102.27
C ALA ZB 46 60.46 6.75 -103.01
N ALA ZB 47 59.46 7.46 -102.49
CA ALA ZB 47 58.11 7.37 -103.07
C ALA ZB 47 57.78 8.69 -103.74
N PRO ZB 48 57.63 8.75 -105.07
CA PRO ZB 48 57.26 10.03 -105.69
C PRO ZB 48 55.75 10.28 -105.58
N MET ZB 49 55.39 11.44 -105.03
CA MET ZB 49 54.00 11.87 -104.97
C MET ZB 49 53.76 13.13 -105.80
N GLU ZB 50 54.36 13.20 -106.98
CA GLU ZB 50 54.38 14.46 -107.71
C GLU ZB 50 52.97 14.90 -108.13
N ASN ZB 51 52.15 13.95 -108.61
CA ASN ZB 51 50.84 14.32 -109.16
C ASN ZB 51 49.97 15.00 -108.11
N THR ZB 52 49.84 14.38 -106.93
CA THR ZB 52 48.92 14.89 -105.91
C THR ZB 52 49.39 16.23 -105.35
N TYR ZB 53 50.70 16.41 -105.17
CA TYR ZB 53 51.20 17.66 -104.58
C TYR ZB 53 51.22 18.80 -105.58
N THR ZB 54 51.47 18.51 -106.86
CA THR ZB 54 51.26 19.56 -107.86
C THR ZB 54 49.79 19.99 -107.91
N TYR ZB 55 48.85 19.03 -107.82
CA TYR ZB 55 47.45 19.46 -107.81
C TYR ZB 55 47.12 20.26 -106.55
N LEU ZB 56 47.68 19.86 -105.41
CA LEU ZB 56 47.45 20.60 -104.17
C LEU ZB 56 47.99 22.03 -104.27
N GLY ZB 57 49.15 22.20 -104.89
CA GLY ZB 57 49.61 23.55 -105.22
C GLY ZB 57 48.64 24.27 -106.14
N SER ZB 58 48.04 23.54 -107.09
CA SER ZB 58 47.08 24.14 -108.00
C SER ZB 58 45.91 24.76 -107.24
N ILE ZB 59 45.35 24.05 -106.27
CA ILE ZB 59 44.18 24.61 -105.59
C ILE ZB 59 44.59 25.39 -104.34
N GLN ZB 60 45.89 25.66 -104.20
CA GLN ZB 60 46.42 26.44 -103.07
C GLN ZB 60 46.12 25.76 -101.74
N PHE ZB 61 46.18 24.43 -101.75
CA PHE ZB 61 46.10 23.63 -100.53
C PHE ZB 61 44.82 23.88 -99.74
N ALA ZB 62 43.70 24.05 -100.45
CA ALA ZB 62 42.44 24.35 -99.76
C ALA ZB 62 41.28 24.03 -100.68
N ALA ZB 63 40.37 23.18 -100.22
CA ALA ZB 63 39.11 22.91 -100.90
C ALA ZB 63 38.00 22.94 -99.88
N GLY ZB 64 37.04 23.84 -100.08
CA GLY ZB 64 35.94 23.95 -99.15
C GLY ZB 64 36.41 24.31 -97.75
N ARG ZB 65 36.00 23.50 -96.79
CA ARG ZB 65 36.44 23.67 -95.42
C ARG ZB 65 37.67 22.84 -95.09
N HIS ZB 66 38.20 22.10 -96.05
CA HIS ZB 66 39.41 21.31 -95.87
C HIS ZB 66 40.61 22.17 -96.23
N ILE ZB 67 41.54 22.36 -95.30
CA ILE ZB 67 42.81 23.00 -95.60
C ILE ZB 67 43.91 21.97 -95.41
N PHE ZB 68 44.87 21.95 -96.33
CA PHE ZB 68 45.95 20.97 -96.31
C PHE ZB 68 47.27 21.63 -95.97
N GLY ZB 69 48.24 20.82 -95.58
CA GLY ZB 69 49.55 21.33 -95.26
C GLY ZB 69 50.52 21.19 -96.42
N GLU ZB 70 51.57 22.02 -96.38
CA GLU ZB 70 52.60 22.01 -97.42
C GLU ZB 70 53.67 20.97 -97.10
N PRO ZB 71 53.95 20.03 -97.99
CA PRO ZB 71 54.94 19.00 -97.68
C PRO ZB 71 56.35 19.56 -97.71
N ALA ZB 72 57.26 18.86 -97.03
CA ALA ZB 72 58.66 19.23 -97.15
C ALA ZB 72 59.22 18.82 -98.50
N SER ZB 73 58.82 17.67 -99.02
CA SER ZB 73 59.29 17.23 -100.33
C SER ZB 73 58.15 16.60 -101.12
N ASN ZB 74 58.27 16.70 -102.45
CA ASN ZB 74 57.37 15.99 -103.34
C ASN ZB 74 57.70 14.52 -103.41
N VAL ZB 75 58.93 14.14 -103.08
CA VAL ZB 75 59.36 12.76 -103.05
C VAL ZB 75 59.68 12.41 -101.61
N LEU ZB 76 59.07 11.32 -101.11
CA LEU ZB 76 59.10 10.97 -99.70
C LEU ZB 76 60.22 9.99 -99.41
N PRO ZB 77 61.08 10.28 -98.44
CA PRO ZB 77 62.19 9.37 -98.11
C PRO ZB 77 61.73 8.21 -97.23
N PRO ZB 78 62.48 7.12 -97.19
CA PRO ZB 78 62.05 5.99 -96.35
C PRO ZB 78 62.24 6.32 -94.88
N GLN ZB 79 61.29 5.87 -94.08
CA GLN ZB 79 61.35 6.03 -92.64
C GLN ZB 79 61.89 4.80 -91.91
N ASN ZB 80 61.44 3.61 -92.30
CA ASN ZB 80 61.83 2.39 -91.60
C ASN ZB 80 62.38 1.33 -92.53
N ILE ZB 81 62.95 1.73 -93.67
CA ILE ZB 81 63.52 0.82 -94.67
C ILE ZB 81 65.02 1.08 -94.73
N VAL ZB 82 65.80 0.01 -94.67
CA VAL ZB 82 67.24 0.08 -94.73
C VAL ZB 82 67.69 -0.68 -95.98
N PRO ZB 83 68.59 -0.13 -96.79
CA PRO ZB 83 68.99 -0.83 -98.00
C PRO ZB 83 69.66 -2.14 -97.68
N GLY ZB 84 69.30 -3.16 -98.44
CA GLY ZB 84 69.88 -4.47 -98.30
C GLY ZB 84 69.23 -5.32 -97.24
N VAL ZB 85 68.28 -4.78 -96.49
CA VAL ZB 85 67.62 -5.53 -95.43
C VAL ZB 85 66.20 -5.82 -95.90
N PRO ZB 86 65.81 -7.09 -96.04
CA PRO ZB 86 64.46 -7.39 -96.50
C PRO ZB 86 63.44 -6.99 -95.44
N THR ZB 87 62.37 -6.34 -95.89
CA THR ZB 87 61.27 -5.97 -95.01
C THR ZB 87 59.97 -6.32 -95.71
N LYS ZB 88 58.94 -6.62 -94.92
CA LYS ZB 88 57.61 -6.91 -95.43
C LYS ZB 88 56.67 -5.75 -95.24
N HIS ZB 89 57.13 -4.71 -94.55
CA HIS ZB 89 56.31 -3.52 -94.32
C HIS ZB 89 57.26 -2.34 -94.25
N GLY ZB 90 56.96 -1.32 -95.06
CA GLY ZB 90 57.82 -0.15 -95.14
C GLY ZB 90 57.00 1.11 -95.30
N GLU ZB 91 57.58 2.23 -94.87
CA GLU ZB 91 56.87 3.49 -94.85
C GLU ZB 91 57.77 4.61 -95.32
N TYR ZB 92 57.25 5.43 -96.22
CA TYR ZB 92 57.85 6.71 -96.59
C TYR ZB 92 57.01 7.82 -96.00
N VAL ZB 93 57.65 8.92 -95.59
CA VAL ZB 93 56.92 9.92 -94.82
C VAL ZB 93 57.56 11.28 -95.02
N THR ZB 94 56.71 12.32 -95.08
CA THR ZB 94 57.22 13.68 -94.96
C THR ZB 94 56.34 14.48 -94.02
N THR ZB 95 56.70 15.74 -93.77
CA THR ZB 95 55.98 16.57 -92.82
C THR ZB 95 55.29 17.71 -93.55
N ASN ZB 96 53.97 17.81 -93.38
CA ASN ZB 96 53.20 18.97 -93.82
C ASN ZB 96 53.25 20.00 -92.70
N THR ZB 97 53.67 21.22 -93.05
CA THR ZB 97 53.61 22.39 -92.19
C THR ZB 97 52.69 23.42 -92.80
N GLY ZB 98 52.25 24.37 -91.99
CA GLY ZB 98 51.27 25.34 -92.44
C GLY ZB 98 51.10 26.46 -91.44
N ASP ZB 99 50.51 27.55 -91.92
CA ASP ZB 99 50.26 28.72 -91.08
C ASP ZB 99 49.15 28.41 -90.08
N ARG ZB 100 49.43 28.63 -88.79
CA ARG ZB 100 48.53 28.29 -87.69
C ARG ZB 100 48.25 26.80 -87.62
N LEU ZB 101 49.19 25.98 -88.09
CA LEU ZB 101 49.01 24.54 -88.13
C LEU ZB 101 50.11 23.83 -87.37
N MET ZB 102 49.75 22.69 -86.79
CA MET ZB 102 50.71 21.81 -86.12
C MET ZB 102 51.22 20.78 -87.12
N ALA ZB 103 52.55 20.61 -87.16
CA ALA ZB 103 53.19 19.72 -88.12
C ALA ZB 103 52.54 18.34 -88.12
N SER ZB 104 52.13 17.87 -89.29
CA SER ZB 104 51.48 16.57 -89.40
C SER ZB 104 52.08 15.79 -90.55
N SER ZB 105 52.38 14.53 -90.31
CA SER ZB 105 53.09 13.73 -91.30
C SER ZB 105 52.14 13.13 -92.32
N THR ZB 106 52.61 13.10 -93.57
CA THR ZB 106 51.95 12.42 -94.69
C THR ZB 106 52.68 11.12 -94.98
N THR ZB 107 51.93 10.01 -95.06
CA THR ZB 107 52.52 8.67 -95.02
C THR ZB 107 52.14 7.83 -96.24
N VAL ZB 108 53.12 7.05 -96.71
CA VAL ZB 108 52.96 6.14 -97.85
C VAL ZB 108 53.46 4.78 -97.37
N THR ZB 109 52.55 3.83 -97.26
CA THR ZB 109 52.82 2.52 -96.67
C THR ZB 109 52.82 1.45 -97.75
N ARG ZB 110 53.81 0.56 -97.73
CA ARG ZB 110 53.90 -0.55 -98.68
C ARG ZB 110 54.09 -1.85 -97.93
N ASP ZB 111 53.20 -2.81 -98.21
CA ASP ZB 111 53.22 -4.13 -97.59
C ASP ZB 111 53.46 -5.16 -98.68
N VAL ZB 112 54.45 -6.03 -98.48
CA VAL ZB 112 54.73 -7.13 -99.41
C VAL ZB 112 54.75 -8.43 -98.62
N SER ZB 113 53.82 -9.35 -98.95
CA SER ZB 113 53.72 -10.61 -98.22
C SER ZB 113 52.93 -11.61 -99.05
N ASN ZB 114 53.45 -12.84 -99.17
CA ASN ZB 114 52.69 -13.96 -99.75
C ASN ZB 114 52.17 -13.65 -101.14
N GLY ZB 115 52.98 -12.94 -101.94
CA GLY ZB 115 52.62 -12.60 -103.30
C GLY ZB 115 51.65 -11.45 -103.45
N ARG ZB 116 51.26 -10.84 -102.34
CA ARG ZB 116 50.31 -9.74 -102.34
C ARG ZB 116 51.07 -8.49 -101.94
N THR ZB 117 51.00 -7.48 -102.78
CA THR ZB 117 51.69 -6.22 -102.53
C THR ZB 117 50.66 -5.10 -102.52
N LYS ZB 118 50.73 -4.23 -101.51
CA LYS ZB 118 49.70 -3.22 -101.28
C LYS ZB 118 50.32 -1.90 -100.86
N VAL ZB 119 49.99 -0.84 -101.60
CA VAL ZB 119 50.45 0.52 -101.32
C VAL ZB 119 49.26 1.37 -100.88
N SER ZB 120 49.41 2.06 -99.75
CA SER ZB 120 48.38 2.93 -99.20
C SER ZB 120 48.96 4.32 -98.98
N ILE ZB 121 48.15 5.35 -99.25
CA ILE ZB 121 48.57 6.74 -99.10
C ILE ZB 121 47.58 7.46 -98.19
N ASP ZB 122 48.10 8.15 -97.18
CA ASP ZB 122 47.30 8.86 -96.19
C ASP ZB 122 47.80 10.29 -96.06
N ILE ZB 123 46.93 11.26 -96.34
CA ILE ZB 123 47.23 12.67 -96.19
C ILE ZB 123 46.19 13.30 -95.28
N PRO ZB 124 46.60 14.04 -94.24
CA PRO ZB 124 45.64 14.66 -93.33
C PRO ZB 124 45.24 16.06 -93.77
N TYR ZB 125 44.10 16.50 -93.23
CA TYR ZB 125 43.57 17.85 -93.47
C TYR ZB 125 43.15 18.48 -92.15
N TYR ZB 126 42.87 19.78 -92.19
CA TYR ZB 126 42.52 20.57 -91.02
C TYR ZB 126 41.26 21.38 -91.29
N ASP ZB 127 40.72 21.93 -90.20
CA ASP ZB 127 39.50 22.74 -90.22
C ASP ZB 127 39.83 24.16 -90.66
N ARG ZB 128 39.47 24.49 -91.90
CA ARG ZB 128 39.78 25.81 -92.42
C ARG ZB 128 39.08 26.90 -91.63
N ASN ZB 129 37.89 26.62 -91.09
CA ASN ZB 129 37.16 27.63 -90.32
C ASN ZB 129 37.93 28.00 -89.05
N ALA ZB 130 38.46 27.00 -88.36
CA ALA ZB 130 39.30 27.29 -87.20
C ALA ZB 130 40.56 28.03 -87.61
N VAL ZB 131 41.20 27.60 -88.70
CA VAL ZB 131 42.47 28.22 -89.09
C VAL ZB 131 42.28 29.69 -89.43
N GLU ZB 132 41.30 30.00 -90.29
CA GLU ZB 132 41.09 31.37 -90.72
C GLU ZB 132 40.44 32.21 -89.62
N THR ZB 133 39.71 31.60 -88.68
CA THR ZB 133 39.20 32.36 -87.54
C THR ZB 133 40.34 32.78 -86.62
N LEU ZB 134 41.31 31.90 -86.39
CA LEU ZB 134 42.51 32.29 -85.66
C LEU ZB 134 43.26 33.41 -86.39
N LYS ZB 135 43.56 33.21 -87.67
CA LYS ZB 135 44.24 34.24 -88.44
C LYS ZB 135 43.52 35.58 -88.30
N ALA ZB 136 42.21 35.59 -88.47
CA ALA ZB 136 41.43 36.83 -88.44
C ALA ZB 136 41.29 37.42 -87.04
N SER ZB 137 41.45 36.61 -85.99
CA SER ZB 137 41.32 37.11 -84.63
C SER ZB 137 42.66 37.54 -84.01
N ALA ZB 138 43.78 37.15 -84.61
CA ALA ZB 138 45.11 37.57 -84.14
C ALA ZB 138 45.35 37.13 -82.70
N ILE ZB 139 45.13 35.85 -82.47
CA ILE ZB 139 45.10 35.26 -81.14
C ILE ZB 139 45.99 34.02 -81.19
N PRO ZB 140 46.63 33.64 -80.08
CA PRO ZB 140 47.77 32.71 -80.16
C PRO ZB 140 47.46 31.26 -80.62
N GLY ZB 141 46.21 30.84 -80.75
CA GLY ZB 141 45.95 29.41 -80.92
C GLY ZB 141 46.60 28.81 -82.15
N ALA ZB 142 46.84 27.48 -82.09
CA ALA ZB 142 47.14 26.66 -83.27
C ALA ZB 142 46.34 25.36 -83.23
N VAL ZB 143 46.21 24.74 -84.41
CA VAL ZB 143 45.23 23.67 -84.64
C VAL ZB 143 45.93 22.41 -85.13
N ALA ZB 144 45.39 21.26 -84.72
CA ALA ZB 144 45.81 19.93 -85.10
C ALA ZB 144 44.89 19.37 -86.18
N PRO ZB 145 45.30 18.28 -86.86
CA PRO ZB 145 44.46 17.72 -87.93
C PRO ZB 145 43.09 17.25 -87.44
N VAL ZB 146 42.14 17.30 -88.37
CA VAL ZB 146 40.77 16.90 -88.10
C VAL ZB 146 40.44 15.54 -88.70
N GLY ZB 147 41.12 15.14 -89.77
CA GLY ZB 147 40.87 13.86 -90.40
C GLY ZB 147 41.86 13.65 -91.52
N SER ZB 148 41.59 12.65 -92.34
CA SER ZB 148 42.51 12.31 -93.41
C SER ZB 148 41.74 11.75 -94.59
N PHE ZB 149 42.44 11.68 -95.72
CA PHE ZB 149 41.99 10.96 -96.90
C PHE ZB 149 43.01 9.89 -97.25
N LYS ZB 150 42.49 8.72 -97.65
CA LYS ZB 150 43.29 7.54 -97.88
C LYS ZB 150 42.94 6.89 -99.22
N VAL ZB 151 43.96 6.34 -99.85
CA VAL ZB 151 43.83 5.64 -101.13
C VAL ZB 151 44.68 4.38 -101.07
N ASN ZB 152 44.05 3.22 -101.35
CA ASN ZB 152 44.71 1.92 -101.32
C ASN ZB 152 44.79 1.32 -102.73
N VAL ZB 153 45.86 0.58 -102.97
CA VAL ZB 153 46.10 -0.09 -104.24
C VAL ZB 153 46.76 -1.43 -103.94
N GLU ZB 154 46.24 -2.51 -104.56
CA GLU ZB 154 46.54 -3.87 -104.12
C GLU ZB 154 46.69 -4.78 -105.33
N VAL ZB 155 47.74 -5.61 -105.32
CA VAL ZB 155 48.07 -6.50 -106.42
C VAL ZB 155 48.24 -7.91 -105.88
N LEU ZB 156 47.41 -8.85 -106.36
CA LEU ZB 156 47.40 -10.22 -105.85
C LEU ZB 156 48.16 -11.09 -106.83
N GLY ZB 157 49.48 -11.12 -106.69
CA GLY ZB 157 50.37 -11.79 -107.61
C GLY ZB 157 50.76 -13.20 -107.25
N GLY ZB 158 50.10 -13.78 -106.27
CA GLY ZB 158 50.41 -15.13 -105.87
C GLY ZB 158 49.86 -16.16 -106.84
N GLY ZB 159 50.44 -17.35 -106.78
CA GLY ZB 159 49.93 -18.47 -107.55
C GLY ZB 159 50.60 -18.68 -108.88
N VAL ZB 160 51.86 -18.28 -109.02
CA VAL ZB 160 52.55 -18.46 -110.29
C VAL ZB 160 52.74 -19.96 -110.53
N LEU ZB 161 52.47 -20.39 -111.76
CA LEU ZB 161 52.52 -21.80 -112.10
C LEU ZB 161 53.97 -22.30 -112.16
N THR ZB 162 54.11 -23.63 -112.20
CA THR ZB 162 55.44 -24.21 -112.08
C THR ZB 162 56.31 -23.91 -113.29
N GLY ZB 163 55.72 -23.96 -114.49
CA GLY ZB 163 56.52 -23.82 -115.70
C GLY ZB 163 57.16 -22.45 -115.84
N THR ZB 164 56.59 -21.44 -115.19
CA THR ZB 164 57.06 -20.07 -115.37
C THR ZB 164 58.50 -19.91 -114.90
N ASP ZB 165 59.34 -19.39 -115.78
CA ASP ZB 165 60.70 -19.03 -115.42
C ASP ZB 165 60.78 -17.54 -115.13
N ALA ZB 166 62.01 -17.08 -114.88
CA ALA ZB 166 62.22 -15.70 -114.42
C ALA ZB 166 61.81 -14.67 -115.46
N ASN ZB 167 62.21 -14.90 -116.73
CA ASN ZB 167 61.85 -13.99 -117.82
C ASN ZB 167 60.33 -13.85 -117.94
N ALA ZB 168 59.64 -14.99 -117.94
CA ALA ZB 168 58.18 -14.99 -117.99
C ALA ZB 168 57.59 -14.26 -116.80
N GLN ZB 169 58.21 -14.40 -115.62
CA GLN ZB 169 57.72 -13.67 -114.45
C GLN ZB 169 57.85 -12.17 -114.63
N PHE ZB 170 58.92 -11.71 -115.30
CA PHE ZB 170 58.99 -10.29 -115.65
C PHE ZB 170 57.81 -9.89 -116.52
N ALA ZB 171 57.48 -10.74 -117.49
CA ALA ZB 171 56.32 -10.43 -118.34
C ALA ZB 171 55.06 -10.30 -117.50
N LEU ZB 172 54.90 -11.20 -116.51
CA LEU ZB 172 53.73 -11.15 -115.66
C LEU ZB 172 53.73 -9.90 -114.79
N ASP ZB 173 54.92 -9.48 -114.35
CA ASP ZB 173 55.08 -8.22 -113.62
C ASP ZB 173 54.45 -7.08 -114.41
N GLU ZB 174 54.86 -6.96 -115.67
CA GLU ZB 174 54.35 -5.85 -116.49
C GLU ZB 174 52.85 -6.01 -116.77
N LEU ZB 175 52.37 -7.25 -116.92
CA LEU ZB 175 50.93 -7.46 -117.10
C LEU ZB 175 50.14 -6.91 -115.93
N LEU ZB 176 50.56 -7.24 -114.71
CA LEU ZB 176 49.86 -6.74 -113.54
C LEU ZB 176 49.94 -5.23 -113.45
N SER ZB 177 51.09 -4.64 -113.77
CA SER ZB 177 51.18 -3.18 -113.70
C SER ZB 177 50.22 -2.52 -114.70
N ASN ZB 178 50.04 -3.13 -115.87
CA ASN ZB 178 49.08 -2.59 -116.83
C ASN ZB 178 47.65 -2.71 -116.33
N MET ZB 179 47.32 -3.82 -115.66
CA MET ZB 179 46.00 -3.92 -115.04
C MET ZB 179 45.82 -2.87 -113.95
N LEU ZB 180 46.90 -2.55 -113.24
CA LEU ZB 180 46.87 -1.47 -112.26
C LEU ZB 180 46.46 -0.15 -112.90
N MET ZB 181 47.15 0.21 -113.99
CA MET ZB 181 46.83 1.44 -114.70
C MET ZB 181 45.38 1.45 -115.16
N ASP ZB 182 44.92 0.34 -115.73
CA ASP ZB 182 43.52 0.26 -116.16
C ASP ZB 182 42.57 0.47 -115.00
N ALA ZB 183 42.88 -0.12 -113.83
CA ALA ZB 183 41.99 0.00 -112.69
C ALA ZB 183 41.93 1.43 -112.18
N ALA ZB 184 43.08 2.12 -112.11
CA ALA ZB 184 43.06 3.52 -111.67
C ALA ZB 184 42.28 4.40 -112.64
N ARG ZB 185 42.47 4.18 -113.95
CA ARG ZB 185 41.71 4.95 -114.92
C ARG ZB 185 40.22 4.70 -114.80
N ILE ZB 186 39.82 3.44 -114.58
CA ILE ZB 186 38.40 3.11 -114.45
C ILE ZB 186 37.83 3.70 -113.17
N ALA ZB 187 38.65 3.84 -112.13
CA ALA ZB 187 38.19 4.44 -110.88
C ALA ZB 187 37.96 5.93 -111.04
N GLN ZB 188 38.92 6.65 -111.62
CA GLN ZB 188 38.80 8.09 -111.78
C GLN ZB 188 38.01 8.50 -113.01
N ASP ZB 189 37.56 7.55 -113.83
CA ASP ZB 189 36.93 7.87 -115.09
C ASP ZB 189 35.67 8.71 -114.88
N GLY ZB 190 35.48 9.69 -115.74
CA GLY ZB 190 34.28 10.50 -115.73
C GLY ZB 190 34.54 11.99 -115.93
N PRO ZB 191 33.49 12.73 -116.30
CA PRO ZB 191 33.62 14.18 -116.42
C PRO ZB 191 33.99 14.82 -115.09
N LYS ZB 192 34.80 15.86 -115.15
CA LYS ZB 192 35.05 16.67 -113.97
C LYS ZB 192 33.91 17.64 -113.69
N ASN ZB 193 32.93 17.72 -114.58
CA ASN ZB 193 31.71 18.48 -114.30
C ASN ZB 193 30.94 17.90 -113.13
N THR ZB 194 31.16 16.63 -112.79
CA THR ZB 194 30.18 15.86 -112.05
C THR ZB 194 30.85 15.04 -110.94
N ALA ZB 195 30.05 14.76 -109.90
CA ALA ZB 195 30.52 14.04 -108.72
C ALA ZB 195 31.01 12.65 -109.09
N ARG ZB 196 32.20 12.27 -108.60
CA ARG ZB 196 32.59 10.89 -108.89
C ARG ZB 196 33.28 10.12 -107.77
N LEU ZB 197 33.86 10.76 -106.73
CA LEU ZB 197 34.52 9.99 -105.67
C LEU ZB 197 34.06 10.27 -104.23
N VAL ZB 198 34.12 11.53 -103.78
CA VAL ZB 198 34.02 11.82 -102.34
C VAL ZB 198 32.56 11.76 -101.91
N ALA ZB 199 32.36 11.40 -100.64
CA ALA ZB 199 31.03 11.34 -100.03
C ALA ZB 199 30.06 10.49 -100.86
N ALA ZB 200 30.60 9.46 -101.51
CA ALA ZB 200 29.82 8.65 -102.42
C ALA ZB 200 28.72 7.88 -101.69
N SER ZB 201 27.52 7.88 -102.26
CA SER ZB 201 26.39 7.12 -101.75
C SER ZB 201 26.10 5.89 -102.59
N HIS ZB 202 26.05 6.06 -103.91
CA HIS ZB 202 25.81 4.99 -104.86
C HIS ZB 202 26.26 5.48 -106.22
N GLY ZB 203 26.29 4.58 -107.18
CA GLY ZB 203 26.73 4.90 -108.54
C GLY ZB 203 25.52 4.92 -109.45
N VAL ZB 204 25.48 5.90 -110.36
CA VAL ZB 204 24.42 5.95 -111.37
C VAL ZB 204 25.04 6.20 -112.73
N MET ZB 205 24.55 5.47 -113.74
CA MET ZB 205 24.95 5.57 -115.14
C MET ZB 205 23.99 6.50 -115.89
N PRO ZB 206 24.50 7.33 -116.79
CA PRO ZB 206 23.65 8.22 -117.57
C PRO ZB 206 22.91 7.48 -118.68
N GLN ZB 207 21.97 8.20 -119.29
CA GLN ZB 207 21.19 7.70 -120.42
C GLN ZB 207 21.69 8.34 -121.70
N ALA ZB 208 21.96 7.50 -122.71
CA ALA ZB 208 22.39 7.95 -124.03
C ALA ZB 208 23.65 8.80 -123.96
N GLY AC 11 -79.91 -7.98 -67.84
CA GLY AC 11 -79.94 -6.55 -68.09
C GLY AC 11 -80.97 -5.80 -67.27
N GLN AC 12 -81.47 -4.70 -67.82
CA GLN AC 12 -82.44 -3.86 -67.14
C GLN AC 12 -83.74 -4.62 -66.88
N LEU AC 13 -84.56 -4.05 -66.01
CA LEU AC 13 -85.81 -4.67 -65.57
C LEU AC 13 -87.00 -3.83 -66.04
N TYR AC 14 -88.04 -4.50 -66.51
CA TYR AC 14 -89.27 -3.82 -66.93
C TYR AC 14 -90.47 -4.65 -66.51
N MET AC 15 -91.68 -4.21 -66.85
CA MET AC 15 -92.91 -4.90 -66.43
C MET AC 15 -93.54 -5.59 -67.63
N GLY AC 16 -93.51 -6.93 -67.61
CA GLY AC 16 -94.25 -7.74 -68.54
C GLY AC 16 -95.47 -8.32 -67.84
N GLN AC 17 -96.40 -8.84 -68.65
CA GLN AC 17 -97.66 -9.30 -68.08
C GLN AC 17 -97.48 -10.52 -67.18
N GLN AC 18 -96.35 -11.21 -67.27
CA GLN AC 18 -96.07 -12.28 -66.32
C GLN AC 18 -95.65 -11.71 -64.97
N GLY AC 19 -95.13 -10.49 -64.95
CA GLY AC 19 -94.56 -9.88 -63.78
C GLY AC 19 -93.35 -9.06 -64.19
N PRO AC 20 -92.56 -8.60 -63.22
CA PRO AC 20 -91.30 -7.93 -63.56
C PRO AC 20 -90.36 -8.89 -64.26
N VAL AC 21 -89.86 -8.47 -65.43
CA VAL AC 21 -89.12 -9.33 -66.33
C VAL AC 21 -87.84 -8.64 -66.78
N GLN AC 22 -86.78 -9.43 -66.92
CA GLN AC 22 -85.47 -8.91 -67.30
C GLN AC 22 -85.38 -8.77 -68.81
N SER AC 23 -84.98 -7.60 -69.27
CA SER AC 23 -84.77 -7.38 -70.69
C SER AC 23 -83.59 -8.20 -71.18
N SER AC 24 -83.69 -8.68 -72.42
CA SER AC 24 -82.67 -9.59 -72.95
C SER AC 24 -82.37 -9.28 -74.41
N ARG AC 25 -81.10 -9.46 -74.78
CA ARG AC 25 -80.61 -9.16 -76.11
C ARG AC 25 -80.00 -10.43 -76.70
N THR AC 26 -80.61 -10.94 -77.77
CA THR AC 26 -80.20 -12.23 -78.32
C THR AC 26 -79.94 -12.13 -79.83
N THR AC 27 -79.15 -13.07 -80.32
CA THR AC 27 -78.88 -13.21 -81.75
C THR AC 27 -79.85 -14.16 -82.43
N PHE AC 28 -80.90 -14.57 -81.72
CA PHE AC 28 -81.86 -15.52 -82.24
C PHE AC 28 -82.70 -14.89 -83.35
N GLY AC 29 -82.79 -15.58 -84.49
CA GLY AC 29 -83.66 -15.15 -85.57
C GLY AC 29 -83.09 -14.11 -86.51
N VAL AC 30 -81.78 -13.95 -86.56
CA VAL AC 30 -81.12 -13.01 -87.47
C VAL AC 30 -80.25 -13.81 -88.42
N ASN AC 31 -80.60 -13.77 -89.72
CA ASN AC 31 -79.86 -14.48 -90.75
C ASN AC 31 -78.86 -13.53 -91.39
N PRO AC 32 -77.58 -13.61 -91.06
CA PRO AC 32 -76.58 -12.75 -91.71
C PRO AC 32 -75.87 -13.37 -92.92
N ASP AC 33 -76.32 -14.54 -93.39
CA ASP AC 33 -75.73 -15.16 -94.57
C ASP AC 33 -75.67 -14.16 -95.72
N ARG AC 34 -74.59 -14.22 -96.49
CA ARG AC 34 -74.39 -13.32 -97.62
C ARG AC 34 -74.32 -14.11 -98.93
N GLN AC 35 -74.65 -13.40 -100.00
CA GLN AC 35 -74.63 -13.93 -101.36
C GLN AC 35 -73.28 -13.60 -101.98
N ALA AC 36 -72.68 -14.58 -102.63
CA ALA AC 36 -71.35 -14.40 -103.20
C ALA AC 36 -71.36 -13.35 -104.29
N ASN AC 37 -70.25 -12.61 -104.39
CA ASN AC 37 -70.10 -11.58 -105.41
C ASN AC 37 -69.71 -12.26 -106.72
N ALA AC 38 -70.72 -12.79 -107.40
CA ALA AC 38 -70.59 -13.56 -108.63
C ALA AC 38 -71.47 -12.99 -109.73
N ARG AC 39 -71.59 -11.67 -109.77
CA ARG AC 39 -72.53 -10.98 -110.64
C ARG AC 39 -71.80 -10.19 -111.70
N PRO AC 40 -71.85 -10.58 -112.97
CA PRO AC 40 -71.26 -9.75 -114.02
C PRO AC 40 -71.93 -8.38 -114.07
N VAL AC 41 -71.12 -7.34 -114.29
CA VAL AC 41 -71.64 -5.97 -114.33
C VAL AC 41 -71.33 -5.36 -115.68
N TYR AC 42 -72.11 -4.34 -116.01
CA TYR AC 42 -71.96 -3.64 -117.27
C TYR AC 42 -70.67 -2.84 -117.28
N LEU AC 43 -69.94 -2.92 -118.39
CA LEU AC 43 -68.70 -2.19 -118.58
C LEU AC 43 -68.89 -1.24 -119.76
N ALA AC 44 -68.85 0.06 -119.49
CA ALA AC 44 -69.16 1.05 -120.51
C ALA AC 44 -68.21 0.90 -121.71
N PRO AC 45 -68.69 1.13 -122.94
CA PRO AC 45 -67.82 1.02 -124.12
C PRO AC 45 -66.94 2.24 -124.32
N ALA AC 46 -67.10 3.29 -123.51
CA ALA AC 46 -66.25 4.47 -123.54
C ALA AC 46 -66.53 5.27 -122.30
N ALA AC 47 -65.59 6.16 -121.97
CA ALA AC 47 -65.67 6.92 -120.72
C ALA AC 47 -65.95 8.38 -121.02
N PRO AC 48 -67.11 8.95 -120.64
CA PRO AC 48 -67.34 10.37 -120.95
C PRO AC 48 -66.75 11.30 -119.91
N MET AC 49 -65.78 12.13 -120.30
CA MET AC 49 -65.22 13.17 -119.44
C MET AC 49 -65.71 14.56 -119.83
N GLU AC 50 -67.01 14.69 -120.15
CA GLU AC 50 -67.48 15.96 -120.72
C GLU AC 50 -67.36 17.13 -119.75
N ASN AC 51 -67.73 16.92 -118.48
CA ASN AC 51 -67.72 18.02 -117.52
C ASN AC 51 -66.34 18.65 -117.39
N THR AC 52 -65.32 17.82 -117.12
CA THR AC 52 -63.97 18.33 -116.89
C THR AC 52 -63.43 19.05 -118.12
N TYR AC 53 -63.69 18.52 -119.31
CA TYR AC 53 -63.09 19.11 -120.51
C TYR AC 53 -63.83 20.37 -120.98
N THR AC 54 -65.14 20.45 -120.77
CA THR AC 54 -65.80 21.73 -120.99
C THR AC 54 -65.28 22.79 -120.02
N TYR AC 55 -65.03 22.43 -118.76
CA TYR AC 55 -64.44 23.44 -117.89
C TYR AC 55 -63.03 23.81 -118.34
N LEU AC 56 -62.26 22.83 -118.84
CA LEU AC 56 -60.91 23.12 -119.31
C LEU AC 56 -60.92 24.01 -120.54
N GLY AC 57 -61.94 23.88 -121.38
CA GLY AC 57 -62.13 24.85 -122.45
C GLY AC 57 -62.51 26.22 -121.91
N SER AC 58 -63.29 26.24 -120.83
CA SER AC 58 -63.68 27.50 -120.21
C SER AC 58 -62.47 28.31 -119.75
N ILE AC 59 -61.55 27.68 -119.01
CA ILE AC 59 -60.42 28.44 -118.48
C ILE AC 59 -59.28 28.51 -119.49
N GLN AC 60 -59.54 28.05 -120.71
CA GLN AC 60 -58.55 28.06 -121.80
C GLN AC 60 -57.35 27.17 -121.49
N PHE AC 61 -57.60 26.05 -120.80
CA PHE AC 61 -56.59 25.02 -120.50
C PHE AC 61 -55.39 25.59 -119.75
N ALA AC 62 -55.65 26.51 -118.83
CA ALA AC 62 -54.56 27.14 -118.10
C ALA AC 62 -55.09 27.69 -116.78
N ALA AC 63 -54.52 27.25 -115.68
CA ALA AC 63 -54.77 27.86 -114.38
C ALA AC 63 -53.43 28.14 -113.73
N GLY AC 64 -53.11 29.43 -113.56
CA GLY AC 64 -51.83 29.80 -112.99
C GLY AC 64 -50.67 29.29 -113.81
N ARG AC 65 -49.82 28.50 -113.17
CA ARG AC 65 -48.64 27.91 -113.79
C ARG AC 65 -48.93 26.54 -114.39
N HIS AC 66 -50.13 25.99 -114.14
CA HIS AC 66 -50.52 24.70 -114.65
C HIS AC 66 -51.14 24.90 -116.03
N ILE AC 67 -50.49 24.38 -117.07
CA ILE AC 67 -51.04 24.44 -118.41
C ILE AC 67 -51.42 23.02 -118.80
N PHE AC 68 -52.59 22.86 -119.41
CA PHE AC 68 -53.11 21.53 -119.68
C PHE AC 68 -53.12 21.24 -121.17
N GLY AC 69 -53.12 19.95 -121.50
CA GLY AC 69 -53.21 19.56 -122.89
C GLY AC 69 -54.64 19.50 -123.38
N GLU AC 70 -54.80 19.71 -124.70
CA GLU AC 70 -56.10 19.58 -125.35
C GLU AC 70 -56.34 18.12 -125.73
N PRO AC 71 -57.45 17.53 -125.31
CA PRO AC 71 -57.68 16.10 -125.55
C PRO AC 71 -57.87 15.78 -127.02
N ALA AC 72 -57.82 14.48 -127.29
CA ALA AC 72 -58.27 13.99 -128.59
C ALA AC 72 -59.78 14.02 -128.69
N SER AC 73 -60.46 13.48 -127.67
CA SER AC 73 -61.90 13.43 -127.64
C SER AC 73 -62.37 13.71 -126.22
N ASN AC 74 -63.57 14.30 -126.11
CA ASN AC 74 -64.21 14.43 -124.81
C ASN AC 74 -64.64 13.09 -124.25
N VAL AC 75 -64.80 12.10 -125.12
CA VAL AC 75 -65.18 10.75 -124.74
C VAL AC 75 -64.05 9.80 -125.09
N LEU AC 76 -63.58 9.03 -124.09
CA LEU AC 76 -62.35 8.24 -124.18
C LEU AC 76 -62.65 6.83 -124.64
N PRO AC 77 -61.88 6.31 -125.60
CA PRO AC 77 -62.10 4.97 -126.10
C PRO AC 77 -61.41 3.94 -125.21
N PRO AC 78 -61.85 2.69 -125.26
CA PRO AC 78 -61.20 1.65 -124.47
C PRO AC 78 -59.76 1.42 -124.93
N GLN AC 79 -58.91 1.05 -123.97
CA GLN AC 79 -57.50 0.77 -124.24
C GLN AC 79 -57.16 -0.71 -124.18
N ASN AC 80 -57.74 -1.47 -123.24
CA ASN AC 80 -57.47 -2.90 -123.13
C ASN AC 80 -58.75 -3.69 -122.90
N ILE AC 81 -59.89 -3.17 -123.37
CA ILE AC 81 -61.18 -3.81 -123.19
C ILE AC 81 -61.68 -4.27 -124.55
N VAL AC 82 -62.18 -5.50 -124.60
CA VAL AC 82 -62.70 -6.03 -125.86
C VAL AC 82 -64.09 -6.56 -125.59
N PRO AC 83 -65.05 -6.29 -126.48
CA PRO AC 83 -66.42 -6.75 -126.25
C PRO AC 83 -66.45 -8.26 -126.13
N GLY AC 84 -67.21 -8.74 -125.13
CA GLY AC 84 -67.38 -10.16 -124.93
C GLY AC 84 -66.25 -10.83 -124.19
N VAL AC 85 -65.22 -10.10 -123.76
CA VAL AC 85 -64.13 -10.67 -122.99
C VAL AC 85 -64.24 -10.10 -121.57
N PRO AC 86 -64.40 -10.94 -120.55
CA PRO AC 86 -64.55 -10.41 -119.18
C PRO AC 86 -63.22 -10.05 -118.57
N THR AC 87 -63.16 -8.86 -117.97
CA THR AC 87 -61.95 -8.35 -117.33
C THR AC 87 -62.33 -7.81 -115.96
N LYS AC 88 -61.36 -7.82 -115.05
CA LYS AC 88 -61.50 -7.17 -113.76
C LYS AC 88 -60.79 -5.82 -113.74
N HIS AC 89 -60.12 -5.46 -114.83
CA HIS AC 89 -59.42 -4.19 -114.94
C HIS AC 89 -59.54 -3.68 -116.37
N GLY AC 90 -60.02 -2.44 -116.51
CA GLY AC 90 -60.21 -1.84 -117.81
C GLY AC 90 -59.76 -0.39 -117.87
N GLU AC 91 -59.15 0.01 -118.98
CA GLU AC 91 -58.59 1.35 -119.10
C GLU AC 91 -59.13 2.04 -120.34
N TYR AC 92 -59.42 3.32 -120.21
CA TYR AC 92 -59.72 4.21 -121.32
C TYR AC 92 -58.68 5.31 -121.37
N VAL AC 93 -58.36 5.79 -122.56
CA VAL AC 93 -57.26 6.74 -122.71
C VAL AC 93 -57.47 7.60 -123.94
N THR AC 94 -57.10 8.89 -123.85
CA THR AC 94 -56.80 9.66 -125.06
C THR AC 94 -55.44 10.33 -124.90
N THR AC 95 -55.03 11.09 -125.91
CA THR AC 95 -53.72 11.75 -125.87
C THR AC 95 -53.91 13.25 -125.98
N ASN AC 96 -53.60 13.97 -124.90
CA ASN AC 96 -53.57 15.42 -124.90
C ASN AC 96 -52.41 15.91 -125.77
N THR AC 97 -52.67 16.98 -126.54
CA THR AC 97 -51.65 17.66 -127.33
C THR AC 97 -51.74 19.16 -127.09
N GLY AC 98 -50.73 19.89 -127.58
CA GLY AC 98 -50.71 21.33 -127.34
C GLY AC 98 -49.52 21.95 -128.04
N ASP AC 99 -49.53 23.28 -128.07
CA ASP AC 99 -48.48 24.05 -128.71
C ASP AC 99 -47.19 23.94 -127.91
N ARG AC 100 -46.14 23.42 -128.55
CA ARG AC 100 -44.85 23.21 -127.92
C ARG AC 100 -44.96 22.33 -126.67
N LEU AC 101 -45.88 21.35 -126.71
CA LEU AC 101 -46.07 20.38 -125.65
C LEU AC 101 -45.91 18.99 -126.22
N MET AC 102 -45.06 18.18 -125.60
CA MET AC 102 -44.98 16.78 -126.00
C MET AC 102 -46.25 16.07 -125.58
N ALA AC 103 -46.91 15.42 -126.55
CA ALA AC 103 -48.22 14.83 -126.31
C ALA AC 103 -48.16 13.79 -125.20
N SER AC 104 -49.20 13.77 -124.38
CA SER AC 104 -49.21 12.98 -123.15
C SER AC 104 -50.61 12.45 -122.90
N SER AC 105 -50.70 11.20 -122.45
CA SER AC 105 -51.98 10.52 -122.34
C SER AC 105 -52.72 10.91 -121.06
N THR AC 106 -54.03 10.96 -121.16
CA THR AC 106 -54.92 11.09 -120.00
C THR AC 106 -55.71 9.78 -119.86
N THR AC 107 -55.80 9.27 -118.63
CA THR AC 107 -56.21 7.88 -118.38
C THR AC 107 -57.36 7.79 -117.39
N VAL AC 108 -58.26 6.83 -117.65
CA VAL AC 108 -59.41 6.55 -116.80
C VAL AC 108 -59.42 5.06 -116.55
N THR AC 109 -59.19 4.65 -115.30
CA THR AC 109 -59.02 3.26 -114.92
C THR AC 109 -60.22 2.78 -114.10
N ARG AC 110 -60.69 1.57 -114.40
CA ARG AC 110 -61.82 0.96 -113.68
C ARG AC 110 -61.42 -0.43 -113.24
N ASP AC 111 -61.49 -0.68 -111.93
CA ASP AC 111 -61.18 -1.96 -111.32
C ASP AC 111 -62.43 -2.52 -110.67
N VAL AC 112 -62.82 -3.72 -111.06
CA VAL AC 112 -64.04 -4.36 -110.54
C VAL AC 112 -63.64 -5.70 -109.95
N SER AC 113 -63.53 -5.79 -108.62
CA SER AC 113 -63.15 -7.02 -107.95
C SER AC 113 -63.92 -7.21 -106.66
N ASN AC 114 -64.50 -8.39 -106.49
CA ASN AC 114 -65.09 -8.82 -105.23
C ASN AC 114 -66.11 -7.84 -104.68
N GLY AC 115 -66.97 -7.34 -105.55
CA GLY AC 115 -68.00 -6.39 -105.16
C GLY AC 115 -67.54 -4.96 -105.01
N ARG AC 116 -66.28 -4.68 -105.25
CA ARG AC 116 -65.72 -3.35 -105.09
C ARG AC 116 -65.43 -2.80 -106.48
N THR AC 117 -66.12 -1.71 -106.83
CA THR AC 117 -65.89 -1.01 -108.09
C THR AC 117 -65.11 0.26 -107.79
N LYS AC 118 -64.03 0.51 -108.53
CA LYS AC 118 -63.23 1.73 -108.32
C LYS AC 118 -62.82 2.35 -109.64
N VAL AC 119 -63.15 3.62 -109.81
CA VAL AC 119 -62.84 4.41 -111.00
C VAL AC 119 -61.88 5.52 -110.60
N SER AC 120 -60.77 5.64 -111.33
CA SER AC 120 -59.76 6.67 -111.09
C SER AC 120 -59.48 7.43 -112.38
N ILE AC 121 -59.27 8.74 -112.26
CA ILE AC 121 -59.00 9.62 -113.38
C ILE AC 121 -57.68 10.34 -113.13
N ASP AC 122 -56.77 10.28 -114.10
CA ASP AC 122 -55.45 10.90 -113.99
C ASP AC 122 -55.22 11.74 -115.24
N ILE AC 123 -55.07 13.05 -115.05
CA ILE AC 123 -54.80 14.00 -116.13
C ILE AC 123 -53.48 14.70 -115.83
N PRO AC 124 -52.56 14.76 -116.79
CA PRO AC 124 -51.29 15.45 -116.58
C PRO AC 124 -51.39 16.94 -116.87
N TYR AC 125 -50.35 17.67 -116.43
CA TYR AC 125 -50.21 19.09 -116.72
C TYR AC 125 -48.75 19.40 -116.99
N TYR AC 126 -48.50 20.64 -117.42
CA TYR AC 126 -47.16 21.08 -117.83
C TYR AC 126 -46.85 22.43 -117.19
N ASP AC 127 -45.56 22.77 -117.25
CA ASP AC 127 -44.98 23.96 -116.63
C ASP AC 127 -45.18 25.17 -117.53
N ARG AC 128 -46.17 26.01 -117.20
CA ARG AC 128 -46.44 27.16 -118.05
C ARG AC 128 -45.28 28.15 -118.06
N ASN AC 129 -44.53 28.25 -116.96
CA ASN AC 129 -43.34 29.10 -116.97
C ASN AC 129 -42.38 28.67 -118.08
N ALA AC 130 -42.13 27.37 -118.18
CA ALA AC 130 -41.26 26.85 -119.24
C ALA AC 130 -41.88 27.05 -120.62
N VAL AC 131 -43.19 26.78 -120.77
CA VAL AC 131 -43.80 26.86 -122.08
C VAL AC 131 -43.80 28.29 -122.61
N GLU AC 132 -44.14 29.25 -121.76
CA GLU AC 132 -44.13 30.65 -122.18
C GLU AC 132 -42.72 31.19 -122.34
N THR AC 133 -41.73 30.63 -121.62
CA THR AC 133 -40.34 30.96 -121.93
C THR AC 133 -39.99 30.53 -123.35
N LEU AC 134 -40.39 29.30 -123.71
CA LEU AC 134 -40.19 28.80 -125.07
C LEU AC 134 -40.82 29.72 -126.11
N LYS AC 135 -42.09 30.08 -125.92
CA LYS AC 135 -42.75 30.94 -126.90
C LYS AC 135 -42.10 32.32 -126.96
N ALA AC 136 -41.83 32.91 -125.80
CA ALA AC 136 -41.42 34.32 -125.75
C ALA AC 136 -40.02 34.54 -126.32
N SER AC 137 -39.06 33.69 -125.97
CA SER AC 137 -37.72 33.88 -126.51
C SER AC 137 -37.46 33.05 -127.77
N ALA AC 138 -38.52 32.48 -128.36
CA ALA AC 138 -38.47 31.80 -129.67
C ALA AC 138 -37.47 30.65 -129.68
N ILE AC 139 -37.51 29.83 -128.63
CA ILE AC 139 -36.69 28.62 -128.52
C ILE AC 139 -37.42 27.50 -129.26
N PRO AC 140 -36.74 26.53 -129.86
CA PRO AC 140 -37.43 25.50 -130.65
C PRO AC 140 -37.85 24.24 -129.90
N GLY AC 141 -37.53 24.08 -128.62
CA GLY AC 141 -37.84 22.84 -127.92
C GLY AC 141 -39.30 22.75 -127.47
N ALA AC 142 -39.61 21.62 -126.81
CA ALA AC 142 -40.92 21.36 -126.22
C ALA AC 142 -40.76 20.93 -124.77
N VAL AC 143 -41.87 20.91 -124.04
CA VAL AC 143 -41.91 20.56 -122.63
C VAL AC 143 -42.66 19.24 -122.45
N ALA AC 144 -42.14 18.40 -121.57
CA ALA AC 144 -42.75 17.16 -121.13
C ALA AC 144 -43.62 17.43 -119.90
N PRO AC 145 -44.59 16.56 -119.61
CA PRO AC 145 -45.46 16.79 -118.45
C PRO AC 145 -44.66 16.93 -117.17
N VAL AC 146 -45.19 17.72 -116.26
CA VAL AC 146 -44.52 18.06 -115.02
C VAL AC 146 -45.16 17.41 -113.80
N GLY AC 147 -46.46 17.16 -113.84
CA GLY AC 147 -47.14 16.43 -112.79
C GLY AC 147 -48.53 16.03 -113.25
N SER AC 148 -49.35 15.62 -112.30
CA SER AC 148 -50.71 15.22 -112.64
C SER AC 148 -51.66 15.57 -111.51
N PHE AC 149 -52.96 15.41 -111.80
CA PHE AC 149 -54.02 15.42 -110.81
C PHE AC 149 -54.85 14.16 -110.96
N LYS AC 150 -55.29 13.63 -109.81
CA LYS AC 150 -55.99 12.35 -109.75
C LYS AC 150 -57.21 12.44 -108.85
N VAL AC 151 -58.28 11.78 -109.30
CA VAL AC 151 -59.54 11.71 -108.58
C VAL AC 151 -60.00 10.25 -108.56
N ASN AC 152 -60.28 9.73 -107.36
CA ASN AC 152 -60.69 8.34 -107.17
C ASN AC 152 -62.10 8.27 -106.63
N VAL AC 153 -62.84 7.26 -107.06
CA VAL AC 153 -64.20 7.03 -106.62
C VAL AC 153 -64.38 5.52 -106.44
N GLU AC 154 -65.02 5.13 -105.34
CA GLU AC 154 -65.02 3.74 -104.90
C GLU AC 154 -66.40 3.38 -104.35
N VAL AC 155 -66.94 2.26 -104.79
CA VAL AC 155 -68.24 1.78 -104.37
C VAL AC 155 -68.05 0.38 -103.81
N LEU AC 156 -68.27 0.24 -102.50
CA LEU AC 156 -68.12 -1.04 -101.82
C LEU AC 156 -69.50 -1.68 -101.75
N GLY AC 157 -69.81 -2.51 -102.73
CA GLY AC 157 -71.15 -3.07 -102.86
C GLY AC 157 -71.18 -4.55 -102.60
N GLY AC 158 -70.18 -5.03 -101.86
CA GLY AC 158 -70.13 -6.44 -101.56
C GLY AC 158 -71.11 -6.84 -100.48
N GLY AC 159 -71.32 -8.15 -100.38
CA GLY AC 159 -72.06 -8.70 -99.26
C GLY AC 159 -73.53 -8.35 -99.27
N VAL AC 160 -74.20 -8.68 -100.36
CA VAL AC 160 -75.65 -8.62 -100.36
C VAL AC 160 -76.21 -9.85 -99.65
N LEU AC 161 -77.40 -9.70 -99.07
CA LEU AC 161 -78.02 -10.76 -98.30
C LEU AC 161 -78.55 -11.86 -99.24
N THR AC 162 -78.89 -13.01 -98.64
CA THR AC 162 -79.16 -14.21 -99.43
C THR AC 162 -80.50 -14.12 -100.17
N GLY AC 163 -81.50 -13.52 -99.53
CA GLY AC 163 -82.79 -13.35 -100.13
C GLY AC 163 -82.92 -12.16 -101.04
N THR AC 164 -81.82 -11.52 -101.39
CA THR AC 164 -81.86 -10.38 -102.30
C THR AC 164 -82.26 -10.87 -103.70
N ASP AC 165 -83.44 -10.45 -104.14
CA ASP AC 165 -83.97 -10.87 -105.42
C ASP AC 165 -83.10 -10.32 -106.55
N ALA AC 166 -83.04 -11.08 -107.65
CA ALA AC 166 -82.35 -10.59 -108.84
C ALA AC 166 -82.85 -9.22 -109.25
N ASN AC 167 -84.16 -8.99 -109.16
CA ASN AC 167 -84.74 -7.69 -109.49
C ASN AC 167 -84.32 -6.62 -108.49
N ALA AC 168 -84.27 -6.97 -107.21
CA ALA AC 168 -83.93 -5.98 -106.19
C ALA AC 168 -82.47 -5.57 -106.22
N GLN AC 169 -81.61 -6.35 -106.86
CA GLN AC 169 -80.21 -5.93 -106.99
C GLN AC 169 -80.10 -4.71 -107.88
N PHE AC 170 -81.04 -4.53 -108.80
CA PHE AC 170 -81.04 -3.30 -109.61
C PHE AC 170 -81.40 -2.10 -108.74
N ALA AC 171 -82.38 -2.27 -107.85
CA ALA AC 171 -82.72 -1.20 -106.93
C ALA AC 171 -81.53 -0.83 -106.07
N LEU AC 172 -80.78 -1.85 -105.61
CA LEU AC 172 -79.58 -1.58 -104.84
C LEU AC 172 -78.53 -0.85 -105.69
N ASP AC 173 -78.44 -1.23 -106.97
CA ASP AC 173 -77.55 -0.53 -107.90
C ASP AC 173 -77.82 0.96 -107.88
N GLU AC 174 -79.10 1.33 -108.07
CA GLU AC 174 -79.45 2.74 -108.14
C GLU AC 174 -79.24 3.41 -106.79
N LEU AC 175 -79.49 2.71 -105.68
CA LEU AC 175 -79.21 3.29 -104.37
C LEU AC 175 -77.75 3.68 -104.24
N LEU AC 176 -76.84 2.77 -104.62
CA LEU AC 176 -75.42 3.08 -104.54
C LEU AC 176 -75.04 4.24 -105.46
N SER AC 177 -75.63 4.29 -106.65
CA SER AC 177 -75.28 5.40 -107.56
C SER AC 177 -75.74 6.75 -106.99
N ASN AC 178 -76.88 6.76 -106.30
CA ASN AC 178 -77.32 8.01 -105.66
C ASN AC 178 -76.42 8.40 -104.49
N MET AC 179 -75.92 7.42 -103.74
CA MET AC 179 -74.92 7.73 -102.72
C MET AC 179 -73.67 8.32 -103.36
N LEU AC 180 -73.30 7.80 -104.54
CA LEU AC 180 -72.17 8.36 -105.29
C LEU AC 180 -72.37 9.84 -105.58
N MET AC 181 -73.53 10.18 -106.14
CA MET AC 181 -73.82 11.59 -106.44
C MET AC 181 -73.75 12.45 -105.19
N ASP AC 182 -74.38 11.99 -104.10
CA ASP AC 182 -74.34 12.75 -102.86
C ASP AC 182 -72.91 12.93 -102.36
N ALA AC 183 -72.07 11.91 -102.54
CA ALA AC 183 -70.70 11.99 -102.06
C ALA AC 183 -69.89 13.02 -102.84
N ALA AC 184 -70.02 13.04 -104.17
CA ALA AC 184 -69.30 14.04 -104.93
C ALA AC 184 -69.80 15.45 -104.62
N ARG AC 185 -71.12 15.60 -104.41
CA ARG AC 185 -71.63 16.92 -104.06
C ARG AC 185 -71.07 17.38 -102.73
N ILE AC 186 -71.00 16.47 -101.74
CA ILE AC 186 -70.43 16.83 -100.44
C ILE AC 186 -68.94 17.11 -100.57
N ALA AC 187 -68.27 16.46 -101.51
CA ALA AC 187 -66.85 16.65 -101.70
C ALA AC 187 -66.55 18.05 -102.23
N GLN AC 188 -67.32 18.53 -103.21
CA GLN AC 188 -67.05 19.83 -103.80
C GLN AC 188 -67.94 20.94 -103.25
N ASP AC 189 -68.78 20.64 -102.28
CA ASP AC 189 -69.72 21.61 -101.75
C ASP AC 189 -68.95 22.79 -101.16
N GLY AC 190 -69.45 23.99 -101.42
CA GLY AC 190 -68.87 25.18 -100.85
C GLY AC 190 -68.86 26.33 -101.81
N PRO AC 191 -68.72 27.55 -101.29
CA PRO AC 191 -68.63 28.72 -102.16
C PRO AC 191 -67.35 28.66 -102.96
N LYS AC 192 -67.41 29.18 -104.17
CA LYS AC 192 -66.24 29.30 -105.04
C LYS AC 192 -65.44 30.56 -104.74
N ASN AC 193 -65.90 31.38 -103.77
CA ASN AC 193 -65.12 32.51 -103.31
C ASN AC 193 -63.96 32.07 -102.42
N THR AC 194 -64.04 30.87 -101.84
CA THR AC 194 -63.11 30.44 -100.82
C THR AC 194 -62.46 29.11 -101.21
N ALA AC 195 -61.25 28.90 -100.68
CA ALA AC 195 -60.47 27.71 -100.98
C ALA AC 195 -61.19 26.45 -100.51
N ARG AC 196 -61.21 25.41 -101.35
CA ARG AC 196 -61.83 24.18 -100.87
C ARG AC 196 -61.17 22.85 -101.24
N LEU AC 197 -60.32 22.77 -102.28
CA LEU AC 197 -59.79 21.44 -102.62
C LEU AC 197 -58.26 21.29 -102.65
N VAL AC 198 -57.56 22.10 -103.46
CA VAL AC 198 -56.15 21.81 -103.74
C VAL AC 198 -55.28 22.34 -102.62
N ALA AC 199 -54.10 21.73 -102.49
CA ALA AC 199 -53.10 22.13 -101.50
C ALA AC 199 -53.68 22.11 -100.09
N ALA AC 200 -54.70 21.27 -99.88
CA ALA AC 200 -55.45 21.27 -98.63
C ALA AC 200 -54.54 20.91 -97.45
N SER AC 201 -54.68 21.67 -96.37
CA SER AC 201 -53.96 21.44 -95.13
C SER AC 201 -54.87 20.90 -94.03
N HIS AC 202 -56.02 21.54 -93.83
CA HIS AC 202 -57.03 21.11 -92.88
C HIS AC 202 -58.34 21.79 -93.27
N GLY AC 203 -59.42 21.41 -92.59
CA GLY AC 203 -60.72 22.00 -92.82
C GLY AC 203 -61.07 23.00 -91.73
N VAL AC 204 -61.72 24.09 -92.13
CA VAL AC 204 -62.20 25.06 -91.15
C VAL AC 204 -63.60 25.48 -91.53
N MET AC 205 -64.61 24.98 -90.80
CA MET AC 205 -65.97 25.38 -91.11
C MET AC 205 -66.28 26.74 -90.48
N PRO AC 206 -66.97 27.63 -91.19
CA PRO AC 206 -67.14 29.01 -90.71
C PRO AC 206 -68.19 29.09 -89.61
N GLN AC 207 -68.00 30.09 -88.74
CA GLN AC 207 -68.92 30.29 -87.62
C GLN AC 207 -70.29 30.75 -88.11
N ALA AC 208 -70.31 31.67 -89.06
CA ALA AC 208 -71.55 32.15 -89.64
C ALA AC 208 -71.22 32.79 -90.99
N PRO BC 20 -16.92 7.69 -118.34
CA PRO BC 20 -18.17 7.03 -118.71
C PRO BC 20 -19.17 7.97 -119.39
N VAL BC 21 -19.47 7.70 -120.66
CA VAL BC 21 -20.39 8.50 -121.46
C VAL BC 21 -21.77 7.85 -121.37
N GLN BC 22 -22.77 8.61 -120.95
CA GLN BC 22 -24.12 8.09 -120.77
C GLN BC 22 -25.10 8.77 -121.74
N SER BC 23 -26.13 8.03 -122.12
CA SER BC 23 -27.12 8.53 -123.07
C SER BC 23 -28.36 9.01 -122.32
N SER BC 24 -29.05 9.98 -122.92
CA SER BC 24 -30.23 10.56 -122.28
C SER BC 24 -31.22 11.09 -123.33
N ARG BC 25 -32.44 11.32 -122.83
CA ARG BC 25 -33.56 11.83 -123.61
C ARG BC 25 -33.99 13.17 -123.01
N THR BC 26 -33.80 14.25 -123.76
CA THR BC 26 -33.93 15.58 -123.21
C THR BC 26 -35.21 16.26 -123.68
N THR BC 27 -35.84 17.00 -122.77
CA THR BC 27 -36.80 18.03 -123.14
C THR BC 27 -36.42 19.31 -122.42
N PHE BC 28 -36.89 20.44 -122.94
CA PHE BC 28 -36.60 21.71 -122.30
C PHE BC 28 -37.36 21.82 -120.99
N GLY BC 29 -36.73 22.49 -120.02
CA GLY BC 29 -37.36 22.74 -118.75
C GLY BC 29 -36.43 22.52 -117.58
N VAL BC 30 -37.02 22.65 -116.38
CA VAL BC 30 -36.36 22.33 -115.13
C VAL BC 30 -37.39 21.64 -114.26
N ASN BC 31 -36.94 20.69 -113.46
CA ASN BC 31 -37.80 20.08 -112.46
C ASN BC 31 -38.45 21.17 -111.61
N PRO BC 32 -39.77 21.13 -111.43
CA PRO BC 32 -40.48 22.31 -110.95
C PRO BC 32 -40.26 22.51 -109.46
N ASP BC 33 -40.61 23.71 -109.01
CA ASP BC 33 -40.66 24.02 -107.60
C ASP BC 33 -42.10 23.86 -107.13
N ARG BC 34 -42.35 22.89 -106.26
CA ARG BC 34 -43.68 22.64 -105.76
C ARG BC 34 -43.98 23.48 -104.53
N GLN BC 35 -45.26 23.84 -104.39
CA GLN BC 35 -45.71 24.62 -103.25
C GLN BC 35 -46.16 23.68 -102.14
N ALA BC 36 -45.90 24.07 -100.90
CA ALA BC 36 -46.29 23.26 -99.75
C ALA BC 36 -47.82 23.23 -99.63
N ASN BC 37 -48.32 22.15 -99.04
CA ASN BC 37 -49.77 21.96 -98.88
C ASN BC 37 -50.26 22.64 -97.59
N ALA BC 38 -50.10 23.97 -97.56
CA ALA BC 38 -50.40 24.77 -96.37
C ALA BC 38 -51.66 25.61 -96.55
N ARG BC 39 -52.58 25.16 -97.38
CA ARG BC 39 -53.76 25.94 -97.72
C ARG BC 39 -54.98 25.40 -96.99
N PRO BC 40 -55.46 26.06 -95.94
CA PRO BC 40 -56.68 25.60 -95.27
C PRO BC 40 -57.89 25.79 -96.17
N VAL BC 41 -58.83 24.84 -96.07
CA VAL BC 41 -59.95 24.76 -97.00
C VAL BC 41 -61.26 24.86 -96.23
N TYR BC 42 -62.32 25.09 -97.01
CA TYR BC 42 -63.66 25.21 -96.48
C TYR BC 42 -64.18 23.85 -96.06
N LEU BC 43 -64.98 23.86 -94.99
CA LEU BC 43 -65.56 22.67 -94.43
C LEU BC 43 -67.06 22.92 -94.29
N ALA BC 44 -67.87 22.08 -94.92
CA ALA BC 44 -69.30 22.32 -94.94
C ALA BC 44 -69.88 22.29 -93.52
N PRO BC 45 -70.77 23.23 -93.16
CA PRO BC 45 -71.40 23.19 -91.83
C PRO BC 45 -72.48 22.12 -91.70
N ALA BC 46 -72.74 21.37 -92.77
CA ALA BC 46 -73.65 20.22 -92.79
C ALA BC 46 -73.46 19.49 -94.11
N ALA BC 47 -73.85 18.21 -94.11
CA ALA BC 47 -73.66 17.36 -95.30
C ALA BC 47 -75.00 17.06 -95.91
N PRO BC 48 -75.30 17.47 -97.16
CA PRO BC 48 -76.60 17.13 -97.73
C PRO BC 48 -76.58 15.75 -98.36
N MET BC 49 -77.57 14.93 -98.04
CA MET BC 49 -77.74 13.60 -98.62
C MET BC 49 -79.08 13.47 -99.30
N GLU BC 50 -79.49 14.51 -100.04
CA GLU BC 50 -80.85 14.55 -100.57
C GLU BC 50 -81.08 13.48 -101.63
N ASN BC 51 -80.12 13.26 -102.54
CA ASN BC 51 -80.31 12.32 -103.64
C ASN BC 51 -80.61 10.91 -103.13
N THR BC 52 -79.74 10.39 -102.26
CA THR BC 52 -79.89 9.03 -101.79
C THR BC 52 -81.15 8.83 -100.95
N TYR BC 53 -81.51 9.83 -100.13
CA TYR BC 53 -82.66 9.65 -99.25
C TYR BC 53 -83.99 9.83 -99.99
N THR BC 54 -84.03 10.69 -101.01
CA THR BC 54 -85.21 10.69 -101.86
C THR BC 54 -85.36 9.36 -102.60
N TYR BC 55 -84.24 8.77 -103.05
CA TYR BC 55 -84.39 7.46 -103.69
C TYR BC 55 -84.85 6.40 -102.69
N LEU BC 56 -84.34 6.47 -101.45
CA LEU BC 56 -84.80 5.52 -100.43
C LEU BC 56 -86.29 5.67 -100.16
N GLY BC 57 -86.79 6.91 -100.14
CA GLY BC 57 -88.22 7.11 -100.10
C GLY BC 57 -88.91 6.49 -101.30
N SER BC 58 -88.27 6.55 -102.47
CA SER BC 58 -88.84 5.96 -103.67
C SER BC 58 -89.08 4.46 -103.50
N ILE BC 59 -88.05 3.73 -103.08
CA ILE BC 59 -88.19 2.27 -103.01
C ILE BC 59 -88.86 1.85 -101.70
N GLN BC 60 -89.32 2.83 -100.92
CA GLN BC 60 -89.98 2.58 -99.64
C GLN BC 60 -89.04 1.86 -98.67
N PHE BC 61 -87.75 2.21 -98.72
CA PHE BC 61 -86.74 1.78 -97.74
C PHE BC 61 -86.59 0.26 -97.69
N ALA BC 62 -86.73 -0.40 -98.83
CA ALA BC 62 -86.63 -1.85 -98.82
C ALA BC 62 -86.18 -2.33 -100.20
N ALA BC 63 -85.32 -3.35 -100.19
CA ALA BC 63 -84.85 -3.98 -101.41
C ALA BC 63 -84.26 -5.33 -101.05
N GLY BC 64 -84.71 -6.38 -101.73
CA GLY BC 64 -84.27 -7.71 -101.35
C GLY BC 64 -84.77 -7.98 -99.95
N ARG BC 65 -83.90 -8.52 -99.09
CA ARG BC 65 -84.20 -8.54 -97.67
C ARG BC 65 -83.34 -7.53 -96.90
N HIS BC 66 -82.81 -6.53 -97.60
CA HIS BC 66 -82.30 -5.34 -96.94
C HIS BC 66 -83.45 -4.39 -96.64
N ILE BC 67 -83.59 -3.99 -95.39
CA ILE BC 67 -84.51 -2.91 -95.04
C ILE BC 67 -83.70 -1.81 -94.38
N PHE BC 68 -84.00 -0.56 -94.72
CA PHE BC 68 -83.24 0.58 -94.25
C PHE BC 68 -84.08 1.41 -93.28
N GLY BC 69 -83.41 2.31 -92.57
CA GLY BC 69 -84.07 3.16 -91.62
C GLY BC 69 -84.38 4.54 -92.19
N GLU BC 70 -85.43 5.14 -91.67
CA GLU BC 70 -85.76 6.52 -92.03
C GLU BC 70 -84.86 7.48 -91.26
N PRO BC 71 -84.24 8.45 -91.94
CA PRO BC 71 -83.34 9.38 -91.25
C PRO BC 71 -84.11 10.40 -90.44
N ALA BC 72 -83.36 11.14 -89.63
CA ALA BC 72 -83.95 12.29 -88.97
C ALA BC 72 -84.01 13.48 -89.91
N SER BC 73 -82.92 13.75 -90.61
CA SER BC 73 -82.83 14.87 -91.53
C SER BC 73 -82.18 14.40 -92.82
N ASN BC 74 -82.65 14.98 -93.94
CA ASN BC 74 -81.98 14.78 -95.22
C ASN BC 74 -80.61 15.43 -95.22
N VAL BC 75 -80.43 16.45 -94.39
CA VAL BC 75 -79.14 17.13 -94.23
C VAL BC 75 -78.62 16.80 -92.84
N LEU BC 76 -77.41 16.19 -92.82
CA LEU BC 76 -76.70 15.66 -91.64
C LEU BC 76 -75.93 16.77 -90.94
N PRO BC 77 -76.20 16.99 -89.65
CA PRO BC 77 -75.45 17.99 -88.89
C PRO BC 77 -74.08 17.47 -88.51
N PRO BC 78 -73.15 18.36 -88.15
CA PRO BC 78 -71.82 17.91 -87.70
C PRO BC 78 -71.86 17.38 -86.27
N GLN BC 79 -71.08 16.32 -86.02
CA GLN BC 79 -71.01 15.72 -84.70
C GLN BC 79 -69.79 16.13 -83.90
N ASN BC 80 -68.63 16.27 -84.56
CA ASN BC 80 -67.38 16.56 -83.87
C ASN BC 80 -66.62 17.71 -84.52
N ILE BC 81 -67.32 18.67 -85.11
CA ILE BC 81 -66.67 19.77 -85.81
C ILE BC 81 -67.09 21.06 -85.12
N VAL BC 82 -66.19 21.62 -84.33
CA VAL BC 82 -66.43 22.94 -83.76
C VAL BC 82 -66.15 24.00 -84.82
N PRO BC 83 -66.94 25.06 -84.92
CA PRO BC 83 -66.65 26.07 -85.94
C PRO BC 83 -65.44 26.87 -85.58
N GLY BC 84 -64.65 27.22 -86.60
CA GLY BC 84 -63.46 27.99 -86.37
C GLY BC 84 -62.32 27.19 -85.79
N VAL BC 85 -62.48 25.88 -85.65
CA VAL BC 85 -61.44 25.02 -85.11
C VAL BC 85 -60.91 24.18 -86.26
N PRO BC 86 -59.62 24.28 -86.59
CA PRO BC 86 -59.07 23.42 -87.65
C PRO BC 86 -59.17 21.96 -87.26
N THR BC 87 -59.72 21.16 -88.17
CA THR BC 87 -59.89 19.72 -87.94
C THR BC 87 -59.47 19.01 -89.22
N LYS BC 88 -58.62 17.99 -89.09
CA LYS BC 88 -58.22 17.17 -90.22
C LYS BC 88 -59.12 15.97 -90.41
N HIS BC 89 -60.10 15.80 -89.52
CA HIS BC 89 -61.04 14.70 -89.62
C HIS BC 89 -62.35 15.12 -88.93
N GLY BC 90 -63.46 14.89 -89.63
CA GLY BC 90 -64.76 15.33 -89.12
C GLY BC 90 -65.87 14.43 -89.60
N GLU BC 91 -66.95 14.41 -88.83
CA GLU BC 91 -68.04 13.48 -89.09
C GLU BC 91 -69.38 14.18 -88.97
N TYR BC 92 -70.24 13.98 -89.95
CA TYR BC 92 -71.65 14.34 -89.86
C TYR BC 92 -72.44 13.06 -89.68
N VAL BC 93 -73.50 13.11 -88.87
CA VAL BC 93 -74.20 11.88 -88.54
C VAL BC 93 -75.67 12.20 -88.26
N THR BC 94 -76.55 11.38 -88.80
CA THR BC 94 -77.95 11.49 -88.39
C THR BC 94 -78.50 10.12 -88.03
N THR BC 95 -79.49 10.12 -87.16
CA THR BC 95 -79.97 8.88 -86.60
C THR BC 95 -81.07 8.31 -87.49
N ASN BC 96 -81.09 6.98 -87.62
CA ASN BC 96 -82.05 6.21 -88.43
C ASN BC 96 -82.99 5.53 -87.45
N THR BC 97 -84.30 5.68 -87.67
CA THR BC 97 -85.30 5.02 -86.84
C THR BC 97 -86.25 4.24 -87.75
N GLY BC 98 -87.01 3.33 -87.17
CA GLY BC 98 -87.93 2.53 -87.94
C GLY BC 98 -88.73 1.62 -87.03
N ASP BC 99 -89.81 1.06 -87.60
CA ASP BC 99 -90.69 0.16 -86.88
C ASP BC 99 -89.96 -1.14 -86.59
N ARG BC 100 -89.81 -1.46 -85.31
CA ARG BC 100 -89.07 -2.64 -84.86
C ARG BC 100 -87.64 -2.62 -85.40
N LEU BC 101 -87.03 -1.44 -85.37
CA LEU BC 101 -85.63 -1.25 -85.70
C LEU BC 101 -84.93 -0.60 -84.51
N MET BC 102 -83.72 -1.06 -84.21
CA MET BC 102 -82.90 -0.37 -83.23
C MET BC 102 -82.26 0.84 -83.88
N ALA BC 103 -82.44 2.00 -83.27
CA ALA BC 103 -81.90 3.23 -83.85
C ALA BC 103 -80.43 3.06 -84.20
N SER BC 104 -80.06 3.48 -85.42
CA SER BC 104 -78.69 3.29 -85.91
C SER BC 104 -78.25 4.50 -86.72
N SER BC 105 -76.99 4.86 -86.59
CA SER BC 105 -76.49 6.11 -87.11
C SER BC 105 -75.96 5.92 -88.53
N THR BC 106 -76.32 6.83 -89.43
CA THR BC 106 -75.73 6.90 -90.75
C THR BC 106 -74.72 8.05 -90.77
N THR BC 107 -73.53 7.79 -91.36
CA THR BC 107 -72.34 8.60 -91.12
C THR BC 107 -71.68 9.06 -92.42
N VAL BC 108 -71.28 10.32 -92.43
CA VAL BC 108 -70.53 10.92 -93.53
C VAL BC 108 -69.23 11.46 -92.95
N THR BC 109 -68.12 10.93 -93.44
CA THR BC 109 -66.80 11.19 -92.88
C THR BC 109 -65.94 11.94 -93.87
N ARG BC 110 -65.31 13.04 -93.43
CA ARG BC 110 -64.43 13.83 -94.27
C ARG BC 110 -63.05 13.91 -93.64
N ASP BC 111 -62.03 13.54 -94.42
CA ASP BC 111 -60.64 13.59 -94.00
C ASP BC 111 -59.90 14.52 -94.94
N VAL BC 112 -59.42 15.64 -94.42
CA VAL BC 112 -58.67 16.63 -95.20
C VAL BC 112 -57.25 16.66 -94.63
N SER BC 113 -56.27 16.15 -95.37
CA SER BC 113 -54.89 16.23 -94.89
C SER BC 113 -53.91 16.09 -96.05
N ASN BC 114 -52.84 16.87 -95.98
CA ASN BC 114 -51.69 16.77 -96.89
C ASN BC 114 -52.11 16.84 -98.37
N GLY BC 115 -53.03 17.74 -98.67
CA GLY BC 115 -53.52 17.95 -100.01
C GLY BC 115 -54.52 16.93 -100.51
N ARG BC 116 -54.84 15.92 -99.72
CA ARG BC 116 -55.79 14.88 -100.11
C ARG BC 116 -57.04 15.06 -99.28
N THR BC 117 -58.17 15.17 -99.94
CA THR BC 117 -59.46 15.26 -99.27
C THR BC 117 -60.30 14.03 -99.65
N LYS BC 118 -60.93 13.40 -98.66
CA LYS BC 118 -61.65 12.16 -98.87
C LYS BC 118 -62.96 12.16 -98.09
N VAL BC 119 -64.06 11.85 -98.78
CA VAL BC 119 -65.39 11.79 -98.20
C VAL BC 119 -65.91 10.38 -98.34
N SER BC 120 -66.41 9.81 -97.23
CA SER BC 120 -66.96 8.46 -97.18
C SER BC 120 -68.36 8.49 -96.60
N ILE BC 121 -69.25 7.68 -97.14
CA ILE BC 121 -70.65 7.61 -96.69
C ILE BC 121 -70.97 6.16 -96.35
N ASP BC 122 -71.53 5.95 -95.16
CA ASP BC 122 -71.84 4.62 -94.64
C ASP BC 122 -73.27 4.63 -94.13
N ILE BC 123 -74.13 3.82 -94.74
CA ILE BC 123 -75.52 3.66 -94.32
C ILE BC 123 -75.77 2.21 -93.95
N PRO BC 124 -76.38 1.93 -92.81
CA PRO BC 124 -76.63 0.54 -92.40
C PRO BC 124 -77.97 -0.01 -92.90
N TYR BC 125 -78.06 -1.34 -92.90
CA TYR BC 125 -79.27 -2.06 -93.29
C TYR BC 125 -79.49 -3.23 -92.33
N TYR BC 126 -80.77 -3.61 -92.19
CA TYR BC 126 -81.24 -4.66 -91.30
C TYR BC 126 -81.83 -5.82 -92.10
N ASP BC 127 -82.00 -6.95 -91.39
CA ASP BC 127 -82.59 -8.19 -91.92
C ASP BC 127 -84.11 -8.04 -92.03
N ARG BC 128 -84.57 -7.82 -93.26
CA ARG BC 128 -86.00 -7.63 -93.50
C ARG BC 128 -86.80 -8.85 -93.06
N ASN BC 129 -86.20 -10.05 -93.15
CA ASN BC 129 -86.92 -11.26 -92.74
C ASN BC 129 -87.21 -11.24 -91.24
N ALA BC 130 -86.21 -10.87 -90.45
CA ALA BC 130 -86.42 -10.74 -89.01
C ALA BC 130 -87.42 -9.64 -88.70
N VAL BC 131 -87.27 -8.49 -89.33
CA VAL BC 131 -88.15 -7.36 -89.02
C VAL BC 131 -89.60 -7.71 -89.33
N GLU BC 132 -89.85 -8.28 -90.52
CA GLU BC 132 -91.21 -8.57 -90.93
C GLU BC 132 -91.80 -9.76 -90.17
N THR BC 133 -90.98 -10.74 -89.79
CA THR BC 133 -91.47 -11.80 -88.91
C THR BC 133 -91.91 -11.23 -87.57
N LEU BC 134 -91.14 -10.28 -87.02
CA LEU BC 134 -91.54 -9.62 -85.78
C LEU BC 134 -92.83 -8.83 -85.97
N LYS BC 135 -92.92 -8.06 -87.05
CA LYS BC 135 -94.11 -7.24 -87.30
C LYS BC 135 -95.36 -8.12 -87.46
N ALA BC 136 -95.29 -9.12 -88.35
CA ALA BC 136 -96.43 -10.00 -88.58
C ALA BC 136 -96.81 -10.75 -87.32
N SER BC 137 -95.81 -11.19 -86.55
CA SER BC 137 -96.12 -11.90 -85.31
C SER BC 137 -96.44 -10.97 -84.15
N ALA BC 138 -96.41 -9.64 -84.35
CA ALA BC 138 -96.67 -8.70 -83.27
C ALA BC 138 -95.76 -8.98 -82.08
N ILE BC 139 -94.47 -9.10 -82.35
CA ILE BC 139 -93.46 -9.30 -81.31
C ILE BC 139 -92.78 -7.97 -81.05
N PRO BC 140 -92.52 -7.58 -79.81
CA PRO BC 140 -91.94 -6.25 -79.53
C PRO BC 140 -90.42 -6.17 -79.62
N GLY BC 141 -89.74 -7.11 -80.27
CA GLY BC 141 -88.30 -7.01 -80.38
C GLY BC 141 -87.88 -5.94 -81.38
N ALA BC 142 -86.73 -5.33 -81.11
CA ALA BC 142 -86.11 -4.36 -82.01
C ALA BC 142 -84.82 -4.94 -82.56
N VAL BC 143 -84.57 -4.73 -83.85
CA VAL BC 143 -83.48 -5.39 -84.56
C VAL BC 143 -82.33 -4.41 -84.75
N ALA BC 144 -81.12 -4.89 -84.47
CA ALA BC 144 -79.89 -4.16 -84.75
C ALA BC 144 -79.47 -4.39 -86.20
N PRO BC 145 -78.67 -3.48 -86.76
CA PRO BC 145 -78.31 -3.58 -88.18
C PRO BC 145 -77.46 -4.81 -88.46
N VAL BC 146 -77.73 -5.44 -89.59
CA VAL BC 146 -76.96 -6.60 -90.01
C VAL BC 146 -75.75 -6.21 -90.83
N GLY BC 147 -75.79 -5.10 -91.56
CA GLY BC 147 -74.64 -4.71 -92.34
C GLY BC 147 -74.70 -3.25 -92.76
N SER BC 148 -73.87 -2.91 -93.74
CA SER BC 148 -73.85 -1.53 -94.23
C SER BC 148 -73.36 -1.50 -95.67
N PHE BC 149 -73.62 -0.37 -96.32
CA PHE BC 149 -73.08 -0.04 -97.65
C PHE BC 149 -72.30 1.26 -97.56
N LYS BC 150 -71.16 1.30 -98.28
CA LYS BC 150 -70.21 2.39 -98.20
C LYS BC 150 -69.78 2.86 -99.58
N VAL BC 151 -69.59 4.17 -99.69
CA VAL BC 151 -69.12 4.82 -100.91
C VAL BC 151 -68.04 5.84 -100.55
N ASN BC 152 -66.88 5.72 -101.18
CA ASN BC 152 -65.71 6.55 -100.93
C ASN BC 152 -65.42 7.43 -102.15
N VAL BC 153 -64.95 8.65 -101.88
CA VAL BC 153 -64.60 9.61 -102.91
C VAL BC 153 -63.35 10.35 -102.45
N GLU BC 154 -62.39 10.54 -103.35
CA GLU BC 154 -61.07 10.97 -102.95
C GLU BC 154 -60.47 11.89 -104.01
N VAL BC 155 -59.84 12.97 -103.57
CA VAL BC 155 -59.30 14.00 -104.44
C VAL BC 155 -57.85 14.26 -104.02
N LEU BC 156 -56.91 13.94 -104.90
CA LEU BC 156 -55.48 14.13 -104.64
C LEU BC 156 -55.06 15.47 -105.22
N GLY BC 157 -55.19 16.52 -104.44
CA GLY BC 157 -54.94 17.88 -104.87
C GLY BC 157 -53.60 18.48 -104.47
N GLY BC 158 -52.64 17.65 -104.11
CA GLY BC 158 -51.35 18.15 -103.72
C GLY BC 158 -50.44 18.41 -104.90
N GLY BC 159 -49.39 19.18 -104.63
CA GLY BC 159 -48.35 19.39 -105.60
C GLY BC 159 -48.51 20.62 -106.46
N VAL BC 160 -49.29 21.60 -106.00
CA VAL BC 160 -49.51 22.81 -106.78
C VAL BC 160 -48.19 23.52 -106.99
N LEU BC 161 -47.95 23.95 -108.24
CA LEU BC 161 -46.71 24.59 -108.61
C LEU BC 161 -46.59 25.98 -107.97
N THR BC 162 -45.34 26.43 -107.80
CA THR BC 162 -45.09 27.62 -106.98
C THR BC 162 -45.65 28.89 -107.62
N GLY BC 163 -45.57 29.00 -108.94
CA GLY BC 163 -46.11 30.19 -109.60
C GLY BC 163 -47.59 30.41 -109.36
N THR BC 164 -48.35 29.34 -109.14
CA THR BC 164 -49.80 29.43 -109.04
C THR BC 164 -50.23 30.32 -107.88
N ASP BC 165 -51.05 31.32 -108.16
CA ASP BC 165 -51.50 32.21 -107.11
C ASP BC 165 -52.89 31.78 -106.61
N ALA BC 166 -53.48 32.59 -105.72
CA ALA BC 166 -54.73 32.21 -105.07
C ALA BC 166 -55.87 32.08 -106.07
N ASN BC 167 -55.99 33.09 -106.95
CA ASN BC 167 -57.05 33.06 -107.96
C ASN BC 167 -56.94 31.84 -108.84
N ALA BC 168 -55.72 31.50 -109.27
CA ALA BC 168 -55.51 30.30 -110.05
C ALA BC 168 -55.91 29.03 -109.29
N GLN BC 169 -55.59 29.00 -107.99
CA GLN BC 169 -55.96 27.83 -107.21
C GLN BC 169 -57.47 27.67 -107.14
N PHE BC 170 -58.22 28.77 -107.16
CA PHE BC 170 -59.68 28.65 -107.28
C PHE BC 170 -60.06 27.84 -108.52
N ALA BC 171 -59.43 28.16 -109.65
CA ALA BC 171 -59.72 27.45 -110.89
C ALA BC 171 -59.39 25.97 -110.75
N LEU BC 172 -58.26 25.67 -110.11
CA LEU BC 172 -57.91 24.26 -109.90
C LEU BC 172 -58.96 23.57 -109.02
N ASP BC 173 -59.52 24.30 -108.05
CA ASP BC 173 -60.60 23.76 -107.22
C ASP BC 173 -61.75 23.29 -108.10
N GLU BC 174 -62.25 24.18 -108.95
CA GLU BC 174 -63.39 23.82 -109.78
C GLU BC 174 -63.02 22.73 -110.78
N LEU BC 175 -61.77 22.70 -111.24
CA LEU BC 175 -61.34 21.64 -112.16
C LEU BC 175 -61.44 20.27 -111.51
N LEU BC 176 -60.92 20.15 -110.28
CA LEU BC 176 -61.06 18.89 -109.57
C LEU BC 176 -62.52 18.57 -109.29
N SER BC 177 -63.34 19.59 -109.03
CA SER BC 177 -64.76 19.35 -108.86
C SER BC 177 -65.36 18.67 -110.10
N ASN BC 178 -65.03 19.18 -111.28
CA ASN BC 178 -65.61 18.61 -112.49
C ASN BC 178 -65.07 17.21 -112.77
N MET BC 179 -63.79 16.97 -112.44
CA MET BC 179 -63.27 15.60 -112.54
C MET BC 179 -64.02 14.65 -111.60
N LEU BC 180 -64.37 15.13 -110.41
CA LEU BC 180 -65.21 14.37 -109.50
C LEU BC 180 -66.52 13.98 -110.15
N MET BC 181 -67.24 14.97 -110.69
CA MET BC 181 -68.52 14.70 -111.32
C MET BC 181 -68.37 13.67 -112.43
N ASP BC 182 -67.33 13.82 -113.26
CA ASP BC 182 -67.11 12.86 -114.34
C ASP BC 182 -66.82 11.46 -113.81
N ALA BC 183 -66.04 11.37 -112.73
CA ALA BC 183 -65.74 10.06 -112.17
C ALA BC 183 -66.99 9.37 -111.66
N ALA BC 184 -67.87 10.12 -110.98
CA ALA BC 184 -69.10 9.51 -110.48
C ALA BC 184 -70.02 9.08 -111.61
N ARG BC 185 -70.10 9.90 -112.66
CA ARG BC 185 -70.90 9.50 -113.81
C ARG BC 185 -70.34 8.25 -114.47
N ILE BC 186 -69.01 8.16 -114.61
CA ILE BC 186 -68.39 6.98 -115.22
C ILE BC 186 -68.59 5.76 -114.34
N ALA BC 187 -68.71 5.97 -113.03
CA ALA BC 187 -68.92 4.85 -112.11
C ALA BC 187 -70.33 4.30 -112.25
N GLN BC 188 -71.34 5.17 -112.22
CA GLN BC 188 -72.73 4.72 -112.31
C GLN BC 188 -73.21 4.49 -113.74
N ASP BC 189 -72.35 4.76 -114.73
CA ASP BC 189 -72.76 4.74 -116.13
C ASP BC 189 -73.30 3.38 -116.53
N GLY BC 190 -74.39 3.38 -117.28
CA GLY BC 190 -74.95 2.17 -117.83
C GLY BC 190 -76.47 2.14 -117.80
N PRO BC 191 -77.04 1.21 -118.57
CA PRO BC 191 -78.49 1.00 -118.50
C PRO BC 191 -78.90 0.52 -117.12
N LYS BC 192 -80.08 0.96 -116.70
CA LYS BC 192 -80.68 0.40 -115.49
C LYS BC 192 -81.32 -0.95 -115.74
N ASN BC 193 -81.30 -1.44 -116.99
CA ASN BC 193 -81.76 -2.79 -117.32
C ASN BC 193 -80.77 -3.85 -116.86
N THR BC 194 -79.49 -3.52 -116.79
CA THR BC 194 -78.45 -4.50 -116.53
C THR BC 194 -77.71 -4.20 -115.23
N ALA BC 195 -77.06 -5.24 -114.71
CA ALA BC 195 -76.33 -5.14 -113.46
C ALA BC 195 -75.12 -4.24 -113.61
N ARG BC 196 -74.92 -3.32 -112.65
CA ARG BC 196 -73.73 -2.47 -112.78
C ARG BC 196 -72.90 -2.28 -111.52
N LEU BC 197 -73.46 -2.40 -110.31
CA LEU BC 197 -72.67 -2.13 -109.09
C LEU BC 197 -72.56 -3.24 -108.04
N VAL BC 198 -73.71 -3.71 -107.48
CA VAL BC 198 -73.66 -4.52 -106.27
C VAL BC 198 -73.27 -5.95 -106.61
N ALA BC 199 -72.65 -6.62 -105.63
CA ALA BC 199 -72.19 -8.00 -105.78
C ALA BC 199 -71.34 -8.15 -107.04
N ALA BC 200 -70.58 -7.11 -107.38
CA ALA BC 200 -69.81 -7.12 -108.61
C ALA BC 200 -68.74 -8.20 -108.58
N SER BC 201 -68.57 -8.90 -109.70
CA SER BC 201 -67.51 -9.89 -109.86
C SER BC 201 -66.50 -9.51 -110.94
N HIS BC 202 -66.97 -9.02 -112.08
CA HIS BC 202 -66.14 -8.68 -113.23
C HIS BC 202 -66.97 -7.87 -114.20
N GLY BC 203 -66.29 -7.18 -115.10
CA GLY BC 203 -66.93 -6.30 -116.07
C GLY BC 203 -66.88 -6.93 -117.45
N VAL BC 204 -67.95 -6.73 -118.22
CA VAL BC 204 -68.03 -7.22 -119.59
C VAL BC 204 -68.59 -6.11 -120.47
N MET BC 205 -67.89 -5.80 -121.55
CA MET BC 205 -68.32 -4.79 -122.50
C MET BC 205 -69.34 -5.39 -123.46
N PRO BC 206 -70.46 -4.74 -123.71
CA PRO BC 206 -71.51 -5.34 -124.54
C PRO BC 206 -71.04 -5.54 -125.97
N GLN BC 207 -71.69 -6.49 -126.65
CA GLN BC 207 -71.31 -6.84 -128.02
C GLN BC 207 -71.29 -5.61 -128.91
N ALA BC 208 -72.29 -4.75 -128.77
CA ALA BC 208 -72.33 -3.45 -129.45
C ALA BC 208 -72.01 -3.56 -130.92
N SER CC 23 -71.34 -8.69 -84.73
CA SER CC 23 -72.51 -9.45 -84.33
C SER CC 23 -73.72 -8.54 -84.08
N SER CC 24 -74.83 -8.85 -84.73
CA SER CC 24 -76.06 -8.05 -84.63
C SER CC 24 -77.10 -8.83 -83.86
N ARG CC 25 -77.69 -8.20 -82.85
CA ARG CC 25 -78.62 -8.85 -81.95
C ARG CC 25 -79.90 -8.04 -81.82
N THR CC 26 -81.03 -8.74 -81.86
CA THR CC 26 -82.31 -8.11 -81.57
C THR CC 26 -82.52 -8.04 -80.07
N THR CC 27 -83.02 -6.91 -79.61
CA THR CC 27 -83.14 -6.61 -78.19
C THR CC 27 -84.61 -6.49 -77.79
N PHE CC 28 -84.95 -7.13 -76.67
CA PHE CC 28 -86.27 -7.02 -76.04
C PHE CC 28 -86.10 -6.27 -74.75
N GLY CC 29 -86.91 -5.24 -74.56
CA GLY CC 29 -86.77 -4.41 -73.38
C GLY CC 29 -85.83 -3.25 -73.62
N VAL CC 30 -85.26 -2.78 -72.52
CA VAL CC 30 -84.42 -1.59 -72.53
C VAL CC 30 -83.05 -1.93 -73.09
N ASN CC 31 -82.56 -1.08 -74.00
CA ASN CC 31 -81.19 -1.17 -74.47
C ASN CC 31 -80.39 -0.05 -73.82
N PRO CC 32 -79.48 -0.35 -72.90
CA PRO CC 32 -78.76 0.71 -72.19
C PRO CC 32 -77.44 1.16 -72.81
N ASP CC 33 -77.15 0.81 -74.06
CA ASP CC 33 -75.90 1.23 -74.69
C ASP CC 33 -75.75 2.75 -74.65
N ARG CC 34 -74.64 3.21 -74.08
CA ARG CC 34 -74.34 4.64 -74.00
C ARG CC 34 -73.30 5.03 -75.06
N GLN CC 35 -73.37 6.28 -75.50
CA GLN CC 35 -72.46 6.83 -76.48
C GLN CC 35 -71.20 7.30 -75.79
N ALA CC 36 -70.05 6.93 -76.34
CA ALA CC 36 -68.77 7.30 -75.76
C ALA CC 36 -68.61 8.81 -75.67
N ASN CC 37 -68.05 9.27 -74.56
CA ASN CC 37 -67.87 10.70 -74.27
C ASN CC 37 -66.65 11.21 -75.03
N ALA CC 38 -66.82 11.36 -76.36
CA ALA CC 38 -65.72 11.70 -77.27
C ALA CC 38 -66.18 12.81 -78.20
N ARG CC 39 -66.75 13.86 -77.63
CA ARG CC 39 -67.33 14.97 -78.39
C ARG CC 39 -66.67 16.29 -77.99
N PRO CC 40 -65.95 16.95 -78.90
CA PRO CC 40 -65.40 18.26 -78.58
C PRO CC 40 -66.50 19.27 -78.33
N VAL CC 41 -66.24 20.20 -77.41
CA VAL CC 41 -67.23 21.20 -77.04
C VAL CC 41 -66.63 22.59 -77.16
N TYR CC 42 -67.52 23.56 -77.42
CA TYR CC 42 -67.11 24.94 -77.61
C TYR CC 42 -66.52 25.51 -76.32
N LEU CC 43 -65.45 26.29 -76.49
CA LEU CC 43 -64.74 26.90 -75.38
C LEU CC 43 -64.69 28.40 -75.62
N ALA CC 44 -65.34 29.15 -74.73
CA ALA CC 44 -65.48 30.59 -74.91
C ALA CC 44 -64.11 31.25 -74.99
N PRO CC 45 -63.93 32.25 -75.87
CA PRO CC 45 -62.62 32.92 -76.00
C PRO CC 45 -62.31 33.85 -74.84
N ALA CC 46 -63.26 34.07 -73.93
CA ALA CC 46 -63.05 34.89 -72.75
C ALA CC 46 -64.21 34.63 -71.80
N ALA CC 47 -64.02 34.98 -70.54
CA ALA CC 47 -65.02 34.69 -69.52
C ALA CC 47 -65.67 35.99 -69.07
N PRO CC 48 -66.95 36.24 -69.33
CA PRO CC 48 -67.57 37.48 -68.82
C PRO CC 48 -67.96 37.35 -67.35
N MET CC 49 -67.48 38.28 -66.53
CA MET CC 49 -67.87 38.35 -65.13
C MET CC 49 -68.62 39.64 -64.82
N GLU CC 50 -69.52 40.05 -65.72
CA GLU CC 50 -70.10 41.40 -65.61
C GLU CC 50 -70.95 41.55 -64.35
N ASN CC 51 -71.75 40.53 -64.02
CA ASN CC 51 -72.69 40.66 -62.89
C ASN CC 51 -71.95 40.93 -61.58
N THR CC 52 -70.95 40.11 -61.27
CA THR CC 52 -70.28 40.20 -59.98
C THR CC 52 -69.48 41.51 -59.85
N TYR CC 53 -68.84 41.95 -60.93
CA TYR CC 53 -68.02 43.16 -60.86
C TYR CC 53 -68.86 44.43 -60.86
N THR CC 54 -69.98 44.43 -61.57
CA THR CC 54 -70.90 45.55 -61.41
C THR CC 54 -71.42 45.63 -59.97
N TYR CC 55 -71.75 44.48 -59.35
CA TYR CC 55 -72.19 44.56 -57.96
C TYR CC 55 -71.07 45.02 -57.04
N LEU CC 56 -69.83 44.58 -57.31
CA LEU CC 56 -68.70 45.03 -56.51
C LEU CC 56 -68.49 46.54 -56.62
N GLY CC 57 -68.66 47.09 -57.83
CA GLY CC 57 -68.69 48.53 -57.97
C GLY CC 57 -69.83 49.15 -57.18
N SER CC 58 -70.98 48.48 -57.14
CA SER CC 58 -72.12 48.98 -56.38
C SER CC 58 -71.77 49.17 -54.90
N ILE CC 59 -71.12 48.19 -54.29
CA ILE CC 59 -70.84 48.33 -52.86
C ILE CC 59 -69.47 48.98 -52.63
N GLN CC 60 -68.87 49.51 -53.68
CA GLN CC 60 -67.57 50.20 -53.58
C GLN CC 60 -66.48 49.25 -53.10
N PHE CC 61 -66.57 47.99 -53.52
CA PHE CC 61 -65.53 46.99 -53.30
C PHE CC 61 -65.21 46.80 -51.81
N ALA CC 62 -66.24 46.82 -50.97
CA ALA CC 62 -66.02 46.70 -49.53
C ALA CC 62 -67.31 46.27 -48.85
N ALA CC 63 -67.26 45.17 -48.11
CA ALA CC 63 -68.37 44.73 -47.27
C ALA CC 63 -67.78 44.32 -45.92
N GLY CC 64 -68.23 44.99 -44.87
CA GLY CC 64 -67.74 44.69 -43.54
C GLY CC 64 -66.25 44.90 -43.43
N ARG CC 65 -65.55 43.87 -42.98
CA ARG CC 65 -64.11 43.90 -42.91
C ARG CC 65 -63.44 43.34 -44.15
N HIS CC 66 -64.21 42.91 -45.14
CA HIS CC 66 -63.69 42.42 -46.40
C HIS CC 66 -63.53 43.58 -47.36
N ILE CC 67 -62.32 43.81 -47.87
CA ILE CC 67 -62.11 44.78 -48.93
C ILE CC 67 -61.63 44.02 -50.16
N PHE CC 68 -62.16 44.39 -51.32
CA PHE CC 68 -61.85 43.70 -52.57
C PHE CC 68 -61.02 44.59 -53.47
N GLY CC 69 -60.38 43.97 -54.47
CA GLY CC 69 -59.59 44.72 -55.41
C GLY CC 69 -60.34 45.01 -56.69
N GLU CC 70 -59.88 46.04 -57.41
CA GLU CC 70 -60.50 46.44 -58.67
C GLU CC 70 -59.90 45.65 -59.83
N PRO CC 71 -60.71 44.96 -60.62
CA PRO CC 71 -60.17 44.16 -61.71
C PRO CC 71 -59.66 45.03 -62.84
N ALA CC 72 -58.76 44.47 -63.65
CA ALA CC 72 -58.35 45.16 -64.85
C ALA CC 72 -59.45 45.13 -65.90
N SER CC 73 -60.17 44.02 -66.02
CA SER CC 73 -61.27 43.93 -66.99
C SER CC 73 -62.45 43.20 -66.37
N ASN CC 74 -63.65 43.54 -66.87
CA ASN CC 74 -64.86 42.81 -66.52
C ASN CC 74 -64.92 41.49 -67.26
N VAL CC 75 -64.21 41.36 -68.37
CA VAL CC 75 -64.15 40.13 -69.15
C VAL CC 75 -62.71 39.63 -69.08
N LEU CC 76 -62.56 38.36 -68.69
CA LEU CC 76 -61.25 37.81 -68.36
C LEU CC 76 -60.67 37.06 -69.56
N PRO CC 77 -59.44 37.38 -69.95
CA PRO CC 77 -58.82 36.72 -71.11
C PRO CC 77 -58.25 35.37 -70.74
N PRO CC 78 -58.04 34.48 -71.71
CA PRO CC 78 -57.49 33.16 -71.37
C PRO CC 78 -56.03 33.26 -70.99
N GLN CC 79 -55.65 32.46 -69.99
CA GLN CC 79 -54.26 32.40 -69.56
C GLN CC 79 -53.50 31.23 -70.16
N ASN CC 80 -54.11 30.04 -70.21
CA ASN CC 80 -53.42 28.85 -70.68
C ASN CC 80 -54.19 28.12 -71.78
N ILE CC 81 -55.03 28.84 -72.53
CA ILE CC 81 -55.83 28.27 -73.61
C ILE CC 81 -55.35 28.87 -74.92
N VAL CC 82 -55.10 28.02 -75.91
CA VAL CC 82 -54.65 28.44 -77.22
C VAL CC 82 -55.73 28.03 -78.23
N PRO CC 83 -56.12 28.90 -79.15
CA PRO CC 83 -57.17 28.54 -80.08
C PRO CC 83 -56.74 27.39 -80.95
N GLY CC 84 -57.66 26.45 -81.15
CA GLY CC 84 -57.43 25.31 -82.00
C GLY CC 84 -56.74 24.16 -81.32
N VAL CC 85 -56.31 24.33 -80.07
CA VAL CC 85 -55.63 23.27 -79.34
C VAL CC 85 -56.58 22.74 -78.28
N PRO CC 86 -56.95 21.47 -78.34
CA PRO CC 86 -57.87 20.93 -77.33
C PRO CC 86 -57.21 20.90 -75.96
N THR CC 87 -57.94 21.34 -74.95
CA THR CC 87 -57.48 21.30 -73.57
C THR CC 87 -58.61 20.78 -72.70
N LYS CC 88 -58.25 20.11 -71.62
CA LYS CC 88 -59.22 19.60 -70.65
C LYS CC 88 -59.27 20.47 -69.40
N HIS CC 89 -58.39 21.45 -69.31
CA HIS CC 89 -58.36 22.36 -68.17
C HIS CC 89 -57.87 23.71 -68.68
N GLY CC 90 -58.64 24.75 -68.38
CA GLY CC 90 -58.33 26.07 -68.86
C GLY CC 90 -58.66 27.12 -67.81
N GLU CC 91 -57.97 28.25 -67.90
CA GLU CC 91 -58.10 29.28 -66.89
C GLU CC 91 -58.13 30.66 -67.55
N TYR CC 92 -59.09 31.48 -67.13
CA TYR CC 92 -59.12 32.89 -67.44
C TYR CC 92 -58.77 33.67 -66.17
N VAL CC 93 -58.07 34.79 -66.32
CA VAL CC 93 -57.53 35.45 -65.14
C VAL CC 93 -57.39 36.94 -65.41
N THR CC 94 -57.65 37.74 -64.37
CA THR CC 94 -57.26 39.14 -64.42
C THR CC 94 -56.62 39.54 -63.09
N THR CC 95 -56.16 40.78 -62.99
CA THR CC 95 -55.45 41.26 -61.81
C THR CC 95 -56.28 42.30 -61.09
N ASN CC 96 -56.58 42.06 -59.81
CA ASN CC 96 -57.17 43.06 -58.93
C ASN CC 96 -56.02 43.88 -58.33
N THR CC 97 -56.10 45.20 -58.48
CA THR CC 97 -55.21 46.16 -57.84
C THR CC 97 -56.04 47.03 -56.90
N GLY CC 98 -55.35 47.71 -55.99
CA GLY CC 98 -56.04 48.48 -54.96
C GLY CC 98 -55.07 49.34 -54.19
N ASP CC 99 -55.63 50.32 -53.49
CA ASP CC 99 -54.83 51.24 -52.68
C ASP CC 99 -54.32 50.51 -51.45
N ARG CC 100 -53.00 50.58 -51.24
CA ARG CC 100 -52.30 49.85 -50.17
C ARG CC 100 -52.47 48.35 -50.31
N LEU CC 101 -52.63 47.86 -51.54
CA LEU CC 101 -52.86 46.45 -51.79
C LEU CC 101 -51.82 45.89 -52.75
N MET CC 102 -51.49 44.62 -52.56
CA MET CC 102 -50.61 43.90 -53.47
C MET CC 102 -51.44 43.19 -54.53
N ALA CC 103 -51.03 43.35 -55.79
CA ALA CC 103 -51.79 42.81 -56.91
C ALA CC 103 -52.11 41.34 -56.71
N SER CC 104 -53.40 40.99 -56.83
CA SER CC 104 -53.83 39.61 -56.64
C SER CC 104 -54.76 39.20 -57.78
N SER CC 105 -54.53 38.02 -58.32
CA SER CC 105 -55.26 37.60 -59.50
C SER CC 105 -56.61 36.97 -59.12
N THR CC 106 -57.61 37.26 -59.95
CA THR CC 106 -58.93 36.66 -59.89
C THR CC 106 -59.06 35.63 -61.01
N THR CC 107 -59.49 34.40 -60.66
CA THR CC 107 -59.35 33.26 -61.56
C THR CC 107 -60.69 32.57 -61.84
N VAL CC 108 -60.86 32.13 -63.08
CA VAL CC 108 -62.04 31.41 -63.55
C VAL CC 108 -61.54 30.16 -64.23
N THR CC 109 -61.82 29.00 -63.63
CA THR CC 109 -61.28 27.72 -64.07
C THR CC 109 -62.38 26.88 -64.70
N ARG CC 110 -62.08 26.25 -65.83
CA ARG CC 110 -63.03 25.38 -66.52
C ARG CC 110 -62.38 24.04 -66.82
N ASP CC 111 -63.02 22.96 -66.38
CA ASP CC 111 -62.54 21.60 -66.57
C ASP CC 111 -63.55 20.85 -67.41
N VAL CC 112 -63.10 20.23 -68.48
CA VAL CC 112 -63.96 19.39 -69.33
C VAL CC 112 -63.32 18.02 -69.47
N SER CC 113 -64.02 16.98 -68.98
CA SER CC 113 -63.47 15.62 -69.02
C SER CC 113 -64.61 14.62 -68.84
N ASN CC 114 -64.63 13.59 -69.69
CA ASN CC 114 -65.52 12.43 -69.50
C ASN CC 114 -66.99 12.85 -69.37
N GLY CC 115 -67.39 13.84 -70.16
CA GLY CC 115 -68.76 14.32 -70.17
C GLY CC 115 -69.14 15.22 -69.01
N ARG CC 116 -68.20 15.53 -68.14
CA ARG CC 116 -68.43 16.36 -66.97
C ARG CC 116 -67.70 17.67 -67.19
N THR CC 117 -68.43 18.76 -67.10
CA THR CC 117 -67.85 20.08 -67.30
C THR CC 117 -68.11 20.91 -66.05
N LYS CC 118 -67.07 21.58 -65.56
CA LYS CC 118 -67.14 22.27 -64.27
C LYS CC 118 -66.41 23.62 -64.34
N VAL CC 119 -67.13 24.67 -63.97
CA VAL CC 119 -66.61 26.04 -63.92
C VAL CC 119 -66.54 26.48 -62.47
N SER CC 120 -65.38 27.00 -62.06
CA SER CC 120 -65.15 27.49 -60.70
C SER CC 120 -64.64 28.93 -60.77
N ILE CC 121 -65.08 29.77 -59.84
CA ILE CC 121 -64.68 31.17 -59.79
C ILE CC 121 -64.13 31.47 -58.41
N ASP CC 122 -62.95 32.09 -58.37
CA ASP CC 122 -62.25 32.41 -57.13
C ASP CC 122 -61.83 33.87 -57.15
N ILE CC 123 -62.32 34.63 -56.17
CA ILE CC 123 -61.95 36.04 -56.01
C ILE CC 123 -61.41 36.25 -54.60
N PRO CC 124 -60.25 36.87 -54.44
CA PRO CC 124 -59.68 37.08 -53.11
C PRO CC 124 -60.11 38.41 -52.50
N TYR CC 125 -59.98 38.47 -51.17
CA TYR CC 125 -60.27 39.66 -50.39
C TYR CC 125 -59.13 39.94 -49.42
N TYR CC 126 -59.16 41.14 -48.81
CA TYR CC 126 -58.13 41.62 -47.91
C TYR CC 126 -58.76 42.14 -46.63
N ASP CC 127 -57.89 42.35 -45.63
CA ASP CC 127 -58.26 42.84 -44.31
C ASP CC 127 -58.44 44.36 -44.35
N ARG CC 128 -59.70 44.80 -44.32
CA ARG CC 128 -59.98 46.22 -44.40
C ARG CC 128 -59.40 46.97 -43.20
N ASN CC 129 -59.32 46.33 -42.04
CA ASN CC 129 -58.78 47.00 -40.86
C ASN CC 129 -57.30 47.31 -41.05
N ALA CC 130 -56.54 46.36 -41.60
CA ALA CC 130 -55.14 46.64 -41.91
C ALA CC 130 -55.03 47.71 -42.98
N VAL CC 131 -55.87 47.64 -44.02
CA VAL CC 131 -55.73 48.59 -45.13
C VAL CC 131 -56.00 50.02 -44.66
N GLU CC 132 -57.12 50.22 -43.94
CA GLU CC 132 -57.48 51.56 -43.51
C GLU CC 132 -56.60 52.03 -42.35
N THR CC 133 -56.03 51.11 -41.55
CA THR CC 133 -55.09 51.52 -40.52
C THR CC 133 -53.80 52.04 -41.14
N LEU CC 134 -53.32 51.38 -42.20
CA LEU CC 134 -52.18 51.92 -42.95
C LEU CC 134 -52.51 53.29 -43.54
N LYS CC 135 -53.63 53.38 -44.28
CA LYS CC 135 -54.03 54.66 -44.85
C LYS CC 135 -54.03 55.76 -43.78
N ALA CC 136 -54.66 55.48 -42.64
CA ALA CC 136 -54.79 56.48 -41.58
C ALA CC 136 -53.48 56.77 -40.85
N SER CC 137 -52.51 55.86 -40.90
CA SER CC 137 -51.24 56.08 -40.21
C SER CC 137 -50.17 56.69 -41.10
N ALA CC 138 -50.37 56.69 -42.43
CA ALA CC 138 -49.43 57.32 -43.37
C ALA CC 138 -48.04 56.72 -43.25
N ILE CC 139 -48.01 55.40 -43.34
CA ILE CC 139 -46.82 54.59 -43.06
C ILE CC 139 -46.65 53.63 -44.23
N PRO CC 140 -45.44 53.23 -44.56
CA PRO CC 140 -45.19 52.63 -45.87
C PRO CC 140 -45.84 51.25 -46.16
N GLY CC 141 -46.42 50.57 -45.18
CA GLY CC 141 -46.79 49.16 -45.38
C GLY CC 141 -47.77 48.94 -46.53
N ALA CC 142 -47.73 47.73 -47.10
CA ALA CC 142 -48.78 47.21 -47.98
C ALA CC 142 -49.14 45.77 -47.60
N VAL CC 143 -50.34 45.34 -48.02
CA VAL CC 143 -50.98 44.13 -47.51
C VAL CC 143 -51.29 43.17 -48.64
N ALA CC 144 -51.20 41.88 -48.34
CA ALA CC 144 -51.50 40.76 -49.21
C ALA CC 144 -52.89 40.20 -48.88
N PRO CC 145 -53.46 39.37 -49.77
CA PRO CC 145 -54.80 38.82 -49.50
C PRO CC 145 -54.86 37.97 -48.24
N VAL CC 146 -56.04 37.94 -47.64
CA VAL CC 146 -56.31 37.19 -46.42
C VAL CC 146 -57.09 35.91 -46.69
N GLY CC 147 -57.88 35.88 -47.76
CA GLY CC 147 -58.66 34.69 -48.09
C GLY CC 147 -59.38 34.92 -49.39
N SER CC 148 -60.33 34.04 -49.68
CA SER CC 148 -61.03 34.11 -50.95
C SER CC 148 -62.44 33.60 -50.78
N PHE CC 149 -63.26 33.88 -51.79
CA PHE CC 149 -64.58 33.29 -51.95
C PHE CC 149 -64.63 32.56 -53.28
N LYS CC 150 -65.29 31.39 -53.26
CA LYS CC 150 -65.32 30.48 -54.40
C LYS CC 150 -66.74 30.01 -54.67
N VAL CC 151 -67.03 29.84 -55.95
CA VAL CC 151 -68.32 29.35 -56.42
C VAL CC 151 -68.08 28.33 -57.53
N ASN CC 152 -68.65 27.13 -57.38
CA ASN CC 152 -68.50 26.03 -58.32
C ASN CC 152 -69.83 25.70 -59.00
N VAL CC 153 -69.75 25.29 -60.26
CA VAL CC 153 -70.91 24.92 -61.06
C VAL CC 153 -70.51 23.75 -61.93
N GLU CC 154 -71.33 22.70 -61.96
CA GLU CC 154 -70.93 21.39 -62.47
C GLU CC 154 -72.08 20.75 -63.25
N VAL CC 155 -71.78 20.21 -64.43
CA VAL CC 155 -72.78 19.62 -65.31
C VAL CC 155 -72.31 18.23 -65.70
N LEU CC 156 -73.12 17.22 -65.36
CA LEU CC 156 -72.77 15.81 -65.57
C LEU CC 156 -73.50 15.32 -66.82
N GLY CC 157 -72.89 15.58 -67.97
CA GLY CC 157 -73.50 15.31 -69.26
C GLY CC 157 -73.15 13.99 -69.89
N GLY CC 158 -72.51 13.10 -69.14
CA GLY CC 158 -72.13 11.82 -69.68
C GLY CC 158 -73.31 10.87 -69.77
N GLY CC 159 -73.15 9.85 -70.61
CA GLY CC 159 -74.13 8.81 -70.69
C GLY CC 159 -75.16 8.98 -71.78
N VAL CC 160 -74.83 9.68 -72.85
CA VAL CC 160 -75.78 9.89 -73.93
C VAL CC 160 -76.07 8.53 -74.59
N LEU CC 161 -77.34 8.27 -74.85
CA LEU CC 161 -77.75 6.98 -75.40
C LEU CC 161 -77.35 6.86 -76.87
N THR CC 162 -77.44 5.63 -77.39
CA THR CC 162 -76.91 5.36 -78.72
C THR CC 162 -77.72 6.07 -79.80
N GLY CC 163 -79.04 6.07 -79.67
CA GLY CC 163 -79.89 6.61 -80.72
C GLY CC 163 -79.69 8.10 -80.97
N THR CC 164 -79.19 8.82 -79.97
CA THR CC 164 -79.10 10.27 -80.07
C THR CC 164 -78.14 10.68 -81.18
N ASP CC 165 -78.63 11.53 -82.08
CA ASP CC 165 -77.79 12.12 -83.10
C ASP CC 165 -77.36 13.53 -82.66
N ALA CC 166 -76.67 14.22 -83.57
CA ALA CC 166 -76.06 15.50 -83.23
C ALA CC 166 -77.10 16.56 -82.90
N ASN CC 167 -78.16 16.65 -83.72
CA ASN CC 167 -79.23 17.63 -83.49
C ASN CC 167 -79.86 17.42 -82.11
N ALA CC 168 -80.20 16.17 -81.80
CA ALA CC 168 -80.74 15.84 -80.48
C ALA CC 168 -79.77 16.20 -79.37
N GLN CC 169 -78.46 16.01 -79.61
CA GLN CC 169 -77.48 16.38 -78.60
C GLN CC 169 -77.49 17.89 -78.35
N PHE CC 170 -77.71 18.69 -79.40
CA PHE CC 170 -77.90 20.12 -79.18
C PHE CC 170 -79.08 20.38 -78.26
N ALA CC 171 -80.18 19.66 -78.51
CA ALA CC 171 -81.34 19.83 -77.65
C ALA CC 171 -80.99 19.50 -76.20
N LEU CC 172 -80.20 18.45 -76.00
CA LEU CC 172 -79.81 18.07 -74.64
C LEU CC 172 -78.89 19.12 -74.02
N ASP CC 173 -78.03 19.72 -74.85
CA ASP CC 173 -77.20 20.84 -74.41
C ASP CC 173 -78.06 21.92 -73.78
N GLU CC 174 -79.09 22.35 -74.50
CA GLU CC 174 -79.93 23.42 -74.00
C GLU CC 174 -80.72 22.97 -72.77
N LEU CC 175 -81.14 21.70 -72.73
CA LEU CC 175 -81.83 21.19 -71.53
C LEU CC 175 -80.96 21.33 -70.30
N LEU CC 176 -79.71 20.90 -70.38
CA LEU CC 176 -78.82 21.03 -69.24
C LEU CC 176 -78.59 22.48 -68.86
N SER CC 177 -78.43 23.36 -69.85
CA SER CC 177 -78.22 24.77 -69.50
C SER CC 177 -79.42 25.34 -68.76
N ASN CC 178 -80.64 24.92 -69.13
CA ASN CC 178 -81.83 25.38 -68.41
C ASN CC 178 -81.87 24.83 -66.98
N MET CC 179 -81.44 23.58 -66.79
CA MET CC 179 -81.33 23.07 -65.42
C MET CC 179 -80.29 23.85 -64.62
N LEU CC 180 -79.23 24.29 -65.29
CA LEU CC 180 -78.23 25.15 -64.66
C LEU CC 180 -78.86 26.43 -64.13
N MET CC 181 -79.62 27.11 -64.99
CA MET CC 181 -80.29 28.34 -64.58
C MET CC 181 -81.23 28.09 -63.40
N ASP CC 182 -82.01 27.01 -63.47
CA ASP CC 182 -82.90 26.68 -62.36
C ASP CC 182 -82.13 26.46 -61.07
N ALA CC 183 -80.98 25.77 -61.15
CA ALA CC 183 -80.21 25.49 -59.96
C ALA CC 183 -79.65 26.75 -59.34
N ALA CC 184 -79.13 27.67 -60.17
CA ALA CC 184 -78.61 28.93 -59.63
C ALA CC 184 -79.71 29.75 -58.98
N ARG CC 185 -80.89 29.80 -59.62
CA ARG CC 185 -82.00 30.54 -59.03
C ARG CC 185 -82.43 29.92 -57.69
N ILE CC 186 -82.45 28.59 -57.62
CA ILE CC 186 -82.85 27.91 -56.39
C ILE CC 186 -81.81 28.12 -55.30
N ALA CC 187 -80.55 28.28 -55.68
CA ALA CC 187 -79.50 28.53 -54.70
C ALA CC 187 -79.59 29.94 -54.13
N GLN CC 188 -79.75 30.93 -54.99
CA GLN CC 188 -79.82 32.32 -54.52
C GLN CC 188 -81.22 32.74 -54.07
N ASP CC 189 -82.20 31.85 -54.19
CA ASP CC 189 -83.59 32.23 -53.92
C ASP CC 189 -83.75 32.70 -52.49
N GLY CC 190 -84.54 33.75 -52.30
CA GLY CC 190 -84.89 34.23 -50.98
C GLY CC 190 -84.86 35.75 -50.87
N PRO CC 191 -85.52 36.27 -49.83
CA PRO CC 191 -85.46 37.72 -49.58
C PRO CC 191 -84.04 38.19 -49.32
N LYS CC 192 -83.73 39.39 -49.79
CA LYS CC 192 -82.48 40.03 -49.42
C LYS CC 192 -82.54 40.64 -48.03
N ASN CC 193 -83.71 40.63 -47.39
CA ASN CC 193 -83.80 41.03 -45.98
C ASN CC 193 -83.04 40.09 -45.08
N THR CC 194 -82.74 38.87 -45.53
CA THR CC 194 -82.44 37.78 -44.62
C THR CC 194 -81.24 36.96 -45.10
N ALA CC 195 -80.57 36.33 -44.13
CA ALA CC 195 -79.36 35.55 -44.39
C ALA CC 195 -79.65 34.40 -45.33
N ARG CC 196 -78.82 34.23 -46.37
CA ARG CC 196 -79.06 33.06 -47.19
C ARG CC 196 -77.83 32.28 -47.69
N LEU CC 197 -76.61 32.86 -47.72
CA LEU CC 197 -75.45 32.09 -48.18
C LEU CC 197 -74.25 32.00 -47.24
N VAL CC 198 -73.69 33.16 -46.81
CA VAL CC 198 -72.37 33.16 -46.18
C VAL CC 198 -72.47 32.70 -44.74
N ALA CC 199 -71.38 32.08 -44.25
CA ALA CC 199 -71.28 31.60 -42.87
C ALA CC 199 -72.45 30.71 -42.49
N ALA CC 200 -72.96 29.96 -43.47
CA ALA CC 200 -74.16 29.16 -43.28
C ALA CC 200 -73.91 28.03 -42.27
N SER CC 201 -74.86 27.85 -41.35
CA SER CC 201 -74.85 26.78 -40.38
C SER CC 201 -75.83 25.67 -40.73
N HIS CC 202 -77.06 26.04 -41.04
CA HIS CC 202 -78.12 25.13 -41.42
C HIS CC 202 -79.20 25.94 -42.13
N GLY CC 203 -80.16 25.24 -42.70
CA GLY CC 203 -81.24 25.88 -43.43
C GLY CC 203 -82.52 25.77 -42.62
N VAL CC 204 -83.31 26.85 -42.59
CA VAL CC 204 -84.61 26.83 -41.93
C VAL CC 204 -85.65 27.44 -42.85
N MET CC 205 -86.82 26.79 -42.93
CA MET CC 205 -87.98 27.23 -43.70
C MET CC 205 -88.93 28.02 -42.81
N PRO CC 206 -89.54 29.09 -43.33
CA PRO CC 206 -90.48 29.87 -42.54
C PRO CC 206 -91.84 29.18 -42.42
N GLN CC 207 -92.68 29.75 -41.57
CA GLN CC 207 -94.05 29.28 -41.35
C GLN CC 207 -95.02 30.23 -42.03
N ALA CC 208 -95.93 29.66 -42.83
CA ALA CC 208 -96.98 30.41 -43.52
C ALA CC 208 -96.42 31.52 -44.39
N GLY DC 11 -86.89 -28.14 -74.04
CA GLY DC 11 -87.17 -28.54 -75.41
C GLY DC 11 -86.75 -27.51 -76.45
N GLN DC 12 -87.47 -27.48 -77.58
CA GLN DC 12 -87.16 -26.58 -78.67
C GLN DC 12 -87.34 -25.12 -78.23
N LEU DC 13 -86.79 -24.22 -79.05
CA LEU DC 13 -86.79 -22.80 -78.77
C LEU DC 13 -87.65 -22.05 -79.79
N TYR DC 14 -88.43 -21.08 -79.32
CA TYR DC 14 -89.26 -20.26 -80.21
C TYR DC 14 -89.24 -18.82 -79.69
N MET DC 15 -89.98 -17.92 -80.36
CA MET DC 15 -89.97 -16.50 -80.00
C MET DC 15 -91.30 -16.14 -79.34
N GLY DC 16 -91.24 -15.85 -78.04
CA GLY DC 16 -92.35 -15.27 -77.30
C GLY DC 16 -92.09 -13.80 -77.08
N GLN DC 17 -93.15 -13.08 -76.69
CA GLN DC 17 -93.03 -11.63 -76.58
C GLN DC 17 -92.08 -11.22 -75.45
N GLN DC 18 -91.79 -12.12 -74.53
CA GLN DC 18 -90.77 -11.83 -73.52
C GLN DC 18 -89.37 -11.91 -74.11
N GLY DC 19 -89.21 -12.66 -75.19
CA GLY DC 19 -87.92 -12.96 -75.77
C GLY DC 19 -87.92 -14.40 -76.26
N PRO DC 20 -86.76 -14.91 -76.63
CA PRO DC 20 -86.67 -16.33 -76.99
C PRO DC 20 -87.00 -17.20 -75.78
N VAL DC 21 -87.93 -18.13 -75.96
CA VAL DC 21 -88.52 -18.89 -74.88
C VAL DC 21 -88.52 -20.37 -75.23
N GLN DC 22 -88.29 -21.21 -74.22
CA GLN DC 22 -88.21 -22.65 -74.39
C GLN DC 22 -89.61 -23.25 -74.36
N SER DC 23 -89.93 -24.04 -75.38
CA SER DC 23 -91.21 -24.74 -75.41
C SER DC 23 -91.26 -25.79 -74.29
N SER DC 24 -92.45 -25.99 -73.73
CA SER DC 24 -92.59 -26.87 -72.57
C SER DC 24 -93.86 -27.69 -72.66
N ARG DC 25 -93.79 -28.92 -72.17
CA ARG DC 25 -94.90 -29.88 -72.22
C ARG DC 25 -95.22 -30.31 -70.81
N THR DC 26 -96.42 -29.98 -70.33
CA THR DC 26 -96.77 -30.23 -68.94
C THR DC 26 -98.10 -30.96 -68.83
N THR DC 27 -98.29 -31.63 -67.70
CA THR DC 27 -99.52 -32.30 -67.36
C THR DC 27 -100.47 -31.41 -66.58
N PHE DC 28 -100.15 -30.13 -66.49
CA PHE DC 28 -100.95 -29.18 -65.71
C PHE DC 28 -102.28 -28.92 -66.40
N GLY DC 29 -103.37 -29.03 -65.64
CA GLY DC 29 -104.68 -28.69 -66.14
C GLY DC 29 -105.40 -29.75 -66.93
N VAL DC 30 -105.02 -31.02 -66.80
CA VAL DC 30 -105.68 -32.13 -67.47
C VAL DC 30 -106.27 -33.04 -66.42
N ASN DC 31 -107.60 -33.15 -66.40
CA ASN DC 31 -108.31 -33.99 -65.44
C ASN DC 31 -108.60 -35.34 -66.10
N PRO DC 32 -107.86 -36.39 -65.78
CA PRO DC 32 -108.16 -37.72 -66.32
C PRO DC 32 -109.04 -38.60 -65.45
N ASP DC 33 -109.61 -38.07 -64.36
CA ASP DC 33 -110.52 -38.84 -63.52
C ASP DC 33 -111.60 -39.51 -64.36
N ARG DC 34 -111.96 -40.73 -64.00
CA ARG DC 34 -112.98 -41.47 -64.71
C ARG DC 34 -114.18 -41.77 -63.81
N GLN DC 35 -115.30 -41.99 -64.46
CA GLN DC 35 -116.56 -42.32 -63.81
C GLN DC 35 -116.71 -43.83 -63.77
N ALA DC 36 -117.11 -44.36 -62.62
CA ALA DC 36 -117.20 -45.81 -62.44
C ALA DC 36 -118.26 -46.39 -63.37
N ASN DC 37 -117.99 -47.61 -63.84
CA ASN DC 37 -118.92 -48.33 -64.71
C ASN DC 37 -120.01 -48.94 -63.83
N ALA DC 38 -120.98 -48.10 -63.46
CA ALA DC 38 -122.07 -48.43 -62.56
C ALA DC 38 -123.42 -48.12 -63.20
N ARG DC 39 -123.52 -48.33 -64.50
CA ARG DC 39 -124.68 -47.91 -65.29
C ARG DC 39 -125.45 -49.11 -65.80
N PRO DC 40 -126.65 -49.38 -65.30
CA PRO DC 40 -127.46 -50.46 -65.88
C PRO DC 40 -127.76 -50.18 -67.35
N VAL DC 41 -127.71 -51.24 -68.17
CA VAL DC 41 -127.95 -51.10 -69.60
C VAL DC 41 -129.14 -51.96 -69.99
N TYR DC 42 -129.74 -51.59 -71.12
CA TYR DC 42 -130.89 -52.30 -71.64
C TYR DC 42 -130.48 -53.67 -72.14
N LEU DC 43 -131.27 -54.68 -71.80
CA LEU DC 43 -131.07 -56.05 -72.22
C LEU DC 43 -132.27 -56.48 -73.06
N ALA DC 44 -132.02 -56.74 -74.34
CA ALA DC 44 -133.11 -57.02 -75.27
C ALA DC 44 -133.92 -58.23 -74.80
N PRO DC 45 -135.24 -58.24 -75.01
CA PRO DC 45 -136.05 -59.40 -74.60
C PRO DC 45 -135.98 -60.56 -75.57
N ALA DC 46 -135.29 -60.40 -76.69
CA ALA DC 46 -135.07 -61.47 -77.65
C ALA DC 46 -134.00 -61.00 -78.63
N ALA DC 47 -133.39 -61.97 -79.32
CA ALA DC 47 -132.26 -61.67 -80.19
C ALA DC 47 -132.66 -61.86 -81.64
N PRO DC 48 -132.71 -60.81 -82.48
CA PRO DC 48 -133.12 -61.04 -83.88
C PRO DC 48 -131.96 -61.46 -84.77
N MET DC 49 -132.01 -62.68 -85.33
CA MET DC 49 -131.03 -63.16 -86.30
C MET DC 49 -131.61 -63.16 -87.71
N GLU DC 50 -132.35 -62.11 -88.10
CA GLU DC 50 -133.07 -62.16 -89.36
C GLU DC 50 -132.14 -62.24 -90.57
N ASN DC 51 -131.05 -61.44 -90.57
CA ASN DC 51 -130.17 -61.39 -91.74
C ASN DC 51 -129.60 -62.77 -92.06
N THR DC 52 -128.99 -63.42 -91.07
CA THR DC 52 -128.33 -64.70 -91.30
C THR DC 52 -129.32 -65.78 -91.75
N TYR DC 53 -130.52 -65.79 -91.18
CA TYR DC 53 -131.47 -66.86 -91.50
C TYR DC 53 -132.18 -66.63 -92.83
N THR DC 54 -132.42 -65.38 -93.22
CA THR DC 54 -132.88 -65.15 -94.58
C THR DC 54 -131.82 -65.56 -95.60
N TYR DC 55 -130.54 -65.30 -95.32
CA TYR DC 55 -129.54 -65.80 -96.25
C TYR DC 55 -129.50 -67.34 -96.26
N LEU DC 56 -129.69 -67.96 -95.09
CA LEU DC 56 -129.69 -69.42 -95.04
C LEU DC 56 -130.87 -70.02 -95.79
N GLY DC 57 -132.01 -69.33 -95.79
CA GLY DC 57 -133.09 -69.73 -96.68
C GLY DC 57 -132.74 -69.53 -98.14
N SER DC 58 -131.98 -68.46 -98.44
CA SER DC 58 -131.57 -68.21 -99.82
C SER DC 58 -130.74 -69.37 -100.37
N ILE DC 59 -129.73 -69.82 -99.64
CA ILE DC 59 -128.86 -70.88 -100.19
C ILE DC 59 -129.43 -72.26 -99.90
N GLN DC 60 -130.66 -72.31 -99.39
CA GLN DC 60 -131.35 -73.57 -99.09
C GLN DC 60 -130.64 -74.35 -97.99
N PHE DC 61 -130.04 -73.64 -97.02
CA PHE DC 61 -129.42 -74.23 -95.84
C PHE DC 61 -128.30 -75.21 -96.21
N ALA DC 62 -127.55 -74.90 -97.25
CA ALA DC 62 -126.51 -75.81 -97.70
C ALA DC 62 -125.47 -75.03 -98.48
N ALA DC 63 -124.22 -75.10 -98.03
CA ALA DC 63 -123.09 -74.60 -98.82
C ALA DC 63 -122.04 -75.70 -98.86
N GLY DC 64 -121.80 -76.23 -100.05
CA GLY DC 64 -120.85 -77.31 -100.20
C GLY DC 64 -121.22 -78.52 -99.36
N ARG DC 65 -120.31 -78.91 -98.48
CA ARG DC 65 -120.50 -80.04 -97.60
C ARG DC 65 -121.12 -79.64 -96.27
N HIS DC 66 -121.27 -78.34 -96.02
CA HIS DC 66 -121.87 -77.84 -94.79
C HIS DC 66 -123.37 -77.76 -94.98
N ILE DC 67 -124.11 -78.57 -94.24
CA ILE DC 67 -125.57 -78.50 -94.28
C ILE DC 67 -126.04 -77.94 -92.94
N PHE DC 68 -126.99 -77.04 -92.98
CA PHE DC 68 -127.40 -76.32 -91.78
C PHE DC 68 -128.80 -76.72 -91.35
N GLY DC 69 -129.08 -76.52 -90.06
CA GLY DC 69 -130.41 -76.80 -89.56
C GLY DC 69 -131.34 -75.63 -89.78
N GLU DC 70 -132.65 -75.94 -89.87
CA GLU DC 70 -133.70 -74.93 -89.97
C GLU DC 70 -134.10 -74.49 -88.57
N PRO DC 71 -134.07 -73.19 -88.28
CA PRO DC 71 -134.33 -72.73 -86.91
C PRO DC 71 -135.77 -72.95 -86.49
N ALA DC 72 -135.99 -72.77 -85.19
CA ALA DC 72 -137.35 -72.66 -84.69
C ALA DC 72 -137.96 -71.31 -85.03
N SER DC 73 -137.21 -70.24 -84.75
CA SER DC 73 -137.66 -68.89 -85.02
C SER DC 73 -136.48 -68.06 -85.54
N ASN DC 74 -136.79 -67.08 -86.38
CA ASN DC 74 -135.78 -66.11 -86.78
C ASN DC 74 -135.38 -65.22 -85.62
N VAL DC 75 -136.23 -65.12 -84.59
CA VAL DC 75 -135.96 -64.31 -83.40
C VAL DC 75 -135.90 -65.25 -82.22
N LEU DC 76 -134.78 -65.18 -81.46
CA LEU DC 76 -134.44 -66.14 -80.42
C LEU DC 76 -134.95 -65.68 -79.06
N PRO DC 77 -135.57 -66.57 -78.31
CA PRO DC 77 -136.09 -66.22 -76.99
C PRO DC 77 -135.00 -66.32 -75.94
N PRO DC 78 -135.17 -65.62 -74.82
CA PRO DC 78 -134.18 -65.73 -73.74
C PRO DC 78 -134.13 -67.14 -73.16
N GLN DC 79 -132.94 -67.53 -72.71
CA GLN DC 79 -132.70 -68.83 -72.11
C GLN DC 79 -132.51 -68.78 -70.60
N ASN DC 80 -131.80 -67.77 -70.09
CA ASN DC 80 -131.58 -67.64 -68.65
C ASN DC 80 -131.77 -66.21 -68.18
N ILE DC 81 -132.60 -65.44 -68.88
CA ILE DC 81 -132.84 -64.04 -68.55
C ILE DC 81 -134.28 -63.90 -68.09
N VAL DC 82 -134.48 -63.18 -67.01
CA VAL DC 82 -135.82 -62.99 -66.47
C VAL DC 82 -136.03 -61.49 -66.28
N PRO DC 83 -137.19 -60.96 -66.67
CA PRO DC 83 -137.42 -59.53 -66.53
C PRO DC 83 -137.29 -59.09 -65.09
N GLY DC 84 -136.60 -57.97 -64.89
CA GLY DC 84 -136.43 -57.41 -63.57
C GLY DC 84 -135.34 -58.05 -62.73
N VAL DC 85 -134.61 -59.03 -63.27
CA VAL DC 85 -133.50 -59.65 -62.56
C VAL DC 85 -132.22 -59.23 -63.27
N PRO DC 86 -131.29 -58.55 -62.59
CA PRO DC 86 -130.06 -58.11 -63.27
C PRO DC 86 -129.04 -59.23 -63.39
N THR DC 87 -128.49 -59.37 -64.60
CA THR DC 87 -127.49 -60.39 -64.89
C THR DC 87 -126.35 -59.73 -65.63
N LYS DC 88 -125.17 -60.32 -65.51
CA LYS DC 88 -124.00 -59.94 -66.29
C LYS DC 88 -123.76 -60.90 -67.45
N HIS DC 89 -124.59 -61.95 -67.56
CA HIS DC 89 -124.48 -62.93 -68.63
C HIS DC 89 -125.88 -63.39 -69.01
N GLY DC 90 -126.20 -63.29 -70.29
CA GLY DC 90 -127.51 -63.68 -70.80
C GLY DC 90 -127.44 -64.45 -72.10
N GLU DC 91 -128.29 -65.47 -72.25
CA GLU DC 91 -128.24 -66.34 -73.41
C GLU DC 91 -129.61 -66.40 -74.08
N TYR DC 92 -129.60 -66.39 -75.40
CA TYR DC 92 -130.78 -66.68 -76.21
C TYR DC 92 -130.49 -67.91 -77.06
N VAL DC 93 -131.52 -68.70 -77.34
CA VAL DC 93 -131.31 -69.99 -78.01
C VAL DC 93 -132.57 -70.38 -78.77
N THR DC 94 -132.38 -71.01 -79.94
CA THR DC 94 -133.44 -71.85 -80.51
C THR DC 94 -132.85 -73.20 -80.89
N THR DC 95 -133.68 -74.09 -81.42
CA THR DC 95 -133.22 -75.43 -81.79
C THR DC 95 -133.42 -75.65 -83.28
N ASN DC 96 -132.31 -75.76 -84.01
CA ASN DC 96 -132.33 -76.13 -85.42
C ASN DC 96 -132.77 -77.58 -85.57
N THR DC 97 -133.61 -77.85 -86.58
CA THR DC 97 -134.04 -79.20 -86.94
C THR DC 97 -133.87 -79.40 -88.45
N GLY DC 98 -134.01 -80.64 -88.89
CA GLY DC 98 -133.81 -80.94 -90.30
C GLY DC 98 -134.08 -82.39 -90.58
N ASP DC 99 -134.14 -82.71 -91.87
CA ASP DC 99 -134.42 -84.07 -92.33
C ASP DC 99 -133.23 -84.96 -92.02
N ARG DC 100 -133.46 -86.00 -91.22
CA ARG DC 100 -132.41 -86.94 -90.80
C ARG DC 100 -131.27 -86.22 -90.10
N LEU DC 101 -131.60 -85.17 -89.35
CA LEU DC 101 -130.63 -84.42 -88.56
C LEU DC 101 -131.10 -84.42 -87.11
N MET DC 102 -130.21 -84.82 -86.20
CA MET DC 102 -130.52 -84.69 -84.78
C MET DC 102 -130.54 -83.22 -84.40
N ALA DC 103 -131.66 -82.77 -83.81
CA ALA DC 103 -131.86 -81.36 -83.55
C ALA DC 103 -130.77 -80.80 -82.64
N SER DC 104 -130.34 -79.58 -82.92
CA SER DC 104 -129.18 -78.99 -82.29
C SER DC 104 -129.39 -77.50 -82.09
N SER DC 105 -128.98 -76.97 -80.95
CA SER DC 105 -129.28 -75.61 -80.57
C SER DC 105 -128.34 -74.61 -81.23
N THR DC 106 -128.87 -73.44 -81.56
CA THR DC 106 -128.07 -72.30 -81.99
C THR DC 106 -128.19 -71.22 -80.91
N THR DC 107 -127.04 -70.61 -80.54
CA THR DC 107 -126.91 -69.83 -79.31
C THR DC 107 -126.36 -68.43 -79.57
N VAL DC 108 -126.89 -67.47 -78.82
CA VAL DC 108 -126.46 -66.07 -78.87
C VAL DC 108 -126.20 -65.63 -77.45
N THR DC 109 -124.94 -65.34 -77.13
CA THR DC 109 -124.49 -65.05 -75.78
C THR DC 109 -124.12 -63.58 -75.65
N ARG DC 110 -124.52 -62.94 -74.55
CA ARG DC 110 -124.22 -61.55 -74.28
C ARG DC 110 -123.63 -61.43 -72.88
N ASP DC 111 -122.42 -60.89 -72.78
CA ASP DC 111 -121.72 -60.68 -71.53
C ASP DC 111 -121.51 -59.19 -71.33
N VAL DC 112 -121.98 -58.66 -70.20
CA VAL DC 112 -121.88 -57.24 -69.91
C VAL DC 112 -121.17 -57.10 -68.56
N SER DC 113 -119.87 -56.75 -68.59
CA SER DC 113 -119.08 -56.59 -67.38
C SER DC 113 -118.12 -55.43 -67.50
N ASN DC 114 -118.14 -54.56 -66.48
CA ASN DC 114 -117.13 -53.51 -66.31
C ASN DC 114 -116.97 -52.64 -67.55
N GLY DC 115 -118.10 -52.25 -68.13
CA GLY DC 115 -118.09 -51.40 -69.31
C GLY DC 115 -117.83 -52.11 -70.62
N ARG DC 116 -117.63 -53.41 -70.59
CA ARG DC 116 -117.34 -54.19 -71.79
C ARG DC 116 -118.55 -55.03 -72.12
N THR DC 117 -119.13 -54.77 -73.29
CA THR DC 117 -120.26 -55.55 -73.79
C THR DC 117 -119.75 -56.47 -74.90
N LYS DC 118 -120.10 -57.76 -74.83
CA LYS DC 118 -119.65 -58.71 -75.85
C LYS DC 118 -120.78 -59.66 -76.24
N VAL DC 119 -121.07 -59.71 -77.54
CA VAL DC 119 -122.10 -60.57 -78.11
C VAL DC 119 -121.43 -61.58 -79.02
N SER DC 120 -121.75 -62.86 -78.83
CA SER DC 120 -121.20 -63.95 -79.63
C SER DC 120 -122.33 -64.81 -80.18
N ILE DC 121 -122.18 -65.26 -81.42
CA ILE DC 121 -123.17 -66.08 -82.10
C ILE DC 121 -122.51 -67.37 -82.55
N ASP DC 122 -123.12 -68.51 -82.19
CA ASP DC 122 -122.60 -69.84 -82.52
C ASP DC 122 -123.70 -70.66 -83.17
N ILE DC 123 -123.50 -71.03 -84.42
CA ILE DC 123 -124.45 -71.86 -85.17
C ILE DC 123 -123.75 -73.14 -85.59
N PRO DC 124 -124.35 -74.30 -85.38
CA PRO DC 124 -123.73 -75.57 -85.78
C PRO DC 124 -124.07 -75.91 -87.23
N TYR DC 125 -123.32 -76.89 -87.74
CA TYR DC 125 -123.59 -77.46 -89.07
C TYR DC 125 -123.35 -78.96 -89.04
N TYR DC 126 -123.70 -79.63 -90.14
CA TYR DC 126 -123.65 -81.07 -90.24
C TYR DC 126 -122.98 -81.49 -91.55
N ASP DC 127 -122.60 -82.78 -91.59
CA ASP DC 127 -121.85 -83.38 -92.68
C ASP DC 127 -122.80 -83.77 -93.81
N ARG DC 128 -122.83 -82.95 -94.87
CA ARG DC 128 -123.76 -83.26 -95.96
C ARG DC 128 -123.39 -84.55 -96.67
N ASN DC 129 -122.11 -84.91 -96.72
CA ASN DC 129 -121.74 -86.21 -97.29
C ASN DC 129 -122.45 -87.34 -96.55
N ALA DC 130 -122.43 -87.29 -95.22
CA ALA DC 130 -123.13 -88.31 -94.43
C ALA DC 130 -124.64 -88.23 -94.61
N VAL DC 131 -125.20 -87.02 -94.62
CA VAL DC 131 -126.66 -86.89 -94.70
C VAL DC 131 -127.19 -87.40 -96.03
N GLU DC 132 -126.51 -87.04 -97.14
CA GLU DC 132 -126.94 -87.52 -98.44
C GLU DC 132 -126.63 -88.99 -98.65
N THR DC 133 -125.60 -89.54 -97.97
CA THR DC 133 -125.44 -90.99 -97.96
C THR DC 133 -126.65 -91.67 -97.31
N LEU DC 134 -127.11 -91.12 -96.17
CA LEU DC 134 -128.31 -91.62 -95.51
C LEU DC 134 -129.52 -91.60 -96.44
N LYS DC 135 -129.77 -90.46 -97.08
CA LYS DC 135 -130.93 -90.37 -97.96
C LYS DC 135 -130.80 -91.30 -99.15
N ALA DC 136 -129.62 -91.33 -99.78
CA ALA DC 136 -129.47 -92.01 -101.07
C ALA DC 136 -129.54 -93.54 -100.92
N SER DC 137 -128.88 -94.12 -99.93
CA SER DC 137 -128.94 -95.57 -99.77
C SER DC 137 -130.03 -96.00 -98.79
N ALA DC 138 -130.93 -95.07 -98.40
CA ALA DC 138 -132.12 -95.39 -97.60
C ALA DC 138 -131.77 -96.04 -96.26
N ILE DC 139 -130.79 -95.46 -95.57
CA ILE DC 139 -130.38 -95.89 -94.24
C ILE DC 139 -131.29 -95.20 -93.23
N PRO DC 140 -131.62 -95.79 -92.08
CA PRO DC 140 -132.56 -95.15 -91.15
C PRO DC 140 -131.98 -94.24 -90.09
N GLY DC 141 -130.65 -94.09 -89.99
CA GLY DC 141 -130.07 -93.28 -88.94
C GLY DC 141 -130.14 -91.77 -89.20
N ALA DC 142 -129.59 -91.01 -88.24
CA ALA DC 142 -129.48 -89.57 -88.33
C ALA DC 142 -128.04 -89.14 -88.02
N VAL DC 143 -127.73 -87.88 -88.31
CA VAL DC 143 -126.40 -87.31 -88.12
C VAL DC 143 -126.46 -86.26 -87.02
N ALA DC 144 -125.44 -86.26 -86.18
CA ALA DC 144 -125.20 -85.26 -85.15
C ALA DC 144 -124.34 -84.13 -85.72
N PRO DC 145 -124.37 -82.94 -85.10
CA PRO DC 145 -123.57 -81.82 -85.63
C PRO DC 145 -122.10 -82.18 -85.73
N VAL DC 146 -121.44 -81.58 -86.71
CA VAL DC 146 -120.06 -81.90 -87.01
C VAL DC 146 -119.11 -80.76 -86.64
N GLY DC 147 -119.58 -79.52 -86.67
CA GLY DC 147 -118.80 -78.38 -86.21
C GLY DC 147 -119.68 -77.17 -86.08
N SER DC 148 -119.05 -76.00 -85.96
CA SER DC 148 -119.82 -74.78 -85.83
C SER DC 148 -119.08 -73.62 -86.48
N PHE DC 149 -119.79 -72.49 -86.58
CA PHE DC 149 -119.21 -71.20 -86.92
C PHE DC 149 -119.60 -70.19 -85.86
N LYS DC 150 -118.66 -69.29 -85.55
CA LYS DC 150 -118.80 -68.33 -84.46
C LYS DC 150 -118.38 -66.93 -84.91
N VAL DC 151 -119.14 -65.95 -84.45
CA VAL DC 151 -118.88 -64.53 -84.72
C VAL DC 151 -118.98 -63.77 -83.41
N ASN DC 152 -117.93 -63.01 -83.08
CA ASN DC 152 -117.86 -62.25 -81.84
C ASN DC 152 -117.82 -60.75 -82.13
N VAL DC 153 -118.46 -59.98 -81.27
CA VAL DC 153 -118.49 -58.53 -81.39
C VAL DC 153 -118.34 -57.95 -79.98
N GLU DC 154 -117.52 -56.92 -79.85
CA GLU DC 154 -117.08 -56.45 -78.53
C GLU DC 154 -117.00 -54.93 -78.54
N VAL DC 155 -117.57 -54.30 -77.52
CA VAL DC 155 -117.61 -52.86 -77.38
C VAL DC 155 -116.98 -52.53 -76.04
N LEU DC 156 -115.83 -51.86 -76.07
CA LEU DC 156 -115.11 -51.48 -74.86
C LEU DC 156 -115.48 -50.04 -74.56
N GLY DC 157 -116.50 -49.87 -73.72
CA GLY DC 157 -117.05 -48.56 -73.45
C GLY DC 157 -116.78 -48.10 -72.04
N GLY DC 158 -115.74 -48.66 -71.43
CA GLY DC 158 -115.41 -48.28 -70.08
C GLY DC 158 -114.71 -46.94 -70.01
N GLY DC 159 -114.66 -46.40 -68.80
CA GLY DC 159 -113.84 -45.23 -68.53
C GLY DC 159 -114.36 -43.98 -69.19
N VAL DC 160 -115.60 -43.63 -68.91
CA VAL DC 160 -116.09 -42.32 -69.29
C VAL DC 160 -115.57 -41.29 -68.28
N LEU DC 161 -115.43 -40.05 -68.74
CA LEU DC 161 -114.90 -38.98 -67.91
C LEU DC 161 -115.93 -38.54 -66.87
N THR DC 162 -115.45 -37.76 -65.89
CA THR DC 162 -116.26 -37.48 -64.70
C THR DC 162 -117.40 -36.50 -65.00
N GLY DC 163 -117.14 -35.53 -65.88
CA GLY DC 163 -118.16 -34.57 -66.25
C GLY DC 163 -119.09 -35.03 -67.34
N THR DC 164 -119.07 -36.31 -67.69
CA THR DC 164 -119.96 -36.83 -68.72
C THR DC 164 -121.39 -36.79 -68.20
N ASP DC 165 -122.21 -35.94 -68.81
CA ASP DC 165 -123.59 -35.78 -68.39
C ASP DC 165 -124.37 -37.07 -68.62
N ALA DC 166 -125.38 -37.29 -67.77
CA ALA DC 166 -126.27 -38.43 -67.97
C ALA DC 166 -126.86 -38.43 -69.37
N ASN DC 167 -127.21 -37.24 -69.89
CA ASN DC 167 -127.74 -37.13 -71.25
C ASN DC 167 -126.68 -37.45 -72.29
N ALA DC 168 -125.45 -37.00 -72.06
CA ALA DC 168 -124.40 -37.20 -73.06
C ALA DC 168 -123.95 -38.66 -73.14
N GLN DC 169 -124.24 -39.47 -72.13
CA GLN DC 169 -123.91 -40.89 -72.22
C GLN DC 169 -124.73 -41.57 -73.30
N PHE DC 170 -125.93 -41.05 -73.58
CA PHE DC 170 -126.71 -41.59 -74.70
C PHE DC 170 -126.04 -41.27 -76.02
N ALA DC 171 -125.54 -40.04 -76.15
CA ALA DC 171 -124.81 -39.70 -77.37
C ALA DC 171 -123.60 -40.60 -77.54
N LEU DC 172 -122.90 -40.90 -76.45
CA LEU DC 172 -121.77 -41.82 -76.53
C LEU DC 172 -122.23 -43.22 -76.91
N ASP DC 173 -123.41 -43.63 -76.41
CA ASP DC 173 -124.00 -44.91 -76.80
C ASP DC 173 -124.10 -45.01 -78.31
N GLU DC 174 -124.72 -43.98 -78.92
CA GLU DC 174 -124.92 -44.01 -80.36
C GLU DC 174 -123.60 -43.93 -81.11
N LEU DC 175 -122.62 -43.18 -80.58
CA LEU DC 175 -121.30 -43.16 -81.22
C LEU DC 175 -120.70 -44.56 -81.29
N LEU DC 176 -120.75 -45.29 -80.18
CA LEU DC 176 -120.20 -46.64 -80.18
C LEU DC 176 -120.97 -47.55 -81.13
N SER DC 177 -122.29 -47.42 -81.19
CA SER DC 177 -123.04 -48.28 -82.10
C SER DC 177 -122.69 -48.00 -83.56
N ASN DC 178 -122.43 -46.74 -83.90
CA ASN DC 178 -122.00 -46.42 -85.27
C ASN DC 178 -120.60 -46.97 -85.56
N MET DC 179 -119.71 -46.94 -84.59
CA MET DC 179 -118.42 -47.62 -84.77
C MET DC 179 -118.62 -49.10 -85.00
N LEU DC 180 -119.59 -49.71 -84.31
CA LEU DC 180 -119.94 -51.12 -84.54
C LEU DC 180 -120.30 -51.37 -85.99
N MET DC 181 -121.22 -50.57 -86.51
CA MET DC 181 -121.64 -50.73 -87.90
C MET DC 181 -120.46 -50.60 -88.85
N ASP DC 182 -119.63 -49.57 -88.65
CA ASP DC 182 -118.45 -49.39 -89.50
C ASP DC 182 -117.52 -50.58 -89.42
N ALA DC 183 -117.38 -51.16 -88.23
CA ALA DC 183 -116.48 -52.29 -88.05
C ALA DC 183 -116.95 -53.52 -88.81
N ALA DC 184 -118.25 -53.83 -88.71
CA ALA DC 184 -118.75 -54.98 -89.47
C ALA DC 184 -118.66 -54.75 -90.98
N ARG DC 185 -118.91 -53.52 -91.43
CA ARG DC 185 -118.78 -53.25 -92.85
C ARG DC 185 -117.34 -53.43 -93.31
N ILE DC 186 -116.37 -52.97 -92.52
CA ILE DC 186 -114.96 -53.16 -92.86
C ILE DC 186 -114.59 -54.64 -92.81
N ALA DC 187 -115.25 -55.39 -91.93
CA ALA DC 187 -114.95 -56.81 -91.80
C ALA DC 187 -115.38 -57.58 -93.03
N GLN DC 188 -116.57 -57.30 -93.57
CA GLN DC 188 -117.06 -58.05 -94.71
C GLN DC 188 -116.87 -57.32 -96.04
N ASP DC 189 -116.24 -56.17 -96.03
CA ASP DC 189 -116.06 -55.37 -97.23
C ASP DC 189 -115.28 -56.16 -98.26
N GLY DC 190 -115.71 -56.05 -99.51
CA GLY DC 190 -115.00 -56.69 -100.59
C GLY DC 190 -115.94 -57.29 -101.61
N PRO DC 191 -115.42 -57.54 -102.83
CA PRO DC 191 -116.24 -58.18 -103.85
C PRO DC 191 -116.56 -59.60 -103.44
N LYS DC 192 -117.73 -60.06 -103.83
CA LYS DC 192 -118.16 -61.43 -103.62
C LYS DC 192 -117.64 -62.36 -104.70
N ASN DC 193 -116.90 -61.83 -105.69
CA ASN DC 193 -116.23 -62.67 -106.66
C ASN DC 193 -115.00 -63.34 -106.07
N THR DC 194 -114.46 -62.80 -104.98
CA THR DC 194 -113.17 -63.23 -104.46
C THR DC 194 -113.29 -63.64 -103.00
N ALA DC 195 -112.38 -64.51 -102.58
CA ALA DC 195 -112.37 -65.04 -101.23
C ALA DC 195 -112.15 -63.94 -100.20
N ARG DC 196 -112.93 -63.93 -99.11
CA ARG DC 196 -112.64 -62.92 -98.09
C ARG DC 196 -112.75 -63.34 -96.63
N LEU DC 197 -113.44 -64.42 -96.25
CA LEU DC 197 -113.56 -64.71 -94.82
C LEU DC 197 -113.07 -66.08 -94.34
N VAL DC 198 -113.61 -67.18 -94.90
CA VAL DC 198 -113.40 -68.49 -94.29
C VAL DC 198 -112.07 -69.06 -94.72
N ALA DC 199 -111.53 -69.96 -93.89
CA ALA DC 199 -110.27 -70.65 -94.16
C ALA DC 199 -109.13 -69.66 -94.40
N ALA DC 200 -109.27 -68.46 -93.83
CA ALA DC 200 -108.33 -67.37 -94.12
C ALA DC 200 -106.92 -67.74 -93.69
N SER DC 201 -105.96 -67.45 -94.56
CA SER DC 201 -104.54 -67.65 -94.30
C SER DC 201 -103.81 -66.34 -94.08
N HIS DC 202 -104.02 -65.38 -94.98
CA HIS DC 202 -103.46 -64.04 -94.88
C HIS DC 202 -104.27 -63.13 -95.77
N GLY DC 203 -103.98 -61.84 -95.71
CA GLY DC 203 -104.66 -60.84 -96.54
C GLY DC 203 -103.76 -60.42 -97.69
N VAL DC 204 -104.37 -60.20 -98.85
CA VAL DC 204 -103.63 -59.69 -99.99
C VAL DC 204 -104.46 -58.62 -100.67
N MET DC 205 -104.11 -57.35 -100.48
CA MET DC 205 -104.87 -56.29 -101.13
C MET DC 205 -104.40 -56.12 -102.58
N PRO DC 206 -105.33 -55.93 -103.53
CA PRO DC 206 -104.95 -55.95 -104.94
C PRO DC 206 -104.28 -54.66 -105.35
N GLN DC 207 -103.42 -54.78 -106.38
CA GLN DC 207 -102.67 -53.62 -106.88
C GLN DC 207 -103.60 -52.63 -107.57
N ALA DC 208 -104.52 -53.13 -108.37
CA ALA DC 208 -105.49 -52.30 -109.05
C ALA DC 208 -106.67 -53.19 -109.47
N PRO EC 20 -113.71 -105.82 -70.64
CA PRO EC 20 -114.47 -104.62 -70.23
C PRO EC 20 -115.46 -104.15 -71.29
N VAL EC 21 -116.76 -104.22 -70.97
CA VAL EC 21 -117.83 -103.82 -71.87
C VAL EC 21 -118.19 -102.37 -71.55
N GLN EC 22 -118.15 -101.49 -72.54
CA GLN EC 22 -118.42 -100.08 -72.35
C GLN EC 22 -119.68 -99.66 -73.12
N SER EC 23 -120.37 -98.66 -72.59
CA SER EC 23 -121.61 -98.16 -73.19
C SER EC 23 -121.33 -96.90 -74.00
N SER EC 24 -122.14 -96.68 -75.04
CA SER EC 24 -121.95 -95.54 -75.92
C SER EC 24 -123.27 -95.09 -76.54
N ARG EC 25 -123.22 -93.87 -77.08
CA ARG EC 25 -124.35 -93.22 -77.75
C ARG EC 25 -123.95 -92.94 -79.19
N THR EC 26 -124.62 -93.61 -80.12
CA THR EC 26 -124.17 -93.64 -81.51
C THR EC 26 -125.06 -92.77 -82.39
N THR EC 27 -124.42 -92.09 -83.34
CA THR EC 27 -125.11 -91.57 -84.50
C THR EC 27 -124.35 -91.99 -85.74
N PHE EC 28 -125.02 -91.98 -86.89
CA PHE EC 28 -124.34 -92.34 -88.12
C PHE EC 28 -123.35 -91.25 -88.52
N GLY EC 29 -122.26 -91.69 -89.13
CA GLY EC 29 -121.27 -90.76 -89.64
C GLY EC 29 -119.85 -91.18 -89.34
N VAL EC 30 -118.93 -90.30 -89.72
CA VAL EC 30 -117.51 -90.42 -89.38
C VAL EC 30 -117.03 -89.02 -89.03
N ASN EC 31 -116.10 -88.96 -88.08
CA ASN EC 31 -115.43 -87.71 -87.78
C ASN EC 31 -114.89 -87.10 -89.06
N PRO EC 32 -115.15 -85.82 -89.32
CA PRO EC 32 -114.96 -85.30 -90.67
C PRO EC 32 -113.49 -85.07 -90.97
N ASP EC 33 -113.21 -84.89 -92.25
CA ASP EC 33 -111.89 -84.46 -92.69
C ASP EC 33 -111.95 -82.96 -92.90
N ARG EC 34 -111.18 -82.22 -92.10
CA ARG EC 34 -111.15 -80.77 -92.18
C ARG EC 34 -110.12 -80.30 -93.20
N GLN EC 35 -110.41 -79.18 -93.84
CA GLN EC 35 -109.50 -78.58 -94.80
C GLN EC 35 -108.59 -77.58 -94.10
N ALA EC 36 -107.34 -77.52 -94.55
CA ALA EC 36 -106.38 -76.60 -93.96
C ALA EC 36 -106.77 -75.16 -94.27
N ASN EC 37 -106.36 -74.25 -93.38
CA ASN EC 37 -106.69 -72.83 -93.54
C ASN EC 37 -105.65 -72.13 -94.43
N ALA EC 38 -105.60 -72.57 -95.68
CA ALA EC 38 -104.59 -72.10 -96.65
C ALA EC 38 -105.20 -71.21 -97.72
N ARG EC 39 -106.28 -70.51 -97.39
CA ARG EC 39 -107.02 -69.74 -98.37
C ARG EC 39 -106.72 -68.26 -98.19
N PRO EC 40 -105.91 -67.64 -99.04
CA PRO EC 40 -105.68 -66.20 -98.92
C PRO EC 40 -106.93 -65.41 -99.28
N VAL EC 41 -107.14 -64.30 -98.57
CA VAL EC 41 -108.39 -63.56 -98.64
C VAL EC 41 -108.10 -62.13 -99.10
N TYR EC 42 -109.19 -61.46 -99.47
CA TYR EC 42 -109.15 -60.09 -99.93
C TYR EC 42 -108.90 -59.15 -98.77
N LEU EC 43 -108.16 -58.08 -99.06
CA LEU EC 43 -107.79 -57.08 -98.07
C LEU EC 43 -108.17 -55.72 -98.66
N ALA EC 44 -109.02 -54.98 -97.95
CA ALA EC 44 -109.53 -53.72 -98.51
C ALA EC 44 -108.38 -52.74 -98.73
N PRO EC 45 -108.36 -52.03 -99.87
CA PRO EC 45 -107.32 -51.01 -100.10
C PRO EC 45 -107.53 -49.73 -99.31
N ALA EC 46 -108.62 -49.65 -98.54
CA ALA EC 46 -108.91 -48.56 -97.62
C ALA EC 46 -110.06 -48.97 -96.72
N ALA EC 47 -110.17 -48.33 -95.57
CA ALA EC 47 -111.20 -48.68 -94.59
C ALA EC 47 -112.23 -47.56 -94.52
N PRO EC 48 -113.52 -47.80 -94.86
CA PRO EC 48 -114.49 -46.70 -94.75
C PRO EC 48 -115.05 -46.60 -93.36
N MET EC 49 -115.05 -45.39 -92.80
CA MET EC 49 -115.61 -45.11 -91.48
C MET EC 49 -116.71 -44.06 -91.59
N GLU EC 50 -117.57 -44.17 -92.61
CA GLU EC 50 -118.53 -43.10 -92.89
C GLU EC 50 -119.58 -42.97 -91.79
N ASN EC 51 -120.10 -44.10 -91.28
CA ASN EC 51 -121.19 -44.06 -90.30
C ASN EC 51 -120.78 -43.28 -89.05
N THR EC 52 -119.66 -43.67 -88.44
CA THR EC 52 -119.23 -43.07 -87.18
C THR EC 52 -118.86 -41.59 -87.37
N TYR EC 53 -118.22 -41.24 -88.49
CA TYR EC 53 -117.77 -39.86 -88.65
C TYR EC 53 -118.92 -38.92 -89.04
N THR EC 54 -119.92 -39.41 -89.78
CA THR EC 54 -121.12 -38.60 -89.95
C THR EC 54 -121.83 -38.40 -88.62
N TYR EC 55 -121.87 -39.42 -87.76
CA TYR EC 55 -122.50 -39.18 -86.46
C TYR EC 55 -121.68 -38.19 -85.63
N LEU EC 56 -120.35 -38.27 -85.71
CA LEU EC 56 -119.51 -37.31 -84.99
C LEU EC 56 -119.77 -35.89 -85.47
N GLY EC 57 -119.94 -35.71 -86.79
CA GLY EC 57 -120.39 -34.43 -87.30
C GLY EC 57 -121.73 -34.03 -86.73
N SER EC 58 -122.61 -35.01 -86.53
CA SER EC 58 -123.93 -34.74 -85.96
C SER EC 58 -123.82 -34.11 -84.57
N ILE EC 59 -123.06 -34.74 -83.68
CA ILE EC 59 -123.02 -34.24 -82.30
C ILE EC 59 -121.99 -33.11 -82.17
N GLN EC 60 -121.43 -32.67 -83.30
CA GLN EC 60 -120.44 -31.59 -83.32
C GLN EC 60 -119.19 -31.97 -82.51
N PHE EC 61 -118.82 -33.26 -82.58
CA PHE EC 61 -117.55 -33.76 -82.05
C PHE EC 61 -117.41 -33.53 -80.54
N ALA EC 62 -118.52 -33.62 -79.81
CA ALA EC 62 -118.46 -33.35 -78.37
C ALA EC 62 -119.58 -34.10 -77.68
N ALA EC 63 -119.27 -34.64 -76.50
CA ALA EC 63 -120.26 -35.32 -75.67
C ALA EC 63 -119.70 -35.42 -74.27
N GLY EC 64 -120.45 -34.97 -73.28
CA GLY EC 64 -119.92 -34.94 -71.93
C GLY EC 64 -118.76 -33.98 -71.90
N ARG EC 65 -117.65 -34.37 -71.28
CA ARG EC 65 -116.41 -33.63 -71.48
C ARG EC 65 -115.42 -34.41 -72.34
N HIS EC 66 -115.92 -35.36 -73.12
CA HIS EC 66 -115.16 -35.91 -74.24
C HIS EC 66 -115.29 -34.98 -75.44
N ILE EC 67 -114.15 -34.54 -75.98
CA ILE EC 67 -114.15 -33.84 -77.26
C ILE EC 67 -113.29 -34.64 -78.23
N PHE EC 68 -113.75 -34.77 -79.47
CA PHE EC 68 -113.06 -35.58 -80.47
C PHE EC 68 -112.45 -34.69 -81.55
N GLY EC 69 -111.58 -35.29 -82.34
CA GLY EC 69 -110.92 -34.58 -83.41
C GLY EC 69 -111.59 -34.81 -84.76
N GLU EC 70 -111.46 -33.82 -85.63
CA GLU EC 70 -111.95 -33.96 -87.00
C GLU EC 70 -110.94 -34.77 -87.81
N PRO EC 71 -111.39 -35.78 -88.55
CA PRO EC 71 -110.47 -36.61 -89.33
C PRO EC 71 -109.98 -35.88 -90.57
N ALA EC 72 -108.99 -36.49 -91.21
CA ALA EC 72 -108.59 -36.01 -92.51
C ALA EC 72 -109.52 -36.53 -93.59
N SER EC 73 -109.82 -37.82 -93.55
CA SER EC 73 -110.67 -38.47 -94.52
C SER EC 73 -111.67 -39.37 -93.81
N ASN EC 74 -112.89 -39.43 -94.35
CA ASN EC 74 -113.86 -40.41 -93.88
C ASN EC 74 -113.43 -41.82 -94.23
N VAL EC 75 -112.60 -41.96 -95.26
CA VAL EC 75 -112.04 -43.25 -95.65
C VAL EC 75 -110.55 -43.22 -95.35
N LEU EC 76 -110.10 -44.17 -94.51
CA LEU EC 76 -108.76 -44.31 -93.95
C LEU EC 76 -107.85 -45.05 -94.93
N PRO EC 77 -106.74 -44.45 -95.34
CA PRO EC 77 -105.80 -45.13 -96.22
C PRO EC 77 -104.96 -46.15 -95.46
N PRO EC 78 -104.33 -47.09 -96.16
CA PRO EC 78 -103.46 -48.06 -95.47
C PRO EC 78 -102.11 -47.44 -95.11
N GLN EC 79 -101.59 -47.82 -93.94
CA GLN EC 79 -100.31 -47.31 -93.47
C GLN EC 79 -99.16 -48.28 -93.68
N ASN EC 80 -99.39 -49.58 -93.50
CA ASN EC 80 -98.33 -50.58 -93.58
C ASN EC 80 -98.71 -51.76 -94.48
N ILE EC 81 -99.53 -51.54 -95.49
CA ILE EC 81 -99.99 -52.62 -96.36
C ILE EC 81 -99.51 -52.32 -97.76
N VAL EC 82 -98.47 -53.02 -98.19
CA VAL EC 82 -98.04 -52.94 -99.59
C VAL EC 82 -98.97 -53.78 -100.46
N PRO EC 83 -99.35 -53.34 -101.64
CA PRO EC 83 -100.24 -54.16 -102.46
C PRO EC 83 -99.51 -55.36 -103.01
N GLY EC 84 -100.22 -56.48 -103.08
CA GLY EC 84 -99.62 -57.70 -103.59
C GLY EC 84 -98.67 -58.36 -102.63
N VAL EC 85 -98.57 -57.86 -101.40
CA VAL EC 85 -97.69 -58.44 -100.40
C VAL EC 85 -98.57 -59.09 -99.34
N PRO EC 86 -98.46 -60.40 -99.13
CA PRO EC 86 -99.26 -61.04 -98.08
C PRO EC 86 -98.89 -60.48 -96.72
N THR EC 87 -99.91 -60.08 -95.96
CA THR EC 87 -99.72 -59.51 -94.63
C THR EC 87 -100.77 -60.14 -93.72
N LYS EC 88 -100.34 -60.63 -92.56
CA LYS EC 88 -101.26 -61.18 -91.57
C LYS EC 88 -101.71 -60.11 -90.58
N HIS EC 89 -101.19 -58.89 -90.71
CA HIS EC 89 -101.58 -57.79 -89.84
C HIS EC 89 -101.38 -56.48 -90.60
N GLY EC 90 -102.40 -55.62 -90.55
CA GLY EC 90 -102.37 -54.39 -91.30
C GLY EC 90 -103.18 -53.30 -90.62
N GLU EC 91 -102.82 -52.06 -90.91
CA GLU EC 91 -103.40 -50.93 -90.22
C GLU EC 91 -103.75 -49.83 -91.20
N TYR EC 92 -104.96 -49.30 -91.09
CA TYR EC 92 -105.35 -48.07 -91.75
C TYR EC 92 -105.41 -46.98 -90.70
N VAL EC 93 -105.00 -45.76 -91.05
CA VAL EC 93 -104.91 -44.71 -90.05
C VAL EC 93 -105.14 -43.36 -90.70
N THR EC 94 -105.94 -42.52 -90.06
CA THR EC 94 -106.01 -41.14 -90.50
C THR EC 94 -105.82 -40.20 -89.32
N THR EC 95 -105.34 -39.00 -89.63
CA THR EC 95 -104.95 -38.09 -88.57
C THR EC 95 -106.15 -37.23 -88.16
N ASN EC 96 -106.25 -36.95 -86.87
CA ASN EC 96 -107.30 -36.15 -86.26
C ASN EC 96 -106.69 -34.81 -85.89
N THR EC 97 -107.32 -33.71 -86.30
CA THR EC 97 -106.88 -32.37 -85.95
C THR EC 97 -108.02 -31.61 -85.31
N GLY EC 98 -107.71 -30.50 -84.65
CA GLY EC 98 -108.74 -29.71 -83.99
C GLY EC 98 -108.13 -28.48 -83.37
N ASP EC 99 -109.01 -27.53 -83.02
CA ASP EC 99 -108.61 -26.28 -82.40
C ASP EC 99 -108.07 -26.54 -80.99
N ARG EC 100 -106.79 -26.20 -80.78
CA ARG EC 100 -106.09 -26.46 -79.52
C ARG EC 100 -106.12 -27.95 -79.18
N LEU EC 101 -105.93 -28.77 -80.20
CA LEU EC 101 -105.76 -30.22 -80.06
C LEU EC 101 -104.44 -30.63 -80.65
N MET EC 102 -103.73 -31.53 -79.97
CA MET EC 102 -102.54 -32.13 -80.56
C MET EC 102 -102.97 -33.22 -81.52
N ALA EC 103 -102.48 -33.13 -82.76
CA ALA EC 103 -102.88 -34.10 -83.79
C ALA EC 103 -102.72 -35.53 -83.26
N SER EC 104 -103.76 -36.35 -83.46
CA SER EC 104 -103.74 -37.72 -82.94
C SER EC 104 -104.39 -38.67 -83.94
N SER EC 105 -103.85 -39.88 -84.03
CA SER EC 105 -104.21 -40.79 -85.09
C SER EC 105 -105.36 -41.69 -84.64
N THR EC 106 -106.35 -41.86 -85.52
CA THR EC 106 -107.39 -42.85 -85.32
C THR EC 106 -107.10 -44.05 -86.22
N THR EC 107 -107.26 -45.26 -85.65
CA THR EC 107 -106.65 -46.46 -86.20
C THR EC 107 -107.66 -47.60 -86.38
N VAL EC 108 -107.55 -48.27 -87.52
CA VAL EC 108 -108.36 -49.45 -87.83
C VAL EC 108 -107.40 -50.59 -88.13
N THR EC 109 -107.46 -51.64 -87.33
CA THR EC 109 -106.50 -52.73 -87.35
C THR EC 109 -107.17 -54.02 -87.79
N ARG EC 110 -106.57 -54.71 -88.76
CA ARG EC 110 -107.08 -55.97 -89.27
C ARG EC 110 -106.02 -57.05 -89.10
N ASP EC 111 -106.42 -58.15 -88.45
CA ASP EC 111 -105.55 -59.31 -88.24
C ASP EC 111 -106.22 -60.51 -88.89
N VAL EC 112 -105.59 -61.05 -89.93
CA VAL EC 112 -106.08 -62.22 -90.64
C VAL EC 112 -105.07 -63.34 -90.43
N SER EC 113 -105.43 -64.37 -89.65
CA SER EC 113 -104.52 -65.50 -89.46
C SER EC 113 -105.29 -66.72 -89.00
N ASN EC 114 -104.88 -67.87 -89.54
CA ASN EC 114 -105.35 -69.19 -89.11
C ASN EC 114 -106.87 -69.30 -89.13
N GLY EC 115 -107.48 -68.77 -90.17
CA GLY EC 115 -108.93 -68.80 -90.34
C GLY EC 115 -109.71 -67.80 -89.51
N ARG EC 116 -109.04 -67.00 -88.68
CA ARG EC 116 -109.71 -66.03 -87.84
C ARG EC 116 -109.34 -64.65 -88.36
N THR EC 117 -110.36 -63.85 -88.65
CA THR EC 117 -110.16 -62.47 -89.08
C THR EC 117 -110.76 -61.54 -88.03
N LYS EC 118 -110.02 -60.49 -87.66
CA LYS EC 118 -110.45 -59.60 -86.58
C LYS EC 118 -110.15 -58.15 -86.93
N VAL EC 119 -111.16 -57.30 -86.82
CA VAL EC 119 -111.06 -55.87 -87.11
C VAL EC 119 -111.33 -55.10 -85.82
N SER EC 120 -110.44 -54.16 -85.51
CA SER EC 120 -110.55 -53.32 -84.31
C SER EC 120 -110.47 -51.85 -84.70
N ILE EC 121 -111.27 -51.01 -84.05
CA ILE EC 121 -111.31 -49.58 -84.32
C ILE EC 121 -111.06 -48.84 -83.02
N ASP EC 122 -110.12 -47.89 -83.05
CA ASP EC 122 -109.70 -47.11 -81.89
C ASP EC 122 -109.70 -45.64 -82.25
N ILE EC 123 -110.56 -44.85 -81.59
CA ILE EC 123 -110.61 -43.41 -81.78
C ILE EC 123 -110.32 -42.72 -80.46
N PRO EC 124 -109.44 -41.73 -80.43
CA PRO EC 124 -109.12 -41.04 -79.18
C PRO EC 124 -110.02 -39.85 -78.89
N TYR EC 125 -110.02 -39.44 -77.62
CA TYR EC 125 -110.77 -38.29 -77.14
C TYR EC 125 -109.92 -37.50 -76.15
N TYR EC 126 -110.22 -36.19 -76.06
CA TYR EC 126 -109.51 -35.22 -75.23
C TYR EC 126 -110.43 -34.66 -74.16
N ASP EC 127 -109.79 -34.01 -73.16
CA ASP EC 127 -110.46 -33.35 -72.04
C ASP EC 127 -111.07 -32.03 -72.49
N ARG EC 128 -112.39 -32.05 -72.69
CA ARG EC 128 -113.10 -30.86 -73.16
C ARG EC 128 -112.94 -29.70 -72.19
N ASN EC 129 -112.79 -29.99 -70.89
CA ASN EC 129 -112.62 -28.91 -69.91
C ASN EC 129 -111.31 -28.18 -70.13
N ALA EC 130 -110.23 -28.92 -70.37
CA ALA EC 130 -108.95 -28.31 -70.68
C ALA EC 130 -109.02 -27.54 -71.98
N VAL EC 131 -109.60 -28.16 -73.02
CA VAL EC 131 -109.61 -27.52 -74.33
C VAL EC 131 -110.38 -26.20 -74.27
N GLU EC 132 -111.57 -26.22 -73.65
CA GLU EC 132 -112.41 -25.03 -73.63
C GLU EC 132 -111.87 -23.98 -72.68
N THR EC 133 -111.20 -24.37 -71.58
CA THR EC 133 -110.53 -23.39 -70.75
C THR EC 133 -109.42 -22.69 -71.53
N LEU EC 134 -108.66 -23.45 -72.33
CA LEU EC 134 -107.64 -22.84 -73.19
C LEU EC 134 -108.26 -21.90 -74.22
N LYS EC 135 -109.34 -22.35 -74.88
CA LYS EC 135 -109.99 -21.53 -75.90
C LYS EC 135 -110.54 -20.23 -75.31
N ALA EC 136 -111.34 -20.35 -74.23
CA ALA EC 136 -111.91 -19.16 -73.61
C ALA EC 136 -110.83 -18.23 -73.08
N SER EC 137 -109.75 -18.79 -72.52
CA SER EC 137 -108.70 -17.94 -72.01
C SER EC 137 -107.72 -17.50 -73.10
N ALA EC 138 -107.93 -17.91 -74.36
CA ALA EC 138 -107.01 -17.54 -75.44
C ALA EC 138 -105.58 -17.93 -75.09
N ILE EC 139 -105.40 -19.18 -74.67
CA ILE EC 139 -104.07 -19.72 -74.35
C ILE EC 139 -103.64 -20.57 -75.53
N PRO EC 140 -102.39 -20.50 -75.98
CA PRO EC 140 -101.97 -21.27 -77.17
C PRO EC 140 -101.54 -22.70 -76.91
N GLY EC 141 -101.89 -23.31 -75.79
CA GLY EC 141 -101.53 -24.69 -75.57
C GLY EC 141 -102.35 -25.65 -76.41
N ALA EC 142 -101.72 -26.77 -76.78
CA ALA EC 142 -102.39 -27.85 -77.50
C ALA EC 142 -102.47 -29.08 -76.60
N VAL EC 143 -103.61 -29.76 -76.62
CA VAL EC 143 -103.89 -30.84 -75.67
C VAL EC 143 -103.70 -32.19 -76.35
N ALA EC 144 -103.02 -33.10 -75.65
CA ALA EC 144 -102.89 -34.49 -76.07
C ALA EC 144 -104.11 -35.28 -75.63
N PRO EC 145 -104.39 -36.41 -76.27
CA PRO EC 145 -105.61 -37.17 -75.95
C PRO EC 145 -105.57 -37.75 -74.54
N VAL EC 146 -106.72 -37.72 -73.88
CA VAL EC 146 -106.81 -38.27 -72.55
C VAL EC 146 -107.19 -39.76 -72.57
N GLY EC 147 -107.92 -40.20 -73.60
CA GLY EC 147 -108.27 -41.60 -73.65
C GLY EC 147 -108.72 -42.02 -75.04
N SER EC 148 -109.37 -43.19 -75.10
CA SER EC 148 -109.86 -43.68 -76.38
C SER EC 148 -111.06 -44.60 -76.16
N PHE EC 149 -111.78 -44.84 -77.26
CA PHE EC 149 -112.85 -45.83 -77.33
C PHE EC 149 -112.54 -46.83 -78.43
N LYS EC 150 -112.84 -48.11 -78.15
CA LYS EC 150 -112.47 -49.23 -79.01
C LYS EC 150 -113.64 -50.18 -79.24
N VAL EC 151 -113.70 -50.70 -80.46
CA VAL EC 151 -114.71 -51.66 -80.87
C VAL EC 151 -114.02 -52.77 -81.66
N ASN EC 152 -114.23 -54.02 -81.23
CA ASN EC 152 -113.63 -55.21 -81.82
C ASN EC 152 -114.69 -56.08 -82.49
N VAL EC 153 -114.31 -56.71 -83.58
CA VAL EC 153 -115.19 -57.59 -84.35
C VAL EC 153 -114.35 -58.76 -84.84
N GLU EC 154 -114.88 -59.97 -84.73
CA GLU EC 154 -114.07 -61.16 -84.90
C GLU EC 154 -114.89 -62.27 -85.56
N VAL EC 155 -114.27 -62.96 -86.51
CA VAL EC 155 -114.95 -63.99 -87.31
C VAL EC 155 -114.07 -65.23 -87.30
N LEU EC 156 -114.57 -66.32 -86.69
CA LEU EC 156 -113.86 -67.58 -86.59
C LEU EC 156 -114.30 -68.47 -87.74
N GLY EC 157 -113.62 -68.36 -88.88
CA GLY EC 157 -113.97 -69.04 -90.10
C GLY EC 157 -113.16 -70.28 -90.42
N GLY EC 158 -112.48 -70.85 -89.45
CA GLY EC 158 -111.70 -72.03 -89.70
C GLY EC 158 -112.51 -73.30 -89.63
N GLY EC 159 -111.92 -74.36 -90.19
CA GLY EC 159 -112.50 -75.68 -90.06
C GLY EC 159 -113.38 -76.09 -91.20
N VAL EC 160 -113.25 -75.46 -92.38
CA VAL EC 160 -114.07 -75.79 -93.51
C VAL EC 160 -113.84 -77.24 -93.90
N LEU EC 161 -114.93 -77.96 -94.13
CA LEU EC 161 -114.89 -79.38 -94.47
C LEU EC 161 -114.27 -79.61 -95.84
N THR EC 162 -113.71 -80.81 -96.03
CA THR EC 162 -112.88 -81.07 -97.22
C THR EC 162 -113.69 -81.04 -98.50
N GLY EC 163 -114.91 -81.56 -98.47
CA GLY EC 163 -115.74 -81.57 -99.67
C GLY EC 163 -116.02 -80.18 -100.24
N THR EC 164 -116.05 -79.16 -99.38
CA THR EC 164 -116.43 -77.81 -99.79
C THR EC 164 -115.51 -77.27 -100.86
N ASP EC 165 -116.07 -76.84 -101.98
CA ASP EC 165 -115.25 -76.30 -103.05
C ASP EC 165 -115.23 -74.77 -102.98
N ALA EC 166 -114.61 -74.13 -103.99
CA ALA EC 166 -114.40 -72.69 -103.94
C ALA EC 166 -115.72 -71.94 -103.97
N ASN EC 167 -116.62 -72.33 -104.88
CA ASN EC 167 -117.92 -71.68 -104.99
C ASN EC 167 -118.69 -71.78 -103.69
N ALA EC 168 -118.67 -72.96 -103.05
CA ALA EC 168 -119.32 -73.11 -101.76
C ALA EC 168 -118.71 -72.20 -100.70
N GLN EC 169 -117.38 -72.07 -100.72
CA GLN EC 169 -116.73 -71.20 -99.74
C GLN EC 169 -117.18 -69.76 -99.92
N PHE EC 170 -117.46 -69.34 -101.17
CA PHE EC 170 -118.06 -68.01 -101.34
C PHE EC 170 -119.34 -67.86 -100.52
N ALA EC 171 -120.20 -68.88 -100.57
CA ALA EC 171 -121.45 -68.85 -99.83
C ALA EC 171 -121.18 -68.76 -98.33
N LEU EC 172 -120.19 -69.52 -97.85
CA LEU EC 172 -119.84 -69.44 -96.44
C LEU EC 172 -119.37 -68.03 -96.08
N ASP EC 173 -118.64 -67.38 -97.01
CA ASP EC 173 -118.22 -65.99 -96.80
C ASP EC 173 -119.42 -65.10 -96.50
N GLU EC 174 -120.40 -65.13 -97.40
CA GLU EC 174 -121.56 -64.26 -97.21
C GLU EC 174 -122.36 -64.66 -95.96
N LEU EC 175 -122.37 -65.96 -95.63
CA LEU EC 175 -123.06 -66.39 -94.41
C LEU EC 175 -122.45 -65.77 -93.16
N LEU EC 176 -121.13 -65.82 -93.05
CA LEU EC 176 -120.47 -65.18 -91.93
C LEU EC 176 -120.70 -63.66 -91.96
N SER EC 177 -120.74 -63.07 -93.16
CA SER EC 177 -121.06 -61.65 -93.25
C SER EC 177 -122.41 -61.33 -92.60
N ASN EC 178 -123.43 -62.14 -92.90
CA ASN EC 178 -124.75 -61.86 -92.35
C ASN EC 178 -124.79 -62.12 -90.85
N MET EC 179 -124.04 -63.12 -90.37
CA MET EC 179 -123.94 -63.31 -88.92
C MET EC 179 -123.29 -62.10 -88.25
N LEU EC 180 -122.30 -61.52 -88.92
CA LEU EC 180 -121.70 -60.27 -88.45
C LEU EC 180 -122.74 -59.18 -88.29
N MET EC 181 -123.50 -58.92 -89.35
CA MET EC 181 -124.53 -57.89 -89.31
C MET EC 181 -125.50 -58.14 -88.15
N ASP EC 182 -125.93 -59.40 -87.99
CA ASP EC 182 -126.86 -59.72 -86.92
C ASP EC 182 -126.23 -59.48 -85.55
N ALA EC 183 -124.96 -59.83 -85.39
CA ALA EC 183 -124.30 -59.62 -84.11
C ALA EC 183 -124.22 -58.14 -83.77
N ALA EC 184 -123.89 -57.30 -84.74
CA ALA EC 184 -123.80 -55.86 -84.48
C ALA EC 184 -125.18 -55.28 -84.14
N ARG EC 185 -126.22 -55.74 -84.85
CA ARG EC 185 -127.56 -55.28 -84.52
C ARG EC 185 -127.96 -55.70 -83.11
N ILE EC 186 -127.65 -56.95 -82.73
CA ILE EC 186 -127.99 -57.43 -81.39
C ILE EC 186 -127.20 -56.67 -80.33
N ALA EC 187 -126.01 -56.20 -80.69
CA ALA EC 187 -125.19 -55.45 -79.75
C ALA EC 187 -125.78 -54.06 -79.50
N GLN EC 188 -126.12 -53.34 -80.56
CA GLN EC 188 -126.65 -51.98 -80.42
C GLN EC 188 -128.15 -51.95 -80.17
N ASP EC 189 -128.81 -53.12 -80.13
CA ASP EC 189 -130.26 -53.18 -80.07
C ASP EC 189 -130.79 -52.50 -78.82
N GLY EC 190 -131.87 -51.73 -78.98
CA GLY EC 190 -132.53 -51.11 -77.87
C GLY EC 190 -133.03 -49.71 -78.17
N PRO EC 191 -133.92 -49.20 -77.32
CA PRO EC 191 -134.34 -47.80 -77.44
C PRO EC 191 -133.16 -46.87 -77.20
N LYS EC 192 -133.17 -45.76 -77.92
CA LYS EC 192 -132.22 -44.69 -77.63
C LYS EC 192 -132.64 -43.85 -76.43
N ASN EC 193 -133.79 -44.17 -75.82
CA ASN EC 193 -134.23 -43.53 -74.59
C ASN EC 193 -133.45 -44.03 -73.38
N THR EC 194 -132.96 -45.27 -73.43
CA THR EC 194 -132.35 -45.91 -72.28
C THR EC 194 -130.88 -46.24 -72.54
N ALA EC 195 -130.16 -46.42 -71.45
CA ALA EC 195 -128.72 -46.71 -71.50
C ALA EC 195 -128.48 -48.09 -72.11
N ARG EC 196 -127.53 -48.18 -73.05
CA ARG EC 196 -127.28 -49.51 -73.61
C ARG EC 196 -125.82 -49.92 -73.73
N LEU EC 197 -124.85 -48.99 -73.86
CA LEU EC 197 -123.46 -49.40 -74.07
C LEU EC 197 -122.40 -48.88 -73.08
N VAL EC 198 -122.25 -47.54 -72.92
CA VAL EC 198 -121.08 -47.00 -72.25
C VAL EC 198 -121.23 -47.13 -70.74
N ALA EC 199 -120.09 -47.24 -70.05
CA ALA EC 199 -120.05 -47.38 -68.60
C ALA EC 199 -120.95 -48.52 -68.13
N ALA EC 200 -121.04 -49.57 -68.96
CA ALA EC 200 -121.93 -50.68 -68.66
C ALA EC 200 -121.52 -51.39 -67.37
N SER EC 201 -122.51 -51.74 -66.54
CA SER EC 201 -122.28 -52.53 -65.35
C SER EC 201 -122.97 -53.89 -65.38
N HIS EC 202 -124.22 -53.93 -65.84
CA HIS EC 202 -125.03 -55.15 -65.89
C HIS EC 202 -126.23 -54.88 -66.76
N GLY EC 203 -126.86 -55.97 -67.20
CA GLY EC 203 -128.01 -55.90 -68.10
C GLY EC 203 -129.29 -56.24 -67.33
N VAL EC 204 -130.37 -55.55 -67.68
CA VAL EC 204 -131.68 -55.80 -67.08
C VAL EC 204 -132.72 -55.82 -68.20
N MET EC 205 -133.51 -56.90 -68.24
CA MET EC 205 -134.57 -57.04 -69.22
C MET EC 205 -135.80 -56.27 -68.76
N PRO EC 206 -136.44 -55.48 -69.62
CA PRO EC 206 -137.55 -54.64 -69.16
C PRO EC 206 -138.73 -55.49 -68.74
N GLN EC 207 -139.57 -54.88 -67.88
CA GLN EC 207 -140.72 -55.59 -67.33
C GLN EC 207 -141.59 -56.18 -68.43
N ALA EC 208 -141.80 -55.43 -69.50
CA ALA EC 208 -142.48 -55.91 -70.70
C ALA EC 208 -143.77 -56.64 -70.37
N SER FC 23 -99.92 -41.25 -69.83
CA SER FC 23 -99.92 -39.87 -69.39
C SER FC 23 -100.09 -38.90 -70.55
N SER FC 24 -101.08 -38.01 -70.44
CA SER FC 24 -101.42 -37.04 -71.47
C SER FC 24 -101.02 -35.65 -71.02
N ARG FC 25 -100.28 -34.93 -71.86
CA ARG FC 25 -99.72 -33.64 -71.51
C ARG FC 25 -100.05 -32.62 -72.61
N THR FC 26 -100.45 -31.43 -72.16
CA THR FC 26 -100.62 -30.32 -73.08
C THR FC 26 -99.27 -29.66 -73.34
N THR FC 27 -99.03 -29.31 -74.59
CA THR FC 27 -97.74 -28.83 -75.06
C THR FC 27 -97.86 -27.37 -75.52
N PHE FC 28 -96.91 -26.55 -75.09
CA PHE FC 28 -96.76 -25.17 -75.53
C PHE FC 28 -95.50 -25.08 -76.36
N GLY FC 29 -95.62 -24.53 -77.55
CA GLY FC 29 -94.48 -24.48 -78.44
C GLY FC 29 -94.42 -25.69 -79.35
N VAL FC 30 -93.20 -25.97 -79.79
CA VAL FC 30 -92.96 -27.02 -80.77
C VAL FC 30 -93.02 -28.38 -80.09
N ASN FC 31 -93.72 -29.32 -80.71
CA ASN FC 31 -93.71 -30.71 -80.29
C ASN FC 31 -92.85 -31.50 -81.26
N PRO FC 32 -91.67 -31.97 -80.86
CA PRO FC 32 -90.78 -32.65 -81.80
C PRO FC 32 -90.94 -34.17 -81.90
N ASP FC 33 -92.01 -34.74 -81.37
CA ASP FC 33 -92.20 -36.19 -81.45
C ASP FC 33 -92.15 -36.68 -82.89
N ARG FC 34 -91.25 -37.63 -83.16
CA ARG FC 34 -91.10 -38.23 -84.48
C ARG FC 34 -91.75 -39.60 -84.54
N GLN FC 35 -92.22 -39.97 -85.73
CA GLN FC 35 -92.85 -41.26 -85.96
C GLN FC 35 -91.79 -42.30 -86.22
N ALA FC 36 -91.92 -43.45 -85.55
CA ALA FC 36 -90.95 -44.52 -85.70
C ALA FC 36 -90.86 -44.99 -87.14
N ASN FC 37 -89.62 -45.26 -87.57
CA ASN FC 37 -89.32 -45.66 -88.95
C ASN FC 37 -89.64 -47.16 -89.11
N ALA FC 38 -90.94 -47.46 -89.16
CA ALA FC 38 -91.45 -48.84 -89.16
C ALA FC 38 -92.51 -48.98 -90.24
N ARG FC 39 -92.18 -48.52 -91.45
CA ARG FC 39 -93.11 -48.50 -92.58
C ARG FC 39 -92.55 -49.29 -93.74
N PRO FC 40 -93.17 -50.40 -94.14
CA PRO FC 40 -92.72 -51.12 -95.34
C PRO FC 40 -92.87 -50.26 -96.58
N VAL FC 41 -91.94 -50.43 -97.52
CA VAL FC 41 -91.94 -49.62 -98.73
C VAL FC 41 -91.89 -50.55 -99.95
N TYR FC 42 -92.45 -50.05 -101.05
CA TYR FC 42 -92.51 -50.81 -102.28
C TYR FC 42 -91.13 -51.07 -102.83
N LEU FC 43 -90.94 -52.29 -103.35
CA LEU FC 43 -89.66 -52.74 -103.89
C LEU FC 43 -89.90 -53.21 -105.32
N ALA FC 44 -89.31 -52.50 -106.28
CA ALA FC 44 -89.55 -52.78 -107.69
C ALA FC 44 -89.19 -54.23 -108.02
N PRO FC 45 -89.98 -54.90 -108.87
CA PRO FC 45 -89.67 -56.30 -109.23
C PRO FC 45 -88.50 -56.44 -110.18
N ALA FC 46 -87.96 -55.33 -110.69
CA ALA FC 46 -86.80 -55.33 -111.56
C ALA FC 46 -86.29 -53.90 -111.65
N ALA FC 47 -85.04 -53.76 -112.08
CA ALA FC 47 -84.42 -52.44 -112.11
C ALA FC 47 -84.23 -52.02 -113.55
N PRO FC 48 -84.91 -50.98 -114.05
CA PRO FC 48 -84.66 -50.55 -115.43
C PRO FC 48 -83.42 -49.68 -115.54
N MET FC 49 -82.50 -50.08 -116.42
CA MET FC 49 -81.31 -49.29 -116.72
C MET FC 49 -81.30 -48.80 -118.16
N GLU FC 50 -82.45 -48.37 -118.67
CA GLU FC 50 -82.57 -48.12 -120.10
C GLU FC 50 -81.67 -46.98 -120.56
N ASN FC 51 -81.60 -45.89 -119.78
CA ASN FC 51 -80.86 -44.71 -120.22
C ASN FC 51 -79.38 -45.02 -120.45
N THR FC 52 -78.74 -45.64 -119.47
CA THR FC 52 -77.31 -45.87 -119.54
C THR FC 52 -76.95 -46.86 -120.66
N TYR FC 53 -77.75 -47.91 -120.84
CA TYR FC 53 -77.44 -48.93 -121.84
C TYR FC 53 -77.75 -48.46 -123.26
N THR FC 54 -78.80 -47.65 -123.43
CA THR FC 54 -78.97 -47.02 -124.74
C THR FC 54 -77.79 -46.10 -125.06
N TYR FC 55 -77.30 -45.34 -124.08
CA TYR FC 55 -76.14 -44.50 -124.39
C TYR FC 55 -74.91 -45.35 -124.69
N LEU FC 56 -74.73 -46.46 -123.97
CA LEU FC 56 -73.60 -47.35 -124.24
C LEU FC 56 -73.68 -47.93 -125.65
N GLY FC 57 -74.88 -48.30 -126.09
CA GLY FC 57 -75.06 -48.66 -127.49
C GLY FC 57 -74.72 -47.51 -128.43
N SER FC 58 -75.04 -46.28 -128.01
CA SER FC 58 -74.71 -45.10 -128.83
C SER FC 58 -73.22 -45.00 -129.08
N ILE FC 59 -72.39 -45.18 -128.05
CA ILE FC 59 -70.96 -45.01 -128.27
C ILE FC 59 -70.29 -46.33 -128.63
N GLN FC 60 -71.10 -47.36 -128.91
CA GLN FC 60 -70.60 -48.68 -129.30
C GLN FC 60 -69.75 -49.29 -128.19
N PHE FC 61 -70.14 -49.04 -126.94
CA PHE FC 61 -69.56 -49.70 -125.77
C PHE FC 61 -68.05 -49.46 -125.67
N ALA FC 62 -67.61 -48.25 -126.00
CA ALA FC 62 -66.18 -47.97 -125.97
C ALA FC 62 -65.96 -46.47 -125.90
N ALA FC 63 -65.22 -46.01 -124.89
CA ALA FC 63 -64.79 -44.63 -124.79
C ALA FC 63 -63.32 -44.62 -124.40
N GLY FC 64 -62.48 -44.04 -125.25
CA GLY FC 64 -61.06 -44.00 -124.98
C GLY FC 64 -60.47 -45.37 -124.88
N ARG FC 65 -59.79 -45.63 -123.77
CA ARG FC 65 -59.23 -46.94 -123.49
C ARG FC 65 -60.17 -47.82 -122.69
N HIS FC 66 -61.35 -47.32 -122.33
CA HIS FC 66 -62.36 -48.10 -121.61
C HIS FC 66 -63.23 -48.82 -122.62
N ILE FC 67 -63.30 -50.13 -122.53
CA ILE FC 67 -64.26 -50.90 -123.32
C ILE FC 67 -65.24 -51.56 -122.36
N PHE FC 68 -66.52 -51.53 -122.71
CA PHE FC 68 -67.58 -52.06 -121.85
C PHE FC 68 -68.18 -53.32 -122.45
N GLY FC 69 -68.87 -54.07 -121.61
CA GLY FC 69 -69.52 -55.28 -122.08
C GLY FC 69 -70.99 -55.07 -122.39
N GLU FC 70 -71.52 -55.98 -123.21
CA GLU FC 70 -72.93 -55.90 -123.62
C GLU FC 70 -73.81 -56.63 -122.60
N PRO FC 71 -74.81 -55.97 -122.04
CA PRO FC 71 -75.64 -56.64 -121.03
C PRO FC 71 -76.55 -57.67 -121.65
N ALA FC 72 -77.00 -58.62 -120.83
CA ALA FC 72 -78.02 -59.54 -121.30
C ALA FC 72 -79.37 -58.87 -121.41
N SER FC 73 -79.70 -57.98 -120.47
CA SER FC 73 -80.97 -57.27 -120.52
C SER FC 73 -80.77 -55.80 -120.13
N ASN FC 74 -81.65 -54.95 -120.67
CA ASN FC 74 -81.71 -53.57 -120.26
C ASN FC 74 -82.39 -53.41 -118.91
N VAL FC 75 -83.20 -54.40 -118.52
CA VAL FC 75 -83.88 -54.42 -117.25
C VAL FC 75 -83.33 -55.59 -116.45
N LEU FC 76 -82.87 -55.31 -115.22
CA LEU FC 76 -82.12 -56.27 -114.43
C LEU FC 76 -83.04 -57.00 -113.47
N PRO FC 77 -83.01 -58.34 -113.47
CA PRO FC 77 -83.88 -59.12 -112.58
C PRO FC 77 -83.30 -59.20 -111.18
N PRO FC 78 -84.13 -59.50 -110.17
CA PRO FC 78 -83.61 -59.58 -108.80
C PRO FC 78 -82.76 -60.83 -108.63
N GLN FC 79 -81.67 -60.67 -107.88
CA GLN FC 79 -80.79 -61.78 -107.55
C GLN FC 79 -81.09 -62.40 -106.19
N ASN FC 80 -81.31 -61.57 -105.17
CA ASN FC 80 -81.50 -62.07 -103.81
C ASN FC 80 -82.77 -61.54 -103.16
N ILE FC 81 -83.77 -61.19 -103.96
CA ILE FC 81 -85.05 -60.67 -103.48
C ILE FC 81 -86.13 -61.67 -103.84
N VAL FC 82 -86.96 -62.01 -102.84
CA VAL FC 82 -88.06 -62.94 -103.02
C VAL FC 82 -89.36 -62.18 -102.76
N PRO FC 83 -90.37 -62.32 -103.60
CA PRO FC 83 -91.60 -61.57 -103.39
C PRO FC 83 -92.26 -61.97 -102.08
N GLY FC 84 -92.73 -60.96 -101.36
CA GLY FC 84 -93.43 -61.18 -100.11
C GLY FC 84 -92.52 -61.32 -98.92
N VAL FC 85 -91.20 -61.35 -99.12
CA VAL FC 85 -90.27 -61.51 -98.01
C VAL FC 85 -89.58 -60.16 -97.81
N PRO FC 86 -89.73 -59.54 -96.64
CA PRO FC 86 -89.07 -58.24 -96.43
C PRO FC 86 -87.57 -58.42 -96.39
N THR FC 87 -86.87 -57.52 -97.08
CA THR FC 87 -85.41 -57.49 -97.06
C THR FC 87 -84.97 -56.05 -96.89
N LYS FC 88 -83.80 -55.87 -96.27
CA LYS FC 88 -83.21 -54.56 -96.08
C LYS FC 88 -82.07 -54.31 -97.05
N HIS FC 89 -81.71 -55.32 -97.83
CA HIS FC 89 -80.64 -55.21 -98.82
C HIS FC 89 -80.99 -56.12 -99.98
N GLY FC 90 -80.99 -55.57 -101.18
CA GLY FC 90 -81.36 -56.33 -102.35
C GLY FC 90 -80.51 -55.94 -103.55
N GLU FC 91 -80.38 -56.87 -104.48
CA GLU FC 91 -79.50 -56.67 -105.62
C GLU FC 91 -80.17 -57.17 -106.89
N TYR FC 92 -80.11 -56.36 -107.94
CA TYR FC 92 -80.44 -56.77 -109.30
C TYR FC 92 -79.14 -56.86 -110.09
N VAL FC 93 -79.08 -57.81 -111.02
CA VAL FC 93 -77.79 -58.09 -111.66
C VAL FC 93 -78.02 -58.66 -113.05
N THR FC 94 -77.17 -58.28 -113.99
CA THR FC 94 -77.10 -58.98 -115.26
C THR FC 94 -75.65 -59.24 -115.64
N THR FC 95 -75.43 -59.92 -116.76
CA THR FC 95 -74.08 -60.30 -117.18
C THR FC 95 -73.71 -59.57 -118.45
N ASN FC 96 -72.60 -58.83 -118.40
CA ASN FC 96 -71.99 -58.24 -119.58
C ASN FC 96 -71.06 -59.29 -120.19
N THR FC 97 -71.25 -59.58 -121.48
CA THR FC 97 -70.37 -60.42 -122.28
C THR FC 97 -69.79 -59.57 -123.40
N GLY FC 98 -68.70 -60.06 -124.01
CA GLY FC 98 -67.99 -59.28 -125.00
C GLY FC 98 -66.96 -60.14 -125.71
N ASP FC 99 -66.51 -59.62 -126.85
CA ASP FC 99 -65.51 -60.31 -127.65
C ASP FC 99 -64.15 -60.22 -126.95
N ARG FC 100 -63.51 -61.38 -126.76
CA ARG FC 100 -62.26 -61.50 -126.01
C ARG FC 100 -62.40 -61.04 -124.55
N LEU FC 101 -63.61 -61.17 -124.00
CA LEU FC 101 -63.89 -60.70 -122.65
C LEU FC 101 -64.44 -61.83 -121.79
N MET FC 102 -64.12 -61.77 -120.50
CA MET FC 102 -64.66 -62.70 -119.52
C MET FC 102 -65.93 -62.11 -118.92
N ALA FC 103 -66.98 -62.92 -118.86
CA ALA FC 103 -68.29 -62.47 -118.39
C ALA FC 103 -68.17 -61.76 -117.04
N SER FC 104 -68.71 -60.54 -116.98
CA SER FC 104 -68.65 -59.75 -115.74
C SER FC 104 -70.00 -59.16 -115.44
N SER FC 105 -70.42 -59.27 -114.18
CA SER FC 105 -71.76 -58.88 -113.81
C SER FC 105 -71.85 -57.38 -113.54
N THR FC 106 -72.97 -56.79 -113.94
CA THR FC 106 -73.34 -55.40 -113.66
C THR FC 106 -74.42 -55.40 -112.57
N THR FC 107 -74.21 -54.61 -111.52
CA THR FC 107 -74.98 -54.75 -110.28
C THR FC 107 -75.67 -53.45 -109.88
N VAL FC 108 -76.89 -53.60 -109.36
CA VAL FC 108 -77.71 -52.49 -108.87
C VAL FC 108 -78.17 -52.87 -107.47
N THR FC 109 -77.67 -52.15 -106.48
CA THR FC 109 -77.86 -52.47 -105.07
C THR FC 109 -78.81 -51.47 -104.43
N ARG FC 110 -79.77 -51.96 -103.64
CA ARG FC 110 -80.72 -51.11 -102.94
C ARG FC 110 -80.75 -51.48 -101.46
N ASP FC 111 -80.52 -50.50 -100.60
CA ASP FC 111 -80.52 -50.68 -99.16
C ASP FC 111 -81.63 -49.84 -98.56
N VAL FC 112 -82.48 -50.45 -97.75
CA VAL FC 112 -83.55 -49.74 -97.04
C VAL FC 112 -83.43 -50.04 -95.55
N SER FC 113 -83.18 -49.00 -94.75
CA SER FC 113 -83.00 -49.19 -93.30
C SER FC 113 -83.19 -47.85 -92.59
N ASN FC 114 -83.98 -47.86 -91.51
CA ASN FC 114 -84.08 -46.70 -90.60
C ASN FC 114 -84.46 -45.42 -91.34
N GLY FC 115 -85.36 -45.54 -92.30
CA GLY FC 115 -85.83 -44.40 -93.08
C GLY FC 115 -84.89 -43.90 -94.14
N ARG FC 116 -83.76 -44.55 -94.32
CA ARG FC 116 -82.76 -44.15 -95.30
C ARG FC 116 -82.74 -45.21 -96.38
N THR FC 117 -82.94 -44.78 -97.61
CA THR FC 117 -82.96 -45.68 -98.74
C THR FC 117 -81.88 -45.24 -99.73
N LYS FC 118 -81.08 -46.19 -100.21
CA LYS FC 118 -79.91 -45.88 -101.02
C LYS FC 118 -79.76 -46.88 -102.16
N VAL FC 119 -79.68 -46.36 -103.38
CA VAL FC 119 -79.49 -47.14 -104.60
C VAL FC 119 -78.10 -46.85 -105.17
N SER FC 120 -77.34 -47.90 -105.46
CA SER FC 120 -75.99 -47.80 -106.02
C SER FC 120 -75.92 -48.62 -107.30
N ILE FC 121 -75.21 -48.12 -108.30
CA ILE FC 121 -75.05 -48.80 -109.58
C ILE FC 121 -73.57 -48.94 -109.89
N ASP FC 122 -73.15 -50.16 -110.23
CA ASP FC 122 -71.75 -50.48 -110.52
C ASP FC 122 -71.67 -51.20 -111.85
N ILE FC 123 -70.93 -50.63 -112.80
CA ILE FC 123 -70.69 -51.24 -114.10
C ILE FC 123 -69.18 -51.34 -114.32
N PRO FC 124 -68.65 -52.51 -114.68
CA PRO FC 124 -67.21 -52.65 -114.90
C PRO FC 124 -66.81 -52.37 -116.35
N TYR FC 125 -65.52 -52.08 -116.51
CA TYR FC 125 -64.91 -51.84 -117.81
C TYR FC 125 -63.62 -52.65 -117.94
N TYR FC 126 -63.09 -52.71 -119.15
CA TYR FC 126 -61.90 -53.48 -119.48
C TYR FC 126 -60.91 -52.62 -120.26
N ASP FC 127 -59.69 -53.15 -120.37
CA ASP FC 127 -58.57 -52.50 -121.06
C ASP FC 127 -58.70 -52.70 -122.57
N ARG FC 128 -59.11 -51.64 -123.27
CA ARG FC 128 -59.31 -51.76 -124.71
C ARG FC 128 -58.01 -52.09 -125.42
N ASN FC 129 -56.87 -51.62 -124.91
CA ASN FC 129 -55.59 -51.90 -125.56
C ASN FC 129 -55.27 -53.40 -125.52
N ALA FC 130 -55.52 -54.04 -124.38
CA ALA FC 130 -55.36 -55.49 -124.31
C ALA FC 130 -56.35 -56.19 -125.23
N VAL FC 131 -57.61 -55.75 -125.23
CA VAL FC 131 -58.62 -56.44 -126.02
C VAL FC 131 -58.30 -56.37 -127.51
N GLU FC 132 -58.01 -55.18 -128.02
CA GLU FC 132 -57.74 -55.02 -129.45
C GLU FC 132 -56.36 -55.56 -129.82
N THR FC 133 -55.41 -55.61 -128.88
CA THR FC 133 -54.13 -56.25 -129.18
C THR FC 133 -54.29 -57.76 -129.35
N LEU FC 134 -55.12 -58.38 -128.50
CA LEU FC 134 -55.46 -59.79 -128.71
C LEU FC 134 -56.16 -60.00 -130.04
N LYS FC 135 -57.23 -59.24 -130.30
CA LYS FC 135 -57.93 -59.36 -131.58
C LYS FC 135 -56.94 -59.27 -132.74
N ALA FC 136 -56.06 -58.27 -132.73
CA ALA FC 136 -55.14 -58.03 -133.83
C ALA FC 136 -54.03 -59.07 -133.90
N SER FC 137 -53.72 -59.76 -132.80
CA SER FC 137 -52.65 -60.76 -132.81
C SER FC 137 -53.15 -62.17 -133.09
N ALA FC 138 -54.47 -62.41 -132.99
CA ALA FC 138 -55.05 -63.72 -133.32
C ALA FC 138 -54.46 -64.82 -132.44
N ILE FC 139 -54.50 -64.56 -131.14
CA ILE FC 139 -53.82 -65.37 -130.13
C ILE FC 139 -54.85 -65.66 -129.05
N PRO FC 140 -54.75 -66.81 -128.35
CA PRO FC 140 -55.89 -67.31 -127.59
C PRO FC 140 -56.34 -66.47 -126.36
N GLY FC 141 -55.60 -65.46 -125.92
CA GLY FC 141 -55.89 -64.86 -124.62
C GLY FC 141 -57.29 -64.29 -124.50
N ALA FC 142 -57.78 -64.21 -123.25
CA ALA FC 142 -58.95 -63.40 -122.89
C ALA FC 142 -58.69 -62.61 -121.61
N VAL FC 143 -59.48 -61.54 -121.41
CA VAL FC 143 -59.17 -60.51 -120.42
C VAL FC 143 -60.33 -60.35 -119.45
N ALA FC 144 -59.99 -60.04 -118.20
CA ALA FC 144 -60.89 -59.77 -117.09
C ALA FC 144 -61.03 -58.26 -116.88
N PRO FC 145 -62.03 -57.83 -116.11
CA PRO FC 145 -62.22 -56.38 -115.89
C PRO FC 145 -61.03 -55.73 -115.21
N VAL FC 146 -60.87 -54.44 -115.50
CA VAL FC 146 -59.79 -53.63 -114.95
C VAL FC 146 -60.28 -52.69 -113.84
N GLY FC 147 -61.54 -52.30 -113.87
CA GLY FC 147 -62.09 -51.41 -112.87
C GLY FC 147 -63.57 -51.22 -113.11
N SER FC 148 -64.13 -50.23 -112.43
CA SER FC 148 -65.56 -50.02 -112.52
C SER FC 148 -65.87 -48.54 -112.35
N PHE FC 149 -67.10 -48.18 -112.70
CA PHE FC 149 -67.67 -46.88 -112.40
C PHE FC 149 -68.94 -47.09 -111.57
N LYS FC 150 -69.11 -46.21 -110.58
CA LYS FC 150 -70.18 -46.33 -109.58
C LYS FC 150 -70.89 -44.99 -109.41
N VAL FC 151 -72.19 -45.11 -109.17
CA VAL FC 151 -73.06 -43.96 -108.93
C VAL FC 151 -74.00 -44.29 -107.77
N ASN FC 152 -74.02 -43.44 -106.74
CA ASN FC 152 -74.84 -43.62 -105.56
C ASN FC 152 -75.91 -42.54 -105.46
N VAL FC 153 -77.07 -42.92 -104.92
CA VAL FC 153 -78.20 -42.02 -104.73
C VAL FC 153 -78.86 -42.39 -103.41
N GLU FC 154 -79.14 -41.39 -102.58
CA GLU FC 154 -79.47 -41.62 -101.17
C GLU FC 154 -80.57 -40.66 -100.72
N VAL FC 155 -81.56 -41.19 -100.01
CA VAL FC 155 -82.72 -40.42 -99.56
C VAL FC 155 -82.89 -40.64 -98.07
N LEU FC 156 -82.83 -39.54 -97.29
CA LEU FC 156 -82.87 -39.61 -95.84
C LEU FC 156 -84.28 -39.22 -95.39
N GLY FC 157 -85.18 -40.20 -95.40
CA GLY FC 157 -86.58 -39.99 -95.15
C GLY FC 157 -87.03 -40.20 -93.71
N GLY FC 158 -86.09 -40.34 -92.79
CA GLY FC 158 -86.44 -40.55 -91.41
C GLY FC 158 -86.90 -39.28 -90.74
N GLY FC 159 -87.62 -39.45 -89.64
CA GLY FC 159 -88.00 -38.33 -88.81
C GLY FC 159 -89.37 -37.78 -89.10
N VAL FC 160 -90.29 -38.59 -89.60
CA VAL FC 160 -91.63 -38.11 -89.90
C VAL FC 160 -92.31 -37.74 -88.59
N LEU FC 161 -92.98 -36.60 -88.58
CA LEU FC 161 -93.61 -36.09 -87.37
C LEU FC 161 -94.86 -36.90 -87.01
N THR FC 162 -95.35 -36.68 -85.79
CA THR FC 162 -96.43 -37.54 -85.28
C THR FC 162 -97.73 -37.32 -86.03
N GLY FC 163 -98.04 -36.06 -86.34
CA GLY FC 163 -99.33 -35.75 -86.94
C GLY FC 163 -99.53 -36.36 -88.31
N THR FC 164 -98.44 -36.66 -89.01
CA THR FC 164 -98.53 -37.12 -90.38
C THR FC 164 -99.26 -38.46 -90.47
N ASP FC 165 -100.29 -38.50 -91.30
CA ASP FC 165 -100.99 -39.74 -91.60
C ASP FC 165 -100.47 -40.32 -92.91
N ALA FC 166 -101.11 -41.42 -93.35
CA ALA FC 166 -100.60 -42.16 -94.50
C ALA FC 166 -100.67 -41.35 -95.78
N ASN FC 167 -101.80 -40.67 -96.02
CA ASN FC 167 -101.95 -39.85 -97.22
C ASN FC 167 -100.86 -38.78 -97.30
N ALA FC 168 -100.66 -38.07 -96.19
CA ALA FC 168 -99.60 -37.07 -96.10
C ALA FC 168 -98.23 -37.69 -96.35
N GLN FC 169 -98.02 -38.93 -95.88
CA GLN FC 169 -96.74 -39.58 -96.12
C GLN FC 169 -96.54 -39.86 -97.61
N PHE FC 170 -97.62 -40.18 -98.32
CA PHE FC 170 -97.50 -40.28 -99.78
C PHE FC 170 -97.04 -38.96 -100.38
N ALA FC 171 -97.62 -37.87 -99.89
CA ALA FC 171 -97.21 -36.56 -100.39
C ALA FC 171 -95.72 -36.34 -100.15
N LEU FC 172 -95.24 -36.75 -98.97
CA LEU FC 172 -93.82 -36.59 -98.66
C LEU FC 172 -92.96 -37.48 -99.54
N ASP FC 173 -93.46 -38.68 -99.85
CA ASP FC 173 -92.80 -39.56 -100.80
C ASP FC 173 -92.52 -38.83 -102.11
N GLU FC 174 -93.55 -38.22 -102.67
CA GLU FC 174 -93.37 -37.53 -103.94
C GLU FC 174 -92.47 -36.30 -103.80
N LEU FC 175 -92.54 -35.62 -102.66
CA LEU FC 175 -91.64 -34.48 -102.43
C LEU FC 175 -90.18 -34.90 -102.50
N LEU FC 176 -89.84 -35.98 -101.81
CA LEU FC 176 -88.47 -36.47 -101.84
C LEU FC 176 -88.07 -36.90 -103.25
N SER FC 177 -88.97 -37.57 -103.97
CA SER FC 177 -88.60 -37.99 -105.33
C SER FC 177 -88.31 -36.77 -106.22
N ASN FC 178 -89.06 -35.69 -106.03
CA ASN FC 178 -88.79 -34.46 -106.80
C ASN FC 178 -87.44 -33.85 -106.43
N MET FC 179 -87.09 -33.88 -105.13
CA MET FC 179 -85.76 -33.42 -104.75
C MET FC 179 -84.68 -34.29 -105.36
N LEU FC 180 -84.96 -35.60 -105.49
CA LEU FC 180 -84.04 -36.52 -106.18
C LEU FC 180 -83.79 -36.06 -107.60
N MET FC 181 -84.87 -35.81 -108.35
CA MET FC 181 -84.72 -35.35 -109.74
C MET FC 181 -83.93 -34.06 -109.80
N ASP FC 182 -84.23 -33.11 -108.92
CA ASP FC 182 -83.48 -31.86 -108.90
C ASP FC 182 -82.00 -32.10 -108.65
N ALA FC 183 -81.68 -33.00 -107.72
CA ALA FC 183 -80.28 -33.27 -107.39
C ALA FC 183 -79.54 -33.88 -108.57
N ALA FC 184 -80.17 -34.84 -109.27
CA ALA FC 184 -79.52 -35.45 -110.43
C ALA FC 184 -79.30 -34.42 -111.53
N ARG FC 185 -80.29 -33.56 -111.77
CA ARG FC 185 -80.12 -32.52 -112.79
C ARG FC 185 -78.99 -31.56 -112.40
N ILE FC 186 -78.90 -31.20 -111.13
CA ILE FC 186 -77.85 -30.28 -110.68
C ILE FC 186 -76.48 -30.93 -110.77
N ALA FC 187 -76.44 -32.25 -110.61
CA ALA FC 187 -75.17 -32.97 -110.72
C ALA FC 187 -74.69 -33.02 -112.17
N GLN FC 188 -75.57 -33.39 -113.09
CA GLN FC 188 -75.18 -33.51 -114.49
C GLN FC 188 -75.24 -32.18 -115.25
N ASP FC 189 -75.65 -31.10 -114.59
CA ASP FC 189 -75.88 -29.84 -115.28
C ASP FC 189 -74.58 -29.33 -115.91
N GLY FC 190 -74.71 -28.80 -117.13
CA GLY FC 190 -73.59 -28.18 -117.80
C GLY FC 190 -73.51 -28.52 -119.27
N PRO FC 191 -72.75 -27.72 -120.03
CA PRO FC 191 -72.54 -28.02 -121.45
C PRO FC 191 -71.82 -29.36 -121.61
N LYS FC 192 -72.19 -30.07 -122.67
CA LYS FC 192 -71.43 -31.25 -123.05
C LYS FC 192 -70.15 -30.91 -123.81
N ASN FC 193 -69.94 -29.62 -124.12
CA ASN FC 193 -68.66 -29.17 -124.65
C ASN FC 193 -67.53 -29.37 -123.67
N THR FC 194 -67.83 -29.50 -122.38
CA THR FC 194 -66.85 -29.23 -121.33
C THR FC 194 -66.88 -30.28 -120.24
N ALA FC 195 -65.74 -30.44 -119.58
CA ALA FC 195 -65.55 -31.43 -118.53
C ALA FC 195 -66.51 -31.21 -117.38
N ARG FC 196 -67.20 -32.27 -116.94
CA ARG FC 196 -68.05 -32.04 -115.76
C ARG FC 196 -68.08 -33.13 -114.70
N LEU FC 197 -67.72 -34.39 -114.99
CA LEU FC 197 -67.75 -35.43 -113.95
C LEU FC 197 -66.45 -36.21 -113.70
N VAL FC 198 -65.88 -36.85 -114.74
CA VAL FC 198 -64.85 -37.87 -114.53
C VAL FC 198 -63.52 -37.20 -114.24
N ALA FC 199 -62.68 -37.90 -113.46
CA ALA FC 199 -61.33 -37.43 -113.11
C ALA FC 199 -61.36 -36.02 -112.53
N ALA FC 200 -62.43 -35.70 -111.82
CA ALA FC 200 -62.63 -34.34 -111.31
C ALA FC 200 -61.57 -33.98 -110.26
N SER FC 201 -61.02 -32.77 -110.39
CA SER FC 201 -60.07 -32.21 -109.43
C SER FC 201 -60.71 -31.17 -108.53
N HIS FC 202 -61.42 -30.23 -109.14
CA HIS FC 202 -62.12 -29.16 -108.43
C HIS FC 202 -63.15 -28.59 -109.39
N GLY FC 203 -64.01 -27.72 -108.86
CA GLY FC 203 -65.08 -27.12 -109.64
C GLY FC 203 -64.72 -25.65 -109.90
N VAL FC 204 -65.00 -25.19 -111.11
CA VAL FC 204 -64.81 -23.78 -111.44
C VAL FC 204 -66.03 -23.26 -112.17
N MET FC 205 -66.49 -22.07 -111.80
CA MET FC 205 -67.60 -21.35 -112.38
C MET FC 205 -67.11 -20.37 -113.44
N PRO FC 206 -67.82 -20.25 -114.56
CA PRO FC 206 -67.41 -19.30 -115.60
C PRO FC 206 -67.74 -17.86 -115.24
N GLN FC 207 -67.23 -16.95 -116.06
CA GLN FC 207 -67.47 -15.51 -115.92
C GLN FC 207 -68.46 -15.06 -116.98
N ALA FC 208 -69.50 -14.34 -116.55
CA ALA FC 208 -70.52 -13.78 -117.44
C ALA FC 208 -71.18 -14.85 -118.30
N GLY GC 11 -94.69 -18.94 -55.41
CA GLY GC 11 -96.06 -19.04 -54.95
C GLY GC 11 -96.92 -19.99 -55.76
N GLN GC 12 -98.22 -19.70 -55.82
CA GLN GC 12 -99.17 -20.54 -56.53
C GLN GC 12 -98.84 -20.59 -58.02
N LEU GC 13 -99.45 -21.56 -58.70
CA LEU GC 13 -99.21 -21.80 -60.12
C LEU GC 13 -100.48 -21.53 -60.93
N TYR GC 14 -100.33 -20.88 -62.09
CA TYR GC 14 -101.45 -20.61 -62.97
C TYR GC 14 -100.99 -20.80 -64.42
N MET GC 15 -101.88 -20.55 -65.38
CA MET GC 15 -101.57 -20.77 -66.79
C MET GC 15 -101.40 -19.43 -67.50
N GLY GC 16 -100.17 -19.12 -67.90
CA GLY GC 16 -99.87 -18.02 -68.77
C GLY GC 16 -99.60 -18.54 -70.17
N GLN GC 17 -99.60 -17.61 -71.13
CA GLN GC 17 -99.49 -18.02 -72.52
C GLN GC 17 -98.12 -18.63 -72.84
N GLN GC 18 -97.12 -18.38 -71.98
CA GLN GC 18 -95.84 -19.06 -72.15
C GLN GC 18 -95.93 -20.52 -71.71
N GLY GC 19 -96.87 -20.83 -70.84
CA GLY GC 19 -96.99 -22.13 -70.22
C GLY GC 19 -97.41 -21.95 -68.77
N PRO GC 20 -97.36 -23.02 -67.98
CA PRO GC 20 -97.63 -22.87 -66.54
C PRO GC 20 -96.58 -21.98 -65.89
N VAL GC 21 -97.06 -20.96 -65.17
CA VAL GC 21 -96.21 -19.90 -64.67
C VAL GC 21 -96.52 -19.66 -63.19
N GLN GC 22 -95.47 -19.34 -62.43
CA GLN GC 22 -95.58 -19.13 -61.00
C GLN GC 22 -96.01 -17.69 -60.72
N SER GC 23 -97.06 -17.54 -59.91
CA SER GC 23 -97.49 -16.22 -59.51
C SER GC 23 -96.45 -15.57 -58.61
N SER GC 24 -96.30 -14.25 -58.74
CA SER GC 24 -95.24 -13.55 -58.02
C SER GC 24 -95.74 -12.20 -57.49
N ARG GC 25 -95.23 -11.83 -56.32
CA ARG GC 25 -95.63 -10.61 -55.63
C ARG GC 25 -94.39 -9.75 -55.42
N THR GC 26 -94.35 -8.57 -56.05
CA THR GC 26 -93.15 -7.74 -56.01
C THR GC 26 -93.48 -6.32 -55.60
N THR GC 27 -92.46 -5.62 -55.11
CA THR GC 27 -92.55 -4.21 -54.75
C THR GC 27 -92.15 -3.31 -55.90
N PHE GC 28 -91.98 -3.87 -57.09
CA PHE GC 28 -91.54 -3.12 -58.25
C PHE GC 28 -92.64 -2.18 -58.73
N GLY GC 29 -92.28 -0.91 -58.92
CA GLY GC 29 -93.20 0.05 -59.49
C GLY GC 29 -94.17 0.70 -58.54
N VAL GC 30 -93.88 0.69 -57.23
CA VAL GC 30 -94.72 1.34 -56.23
C VAL GC 30 -93.91 2.44 -55.58
N ASN GC 31 -94.34 3.69 -55.76
CA ASN GC 31 -93.66 4.85 -55.20
C ASN GC 31 -94.33 5.22 -53.88
N PRO GC 32 -93.76 4.90 -52.74
CA PRO GC 32 -94.35 5.31 -51.44
C PRO GC 32 -93.80 6.61 -50.87
N ASP GC 33 -92.98 7.35 -51.61
CA ASP GC 33 -92.48 8.63 -51.14
C ASP GC 33 -93.63 9.52 -50.64
N ARG GC 34 -93.37 10.25 -49.57
CA ARG GC 34 -94.37 11.14 -49.00
C ARG GC 34 -93.92 12.59 -49.05
N GLN GC 35 -94.91 13.47 -49.02
CA GLN GC 35 -94.71 14.90 -49.04
C GLN GC 35 -94.69 15.41 -47.60
N ALA GC 36 -93.73 16.27 -47.29
CA ALA GC 36 -93.57 16.76 -45.92
C ALA GC 36 -94.78 17.56 -45.49
N ASN GC 37 -95.10 17.46 -44.20
CA ASN GC 37 -96.22 18.20 -43.61
C ASN GC 37 -95.75 19.62 -43.34
N ALA GC 38 -95.74 20.43 -44.40
CA ALA GC 38 -95.26 21.81 -44.40
C ALA GC 38 -96.31 22.77 -44.93
N ARG GC 39 -97.57 22.48 -44.62
CA ARG GC 39 -98.71 23.19 -45.21
C ARG GC 39 -99.42 24.01 -44.15
N PRO GC 40 -99.35 25.35 -44.21
CA PRO GC 40 -100.14 26.16 -43.28
C PRO GC 40 -101.63 25.90 -43.46
N VAL GC 41 -102.37 25.84 -42.35
CA VAL GC 41 -103.80 25.57 -42.38
C VAL GC 41 -104.55 26.73 -41.77
N TYR GC 42 -105.82 26.83 -42.14
CA TYR GC 42 -106.68 27.88 -41.66
C TYR GC 42 -106.99 27.67 -40.18
N LEU GC 43 -106.91 28.75 -39.41
CA LEU GC 43 -107.20 28.75 -37.99
C LEU GC 43 -108.39 29.67 -37.75
N ALA GC 44 -109.51 29.10 -37.31
CA ALA GC 44 -110.74 29.86 -37.19
C ALA GC 44 -110.55 31.04 -36.23
N PRO GC 45 -111.19 32.18 -36.49
CA PRO GC 45 -111.05 33.34 -35.57
C PRO GC 45 -111.91 33.24 -34.33
N ALA GC 46 -112.74 32.20 -34.23
CA ALA GC 46 -113.55 31.94 -33.05
C ALA GC 46 -114.12 30.53 -33.18
N ALA GC 47 -114.55 29.99 -32.03
CA ALA GC 47 -114.99 28.60 -32.00
C ALA GC 47 -116.50 28.55 -31.76
N PRO GC 48 -117.32 28.08 -32.71
CA PRO GC 48 -118.77 28.05 -32.43
C PRO GC 48 -119.20 26.80 -31.68
N MET GC 49 -119.72 26.96 -30.46
CA MET GC 49 -120.30 25.87 -29.69
C MET GC 49 -121.83 25.93 -29.67
N GLU GC 50 -122.46 26.24 -30.81
CA GLU GC 50 -123.90 26.50 -30.80
C GLU GC 50 -124.71 25.28 -30.40
N ASN GC 51 -124.37 24.10 -30.94
CA ASN GC 51 -125.18 22.90 -30.68
C ASN GC 51 -125.26 22.61 -29.19
N THR GC 52 -124.10 22.51 -28.52
CA THR GC 52 -124.07 22.14 -27.11
C THR GC 52 -124.81 23.16 -26.24
N TYR GC 53 -124.67 24.44 -26.54
CA TYR GC 53 -125.27 25.46 -25.67
C TYR GC 53 -126.77 25.63 -25.91
N THR GC 54 -127.24 25.43 -27.15
CA THR GC 54 -128.69 25.36 -27.33
C THR GC 54 -129.27 24.16 -26.60
N TYR GC 55 -128.58 23.01 -26.60
CA TYR GC 55 -129.12 21.91 -25.81
C TYR GC 55 -129.09 22.24 -24.31
N LEU GC 56 -128.03 22.93 -23.85
CA LEU GC 56 -127.95 23.29 -22.45
C LEU GC 56 -129.05 24.28 -22.05
N GLY GC 57 -129.45 25.16 -22.96
CA GLY GC 57 -130.63 25.96 -22.72
C GLY GC 57 -131.89 25.12 -22.69
N SER GC 58 -131.94 24.09 -23.54
CA SER GC 58 -133.09 23.19 -23.56
C SER GC 58 -133.33 22.53 -22.20
N ILE GC 59 -132.28 21.94 -21.61
CA ILE GC 59 -132.49 21.23 -20.35
C ILE GC 59 -132.38 22.16 -19.16
N GLN GC 60 -132.31 23.47 -19.42
CA GLN GC 60 -132.23 24.49 -18.38
C GLN GC 60 -130.94 24.38 -17.57
N PHE GC 61 -129.85 23.98 -18.23
CA PHE GC 61 -128.51 23.92 -17.64
C PHE GC 61 -128.46 23.02 -16.41
N ALA GC 62 -129.19 21.92 -16.45
CA ALA GC 62 -129.24 21.04 -15.29
C ALA GC 62 -129.64 19.64 -15.75
N ALA GC 63 -128.81 18.65 -15.45
CA ALA GC 63 -129.17 17.26 -15.63
C ALA GC 63 -128.84 16.53 -14.33
N GLY GC 64 -129.87 16.06 -13.64
CA GLY GC 64 -129.66 15.39 -12.37
C GLY GC 64 -128.99 16.28 -11.35
N ARG GC 65 -127.84 15.83 -10.87
CA ARG GC 65 -127.05 16.55 -9.89
C ARG GC 65 -126.01 17.45 -10.55
N HIS GC 66 -125.85 17.36 -11.87
CA HIS GC 66 -124.91 18.19 -12.61
C HIS GC 66 -125.59 19.49 -12.99
N ILE GC 67 -125.13 20.60 -12.44
CA ILE GC 67 -125.66 21.91 -12.82
C ILE GC 67 -124.57 22.63 -13.58
N PHE GC 68 -124.94 23.29 -14.68
CA PHE GC 68 -123.96 23.87 -15.57
C PHE GC 68 -124.02 25.39 -15.53
N GLY GC 69 -122.91 26.01 -15.91
CA GLY GC 69 -122.87 27.46 -15.99
C GLY GC 69 -123.41 27.98 -17.30
N GLU GC 70 -123.94 29.21 -17.26
CA GLU GC 70 -124.40 29.90 -18.46
C GLU GC 70 -123.22 30.62 -19.11
N PRO GC 71 -122.97 30.38 -20.40
CA PRO GC 71 -121.79 30.95 -21.04
C PRO GC 71 -121.86 32.46 -21.18
N ALA GC 72 -120.72 33.03 -21.53
CA ALA GC 72 -120.70 34.42 -21.97
C ALA GC 72 -121.25 34.54 -23.38
N SER GC 73 -120.77 33.69 -24.29
CA SER GC 73 -121.20 33.70 -25.67
C SER GC 73 -121.31 32.26 -26.17
N ASN GC 74 -122.23 32.04 -27.11
CA ASN GC 74 -122.29 30.76 -27.80
C ASN GC 74 -121.07 30.55 -28.70
N VAL GC 75 -120.40 31.64 -29.08
CA VAL GC 75 -119.21 31.59 -29.92
C VAL GC 75 -118.04 32.13 -29.10
N LEU GC 76 -116.96 31.33 -29.01
CA LEU GC 76 -115.84 31.58 -28.10
C LEU GC 76 -114.75 32.37 -28.80
N PRO GC 77 -114.22 33.40 -28.14
CA PRO GC 77 -113.17 34.22 -28.72
C PRO GC 77 -111.82 33.58 -28.49
N PRO GC 78 -110.83 33.92 -29.31
CA PRO GC 78 -109.48 33.40 -29.11
C PRO GC 78 -108.89 33.86 -27.78
N GLN GC 79 -108.06 33.01 -27.19
CA GLN GC 79 -107.38 33.29 -25.93
C GLN GC 79 -105.89 33.59 -26.10
N ASN GC 80 -105.19 32.87 -26.97
CA ASN GC 80 -103.77 33.10 -27.19
C ASN GC 80 -103.42 33.09 -28.68
N ILE GC 81 -104.37 33.44 -29.53
CA ILE GC 81 -104.18 33.44 -30.97
C ILE GC 81 -104.23 34.88 -31.46
N VAL GC 82 -103.28 35.24 -32.31
CA VAL GC 82 -103.24 36.59 -32.84
C VAL GC 82 -103.16 36.49 -34.36
N PRO GC 83 -103.92 37.31 -35.09
CA PRO GC 83 -103.91 37.23 -36.54
C PRO GC 83 -102.52 37.46 -37.08
N GLY GC 84 -102.12 36.62 -38.03
CA GLY GC 84 -100.82 36.77 -38.67
C GLY GC 84 -99.67 36.18 -37.90
N VAL GC 85 -99.91 35.58 -36.74
CA VAL GC 85 -98.84 34.93 -35.97
C VAL GC 85 -99.09 33.43 -36.03
N PRO GC 86 -98.16 32.64 -36.55
CA PRO GC 86 -98.40 31.19 -36.67
C PRO GC 86 -98.15 30.47 -35.34
N THR GC 87 -99.09 29.62 -34.97
CA THR GC 87 -99.02 28.85 -33.74
C THR GC 87 -99.35 27.39 -34.05
N LYS GC 88 -98.81 26.50 -33.23
CA LYS GC 88 -99.18 25.09 -33.28
C LYS GC 88 -100.17 24.73 -32.18
N HIS GC 89 -100.52 25.69 -31.33
CA HIS GC 89 -101.46 25.49 -30.24
C HIS GC 89 -102.28 26.75 -30.06
N GLY GC 90 -103.61 26.61 -30.10
CA GLY GC 90 -104.51 27.73 -29.95
C GLY GC 90 -105.70 27.43 -29.05
N GLU GC 91 -106.10 28.40 -28.24
CA GLU GC 91 -107.16 28.19 -27.27
C GLU GC 91 -108.24 29.25 -27.44
N TYR GC 92 -109.50 28.82 -27.31
CA TYR GC 92 -110.65 29.70 -27.21
C TYR GC 92 -111.32 29.46 -25.86
N VAL GC 93 -111.91 30.51 -25.29
CA VAL GC 93 -112.45 30.39 -23.93
C VAL GC 93 -113.58 31.40 -23.74
N THR GC 94 -114.60 31.00 -22.98
CA THR GC 94 -115.48 31.98 -22.34
C THR GC 94 -115.60 31.64 -20.86
N THR GC 95 -116.37 32.43 -20.12
CA THR GC 95 -116.53 32.21 -18.68
C THR GC 95 -118.00 31.97 -18.37
N ASN GC 96 -118.30 30.74 -17.95
CA ASN GC 96 -119.64 30.39 -17.45
C ASN GC 96 -119.89 31.10 -16.13
N THR GC 97 -121.11 31.60 -15.94
CA THR GC 97 -121.57 32.19 -14.69
C THR GC 97 -122.92 31.60 -14.31
N GLY GC 98 -123.37 31.88 -13.09
CA GLY GC 98 -124.61 31.31 -12.62
C GLY GC 98 -124.95 31.81 -11.22
N ASP GC 99 -126.18 31.52 -10.81
CA ASP GC 99 -126.67 31.96 -9.51
C ASP GC 99 -125.96 31.17 -8.41
N ARG GC 100 -125.26 31.90 -7.53
CA ARG GC 100 -124.50 31.29 -6.43
C ARG GC 100 -123.46 30.30 -6.96
N LEU GC 101 -122.90 30.59 -8.13
CA LEU GC 101 -121.84 29.79 -8.73
C LEU GC 101 -120.63 30.68 -8.97
N MET GC 102 -119.47 30.25 -8.48
CA MET GC 102 -118.24 30.96 -8.81
C MET GC 102 -117.93 30.76 -10.28
N ALA GC 103 -117.76 31.86 -11.01
CA ALA GC 103 -117.60 31.80 -12.46
C ALA GC 103 -116.40 30.96 -12.85
N SER GC 104 -116.54 30.19 -13.93
CA SER GC 104 -115.56 29.18 -14.30
C SER GC 104 -115.48 29.10 -15.82
N SER GC 105 -114.28 28.95 -16.35
CA SER GC 105 -114.06 29.04 -17.78
C SER GC 105 -114.38 27.72 -18.47
N THR GC 106 -114.90 27.83 -19.69
CA THR GC 106 -115.05 26.69 -20.60
C THR GC 106 -114.10 26.88 -21.78
N THR GC 107 -113.39 25.81 -22.15
CA THR GC 107 -112.20 25.91 -23.00
C THR GC 107 -112.29 24.99 -24.22
N VAL GC 108 -111.77 25.48 -25.34
CA VAL GC 108 -111.72 24.75 -26.60
C VAL GC 108 -110.29 24.86 -27.11
N THR GC 109 -109.58 23.74 -27.16
CA THR GC 109 -108.16 23.69 -27.48
C THR GC 109 -107.94 23.05 -28.84
N ARG GC 110 -107.06 23.62 -29.65
CA ARG GC 110 -106.72 23.09 -30.98
C ARG GC 110 -105.21 22.99 -31.10
N ASP GC 111 -104.74 21.78 -31.36
CA ASP GC 111 -103.31 21.48 -31.55
C ASP GC 111 -103.09 21.00 -32.97
N VAL GC 112 -102.20 21.68 -33.69
CA VAL GC 112 -101.92 21.35 -35.08
C VAL GC 112 -100.42 21.09 -35.20
N SER GC 113 -100.02 19.81 -35.26
CA SER GC 113 -98.61 19.44 -35.36
C SER GC 113 -98.42 18.25 -36.26
N ASN GC 114 -97.49 18.38 -37.22
CA ASN GC 114 -97.01 17.26 -38.04
C ASN GC 114 -98.15 16.52 -38.73
N GLY GC 115 -99.08 17.27 -39.30
CA GLY GC 115 -100.21 16.69 -40.00
C GLY GC 115 -101.33 16.19 -39.13
N ARG GC 116 -101.22 16.33 -37.82
CA ARG GC 116 -102.22 15.85 -36.89
C ARG GC 116 -102.93 17.06 -36.30
N THR GC 117 -104.23 17.16 -36.56
CA THR GC 117 -105.07 18.21 -36.00
C THR GC 117 -105.92 17.60 -34.89
N LYS GC 118 -105.94 18.24 -33.71
CA LYS GC 118 -106.73 17.73 -32.59
C LYS GC 118 -107.45 18.86 -31.87
N VAL GC 119 -108.78 18.74 -31.76
CA VAL GC 119 -109.64 19.69 -31.09
C VAL GC 119 -110.26 19.02 -29.87
N SER GC 120 -110.15 19.68 -28.71
CA SER GC 120 -110.70 19.18 -27.45
C SER GC 120 -111.58 20.24 -26.82
N ILE GC 121 -112.69 19.81 -26.22
CA ILE GC 121 -113.65 20.70 -25.57
C ILE GC 121 -113.81 20.25 -24.12
N ASP GC 122 -113.66 21.19 -23.19
CA ASP GC 122 -113.77 20.92 -21.75
C ASP GC 122 -114.73 21.92 -21.14
N ILE GC 123 -115.85 21.42 -20.60
CA ILE GC 123 -116.84 22.24 -19.93
C ILE GC 123 -116.98 21.77 -18.49
N PRO GC 124 -116.95 22.66 -17.51
CA PRO GC 124 -117.09 22.26 -16.11
C PRO GC 124 -118.57 22.18 -15.70
N TYR GC 125 -118.79 21.57 -14.54
CA TYR GC 125 -120.10 21.52 -13.91
C TYR GC 125 -119.96 21.67 -12.41
N TYR GC 126 -121.10 21.78 -11.73
CA TYR GC 126 -121.15 22.06 -10.30
C TYR GC 126 -122.14 21.11 -9.62
N ASP GC 127 -122.03 21.07 -8.29
CA ASP GC 127 -122.80 20.16 -7.43
C ASP GC 127 -124.17 20.75 -7.15
N ARG GC 128 -125.20 20.25 -7.84
CA ARG GC 128 -126.53 20.82 -7.64
C ARG GC 128 -127.05 20.56 -6.23
N ASN GC 129 -126.65 19.46 -5.60
CA ASN GC 129 -127.04 19.24 -4.21
C ASN GC 129 -126.55 20.40 -3.33
N ALA GC 130 -125.30 20.80 -3.51
CA ALA GC 130 -124.77 21.93 -2.75
C ALA GC 130 -125.45 23.25 -3.13
N VAL GC 131 -125.67 23.47 -4.43
CA VAL GC 131 -126.24 24.75 -4.86
C VAL GC 131 -127.66 24.92 -4.33
N GLU GC 132 -128.48 23.87 -4.44
CA GLU GC 132 -129.85 23.95 -3.94
C GLU GC 132 -129.89 23.95 -2.42
N THR GC 133 -128.90 23.36 -1.73
CA THR GC 133 -128.82 23.55 -0.29
C THR GC 133 -128.60 25.03 0.04
N LEU GC 134 -127.69 25.69 -0.70
CA LEU GC 134 -127.45 27.12 -0.55
C LEU GC 134 -128.73 27.93 -0.73
N LYS GC 135 -129.45 27.67 -1.83
CA LYS GC 135 -130.66 28.45 -2.08
C LYS GC 135 -131.73 28.16 -1.02
N ALA GC 136 -131.93 26.88 -0.68
CA ALA GC 136 -133.07 26.49 0.15
C ALA GC 136 -132.93 26.96 1.59
N SER GC 137 -131.75 26.81 2.20
CA SER GC 137 -131.59 27.26 3.57
C SER GC 137 -131.02 28.68 3.66
N ALA GC 138 -130.98 29.41 2.54
CA ALA GC 138 -130.63 30.83 2.51
C ALA GC 138 -129.22 31.09 3.08
N ILE GC 139 -128.27 30.28 2.67
CA ILE GC 139 -126.86 30.43 3.04
C ILE GC 139 -126.24 31.43 2.07
N PRO GC 140 -125.25 32.23 2.46
CA PRO GC 140 -124.71 33.25 1.55
C PRO GC 140 -123.53 32.84 0.68
N GLY GC 141 -122.99 31.62 0.81
CA GLY GC 141 -121.82 31.24 0.04
C GLY GC 141 -122.12 30.86 -1.41
N ALA GC 142 -121.05 30.49 -2.12
CA ALA GC 142 -121.13 30.01 -3.50
C ALA GC 142 -120.37 28.69 -3.63
N VAL GC 143 -120.57 28.02 -4.76
CA VAL GC 143 -119.95 26.72 -5.05
C VAL GC 143 -118.96 26.88 -6.19
N ALA GC 144 -117.82 26.21 -6.06
CA ALA GC 144 -116.80 26.09 -7.08
C ALA GC 144 -117.06 24.85 -7.92
N PRO GC 145 -116.52 24.80 -9.15
CA PRO GC 145 -116.77 23.64 -10.01
C PRO GC 145 -116.36 22.34 -9.33
N VAL GC 146 -117.07 21.28 -9.69
CA VAL GC 146 -116.89 19.99 -9.05
C VAL GC 146 -116.24 18.98 -9.98
N GLY GC 147 -116.45 19.10 -11.29
CA GLY GC 147 -115.79 18.26 -12.26
C GLY GC 147 -115.99 18.83 -13.65
N SER GC 148 -115.68 18.03 -14.66
CA SER GC 148 -115.85 18.48 -16.04
C SER GC 148 -116.24 17.32 -16.93
N PHE GC 149 -116.59 17.67 -18.18
CA PHE GC 149 -116.75 16.71 -19.26
C PHE GC 149 -115.90 17.18 -20.43
N LYS GC 150 -115.31 16.20 -21.13
CA LYS GC 150 -114.36 16.46 -22.22
C LYS GC 150 -114.67 15.60 -23.43
N VAL GC 151 -114.50 16.20 -24.60
CA VAL GC 151 -114.70 15.55 -25.88
C VAL GC 151 -113.52 15.88 -26.79
N ASN GC 152 -112.88 14.85 -27.33
CA ASN GC 152 -111.70 15.00 -28.17
C ASN GC 152 -111.99 14.51 -29.59
N VAL GC 153 -111.40 15.19 -30.57
CA VAL GC 153 -111.56 14.85 -31.97
C VAL GC 153 -110.20 15.03 -32.63
N GLU GC 154 -109.81 14.08 -33.47
CA GLU GC 154 -108.45 13.98 -33.97
C GLU GC 154 -108.45 13.55 -35.42
N VAL GC 155 -107.70 14.26 -36.26
CA VAL GC 155 -107.62 13.99 -37.68
C VAL GC 155 -106.15 13.77 -38.00
N LEU GC 156 -105.80 12.54 -38.40
CA LEU GC 156 -104.44 12.18 -38.73
C LEU GC 156 -104.29 12.29 -40.24
N GLY GC 157 -103.86 13.45 -40.71
CA GLY GC 157 -103.82 13.72 -42.13
C GLY GC 157 -102.41 13.83 -42.65
N GLY GC 158 -101.47 13.21 -41.95
CA GLY GC 158 -100.10 13.25 -42.38
C GLY GC 158 -99.83 12.31 -43.54
N GLY GC 159 -98.68 12.52 -44.17
CA GLY GC 159 -98.18 11.59 -45.15
C GLY GC 159 -99.00 11.54 -46.42
N VAL GC 160 -99.16 12.70 -47.05
CA VAL GC 160 -99.70 12.71 -48.40
C VAL GC 160 -98.61 12.31 -49.38
N LEU GC 161 -99.03 11.75 -50.51
CA LEU GC 161 -98.08 11.27 -51.51
C LEU GC 161 -97.46 12.45 -52.27
N THR GC 162 -96.39 12.15 -53.03
CA THR GC 162 -95.56 13.21 -53.59
C THR GC 162 -96.24 13.92 -54.75
N GLY GC 163 -96.99 13.18 -55.56
CA GLY GC 163 -97.71 13.76 -56.67
C GLY GC 163 -99.04 14.37 -56.32
N THR GC 164 -99.33 14.53 -55.03
CA THR GC 164 -100.59 15.15 -54.62
C THR GC 164 -100.58 16.62 -55.02
N ASP GC 165 -101.45 16.97 -55.95
CA ASP GC 165 -101.52 18.34 -56.45
C ASP GC 165 -101.97 19.28 -55.35
N ALA GC 166 -101.50 20.52 -55.42
CA ALA GC 166 -101.97 21.55 -54.49
C ALA GC 166 -103.49 21.63 -54.49
N ASN GC 167 -104.12 21.52 -55.67
CA ASN GC 167 -105.58 21.54 -55.75
C ASN GC 167 -106.21 20.31 -55.12
N ALA GC 168 -105.58 19.15 -55.30
CA ALA GC 168 -106.16 17.92 -54.77
C ALA GC 168 -106.06 17.81 -53.26
N GLN GC 169 -105.17 18.61 -52.63
CA GLN GC 169 -105.12 18.61 -51.18
C GLN GC 169 -106.40 19.17 -50.58
N PHE GC 170 -107.09 20.05 -51.32
CA PHE GC 170 -108.39 20.54 -50.86
C PHE GC 170 -109.41 19.43 -50.89
N ALA GC 171 -109.39 18.62 -51.96
CA ALA GC 171 -110.30 17.48 -52.03
C ALA GC 171 -110.04 16.54 -50.86
N LEU GC 172 -108.77 16.32 -50.53
CA LEU GC 172 -108.44 15.48 -49.38
C LEU GC 172 -108.93 16.10 -48.09
N ASP GC 173 -108.84 17.45 -48.00
CA ASP GC 173 -109.38 18.16 -46.84
C ASP GC 173 -110.84 17.79 -46.61
N GLU GC 174 -111.64 17.92 -47.68
CA GLU GC 174 -113.07 17.65 -47.57
C GLU GC 174 -113.33 16.17 -47.28
N LEU GC 175 -112.52 15.27 -47.84
CA LEU GC 175 -112.68 13.86 -47.52
C LEU GC 175 -112.51 13.61 -46.03
N LEU GC 176 -111.46 14.18 -45.43
CA LEU GC 176 -111.25 14.00 -44.00
C LEU GC 176 -112.39 14.61 -43.18
N SER GC 177 -112.89 15.77 -43.61
CA SER GC 177 -113.97 16.38 -42.83
C SER GC 177 -115.25 15.52 -42.89
N ASN GC 178 -115.50 14.86 -44.02
CA ASN GC 178 -116.65 13.96 -44.11
C ASN GC 178 -116.46 12.71 -43.24
N MET GC 179 -115.23 12.19 -43.17
CA MET GC 179 -114.96 11.12 -42.22
C MET GC 179 -115.21 11.58 -40.79
N LEU GC 180 -114.87 12.83 -40.49
CA LEU GC 180 -115.17 13.40 -39.17
C LEU GC 180 -116.66 13.34 -38.86
N MET GC 181 -117.48 13.83 -39.78
CA MET GC 181 -118.92 13.81 -39.58
C MET GC 181 -119.42 12.38 -39.36
N ASP GC 182 -118.98 11.44 -40.20
CA ASP GC 182 -119.40 10.06 -40.04
C ASP GC 182 -118.97 9.49 -38.68
N ALA GC 183 -117.79 9.89 -38.21
CA ALA GC 183 -117.29 9.39 -36.94
C ALA GC 183 -118.14 9.87 -35.78
N ALA GC 184 -118.49 11.16 -35.76
CA ALA GC 184 -119.33 11.65 -34.67
C ALA GC 184 -120.73 11.02 -34.73
N ARG GC 185 -121.27 10.82 -35.93
CA ARG GC 185 -122.57 10.18 -36.04
C ARG GC 185 -122.52 8.75 -35.50
N ILE GC 186 -121.45 8.02 -35.81
CA ILE GC 186 -121.31 6.65 -35.29
C ILE GC 186 -121.09 6.68 -33.78
N ALA GC 187 -120.46 7.74 -33.28
CA ALA GC 187 -120.21 7.84 -31.86
C ALA GC 187 -121.50 8.03 -31.06
N GLN GC 188 -122.41 8.88 -31.55
CA GLN GC 188 -123.64 9.14 -30.81
C GLN GC 188 -124.84 8.37 -31.34
N ASP GC 189 -124.64 7.51 -32.33
CA ASP GC 189 -125.73 6.78 -32.96
C ASP GC 189 -126.42 5.92 -31.92
N GLY GC 190 -127.75 5.89 -31.98
CA GLY GC 190 -128.52 5.04 -31.10
C GLY GC 190 -129.79 5.71 -30.63
N PRO GC 191 -130.74 4.90 -30.16
CA PRO GC 191 -131.97 5.48 -29.60
C PRO GC 191 -131.66 6.24 -28.34
N LYS GC 192 -132.42 7.29 -28.11
CA LYS GC 192 -132.32 8.09 -26.88
C LYS GC 192 -133.15 7.48 -25.76
N ASN GC 193 -133.84 6.36 -26.03
CA ASN GC 193 -134.52 5.61 -24.97
C ASN GC 193 -133.53 4.84 -24.10
N THR GC 194 -132.33 4.57 -24.62
CA THR GC 194 -131.41 3.65 -23.98
C THR GC 194 -130.06 4.33 -23.75
N ALA GC 195 -129.34 3.84 -22.74
CA ALA GC 195 -128.05 4.40 -22.37
C ALA GC 195 -127.04 4.25 -23.49
N ARG GC 196 -126.27 5.32 -23.77
CA ARG GC 196 -125.24 5.15 -24.79
C ARG GC 196 -123.88 5.82 -24.55
N LEU GC 197 -123.74 6.82 -23.68
CA LEU GC 197 -122.43 7.46 -23.57
C LEU GC 197 -121.78 7.49 -22.19
N VAL GC 198 -122.46 8.07 -21.18
CA VAL GC 198 -121.79 8.38 -19.92
C VAL GC 198 -121.74 7.15 -19.03
N ALA GC 199 -120.76 7.14 -18.13
CA ALA GC 199 -120.58 6.06 -17.16
C ALA GC 199 -120.44 4.71 -17.86
N ALA GC 200 -119.98 4.73 -19.11
CA ALA GC 200 -119.95 3.53 -19.93
C ALA GC 200 -119.07 2.45 -19.31
N SER GC 201 -119.57 1.22 -19.31
CA SER GC 201 -118.85 0.05 -18.82
C SER GC 201 -118.42 -0.86 -19.96
N HIS GC 202 -119.36 -1.18 -20.85
CA HIS GC 202 -119.10 -1.98 -22.04
C HIS GC 202 -120.24 -1.73 -23.02
N GLY GC 203 -120.10 -2.28 -24.22
CA GLY GC 203 -121.14 -2.17 -25.24
C GLY GC 203 -121.93 -3.46 -25.36
N VAL GC 204 -123.23 -3.32 -25.57
CA VAL GC 204 -124.08 -4.48 -25.81
C VAL GC 204 -125.02 -4.20 -26.96
N MET GC 205 -124.74 -4.76 -28.14
CA MET GC 205 -125.63 -4.52 -29.26
C MET GC 205 -126.84 -5.45 -29.19
N PRO GC 206 -128.05 -4.95 -29.47
CA PRO GC 206 -129.25 -5.74 -29.23
C PRO GC 206 -129.45 -6.80 -30.30
N GLN GC 207 -130.12 -7.90 -29.90
CA GLN GC 207 -130.37 -9.01 -30.81
C GLN GC 207 -131.35 -8.62 -31.91
N ALA GC 208 -132.40 -7.91 -31.54
CA ALA GC 208 -133.38 -7.44 -32.48
C ALA GC 208 -134.16 -6.29 -31.84
N PRO HC 20 -98.83 25.08 13.94
CA PRO HC 20 -98.73 25.63 12.58
C PRO HC 20 -100.07 26.09 12.01
N VAL HC 21 -100.20 27.39 11.76
CA VAL HC 21 -101.41 27.99 11.23
C VAL HC 21 -101.26 28.09 9.72
N GLN HC 22 -102.21 27.51 8.98
CA GLN HC 22 -102.15 27.49 7.52
C GLN HC 22 -103.29 28.30 6.91
N SER HC 23 -103.06 28.88 5.74
CA SER HC 23 -104.05 29.69 5.06
C SER HC 23 -104.75 28.89 3.97
N SER HC 24 -106.00 29.24 3.69
CA SER HC 24 -106.79 28.51 2.71
C SER HC 24 -107.82 29.43 2.05
N ARG HC 25 -108.35 28.92 0.93
CA ARG HC 25 -109.35 29.57 0.11
C ARG HC 25 -110.59 28.68 0.08
N THR HC 26 -111.68 29.15 0.68
CA THR HC 26 -112.83 28.31 0.93
C THR HC 26 -113.98 28.62 -0.01
N THR HC 27 -114.68 27.58 -0.45
CA THR HC 27 -116.02 27.72 -1.00
C THR HC 27 -116.91 26.71 -0.30
N PHE HC 28 -118.21 26.96 -0.33
CA PHE HC 28 -119.14 26.02 0.29
C PHE HC 28 -119.22 24.74 -0.52
N GLY HC 29 -119.41 23.64 0.20
CA GLY HC 29 -119.58 22.36 -0.43
C GLY HC 29 -118.82 21.24 0.24
N VAL HC 30 -118.87 20.06 -0.38
CA VAL HC 30 -118.09 18.91 0.01
C VAL HC 30 -117.62 18.24 -1.27
N ASN HC 31 -116.42 17.68 -1.22
CA ASN HC 31 -115.93 16.88 -2.34
C ASN HC 31 -116.97 15.82 -2.68
N PRO HC 32 -117.34 15.68 -3.94
CA PRO HC 32 -118.55 14.94 -4.29
C PRO HC 32 -118.34 13.44 -4.15
N ASP HC 33 -119.46 12.73 -4.15
CA ASP HC 33 -119.44 11.28 -4.23
C ASP HC 33 -119.68 10.90 -5.70
N ARG HC 34 -118.69 10.29 -6.32
CA ARG HC 34 -118.79 9.90 -7.72
C ARG HC 34 -119.41 8.50 -7.84
N GLN HC 35 -120.13 8.31 -8.94
CA GLN HC 35 -120.75 7.02 -9.23
C GLN HC 35 -119.80 6.18 -10.07
N ALA HC 36 -119.81 4.87 -9.82
CA ALA HC 36 -118.95 3.97 -10.56
C ALA HC 36 -119.40 3.88 -12.02
N ASN HC 37 -118.45 3.58 -12.90
CA ASN HC 37 -118.74 3.49 -14.34
C ASN HC 37 -119.24 2.09 -14.70
N ALA HC 38 -120.40 1.74 -14.14
CA ALA HC 38 -120.98 0.40 -14.28
C ALA HC 38 -122.21 0.40 -15.17
N ARG HC 39 -122.29 1.33 -16.11
CA ARG HC 39 -123.47 1.50 -16.93
C ARG HC 39 -123.22 0.95 -18.33
N PRO HC 40 -123.76 -0.22 -18.67
CA PRO HC 40 -123.61 -0.73 -20.03
C PRO HC 40 -124.39 0.12 -21.03
N VAL HC 41 -123.80 0.27 -22.22
CA VAL HC 41 -124.31 1.21 -23.21
C VAL HC 41 -124.68 0.48 -24.49
N TYR HC 42 -125.41 1.20 -25.33
CA TYR HC 42 -125.85 0.68 -26.61
C TYR HC 42 -124.69 0.60 -27.58
N LEU HC 43 -124.74 -0.41 -28.44
CA LEU HC 43 -123.72 -0.67 -29.43
C LEU HC 43 -124.42 -0.84 -30.77
N ALA HC 44 -124.06 -0.01 -31.74
CA ALA HC 44 -124.78 -0.01 -33.01
C ALA HC 44 -124.62 -1.37 -33.70
N PRO HC 45 -125.71 -1.92 -34.28
CA PRO HC 45 -125.59 -3.19 -35.02
C PRO HC 45 -124.95 -3.04 -36.38
N ALA HC 46 -124.58 -1.81 -36.77
CA ALA HC 46 -123.83 -1.52 -37.98
C ALA HC 46 -123.38 -0.06 -37.92
N ALA HC 47 -122.34 0.25 -38.69
CA ALA HC 47 -121.75 1.59 -38.66
C ALA HC 47 -122.07 2.30 -39.97
N PRO HC 48 -122.81 3.42 -40.00
CA PRO HC 48 -123.06 4.08 -41.28
C PRO HC 48 -121.93 5.02 -41.64
N MET HC 49 -121.43 4.93 -42.87
CA MET HC 49 -120.39 5.81 -43.39
C MET HC 49 -120.88 6.52 -44.63
N GLU HC 50 -122.13 7.01 -44.61
CA GLU HC 50 -122.73 7.54 -45.83
C GLU HC 50 -122.05 8.83 -46.28
N ASN HC 51 -121.73 9.74 -45.36
CA ASN HC 51 -121.17 11.04 -45.73
C ASN HC 51 -119.87 10.89 -46.52
N THR HC 52 -118.92 10.14 -45.96
CA THR HC 52 -117.60 10.01 -46.57
C THR HC 52 -117.68 9.27 -47.90
N TYR HC 53 -118.53 8.24 -48.01
CA TYR HC 53 -118.57 7.45 -49.24
C TYR HC 53 -119.34 8.16 -50.36
N THR HC 54 -120.36 8.93 -50.02
CA THR HC 54 -120.94 9.80 -51.04
C THR HC 54 -119.93 10.83 -51.54
N TYR HC 55 -119.11 11.39 -50.63
CA TYR HC 55 -118.09 12.33 -51.13
C TYR HC 55 -117.06 11.61 -52.00
N LEU HC 56 -116.69 10.38 -51.63
CA LEU HC 56 -115.75 9.63 -52.46
C LEU HC 56 -116.32 9.36 -53.84
N GLY HC 57 -117.62 9.06 -53.91
CA GLY HC 57 -118.28 8.99 -55.20
C GLY HC 57 -118.20 10.33 -55.94
N SER HC 58 -118.30 11.42 -55.19
CA SER HC 58 -118.21 12.75 -55.81
C SER HC 58 -116.88 12.95 -56.53
N ILE HC 59 -115.76 12.69 -55.85
CA ILE HC 59 -114.46 12.97 -56.46
C ILE HC 59 -114.02 11.81 -57.35
N GLN HC 60 -114.90 10.84 -57.54
CA GLN HC 60 -114.61 9.66 -58.37
C GLN HC 60 -113.43 8.87 -57.81
N PHE HC 61 -113.34 8.81 -56.48
CA PHE HC 61 -112.39 7.94 -55.76
C PHE HC 61 -110.94 8.23 -56.11
N ALA HC 62 -110.62 9.51 -56.34
CA ALA HC 62 -109.26 9.85 -56.71
C ALA HC 62 -108.96 11.28 -56.31
N ALA HC 63 -107.73 11.49 -55.83
CA ALA HC 63 -107.27 12.83 -55.47
C ALA HC 63 -105.75 12.78 -55.37
N GLY HC 64 -105.09 13.69 -56.08
CA GLY HC 64 -103.64 13.64 -56.13
C GLY HC 64 -103.24 12.35 -56.82
N ARG HC 65 -102.28 11.63 -56.26
CA ARG HC 65 -102.07 10.25 -56.69
C ARG HC 65 -102.53 9.26 -55.63
N HIS HC 66 -103.42 9.69 -54.74
CA HIS HC 66 -104.20 8.75 -53.93
C HIS HC 66 -105.39 8.26 -54.75
N ILE HC 67 -105.53 6.95 -54.87
CA ILE HC 67 -106.75 6.37 -55.43
C ILE HC 67 -107.35 5.46 -54.37
N PHE HC 68 -108.67 5.51 -54.23
CA PHE HC 68 -109.37 4.76 -53.19
C PHE HC 68 -110.18 3.64 -53.82
N GLY HC 69 -110.63 2.72 -52.96
CA GLY HC 69 -111.44 1.60 -53.41
C GLY HC 69 -112.92 1.85 -53.19
N GLU HC 70 -113.73 1.21 -54.04
CA GLU HC 70 -115.17 1.25 -53.87
C GLU HC 70 -115.58 0.26 -52.79
N PRO HC 71 -116.41 0.67 -51.84
CA PRO HC 71 -116.82 -0.23 -50.75
C PRO HC 71 -117.83 -1.25 -51.23
N ALA HC 72 -118.09 -2.22 -50.37
CA ALA HC 72 -119.20 -3.12 -50.61
C ALA HC 72 -120.52 -2.49 -50.20
N SER HC 73 -120.54 -1.90 -49.01
CA SER HC 73 -121.74 -1.28 -48.48
C SER HC 73 -121.37 0.09 -47.89
N ASN HC 74 -122.30 1.04 -48.04
CA ASN HC 74 -122.16 2.31 -47.34
C ASN HC 74 -122.31 2.13 -45.84
N VAL HC 75 -123.00 1.08 -45.42
CA VAL HC 75 -123.15 0.74 -44.02
C VAL HC 75 -122.37 -0.54 -43.76
N LEU HC 76 -121.40 -0.45 -42.82
CA LEU HC 76 -120.43 -1.48 -42.45
C LEU HC 76 -121.04 -2.44 -41.43
N PRO HC 77 -121.05 -3.73 -41.74
CA PRO HC 77 -121.55 -4.73 -40.79
C PRO HC 77 -120.54 -5.01 -39.69
N PRO HC 78 -120.96 -5.59 -38.57
CA PRO HC 78 -119.99 -5.94 -37.52
C PRO HC 78 -119.22 -7.21 -37.86
N GLN HC 79 -117.94 -7.21 -37.49
CA GLN HC 79 -117.07 -8.36 -37.76
C GLN HC 79 -116.87 -9.26 -36.54
N ASN HC 80 -116.74 -8.67 -35.35
CA ASN HC 80 -116.44 -9.44 -34.15
C ASN HC 80 -117.39 -9.10 -32.99
N ILE HC 81 -118.63 -8.74 -33.28
CA ILE HC 81 -119.57 -8.33 -32.25
C ILE HC 81 -120.74 -9.30 -32.30
N VAL HC 82 -120.78 -10.21 -31.35
CA VAL HC 82 -121.96 -11.08 -31.20
C VAL HC 82 -123.07 -10.31 -30.48
N PRO HC 83 -124.32 -10.45 -30.88
CA PRO HC 83 -125.36 -9.69 -30.20
C PRO HC 83 -125.63 -10.27 -28.83
N GLY HC 84 -125.90 -9.37 -27.88
CA GLY HC 84 -126.15 -9.79 -26.52
C GLY HC 84 -124.91 -10.20 -25.77
N VAL HC 85 -123.73 -10.02 -26.35
CA VAL HC 85 -122.47 -10.36 -25.71
C VAL HC 85 -121.78 -9.07 -25.36
N PRO HC 86 -121.51 -8.78 -24.09
CA PRO HC 86 -120.77 -7.56 -23.74
C PRO HC 86 -119.38 -7.60 -24.34
N THR HC 87 -119.02 -6.52 -25.02
CA THR HC 87 -117.72 -6.38 -25.66
C THR HC 87 -117.19 -4.99 -25.37
N LYS HC 88 -115.95 -4.91 -24.91
CA LYS HC 88 -115.31 -3.61 -24.68
C LYS HC 88 -114.55 -3.12 -25.90
N HIS HC 89 -114.52 -3.93 -26.96
CA HIS HC 89 -113.86 -3.55 -28.21
C HIS HC 89 -114.53 -4.29 -29.37
N GLY HC 90 -114.85 -3.53 -30.42
CA GLY HC 90 -115.56 -4.11 -31.54
C GLY HC 90 -115.22 -3.39 -32.84
N GLU HC 91 -115.40 -4.12 -33.93
CA GLU HC 91 -114.97 -3.63 -35.24
C GLU HC 91 -116.05 -3.88 -36.28
N TYR HC 92 -116.36 -2.86 -37.06
CA TYR HC 92 -117.14 -3.01 -38.29
C TYR HC 92 -116.19 -2.87 -39.46
N VAL HC 93 -116.41 -3.64 -40.52
CA VAL HC 93 -115.46 -3.65 -41.61
C VAL HC 93 -116.17 -3.97 -42.90
N THR HC 94 -115.85 -3.23 -43.96
CA THR HC 94 -116.33 -3.63 -45.28
C THR HC 94 -115.18 -3.65 -46.26
N THR HC 95 -115.32 -4.46 -47.29
CA THR HC 95 -114.22 -4.70 -48.20
C THR HC 95 -114.26 -3.68 -49.33
N ASN HC 96 -113.07 -3.23 -49.75
CA ASN HC 96 -112.87 -2.25 -50.82
C ASN HC 96 -112.34 -3.01 -52.04
N THR HC 97 -112.98 -2.82 -53.19
CA THR HC 97 -112.52 -3.44 -54.43
C THR HC 97 -112.32 -2.36 -55.48
N GLY HC 98 -111.61 -2.70 -56.55
CA GLY HC 98 -111.35 -1.73 -57.61
C GLY HC 98 -110.59 -2.38 -58.74
N ASP HC 99 -110.57 -1.67 -59.88
CA ASP HC 99 -109.88 -2.15 -61.07
C ASP HC 99 -108.38 -2.13 -60.83
N ARG HC 100 -107.76 -3.31 -60.91
CA ARG HC 100 -106.33 -3.49 -60.65
C ARG HC 100 -105.98 -2.99 -59.24
N LEU HC 101 -106.86 -3.31 -58.28
CA LEU HC 101 -106.63 -3.07 -56.87
C LEU HC 101 -106.74 -4.39 -56.12
N MET HC 102 -105.85 -4.60 -55.16
CA MET HC 102 -105.99 -5.74 -54.26
C MET HC 102 -107.03 -5.40 -53.21
N ALA HC 103 -108.03 -6.26 -53.06
CA ALA HC 103 -109.10 -6.00 -52.10
C ALA HC 103 -108.52 -5.64 -50.73
N SER HC 104 -109.04 -4.57 -50.14
CA SER HC 104 -108.51 -4.08 -48.85
C SER HC 104 -109.66 -3.59 -47.97
N SER HC 105 -109.53 -3.84 -46.68
CA SER HC 105 -110.63 -3.63 -45.76
C SER HC 105 -110.58 -2.22 -45.17
N THR HC 106 -111.73 -1.55 -45.14
CA THR HC 106 -111.88 -0.30 -44.42
C THR HC 106 -112.60 -0.57 -43.11
N THR HC 107 -112.09 0.04 -42.02
CA THR HC 107 -112.38 -0.41 -40.66
C THR HC 107 -112.87 0.73 -39.76
N VAL HC 108 -113.89 0.43 -38.96
CA VAL HC 108 -114.43 1.34 -37.97
C VAL HC 108 -114.36 0.63 -36.63
N THR HC 109 -113.60 1.20 -35.70
CA THR HC 109 -113.27 0.57 -34.43
C THR HC 109 -113.90 1.34 -33.28
N ARG HC 110 -114.58 0.64 -32.38
CA ARG HC 110 -115.20 1.24 -31.21
C ARG HC 110 -114.67 0.59 -29.95
N ASP HC 111 -114.17 1.41 -29.03
CA ASP HC 111 -113.66 0.96 -27.74
C ASP HC 111 -114.47 1.64 -26.66
N VAL HC 112 -115.22 0.86 -25.90
CA VAL HC 112 -116.03 1.36 -24.79
C VAL HC 112 -115.47 0.77 -23.51
N SER HC 113 -114.83 1.59 -22.67
CA SER HC 113 -114.33 1.09 -21.40
C SER HC 113 -114.13 2.22 -20.41
N ASN HC 114 -114.47 1.95 -19.15
CA ASN HC 114 -114.19 2.83 -18.01
C ASN HC 114 -114.72 4.26 -18.24
N GLY HC 115 -115.92 4.35 -18.79
CA GLY HC 115 -116.57 5.62 -19.06
C GLY HC 115 -116.07 6.37 -20.27
N ARG HC 116 -115.08 5.83 -20.98
CA ARG HC 116 -114.53 6.48 -22.16
C ARG HC 116 -114.93 5.66 -23.37
N THR HC 117 -115.55 6.31 -24.33
CA THR HC 117 -115.93 5.65 -25.58
C THR HC 117 -115.16 6.33 -26.72
N LYS HC 118 -114.58 5.53 -27.62
CA LYS HC 118 -113.73 6.05 -28.69
C LYS HC 118 -113.99 5.32 -29.99
N VAL HC 119 -114.24 6.08 -31.05
CA VAL HC 119 -114.52 5.56 -32.39
C VAL HC 119 -113.41 6.04 -33.32
N SER HC 120 -112.82 5.11 -34.08
CA SER HC 120 -111.76 5.39 -35.03
C SER HC 120 -112.14 4.85 -36.40
N ILE HC 121 -111.80 5.60 -37.45
CA ILE HC 121 -112.10 5.21 -38.82
C ILE HC 121 -110.81 5.23 -39.63
N ASP HC 122 -110.56 4.13 -40.35
CA ASP HC 122 -109.33 3.94 -41.12
C ASP HC 122 -109.70 3.47 -42.51
N ILE HC 123 -109.38 4.28 -43.53
CA ILE HC 123 -109.62 3.93 -44.93
C ILE HC 123 -108.28 3.93 -45.66
N PRO HC 124 -107.98 2.90 -46.44
CA PRO HC 124 -106.71 2.84 -47.16
C PRO HC 124 -106.77 3.47 -48.55
N TYR HC 125 -105.58 3.78 -49.06
CA TYR HC 125 -105.40 4.36 -50.39
C TYR HC 125 -104.20 3.72 -51.07
N TYR HC 126 -104.24 3.70 -52.41
CA TYR HC 126 -103.24 3.09 -53.28
C TYR HC 126 -102.55 4.15 -54.13
N ASP HC 127 -101.42 3.73 -54.73
CA ASP HC 127 -100.61 4.55 -55.63
C ASP HC 127 -101.26 4.66 -56.99
N ARG HC 128 -101.90 5.80 -57.24
CA ARG HC 128 -102.59 6.03 -58.50
C ARG HC 128 -101.65 5.91 -59.69
N ASN HC 129 -100.37 6.26 -59.51
CA ASN HC 129 -99.41 6.18 -60.61
C ASN HC 129 -99.20 4.72 -61.02
N ALA HC 130 -99.04 3.84 -60.04
CA ALA HC 130 -98.91 2.41 -60.34
C ALA HC 130 -100.18 1.87 -60.97
N VAL HC 131 -101.34 2.22 -60.38
CA VAL HC 131 -102.60 1.66 -60.89
C VAL HC 131 -102.83 2.07 -62.33
N GLU HC 132 -102.65 3.37 -62.63
CA GLU HC 132 -102.93 3.86 -63.97
C GLU HC 132 -101.87 3.42 -64.97
N THR HC 133 -100.61 3.26 -64.55
CA THR HC 133 -99.61 2.68 -65.44
C THR HC 133 -99.99 1.25 -65.81
N LEU HC 134 -100.48 0.47 -64.83
CA LEU HC 134 -100.96 -0.88 -65.12
C LEU HC 134 -102.16 -0.86 -66.06
N LYS HC 135 -103.13 0.01 -65.79
CA LYS HC 135 -104.33 0.08 -66.63
C LYS HC 135 -103.98 0.47 -68.06
N ALA HC 136 -103.23 1.58 -68.24
CA ALA HC 136 -102.87 2.02 -69.57
C ALA HC 136 -102.02 0.99 -70.29
N SER HC 137 -101.13 0.31 -69.57
CA SER HC 137 -100.31 -0.70 -70.22
C SER HC 137 -101.02 -2.05 -70.33
N ALA HC 138 -102.26 -2.17 -69.85
CA ALA HC 138 -102.98 -3.44 -69.90
C ALA HC 138 -102.17 -4.55 -69.25
N ILE HC 139 -101.68 -4.28 -68.04
CA ILE HC 139 -100.92 -5.26 -67.26
C ILE HC 139 -101.87 -5.84 -66.22
N PRO HC 140 -101.87 -7.16 -65.98
CA PRO HC 140 -102.84 -7.73 -65.03
C PRO HC 140 -102.42 -7.71 -63.57
N GLY HC 141 -101.48 -6.87 -63.16
CA GLY HC 141 -101.10 -6.81 -61.76
C GLY HC 141 -102.16 -6.11 -60.92
N ALA HC 142 -102.28 -6.54 -59.66
CA ALA HC 142 -103.15 -5.91 -58.68
C ALA HC 142 -102.30 -5.25 -57.60
N VAL HC 143 -102.69 -4.06 -57.18
CA VAL HC 143 -101.87 -3.24 -56.29
C VAL HC 143 -102.42 -3.32 -54.87
N ALA HC 144 -101.51 -3.50 -53.90
CA ALA HC 144 -101.83 -3.42 -52.49
C ALA HC 144 -101.80 -1.97 -52.03
N PRO HC 145 -102.49 -1.66 -50.92
CA PRO HC 145 -102.57 -0.25 -50.48
C PRO HC 145 -101.23 0.30 -50.05
N VAL HC 146 -100.99 1.54 -50.40
CA VAL HC 146 -99.75 2.21 -50.00
C VAL HC 146 -99.88 2.90 -48.65
N GLY HC 147 -101.07 3.33 -48.27
CA GLY HC 147 -101.21 3.97 -46.98
C GLY HC 147 -102.65 4.05 -46.53
N SER HC 148 -102.92 4.89 -45.53
CA SER HC 148 -104.27 5.04 -45.02
C SER HC 148 -104.44 6.43 -44.42
N PHE HC 149 -105.72 6.80 -44.23
CA PHE HC 149 -106.12 7.99 -43.49
C PHE HC 149 -107.03 7.59 -42.34
N LYS HC 150 -106.84 8.25 -41.19
CA LYS HC 150 -107.51 7.90 -39.95
C LYS HC 150 -108.09 9.12 -39.25
N VAL HC 151 -109.25 8.90 -38.64
CA VAL HC 151 -109.95 9.93 -37.87
C VAL HC 151 -110.44 9.31 -36.57
N ASN HC 152 -110.08 9.93 -35.45
CA ASN HC 152 -110.41 9.47 -34.10
C ASN HC 152 -111.37 10.43 -33.42
N VAL HC 153 -112.27 9.87 -32.62
CA VAL HC 153 -113.26 10.64 -31.88
C VAL HC 153 -113.42 10.00 -30.51
N GLU HC 154 -113.47 10.81 -29.46
CA GLU HC 154 -113.33 10.29 -28.10
C GLU HC 154 -114.20 11.08 -27.15
N VAL HC 155 -114.88 10.38 -26.25
CA VAL HC 155 -115.84 10.98 -25.32
C VAL HC 155 -115.50 10.48 -23.93
N LEU HC 156 -115.08 11.39 -23.03
CA LEU HC 156 -114.72 11.06 -21.67
C LEU HC 156 -115.93 11.31 -20.78
N GLY HC 157 -116.77 10.29 -20.64
CA GLY HC 157 -118.03 10.38 -19.92
C GLY HC 157 -118.04 9.83 -18.52
N GLY HC 158 -116.88 9.66 -17.91
CA GLY HC 158 -116.82 9.13 -16.57
C GLY HC 158 -117.00 10.19 -15.51
N GLY HC 159 -117.31 9.72 -14.31
CA GLY HC 159 -117.35 10.61 -13.15
C GLY HC 159 -118.72 11.15 -12.84
N VAL HC 160 -119.78 10.50 -13.30
CA VAL HC 160 -121.13 10.97 -13.05
C VAL HC 160 -121.38 10.98 -11.54
N LEU HC 161 -121.96 12.07 -11.07
CA LEU HC 161 -122.23 12.26 -9.65
C LEU HC 161 -123.31 11.30 -9.16
N THR HC 162 -123.27 11.01 -7.85
CA THR HC 162 -124.10 9.93 -7.31
C THR HC 162 -125.59 10.25 -7.37
N GLY HC 163 -125.96 11.51 -7.13
CA GLY HC 163 -127.37 11.88 -7.18
C GLY HC 163 -128.02 11.62 -8.53
N THR HC 164 -127.24 11.69 -9.62
CA THR HC 164 -127.79 11.60 -10.97
C THR HC 164 -128.50 10.26 -11.19
N ASP HC 165 -129.75 10.33 -11.63
CA ASP HC 165 -130.49 9.10 -11.86
C ASP HC 165 -130.45 8.74 -13.35
N ALA HC 166 -131.20 7.70 -13.74
CA ALA HC 166 -131.13 7.18 -15.10
C ALA HC 166 -131.61 8.21 -16.12
N ASN HC 167 -132.76 8.83 -15.83
CA ASN HC 167 -133.32 9.83 -16.74
C ASN HC 167 -132.35 10.98 -16.94
N ALA HC 168 -131.72 11.44 -15.85
CA ALA HC 168 -130.72 12.51 -15.97
C ALA HC 168 -129.54 12.06 -16.82
N GLN HC 169 -129.10 10.80 -16.66
CA GLN HC 169 -127.99 10.33 -17.46
C GLN HC 169 -128.34 10.33 -18.95
N PHE HC 170 -129.61 10.10 -19.30
CA PHE HC 170 -130.01 10.28 -20.69
C PHE HC 170 -129.66 11.68 -21.20
N ALA HC 171 -129.99 12.69 -20.39
CA ALA HC 171 -129.70 14.06 -20.75
C ALA HC 171 -128.21 14.27 -20.93
N LEU HC 172 -127.40 13.71 -20.04
CA LEU HC 172 -125.96 13.82 -20.17
C LEU HC 172 -125.49 13.16 -21.48
N ASP HC 173 -126.14 12.05 -21.87
CA ASP HC 173 -125.82 11.40 -23.14
C ASP HC 173 -125.97 12.38 -24.28
N GLU HC 174 -127.15 13.01 -24.39
CA GLU HC 174 -127.36 13.92 -25.50
C GLU HC 174 -126.45 15.15 -25.40
N LEU HC 175 -126.11 15.58 -24.18
CA LEU HC 175 -125.20 16.71 -24.03
C LEU HC 175 -123.83 16.41 -24.63
N LEU HC 176 -123.28 15.23 -24.30
CA LEU HC 176 -122.02 14.84 -24.89
C LEU HC 176 -122.15 14.67 -26.41
N SER HC 177 -123.30 14.20 -26.88
CA SER HC 177 -123.53 14.12 -28.31
C SER HC 177 -123.37 15.49 -28.98
N ASN HC 178 -123.99 16.51 -28.38
CA ASN HC 178 -123.93 17.85 -29.00
C ASN HC 178 -122.52 18.43 -28.90
N MET HC 179 -121.79 18.14 -27.82
CA MET HC 179 -120.39 18.56 -27.75
C MET HC 179 -119.57 17.88 -28.85
N LEU HC 180 -119.86 16.61 -29.14
CA LEU HC 180 -119.26 15.92 -30.28
C LEU HC 180 -119.48 16.68 -31.57
N MET HC 181 -120.74 16.97 -31.88
CA MET HC 181 -121.06 17.69 -33.11
C MET HC 181 -120.30 19.01 -33.18
N ASP HC 182 -120.27 19.75 -32.08
CA ASP HC 182 -119.55 21.02 -32.07
C ASP HC 182 -118.06 20.83 -32.30
N ALA HC 183 -117.48 19.79 -31.70
CA ALA HC 183 -116.05 19.56 -31.89
C ALA HC 183 -115.74 19.26 -33.34
N ALA HC 184 -116.56 18.43 -33.99
CA ALA HC 184 -116.31 18.11 -35.39
C ALA HC 184 -116.47 19.33 -36.29
N ARG HC 185 -117.47 20.16 -36.00
CA ARG HC 185 -117.63 21.39 -36.77
C ARG HC 185 -116.43 22.31 -36.59
N ILE HC 186 -115.94 22.44 -35.35
CA ILE HC 186 -114.78 23.29 -35.08
C ILE HC 186 -113.53 22.73 -35.75
N ALA HC 187 -113.48 21.42 -35.92
CA ALA HC 187 -112.34 20.79 -36.57
C ALA HC 187 -112.33 21.09 -38.07
N GLN HC 188 -113.46 20.88 -38.73
CA GLN HC 188 -113.54 21.09 -40.18
C GLN HC 188 -113.80 22.55 -40.56
N ASP HC 189 -113.96 23.44 -39.57
CA ASP HC 189 -114.39 24.80 -39.82
C ASP HC 189 -113.40 25.53 -40.72
N GLY HC 190 -113.94 26.28 -41.68
CA GLY HC 190 -113.13 27.10 -42.55
C GLY HC 190 -113.60 27.13 -43.99
N PRO HC 191 -113.12 28.11 -44.75
CA PRO HC 191 -113.40 28.11 -46.19
C PRO HC 191 -112.79 26.89 -46.87
N LYS HC 192 -113.50 26.40 -47.89
CA LYS HC 192 -112.93 25.38 -48.74
C LYS HC 192 -111.95 25.96 -49.77
N ASN HC 193 -111.77 27.29 -49.76
CA ASN HC 193 -110.77 27.92 -50.60
C ASN HC 193 -109.35 27.72 -50.06
N THR HC 194 -109.22 27.55 -48.76
CA THR HC 194 -107.91 27.50 -48.11
C THR HC 194 -107.66 26.16 -47.45
N ALA HC 195 -106.38 25.88 -47.22
CA ALA HC 195 -105.95 24.63 -46.63
C ALA HC 195 -106.40 24.53 -45.19
N ARG HC 196 -106.97 23.38 -44.79
CA ARG HC 196 -107.38 23.29 -43.39
C ARG HC 196 -107.00 21.99 -42.66
N LEU HC 197 -106.82 20.84 -43.35
CA LEU HC 197 -106.54 19.59 -42.63
C LEU HC 197 -105.25 18.84 -43.01
N VAL HC 198 -105.09 18.43 -44.28
CA VAL HC 198 -104.07 17.43 -44.63
C VAL HC 198 -102.70 18.09 -44.69
N ALA HC 199 -101.67 17.29 -44.40
CA ALA HC 199 -100.28 17.76 -44.39
C ALA HC 199 -100.13 19.00 -43.52
N ALA HC 200 -100.90 19.08 -42.45
CA ALA HC 200 -100.90 20.25 -41.60
C ALA HC 200 -99.54 20.45 -40.94
N SER HC 201 -99.09 21.70 -40.89
CA SER HC 201 -97.86 22.08 -40.19
C SER HC 201 -98.09 23.01 -39.02
N HIS HC 202 -98.94 24.01 -39.20
CA HIS HC 202 -99.23 25.02 -38.18
C HIS HC 202 -100.47 25.80 -38.62
N GLY HC 203 -101.07 26.49 -37.66
CA GLY HC 203 -102.30 27.24 -37.89
C GLY HC 203 -102.00 28.73 -37.91
N VAL HC 204 -102.71 29.45 -38.77
CA VAL HC 204 -102.58 30.90 -38.87
C VAL HC 204 -103.98 31.50 -38.97
N MET HC 205 -104.25 32.46 -38.08
CA MET HC 205 -105.54 33.15 -38.07
C MET HC 205 -105.53 34.26 -39.13
N PRO HC 206 -106.57 34.36 -39.96
CA PRO HC 206 -106.54 35.33 -41.06
C PRO HC 206 -106.52 36.76 -40.54
N GLN HC 207 -106.00 37.66 -41.39
CA GLN HC 207 -105.85 39.06 -41.00
C GLN HC 207 -107.16 39.64 -40.51
N ALA HC 208 -108.26 39.32 -41.18
CA ALA HC 208 -109.62 39.67 -40.73
C ALA HC 208 -109.72 41.13 -40.33
N SER IC 23 -94.82 -2.55 -45.89
CA SER IC 23 -94.42 -2.73 -47.29
C SER IC 23 -95.61 -3.17 -48.15
N SER IC 24 -95.84 -2.43 -49.24
CA SER IC 24 -96.95 -2.69 -50.14
C SER IC 24 -96.43 -3.23 -51.47
N ARG IC 25 -96.99 -4.36 -51.91
CA ARG IC 25 -96.49 -5.06 -53.09
C ARG IC 25 -97.65 -5.34 -54.04
N THR IC 26 -97.40 -5.12 -55.32
CA THR IC 26 -98.34 -5.52 -56.35
C THR IC 26 -98.15 -7.00 -56.68
N THR IC 27 -99.25 -7.71 -56.84
CA THR IC 27 -99.27 -9.15 -56.98
C THR IC 27 -99.77 -9.53 -58.38
N PHE IC 28 -99.07 -10.46 -59.02
CA PHE IC 28 -99.46 -11.07 -60.28
C PHE IC 28 -99.83 -12.52 -60.01
N GLY IC 29 -101.00 -12.92 -60.46
CA GLY IC 29 -101.45 -14.26 -60.18
C GLY IC 29 -102.26 -14.32 -58.89
N VAL IC 30 -102.26 -15.52 -58.31
CA VAL IC 30 -103.07 -15.80 -57.14
C VAL IC 30 -102.43 -15.21 -55.90
N ASN IC 31 -103.24 -14.54 -55.09
CA ASN IC 31 -102.80 -14.09 -53.78
C ASN IC 31 -103.41 -14.99 -52.72
N PRO IC 32 -102.63 -15.84 -52.05
CA PRO IC 32 -103.20 -16.80 -51.10
C PRO IC 32 -103.31 -16.33 -49.65
N ASP IC 33 -103.17 -15.04 -49.37
CA ASP IC 33 -103.26 -14.54 -48.00
C ASP IC 33 -104.60 -14.95 -47.38
N ARG IC 34 -104.53 -15.63 -46.23
CA ARG IC 34 -105.72 -16.05 -45.49
C ARG IC 34 -105.96 -15.15 -44.28
N GLN IC 35 -107.22 -15.03 -43.92
CA GLN IC 35 -107.63 -14.20 -42.78
C GLN IC 35 -107.50 -15.02 -41.50
N ALA IC 36 -106.88 -14.42 -40.49
CA ALA IC 36 -106.67 -15.10 -39.22
C ALA IC 36 -107.99 -15.54 -38.61
N ASN IC 37 -107.98 -16.75 -38.02
CA ASN IC 37 -109.16 -17.37 -37.44
C ASN IC 37 -109.39 -16.77 -36.04
N ALA IC 38 -109.87 -15.52 -36.02
CA ALA IC 38 -110.00 -14.73 -34.79
C ALA IC 38 -111.39 -14.08 -34.77
N ARG IC 39 -112.42 -14.88 -35.04
CA ARG IC 39 -113.79 -14.38 -35.14
C ARG IC 39 -114.68 -15.09 -34.14
N PRO IC 40 -115.25 -14.39 -33.15
CA PRO IC 40 -116.20 -15.02 -32.24
C PRO IC 40 -117.44 -15.49 -32.99
N VAL IC 41 -118.01 -16.60 -32.54
CA VAL IC 41 -119.18 -17.18 -33.18
C VAL IC 41 -120.28 -17.40 -32.16
N TYR IC 42 -121.51 -17.36 -32.66
CA TYR IC 42 -122.68 -17.51 -31.81
C TYR IC 42 -122.73 -18.91 -31.19
N LEU IC 43 -123.12 -18.95 -29.93
CA LEU IC 43 -123.20 -20.19 -29.16
C LEU IC 43 -124.61 -20.32 -28.62
N ALA IC 44 -125.33 -21.34 -29.08
CA ALA IC 44 -126.74 -21.50 -28.72
C ALA IC 44 -126.91 -21.60 -27.21
N PRO IC 45 -127.96 -20.99 -26.64
CA PRO IC 45 -128.16 -21.06 -25.18
C PRO IC 45 -128.65 -22.41 -24.69
N ALA IC 46 -128.97 -23.33 -25.60
CA ALA IC 46 -129.40 -24.67 -25.27
C ALA IC 46 -129.34 -25.51 -26.54
N ALA IC 47 -129.34 -26.82 -26.36
CA ALA IC 47 -129.18 -27.71 -27.51
C ALA IC 47 -130.48 -28.46 -27.74
N PRO IC 48 -131.20 -28.23 -28.85
CA PRO IC 48 -132.44 -29.00 -29.08
C PRO IC 48 -132.13 -30.39 -29.63
N MET IC 49 -132.65 -31.42 -28.97
CA MET IC 49 -132.55 -32.79 -29.44
C MET IC 49 -133.90 -33.38 -29.77
N GLU IC 50 -134.78 -32.59 -30.40
CA GLU IC 50 -136.18 -33.00 -30.52
C GLU IC 50 -136.34 -34.24 -31.39
N ASN IC 51 -135.61 -34.31 -32.52
CA ASN IC 51 -135.79 -35.41 -33.46
C ASN IC 51 -135.52 -36.76 -32.81
N THR IC 52 -134.35 -36.90 -32.17
CA THR IC 52 -133.94 -38.19 -31.63
C THR IC 52 -134.84 -38.63 -30.47
N TYR IC 53 -135.27 -37.70 -29.62
CA TYR IC 53 -136.08 -38.08 -28.46
C TYR IC 53 -137.53 -38.35 -28.84
N THR IC 54 -138.06 -37.64 -29.83
CA THR IC 54 -139.36 -38.04 -30.36
C THR IC 54 -139.29 -39.45 -30.97
N TYR IC 55 -138.21 -39.77 -31.70
CA TYR IC 55 -138.14 -41.13 -32.24
C TYR IC 55 -137.98 -42.16 -31.11
N LEU IC 56 -137.23 -41.82 -30.07
CA LEU IC 56 -137.08 -42.73 -28.93
C LEU IC 56 -138.42 -42.98 -28.25
N GLY IC 57 -139.24 -41.94 -28.10
CA GLY IC 57 -140.60 -42.14 -27.66
C GLY IC 57 -141.39 -43.02 -28.60
N SER IC 58 -141.14 -42.88 -29.91
CA SER IC 58 -141.82 -43.72 -30.89
C SER IC 58 -141.57 -45.20 -30.65
N ILE IC 59 -140.32 -45.57 -30.41
CA ILE IC 59 -140.05 -47.00 -30.24
C ILE IC 59 -140.13 -47.41 -28.77
N GLN IC 60 -140.64 -46.52 -27.92
CA GLN IC 60 -140.81 -46.81 -26.49
C GLN IC 60 -139.46 -47.08 -25.82
N PHE IC 61 -138.44 -46.38 -26.27
CA PHE IC 61 -137.12 -46.38 -25.62
C PHE IC 61 -136.52 -47.78 -25.54
N ALA IC 62 -136.70 -48.58 -26.59
CA ALA IC 62 -136.20 -49.96 -26.56
C ALA IC 62 -136.10 -50.48 -27.98
N ALA IC 63 -134.91 -50.94 -28.36
CA ALA IC 63 -134.69 -51.64 -29.62
C ALA IC 63 -133.84 -52.86 -29.34
N GLY IC 64 -134.37 -54.04 -29.65
CA GLY IC 64 -133.63 -55.27 -29.42
C GLY IC 64 -133.31 -55.45 -27.96
N ARG IC 65 -132.03 -55.66 -27.68
CA ARG IC 65 -131.56 -55.77 -26.32
C ARG IC 65 -131.10 -54.45 -25.74
N HIS IC 66 -131.18 -53.37 -26.50
CA HIS IC 66 -130.82 -52.03 -26.04
C HIS IC 66 -132.05 -51.38 -25.43
N ILE IC 67 -131.96 -50.97 -24.17
CA ILE IC 67 -133.00 -50.17 -23.56
C ILE IC 67 -132.42 -48.80 -23.22
N PHE IC 68 -133.17 -47.75 -23.50
CA PHE IC 68 -132.71 -46.38 -23.30
C PHE IC 68 -133.45 -45.73 -22.14
N GLY IC 69 -132.88 -44.64 -21.64
CA GLY IC 69 -133.50 -43.91 -20.56
C GLY IC 69 -134.30 -42.71 -21.05
N GLU IC 70 -135.23 -42.28 -20.21
CA GLU IC 70 -136.09 -41.14 -20.53
C GLU IC 70 -135.42 -39.84 -20.12
N PRO IC 71 -135.23 -38.88 -21.03
CA PRO IC 71 -134.54 -37.65 -20.66
C PRO IC 71 -135.41 -36.77 -19.79
N ALA IC 72 -134.77 -35.87 -19.05
CA ALA IC 72 -135.54 -34.87 -18.32
C ALA IC 72 -136.10 -33.81 -19.26
N SER IC 73 -135.35 -33.42 -20.29
CA SER IC 73 -135.85 -32.45 -21.26
C SER IC 73 -135.44 -32.85 -22.66
N ASN IC 74 -136.26 -32.42 -23.62
CA ASN IC 74 -135.92 -32.55 -25.03
C ASN IC 74 -134.88 -31.52 -25.46
N VAL IC 75 -134.78 -30.43 -24.72
CA VAL IC 75 -133.80 -29.38 -24.97
C VAL IC 75 -132.84 -29.36 -23.79
N LEU IC 76 -131.54 -29.46 -24.09
CA LEU IC 76 -130.51 -29.66 -23.07
C LEU IC 76 -129.90 -28.34 -22.65
N PRO IC 77 -129.86 -28.06 -21.34
CA PRO IC 77 -129.30 -26.79 -20.86
C PRO IC 77 -127.78 -26.84 -20.79
N PRO IC 78 -127.11 -25.69 -20.78
CA PRO IC 78 -125.65 -25.71 -20.73
C PRO IC 78 -125.18 -26.14 -19.35
N GLN IC 79 -124.10 -26.94 -19.35
CA GLN IC 79 -123.47 -27.36 -18.11
C GLN IC 79 -122.27 -26.51 -17.71
N ASN IC 80 -121.41 -26.18 -18.65
CA ASN IC 80 -120.18 -25.45 -18.35
C ASN IC 80 -120.01 -24.20 -19.20
N ILE IC 81 -121.11 -23.62 -19.68
CA ILE IC 81 -121.09 -22.42 -20.50
C ILE IC 81 -121.77 -21.31 -19.74
N VAL IC 82 -121.11 -20.14 -19.67
CA VAL IC 82 -121.63 -18.98 -19.00
C VAL IC 82 -121.83 -17.88 -20.04
N PRO IC 83 -122.97 -17.18 -20.04
CA PRO IC 83 -123.19 -16.16 -21.05
C PRO IC 83 -122.17 -15.06 -20.93
N GLY IC 84 -121.68 -14.62 -22.08
CA GLY IC 84 -120.73 -13.53 -22.14
C GLY IC 84 -119.30 -13.95 -21.93
N VAL IC 85 -119.04 -15.20 -21.61
CA VAL IC 85 -117.68 -15.68 -21.36
C VAL IC 85 -117.29 -16.55 -22.53
N PRO IC 86 -116.25 -16.19 -23.28
CA PRO IC 86 -115.85 -17.03 -24.43
C PRO IC 86 -115.30 -18.36 -23.94
N THR IC 87 -115.74 -19.44 -24.60
CA THR IC 87 -115.25 -20.77 -24.30
C THR IC 87 -114.97 -21.47 -25.62
N LYS IC 88 -113.99 -22.38 -25.61
CA LYS IC 88 -113.64 -23.18 -26.78
C LYS IC 88 -114.18 -24.59 -26.68
N HIS IC 89 -114.77 -24.93 -25.53
CA HIS IC 89 -115.34 -26.25 -25.33
C HIS IC 89 -116.53 -26.09 -24.39
N GLY IC 90 -117.67 -26.61 -24.80
CA GLY IC 90 -118.90 -26.46 -24.04
C GLY IC 90 -119.73 -27.71 -24.12
N GLU IC 91 -120.55 -27.92 -23.09
CA GLU IC 91 -121.33 -29.13 -22.98
C GLU IC 91 -122.74 -28.82 -22.51
N TYR IC 92 -123.73 -29.41 -23.19
CA TYR IC 92 -125.10 -29.44 -22.73
C TYR IC 92 -125.42 -30.86 -22.28
N VAL IC 93 -126.25 -31.00 -21.25
CA VAL IC 93 -126.42 -32.32 -20.64
C VAL IC 93 -127.80 -32.41 -20.00
N THR IC 94 -128.39 -33.59 -20.10
CA THR IC 94 -129.55 -33.90 -19.27
C THR IC 94 -129.42 -35.29 -18.67
N THR IC 95 -130.38 -35.69 -17.85
CA THR IC 95 -130.32 -36.96 -17.15
C THR IC 95 -131.41 -37.89 -17.66
N ASN IC 96 -131.01 -39.07 -18.14
CA ASN IC 96 -131.92 -40.15 -18.46
C ASN IC 96 -132.16 -40.95 -17.19
N THR IC 97 -133.43 -41.11 -16.82
CA THR IC 97 -133.88 -41.99 -15.74
C THR IC 97 -134.75 -43.09 -16.32
N GLY IC 98 -134.94 -44.15 -15.55
CA GLY IC 98 -135.67 -45.31 -16.05
C GLY IC 98 -135.96 -46.28 -14.93
N ASP IC 99 -136.90 -47.18 -15.21
CA ASP IC 99 -137.29 -48.20 -14.26
C ASP IC 99 -136.19 -49.24 -14.12
N ARG IC 100 -135.76 -49.49 -12.88
CA ARG IC 100 -134.63 -50.37 -12.56
C ARG IC 100 -133.33 -49.88 -13.18
N LEU IC 101 -133.20 -48.56 -13.38
CA LEU IC 101 -132.04 -47.98 -14.03
C LEU IC 101 -131.39 -46.94 -13.12
N MET IC 102 -130.08 -46.83 -13.25
CA MET IC 102 -129.31 -45.79 -12.57
C MET IC 102 -129.18 -44.58 -13.46
N ALA IC 103 -129.46 -43.40 -12.91
CA ALA IC 103 -129.47 -42.16 -13.68
C ALA IC 103 -128.18 -42.00 -14.48
N SER IC 104 -128.31 -41.78 -15.78
CA SER IC 104 -127.15 -41.63 -16.65
C SER IC 104 -127.33 -40.42 -17.56
N SER IC 105 -126.29 -39.60 -17.66
CA SER IC 105 -126.41 -38.35 -18.37
C SER IC 105 -126.20 -38.54 -19.87
N THR IC 106 -126.98 -37.78 -20.65
CA THR IC 106 -126.86 -37.66 -22.10
C THR IC 106 -126.20 -36.34 -22.43
N THR IC 107 -125.14 -36.38 -23.26
CA THR IC 107 -124.24 -35.24 -23.41
C THR IC 107 -124.12 -34.77 -24.86
N VAL IC 108 -124.04 -33.45 -25.03
CA VAL IC 108 -123.88 -32.81 -26.34
C VAL IC 108 -122.70 -31.85 -26.21
N THR IC 109 -121.61 -32.16 -26.89
CA THR IC 109 -120.35 -31.45 -26.76
C THR IC 109 -120.09 -30.61 -28.01
N ARG IC 110 -119.66 -29.36 -27.81
CA ARG IC 110 -119.33 -28.48 -28.92
C ARG IC 110 -117.94 -27.88 -28.71
N ASP IC 111 -117.07 -28.04 -29.70
CA ASP IC 111 -115.71 -27.54 -29.66
C ASP IC 111 -115.54 -26.52 -30.78
N VAL IC 112 -115.04 -25.34 -30.45
CA VAL IC 112 -114.76 -24.30 -31.43
C VAL IC 112 -113.31 -23.86 -31.27
N SER IC 113 -112.49 -24.07 -32.30
CA SER IC 113 -111.07 -23.72 -32.22
C SER IC 113 -110.49 -23.64 -33.63
N ASN IC 114 -109.74 -22.58 -33.90
CA ASN IC 114 -108.93 -22.46 -35.13
C ASN IC 114 -109.78 -22.65 -36.39
N GLY IC 115 -111.00 -22.11 -36.37
CA GLY IC 115 -111.91 -22.20 -37.51
C GLY IC 115 -112.60 -23.52 -37.69
N ARG IC 116 -112.38 -24.47 -36.79
CA ARG IC 116 -112.97 -25.78 -36.87
C ARG IC 116 -113.97 -25.90 -35.73
N THR IC 117 -115.19 -26.22 -36.07
CA THR IC 117 -116.25 -26.35 -35.08
C THR IC 117 -116.82 -27.76 -35.18
N LYS IC 118 -116.99 -28.42 -34.04
CA LYS IC 118 -117.37 -29.84 -34.01
C LYS IC 118 -118.37 -30.10 -32.89
N VAL IC 119 -119.51 -30.70 -33.26
CA VAL IC 119 -120.58 -31.07 -32.34
C VAL IC 119 -120.64 -32.59 -32.27
N SER IC 120 -120.64 -33.14 -31.05
CA SER IC 120 -120.72 -34.58 -30.81
C SER IC 120 -121.87 -34.86 -29.86
N ILE IC 121 -122.59 -35.95 -30.10
CA ILE IC 121 -123.73 -36.35 -29.28
C ILE IC 121 -123.52 -37.77 -28.80
N ASP IC 122 -123.68 -37.98 -27.48
CA ASP IC 122 -123.48 -39.28 -26.85
C ASP IC 122 -124.69 -39.61 -25.99
N ILE IC 123 -125.34 -40.73 -26.30
CA ILE IC 123 -126.47 -41.23 -25.52
C ILE IC 123 -126.17 -42.65 -25.08
N PRO IC 124 -126.31 -42.98 -23.79
CA PRO IC 124 -126.03 -44.33 -23.32
C PRO IC 124 -127.26 -45.24 -23.37
N TYR IC 125 -126.98 -46.55 -23.35
CA TYR IC 125 -128.01 -47.58 -23.33
C TYR IC 125 -127.68 -48.62 -22.25
N TYR IC 126 -128.65 -49.48 -21.96
CA TYR IC 126 -128.55 -50.49 -20.92
C TYR IC 126 -128.96 -51.86 -21.47
N ASP IC 127 -128.65 -52.89 -20.67
CA ASP IC 127 -128.94 -54.28 -21.00
C ASP IC 127 -130.39 -54.60 -20.68
N ARG IC 128 -131.21 -54.70 -21.73
CA ARG IC 128 -132.64 -54.95 -21.52
C ARG IC 128 -132.86 -56.30 -20.85
N ASN IC 129 -132.00 -57.29 -21.11
CA ASN IC 129 -132.17 -58.60 -20.49
C ASN IC 129 -132.00 -58.52 -18.98
N ALA IC 130 -131.00 -57.78 -18.52
CA ALA IC 130 -130.85 -57.57 -17.09
C ALA IC 130 -132.03 -56.79 -16.53
N VAL IC 131 -132.47 -55.74 -17.24
CA VAL IC 131 -133.53 -54.90 -16.70
C VAL IC 131 -134.83 -55.69 -16.55
N GLU IC 132 -135.24 -56.40 -17.59
CA GLU IC 132 -136.50 -57.14 -17.55
C GLU IC 132 -136.38 -58.40 -16.69
N THR IC 133 -135.18 -58.96 -16.53
CA THR IC 133 -135.01 -60.08 -15.60
C THR IC 133 -135.19 -59.62 -14.16
N LEU IC 134 -134.66 -58.46 -13.81
CA LEU IC 134 -134.93 -57.87 -12.50
C LEU IC 134 -136.42 -57.61 -12.31
N LYS IC 135 -137.04 -56.90 -13.26
CA LYS IC 135 -138.48 -56.64 -13.17
C LYS IC 135 -139.24 -57.93 -12.92
N ALA IC 136 -138.96 -58.97 -13.71
CA ALA IC 136 -139.69 -60.23 -13.63
C ALA IC 136 -139.36 -61.03 -12.37
N SER IC 137 -138.20 -60.80 -11.74
CA SER IC 137 -137.83 -61.54 -10.55
C SER IC 137 -138.23 -60.84 -9.25
N ALA IC 138 -138.57 -59.54 -9.31
CA ALA IC 138 -139.05 -58.80 -8.14
C ALA IC 138 -138.00 -58.80 -7.03
N ILE IC 139 -136.80 -58.41 -7.41
CA ILE IC 139 -135.60 -58.51 -6.58
C ILE IC 139 -134.92 -57.16 -6.62
N PRO IC 140 -134.21 -56.76 -5.56
CA PRO IC 140 -133.85 -55.34 -5.39
C PRO IC 140 -132.88 -54.73 -6.43
N GLY IC 141 -132.23 -55.52 -7.29
CA GLY IC 141 -131.12 -54.98 -8.06
C GLY IC 141 -131.49 -53.78 -8.94
N ALA IC 142 -130.48 -52.95 -9.25
CA ALA IC 142 -130.56 -51.95 -10.32
C ALA IC 142 -129.27 -51.97 -11.15
N VAL IC 143 -129.37 -51.44 -12.37
CA VAL IC 143 -128.36 -51.63 -13.42
C VAL IC 143 -127.84 -50.29 -13.92
N ALA IC 144 -126.56 -50.29 -14.26
CA ALA IC 144 -125.82 -49.17 -14.83
C ALA IC 144 -125.70 -49.33 -16.34
N PRO IC 145 -125.32 -48.26 -17.06
CA PRO IC 145 -125.20 -48.36 -18.53
C PRO IC 145 -124.17 -49.39 -18.98
N VAL IC 146 -124.42 -49.93 -20.16
CA VAL IC 146 -123.56 -50.93 -20.78
C VAL IC 146 -122.70 -50.35 -21.90
N GLY IC 147 -123.16 -49.29 -22.55
CA GLY IC 147 -122.42 -48.68 -23.63
C GLY IC 147 -123.14 -47.44 -24.10
N SER IC 148 -122.72 -46.94 -25.25
CA SER IC 148 -123.29 -45.70 -25.77
C SER IC 148 -123.26 -45.71 -27.28
N PHE IC 149 -124.02 -44.79 -27.86
CA PHE IC 149 -123.96 -44.47 -29.28
C PHE IC 149 -123.59 -43.00 -29.43
N LYS IC 150 -122.73 -42.73 -30.42
CA LYS IC 150 -122.15 -41.41 -30.63
C LYS IC 150 -122.25 -41.01 -32.10
N VAL IC 151 -122.47 -39.71 -32.29
CA VAL IC 151 -122.56 -39.11 -33.62
C VAL IC 151 -121.77 -37.80 -33.61
N ASN IC 152 -120.84 -37.65 -34.55
CA ASN IC 152 -119.98 -36.47 -34.66
C ASN IC 152 -120.28 -35.71 -35.95
N VAL IC 153 -120.14 -34.38 -35.89
CA VAL IC 153 -120.37 -33.50 -37.02
C VAL IC 153 -119.35 -32.38 -36.94
N GLU IC 154 -118.67 -32.10 -38.05
CA GLU IC 154 -117.45 -31.29 -38.04
C GLU IC 154 -117.41 -30.36 -39.26
N VAL IC 155 -117.07 -29.10 -39.02
CA VAL IC 155 -117.06 -28.07 -40.07
C VAL IC 155 -115.70 -27.39 -40.04
N LEU IC 156 -114.97 -27.45 -41.16
CA LEU IC 156 -113.60 -26.93 -41.26
C LEU IC 156 -113.67 -25.59 -41.98
N GLY IC 157 -113.96 -24.54 -41.21
CA GLY IC 157 -114.20 -23.21 -41.75
C GLY IC 157 -113.00 -22.29 -41.78
N GLY IC 158 -111.81 -22.82 -41.53
CA GLY IC 158 -110.63 -22.01 -41.54
C GLY IC 158 -110.18 -21.67 -42.94
N GLY IC 159 -109.37 -20.62 -43.04
CA GLY IC 159 -108.75 -20.27 -44.29
C GLY IC 159 -109.48 -19.23 -45.10
N VAL IC 160 -110.26 -18.36 -44.45
CA VAL IC 160 -111.00 -17.34 -45.18
C VAL IC 160 -110.00 -16.38 -45.81
N LEU IC 161 -110.24 -16.02 -47.08
CA LEU IC 161 -109.32 -15.18 -47.82
C LEU IC 161 -109.38 -13.73 -47.34
N THR IC 162 -108.40 -12.95 -47.77
CA THR IC 162 -108.26 -11.59 -47.23
C THR IC 162 -109.41 -10.69 -47.64
N GLY IC 163 -109.84 -10.80 -48.91
CA GLY IC 163 -110.84 -9.88 -49.42
C GLY IC 163 -112.18 -10.00 -48.74
N THR IC 164 -112.47 -11.15 -48.14
CA THR IC 164 -113.79 -11.40 -47.58
C THR IC 164 -114.09 -10.44 -46.42
N ASP IC 165 -115.22 -9.76 -46.52
CA ASP IC 165 -115.71 -8.91 -45.45
C ASP IC 165 -116.75 -9.68 -44.64
N ALA IC 166 -117.35 -8.98 -43.67
CA ALA IC 166 -118.25 -9.63 -42.72
C ALA IC 166 -119.50 -10.18 -43.39
N ASN IC 167 -120.12 -9.37 -44.28
CA ASN IC 167 -121.32 -9.81 -44.99
C ASN IC 167 -121.05 -11.09 -45.79
N ALA IC 168 -119.95 -11.10 -46.54
CA ALA IC 168 -119.53 -12.27 -47.29
C ALA IC 168 -119.30 -13.46 -46.36
N GLN IC 169 -118.75 -13.22 -45.17
CA GLN IC 169 -118.54 -14.30 -44.23
C GLN IC 169 -119.86 -14.91 -43.78
N PHE IC 170 -120.90 -14.07 -43.62
CA PHE IC 170 -122.23 -14.62 -43.36
C PHE IC 170 -122.67 -15.55 -44.48
N ALA IC 171 -122.43 -15.11 -45.73
CA ALA IC 171 -122.78 -15.97 -46.86
C ALA IC 171 -122.05 -17.31 -46.77
N LEU IC 172 -120.78 -17.27 -46.38
CA LEU IC 172 -120.01 -18.50 -46.27
C LEU IC 172 -120.53 -19.37 -45.12
N ASP IC 173 -120.97 -18.72 -44.04
CA ASP IC 173 -121.62 -19.44 -42.94
C ASP IC 173 -122.77 -20.28 -43.46
N GLU IC 174 -123.67 -19.66 -44.23
CA GLU IC 174 -124.82 -20.40 -44.73
C GLU IC 174 -124.41 -21.47 -45.75
N LEU IC 175 -123.37 -21.20 -46.54
CA LEU IC 175 -122.88 -22.21 -47.47
C LEU IC 175 -122.45 -23.47 -46.75
N LEU IC 176 -121.66 -23.31 -45.69
CA LEU IC 176 -121.21 -24.47 -44.92
C LEU IC 176 -122.39 -25.19 -44.27
N SER IC 177 -123.36 -24.43 -43.75
CA SER IC 177 -124.51 -25.11 -43.13
C SER IC 177 -125.28 -25.94 -44.15
N ASN IC 178 -125.37 -25.45 -45.39
CA ASN IC 178 -126.04 -26.24 -46.44
C ASN IC 178 -125.24 -27.50 -46.79
N MET IC 179 -123.91 -27.40 -46.81
CA MET IC 179 -123.11 -28.61 -47.01
C MET IC 179 -123.30 -29.59 -45.86
N LEU IC 180 -123.50 -29.07 -44.65
CA LEU IC 180 -123.82 -29.91 -43.50
C LEU IC 180 -125.08 -30.72 -43.73
N MET IC 181 -126.15 -30.02 -44.14
CA MET IC 181 -127.41 -30.70 -44.41
C MET IC 181 -127.24 -31.76 -45.49
N ASP IC 182 -126.53 -31.42 -46.57
CA ASP IC 182 -126.28 -32.40 -47.63
C ASP IC 182 -125.55 -33.62 -47.09
N ALA IC 183 -124.55 -33.40 -46.24
CA ALA IC 183 -123.76 -34.51 -45.71
C ALA IC 183 -124.61 -35.43 -44.83
N ALA IC 184 -125.45 -34.85 -43.97
CA ALA IC 184 -126.32 -35.68 -43.13
C ALA IC 184 -127.30 -36.48 -43.97
N ARG IC 185 -127.88 -35.85 -45.00
CA ARG IC 185 -128.80 -36.57 -45.86
C ARG IC 185 -128.09 -37.71 -46.59
N ILE IC 186 -126.85 -37.47 -47.06
CA ILE IC 186 -126.11 -38.50 -47.78
C ILE IC 186 -125.71 -39.63 -46.84
N ALA IC 187 -125.52 -39.32 -45.55
CA ALA IC 187 -125.18 -40.34 -44.58
C ALA IC 187 -126.39 -41.24 -44.28
N GLN IC 188 -127.54 -40.63 -44.01
CA GLN IC 188 -128.73 -41.42 -43.68
C GLN IC 188 -129.48 -41.92 -44.91
N ASP IC 189 -129.03 -41.58 -46.11
CA ASP IC 189 -129.78 -41.90 -47.32
C ASP IC 189 -129.95 -43.41 -47.47
N GLY IC 190 -131.14 -43.81 -47.89
CA GLY IC 190 -131.42 -45.20 -48.19
C GLY IC 190 -132.78 -45.66 -47.69
N PRO IC 191 -133.26 -46.79 -48.24
CA PRO IC 191 -134.51 -47.38 -47.75
C PRO IC 191 -134.40 -47.77 -46.29
N LYS IC 192 -135.50 -47.61 -45.57
CA LYS IC 192 -135.58 -48.14 -44.22
C LYS IC 192 -135.87 -49.64 -44.20
N ASN IC 193 -136.12 -50.23 -45.37
CA ASN IC 193 -136.21 -51.68 -45.48
C ASN IC 193 -134.89 -52.37 -45.15
N THR IC 194 -133.78 -51.65 -45.22
CA THR IC 194 -132.47 -52.27 -45.38
C THR IC 194 -131.42 -51.64 -44.46
N ALA IC 195 -130.42 -52.44 -44.12
CA ALA IC 195 -129.35 -52.04 -43.22
C ALA IC 195 -128.59 -50.84 -43.76
N ARG IC 196 -128.38 -49.82 -42.93
CA ARG IC 196 -127.57 -48.73 -43.45
C ARG IC 196 -126.55 -48.09 -42.50
N LEU IC 197 -126.67 -48.22 -41.16
CA LEU IC 197 -125.69 -47.61 -40.27
C LEU IC 197 -124.99 -48.53 -39.26
N VAL IC 198 -125.78 -49.25 -38.40
CA VAL IC 198 -125.20 -49.87 -37.21
C VAL IC 198 -124.49 -51.16 -37.61
N ALA IC 199 -123.46 -51.51 -36.83
CA ALA IC 199 -122.69 -52.74 -37.02
C ALA IC 199 -122.18 -52.87 -38.45
N ALA IC 200 -121.88 -51.74 -39.08
CA ALA IC 200 -121.49 -51.71 -40.47
C ALA IC 200 -120.17 -52.44 -40.70
N SER IC 201 -120.13 -53.26 -41.75
CA SER IC 201 -118.92 -53.95 -42.18
C SER IC 201 -118.31 -53.32 -43.43
N HIS IC 202 -119.14 -53.08 -44.43
CA HIS IC 202 -118.73 -52.48 -45.70
C HIS IC 202 -119.99 -51.96 -46.37
N GLY IC 203 -119.80 -51.22 -47.45
CA GLY IC 203 -120.90 -50.63 -48.19
C GLY IC 203 -121.05 -51.37 -49.51
N VAL IC 204 -122.31 -51.63 -49.90
CA VAL IC 204 -122.58 -52.24 -51.20
C VAL IC 204 -123.69 -51.47 -51.89
N MET IC 205 -123.51 -51.22 -53.18
CA MET IC 205 -124.45 -50.56 -54.08
C MET IC 205 -125.31 -51.59 -54.80
N PRO IC 206 -126.60 -51.32 -54.97
CA PRO IC 206 -127.47 -52.26 -55.70
C PRO IC 206 -127.26 -52.17 -57.20
N GLN IC 207 -127.88 -53.12 -57.90
CA GLN IC 207 -127.87 -53.20 -59.36
C GLN IC 207 -129.21 -52.73 -59.90
N ALA IC 208 -129.16 -51.81 -60.87
CA ALA IC 208 -130.36 -51.30 -61.55
C ALA IC 208 -131.37 -50.72 -60.57
N GLY JC 11 -31.95 43.73 -25.36
CA GLY JC 11 -32.18 44.77 -24.37
C GLY JC 11 -33.65 45.09 -24.12
N GLN JC 12 -33.91 46.33 -23.73
CA GLN JC 12 -35.28 46.76 -23.42
C GLN JC 12 -36.17 46.67 -24.66
N LEU JC 13 -37.47 46.75 -24.42
CA LEU JC 13 -38.48 46.61 -25.45
C LEU JC 13 -39.24 47.92 -25.63
N TYR JC 14 -39.50 48.30 -26.88
CA TYR JC 14 -40.28 49.51 -27.19
C TYR JC 14 -41.18 49.21 -28.37
N MET JC 15 -41.95 50.22 -28.83
CA MET JC 15 -42.91 50.04 -29.91
C MET JC 15 -42.41 50.72 -31.17
N GLY JC 16 -42.05 49.90 -32.17
CA GLY JC 16 -41.75 50.36 -33.50
C GLY JC 16 -42.93 50.05 -34.42
N GLN JC 17 -42.93 50.69 -35.58
CA GLN JC 17 -44.08 50.56 -36.46
C GLN JC 17 -44.23 49.14 -37.01
N GLN JC 18 -43.18 48.32 -36.94
CA GLN JC 18 -43.33 46.92 -37.29
C GLN JC 18 -44.07 46.14 -36.20
N GLY JC 19 -44.02 46.65 -34.97
CA GLY JC 19 -44.54 45.96 -33.81
C GLY JC 19 -43.62 46.21 -32.63
N PRO JC 20 -43.81 45.48 -31.54
CA PRO JC 20 -42.86 45.59 -30.42
C PRO JC 20 -41.49 45.11 -30.84
N VAL JC 21 -40.48 45.95 -30.60
CA VAL JC 21 -39.14 45.76 -31.12
C VAL JC 21 -38.12 45.94 -30.00
N GLN JC 22 -37.07 45.13 -30.05
CA GLN JC 22 -36.02 45.14 -29.04
C GLN JC 22 -35.00 46.23 -29.36
N SER JC 23 -34.72 47.08 -28.38
CA SER JC 23 -33.70 48.09 -28.54
C SER JC 23 -32.32 47.45 -28.65
N SER JC 24 -31.46 48.06 -29.46
CA SER JC 24 -30.16 47.46 -29.75
C SER JC 24 -29.08 48.52 -29.80
N ARG JC 25 -27.88 48.14 -29.34
CA ARG JC 25 -26.73 49.03 -29.25
C ARG JC 25 -25.60 48.43 -30.06
N THR JC 26 -25.19 49.12 -31.14
CA THR JC 26 -24.21 48.56 -32.05
C THR JC 26 -23.08 49.55 -32.30
N THR JC 27 -21.94 49.00 -32.74
CA THR JC 27 -20.77 49.78 -33.13
C THR JC 27 -20.77 50.09 -34.62
N PHE JC 28 -21.88 49.81 -35.30
CA PHE JC 28 -21.98 50.00 -36.74
C PHE JC 28 -22.01 51.49 -37.08
N GLY JC 29 -21.15 51.90 -38.00
CA GLY JC 29 -21.18 53.27 -38.51
C GLY JC 29 -20.43 54.29 -37.69
N VAL JC 30 -19.50 53.87 -36.83
CA VAL JC 30 -18.68 54.78 -36.03
C VAL JC 30 -17.23 54.60 -36.46
N ASN JC 31 -16.64 55.65 -37.03
CA ASN JC 31 -15.26 55.64 -37.47
C ASN JC 31 -14.37 56.23 -36.39
N PRO JC 32 -13.66 55.42 -35.62
CA PRO JC 32 -12.74 55.95 -34.60
C PRO JC 32 -11.29 56.11 -35.06
N ASP JC 33 -11.00 55.94 -36.35
CA ASP JC 33 -9.65 56.14 -36.85
C ASP JC 33 -9.11 57.50 -36.41
N ARG JC 34 -7.81 57.54 -36.10
CA ARG JC 34 -7.17 58.76 -35.66
C ARG JC 34 -6.07 59.17 -36.62
N GLN JC 35 -5.78 60.47 -36.60
CA GLN JC 35 -4.75 61.07 -37.42
C GLN JC 35 -3.46 61.13 -36.60
N ALA JC 36 -2.35 60.76 -37.23
CA ALA JC 36 -1.08 60.69 -36.51
C ALA JC 36 -0.64 62.08 -36.06
N ASN JC 37 0.01 62.11 -34.90
CA ASN JC 37 0.53 63.36 -34.33
C ASN JC 37 1.84 63.70 -35.05
N ALA JC 38 1.70 64.28 -36.25
CA ALA JC 38 2.80 64.61 -37.15
C ALA JC 38 2.75 66.08 -37.54
N ARG JC 39 2.34 66.93 -36.62
CA ARG JC 39 2.06 68.34 -36.91
C ARG JC 39 3.07 69.22 -36.21
N PRO JC 40 3.97 69.89 -36.94
CA PRO JC 40 4.87 70.86 -36.30
C PRO JC 40 4.07 71.99 -35.65
N VAL JC 41 4.51 72.41 -34.47
CA VAL JC 41 3.83 73.47 -33.72
C VAL JC 41 4.76 74.63 -33.50
N TYR JC 42 4.16 75.79 -33.28
CA TYR JC 42 4.92 77.01 -33.05
C TYR JC 42 5.63 76.96 -31.70
N LEU JC 43 6.90 77.36 -31.71
CA LEU JC 43 7.72 77.41 -30.51
C LEU JC 43 8.11 78.86 -30.26
N ALA JC 44 7.63 79.42 -29.16
CA ALA JC 44 7.82 80.85 -28.90
C ALA JC 44 9.32 81.19 -28.86
N PRO JC 45 9.72 82.36 -29.34
CA PRO JC 45 11.14 82.75 -29.29
C PRO JC 45 11.59 83.24 -27.93
N ALA JC 46 10.67 83.37 -26.98
CA ALA JC 46 11.00 83.73 -25.61
C ALA JC 46 9.77 83.47 -24.75
N ALA JC 47 10.00 83.38 -23.44
CA ALA JC 47 8.93 83.00 -22.52
C ALA JC 47 8.55 84.19 -21.65
N PRO JC 48 7.33 84.75 -21.75
CA PRO JC 48 7.01 85.91 -20.90
C PRO JC 48 6.51 85.49 -19.52
N MET JC 49 7.24 85.85 -18.46
CA MET JC 49 6.80 85.63 -17.09
C MET JC 49 6.34 86.94 -16.43
N GLU JC 50 5.60 87.78 -17.16
CA GLU JC 50 5.31 89.12 -16.64
C GLU JC 50 4.46 89.08 -15.37
N ASN JC 51 3.42 88.24 -15.34
CA ASN JC 51 2.50 88.23 -14.20
C ASN JC 51 3.25 87.94 -12.90
N THR JC 52 4.01 86.84 -12.87
CA THR JC 52 4.68 86.42 -11.64
C THR JC 52 5.70 87.46 -11.17
N TYR JC 53 6.43 88.07 -12.09
CA TYR JC 53 7.48 89.00 -11.68
C TYR JC 53 6.94 90.38 -11.29
N THR JC 54 5.84 90.83 -11.91
CA THR JC 54 5.20 92.02 -11.36
C THR JC 54 4.66 91.77 -9.96
N TYR JC 55 4.10 90.57 -9.70
CA TYR JC 55 3.69 90.32 -8.32
C TYR JC 55 4.90 90.27 -7.38
N LEU JC 56 6.02 89.70 -7.85
CA LEU JC 56 7.21 89.63 -7.02
C LEU JC 56 7.78 91.02 -6.73
N GLY JC 57 7.65 91.95 -7.66
CA GLY JC 57 7.96 93.34 -7.36
C GLY JC 57 6.98 93.93 -6.37
N SER JC 58 5.71 93.53 -6.45
CA SER JC 58 4.70 94.02 -5.51
C SER JC 58 5.06 93.66 -4.07
N ILE JC 59 5.39 92.40 -3.80
CA ILE JC 59 5.65 92.01 -2.42
C ILE JC 59 7.11 92.27 -2.04
N GLN JC 60 7.84 92.95 -2.92
CA GLN JC 60 9.25 93.29 -2.68
C GLN JC 60 10.13 92.04 -2.59
N PHE JC 61 9.79 91.01 -3.37
CA PHE JC 61 10.59 89.78 -3.50
C PHE JC 61 10.79 89.08 -2.15
N ALA JC 62 9.76 89.11 -1.31
CA ALA JC 62 9.90 88.53 0.02
C ALA JC 62 8.52 88.18 0.55
N ALA JC 63 8.31 86.90 0.89
CA ALA JC 63 7.13 86.48 1.62
C ALA JC 63 7.60 85.64 2.80
N GLY JC 64 7.38 86.15 4.00
CA GLY JC 64 7.82 85.45 5.19
C GLY JC 64 9.31 85.22 5.20
N ARG JC 65 9.70 83.95 5.29
CA ARG JC 65 11.10 83.55 5.31
C ARG JC 65 11.63 83.27 3.91
N HIS JC 66 10.76 83.26 2.89
CA HIS JC 66 11.15 83.03 1.52
C HIS JC 66 11.56 84.34 0.89
N ILE JC 67 12.83 84.48 0.54
CA ILE JC 67 13.31 85.66 -0.15
C ILE JC 67 13.66 85.25 -1.58
N PHE JC 68 13.28 86.06 -2.55
CA PHE JC 68 13.41 85.68 -3.94
C PHE JC 68 14.45 86.55 -4.63
N GLY JC 69 15.00 86.01 -5.72
CA GLY JC 69 15.95 86.77 -6.51
C GLY JC 69 15.27 87.67 -7.51
N GLU JC 70 15.96 88.77 -7.85
CA GLU JC 70 15.50 89.68 -8.90
C GLU JC 70 15.95 89.19 -10.26
N PRO JC 71 15.03 89.02 -11.21
CA PRO JC 71 15.40 88.41 -12.50
C PRO JC 71 16.31 89.32 -13.32
N ALA JC 72 16.86 88.73 -14.37
CA ALA JC 72 17.52 89.52 -15.40
C ALA JC 72 16.50 90.23 -16.27
N SER JC 73 15.50 89.50 -16.73
CA SER JC 73 14.45 90.04 -17.58
C SER JC 73 13.12 89.43 -17.19
N ASN JC 74 12.05 90.20 -17.38
CA ASN JC 74 10.70 89.66 -17.23
C ASN JC 74 10.39 88.66 -18.33
N VAL JC 75 11.09 88.73 -19.45
CA VAL JC 75 10.91 87.83 -20.58
C VAL JC 75 12.20 87.04 -20.77
N LEU JC 76 12.08 85.70 -20.77
CA LEU JC 76 13.21 84.79 -20.71
C LEU JC 76 13.66 84.38 -22.11
N PRO JC 77 14.97 84.42 -22.36
CA PRO JC 77 15.49 84.05 -23.67
C PRO JC 77 15.66 82.55 -23.79
N PRO JC 78 15.69 82.02 -25.00
CA PRO JC 78 15.92 80.59 -25.18
C PRO JC 78 17.29 80.17 -24.69
N GLN JC 79 17.37 78.94 -24.19
CA GLN JC 79 18.61 78.36 -23.69
C GLN JC 79 19.20 77.30 -24.62
N ASN JC 80 18.37 76.45 -25.22
CA ASN JC 80 18.87 75.42 -26.14
C ASN JC 80 18.01 75.33 -27.39
N ILE JC 81 17.37 76.43 -27.79
CA ILE JC 81 16.50 76.46 -28.94
C ILE JC 81 17.15 77.34 -30.00
N VAL JC 82 17.14 76.86 -31.24
CA VAL JC 82 17.74 77.62 -32.32
C VAL JC 82 16.71 77.72 -33.44
N PRO JC 83 16.54 78.88 -34.05
CA PRO JC 83 15.54 79.02 -35.11
C PRO JC 83 15.81 78.06 -36.24
N GLY JC 84 14.76 77.42 -36.71
CA GLY JC 84 14.87 76.50 -37.83
C GLY JC 84 15.36 75.12 -37.47
N VAL JC 85 15.62 74.83 -36.21
CA VAL JC 85 16.04 73.50 -35.78
C VAL JC 85 14.89 72.92 -34.97
N PRO JC 86 14.32 71.78 -35.38
CA PRO JC 86 13.18 71.21 -34.64
C PRO JC 86 13.64 70.44 -33.41
N THR JC 87 12.98 70.72 -32.28
CA THR JC 87 13.29 70.07 -31.01
C THR JC 87 11.99 69.61 -30.39
N LYS JC 88 12.09 68.57 -29.56
CA LYS JC 88 10.97 68.12 -28.73
C LYS JC 88 11.11 68.60 -27.29
N HIS JC 89 12.21 69.30 -26.99
CA HIS JC 89 12.45 69.83 -25.65
C HIS JC 89 13.17 71.16 -25.78
N GLY JC 90 12.60 72.19 -25.15
CA GLY JC 90 13.17 73.53 -25.20
C GLY JC 90 13.15 74.23 -23.86
N GLU JC 91 14.20 74.98 -23.55
CA GLU JC 91 14.34 75.62 -22.25
C GLU JC 91 14.59 77.11 -22.43
N TYR JC 92 13.95 77.91 -21.57
CA TYR JC 92 14.25 79.33 -21.42
C TYR JC 92 14.73 79.57 -19.99
N VAL JC 93 15.62 80.54 -19.82
CA VAL JC 93 16.26 80.74 -18.52
C VAL JC 93 16.69 82.20 -18.37
N THR JC 94 16.56 82.73 -17.15
CA THR JC 94 17.37 83.90 -16.77
C THR JC 94 18.05 83.62 -15.44
N THR JC 95 18.82 84.58 -14.95
CA THR JC 95 19.55 84.41 -13.69
C THR JC 95 19.09 85.45 -12.69
N ASN JC 96 18.43 84.99 -11.62
CA ASN JC 96 18.08 85.85 -10.50
C ASN JC 96 19.34 86.25 -9.75
N THR JC 97 19.39 87.52 -9.32
CA THR JC 97 20.46 88.05 -8.47
C THR JC 97 19.85 88.81 -7.30
N GLY JC 98 20.69 89.15 -6.33
CA GLY JC 98 20.19 89.83 -5.13
C GLY JC 98 21.33 90.19 -4.21
N ASP JC 99 20.99 91.00 -3.21
CA ASP JC 99 21.97 91.46 -2.23
C ASP JC 99 22.39 90.30 -1.34
N ARG JC 100 23.68 89.99 -1.35
CA ARG JC 100 24.25 88.89 -0.57
C ARG JC 100 23.58 87.55 -0.92
N LEU JC 101 23.20 87.40 -2.19
CA LEU JC 101 22.62 86.17 -2.70
C LEU JC 101 23.46 85.67 -3.86
N MET JC 102 23.87 84.41 -3.80
CA MET JC 102 24.55 83.82 -4.95
C MET JC 102 23.56 83.64 -6.09
N ALA JC 103 23.89 84.20 -7.25
CA ALA JC 103 22.96 84.24 -8.37
C ALA JC 103 22.55 82.82 -8.78
N SER JC 104 21.27 82.68 -9.13
CA SER JC 104 20.66 81.38 -9.35
C SER JC 104 19.64 81.48 -10.47
N SER JC 105 19.60 80.47 -11.33
CA SER JC 105 18.80 80.52 -12.53
C SER JC 105 17.34 80.17 -12.26
N THR JC 106 16.44 80.83 -12.99
CA THR JC 106 15.03 80.46 -13.04
C THR JC 106 14.71 79.95 -14.44
N THR JC 107 13.97 78.82 -14.50
CA THR JC 107 13.88 78.00 -15.70
C THR JC 107 12.44 77.74 -16.12
N VAL JC 108 12.21 77.73 -17.43
CA VAL JC 108 10.90 77.47 -18.02
C VAL JC 108 11.13 76.41 -19.10
N THR JC 109 10.58 75.22 -18.89
CA THR JC 109 10.80 74.06 -19.74
C THR JC 109 9.54 73.72 -20.53
N ARG JC 110 9.71 73.39 -21.81
CA ARG JC 110 8.60 73.02 -22.68
C ARG JC 110 8.94 71.72 -23.38
N ASP JC 111 8.11 70.70 -23.20
CA ASP JC 111 8.26 69.39 -23.81
C ASP JC 111 7.08 69.15 -24.74
N VAL JC 112 7.37 68.86 -26.00
CA VAL JC 112 6.33 68.64 -27.00
C VAL JC 112 6.58 67.27 -27.63
N SER JC 113 5.81 66.26 -27.21
CA SER JC 113 5.95 64.90 -27.73
C SER JC 113 4.62 64.22 -27.90
N ASN JC 114 4.39 63.66 -29.09
CA ASN JC 114 3.26 62.76 -29.35
C ASN JC 114 1.93 63.41 -29.00
N GLY JC 115 1.76 64.66 -29.38
CA GLY JC 115 0.52 65.39 -29.11
C GLY JC 115 0.38 65.94 -27.71
N ARG JC 116 1.37 65.74 -26.86
CA ARG JC 116 1.31 66.19 -25.48
C ARG JC 116 2.28 67.35 -25.34
N THR JC 117 1.75 68.51 -25.00
CA THR JC 117 2.55 69.71 -24.73
C THR JC 117 2.57 69.92 -23.23
N LYS JC 118 3.76 70.14 -22.66
CA LYS JC 118 3.89 70.37 -21.22
C LYS JC 118 4.89 71.48 -20.92
N VAL JC 119 4.43 72.50 -20.19
CA VAL JC 119 5.23 73.65 -19.78
C VAL JC 119 5.36 73.63 -18.27
N SER JC 120 6.61 73.73 -17.78
CA SER JC 120 6.90 73.75 -16.35
C SER JC 120 7.75 74.97 -16.01
N ILE JC 121 7.47 75.58 -14.86
CA ILE JC 121 8.17 76.76 -14.39
C ILE JC 121 8.75 76.46 -13.01
N ASP JC 122 10.06 76.71 -12.85
CA ASP JC 122 10.77 76.46 -11.60
C ASP JC 122 11.53 77.71 -11.21
N ILE JC 123 11.17 78.30 -10.07
CA ILE JC 123 11.83 79.48 -9.53
C ILE JC 123 12.40 79.14 -8.17
N PRO JC 124 13.66 79.46 -7.89
CA PRO JC 124 14.25 79.18 -6.58
C PRO JC 124 13.97 80.30 -5.58
N TYR JC 125 14.24 80.00 -4.31
CA TYR JC 125 14.17 80.98 -3.24
C TYR JC 125 15.31 80.74 -2.25
N TYR JC 126 15.45 81.67 -1.30
CA TYR JC 126 16.55 81.66 -0.34
C TYR JC 126 16.00 81.89 1.06
N ASP JC 127 16.88 81.58 2.03
CA ASP JC 127 16.57 81.62 3.47
C ASP JC 127 16.71 83.04 4.00
N ARG JC 128 15.57 83.73 4.18
CA ARG JC 128 15.64 85.11 4.63
C ARG JC 128 16.21 85.21 6.04
N ASN JC 129 16.01 84.20 6.89
CA ASN JC 129 16.64 84.21 8.21
C ASN JC 129 18.15 84.31 8.08
N ALA JC 130 18.73 83.51 7.18
CA ALA JC 130 20.18 83.57 6.96
C ALA JC 130 20.59 84.90 6.32
N VAL JC 131 19.83 85.38 5.33
CA VAL JC 131 20.23 86.60 4.63
C VAL JC 131 20.21 87.80 5.56
N GLU JC 132 19.15 87.93 6.37
CA GLU JC 132 19.09 89.04 7.31
C GLU JC 132 20.06 88.88 8.48
N THR JC 133 20.43 87.64 8.83
CA THR JC 133 21.53 87.48 9.78
C THR JC 133 22.83 88.05 9.19
N LEU JC 134 23.09 87.75 7.91
CA LEU JC 134 24.26 88.30 7.21
C LEU JC 134 24.26 89.82 7.24
N LYS JC 135 23.13 90.43 6.87
CA LYS JC 135 23.08 91.88 6.83
C LYS JC 135 23.22 92.47 8.23
N ALA JC 136 22.51 91.91 9.20
CA ALA JC 136 22.40 92.54 10.52
C ALA JC 136 23.70 92.48 11.30
N SER JC 137 24.40 91.33 11.32
CA SER JC 137 25.66 91.26 12.04
C SER JC 137 26.86 91.53 11.16
N ALA JC 138 26.64 92.04 9.94
CA ALA JC 138 27.71 92.52 9.06
C ALA JC 138 28.73 91.41 8.73
N ILE JC 139 28.23 90.23 8.40
CA ILE JC 139 29.05 89.09 7.98
C ILE JC 139 29.29 89.25 6.48
N PRO JC 140 30.43 88.79 5.94
CA PRO JC 140 30.71 89.02 4.51
C PRO JC 140 30.26 87.94 3.54
N GLY JC 141 29.69 86.82 4.00
CA GLY JC 141 29.32 85.74 3.10
C GLY JC 141 28.01 85.98 2.35
N ALA JC 142 27.65 85.00 1.53
CA ALA JC 142 26.41 84.98 0.77
C ALA JC 142 25.68 83.66 0.99
N VAL JC 143 24.41 83.62 0.56
CA VAL JC 143 23.55 82.45 0.73
C VAL JC 143 23.25 81.86 -0.64
N ALA JC 144 23.26 80.54 -0.72
CA ALA JC 144 22.85 79.76 -1.88
C ALA JC 144 21.36 79.44 -1.78
N PRO JC 145 20.71 79.11 -2.90
CA PRO JC 145 19.27 78.82 -2.86
C PRO JC 145 18.96 77.69 -1.88
N VAL JC 146 17.78 77.76 -1.31
CA VAL JC 146 17.37 76.83 -0.27
C VAL JC 146 16.29 75.87 -0.76
N GLY JC 147 15.45 76.29 -1.69
CA GLY JC 147 14.47 75.43 -2.30
C GLY JC 147 13.89 76.09 -3.53
N SER JC 148 12.78 75.53 -4.02
CA SER JC 148 12.14 76.10 -5.19
C SER JC 148 10.64 75.93 -5.12
N PHE JC 149 9.95 76.57 -6.06
CA PHE JC 149 8.54 76.34 -6.33
C PHE JC 149 8.37 76.04 -7.81
N LYS JC 150 7.45 75.13 -8.12
CA LYS JC 150 7.24 74.61 -9.46
C LYS JC 150 5.76 74.57 -9.81
N VAL JC 151 5.47 74.92 -11.05
CA VAL JC 151 4.10 74.91 -11.59
C VAL JC 151 4.14 74.24 -12.96
N ASN JC 152 3.30 73.21 -13.14
CA ASN JC 152 3.24 72.43 -14.37
C ASN JC 152 1.89 72.61 -15.05
N VAL JC 153 1.91 72.62 -16.38
CA VAL JC 153 0.71 72.75 -17.18
C VAL JC 153 0.86 71.81 -18.37
N GLU JC 154 -0.21 71.09 -18.70
CA GLU JC 154 -0.14 69.96 -19.62
C GLU JC 154 -1.39 69.94 -20.49
N VAL JC 155 -1.20 69.81 -21.80
CA VAL JC 155 -2.28 69.78 -22.78
C VAL JC 155 -2.15 68.49 -23.55
N LEU JC 156 -3.12 67.59 -23.38
CA LEU JC 156 -3.13 66.30 -24.06
C LEU JC 156 -4.00 66.45 -25.29
N GLY JC 157 -3.36 66.77 -26.42
CA GLY JC 157 -4.08 67.08 -27.63
C GLY JC 157 -3.88 66.04 -28.70
N GLY JC 158 -3.54 64.83 -28.28
CA GLY JC 158 -3.34 63.77 -29.22
C GLY JC 158 -4.64 63.20 -29.75
N GLY JC 159 -4.53 62.44 -30.84
CA GLY JC 159 -5.63 61.65 -31.33
C GLY JC 159 -6.76 62.49 -31.89
N VAL JC 160 -6.43 63.33 -32.86
CA VAL JC 160 -7.49 63.97 -33.64
C VAL JC 160 -8.03 62.98 -34.66
N LEU JC 161 -9.29 63.17 -35.04
CA LEU JC 161 -9.96 62.27 -35.96
C LEU JC 161 -9.44 62.48 -37.39
N THR JC 162 -9.78 61.54 -38.28
CA THR JC 162 -9.15 61.49 -39.60
C THR JC 162 -9.65 62.60 -40.51
N GLY JC 163 -10.93 62.94 -40.41
CA GLY JC 163 -11.49 64.00 -41.21
C GLY JC 163 -11.30 65.39 -40.66
N THR JC 164 -10.45 65.54 -39.65
CA THR JC 164 -10.18 66.86 -39.10
C THR JC 164 -9.43 67.70 -40.13
N ASP JC 165 -10.09 68.74 -40.62
CA ASP JC 165 -9.51 69.60 -41.63
C ASP JC 165 -8.30 70.34 -41.08
N ALA JC 166 -7.34 70.62 -41.97
CA ALA JC 166 -6.19 71.43 -41.58
C ALA JC 166 -6.64 72.75 -40.94
N ASN JC 167 -7.69 73.37 -41.48
CA ASN JC 167 -8.22 74.60 -40.91
C ASN JC 167 -8.85 74.37 -39.55
N ALA JC 168 -9.56 73.25 -39.38
CA ALA JC 168 -10.26 73.01 -38.13
C ALA JC 168 -9.29 72.65 -36.99
N GLN JC 169 -8.06 72.27 -37.31
CA GLN JC 169 -7.09 72.03 -36.24
C GLN JC 169 -6.74 73.31 -35.51
N PHE JC 170 -6.84 74.46 -36.20
CA PHE JC 170 -6.64 75.74 -35.52
C PHE JC 170 -7.77 76.00 -34.53
N ALA JC 171 -9.01 75.70 -34.94
CA ALA JC 171 -10.13 75.85 -34.01
C ALA JC 171 -9.94 74.97 -32.79
N LEU JC 172 -9.45 73.74 -33.01
CA LEU JC 172 -9.16 72.86 -31.88
C LEU JC 172 -8.05 73.44 -31.01
N ASP JC 173 -7.05 74.05 -31.64
CA ASP JC 173 -5.99 74.74 -30.90
C ASP JC 173 -6.58 75.73 -29.90
N GLU JC 174 -7.45 76.61 -30.41
CA GLU JC 174 -8.04 77.63 -29.55
C GLU JC 174 -8.94 77.02 -28.48
N LEU JC 175 -9.66 75.94 -28.83
CA LEU JC 175 -10.46 75.27 -27.81
C LEU JC 175 -9.61 74.79 -26.64
N LEU JC 176 -8.48 74.14 -26.95
CA LEU JC 176 -7.60 73.68 -25.89
C LEU JC 176 -7.03 74.83 -25.08
N SER JC 177 -6.68 75.94 -25.74
CA SER JC 177 -6.12 77.06 -24.99
C SER JC 177 -7.17 77.66 -24.03
N ASN JC 178 -8.45 77.68 -24.45
CA ASN JC 178 -9.49 78.16 -23.55
C ASN JC 178 -9.72 77.21 -22.37
N MET JC 179 -9.61 75.90 -22.60
CA MET JC 179 -9.63 74.97 -21.48
C MET JC 179 -8.48 75.24 -20.53
N LEU JC 180 -7.31 75.59 -21.07
CA LEU JC 180 -6.16 75.96 -20.25
C LEU JC 180 -6.49 77.11 -19.32
N MET JC 181 -7.04 78.20 -19.89
CA MET JC 181 -7.40 79.36 -19.08
C MET JC 181 -8.40 78.98 -17.99
N ASP JC 182 -9.43 78.21 -18.35
CA ASP JC 182 -10.42 77.79 -17.35
C ASP JC 182 -9.77 76.96 -16.25
N ALA JC 183 -8.80 76.13 -16.62
CA ALA JC 183 -8.15 75.27 -15.64
C ALA JC 183 -7.35 76.07 -14.64
N ALA JC 184 -6.57 77.05 -15.12
CA ALA JC 184 -5.81 77.87 -14.18
C ALA JC 184 -6.74 78.70 -13.28
N ARG JC 185 -7.85 79.20 -13.85
CA ARG JC 185 -8.78 79.96 -13.02
C ARG JC 185 -9.39 79.08 -11.94
N ILE JC 186 -9.74 77.83 -12.28
CA ILE JC 186 -10.28 76.91 -11.28
C ILE JC 186 -9.21 76.53 -10.26
N ALA JC 187 -7.95 76.52 -10.69
CA ALA JC 187 -6.86 76.18 -9.79
C ALA JC 187 -6.65 77.24 -8.72
N GLN JC 188 -6.70 78.52 -9.10
CA GLN JC 188 -6.45 79.59 -8.13
C GLN JC 188 -7.72 80.24 -7.62
N ASP JC 189 -8.88 79.75 -8.02
CA ASP JC 189 -10.14 80.35 -7.64
C ASP JC 189 -10.28 80.31 -6.13
N GLY JC 190 -10.80 81.41 -5.57
CA GLY JC 190 -11.06 81.48 -4.16
C GLY JC 190 -10.72 82.83 -3.58
N PRO JC 191 -11.27 83.13 -2.39
CA PRO JC 191 -10.93 84.38 -1.73
C PRO JC 191 -9.48 84.35 -1.30
N LYS JC 192 -8.87 85.53 -1.31
CA LYS JC 192 -7.51 85.70 -0.84
C LYS JC 192 -7.46 85.91 0.68
N ASN JC 193 -8.63 85.92 1.34
CA ASN JC 193 -8.66 85.94 2.80
C ASN JC 193 -8.31 84.60 3.39
N THR JC 194 -8.44 83.52 2.60
CA THR JC 194 -8.33 82.17 3.13
C THR JC 194 -7.27 81.38 2.36
N ALA JC 195 -6.70 80.38 3.04
CA ALA JC 195 -5.64 79.55 2.48
C ALA JC 195 -6.14 78.78 1.26
N ARG JC 196 -5.34 78.75 0.19
CA ARG JC 196 -5.78 77.95 -0.96
C ARG JC 196 -4.72 77.15 -1.71
N LEU JC 197 -3.42 77.45 -1.62
CA LEU JC 197 -2.47 76.69 -2.43
C LEU JC 197 -1.33 75.98 -1.70
N VAL JC 198 -0.51 76.72 -0.93
CA VAL JC 198 0.75 76.16 -0.45
C VAL JC 198 0.50 75.32 0.80
N ALA JC 199 1.41 74.38 1.05
CA ALA JC 199 1.37 73.52 2.23
C ALA JC 199 0.05 72.77 2.32
N ALA JC 200 -0.60 72.57 1.17
CA ALA JC 200 -1.95 72.02 1.13
C ALA JC 200 -1.99 70.61 1.74
N SER JC 201 -2.99 70.38 2.59
CA SER JC 201 -3.23 69.07 3.20
C SER JC 201 -4.45 68.39 2.63
N HIS JC 202 -5.56 69.12 2.53
CA HIS JC 202 -6.80 68.63 1.92
C HIS JC 202 -7.65 69.85 1.58
N GLY JC 203 -8.76 69.60 0.90
CA GLY JC 203 -9.69 70.67 0.53
C GLY JC 203 -10.91 70.65 1.44
N VAL JC 204 -11.40 71.84 1.78
CA VAL JC 204 -12.62 71.95 2.56
C VAL JC 204 -13.48 73.04 1.97
N MET JC 205 -14.54 72.66 1.26
CA MET JC 205 -15.41 73.69 0.68
C MET JC 205 -16.40 74.19 1.75
N PRO JC 206 -16.65 75.49 1.81
CA PRO JC 206 -17.44 76.04 2.92
C PRO JC 206 -18.92 75.78 2.74
N GLN JC 207 -19.63 75.69 3.88
CA GLN JC 207 -21.07 75.43 3.86
C GLN JC 207 -21.84 76.60 3.28
N ALA JC 208 -21.47 77.81 3.67
CA ALA JC 208 -22.09 79.01 3.16
C ALA JC 208 -21.14 80.18 3.41
N PRO KC 20 41.84 61.41 6.36
CA PRO KC 20 41.36 61.80 5.03
C PRO KC 20 40.86 63.24 4.98
N VAL KC 21 41.55 64.08 4.19
CA VAL KC 21 41.20 65.49 4.04
C VAL KC 21 40.33 65.61 2.80
N GLN KC 22 39.13 66.20 2.94
CA GLN KC 22 38.19 66.34 1.84
C GLN KC 22 37.97 67.81 1.50
N SER KC 23 37.68 68.08 0.23
CA SER KC 23 37.46 69.43 -0.25
C SER KC 23 35.97 69.73 -0.34
N SER KC 24 35.62 71.00 -0.19
CA SER KC 24 34.22 71.40 -0.20
C SER KC 24 34.06 72.84 -0.69
N ARG KC 25 32.81 73.15 -1.04
CA ARG KC 25 32.38 74.47 -1.53
C ARG KC 25 31.34 75.02 -0.58
N THR KC 26 31.69 76.08 0.12
CA THR KC 26 30.89 76.56 1.26
C THR KC 26 30.12 77.82 0.89
N THR KC 27 28.89 77.89 1.39
CA THR KC 27 28.19 79.16 1.51
C THR KC 27 27.64 79.27 2.94
N PHE KC 28 27.36 80.49 3.37
CA PHE KC 28 26.82 80.68 4.70
C PHE KC 28 25.39 80.15 4.77
N GLY KC 29 25.04 79.63 5.94
CA GLY KC 29 23.70 79.17 6.17
C GLY KC 29 23.63 77.84 6.90
N VAL KC 30 22.41 77.34 7.04
CA VAL KC 30 22.14 76.01 7.56
C VAL KC 30 21.01 75.43 6.72
N ASN KC 31 21.05 74.12 6.50
CA ASN KC 31 19.94 73.45 5.87
C ASN KC 31 18.66 73.78 6.59
N PRO KC 32 17.62 74.19 5.88
CA PRO KC 32 16.48 74.85 6.53
C PRO KC 32 15.62 73.85 7.27
N ASP KC 33 14.76 74.40 8.12
CA ASP KC 33 13.73 73.62 8.78
C ASP KC 33 12.43 73.82 7.99
N ARG KC 34 11.94 72.74 7.39
CA ARG KC 34 10.72 72.81 6.58
C ARG KC 34 9.50 72.59 7.45
N GLN KC 35 8.41 73.24 7.05
CA GLN KC 35 7.14 73.10 7.75
C GLN KC 35 6.33 71.97 7.13
N ALA KC 36 5.60 71.23 7.96
CA ALA KC 36 4.78 70.14 7.47
C ALA KC 36 3.62 70.67 6.63
N ASN KC 37 3.16 69.84 5.70
CA ASN KC 37 2.07 70.23 4.80
C ASN KC 37 0.71 69.94 5.44
N ALA KC 38 0.45 70.63 6.56
CA ALA KC 38 -0.75 70.42 7.36
C ALA KC 38 -1.73 71.57 7.24
N ARG KC 39 -1.74 72.25 6.11
CA ARG KC 39 -2.55 73.45 5.95
C ARG KC 39 -3.75 73.14 5.07
N PRO KC 40 -4.95 73.01 5.63
CA PRO KC 40 -6.13 72.79 4.80
C PRO KC 40 -6.47 74.03 3.98
N VAL KC 41 -6.94 73.79 2.76
CA VAL KC 41 -7.11 74.84 1.77
C VAL KC 41 -8.57 74.93 1.34
N TYR KC 42 -8.88 76.04 0.68
CA TYR KC 42 -10.21 76.31 0.18
C TYR KC 42 -10.51 75.43 -1.02
N LEU KC 43 -11.77 75.05 -1.13
CA LEU KC 43 -12.25 74.19 -2.20
C LEU KC 43 -13.48 74.87 -2.80
N ALA KC 44 -13.43 75.15 -4.10
CA ALA KC 44 -14.49 75.90 -4.73
C ALA KC 44 -15.82 75.14 -4.64
N PRO KC 45 -16.93 75.83 -4.32
CA PRO KC 45 -18.24 75.16 -4.28
C PRO KC 45 -18.81 74.88 -5.67
N ALA KC 46 -18.10 75.29 -6.73
CA ALA KC 46 -18.44 75.00 -8.11
C ALA KC 46 -17.26 75.39 -8.99
N ALA KC 47 -17.20 74.80 -10.18
CA ALA KC 47 -16.08 75.03 -11.09
C ALA KC 47 -16.55 75.84 -12.27
N PRO KC 48 -16.05 77.07 -12.51
CA PRO KC 48 -16.52 77.81 -13.69
C PRO KC 48 -15.73 77.42 -14.93
N MET KC 49 -16.43 77.12 -16.02
CA MET KC 49 -15.84 76.79 -17.31
C MET KC 49 -16.32 77.76 -18.38
N GLU KC 50 -16.39 79.05 -18.05
CA GLU KC 50 -17.01 80.01 -18.95
C GLU KC 50 -16.21 80.20 -20.24
N ASN KC 51 -14.87 80.29 -20.13
CA ASN KC 51 -14.04 80.58 -21.31
C ASN KC 51 -14.24 79.52 -22.40
N THR KC 52 -14.05 78.25 -22.02
CA THR KC 52 -14.11 77.16 -23.00
C THR KC 52 -15.51 77.01 -23.60
N TYR KC 53 -16.56 77.18 -22.79
CA TYR KC 53 -17.91 76.96 -23.30
C TYR KC 53 -18.41 78.13 -24.14
N THR KC 54 -18.01 79.35 -23.82
CA THR KC 54 -18.28 80.44 -24.76
C THR KC 54 -17.55 80.21 -26.09
N TYR KC 55 -16.32 79.71 -26.06
CA TYR KC 55 -15.66 79.44 -27.34
C TYR KC 55 -16.37 78.31 -28.09
N LEU KC 56 -16.84 77.29 -27.37
CA LEU KC 56 -17.59 76.22 -28.02
C LEU KC 56 -18.85 76.74 -28.67
N GLY KC 57 -19.55 77.67 -28.00
CA GLY KC 57 -20.65 78.35 -28.65
C GLY KC 57 -20.20 79.11 -29.89
N SER KC 58 -18.99 79.68 -29.84
CA SER KC 58 -18.45 80.40 -30.99
C SER KC 58 -18.35 79.50 -32.22
N ILE KC 59 -17.70 78.34 -32.07
CA ILE KC 59 -17.48 77.48 -33.24
C ILE KC 59 -18.70 76.62 -33.53
N GLN KC 60 -19.79 76.86 -32.79
CA GLN KC 60 -21.04 76.10 -32.96
C GLN KC 60 -20.82 74.61 -32.67
N PHE KC 61 -19.95 74.31 -31.69
CA PHE KC 61 -19.77 72.96 -31.13
C PHE KC 61 -19.31 71.96 -32.19
N ALA KC 62 -18.49 72.41 -33.14
CA ALA KC 62 -18.04 71.51 -34.19
C ALA KC 62 -16.70 71.98 -34.73
N ALA KC 63 -15.83 71.01 -35.02
CA ALA KC 63 -14.54 71.29 -35.62
C ALA KC 63 -14.00 69.99 -36.20
N GLY KC 64 -13.61 70.02 -37.47
CA GLY KC 64 -13.20 68.79 -38.12
C GLY KC 64 -14.41 67.87 -38.17
N ARG KC 65 -14.20 66.60 -37.82
CA ARG KC 65 -15.35 65.74 -37.55
C ARG KC 65 -15.49 65.44 -36.07
N HIS KC 66 -14.92 66.29 -35.21
CA HIS KC 66 -15.29 66.33 -33.81
C HIS KC 66 -16.55 67.17 -33.64
N ILE KC 67 -17.57 66.60 -33.03
CA ILE KC 67 -18.73 67.38 -32.61
C ILE KC 67 -18.88 67.25 -31.10
N PHE KC 68 -19.18 68.35 -30.44
CA PHE KC 68 -19.25 68.39 -28.99
C PHE KC 68 -20.69 68.56 -28.52
N GLY KC 69 -20.91 68.32 -27.24
CA GLY KC 69 -22.23 68.45 -26.65
C GLY KC 69 -22.42 69.79 -25.96
N GLU KC 70 -23.68 70.23 -25.93
CA GLU KC 70 -24.03 71.43 -25.18
C GLU KC 70 -24.13 71.10 -23.70
N PRO KC 71 -23.51 71.88 -22.82
CA PRO KC 71 -23.55 71.58 -21.38
C PRO KC 71 -24.90 71.95 -20.79
N ALA KC 72 -25.08 71.51 -19.55
CA ALA KC 72 -26.23 71.98 -18.79
C ALA KC 72 -25.96 73.36 -18.22
N SER KC 73 -24.80 73.55 -17.60
CA SER KC 73 -24.42 74.80 -16.99
C SER KC 73 -23.00 75.16 -17.39
N ASN KC 74 -22.75 76.45 -17.56
CA ASN KC 74 -21.37 76.93 -17.73
C ASN KC 74 -20.58 76.76 -16.46
N VAL KC 75 -21.24 76.70 -15.32
CA VAL KC 75 -20.61 76.45 -14.03
C VAL KC 75 -21.05 75.08 -13.55
N LEU KC 76 -20.06 74.20 -13.32
CA LEU KC 76 -20.19 72.79 -12.96
C LEU KC 76 -20.39 72.63 -11.46
N PRO KC 77 -21.48 71.99 -11.04
CA PRO KC 77 -21.70 71.75 -9.61
C PRO KC 77 -20.84 70.61 -9.11
N PRO KC 78 -20.64 70.49 -7.80
CA PRO KC 78 -19.88 69.36 -7.27
C PRO KC 78 -20.70 68.08 -7.23
N GLN KC 79 -20.04 66.96 -7.52
CA GLN KC 79 -20.70 65.65 -7.53
C GLN KC 79 -20.46 64.84 -6.27
N ASN KC 80 -19.24 64.89 -5.72
CA ASN KC 80 -18.88 64.06 -4.57
C ASN KC 80 -18.21 64.87 -3.47
N ILE KC 81 -18.57 66.14 -3.32
CA ILE KC 81 -17.93 67.01 -2.33
C ILE KC 81 -19.02 67.47 -1.37
N VAL KC 82 -19.04 66.88 -0.18
CA VAL KC 82 -19.92 67.36 0.87
C VAL KC 82 -19.30 68.61 1.52
N PRO KC 83 -20.07 69.63 1.85
CA PRO KC 83 -19.46 70.82 2.45
C PRO KC 83 -19.04 70.54 3.86
N GLY KC 84 -17.90 71.11 4.25
CA GLY KC 84 -17.40 70.92 5.58
C GLY KC 84 -16.76 69.57 5.80
N VAL KC 85 -16.63 68.76 4.76
CA VAL KC 85 -16.02 67.44 4.85
C VAL KC 85 -14.68 67.50 4.15
N PRO KC 86 -13.57 67.26 4.84
CA PRO KC 86 -12.27 67.26 4.17
C PRO KC 86 -12.22 66.16 3.12
N THR KC 87 -11.80 66.53 1.92
CA THR KC 87 -11.70 65.60 0.79
C THR KC 87 -10.39 65.89 0.09
N LYS KC 88 -9.62 64.83 -0.17
CA LYS KC 88 -8.37 64.96 -0.91
C LYS KC 88 -8.58 64.76 -2.41
N HIS KC 89 -9.80 64.45 -2.81
CA HIS KC 89 -10.14 64.26 -4.21
C HIS KC 89 -11.62 64.59 -4.41
N GLY KC 90 -11.90 65.40 -5.44
CA GLY KC 90 -13.26 65.85 -5.67
C GLY KC 90 -13.50 66.12 -7.15
N GLU KC 91 -14.77 66.03 -7.53
CA GLU KC 91 -15.13 66.10 -8.93
C GLU KC 91 -16.35 67.00 -9.11
N TYR KC 92 -16.27 67.92 -10.07
CA TYR KC 92 -17.42 68.66 -10.56
C TYR KC 92 -17.78 68.11 -11.93
N VAL KC 93 -19.07 68.02 -12.23
CA VAL KC 93 -19.48 67.37 -13.47
C VAL KC 93 -20.77 67.97 -13.95
N THR KC 94 -20.85 68.24 -15.25
CA THR KC 94 -22.14 68.59 -15.83
C THR KC 94 -22.40 67.76 -17.07
N THR KC 95 -23.68 67.58 -17.36
CA THR KC 95 -24.07 66.67 -18.40
C THR KC 95 -24.11 67.40 -19.74
N ASN KC 96 -23.70 66.72 -20.81
CA ASN KC 96 -23.67 67.21 -22.18
C ASN KC 96 -24.79 66.54 -22.93
N THR KC 97 -25.62 67.32 -23.62
CA THR KC 97 -26.70 66.77 -24.44
C THR KC 97 -26.58 67.34 -25.84
N GLY KC 98 -27.28 66.71 -26.79
CA GLY KC 98 -27.21 67.16 -28.18
C GLY KC 98 -28.14 66.33 -29.04
N ASP KC 99 -28.39 66.85 -30.24
CA ASP KC 99 -29.27 66.18 -31.21
C ASP KC 99 -28.60 64.91 -31.70
N ARG KC 100 -29.24 63.76 -31.46
CA ARG KC 100 -28.72 62.45 -31.79
C ARG KC 100 -27.35 62.23 -31.14
N LEU KC 101 -27.23 62.66 -29.88
CA LEU KC 101 -26.07 62.42 -29.05
C LEU KC 101 -26.52 61.69 -27.79
N MET KC 102 -25.74 60.70 -27.36
CA MET KC 102 -25.98 60.09 -26.07
C MET KC 102 -25.40 60.99 -24.98
N ALA KC 103 -26.23 61.33 -24.00
CA ALA KC 103 -25.79 62.24 -22.95
C ALA KC 103 -24.46 61.76 -22.36
N SER KC 104 -23.51 62.69 -22.22
CA SER KC 104 -22.17 62.34 -21.73
C SER KC 104 -21.64 63.43 -20.81
N SER KC 105 -20.92 63.02 -19.78
CA SER KC 105 -20.54 63.93 -18.71
C SER KC 105 -19.19 64.55 -19.00
N THR KC 106 -19.10 65.87 -18.79
CA THR KC 106 -17.82 66.57 -18.82
C THR KC 106 -17.38 66.84 -17.38
N THR KC 107 -16.10 66.61 -17.09
CA THR KC 107 -15.61 66.41 -15.73
C THR KC 107 -14.42 67.30 -15.41
N VAL KC 108 -14.44 67.90 -14.22
CA VAL KC 108 -13.35 68.69 -13.69
C VAL KC 108 -12.93 68.07 -12.36
N THR KC 109 -11.69 67.62 -12.28
CA THR KC 109 -11.20 66.84 -11.17
C THR KC 109 -10.12 67.61 -10.42
N ARG KC 110 -10.25 67.68 -9.09
CA ARG KC 110 -9.28 68.37 -8.25
C ARG KC 110 -8.73 67.40 -7.22
N ASP KC 111 -7.40 67.30 -7.16
CA ASP KC 111 -6.69 66.46 -6.21
C ASP KC 111 -5.79 67.35 -5.37
N VAL KC 112 -6.08 67.45 -4.09
CA VAL KC 112 -5.29 68.24 -3.15
C VAL KC 112 -4.67 67.29 -2.15
N SER KC 113 -3.35 67.09 -2.21
CA SER KC 113 -2.70 66.22 -1.23
C SER KC 113 -1.22 66.53 -1.15
N ASN KC 114 -0.70 66.50 0.08
CA ASN KC 114 0.74 66.58 0.37
C ASN KC 114 1.39 67.81 -0.27
N GLY KC 115 0.70 68.94 -0.20
CA GLY KC 115 1.18 70.20 -0.74
C GLY KC 115 1.05 70.35 -2.24
N ARG KC 116 0.56 69.34 -2.95
CA ARG KC 116 0.43 69.39 -4.39
C ARG KC 116 -1.06 69.45 -4.70
N THR KC 117 -1.46 70.44 -5.47
CA THR KC 117 -2.84 70.58 -5.92
C THR KC 117 -2.87 70.46 -7.45
N LYS KC 118 -3.80 69.67 -7.97
CA LYS KC 118 -3.86 69.38 -9.40
C LYS KC 118 -5.30 69.39 -9.89
N VAL KC 119 -5.55 70.15 -10.96
CA VAL KC 119 -6.87 70.28 -11.58
C VAL KC 119 -6.79 69.74 -13.00
N SER KC 120 -7.72 68.86 -13.36
CA SER KC 120 -7.79 68.26 -14.69
C SER KC 120 -9.18 68.46 -15.28
N ILE KC 121 -9.24 68.73 -16.58
CA ILE KC 121 -10.50 68.95 -17.27
C ILE KC 121 -10.58 67.99 -18.45
N ASP KC 122 -11.71 67.28 -18.55
CA ASP KC 122 -11.93 66.28 -19.58
C ASP KC 122 -13.29 66.53 -20.23
N ILE KC 123 -13.29 66.84 -21.53
CA ILE KC 123 -14.52 67.03 -22.29
C ILE KC 123 -14.55 66.02 -23.43
N PRO KC 124 -15.66 65.32 -23.63
CA PRO KC 124 -15.75 64.32 -24.71
C PRO KC 124 -16.23 64.91 -26.03
N TYR KC 125 -15.96 64.16 -27.10
CA TYR KC 125 -16.38 64.49 -28.45
C TYR KC 125 -16.87 63.24 -29.18
N TYR KC 126 -17.76 63.46 -30.14
CA TYR KC 126 -18.40 62.41 -30.93
C TYR KC 126 -18.01 62.52 -32.40
N ASP KC 127 -18.31 61.43 -33.13
CA ASP KC 127 -18.05 61.32 -34.58
C ASP KC 127 -19.09 62.11 -35.36
N ARG KC 128 -18.68 63.29 -35.84
CA ARG KC 128 -19.58 64.15 -36.57
C ARG KC 128 -20.12 63.46 -37.82
N ASN KC 129 -19.34 62.57 -38.43
CA ASN KC 129 -19.81 61.88 -39.62
C ASN KC 129 -20.99 60.98 -39.31
N ALA KC 130 -20.90 60.23 -38.21
CA ALA KC 130 -22.02 59.40 -37.78
C ALA KC 130 -23.22 60.25 -37.42
N VAL KC 131 -23.00 61.33 -36.64
CA VAL KC 131 -24.12 62.14 -36.18
C VAL KC 131 -24.86 62.75 -37.36
N GLU KC 132 -24.11 63.33 -38.30
CA GLU KC 132 -24.74 64.02 -39.44
C GLU KC 132 -25.34 63.04 -40.43
N THR KC 133 -24.75 61.85 -40.60
CA THR KC 133 -25.41 60.82 -41.41
C THR KC 133 -26.74 60.42 -40.80
N LEU KC 134 -26.79 60.28 -39.48
CA LEU KC 134 -28.07 59.99 -38.81
C LEU KC 134 -29.07 61.12 -38.98
N LYS KC 135 -28.62 62.36 -38.79
CA LYS KC 135 -29.51 63.51 -38.92
C LYS KC 135 -30.07 63.63 -40.34
N ALA KC 136 -29.18 63.63 -41.35
CA ALA KC 136 -29.62 63.74 -42.73
C ALA KC 136 -30.51 62.57 -43.13
N SER KC 137 -30.20 61.37 -42.65
CA SER KC 137 -31.04 60.24 -42.99
C SER KC 137 -32.27 60.12 -42.08
N ALA KC 138 -32.45 61.02 -41.12
CA ALA KC 138 -33.60 60.95 -40.22
C ALA KC 138 -33.65 59.59 -39.53
N ILE KC 139 -32.52 59.16 -38.98
CA ILE KC 139 -32.44 57.90 -38.25
C ILE KC 139 -32.46 58.23 -36.76
N PRO KC 140 -33.20 57.49 -35.92
CA PRO KC 140 -33.30 57.86 -34.50
C PRO KC 140 -32.19 57.32 -33.61
N GLY KC 141 -31.04 56.93 -34.13
CA GLY KC 141 -29.97 56.46 -33.29
C GLY KC 141 -29.29 57.60 -32.55
N ALA KC 142 -28.80 57.30 -31.34
CA ALA KC 142 -28.02 58.23 -30.54
C ALA KC 142 -26.60 57.73 -30.43
N VAL KC 143 -25.63 58.64 -30.53
CA VAL KC 143 -24.22 58.28 -30.64
C VAL KC 143 -23.53 58.50 -29.30
N ALA KC 144 -22.73 57.52 -28.89
CA ALA KC 144 -21.86 57.62 -27.73
C ALA KC 144 -20.56 58.33 -28.13
N PRO KC 145 -19.85 58.91 -27.15
CA PRO KC 145 -18.64 59.68 -27.48
C PRO KC 145 -17.54 58.79 -28.02
N VAL KC 146 -16.83 59.31 -29.01
CA VAL KC 146 -15.72 58.58 -29.59
C VAL KC 146 -14.40 58.87 -28.87
N GLY KC 147 -14.25 60.06 -28.27
CA GLY KC 147 -13.01 60.33 -27.56
C GLY KC 147 -13.17 61.51 -26.62
N SER KC 148 -12.02 62.05 -26.19
CA SER KC 148 -12.04 63.19 -25.28
C SER KC 148 -10.76 63.99 -25.44
N PHE KC 149 -10.81 65.23 -24.93
CA PHE KC 149 -9.65 66.10 -24.79
C PHE KC 149 -9.48 66.49 -23.32
N LYS KC 150 -8.21 66.53 -22.88
CA LYS KC 150 -7.86 66.73 -21.47
C LYS KC 150 -6.77 67.78 -21.31
N VAL KC 151 -6.91 68.55 -20.24
CA VAL KC 151 -5.95 69.57 -19.86
C VAL KC 151 -5.68 69.47 -18.36
N ASN KC 152 -4.40 69.35 -17.99
CA ASN KC 152 -3.95 69.19 -16.62
C ASN KC 152 -3.18 70.42 -16.16
N VAL KC 153 -3.32 70.75 -14.88
CA VAL KC 153 -2.66 71.89 -14.27
C VAL KC 153 -2.27 71.49 -12.86
N GLU KC 154 -1.04 71.83 -12.46
CA GLU KC 154 -0.46 71.25 -11.25
C GLU KC 154 0.42 72.27 -10.54
N VAL KC 155 0.29 72.34 -9.22
CA VAL KC 155 0.99 73.32 -8.41
C VAL KC 155 1.66 72.59 -7.26
N LEU KC 156 3.00 72.61 -7.24
CA LEU KC 156 3.79 71.94 -6.22
C LEU KC 156 4.14 72.96 -5.14
N GLY KC 157 3.26 73.10 -4.15
CA GLY KC 157 3.36 74.09 -3.11
C GLY KC 157 3.90 73.62 -1.79
N GLY KC 158 4.56 72.47 -1.75
CA GLY KC 158 5.10 71.96 -0.52
C GLY KC 158 6.44 72.54 -0.18
N GLY KC 159 6.81 72.38 1.09
CA GLY KC 159 8.15 72.73 1.53
C GLY KC 159 8.27 74.12 2.10
N VAL KC 160 7.16 74.72 2.55
CA VAL KC 160 7.21 76.06 3.11
C VAL KC 160 8.11 76.06 4.33
N LEU KC 161 8.97 77.07 4.41
CA LEU KC 161 9.94 77.21 5.49
C LEU KC 161 9.24 77.52 6.81
N THR KC 162 9.90 77.15 7.91
CA THR KC 162 9.25 77.19 9.22
C THR KC 162 8.93 78.62 9.67
N GLY KC 163 9.82 79.56 9.39
CA GLY KC 163 9.57 80.93 9.79
C GLY KC 163 8.30 81.53 9.19
N THR KC 164 7.89 81.07 8.01
CA THR KC 164 6.77 81.65 7.29
C THR KC 164 5.48 81.56 8.10
N ASP KC 165 4.83 82.69 8.31
CA ASP KC 165 3.58 82.68 9.06
C ASP KC 165 2.38 82.67 8.10
N ALA KC 166 1.18 82.79 8.67
CA ALA KC 166 -0.05 82.63 7.88
C ALA KC 166 -0.17 83.72 6.82
N ASN KC 167 0.05 84.97 7.23
CA ASN KC 167 -0.04 86.09 6.31
C ASN KC 167 0.94 85.94 5.16
N ALA KC 168 2.17 85.51 5.46
CA ALA KC 168 3.15 85.26 4.41
C ALA KC 168 2.70 84.15 3.47
N GLN KC 169 2.08 83.10 4.02
CA GLN KC 169 1.60 82.02 3.17
C GLN KC 169 0.53 82.52 2.20
N PHE KC 170 -0.28 83.50 2.63
CA PHE KC 170 -1.21 84.12 1.67
C PHE KC 170 -0.46 84.65 0.45
N ALA KC 171 0.64 85.35 0.69
CA ALA KC 171 1.44 85.90 -0.39
C ALA KC 171 1.97 84.80 -1.29
N LEU KC 172 2.43 83.70 -0.69
CA LEU KC 172 2.90 82.58 -1.49
C LEU KC 172 1.76 82.01 -2.34
N ASP KC 173 0.53 82.01 -1.80
CA ASP KC 173 -0.63 81.57 -2.56
C ASP KC 173 -0.76 82.38 -3.84
N GLU KC 174 -0.79 83.70 -3.71
CA GLU KC 174 -0.97 84.52 -4.90
C GLU KC 174 0.24 84.42 -5.84
N LEU KC 175 1.44 84.19 -5.29
CA LEU KC 175 2.61 84.02 -6.15
C LEU KC 175 2.46 82.80 -7.05
N LEU KC 176 2.07 81.67 -6.46
CA LEU KC 176 1.83 80.48 -7.28
C LEU KC 176 0.69 80.71 -8.26
N SER KC 177 -0.32 81.49 -7.87
CA SER KC 177 -1.39 81.83 -8.80
C SER KC 177 -0.84 82.52 -10.05
N ASN KC 178 0.04 83.50 -9.84
CA ASN KC 178 0.57 84.24 -10.98
C ASN KC 178 1.50 83.38 -11.82
N MET KC 179 2.25 82.47 -11.19
CA MET KC 179 3.04 81.51 -11.97
C MET KC 179 2.15 80.62 -12.82
N LEU KC 180 0.99 80.23 -12.27
CA LEU KC 180 -0.01 79.50 -13.05
C LEU KC 180 -0.41 80.26 -14.29
N MET KC 181 -0.83 81.52 -14.11
CA MET KC 181 -1.25 82.34 -15.23
C MET KC 181 -0.15 82.42 -16.29
N ASP KC 182 1.09 82.64 -15.85
CA ASP KC 182 2.20 82.73 -16.79
C ASP KC 182 2.41 81.42 -17.53
N ALA KC 183 2.29 80.30 -16.82
CA ALA KC 183 2.48 79.01 -17.48
C ALA KC 183 1.44 78.77 -18.55
N ALA KC 184 0.17 79.12 -18.27
CA ALA KC 184 -0.88 78.91 -19.25
C ALA KC 184 -0.68 79.83 -20.46
N ARG KC 185 -0.26 81.07 -20.22
CA ARG KC 185 0.02 81.97 -21.34
C ARG KC 185 1.18 81.44 -22.18
N ILE KC 186 2.23 80.94 -21.54
CA ILE KC 186 3.38 80.39 -22.27
C ILE KC 186 2.97 79.14 -23.05
N ALA KC 187 1.98 78.41 -22.55
CA ALA KC 187 1.52 77.22 -23.23
C ALA KC 187 0.75 77.57 -24.49
N GLN KC 188 -0.22 78.49 -24.39
CA GLN KC 188 -1.03 78.87 -25.54
C GLN KC 188 -0.38 79.92 -26.43
N ASP KC 189 0.82 80.40 -26.07
CA ASP KC 189 1.44 81.52 -26.75
C ASP KC 189 1.68 81.21 -28.21
N GLY KC 190 1.38 82.19 -29.07
CA GLY KC 190 1.66 82.08 -30.47
C GLY KC 190 0.58 82.68 -31.35
N PRO KC 191 0.90 82.90 -32.62
CA PRO KC 191 -0.11 83.34 -33.58
C PRO KC 191 -1.19 82.28 -33.75
N LYS KC 192 -2.42 82.74 -33.95
CA LYS KC 192 -3.49 81.82 -34.32
C LYS KC 192 -3.43 81.47 -35.82
N ASN KC 193 -2.47 82.03 -36.55
CA ASN KC 193 -2.24 81.65 -37.94
C ASN KC 193 -1.56 80.30 -38.06
N THR KC 194 -0.79 79.90 -37.06
CA THR KC 194 0.04 78.71 -37.13
C THR KC 194 -0.36 77.68 -36.09
N ALA KC 195 0.03 76.44 -36.35
CA ALA KC 195 -0.29 75.32 -35.47
C ALA KC 195 0.43 75.46 -34.14
N ARG KC 196 -0.29 75.26 -33.03
CA ARG KC 196 0.43 75.36 -31.75
C ARG KC 196 0.14 74.25 -30.74
N LEU KC 197 -1.02 73.58 -30.75
CA LEU KC 197 -1.32 72.57 -29.73
C LEU KC 197 -1.66 71.15 -30.19
N VAL KC 198 -2.70 70.96 -31.01
CA VAL KC 198 -3.26 69.63 -31.23
C VAL KC 198 -2.40 68.84 -32.21
N ALA KC 199 -2.42 67.52 -32.06
CA ALA KC 199 -1.64 66.61 -32.90
C ALA KC 199 -0.17 67.04 -32.93
N ALA KC 200 0.32 67.58 -31.82
CA ALA KC 200 1.68 68.09 -31.77
C ALA KC 200 2.70 66.97 -31.99
N SER KC 201 3.73 67.26 -32.77
CA SER KC 201 4.86 66.35 -32.98
C SER KC 201 6.18 66.88 -32.47
N HIS KC 202 6.46 68.16 -32.72
CA HIS KC 202 7.72 68.80 -32.35
C HIS KC 202 7.54 70.30 -32.50
N GLY KC 203 8.44 71.05 -31.86
CA GLY KC 203 8.39 72.51 -31.86
C GLY KC 203 9.50 73.06 -32.74
N VAL KC 204 9.19 74.15 -33.44
CA VAL KC 204 10.15 74.83 -34.28
C VAL KC 204 10.04 76.33 -34.04
N MET KC 205 11.17 76.96 -33.73
CA MET KC 205 11.22 78.40 -33.50
C MET KC 205 11.29 79.13 -34.84
N PRO KC 206 10.48 80.17 -35.06
CA PRO KC 206 10.44 80.81 -36.37
C PRO KC 206 11.76 81.49 -36.70
N GLN KC 207 11.98 81.66 -38.00
CA GLN KC 207 13.24 82.24 -38.49
C GLN KC 207 13.52 83.58 -37.82
N ALA KC 208 12.50 84.41 -37.67
CA ALA KC 208 12.57 85.66 -36.92
C ALA KC 208 13.80 86.48 -37.30
N SER LC 23 -14.62 51.37 -26.35
CA SER LC 23 -15.53 51.13 -27.48
C SER LC 23 -16.78 51.99 -27.38
N SER LC 24 -17.07 52.73 -28.45
CA SER LC 24 -18.21 53.64 -28.51
C SER LC 24 -19.25 53.09 -29.46
N ARG LC 25 -20.51 53.01 -28.98
CA ARG LC 25 -21.59 52.39 -29.72
C ARG LC 25 -22.78 53.33 -29.78
N THR LC 26 -23.39 53.41 -30.96
CA THR LC 26 -24.64 54.12 -31.11
C THR LC 26 -25.79 53.21 -30.72
N THR LC 27 -26.74 53.77 -29.99
CA THR LC 27 -27.83 53.03 -29.38
C THR LC 27 -29.16 53.43 -29.99
N PHE LC 28 -29.98 52.44 -30.32
CA PHE LC 28 -31.35 52.61 -30.80
C PHE LC 28 -32.28 52.10 -29.72
N GLY LC 29 -33.24 52.92 -29.33
CA GLY LC 29 -34.13 52.54 -28.25
C GLY LC 29 -33.60 53.00 -26.90
N VAL LC 30 -34.04 52.28 -25.88
CA VAL LC 30 -33.74 52.65 -24.50
C VAL LC 30 -32.31 52.26 -24.16
N ASN LC 31 -31.59 53.17 -23.53
CA ASN LC 31 -30.28 52.88 -22.96
C ASN LC 31 -30.42 52.76 -21.45
N PRO LC 32 -30.30 51.56 -20.88
CA PRO LC 32 -30.53 51.39 -19.43
C PRO LC 32 -29.30 51.54 -18.55
N ASP LC 33 -28.19 52.07 -19.05
CA ASP LC 33 -27.00 52.23 -18.22
C ASP LC 33 -27.30 53.04 -16.96
N ARG LC 34 -27.01 52.47 -15.80
CA ARG LC 34 -27.21 53.12 -14.51
C ARG LC 34 -25.88 53.64 -13.96
N GLN LC 35 -25.98 54.72 -13.18
CA GLN LC 35 -24.82 55.34 -12.56
C GLN LC 35 -24.49 54.61 -11.26
N ALA LC 36 -23.22 54.29 -11.07
CA ALA LC 36 -22.79 53.57 -9.89
C ALA LC 36 -23.12 54.36 -8.62
N ASN LC 37 -23.57 53.61 -7.60
CA ASN LC 37 -24.00 54.19 -6.32
C ASN LC 37 -22.76 54.50 -5.47
N ALA LC 38 -22.06 55.58 -5.87
CA ALA LC 38 -20.76 55.95 -5.28
C ALA LC 38 -20.76 57.44 -4.98
N ARG LC 39 -21.82 57.91 -4.32
CA ARG LC 39 -22.02 59.33 -4.04
C ARG LC 39 -22.14 59.56 -2.54
N PRO LC 40 -21.21 60.27 -1.91
CA PRO LC 40 -21.37 60.60 -0.50
C PRO LC 40 -22.58 61.49 -0.26
N VAL LC 41 -23.24 61.30 0.88
CA VAL LC 41 -24.45 62.05 1.19
C VAL LC 41 -24.29 62.71 2.55
N TYR LC 42 -25.00 63.82 2.71
CA TYR LC 42 -24.95 64.59 3.94
C TYR LC 42 -25.51 63.81 5.10
N LEU LC 43 -24.84 63.93 6.25
CA LEU LC 43 -25.22 63.24 7.47
C LEU LC 43 -25.42 64.27 8.57
N ALA LC 44 -26.65 64.38 9.05
CA ALA LC 44 -27.00 65.41 10.02
C ALA LC 44 -26.14 65.29 11.27
N PRO LC 45 -25.70 66.41 11.86
CA PRO LC 45 -24.86 66.34 13.07
C PRO LC 45 -25.63 65.97 14.32
N ALA LC 46 -26.95 65.86 14.24
CA ALA LC 46 -27.79 65.45 15.35
C ALA LC 46 -29.18 65.13 14.79
N ALA LC 47 -29.96 64.39 15.57
CA ALA LC 47 -31.26 63.94 15.09
C ALA LC 47 -32.35 64.67 15.87
N PRO LC 48 -33.16 65.52 15.25
CA PRO LC 48 -34.24 66.17 16.00
C PRO LC 48 -35.45 65.26 16.14
N MET LC 49 -35.89 65.04 17.38
CA MET LC 49 -37.10 64.28 17.66
C MET LC 49 -38.17 65.14 18.30
N GLU LC 50 -38.32 66.38 17.84
CA GLU LC 50 -39.15 67.34 18.57
C GLU LC 50 -40.62 66.93 18.60
N ASN LC 51 -41.16 66.42 17.48
CA ASN LC 51 -42.59 66.12 17.40
C ASN LC 51 -43.00 65.07 18.43
N THR LC 52 -42.27 63.95 18.47
CA THR LC 52 -42.66 62.84 19.33
C THR LC 52 -42.52 63.19 20.81
N TYR LC 53 -41.47 63.92 21.17
CA TYR LC 53 -41.25 64.24 22.58
C TYR LC 53 -42.16 65.36 23.07
N THR LC 54 -42.50 66.31 22.22
CA THR LC 54 -43.56 67.25 22.61
C THR LC 54 -44.88 66.52 22.82
N TYR LC 55 -45.22 65.55 21.96
CA TYR LC 55 -46.46 64.83 22.19
C TYR LC 55 -46.38 64.00 23.48
N LEU LC 56 -45.22 63.40 23.75
CA LEU LC 56 -45.05 62.64 24.99
C LEU LC 56 -45.22 63.53 26.22
N GLY LC 57 -44.70 64.76 26.17
CA GLY LC 57 -44.99 65.72 27.21
C GLY LC 57 -46.48 66.03 27.29
N SER LC 58 -47.15 66.07 26.14
CA SER LC 58 -48.59 66.33 26.12
C SER LC 58 -49.35 65.28 26.92
N ILE LC 59 -49.03 64.00 26.73
CA ILE LC 59 -49.80 62.99 27.45
C ILE LC 59 -49.16 62.64 28.79
N GLN LC 60 -48.17 63.43 29.21
CA GLN LC 60 -47.49 63.22 30.48
C GLN LC 60 -46.79 61.87 30.53
N PHE LC 61 -46.26 61.45 29.39
CA PHE LC 61 -45.40 60.26 29.29
C PHE LC 61 -46.10 59.00 29.78
N ALA LC 62 -47.39 58.86 29.48
CA ALA LC 62 -48.14 57.71 29.96
C ALA LC 62 -49.39 57.54 29.11
N ALA LC 63 -49.55 56.35 28.54
CA ALA LC 63 -50.79 55.97 27.84
C ALA LC 63 -51.14 54.56 28.28
N GLY LC 64 -52.32 54.42 28.87
CA GLY LC 64 -52.77 53.11 29.33
C GLY LC 64 -51.84 52.54 30.37
N ARG LC 65 -51.36 51.33 30.11
CA ARG LC 65 -50.40 50.69 30.98
C ARG LC 65 -48.96 50.94 30.54
N HIS LC 66 -48.75 51.68 29.47
CA HIS LC 66 -47.42 52.04 28.99
C HIS LC 66 -46.99 53.33 29.67
N ILE LC 67 -45.86 53.30 30.37
CA ILE LC 67 -45.27 54.53 30.90
C ILE LC 67 -43.92 54.72 30.21
N PHE LC 68 -43.63 55.96 29.81
CA PHE LC 68 -42.42 56.28 29.07
C PHE LC 68 -41.46 57.09 29.94
N GLY LC 69 -40.20 57.12 29.52
CA GLY LC 69 -39.21 57.90 30.24
C GLY LC 69 -38.98 59.26 29.63
N GLU LC 70 -38.45 60.16 30.46
CA GLU LC 70 -38.17 61.53 30.03
C GLU LC 70 -36.79 61.61 29.39
N PRO LC 71 -36.66 62.09 28.16
CA PRO LC 71 -35.36 62.13 27.52
C PRO LC 71 -34.48 63.22 28.11
N ALA LC 72 -33.17 63.06 27.93
CA ALA LC 72 -32.27 64.14 28.32
C ALA LC 72 -32.35 65.30 27.35
N SER LC 73 -32.51 65.03 26.05
CA SER LC 73 -32.63 66.09 25.07
C SER LC 73 -33.69 65.73 24.03
N ASN LC 74 -34.30 66.79 23.46
CA ASN LC 74 -35.19 66.61 22.32
C ASN LC 74 -34.43 66.36 21.04
N VAL LC 75 -33.15 66.77 21.01
CA VAL LC 75 -32.28 66.54 19.86
C VAL LC 75 -31.18 65.59 20.30
N LEU LC 76 -31.00 64.50 19.55
CA LEU LC 76 -30.14 63.40 19.97
C LEU LC 76 -28.76 63.54 19.35
N PRO LC 77 -27.70 63.49 20.17
CA PRO LC 77 -26.33 63.64 19.65
C PRO LC 77 -25.83 62.33 19.05
N PRO LC 78 -24.81 62.39 18.18
CA PRO LC 78 -24.30 61.15 17.59
C PRO LC 78 -23.54 60.34 18.62
N GLN LC 79 -23.71 59.03 18.55
CA GLN LC 79 -23.00 58.09 19.40
C GLN LC 79 -21.75 57.51 18.76
N ASN LC 80 -21.85 57.10 17.50
CA ASN LC 80 -20.75 56.41 16.83
C ASN LC 80 -20.39 57.06 15.49
N ILE LC 81 -20.68 58.35 15.33
CA ILE LC 81 -20.39 59.10 14.10
C ILE LC 81 -19.36 60.16 14.43
N VAL LC 82 -18.31 60.23 13.61
CA VAL LC 82 -17.24 61.19 13.76
C VAL LC 82 -17.24 62.09 12.53
N PRO LC 83 -17.14 63.41 12.69
CA PRO LC 83 -17.19 64.28 11.52
C PRO LC 83 -16.01 64.02 10.62
N GLY LC 84 -16.30 63.98 9.32
CA GLY LC 84 -15.29 63.80 8.31
C GLY LC 84 -14.95 62.36 8.04
N VAL LC 85 -15.50 61.42 8.80
CA VAL LC 85 -15.21 60.00 8.61
C VAL LC 85 -16.45 59.36 7.99
N PRO LC 86 -16.34 58.79 6.80
CA PRO LC 86 -17.53 58.16 6.19
C PRO LC 86 -17.94 56.94 6.97
N THR LC 87 -19.24 56.80 7.20
CA THR LC 87 -19.80 55.64 7.86
C THR LC 87 -21.04 55.20 7.10
N LYS LC 88 -21.32 53.91 7.13
CA LYS LC 88 -22.51 53.35 6.50
C LYS LC 88 -23.58 53.02 7.52
N HIS LC 89 -23.26 53.17 8.80
CA HIS LC 89 -24.23 52.91 9.86
C HIS LC 89 -23.91 53.86 11.01
N GLY LC 90 -24.91 54.59 11.46
CA GLY LC 90 -24.71 55.58 12.51
C GLY LC 90 -25.91 55.62 13.44
N GLU LC 91 -25.65 56.05 14.67
CA GLU LC 91 -26.66 56.03 15.70
C GLU LC 91 -26.61 57.31 16.53
N TYR LC 92 -27.78 57.90 16.74
CA TYR LC 92 -27.96 58.97 17.72
C TYR LC 92 -28.74 58.40 18.89
N VAL LC 93 -28.44 58.89 20.10
CA VAL LC 93 -29.00 58.23 21.28
C VAL LC 93 -29.11 59.24 22.41
N THR LC 94 -30.17 59.12 23.20
CA THR LC 94 -30.23 59.81 24.48
C THR LC 94 -30.74 58.86 25.56
N THR LC 95 -30.81 59.34 26.80
CA THR LC 95 -31.19 58.50 27.93
C THR LC 95 -32.52 58.99 28.49
N ASN LC 96 -33.51 58.09 28.54
CA ASN LC 96 -34.76 58.32 29.24
C ASN LC 96 -34.55 57.91 30.70
N THR LC 97 -34.85 58.83 31.61
CA THR LC 97 -34.88 58.58 33.05
C THR LC 97 -36.30 58.81 33.55
N GLY LC 98 -36.59 58.28 34.74
CA GLY LC 98 -37.95 58.33 35.26
C GLY LC 98 -37.98 57.90 36.71
N ASP LC 99 -39.09 58.23 37.36
CA ASP LC 99 -39.30 57.88 38.75
C ASP LC 99 -39.55 56.39 38.88
N ARG LC 100 -38.77 55.73 39.74
CA ARG LC 100 -38.78 54.28 39.91
C ARG LC 100 -38.42 53.54 38.63
N LEU LC 101 -37.61 54.17 37.77
CA LEU LC 101 -37.25 53.60 36.49
C LEU LC 101 -35.73 53.50 36.35
N MET LC 102 -35.30 52.48 35.63
CA MET LC 102 -33.89 52.30 35.29
C MET LC 102 -33.60 52.97 33.96
N ALA LC 103 -32.53 53.76 33.91
CA ALA LC 103 -32.19 54.54 32.72
C ALA LC 103 -32.17 53.66 31.47
N SER LC 104 -32.92 54.07 30.45
CA SER LC 104 -32.99 53.30 29.21
C SER LC 104 -32.81 54.23 28.02
N SER LC 105 -31.98 53.81 27.08
CA SER LC 105 -31.62 54.67 25.97
C SER LC 105 -32.67 54.61 24.85
N THR LC 106 -32.91 55.76 24.24
CA THR LC 106 -33.74 55.92 23.05
C THR LC 106 -32.83 56.14 21.84
N THR LC 107 -33.05 55.35 20.78
CA THR LC 107 -32.07 55.23 19.69
C THR LC 107 -32.66 55.58 18.34
N VAL LC 108 -31.85 56.24 17.52
CA VAL LC 108 -32.21 56.63 16.16
C VAL LC 108 -31.08 56.15 15.25
N THR LC 109 -31.37 55.18 14.41
CA THR LC 109 -30.38 54.48 13.60
C THR LC 109 -30.53 54.88 12.14
N ARG LC 110 -29.40 55.17 11.47
CA ARG LC 110 -29.42 55.53 10.05
C ARG LC 110 -28.40 54.66 9.30
N ASP LC 111 -28.87 53.99 8.26
CA ASP LC 111 -28.06 53.12 7.44
C ASP LC 111 -28.03 53.67 6.02
N VAL LC 112 -26.84 53.85 5.46
CA VAL LC 112 -26.68 54.31 4.08
C VAL LC 112 -25.79 53.31 3.35
N SER LC 113 -26.34 52.65 2.31
CA SER LC 113 -25.58 51.65 1.57
C SER LC 113 -26.24 51.41 0.23
N ASN LC 114 -25.44 51.39 -0.84
CA ASN LC 114 -25.90 50.95 -2.18
C ASN LC 114 -27.13 51.72 -2.64
N GLY LC 115 -27.16 53.03 -2.36
CA GLY LC 115 -28.25 53.89 -2.77
C GLY LC 115 -29.51 53.78 -1.93
N ARG LC 116 -29.49 52.96 -0.89
CA ARG LC 116 -30.64 52.76 -0.03
C ARG LC 116 -30.31 53.37 1.31
N THR LC 117 -31.16 54.26 1.76
CA THR LC 117 -30.96 54.95 3.03
C THR LC 117 -32.17 54.68 3.91
N LYS LC 118 -31.94 54.30 5.18
CA LYS LC 118 -33.00 53.86 6.07
C LYS LC 118 -32.79 54.40 7.48
N VAL LC 119 -33.81 55.07 8.00
CA VAL LC 119 -33.82 55.63 9.35
C VAL LC 119 -34.84 54.86 10.19
N SER LC 120 -34.42 54.40 11.36
CA SER LC 120 -35.26 53.66 12.29
C SER LC 120 -35.22 54.35 13.65
N ILE LC 121 -36.37 54.38 14.33
CA ILE LC 121 -36.48 55.01 15.65
C ILE LC 121 -37.07 54.01 16.62
N ASP LC 122 -36.41 53.85 17.77
CA ASP LC 122 -36.81 52.89 18.80
C ASP LC 122 -36.89 53.61 20.15
N ILE LC 123 -38.06 53.59 20.76
CA ILE LC 123 -38.27 54.15 22.09
C ILE LC 123 -38.86 53.08 23.00
N PRO LC 124 -38.29 52.84 24.17
CA PRO LC 124 -38.81 51.82 25.08
C PRO LC 124 -39.87 52.36 26.04
N TYR LC 125 -40.65 51.43 26.58
CA TYR LC 125 -41.68 51.73 27.57
C TYR LC 125 -41.57 50.75 28.73
N TYR LC 126 -42.30 51.05 29.81
CA TYR LC 126 -42.28 50.28 31.05
C TYR LC 126 -43.70 49.96 31.49
N ASP LC 127 -43.78 49.04 32.46
CA ASP LC 127 -45.05 48.58 33.04
C ASP LC 127 -45.55 49.58 34.08
N ARG LC 128 -46.57 50.35 33.71
CA ARG LC 128 -47.08 51.37 34.62
C ARG LC 128 -47.64 50.74 35.90
N ASN LC 129 -48.19 49.53 35.81
CA ASN LC 129 -48.74 48.88 37.00
C ASN LC 129 -47.64 48.58 38.01
N ALA LC 130 -46.50 48.07 37.54
CA ALA LC 130 -45.38 47.88 38.44
C ALA LC 130 -44.88 49.20 39.00
N VAL LC 131 -44.76 50.23 38.14
CA VAL LC 131 -44.19 51.49 38.60
C VAL LC 131 -45.06 52.12 39.68
N GLU LC 132 -46.38 52.22 39.43
CA GLU LC 132 -47.27 52.87 40.39
C GLU LC 132 -47.52 51.97 41.60
N THR LC 133 -47.41 50.65 41.47
CA THR LC 133 -47.50 49.79 42.65
C THR LC 133 -46.32 49.98 43.58
N LEU LC 134 -45.11 50.12 43.01
CA LEU LC 134 -43.95 50.48 43.83
C LEU LC 134 -44.15 51.84 44.50
N LYS LC 135 -44.48 52.86 43.71
CA LYS LC 135 -44.72 54.18 44.28
C LYS LC 135 -45.71 54.10 45.45
N ALA LC 136 -46.83 53.40 45.25
CA ALA LC 136 -47.88 53.33 46.25
C ALA LC 136 -47.51 52.45 47.45
N SER LC 137 -46.55 51.54 47.29
CA SER LC 137 -46.15 50.66 48.39
C SER LC 137 -44.96 51.20 49.18
N ALA LC 138 -44.23 52.18 48.65
CA ALA LC 138 -43.11 52.82 49.37
C ALA LC 138 -42.05 51.80 49.73
N ILE LC 139 -41.63 51.06 48.72
CA ILE LC 139 -40.76 49.89 48.86
C ILE LC 139 -39.63 50.06 47.86
N PRO LC 140 -38.43 49.54 48.13
CA PRO LC 140 -37.25 49.98 47.40
C PRO LC 140 -37.17 49.63 45.90
N GLY LC 141 -38.06 48.80 45.35
CA GLY LC 141 -37.82 48.27 44.01
C GLY LC 141 -37.70 49.34 42.92
N ALA LC 142 -36.99 48.99 41.83
CA ALA LC 142 -37.04 49.72 40.58
C ALA LC 142 -37.16 48.76 39.39
N VAL LC 143 -37.63 49.29 38.26
CA VAL LC 143 -38.11 48.50 37.14
C VAL LC 143 -37.34 48.84 35.87
N ALA LC 144 -37.14 47.83 35.03
CA ALA LC 144 -36.51 47.89 33.72
C ALA LC 144 -37.56 47.92 32.62
N PRO LC 145 -37.17 48.27 31.39
CA PRO LC 145 -38.16 48.31 30.30
C PRO LC 145 -38.80 46.97 30.01
N VAL LC 146 -40.03 47.04 29.50
CA VAL LC 146 -40.83 45.87 29.16
C VAL LC 146 -40.87 45.62 27.66
N GLY LC 147 -40.73 46.66 26.85
CA GLY LC 147 -40.77 46.52 25.41
C GLY LC 147 -40.47 47.86 24.77
N SER LC 148 -40.74 47.93 23.47
CA SER LC 148 -40.42 49.14 22.72
C SER LC 148 -41.40 49.31 21.59
N PHE LC 149 -41.40 50.52 21.03
CA PHE LC 149 -42.08 50.83 19.79
C PHE LC 149 -41.07 51.34 18.77
N LYS LC 150 -41.24 50.91 17.52
CA LYS LC 150 -40.28 51.16 16.45
C LYS LC 150 -41.00 51.66 15.20
N VAL LC 151 -40.31 52.57 14.51
CA VAL LC 151 -40.80 53.14 13.26
C VAL LC 151 -39.64 53.19 12.26
N ASN LC 152 -39.83 52.61 11.07
CA ASN LC 152 -38.82 52.55 10.03
C ASN LC 152 -39.25 53.39 8.82
N VAL LC 153 -38.25 53.97 8.16
CA VAL LC 153 -38.47 54.79 6.97
C VAL LC 153 -37.30 54.53 6.02
N GLU LC 154 -37.61 54.28 4.74
CA GLU LC 154 -36.65 53.69 3.81
C GLU LC 154 -36.80 54.32 2.43
N VAL LC 155 -35.67 54.68 1.82
CA VAL LC 155 -35.64 55.36 0.53
C VAL LC 155 -34.70 54.60 -0.39
N LEU LC 156 -35.24 54.11 -1.52
CA LEU LC 156 -34.48 53.28 -2.46
C LEU LC 156 -34.07 54.15 -3.63
N GLY LC 157 -32.95 54.85 -3.46
CA GLY LC 157 -32.48 55.82 -4.41
C GLY LC 157 -31.47 55.33 -5.41
N GLY LC 158 -31.27 54.02 -5.49
CA GLY LC 158 -30.32 53.47 -6.43
C GLY LC 158 -30.85 53.46 -7.84
N GLY LC 159 -29.93 53.38 -8.79
CA GLY LC 159 -30.31 53.22 -10.18
C GLY LC 159 -30.37 54.50 -10.97
N VAL LC 160 -29.61 55.53 -10.58
CA VAL LC 160 -29.64 56.78 -11.31
C VAL LC 160 -29.07 56.55 -12.69
N LEU LC 161 -29.72 57.12 -13.70
CA LEU LC 161 -29.33 56.91 -15.09
C LEU LC 161 -28.05 57.67 -15.42
N THR LC 162 -27.46 57.34 -16.56
CA THR LC 162 -26.15 57.88 -16.90
C THR LC 162 -26.19 59.38 -17.15
N GLY LC 163 -27.22 59.85 -17.85
CA GLY LC 163 -27.28 61.24 -18.25
C GLY LC 163 -27.34 62.21 -17.07
N THR LC 164 -27.84 61.74 -15.93
CA THR LC 164 -28.08 62.63 -14.81
C THR LC 164 -26.78 63.23 -14.29
N ASP LC 165 -26.75 64.56 -14.21
CA ASP LC 165 -25.64 65.27 -13.60
C ASP LC 165 -25.98 65.62 -12.16
N ALA LC 166 -25.08 66.36 -11.52
CA ALA LC 166 -25.20 66.63 -10.08
C ALA LC 166 -26.43 67.47 -9.76
N ASN LC 167 -26.66 68.53 -10.54
CA ASN LC 167 -27.82 69.39 -10.33
C ASN LC 167 -29.13 68.59 -10.42
N ALA LC 168 -29.25 67.77 -11.46
CA ALA LC 168 -30.40 66.90 -11.61
C ALA LC 168 -30.53 65.94 -10.44
N GLN LC 169 -29.41 65.45 -9.92
CA GLN LC 169 -29.47 64.57 -8.76
C GLN LC 169 -30.02 65.28 -7.54
N PHE LC 170 -29.70 66.57 -7.39
CA PHE LC 170 -30.35 67.34 -6.32
C PHE LC 170 -31.85 67.36 -6.51
N ALA LC 171 -32.28 67.57 -7.75
CA ALA LC 171 -33.72 67.56 -8.02
C ALA LC 171 -34.34 66.22 -7.62
N LEU LC 172 -33.64 65.13 -7.90
CA LEU LC 172 -34.15 63.81 -7.54
C LEU LC 172 -34.16 63.63 -6.03
N ASP LC 173 -33.17 64.18 -5.35
CA ASP LC 173 -33.15 64.20 -3.89
C ASP LC 173 -34.46 64.77 -3.34
N GLU LC 174 -34.82 65.96 -3.84
CA GLU LC 174 -36.04 66.59 -3.33
C GLU LC 174 -37.28 65.80 -3.74
N LEU LC 175 -37.28 65.20 -4.93
CA LEU LC 175 -38.41 64.37 -5.34
C LEU LC 175 -38.66 63.23 -4.35
N LEU LC 176 -37.59 62.52 -4.00
CA LEU LC 176 -37.73 61.42 -3.05
C LEU LC 176 -38.20 61.93 -1.69
N SER LC 177 -37.66 63.07 -1.23
CA SER LC 177 -38.09 63.58 0.07
C SER LC 177 -39.60 63.91 0.06
N ASN LC 178 -40.10 64.42 -1.07
CA ASN LC 178 -41.53 64.70 -1.16
C ASN LC 178 -42.36 63.40 -1.15
N MET LC 179 -41.87 62.35 -1.80
CA MET LC 179 -42.55 61.06 -1.71
C MET LC 179 -42.53 60.54 -0.28
N LEU LC 180 -41.45 60.81 0.46
CA LEU LC 180 -41.37 60.47 1.87
C LEU LC 180 -42.50 61.13 2.66
N MET LC 181 -42.66 62.44 2.48
CA MET LC 181 -43.72 63.17 3.18
C MET LC 181 -45.09 62.60 2.82
N ASP LC 182 -45.32 62.34 1.53
CA ASP LC 182 -46.60 61.75 1.12
C ASP LC 182 -46.83 60.41 1.80
N ALA LC 183 -45.79 59.58 1.88
CA ALA LC 183 -45.94 58.26 2.48
C ALA LC 183 -46.28 58.35 3.97
N ALA LC 184 -45.60 59.24 4.69
CA ALA LC 184 -45.91 59.40 6.12
C ALA LC 184 -47.33 59.92 6.33
N ARG LC 185 -47.77 60.87 5.50
CA ARG LC 185 -49.13 61.36 5.62
C ARG LC 185 -50.14 60.25 5.32
N ILE LC 186 -49.86 59.42 4.31
CA ILE LC 186 -50.79 58.35 3.97
C ILE LC 186 -50.81 57.29 5.06
N ALA LC 187 -49.70 57.11 5.77
CA ALA LC 187 -49.65 56.15 6.85
C ALA LC 187 -50.47 56.63 8.05
N GLN LC 188 -50.27 57.88 8.47
CA GLN LC 188 -50.98 58.41 9.62
C GLN LC 188 -52.38 58.93 9.30
N ASP LC 189 -52.78 58.90 8.03
CA ASP LC 189 -54.03 59.52 7.62
C ASP LC 189 -55.22 58.87 8.33
N GLY LC 190 -56.17 59.70 8.75
CA GLY LC 190 -57.39 59.23 9.34
C GLY LC 190 -57.85 60.03 10.54
N PRO LC 191 -59.12 59.90 10.90
CA PRO LC 191 -59.62 60.57 12.10
C PRO LC 191 -58.90 60.06 13.35
N LYS LC 192 -58.69 60.98 14.29
CA LYS LC 192 -58.20 60.57 15.60
C LYS LC 192 -59.31 60.00 16.48
N ASN LC 193 -60.56 60.05 16.02
CA ASN LC 193 -61.65 59.36 16.70
C ASN LC 193 -61.45 57.85 16.70
N THR LC 194 -60.63 57.32 15.79
CA THR LC 194 -60.73 55.92 15.42
C THR LC 194 -59.36 55.26 15.32
N ALA LC 195 -59.35 53.94 15.52
CA ALA LC 195 -58.12 53.15 15.52
C ALA LC 195 -57.41 53.24 14.19
N ARG LC 196 -56.10 53.51 14.21
CA ARG LC 196 -55.43 53.48 12.91
C ARG LC 196 -54.03 52.85 12.86
N LEU LC 197 -53.29 52.69 13.97
CA LEU LC 197 -51.97 52.08 13.91
C LEU LC 197 -51.71 50.87 14.81
N VAL LC 198 -51.89 51.03 16.15
CA VAL LC 198 -51.36 50.04 17.10
C VAL LC 198 -52.26 48.81 17.13
N ALA LC 199 -51.64 47.67 17.42
CA ALA LC 199 -52.35 46.39 17.55
C ALA LC 199 -53.20 46.09 16.33
N ALA LC 200 -52.74 46.53 15.17
CA ALA LC 200 -53.50 46.43 13.93
C ALA LC 200 -53.70 44.96 13.53
N SER LC 201 -54.93 44.63 13.14
CA SER LC 201 -55.28 43.30 12.64
C SER LC 201 -55.46 43.30 11.13
N HIS LC 202 -56.22 44.25 10.61
CA HIS LC 202 -56.50 44.42 9.19
C HIS LC 202 -57.01 45.83 9.00
N GLY LC 203 -57.14 46.22 7.74
CA GLY LC 203 -57.60 47.55 7.37
C GLY LC 203 -59.01 47.46 6.83
N VAL LC 204 -59.85 48.42 7.21
CA VAL LC 204 -61.21 48.48 6.68
C VAL LC 204 -61.51 49.92 6.27
N MET LC 205 -62.12 50.09 5.10
CA MET LC 205 -62.56 51.35 4.51
C MET LC 205 -64.02 51.61 4.86
N PRO LC 206 -64.38 52.85 5.18
CA PRO LC 206 -65.78 53.16 5.49
C PRO LC 206 -66.63 53.25 4.23
N GLN LC 207 -67.94 53.36 4.45
CA GLN LC 207 -68.93 53.49 3.40
C GLN LC 207 -69.42 54.93 3.36
N ALA LC 208 -69.41 55.52 2.15
CA ALA LC 208 -69.90 56.88 1.92
C ALA LC 208 -69.21 57.91 2.81
#